data_4FQR
#
_entry.id   4FQR
#
_cell.length_a   142.020
_cell.length_b   158.620
_cell.length_c   178.500
_cell.angle_alpha   89.95
_cell.angle_beta   85.44
_cell.angle_gamma   84.37
#
_symmetry.space_group_name_H-M   'P 1'
#
loop_
_entity.id
_entity.type
_entity.pdbx_description
1 polymer 'Hemagglutinin HA1 chain'
2 polymer 'Hemagglutinin HA2 chain'
3 polymer 'Broadly neutralizing antibody C05, heavy chain'
4 polymer 'Broadly neutralizing antibody C05, light chain'
5 branched alpha-D-mannopyranose-(1-6)-beta-D-mannopyranose-(1-4)-2-acetamido-2-deoxy-beta-D-glucopyranose-(1-4)-2-acetamido-2-deoxy-beta-D-glucopyranose
6 branched 2-acetamido-2-deoxy-beta-D-glucopyranose-(1-4)-2-acetamido-2-deoxy-beta-D-glucopyranose
7 non-polymer 2-acetamido-2-deoxy-beta-D-glucopyranose
#
loop_
_entity_poly.entity_id
_entity_poly.type
_entity_poly.pdbx_seq_one_letter_code
_entity_poly.pdbx_strand_id
1 'polypeptide(L)'
;ADPGATLCLGHHAVPNGTLVKTITDDQIEVTNATELVQSSSTGKICNNPHRILDGIDCTLIDALLGDPHCDVFQNETWDL
FVERSKAFSNCYPYDVPDYASLRSLVASSGTLEFITEGFTWTGVTQNGGSNACKRGPGSGFFSRLNWLTKSGSTYPVLNV
TMPNNDNFDKLYIWGVHHPSTNQEQTSLYVQASGRVTVSTRRSQQTIIPNIGSRPWVRGLSSRISIYWTIVKPGDVLVIN
SNGNLIAPRGYFKMRTGKSSIMRSDAPIDTCISECITPNGSIPNDKPFQNVNKITYGACPKYVKQNTLKLATGMRNVPEK
QTR
;
A,C,E,G,I,K,M,O,Q,S,U,W
2 'polypeptide(L)'
;GLFGAIAGFIENGWEGMIDGWYGFRHQNSEGTGQAADLKSTQAAIDQINGKLNRVIEKTNEKFHQIEKEFSEVEGRIQDL
EKYVEDTKIDLWSYNAELLVALENQHTIDLTDSEMNKLFEKTGRQLRENAEDMGNGCFKIYHKCDNACIESIRNGTYDHD
VYRDEALNNRFQIK
;
B,D,F,H,J,L,N,P,R,T,V,X
3 'polypeptide(L)'
;(PCA)VQLQESGGGLVQPGESLRLSCVGSGSSFGESTLSYYAVSWVRQAPGKGLEWLSIINAGGGDIDYADSVEGRFTIS
RDNSKETLYLQMTNLRVEDTGVYYCAKHMSMQQVVSAGWERADLVGDAFDVWGQGTMVTVSSASTKGPSVFPLAPSSKST
SGGTAALGCLVKDYFPEPVTVSWNSGALTSGVHTFPAVLQSSGLYSLSSVVTVPSSSLGTQTYICNVNHKPSNTKVDKRV
EPKSC
;
a,c,e,g,i,k,m,o,q,s,u,w
4 'polypeptide(L)'
;DIQLTQSPSSLSASVGDRVTLTCQASQDIRKFLNWYQQKPGKGPKLLIYDASNLQRGVPSRFSGGGSGTDFTLIISSLQP
EDVGTYYCQQYDGLPFTFGGGTKVVIKRTVAAPSVFIFPPSDEQLKSGTASVVCLLNNFYPREAKVQWKVDNALQSGNSQ
ESVTEQDSKDSTYSLSSTLTLSKADYEKHKVYACEVTHQGLSSPVTKSFNRGEC
;
b,d,f,h,j,l,n,p,r,t,v,x
#
# COMPACT_ATOMS: atom_id res chain seq x y z
N PRO A 3 -80.13 -30.76 -23.96
CA PRO A 3 -79.76 -32.03 -23.32
C PRO A 3 -78.79 -32.85 -24.16
N GLY A 4 -77.54 -32.90 -23.74
CA GLY A 4 -76.52 -33.65 -24.44
C GLY A 4 -75.30 -33.91 -23.59
N ALA A 5 -74.16 -34.07 -24.25
CA ALA A 5 -72.91 -34.37 -23.56
C ALA A 5 -71.75 -33.79 -24.35
N THR A 6 -70.57 -33.81 -23.74
CA THR A 6 -69.35 -33.37 -24.41
C THR A 6 -68.29 -34.43 -24.23
N LEU A 7 -67.52 -34.69 -25.28
CA LEU A 7 -66.45 -35.68 -25.22
C LEU A 7 -65.18 -35.07 -25.81
N CYS A 8 -64.18 -34.88 -24.97
CA CYS A 8 -62.93 -34.23 -25.35
C CYS A 8 -61.80 -35.23 -25.46
N LEU A 9 -61.00 -35.08 -26.51
CA LEU A 9 -59.80 -35.87 -26.69
C LEU A 9 -58.60 -35.08 -26.22
N GLY A 10 -57.64 -35.78 -25.65
CA GLY A 10 -56.43 -35.14 -25.18
C GLY A 10 -55.29 -36.12 -25.02
N HIS A 11 -54.19 -35.59 -24.50
CA HIS A 11 -52.99 -36.35 -24.28
C HIS A 11 -52.38 -35.88 -22.98
N HIS A 12 -51.48 -36.67 -22.41
CA HIS A 12 -50.90 -36.30 -21.12
C HIS A 12 -49.82 -35.22 -21.22
N ALA A 13 -49.38 -34.75 -20.06
CA ALA A 13 -48.26 -33.83 -19.94
C ALA A 13 -47.69 -34.00 -18.53
N VAL A 14 -46.50 -33.46 -18.30
CA VAL A 14 -45.88 -33.50 -16.98
C VAL A 14 -45.39 -32.10 -16.59
N PRO A 15 -45.19 -31.84 -15.28
CA PRO A 15 -44.81 -30.47 -14.86
C PRO A 15 -43.51 -29.95 -15.49
N ASN A 16 -42.50 -30.79 -15.62
CA ASN A 16 -41.33 -30.47 -16.43
C ASN A 16 -40.79 -31.72 -17.10
N GLY A 17 -40.55 -31.61 -18.40
CA GLY A 17 -40.08 -32.72 -19.20
C GLY A 17 -38.58 -32.56 -19.39
N THR A 18 -38.11 -32.92 -20.59
N THR A 18 -38.13 -32.83 -20.61
CA THR A 18 -36.69 -32.88 -20.95
CA THR A 18 -36.70 -32.75 -20.91
C THR A 18 -36.53 -32.14 -22.27
C THR A 18 -36.48 -32.21 -22.31
N LEU A 19 -35.43 -31.42 -22.46
CA LEU A 19 -35.16 -30.72 -23.71
C LEU A 19 -34.38 -31.64 -24.65
N VAL A 20 -34.82 -31.69 -25.91
CA VAL A 20 -34.14 -32.42 -26.97
C VAL A 20 -33.98 -31.55 -28.20
N LYS A 21 -33.18 -32.02 -29.15
CA LYS A 21 -32.92 -31.31 -30.40
C LYS A 21 -33.68 -31.97 -31.54
N THR A 22 -34.13 -31.17 -32.50
CA THR A 22 -34.80 -31.70 -33.68
C THR A 22 -34.16 -31.09 -34.93
N ILE A 23 -34.76 -31.32 -36.09
CA ILE A 23 -34.30 -30.69 -37.31
C ILE A 23 -34.51 -29.18 -37.26
N THR A 24 -35.67 -28.76 -36.77
N THR A 24 -35.61 -28.77 -36.65
CA THR A 24 -36.01 -27.32 -36.73
CA THR A 24 -36.02 -27.38 -36.66
C THR A 24 -35.76 -26.60 -35.40
C THR A 24 -35.55 -26.63 -35.44
N ASP A 25 -35.49 -27.33 -34.30
CA ASP A 25 -35.31 -26.68 -32.99
C ASP A 25 -34.06 -27.14 -32.29
N ASP A 26 -33.29 -26.20 -31.78
N ASP A 26 -33.29 -26.16 -31.78
CA ASP A 26 -32.13 -26.56 -31.01
CA ASP A 26 -32.11 -26.46 -30.98
C ASP A 26 -32.58 -27.14 -29.67
C ASP A 26 -32.54 -27.07 -29.64
N GLN A 27 -33.68 -26.63 -29.12
CA GLN A 27 -34.19 -27.10 -27.84
C GLN A 27 -35.71 -27.09 -27.85
N ILE A 28 -36.33 -28.25 -27.67
CA ILE A 28 -37.79 -28.33 -27.58
C ILE A 28 -38.12 -29.39 -26.54
N GLU A 29 -39.16 -29.15 -25.75
CA GLU A 29 -39.46 -29.99 -24.58
C GLU A 29 -40.37 -31.18 -24.92
N VAL A 30 -39.94 -32.40 -24.56
CA VAL A 30 -40.76 -33.60 -24.67
C VAL A 30 -40.99 -34.18 -23.27
N THR A 31 -41.87 -35.18 -23.13
CA THR A 31 -42.21 -35.71 -21.80
C THR A 31 -41.08 -36.55 -21.19
N ASN A 32 -40.24 -37.13 -22.02
CA ASN A 32 -39.20 -38.05 -21.58
C ASN A 32 -38.18 -38.20 -22.70
N ALA A 33 -36.96 -38.55 -22.32
CA ALA A 33 -35.91 -38.84 -23.28
C ALA A 33 -34.91 -39.76 -22.61
N THR A 34 -34.00 -40.31 -23.40
CA THR A 34 -32.97 -41.20 -22.88
C THR A 34 -31.62 -40.84 -23.48
N GLU A 35 -30.55 -41.02 -22.70
CA GLU A 35 -29.23 -40.55 -23.08
C GLU A 35 -28.55 -41.54 -24.03
N LEU A 36 -27.99 -41.06 -25.14
CA LEU A 36 -27.30 -41.94 -26.10
C LEU A 36 -25.76 -41.88 -26.04
N VAL A 37 -25.22 -40.97 -25.23
CA VAL A 37 -23.77 -40.85 -25.07
C VAL A 37 -23.39 -41.33 -23.68
N GLN A 38 -22.59 -42.38 -23.59
CA GLN A 38 -22.06 -42.79 -22.31
C GLN A 38 -20.94 -41.83 -21.96
N SER A 39 -21.11 -41.10 -20.86
CA SER A 39 -20.15 -40.06 -20.48
C SER A 39 -19.41 -40.34 -19.16
N SER A 40 -19.72 -41.45 -18.50
CA SER A 40 -19.07 -41.78 -17.24
C SER A 40 -18.47 -43.18 -17.23
N SER A 41 -17.48 -43.36 -16.37
CA SER A 41 -16.88 -44.65 -16.08
C SER A 41 -16.69 -44.76 -14.58
N THR A 42 -16.71 -45.99 -14.08
CA THR A 42 -16.36 -46.28 -12.68
C THR A 42 -14.90 -45.93 -12.37
N GLY A 43 -14.06 -45.93 -13.38
CA GLY A 43 -12.64 -45.68 -13.22
C GLY A 43 -11.83 -46.96 -13.07
N LYS A 44 -12.49 -48.11 -13.24
CA LYS A 44 -11.82 -49.40 -13.13
C LYS A 44 -12.02 -50.31 -14.33
N ILE A 45 -10.95 -51.01 -14.70
CA ILE A 45 -11.02 -52.02 -15.74
C ILE A 45 -11.49 -53.35 -15.16
N CYS A 46 -12.59 -53.84 -15.71
CA CYS A 46 -13.17 -55.12 -15.33
C CYS A 46 -12.38 -56.28 -15.90
N ASN A 47 -12.12 -57.26 -15.06
CA ASN A 47 -11.31 -58.42 -15.44
C ASN A 47 -12.01 -59.54 -16.20
N ASN A 48 -13.30 -59.35 -16.46
CA ASN A 48 -14.07 -60.24 -17.29
C ASN A 48 -14.93 -59.40 -18.24
N PRO A 49 -15.26 -59.94 -19.42
CA PRO A 49 -14.97 -61.30 -19.87
C PRO A 49 -13.59 -61.44 -20.50
N HIS A 50 -12.90 -60.33 -20.74
CA HIS A 50 -11.63 -60.37 -21.43
C HIS A 50 -10.50 -60.74 -20.50
N ARG A 51 -9.53 -61.48 -21.01
CA ARG A 51 -8.36 -61.82 -20.22
C ARG A 51 -7.42 -60.64 -20.18
N ILE A 52 -7.28 -60.07 -18.99
CA ILE A 52 -6.46 -58.89 -18.79
C ILE A 52 -5.13 -59.34 -18.20
N LEU A 53 -4.03 -58.85 -18.76
CA LEU A 53 -2.71 -59.09 -18.20
C LEU A 53 -2.15 -57.73 -17.83
N ASP A 54 -1.99 -57.49 -16.54
CA ASP A 54 -1.47 -56.24 -16.06
C ASP A 54 0.04 -56.29 -16.14
N GLY A 55 0.63 -55.37 -16.91
CA GLY A 55 2.07 -55.37 -17.13
C GLY A 55 2.87 -54.92 -15.91
N ILE A 56 2.21 -54.25 -14.97
CA ILE A 56 2.86 -53.72 -13.78
C ILE A 56 4.13 -52.89 -14.10
N ASP A 57 5.31 -53.35 -13.68
CA ASP A 57 6.54 -52.62 -13.88
C ASP A 57 7.19 -52.86 -15.26
N CYS A 58 6.52 -53.61 -16.13
CA CYS A 58 7.13 -54.04 -17.38
C CYS A 58 6.36 -53.56 -18.60
N THR A 59 7.09 -53.13 -19.62
CA THR A 59 6.51 -52.96 -20.95
C THR A 59 6.41 -54.32 -21.61
N LEU A 60 5.58 -54.42 -22.65
CA LEU A 60 5.44 -55.68 -23.37
C LEU A 60 6.75 -56.07 -24.02
N ILE A 61 7.49 -55.09 -24.51
CA ILE A 61 8.79 -55.37 -25.12
C ILE A 61 9.82 -55.86 -24.11
N ASP A 62 9.84 -55.28 -22.93
CA ASP A 62 10.75 -55.76 -21.89
C ASP A 62 10.41 -57.18 -21.48
N ALA A 63 9.13 -57.51 -21.48
CA ALA A 63 8.68 -58.87 -21.20
C ALA A 63 9.10 -59.83 -22.32
N LEU A 64 8.98 -59.39 -23.57
CA LEU A 64 9.35 -60.20 -24.73
C LEU A 64 10.81 -60.59 -24.65
N LEU A 65 11.67 -59.59 -24.45
CA LEU A 65 13.10 -59.81 -24.46
C LEU A 65 13.50 -60.62 -23.24
N GLY A 66 12.78 -60.48 -22.14
CA GLY A 66 13.12 -61.25 -20.96
C GLY A 66 14.01 -60.51 -20.00
N ASP A 67 13.78 -59.20 -19.89
CA ASP A 67 14.31 -58.41 -18.78
C ASP A 67 14.02 -59.19 -17.50
N PRO A 68 15.05 -59.41 -16.66
CA PRO A 68 14.81 -60.31 -15.51
C PRO A 68 13.61 -59.97 -14.65
N HIS A 69 13.36 -58.70 -14.33
CA HIS A 69 12.24 -58.40 -13.45
C HIS A 69 10.88 -58.55 -14.16
N CYS A 70 10.93 -58.77 -15.47
CA CYS A 70 9.74 -59.06 -16.27
C CYS A 70 9.59 -60.53 -16.64
N ASP A 71 10.49 -61.40 -16.21
CA ASP A 71 10.44 -62.80 -16.63
C ASP A 71 9.27 -63.56 -16.02
N VAL A 72 8.59 -62.94 -15.06
N VAL A 72 8.62 -62.96 -15.03
CA VAL A 72 7.35 -63.49 -14.52
CA VAL A 72 7.34 -63.45 -14.51
C VAL A 72 6.24 -63.55 -15.59
C VAL A 72 6.31 -63.63 -15.64
N PHE A 73 6.45 -62.84 -16.69
CA PHE A 73 5.52 -62.86 -17.82
C PHE A 73 5.84 -63.92 -18.90
N GLN A 74 6.84 -64.76 -18.66
CA GLN A 74 7.19 -65.80 -19.63
C GLN A 74 6.00 -66.71 -19.99
N ASN A 75 5.80 -66.89 -21.29
CA ASN A 75 4.76 -67.74 -21.86
C ASN A 75 3.36 -67.20 -21.52
N GLU A 76 3.25 -65.93 -21.14
CA GLU A 76 1.94 -65.40 -20.76
C GLU A 76 1.12 -65.13 -21.99
N THR A 77 -0.20 -65.05 -21.80
CA THR A 77 -1.13 -64.71 -22.87
C THR A 77 -2.10 -63.66 -22.35
N TRP A 78 -2.79 -62.99 -23.27
CA TRP A 78 -3.73 -61.94 -22.90
C TRP A 78 -4.70 -61.69 -24.05
N ASP A 79 -5.90 -61.18 -23.74
CA ASP A 79 -6.72 -60.50 -24.74
C ASP A 79 -6.27 -59.06 -24.77
N LEU A 80 -6.08 -58.49 -23.59
CA LEU A 80 -5.57 -57.14 -23.48
C LEU A 80 -4.40 -57.02 -22.51
N PHE A 81 -3.27 -56.59 -23.04
CA PHE A 81 -2.11 -56.30 -22.21
C PHE A 81 -2.23 -54.83 -21.79
N VAL A 82 -2.09 -54.56 -20.49
CA VAL A 82 -2.21 -53.21 -19.96
C VAL A 82 -0.85 -52.68 -19.50
N GLU A 83 -0.31 -51.69 -20.19
CA GLU A 83 0.95 -51.08 -19.80
C GLU A 83 0.72 -49.90 -18.85
N ARG A 84 1.51 -49.91 -17.79
CA ARG A 84 1.42 -48.92 -16.72
C ARG A 84 2.48 -47.84 -16.91
N SER A 85 2.16 -46.62 -16.51
CA SER A 85 3.10 -45.52 -16.64
C SER A 85 4.34 -45.73 -15.77
N LYS A 86 4.25 -46.57 -14.73
CA LYS A 86 5.39 -46.81 -13.85
C LYS A 86 6.39 -47.86 -14.35
N ALA A 87 6.16 -48.45 -15.52
CA ALA A 87 7.07 -49.48 -16.01
C ALA A 87 8.48 -48.90 -16.21
N PHE A 88 9.49 -49.75 -16.05
CA PHE A 88 10.88 -49.33 -16.25
C PHE A 88 11.70 -50.48 -16.81
N SER A 89 12.78 -50.17 -17.55
CA SER A 89 13.69 -51.22 -17.99
C SER A 89 14.80 -51.33 -16.96
N ASN A 90 15.29 -52.55 -16.74
CA ASN A 90 16.39 -52.78 -15.81
C ASN A 90 17.46 -53.73 -16.34
N CYS A 91 17.75 -53.70 -17.64
CA CYS A 91 18.70 -54.63 -18.23
C CYS A 91 19.59 -53.87 -19.17
N TYR A 92 20.20 -54.54 -20.14
CA TYR A 92 21.16 -53.88 -20.98
C TYR A 92 20.41 -52.80 -21.76
N PRO A 93 21.01 -51.61 -21.86
CA PRO A 93 20.29 -50.54 -22.57
C PRO A 93 20.17 -50.83 -24.04
N TYR A 94 18.97 -50.63 -24.56
CA TYR A 94 18.66 -51.09 -25.89
C TYR A 94 17.72 -50.13 -26.57
N ASP A 95 17.67 -50.22 -27.89
CA ASP A 95 16.61 -49.62 -28.67
C ASP A 95 16.10 -50.61 -29.67
N VAL A 96 14.90 -50.34 -30.17
CA VAL A 96 14.31 -51.20 -31.17
C VAL A 96 13.96 -50.29 -32.35
N PRO A 97 14.72 -50.37 -33.44
CA PRO A 97 14.21 -49.65 -34.62
C PRO A 97 12.80 -50.12 -34.94
N ASP A 98 11.89 -49.17 -35.18
CA ASP A 98 10.47 -49.47 -35.37
C ASP A 98 9.89 -50.20 -34.14
N TYR A 99 10.25 -49.71 -32.96
CA TYR A 99 9.69 -50.17 -31.69
C TYR A 99 8.17 -50.31 -31.75
N ALA A 100 7.51 -49.30 -32.32
CA ALA A 100 6.07 -49.28 -32.32
C ALA A 100 5.49 -50.48 -33.06
N SER A 101 6.14 -50.89 -34.15
CA SER A 101 5.65 -52.00 -34.94
C SER A 101 5.83 -53.36 -34.26
N LEU A 102 6.98 -53.57 -33.60
CA LEU A 102 7.20 -54.83 -32.90
C LEU A 102 6.20 -54.95 -31.76
N ARG A 103 6.01 -53.87 -31.02
CA ARG A 103 5.05 -53.82 -29.93
C ARG A 103 3.67 -54.16 -30.45
N SER A 104 3.30 -53.59 -31.58
CA SER A 104 1.99 -53.85 -32.16
C SER A 104 1.76 -55.30 -32.55
N LEU A 105 2.73 -55.90 -33.24
CA LEU A 105 2.53 -57.23 -33.81
C LEU A 105 2.54 -58.30 -32.72
N VAL A 106 3.34 -58.09 -31.67
CA VAL A 106 3.31 -58.98 -30.51
C VAL A 106 2.02 -58.84 -29.72
N ALA A 107 1.56 -57.60 -29.55
CA ALA A 107 0.36 -57.34 -28.78
C ALA A 107 -0.81 -58.04 -29.46
N SER A 108 -0.82 -57.99 -30.79
CA SER A 108 -1.87 -58.58 -31.61
C SER A 108 -1.77 -60.10 -31.61
N SER A 109 -0.54 -60.61 -31.59
CA SER A 109 -0.32 -62.04 -31.50
C SER A 109 -0.89 -62.57 -30.20
N GLY A 110 -0.72 -61.81 -29.14
CA GLY A 110 -1.43 -62.10 -27.91
C GLY A 110 -0.78 -63.16 -27.07
N THR A 111 0.46 -63.48 -27.37
CA THR A 111 1.15 -64.48 -26.59
C THR A 111 2.64 -64.23 -26.62
N LEU A 112 3.29 -64.60 -25.52
CA LEU A 112 4.74 -64.65 -25.44
C LEU A 112 5.27 -66.08 -25.45
N GLU A 113 4.45 -67.05 -25.86
CA GLU A 113 4.92 -68.44 -25.90
C GLU A 113 6.20 -68.54 -26.68
N PHE A 114 7.21 -69.12 -26.04
CA PHE A 114 8.54 -69.18 -26.59
C PHE A 114 9.00 -70.63 -26.56
N ILE A 115 9.66 -71.04 -27.64
CA ILE A 115 10.13 -72.41 -27.80
C ILE A 115 11.61 -72.28 -28.10
N THR A 116 12.41 -72.82 -27.20
CA THR A 116 13.84 -72.82 -27.36
C THR A 116 14.23 -73.77 -28.47
N GLU A 117 15.22 -73.35 -29.25
CA GLU A 117 15.80 -74.21 -30.25
C GLU A 117 17.29 -74.42 -29.97
N GLY A 118 17.77 -75.55 -30.46
CA GLY A 118 19.11 -76.04 -30.24
C GLY A 118 20.10 -75.50 -31.24
N PHE A 119 20.22 -74.17 -31.30
CA PHE A 119 21.24 -73.56 -32.12
C PHE A 119 22.59 -74.05 -31.64
N THR A 120 23.49 -74.25 -32.59
CA THR A 120 24.86 -74.60 -32.30
C THR A 120 25.71 -73.41 -32.68
N TRP A 121 26.52 -72.91 -31.74
CA TRP A 121 27.34 -71.74 -31.97
C TRP A 121 28.77 -72.18 -31.80
N THR A 122 29.35 -72.60 -32.92
CA THR A 122 30.65 -73.25 -32.89
C THR A 122 31.71 -72.17 -32.79
N GLY A 123 32.58 -72.29 -31.79
CA GLY A 123 33.76 -71.46 -31.73
C GLY A 123 33.52 -70.11 -31.07
N VAL A 124 32.41 -69.95 -30.37
CA VAL A 124 32.20 -68.73 -29.61
C VAL A 124 31.80 -69.09 -28.20
N THR A 125 31.98 -68.14 -27.28
CA THR A 125 31.51 -68.27 -25.91
C THR A 125 30.07 -67.77 -25.87
N GLN A 126 29.19 -68.52 -25.20
CA GLN A 126 27.78 -68.14 -25.12
C GLN A 126 27.46 -67.48 -23.79
N ASN A 127 26.23 -66.97 -23.70
CA ASN A 127 25.61 -66.52 -22.44
C ASN A 127 26.23 -65.32 -21.77
N GLY A 128 26.67 -64.33 -22.54
CA GLY A 128 27.24 -63.15 -21.93
C GLY A 128 26.19 -62.45 -21.07
N GLY A 129 26.66 -61.78 -20.04
CA GLY A 129 25.78 -61.08 -19.13
C GLY A 129 26.42 -59.79 -18.66
N SER A 130 25.70 -59.04 -17.84
CA SER A 130 26.13 -57.71 -17.48
C SER A 130 25.59 -57.29 -16.11
N ASN A 131 26.36 -56.50 -15.36
CA ASN A 131 25.85 -55.94 -14.10
C ASN A 131 24.88 -54.81 -14.38
N ALA A 132 24.68 -54.48 -15.67
CA ALA A 132 23.61 -53.58 -16.01
C ALA A 132 22.29 -54.35 -15.97
N CYS A 133 22.34 -55.68 -15.97
CA CYS A 133 21.14 -56.48 -15.99
C CYS A 133 21.22 -57.63 -14.98
N LYS A 134 21.09 -57.33 -13.70
CA LYS A 134 21.21 -58.38 -12.69
C LYS A 134 20.03 -59.34 -12.68
N ARG A 135 20.35 -60.61 -12.47
CA ARG A 135 19.36 -61.66 -12.34
C ARG A 135 19.73 -62.32 -11.02
N GLY A 136 18.94 -62.08 -9.97
CA GLY A 136 19.37 -62.46 -8.64
C GLY A 136 20.59 -61.64 -8.24
N PRO A 137 21.53 -62.26 -7.48
CA PRO A 137 22.66 -61.46 -7.00
C PRO A 137 23.69 -61.14 -8.07
N GLY A 138 23.79 -62.00 -9.09
CA GLY A 138 24.82 -61.86 -10.11
C GLY A 138 24.46 -61.13 -11.37
N SER A 139 25.49 -60.89 -12.18
CA SER A 139 25.35 -60.35 -13.52
C SER A 139 24.45 -61.25 -14.35
N GLY A 140 23.75 -60.66 -15.31
CA GLY A 140 22.86 -61.44 -16.16
C GLY A 140 22.51 -60.75 -17.45
N PHE A 141 21.46 -61.24 -18.10
CA PHE A 141 21.06 -60.75 -19.42
C PHE A 141 19.61 -61.13 -19.67
N PHE A 142 19.07 -60.60 -20.76
CA PHE A 142 17.74 -60.96 -21.22
C PHE A 142 17.65 -62.48 -21.34
N SER A 143 16.53 -63.04 -20.91
CA SER A 143 16.37 -64.50 -20.87
C SER A 143 16.25 -65.12 -22.25
N ARG A 144 15.77 -64.34 -23.22
CA ARG A 144 15.48 -64.88 -24.55
C ARG A 144 16.60 -64.65 -25.56
N LEU A 145 17.68 -64.03 -25.13
CA LEU A 145 18.78 -63.69 -26.01
C LEU A 145 20.09 -64.29 -25.51
N ASN A 146 21.05 -64.46 -26.42
CA ASN A 146 22.28 -65.18 -26.13
C ASN A 146 23.39 -64.31 -26.66
N TRP A 147 24.09 -63.64 -25.75
CA TRP A 147 25.11 -62.71 -26.14
C TRP A 147 26.37 -63.51 -26.41
N LEU A 148 26.76 -63.60 -27.68
CA LEU A 148 27.93 -64.40 -28.06
C LEU A 148 29.19 -63.54 -28.08
N THR A 149 30.29 -64.07 -27.55
CA THR A 149 31.58 -63.41 -27.63
C THR A 149 32.66 -64.38 -28.09
N LYS A 150 33.90 -63.91 -28.22
CA LYS A 150 34.99 -64.74 -28.71
C LYS A 150 35.24 -65.94 -27.81
N SER A 151 35.83 -66.98 -28.40
CA SER A 151 36.35 -68.11 -27.63
C SER A 151 37.84 -68.19 -27.95
N GLY A 152 38.65 -68.16 -26.89
CA GLY A 152 40.08 -67.99 -27.03
C GLY A 152 40.42 -66.64 -27.65
N SER A 153 41.12 -66.67 -28.78
CA SER A 153 41.58 -65.46 -29.47
C SER A 153 40.89 -65.22 -30.81
N THR A 154 39.79 -65.92 -31.10
CA THR A 154 39.13 -65.80 -32.39
C THR A 154 37.61 -65.78 -32.23
N TYR A 155 36.95 -65.21 -33.24
CA TYR A 155 35.50 -65.21 -33.36
C TYR A 155 35.26 -65.60 -34.81
N PRO A 156 34.87 -66.86 -35.06
CA PRO A 156 34.75 -67.30 -36.45
C PRO A 156 33.51 -66.75 -37.11
N VAL A 157 33.38 -66.99 -38.41
CA VAL A 157 32.15 -66.64 -39.09
C VAL A 157 31.13 -67.66 -38.68
N LEU A 158 30.13 -67.24 -37.92
CA LEU A 158 28.99 -68.07 -37.61
C LEU A 158 28.08 -68.18 -38.82
N ASN A 159 27.60 -69.38 -39.08
CA ASN A 159 26.73 -69.63 -40.22
C ASN A 159 25.85 -70.81 -39.81
N VAL A 160 24.64 -70.52 -39.34
CA VAL A 160 23.76 -71.54 -38.79
C VAL A 160 22.39 -71.43 -39.41
N THR A 161 21.66 -72.53 -39.47
CA THR A 161 20.33 -72.48 -40.05
C THR A 161 19.33 -73.18 -39.13
N MET A 162 18.08 -72.75 -39.21
CA MET A 162 17.01 -73.30 -38.40
C MET A 162 15.76 -73.32 -39.28
N PRO A 163 15.41 -74.50 -39.80
CA PRO A 163 14.25 -74.58 -40.69
C PRO A 163 12.95 -74.50 -39.91
N ASN A 164 11.91 -73.95 -40.53
CA ASN A 164 10.57 -74.04 -39.96
C ASN A 164 9.81 -75.18 -40.60
N ASN A 165 9.72 -76.30 -39.89
CA ASN A 165 8.99 -77.47 -40.35
C ASN A 165 7.65 -77.57 -39.61
N ASP A 166 7.23 -76.50 -38.94
CA ASP A 166 5.94 -76.47 -38.27
C ASP A 166 4.93 -75.82 -39.22
N ASN A 167 3.66 -75.79 -38.81
CA ASN A 167 2.59 -75.22 -39.61
C ASN A 167 2.07 -73.87 -39.07
N PHE A 168 2.88 -73.19 -38.26
CA PHE A 168 2.61 -71.83 -37.82
C PHE A 168 3.83 -70.94 -38.06
N ASP A 169 3.63 -69.62 -38.03
CA ASP A 169 4.75 -68.70 -38.16
C ASP A 169 5.56 -68.58 -36.88
N LYS A 170 6.88 -68.49 -37.05
CA LYS A 170 7.81 -68.32 -35.94
C LYS A 170 8.32 -66.89 -35.96
N LEU A 171 8.33 -66.26 -34.79
CA LEU A 171 8.96 -64.96 -34.62
C LEU A 171 10.29 -65.10 -33.92
N TYR A 172 11.36 -64.70 -34.62
CA TYR A 172 12.70 -64.63 -34.06
C TYR A 172 13.07 -63.21 -33.67
N ILE A 173 13.48 -63.03 -32.42
CA ILE A 173 13.99 -61.75 -31.95
C ILE A 173 15.49 -61.91 -31.75
N TRP A 174 16.25 -60.99 -32.30
CA TRP A 174 17.70 -61.02 -32.25
C TRP A 174 18.19 -59.61 -32.16
N GLY A 175 19.51 -59.43 -32.04
CA GLY A 175 20.05 -58.11 -31.83
C GLY A 175 21.47 -57.97 -32.34
N VAL A 176 21.96 -56.73 -32.27
CA VAL A 176 23.30 -56.40 -32.71
C VAL A 176 23.87 -55.50 -31.62
N HIS A 177 25.05 -55.82 -31.15
CA HIS A 177 25.67 -55.03 -30.11
C HIS A 177 26.46 -53.86 -30.69
N HIS A 178 26.25 -52.68 -30.12
CA HIS A 178 27.06 -51.51 -30.44
C HIS A 178 27.98 -51.13 -29.29
N PRO A 179 29.27 -51.48 -29.41
CA PRO A 179 30.26 -51.12 -28.40
C PRO A 179 30.56 -49.63 -28.37
N SER A 180 31.00 -49.11 -27.22
CA SER A 180 31.32 -47.68 -27.11
C SER A 180 32.73 -47.37 -27.62
N THR A 181 33.61 -48.36 -27.63
CA THR A 181 35.00 -48.22 -28.07
C THR A 181 35.52 -49.36 -28.95
N ASN A 182 36.61 -49.07 -29.65
CA ASN A 182 37.32 -50.06 -30.45
C ASN A 182 37.88 -51.14 -29.54
N GLN A 183 38.25 -50.75 -28.33
CA GLN A 183 38.72 -51.71 -27.36
C GLN A 183 37.81 -52.83 -27.02
N GLU A 184 36.59 -52.41 -26.83
CA GLU A 184 35.53 -53.30 -26.56
C GLU A 184 35.22 -54.24 -27.66
N GLN A 185 35.14 -53.62 -28.83
CA GLN A 185 34.81 -54.32 -30.04
C GLN A 185 35.73 -55.47 -30.28
N THR A 186 37.03 -55.21 -30.13
CA THR A 186 38.04 -56.21 -30.47
C THR A 186 38.16 -57.20 -29.34
N SER A 187 37.93 -56.72 -28.12
CA SER A 187 38.00 -57.56 -26.95
C SER A 187 36.95 -58.65 -26.98
N LEU A 188 35.75 -58.27 -27.42
CA LEU A 188 34.64 -59.19 -27.44
C LEU A 188 34.66 -60.05 -28.69
N TYR A 189 34.94 -59.42 -29.82
CA TYR A 189 34.63 -60.02 -31.11
C TYR A 189 35.83 -60.25 -32.03
N VAL A 190 37.01 -59.79 -31.61
CA VAL A 190 38.29 -59.90 -32.29
C VAL A 190 38.32 -59.04 -33.57
N GLN A 191 37.30 -59.20 -34.42
CA GLN A 191 37.15 -58.36 -35.61
C GLN A 191 37.01 -56.88 -35.28
N ALA A 192 37.59 -56.02 -36.11
CA ALA A 192 37.54 -54.57 -35.88
C ALA A 192 36.17 -53.99 -36.18
N SER A 193 35.43 -54.65 -37.06
CA SER A 193 34.06 -54.25 -37.38
C SER A 193 33.26 -55.53 -37.58
N GLY A 194 32.10 -55.62 -36.95
CA GLY A 194 31.31 -56.84 -37.07
C GLY A 194 30.24 -56.71 -38.13
N ARG A 195 29.40 -57.74 -38.22
CA ARG A 195 28.29 -57.73 -39.15
C ARG A 195 27.32 -58.82 -38.72
N VAL A 196 26.02 -58.56 -38.84
CA VAL A 196 25.00 -59.57 -38.61
C VAL A 196 24.05 -59.61 -39.80
N THR A 197 23.86 -60.79 -40.38
CA THR A 197 22.92 -60.94 -41.49
C THR A 197 21.97 -62.05 -41.16
N VAL A 198 20.68 -61.72 -41.12
CA VAL A 198 19.66 -62.71 -40.84
C VAL A 198 18.70 -62.65 -41.99
N SER A 199 18.39 -63.83 -42.51
CA SER A 199 17.58 -63.95 -43.71
C SER A 199 16.65 -65.15 -43.76
N THR A 200 15.64 -65.06 -44.61
CA THR A 200 14.81 -66.20 -45.00
C THR A 200 14.96 -66.35 -46.51
N ARG A 201 14.22 -67.25 -47.12
N ARG A 201 14.14 -67.19 -47.14
CA ARG A 201 14.30 -67.44 -48.55
CA ARG A 201 14.28 -67.47 -48.58
C ARG A 201 14.12 -66.07 -49.23
C ARG A 201 13.83 -66.30 -49.44
N ARG A 202 13.06 -65.37 -48.85
CA ARG A 202 12.61 -64.16 -49.54
C ARG A 202 12.84 -62.82 -48.82
N SER A 203 13.58 -62.80 -47.73
CA SER A 203 13.86 -61.54 -47.04
C SER A 203 15.27 -61.52 -46.50
N GLN A 204 15.79 -60.32 -46.27
CA GLN A 204 17.10 -60.21 -45.66
C GLN A 204 17.26 -58.88 -44.95
N GLN A 205 17.99 -58.92 -43.84
CA GLN A 205 18.32 -57.73 -43.09
C GLN A 205 19.77 -57.86 -42.74
N THR A 206 20.59 -56.88 -43.11
CA THR A 206 21.96 -56.91 -42.64
C THR A 206 22.25 -55.63 -41.86
N ILE A 207 22.81 -55.78 -40.67
CA ILE A 207 23.12 -54.68 -39.80
C ILE A 207 24.62 -54.64 -39.49
N ILE A 208 25.21 -53.47 -39.65
CA ILE A 208 26.60 -53.26 -39.32
C ILE A 208 26.59 -52.50 -38.01
N PRO A 209 27.23 -53.05 -36.97
CA PRO A 209 27.24 -52.33 -35.69
C PRO A 209 27.99 -51.04 -35.87
N ASN A 210 27.67 -50.06 -35.04
CA ASN A 210 28.36 -48.81 -35.15
C ASN A 210 29.02 -48.41 -33.81
N ILE A 211 30.34 -48.33 -33.75
CA ILE A 211 31.05 -48.07 -32.50
C ILE A 211 31.07 -46.57 -32.12
N GLY A 212 30.87 -46.29 -30.83
CA GLY A 212 30.98 -44.94 -30.27
C GLY A 212 30.16 -44.82 -29.00
N SER A 213 30.32 -43.75 -28.24
CA SER A 213 29.57 -43.59 -26.99
C SER A 213 28.15 -43.08 -27.15
N ARG A 214 27.24 -43.66 -26.37
CA ARG A 214 25.92 -43.09 -26.18
C ARG A 214 25.83 -42.66 -24.70
N PRO A 215 24.72 -42.01 -24.28
CA PRO A 215 24.65 -41.63 -22.87
C PRO A 215 24.72 -42.80 -21.91
N TRP A 216 25.46 -42.60 -20.84
CA TRP A 216 25.62 -43.56 -19.77
C TRP A 216 24.23 -43.98 -19.22
N VAL A 217 23.92 -45.28 -19.29
CA VAL A 217 22.69 -45.87 -18.72
C VAL A 217 23.04 -47.13 -17.95
N ARG A 218 22.68 -47.18 -16.66
CA ARG A 218 23.06 -48.32 -15.82
C ARG A 218 24.50 -48.67 -16.06
N GLY A 219 25.35 -47.64 -16.01
CA GLY A 219 26.79 -47.85 -16.12
C GLY A 219 27.23 -47.90 -17.55
N LEU A 220 26.34 -47.82 -18.55
CA LEU A 220 26.78 -48.17 -19.89
C LEU A 220 26.63 -47.17 -21.00
N SER A 221 27.69 -47.02 -21.78
N SER A 221 27.67 -47.05 -21.82
CA SER A 221 27.66 -46.15 -22.94
CA SER A 221 27.57 -46.20 -22.99
C SER A 221 27.44 -46.92 -24.24
C SER A 221 27.29 -47.00 -24.27
N SER A 222 27.39 -48.25 -24.18
N SER A 222 27.48 -48.32 -24.23
CA SER A 222 27.12 -49.05 -25.37
CA SER A 222 27.17 -49.18 -25.36
C SER A 222 25.64 -49.39 -25.44
C SER A 222 25.67 -49.43 -25.43
N ARG A 223 25.23 -50.05 -26.52
CA ARG A 223 23.82 -50.34 -26.76
C ARG A 223 23.64 -51.64 -27.52
N ILE A 224 22.45 -52.22 -27.42
CA ILE A 224 22.03 -53.30 -28.29
C ILE A 224 20.83 -52.80 -29.10
N SER A 225 20.83 -53.07 -30.40
CA SER A 225 19.68 -52.81 -31.27
C SER A 225 18.96 -54.10 -31.57
N ILE A 226 17.65 -54.07 -31.43
CA ILE A 226 16.82 -55.24 -31.57
C ILE A 226 16.10 -55.28 -32.92
N TYR A 227 16.16 -56.43 -33.56
CA TYR A 227 15.51 -56.68 -34.82
C TYR A 227 14.69 -57.93 -34.71
N TRP A 228 13.83 -58.16 -35.70
N TRP A 228 13.80 -58.13 -35.69
CA TRP A 228 13.02 -59.37 -35.71
CA TRP A 228 12.96 -59.31 -35.74
C TRP A 228 12.81 -59.89 -37.13
C TRP A 228 12.88 -59.90 -37.14
N THR A 229 12.56 -61.19 -37.24
CA THR A 229 12.41 -61.85 -38.52
C THR A 229 11.31 -62.89 -38.34
N ILE A 230 10.33 -62.90 -39.25
CA ILE A 230 9.30 -63.93 -39.22
C ILE A 230 9.58 -64.98 -40.29
N VAL A 231 9.44 -66.25 -39.91
CA VAL A 231 9.72 -67.37 -40.81
C VAL A 231 8.46 -68.21 -40.94
N LYS A 232 7.99 -68.35 -42.18
CA LYS A 232 6.78 -69.10 -42.45
C LYS A 232 7.05 -70.58 -42.60
N PRO A 233 5.99 -71.40 -42.49
CA PRO A 233 6.13 -72.85 -42.69
C PRO A 233 6.81 -73.16 -44.03
N GLY A 234 7.75 -74.08 -44.00
CA GLY A 234 8.47 -74.47 -45.21
C GLY A 234 9.62 -73.54 -45.56
N ASP A 235 9.73 -72.40 -44.88
CA ASP A 235 10.86 -71.49 -45.07
C ASP A 235 11.94 -71.83 -44.04
N VAL A 236 13.02 -71.05 -44.00
CA VAL A 236 14.16 -71.38 -43.17
C VAL A 236 14.86 -70.08 -42.77
N LEU A 237 15.46 -70.09 -41.58
CA LEU A 237 16.21 -68.96 -41.10
C LEU A 237 17.68 -69.28 -41.27
N VAL A 238 18.46 -68.32 -41.75
CA VAL A 238 19.91 -68.41 -41.72
C VAL A 238 20.47 -67.18 -41.02
N ILE A 239 21.40 -67.43 -40.11
CA ILE A 239 22.06 -66.39 -39.36
C ILE A 239 23.53 -66.51 -39.69
N ASN A 240 24.11 -65.41 -40.16
CA ASN A 240 25.47 -65.41 -40.59
C ASN A 240 26.15 -64.17 -39.98
N SER A 241 27.16 -64.37 -39.14
CA SER A 241 27.82 -63.25 -38.48
C SER A 241 29.30 -63.50 -38.17
N ASN A 242 30.13 -62.46 -38.28
CA ASN A 242 31.53 -62.52 -37.82
C ASN A 242 31.79 -61.59 -36.62
N GLY A 243 30.75 -61.29 -35.83
CA GLY A 243 30.87 -60.53 -34.59
C GLY A 243 29.60 -59.73 -34.31
N ASN A 244 29.37 -59.40 -33.03
CA ASN A 244 28.32 -58.45 -32.59
C ASN A 244 26.90 -58.99 -32.61
N LEU A 245 26.73 -60.27 -32.92
CA LEU A 245 25.40 -60.87 -32.90
C LEU A 245 24.88 -61.10 -31.49
N ILE A 246 23.68 -60.60 -31.21
CA ILE A 246 22.94 -60.99 -30.01
C ILE A 246 21.93 -61.99 -30.54
N ALA A 247 22.21 -63.25 -30.25
CA ALA A 247 21.51 -64.35 -30.90
C ALA A 247 20.16 -64.66 -30.25
N PRO A 248 19.21 -65.17 -31.03
CA PRO A 248 17.98 -65.71 -30.46
C PRO A 248 18.25 -67.05 -29.77
N ARG A 249 17.41 -67.40 -28.80
CA ARG A 249 17.47 -68.70 -28.14
C ARG A 249 16.39 -69.61 -28.70
N GLY A 250 15.56 -69.08 -29.60
CA GLY A 250 14.39 -69.80 -30.04
C GLY A 250 13.46 -68.79 -30.67
N TYR A 251 12.18 -69.14 -30.73
CA TYR A 251 11.21 -68.31 -31.43
C TYR A 251 9.94 -68.16 -30.62
N PHE A 252 9.19 -67.11 -30.88
CA PHE A 252 7.87 -66.93 -30.32
C PHE A 252 6.84 -67.47 -31.30
N LYS A 253 5.87 -68.24 -30.79
CA LYS A 253 4.83 -68.76 -31.65
C LYS A 253 3.87 -67.64 -31.96
N MET A 254 3.63 -67.41 -33.25
N MET A 254 3.59 -67.44 -33.25
CA MET A 254 2.70 -66.39 -33.70
CA MET A 254 2.70 -66.37 -33.67
C MET A 254 1.28 -66.94 -33.72
C MET A 254 1.27 -66.84 -33.88
N ARG A 255 0.34 -66.11 -33.28
CA ARG A 255 -1.07 -66.41 -33.34
C ARG A 255 -1.78 -65.24 -34.01
N THR A 256 -3.00 -65.48 -34.49
CA THR A 256 -3.88 -64.40 -34.93
C THR A 256 -5.10 -64.42 -34.03
N GLY A 257 -5.72 -63.27 -33.85
CA GLY A 257 -6.89 -63.21 -32.99
C GLY A 257 -7.22 -61.80 -32.52
N LYS A 258 -7.87 -61.73 -31.36
CA LYS A 258 -8.48 -60.50 -30.90
C LYS A 258 -7.60 -59.75 -29.91
N SER A 259 -6.35 -60.16 -29.75
CA SER A 259 -5.53 -59.57 -28.72
C SER A 259 -5.06 -58.16 -29.10
N SER A 260 -4.84 -57.32 -28.08
CA SER A 260 -4.33 -55.98 -28.25
C SER A 260 -3.60 -55.52 -27.00
N ILE A 261 -3.27 -54.24 -26.96
CA ILE A 261 -2.52 -53.64 -25.86
C ILE A 261 -3.10 -52.27 -25.62
N MET A 262 -3.04 -51.77 -24.39
CA MET A 262 -3.59 -50.46 -24.07
C MET A 262 -2.71 -49.86 -23.00
N ARG A 263 -2.49 -48.56 -23.05
CA ARG A 263 -1.79 -47.88 -21.97
C ARG A 263 -2.82 -47.30 -21.02
N SER A 264 -2.72 -47.64 -19.74
CA SER A 264 -3.66 -47.18 -18.73
C SER A 264 -3.04 -47.28 -17.35
N ASP A 265 -3.41 -46.35 -16.48
CA ASP A 265 -3.10 -46.46 -15.05
C ASP A 265 -4.30 -46.85 -14.20
N ALA A 266 -5.42 -47.23 -14.84
CA ALA A 266 -6.62 -47.61 -14.09
C ALA A 266 -6.44 -48.93 -13.34
N PRO A 267 -6.90 -49.01 -12.09
CA PRO A 267 -6.81 -50.32 -11.42
C PRO A 267 -7.69 -51.37 -12.09
N ILE A 268 -7.39 -52.64 -11.87
N ILE A 268 -7.27 -52.62 -12.04
CA ILE A 268 -8.19 -53.74 -12.42
CA ILE A 268 -8.12 -53.70 -12.48
C ILE A 268 -9.08 -54.38 -11.35
C ILE A 268 -9.02 -54.00 -11.31
N ASP A 269 -10.40 -54.28 -11.52
N ASP A 269 -10.17 -54.61 -11.56
CA ASP A 269 -11.37 -54.80 -10.54
CA ASP A 269 -11.07 -55.08 -10.51
C ASP A 269 -11.97 -56.14 -10.98
C ASP A 269 -11.98 -56.18 -11.00
N THR A 270 -12.74 -56.75 -10.08
CA THR A 270 -13.54 -57.93 -10.38
C THR A 270 -15.00 -57.52 -10.62
N CYS A 271 -15.38 -57.58 -11.91
CA CYS A 271 -16.67 -57.12 -12.40
C CYS A 271 -16.68 -57.49 -13.88
N ILE A 272 -17.78 -57.27 -14.56
CA ILE A 272 -17.92 -57.74 -15.94
C ILE A 272 -18.27 -56.56 -16.84
N SER A 273 -17.49 -56.35 -17.90
CA SER A 273 -17.84 -55.36 -18.92
C SER A 273 -17.21 -55.67 -20.27
N GLU A 274 -18.01 -55.57 -21.34
CA GLU A 274 -17.49 -55.84 -22.67
C GLU A 274 -16.54 -54.75 -23.17
N CYS A 275 -16.73 -53.51 -22.72
CA CYS A 275 -15.97 -52.37 -23.26
C CYS A 275 -14.96 -51.83 -22.25
N ILE A 276 -13.70 -51.70 -22.69
CA ILE A 276 -12.61 -51.22 -21.85
C ILE A 276 -12.02 -49.96 -22.49
N THR A 277 -11.82 -48.92 -21.68
CA THR A 277 -11.13 -47.71 -22.11
C THR A 277 -9.98 -47.48 -21.14
N PRO A 278 -9.03 -46.58 -21.49
CA PRO A 278 -7.93 -46.29 -20.55
C PRO A 278 -8.41 -45.69 -19.24
N ASN A 279 -9.58 -45.08 -19.24
CA ASN A 279 -10.18 -44.54 -18.03
C ASN A 279 -10.79 -45.59 -17.13
N GLY A 280 -10.93 -46.83 -17.62
CA GLY A 280 -11.73 -47.82 -16.94
C GLY A 280 -12.78 -48.37 -17.89
N SER A 281 -13.48 -49.42 -17.46
CA SER A 281 -14.58 -49.97 -18.24
C SER A 281 -15.77 -49.04 -18.35
N ILE A 282 -16.53 -49.19 -19.43
CA ILE A 282 -17.78 -48.46 -19.56
C ILE A 282 -18.92 -49.37 -20.04
N PRO A 283 -20.17 -49.07 -19.64
CA PRO A 283 -21.34 -49.77 -20.22
C PRO A 283 -21.41 -49.58 -21.74
N ASN A 284 -21.94 -50.58 -22.45
CA ASN A 284 -22.10 -50.50 -23.90
C ASN A 284 -23.56 -50.55 -24.33
N ASP A 285 -24.47 -50.18 -23.43
CA ASP A 285 -25.87 -50.09 -23.79
C ASP A 285 -26.20 -48.91 -24.69
N LYS A 286 -25.44 -47.82 -24.59
CA LYS A 286 -25.67 -46.69 -25.46
C LYS A 286 -24.83 -46.82 -26.73
N PRO A 287 -25.30 -46.23 -27.84
CA PRO A 287 -24.62 -46.36 -29.14
C PRO A 287 -23.35 -45.52 -29.26
N PHE A 288 -23.26 -44.46 -28.44
CA PHE A 288 -22.12 -43.55 -28.49
C PHE A 288 -21.52 -43.34 -27.11
N GLN A 289 -20.29 -42.84 -27.07
CA GLN A 289 -19.63 -42.54 -25.82
C GLN A 289 -18.66 -41.37 -25.98
N ASN A 290 -18.44 -40.65 -24.89
CA ASN A 290 -17.52 -39.51 -24.87
C ASN A 290 -16.40 -39.73 -23.85
N VAL A 291 -16.14 -40.97 -23.47
CA VAL A 291 -15.14 -41.23 -22.45
C VAL A 291 -13.70 -41.20 -22.99
N ASN A 292 -13.43 -41.97 -24.04
CA ASN A 292 -12.10 -42.01 -24.64
C ASN A 292 -12.18 -42.55 -26.07
N LYS A 293 -11.42 -41.94 -26.97
CA LYS A 293 -11.34 -42.48 -28.33
C LYS A 293 -10.65 -43.83 -28.37
N ILE A 294 -9.85 -44.11 -27.35
CA ILE A 294 -9.22 -45.41 -27.21
C ILE A 294 -10.16 -46.37 -26.54
N THR A 295 -10.49 -47.44 -27.25
CA THR A 295 -11.35 -48.47 -26.71
C THR A 295 -10.94 -49.87 -27.17
N TYR A 296 -11.42 -50.87 -26.45
CA TYR A 296 -11.18 -52.27 -26.79
C TYR A 296 -12.46 -53.02 -26.48
N GLY A 297 -12.94 -53.81 -27.44
CA GLY A 297 -14.10 -54.66 -27.23
C GLY A 297 -15.35 -54.13 -27.90
N ALA A 298 -16.50 -54.59 -27.43
CA ALA A 298 -17.77 -54.13 -27.97
C ALA A 298 -18.16 -52.83 -27.30
N CYS A 299 -17.89 -51.74 -28.00
CA CYS A 299 -17.88 -50.41 -27.39
C CYS A 299 -18.80 -49.47 -28.16
N PRO A 300 -19.43 -48.53 -27.45
CA PRO A 300 -20.11 -47.46 -28.18
C PRO A 300 -19.10 -46.71 -29.03
N LYS A 301 -19.56 -46.04 -30.08
CA LYS A 301 -18.66 -45.27 -30.93
C LYS A 301 -18.35 -43.93 -30.26
N TYR A 302 -17.08 -43.52 -30.35
CA TYR A 302 -16.64 -42.28 -29.72
C TYR A 302 -17.16 -41.09 -30.51
N VAL A 303 -17.77 -40.15 -29.80
CA VAL A 303 -18.21 -38.88 -30.40
C VAL A 303 -17.77 -37.70 -29.55
N LYS A 304 -17.84 -36.50 -30.12
CA LYS A 304 -17.38 -35.30 -29.44
C LYS A 304 -18.39 -34.77 -28.43
N GLN A 305 -19.67 -35.03 -28.69
CA GLN A 305 -20.74 -34.48 -27.87
C GLN A 305 -20.69 -35.19 -26.53
N ASN A 306 -20.98 -34.48 -25.44
CA ASN A 306 -21.00 -35.13 -24.11
C ASN A 306 -22.40 -35.58 -23.72
N THR A 307 -23.41 -35.16 -24.49
CA THR A 307 -24.78 -35.60 -24.31
C THR A 307 -25.55 -35.52 -25.62
N LEU A 308 -26.39 -36.51 -25.86
CA LEU A 308 -27.34 -36.48 -26.97
C LEU A 308 -28.63 -37.16 -26.53
N LYS A 309 -29.74 -36.42 -26.51
CA LYS A 309 -30.99 -36.97 -25.99
C LYS A 309 -31.91 -37.45 -27.11
N LEU A 310 -32.34 -38.71 -27.01
CA LEU A 310 -33.35 -39.26 -27.89
C LEU A 310 -34.72 -39.15 -27.23
N ALA A 311 -35.64 -38.37 -27.81
CA ALA A 311 -36.98 -38.26 -27.25
C ALA A 311 -37.64 -39.64 -27.19
N THR A 312 -38.29 -39.93 -26.08
CA THR A 312 -39.06 -41.17 -25.91
C THR A 312 -40.50 -40.86 -25.53
N GLY A 313 -40.97 -39.67 -25.85
CA GLY A 313 -42.32 -39.26 -25.54
C GLY A 313 -42.73 -38.09 -26.40
N MET A 314 -44.00 -37.70 -26.32
CA MET A 314 -44.48 -36.61 -27.15
C MET A 314 -44.03 -35.26 -26.61
N ARG A 315 -44.33 -34.22 -27.37
N ARG A 315 -44.30 -34.21 -27.38
CA ARG A 315 -44.12 -32.85 -26.94
CA ARG A 315 -44.13 -32.84 -26.91
C ARG A 315 -44.84 -32.61 -25.61
C ARG A 315 -44.84 -32.65 -25.58
N ASN A 316 -44.16 -31.99 -24.65
CA ASN A 316 -44.74 -31.70 -23.35
C ASN A 316 -45.34 -30.30 -23.36
N VAL A 317 -46.66 -30.25 -23.31
CA VAL A 317 -47.39 -28.99 -23.45
C VAL A 317 -48.33 -28.83 -22.28
N PRO A 318 -47.79 -28.59 -21.08
CA PRO A 318 -48.70 -28.50 -19.94
C PRO A 318 -49.58 -27.23 -19.98
N GLU A 319 -49.07 -26.16 -20.61
CA GLU A 319 -49.79 -24.89 -20.68
C GLU A 319 -49.99 -24.53 -22.16
N LYS A 320 -51.02 -23.72 -22.41
CA LYS A 320 -51.40 -23.26 -23.78
C LYS A 320 -50.20 -23.08 -24.70
N GLY B 1 -46.26 -29.67 -34.50
CA GLY B 1 -46.03 -30.92 -35.28
C GLY B 1 -46.79 -30.85 -36.59
N LEU B 2 -46.54 -31.80 -37.47
CA LEU B 2 -47.13 -31.74 -38.80
C LEU B 2 -48.64 -31.84 -38.80
N PHE B 3 -49.21 -32.50 -37.79
CA PHE B 3 -50.64 -32.78 -37.81
C PHE B 3 -51.47 -31.73 -37.08
N GLY B 4 -50.85 -30.90 -36.26
CA GLY B 4 -51.55 -29.76 -35.72
C GLY B 4 -52.51 -30.11 -34.62
N ALA B 5 -52.36 -31.29 -34.01
CA ALA B 5 -53.21 -31.69 -32.91
C ALA B 5 -52.54 -31.31 -31.61
N ILE B 6 -51.40 -31.94 -31.31
CA ILE B 6 -50.65 -31.63 -30.11
C ILE B 6 -50.02 -30.24 -30.27
N ALA B 7 -50.21 -29.39 -29.26
CA ALA B 7 -49.77 -27.99 -29.32
C ALA B 7 -50.45 -27.33 -30.52
N GLY B 8 -51.66 -27.78 -30.82
CA GLY B 8 -52.44 -27.33 -31.97
C GLY B 8 -53.88 -27.12 -31.55
N PHE B 9 -54.79 -27.78 -32.26
CA PHE B 9 -56.22 -27.68 -31.95
C PHE B 9 -56.51 -28.26 -30.57
N ILE B 10 -55.66 -29.15 -30.08
N ILE B 10 -55.67 -29.19 -30.12
CA ILE B 10 -55.70 -29.51 -28.68
CA ILE B 10 -55.62 -29.54 -28.71
C ILE B 10 -54.73 -28.57 -27.99
C ILE B 10 -54.72 -28.47 -28.08
N GLU B 11 -55.30 -27.63 -27.24
CA GLU B 11 -54.59 -26.45 -26.75
C GLU B 11 -53.45 -26.77 -25.80
N ASN B 12 -53.63 -27.81 -25.00
CA ASN B 12 -52.58 -28.26 -24.09
C ASN B 12 -52.80 -29.70 -23.66
N GLY B 13 -51.77 -30.28 -23.05
CA GLY B 13 -51.83 -31.61 -22.49
C GLY B 13 -52.45 -31.61 -21.10
N TRP B 14 -52.72 -32.80 -20.60
CA TRP B 14 -53.37 -32.97 -19.32
C TRP B 14 -52.37 -33.57 -18.33
N GLU B 15 -51.89 -32.77 -17.38
CA GLU B 15 -51.03 -33.33 -16.33
C GLU B 15 -51.76 -34.37 -15.49
N GLY B 16 -53.08 -34.30 -15.48
CA GLY B 16 -53.88 -35.21 -14.68
C GLY B 16 -54.14 -36.54 -15.36
N MET B 17 -53.76 -36.69 -16.63
N MET B 17 -53.70 -36.69 -16.61
CA MET B 17 -53.92 -37.99 -17.27
CA MET B 17 -53.86 -37.95 -17.33
C MET B 17 -52.63 -38.71 -16.96
C MET B 17 -52.64 -38.79 -17.04
N ILE B 18 -52.75 -39.56 -15.96
CA ILE B 18 -51.62 -40.29 -15.41
C ILE B 18 -51.56 -41.80 -15.65
N ASP B 19 -52.55 -42.31 -16.37
CA ASP B 19 -52.61 -43.73 -16.71
C ASP B 19 -52.58 -43.99 -18.21
N GLY B 20 -52.14 -43.02 -18.99
CA GLY B 20 -52.08 -43.19 -20.43
C GLY B 20 -51.47 -41.99 -21.13
N TRP B 21 -51.19 -42.12 -22.42
CA TRP B 21 -50.64 -41.03 -23.19
C TRP B 21 -51.74 -40.23 -23.86
N TYR B 22 -52.82 -40.91 -24.25
CA TYR B 22 -53.95 -40.30 -24.93
C TYR B 22 -55.22 -40.76 -24.25
N GLY B 23 -56.28 -39.97 -24.32
CA GLY B 23 -57.52 -40.39 -23.72
C GLY B 23 -58.65 -39.42 -23.90
N PHE B 24 -59.67 -39.58 -23.06
CA PHE B 24 -60.96 -38.93 -23.22
C PHE B 24 -61.31 -38.27 -21.91
N ARG B 25 -61.91 -37.09 -21.98
CA ARG B 25 -62.60 -36.53 -20.83
C ARG B 25 -64.01 -36.25 -21.29
N HIS B 26 -64.98 -36.47 -20.41
CA HIS B 26 -66.36 -36.28 -20.80
C HIS B 26 -67.10 -35.58 -19.69
N GLN B 27 -68.20 -34.98 -20.10
CA GLN B 27 -69.23 -34.50 -19.18
C GLN B 27 -70.56 -34.98 -19.72
N ASN B 28 -71.37 -35.58 -18.87
CA ASN B 28 -72.71 -36.01 -19.25
C ASN B 28 -73.68 -35.85 -18.09
N SER B 29 -74.88 -36.44 -18.19
CA SER B 29 -75.88 -36.27 -17.16
C SER B 29 -75.50 -36.93 -15.84
N GLU B 30 -74.52 -37.83 -15.85
CA GLU B 30 -74.13 -38.52 -14.63
C GLU B 30 -72.88 -37.91 -14.01
N GLY B 31 -72.34 -36.86 -14.60
CA GLY B 31 -71.19 -36.17 -14.03
C GLY B 31 -70.13 -36.04 -15.10
N THR B 32 -68.87 -36.11 -14.66
CA THR B 32 -67.73 -35.97 -15.56
C THR B 32 -66.79 -37.12 -15.26
N GLY B 33 -65.88 -37.37 -16.18
CA GLY B 33 -64.90 -38.42 -15.97
C GLY B 33 -63.77 -38.38 -16.98
N GLN B 34 -62.80 -39.28 -16.80
CA GLN B 34 -61.65 -39.36 -17.68
C GLN B 34 -61.26 -40.83 -17.87
N ALA B 35 -60.80 -41.19 -19.06
CA ALA B 35 -60.29 -42.54 -19.30
C ALA B 35 -59.18 -42.54 -20.34
N ALA B 36 -58.09 -43.26 -20.06
CA ALA B 36 -57.04 -43.46 -21.05
C ALA B 36 -57.55 -44.28 -22.22
N ASP B 37 -57.05 -43.96 -23.42
CA ASP B 37 -57.22 -44.81 -24.59
C ASP B 37 -56.00 -45.72 -24.71
N LEU B 38 -56.22 -47.02 -24.54
N LEU B 38 -56.22 -47.02 -24.55
CA LEU B 38 -55.12 -47.99 -24.47
CA LEU B 38 -55.12 -47.99 -24.47
C LEU B 38 -54.46 -48.23 -25.83
C LEU B 38 -54.46 -48.24 -25.82
N LYS B 39 -55.27 -48.32 -26.88
CA LYS B 39 -54.76 -48.65 -28.22
C LYS B 39 -53.83 -47.59 -28.82
N SER B 40 -54.24 -46.33 -28.75
N SER B 40 -54.22 -46.33 -28.73
CA SER B 40 -53.44 -45.22 -29.25
CA SER B 40 -53.41 -45.24 -29.26
C SER B 40 -52.18 -45.02 -28.41
C SER B 40 -52.15 -45.06 -28.41
N THR B 41 -52.31 -45.17 -27.10
CA THR B 41 -51.20 -45.06 -26.17
C THR B 41 -50.16 -46.11 -26.52
N GLN B 42 -50.61 -47.33 -26.75
CA GLN B 42 -49.73 -48.46 -26.99
C GLN B 42 -49.14 -48.35 -28.40
N ALA B 43 -49.88 -47.76 -29.34
CA ALA B 43 -49.36 -47.60 -30.69
C ALA B 43 -48.16 -46.65 -30.70
N ALA B 44 -48.29 -45.54 -29.98
CA ALA B 44 -47.21 -44.59 -29.87
C ALA B 44 -46.05 -45.22 -29.12
N ILE B 45 -46.35 -45.88 -28.01
CA ILE B 45 -45.33 -46.52 -27.17
C ILE B 45 -44.59 -47.59 -27.97
N ASP B 46 -45.32 -48.32 -28.81
CA ASP B 46 -44.72 -49.43 -29.56
C ASP B 46 -43.80 -48.90 -30.62
N GLN B 47 -44.19 -47.81 -31.25
CA GLN B 47 -43.33 -47.21 -32.24
C GLN B 47 -42.04 -46.64 -31.64
N ILE B 48 -42.18 -45.99 -30.49
N ILE B 48 -42.16 -46.03 -30.46
CA ILE B 48 -41.02 -45.38 -29.83
CA ILE B 48 -41.02 -45.40 -29.79
C ILE B 48 -40.06 -46.45 -29.32
C ILE B 48 -40.06 -46.45 -29.27
N ASN B 49 -40.59 -47.57 -28.81
CA ASN B 49 -39.76 -48.65 -28.34
C ASN B 49 -39.08 -49.31 -29.54
N GLY B 50 -39.77 -49.35 -30.68
CA GLY B 50 -39.20 -49.89 -31.89
C GLY B 50 -37.97 -49.10 -32.33
N LYS B 51 -38.10 -47.78 -32.40
N LYS B 51 -38.13 -47.77 -32.34
CA LYS B 51 -36.98 -46.96 -32.86
CA LYS B 51 -37.06 -46.87 -32.78
C LYS B 51 -35.85 -46.95 -31.83
C LYS B 51 -35.89 -47.03 -31.84
N LEU B 52 -36.19 -47.02 -30.55
CA LEU B 52 -35.18 -47.05 -29.50
C LEU B 52 -34.34 -48.33 -29.63
N ASN B 53 -35.00 -49.46 -29.84
CA ASN B 53 -34.29 -50.73 -29.93
C ASN B 53 -33.46 -50.81 -31.21
N ARG B 54 -33.92 -50.16 -32.27
CA ARG B 54 -33.09 -50.10 -33.46
C ARG B 54 -31.83 -49.26 -33.19
N VAL B 55 -31.97 -48.19 -32.44
CA VAL B 55 -30.84 -47.31 -32.14
C VAL B 55 -29.83 -47.87 -31.17
N ILE B 56 -30.27 -48.62 -30.16
CA ILE B 56 -29.34 -49.05 -29.11
C ILE B 56 -28.82 -50.50 -29.37
N GLU B 57 -29.22 -51.06 -30.51
CA GLU B 57 -28.76 -52.37 -30.98
C GLU B 57 -27.28 -52.42 -31.38
N LYS B 58 -26.62 -53.53 -31.07
CA LYS B 58 -25.36 -53.91 -31.72
C LYS B 58 -24.32 -52.80 -31.75
N THR B 59 -23.66 -52.53 -30.64
CA THR B 59 -22.43 -51.78 -30.79
C THR B 59 -21.49 -52.67 -31.61
N ASN B 60 -20.61 -52.04 -32.39
CA ASN B 60 -19.51 -52.75 -33.04
C ASN B 60 -18.46 -53.26 -32.05
N GLU B 61 -17.83 -54.40 -32.38
CA GLU B 61 -16.73 -54.93 -31.59
C GLU B 61 -15.44 -54.73 -32.35
N LYS B 62 -14.50 -53.99 -31.74
CA LYS B 62 -13.19 -53.78 -32.36
C LYS B 62 -12.12 -54.18 -31.37
N PHE B 63 -10.99 -54.67 -31.88
CA PHE B 63 -9.94 -55.18 -31.01
C PHE B 63 -8.63 -54.42 -31.23
N HIS B 64 -7.67 -55.00 -31.95
CA HIS B 64 -6.43 -54.27 -32.22
C HIS B 64 -6.73 -53.23 -33.29
N GLN B 65 -6.37 -51.99 -33.01
CA GLN B 65 -6.66 -50.85 -33.87
C GLN B 65 -5.34 -50.10 -34.06
N ILE B 66 -5.37 -48.78 -34.17
CA ILE B 66 -4.14 -48.00 -34.28
C ILE B 66 -3.95 -47.20 -33.02
N GLU B 67 -2.72 -46.78 -32.77
CA GLU B 67 -2.49 -45.89 -31.64
C GLU B 67 -3.10 -44.53 -31.90
N LYS B 68 -3.59 -43.92 -30.83
CA LYS B 68 -4.28 -42.65 -30.91
C LYS B 68 -3.66 -41.56 -30.02
N GLU B 69 -2.70 -41.95 -29.17
CA GLU B 69 -1.90 -40.99 -28.43
C GLU B 69 -0.42 -41.28 -28.60
N PHE B 70 0.39 -40.24 -28.54
CA PHE B 70 1.80 -40.37 -28.86
C PHE B 70 2.66 -39.55 -27.91
N SER B 71 3.79 -40.13 -27.50
CA SER B 71 4.64 -39.47 -26.53
C SER B 71 5.86 -38.75 -27.17
N GLU B 72 6.07 -38.94 -28.48
CA GLU B 72 7.17 -38.28 -29.20
C GLU B 72 6.63 -37.69 -30.49
N VAL B 73 7.17 -36.56 -30.92
CA VAL B 73 6.89 -36.06 -32.26
C VAL B 73 7.53 -36.97 -33.31
N GLU B 74 6.76 -37.35 -34.33
CA GLU B 74 7.28 -38.22 -35.40
C GLU B 74 7.10 -37.73 -36.83
N GLY B 75 6.24 -36.73 -37.06
CA GLY B 75 6.05 -36.24 -38.40
C GLY B 75 5.01 -37.06 -39.13
N ARG B 76 5.34 -37.41 -40.37
CA ARG B 76 4.38 -37.85 -41.38
C ARG B 76 3.44 -39.00 -41.03
N ILE B 77 3.97 -40.10 -40.49
N ILE B 77 3.97 -40.08 -40.47
CA ILE B 77 3.12 -41.25 -40.19
CA ILE B 77 3.12 -41.23 -40.19
C ILE B 77 2.18 -40.96 -39.03
C ILE B 77 2.18 -40.96 -39.04
N GLN B 78 2.67 -40.29 -38.01
CA GLN B 78 1.82 -39.87 -36.89
C GLN B 78 0.76 -38.88 -37.32
N ASP B 79 1.14 -37.95 -38.18
CA ASP B 79 0.22 -36.97 -38.74
C ASP B 79 -0.94 -37.71 -39.36
N LEU B 80 -0.62 -38.71 -40.17
CA LEU B 80 -1.65 -39.49 -40.85
C LEU B 80 -2.53 -40.28 -39.89
N GLU B 81 -1.94 -40.93 -38.90
CA GLU B 81 -2.72 -41.66 -37.89
C GLU B 81 -3.72 -40.77 -37.15
N LYS B 82 -3.27 -39.57 -36.80
CA LYS B 82 -4.07 -38.64 -36.03
C LYS B 82 -5.17 -38.07 -36.91
N TYR B 83 -4.87 -37.84 -38.17
CA TYR B 83 -5.84 -37.30 -39.11
C TYR B 83 -6.92 -38.33 -39.40
N VAL B 84 -6.54 -39.59 -39.51
CA VAL B 84 -7.47 -40.67 -39.76
C VAL B 84 -8.43 -40.76 -38.59
N GLU B 85 -7.90 -40.70 -37.36
CA GLU B 85 -8.76 -40.78 -36.18
C GLU B 85 -9.68 -39.57 -36.03
N ASP B 86 -9.15 -38.38 -36.26
CA ASP B 86 -9.92 -37.15 -36.12
C ASP B 86 -11.05 -37.12 -37.14
N THR B 87 -10.75 -37.60 -38.33
CA THR B 87 -11.68 -37.64 -39.45
C THR B 87 -12.81 -38.60 -39.11
N LYS B 88 -12.44 -39.76 -38.58
CA LYS B 88 -13.41 -40.77 -38.17
C LYS B 88 -14.33 -40.19 -37.11
N ILE B 89 -13.76 -39.51 -36.12
CA ILE B 89 -14.53 -39.00 -35.01
C ILE B 89 -15.50 -37.92 -35.47
N ASP B 90 -15.08 -37.06 -36.39
CA ASP B 90 -15.95 -35.99 -36.87
C ASP B 90 -17.12 -36.55 -37.64
N LEU B 91 -16.87 -37.58 -38.44
CA LEU B 91 -17.94 -38.25 -39.16
C LEU B 91 -18.94 -38.94 -38.24
N TRP B 92 -18.46 -39.66 -37.22
CA TRP B 92 -19.38 -40.29 -36.29
C TRP B 92 -20.15 -39.28 -35.45
N SER B 93 -19.51 -38.15 -35.14
CA SER B 93 -20.14 -37.13 -34.35
C SER B 93 -21.28 -36.50 -35.14
N TYR B 94 -21.05 -36.32 -36.43
CA TYR B 94 -22.08 -35.83 -37.33
C TYR B 94 -23.23 -36.82 -37.42
N ASN B 95 -22.91 -38.11 -37.54
CA ASN B 95 -23.94 -39.13 -37.63
C ASN B 95 -24.80 -39.13 -36.37
N ALA B 96 -24.18 -38.93 -35.22
CA ALA B 96 -24.90 -38.97 -33.96
C ALA B 96 -25.87 -37.78 -33.87
N GLU B 97 -25.37 -36.59 -34.23
CA GLU B 97 -26.18 -35.37 -34.20
C GLU B 97 -27.41 -35.46 -35.10
N LEU B 98 -27.17 -35.93 -36.33
CA LEU B 98 -28.20 -36.03 -37.34
C LEU B 98 -29.20 -37.10 -36.96
N LEU B 99 -28.71 -38.20 -36.41
CA LEU B 99 -29.56 -39.32 -36.06
C LEU B 99 -30.57 -38.87 -35.02
N VAL B 100 -30.11 -38.19 -33.97
CA VAL B 100 -31.06 -37.77 -32.95
C VAL B 100 -31.99 -36.68 -33.45
N ALA B 101 -31.50 -35.78 -34.29
CA ALA B 101 -32.38 -34.76 -34.88
C ALA B 101 -33.56 -35.34 -35.69
N LEU B 102 -33.26 -36.31 -36.55
CA LEU B 102 -34.26 -36.91 -37.43
C LEU B 102 -35.25 -37.73 -36.63
N GLU B 103 -34.70 -38.52 -35.71
CA GLU B 103 -35.51 -39.38 -34.87
C GLU B 103 -36.46 -38.54 -34.03
N ASN B 104 -35.96 -37.44 -33.47
CA ASN B 104 -36.77 -36.65 -32.56
C ASN B 104 -37.88 -35.88 -33.30
N GLN B 105 -37.56 -35.34 -34.48
CA GLN B 105 -38.58 -34.68 -35.31
C GLN B 105 -39.68 -35.67 -35.62
N HIS B 106 -39.27 -36.87 -35.97
CA HIS B 106 -40.18 -37.93 -36.35
C HIS B 106 -40.99 -38.42 -35.15
N THR B 107 -40.39 -38.42 -33.97
CA THR B 107 -41.09 -38.83 -32.75
C THR B 107 -42.21 -37.87 -32.38
N ILE B 108 -41.92 -36.58 -32.53
CA ILE B 108 -42.90 -35.54 -32.27
C ILE B 108 -44.06 -35.63 -33.25
N ASP B 109 -43.72 -35.83 -34.52
CA ASP B 109 -44.74 -35.94 -35.55
C ASP B 109 -45.55 -37.22 -35.44
N LEU B 110 -44.96 -38.33 -34.98
CA LEU B 110 -45.72 -39.57 -34.92
C LEU B 110 -46.69 -39.55 -33.73
N THR B 111 -46.27 -38.91 -32.63
CA THR B 111 -47.19 -38.76 -31.49
C THR B 111 -48.32 -37.77 -31.77
N ASP B 112 -47.99 -36.69 -32.46
CA ASP B 112 -48.97 -35.74 -32.96
C ASP B 112 -49.95 -36.47 -33.85
N SER B 113 -49.40 -37.31 -34.72
CA SER B 113 -50.18 -38.14 -35.63
C SER B 113 -51.14 -39.08 -34.89
N GLU B 114 -50.67 -39.78 -33.86
CA GLU B 114 -51.52 -40.71 -33.13
C GLU B 114 -52.68 -39.98 -32.47
N MET B 115 -52.39 -38.79 -31.94
CA MET B 115 -53.43 -37.93 -31.37
C MET B 115 -54.47 -37.62 -32.42
N ASN B 116 -54.02 -37.21 -33.59
CA ASN B 116 -54.92 -36.83 -34.66
C ASN B 116 -55.75 -38.03 -35.13
N LYS B 117 -55.16 -39.22 -35.16
CA LYS B 117 -55.87 -40.41 -35.64
C LYS B 117 -56.98 -40.80 -34.68
N LEU B 118 -56.72 -40.69 -33.39
CA LEU B 118 -57.74 -40.98 -32.39
C LEU B 118 -58.90 -39.99 -32.54
N PHE B 119 -58.58 -38.71 -32.70
CA PHE B 119 -59.62 -37.71 -32.90
C PHE B 119 -60.49 -38.01 -34.13
N GLU B 120 -59.86 -38.35 -35.25
CA GLU B 120 -60.59 -38.63 -36.49
C GLU B 120 -61.45 -39.88 -36.35
N LYS B 121 -60.96 -40.89 -35.65
CA LYS B 121 -61.70 -42.15 -35.51
C LYS B 121 -62.96 -41.91 -34.67
N THR B 122 -62.83 -41.11 -33.62
CA THR B 122 -63.96 -40.79 -32.75
C THR B 122 -65.03 -40.03 -33.53
N GLY B 123 -64.59 -39.02 -34.27
CA GLY B 123 -65.47 -38.26 -35.13
C GLY B 123 -66.24 -39.19 -36.05
N ARG B 124 -65.54 -40.15 -36.64
CA ARG B 124 -66.16 -41.07 -37.57
C ARG B 124 -67.20 -41.98 -36.91
N GLN B 125 -66.95 -42.41 -35.66
CA GLN B 125 -67.96 -43.19 -34.96
C GLN B 125 -69.22 -42.35 -34.77
N LEU B 126 -69.04 -41.10 -34.40
CA LEU B 126 -70.18 -40.26 -34.05
C LEU B 126 -71.07 -39.88 -35.24
N ARG B 127 -70.55 -39.96 -36.46
CA ARG B 127 -71.35 -39.67 -37.66
C ARG B 127 -72.03 -38.30 -37.53
N GLU B 128 -73.35 -38.24 -37.67
CA GLU B 128 -74.07 -36.98 -37.64
C GLU B 128 -74.59 -36.67 -36.24
N ASN B 129 -74.13 -37.40 -35.23
CA ASN B 129 -74.67 -37.26 -33.90
C ASN B 129 -73.88 -36.30 -33.04
N ALA B 130 -72.78 -35.76 -33.58
CA ALA B 130 -71.93 -34.89 -32.80
C ALA B 130 -71.35 -33.85 -33.75
N GLU B 131 -70.82 -32.77 -33.21
CA GLU B 131 -70.06 -31.81 -34.01
C GLU B 131 -68.73 -31.50 -33.34
N ASP B 132 -67.70 -31.32 -34.17
CA ASP B 132 -66.38 -30.94 -33.72
C ASP B 132 -66.39 -29.47 -33.29
N MET B 133 -66.09 -29.21 -32.02
CA MET B 133 -66.11 -27.84 -31.50
C MET B 133 -64.82 -27.06 -31.81
N GLY B 134 -63.83 -27.76 -32.37
CA GLY B 134 -62.62 -27.14 -32.87
C GLY B 134 -61.45 -27.08 -31.92
N ASN B 135 -61.64 -27.57 -30.70
CA ASN B 135 -60.62 -27.54 -29.66
C ASN B 135 -60.33 -28.98 -29.24
N GLY B 136 -60.66 -29.93 -30.11
CA GLY B 136 -60.48 -31.35 -29.81
C GLY B 136 -61.63 -31.97 -29.04
N CYS B 137 -62.75 -31.24 -28.91
CA CYS B 137 -63.93 -31.74 -28.20
C CYS B 137 -65.08 -31.92 -29.17
N PHE B 138 -65.90 -32.95 -28.93
CA PHE B 138 -67.15 -33.14 -29.66
C PHE B 138 -68.34 -32.78 -28.77
N LYS B 139 -69.25 -31.95 -29.31
CA LYS B 139 -70.56 -31.76 -28.72
C LYS B 139 -71.48 -32.86 -29.23
N ILE B 140 -71.97 -33.69 -28.31
CA ILE B 140 -72.84 -34.81 -28.64
C ILE B 140 -74.27 -34.37 -28.38
N TYR B 141 -75.10 -34.48 -29.41
CA TYR B 141 -76.41 -33.86 -29.46
C TYR B 141 -77.52 -34.82 -29.01
N HIS B 142 -77.21 -35.70 -28.07
CA HIS B 142 -78.22 -36.58 -27.51
C HIS B 142 -77.78 -36.95 -26.11
N LYS B 143 -78.74 -37.38 -25.28
CA LYS B 143 -78.39 -37.87 -23.96
C LYS B 143 -77.42 -39.04 -24.08
N CYS B 144 -76.31 -38.97 -23.36
CA CYS B 144 -75.28 -39.98 -23.51
C CYS B 144 -74.70 -40.28 -22.14
N ASP B 145 -75.27 -41.29 -21.49
CA ASP B 145 -74.88 -41.66 -20.14
C ASP B 145 -73.54 -42.40 -20.11
N ASN B 146 -73.13 -42.87 -18.93
CA ASN B 146 -71.80 -43.44 -18.76
C ASN B 146 -71.58 -44.66 -19.65
N ALA B 147 -72.62 -45.48 -19.81
CA ALA B 147 -72.50 -46.66 -20.67
C ALA B 147 -72.37 -46.25 -22.14
N CYS B 148 -73.05 -45.17 -22.53
CA CYS B 148 -72.94 -44.62 -23.87
C CYS B 148 -71.54 -44.08 -24.17
N ILE B 149 -71.04 -43.30 -23.24
CA ILE B 149 -69.68 -42.78 -23.33
C ILE B 149 -68.73 -43.96 -23.46
N GLU B 150 -68.94 -45.01 -22.68
CA GLU B 150 -68.05 -46.17 -22.74
C GLU B 150 -68.18 -46.89 -24.08
N SER B 151 -69.37 -46.90 -24.67
CA SER B 151 -69.53 -47.50 -25.99
C SER B 151 -68.71 -46.75 -27.03
N ILE B 152 -68.63 -45.42 -26.89
CA ILE B 152 -67.74 -44.65 -27.78
C ILE B 152 -66.29 -45.01 -27.53
N ARG B 153 -65.88 -45.04 -26.27
CA ARG B 153 -64.49 -45.32 -25.91
C ARG B 153 -64.03 -46.70 -26.35
N ASN B 154 -64.93 -47.69 -26.33
CA ASN B 154 -64.56 -49.07 -26.70
C ASN B 154 -64.92 -49.45 -28.14
N GLY B 155 -65.46 -48.49 -28.90
CA GLY B 155 -65.61 -48.62 -30.34
C GLY B 155 -66.84 -49.37 -30.82
N THR B 156 -67.85 -49.46 -29.95
CA THR B 156 -69.08 -50.19 -30.28
C THR B 156 -70.30 -49.28 -30.35
N TYR B 157 -70.09 -47.97 -30.28
CA TYR B 157 -71.17 -47.00 -30.36
C TYR B 157 -71.98 -47.19 -31.63
N ASP B 158 -73.31 -47.22 -31.48
CA ASP B 158 -74.21 -47.41 -32.61
C ASP B 158 -74.94 -46.12 -32.92
N HIS B 159 -74.48 -45.39 -33.93
CA HIS B 159 -75.00 -44.05 -34.20
C HIS B 159 -76.50 -44.04 -34.54
N ASP B 160 -76.99 -45.10 -35.17
CA ASP B 160 -78.39 -45.13 -35.61
C ASP B 160 -79.34 -45.07 -34.44
N VAL B 161 -78.93 -45.62 -33.30
CA VAL B 161 -79.78 -45.64 -32.13
C VAL B 161 -80.11 -44.21 -31.73
N TYR B 162 -79.15 -43.30 -31.92
CA TYR B 162 -79.27 -41.95 -31.39
C TYR B 162 -79.57 -40.93 -32.48
N ARG B 163 -79.60 -41.36 -33.74
CA ARG B 163 -79.62 -40.43 -34.86
C ARG B 163 -80.84 -39.50 -34.89
N ASP B 164 -82.04 -40.02 -34.63
CA ASP B 164 -83.25 -39.19 -34.67
C ASP B 164 -83.16 -38.08 -33.61
N GLU B 165 -82.81 -38.47 -32.40
CA GLU B 165 -82.67 -37.53 -31.28
C GLU B 165 -81.64 -36.45 -31.59
N ALA B 166 -80.49 -36.87 -32.13
CA ALA B 166 -79.37 -35.96 -32.35
C ALA B 166 -79.68 -34.94 -33.44
N LEU B 167 -80.24 -35.41 -34.54
CA LEU B 167 -80.58 -34.55 -35.66
C LEU B 167 -81.64 -33.56 -35.22
N ASN B 168 -82.61 -34.00 -34.41
CA ASN B 168 -83.61 -33.08 -33.90
C ASN B 168 -82.96 -31.96 -33.11
N ASN B 169 -82.02 -32.31 -32.24
CA ASN B 169 -81.31 -31.30 -31.47
C ASN B 169 -80.37 -30.41 -32.29
N ARG B 170 -79.74 -30.95 -33.35
CA ARG B 170 -78.76 -30.18 -34.09
C ARG B 170 -79.44 -29.16 -35.00
N PHE B 171 -80.50 -29.60 -35.68
CA PHE B 171 -81.05 -28.89 -36.84
C PHE B 171 -82.41 -28.26 -36.64
N GLN B 172 -83.05 -28.52 -35.52
CA GLN B 172 -84.39 -28.01 -35.27
C GLN B 172 -84.49 -27.50 -33.84
N PRO C 3 -83.10 -45.99 -50.74
CA PRO C 3 -82.59 -46.07 -52.12
C PRO C 3 -81.34 -45.22 -52.29
N GLY C 4 -80.19 -45.88 -52.39
CA GLY C 4 -78.93 -45.20 -52.56
C GLY C 4 -77.84 -46.12 -53.07
N ALA C 5 -76.60 -45.79 -52.73
CA ALA C 5 -75.45 -46.55 -53.19
C ALA C 5 -74.34 -46.47 -52.16
N THR C 6 -73.32 -47.28 -52.35
CA THR C 6 -72.15 -47.26 -51.50
C THR C 6 -70.92 -47.19 -52.38
N LEU C 7 -69.96 -46.38 -51.97
CA LEU C 7 -68.72 -46.23 -52.72
C LEU C 7 -67.57 -46.37 -51.74
N CYS C 8 -66.80 -47.43 -51.92
CA CYS C 8 -65.70 -47.75 -51.02
C CYS C 8 -64.37 -47.45 -51.68
N LEU C 9 -63.47 -46.86 -50.90
CA LEU C 9 -62.11 -46.62 -51.34
C LEU C 9 -61.22 -47.71 -50.77
N GLY C 10 -60.21 -48.11 -51.54
CA GLY C 10 -59.30 -49.13 -51.08
C GLY C 10 -58.01 -49.09 -51.86
N HIS C 11 -57.14 -50.05 -51.55
CA HIS C 11 -55.83 -50.16 -52.17
C HIS C 11 -55.54 -51.64 -52.36
N HIS C 12 -54.58 -51.97 -53.22
CA HIS C 12 -54.28 -53.36 -53.50
C HIS C 12 -53.47 -54.06 -52.40
N ALA C 13 -53.33 -55.38 -52.56
CA ALA C 13 -52.49 -56.21 -51.70
C ALA C 13 -52.10 -57.45 -52.51
N VAL C 14 -51.12 -58.21 -52.03
CA VAL C 14 -50.73 -59.46 -52.69
C VAL C 14 -50.68 -60.55 -51.62
N PRO C 15 -50.78 -61.83 -52.03
CA PRO C 15 -50.84 -62.91 -51.02
C PRO C 15 -49.66 -62.97 -50.06
N ASN C 16 -48.47 -62.74 -50.60
CA ASN C 16 -47.30 -62.52 -49.78
C ASN C 16 -46.38 -61.52 -50.43
N GLY C 17 -45.95 -60.55 -49.63
CA GLY C 17 -45.10 -59.49 -50.10
C GLY C 17 -43.67 -59.79 -49.70
N THR C 18 -42.94 -58.74 -49.33
N THR C 18 -42.96 -58.76 -49.25
CA THR C 18 -41.52 -58.83 -48.96
CA THR C 18 -41.57 -58.92 -48.87
C THR C 18 -41.30 -58.10 -47.63
C THR C 18 -41.23 -58.06 -47.68
N LEU C 19 -40.38 -58.58 -46.80
CA LEU C 19 -40.07 -57.92 -45.53
C LEU C 19 -38.94 -56.90 -45.76
N VAL C 20 -39.13 -55.69 -45.23
CA VAL C 20 -38.11 -54.64 -45.24
C VAL C 20 -37.96 -54.03 -43.86
N LYS C 21 -36.94 -53.21 -43.70
CA LYS C 21 -36.67 -52.54 -42.42
C LYS C 21 -37.06 -51.08 -42.51
N THR C 22 -37.53 -50.53 -41.39
CA THR C 22 -37.88 -49.12 -41.31
C THR C 22 -37.22 -48.52 -40.07
N ILE C 23 -37.58 -47.28 -39.74
CA ILE C 23 -37.10 -46.66 -38.51
C ILE C 23 -37.64 -47.36 -37.27
N THR C 24 -38.93 -47.70 -37.29
N THR C 24 -38.90 -47.80 -37.35
CA THR C 24 -39.58 -48.30 -36.12
CA THR C 24 -39.59 -48.34 -36.18
C THR C 24 -39.71 -49.84 -36.11
C THR C 24 -39.47 -49.85 -36.09
N ASP C 25 -39.47 -50.51 -37.24
CA ASP C 25 -39.63 -51.97 -37.31
C ASP C 25 -38.45 -52.65 -37.94
N ASP C 26 -37.99 -53.72 -37.31
N ASP C 26 -38.00 -53.72 -37.28
CA ASP C 26 -36.91 -54.49 -37.90
CA ASP C 26 -36.94 -54.58 -37.81
C ASP C 26 -37.47 -55.23 -39.11
C ASP C 26 -37.45 -55.30 -39.05
N GLN C 27 -38.74 -55.64 -39.06
CA GLN C 27 -39.35 -56.36 -40.17
C GLN C 27 -40.81 -55.96 -40.33
N ILE C 28 -41.17 -55.41 -41.49
CA ILE C 28 -42.57 -55.07 -41.78
C ILE C 28 -42.81 -55.38 -43.26
N GLU C 29 -43.99 -55.89 -43.58
CA GLU C 29 -44.25 -56.41 -44.93
C GLU C 29 -44.81 -55.35 -45.88
N VAL C 30 -44.17 -55.18 -47.05
CA VAL C 30 -44.67 -54.31 -48.12
C VAL C 30 -45.00 -55.13 -49.39
N THR C 31 -45.63 -54.52 -50.39
CA THR C 31 -46.06 -55.29 -51.56
C THR C 31 -44.88 -55.68 -52.46
N ASN C 32 -43.80 -54.90 -52.40
CA ASN C 32 -42.68 -55.09 -53.29
C ASN C 32 -41.47 -54.37 -52.72
N ALA C 33 -40.29 -54.84 -53.08
CA ALA C 33 -39.03 -54.19 -52.72
C ALA C 33 -37.97 -54.60 -53.74
N THR C 34 -36.82 -53.94 -53.68
CA THR C 34 -35.69 -54.24 -54.58
C THR C 34 -34.36 -54.30 -53.84
N GLU C 35 -33.44 -55.14 -54.29
CA GLU C 35 -32.20 -55.39 -53.55
C GLU C 35 -31.19 -54.28 -53.85
N LEU C 36 -30.59 -53.70 -52.82
CA LEU C 36 -29.59 -52.65 -53.00
C LEU C 36 -28.16 -53.12 -52.78
N VAL C 37 -27.99 -54.39 -52.36
CA VAL C 37 -26.65 -54.94 -52.15
C VAL C 37 -26.37 -55.98 -53.22
N GLN C 38 -25.35 -55.74 -54.05
CA GLN C 38 -24.94 -56.76 -54.98
C GLN C 38 -24.14 -57.80 -54.23
N SER C 39 -24.63 -59.04 -54.18
CA SER C 39 -23.98 -60.07 -53.37
C SER C 39 -23.41 -61.24 -54.19
N SER C 40 -23.58 -61.20 -55.51
CA SER C 40 -23.08 -62.28 -56.36
C SER C 40 -22.21 -61.79 -57.51
N SER C 41 -21.35 -62.69 -57.99
CA SER C 41 -20.56 -62.47 -59.19
C SER C 41 -20.61 -63.76 -60.02
N THR C 42 -20.46 -63.62 -61.34
CA THR C 42 -20.29 -64.77 -62.23
C THR C 42 -19.02 -65.56 -61.94
N GLY C 43 -18.02 -64.91 -61.34
CA GLY C 43 -16.75 -65.53 -61.06
C GLY C 43 -15.71 -65.29 -62.15
N LYS C 44 -16.03 -64.44 -63.13
CA LYS C 44 -15.11 -64.12 -64.21
C LYS C 44 -14.89 -62.63 -64.37
N ILE C 45 -13.64 -62.25 -64.65
CA ILE C 45 -13.29 -60.89 -64.96
C ILE C 45 -13.52 -60.58 -66.44
N CYS C 46 -14.35 -59.58 -66.69
CA CYS C 46 -14.63 -59.13 -68.05
C CYS C 46 -13.50 -58.32 -68.63
N ASN C 47 -13.13 -58.66 -69.86
CA ASN C 47 -12.02 -58.02 -70.56
C ASN C 47 -12.33 -56.69 -71.24
N ASN C 48 -13.58 -56.23 -71.09
CA ASN C 48 -14.00 -54.92 -71.54
C ASN C 48 -14.86 -54.30 -70.44
N PRO C 49 -14.89 -52.96 -70.35
CA PRO C 49 -14.25 -52.02 -71.26
C PRO C 49 -12.79 -51.77 -70.91
N HIS C 50 -12.34 -52.28 -69.77
CA HIS C 50 -11.01 -52.01 -69.28
C HIS C 50 -10.00 -52.92 -69.95
N ARG C 51 -8.82 -52.38 -70.20
CA ARG C 51 -7.74 -53.17 -70.74
C ARG C 51 -7.14 -54.01 -69.63
N ILE C 52 -7.32 -55.31 -69.73
CA ILE C 52 -6.84 -56.24 -68.72
C ILE C 52 -5.56 -56.86 -69.24
N LEU C 53 -4.52 -56.90 -68.39
CA LEU C 53 -3.30 -57.62 -68.77
C LEU C 53 -3.13 -58.73 -67.77
N ASP C 54 -3.25 -59.96 -68.24
CA ASP C 54 -3.11 -61.11 -67.37
C ASP C 54 -1.63 -61.41 -67.23
N GLY C 55 -1.14 -61.35 -65.99
CA GLY C 55 0.27 -61.56 -65.72
C GLY C 55 0.70 -63.01 -65.85
N ILE C 56 -0.26 -63.92 -65.81
CA ILE C 56 0.03 -65.35 -65.88
C ILE C 56 1.09 -65.78 -64.85
N ASP C 57 2.26 -66.23 -65.29
CA ASP C 57 3.30 -66.72 -64.40
C ASP C 57 4.19 -65.62 -63.81
N CYS C 58 3.86 -64.35 -64.09
CA CYS C 58 4.74 -63.25 -63.73
C CYS C 58 4.05 -62.25 -62.81
N THR C 59 4.81 -61.79 -61.83
CA THR C 59 4.44 -60.61 -61.05
C THR C 59 4.79 -59.38 -61.88
N LEU C 60 4.20 -58.25 -61.52
CA LEU C 60 4.49 -57.01 -62.22
C LEU C 60 5.95 -56.60 -62.05
N ILE C 61 6.51 -56.82 -60.87
CA ILE C 61 7.90 -56.48 -60.65
C ILE C 61 8.82 -57.38 -61.49
N ASP C 62 8.51 -58.67 -61.61
CA ASP C 62 9.32 -59.54 -62.48
C ASP C 62 9.24 -59.13 -63.95
N ALA C 63 8.09 -58.64 -64.37
CA ALA C 63 7.94 -58.12 -65.73
C ALA C 63 8.77 -56.86 -65.93
N LEU C 64 8.75 -55.98 -64.92
CA LEU C 64 9.50 -54.73 -64.96
C LEU C 64 10.98 -55.02 -65.15
N LEU C 65 11.54 -55.87 -64.31
CA LEU C 65 12.96 -56.14 -64.33
C LEU C 65 13.33 -56.88 -65.61
N GLY C 66 12.43 -57.69 -66.13
CA GLY C 66 12.72 -58.40 -67.36
C GLY C 66 13.25 -59.80 -67.11
N ASP C 67 12.73 -60.44 -66.06
CA ASP C 67 12.90 -61.88 -65.89
C ASP C 67 12.59 -62.54 -67.23
N PRO C 68 13.49 -63.40 -67.73
CA PRO C 68 13.28 -63.90 -69.09
C PRO C 68 11.90 -64.49 -69.36
N HIS C 69 11.34 -65.28 -68.46
CA HIS C 69 10.03 -65.88 -68.78
C HIS C 69 8.90 -64.84 -68.71
N CYS C 70 9.22 -63.64 -68.23
CA CYS C 70 8.30 -62.52 -68.21
C CYS C 70 8.54 -61.49 -69.30
N ASP C 71 9.55 -61.70 -70.15
CA ASP C 71 9.90 -60.68 -71.17
C ASP C 71 8.86 -60.53 -72.28
N VAL C 72 7.92 -61.47 -72.33
N VAL C 72 7.94 -61.50 -72.33
CA VAL C 72 6.78 -61.35 -73.24
CA VAL C 72 6.76 -61.38 -73.19
C VAL C 72 5.90 -60.14 -72.89
C VAL C 72 6.00 -60.07 -72.92
N PHE C 73 6.11 -59.58 -71.69
CA PHE C 73 5.42 -58.37 -71.24
C PHE C 73 6.16 -57.08 -71.56
N GLN C 74 7.29 -57.15 -72.27
CA GLN C 74 8.02 -55.92 -72.61
C GLN C 74 7.13 -54.91 -73.31
N ASN C 75 7.19 -53.69 -72.81
CA ASN C 75 6.46 -52.55 -73.36
C ASN C 75 4.94 -52.68 -73.27
N GLU C 76 4.46 -53.56 -72.41
CA GLU C 76 3.02 -53.77 -72.32
C GLU C 76 2.39 -52.63 -71.57
N THR C 77 1.09 -52.50 -71.75
CA THR C 77 0.31 -51.49 -71.07
C THR C 77 -0.95 -52.15 -70.51
N TRP C 78 -1.61 -51.50 -69.56
CA TRP C 78 -2.79 -52.08 -68.95
C TRP C 78 -3.59 -50.98 -68.29
N ASP C 79 -4.89 -51.19 -68.16
CA ASP C 79 -5.69 -50.47 -67.18
C ASP C 79 -5.63 -51.21 -65.83
N LEU C 80 -5.77 -52.52 -65.88
CA LEU C 80 -5.65 -53.37 -64.69
C LEU C 80 -4.70 -54.54 -64.94
N PHE C 81 -3.62 -54.60 -64.17
CA PHE C 81 -2.70 -55.74 -64.22
C PHE C 81 -3.21 -56.77 -63.22
N VAL C 82 -3.34 -58.01 -63.64
CA VAL C 82 -3.85 -59.08 -62.79
C VAL C 82 -2.71 -60.04 -62.43
N GLU C 83 -2.33 -60.04 -61.16
CA GLU C 83 -1.31 -60.95 -60.67
C GLU C 83 -1.92 -62.25 -60.20
N ARG C 84 -1.33 -63.35 -60.63
CA ARG C 84 -1.83 -64.68 -60.31
C ARG C 84 -1.04 -65.28 -59.16
N SER C 85 -1.71 -66.09 -58.35
CA SER C 85 -1.06 -66.72 -57.23
C SER C 85 0.01 -67.70 -57.72
N LYS C 86 -0.10 -68.16 -58.96
CA LYS C 86 0.89 -69.10 -59.49
C LYS C 86 2.16 -68.42 -60.02
N ALA C 87 2.24 -67.09 -59.95
CA ALA C 87 3.40 -66.39 -60.47
C ALA C 87 4.63 -66.87 -59.71
N PHE C 88 5.77 -66.87 -60.38
CA PHE C 88 7.04 -67.26 -59.77
C PHE C 88 8.18 -66.46 -60.37
N SER C 89 9.27 -66.29 -59.59
CA SER C 89 10.46 -65.68 -60.16
C SER C 89 11.37 -66.80 -60.64
N ASN C 90 12.07 -66.57 -61.73
CA ASN C 90 12.99 -67.55 -62.26
C ASN C 90 14.32 -66.92 -62.68
N CYS C 91 14.80 -65.92 -61.94
CA CYS C 91 16.02 -65.20 -62.33
C CYS C 91 16.89 -64.99 -61.10
N TYR C 92 17.79 -64.02 -61.12
CA TYR C 92 18.71 -63.87 -60.00
C TYR C 92 17.89 -63.51 -58.77
N PRO C 93 18.20 -64.13 -57.63
CA PRO C 93 17.40 -63.82 -56.44
C PRO C 93 17.65 -62.42 -55.96
N TYR C 94 16.55 -61.74 -55.65
CA TYR C 94 16.61 -60.33 -55.41
C TYR C 94 15.60 -60.01 -54.33
N ASP C 95 15.77 -58.85 -53.72
CA ASP C 95 14.71 -58.27 -52.91
C ASP C 95 14.60 -56.82 -53.29
N VAL C 96 13.48 -56.20 -52.95
CA VAL C 96 13.29 -54.80 -53.25
C VAL C 96 12.94 -54.10 -51.96
N PRO C 97 13.88 -53.33 -51.39
CA PRO C 97 13.43 -52.48 -50.28
C PRO C 97 12.26 -51.65 -50.74
N ASP C 98 11.21 -51.60 -49.93
CA ASP C 98 9.98 -50.94 -50.34
C ASP C 98 9.38 -51.50 -51.63
N TYR C 99 9.38 -52.83 -51.73
CA TYR C 99 8.73 -53.57 -52.82
C TYR C 99 7.31 -53.06 -53.07
N ALA C 100 6.54 -52.83 -52.02
CA ALA C 100 5.14 -52.46 -52.19
C ALA C 100 4.99 -51.16 -52.95
N SER C 101 5.89 -50.23 -52.69
CA SER C 101 5.85 -48.92 -53.33
C SER C 101 6.24 -48.96 -54.78
N LEU C 102 7.28 -49.72 -55.11
CA LEU C 102 7.69 -49.82 -56.49
C LEU C 102 6.58 -50.47 -57.31
N ARG C 103 6.01 -51.56 -56.79
CA ARG C 103 4.89 -52.24 -57.43
C ARG C 103 3.72 -51.31 -57.65
N SER C 104 3.42 -50.54 -56.62
CA SER C 104 2.31 -49.61 -56.69
C SER C 104 2.50 -48.53 -57.74
N LEU C 105 3.68 -47.94 -57.75
CA LEU C 105 3.92 -46.78 -58.59
C LEU C 105 4.01 -47.18 -60.06
N VAL C 106 4.53 -48.38 -60.31
CA VAL C 106 4.54 -48.93 -61.65
C VAL C 106 3.12 -49.30 -62.10
N ALA C 107 2.35 -49.89 -61.19
CA ALA C 107 0.99 -50.32 -61.51
C ALA C 107 0.15 -49.12 -61.90
N SER C 108 0.38 -48.03 -61.16
CA SER C 108 -0.34 -46.79 -61.33
C SER C 108 0.13 -46.11 -62.61
N SER C 109 1.42 -46.24 -62.90
CA SER C 109 1.96 -45.70 -64.14
C SER C 109 1.30 -46.39 -65.30
N GLY C 110 1.10 -47.69 -65.16
CA GLY C 110 0.28 -48.42 -66.09
C GLY C 110 0.99 -48.82 -67.35
N THR C 111 2.32 -48.73 -67.36
CA THR C 111 3.04 -49.11 -68.54
C THR C 111 4.43 -49.59 -68.20
N LEU C 112 4.94 -50.50 -69.01
CA LEU C 112 6.33 -50.94 -68.98
C LEU C 112 7.16 -50.42 -70.16
N GLU C 113 6.68 -49.39 -70.85
CA GLU C 113 7.43 -48.84 -71.97
C GLU C 113 8.83 -48.50 -71.53
N PHE C 114 9.82 -49.03 -72.24
CA PHE C 114 11.21 -48.89 -71.84
C PHE C 114 11.98 -48.34 -73.03
N ILE C 115 12.89 -47.42 -72.74
CA ILE C 115 13.68 -46.75 -73.76
C ILE C 115 15.11 -46.96 -73.32
N THR C 116 15.87 -47.67 -74.15
CA THR C 116 17.27 -47.93 -73.87
C THR C 116 18.04 -46.64 -74.06
N GLU C 117 19.00 -46.38 -73.17
CA GLU C 117 19.90 -45.25 -73.33
C GLU C 117 21.33 -45.78 -73.44
N GLY C 118 22.13 -44.96 -74.10
CA GLY C 118 23.50 -45.27 -74.46
C GLY C 118 24.46 -44.92 -73.35
N PHE C 119 24.25 -45.52 -72.19
CA PHE C 119 25.21 -45.36 -71.13
C PHE C 119 26.55 -45.88 -71.60
N THR C 120 27.61 -45.20 -71.17
CA THR C 120 28.97 -45.65 -71.42
C THR C 120 29.62 -46.10 -70.12
N TRP C 121 30.13 -47.33 -70.11
CA TRP C 121 30.73 -47.86 -68.89
C TRP C 121 32.18 -48.17 -69.16
N THR C 122 33.03 -47.20 -68.90
CA THR C 122 34.43 -47.29 -69.31
C THR C 122 35.22 -48.15 -68.33
N GLY C 123 35.90 -49.15 -68.86
CA GLY C 123 36.86 -49.91 -68.08
C GLY C 123 36.22 -51.04 -67.31
N VAL C 124 34.99 -51.40 -67.67
CA VAL C 124 34.34 -52.56 -67.06
C VAL C 124 33.78 -53.49 -68.13
N THR C 125 33.55 -54.74 -67.75
CA THR C 125 32.89 -55.73 -68.59
C THR C 125 31.37 -55.66 -68.44
N GLN C 126 30.63 -55.66 -69.55
CA GLN C 126 29.17 -55.58 -69.47
C GLN C 126 28.47 -56.92 -69.67
N ASN C 127 27.15 -56.89 -69.45
CA ASN C 127 26.25 -57.98 -69.82
C ASN C 127 26.46 -59.28 -69.05
N GLY C 128 26.79 -59.18 -67.77
CA GLY C 128 26.98 -60.37 -66.96
C GLY C 128 25.68 -61.14 -66.91
N GLY C 129 25.79 -62.45 -66.76
CA GLY C 129 24.63 -63.33 -66.72
C GLY C 129 24.80 -64.48 -65.77
N SER C 130 23.77 -65.30 -65.63
CA SER C 130 23.76 -66.31 -64.60
C SER C 130 22.96 -67.54 -64.99
N ASN C 131 23.40 -68.71 -64.53
CA ASN C 131 22.62 -69.93 -64.73
C ASN C 131 21.44 -70.01 -63.77
N ALA C 132 21.33 -69.03 -62.87
CA ALA C 132 20.13 -68.88 -62.06
C ALA C 132 19.05 -68.20 -62.90
N CYS C 133 19.46 -67.57 -64.01
CA CYS C 133 18.51 -66.85 -64.84
C CYS C 133 18.78 -67.17 -66.31
N LYS C 134 18.42 -68.38 -66.74
CA LYS C 134 18.65 -68.79 -68.11
C LYS C 134 17.75 -68.05 -69.08
N ARG C 135 18.31 -67.69 -70.24
CA ARG C 135 17.53 -67.05 -71.30
C ARG C 135 17.77 -67.93 -72.51
N GLY C 136 16.77 -68.71 -72.90
CA GLY C 136 17.01 -69.76 -73.86
C GLY C 136 17.95 -70.77 -73.23
N PRO C 137 18.86 -71.38 -74.01
CA PRO C 137 19.66 -72.45 -73.38
C PRO C 137 20.76 -71.98 -72.44
N GLY C 138 21.29 -70.76 -72.64
CA GLY C 138 22.41 -70.26 -71.87
C GLY C 138 22.10 -69.39 -70.68
N SER C 139 23.15 -69.10 -69.90
CA SER C 139 23.09 -68.13 -68.81
C SER C 139 22.62 -66.80 -69.36
N GLY C 140 21.94 -66.04 -68.50
CA GLY C 140 21.45 -64.73 -68.89
C GLY C 140 21.16 -63.90 -67.66
N PHE C 141 20.39 -62.84 -67.85
CA PHE C 141 20.12 -61.90 -66.78
C PHE C 141 18.87 -61.13 -67.11
N PHE C 142 18.42 -60.35 -66.14
CA PHE C 142 17.30 -59.45 -66.37
C PHE C 142 17.61 -58.63 -67.59
N SER C 143 16.61 -58.46 -68.45
CA SER C 143 16.82 -57.79 -69.72
C SER C 143 17.04 -56.30 -69.54
N ARG C 144 16.52 -55.73 -68.45
CA ARG C 144 16.56 -54.29 -68.27
C ARG C 144 17.70 -53.85 -67.40
N LEU C 145 18.50 -54.81 -66.94
CA LEU C 145 19.59 -54.50 -66.04
C LEU C 145 20.88 -55.03 -66.69
N ASN C 146 22.00 -54.46 -66.27
CA ASN C 146 23.28 -54.70 -66.92
C ASN C 146 24.28 -54.99 -65.84
N TRP C 147 24.67 -56.24 -65.69
CA TRP C 147 25.54 -56.60 -64.61
C TRP C 147 26.99 -56.29 -64.98
N LEU C 148 27.57 -55.27 -64.35
CA LEU C 148 28.94 -54.84 -64.67
C LEU C 148 29.93 -55.53 -63.74
N THR C 149 31.05 -56.00 -64.30
CA THR C 149 32.14 -56.56 -63.51
C THR C 149 33.49 -56.00 -63.97
N LYS C 150 34.58 -56.41 -63.32
CA LYS C 150 35.91 -55.89 -63.66
C LYS C 150 36.27 -56.18 -65.11
N SER C 151 37.16 -55.36 -65.66
CA SER C 151 37.78 -55.63 -66.95
C SER C 151 39.29 -55.71 -66.71
N GLY C 152 39.88 -56.83 -67.12
CA GLY C 152 41.25 -57.15 -66.75
C GLY C 152 41.37 -57.33 -65.25
N SER C 153 42.24 -56.53 -64.63
CA SER C 153 42.50 -56.66 -63.19
C SER C 153 41.98 -55.47 -62.39
N THR C 154 41.14 -54.63 -63.00
CA THR C 154 40.65 -53.42 -62.34
C THR C 154 39.16 -53.18 -62.60
N TYR C 155 38.57 -52.43 -61.68
CA TYR C 155 37.19 -51.93 -61.79
C TYR C 155 37.29 -50.45 -61.40
N PRO C 156 37.24 -49.54 -62.38
CA PRO C 156 37.43 -48.12 -62.03
C PRO C 156 36.25 -47.49 -61.33
N VAL C 157 36.41 -46.25 -60.89
CA VAL C 157 35.26 -45.53 -60.36
C VAL C 157 34.47 -45.15 -61.59
N LEU C 158 33.31 -45.76 -61.73
CA LEU C 158 32.38 -45.37 -62.77
C LEU C 158 31.74 -44.06 -62.37
N ASN C 159 31.59 -43.16 -63.34
CA ASN C 159 31.02 -41.84 -63.08
C ASN C 159 30.36 -41.42 -64.39
N VAL C 160 29.06 -41.62 -64.47
CA VAL C 160 28.34 -41.38 -65.72
C VAL C 160 27.12 -40.54 -65.46
N THR C 161 26.69 -39.78 -66.47
CA THR C 161 25.51 -38.94 -66.31
C THR C 161 24.57 -39.10 -67.50
N MET C 162 23.28 -38.88 -67.26
CA MET C 162 22.26 -39.02 -68.28
C MET C 162 21.22 -37.94 -68.06
N PRO C 163 21.24 -36.86 -68.87
CA PRO C 163 20.26 -35.80 -68.62
C PRO C 163 18.87 -36.17 -69.09
N ASN C 164 17.87 -35.63 -68.40
CA ASN C 164 16.50 -35.74 -68.87
C ASN C 164 16.16 -34.47 -69.61
N ASN C 165 16.20 -34.56 -70.92
CA ASN C 165 15.88 -33.43 -71.80
C ASN C 165 14.52 -33.60 -72.45
N ASP C 166 13.74 -34.55 -71.93
CA ASP C 166 12.38 -34.79 -72.38
C ASP C 166 11.41 -34.03 -71.48
N ASN C 167 10.13 -34.09 -71.82
CA ASN C 167 9.10 -33.41 -71.06
C ASN C 167 8.22 -34.35 -70.22
N PHE C 168 8.73 -35.54 -69.93
CA PHE C 168 8.10 -36.47 -68.97
C PHE C 168 9.10 -37.01 -67.92
N ASP C 169 8.59 -37.59 -66.83
CA ASP C 169 9.46 -38.20 -65.81
C ASP C 169 9.99 -39.55 -66.28
N LYS C 170 11.25 -39.81 -65.95
CA LYS C 170 11.90 -41.08 -66.27
C LYS C 170 12.02 -41.88 -64.99
N LEU C 171 11.67 -43.16 -65.06
CA LEU C 171 11.90 -44.06 -63.95
C LEU C 171 13.07 -44.97 -64.28
N TYR C 172 14.12 -44.86 -63.49
CA TYR C 172 15.28 -45.74 -63.57
C TYR C 172 15.27 -46.83 -62.53
N ILE C 173 15.41 -48.07 -62.97
CA ILE C 173 15.55 -49.20 -62.07
C ILE C 173 16.99 -49.70 -62.12
N TRP C 174 17.61 -49.86 -60.95
CA TRP C 174 19.02 -50.27 -60.85
C TRP C 174 19.15 -51.14 -59.62
N GLY C 175 20.35 -51.65 -59.36
CA GLY C 175 20.51 -52.59 -58.26
C GLY C 175 21.91 -52.60 -57.69
N VAL C 176 22.08 -53.36 -56.60
CA VAL C 176 23.37 -53.49 -55.93
C VAL C 176 23.53 -54.97 -55.64
N HIS C 177 24.66 -55.53 -56.01
CA HIS C 177 24.91 -56.93 -55.79
C HIS C 177 25.53 -57.15 -54.41
N HIS C 178 24.99 -58.11 -53.67
CA HIS C 178 25.56 -58.58 -52.41
C HIS C 178 26.17 -59.96 -52.56
N PRO C 179 27.51 -60.01 -52.66
CA PRO C 179 28.16 -61.31 -52.76
C PRO C 179 28.06 -62.12 -51.48
N SER C 180 28.12 -63.44 -51.61
CA SER C 180 28.06 -64.31 -50.46
C SER C 180 29.43 -64.39 -49.79
N THR C 181 30.50 -64.12 -50.55
CA THR C 181 31.87 -64.19 -50.03
C THR C 181 32.82 -63.05 -50.44
N ASN C 182 33.90 -62.89 -49.69
CA ASN C 182 34.95 -61.94 -50.03
C ASN C 182 35.62 -62.38 -51.32
N GLN C 183 35.72 -63.69 -51.50
CA GLN C 183 36.28 -64.26 -52.70
C GLN C 183 35.52 -63.78 -53.92
N GLU C 184 34.22 -63.85 -53.78
CA GLU C 184 33.29 -63.40 -54.78
C GLU C 184 33.37 -61.91 -55.04
N GLN C 185 33.38 -61.17 -53.94
CA GLN C 185 33.43 -59.71 -53.97
C GLN C 185 34.59 -59.22 -54.81
N THR C 186 35.76 -59.79 -54.55
CA THR C 186 36.99 -59.32 -55.18
C THR C 186 37.13 -59.87 -56.59
N SER C 187 36.60 -61.08 -56.81
CA SER C 187 36.68 -61.69 -58.12
C SER C 187 35.91 -60.85 -59.11
N LEU C 188 34.77 -60.34 -58.69
CA LEU C 188 33.94 -59.59 -59.60
C LEU C 188 34.39 -58.13 -59.70
N TYR C 189 34.71 -57.52 -58.56
CA TYR C 189 34.77 -56.06 -58.48
C TYR C 189 36.14 -55.49 -58.06
N VAL C 190 37.08 -56.35 -57.72
CA VAL C 190 38.45 -56.02 -57.30
C VAL C 190 38.46 -55.31 -55.93
N GLN C 191 37.66 -54.26 -55.75
CA GLN C 191 37.54 -53.62 -54.45
C GLN C 191 37.01 -54.60 -53.40
N ALA C 192 37.52 -54.49 -52.18
CA ALA C 192 37.11 -55.39 -51.10
C ALA C 192 35.70 -55.06 -50.59
N SER C 193 35.29 -53.81 -50.76
CA SER C 193 33.95 -53.38 -50.40
C SER C 193 33.51 -52.37 -51.46
N GLY C 194 32.30 -52.54 -51.99
CA GLY C 194 31.85 -51.64 -53.04
C GLY C 194 30.99 -50.51 -52.54
N ARG C 195 30.44 -49.76 -53.49
CA ARG C 195 29.56 -48.67 -53.17
C ARG C 195 28.78 -48.28 -54.43
N VAL C 196 27.50 -47.96 -54.27
CA VAL C 196 26.69 -47.42 -55.36
C VAL C 196 26.00 -46.15 -54.90
N THR C 197 26.16 -45.07 -55.63
CA THR C 197 25.51 -43.82 -55.31
C THR C 197 24.77 -43.35 -56.53
N VAL C 198 23.45 -43.19 -56.40
CA VAL C 198 22.66 -42.70 -57.52
C VAL C 198 21.90 -41.49 -57.03
N SER C 199 21.97 -40.43 -57.81
CA SER C 199 21.41 -39.16 -57.41
C SER C 199 20.84 -38.31 -58.54
N THR C 200 20.00 -37.36 -58.14
CA THR C 200 19.52 -36.28 -59.00
C THR C 200 19.96 -34.97 -58.35
N ARG C 201 19.54 -33.83 -58.89
N ARG C 201 19.46 -33.83 -58.84
CA ARG C 201 19.92 -32.55 -58.32
CA ARG C 201 19.91 -32.52 -58.34
C ARG C 201 19.59 -32.56 -56.82
C ARG C 201 19.39 -32.20 -56.95
N ARG C 202 18.35 -32.92 -56.52
CA ARG C 202 17.79 -32.75 -55.18
C ARG C 202 17.61 -34.06 -54.41
N SER C 203 18.14 -35.18 -54.91
CA SER C 203 18.02 -36.44 -54.18
C SER C 203 19.26 -37.30 -54.30
N GLN C 204 19.43 -38.20 -53.31
CA GLN C 204 20.52 -39.15 -53.36
C GLN C 204 20.21 -40.39 -52.54
N GLN C 205 20.70 -41.52 -53.02
CA GLN C 205 20.57 -42.79 -52.32
C GLN C 205 21.92 -43.43 -52.40
N THR C 206 22.53 -43.77 -51.27
CA THR C 206 23.77 -44.53 -51.36
C THR C 206 23.58 -45.85 -50.64
N ILE C 207 23.96 -46.91 -51.31
CA ILE C 207 23.86 -48.26 -50.81
C ILE C 207 25.26 -48.90 -50.77
N ILE C 208 25.60 -49.48 -49.63
CA ILE C 208 26.86 -50.20 -49.46
C ILE C 208 26.51 -51.68 -49.53
N PRO C 209 27.15 -52.42 -50.47
CA PRO C 209 26.82 -53.83 -50.51
C PRO C 209 27.25 -54.48 -49.23
N ASN C 210 26.59 -55.56 -48.88
CA ASN C 210 26.92 -56.25 -47.68
C ASN C 210 27.24 -57.72 -47.96
N ILE C 211 28.48 -58.14 -47.73
CA ILE C 211 28.90 -59.51 -48.06
C ILE C 211 28.44 -60.50 -46.97
N GLY C 212 27.96 -61.66 -47.39
CA GLY C 212 27.60 -62.76 -46.47
C GLY C 212 26.58 -63.68 -47.10
N SER C 213 26.33 -64.84 -46.51
CA SER C 213 25.36 -65.79 -47.09
C SER C 213 23.90 -65.48 -46.80
N ARG C 214 23.06 -65.67 -47.82
CA ARG C 214 21.62 -65.74 -47.63
C ARG C 214 21.21 -67.17 -48.01
N PRO C 215 19.92 -67.53 -47.82
CA PRO C 215 19.55 -68.89 -48.21
C PRO C 215 19.76 -69.19 -49.67
N TRP C 216 20.27 -70.38 -49.92
CA TRP C 216 20.49 -70.90 -51.25
C TRP C 216 19.18 -70.81 -52.08
N VAL C 217 19.21 -70.07 -53.19
CA VAL C 217 18.09 -69.98 -54.14
C VAL C 217 18.57 -70.15 -55.57
N ARG C 218 18.03 -71.12 -56.30
CA ARG C 218 18.49 -71.39 -57.65
C ARG C 218 20.02 -71.37 -57.73
N GLY C 219 20.65 -72.10 -56.81
CA GLY C 219 22.10 -72.27 -56.83
C GLY C 219 22.88 -71.17 -56.16
N LEU C 220 22.21 -70.12 -55.67
CA LEU C 220 22.92 -68.93 -55.24
C LEU C 220 22.62 -68.49 -53.82
N SER C 221 23.68 -68.19 -53.08
N SER C 221 23.66 -68.12 -53.09
CA SER C 221 23.58 -67.65 -51.74
CA SER C 221 23.50 -67.56 -51.75
C SER C 221 23.76 -66.13 -51.70
C SER C 221 23.60 -66.03 -51.76
N SER C 222 24.03 -65.52 -52.86
N SER C 222 24.10 -65.47 -52.85
CA SER C 222 24.16 -64.07 -52.96
CA SER C 222 24.19 -64.03 -53.02
C SER C 222 22.82 -63.45 -53.34
C SER C 222 22.83 -63.46 -53.39
N ARG C 223 22.76 -62.12 -53.40
CA ARG C 223 21.51 -61.42 -53.70
C ARG C 223 21.73 -60.12 -54.45
N ILE C 224 20.69 -59.64 -55.13
CA ILE C 224 20.66 -58.28 -55.67
C ILE C 224 19.55 -57.52 -54.97
N SER C 225 19.82 -56.29 -54.56
CA SER C 225 18.80 -55.40 -54.05
C SER C 225 18.47 -54.37 -55.10
N ILE C 226 17.18 -54.15 -55.32
CA ILE C 226 16.71 -53.25 -56.38
C ILE C 226 16.26 -51.93 -55.80
N TYR C 227 16.69 -50.85 -56.43
CA TYR C 227 16.32 -49.49 -56.03
C TYR C 227 15.81 -48.78 -57.26
N TRP C 228 15.18 -47.64 -57.07
N TRP C 228 15.16 -47.65 -57.06
CA TRP C 228 14.69 -46.86 -58.20
CA TRP C 228 14.62 -46.84 -58.14
C TRP C 228 14.83 -45.36 -57.95
C TRP C 228 14.91 -45.36 -57.94
N THR C 229 14.92 -44.61 -59.03
CA THR C 229 15.11 -43.16 -58.96
C THR C 229 14.32 -42.54 -60.08
N ILE C 230 13.55 -41.51 -59.75
CA ILE C 230 12.82 -40.76 -60.77
C ILE C 230 13.53 -39.45 -61.10
N VAL C 231 13.63 -39.14 -62.38
CA VAL C 231 14.33 -37.95 -62.85
C VAL C 231 13.34 -37.13 -63.62
N LYS C 232 13.11 -35.91 -63.17
CA LYS C 232 12.15 -35.02 -63.81
C LYS C 232 12.75 -34.27 -64.98
N PRO C 233 11.89 -33.71 -65.86
CA PRO C 233 12.40 -32.91 -66.97
C PRO C 233 13.32 -31.81 -66.47
N GLY C 234 14.46 -31.63 -67.15
CA GLY C 234 15.41 -30.62 -66.75
C GLY C 234 16.36 -31.06 -65.65
N ASP C 235 16.10 -32.20 -65.02
CA ASP C 235 16.99 -32.77 -64.03
C ASP C 235 17.95 -33.72 -64.72
N VAL C 236 18.79 -34.41 -63.95
CA VAL C 236 19.84 -35.24 -64.53
C VAL C 236 20.14 -36.35 -63.56
N LEU C 237 20.51 -37.51 -64.09
CA LEU C 237 20.90 -38.65 -63.28
C LEU C 237 22.41 -38.73 -63.27
N VAL C 238 22.98 -38.97 -62.10
CA VAL C 238 24.39 -39.31 -62.00
C VAL C 238 24.50 -40.63 -61.23
N ILE C 239 25.30 -41.53 -61.78
CA ILE C 239 25.57 -42.83 -61.20
C ILE C 239 27.06 -42.88 -60.97
N ASN C 240 27.44 -43.16 -59.74
CA ASN C 240 28.82 -43.18 -59.32
C ASN C 240 29.03 -44.45 -58.53
N SER C 241 29.92 -45.31 -59.00
CA SER C 241 30.13 -46.58 -58.31
C SER C 241 31.58 -47.08 -58.45
N ASN C 242 32.13 -47.69 -57.41
CA ASN C 242 33.43 -48.37 -57.52
C ASN C 242 33.30 -49.90 -57.34
N GLY C 243 32.13 -50.46 -57.63
CA GLY C 243 31.95 -51.90 -57.62
C GLY C 243 30.52 -52.20 -57.22
N ASN C 244 30.02 -53.37 -57.60
CA ASN C 244 28.73 -53.90 -57.15
C ASN C 244 27.49 -53.27 -57.80
N LEU C 245 27.69 -52.37 -58.76
CA LEU C 245 26.56 -51.77 -59.47
C LEU C 245 25.93 -52.72 -60.46
N ILE C 246 24.61 -52.88 -60.35
CA ILE C 246 23.81 -53.53 -61.37
C ILE C 246 23.15 -52.37 -62.10
N ALA C 247 23.66 -52.07 -63.29
CA ALA C 247 23.33 -50.83 -63.97
C ALA C 247 22.00 -50.89 -64.72
N PRO C 248 21.33 -49.74 -64.85
CA PRO C 248 20.18 -49.64 -65.75
C PRO C 248 20.63 -49.66 -67.20
N ARG C 249 19.76 -50.08 -68.10
CA ARG C 249 20.05 -50.03 -69.54
C ARG C 249 19.34 -48.85 -70.18
N GLY C 250 18.54 -48.12 -69.40
CA GLY C 250 17.66 -47.09 -69.92
C GLY C 250 16.61 -46.81 -68.87
N TYR C 251 15.48 -46.25 -69.27
CA TYR C 251 14.45 -45.83 -68.32
C TYR C 251 13.06 -46.24 -68.77
N PHE C 252 12.15 -46.34 -67.81
CA PHE C 252 10.75 -46.54 -68.11
C PHE C 252 10.04 -45.18 -68.16
N LYS C 253 9.20 -44.97 -69.17
CA LYS C 253 8.44 -43.73 -69.28
C LYS C 253 7.28 -43.74 -68.29
N MET C 254 7.18 -42.71 -67.45
N MET C 254 7.15 -42.68 -67.49
CA MET C 254 6.10 -42.59 -66.49
CA MET C 254 6.11 -42.61 -66.47
C MET C 254 4.86 -41.96 -67.09
C MET C 254 4.87 -41.85 -66.91
N ARG C 255 3.70 -42.48 -66.67
CA ARG C 255 2.43 -41.90 -67.05
C ARG C 255 1.55 -41.71 -65.81
N THR C 256 0.53 -40.87 -65.93
CA THR C 256 -0.51 -40.79 -64.92
C THR C 256 -1.82 -41.18 -65.59
N GLY C 257 -2.73 -41.70 -64.79
CA GLY C 257 -4.00 -42.14 -65.33
C GLY C 257 -4.67 -43.10 -64.39
N LYS C 258 -5.51 -43.96 -64.95
CA LYS C 258 -6.41 -44.79 -64.18
C LYS C 258 -5.88 -46.19 -63.91
N SER C 259 -4.62 -46.45 -64.22
CA SER C 259 -4.14 -47.82 -64.11
C SER C 259 -3.94 -48.28 -62.66
N SER C 260 -4.09 -49.59 -62.44
CA SER C 260 -3.87 -50.22 -61.13
C SER C 260 -3.49 -51.70 -61.31
N ILE C 261 -3.47 -52.43 -60.20
CA ILE C 261 -3.07 -53.83 -60.17
C ILE C 261 -4.00 -54.53 -59.19
N MET C 262 -4.25 -55.82 -59.38
CA MET C 262 -5.14 -56.57 -58.49
C MET C 262 -4.65 -57.99 -58.40
N ARG C 263 -4.74 -58.61 -57.22
CA ARG C 263 -4.41 -60.01 -57.12
C ARG C 263 -5.71 -60.81 -57.24
N SER C 264 -5.75 -61.74 -58.20
CA SER C 264 -6.93 -62.55 -58.41
C SER C 264 -6.54 -63.81 -59.17
N ASP C 265 -7.23 -64.91 -58.88
CA ASP C 265 -7.15 -66.12 -59.71
C ASP C 265 -8.39 -66.32 -60.59
N ALA C 266 -9.27 -65.31 -60.67
CA ALA C 266 -10.47 -65.44 -61.47
C ALA C 266 -10.11 -65.48 -62.95
N PRO C 267 -10.75 -66.38 -63.72
CA PRO C 267 -10.47 -66.35 -65.16
C PRO C 267 -10.95 -65.07 -65.81
N ILE C 268 -10.38 -64.74 -66.97
N ILE C 268 -10.25 -64.65 -66.86
CA ILE C 268 -10.77 -63.54 -67.73
CA ILE C 268 -10.71 -63.54 -67.67
C ILE C 268 -11.64 -63.92 -68.94
C ILE C 268 -11.70 -64.17 -68.62
N ASP C 269 -12.88 -63.45 -68.95
N ASP C 269 -12.59 -63.37 -69.17
CA ASP C 269 -13.85 -63.80 -69.98
CA ASP C 269 -13.52 -63.80 -70.22
C ASP C 269 -14.00 -62.69 -71.03
C ASP C 269 -14.01 -62.64 -71.05
N THR C 270 -14.75 -62.98 -72.10
CA THR C 270 -15.15 -61.97 -73.07
C THR C 270 -16.60 -61.58 -72.75
N CYS C 271 -16.72 -60.38 -72.21
CA CYS C 271 -17.98 -59.85 -71.70
C CYS C 271 -17.66 -58.43 -71.27
N ILE C 272 -18.68 -57.68 -70.86
CA ILE C 272 -18.47 -56.27 -70.57
C ILE C 272 -18.92 -55.97 -69.14
N SER C 273 -18.02 -55.39 -68.33
CA SER C 273 -18.42 -54.89 -67.02
C SER C 273 -17.48 -53.79 -66.55
N GLU C 274 -18.08 -52.72 -66.05
CA GLU C 274 -17.31 -51.59 -65.54
C GLU C 274 -16.64 -51.90 -64.21
N CYS C 275 -17.24 -52.79 -63.42
CA CYS C 275 -16.76 -53.04 -62.06
C CYS C 275 -16.10 -54.42 -61.95
N ILE C 276 -14.87 -54.42 -61.43
CA ILE C 276 -14.04 -55.62 -61.28
C ILE C 276 -13.66 -55.86 -59.81
N THR C 277 -13.83 -57.08 -59.33
CA THR C 277 -13.37 -57.47 -57.99
C THR C 277 -12.47 -58.69 -58.18
N PRO C 278 -11.70 -59.06 -57.13
CA PRO C 278 -10.86 -60.26 -57.29
C PRO C 278 -11.68 -61.53 -57.53
N ASN C 279 -12.94 -61.53 -57.11
CA ASN C 279 -13.82 -62.66 -57.33
C ASN C 279 -14.31 -62.74 -58.76
N GLY C 280 -14.08 -61.70 -59.55
CA GLY C 280 -14.71 -61.58 -60.84
C GLY C 280 -15.46 -60.27 -60.92
N SER C 281 -15.94 -59.95 -62.11
CA SER C 281 -16.75 -58.76 -62.31
C SER C 281 -18.09 -58.84 -61.61
N ILE C 282 -18.64 -57.68 -61.27
CA ILE C 282 -20.00 -57.62 -60.75
C ILE C 282 -20.77 -56.48 -61.43
N PRO C 283 -22.10 -56.62 -61.57
CA PRO C 283 -22.97 -55.54 -62.04
C PRO C 283 -22.89 -54.30 -61.14
N ASN C 284 -23.07 -53.10 -61.70
CA ASN C 284 -23.04 -51.86 -60.91
C ASN C 284 -24.36 -51.09 -60.88
N ASP C 285 -25.48 -51.77 -61.12
CA ASP C 285 -26.78 -51.12 -61.01
C ASP C 285 -27.16 -50.84 -59.56
N LYS C 286 -26.65 -51.64 -58.62
CA LYS C 286 -26.94 -51.37 -57.23
C LYS C 286 -25.89 -50.45 -56.61
N PRO C 287 -26.29 -49.66 -55.60
CA PRO C 287 -25.40 -48.68 -54.97
C PRO C 287 -24.37 -49.33 -54.06
N PHE C 288 -24.66 -50.54 -53.58
CA PHE C 288 -23.79 -51.24 -52.65
C PHE C 288 -23.48 -52.65 -53.09
N GLN C 289 -22.42 -53.22 -52.50
CA GLN C 289 -22.05 -54.59 -52.77
C GLN C 289 -21.39 -55.21 -51.55
N ASN C 290 -21.53 -56.53 -51.44
CA ASN C 290 -20.94 -57.29 -50.35
C ASN C 290 -19.98 -58.36 -50.92
N VAL C 291 -19.52 -58.17 -52.16
CA VAL C 291 -18.68 -59.17 -52.79
C VAL C 291 -17.22 -59.11 -52.33
N ASN C 292 -16.61 -57.93 -52.42
CA ASN C 292 -15.22 -57.77 -52.01
C ASN C 292 -14.91 -56.29 -51.74
N LYS C 293 -14.15 -56.01 -50.68
CA LYS C 293 -13.71 -54.64 -50.41
C LYS C 293 -12.73 -54.13 -51.46
N ILE C 294 -12.07 -55.04 -52.16
CA ILE C 294 -11.19 -54.71 -53.27
C ILE C 294 -11.98 -54.57 -54.55
N THR C 295 -11.94 -53.39 -55.16
CA THR C 295 -12.62 -53.17 -56.42
C THR C 295 -11.84 -52.24 -57.33
N TYR C 296 -12.18 -52.28 -58.61
CA TYR C 296 -11.59 -51.41 -59.60
C TYR C 296 -12.68 -51.00 -60.59
N GLY C 297 -12.81 -49.71 -60.85
CA GLY C 297 -13.74 -49.21 -61.84
C GLY C 297 -14.97 -48.58 -61.22
N ALA C 298 -16.06 -48.47 -61.97
CA ALA C 298 -17.28 -47.89 -61.42
C ALA C 298 -18.08 -48.94 -60.66
N CYS C 299 -17.92 -48.93 -59.35
CA CYS C 299 -18.32 -50.03 -58.50
C CYS C 299 -19.23 -49.62 -57.38
N PRO C 300 -20.16 -50.49 -56.99
CA PRO C 300 -20.87 -50.20 -55.75
C PRO C 300 -19.90 -50.12 -54.57
N LYS C 301 -20.31 -49.43 -53.54
CA LYS C 301 -19.53 -49.28 -52.32
C LYS C 301 -19.65 -50.53 -51.47
N TYR C 302 -18.55 -50.98 -50.89
CA TYR C 302 -18.59 -52.19 -50.08
C TYR C 302 -19.26 -51.97 -48.73
N VAL C 303 -20.19 -52.84 -48.39
CA VAL C 303 -20.80 -52.81 -47.07
C VAL C 303 -20.80 -54.22 -46.50
N LYS C 304 -21.05 -54.31 -45.20
CA LYS C 304 -21.00 -55.58 -44.48
C LYS C 304 -22.27 -56.39 -44.68
N GLN C 305 -23.38 -55.71 -44.92
CA GLN C 305 -24.67 -56.37 -45.02
C GLN C 305 -24.69 -57.19 -46.29
N ASN C 306 -25.32 -58.37 -46.25
CA ASN C 306 -25.43 -59.18 -47.46
C ASN C 306 -26.77 -58.92 -48.18
N THR C 307 -27.68 -58.21 -47.53
CA THR C 307 -28.93 -57.81 -48.17
C THR C 307 -29.49 -56.54 -47.53
N LEU C 308 -30.03 -55.65 -48.36
CA LEU C 308 -30.78 -54.51 -47.87
C LEU C 308 -31.93 -54.23 -48.84
N LYS C 309 -33.18 -54.32 -48.38
CA LYS C 309 -34.31 -54.18 -49.27
C LYS C 309 -34.89 -52.78 -49.20
N LEU C 310 -35.00 -52.14 -50.37
CA LEU C 310 -35.69 -50.86 -50.50
C LEU C 310 -37.13 -51.07 -50.92
N ALA C 311 -38.07 -50.69 -50.05
CA ALA C 311 -39.47 -50.82 -50.41
C ALA C 311 -39.76 -50.05 -51.69
N THR C 312 -40.52 -50.69 -52.57
CA THR C 312 -40.99 -50.09 -53.81
C THR C 312 -42.52 -50.19 -53.89
N GLY C 313 -43.17 -50.34 -52.75
CA GLY C 313 -44.61 -50.46 -52.70
C GLY C 313 -45.12 -50.15 -51.31
N MET C 314 -46.44 -50.11 -51.17
CA MET C 314 -47.04 -49.78 -49.88
C MET C 314 -47.01 -50.99 -48.94
N ARG C 315 -47.43 -50.75 -47.69
N ARG C 315 -47.41 -50.76 -47.69
CA ARG C 315 -47.62 -51.83 -46.73
CA ARG C 315 -47.64 -51.85 -46.74
C ARG C 315 -48.56 -52.88 -47.32
C ARG C 315 -48.55 -52.88 -47.37
N ASN C 316 -48.20 -54.16 -47.20
CA ASN C 316 -49.01 -55.24 -47.74
C ASN C 316 -49.93 -55.74 -46.61
N VAL C 317 -51.23 -55.47 -46.75
CA VAL C 317 -52.21 -55.76 -45.71
C VAL C 317 -53.36 -56.59 -46.26
N PRO C 318 -53.11 -57.87 -46.60
CA PRO C 318 -54.23 -58.60 -47.19
C PRO C 318 -55.37 -58.92 -46.19
N GLU C 319 -55.05 -59.06 -44.91
CA GLU C 319 -56.03 -59.38 -43.86
C GLU C 319 -56.04 -58.30 -42.78
N LYS C 320 -57.17 -58.22 -42.08
CA LYS C 320 -57.41 -57.22 -41.01
C LYS C 320 -56.13 -56.87 -40.25
N GLY D 1 -49.17 -46.41 -40.39
CA GLY D 1 -48.51 -45.24 -41.04
C GLY D 1 -49.05 -43.98 -40.40
N LEU D 2 -48.46 -42.84 -40.73
CA LEU D 2 -48.84 -41.60 -40.07
C LEU D 2 -50.26 -41.15 -40.32
N PHE D 3 -50.82 -41.53 -41.46
CA PHE D 3 -52.11 -41.00 -41.86
C PHE D 3 -53.28 -41.88 -41.42
N GLY D 4 -53.00 -43.12 -41.06
CA GLY D 4 -54.02 -43.93 -40.44
C GLY D 4 -55.02 -44.46 -41.43
N ALA D 5 -54.70 -44.44 -42.72
CA ALA D 5 -55.60 -44.97 -43.72
C ALA D 5 -55.28 -46.43 -43.99
N ILE D 6 -54.12 -46.68 -44.58
CA ILE D 6 -53.68 -48.03 -44.86
C ILE D 6 -53.34 -48.70 -43.54
N ALA D 7 -53.86 -49.90 -43.34
CA ALA D 7 -53.75 -50.61 -42.06
C ALA D 7 -54.35 -49.74 -40.97
N GLY D 8 -55.38 -48.99 -41.35
CA GLY D 8 -56.07 -48.05 -40.48
C GLY D 8 -57.57 -48.15 -40.67
N PHE D 9 -58.18 -47.01 -40.98
CA PHE D 9 -59.62 -46.95 -41.23
C PHE D 9 -60.01 -47.76 -42.46
N ILE D 10 -59.06 -47.98 -43.37
N ILE D 10 -59.05 -47.93 -43.38
CA ILE D 10 -59.27 -48.97 -44.41
CA ILE D 10 -59.17 -48.96 -44.41
C ILE D 10 -58.69 -50.26 -43.85
C ILE D 10 -58.69 -50.23 -43.72
N GLU D 11 -59.57 -51.19 -43.50
CA GLU D 11 -59.22 -52.33 -42.67
C GLU D 11 -58.20 -53.25 -43.32
N ASN D 12 -58.28 -53.40 -44.63
CA ASN D 12 -57.30 -54.19 -45.35
C ASN D 12 -57.30 -53.82 -46.84
N GLY D 13 -56.27 -54.29 -47.53
CA GLY D 13 -56.14 -54.13 -48.96
C GLY D 13 -56.92 -55.17 -49.73
N TRP D 14 -56.99 -54.97 -51.03
CA TRP D 14 -57.75 -55.83 -51.92
C TRP D 14 -56.80 -56.63 -52.79
N GLU D 15 -56.67 -57.92 -52.52
CA GLU D 15 -55.88 -58.79 -53.38
C GLU D 15 -56.50 -58.83 -54.77
N GLY D 16 -57.80 -58.51 -54.85
CA GLY D 16 -58.53 -58.55 -56.10
C GLY D 16 -58.38 -57.29 -56.96
N MET D 17 -57.73 -56.26 -56.44
N MET D 17 -57.66 -56.29 -56.44
CA MET D 17 -57.46 -55.10 -57.29
CA MET D 17 -57.39 -55.06 -57.18
C MET D 17 -56.11 -55.37 -57.91
C MET D 17 -56.08 -55.27 -57.96
N ILE D 18 -56.19 -55.81 -59.17
CA ILE D 18 -54.98 -56.23 -59.91
C ILE D 18 -54.55 -55.30 -61.06
N ASP D 19 -55.27 -54.20 -61.28
CA ASP D 19 -54.92 -53.24 -62.32
C ASP D 19 -54.60 -51.84 -61.80
N GLY D 20 -54.30 -51.71 -60.51
CA GLY D 20 -53.98 -50.43 -59.92
C GLY D 20 -53.58 -50.56 -58.46
N TRP D 21 -53.07 -49.48 -57.87
CA TRP D 21 -52.67 -49.52 -56.47
C TRP D 21 -53.78 -49.04 -55.54
N TYR D 22 -54.58 -48.11 -56.03
CA TYR D 22 -55.66 -47.51 -55.27
C TYR D 22 -56.89 -47.53 -56.17
N GLY D 23 -58.08 -47.56 -55.60
CA GLY D 23 -59.27 -47.56 -56.42
C GLY D 23 -60.56 -47.56 -55.63
N PHE D 24 -61.63 -47.94 -56.32
CA PHE D 24 -62.99 -47.81 -55.85
C PHE D 24 -63.70 -49.14 -55.99
N ARG D 25 -64.56 -49.46 -55.02
CA ARG D 25 -65.55 -50.51 -55.20
C ARG D 25 -66.89 -49.89 -54.89
N HIS D 26 -67.92 -50.28 -55.63
CA HIS D 26 -69.22 -49.68 -55.44
C HIS D 26 -70.32 -50.72 -55.49
N GLN D 27 -71.46 -50.36 -54.89
CA GLN D 27 -72.73 -51.05 -55.05
C GLN D 27 -73.81 -50.00 -55.33
N ASN D 28 -74.60 -50.23 -56.38
CA ASN D 28 -75.72 -49.35 -56.71
C ASN D 28 -76.86 -50.16 -57.30
N SER D 29 -77.84 -49.50 -57.91
CA SER D 29 -79.00 -50.20 -58.42
C SER D 29 -78.66 -51.10 -59.61
N GLU D 30 -77.49 -50.92 -60.23
CA GLU D 30 -77.11 -51.73 -61.38
C GLU D 30 -76.14 -52.87 -61.04
N GLY D 31 -75.78 -53.04 -59.77
CA GLY D 31 -74.94 -54.14 -59.35
C GLY D 31 -73.78 -53.61 -58.55
N THR D 32 -72.63 -54.28 -58.67
CA THR D 32 -71.43 -53.89 -57.93
C THR D 32 -70.29 -53.85 -58.94
N GLY D 33 -69.21 -53.19 -58.57
CA GLY D 33 -68.07 -53.16 -59.47
C GLY D 33 -66.82 -52.63 -58.81
N GLN D 34 -65.72 -52.64 -59.55
CA GLN D 34 -64.45 -52.15 -59.04
C GLN D 34 -63.71 -51.44 -60.17
N ALA D 35 -62.98 -50.38 -59.84
CA ALA D 35 -62.15 -49.68 -60.82
C ALA D 35 -60.90 -49.08 -60.18
N ALA D 36 -59.75 -49.25 -60.82
CA ALA D 36 -58.54 -48.57 -60.37
C ALA D 36 -58.64 -47.05 -60.55
N ASP D 37 -58.05 -46.30 -59.63
CA ASP D 37 -57.84 -44.87 -59.79
C ASP D 37 -56.45 -44.66 -60.34
N LEU D 38 -56.38 -44.13 -61.56
N LEU D 38 -56.38 -44.12 -61.56
CA LEU D 38 -55.10 -44.03 -62.27
CA LEU D 38 -55.11 -44.03 -62.28
C LEU D 38 -54.18 -42.94 -61.71
C LEU D 38 -54.19 -42.94 -61.72
N LYS D 39 -54.76 -41.79 -61.36
CA LYS D 39 -53.97 -40.65 -60.88
C LYS D 39 -53.23 -40.87 -59.56
N SER D 40 -53.94 -41.41 -58.56
N SER D 40 -53.93 -41.44 -58.57
CA SER D 40 -53.34 -41.71 -57.27
CA SER D 40 -53.31 -41.72 -57.28
C SER D 40 -52.32 -42.85 -57.38
C SER D 40 -52.30 -42.84 -57.41
N THR D 41 -52.65 -43.85 -58.19
CA THR D 41 -51.76 -44.98 -58.46
C THR D 41 -50.49 -44.44 -59.07
N GLN D 42 -50.64 -43.53 -60.02
CA GLN D 42 -49.51 -43.01 -60.78
C GLN D 42 -48.69 -42.04 -59.92
N ALA D 43 -49.35 -41.34 -59.00
CA ALA D 43 -48.66 -40.42 -58.11
C ALA D 43 -47.72 -41.18 -57.18
N ALA D 44 -48.22 -42.29 -56.64
CA ALA D 44 -47.41 -43.13 -55.76
C ALA D 44 -46.27 -43.77 -56.54
N ILE D 45 -46.58 -44.30 -57.71
CA ILE D 45 -45.60 -44.97 -58.55
C ILE D 45 -44.53 -43.96 -58.95
N ASP D 46 -44.93 -42.72 -59.21
CA ASP D 46 -43.98 -41.72 -59.69
C ASP D 46 -43.02 -41.33 -58.59
N GLN D 47 -43.56 -41.22 -57.37
CA GLN D 47 -42.70 -40.89 -56.24
C GLN D 47 -41.71 -42.01 -55.92
N ILE D 48 -42.17 -43.26 -55.96
N ILE D 48 -42.16 -43.26 -56.00
CA ILE D 48 -41.32 -44.39 -55.64
CA ILE D 48 -41.32 -44.41 -55.68
C ILE D 48 -40.23 -44.57 -56.70
C ILE D 48 -40.24 -44.60 -56.72
N ASN D 49 -40.57 -44.33 -57.96
CA ASN D 49 -39.58 -44.43 -59.04
C ASN D 49 -38.57 -43.28 -58.91
N GLY D 50 -39.05 -42.13 -58.45
CA GLY D 50 -38.18 -41.00 -58.22
C GLY D 50 -37.11 -41.29 -57.18
N LYS D 51 -37.52 -41.80 -56.02
N LYS D 51 -37.56 -41.86 -56.06
CA LYS D 51 -36.54 -42.09 -54.97
CA LYS D 51 -36.69 -42.20 -54.92
C LYS D 51 -35.65 -43.27 -55.35
C LYS D 51 -35.68 -43.22 -55.40
N LEU D 52 -36.19 -44.23 -56.09
CA LEU D 52 -35.40 -45.37 -56.52
C LEU D 52 -34.27 -44.89 -57.43
N ASN D 53 -34.60 -44.01 -58.36
CA ASN D 53 -33.61 -43.53 -59.30
C ASN D 53 -32.59 -42.63 -58.62
N ARG D 54 -33.00 -41.91 -57.58
CA ARG D 54 -32.01 -41.14 -56.83
C ARG D 54 -31.03 -42.06 -56.10
N VAL D 55 -31.52 -43.18 -55.55
CA VAL D 55 -30.66 -44.11 -54.81
C VAL D 55 -29.71 -44.93 -55.70
N ILE D 56 -30.16 -45.32 -56.89
CA ILE D 56 -29.38 -46.23 -57.72
C ILE D 56 -28.57 -45.43 -58.77
N GLU D 57 -28.65 -44.10 -58.69
CA GLU D 57 -27.88 -43.20 -59.52
C GLU D 57 -26.39 -43.27 -59.21
N LYS D 58 -25.54 -43.18 -60.24
CA LYS D 58 -24.14 -42.81 -60.07
C LYS D 58 -23.37 -43.61 -59.02
N THR D 59 -22.98 -44.85 -59.30
CA THR D 59 -21.93 -45.41 -58.47
C THR D 59 -20.67 -44.56 -58.70
N ASN D 60 -19.84 -44.45 -57.68
CA ASN D 60 -18.50 -43.86 -57.80
C ASN D 60 -17.51 -44.70 -58.61
N GLU D 61 -16.60 -44.03 -59.32
CA GLU D 61 -15.52 -44.73 -60.05
C GLU D 61 -14.19 -44.50 -59.33
N LYS D 62 -13.55 -45.59 -58.91
CA LYS D 62 -12.25 -45.50 -58.26
C LYS D 62 -11.27 -46.42 -58.98
N PHE D 63 -10.00 -46.04 -59.00
CA PHE D 63 -9.00 -46.80 -59.75
C PHE D 63 -7.90 -47.32 -58.84
N HIS D 64 -6.73 -46.68 -58.84
CA HIS D 64 -5.68 -47.12 -57.95
C HIS D 64 -6.03 -46.65 -56.54
N GLN D 65 -6.03 -47.57 -55.58
CA GLN D 65 -6.43 -47.31 -54.21
C GLN D 65 -5.28 -47.83 -53.33
N ILE D 66 -5.58 -48.37 -52.15
CA ILE D 66 -4.58 -48.96 -51.28
C ILE D 66 -4.78 -50.45 -51.21
N GLU D 67 -3.74 -51.18 -50.83
CA GLU D 67 -3.93 -52.61 -50.63
C GLU D 67 -4.79 -52.88 -49.42
N LYS D 68 -5.58 -53.94 -49.51
CA LYS D 68 -6.53 -54.29 -48.47
C LYS D 68 -6.34 -55.71 -47.92
N GLU D 69 -5.47 -56.49 -48.55
CA GLU D 69 -5.06 -57.79 -48.02
C GLU D 69 -3.53 -57.84 -48.01
N PHE D 70 -2.96 -58.57 -47.06
CA PHE D 70 -1.51 -58.57 -46.85
C PHE D 70 -1.00 -59.96 -46.55
N SER D 71 0.14 -60.32 -47.12
CA SER D 71 0.67 -61.67 -46.96
C SER D 71 1.77 -61.78 -45.87
N GLU D 72 2.22 -60.65 -45.33
CA GLU D 72 3.24 -60.64 -44.26
C GLU D 72 2.77 -59.70 -43.16
N VAL D 73 3.11 -60.02 -41.90
CA VAL D 73 2.92 -59.07 -40.82
C VAL D 73 3.89 -57.90 -41.01
N GLU D 74 3.38 -56.67 -40.91
CA GLU D 74 4.23 -55.50 -41.07
C GLU D 74 4.18 -54.48 -39.94
N GLY D 75 3.18 -54.54 -39.07
CA GLY D 75 3.14 -53.58 -37.98
C GLY D 75 2.47 -52.30 -38.38
N ARG D 76 3.11 -51.19 -38.01
CA ARG D 76 2.49 -49.88 -37.93
C ARG D 76 1.77 -49.41 -39.17
N ILE D 77 2.42 -49.50 -40.33
N ILE D 77 2.41 -49.51 -40.32
CA ILE D 77 1.83 -49.02 -41.57
CA ILE D 77 1.82 -49.01 -41.56
C ILE D 77 0.65 -49.89 -42.01
C ILE D 77 0.64 -49.89 -42.00
N GLN D 78 0.77 -51.21 -41.90
CA GLN D 78 -0.35 -52.08 -42.21
C GLN D 78 -1.51 -51.88 -41.25
N ASP D 79 -1.26 -51.72 -39.96
CA ASP D 79 -2.34 -51.42 -39.00
C ASP D 79 -3.08 -50.21 -39.47
N LEU D 80 -2.36 -49.16 -39.86
CA LEU D 80 -3.03 -47.96 -40.29
C LEU D 80 -3.85 -48.16 -41.57
N GLU D 81 -3.31 -48.86 -42.58
CA GLU D 81 -4.07 -49.16 -43.79
C GLU D 81 -5.36 -49.92 -43.53
N LYS D 82 -5.27 -50.90 -42.64
CA LYS D 82 -6.39 -51.79 -42.33
C LYS D 82 -7.40 -51.02 -41.50
N TYR D 83 -6.93 -50.13 -40.65
CA TYR D 83 -7.81 -49.33 -39.82
C TYR D 83 -8.59 -48.35 -40.67
N VAL D 84 -7.92 -47.78 -41.67
CA VAL D 84 -8.54 -46.84 -42.60
C VAL D 84 -9.64 -47.57 -43.37
N GLU D 85 -9.35 -48.77 -43.85
CA GLU D 85 -10.34 -49.52 -44.60
C GLU D 85 -11.54 -49.95 -43.75
N ASP D 86 -11.30 -50.44 -42.54
CA ASP D 86 -12.39 -50.87 -41.66
C ASP D 86 -13.28 -49.73 -41.28
N THR D 87 -12.67 -48.58 -41.04
CA THR D 87 -13.38 -47.38 -40.65
C THR D 87 -14.29 -46.98 -41.80
N LYS D 88 -13.75 -46.98 -43.00
CA LYS D 88 -14.52 -46.64 -44.18
C LYS D 88 -15.71 -47.58 -44.37
N ILE D 89 -15.48 -48.89 -44.24
CA ILE D 89 -16.53 -49.86 -44.51
C ILE D 89 -17.64 -49.71 -43.47
N ASP D 90 -17.27 -49.47 -42.22
CA ASP D 90 -18.24 -49.34 -41.16
C ASP D 90 -19.10 -48.10 -41.30
N LEU D 91 -18.50 -47.00 -41.73
CA LEU D 91 -19.27 -45.79 -42.01
C LEU D 91 -20.26 -45.96 -43.16
N TRP D 92 -19.82 -46.57 -44.26
CA TRP D 92 -20.72 -46.82 -45.38
C TRP D 92 -21.85 -47.82 -45.05
N SER D 93 -21.55 -48.81 -44.23
CA SER D 93 -22.54 -49.80 -43.84
C SER D 93 -23.57 -49.10 -43.01
N TYR D 94 -23.11 -48.18 -42.16
CA TYR D 94 -24.05 -47.38 -41.39
C TYR D 94 -24.91 -46.54 -42.31
N ASN D 95 -24.31 -45.92 -43.31
CA ASN D 95 -25.06 -45.11 -44.25
C ASN D 95 -26.11 -45.94 -44.98
N ALA D 96 -25.77 -47.17 -45.35
CA ALA D 96 -26.68 -48.01 -46.11
C ALA D 96 -27.89 -48.38 -45.26
N GLU D 97 -27.63 -48.79 -44.03
CA GLU D 97 -28.68 -49.18 -43.10
C GLU D 97 -29.64 -48.02 -42.84
N LEU D 98 -29.08 -46.85 -42.58
CA LEU D 98 -29.89 -45.68 -42.26
C LEU D 98 -30.66 -45.25 -43.49
N LEU D 99 -30.03 -45.34 -44.65
CA LEU D 99 -30.65 -44.89 -45.88
C LEU D 99 -31.90 -45.70 -46.15
N VAL D 100 -31.81 -47.03 -46.08
CA VAL D 100 -32.99 -47.83 -46.36
C VAL D 100 -34.06 -47.71 -45.28
N ALA D 101 -33.66 -47.58 -44.02
CA ALA D 101 -34.64 -47.36 -42.94
C ALA D 101 -35.47 -46.11 -43.15
N LEU D 102 -34.82 -45.00 -43.50
CA LEU D 102 -35.50 -43.72 -43.69
C LEU D 102 -36.36 -43.77 -44.93
N GLU D 103 -35.84 -44.34 -46.00
CA GLU D 103 -36.59 -44.42 -47.25
C GLU D 103 -37.85 -45.25 -47.05
N ASN D 104 -37.73 -46.37 -46.36
CA ASN D 104 -38.84 -47.30 -46.21
C ASN D 104 -39.92 -46.71 -45.30
N GLN D 105 -39.51 -46.03 -44.23
CA GLN D 105 -40.47 -45.36 -43.37
C GLN D 105 -41.25 -44.36 -44.19
N HIS D 106 -40.53 -43.62 -45.01
CA HIS D 106 -41.13 -42.59 -45.84
C HIS D 106 -42.01 -43.17 -46.96
N THR D 107 -41.64 -44.33 -47.51
CA THR D 107 -42.44 -44.98 -48.56
C THR D 107 -43.78 -45.46 -48.05
N ILE D 108 -43.75 -46.02 -46.85
CA ILE D 108 -44.97 -46.48 -46.19
C ILE D 108 -45.85 -45.28 -45.91
N ASP D 109 -45.23 -44.22 -45.41
CA ASP D 109 -45.98 -43.01 -45.10
C ASP D 109 -46.54 -42.28 -46.33
N LEU D 110 -45.84 -42.29 -47.47
CA LEU D 110 -46.32 -41.57 -48.63
C LEU D 110 -47.45 -42.33 -49.33
N THR D 111 -47.36 -43.66 -49.31
CA THR D 111 -48.43 -44.47 -49.88
C THR D 111 -49.71 -44.40 -49.04
N ASP D 112 -49.50 -44.41 -47.73
CA ASP D 112 -50.57 -44.17 -46.77
C ASP D 112 -51.21 -42.81 -47.03
N SER D 113 -50.37 -41.80 -47.24
CA SER D 113 -50.85 -40.46 -47.56
C SER D 113 -51.71 -40.40 -48.82
N GLU D 114 -51.25 -41.04 -49.91
CA GLU D 114 -51.97 -41.01 -51.17
C GLU D 114 -53.33 -41.64 -51.03
N MET D 115 -53.38 -42.72 -50.25
CA MET D 115 -54.64 -43.35 -49.96
C MET D 115 -55.56 -42.32 -49.28
N ASN D 116 -55.01 -41.63 -48.29
CA ASN D 116 -55.79 -40.66 -47.53
C ASN D 116 -56.25 -39.49 -48.39
N LYS D 117 -55.42 -39.06 -49.33
CA LYS D 117 -55.75 -37.93 -50.19
C LYS D 117 -56.89 -38.28 -51.13
N LEU D 118 -56.88 -39.49 -51.65
CA LEU D 118 -57.95 -39.95 -52.51
C LEU D 118 -59.28 -39.99 -51.75
N PHE D 119 -59.24 -40.53 -50.55
CA PHE D 119 -60.46 -40.56 -49.71
C PHE D 119 -60.99 -39.15 -49.46
N GLU D 120 -60.13 -38.21 -49.10
CA GLU D 120 -60.53 -36.83 -48.80
C GLU D 120 -61.09 -36.15 -50.04
N LYS D 121 -60.50 -36.41 -51.20
CA LYS D 121 -60.93 -35.77 -52.45
C LYS D 121 -62.33 -36.23 -52.82
N THR D 122 -62.56 -37.54 -52.66
CA THR D 122 -63.85 -38.13 -52.98
C THR D 122 -64.94 -37.56 -52.07
N GLY D 123 -64.64 -37.51 -50.78
CA GLY D 123 -65.52 -36.92 -49.80
C GLY D 123 -65.89 -35.50 -50.20
N ARG D 124 -64.89 -34.74 -50.63
CA ARG D 124 -65.11 -33.35 -51.02
C ARG D 124 -66.00 -33.22 -52.26
N GLN D 125 -65.88 -34.15 -53.21
CA GLN D 125 -66.77 -34.11 -54.36
C GLN D 125 -68.19 -34.33 -53.88
N LEU D 126 -68.35 -35.27 -52.97
CA LEU D 126 -69.68 -35.68 -52.55
C LEU D 126 -70.42 -34.62 -51.72
N ARG D 127 -69.69 -33.68 -51.11
CA ARG D 127 -70.32 -32.60 -50.36
C ARG D 127 -71.33 -33.18 -49.34
N GLU D 128 -72.59 -32.76 -49.38
CA GLU D 128 -73.61 -33.20 -48.44
C GLU D 128 -74.39 -34.41 -48.95
N ASN D 129 -73.93 -35.05 -50.01
CA ASN D 129 -74.71 -36.11 -50.63
C ASN D 129 -74.34 -37.49 -50.15
N ALA D 130 -73.34 -37.58 -49.28
CA ALA D 130 -72.87 -38.85 -48.80
C ALA D 130 -72.40 -38.66 -47.37
N GLU D 131 -72.24 -39.75 -46.64
CA GLU D 131 -71.61 -39.69 -45.32
C GLU D 131 -70.51 -40.74 -45.23
N ASP D 132 -69.43 -40.38 -44.53
CA ASP D 132 -68.32 -41.28 -44.25
C ASP D 132 -68.72 -42.36 -43.24
N MET D 133 -68.68 -43.63 -43.64
CA MET D 133 -69.07 -44.72 -42.75
C MET D 133 -67.96 -45.13 -41.78
N GLY D 134 -66.77 -44.57 -41.96
CA GLY D 134 -65.66 -44.74 -41.04
C GLY D 134 -64.72 -45.88 -41.37
N ASN D 135 -65.02 -46.61 -42.45
CA ASN D 135 -64.22 -47.76 -42.88
C ASN D 135 -63.68 -47.52 -44.29
N GLY D 136 -63.64 -46.25 -44.70
CA GLY D 136 -63.19 -45.87 -46.01
C GLY D 136 -64.25 -45.94 -47.08
N CYS D 137 -65.51 -46.13 -46.69
CA CYS D 137 -66.65 -46.20 -47.61
C CYS D 137 -67.58 -45.01 -47.39
N PHE D 138 -68.18 -44.52 -48.46
CA PHE D 138 -69.23 -43.52 -48.37
C PHE D 138 -70.62 -44.11 -48.66
N LYS D 139 -71.56 -43.81 -47.77
CA LYS D 139 -72.97 -44.03 -48.06
C LYS D 139 -73.51 -42.84 -48.83
N ILE D 140 -73.95 -43.09 -50.05
CA ILE D 140 -74.48 -42.08 -50.94
C ILE D 140 -76.00 -42.13 -50.87
N TYR D 141 -76.62 -40.99 -50.53
CA TYR D 141 -78.03 -40.93 -50.13
C TYR D 141 -78.96 -40.60 -51.30
N HIS D 142 -78.62 -41.06 -52.50
CA HIS D 142 -79.47 -40.88 -53.65
C HIS D 142 -79.19 -41.99 -54.64
N LYS D 143 -80.14 -42.23 -55.54
CA LYS D 143 -79.93 -43.19 -56.61
C LYS D 143 -78.73 -42.79 -57.44
N CYS D 144 -77.80 -43.71 -57.63
CA CYS D 144 -76.56 -43.37 -58.30
C CYS D 144 -76.18 -44.53 -59.22
N ASP D 145 -76.60 -44.43 -60.47
CA ASP D 145 -76.36 -45.51 -61.42
C ASP D 145 -74.91 -45.53 -61.88
N ASN D 146 -74.58 -46.40 -62.82
CA ASN D 146 -73.20 -46.62 -63.22
C ASN D 146 -72.55 -45.36 -63.77
N ALA D 147 -73.31 -44.55 -64.50
CA ALA D 147 -72.78 -43.32 -65.06
C ALA D 147 -72.50 -42.30 -63.94
N CYS D 148 -73.34 -42.31 -62.91
CA CYS D 148 -73.13 -41.46 -61.74
C CYS D 148 -71.86 -41.83 -60.95
N ILE D 149 -71.69 -43.13 -60.71
CA ILE D 149 -70.47 -43.61 -60.05
C ILE D 149 -69.25 -43.19 -60.85
N GLU D 150 -69.31 -43.35 -62.18
CA GLU D 150 -68.18 -42.98 -63.01
C GLU D 150 -67.93 -41.48 -62.98
N SER D 151 -68.98 -40.68 -62.85
CA SER D 151 -68.79 -39.24 -62.73
C SER D 151 -68.03 -38.90 -61.45
N ILE D 152 -68.28 -39.65 -60.39
CA ILE D 152 -67.48 -39.47 -59.16
C ILE D 152 -66.04 -39.89 -59.42
N ARG D 153 -65.83 -41.05 -60.01
CA ARG D 153 -64.48 -41.58 -60.25
C ARG D 153 -63.65 -40.69 -61.17
N ASN D 154 -64.27 -40.02 -62.13
CA ASN D 154 -63.51 -39.19 -63.08
C ASN D 154 -63.53 -37.69 -62.70
N GLY D 155 -64.16 -37.37 -61.57
CA GLY D 155 -64.04 -36.07 -60.94
C GLY D 155 -64.96 -34.98 -61.46
N THR D 156 -66.04 -35.38 -62.11
CA THR D 156 -67.00 -34.45 -62.70
C THR D 156 -68.35 -34.53 -62.03
N TYR D 157 -68.46 -35.29 -60.94
CA TYR D 157 -69.72 -35.43 -60.23
C TYR D 157 -70.24 -34.05 -59.86
N ASP D 158 -71.53 -33.83 -60.15
CA ASP D 158 -72.16 -32.54 -59.88
C ASP D 158 -73.12 -32.71 -58.71
N HIS D 159 -72.67 -32.30 -57.52
CA HIS D 159 -73.40 -32.56 -56.29
C HIS D 159 -74.77 -31.88 -56.26
N ASP D 160 -74.88 -30.73 -56.91
CA ASP D 160 -76.12 -29.95 -56.87
C ASP D 160 -77.28 -30.70 -57.52
N VAL D 161 -76.99 -31.52 -58.52
CA VAL D 161 -78.03 -32.26 -59.22
C VAL D 161 -78.78 -33.18 -58.26
N TYR D 162 -78.05 -33.72 -57.29
CA TYR D 162 -78.58 -34.77 -56.43
C TYR D 162 -78.89 -34.27 -55.02
N ARG D 163 -78.57 -33.00 -54.75
CA ARG D 163 -78.58 -32.51 -53.39
C ARG D 163 -79.95 -32.59 -52.72
N ASP D 164 -81.02 -32.21 -53.42
CA ASP D 164 -82.36 -32.27 -52.82
C ASP D 164 -82.73 -33.70 -52.42
N GLU D 165 -82.52 -34.64 -53.34
CA GLU D 165 -82.81 -36.05 -53.12
C GLU D 165 -82.01 -36.57 -51.92
N ALA D 166 -80.73 -36.23 -51.86
CA ALA D 166 -79.84 -36.75 -50.84
C ALA D 166 -80.20 -36.24 -49.44
N LEU D 167 -80.45 -34.95 -49.33
CA LEU D 167 -80.80 -34.34 -48.05
C LEU D 167 -82.13 -34.89 -47.56
N ASN D 168 -83.10 -35.09 -48.46
CA ASN D 168 -84.37 -35.68 -48.06
C ASN D 168 -84.13 -37.05 -47.45
N ASN D 169 -83.28 -37.84 -48.10
CA ASN D 169 -82.93 -39.16 -47.57
C ASN D 169 -82.11 -39.13 -46.28
N ARG D 170 -81.24 -38.14 -46.10
CA ARG D 170 -80.35 -38.15 -44.93
C ARG D 170 -81.11 -37.70 -43.67
N PHE D 171 -81.91 -36.65 -43.82
CA PHE D 171 -82.41 -35.89 -42.68
C PHE D 171 -83.91 -35.96 -42.37
N GLN D 172 -84.69 -36.60 -43.24
CA GLN D 172 -86.14 -36.66 -43.06
C GLN D 172 -86.70 -38.05 -43.36
N PRO E 3 -77.99 -15.60 -50.76
CA PRO E 3 -77.22 -14.56 -50.06
C PRO E 3 -76.19 -15.14 -49.10
N GLY E 4 -74.92 -15.05 -49.49
CA GLY E 4 -73.84 -15.56 -48.65
C GLY E 4 -72.50 -14.99 -49.07
N ALA E 5 -71.43 -15.75 -48.81
CA ALA E 5 -70.07 -15.31 -49.11
C ALA E 5 -69.20 -16.52 -49.39
N THR E 6 -67.99 -16.27 -49.89
CA THR E 6 -67.02 -17.32 -50.13
C THR E 6 -65.70 -16.91 -49.50
N LEU E 7 -65.02 -17.86 -48.87
CA LEU E 7 -63.74 -17.59 -48.23
C LEU E 7 -62.75 -18.66 -48.68
N CYS E 8 -61.73 -18.24 -49.43
CA CYS E 8 -60.75 -19.17 -49.98
C CYS E 8 -59.43 -19.08 -49.25
N LEU E 9 -58.85 -20.25 -48.99
CA LEU E 9 -57.52 -20.33 -48.41
C LEU E 9 -56.53 -20.57 -49.51
N GLY E 10 -55.34 -19.99 -49.37
CA GLY E 10 -54.31 -20.18 -50.36
C GLY E 10 -52.93 -19.86 -49.83
N HIS E 11 -51.96 -19.93 -50.72
CA HIS E 11 -50.59 -19.69 -50.36
C HIS E 11 -49.97 -18.95 -51.52
N HIS E 12 -48.84 -18.31 -51.27
CA HIS E 12 -48.19 -17.51 -52.30
C HIS E 12 -47.42 -18.33 -53.35
N ALA E 13 -46.98 -17.62 -54.40
CA ALA E 13 -46.12 -18.17 -55.44
C ALA E 13 -45.36 -17.01 -56.07
N VAL E 14 -44.33 -17.31 -56.85
CA VAL E 14 -43.59 -16.29 -57.58
C VAL E 14 -43.48 -16.74 -59.03
N PRO E 15 -43.25 -15.80 -59.97
CA PRO E 15 -43.23 -16.17 -61.39
C PRO E 15 -42.20 -17.24 -61.73
N ASN E 16 -41.02 -17.16 -61.14
CA ASN E 16 -40.09 -18.27 -61.22
C ASN E 16 -39.29 -18.38 -59.93
N GLY E 17 -39.23 -19.59 -59.41
CA GLY E 17 -38.57 -19.87 -58.14
C GLY E 17 -37.21 -20.46 -58.43
N THR E 18 -36.81 -21.42 -57.61
N THR E 18 -36.84 -21.47 -57.66
CA THR E 18 -35.51 -22.07 -57.69
CA THR E 18 -35.54 -22.09 -57.83
C THR E 18 -35.69 -23.59 -57.69
C THR E 18 -35.63 -23.59 -57.62
N LEU E 19 -34.85 -24.32 -58.41
CA LEU E 19 -34.91 -25.79 -58.43
C LEU E 19 -34.02 -26.37 -57.33
N VAL E 20 -34.57 -27.33 -56.60
CA VAL E 20 -33.84 -28.08 -55.58
C VAL E 20 -34.04 -29.58 -55.72
N LYS E 21 -33.26 -30.35 -54.98
CA LYS E 21 -33.34 -31.79 -55.01
C LYS E 21 -34.03 -32.27 -53.74
N THR E 22 -34.78 -33.36 -53.85
CA THR E 22 -35.43 -33.96 -52.69
C THR E 22 -35.13 -35.44 -52.71
N ILE E 23 -35.78 -36.21 -51.84
CA ILE E 23 -35.64 -37.65 -51.86
C ILE E 23 -36.23 -38.24 -53.13
N THR E 24 -37.39 -37.75 -53.53
N THR E 24 -37.31 -37.66 -53.59
CA THR E 24 -38.10 -38.30 -54.69
CA THR E 24 -38.08 -38.21 -54.69
C THR E 24 -37.88 -37.55 -56.01
C THR E 24 -37.67 -37.62 -56.02
N ASP E 25 -37.31 -36.35 -56.00
CA ASP E 25 -37.14 -35.57 -57.24
C ASP E 25 -35.73 -35.04 -57.40
N ASP E 26 -35.17 -35.21 -58.58
N ASP E 26 -35.18 -35.23 -58.59
CA ASP E 26 -33.87 -34.65 -58.84
CA ASP E 26 -33.88 -34.68 -58.93
C ASP E 26 -34.01 -33.14 -58.94
C ASP E 26 -33.98 -33.15 -59.02
N GLN E 27 -35.14 -32.67 -59.47
CA GLN E 27 -35.37 -31.23 -59.63
C GLN E 27 -36.83 -30.89 -59.37
N ILE E 28 -37.10 -30.05 -58.38
CA ILE E 28 -38.46 -29.58 -58.11
C ILE E 28 -38.41 -28.12 -57.66
N GLU E 29 -39.39 -27.32 -58.08
CA GLU E 29 -39.33 -25.88 -57.88
C GLU E 29 -39.94 -25.43 -56.53
N VAL E 30 -39.16 -24.71 -55.73
CA VAL E 30 -39.66 -24.07 -54.50
C VAL E 30 -39.54 -22.55 -54.61
N THR E 31 -40.11 -21.79 -53.66
CA THR E 31 -40.12 -20.33 -53.80
C THR E 31 -38.75 -19.66 -53.55
N ASN E 32 -37.89 -20.31 -52.78
CA ASN E 32 -36.62 -19.72 -52.39
C ASN E 32 -35.73 -20.86 -51.90
N ALA E 33 -34.43 -20.65 -51.99
CA ALA E 33 -33.47 -21.59 -51.45
C ALA E 33 -32.18 -20.84 -51.17
N THR E 34 -31.24 -21.49 -50.48
CA THR E 34 -29.95 -20.89 -50.16
C THR E 34 -28.82 -21.86 -50.45
N GLU E 35 -27.68 -21.32 -50.87
CA GLU E 35 -26.59 -22.15 -51.35
C GLU E 35 -25.79 -22.66 -50.17
N LEU E 36 -25.48 -23.97 -50.15
CA LEU E 36 -24.72 -24.55 -49.05
C LEU E 36 -23.26 -24.85 -49.39
N VAL E 37 -22.88 -24.68 -50.65
CA VAL E 37 -21.51 -24.93 -51.07
C VAL E 37 -20.81 -23.61 -51.41
N GLN E 38 -19.77 -23.26 -50.68
CA GLN E 38 -18.96 -22.10 -51.05
C GLN E 38 -18.08 -22.52 -52.21
N SER E 39 -18.28 -21.87 -53.35
CA SER E 39 -17.57 -22.27 -54.57
C SER E 39 -16.60 -21.19 -55.08
N SER E 40 -16.53 -20.06 -54.39
CA SER E 40 -15.65 -18.98 -54.80
C SER E 40 -14.72 -18.46 -53.71
N SER E 41 -13.62 -17.86 -54.15
CA SER E 41 -12.68 -17.16 -53.30
C SER E 41 -12.33 -15.85 -54.01
N THR E 42 -11.98 -14.83 -53.23
CA THR E 42 -11.42 -13.58 -53.77
C THR E 42 -10.11 -13.81 -54.49
N GLY E 43 -9.40 -14.86 -54.11
CA GLY E 43 -8.10 -15.16 -54.68
C GLY E 43 -6.97 -14.60 -53.82
N LYS E 44 -7.32 -14.05 -52.65
CA LYS E 44 -6.33 -13.50 -51.74
C LYS E 44 -6.43 -14.09 -50.34
N ILE E 45 -5.26 -14.35 -49.74
CA ILE E 45 -5.20 -14.79 -48.36
C ILE E 45 -5.26 -13.59 -47.42
N CYS E 46 -6.27 -13.61 -46.56
CA CYS E 46 -6.43 -12.57 -45.56
C CYS E 46 -5.45 -12.75 -44.40
N ASN E 47 -4.82 -11.64 -44.04
CA ASN E 47 -3.80 -11.62 -42.99
C ASN E 47 -4.27 -11.54 -41.54
N ASN E 48 -5.58 -11.51 -41.35
CA ASN E 48 -6.18 -11.60 -40.03
C ASN E 48 -7.36 -12.57 -40.09
N PRO E 49 -7.69 -13.25 -38.96
CA PRO E 49 -7.11 -13.12 -37.63
C PRO E 49 -5.85 -13.95 -37.42
N HIS E 50 -5.50 -14.82 -38.37
CA HIS E 50 -4.38 -15.72 -38.21
C HIS E 50 -3.09 -14.99 -38.57
N ARG E 51 -2.00 -15.32 -37.88
CA ARG E 51 -0.70 -14.74 -38.20
C ARG E 51 -0.10 -15.47 -39.39
N ILE E 52 0.03 -14.73 -40.50
CA ILE E 52 0.53 -15.30 -41.74
C ILE E 52 2.00 -14.91 -41.87
N LEU E 53 2.87 -15.87 -42.19
CA LEU E 53 4.25 -15.55 -42.48
C LEU E 53 4.50 -15.99 -43.91
N ASP E 54 4.74 -15.03 -44.78
CA ASP E 54 5.00 -15.30 -46.19
C ASP E 54 6.45 -15.68 -46.39
N GLY E 55 6.69 -16.89 -46.90
CA GLY E 55 8.05 -17.38 -47.08
C GLY E 55 8.81 -16.70 -48.20
N ILE E 56 8.11 -16.04 -49.12
CA ILE E 56 8.74 -15.38 -50.27
C ILE E 56 9.70 -16.35 -51.00
N ASP E 57 11.02 -16.10 -50.98
CA ASP E 57 11.98 -16.94 -51.69
C ASP E 57 12.44 -18.18 -50.91
N CYS E 58 11.87 -18.42 -49.73
CA CYS E 58 12.37 -19.48 -48.84
C CYS E 58 11.32 -20.54 -48.53
N THR E 59 11.78 -21.79 -48.52
CA THR E 59 11.05 -22.90 -47.93
C THR E 59 11.27 -22.82 -46.44
N LEU E 60 10.41 -23.49 -45.69
CA LEU E 60 10.53 -23.51 -44.24
C LEU E 60 11.82 -24.18 -43.80
N ILE E 61 12.24 -25.23 -44.49
CA ILE E 61 13.49 -25.90 -44.14
C ILE E 61 14.71 -25.01 -44.37
N ASP E 62 14.72 -24.27 -45.46
CA ASP E 62 15.82 -23.33 -45.69
C ASP E 62 15.87 -22.22 -44.65
N ALA E 63 14.71 -21.79 -44.16
CA ALA E 63 14.66 -20.81 -43.09
C ALA E 63 15.20 -21.41 -41.80
N LEU E 64 14.83 -22.67 -41.54
CA LEU E 64 15.27 -23.38 -40.36
C LEU E 64 16.80 -23.49 -40.32
N LEU E 65 17.39 -23.97 -41.40
CA LEU E 65 18.83 -24.23 -41.45
C LEU E 65 19.63 -22.93 -41.44
N GLY E 66 19.06 -21.87 -42.01
CA GLY E 66 19.73 -20.59 -42.03
C GLY E 66 20.54 -20.33 -43.29
N ASP E 67 20.03 -20.82 -44.42
CA ASP E 67 20.48 -20.37 -45.73
C ASP E 67 20.52 -18.84 -45.65
N PRO E 68 21.66 -18.21 -46.03
CA PRO E 68 21.77 -16.77 -45.79
C PRO E 68 20.62 -15.91 -46.30
N HIS E 69 20.12 -16.18 -47.50
CA HIS E 69 19.04 -15.34 -48.01
C HIS E 69 17.70 -15.59 -47.28
N CYS E 70 17.64 -16.60 -46.43
CA CYS E 70 16.49 -16.88 -45.58
C CYS E 70 16.67 -16.44 -44.13
N ASP E 71 17.81 -15.85 -43.78
CA ASP E 71 18.06 -15.51 -42.38
C ASP E 71 17.17 -14.36 -41.87
N VAL E 72 16.48 -13.68 -42.78
N VAL E 72 16.51 -13.66 -42.79
CA VAL E 72 15.49 -12.68 -42.38
CA VAL E 72 15.47 -12.70 -42.42
C VAL E 72 14.33 -13.34 -41.61
C VAL E 72 14.42 -13.36 -41.51
N PHE E 73 14.24 -14.67 -41.68
CA PHE E 73 13.24 -15.43 -40.94
C PHE E 73 13.71 -15.94 -39.57
N GLN E 74 14.91 -15.58 -39.14
CA GLN E 74 15.39 -16.00 -37.83
C GLN E 74 14.44 -15.65 -36.69
N ASN E 75 14.13 -16.64 -35.86
CA ASN E 75 13.29 -16.45 -34.68
C ASN E 75 11.83 -16.06 -34.98
N GLU E 76 11.38 -16.29 -36.22
CA GLU E 76 10.02 -15.89 -36.60
C GLU E 76 9.01 -16.88 -36.06
N THR E 77 7.76 -16.44 -36.00
CA THR E 77 6.67 -17.30 -35.56
C THR E 77 5.52 -17.14 -36.55
N TRP E 78 4.60 -18.10 -36.54
CA TRP E 78 3.48 -18.05 -37.45
C TRP E 78 2.37 -18.95 -36.94
N ASP E 79 1.14 -18.63 -37.34
CA ASP E 79 0.08 -19.60 -37.30
C ASP E 79 0.11 -20.39 -38.62
N LEU E 80 0.27 -19.68 -39.74
CA LEU E 80 0.41 -20.33 -41.04
C LEU E 80 1.60 -19.83 -41.83
N PHE E 81 2.53 -20.73 -42.15
CA PHE E 81 3.65 -20.43 -43.01
C PHE E 81 3.25 -20.70 -44.45
N VAL E 82 3.48 -19.76 -45.35
CA VAL E 82 3.10 -19.89 -46.75
C VAL E 82 4.33 -20.07 -47.63
N GLU E 83 4.50 -21.25 -48.21
CA GLU E 83 5.60 -21.51 -49.12
C GLU E 83 5.22 -21.19 -50.55
N ARG E 84 6.08 -20.45 -51.22
CA ARG E 84 5.86 -20.01 -52.59
C ARG E 84 6.59 -20.91 -53.56
N SER E 85 6.01 -21.10 -54.74
CA SER E 85 6.61 -21.94 -55.77
C SER E 85 7.94 -21.35 -56.26
N LYS E 86 8.15 -20.06 -56.06
CA LYS E 86 9.38 -19.40 -56.50
C LYS E 86 10.54 -19.58 -55.53
N ALA E 87 10.33 -20.27 -54.41
CA ALA E 87 11.39 -20.45 -53.43
C ALA E 87 12.57 -21.17 -54.05
N PHE E 88 13.78 -20.87 -53.59
CA PHE E 88 14.99 -21.54 -54.08
C PHE E 88 16.01 -21.68 -52.96
N SER E 89 16.87 -22.69 -53.05
CA SER E 89 17.97 -22.79 -52.12
C SER E 89 19.18 -22.12 -52.76
N ASN E 90 20.00 -21.46 -51.94
CA ASN E 90 21.21 -20.80 -52.40
C ASN E 90 22.39 -21.06 -51.47
N CYS E 91 22.48 -22.27 -50.90
CA CYS E 91 23.52 -22.58 -49.94
C CYS E 91 24.10 -23.94 -50.24
N TYR E 92 24.72 -24.61 -49.27
CA TYR E 92 25.37 -25.85 -49.59
C TYR E 92 24.30 -26.85 -50.00
N PRO E 93 24.58 -27.62 -51.08
CA PRO E 93 23.54 -28.55 -51.52
C PRO E 93 23.33 -29.67 -50.52
N TYR E 94 22.07 -29.96 -50.23
CA TYR E 94 21.72 -30.83 -49.11
C TYR E 94 20.50 -31.66 -49.45
N ASP E 95 20.31 -32.74 -48.70
CA ASP E 95 19.02 -33.42 -48.70
C ASP E 95 18.64 -33.72 -47.26
N VAL E 96 17.37 -33.99 -47.03
CA VAL E 96 16.90 -34.32 -45.70
C VAL E 96 16.18 -35.65 -45.82
N PRO E 97 16.80 -36.74 -45.34
CA PRO E 97 15.98 -37.96 -45.26
C PRO E 97 14.73 -37.66 -44.45
N ASP E 98 13.57 -38.08 -44.94
CA ASP E 98 12.29 -37.73 -44.30
C ASP E 98 12.08 -36.21 -44.19
N TYR E 99 12.42 -35.51 -45.27
CA TYR E 99 12.15 -34.07 -45.41
C TYR E 99 10.74 -33.72 -44.99
N ALA E 100 9.77 -34.50 -45.43
CA ALA E 100 8.37 -34.17 -45.19
C ALA E 100 8.05 -34.12 -43.70
N SER E 101 8.66 -35.02 -42.93
CA SER E 101 8.41 -35.07 -41.50
C SER E 101 9.01 -33.90 -40.73
N LEU E 102 10.24 -33.51 -41.09
CA LEU E 102 10.88 -32.38 -40.42
C LEU E 102 10.09 -31.11 -40.69
N ARG E 103 9.72 -30.93 -41.96
CA ARG E 103 8.93 -29.80 -42.39
C ARG E 103 7.64 -29.77 -41.59
N SER E 104 7.00 -30.93 -41.43
CA SER E 104 5.74 -31.01 -40.71
C SER E 104 5.85 -30.62 -39.24
N LEU E 105 6.84 -31.16 -38.55
CA LEU E 105 6.95 -30.99 -37.11
C LEU E 105 7.37 -29.58 -36.74
N VAL E 106 8.20 -28.98 -37.60
CA VAL E 106 8.58 -27.58 -37.42
C VAL E 106 7.38 -26.68 -37.71
N ALA E 107 6.63 -27.00 -38.75
CA ALA E 107 5.49 -26.21 -39.15
C ALA E 107 4.47 -26.20 -38.01
N SER E 108 4.33 -27.37 -37.39
CA SER E 108 3.38 -27.56 -36.31
C SER E 108 3.83 -26.86 -35.04
N SER E 109 5.14 -26.86 -34.80
CA SER E 109 5.70 -26.14 -33.68
C SER E 109 5.45 -24.65 -33.80
N GLY E 110 5.55 -24.15 -35.01
CA GLY E 110 5.11 -22.80 -35.31
C GLY E 110 6.10 -21.69 -34.99
N THR E 111 7.35 -22.05 -34.77
CA THR E 111 8.38 -21.06 -34.47
C THR E 111 9.77 -21.53 -34.89
N LEU E 112 10.64 -20.58 -35.24
CA LEU E 112 12.07 -20.82 -35.47
C LEU E 112 12.93 -20.26 -34.33
N GLU E 113 12.34 -19.98 -33.17
CA GLU E 113 13.12 -19.48 -32.04
C GLU E 113 14.29 -20.41 -31.78
N PHE E 114 15.48 -19.84 -31.77
CA PHE E 114 16.70 -20.59 -31.67
C PHE E 114 17.51 -20.02 -30.51
N ILE E 115 18.13 -20.91 -29.74
CA ILE E 115 18.90 -20.55 -28.56
C ILE E 115 20.26 -21.20 -28.77
N THR E 116 21.29 -20.35 -28.89
CA THR E 116 22.64 -20.81 -29.07
C THR E 116 23.14 -21.43 -27.78
N GLU E 117 23.87 -22.52 -27.91
CA GLU E 117 24.54 -23.15 -26.78
C GLU E 117 26.05 -23.18 -26.98
N GLY E 118 26.73 -23.22 -25.85
CA GLY E 118 28.17 -23.14 -25.75
C GLY E 118 28.84 -24.49 -25.90
N PHE E 119 28.58 -25.17 -27.02
CA PHE E 119 29.28 -26.40 -27.30
C PHE E 119 30.77 -26.10 -27.35
N THR E 120 31.56 -27.03 -26.85
CA THR E 120 33.01 -26.95 -26.95
C THR E 120 33.50 -28.04 -27.89
N TRP E 121 34.26 -27.65 -28.91
CA TRP E 121 34.72 -28.59 -29.92
C TRP E 121 36.23 -28.57 -29.85
N THR E 122 36.79 -29.45 -29.02
CA THR E 122 38.20 -29.38 -28.73
C THR E 122 38.95 -30.02 -29.88
N GLY E 123 39.90 -29.30 -30.44
CA GLY E 123 40.82 -29.86 -31.41
C GLY E 123 40.34 -29.86 -32.85
N VAL E 124 39.30 -29.08 -33.16
CA VAL E 124 38.86 -28.90 -34.54
C VAL E 124 38.73 -27.44 -34.88
N THR E 125 38.75 -27.15 -36.18
CA THR E 125 38.48 -25.81 -36.68
C THR E 125 36.99 -25.63 -36.87
N GLN E 126 36.45 -24.52 -36.40
CA GLN E 126 35.02 -24.27 -36.54
C GLN E 126 34.67 -23.31 -37.67
N ASN E 127 33.36 -23.23 -37.89
CA ASN E 127 32.71 -22.21 -38.72
C ASN E 127 33.07 -22.31 -40.18
N GLY E 128 33.21 -23.53 -40.70
CA GLY E 128 33.54 -23.70 -42.10
C GLY E 128 32.48 -23.13 -43.02
N GLY E 129 32.94 -22.71 -44.19
CA GLY E 129 32.08 -22.10 -45.19
C GLY E 129 32.46 -22.47 -46.60
N SER E 130 31.66 -21.97 -47.53
CA SER E 130 31.75 -22.37 -48.91
C SER E 130 31.31 -21.24 -49.81
N ASN E 131 31.90 -21.16 -50.99
CA ASN E 131 31.46 -20.20 -51.98
C ASN E 131 30.17 -20.64 -52.63
N ALA E 132 29.67 -21.81 -52.27
CA ALA E 132 28.34 -22.23 -52.67
C ALA E 132 27.29 -21.55 -51.79
N CYS E 133 27.70 -21.00 -50.65
CA CYS E 133 26.77 -20.38 -49.74
C CYS E 133 27.34 -19.06 -49.27
N LYS E 134 27.33 -18.06 -50.15
CA LYS E 134 27.89 -16.76 -49.81
C LYS E 134 27.05 -16.03 -48.78
N ARG E 135 27.72 -15.35 -47.86
CA ARG E 135 27.06 -14.53 -46.86
C ARG E 135 27.70 -13.17 -47.00
N GLY E 136 26.97 -12.23 -47.57
CA GLY E 136 27.56 -10.97 -47.99
C GLY E 136 28.53 -11.30 -49.11
N PRO E 137 29.66 -10.57 -49.19
CA PRO E 137 30.54 -10.79 -50.35
C PRO E 137 31.33 -12.08 -50.31
N GLY E 138 31.59 -12.61 -49.10
CA GLY E 138 32.43 -13.77 -48.91
C GLY E 138 31.73 -15.12 -48.81
N SER E 139 32.55 -16.17 -48.80
CA SER E 139 32.10 -17.53 -48.55
C SER E 139 31.37 -17.61 -47.20
N GLY E 140 30.42 -18.52 -47.08
CA GLY E 140 29.68 -18.67 -45.84
C GLY E 140 28.99 -20.03 -45.72
N PHE E 141 28.05 -20.11 -44.78
CA PHE E 141 27.38 -21.37 -44.48
C PHE E 141 26.08 -21.11 -43.77
N PHE E 142 25.29 -22.17 -43.59
CA PHE E 142 24.06 -22.10 -42.80
C PHE E 142 24.36 -21.48 -41.45
N SER E 143 23.49 -20.58 -41.00
CA SER E 143 23.70 -19.84 -39.76
C SER E 143 23.54 -20.69 -38.52
N ARG E 144 22.74 -21.75 -38.62
CA ARG E 144 22.40 -22.55 -37.45
C ARG E 144 23.29 -23.77 -37.36
N LEU E 145 24.22 -23.91 -38.31
CA LEU E 145 25.09 -25.06 -38.37
C LEU E 145 26.54 -24.60 -38.35
N ASN E 146 27.43 -25.49 -37.93
CA ASN E 146 28.82 -25.17 -37.66
C ASN E 146 29.64 -26.24 -38.33
N TRP E 147 30.28 -25.92 -39.45
CA TRP E 147 31.00 -26.94 -40.19
C TRP E 147 32.38 -27.17 -39.56
N LEU E 148 32.57 -28.31 -38.91
CA LEU E 148 33.84 -28.60 -38.24
C LEU E 148 34.80 -29.37 -39.13
N THR E 149 36.06 -28.95 -39.12
CA THR E 149 37.15 -29.63 -39.82
C THR E 149 38.40 -29.83 -38.96
N LYS E 150 39.43 -30.45 -39.54
CA LYS E 150 40.66 -30.73 -38.81
C LYS E 150 41.28 -29.43 -38.31
N SER E 151 42.07 -29.54 -37.25
CA SER E 151 42.92 -28.43 -36.81
C SER E 151 44.34 -28.95 -36.86
N GLY E 152 45.19 -28.24 -37.58
CA GLY E 152 46.51 -28.76 -37.91
C GLY E 152 46.42 -30.00 -38.78
N SER E 153 46.99 -31.11 -38.29
CA SER E 153 47.04 -32.36 -39.06
C SER E 153 46.16 -33.48 -38.47
N THR E 154 45.26 -33.13 -37.55
CA THR E 154 44.44 -34.14 -36.89
C THR E 154 42.98 -33.67 -36.72
N TYR E 155 42.10 -34.66 -36.59
CA TYR E 155 40.69 -34.44 -36.26
C TYR E 155 40.42 -35.48 -35.17
N PRO E 156 40.37 -35.06 -33.89
CA PRO E 156 40.21 -36.02 -32.79
C PRO E 156 38.80 -36.58 -32.69
N VAL E 157 38.58 -37.55 -31.81
CA VAL E 157 37.22 -38.01 -31.58
C VAL E 157 36.54 -36.94 -30.75
N LEU E 158 35.56 -36.26 -31.34
CA LEU E 158 34.72 -35.34 -30.59
C LEU E 158 33.72 -36.11 -29.74
N ASN E 159 33.52 -35.66 -28.50
CA ASN E 159 32.62 -36.30 -27.56
C ASN E 159 32.12 -35.21 -26.63
N VAL E 160 30.94 -34.66 -26.91
CA VAL E 160 30.43 -33.52 -26.16
C VAL E 160 29.01 -33.76 -25.71
N THR E 161 28.62 -33.13 -24.61
CA THR E 161 27.26 -33.31 -24.11
C THR E 161 26.62 -31.98 -23.80
N MET E 162 25.30 -31.97 -23.91
CA MET E 162 24.51 -30.79 -23.64
C MET E 162 23.22 -31.24 -22.95
N PRO E 163 23.12 -31.04 -21.63
CA PRO E 163 21.92 -31.51 -20.92
C PRO E 163 20.71 -30.59 -21.14
N ASN E 164 19.50 -31.16 -21.14
CA ASN E 164 18.31 -30.33 -21.12
C ASN E 164 17.80 -30.19 -19.70
N ASN E 165 18.08 -29.04 -19.11
CA ASN E 165 17.65 -28.73 -17.76
C ASN E 165 16.49 -27.73 -17.77
N ASP E 166 15.89 -27.53 -18.94
CA ASP E 166 14.72 -26.68 -19.07
C ASP E 166 13.50 -27.56 -18.99
N ASN E 167 12.32 -26.94 -19.01
CA ASN E 167 11.06 -27.67 -18.92
C ASN E 167 10.32 -27.73 -20.26
N PHE E 168 11.04 -27.53 -21.36
CA PHE E 168 10.47 -27.76 -22.69
C PHE E 168 11.40 -28.65 -23.51
N ASP E 169 10.87 -29.21 -24.59
CA ASP E 169 11.65 -30.01 -25.52
C ASP E 169 12.53 -29.15 -26.43
N LYS E 170 13.75 -29.63 -26.69
CA LYS E 170 14.70 -28.96 -27.58
C LYS E 170 14.79 -29.73 -28.88
N LEU E 171 14.75 -29.01 -30.01
CA LEU E 171 15.00 -29.61 -31.30
C LEU E 171 16.40 -29.22 -31.78
N TYR E 172 17.26 -30.22 -31.96
CA TYR E 172 18.59 -30.04 -32.53
C TYR E 172 18.61 -30.45 -33.99
N ILE E 173 19.07 -29.56 -34.86
CA ILE E 173 19.28 -29.87 -36.27
C ILE E 173 20.79 -29.98 -36.51
N TRP E 174 21.21 -31.06 -37.14
CA TRP E 174 22.64 -31.33 -37.38
C TRP E 174 22.78 -32.03 -38.72
N GLY E 175 24.00 -32.31 -39.14
CA GLY E 175 24.22 -32.87 -40.45
C GLY E 175 25.47 -33.71 -40.59
N VAL E 176 25.61 -34.31 -41.76
CA VAL E 176 26.74 -35.16 -42.08
C VAL E 176 27.19 -34.79 -43.47
N HIS E 177 28.47 -34.53 -43.62
CA HIS E 177 29.01 -34.17 -44.92
C HIS E 177 29.40 -35.41 -45.68
N HIS E 178 28.97 -35.47 -46.94
CA HIS E 178 29.41 -36.50 -47.88
C HIS E 178 30.34 -35.92 -48.92
N PRO E 179 31.64 -36.17 -48.75
CA PRO E 179 32.59 -35.68 -49.74
C PRO E 179 32.52 -36.37 -51.10
N SER E 180 32.92 -35.67 -52.17
CA SER E 180 32.90 -36.25 -53.50
C SER E 180 34.13 -37.11 -53.79
N THR E 181 35.23 -36.87 -53.07
CA THR E 181 36.46 -37.63 -53.28
C THR E 181 37.15 -38.02 -51.96
N ASN E 182 38.00 -39.01 -52.05
CA ASN E 182 38.81 -39.44 -50.91
C ASN E 182 39.80 -38.35 -50.48
N GLN E 183 40.28 -37.60 -51.47
CA GLN E 183 41.17 -36.47 -51.22
C GLN E 183 40.55 -35.49 -50.30
N GLU E 184 39.30 -35.27 -50.60
CA GLU E 184 38.48 -34.42 -49.81
C GLU E 184 38.23 -34.85 -48.40
N GLN E 185 37.89 -36.11 -48.31
CA GLN E 185 37.60 -36.72 -47.04
C GLN E 185 38.77 -36.50 -46.10
N THR E 186 39.96 -36.77 -46.61
CA THR E 186 41.18 -36.75 -45.80
C THR E 186 41.69 -35.35 -45.59
N SER E 187 41.44 -34.50 -46.58
CA SER E 187 41.86 -33.11 -46.53
C SER E 187 41.14 -32.41 -45.39
N LEU E 188 39.85 -32.72 -45.26
CA LEU E 188 39.02 -32.07 -44.26
C LEU E 188 39.11 -32.71 -42.88
N TYR E 189 39.08 -34.03 -42.88
CA TYR E 189 38.77 -34.78 -41.67
C TYR E 189 39.86 -35.74 -41.20
N VAL E 190 40.90 -35.87 -41.99
CA VAL E 190 42.08 -36.72 -41.75
C VAL E 190 41.73 -38.22 -41.82
N GLN E 191 40.70 -38.66 -41.09
CA GLN E 191 40.20 -40.03 -41.17
C GLN E 191 39.72 -40.35 -42.58
N ALA E 192 39.95 -41.57 -43.03
CA ALA E 192 39.56 -41.98 -44.38
C ALA E 192 38.05 -42.19 -44.51
N SER E 193 37.39 -42.48 -43.39
CA SER E 193 35.93 -42.62 -43.36
C SER E 193 35.46 -42.05 -42.02
N GLY E 194 34.44 -41.19 -42.03
CA GLY E 194 33.98 -40.59 -40.79
C GLY E 194 32.80 -41.30 -40.18
N ARG E 195 32.27 -40.70 -39.11
CA ARG E 195 31.09 -41.24 -38.45
C ARG E 195 30.52 -40.14 -37.57
N VAL E 196 29.19 -40.06 -37.52
CA VAL E 196 28.49 -39.17 -36.60
C VAL E 196 27.46 -39.95 -35.82
N THR E 197 27.51 -39.88 -34.50
CA THR E 197 26.53 -40.56 -33.65
C THR E 197 25.94 -39.52 -32.73
N VAL E 198 24.62 -39.36 -32.81
CA VAL E 198 23.95 -38.41 -31.95
C VAL E 198 22.87 -39.19 -31.23
N SER E 199 22.82 -39.03 -29.92
CA SER E 199 21.93 -39.82 -29.10
C SER E 199 21.37 -39.09 -27.90
N THR E 200 20.28 -39.63 -27.38
CA THR E 200 19.73 -39.26 -26.07
C THR E 200 19.75 -40.52 -25.23
N ARG E 201 19.19 -40.45 -24.03
N ARG E 201 19.09 -40.48 -24.06
CA ARG E 201 19.15 -41.62 -23.17
CA ARG E 201 19.13 -41.62 -23.14
C ARG E 201 18.57 -42.79 -23.98
C ARG E 201 18.31 -42.80 -23.63
N ARG E 202 17.41 -42.56 -24.57
CA ARG E 202 16.60 -43.63 -25.18
C ARG E 202 16.58 -43.67 -26.71
N SER E 203 17.40 -42.88 -27.39
CA SER E 203 17.44 -42.92 -28.86
C SER E 203 18.86 -42.72 -29.35
N GLN E 204 19.12 -43.19 -30.57
CA GLN E 204 20.41 -42.98 -31.20
C GLN E 204 20.27 -43.03 -32.70
N GLN E 205 21.08 -42.23 -33.38
CA GLN E 205 21.12 -42.23 -34.83
C GLN E 205 22.57 -42.22 -35.16
N THR E 206 23.04 -43.20 -35.93
CA THR E 206 24.42 -43.11 -36.38
C THR E 206 24.43 -43.11 -37.90
N ILE E 207 25.16 -42.17 -38.46
CA ILE E 207 25.29 -42.01 -39.90
C ILE E 207 26.73 -42.13 -40.32
N ILE E 208 26.98 -42.96 -41.34
CA ILE E 208 28.32 -43.10 -41.90
C ILE E 208 28.31 -42.30 -43.20
N PRO E 209 29.23 -41.31 -43.30
CA PRO E 209 29.22 -40.57 -44.56
C PRO E 209 29.61 -41.47 -45.71
N ASN E 210 29.13 -41.09 -46.87
CA ASN E 210 29.41 -41.84 -48.05
C ASN E 210 30.06 -41.01 -49.16
N ILE E 211 31.29 -41.35 -49.50
CA ILE E 211 32.05 -40.57 -50.47
C ILE E 211 31.67 -40.90 -51.92
N GLY E 212 31.55 -39.87 -52.76
CA GLY E 212 31.34 -40.04 -54.19
C GLY E 212 30.65 -38.83 -54.78
N SER E 213 30.61 -38.72 -56.10
CA SER E 213 29.98 -37.57 -56.75
C SER E 213 28.47 -37.65 -56.84
N ARG E 214 27.85 -36.50 -56.60
CA ARG E 214 26.46 -36.28 -56.94
C ARG E 214 26.45 -35.20 -58.04
N PRO E 215 25.28 -34.86 -58.62
CA PRO E 215 25.30 -33.82 -59.64
C PRO E 215 25.81 -32.48 -59.16
N TRP E 216 26.61 -31.86 -60.01
CA TRP E 216 27.15 -30.54 -59.77
C TRP E 216 26.00 -29.55 -59.46
N VAL E 217 26.04 -28.95 -58.28
CA VAL E 217 25.11 -27.90 -57.89
C VAL E 217 25.86 -26.74 -57.27
N ARG E 218 25.73 -25.53 -57.81
CA ARG E 218 26.49 -24.38 -57.33
C ARG E 218 27.95 -24.74 -57.11
N GLY E 219 28.55 -25.36 -58.10
CA GLY E 219 29.98 -25.67 -58.08
C GLY E 219 30.32 -26.96 -57.36
N LEU E 220 29.33 -27.66 -56.78
CA LEU E 220 29.67 -28.75 -55.88
C LEU E 220 29.07 -30.10 -56.20
N SER E 221 29.90 -31.13 -56.15
N SER E 221 29.88 -31.14 -56.09
CA SER E 221 29.45 -32.50 -56.31
CA SER E 221 29.40 -32.50 -56.24
C SER E 221 29.31 -33.23 -54.97
C SER E 221 29.17 -33.17 -54.88
N SER E 222 29.62 -32.56 -53.85
N SER E 222 29.71 -32.59 -53.80
CA SER E 222 29.44 -33.15 -52.53
CA SER E 222 29.49 -33.12 -52.45
C SER E 222 28.07 -32.77 -51.97
C SER E 222 28.10 -32.73 -51.94
N ARG E 223 27.72 -33.30 -50.82
CA ARG E 223 26.41 -33.06 -50.20
C ARG E 223 26.49 -33.08 -48.69
N ILE E 224 25.51 -32.45 -48.05
CA ILE E 224 25.29 -32.61 -46.62
C ILE E 224 23.91 -33.27 -46.43
N SER E 225 23.80 -34.27 -45.55
CA SER E 225 22.50 -34.83 -45.17
C SER E 225 22.11 -34.32 -43.79
N ILE E 226 20.86 -33.89 -43.67
CA ILE E 226 20.37 -33.27 -42.45
C ILE E 226 19.53 -34.24 -41.63
N TYR E 227 19.81 -34.28 -40.34
CA TYR E 227 19.10 -35.10 -39.38
C TYR E 227 18.65 -34.24 -38.21
N TRP E 228 17.76 -34.76 -37.39
N TRP E 228 17.74 -34.76 -37.41
CA TRP E 228 17.31 -34.02 -36.21
CA TRP E 228 17.22 -34.05 -36.24
C TRP E 228 17.05 -34.93 -35.02
C TRP E 228 17.13 -34.96 -35.02
N THR E 229 17.16 -34.35 -33.83
CA THR E 229 17.01 -35.09 -32.60
C THR E 229 16.29 -34.21 -31.60
N ILE E 230 15.25 -34.74 -30.96
CA ILE E 230 14.56 -34.02 -29.90
C ILE E 230 14.98 -34.52 -28.52
N VAL E 231 15.22 -33.59 -27.60
CA VAL E 231 15.69 -33.92 -26.26
C VAL E 231 14.67 -33.36 -25.28
N LYS E 232 14.09 -34.23 -24.48
CA LYS E 232 13.07 -33.83 -23.50
C LYS E 232 13.68 -33.36 -22.18
N PRO E 233 12.90 -32.64 -21.35
CA PRO E 233 13.40 -32.21 -20.03
C PRO E 233 13.96 -33.37 -19.24
N GLY E 234 15.11 -33.15 -18.62
CA GLY E 234 15.75 -34.19 -17.85
C GLY E 234 16.59 -35.15 -18.68
N ASP E 235 16.48 -35.09 -20.00
CA ASP E 235 17.30 -35.90 -20.89
C ASP E 235 18.56 -35.12 -21.27
N VAL E 236 19.39 -35.68 -22.14
CA VAL E 236 20.68 -35.10 -22.46
C VAL E 236 21.05 -35.50 -23.87
N LEU E 237 21.77 -34.63 -24.57
CA LEU E 237 22.25 -34.90 -25.91
C LEU E 237 23.73 -35.28 -25.80
N VAL E 238 24.14 -36.32 -26.52
CA VAL E 238 25.55 -36.63 -26.70
C VAL E 238 25.85 -36.72 -28.19
N ILE E 239 26.93 -36.06 -28.58
CA ILE E 239 27.38 -36.06 -29.95
C ILE E 239 28.78 -36.64 -29.92
N ASN E 240 28.99 -37.68 -30.72
CA ASN E 240 30.26 -38.38 -30.74
C ASN E 240 30.62 -38.58 -32.21
N SER E 241 31.74 -38.00 -32.65
CA SER E 241 32.13 -38.08 -34.06
C SER E 241 33.65 -38.07 -34.28
N ASN E 242 34.14 -38.82 -35.27
CA ASN E 242 35.54 -38.72 -35.69
C ASN E 242 35.71 -38.16 -37.12
N GLY E 243 34.75 -37.36 -37.59
CA GLY E 243 34.89 -36.66 -38.85
C GLY E 243 33.51 -36.48 -39.48
N ASN E 244 33.36 -35.49 -40.35
CA ASN E 244 32.17 -35.30 -41.20
C ASN E 244 30.96 -34.72 -40.47
N LEU E 245 31.10 -34.38 -39.20
CA LEU E 245 30.01 -33.77 -38.45
C LEU E 245 29.76 -32.33 -38.86
N ILE E 246 28.50 -32.03 -39.20
CA ILE E 246 28.06 -30.66 -39.34
C ILE E 246 27.31 -30.39 -38.06
N ALA E 247 27.95 -29.65 -37.17
CA ALA E 247 27.51 -29.54 -35.80
C ALA E 247 26.37 -28.53 -35.60
N PRO E 248 25.52 -28.77 -34.60
CA PRO E 248 24.55 -27.75 -34.18
C PRO E 248 25.22 -26.62 -33.42
N ARG E 249 24.61 -25.44 -33.44
CA ARG E 249 25.07 -24.31 -32.66
C ARG E 249 24.22 -24.13 -31.41
N GLY E 250 23.16 -24.93 -31.28
CA GLY E 250 22.16 -24.73 -30.26
C GLY E 250 20.91 -25.49 -30.66
N TYR E 251 19.78 -25.08 -30.12
CA TYR E 251 18.53 -25.81 -30.34
C TYR E 251 17.37 -24.88 -30.67
N PHE E 252 16.35 -25.41 -31.33
CA PHE E 252 15.10 -24.69 -31.56
C PHE E 252 14.13 -25.06 -30.43
N LYS E 253 13.45 -24.07 -29.86
CA LYS E 253 12.47 -24.34 -28.82
C LYS E 253 11.20 -24.91 -29.44
N MET E 254 10.76 -26.06 -28.94
N MET E 254 10.72 -26.03 -28.92
CA MET E 254 9.52 -26.67 -29.42
CA MET E 254 9.52 -26.66 -29.47
C MET E 254 8.30 -26.12 -28.72
C MET E 254 8.24 -26.31 -28.72
N ARG E 255 7.23 -25.91 -29.49
CA ARG E 255 5.95 -25.51 -28.97
C ARG E 255 4.88 -26.43 -29.51
N THR E 256 3.72 -26.46 -28.86
CA THR E 256 2.54 -27.11 -29.42
C THR E 256 1.47 -26.05 -29.62
N GLY E 257 0.59 -26.27 -30.58
CA GLY E 257 -0.46 -25.30 -30.87
C GLY E 257 -1.06 -25.49 -32.25
N LYS E 258 -1.58 -24.41 -32.79
CA LYS E 258 -2.41 -24.47 -33.99
C LYS E 258 -1.65 -24.18 -35.29
N SER E 259 -0.33 -24.10 -35.24
CA SER E 259 0.41 -23.68 -36.42
C SER E 259 0.49 -24.76 -37.52
N SER E 260 0.60 -24.32 -38.77
CA SER E 260 0.77 -25.20 -39.92
C SER E 260 1.49 -24.49 -41.05
N ILE E 261 1.51 -25.12 -42.22
CA ILE E 261 2.21 -24.61 -43.40
C ILE E 261 1.30 -24.93 -44.58
N MET E 262 1.35 -24.13 -45.64
CA MET E 262 0.50 -24.35 -46.81
C MET E 262 1.29 -23.91 -48.02
N ARG E 263 1.14 -24.61 -49.13
CA ARG E 263 1.74 -24.16 -50.37
C ARG E 263 0.69 -23.36 -51.16
N SER E 264 1.04 -22.13 -51.51
CA SER E 264 0.13 -21.26 -52.24
C SER E 264 0.94 -20.18 -52.94
N ASP E 265 0.46 -19.76 -54.10
CA ASP E 265 0.96 -18.56 -54.76
C ASP E 265 0.02 -17.37 -54.63
N ALA E 266 -1.02 -17.48 -53.79
CA ALA E 266 -1.99 -16.40 -53.62
C ALA E 266 -1.37 -15.20 -52.91
N PRO E 267 -1.66 -13.98 -53.39
CA PRO E 267 -1.15 -12.81 -52.64
C PRO E 267 -1.81 -12.71 -51.28
N ILE E 268 -1.16 -12.00 -50.35
N ILE E 268 -1.07 -12.18 -50.31
CA ILE E 268 -1.71 -11.78 -49.00
CA ILE E 268 -1.64 -11.86 -49.02
C ILE E 268 -2.27 -10.36 -48.85
C ILE E 268 -2.30 -10.50 -49.21
N ASP E 269 -3.58 -10.25 -48.60
N ASP E 269 -3.27 -10.17 -48.37
CA ASP E 269 -4.25 -8.95 -48.51
CA ASP E 269 -3.89 -8.84 -48.36
C ASP E 269 -4.51 -8.53 -47.05
C ASP E 269 -4.52 -8.54 -47.01
N THR E 270 -4.98 -7.31 -46.87
CA THR E 270 -5.47 -6.83 -45.58
C THR E 270 -7.00 -6.89 -45.54
N CYS E 271 -7.48 -7.87 -44.78
CA CYS E 271 -8.89 -8.21 -44.70
C CYS E 271 -8.96 -9.30 -43.63
N ILE E 272 -10.17 -9.74 -43.28
CA ILE E 272 -10.32 -10.67 -42.18
C ILE E 272 -11.06 -11.91 -42.66
N SER E 273 -10.48 -13.09 -42.46
CA SER E 273 -11.18 -14.35 -42.73
C SER E 273 -10.62 -15.50 -41.92
N GLU E 274 -11.50 -16.29 -41.30
CA GLU E 274 -11.07 -17.43 -40.51
C GLU E 274 -10.53 -18.58 -41.36
N CYS E 275 -11.03 -18.73 -42.58
CA CYS E 275 -10.70 -19.90 -43.42
C CYS E 275 -9.80 -19.54 -44.59
N ILE E 276 -8.69 -20.26 -44.70
CA ILE E 276 -7.68 -20.05 -45.72
C ILE E 276 -7.53 -21.31 -46.56
N THR E 277 -7.52 -21.15 -47.88
CA THR E 277 -7.23 -22.24 -48.80
C THR E 277 -6.07 -21.79 -49.67
N PRO E 278 -5.43 -22.71 -50.40
CA PRO E 278 -4.34 -22.28 -51.29
C PRO E 278 -4.82 -21.30 -52.38
N ASN E 279 -6.12 -21.34 -52.69
CA ASN E 279 -6.71 -20.43 -53.67
C ASN E 279 -6.90 -19.03 -53.12
N GLY E 280 -6.76 -18.86 -51.82
CA GLY E 280 -7.15 -17.63 -51.15
C GLY E 280 -8.12 -17.96 -50.03
N SER E 281 -8.42 -16.96 -49.22
CA SER E 281 -9.40 -17.13 -48.17
C SER E 281 -10.79 -17.35 -48.73
N ILE E 282 -11.64 -18.03 -47.96
CA ILE E 282 -13.05 -18.16 -48.31
C ILE E 282 -13.97 -17.90 -47.12
N PRO E 283 -15.19 -17.38 -47.38
CA PRO E 283 -16.20 -17.28 -46.32
C PRO E 283 -16.53 -18.63 -45.70
N ASN E 284 -16.88 -18.63 -44.41
CA ASN E 284 -17.25 -19.85 -43.70
C ASN E 284 -18.70 -19.86 -43.21
N ASP E 285 -19.56 -19.06 -43.82
CA ASP E 285 -20.97 -19.11 -43.45
C ASP E 285 -21.66 -20.37 -43.96
N LYS E 286 -21.19 -20.94 -45.06
CA LYS E 286 -21.80 -22.17 -45.54
C LYS E 286 -21.08 -23.38 -44.94
N PRO E 287 -21.82 -24.50 -44.79
CA PRO E 287 -21.29 -25.72 -44.17
C PRO E 287 -20.34 -26.49 -45.07
N PHE E 288 -20.43 -26.27 -46.38
CA PHE E 288 -19.59 -26.99 -47.34
C PHE E 288 -18.89 -26.06 -48.32
N GLN E 289 -17.85 -26.58 -48.96
CA GLN E 289 -17.12 -25.83 -49.99
C GLN E 289 -16.51 -26.77 -51.04
N ASN E 290 -16.35 -26.25 -52.26
CA ASN E 290 -15.75 -26.99 -53.35
C ASN E 290 -14.49 -26.27 -53.88
N VAL E 291 -13.91 -25.41 -53.05
CA VAL E 291 -12.76 -24.63 -53.53
C VAL E 291 -11.46 -25.43 -53.50
N ASN E 292 -11.15 -26.03 -52.36
CA ASN E 292 -9.92 -26.81 -52.26
C ASN E 292 -10.04 -27.76 -51.08
N LYS E 293 -9.58 -28.99 -51.25
CA LYS E 293 -9.53 -29.93 -50.13
C LYS E 293 -8.51 -29.49 -49.08
N ILE E 294 -7.55 -28.66 -49.48
CA ILE E 294 -6.59 -28.07 -48.55
C ILE E 294 -7.17 -26.82 -47.91
N THR E 295 -7.30 -26.85 -46.58
CA THR E 295 -7.77 -25.70 -45.84
C THR E 295 -7.08 -25.55 -44.48
N TYR E 296 -7.19 -24.36 -43.91
CA TYR E 296 -6.66 -24.04 -42.60
C TYR E 296 -7.62 -23.13 -41.86
N GLY E 297 -7.97 -23.46 -40.62
CA GLY E 297 -8.81 -22.59 -39.82
C GLY E 297 -10.23 -23.10 -39.70
N ALA E 298 -11.16 -22.21 -39.38
CA ALA E 298 -12.55 -22.61 -39.28
C ALA E 298 -13.20 -22.60 -40.65
N CYS E 299 -13.29 -23.78 -41.24
CA CYS E 299 -13.56 -23.91 -42.66
C CYS E 299 -14.77 -24.82 -42.92
N PRO E 300 -15.55 -24.52 -43.97
CA PRO E 300 -16.55 -25.50 -44.41
C PRO E 300 -15.87 -26.80 -44.83
N LYS E 301 -16.62 -27.90 -44.81
CA LYS E 301 -16.08 -29.19 -45.21
C LYS E 301 -16.01 -29.32 -46.73
N TYR E 302 -14.92 -29.88 -47.24
CA TYR E 302 -14.79 -29.99 -48.69
C TYR E 302 -15.69 -31.10 -49.22
N VAL E 303 -16.45 -30.79 -50.27
CA VAL E 303 -17.28 -31.75 -50.96
C VAL E 303 -17.07 -31.64 -52.47
N LYS E 304 -17.52 -32.64 -53.20
CA LYS E 304 -17.32 -32.71 -54.65
C LYS E 304 -18.29 -31.86 -55.45
N GLN E 305 -19.50 -31.67 -54.92
CA GLN E 305 -20.55 -30.96 -55.62
C GLN E 305 -20.17 -29.50 -55.71
N ASN E 306 -20.49 -28.84 -56.81
CA ASN E 306 -20.19 -27.43 -56.92
C ASN E 306 -21.37 -26.58 -56.48
N THR E 307 -22.53 -27.20 -56.28
CA THR E 307 -23.70 -26.51 -55.75
C THR E 307 -24.63 -27.47 -55.02
N LEU E 308 -25.19 -27.02 -53.91
CA LEU E 308 -26.26 -27.75 -53.23
C LEU E 308 -27.25 -26.75 -52.64
N LYS E 309 -28.50 -26.81 -53.09
CA LYS E 309 -29.49 -25.81 -52.67
C LYS E 309 -30.40 -26.36 -51.56
N LEU E 310 -30.47 -25.62 -50.47
CA LEU E 310 -31.40 -25.89 -49.38
C LEU E 310 -32.68 -25.07 -49.54
N ALA E 311 -33.82 -25.73 -49.74
CA ALA E 311 -35.08 -25.00 -49.84
C ALA E 311 -35.31 -24.18 -48.58
N THR E 312 -35.75 -22.94 -48.80
CA THR E 312 -36.15 -22.02 -47.73
C THR E 312 -37.57 -21.53 -47.95
N GLY E 313 -38.36 -22.27 -48.72
CA GLY E 313 -39.72 -21.89 -49.02
C GLY E 313 -40.54 -23.07 -49.51
N MET E 314 -41.85 -22.86 -49.67
CA MET E 314 -42.71 -23.94 -50.10
C MET E 314 -42.58 -24.21 -51.60
N ARG E 315 -43.24 -25.25 -52.07
N ARG E 315 -43.23 -25.27 -52.08
CA ARG E 315 -43.35 -25.55 -53.49
CA ARG E 315 -43.35 -25.53 -53.51
C ARG E 315 -43.91 -24.34 -54.24
C ARG E 315 -43.89 -24.30 -54.22
N ASN E 316 -43.30 -23.97 -55.36
CA ASN E 316 -43.75 -22.84 -56.15
C ASN E 316 -44.69 -23.36 -57.24
N VAL E 317 -45.97 -23.04 -57.11
CA VAL E 317 -47.02 -23.58 -57.98
C VAL E 317 -47.83 -22.43 -58.59
N PRO E 318 -47.24 -21.65 -59.50
CA PRO E 318 -48.03 -20.52 -60.01
C PRO E 318 -49.19 -20.93 -60.91
N GLU E 319 -49.05 -22.08 -61.59
CA GLU E 319 -50.06 -22.55 -62.51
C GLU E 319 -50.53 -23.93 -62.07
N LYS E 320 -51.76 -24.26 -62.48
CA LYS E 320 -52.41 -25.54 -62.15
C LYS E 320 -51.44 -26.70 -62.04
N GLY F 1 -47.05 -33.05 -52.09
CA GLY F 1 -46.61 -33.19 -50.67
C GLY F 1 -47.49 -34.19 -49.95
N LEU F 2 -47.13 -34.55 -48.74
CA LEU F 2 -47.85 -35.60 -48.04
C LEU F 2 -49.30 -35.24 -47.72
N PHE F 3 -49.56 -33.95 -47.55
CA PHE F 3 -50.86 -33.50 -47.08
C PHE F 3 -51.87 -33.15 -48.17
N GLY F 4 -51.40 -32.96 -49.40
CA GLY F 4 -52.30 -32.81 -50.52
C GLY F 4 -52.98 -31.46 -50.62
N ALA F 5 -52.44 -30.45 -49.94
CA ALA F 5 -53.00 -29.11 -50.03
C ALA F 5 -52.28 -28.32 -51.12
N ILE F 6 -51.00 -28.04 -50.91
CA ILE F 6 -50.21 -27.31 -51.90
C ILE F 6 -49.97 -28.25 -53.08
N ALA F 7 -50.23 -27.74 -54.29
CA ALA F 7 -50.18 -28.54 -55.51
C ALA F 7 -51.15 -29.71 -55.37
N GLY F 8 -52.23 -29.45 -54.64
CA GLY F 8 -53.26 -30.42 -54.32
C GLY F 8 -54.65 -29.84 -54.46
N PHE F 9 -55.44 -29.95 -53.39
CA PHE F 9 -56.79 -29.40 -53.40
C PHE F 9 -56.76 -27.88 -53.53
N ILE F 10 -55.65 -27.26 -53.14
N ILE F 10 -55.67 -27.27 -53.09
CA ILE F 10 -55.43 -25.87 -53.53
CA ILE F 10 -55.34 -25.91 -53.50
C ILE F 10 -54.64 -25.96 -54.83
C ILE F 10 -54.67 -26.09 -54.86
N GLU F 11 -55.31 -25.62 -55.92
CA GLU F 11 -54.85 -25.93 -57.27
C GLU F 11 -53.52 -25.26 -57.65
N ASN F 12 -53.31 -24.05 -57.15
CA ASN F 12 -52.08 -23.34 -57.39
C ASN F 12 -51.87 -22.26 -56.34
N GLY F 13 -50.67 -21.71 -56.29
CA GLY F 13 -50.36 -20.60 -55.42
C GLY F 13 -50.78 -19.28 -56.02
N TRP F 14 -50.73 -18.23 -55.22
CA TRP F 14 -51.15 -16.89 -55.62
C TRP F 14 -49.96 -15.97 -55.75
N GLU F 15 -49.60 -15.65 -56.98
CA GLU F 15 -48.56 -14.67 -57.19
C GLU F 15 -48.99 -13.32 -56.64
N GLY F 16 -50.30 -13.10 -56.51
CA GLY F 16 -50.82 -11.85 -56.01
C GLY F 16 -50.86 -11.76 -54.50
N MET F 17 -50.61 -12.86 -53.80
N MET F 17 -50.52 -12.86 -53.81
CA MET F 17 -50.50 -12.78 -52.35
CA MET F 17 -50.44 -12.89 -52.34
C MET F 17 -49.07 -12.53 -52.06
C MET F 17 -49.05 -12.55 -51.93
N ILE F 18 -48.82 -11.27 -51.75
CA ILE F 18 -47.48 -10.84 -51.56
C ILE F 18 -47.04 -10.47 -50.16
N ASP F 19 -47.94 -10.54 -49.21
CA ASP F 19 -47.62 -10.15 -47.82
C ASP F 19 -47.69 -11.17 -46.74
N GLY F 20 -47.62 -12.42 -47.17
CA GLY F 20 -47.64 -13.53 -46.28
C GLY F 20 -47.44 -14.73 -47.17
N TRP F 21 -47.23 -15.86 -46.53
CA TRP F 21 -47.02 -17.12 -47.22
C TRP F 21 -48.37 -17.81 -47.39
N TYR F 22 -49.28 -17.59 -46.43
CA TYR F 22 -50.60 -18.20 -46.42
C TYR F 22 -51.62 -17.11 -46.17
N GLY F 23 -52.83 -17.30 -46.63
CA GLY F 23 -53.85 -16.30 -46.38
C GLY F 23 -55.22 -16.63 -46.92
N PHE F 24 -56.02 -15.58 -47.04
CA PHE F 24 -57.44 -15.67 -47.31
C PHE F 24 -57.78 -14.76 -48.48
N ARG F 25 -58.68 -15.21 -49.34
CA ARG F 25 -59.34 -14.30 -50.28
C ARG F 25 -60.83 -14.48 -50.05
N HIS F 26 -61.59 -13.40 -50.15
CA HIS F 26 -63.01 -13.49 -49.88
C HIS F 26 -63.80 -12.72 -50.90
N GLN F 27 -65.07 -13.10 -51.03
CA GLN F 27 -66.08 -12.32 -51.71
C GLN F 27 -67.32 -12.27 -50.82
N ASN F 28 -67.84 -11.07 -50.62
CA ASN F 28 -69.05 -10.88 -49.84
C ASN F 28 -69.88 -9.72 -50.38
N SER F 29 -70.88 -9.25 -49.64
CA SER F 29 -71.75 -8.20 -50.14
C SER F 29 -71.03 -6.86 -50.30
N GLU F 30 -69.86 -6.72 -49.67
CA GLU F 30 -69.12 -5.45 -49.75
C GLU F 30 -67.97 -5.50 -50.74
N GLY F 31 -67.81 -6.62 -51.45
CA GLY F 31 -66.80 -6.72 -52.49
C GLY F 31 -65.96 -7.95 -52.26
N THR F 32 -64.68 -7.84 -52.61
CA THR F 32 -63.74 -8.94 -52.49
C THR F 32 -62.51 -8.39 -51.80
N GLY F 33 -61.69 -9.27 -51.28
CA GLY F 33 -60.45 -8.80 -50.66
C GLY F 33 -59.50 -9.94 -50.40
N GLN F 34 -58.32 -9.59 -49.90
CA GLN F 34 -57.30 -10.57 -49.58
C GLN F 34 -56.58 -10.11 -48.32
N ALA F 35 -56.19 -11.07 -47.49
CA ALA F 35 -55.40 -10.75 -46.30
C ALA F 35 -54.46 -11.92 -46.00
N ALA F 36 -53.20 -11.60 -45.70
CA ALA F 36 -52.27 -12.60 -45.23
C ALA F 36 -52.70 -13.11 -43.87
N ASP F 37 -52.48 -14.40 -43.62
CA ASP F 37 -52.59 -14.95 -42.28
C ASP F 37 -51.19 -14.93 -41.66
N LEU F 38 -51.00 -14.12 -40.62
N LEU F 38 -51.01 -14.14 -40.62
CA LEU F 38 -49.68 -13.90 -40.06
CA LEU F 38 -49.69 -13.88 -40.04
C LEU F 38 -49.16 -15.09 -39.27
C LEU F 38 -49.15 -15.08 -39.27
N LYS F 39 -50.04 -15.76 -38.53
CA LYS F 39 -49.64 -16.86 -37.66
C LYS F 39 -49.09 -18.08 -38.41
N SER F 40 -49.79 -18.50 -39.46
N SER F 40 -49.76 -18.49 -39.49
CA SER F 40 -49.34 -19.63 -40.28
CA SER F 40 -49.29 -19.63 -40.27
C SER F 40 -48.05 -19.29 -41.06
C SER F 40 -48.01 -19.29 -41.04
N THR F 41 -47.98 -18.08 -41.59
CA THR F 41 -46.81 -17.60 -42.32
C THR F 41 -45.61 -17.63 -41.40
N GLN F 42 -45.80 -17.16 -40.18
CA GLN F 42 -44.71 -17.04 -39.23
C GLN F 42 -44.32 -18.43 -38.72
N ALA F 43 -45.27 -19.35 -38.64
CA ALA F 43 -44.94 -20.71 -38.19
C ALA F 43 -44.02 -21.40 -39.19
N ALA F 44 -44.34 -21.26 -40.47
CA ALA F 44 -43.50 -21.85 -41.53
C ALA F 44 -42.13 -21.18 -41.57
N ILE F 45 -42.12 -19.86 -41.53
CA ILE F 45 -40.88 -19.09 -41.59
C ILE F 45 -40.01 -19.48 -40.40
N ASP F 46 -40.64 -19.70 -39.24
CA ASP F 46 -39.89 -19.98 -38.02
C ASP F 46 -39.27 -21.36 -38.11
N GLN F 47 -40.00 -22.32 -38.69
CA GLN F 47 -39.44 -23.64 -38.86
C GLN F 47 -38.29 -23.69 -39.84
N ILE F 48 -38.42 -22.97 -40.95
N ILE F 48 -38.41 -22.93 -40.93
CA ILE F 48 -37.38 -22.95 -41.98
CA ILE F 48 -37.37 -22.91 -41.98
C ILE F 48 -36.11 -22.25 -41.49
C ILE F 48 -36.12 -22.21 -41.51
N ASN F 49 -36.29 -21.18 -40.71
CA ASN F 49 -35.16 -20.48 -40.14
C ASN F 49 -34.50 -21.35 -39.08
N GLY F 50 -35.31 -22.14 -38.37
CA GLY F 50 -34.79 -23.07 -37.39
C GLY F 50 -33.87 -24.09 -38.03
N LYS F 51 -34.32 -24.73 -39.10
N LYS F 51 -34.34 -24.67 -39.13
CA LYS F 51 -33.50 -25.75 -39.74
CA LYS F 51 -33.60 -25.71 -39.87
C LYS F 51 -32.29 -25.15 -40.46
C LYS F 51 -32.31 -25.11 -40.39
N LEU F 52 -32.44 -23.93 -40.99
CA LEU F 52 -31.34 -23.26 -41.65
C LEU F 52 -30.25 -22.99 -40.62
N ASN F 53 -30.66 -22.53 -39.44
CA ASN F 53 -29.71 -22.20 -38.39
C ASN F 53 -29.04 -23.44 -37.84
N ARG F 54 -29.74 -24.56 -37.82
CA ARG F 54 -29.08 -25.81 -37.44
C ARG F 54 -28.04 -26.24 -38.45
N VAL F 55 -28.33 -26.08 -39.73
CA VAL F 55 -27.42 -26.51 -40.79
C VAL F 55 -26.17 -25.64 -40.96
N ILE F 56 -26.29 -24.33 -40.78
CA ILE F 56 -25.17 -23.43 -41.08
C ILE F 56 -24.38 -23.10 -39.82
N GLU F 57 -24.76 -23.71 -38.70
CA GLU F 57 -24.07 -23.59 -37.43
C GLU F 57 -22.68 -24.23 -37.45
N LYS F 58 -21.73 -23.58 -36.79
CA LYS F 58 -20.49 -24.24 -36.36
C LYS F 58 -19.75 -25.00 -37.45
N THR F 59 -19.03 -24.31 -38.33
CA THR F 59 -18.02 -25.06 -39.06
C THR F 59 -17.01 -25.57 -38.04
N ASN F 60 -16.40 -26.71 -38.36
CA ASN F 60 -15.27 -27.24 -37.62
C ASN F 60 -14.00 -26.39 -37.79
N GLU F 61 -13.18 -26.32 -36.74
CA GLU F 61 -11.89 -25.65 -36.86
C GLU F 61 -10.80 -26.70 -36.85
N LYS F 62 -10.01 -26.74 -37.92
CA LYS F 62 -8.88 -27.66 -38.04
C LYS F 62 -7.61 -26.91 -38.38
N PHE F 63 -6.47 -27.41 -37.89
CA PHE F 63 -5.21 -26.70 -38.09
C PHE F 63 -4.18 -27.54 -38.85
N HIS F 64 -3.19 -28.12 -38.18
CA HIS F 64 -2.23 -28.96 -38.88
C HIS F 64 -2.89 -30.29 -39.21
N GLN F 65 -2.82 -30.67 -40.48
CA GLN F 65 -3.47 -31.87 -41.00
C GLN F 65 -2.40 -32.69 -41.74
N ILE F 66 -2.77 -33.38 -42.81
CA ILE F 66 -1.83 -34.12 -43.64
C ILE F 66 -1.74 -33.42 -44.98
N GLU F 67 -0.66 -33.66 -45.72
CA GLU F 67 -0.56 -33.14 -47.08
C GLU F 67 -1.53 -33.85 -48.04
N LYS F 68 -2.04 -33.11 -49.01
CA LYS F 68 -3.06 -33.60 -49.94
C LYS F 68 -2.68 -33.49 -51.42
N GLU F 69 -1.56 -32.83 -51.71
CA GLU F 69 -0.96 -32.81 -53.03
C GLU F 69 0.52 -33.17 -52.96
N PHE F 70 1.05 -33.79 -54.02
CA PHE F 70 2.40 -34.33 -53.96
C PHE F 70 3.18 -34.09 -55.24
N SER F 71 4.46 -33.73 -55.08
CA SER F 71 5.31 -33.40 -56.21
C SER F 71 6.24 -34.55 -56.65
N GLU F 72 6.29 -35.65 -55.89
CA GLU F 72 7.12 -36.80 -56.27
C GLU F 72 6.29 -38.06 -56.09
N VAL F 73 6.48 -39.04 -56.96
CA VAL F 73 5.90 -40.36 -56.70
C VAL F 73 6.60 -40.99 -55.50
N GLU F 74 5.81 -41.50 -54.56
CA GLU F 74 6.37 -42.15 -53.37
C GLU F 74 5.87 -43.55 -53.05
N GLY F 75 4.77 -43.98 -53.64
CA GLY F 75 4.28 -45.30 -53.35
C GLY F 75 3.40 -45.31 -52.11
N ARG F 76 3.68 -46.28 -51.24
CA ARG F 76 2.77 -46.78 -50.20
C ARG F 76 2.19 -45.75 -49.27
N ILE F 77 3.06 -44.90 -48.71
N ILE F 77 3.06 -44.90 -48.73
CA ILE F 77 2.62 -43.91 -47.75
CA ILE F 77 2.60 -43.93 -47.75
C ILE F 77 1.77 -42.85 -48.43
C ILE F 77 1.76 -42.86 -48.44
N GLN F 78 2.18 -42.42 -49.62
CA GLN F 78 1.38 -41.49 -50.39
C GLN F 78 0.06 -42.10 -50.83
N ASP F 79 0.09 -43.36 -51.21
CA ASP F 79 -1.12 -44.07 -51.58
C ASP F 79 -2.13 -43.98 -50.45
N LEU F 80 -1.66 -44.26 -49.25
CA LEU F 80 -2.52 -44.23 -48.07
C LEU F 80 -3.04 -42.82 -47.74
N GLU F 81 -2.19 -41.80 -47.77
CA GLU F 81 -2.64 -40.41 -47.53
C GLU F 81 -3.72 -39.99 -48.51
N LYS F 82 -3.54 -40.35 -49.77
CA LYS F 82 -4.47 -39.94 -50.81
C LYS F 82 -5.76 -40.71 -50.67
N TYR F 83 -5.67 -41.97 -50.25
CA TYR F 83 -6.86 -42.78 -50.07
C TYR F 83 -7.69 -42.30 -48.89
N VAL F 84 -7.01 -41.90 -47.82
CA VAL F 84 -7.66 -41.38 -46.63
C VAL F 84 -8.41 -40.12 -46.99
N GLU F 85 -7.77 -39.24 -47.73
CA GLU F 85 -8.42 -38.00 -48.12
C GLU F 85 -9.58 -38.24 -49.08
N ASP F 86 -9.39 -39.13 -50.03
CA ASP F 86 -10.41 -39.44 -51.04
C ASP F 86 -11.66 -40.04 -50.39
N THR F 87 -11.43 -40.90 -49.42
CA THR F 87 -12.48 -41.58 -48.68
C THR F 87 -13.28 -40.56 -47.85
N LYS F 88 -12.56 -39.68 -47.17
CA LYS F 88 -13.18 -38.63 -46.36
C LYS F 88 -14.06 -37.75 -47.20
N ILE F 89 -13.57 -37.33 -48.34
CA ILE F 89 -14.28 -36.39 -49.18
C ILE F 89 -15.54 -37.07 -49.68
N ASP F 90 -15.42 -38.36 -50.01
CA ASP F 90 -16.56 -39.09 -50.54
C ASP F 90 -17.68 -39.25 -49.51
N LEU F 91 -17.30 -39.51 -48.27
CA LEU F 91 -18.26 -39.58 -47.17
C LEU F 91 -18.96 -38.26 -46.88
N TRP F 92 -18.20 -37.16 -46.83
CA TRP F 92 -18.82 -35.84 -46.60
C TRP F 92 -19.71 -35.41 -47.74
N SER F 93 -19.33 -35.76 -48.96
CA SER F 93 -20.10 -35.40 -50.13
C SER F 93 -21.42 -36.14 -50.04
N TYR F 94 -21.37 -37.40 -49.60
CA TYR F 94 -22.59 -38.16 -49.38
C TYR F 94 -23.46 -37.52 -48.31
N ASN F 95 -22.85 -37.11 -47.22
CA ASN F 95 -23.59 -36.49 -46.13
C ASN F 95 -24.28 -35.24 -46.64
N ALA F 96 -23.61 -34.47 -47.48
CA ALA F 96 -24.15 -33.21 -47.97
C ALA F 96 -25.36 -33.44 -48.89
N GLU F 97 -25.23 -34.39 -49.82
CA GLU F 97 -26.29 -34.71 -50.77
C GLU F 97 -27.54 -35.19 -50.02
N LEU F 98 -27.32 -36.10 -49.06
CA LEU F 98 -28.40 -36.69 -48.30
C LEU F 98 -29.03 -35.64 -47.41
N LEU F 99 -28.21 -34.77 -46.85
CA LEU F 99 -28.70 -33.77 -45.93
C LEU F 99 -29.67 -32.86 -46.65
N VAL F 100 -29.31 -32.36 -47.82
CA VAL F 100 -30.20 -31.46 -48.53
C VAL F 100 -31.45 -32.17 -49.05
N ALA F 101 -31.31 -33.41 -49.49
CA ALA F 101 -32.49 -34.17 -49.92
C ALA F 101 -33.54 -34.34 -48.80
N LEU F 102 -33.10 -34.71 -47.61
CA LEU F 102 -34.01 -34.95 -46.49
C LEU F 102 -34.63 -33.66 -46.02
N GLU F 103 -33.81 -32.62 -45.89
CA GLU F 103 -34.31 -31.34 -45.43
C GLU F 103 -35.35 -30.81 -46.40
N ASN F 104 -35.08 -30.91 -47.68
CA ASN F 104 -35.95 -30.33 -48.68
C ASN F 104 -37.28 -31.08 -48.77
N GLN F 105 -37.22 -32.41 -48.68
CA GLN F 105 -38.44 -33.19 -48.66
C GLN F 105 -39.29 -32.74 -47.47
N HIS F 106 -38.63 -32.56 -46.33
CA HIS F 106 -39.31 -32.17 -45.11
C HIS F 106 -39.82 -30.72 -45.18
N THR F 107 -39.11 -29.83 -45.88
CA THR F 107 -39.53 -28.44 -46.03
C THR F 107 -40.80 -28.30 -46.84
N ILE F 108 -40.86 -29.09 -47.91
CA ILE F 108 -42.02 -29.16 -48.77
C ILE F 108 -43.19 -29.72 -47.98
N ASP F 109 -42.90 -30.76 -47.23
CA ASP F 109 -43.91 -31.39 -46.41
C ASP F 109 -44.41 -30.53 -45.26
N LEU F 110 -43.55 -29.70 -44.65
CA LEU F 110 -43.98 -28.90 -43.50
C LEU F 110 -44.79 -27.70 -43.94
N THR F 111 -44.43 -27.14 -45.10
CA THR F 111 -45.19 -26.03 -45.66
C THR F 111 -46.57 -26.46 -46.15
N ASP F 112 -46.62 -27.64 -46.78
CA ASP F 112 -47.86 -28.28 -47.17
C ASP F 112 -48.73 -28.50 -45.93
N SER F 113 -48.09 -28.99 -44.87
CA SER F 113 -48.74 -29.22 -43.60
C SER F 113 -49.36 -27.93 -43.04
N GLU F 114 -48.61 -26.83 -43.04
CA GLU F 114 -49.12 -25.57 -42.50
C GLU F 114 -50.34 -25.05 -43.26
N MET F 115 -50.31 -25.21 -44.58
CA MET F 115 -51.44 -24.85 -45.42
C MET F 115 -52.66 -25.67 -44.95
N ASN F 116 -52.45 -26.97 -44.77
CA ASN F 116 -53.55 -27.84 -44.37
C ASN F 116 -54.06 -27.49 -42.97
N LYS F 117 -53.18 -27.09 -42.07
CA LYS F 117 -53.62 -26.77 -40.70
C LYS F 117 -54.48 -25.52 -40.66
N LEU F 118 -54.10 -24.51 -41.44
CA LEU F 118 -54.89 -23.29 -41.52
C LEU F 118 -56.28 -23.57 -42.09
N PHE F 119 -56.33 -24.36 -43.16
CA PHE F 119 -57.61 -24.74 -43.77
C PHE F 119 -58.52 -25.46 -42.76
N GLU F 120 -57.96 -26.43 -42.04
CA GLU F 120 -58.73 -27.21 -41.08
C GLU F 120 -59.22 -26.33 -39.93
N LYS F 121 -58.39 -25.38 -39.51
CA LYS F 121 -58.74 -24.51 -38.39
C LYS F 121 -59.92 -23.63 -38.77
N THR F 122 -59.88 -23.12 -40.00
CA THR F 122 -60.94 -22.26 -40.52
C THR F 122 -62.27 -23.04 -40.59
N GLY F 123 -62.20 -24.25 -41.15
CA GLY F 123 -63.34 -25.14 -41.21
C GLY F 123 -63.95 -25.34 -39.83
N ARG F 124 -63.09 -25.56 -38.84
CA ARG F 124 -63.55 -25.79 -37.48
C ARG F 124 -64.25 -24.56 -36.89
N GLN F 125 -63.75 -23.37 -37.22
CA GLN F 125 -64.41 -22.15 -36.76
C GLN F 125 -65.81 -22.07 -37.34
N LEU F 126 -65.94 -22.40 -38.63
CA LEU F 126 -67.21 -22.20 -39.31
C LEU F 126 -68.31 -23.18 -38.88
N ARG F 127 -67.93 -24.32 -38.29
CA ARG F 127 -68.90 -25.30 -37.79
C ARG F 127 -69.91 -25.65 -38.91
N GLU F 128 -71.22 -25.48 -38.67
CA GLU F 128 -72.24 -25.86 -39.64
C GLU F 128 -72.65 -24.67 -40.51
N ASN F 129 -71.90 -23.58 -40.47
CA ASN F 129 -72.32 -22.38 -41.17
C ASN F 129 -71.71 -22.30 -42.56
N ALA F 130 -70.87 -23.28 -42.92
CA ALA F 130 -70.19 -23.26 -44.18
C ALA F 130 -70.02 -24.68 -44.67
N GLU F 131 -69.72 -24.84 -45.95
CA GLU F 131 -69.33 -26.12 -46.51
C GLU F 131 -68.06 -25.97 -47.32
N ASP F 132 -67.23 -27.00 -47.23
CA ASP F 132 -66.00 -27.10 -48.00
C ASP F 132 -66.34 -27.37 -49.46
N MET F 133 -65.95 -26.47 -50.36
CA MET F 133 -66.25 -26.61 -51.79
C MET F 133 -65.27 -27.54 -52.51
N GLY F 134 -64.22 -27.97 -51.81
CA GLY F 134 -63.28 -28.98 -52.28
C GLY F 134 -62.02 -28.48 -52.99
N ASN F 135 -61.92 -27.16 -53.14
CA ASN F 135 -60.80 -26.52 -53.81
C ASN F 135 -60.09 -25.57 -52.85
N GLY F 136 -60.27 -25.78 -51.56
CA GLY F 136 -59.71 -24.93 -50.53
C GLY F 136 -60.53 -23.70 -50.20
N CYS F 137 -61.76 -23.63 -50.73
CA CYS F 137 -62.66 -22.52 -50.48
C CYS F 137 -63.87 -23.00 -49.68
N PHE F 138 -64.37 -22.13 -48.79
CA PHE F 138 -65.62 -22.38 -48.09
C PHE F 138 -66.76 -21.52 -48.63
N LYS F 139 -67.89 -22.16 -48.91
CA LYS F 139 -69.14 -21.43 -49.13
C LYS F 139 -69.79 -21.17 -47.77
N ILE F 140 -69.93 -19.89 -47.43
CA ILE F 140 -70.51 -19.44 -46.17
C ILE F 140 -71.97 -19.09 -46.43
N TYR F 141 -72.85 -19.73 -45.67
CA TYR F 141 -74.28 -19.75 -45.96
C TYR F 141 -75.05 -18.66 -45.20
N HIS F 142 -74.42 -17.52 -44.97
CA HIS F 142 -75.08 -16.40 -44.33
C HIS F 142 -74.42 -15.11 -44.77
N LYS F 143 -75.13 -13.99 -44.64
CA LYS F 143 -74.53 -12.70 -44.91
C LYS F 143 -73.32 -12.50 -44.01
N CYS F 144 -72.18 -12.16 -44.60
CA CYS F 144 -70.94 -12.08 -43.86
C CYS F 144 -70.16 -10.88 -44.39
N ASP F 145 -70.35 -9.73 -43.74
CA ASP F 145 -69.73 -8.48 -44.18
C ASP F 145 -68.24 -8.43 -43.84
N ASN F 146 -67.58 -7.31 -44.10
CA ASN F 146 -66.14 -7.21 -43.97
C ASN F 146 -65.71 -7.49 -42.53
N ALA F 147 -66.50 -7.04 -41.57
CA ALA F 147 -66.18 -7.27 -40.17
C ALA F 147 -66.34 -8.76 -39.80
N CYS F 148 -67.32 -9.42 -40.41
CA CYS F 148 -67.51 -10.87 -40.22
C CYS F 148 -66.36 -11.69 -40.78
N ILE F 149 -65.96 -11.37 -42.00
CA ILE F 149 -64.81 -11.99 -42.62
C ILE F 149 -63.59 -11.79 -41.73
N GLU F 150 -63.42 -10.59 -41.20
CA GLU F 150 -62.28 -10.30 -40.35
C GLU F 150 -62.36 -11.10 -39.04
N SER F 151 -63.58 -11.31 -38.54
CA SER F 151 -63.76 -12.12 -37.33
C SER F 151 -63.33 -13.56 -37.58
N ILE F 152 -63.55 -14.08 -38.78
CA ILE F 152 -63.04 -15.41 -39.11
C ILE F 152 -61.51 -15.37 -39.15
N ARG F 153 -60.95 -14.36 -39.83
CA ARG F 153 -59.50 -14.26 -39.99
C ARG F 153 -58.73 -14.09 -38.68
N ASN F 154 -59.32 -13.40 -37.69
CA ASN F 154 -58.60 -13.16 -36.43
C ASN F 154 -59.00 -14.14 -35.31
N GLY F 155 -59.87 -15.10 -35.65
CA GLY F 155 -60.15 -16.25 -34.82
C GLY F 155 -61.19 -16.06 -33.72
N THR F 156 -62.04 -15.06 -33.90
CA THR F 156 -63.08 -14.74 -32.91
C THR F 156 -64.49 -14.95 -33.45
N TYR F 157 -64.63 -15.52 -34.64
CA TYR F 157 -65.93 -15.76 -35.24
C TYR F 157 -66.83 -16.58 -34.32
N ASP F 158 -68.06 -16.12 -34.14
CA ASP F 158 -69.02 -16.78 -33.27
C ASP F 158 -70.10 -17.46 -34.10
N HIS F 159 -69.95 -18.76 -34.30
CA HIS F 159 -70.80 -19.50 -35.21
C HIS F 159 -72.27 -19.45 -34.78
N ASP F 160 -72.52 -19.36 -33.48
CA ASP F 160 -73.89 -19.40 -32.97
C ASP F 160 -74.71 -18.22 -33.44
N VAL F 161 -74.07 -17.07 -33.64
CA VAL F 161 -74.79 -15.86 -34.08
C VAL F 161 -75.44 -16.11 -35.44
N TYR F 162 -74.76 -16.90 -36.28
CA TYR F 162 -75.16 -17.03 -37.67
C TYR F 162 -75.80 -18.38 -37.94
N ARG F 163 -75.86 -19.26 -36.94
CA ARG F 163 -76.22 -20.64 -37.18
C ARG F 163 -77.61 -20.83 -37.75
N ASP F 164 -78.60 -20.10 -37.23
CA ASP F 164 -79.96 -20.22 -37.70
C ASP F 164 -80.09 -19.85 -39.18
N GLU F 165 -79.52 -18.70 -39.53
CA GLU F 165 -79.53 -18.21 -40.91
C GLU F 165 -78.87 -19.21 -41.85
N ALA F 166 -77.72 -19.72 -41.43
CA ALA F 166 -76.93 -20.59 -42.29
C ALA F 166 -77.63 -21.92 -42.55
N LEU F 167 -78.16 -22.51 -41.50
CA LEU F 167 -78.87 -23.77 -41.62
C LEU F 167 -80.10 -23.63 -42.49
N ASN F 168 -80.82 -22.52 -42.35
CA ASN F 168 -81.98 -22.27 -43.21
C ASN F 168 -81.54 -22.25 -44.66
N ASN F 169 -80.42 -21.57 -44.95
CA ASN F 169 -79.90 -21.54 -46.32
C ASN F 169 -79.33 -22.87 -46.80
N ARG F 170 -78.76 -23.67 -45.90
CA ARG F 170 -78.12 -24.90 -46.35
C ARG F 170 -79.14 -25.98 -46.65
N PHE F 171 -80.12 -26.10 -45.77
CA PHE F 171 -80.94 -27.30 -45.71
C PHE F 171 -82.40 -27.12 -46.11
N GLN F 172 -82.83 -25.88 -46.32
CA GLN F 172 -84.22 -25.59 -46.64
C GLN F 172 -84.35 -24.55 -47.76
N PRO G 3 23.24 -46.39 30.26
CA PRO G 3 22.75 -45.99 31.58
C PRO G 3 21.80 -44.80 31.52
N GLY G 4 20.51 -45.04 31.72
CA GLY G 4 19.52 -43.99 31.70
C GLY G 4 18.20 -44.40 32.34
N ALA G 5 17.12 -43.80 31.90
CA ALA G 5 15.80 -44.06 32.47
C ALA G 5 14.74 -43.84 31.41
N THR G 6 13.52 -44.25 31.71
CA THR G 6 12.39 -44.02 30.83
C THR G 6 11.26 -43.43 31.66
N LEU G 7 10.56 -42.45 31.08
CA LEU G 7 9.45 -41.81 31.77
C LEU G 7 8.25 -41.77 30.84
N CYS G 8 7.20 -42.50 31.20
CA CYS G 8 6.00 -42.62 30.37
C CYS G 8 4.85 -41.83 30.93
N LEU G 9 4.14 -41.14 30.04
CA LEU G 9 2.93 -40.44 30.38
C LEU G 9 1.74 -41.30 30.00
N GLY G 10 0.70 -41.24 30.81
CA GLY G 10 -0.49 -42.02 30.52
C GLY G 10 -1.70 -41.48 31.23
N HIS G 11 -2.80 -42.19 31.07
CA HIS G 11 -4.07 -41.80 31.68
C HIS G 11 -4.75 -43.07 32.13
N HIS G 12 -5.74 -42.94 33.01
CA HIS G 12 -6.42 -44.11 33.54
C HIS G 12 -7.43 -44.71 32.56
N ALA G 13 -7.96 -45.87 32.94
CA ALA G 13 -9.04 -46.54 32.21
C ALA G 13 -9.74 -47.43 33.23
N VAL G 14 -10.93 -47.94 32.89
CA VAL G 14 -11.62 -48.87 33.77
C VAL G 14 -12.03 -50.07 32.92
N PRO G 15 -12.28 -51.24 33.55
CA PRO G 15 -12.57 -52.44 32.75
C PRO G 15 -13.79 -52.29 31.83
N ASN G 16 -14.84 -51.65 32.32
CA ASN G 16 -15.94 -51.24 31.47
C ASN G 16 -16.52 -49.93 31.95
N GLY G 17 -16.68 -49.03 30.99
CA GLY G 17 -17.17 -47.70 31.23
C GLY G 17 -18.64 -47.63 30.85
N THR G 18 -19.03 -46.49 30.27
N THR G 18 -19.01 -46.53 30.20
CA THR G 18 -20.41 -46.21 29.87
CA THR G 18 -20.39 -46.32 29.80
C THR G 18 -20.43 -45.70 28.43
C THR G 18 -20.47 -45.63 28.46
N LEU G 19 -21.46 -46.04 27.67
CA LEU G 19 -21.60 -45.56 26.29
C LEU G 19 -22.36 -44.24 26.29
N VAL G 20 -21.83 -43.28 25.53
CA VAL G 20 -22.48 -41.99 25.33
C VAL G 20 -22.50 -41.64 23.85
N LYS G 21 -23.26 -40.60 23.50
CA LYS G 21 -23.37 -40.16 22.11
C LYS G 21 -22.57 -38.89 21.91
N THR G 22 -22.01 -38.73 20.70
CA THR G 22 -21.27 -37.52 20.36
C THR G 22 -21.77 -36.99 19.02
N ILE G 23 -21.08 -36.00 18.47
CA ILE G 23 -21.41 -35.51 17.15
C ILE G 23 -21.13 -36.56 16.10
N THR G 24 -19.99 -37.24 16.22
N THR G 24 -20.05 -37.32 16.30
CA THR G 24 -19.56 -38.22 15.22
CA THR G 24 -19.57 -38.24 15.29
C THR G 24 -19.87 -39.70 15.53
C THR G 24 -20.11 -39.64 15.49
N ASP G 25 -20.28 -40.02 16.75
CA ASP G 25 -20.54 -41.42 17.11
C ASP G 25 -21.86 -41.57 17.80
N ASP G 26 -22.63 -42.55 17.37
N ASP G 26 -22.63 -42.54 17.34
CA ASP G 26 -23.88 -42.83 18.05
CA ASP G 26 -23.89 -42.90 18.00
C ASP G 26 -23.55 -43.45 19.41
C ASP G 26 -23.59 -43.51 19.38
N GLN G 27 -22.47 -44.22 19.50
CA GLN G 27 -22.09 -44.86 20.76
C GLN G 27 -20.57 -44.90 20.90
N ILE G 28 -20.03 -44.28 21.94
CA ILE G 28 -18.59 -44.33 22.21
C ILE G 28 -18.38 -44.42 23.73
N GLU G 29 -17.39 -45.19 24.15
CA GLU G 29 -17.22 -45.50 25.57
C GLU G 29 -16.35 -44.47 26.29
N VAL G 30 -16.87 -43.90 27.37
CA VAL G 30 -16.09 -43.03 28.24
C VAL G 30 -16.01 -43.69 29.62
N THR G 31 -15.19 -43.15 30.53
CA THR G 31 -14.99 -43.81 31.83
C THR G 31 -16.19 -43.65 32.77
N ASN G 32 -16.98 -42.61 32.56
CA ASN G 32 -18.08 -42.28 33.46
C ASN G 32 -19.02 -41.34 32.74
N ALA G 33 -20.28 -41.35 33.16
CA ALA G 33 -21.28 -40.42 32.64
C ALA G 33 -22.38 -40.27 33.69
N THR G 34 -23.26 -39.30 33.48
CA THR G 34 -24.37 -39.06 34.40
C THR G 34 -25.67 -38.84 33.62
N GLU G 35 -26.80 -39.25 34.19
CA GLU G 35 -28.08 -39.27 33.47
C GLU G 35 -28.73 -37.88 33.50
N LEU G 36 -29.19 -37.39 32.35
CA LEU G 36 -29.84 -36.08 32.31
C LEU G 36 -31.37 -36.14 32.17
N VAL G 37 -31.92 -37.34 32.02
CA VAL G 37 -33.37 -37.52 31.91
C VAL G 37 -33.93 -38.20 33.15
N GLN G 38 -34.79 -37.53 33.90
CA GLN G 38 -35.48 -38.19 35.00
C GLN G 38 -36.58 -39.06 34.39
N SER G 39 -36.49 -40.37 34.58
CA SER G 39 -37.44 -41.30 33.94
C SER G 39 -38.30 -42.07 34.94
N SER G 40 -38.10 -41.83 36.24
CA SER G 40 -38.87 -42.52 37.26
C SER G 40 -39.52 -41.56 38.27
N SER G 41 -40.59 -42.05 38.89
CA SER G 41 -41.26 -41.38 40.00
C SER G 41 -41.56 -42.42 41.08
N THR G 42 -41.63 -41.98 42.33
CA THR G 42 -42.10 -42.83 43.42
C THR G 42 -43.54 -43.26 43.24
N GLY G 43 -44.32 -42.48 42.49
CA GLY G 43 -45.73 -42.75 42.28
C GLY G 43 -46.63 -42.02 43.27
N LYS G 44 -46.05 -41.15 44.09
CA LYS G 44 -46.80 -40.37 45.08
C LYS G 44 -46.55 -38.87 44.95
N ILE G 45 -47.61 -38.08 45.13
CA ILE G 45 -47.49 -36.62 45.16
C ILE G 45 -47.12 -36.13 46.55
N CYS G 46 -46.01 -35.40 46.63
CA CYS G 46 -45.56 -34.82 47.89
C CYS G 46 -46.35 -33.57 48.28
N ASN G 47 -46.74 -33.54 49.55
CA ASN G 47 -47.55 -32.47 50.11
C ASN G 47 -46.84 -31.17 50.54
N ASN G 48 -45.53 -31.14 50.37
CA ASN G 48 -44.72 -29.94 50.57
C ASN G 48 -43.74 -29.83 49.41
N PRO G 49 -43.32 -28.60 49.07
CA PRO G 49 -43.62 -27.36 49.77
C PRO G 49 -44.95 -26.77 49.34
N HIS G 50 -45.57 -27.32 48.30
CA HIS G 50 -46.78 -26.77 47.73
C HIS G 50 -47.99 -27.20 48.53
N ARG G 51 -48.97 -26.31 48.63
CA ARG G 51 -50.21 -26.65 49.30
C ARG G 51 -51.09 -27.46 48.37
N ILE G 52 -51.29 -28.72 48.72
CA ILE G 52 -52.07 -29.63 47.90
C ILE G 52 -53.46 -29.74 48.49
N LEU G 53 -54.48 -29.62 47.64
CA LEU G 53 -55.85 -29.86 48.07
C LEU G 53 -56.37 -31.02 47.27
N ASP G 54 -56.60 -32.13 47.95
CA ASP G 54 -57.11 -33.32 47.30
C ASP G 54 -58.62 -33.18 47.17
N GLY G 55 -59.12 -33.20 45.94
CA GLY G 55 -60.53 -33.02 45.68
C GLY G 55 -61.39 -34.21 46.07
N ILE G 56 -60.76 -35.38 46.25
CA ILE G 56 -61.46 -36.61 46.59
C ILE G 56 -62.65 -36.88 45.65
N ASP G 57 -63.89 -36.87 46.15
CA ASP G 57 -65.05 -37.17 45.35
C ASP G 57 -65.58 -35.97 44.56
N CYS G 58 -64.87 -34.84 44.60
CA CYS G 58 -65.39 -33.60 44.02
C CYS G 58 -64.49 -33.05 42.93
N THR G 59 -65.14 -32.58 41.87
CA THR G 59 -64.48 -31.73 40.88
C THR G 59 -64.38 -30.32 41.42
N LEU G 60 -63.50 -29.52 40.85
CA LEU G 60 -63.35 -28.14 41.27
C LEU G 60 -64.62 -27.38 40.99
N ILE G 61 -65.27 -27.67 39.87
CA ILE G 61 -66.52 -27.00 39.55
C ILE G 61 -67.63 -27.39 40.52
N ASP G 62 -67.72 -28.66 40.91
CA ASP G 62 -68.71 -29.08 41.92
C ASP G 62 -68.47 -28.44 43.29
N ALA G 63 -67.20 -28.26 43.65
CA ALA G 63 -66.84 -27.58 44.89
C ALA G 63 -67.22 -26.11 44.82
N LEU G 64 -66.98 -25.50 43.67
CA LEU G 64 -67.29 -24.10 43.45
C LEU G 64 -68.77 -23.86 43.66
N LEU G 65 -69.57 -24.66 42.98
CA LEU G 65 -71.01 -24.46 43.01
C LEU G 65 -71.59 -24.80 44.38
N GLY G 66 -70.99 -25.75 45.08
CA GLY G 66 -71.47 -26.10 46.40
C GLY G 66 -72.45 -27.26 46.40
N ASP G 67 -72.24 -28.20 45.51
CA ASP G 67 -72.86 -29.52 45.58
C ASP G 67 -72.67 -29.98 47.03
N PRO G 68 -73.75 -30.41 47.71
CA PRO G 68 -73.61 -30.69 49.15
C PRO G 68 -72.46 -31.59 49.57
N HIS G 69 -72.17 -32.67 48.85
CA HIS G 69 -71.09 -33.55 49.29
C HIS G 69 -69.70 -32.92 49.06
N CYS G 70 -69.67 -31.78 48.37
CA CYS G 70 -68.45 -31.01 48.18
C CYS G 70 -68.34 -29.75 49.06
N ASP G 71 -69.33 -29.49 49.91
CA ASP G 71 -69.30 -28.25 50.70
C ASP G 71 -68.20 -28.24 51.77
N VAL G 72 -67.58 -29.40 52.00
N VAL G 72 -67.61 -29.41 52.02
CA VAL G 72 -66.42 -29.48 52.88
CA VAL G 72 -66.41 -29.51 52.84
C VAL G 72 -65.22 -28.68 52.33
C VAL G 72 -65.30 -28.58 52.35
N PHE G 73 -65.28 -28.32 51.05
CA PHE G 73 -64.24 -27.50 50.41
C PHE G 73 -64.53 -25.99 50.48
N GLN G 74 -65.59 -25.58 51.17
CA GLN G 74 -65.89 -24.16 51.29
C GLN G 74 -64.72 -23.34 51.84
N ASN G 75 -64.41 -22.25 51.14
CA ASN G 75 -63.36 -21.30 51.51
C ASN G 75 -61.96 -21.92 51.47
N GLU G 76 -61.80 -23.05 50.79
CA GLU G 76 -60.50 -23.69 50.78
C GLU G 76 -59.60 -22.95 49.81
N THR G 77 -58.29 -23.14 49.96
CA THR G 77 -57.32 -22.55 49.05
C THR G 77 -56.32 -23.63 48.68
N TRP G 78 -55.57 -23.42 47.60
CA TRP G 78 -54.60 -24.42 47.16
C TRP G 78 -53.58 -23.75 46.27
N ASP G 79 -52.39 -24.35 46.22
CA ASP G 79 -51.47 -24.10 45.12
C ASP G 79 -51.82 -25.06 43.99
N LEU G 80 -52.06 -26.33 44.33
CA LEU G 80 -52.48 -27.33 43.34
C LEU G 80 -53.72 -28.10 43.80
N PHE G 81 -54.80 -27.99 43.02
CA PHE G 81 -56.00 -28.78 43.25
C PHE G 81 -55.85 -30.08 42.47
N VAL G 82 -56.08 -31.23 43.12
CA VAL G 82 -55.94 -32.52 42.48
C VAL G 82 -57.32 -33.17 42.27
N GLU G 83 -57.73 -33.29 41.01
CA GLU G 83 -59.00 -33.94 40.69
C GLU G 83 -58.82 -35.44 40.48
N ARG G 84 -59.69 -36.21 41.11
CA ARG G 84 -59.62 -37.66 41.05
C ARG G 84 -60.62 -38.17 40.03
N SER G 85 -60.27 -39.27 39.37
CA SER G 85 -61.13 -39.86 38.36
C SER G 85 -62.43 -40.38 39.00
N LYS G 86 -62.42 -40.63 40.31
CA LYS G 86 -63.61 -41.14 40.98
C LYS G 86 -64.61 -40.05 41.36
N ALA G 87 -64.30 -38.78 41.04
CA ALA G 87 -65.20 -37.68 41.41
C ALA G 87 -66.56 -37.88 40.75
N PHE G 88 -67.62 -37.41 41.41
CA PHE G 88 -68.97 -37.48 40.86
C PHE G 88 -69.80 -36.28 41.27
N SER G 89 -70.79 -35.94 40.44
CA SER G 89 -71.73 -34.92 40.83
C SER G 89 -72.94 -35.59 41.47
N ASN G 90 -73.52 -34.92 42.48
CA ASN G 90 -74.70 -35.42 43.16
C ASN G 90 -75.74 -34.34 43.39
N CYS G 91 -75.91 -33.40 42.47
CA CYS G 91 -76.84 -32.29 42.69
C CYS G 91 -77.64 -32.08 41.43
N TYR G 92 -78.21 -30.90 41.23
CA TYR G 92 -79.09 -30.71 40.10
C TYR G 92 -78.26 -30.86 38.85
N PRO G 93 -78.79 -31.59 37.83
CA PRO G 93 -77.98 -31.77 36.64
C PRO G 93 -77.78 -30.49 35.88
N TYR G 94 -76.54 -30.26 35.49
CA TYR G 94 -76.14 -28.97 34.98
C TYR G 94 -75.11 -29.15 33.89
N ASP G 95 -74.93 -28.12 33.06
CA ASP G 95 -73.76 -28.05 32.20
C ASP G 95 -73.22 -26.64 32.30
N VAL G 96 -71.97 -26.46 31.90
CA VAL G 96 -71.35 -25.15 31.92
C VAL G 96 -70.84 -24.90 30.52
N PRO G 97 -71.50 -24.02 29.75
CA PRO G 97 -70.83 -23.67 28.49
C PRO G 97 -69.41 -23.15 28.79
N ASP G 98 -68.43 -23.64 28.03
CA ASP G 98 -67.02 -23.35 28.30
C ASP G 98 -66.60 -23.75 29.71
N TYR G 99 -67.05 -24.94 30.12
CA TYR G 99 -66.66 -25.55 31.38
C TYR G 99 -65.15 -25.46 31.58
N ALA G 100 -64.38 -25.75 30.55
CA ALA G 100 -62.92 -25.82 30.67
C ALA G 100 -62.33 -24.48 31.09
N SER G 101 -62.91 -23.39 30.58
CA SER G 101 -62.42 -22.06 30.87
C SER G 101 -62.72 -21.64 32.32
N LEU G 102 -63.92 -21.96 32.81
CA LEU G 102 -64.27 -21.63 34.18
C LEU G 102 -63.37 -22.38 35.15
N ARG G 103 -63.19 -23.65 34.87
CA ARG G 103 -62.32 -24.52 35.66
C ARG G 103 -60.93 -23.92 35.67
N SER G 104 -60.47 -23.46 34.53
CA SER G 104 -59.14 -22.89 34.44
C SER G 104 -58.98 -21.62 35.29
N LEU G 105 -59.94 -20.70 35.20
CA LEU G 105 -59.77 -19.40 35.85
C LEU G 105 -59.91 -19.49 37.37
N VAL G 106 -60.77 -20.39 37.83
CA VAL G 106 -60.89 -20.67 39.25
C VAL G 106 -59.65 -21.39 39.78
N ALA G 107 -59.15 -22.35 39.01
CA ALA G 107 -57.99 -23.13 39.41
C ALA G 107 -56.80 -22.20 39.58
N SER G 108 -56.70 -21.24 38.66
CA SER G 108 -55.61 -20.27 38.63
C SER G 108 -55.76 -19.27 39.76
N SER G 109 -57.00 -18.91 40.06
CA SER G 109 -57.29 -18.02 41.18
C SER G 109 -56.85 -18.65 42.49
N GLY G 110 -57.08 -19.94 42.62
CA GLY G 110 -56.50 -20.69 43.72
C GLY G 110 -57.28 -20.58 45.01
N THR G 111 -58.51 -20.10 44.93
CA THR G 111 -59.30 -19.98 46.13
C THR G 111 -60.78 -20.07 45.81
N LEU G 112 -61.53 -20.61 46.76
CA LEU G 112 -62.99 -20.59 46.75
C LEU G 112 -63.56 -19.63 47.79
N GLU G 113 -62.76 -18.69 48.30
CA GLU G 113 -63.27 -17.75 49.28
C GLU G 113 -64.51 -17.08 48.76
N PHE G 114 -65.57 -17.17 49.55
CA PHE G 114 -66.87 -16.71 49.13
C PHE G 114 -67.43 -15.74 50.17
N ILE G 115 -68.05 -14.68 49.67
CA ILE G 115 -68.61 -13.63 50.51
C ILE G 115 -70.06 -13.46 50.12
N THR G 116 -70.95 -13.73 51.07
CA THR G 116 -72.37 -13.58 50.85
C THR G 116 -72.68 -12.10 50.76
N GLU G 117 -73.57 -11.76 49.84
CA GLU G 117 -74.09 -10.41 49.72
C GLU G 117 -75.60 -10.41 49.92
N GLY G 118 -76.10 -9.27 50.34
CA GLY G 118 -77.49 -9.09 50.71
C GLY G 118 -78.34 -8.72 49.52
N PHE G 119 -78.35 -9.60 48.50
CA PHE G 119 -79.25 -9.39 47.39
C PHE G 119 -80.66 -9.38 47.95
N THR G 120 -81.49 -8.52 47.37
CA THR G 120 -82.90 -8.49 47.69
C THR G 120 -83.67 -8.97 46.49
N TRP G 121 -84.51 -9.99 46.68
CA TRP G 121 -85.26 -10.55 45.56
C TRP G 121 -86.72 -10.35 45.87
N THR G 122 -87.25 -9.23 45.41
CA THR G 122 -88.59 -8.81 45.79
C THR G 122 -89.61 -9.56 44.97
N GLY G 123 -90.54 -10.20 45.65
CA GLY G 123 -91.70 -10.77 45.01
C GLY G 123 -91.47 -12.16 44.45
N VAL G 124 -90.39 -12.81 44.87
CA VAL G 124 -90.19 -14.20 44.49
C VAL G 124 -89.91 -15.01 45.72
N THR G 125 -90.11 -16.32 45.60
CA THR G 125 -89.75 -17.26 46.64
C THR G 125 -88.31 -17.69 46.45
N GLN G 126 -87.55 -17.70 47.54
CA GLN G 126 -86.14 -18.07 47.50
C GLN G 126 -85.90 -19.49 47.98
N ASN G 127 -84.66 -19.97 47.81
CA ASN G 127 -84.17 -21.19 48.42
C ASN G 127 -84.83 -22.48 47.95
N GLY G 128 -85.15 -22.54 46.66
CA GLY G 128 -85.74 -23.74 46.09
C GLY G 128 -84.74 -24.86 46.24
N GLY G 129 -85.23 -26.09 46.36
CA GLY G 129 -84.36 -27.24 46.50
C GLY G 129 -84.92 -28.42 45.75
N SER G 130 -84.20 -29.54 45.78
CA SER G 130 -84.53 -30.67 44.94
C SER G 130 -84.09 -31.97 45.59
N ASN G 131 -84.86 -33.02 45.37
CA ASN G 131 -84.47 -34.35 45.82
C ASN G 131 -83.38 -34.95 44.93
N ALA G 132 -83.01 -34.23 43.86
CA ALA G 132 -81.86 -34.58 43.07
C ALA G 132 -80.60 -34.08 43.76
N CYS G 133 -80.76 -33.17 44.72
CA CYS G 133 -79.63 -32.60 45.42
C CYS G 133 -79.92 -32.57 46.91
N LYS G 134 -79.87 -33.74 47.55
CA LYS G 134 -80.17 -33.80 48.98
C LYS G 134 -79.07 -33.18 49.83
N ARG G 135 -79.48 -32.48 50.88
CA ARG G 135 -78.56 -31.90 51.84
C ARG G 135 -79.02 -32.41 53.20
N GLY G 136 -78.27 -33.34 53.77
CA GLY G 136 -78.75 -34.07 54.93
C GLY G 136 -79.95 -34.89 54.47
N PRO G 137 -80.95 -35.07 55.34
CA PRO G 137 -82.01 -35.99 54.91
C PRO G 137 -82.97 -35.41 53.86
N GLY G 138 -83.13 -34.09 53.83
CA GLY G 138 -84.09 -33.43 52.97
C GLY G 138 -83.60 -32.92 51.62
N SER G 139 -84.55 -32.47 50.80
CA SER G 139 -84.25 -31.79 49.55
C SER G 139 -83.39 -30.56 49.79
N GLY G 140 -82.56 -30.23 48.80
CA GLY G 140 -81.67 -29.09 48.91
C GLY G 140 -81.20 -28.62 47.55
N PHE G 141 -80.14 -27.82 47.55
CA PHE G 141 -79.63 -27.21 46.32
C PHE G 141 -78.18 -26.80 46.53
N PHE G 142 -77.53 -26.38 45.45
CA PHE G 142 -76.18 -25.83 45.53
C PHE G 142 -76.16 -24.74 46.58
N SER G 143 -75.10 -24.73 47.39
CA SER G 143 -75.00 -23.80 48.51
C SER G 143 -74.78 -22.36 48.09
N ARG G 144 -74.18 -22.17 46.92
CA ARG G 144 -73.78 -20.85 46.47
C ARG G 144 -74.80 -20.22 45.54
N LEU G 145 -75.87 -20.96 45.26
CA LEU G 145 -76.88 -20.51 44.32
C LEU G 145 -78.25 -20.46 44.99
N ASN G 146 -79.15 -19.67 44.42
CA ASN G 146 -80.44 -19.37 45.03
C ASN G 146 -81.49 -19.53 43.95
N TRP G 147 -82.23 -20.61 44.02
CA TRP G 147 -83.19 -20.90 42.97
C TRP G 147 -84.46 -20.11 43.22
N LEU G 148 -84.69 -19.11 42.37
CA LEU G 148 -85.85 -18.25 42.56
C LEU G 148 -87.02 -18.75 41.75
N THR G 149 -88.19 -18.75 42.37
CA THR G 149 -89.45 -19.10 41.72
C THR G 149 -90.57 -18.10 42.01
N LYS G 150 -91.76 -18.32 41.46
CA LYS G 150 -92.84 -17.39 41.66
C LYS G 150 -93.18 -17.30 43.14
N SER G 151 -93.77 -16.18 43.52
CA SER G 151 -94.36 -16.05 44.85
C SER G 151 -95.84 -15.74 44.62
N GLY G 152 -96.71 -16.56 45.20
CA GLY G 152 -98.12 -16.53 44.87
C GLY G 152 -98.34 -16.93 43.43
N SER G 153 -98.97 -16.05 42.65
CA SER G 153 -99.30 -16.34 41.25
C SER G 153 -98.49 -15.51 40.25
N THR G 154 -97.42 -14.85 40.70
CA THR G 154 -96.66 -13.97 39.81
C THR G 154 -95.17 -14.12 40.03
N TYR G 155 -94.44 -13.76 38.99
CA TYR G 155 -92.98 -13.67 39.02
C TYR G 155 -92.64 -12.34 38.36
N PRO G 156 -92.30 -11.32 39.17
CA PRO G 156 -92.07 -10.00 38.58
C PRO G 156 -90.76 -9.92 37.84
N VAL G 157 -90.54 -8.80 37.18
CA VAL G 157 -89.25 -8.55 36.56
C VAL G 157 -88.31 -8.21 37.71
N LEU G 158 -87.35 -9.09 37.97
CA LEU G 158 -86.30 -8.80 38.92
C LEU G 158 -85.31 -7.84 38.32
N ASN G 159 -84.88 -6.86 39.10
CA ASN G 159 -83.96 -5.85 38.64
C ASN G 159 -83.17 -5.41 39.86
N VAL G 160 -81.98 -5.98 40.04
CA VAL G 160 -81.20 -5.73 41.25
C VAL G 160 -79.78 -5.38 40.89
N THR G 161 -79.12 -4.61 41.75
CA THR G 161 -77.75 -4.22 41.48
C THR G 161 -76.87 -4.45 42.72
N MET G 162 -75.60 -4.70 42.44
CA MET G 162 -74.60 -4.94 43.47
C MET G 162 -73.30 -4.30 43.04
N PRO G 163 -72.97 -3.15 43.64
CA PRO G 163 -71.74 -2.47 43.21
C PRO G 163 -70.52 -3.15 43.78
N ASN G 164 -69.43 -3.09 43.03
CA ASN G 164 -68.14 -3.51 43.55
C ASN G 164 -67.38 -2.29 44.03
N ASN G 165 -67.40 -2.10 45.35
CA ASN G 165 -66.71 -1.00 46.00
C ASN G 165 -65.43 -1.48 46.69
N ASP G 166 -65.00 -2.70 46.38
CA ASP G 166 -63.76 -3.25 46.91
C ASP G 166 -62.65 -2.99 45.91
N ASN G 167 -61.43 -3.35 46.27
CA ASN G 167 -60.27 -3.14 45.41
C ASN G 167 -59.75 -4.44 44.79
N PHE G 168 -60.60 -5.47 44.75
CA PHE G 168 -60.29 -6.70 44.02
C PHE G 168 -61.44 -7.07 43.09
N ASP G 169 -61.17 -7.96 42.14
CA ASP G 169 -62.21 -8.46 41.24
C ASP G 169 -63.12 -9.48 41.92
N LYS G 170 -64.42 -9.39 41.62
CA LYS G 170 -65.40 -10.33 42.14
C LYS G 170 -65.84 -11.28 41.03
N LEU G 171 -65.89 -12.56 41.34
CA LEU G 171 -66.45 -13.55 40.43
C LEU G 171 -67.85 -13.97 40.90
N TYR G 172 -68.84 -13.69 40.06
CA TYR G 172 -70.20 -14.14 40.28
C TYR G 172 -70.52 -15.36 39.45
N ILE G 173 -71.01 -16.40 40.10
CA ILE G 173 -71.49 -17.59 39.41
C ILE G 173 -73.01 -17.61 39.51
N TRP G 174 -73.67 -17.80 38.38
CA TRP G 174 -75.12 -17.79 38.31
C TRP G 174 -75.50 -18.79 37.25
N GLY G 175 -76.80 -18.98 37.04
CA GLY G 175 -77.28 -20.00 36.15
C GLY G 175 -78.64 -19.68 35.54
N VAL G 176 -79.09 -20.54 34.63
CA VAL G 176 -80.37 -20.38 33.98
C VAL G 176 -81.00 -21.76 33.99
N HIS G 177 -82.24 -21.86 34.47
CA HIS G 177 -82.90 -23.13 34.54
C HIS G 177 -83.62 -23.44 33.23
N HIS G 178 -83.42 -24.65 32.72
CA HIS G 178 -84.18 -25.16 31.57
C HIS G 178 -85.19 -26.23 31.96
N PRO G 179 -86.47 -25.85 32.03
CA PRO G 179 -87.49 -26.85 32.37
C PRO G 179 -87.69 -27.86 31.25
N SER G 180 -88.15 -29.07 31.61
CA SER G 180 -88.37 -30.10 30.60
C SER G 180 -89.74 -29.92 29.91
N THR G 181 -90.68 -29.24 30.58
CA THR G 181 -92.03 -29.01 30.04
C THR G 181 -92.57 -27.59 30.24
N ASN G 182 -93.58 -27.25 29.43
CA ASN G 182 -94.27 -25.97 29.58
C ASN G 182 -95.02 -25.89 30.90
N GLN G 183 -95.55 -27.03 31.33
CA GLN G 183 -96.25 -27.14 32.60
C GLN G 183 -95.31 -26.73 33.72
N GLU G 184 -94.10 -27.24 33.62
CA GLU G 184 -93.04 -26.94 34.55
C GLU G 184 -92.62 -25.46 34.54
N GLN G 185 -92.42 -24.94 33.34
CA GLN G 185 -92.00 -23.57 33.13
C GLN G 185 -92.92 -22.60 33.81
N THR G 186 -94.19 -22.82 33.59
CA THR G 186 -95.23 -21.90 34.04
C THR G 186 -95.55 -22.12 35.52
N SER G 187 -95.38 -23.36 35.99
CA SER G 187 -95.65 -23.64 37.39
C SER G 187 -94.65 -22.84 38.22
N LEU G 188 -93.40 -22.80 37.75
CA LEU G 188 -92.37 -22.12 38.51
C LEU G 188 -92.33 -20.61 38.31
N TYR G 189 -92.45 -20.19 37.06
CA TYR G 189 -92.04 -18.84 36.69
C TYR G 189 -93.16 -17.97 36.12
N VAL G 190 -94.33 -18.57 35.95
CA VAL G 190 -95.56 -17.96 35.44
C VAL G 190 -95.45 -17.57 33.96
N GLN G 191 -94.40 -16.83 33.60
CA GLN G 191 -94.14 -16.49 32.21
C GLN G 191 -93.93 -17.76 31.40
N ALA G 192 -94.41 -17.76 30.16
CA ALA G 192 -94.29 -18.93 29.30
C ALA G 192 -92.84 -19.10 28.82
N SER G 193 -92.09 -18.00 28.79
CA SER G 193 -90.67 -18.04 28.44
C SER G 193 -89.96 -17.01 29.32
N GLY G 194 -88.87 -17.43 29.94
CA GLY G 194 -88.14 -16.54 30.83
C GLY G 194 -87.00 -15.90 30.09
N ARG G 195 -86.18 -15.17 30.84
CA ARG G 195 -85.00 -14.53 30.29
C ARG G 195 -84.09 -14.14 31.45
N VAL G 196 -82.79 -14.29 31.28
CA VAL G 196 -81.82 -13.81 32.26
C VAL G 196 -80.77 -12.94 31.58
N THR G 197 -80.58 -11.73 32.08
CA THR G 197 -79.57 -10.83 31.54
C THR G 197 -78.72 -10.38 32.71
N VAL G 198 -77.42 -10.67 32.62
CA VAL G 198 -76.50 -10.25 33.67
C VAL G 198 -75.44 -9.45 32.96
N SER G 199 -75.16 -8.30 33.53
CA SER G 199 -74.27 -7.33 32.90
C SER G 199 -73.39 -6.52 33.83
N THR G 200 -72.33 -5.96 33.26
CA THR G 200 -71.51 -4.93 33.91
C THR G 200 -71.58 -3.70 33.03
N ARG G 201 -70.82 -2.66 33.36
N ARG G 201 -70.73 -2.69 33.29
CA ARG G 201 -70.82 -1.46 32.53
CA ARG G 201 -70.81 -1.43 32.53
C ARG G 201 -70.56 -1.86 31.07
C ARG G 201 -70.26 -1.55 31.11
N ARG G 202 -69.48 -2.59 30.87
CA ARG G 202 -68.94 -2.87 29.53
C ARG G 202 -69.15 -4.31 29.03
N SER G 203 -69.96 -5.12 29.72
CA SER G 203 -70.21 -6.47 29.24
C SER G 203 -71.65 -6.89 29.48
N GLN G 204 -72.12 -7.86 28.68
CA GLN G 204 -73.45 -8.39 28.90
C GLN G 204 -73.57 -9.81 28.35
N GLN G 205 -74.37 -10.63 29.04
CA GLN G 205 -74.66 -11.97 28.60
C GLN G 205 -76.14 -12.13 28.81
N THR G 206 -76.88 -12.48 27.75
CA THR G 206 -78.28 -12.79 27.95
C THR G 206 -78.57 -14.20 27.49
N ILE G 207 -79.23 -14.97 28.34
CA ILE G 207 -79.57 -16.34 28.07
C ILE G 207 -81.09 -16.54 28.12
N ILE G 208 -81.64 -17.19 27.10
CA ILE G 208 -83.05 -17.52 27.05
C ILE G 208 -83.15 -19.00 27.36
N PRO G 209 -83.94 -19.33 28.40
CA PRO G 209 -84.05 -20.76 28.71
C PRO G 209 -84.67 -21.49 27.56
N ASN G 210 -84.36 -22.75 27.47
CA ASN G 210 -84.89 -23.56 26.42
C ASN G 210 -85.63 -24.79 26.96
N ILE G 211 -86.94 -24.85 26.74
CA ILE G 211 -87.75 -25.91 27.30
C ILE G 211 -87.65 -27.18 26.43
N GLY G 212 -87.55 -28.34 27.06
CA GLY G 212 -87.59 -29.62 26.36
C GLY G 212 -86.87 -30.69 27.15
N SER G 213 -87.02 -31.96 26.77
CA SER G 213 -86.38 -33.02 27.53
C SER G 213 -84.90 -33.25 27.22
N ARG G 214 -84.13 -33.48 28.29
CA ARG G 214 -82.80 -34.04 28.16
C ARG G 214 -82.81 -35.42 28.84
N PRO G 215 -81.70 -36.19 28.76
CA PRO G 215 -81.75 -37.48 29.45
C PRO G 215 -82.00 -37.35 30.95
N TRP G 216 -82.82 -38.25 31.45
CA TRP G 216 -83.14 -38.37 32.87
C TRP G 216 -81.84 -38.50 33.69
N VAL G 217 -81.60 -37.57 34.62
CA VAL G 217 -80.46 -37.65 35.55
C VAL G 217 -80.93 -37.35 36.96
N ARG G 218 -80.69 -38.28 37.88
CA ARG G 218 -81.17 -38.16 39.26
C ARG G 218 -82.61 -37.67 39.31
N GLY G 219 -83.45 -38.33 38.52
CA GLY G 219 -84.89 -38.08 38.53
C GLY G 219 -85.34 -36.94 37.65
N LEU G 220 -84.41 -36.25 37.00
CA LEU G 220 -84.75 -35.00 36.35
C LEU G 220 -84.36 -34.97 34.88
N SER G 221 -85.30 -34.53 34.05
N SER G 221 -85.26 -34.46 34.04
CA SER G 221 -85.06 -34.32 32.62
CA SER G 221 -84.97 -34.27 32.62
C SER G 221 -84.82 -32.84 32.30
C SER G 221 -84.61 -32.81 32.35
N SER G 222 -84.86 -31.97 33.32
N SER G 222 -84.90 -31.94 33.31
CA SER G 222 -84.55 -30.56 33.14
CA SER G 222 -84.54 -30.53 33.21
C SER G 222 -83.06 -30.35 33.44
C SER G 222 -83.07 -30.34 33.50
N ARG G 223 -82.59 -29.12 33.26
CA ARG G 223 -81.17 -28.79 33.45
C ARG G 223 -80.96 -27.36 33.93
N ILE G 224 -79.80 -27.13 34.54
CA ILE G 224 -79.34 -25.76 34.79
C ILE G 224 -78.06 -25.54 33.97
N SER G 225 -77.97 -24.38 33.31
CA SER G 225 -76.73 -23.98 32.64
C SER G 225 -76.05 -22.90 33.46
N ILE G 226 -74.76 -23.06 33.67
CA ILE G 226 -74.01 -22.16 34.53
C ILE G 226 -73.18 -21.18 33.72
N TYR G 227 -73.26 -19.92 34.12
CA TYR G 227 -72.52 -18.81 33.52
C TYR G 227 -71.80 -18.06 34.61
N TRP G 228 -70.86 -17.19 34.22
N TRP G 228 -70.85 -17.22 34.20
CA TRP G 228 -70.13 -16.40 35.19
CA TRP G 228 -70.06 -16.42 35.13
C TRP G 228 -69.83 -15.00 34.66
C TRP G 228 -69.90 -14.98 34.65
N THR G 229 -69.64 -14.09 35.60
CA THR G 229 -69.42 -12.67 35.28
C THR G 229 -68.40 -12.14 36.25
N ILE G 230 -67.37 -11.47 35.73
CA ILE G 230 -66.40 -10.81 36.58
C ILE G 230 -66.67 -9.32 36.64
N VAL G 231 -66.60 -8.75 37.84
CA VAL G 231 -66.89 -7.34 38.06
C VAL G 231 -65.66 -6.73 38.70
N LYS G 232 -65.08 -5.74 38.03
CA LYS G 232 -63.88 -5.10 38.54
C LYS G 232 -64.24 -4.01 39.54
N PRO G 233 -63.27 -3.58 40.36
CA PRO G 233 -63.50 -2.49 41.30
C PRO G 233 -64.05 -1.26 40.60
N GLY G 234 -65.07 -0.62 41.18
CA GLY G 234 -65.66 0.56 40.58
C GLY G 234 -66.69 0.25 39.50
N ASP G 235 -66.78 -1.02 39.10
CA ASP G 235 -67.81 -1.45 38.15
C ASP G 235 -68.98 -1.93 39.00
N VAL G 236 -70.02 -2.46 38.36
CA VAL G 236 -71.25 -2.79 39.08
C VAL G 236 -71.92 -3.95 38.35
N LEU G 237 -72.60 -4.80 39.10
CA LEU G 237 -73.33 -5.92 38.53
C LEU G 237 -74.80 -5.54 38.50
N VAL G 238 -75.47 -5.83 37.39
CA VAL G 238 -76.93 -5.75 37.31
C VAL G 238 -77.46 -7.09 36.83
N ILE G 239 -78.50 -7.56 37.53
CA ILE G 239 -79.16 -8.81 37.18
C ILE G 239 -80.60 -8.45 36.91
N ASN G 240 -81.08 -8.83 35.73
CA ASN G 240 -82.42 -8.49 35.31
C ASN G 240 -83.07 -9.75 34.73
N SER G 241 -84.15 -10.23 35.33
CA SER G 241 -84.79 -11.47 34.86
C SER G 241 -86.32 -11.53 35.08
N ASN G 242 -87.07 -12.12 34.14
CA ASN G 242 -88.50 -12.39 34.38
C ASN G 242 -88.81 -13.89 34.45
N GLY G 243 -87.82 -14.69 34.85
CA GLY G 243 -88.00 -16.11 35.12
C GLY G 243 -86.72 -16.89 34.81
N ASN G 244 -86.58 -18.06 35.44
CA ASN G 244 -85.53 -19.05 35.15
C ASN G 244 -84.15 -18.70 35.68
N LEU G 245 -84.03 -17.60 36.41
CA LEU G 245 -82.76 -17.22 37.01
C LEU G 245 -82.40 -18.09 38.19
N ILE G 246 -81.20 -18.65 38.13
CA ILE G 246 -80.63 -19.27 39.30
C ILE G 246 -79.65 -18.23 39.80
N ALA G 247 -80.03 -17.54 40.88
CA ALA G 247 -79.33 -16.33 41.28
C ALA G 247 -78.06 -16.65 42.08
N PRO G 248 -77.05 -15.77 42.01
CA PRO G 248 -75.90 -15.86 42.91
C PRO G 248 -76.28 -15.44 44.32
N ARG G 249 -75.55 -15.93 45.31
CA ARG G 249 -75.76 -15.52 46.69
C ARG G 249 -74.70 -14.51 47.13
N GLY G 250 -73.73 -14.23 46.26
CA GLY G 250 -72.58 -13.45 46.63
C GLY G 250 -71.51 -13.71 45.59
N TYR G 251 -70.25 -13.47 45.94
CA TYR G 251 -69.16 -13.60 44.96
C TYR G 251 -67.96 -14.34 45.52
N PHE G 252 -67.16 -14.87 44.62
CA PHE G 252 -65.89 -15.45 44.96
C PHE G 252 -64.82 -14.38 44.77
N LYS G 253 -63.92 -14.26 45.74
CA LYS G 253 -62.83 -13.31 45.63
C LYS G 253 -61.78 -13.85 44.67
N MET G 254 -61.44 -13.06 43.66
N MET G 254 -61.39 -13.05 43.69
CA MET G 254 -60.42 -13.44 42.69
CA MET G 254 -60.42 -13.48 42.69
C MET G 254 -59.04 -13.12 43.23
C MET G 254 -59.01 -13.06 43.03
N ARG G 255 -58.09 -14.01 42.96
CA ARG G 255 -56.70 -13.79 43.28
C ARG G 255 -55.88 -14.09 42.04
N THR G 256 -54.65 -13.59 42.02
CA THR G 256 -53.68 -14.00 41.01
C THR G 256 -52.52 -14.64 41.77
N GLY G 257 -51.83 -15.56 41.10
CA GLY G 257 -50.72 -16.26 41.75
C GLY G 257 -50.35 -17.54 41.05
N LYS G 258 -49.79 -18.48 41.80
CA LYS G 258 -49.16 -19.66 41.22
C LYS G 258 -50.09 -20.87 41.21
N SER G 259 -51.36 -20.70 41.54
CA SER G 259 -52.24 -21.85 41.69
C SER G 259 -52.62 -22.49 40.34
N SER G 260 -52.88 -23.81 40.37
CA SER G 260 -53.33 -24.56 39.19
C SER G 260 -54.12 -25.79 39.61
N ILE G 261 -54.39 -26.67 38.65
CA ILE G 261 -55.18 -27.87 38.86
C ILE G 261 -54.54 -28.99 38.07
N MET G 262 -54.65 -30.23 38.50
CA MET G 262 -54.05 -31.35 37.80
C MET G 262 -54.97 -32.52 38.00
N ARG G 263 -55.12 -33.36 36.98
CA ARG G 263 -55.87 -34.60 37.15
C ARG G 263 -54.90 -35.71 37.45
N SER G 264 -55.13 -36.40 38.57
CA SER G 264 -54.25 -37.47 38.97
C SER G 264 -54.94 -38.42 39.92
N ASP G 265 -54.59 -39.69 39.83
CA ASP G 265 -54.97 -40.68 40.84
C ASP G 265 -53.81 -41.07 41.78
N ALA G 266 -52.68 -40.37 41.72
CA ALA G 266 -51.54 -40.68 42.57
C ALA G 266 -51.87 -40.35 44.04
N PRO G 267 -51.51 -41.24 44.98
CA PRO G 267 -51.74 -40.88 46.38
C PRO G 267 -50.89 -39.70 46.83
N ILE G 268 -51.30 -39.03 47.91
N ILE G 268 -51.41 -38.91 47.77
CA ILE G 268 -50.54 -37.90 48.47
CA ILE G 268 -50.61 -37.87 48.38
C ILE G 268 -49.78 -38.29 49.75
C ILE G 268 -49.82 -38.58 49.47
N ASP G 269 -48.45 -38.20 49.70
N ASP G 269 -48.70 -37.99 49.88
CA ASP G 269 -47.58 -38.62 50.80
CA ASP G 269 -47.91 -38.48 51.02
C ASP G 269 -47.07 -37.43 51.63
C ASP G 269 -47.04 -37.40 51.62
N THR G 270 -46.39 -37.71 52.73
CA THR G 270 -45.64 -36.71 53.48
C THR G 270 -44.16 -36.81 53.13
N CYS G 271 -43.70 -35.83 52.36
CA CYS G 271 -42.36 -35.81 51.79
C CYS G 271 -42.25 -34.46 51.11
N ILE G 272 -41.08 -34.12 50.57
CA ILE G 272 -40.88 -32.78 50.02
C ILE G 272 -40.41 -32.89 48.57
N SER G 273 -41.12 -32.24 47.65
CA SER G 273 -40.67 -32.12 46.27
C SER G 273 -41.25 -30.92 45.55
N GLU G 274 -40.38 -30.21 44.84
CA GLU G 274 -40.79 -29.03 44.08
C GLU G 274 -41.62 -29.36 42.84
N CYS G 275 -41.39 -30.53 42.25
CA CYS G 275 -42.01 -30.89 40.97
C CYS G 275 -43.07 -31.98 41.10
N ILE G 276 -44.26 -31.71 40.57
CA ILE G 276 -45.39 -32.61 40.64
C ILE G 276 -45.82 -32.97 39.22
N THR G 277 -46.00 -34.27 38.96
CA THR G 277 -46.55 -34.73 37.71
C THR G 277 -47.74 -35.57 38.10
N PRO G 278 -48.60 -35.91 37.13
CA PRO G 278 -49.75 -36.76 37.47
C PRO G 278 -49.35 -38.15 37.97
N ASN G 279 -48.15 -38.60 37.62
CA ASN G 279 -47.67 -39.89 38.10
C ASN G 279 -47.22 -39.84 39.55
N GLY G 280 -47.07 -38.65 40.13
CA GLY G 280 -46.41 -38.51 41.41
C GLY G 280 -45.28 -37.50 41.25
N SER G 281 -44.68 -37.12 42.37
CA SER G 281 -43.52 -36.24 42.35
C SER G 281 -42.28 -36.86 41.73
N ILE G 282 -41.41 -36.00 41.19
CA ILE G 282 -40.11 -36.42 40.71
C ILE G 282 -38.99 -35.46 41.16
N PRO G 283 -37.76 -35.99 41.34
CA PRO G 283 -36.61 -35.11 41.57
C PRO G 283 -36.43 -34.11 40.43
N ASN G 284 -35.91 -32.93 40.75
CA ASN G 284 -35.65 -31.90 39.75
C ASN G 284 -34.15 -31.58 39.62
N ASP G 285 -33.30 -32.52 40.01
CA ASP G 285 -31.87 -32.33 39.83
C ASP G 285 -31.45 -32.46 38.37
N LYS G 286 -32.17 -33.24 37.56
CA LYS G 286 -31.82 -33.33 36.15
C LYS G 286 -32.56 -32.28 35.31
N PRO G 287 -31.94 -31.88 34.19
CA PRO G 287 -32.52 -30.82 33.37
C PRO G 287 -33.72 -31.27 32.55
N PHE G 288 -33.83 -32.58 32.31
CA PHE G 288 -34.91 -33.14 31.50
C PHE G 288 -35.63 -34.30 32.18
N GLN G 289 -36.83 -34.61 31.71
CA GLN G 289 -37.61 -35.74 32.22
C GLN G 289 -38.53 -36.35 31.14
N ASN G 290 -38.81 -37.65 31.27
CA ASN G 290 -39.70 -38.37 30.35
C ASN G 290 -40.90 -38.96 31.10
N VAL G 291 -41.21 -38.43 32.28
CA VAL G 291 -42.29 -39.01 33.07
C VAL G 291 -43.66 -38.55 32.57
N ASN G 292 -43.87 -37.24 32.44
CA ASN G 292 -45.14 -36.74 31.96
C ASN G 292 -44.97 -35.33 31.43
N LYS G 293 -45.61 -35.05 30.31
CA LYS G 293 -45.62 -33.68 29.77
C LYS G 293 -46.40 -32.73 30.66
N ILE G 294 -47.28 -33.28 31.49
CA ILE G 294 -48.00 -32.48 32.46
C ILE G 294 -47.17 -32.33 33.71
N THR G 295 -46.85 -31.10 34.05
CA THR G 295 -46.10 -30.83 35.26
C THR G 295 -46.52 -29.54 35.95
N TYR G 296 -46.15 -29.42 37.22
CA TYR G 296 -46.41 -28.24 38.02
C TYR G 296 -45.21 -28.00 38.92
N GLY G 297 -44.69 -26.78 38.92
CA GLY G 297 -43.60 -26.41 39.81
C GLY G 297 -42.26 -26.31 39.10
N ALA G 298 -41.17 -26.39 39.86
CA ALA G 298 -39.84 -26.33 39.27
C ALA G 298 -39.43 -27.71 38.76
N CYS G 299 -39.58 -27.89 37.44
CA CYS G 299 -39.57 -29.21 36.83
C CYS G 299 -38.56 -29.29 35.69
N PRO G 300 -37.93 -30.46 35.51
CA PRO G 300 -37.15 -30.66 34.29
C PRO G 300 -38.04 -30.51 33.07
N LYS G 301 -37.45 -30.21 31.91
CA LYS G 301 -38.22 -30.08 30.68
C LYS G 301 -38.52 -31.45 30.10
N TYR G 302 -39.76 -31.61 29.62
CA TYR G 302 -40.18 -32.89 29.09
C TYR G 302 -39.53 -33.13 27.73
N VAL G 303 -38.94 -34.31 27.58
CA VAL G 303 -38.38 -34.71 26.30
C VAL G 303 -38.83 -36.13 25.96
N LYS G 304 -38.65 -36.51 24.71
CA LYS G 304 -39.10 -37.81 24.25
C LYS G 304 -38.15 -38.93 24.65
N GLN G 305 -36.87 -38.60 24.79
CA GLN G 305 -35.85 -39.61 25.06
C GLN G 305 -36.07 -40.11 26.47
N ASN G 306 -35.83 -41.40 26.68
CA ASN G 306 -35.97 -41.95 28.02
C ASN G 306 -34.63 -41.96 28.75
N THR G 307 -33.54 -41.69 28.01
CA THR G 307 -32.22 -41.56 28.59
C THR G 307 -31.33 -40.65 27.73
N LEU G 308 -30.53 -39.82 28.39
CA LEU G 308 -29.49 -39.06 27.72
C LEU G 308 -28.28 -38.95 28.63
N LYS G 309 -27.14 -39.49 28.20
CA LYS G 309 -25.97 -39.54 29.06
C LYS G 309 -24.98 -38.41 28.75
N LEU G 310 -24.63 -37.65 29.78
CA LEU G 310 -23.57 -36.65 29.69
C LEU G 310 -22.24 -37.23 30.16
N ALA G 311 -21.25 -37.34 29.27
CA ALA G 311 -19.94 -37.83 29.68
C ALA G 311 -19.37 -36.97 30.80
N THR G 312 -18.80 -37.63 31.82
CA THR G 312 -18.10 -36.95 32.92
C THR G 312 -16.67 -37.47 33.05
N GLY G 313 -16.13 -38.05 31.99
CA GLY G 313 -14.78 -38.58 32.02
C GLY G 313 -14.25 -38.74 30.61
N MET G 314 -12.98 -39.10 30.50
CA MET G 314 -12.35 -39.24 29.20
C MET G 314 -12.76 -40.53 28.51
N ARG G 315 -12.34 -40.69 27.27
N ARG G 315 -12.36 -40.69 27.25
CA ARG G 315 -12.51 -41.94 26.54
CA ARG G 315 -12.51 -41.96 26.55
C ARG G 315 -11.92 -43.12 27.32
C ARG G 315 -11.94 -43.11 27.37
N ASN G 316 -12.67 -44.22 27.42
CA ASN G 316 -12.20 -45.38 28.13
C ASN G 316 -11.53 -46.30 27.13
N VAL G 317 -10.22 -46.39 27.27
CA VAL G 317 -9.38 -47.09 26.33
C VAL G 317 -8.57 -48.05 27.14
N PRO G 318 -9.21 -49.10 27.69
CA PRO G 318 -8.28 -49.87 28.50
C PRO G 318 -7.25 -50.59 27.66
N GLU G 319 -7.63 -50.92 26.44
CA GLU G 319 -6.80 -51.65 25.50
C GLU G 319 -6.55 -50.97 24.14
N LYS G 320 -5.47 -51.38 23.48
CA LYS G 320 -5.01 -50.84 22.17
C LYS G 320 -6.17 -50.37 21.29
N GLY H 1 -9.57 -38.59 19.31
CA GLY H 1 -9.81 -37.17 19.68
C GLY H 1 -8.96 -36.25 18.82
N LEU H 2 -9.21 -34.95 18.92
CA LEU H 2 -8.53 -34.01 18.04
C LEU H 2 -7.04 -33.96 18.25
N PHE H 3 -6.59 -34.27 19.46
CA PHE H 3 -5.18 -34.08 19.78
C PHE H 3 -4.31 -35.32 19.58
N GLY H 4 -4.94 -36.48 19.45
CA GLY H 4 -4.20 -37.66 19.06
C GLY H 4 -3.35 -38.24 20.17
N ALA H 5 -3.65 -37.89 21.42
CA ALA H 5 -2.90 -38.45 22.53
C ALA H 5 -3.66 -39.67 23.02
N ILE H 6 -4.85 -39.43 23.59
CA ILE H 6 -5.69 -40.52 24.07
C ILE H 6 -6.25 -41.28 22.88
N ALA H 7 -6.12 -42.61 22.91
CA ALA H 7 -6.50 -43.48 21.79
C ALA H 7 -5.69 -43.04 20.56
N GLY H 8 -4.48 -42.57 20.82
CA GLY H 8 -3.59 -42.03 19.81
C GLY H 8 -2.20 -42.54 20.07
N PHE H 9 -1.25 -41.61 20.18
CA PHE H 9 0.14 -41.96 20.46
C PHE H 9 0.30 -42.61 21.83
N ILE H 10 -0.63 -42.35 22.74
N ILE H 10 -0.62 -42.29 22.75
CA ILE H 10 -0.71 -43.16 23.95
CA ILE H 10 -0.80 -43.11 23.95
C ILE H 10 -1.70 -44.27 23.64
C ILE H 10 -1.69 -44.26 23.50
N GLU H 11 -1.16 -45.47 23.49
CA GLU H 11 -1.87 -46.59 22.89
C GLU H 11 -3.10 -47.02 23.67
N ASN H 12 -3.01 -46.92 24.99
CA ASN H 12 -4.14 -47.25 25.84
C ASN H 12 -3.98 -46.61 27.22
N GLY H 13 -5.07 -46.62 27.97
CA GLY H 13 -5.09 -46.17 29.34
C GLY H 13 -4.58 -47.22 30.28
N TRP H 14 -4.38 -46.83 31.54
CA TRP H 14 -3.84 -47.70 32.56
C TRP H 14 -4.92 -48.02 33.58
N GLU H 15 -5.39 -49.26 33.54
CA GLU H 15 -6.33 -49.73 34.55
C GLU H 15 -5.72 -49.70 35.95
N GLY H 16 -4.40 -49.73 36.01
CA GLY H 16 -3.71 -49.74 37.28
C GLY H 16 -3.50 -48.35 37.88
N MET H 17 -3.83 -47.29 37.14
N MET H 17 -3.90 -47.30 37.14
CA MET H 17 -3.75 -45.97 37.73
CA MET H 17 -3.81 -45.94 37.63
C MET H 17 -5.10 -45.71 38.34
C MET H 17 -5.10 -45.59 38.35
N ILE H 18 -5.15 -45.88 39.65
CA ILE H 18 -6.39 -45.79 40.41
C ILE H 18 -6.51 -44.55 41.34
N ASP H 19 -5.50 -43.69 41.34
CA ASP H 19 -5.50 -42.47 42.16
C ASP H 19 -5.43 -41.16 41.37
N GLY H 20 -5.72 -41.20 40.08
CA GLY H 20 -5.66 -39.99 39.27
C GLY H 20 -6.12 -40.26 37.87
N TRP H 21 -6.30 -39.21 37.08
CA TRP H 21 -6.74 -39.36 35.71
C TRP H 21 -5.58 -39.45 34.74
N TYR H 22 -4.50 -38.74 35.07
CA TYR H 22 -3.31 -38.66 34.24
C TYR H 22 -2.12 -38.88 35.13
N GLY H 23 -1.02 -39.39 34.59
CA GLY H 23 0.15 -39.58 35.42
C GLY H 23 1.37 -40.12 34.72
N PHE H 24 2.29 -40.64 35.53
CA PHE H 24 3.62 -40.98 35.08
C PHE H 24 3.92 -42.41 35.51
N ARG H 25 4.62 -43.15 34.66
CA ARG H 25 5.25 -44.39 35.08
C ARG H 25 6.72 -44.29 34.71
N HIS H 26 7.60 -44.82 35.54
CA HIS H 26 9.03 -44.68 35.26
C HIS H 26 9.74 -45.99 35.51
N GLN H 27 10.90 -46.11 34.87
CA GLN H 27 11.89 -47.13 35.20
C GLN H 27 13.22 -46.42 35.27
N ASN H 28 13.95 -46.66 36.35
CA ASN H 28 15.28 -46.10 36.53
C ASN H 28 16.15 -47.09 37.30
N SER H 29 17.30 -46.65 37.78
CA SER H 29 18.21 -47.55 38.46
C SER H 29 17.66 -48.05 39.79
N GLU H 30 16.62 -47.41 40.32
CA GLU H 30 16.07 -47.84 41.61
C GLU H 30 14.81 -48.67 41.48
N GLY H 31 14.37 -48.97 40.27
CA GLY H 31 13.23 -49.83 40.06
C GLY H 31 12.26 -49.14 39.15
N THR H 32 10.97 -49.40 39.39
CA THR H 32 9.93 -48.82 38.57
C THR H 32 8.91 -48.24 39.52
N GLY H 33 8.05 -47.37 39.00
CA GLY H 33 7.00 -46.81 39.82
C GLY H 33 5.94 -46.07 39.04
N GLN H 34 4.92 -45.60 39.76
CA GLN H 34 3.82 -44.86 39.15
C GLN H 34 3.39 -43.74 40.10
N ALA H 35 3.00 -42.61 39.55
CA ALA H 35 2.45 -41.51 40.36
C ALA H 35 1.42 -40.73 39.55
N ALA H 36 0.28 -40.43 40.17
CA ALA H 36 -0.70 -39.54 39.56
C ALA H 36 -0.12 -38.13 39.43
N ASP H 37 -0.49 -37.44 38.35
CA ASP H 37 -0.24 -36.00 38.23
C ASP H 37 -1.49 -35.25 38.69
N LEU H 38 -1.36 -34.51 39.78
N LEU H 38 -1.35 -34.50 39.77
CA LEU H 38 -2.51 -33.89 40.42
CA LEU H 38 -2.50 -33.89 40.43
C LEU H 38 -3.07 -32.70 39.65
C LEU H 38 -3.06 -32.70 39.65
N LYS H 39 -2.19 -31.89 39.08
CA LYS H 39 -2.61 -30.67 38.38
C LYS H 39 -3.44 -30.92 37.11
N SER H 40 -2.98 -31.83 36.26
N SER H 40 -3.00 -31.84 36.28
CA SER H 40 -3.70 -32.19 35.05
CA SER H 40 -3.73 -32.17 35.05
C SER H 40 -5.01 -32.91 35.36
C SER H 40 -5.04 -32.88 35.38
N THR H 41 -4.97 -33.79 36.36
CA THR H 41 -6.15 -34.52 36.81
C THR H 41 -7.19 -33.51 37.26
N GLN H 42 -6.76 -32.52 38.04
CA GLN H 42 -7.67 -31.53 38.62
C GLN H 42 -8.17 -30.55 37.56
N ALA H 43 -7.35 -30.27 36.55
CA ALA H 43 -7.78 -29.36 35.49
C ALA H 43 -8.93 -29.97 34.70
N ALA H 44 -8.79 -31.26 34.38
CA ALA H 44 -9.84 -31.97 33.66
C ALA H 44 -11.08 -32.08 34.54
N ILE H 45 -10.90 -32.46 35.80
CA ILE H 45 -12.02 -32.64 36.73
C ILE H 45 -12.76 -31.30 36.90
N ASP H 46 -12.03 -30.19 36.96
CA ASP H 46 -12.63 -28.88 37.21
C ASP H 46 -13.43 -28.45 35.99
N GLN H 47 -12.91 -28.72 34.81
CA GLN H 47 -13.64 -28.39 33.61
C GLN H 47 -14.93 -29.19 33.46
N ILE H 48 -14.86 -30.48 33.74
N ILE H 48 -14.87 -30.48 33.81
CA ILE H 48 -16.03 -31.35 33.62
CA ILE H 48 -16.04 -31.35 33.67
C ILE H 48 -17.10 -30.98 34.66
C ILE H 48 -17.10 -31.01 34.69
N ASN H 49 -16.66 -30.61 35.88
CA ASN H 49 -17.59 -30.19 36.92
C ASN H 49 -18.20 -28.83 36.55
N GLY H 50 -17.41 -27.99 35.88
CA GLY H 50 -17.92 -26.71 35.43
C GLY H 50 -19.07 -26.90 34.46
N LYS H 51 -18.87 -27.73 33.44
N LYS H 51 -18.85 -27.78 33.49
CA LYS H 51 -19.92 -27.92 32.44
CA LYS H 51 -19.83 -28.06 32.43
C LYS H 51 -21.12 -28.68 33.00
C LYS H 51 -21.09 -28.62 33.07
N LEU H 52 -20.87 -29.61 33.93
CA LEU H 52 -21.97 -30.35 34.56
C LEU H 52 -22.86 -29.38 35.34
N ASN H 53 -22.24 -28.47 36.10
CA ASN H 53 -23.01 -27.53 36.91
C ASN H 53 -23.74 -26.53 36.04
N ARG H 54 -23.18 -26.18 34.90
CA ARG H 54 -23.92 -25.32 33.98
C ARG H 54 -25.14 -26.04 33.43
N VAL H 55 -25.01 -27.33 33.13
CA VAL H 55 -26.11 -28.09 32.56
C VAL H 55 -27.21 -28.38 33.58
N ILE H 56 -26.85 -28.64 34.84
CA ILE H 56 -27.87 -29.08 35.81
C ILE H 56 -28.37 -27.90 36.65
N GLU H 57 -27.90 -26.68 36.32
CA GLU H 57 -28.38 -25.46 36.94
C GLU H 57 -29.83 -25.13 36.59
N LYS H 58 -30.59 -24.63 37.56
CA LYS H 58 -31.82 -23.90 37.27
C LYS H 58 -32.82 -24.60 36.35
N THR H 59 -33.56 -25.59 36.83
CA THR H 59 -34.75 -25.94 36.07
C THR H 59 -35.68 -24.74 36.06
N ASN H 60 -36.46 -24.61 35.01
CA ASN H 60 -37.55 -23.65 34.97
C ASN H 60 -38.68 -24.02 35.94
N GLU H 61 -39.34 -23.00 36.51
CA GLU H 61 -40.52 -23.19 37.36
C GLU H 61 -41.74 -22.70 36.59
N LYS H 62 -42.70 -23.61 36.37
CA LYS H 62 -43.95 -23.26 35.70
C LYS H 62 -45.15 -23.67 36.53
N PHE H 63 -46.25 -22.93 36.44
CA PHE H 63 -47.42 -23.21 37.30
C PHE H 63 -48.66 -23.52 36.45
N HIS H 64 -49.60 -22.58 36.30
CA HIS H 64 -50.76 -22.83 35.45
C HIS H 64 -50.31 -22.72 33.99
N GLN H 65 -50.62 -23.75 33.22
CA GLN H 65 -50.20 -23.88 31.82
C GLN H 65 -51.48 -24.21 31.02
N ILE H 66 -51.39 -25.01 29.98
CA ILE H 66 -52.57 -25.43 29.22
C ILE H 66 -52.81 -26.90 29.48
N GLU H 67 -54.03 -27.35 29.22
CA GLU H 67 -54.31 -28.78 29.32
C GLU H 67 -53.63 -29.53 28.19
N LYS H 68 -53.21 -30.75 28.50
CA LYS H 68 -52.46 -31.56 27.55
C LYS H 68 -53.08 -32.94 27.27
N GLU H 69 -54.11 -33.31 28.01
CA GLU H 69 -54.91 -34.48 27.72
C GLU H 69 -56.40 -34.10 27.71
N PHE H 70 -57.18 -34.79 26.90
CA PHE H 70 -58.57 -34.42 26.67
C PHE H 70 -59.45 -35.64 26.61
N SER H 71 -60.63 -35.56 27.22
CA SER H 71 -61.51 -36.70 27.28
C SER H 71 -62.61 -36.66 26.20
N GLU H 72 -62.72 -35.55 25.47
CA GLU H 72 -63.72 -35.42 24.40
C GLU H 72 -63.09 -34.86 23.15
N VAL H 73 -63.55 -35.31 21.98
CA VAL H 73 -63.17 -34.64 20.73
C VAL H 73 -63.80 -33.25 20.65
N GLU H 74 -62.98 -32.25 20.32
CA GLU H 74 -63.44 -30.87 20.19
C GLU H 74 -63.09 -30.16 18.90
N GLY H 75 -62.14 -30.69 18.13
CA GLY H 75 -61.77 -30.05 16.90
C GLY H 75 -60.70 -29.00 17.13
N ARG H 76 -60.94 -27.82 16.55
CA ARG H 76 -59.93 -26.80 16.27
C ARG H 76 -59.07 -26.31 17.42
N ILE H 77 -59.70 -25.96 18.53
N ILE H 77 -59.71 -25.99 18.53
CA ILE H 77 -58.95 -25.44 19.67
CA ILE H 77 -58.96 -25.44 19.65
C ILE H 77 -58.11 -26.53 20.30
C ILE H 77 -58.11 -26.52 20.29
N GLN H 78 -58.66 -27.72 20.40
CA GLN H 78 -57.90 -28.85 20.90
C GLN H 78 -56.76 -29.21 19.96
N ASP H 79 -57.03 -29.15 18.65
CA ASP H 79 -56.00 -29.41 17.66
C ASP H 79 -54.81 -28.50 17.89
N LEU H 80 -55.10 -27.21 18.07
CA LEU H 80 -54.07 -26.22 18.29
C LEU H 80 -53.31 -26.42 19.60
N GLU H 81 -54.02 -26.71 20.69
CA GLU H 81 -53.37 -27.00 21.98
C GLU H 81 -52.41 -28.17 21.89
N LYS H 82 -52.82 -29.21 21.18
CA LYS H 82 -52.01 -30.42 21.07
C LYS H 82 -50.83 -30.16 20.17
N TYR H 83 -51.02 -29.34 19.13
CA TYR H 83 -49.95 -29.02 18.21
C TYR H 83 -48.91 -28.15 18.88
N VAL H 84 -49.34 -27.22 19.72
CA VAL H 84 -48.46 -26.33 20.45
C VAL H 84 -47.61 -27.19 21.38
N GLU H 85 -48.23 -28.11 22.09
CA GLU H 85 -47.48 -28.96 23.00
C GLU H 85 -46.52 -29.90 22.27
N ASP H 86 -46.97 -30.49 21.18
CA ASP H 86 -46.15 -31.43 20.41
C ASP H 86 -44.93 -30.73 19.84
N THR H 87 -45.15 -29.51 19.39
CA THR H 87 -44.12 -28.70 18.79
C THR H 87 -43.08 -28.36 19.85
N LYS H 88 -43.54 -27.96 21.03
CA LYS H 88 -42.66 -27.62 22.13
C LYS H 88 -41.81 -28.82 22.49
N ILE H 89 -42.43 -29.99 22.60
CA ILE H 89 -41.73 -31.18 23.05
C ILE H 89 -40.68 -31.57 22.00
N ASP H 90 -41.00 -31.43 20.72
CA ASP H 90 -40.05 -31.82 19.69
C ASP H 90 -38.83 -30.92 19.69
N LEU H 91 -39.05 -29.62 19.90
CA LEU H 91 -37.94 -28.70 20.03
C LEU H 91 -37.04 -28.93 21.24
N TRP H 92 -37.61 -29.18 22.41
CA TRP H 92 -36.81 -29.46 23.58
C TRP H 92 -36.06 -30.78 23.45
N SER H 93 -36.66 -31.76 22.80
CA SER H 93 -36.02 -33.05 22.62
C SER H 93 -34.81 -32.87 21.72
N TYR H 94 -34.96 -32.04 20.69
CA TYR H 94 -33.85 -31.72 19.81
C TYR H 94 -32.75 -30.99 20.58
N ASN H 95 -33.11 -30.03 21.42
CA ASN H 95 -32.12 -29.30 22.19
C ASN H 95 -31.35 -30.25 23.10
N ALA H 96 -32.04 -31.23 23.67
CA ALA H 96 -31.42 -32.16 24.60
C ALA H 96 -30.41 -33.07 23.89
N GLU H 97 -30.82 -33.60 22.73
CA GLU H 97 -29.99 -34.49 21.91
C GLU H 97 -28.71 -33.77 21.48
N LEU H 98 -28.88 -32.55 21.00
CA LEU H 98 -27.78 -31.75 20.49
C LEU H 98 -26.87 -31.35 21.63
N LEU H 99 -27.46 -31.02 22.78
CA LEU H 99 -26.67 -30.56 23.91
C LEU H 99 -25.72 -31.65 24.35
N VAL H 100 -26.21 -32.88 24.53
CA VAL H 100 -25.30 -33.93 24.97
C VAL H 100 -24.29 -34.31 23.89
N ALA H 101 -24.70 -34.27 22.63
CA ALA H 101 -23.75 -34.53 21.56
C ALA H 101 -22.57 -33.55 21.55
N LEU H 102 -22.84 -32.26 21.69
CA LEU H 102 -21.79 -31.24 21.66
C LEU H 102 -20.92 -31.31 22.88
N GLU H 103 -21.55 -31.46 24.03
CA GLU H 103 -20.86 -31.53 25.28
C GLU H 103 -19.93 -32.73 25.27
N ASN H 104 -20.41 -33.86 24.77
CA ASN H 104 -19.64 -35.09 24.84
C ASN H 104 -18.44 -35.06 23.87
N GLN H 105 -18.65 -34.51 22.67
CA GLN H 105 -17.53 -34.35 21.74
C GLN H 105 -16.46 -33.48 22.38
N HIS H 106 -16.91 -32.41 23.02
CA HIS H 106 -16.00 -31.45 23.64
C HIS H 106 -15.30 -32.04 24.89
N THR H 107 -15.97 -32.91 25.64
CA THR H 107 -15.37 -33.56 26.80
C THR H 107 -14.27 -34.52 26.41
N ILE H 108 -14.51 -35.26 25.34
CA ILE H 108 -13.51 -36.19 24.82
C ILE H 108 -12.31 -35.41 24.33
N ASP H 109 -12.58 -34.31 23.62
CA ASP H 109 -11.52 -33.48 23.10
C ASP H 109 -10.74 -32.73 24.19
N LEU H 110 -11.38 -32.32 25.28
CA LEU H 110 -10.68 -31.55 26.31
C LEU H 110 -9.80 -32.46 27.18
N THR H 111 -10.27 -33.69 27.41
CA THR H 111 -9.46 -34.68 28.15
C THR H 111 -8.26 -35.16 27.33
N ASP H 112 -8.49 -35.37 26.04
CA ASP H 112 -7.43 -35.66 25.09
C ASP H 112 -6.42 -34.53 25.15
N SER H 113 -6.94 -33.31 25.13
CA SER H 113 -6.11 -32.13 25.22
C SER H 113 -5.24 -32.08 26.48
N GLU H 114 -5.82 -32.35 27.65
CA GLU H 114 -5.05 -32.30 28.90
C GLU H 114 -3.93 -33.32 28.90
N MET H 115 -4.21 -34.49 28.35
CA MET H 115 -3.18 -35.50 28.20
C MET H 115 -2.04 -34.94 27.35
N ASN H 116 -2.40 -34.33 26.23
CA ASN H 116 -1.40 -33.80 25.32
C ASN H 116 -0.60 -32.68 25.96
N LYS H 117 -1.24 -31.84 26.78
CA LYS H 117 -0.55 -30.71 27.42
C LYS H 117 0.47 -31.18 28.45
N LEU H 118 0.12 -32.20 29.21
CA LEU H 118 1.05 -32.77 30.18
C LEU H 118 2.27 -33.34 29.46
N PHE H 119 2.03 -34.07 28.37
CA PHE H 119 3.12 -34.62 27.58
C PHE H 119 4.06 -33.53 27.05
N GLU H 120 3.51 -32.46 26.49
CA GLU H 120 4.32 -31.38 25.93
C GLU H 120 5.10 -30.65 27.04
N LYS H 121 4.49 -30.48 28.20
CA LYS H 121 5.13 -29.77 29.30
C LYS H 121 6.35 -30.53 29.82
N THR H 122 6.17 -31.84 29.93
CA THR H 122 7.24 -32.73 30.41
C THR H 122 8.40 -32.70 29.42
N GLY H 123 8.06 -32.83 28.15
CA GLY H 123 9.04 -32.72 27.08
C GLY H 123 9.83 -31.44 27.21
N ARG H 124 9.13 -30.34 27.48
CA ARG H 124 9.78 -29.04 27.59
C ARG H 124 10.72 -28.95 28.79
N GLN H 125 10.36 -29.60 29.90
CA GLN H 125 11.26 -29.62 31.05
C GLN H 125 12.55 -30.35 30.69
N LEU H 126 12.42 -31.47 29.98
CA LEU H 126 13.58 -32.30 29.72
C LEU H 126 14.58 -31.71 28.73
N ARG H 127 14.16 -30.74 27.92
CA ARG H 127 15.04 -30.05 26.98
C ARG H 127 15.81 -31.09 26.12
N GLU H 128 17.14 -31.06 26.10
CA GLU H 128 17.92 -31.94 25.27
C GLU H 128 18.34 -33.22 26.00
N ASN H 129 17.75 -33.49 27.16
CA ASN H 129 18.20 -34.61 27.97
C ASN H 129 17.41 -35.87 27.74
N ALA H 130 16.40 -35.81 26.88
CA ALA H 130 15.55 -36.95 26.64
C ALA H 130 15.08 -36.90 25.19
N GLU H 131 14.57 -38.03 24.69
CA GLU H 131 13.92 -38.04 23.38
C GLU H 131 12.56 -38.70 23.47
N ASP H 132 11.62 -38.16 22.69
CA ASP H 132 10.29 -38.69 22.56
C ASP H 132 10.35 -39.99 21.77
N MET H 133 9.94 -41.09 22.40
CA MET H 133 9.99 -42.41 21.77
C MET H 133 8.79 -42.67 20.84
N GLY H 134 7.83 -41.75 20.85
CA GLY H 134 6.70 -41.74 19.94
C GLY H 134 5.46 -42.44 20.44
N ASN H 135 5.54 -43.02 21.64
CA ASN H 135 4.44 -43.76 22.25
C ASN H 135 4.05 -43.12 23.58
N GLY H 136 4.41 -41.84 23.75
CA GLY H 136 4.14 -41.12 24.98
C GLY H 136 5.19 -41.32 26.08
N CYS H 137 6.31 -41.95 25.75
CA CYS H 137 7.40 -42.18 26.71
C CYS H 137 8.63 -41.40 26.29
N PHE H 138 9.38 -40.91 27.27
CA PHE H 138 10.67 -40.29 27.04
C PHE H 138 11.79 -41.23 27.47
N LYS H 139 12.76 -41.42 26.59
CA LYS H 139 14.03 -42.01 26.96
C LYS H 139 14.92 -40.93 27.51
N ILE H 140 15.29 -41.06 28.79
CA ILE H 140 16.14 -40.10 29.48
C ILE H 140 17.56 -40.63 29.47
N TYR H 141 18.47 -39.81 28.93
CA TYR H 141 19.83 -40.22 28.56
C TYR H 141 20.85 -39.95 29.66
N HIS H 142 20.43 -40.03 30.93
CA HIS H 142 21.34 -39.87 32.05
C HIS H 142 20.77 -40.64 33.23
N LYS H 143 21.63 -40.97 34.19
CA LYS H 143 21.16 -41.60 35.41
C LYS H 143 20.15 -40.71 36.11
N CYS H 144 18.98 -41.25 36.43
CA CYS H 144 17.92 -40.43 37.00
C CYS H 144 17.21 -41.23 38.07
N ASP H 145 17.67 -41.06 39.31
CA ASP H 145 17.14 -41.82 40.43
C ASP H 145 15.76 -41.30 40.86
N ASN H 146 15.21 -41.85 41.94
CA ASN H 146 13.83 -41.55 42.33
C ASN H 146 13.62 -40.07 42.62
N ALA H 147 14.62 -39.42 43.23
CA ALA H 147 14.50 -37.99 43.52
C ALA H 147 14.52 -37.17 42.24
N CYS H 148 15.29 -37.62 41.24
CA CYS H 148 15.32 -36.95 39.93
C CYS H 148 13.98 -37.07 39.19
N ILE H 149 13.44 -38.29 39.18
CA ILE H 149 12.12 -38.52 38.60
C ILE H 149 11.12 -37.61 39.28
N GLU H 150 11.20 -37.52 40.60
CA GLU H 150 10.27 -36.68 41.34
C GLU H 150 10.46 -35.20 41.02
N SER H 151 11.70 -34.80 40.76
CA SER H 151 11.97 -33.43 40.36
C SER H 151 11.29 -33.11 39.04
N ILE H 152 11.25 -34.09 38.12
CA ILE H 152 10.49 -33.91 36.89
C ILE H 152 8.98 -33.81 37.17
N ARG H 153 8.46 -34.74 37.98
CA ARG H 153 7.03 -34.80 38.27
C ARG H 153 6.51 -33.54 38.98
N ASN H 154 7.34 -32.90 39.81
CA ASN H 154 6.91 -31.73 40.56
C ASN H 154 7.35 -30.40 39.92
N GLY H 155 8.01 -30.49 38.76
CA GLY H 155 8.25 -29.34 37.90
C GLY H 155 9.49 -28.51 38.26
N THR H 156 10.43 -29.12 38.99
CA THR H 156 11.64 -28.41 39.42
C THR H 156 12.93 -28.96 38.82
N TYR H 157 12.81 -29.90 37.88
CA TYR H 157 13.96 -30.52 37.22
C TYR H 157 14.88 -29.48 36.57
N ASP H 158 16.19 -29.63 36.83
CA ASP H 158 17.20 -28.70 36.30
C ASP H 158 18.00 -29.38 35.20
N HIS H 159 17.64 -29.08 33.96
CA HIS H 159 18.19 -29.79 32.82
C HIS H 159 19.70 -29.56 32.72
N ASP H 160 20.17 -28.40 33.18
CA ASP H 160 21.59 -28.06 33.05
C ASP H 160 22.47 -28.98 33.87
N VAL H 161 21.94 -29.49 34.98
CA VAL H 161 22.71 -30.37 35.84
C VAL H 161 23.12 -31.62 35.08
N TYR H 162 22.23 -32.08 34.19
CA TYR H 162 22.40 -33.37 33.54
C TYR H 162 22.80 -33.25 32.07
N ARG H 163 22.89 -32.02 31.56
CA ARG H 163 23.02 -31.84 30.11
C ARG H 163 24.25 -32.47 29.51
N ASP H 164 25.40 -32.33 30.14
CA ASP H 164 26.63 -32.90 29.61
C ASP H 164 26.54 -34.41 29.50
N GLU H 165 26.09 -35.05 30.58
CA GLU H 165 25.92 -36.49 30.63
C GLU H 165 24.97 -36.97 29.52
N ALA H 166 23.85 -36.27 29.37
CA ALA H 166 22.80 -36.68 28.44
C ALA H 166 23.26 -36.58 26.99
N LEU H 167 23.88 -35.46 26.65
CA LEU H 167 24.36 -35.23 25.31
C LEU H 167 25.44 -36.23 24.95
N ASN H 168 26.32 -36.54 25.89
CA ASN H 168 27.35 -37.55 25.65
C ASN H 168 26.70 -38.88 25.30
N ASN H 169 25.68 -39.26 26.05
CA ASN H 169 24.96 -40.50 25.76
C ASN H 169 24.12 -40.45 24.47
N ARG H 170 23.57 -39.30 24.11
CA ARG H 170 22.69 -39.25 22.95
C ARG H 170 23.47 -39.28 21.65
N PHE H 171 24.55 -38.51 21.61
CA PHE H 171 25.18 -38.15 20.35
C PHE H 171 26.57 -38.75 20.13
N GLN H 172 27.11 -39.41 21.15
CA GLN H 172 28.45 -39.96 21.08
C GLN H 172 28.48 -41.36 21.68
N PRO I 3 27.49 -16.42 24.02
CA PRO I 3 27.07 -15.35 23.10
C PRO I 3 25.88 -15.77 22.26
N GLY I 4 24.71 -15.22 22.56
CA GLY I 4 23.50 -15.54 21.83
C GLY I 4 22.40 -14.51 22.06
N ALA I 5 21.16 -14.97 21.93
CA ALA I 5 20.00 -14.10 22.09
C ALA I 5 18.82 -14.90 22.59
N THR I 6 17.76 -14.19 22.98
CA THR I 6 16.52 -14.82 23.41
C THR I 6 15.36 -14.19 22.69
N LEU I 7 14.40 -15.00 22.27
CA LEU I 7 13.22 -14.48 21.57
C LEU I 7 11.96 -15.08 22.19
N CYS I 8 11.14 -14.24 22.82
CA CYS I 8 9.94 -14.70 23.52
C CYS I 8 8.71 -14.33 22.74
N LEU I 9 7.79 -15.28 22.69
CA LEU I 9 6.49 -15.07 22.09
C LEU I 9 5.52 -14.78 23.22
N GLY I 10 4.56 -13.91 22.96
CA GLY I 10 3.57 -13.58 23.96
C GLY I 10 2.34 -12.98 23.32
N HIS I 11 1.40 -12.57 24.16
CA HIS I 11 0.14 -12.00 23.71
C HIS I 11 -0.21 -10.87 24.63
N HIS I 12 -1.13 -9.99 24.22
CA HIS I 12 -1.48 -8.86 25.05
C HIS I 12 -2.42 -9.21 26.22
N ALA I 13 -2.61 -8.21 27.09
CA ALA I 13 -3.55 -8.26 28.20
C ALA I 13 -3.89 -6.82 28.54
N VAL I 14 -4.93 -6.61 29.34
CA VAL I 14 -5.28 -5.27 29.80
C VAL I 14 -5.46 -5.32 31.31
N PRO I 15 -5.35 -4.16 31.99
CA PRO I 15 -5.42 -4.20 33.46
C PRO I 15 -6.72 -4.80 33.98
N ASN I 16 -7.86 -4.49 33.37
CA ASN I 16 -9.07 -5.22 33.66
C ASN I 16 -9.95 -5.35 32.42
N GLY I 17 -10.39 -6.57 32.18
CA GLY I 17 -11.18 -6.91 31.01
C GLY I 17 -12.66 -7.00 31.37
N THR I 18 -13.35 -7.96 30.75
N THR I 18 -13.32 -8.00 30.82
CA THR I 18 -14.79 -8.17 30.91
CA THR I 18 -14.75 -8.18 31.04
C THR I 18 -15.05 -9.64 31.23
C THR I 18 -15.12 -9.64 31.16
N LEU I 19 -16.06 -9.93 32.06
CA LEU I 19 -16.43 -11.30 32.37
C LEU I 19 -17.47 -11.81 31.37
N VAL I 20 -17.26 -13.01 30.85
CA VAL I 20 -18.21 -13.69 29.96
C VAL I 20 -18.45 -15.11 30.42
N LYS I 21 -19.46 -15.75 29.83
CA LYS I 21 -19.80 -17.14 30.17
C LYS I 21 -19.35 -18.08 29.08
N THR I 22 -18.96 -19.28 29.48
CA THR I 22 -18.56 -20.32 28.53
C THR I 22 -19.28 -21.62 28.84
N ILE I 23 -18.88 -22.70 28.18
CA ILE I 23 -19.42 -24.01 28.49
C ILE I 23 -18.98 -24.46 29.86
N THR I 24 -17.71 -24.24 30.19
N THR I 24 -17.76 -24.12 30.24
CA THR I 24 -17.17 -24.70 31.47
CA THR I 24 -17.16 -24.63 31.46
C THR I 24 -17.11 -23.66 32.62
C THR I 24 -17.34 -23.67 32.63
N ASP I 25 -17.29 -22.38 32.33
CA ASP I 25 -17.18 -21.34 33.36
C ASP I 25 -18.34 -20.39 33.36
N ASP I 26 -18.91 -20.13 34.53
N ASP I 26 -18.89 -20.14 34.56
CA ASP I 26 -19.95 -19.13 34.63
CA ASP I 26 -19.95 -19.15 34.74
C ASP I 26 -19.33 -17.75 34.43
C ASP I 26 -19.37 -17.76 34.51
N GLN I 27 -18.11 -17.57 34.89
CA GLN I 27 -17.43 -16.28 34.77
C GLN I 27 -15.94 -16.48 34.51
N ILE I 28 -15.46 -15.98 33.37
CA ILE I 28 -14.04 -16.03 33.03
C ILE I 28 -13.70 -14.72 32.29
N GLU I 29 -12.53 -14.17 32.53
CA GLU I 29 -12.19 -12.84 32.03
C GLU I 29 -11.56 -12.86 30.64
N VAL I 30 -12.11 -12.08 29.70
CA VAL I 30 -11.50 -11.89 28.39
C VAL I 30 -11.13 -10.43 28.19
N THR I 31 -10.39 -10.12 27.12
CA THR I 31 -9.90 -8.76 26.93
C THR I 31 -11.00 -7.80 26.51
N ASN I 32 -12.05 -8.33 25.88
CA ASN I 32 -13.10 -7.51 25.33
C ASN I 32 -14.29 -8.41 25.07
N ALA I 33 -15.49 -7.82 25.08
CA ALA I 33 -16.70 -8.51 24.74
C ALA I 33 -17.70 -7.47 24.27
N THR I 34 -18.82 -7.93 23.70
CA THR I 34 -19.85 -7.02 23.23
C THR I 34 -21.23 -7.53 23.65
N GLU I 35 -22.15 -6.62 23.91
CA GLU I 35 -23.45 -6.98 24.49
C GLU I 35 -24.40 -7.46 23.38
N LEU I 36 -25.07 -8.60 23.59
CA LEU I 36 -26.01 -9.12 22.59
C LEU I 36 -27.49 -8.90 22.95
N VAL I 37 -27.76 -8.38 24.14
CA VAL I 37 -29.15 -8.11 24.57
C VAL I 37 -29.40 -6.62 24.62
N GLN I 38 -30.31 -6.14 23.80
CA GLN I 38 -30.70 -4.75 23.90
C GLN I 38 -31.61 -4.62 25.11
N SER I 39 -31.20 -3.84 26.11
CA SER I 39 -31.96 -3.74 27.36
C SER I 39 -32.51 -2.34 27.63
N SER I 40 -32.25 -1.38 26.74
CA SER I 40 -32.74 -0.02 26.92
C SER I 40 -33.49 0.51 25.70
N SER I 41 -34.36 1.49 25.94
CA SER I 41 -35.06 2.23 24.90
C SER I 41 -35.00 3.71 25.28
N THR I 42 -35.04 4.59 24.29
CA THR I 42 -35.20 6.02 24.54
C THR I 42 -36.52 6.35 25.22
N GLY I 43 -37.52 5.50 25.06
CA GLY I 43 -38.84 5.73 25.61
C GLY I 43 -39.76 6.41 24.61
N LYS I 44 -39.31 6.57 23.37
CA LYS I 44 -40.11 7.19 22.33
C LYS I 44 -40.23 6.31 21.08
N ILE I 45 -41.42 6.31 20.50
CA ILE I 45 -41.67 5.64 19.23
C ILE I 45 -41.30 6.53 18.06
N CYS I 46 -40.39 6.04 17.23
CA CYS I 46 -39.97 6.74 16.01
C CYS I 46 -41.00 6.65 14.90
N ASN I 47 -41.29 7.78 14.28
CA ASN I 47 -42.32 7.88 13.24
C ASN I 47 -41.87 7.47 11.83
N ASN I 48 -40.63 7.05 11.68
CA ASN I 48 -40.12 6.49 10.44
C ASN I 48 -39.32 5.24 10.78
N PRO I 49 -39.24 4.27 9.85
CA PRO I 49 -39.77 4.29 8.49
C PRO I 49 -41.23 3.88 8.41
N HIS I 50 -41.79 3.40 9.51
CA HIS I 50 -43.15 2.89 9.53
C HIS I 50 -44.17 4.00 9.68
N ARG I 51 -45.32 3.84 9.03
CA ARG I 51 -46.39 4.80 9.19
C ARG I 51 -47.13 4.55 10.50
N ILE I 52 -47.00 5.49 11.43
CA ILE I 52 -47.62 5.36 12.74
C ILE I 52 -48.89 6.20 12.73
N LEU I 53 -50.00 5.64 13.21
CA LEU I 53 -51.22 6.41 13.37
C LEU I 53 -51.49 6.36 14.85
N ASP I 54 -51.38 7.51 15.50
CA ASP I 54 -51.61 7.64 16.92
C ASP I 54 -53.10 7.77 17.19
N GLY I 55 -53.65 6.84 17.97
CA GLY I 55 -55.08 6.83 18.22
C GLY I 55 -55.57 7.93 19.14
N ILE I 56 -54.67 8.53 19.92
CA ILE I 56 -55.08 9.58 20.87
C ILE I 56 -56.26 9.14 21.76
N ASP I 57 -57.42 9.79 21.64
CA ASP I 57 -58.57 9.47 22.47
C ASP I 57 -59.41 8.30 21.95
N CYS I 58 -58.98 7.65 20.87
CA CYS I 58 -59.79 6.63 20.20
C CYS I 58 -59.12 5.26 20.16
N THR I 59 -59.93 4.23 20.38
CA THR I 59 -59.59 2.85 20.07
C THR I 59 -59.79 2.64 18.58
N LEU I 60 -59.19 1.59 18.04
CA LEU I 60 -59.36 1.29 16.63
C LEU I 60 -60.82 0.97 16.29
N ILE I 61 -61.50 0.27 17.18
CA ILE I 61 -62.91 -0.05 16.93
C ILE I 61 -63.78 1.19 16.96
N ASP I 62 -63.55 2.14 17.86
CA ASP I 62 -64.32 3.38 17.84
C ASP I 62 -64.12 4.20 16.58
N ALA I 63 -62.91 4.17 16.04
CA ALA I 63 -62.64 4.83 14.77
C ALA I 63 -63.38 4.11 13.65
N LEU I 64 -63.38 2.78 13.68
CA LEU I 64 -64.07 1.98 12.67
C LEU I 64 -65.55 2.31 12.61
N LEU I 65 -66.23 2.28 13.75
CA LEU I 65 -67.68 2.49 13.80
C LEU I 65 -68.06 3.92 13.46
N GLY I 66 -67.18 4.87 13.80
CA GLY I 66 -67.46 6.27 13.52
C GLY I 66 -68.10 7.05 14.64
N ASP I 67 -67.69 6.73 15.87
CA ASP I 67 -67.95 7.60 17.02
C ASP I 67 -67.56 9.01 16.62
N PRO I 68 -68.46 10.01 16.82
CA PRO I 68 -68.14 11.34 16.30
C PRO I 68 -66.76 11.88 16.68
N HIS I 69 -66.29 11.72 17.92
CA HIS I 69 -64.99 12.30 18.26
C HIS I 69 -63.81 11.52 17.63
N CYS I 70 -64.10 10.38 17.03
CA CYS I 70 -63.11 9.59 16.30
C CYS I 70 -63.22 9.74 14.79
N ASP I 71 -64.15 10.54 14.29
CA ASP I 71 -64.34 10.62 12.83
C ASP I 71 -63.19 11.32 12.12
N VAL I 72 -62.29 11.93 12.88
N VAL I 72 -62.31 11.96 12.88
CA VAL I 72 -61.06 12.47 12.30
CA VAL I 72 -61.05 12.46 12.34
C VAL I 72 -60.18 11.34 11.74
C VAL I 72 -60.28 11.33 11.63
N PHE I 73 -60.49 10.09 12.08
CA PHE I 73 -59.81 8.92 11.54
C PHE I 73 -60.44 8.28 10.30
N GLN I 74 -61.50 8.88 9.75
CA GLN I 74 -62.13 8.35 8.53
C GLN I 74 -61.13 8.19 7.39
N ASN I 75 -61.13 7.02 6.78
CA ASN I 75 -60.27 6.72 5.64
C ASN I 75 -58.77 6.71 5.96
N GLU I 76 -58.43 6.61 7.25
CA GLU I 76 -57.02 6.67 7.62
C GLU I 76 -56.37 5.33 7.32
N THR I 77 -55.05 5.32 7.21
CA THR I 77 -54.30 4.08 7.00
C THR I 77 -53.11 4.06 7.94
N TRP I 78 -52.52 2.89 8.16
CA TRP I 78 -51.38 2.80 9.07
C TRP I 78 -50.60 1.54 8.80
N ASP I 79 -49.31 1.56 9.12
CA ASP I 79 -48.54 0.36 9.34
C ASP I 79 -48.73 -0.10 10.77
N LEU I 80 -48.66 0.85 11.70
CA LEU I 80 -48.92 0.55 13.10
C LEU I 80 -49.92 1.53 13.74
N PHE I 81 -51.05 1.02 14.21
CA PHE I 81 -52.02 1.82 14.95
C PHE I 81 -51.65 1.76 16.43
N VAL I 82 -51.57 2.92 17.09
CA VAL I 82 -51.19 2.99 18.49
C VAL I 82 -52.40 3.39 19.36
N GLU I 83 -52.89 2.47 20.18
CA GLU I 83 -53.99 2.76 21.10
C GLU I 83 -53.46 3.24 22.43
N ARG I 84 -54.05 4.34 22.91
CA ARG I 84 -53.64 4.98 24.15
C ARG I 84 -54.55 4.54 25.27
N SER I 85 -54.00 4.43 26.47
CA SER I 85 -54.78 4.03 27.63
C SER I 85 -55.87 5.07 27.95
N LYS I 86 -55.69 6.31 27.47
CA LYS I 86 -56.67 7.36 27.75
C LYS I 86 -57.86 7.33 26.80
N ALA I 87 -57.91 6.39 25.86
CA ALA I 87 -59.02 6.35 24.90
C ALA I 87 -60.35 6.15 25.66
N PHE I 88 -61.43 6.70 25.11
CA PHE I 88 -62.75 6.55 25.71
C PHE I 88 -63.81 6.48 24.62
N SER I 89 -64.94 5.84 24.90
CA SER I 89 -66.06 5.88 23.95
C SER I 89 -66.97 7.02 24.36
N ASN I 90 -67.57 7.68 23.38
CA ASN I 90 -68.50 8.76 23.63
C ASN I 90 -69.75 8.66 22.73
N CYS I 91 -70.20 7.45 22.45
CA CYS I 91 -71.33 7.24 21.53
C CYS I 91 -72.26 6.22 22.13
N TYR I 92 -73.08 5.57 21.31
CA TYR I 92 -74.06 4.67 21.87
C TYR I 92 -73.33 3.51 22.54
N PRO I 93 -73.79 3.11 23.74
CA PRO I 93 -73.08 2.03 24.41
C PRO I 93 -73.26 0.73 23.68
N TYR I 94 -72.16 0.01 23.51
CA TYR I 94 -72.16 -1.13 22.61
C TYR I 94 -71.25 -2.22 23.13
N ASP I 95 -71.43 -3.42 22.62
CA ASP I 95 -70.43 -4.46 22.79
C ASP I 95 -70.21 -5.12 21.46
N VAL I 96 -69.09 -5.81 21.34
CA VAL I 96 -68.77 -6.53 20.13
C VAL I 96 -68.48 -7.97 20.54
N PRO I 97 -69.39 -8.91 20.28
CA PRO I 97 -68.99 -10.30 20.48
C PRO I 97 -67.73 -10.57 19.69
N ASP I 98 -66.74 -11.22 20.30
CA ASP I 98 -65.44 -11.40 19.64
C ASP I 98 -64.80 -10.06 19.26
N TYR I 99 -64.86 -9.09 20.18
CA TYR I 99 -64.18 -7.80 20.04
C TYR I 99 -62.74 -7.96 19.57
N ALA I 100 -62.02 -8.90 20.15
CA ALA I 100 -60.60 -9.04 19.87
C ALA I 100 -60.36 -9.37 18.39
N SER I 101 -61.25 -10.17 17.82
CA SER I 101 -61.11 -10.59 16.41
C SER I 101 -61.37 -9.49 15.42
N LEU I 102 -62.40 -8.70 15.69
CA LEU I 102 -62.71 -7.60 14.79
C LEU I 102 -61.56 -6.61 14.81
N ARG I 103 -61.10 -6.29 16.01
CA ARG I 103 -59.96 -5.39 16.20
C ARG I 103 -58.74 -5.88 15.46
N SER I 104 -58.47 -7.18 15.57
CA SER I 104 -57.31 -7.77 14.91
C SER I 104 -57.38 -7.67 13.40
N LEU I 105 -58.53 -8.03 12.84
CA LEU I 105 -58.65 -8.16 11.41
C LEU I 105 -58.65 -6.80 10.73
N VAL I 106 -59.22 -5.80 11.41
CA VAL I 106 -59.15 -4.43 10.91
C VAL I 106 -57.72 -3.90 11.02
N ALA I 107 -57.06 -4.20 12.13
CA ALA I 107 -55.70 -3.72 12.37
C ALA I 107 -54.77 -4.27 11.30
N SER I 108 -55.00 -5.52 10.94
CA SER I 108 -54.20 -6.23 9.95
C SER I 108 -54.50 -5.69 8.56
N SER I 109 -55.77 -5.34 8.34
CA SER I 109 -56.16 -4.74 7.07
C SER I 109 -55.45 -3.42 6.89
N GLY I 110 -55.32 -2.65 7.97
CA GLY I 110 -54.45 -1.50 7.94
C GLY I 110 -55.07 -0.26 7.32
N THR I 111 -56.38 -0.27 7.16
CA THR I 111 -57.05 0.88 6.59
C THR I 111 -58.48 0.98 7.08
N LEU I 112 -58.97 2.20 7.16
CA LEU I 112 -60.38 2.47 7.40
C LEU I 112 -61.08 2.97 6.15
N GLU I 113 -60.48 2.78 4.98
CA GLU I 113 -61.14 3.21 3.76
C GLU I 113 -62.52 2.63 3.67
N PHE I 114 -63.49 3.51 3.50
CA PHE I 114 -64.87 3.12 3.52
C PHE I 114 -65.53 3.61 2.25
N ILE I 115 -66.36 2.78 1.64
CA ILE I 115 -67.03 3.11 0.41
C ILE I 115 -68.47 2.88 0.68
N THR I 116 -69.21 3.95 0.63
CA THR I 116 -70.64 3.89 0.83
C THR I 116 -71.36 3.29 -0.34
N GLU I 117 -72.38 2.52 0.01
CA GLU I 117 -73.29 1.96 -0.96
C GLU I 117 -74.72 2.46 -0.77
N GLY I 118 -75.43 2.44 -1.88
CA GLY I 118 -76.76 2.95 -2.04
C GLY I 118 -77.82 1.93 -1.66
N PHE I 119 -77.77 1.46 -0.42
CA PHE I 119 -78.82 0.61 0.10
C PHE I 119 -80.14 1.32 0.04
N THR I 120 -81.18 0.56 -0.27
CA THR I 120 -82.53 1.08 -0.23
C THR I 120 -83.29 0.44 0.93
N TRP I 121 -83.85 1.28 1.79
CA TRP I 121 -84.55 0.76 2.97
C TRP I 121 -86.00 1.21 2.85
N THR I 122 -86.80 0.37 2.21
CA THR I 122 -88.14 0.77 1.87
C THR I 122 -89.00 0.61 3.12
N GLY I 123 -89.70 1.69 3.47
CA GLY I 123 -90.72 1.62 4.51
C GLY I 123 -90.21 1.79 5.92
N VAL I 124 -88.97 2.29 6.08
CA VAL I 124 -88.48 2.62 7.40
C VAL I 124 -87.92 4.03 7.43
N THR I 125 -87.82 4.60 8.62
CA THR I 125 -87.17 5.88 8.81
C THR I 125 -85.69 5.63 9.02
N GLN I 126 -84.85 6.40 8.35
CA GLN I 126 -83.42 6.21 8.47
C GLN I 126 -82.75 7.22 9.39
N ASN I 127 -81.48 6.95 9.62
CA ASN I 127 -80.52 7.86 10.24
C ASN I 127 -80.78 8.20 11.69
N GLY I 128 -81.26 7.24 12.48
CA GLY I 128 -81.51 7.49 13.88
C GLY I 128 -80.28 7.91 14.63
N GLY I 129 -80.50 8.71 15.68
CA GLY I 129 -79.44 9.22 16.51
C GLY I 129 -79.81 9.34 17.97
N SER I 130 -78.86 9.78 18.79
CA SER I 130 -79.03 9.74 20.21
C SER I 130 -78.25 10.84 20.91
N ASN I 131 -78.79 11.34 22.02
CA ASN I 131 -78.05 12.30 22.84
C ASN I 131 -76.97 11.58 23.65
N ALA I 132 -76.91 10.26 23.54
CA ALA I 132 -75.79 9.54 24.10
C ALA I 132 -74.60 9.68 23.15
N CYS I 133 -74.86 10.10 21.90
CA CYS I 133 -73.81 10.21 20.92
C CYS I 133 -73.93 11.54 20.15
N LYS I 134 -73.56 12.65 20.78
CA LYS I 134 -73.69 13.95 20.12
C LYS I 134 -72.68 14.14 18.99
N ARG I 135 -73.15 14.79 17.93
CA ARG I 135 -72.32 15.12 16.79
C ARG I 135 -72.50 16.60 16.60
N GLY I 136 -71.47 17.37 16.97
CA GLY I 136 -71.66 18.79 17.09
C GLY I 136 -72.64 18.96 18.22
N PRO I 137 -73.52 19.96 18.12
CA PRO I 137 -74.38 20.19 19.28
C PRO I 137 -75.52 19.23 19.51
N GLY I 138 -75.98 18.62 18.43
CA GLY I 138 -77.15 17.77 18.47
C GLY I 138 -76.93 16.30 18.65
N SER I 139 -78.05 15.61 18.84
CA SER I 139 -78.08 14.16 18.88
C SER I 139 -77.46 13.61 17.60
N GLY I 140 -76.84 12.46 17.70
CA GLY I 140 -76.22 11.85 16.54
C GLY I 140 -75.98 10.37 16.72
N PHE I 141 -75.14 9.81 15.85
CA PHE I 141 -74.89 8.38 15.85
C PHE I 141 -73.57 8.09 15.14
N PHE I 142 -73.14 6.83 15.22
CA PHE I 142 -71.96 6.38 14.50
C PHE I 142 -72.08 6.75 13.03
N SER I 143 -70.98 7.23 12.45
CA SER I 143 -71.00 7.72 11.08
C SER I 143 -71.16 6.61 10.07
N ARG I 144 -70.75 5.40 10.44
CA ARG I 144 -70.72 4.29 9.49
C ARG I 144 -71.94 3.40 9.62
N LEU I 145 -72.84 3.74 10.54
CA LEU I 145 -74.02 2.92 10.79
C LEU I 145 -75.28 3.79 10.59
N ASN I 146 -76.40 3.13 10.32
CA ASN I 146 -77.64 3.81 9.92
C ASN I 146 -78.71 3.18 10.78
N TRP I 147 -79.17 3.91 11.79
CA TRP I 147 -80.09 3.31 12.72
C TRP I 147 -81.52 3.39 12.14
N LEU I 148 -82.08 2.24 11.76
CA LEU I 148 -83.42 2.22 11.14
C LEU I 148 -84.55 1.99 12.16
N THR I 149 -85.63 2.76 12.01
CA THR I 149 -86.85 2.61 12.80
C THR I 149 -88.13 2.62 11.95
N LYS I 150 -89.30 2.50 12.60
CA LYS I 150 -90.57 2.44 11.88
C LYS I 150 -90.81 3.72 11.09
N SER I 151 -91.63 3.63 10.06
CA SER I 151 -92.13 4.80 9.35
C SER I 151 -93.64 4.75 9.47
N GLY I 152 -94.22 5.83 10.00
CA GLY I 152 -95.61 5.81 10.39
C GLY I 152 -95.82 4.82 11.52
N SER I 153 -96.70 3.85 11.28
CA SER I 153 -97.07 2.85 12.28
C SER I 153 -96.58 1.43 11.96
N THR I 154 -95.65 1.28 11.01
CA THR I 154 -95.21 -0.05 10.61
C THR I 154 -93.69 -0.08 10.40
N TYR I 155 -93.14 -1.29 10.51
CA TYR I 155 -91.74 -1.55 10.21
C TYR I 155 -91.78 -2.83 9.36
N PRO I 156 -91.62 -2.70 8.02
CA PRO I 156 -91.78 -3.90 7.17
C PRO I 156 -90.64 -4.88 7.25
N VAL I 157 -90.78 -6.03 6.60
CA VAL I 157 -89.65 -6.93 6.50
C VAL I 157 -88.75 -6.32 5.47
N LEU I 158 -87.59 -5.86 5.93
CA LEU I 158 -86.54 -5.41 5.06
C LEU I 158 -85.86 -6.62 4.42
N ASN I 159 -85.58 -6.53 3.13
CA ASN I 159 -84.94 -7.60 2.38
C ASN I 159 -84.17 -6.90 1.27
N VAL I 160 -82.87 -6.70 1.47
CA VAL I 160 -82.09 -5.93 0.51
C VAL I 160 -80.82 -6.69 0.17
N THR I 161 -80.28 -6.46 -1.02
CA THR I 161 -79.07 -7.15 -1.44
C THR I 161 -78.05 -6.17 -2.02
N MET I 162 -76.77 -6.53 -1.90
CA MET I 162 -75.67 -5.72 -2.40
C MET I 162 -74.60 -6.65 -2.97
N PRO I 163 -74.52 -6.76 -4.30
CA PRO I 163 -73.53 -7.69 -4.85
C PRO I 163 -72.12 -7.12 -4.78
N ASN I 164 -71.14 -8.00 -4.62
CA ASN I 164 -69.76 -7.59 -4.76
C ASN I 164 -69.29 -7.92 -6.17
N ASN I 165 -69.25 -6.90 -7.02
CA ASN I 165 -68.81 -7.05 -8.39
C ASN I 165 -67.39 -6.51 -8.60
N ASP I 166 -66.70 -6.25 -7.49
CA ASP I 166 -65.30 -5.81 -7.50
C ASP I 166 -64.38 -7.00 -7.33
N ASN I 167 -63.08 -6.76 -7.40
CA ASN I 167 -62.07 -7.82 -7.27
C ASN I 167 -61.31 -7.79 -5.93
N PHE I 168 -61.89 -7.15 -4.92
CA PHE I 168 -61.37 -7.23 -3.55
C PHE I 168 -62.49 -7.60 -2.56
N ASP I 169 -62.12 -8.02 -1.35
CA ASP I 169 -63.08 -8.34 -0.28
C ASP I 169 -63.66 -7.08 0.39
N LYS I 170 -64.95 -7.13 0.70
CA LYS I 170 -65.64 -6.05 1.39
C LYS I 170 -65.91 -6.46 2.83
N LEU I 171 -65.62 -5.56 3.76
CA LEU I 171 -66.00 -5.77 5.14
C LEU I 171 -67.20 -4.89 5.50
N TYR I 172 -68.30 -5.53 5.85
CA TYR I 172 -69.50 -4.86 6.34
C TYR I 172 -69.60 -4.93 7.85
N ILE I 173 -69.77 -3.78 8.48
CA ILE I 173 -70.02 -3.71 9.90
C ILE I 173 -71.48 -3.30 10.10
N TRP I 174 -72.18 -4.05 10.95
CA TRP I 174 -73.59 -3.83 11.20
C TRP I 174 -73.89 -4.16 12.64
N GLY I 175 -75.13 -3.97 13.08
CA GLY I 175 -75.45 -4.16 14.48
C GLY I 175 -76.88 -4.54 14.74
N VAL I 176 -77.16 -4.83 16.01
CA VAL I 176 -78.49 -5.20 16.46
C VAL I 176 -78.72 -4.42 17.74
N HIS I 177 -79.85 -3.74 17.79
CA HIS I 177 -80.21 -2.95 18.94
C HIS I 177 -80.95 -3.80 19.96
N HIS I 178 -80.54 -3.72 21.22
CA HIS I 178 -81.29 -4.35 22.32
C HIS I 178 -81.98 -3.32 23.21
N PRO I 179 -83.29 -3.13 23.05
CA PRO I 179 -83.98 -2.17 23.93
C PRO I 179 -84.08 -2.64 25.37
N SER I 180 -84.18 -1.71 26.31
CA SER I 180 -84.28 -2.05 27.73
C SER I 180 -85.72 -2.42 28.11
N THR I 181 -86.70 -1.97 27.33
CA THR I 181 -88.09 -2.26 27.64
C THR I 181 -88.89 -2.67 26.39
N ASN I 182 -90.00 -3.33 26.65
CA ASN I 182 -90.97 -3.74 25.63
C ASN I 182 -91.56 -2.54 24.97
N GLN I 183 -91.72 -1.51 25.78
CA GLN I 183 -92.23 -0.29 25.29
C GLN I 183 -91.47 0.29 24.19
N GLU I 184 -90.18 0.28 24.40
CA GLU I 184 -89.33 0.72 23.39
C GLU I 184 -89.32 -0.13 22.15
N GLN I 185 -89.27 -1.43 22.37
CA GLN I 185 -89.19 -2.35 21.28
C GLN I 185 -90.29 -2.06 20.29
N THR I 186 -91.49 -1.87 20.81
CA THR I 186 -92.65 -1.71 19.96
C THR I 186 -92.64 -0.29 19.46
N SER I 187 -92.08 0.60 20.28
CA SER I 187 -91.98 2.00 19.93
C SER I 187 -91.16 2.27 18.69
N LEU I 188 -90.04 1.58 18.57
CA LEU I 188 -89.14 1.76 17.47
C LEU I 188 -89.53 0.94 16.26
N TYR I 189 -89.88 -0.31 16.56
CA TYR I 189 -89.88 -1.35 15.57
C TYR I 189 -91.22 -2.01 15.29
N VAL I 190 -92.24 -1.63 16.06
CA VAL I 190 -93.62 -2.12 15.96
C VAL I 190 -93.72 -3.59 16.37
N GLN I 191 -92.89 -4.45 15.79
CA GLN I 191 -92.82 -5.86 16.19
C GLN I 191 -92.40 -6.00 17.66
N ALA I 192 -92.98 -6.97 18.35
CA ALA I 192 -92.69 -7.19 19.77
C ALA I 192 -91.32 -7.82 20.00
N SER I 193 -90.81 -8.54 19.00
CA SER I 193 -89.48 -9.12 19.06
C SER I 193 -88.88 -9.02 17.65
N GLY I 194 -87.64 -8.55 17.55
CA GLY I 194 -87.03 -8.40 16.25
C GLY I 194 -86.13 -9.54 15.80
N ARG I 195 -85.49 -9.33 14.66
CA ARG I 195 -84.57 -10.31 14.14
C ARG I 195 -83.69 -9.66 13.08
N VAL I 196 -82.41 -10.01 13.04
CA VAL I 196 -81.52 -9.57 11.98
C VAL I 196 -80.80 -10.79 11.40
N THR I 197 -80.87 -11.00 10.10
CA THR I 197 -80.17 -12.10 9.46
C THR I 197 -79.34 -11.53 8.35
N VAL I 198 -78.03 -11.74 8.43
CA VAL I 198 -77.15 -11.26 7.37
C VAL I 198 -76.37 -12.45 6.91
N SER I 199 -76.33 -12.62 5.61
CA SER I 199 -75.72 -13.79 5.00
C SER I 199 -75.04 -13.51 3.67
N THR I 200 -74.18 -14.43 3.29
CA THR I 200 -73.59 -14.51 1.96
C THR I 200 -74.00 -15.85 1.36
N ARG I 201 -73.47 -16.20 0.19
N ARG I 201 -73.39 -16.24 0.23
CA ARG I 201 -73.81 -17.46 -0.42
CA ARG I 201 -73.80 -17.47 -0.45
C ARG I 201 -73.57 -18.55 0.63
C ARG I 201 -73.34 -18.72 0.31
N ARG I 202 -72.38 -18.54 1.22
CA ARG I 202 -71.91 -19.64 2.06
C ARG I 202 -71.85 -19.35 3.57
N SER I 203 -72.40 -18.23 4.04
CA SER I 203 -72.40 -17.96 5.48
C SER I 203 -73.69 -17.29 5.92
N GLN I 204 -74.00 -17.42 7.21
CA GLN I 204 -75.16 -16.72 7.77
C GLN I 204 -74.98 -16.51 9.26
N GLN I 205 -75.51 -15.39 9.72
CA GLN I 205 -75.52 -15.05 11.13
C GLN I 205 -76.89 -14.56 11.42
N THR I 206 -77.59 -15.16 12.39
CA THR I 206 -78.86 -14.57 12.77
C THR I 206 -78.82 -14.22 14.25
N ILE I 207 -79.21 -13.01 14.56
CA ILE I 207 -79.23 -12.46 15.90
C ILE I 207 -80.64 -12.04 16.28
N ILE I 208 -81.09 -12.47 17.45
CA ILE I 208 -82.40 -12.05 17.98
C ILE I 208 -82.13 -11.02 19.06
N PRO I 209 -82.73 -9.81 18.92
CA PRO I 209 -82.48 -8.84 19.98
C PRO I 209 -83.04 -9.37 21.26
N ASN I 210 -82.45 -8.94 22.35
CA ASN I 210 -82.90 -9.37 23.63
C ASN I 210 -83.28 -8.18 24.52
N ILE I 211 -84.56 -8.05 24.90
CA ILE I 211 -85.00 -6.88 25.66
C ILE I 211 -84.67 -6.99 27.17
N GLY I 212 -84.22 -5.89 27.78
CA GLY I 212 -84.00 -5.81 29.23
C GLY I 212 -82.96 -4.76 29.58
N SER I 213 -82.84 -4.40 30.86
CA SER I 213 -81.88 -3.38 31.28
C SER I 213 -80.42 -3.85 31.41
N ARG I 214 -79.51 -3.00 30.95
CA ARG I 214 -78.10 -3.13 31.29
C ARG I 214 -77.74 -1.90 32.13
N PRO I 215 -76.50 -1.80 32.67
CA PRO I 215 -76.18 -0.60 33.44
C PRO I 215 -76.29 0.69 32.63
N TRP I 216 -76.83 1.71 33.27
CA TRP I 216 -76.97 3.05 32.72
C TRP I 216 -75.59 3.55 32.23
N VAL I 217 -75.49 3.88 30.94
CA VAL I 217 -74.28 4.48 30.36
C VAL I 217 -74.67 5.65 29.49
N ARG I 218 -74.13 6.83 29.78
CA ARG I 218 -74.51 8.03 29.05
C ARG I 218 -76.02 8.10 28.87
N GLY I 219 -76.74 7.90 29.98
CA GLY I 219 -78.18 8.05 30.01
C GLY I 219 -78.93 6.81 29.57
N LEU I 220 -78.21 5.75 29.16
CA LEU I 220 -78.89 4.65 28.49
C LEU I 220 -78.70 3.27 29.07
N SER I 221 -79.79 2.52 29.19
N SER I 221 -79.79 2.49 29.16
CA SER I 221 -79.73 1.16 29.68
CA SER I 221 -79.65 1.11 29.61
C SER I 221 -79.75 0.08 28.59
C SER I 221 -79.60 0.05 28.51
N SER I 222 -79.88 0.49 27.33
N SER I 222 -80.01 0.40 27.29
CA SER I 222 -79.87 -0.45 26.20
CA SER I 222 -79.91 -0.49 26.12
C SER I 222 -78.48 -0.56 25.61
C SER I 222 -78.51 -0.51 25.55
N ARG I 223 -78.33 -1.41 24.60
CA ARG I 223 -77.05 -1.63 23.97
C ARG I 223 -77.22 -1.94 22.48
N ILE I 224 -76.15 -1.74 21.74
CA ILE I 224 -76.06 -2.23 20.37
C ILE I 224 -74.94 -3.25 20.39
N SER I 225 -75.17 -4.39 19.76
CA SER I 225 -74.13 -5.39 19.56
C SER I 225 -73.67 -5.32 18.11
N ILE I 226 -72.36 -5.32 17.93
CA ILE I 226 -71.77 -5.15 16.61
C ILE I 226 -71.29 -6.49 16.06
N TYR I 227 -71.63 -6.73 14.81
CA TYR I 227 -71.25 -7.92 14.08
C TYR I 227 -70.62 -7.52 12.77
N TRP I 228 -69.98 -8.46 12.09
N TRP I 228 -69.96 -8.46 12.11
CA TRP I 228 -69.37 -8.17 10.79
CA TRP I 228 -69.32 -8.21 10.83
C TRP I 228 -69.48 -9.34 9.83
C TRP I 228 -69.55 -9.35 9.82
N THR I 229 -69.45 -9.01 8.54
CA THR I 229 -69.58 -10.00 7.48
C THR I 229 -68.66 -9.61 6.35
N ILE I 230 -67.86 -10.55 5.87
CA ILE I 230 -67.01 -10.32 4.72
C ILE I 230 -67.60 -10.94 3.46
N VAL I 231 -67.56 -10.19 2.37
CA VAL I 231 -68.14 -10.61 1.11
C VAL I 231 -67.03 -10.63 0.05
N LYS I 232 -66.80 -11.80 -0.53
CA LYS I 232 -65.74 -11.95 -1.54
C LYS I 232 -66.23 -11.60 -2.95
N PRO I 233 -65.29 -11.35 -3.88
CA PRO I 233 -65.67 -11.07 -5.28
C PRO I 233 -66.59 -12.12 -5.86
N GLY I 234 -67.64 -11.68 -6.55
CA GLY I 234 -68.59 -12.59 -7.15
C GLY I 234 -69.65 -13.09 -6.19
N ASP I 235 -69.49 -12.84 -4.89
CA ASP I 235 -70.47 -13.19 -3.89
C ASP I 235 -71.41 -12.01 -3.69
N VAL I 236 -72.34 -12.12 -2.73
CA VAL I 236 -73.37 -11.12 -2.57
C VAL I 236 -73.81 -11.08 -1.10
N LEU I 237 -74.20 -9.90 -0.64
CA LEU I 237 -74.70 -9.72 0.72
C LEU I 237 -76.20 -9.64 0.67
N VAL I 238 -76.86 -10.32 1.60
CA VAL I 238 -78.29 -10.14 1.83
C VAL I 238 -78.53 -9.83 3.30
N ILE I 239 -79.34 -8.80 3.54
CA ILE I 239 -79.73 -8.36 4.87
C ILE I 239 -81.23 -8.47 4.92
N ASN I 240 -81.73 -9.21 5.91
CA ASN I 240 -83.15 -9.45 6.04
C ASN I 240 -83.51 -9.20 7.49
N SER I 241 -84.39 -8.24 7.74
CA SER I 241 -84.76 -7.90 9.12
C SER I 241 -86.20 -7.42 9.25
N ASN I 242 -86.88 -7.75 10.34
CA ASN I 242 -88.19 -7.19 10.67
C ASN I 242 -88.15 -6.31 11.94
N GLY I 243 -86.99 -5.74 12.26
CA GLY I 243 -86.86 -4.78 13.34
C GLY I 243 -85.47 -4.88 13.94
N ASN I 244 -85.02 -3.81 14.58
CA ASN I 244 -83.78 -3.79 15.38
C ASN I 244 -82.48 -3.75 14.59
N LEU I 245 -82.56 -3.66 13.26
CA LEU I 245 -81.35 -3.57 12.46
C LEU I 245 -80.67 -2.20 12.56
N ILE I 246 -79.39 -2.25 12.90
CA ILE I 246 -78.52 -1.10 12.77
C ILE I 246 -77.75 -1.39 11.50
N ALA I 247 -78.12 -0.68 10.44
CA ALA I 247 -77.67 -1.05 9.12
C ALA I 247 -76.27 -0.52 8.82
N PRO I 248 -75.53 -1.23 7.95
CA PRO I 248 -74.28 -0.68 7.42
C PRO I 248 -74.60 0.43 6.41
N ARG I 249 -73.68 1.35 6.19
CA ARG I 249 -73.87 2.37 5.16
C ARG I 249 -73.06 2.01 3.94
N GLY I 250 -72.27 0.94 3.99
CA GLY I 250 -71.32 0.65 2.95
C GLY I 250 -70.33 -0.34 3.51
N TYR I 251 -69.15 -0.40 2.93
CA TYR I 251 -68.17 -1.40 3.33
C TYR I 251 -66.78 -0.83 3.48
N PHE I 252 -65.95 -1.50 4.26
CA PHE I 252 -64.55 -1.16 4.36
C PHE I 252 -63.79 -2.02 3.36
N LYS I 253 -62.87 -1.41 2.62
CA LYS I 253 -62.07 -2.15 1.66
C LYS I 253 -61.01 -2.92 2.43
N MET I 254 -60.96 -4.23 2.19
N MET I 254 -60.92 -4.22 2.16
CA MET I 254 -59.95 -5.07 2.84
CA MET I 254 -59.96 -5.05 2.87
C MET I 254 -58.64 -5.08 2.07
C MET I 254 -58.65 -5.28 2.11
N ARG I 255 -57.55 -5.05 2.81
CA ARG I 255 -56.22 -5.20 2.26
C ARG I 255 -55.47 -6.26 3.03
N THR I 256 -54.39 -6.77 2.44
CA THR I 256 -53.44 -7.61 3.14
C THR I 256 -52.09 -6.90 3.14
N GLY I 257 -51.27 -7.16 4.16
CA GLY I 257 -49.98 -6.50 4.28
C GLY I 257 -49.41 -6.56 5.68
N LYS I 258 -48.58 -5.57 5.99
CA LYS I 258 -47.74 -5.59 7.19
C LYS I 258 -48.35 -4.83 8.37
N SER I 259 -49.60 -4.41 8.26
CA SER I 259 -50.17 -3.55 9.29
C SER I 259 -50.50 -4.30 10.60
N SER I 260 -50.44 -3.58 11.72
CA SER I 260 -50.80 -4.14 13.03
C SER I 260 -51.26 -3.02 13.99
N ILE I 261 -51.43 -3.34 15.27
CA ILE I 261 -51.91 -2.40 16.29
C ILE I 261 -51.12 -2.71 17.56
N MET I 262 -50.90 -1.72 18.41
CA MET I 262 -50.13 -1.92 19.62
C MET I 262 -50.67 -1.02 20.70
N ARG I 263 -50.70 -1.49 21.95
CA ARG I 263 -51.08 -0.61 23.04
C ARG I 263 -49.83 -0.01 23.68
N SER I 264 -49.75 1.31 23.73
CA SER I 264 -48.59 1.98 24.31
C SER I 264 -48.96 3.40 24.71
N ASP I 265 -48.35 3.90 25.78
CA ASP I 265 -48.42 5.32 26.12
C ASP I 265 -47.12 6.10 25.79
N ALA I 266 -46.19 5.46 25.08
CA ALA I 266 -44.93 6.12 24.74
C ALA I 266 -45.19 7.24 23.74
N PRO I 267 -44.55 8.42 23.92
CA PRO I 267 -44.73 9.47 22.91
C PRO I 267 -44.14 9.11 21.55
N ILE I 268 -44.62 9.78 20.49
N ILE I 268 -44.77 9.63 20.49
CA ILE I 268 -44.13 9.56 19.14
CA ILE I 268 -44.20 9.50 19.16
C ILE I 268 -43.18 10.70 18.72
C ILE I 268 -43.17 10.61 19.09
N ASP I 269 -41.93 10.34 18.43
N ASP I 269 -42.20 10.46 18.21
CA ASP I 269 -40.86 11.29 18.10
CA ASP I 269 -41.23 11.51 17.92
C ASP I 269 -40.51 11.25 16.62
C ASP I 269 -40.63 11.32 16.55
N THR I 270 -39.84 12.30 16.14
CA THR I 270 -39.33 12.33 14.80
C THR I 270 -37.89 11.81 14.84
N CYS I 271 -37.74 10.60 14.34
CA CYS I 271 -36.51 9.84 14.41
C CYS I 271 -36.77 8.59 13.60
N ILE I 272 -35.75 7.74 13.41
CA ILE I 272 -35.89 6.59 12.55
C ILE I 272 -35.52 5.31 13.31
N SER I 273 -36.42 4.33 13.33
CA SER I 273 -36.06 3.02 13.88
C SER I 273 -36.93 1.91 13.30
N GLU I 274 -36.30 0.82 12.90
CA GLU I 274 -37.04 -0.31 12.35
C GLU I 274 -37.82 -1.06 13.40
N CYS I 275 -37.37 -1.06 14.65
CA CYS I 275 -37.99 -1.89 15.69
C CYS I 275 -38.75 -1.02 16.71
N ILE I 276 -40.03 -1.36 16.93
CA ILE I 276 -40.92 -0.62 17.84
C ILE I 276 -41.43 -1.54 18.95
N THR I 277 -41.36 -1.09 20.21
CA THR I 277 -41.96 -1.80 21.34
C THR I 277 -42.88 -0.83 22.06
N PRO I 278 -43.75 -1.33 22.96
CA PRO I 278 -44.64 -0.42 23.71
C PRO I 278 -43.89 0.58 24.60
N ASN I 279 -42.65 0.24 24.96
CA ASN I 279 -41.81 1.13 25.76
C ASN I 279 -41.24 2.27 24.93
N GLY I 280 -41.37 2.18 23.61
CA GLY I 280 -40.65 3.06 22.71
C GLY I 280 -39.86 2.21 21.73
N SER I 281 -39.30 2.85 20.73
CA SER I 281 -38.44 2.17 19.77
C SER I 281 -37.14 1.68 20.41
N ILE I 282 -36.57 0.62 19.81
CA ILE I 282 -35.25 0.16 20.21
C ILE I 282 -34.35 -0.13 18.99
N PRO I 283 -33.03 0.05 19.15
CA PRO I 283 -32.06 -0.38 18.12
C PRO I 283 -32.16 -1.88 17.82
N ASN I 284 -31.86 -2.27 16.58
CA ASN I 284 -31.88 -3.68 16.16
C ASN I 284 -30.52 -4.23 15.73
N ASP I 285 -29.43 -3.62 16.19
CA ASP I 285 -28.11 -4.15 15.89
C ASP I 285 -27.79 -5.43 16.66
N LYS I 286 -28.40 -5.58 17.83
CA LYS I 286 -28.18 -6.79 18.60
C LYS I 286 -29.22 -7.86 18.24
N PRO I 287 -28.85 -9.14 18.36
CA PRO I 287 -29.74 -10.24 17.99
C PRO I 287 -30.87 -10.47 18.99
N PHE I 288 -30.69 -10.02 20.23
CA PHE I 288 -31.67 -10.24 21.29
C PHE I 288 -32.04 -8.96 22.05
N GLN I 289 -33.15 -9.00 22.75
CA GLN I 289 -33.59 -7.88 23.57
C GLN I 289 -34.40 -8.34 24.78
N ASN I 290 -34.36 -7.55 25.85
CA ASN I 290 -35.12 -7.84 27.06
C ASN I 290 -36.08 -6.69 27.37
N VAL I 291 -36.40 -5.87 26.36
CA VAL I 291 -37.24 -4.72 26.61
C VAL I 291 -38.72 -5.07 26.71
N ASN I 292 -39.24 -5.78 25.70
CA ASN I 292 -40.64 -6.16 25.72
C ASN I 292 -40.89 -7.33 24.77
N LYS I 293 -41.72 -8.28 25.20
CA LYS I 293 -42.12 -9.38 24.31
C LYS I 293 -43.00 -8.91 23.15
N ILE I 294 -43.63 -7.75 23.32
CA ILE I 294 -44.40 -7.13 22.25
C ILE I 294 -43.48 -6.30 21.37
N THR I 295 -43.40 -6.64 20.10
CA THR I 295 -42.60 -5.87 19.17
C THR I 295 -43.25 -5.81 17.80
N TYR I 296 -42.82 -4.85 16.99
CA TYR I 296 -43.30 -4.69 15.63
C TYR I 296 -42.13 -4.27 14.77
N GLY I 297 -41.92 -4.94 13.64
CA GLY I 297 -40.89 -4.54 12.70
C GLY I 297 -39.68 -5.44 12.76
N ALA I 298 -38.55 -4.94 12.28
CA ALA I 298 -37.32 -5.73 12.31
C ALA I 298 -36.64 -5.61 13.66
N CYS I 299 -36.87 -6.61 14.50
CA CYS I 299 -36.59 -6.52 15.92
C CYS I 299 -35.71 -7.66 16.41
N PRO I 300 -34.85 -7.38 17.39
CA PRO I 300 -34.18 -8.50 18.06
C PRO I 300 -35.22 -9.41 18.70
N LYS I 301 -34.87 -10.67 18.94
CA LYS I 301 -35.78 -11.61 19.57
C LYS I 301 -35.83 -11.39 21.08
N TYR I 302 -37.02 -11.46 21.66
CA TYR I 302 -37.14 -11.23 23.10
C TYR I 302 -36.60 -12.42 23.89
N VAL I 303 -35.76 -12.12 24.88
CA VAL I 303 -35.26 -13.13 25.79
C VAL I 303 -35.38 -12.65 27.24
N LYS I 304 -35.23 -13.56 28.19
CA LYS I 304 -35.40 -13.25 29.60
C LYS I 304 -34.18 -12.57 30.20
N GLN I 305 -33.00 -12.87 29.67
CA GLN I 305 -31.74 -12.38 30.23
C GLN I 305 -31.65 -10.89 29.99
N ASN I 306 -31.09 -10.15 30.95
CA ASN I 306 -30.91 -8.71 30.76
C ASN I 306 -29.52 -8.36 30.20
N THR I 307 -28.62 -9.34 30.17
CA THR I 307 -27.30 -9.18 29.56
C THR I 307 -26.76 -10.52 29.10
N LEU I 308 -26.11 -10.52 27.94
CA LEU I 308 -25.36 -11.67 27.47
C LEU I 308 -24.12 -11.18 26.73
N LYS I 309 -22.94 -11.53 27.21
CA LYS I 309 -21.73 -10.99 26.61
C LYS I 309 -21.06 -12.00 25.67
N LEU I 310 -20.83 -11.56 24.43
CA LEU I 310 -20.06 -12.32 23.45
C LEU I 310 -18.60 -11.89 23.47
N ALA I 311 -17.68 -12.78 23.84
CA ALA I 311 -16.27 -12.44 23.83
C ALA I 311 -15.82 -12.00 22.44
N THR I 312 -15.05 -10.93 22.40
CA THR I 312 -14.44 -10.43 21.17
C THR I 312 -12.92 -10.32 21.32
N GLY I 313 -12.35 -11.08 22.26
CA GLY I 313 -10.94 -11.06 22.51
C GLY I 313 -10.52 -12.31 23.26
N MET I 314 -9.22 -12.48 23.42
CA MET I 314 -8.69 -13.66 24.10
C MET I 314 -8.84 -13.57 25.61
N ARG I 315 -8.48 -14.65 26.31
N ARG I 315 -8.51 -14.66 26.32
CA ARG I 315 -8.42 -14.66 27.76
CA ARG I 315 -8.41 -14.64 27.77
C ARG I 315 -7.50 -13.53 28.25
C ARG I 315 -7.52 -13.49 28.23
N ASN I 316 -7.95 -12.77 29.24
CA ASN I 316 -7.15 -11.68 29.78
C ASN I 316 -6.38 -12.21 31.00
N VAL I 317 -5.05 -12.33 30.85
CA VAL I 317 -4.19 -12.95 31.85
C VAL I 317 -3.03 -12.00 32.22
N PRO I 318 -3.32 -10.89 32.91
CA PRO I 318 -2.22 -9.96 33.19
C PRO I 318 -1.18 -10.49 34.19
N GLU I 319 -1.61 -11.38 35.09
CA GLU I 319 -0.74 -11.93 36.12
C GLU I 319 -0.72 -13.45 35.98
N LYS I 320 0.36 -14.06 36.48
CA LYS I 320 0.59 -15.52 36.40
C LYS I 320 -0.70 -16.33 36.48
N GLY J 1 -7.06 -23.04 28.07
CA GLY J 1 -7.63 -23.30 26.71
C GLY J 1 -7.12 -24.64 26.23
N LEU J 2 -7.65 -25.13 25.11
CA LEU J 2 -7.29 -26.47 24.68
C LEU J 2 -5.83 -26.65 24.32
N PHE J 3 -5.19 -25.57 23.89
CA PHE J 3 -3.84 -25.66 23.35
C PHE J 3 -2.73 -25.42 24.37
N GLY J 4 -3.08 -24.83 25.51
CA GLY J 4 -2.13 -24.75 26.59
C GLY J 4 -1.08 -23.68 26.40
N ALA J 5 -1.33 -22.73 25.51
CA ALA J 5 -0.37 -21.64 25.31
C ALA J 5 -0.78 -20.48 26.20
N ILE J 6 -1.92 -19.87 25.91
CA ILE J 6 -2.42 -18.76 26.71
C ILE J 6 -2.90 -19.33 28.05
N ALA J 7 -2.46 -18.69 29.13
CA ALA J 7 -2.70 -19.16 30.50
C ALA J 7 -2.13 -20.56 30.66
N GLY J 8 -1.05 -20.81 29.94
CA GLY J 8 -0.38 -22.10 29.90
C GLY J 8 1.12 -21.91 29.97
N PHE J 9 1.83 -22.47 28.98
CA PHE J 9 3.27 -22.33 28.91
C PHE J 9 3.69 -20.87 28.71
N ILE J 10 2.80 -20.04 28.17
N ILE J 10 2.80 -20.07 28.11
CA ILE J 10 3.01 -18.60 28.23
CA ILE J 10 2.92 -18.61 28.20
C ILE J 10 2.31 -18.13 29.50
C ILE J 10 2.31 -18.26 29.55
N GLU J 11 3.12 -17.78 30.48
CA GLU J 11 2.67 -17.60 31.86
C GLU J 11 1.66 -16.49 32.04
N ASN J 12 1.82 -15.43 31.26
CA ASN J 12 0.86 -14.33 31.30
C ASN J 12 0.93 -13.50 30.02
N GLY J 13 -0.07 -12.65 29.83
CA GLY J 13 -0.10 -11.71 28.73
C GLY J 13 0.71 -10.46 29.04
N TRP J 14 0.91 -9.63 28.03
CA TRP J 14 1.70 -8.43 28.14
C TRP J 14 0.82 -7.21 28.07
N GLU J 15 0.62 -6.55 29.20
CA GLU J 15 -0.10 -5.29 29.22
C GLU J 15 0.63 -4.25 28.38
N GLY J 16 1.94 -4.46 28.21
CA GLY J 16 2.78 -3.54 27.49
C GLY J 16 2.75 -3.76 25.98
N MET J 17 2.09 -4.82 25.51
N MET J 17 2.03 -4.79 25.53
CA MET J 17 1.93 -4.99 24.08
CA MET J 17 1.87 -5.06 24.11
C MET J 17 0.63 -4.29 23.74
C MET J 17 0.61 -4.33 23.63
N ILE J 18 0.78 -3.07 23.23
CA ILE J 18 -0.36 -2.20 22.94
C ILE J 18 -0.67 -1.96 21.45
N ASP J 19 0.12 -2.56 20.56
CA ASP J 19 -0.10 -2.42 19.11
C ASP J 19 -0.40 -3.72 18.38
N GLY J 20 -0.79 -4.77 19.10
CA GLY J 20 -1.08 -6.03 18.47
C GLY J 20 -1.59 -7.01 19.51
N TRP J 21 -2.08 -8.16 19.07
CA TRP J 21 -2.59 -9.17 19.97
C TRP J 21 -1.52 -10.19 20.35
N TYR J 22 -0.62 -10.46 19.40
CA TYR J 22 0.44 -11.43 19.58
C TYR J 22 1.73 -10.79 19.13
N GLY J 23 2.86 -11.24 19.66
CA GLY J 23 4.11 -10.67 19.22
C GLY J 23 5.34 -11.25 19.85
N PHE J 24 6.42 -10.50 19.74
CA PHE J 24 7.75 -10.97 20.06
C PHE J 24 8.38 -9.97 21.01
N ARG J 25 9.15 -10.48 21.96
CA ARG J 25 10.08 -9.65 22.70
C ARG J 25 11.44 -10.32 22.57
N HIS J 26 12.49 -9.53 22.46
CA HIS J 26 13.80 -10.11 22.26
C HIS J 26 14.81 -9.39 23.13
N GLN J 27 15.91 -10.10 23.38
CA GLN J 27 17.13 -9.53 23.93
C GLN J 27 18.28 -10.05 23.08
N ASN J 28 19.13 -9.14 22.63
CA ASN J 28 20.31 -9.52 21.86
C ASN J 28 21.47 -8.58 22.18
N SER J 29 22.53 -8.60 21.40
CA SER J 29 23.69 -7.78 21.69
C SER J 29 23.41 -6.29 21.53
N GLU J 30 22.32 -5.92 20.87
CA GLU J 30 22.01 -4.52 20.66
C GLU J 30 20.95 -3.98 21.63
N GLY J 31 20.48 -4.81 22.55
CA GLY J 31 19.55 -4.36 23.57
C GLY J 31 18.36 -5.28 23.58
N THR J 32 17.19 -4.72 23.88
CA THR J 32 15.95 -5.49 23.95
C THR J 32 14.91 -4.74 23.15
N GLY J 33 13.82 -5.42 22.80
CA GLY J 33 12.75 -4.76 22.09
C GLY J 33 11.49 -5.59 22.01
N GLN J 34 10.45 -5.01 21.43
CA GLN J 34 9.17 -5.70 21.28
C GLN J 34 8.58 -5.31 19.93
N ALA J 35 7.89 -6.25 19.29
CA ALA J 35 7.19 -5.98 18.04
C ALA J 35 5.94 -6.85 17.91
N ALA J 36 4.83 -6.25 17.51
CA ALA J 36 3.64 -7.02 17.20
C ALA J 36 3.86 -7.91 15.99
N ASP J 37 3.25 -9.09 16.01
CA ASP J 37 3.14 -9.95 14.83
C ASP J 37 1.79 -9.65 14.18
N LEU J 38 1.84 -9.10 12.97
N LEU J 38 1.85 -9.12 12.96
CA LEU J 38 0.62 -8.62 12.30
CA LEU J 38 0.65 -8.61 12.30
C LEU J 38 -0.28 -9.74 11.78
C LEU J 38 -0.27 -9.74 11.78
N LYS J 39 0.33 -10.79 11.24
CA LYS J 39 -0.44 -11.89 10.63
C LYS J 39 -1.29 -12.70 11.61
N SER J 40 -0.70 -13.09 12.73
N SER J 40 -0.71 -13.07 12.75
CA SER J 40 -1.42 -13.83 13.77
CA SER J 40 -1.45 -13.83 13.76
C SER J 40 -2.50 -12.97 14.45
C SER J 40 -2.53 -12.96 14.41
N THR J 41 -2.16 -11.70 14.68
CA THR J 41 -3.08 -10.74 15.26
C THR J 41 -4.29 -10.61 14.35
N GLN J 42 -4.04 -10.49 13.05
CA GLN J 42 -5.09 -10.25 12.06
C GLN J 42 -5.91 -11.52 11.84
N ALA J 43 -5.29 -12.68 11.98
CA ALA J 43 -6.01 -13.95 11.82
C ALA J 43 -7.04 -14.10 12.93
N ALA J 44 -6.63 -13.78 14.15
CA ALA J 44 -7.55 -13.85 15.28
C ALA J 44 -8.65 -12.81 15.12
N ILE J 45 -8.28 -11.59 14.79
CA ILE J 45 -9.23 -10.49 14.62
C ILE J 45 -10.23 -10.83 13.51
N ASP J 46 -9.75 -11.45 12.44
CA ASP J 46 -10.62 -11.72 11.28
C ASP J 46 -11.63 -12.79 11.64
N GLN J 47 -11.17 -13.79 12.40
CA GLN J 47 -12.09 -14.82 12.84
C GLN J 47 -13.16 -14.30 13.80
N ILE J 48 -12.76 -13.46 14.74
N ILE J 48 -12.77 -13.41 14.71
CA ILE J 48 -13.70 -12.90 15.72
CA ILE J 48 -13.69 -12.86 15.70
C ILE J 48 -14.70 -11.96 15.04
C ILE J 48 -14.70 -11.93 15.06
N ASN J 49 -14.26 -11.20 14.05
CA ASN J 49 -15.14 -10.31 13.32
C ASN J 49 -16.09 -11.15 12.47
N GLY J 50 -15.61 -12.28 11.98
CA GLY J 50 -16.43 -13.20 11.21
C GLY J 50 -17.61 -13.75 12.02
N LYS J 51 -17.32 -14.28 13.20
N LYS J 51 -17.27 -14.21 13.24
CA LYS J 51 -18.39 -14.85 14.03
CA LYS J 51 -18.25 -14.82 14.16
C LYS J 51 -19.30 -13.78 14.58
C LYS J 51 -19.27 -13.76 14.51
N LEU J 52 -18.77 -12.60 14.87
CA LEU J 52 -19.57 -11.50 15.34
C LEU J 52 -20.57 -11.12 14.26
N ASN J 53 -20.10 -11.06 13.02
CA ASN J 53 -20.96 -10.66 11.92
C ASN J 53 -21.99 -11.74 11.61
N ARG J 54 -21.65 -13.01 11.83
CA ARG J 54 -22.65 -14.05 11.68
C ARG J 54 -23.75 -13.95 12.74
N VAL J 55 -23.38 -13.60 13.98
CA VAL J 55 -24.35 -13.50 15.07
C VAL J 55 -25.27 -12.28 14.99
N ILE J 56 -24.74 -11.14 14.53
CA ILE J 56 -25.52 -9.90 14.57
C ILE J 56 -26.19 -9.62 13.22
N GLU J 57 -26.03 -10.55 12.27
CA GLU J 57 -26.69 -10.50 10.97
C GLU J 57 -28.19 -10.69 11.09
N LYS J 58 -28.96 -9.97 10.29
CA LYS J 58 -30.36 -10.32 9.99
C LYS J 58 -31.23 -10.57 11.22
N THR J 59 -31.66 -9.53 11.92
CA THR J 59 -32.79 -9.76 12.78
C THR J 59 -33.98 -10.15 11.90
N ASN J 60 -34.86 -10.95 12.45
CA ASN J 60 -36.15 -11.25 11.84
C ASN J 60 -37.10 -10.05 11.81
N GLU J 61 -37.93 -9.96 10.78
CA GLU J 61 -38.98 -8.91 10.72
C GLU J 61 -40.34 -9.53 10.92
N LYS J 62 -41.06 -9.10 11.95
CA LYS J 62 -42.40 -9.57 12.21
C LYS J 62 -43.36 -8.40 12.32
N PHE J 63 -44.62 -8.61 11.91
CA PHE J 63 -45.59 -7.54 11.89
C PHE J 63 -46.79 -7.86 12.78
N HIS J 64 -47.93 -8.26 12.19
CA HIS J 64 -49.07 -8.64 13.02
C HIS J 64 -48.83 -10.01 13.62
N GLN J 65 -48.98 -10.08 14.93
CA GLN J 65 -48.71 -11.27 15.72
C GLN J 65 -49.96 -11.55 16.58
N ILE J 66 -49.79 -12.09 17.78
CA ILE J 66 -50.90 -12.32 18.71
C ILE J 66 -50.76 -11.36 19.87
N GLU J 67 -51.85 -11.13 20.58
CA GLU J 67 -51.74 -10.32 21.79
C GLU J 67 -51.00 -11.07 22.88
N LYS J 68 -50.25 -10.33 23.69
CA LYS J 68 -49.41 -10.91 24.73
C LYS J 68 -49.68 -10.36 26.15
N GLU J 69 -50.52 -9.33 26.26
CA GLU J 69 -51.03 -8.86 27.55
C GLU J 69 -52.56 -8.76 27.49
N PHE J 70 -53.22 -8.96 28.63
CA PHE J 70 -54.68 -9.05 28.65
C PHE J 70 -55.25 -8.34 29.86
N SER J 71 -56.36 -7.63 29.66
CA SER J 71 -56.97 -6.83 30.72
C SER J 71 -58.17 -7.53 31.39
N GLU J 72 -58.59 -8.69 30.86
CA GLU J 72 -59.70 -9.44 31.43
C GLU J 72 -59.31 -10.91 31.51
N VAL J 73 -59.77 -11.62 32.54
CA VAL J 73 -59.62 -13.08 32.54
C VAL J 73 -60.51 -13.69 31.47
N GLU J 74 -59.96 -14.59 30.66
CA GLU J 74 -60.76 -15.25 29.61
C GLU J 74 -60.74 -16.77 29.59
N GLY J 75 -59.79 -17.41 30.26
CA GLY J 75 -59.75 -18.85 30.29
C GLY J 75 -58.99 -19.44 29.11
N ARG J 76 -59.59 -20.46 28.49
CA ARG J 76 -58.88 -21.40 27.64
C ARG J 76 -58.04 -20.81 26.52
N ILE J 77 -58.62 -19.90 25.74
N ILE J 77 -58.62 -19.89 25.75
CA ILE J 77 -57.91 -19.31 24.61
CA ILE J 77 -57.90 -19.33 24.63
C ILE J 77 -56.78 -18.42 25.06
C ILE J 77 -56.77 -18.43 25.07
N GLN J 78 -57.01 -17.61 26.10
CA GLN J 78 -55.94 -16.79 26.66
C GLN J 78 -54.84 -17.64 27.28
N ASP J 79 -55.19 -18.71 27.98
CA ASP J 79 -54.19 -19.62 28.53
C ASP J 79 -53.28 -20.09 27.43
N LEU J 80 -53.90 -20.51 26.32
CA LEU J 80 -53.13 -21.02 25.20
C LEU J 80 -52.24 -19.96 24.57
N GLU J 81 -52.74 -18.74 24.35
CA GLU J 81 -51.90 -17.65 23.83
C GLU J 81 -50.70 -17.38 24.72
N LYS J 82 -50.92 -17.40 26.03
CA LYS J 82 -49.87 -17.08 26.99
C LYS J 82 -48.88 -18.22 27.04
N TYR J 83 -49.37 -19.46 26.89
CA TYR J 83 -48.51 -20.61 26.92
C TYR J 83 -47.61 -20.64 25.69
N VAL J 84 -48.16 -20.27 24.54
CA VAL J 84 -47.41 -20.22 23.30
C VAL J 84 -46.31 -19.19 23.41
N GLU J 85 -46.63 -18.02 23.94
CA GLU J 85 -45.62 -16.99 24.06
C GLU J 85 -44.54 -17.37 25.07
N ASP J 86 -44.91 -17.93 26.22
CA ASP J 86 -43.89 -18.31 27.21
C ASP J 86 -42.97 -19.39 26.72
N THR J 87 -43.52 -20.34 25.99
CA THR J 87 -42.76 -21.45 25.46
C THR J 87 -41.76 -20.86 24.48
N LYS J 88 -42.22 -19.96 23.62
CA LYS J 88 -41.34 -19.31 22.64
C LYS J 88 -40.21 -18.57 23.35
N ILE J 89 -40.52 -17.79 24.38
CA ILE J 89 -39.53 -16.97 25.03
C ILE J 89 -38.51 -17.87 25.70
N ASP J 90 -38.95 -18.97 26.29
CA ASP J 90 -38.05 -19.88 26.98
C ASP J 90 -37.09 -20.59 26.05
N LEU J 91 -37.59 -20.99 24.88
CA LEU J 91 -36.73 -21.58 23.85
C LEU J 91 -35.69 -20.61 23.29
N TRP J 92 -36.09 -19.39 22.99
CA TRP J 92 -35.15 -18.38 22.50
C TRP J 92 -34.12 -17.99 23.56
N SER J 93 -34.54 -17.96 24.82
CA SER J 93 -33.64 -17.60 25.91
C SER J 93 -32.60 -18.72 26.01
N TYR J 94 -33.04 -19.96 25.83
CA TYR J 94 -32.12 -21.10 25.81
C TYR J 94 -31.13 -21.00 24.65
N ASN J 95 -31.63 -20.66 23.48
CA ASN J 95 -30.78 -20.54 22.30
C ASN J 95 -29.73 -19.48 22.57
N ALA J 96 -30.12 -18.39 23.23
CA ALA J 96 -29.20 -17.28 23.47
C ALA J 96 -28.09 -17.69 24.44
N GLU J 97 -28.46 -18.36 25.53
CA GLU J 97 -27.50 -18.81 26.53
C GLU J 97 -26.47 -19.77 25.93
N LEU J 98 -26.97 -20.74 25.17
CA LEU J 98 -26.13 -21.76 24.57
C LEU J 98 -25.24 -21.14 23.50
N LEU J 99 -25.79 -20.21 22.74
CA LEU J 99 -25.05 -19.59 21.65
C LEU J 99 -23.84 -18.87 22.21
N VAL J 100 -24.03 -18.04 23.23
CA VAL J 100 -22.88 -17.30 23.75
C VAL J 100 -21.89 -18.21 24.48
N ALA J 101 -22.37 -19.25 25.17
CA ALA J 101 -21.46 -20.20 25.80
C ALA J 101 -20.54 -20.90 24.79
N LEU J 102 -21.11 -21.36 23.68
CA LEU J 102 -20.36 -22.09 22.65
C LEU J 102 -19.40 -21.16 21.93
N GLU J 103 -19.88 -19.97 21.58
CA GLU J 103 -19.06 -18.99 20.87
C GLU J 103 -17.86 -18.61 21.72
N ASN J 104 -18.10 -18.38 23.00
CA ASN J 104 -17.05 -17.90 23.89
C ASN J 104 -16.02 -18.99 24.16
N GLN J 105 -16.47 -20.22 24.34
CA GLN J 105 -15.55 -21.35 24.49
C GLN J 105 -14.65 -21.43 23.28
N HIS J 106 -15.27 -21.30 22.12
CA HIS J 106 -14.57 -21.41 20.87
C HIS J 106 -13.64 -20.21 20.65
N THR J 107 -14.03 -19.02 21.12
CA THR J 107 -13.19 -17.82 20.98
C THR J 107 -11.91 -17.92 21.80
N ILE J 108 -12.05 -18.44 23.00
CA ILE J 108 -10.91 -18.65 23.88
C ILE J 108 -9.98 -19.67 23.26
N ASP J 109 -10.56 -20.74 22.74
CA ASP J 109 -9.77 -21.79 22.12
C ASP J 109 -9.11 -21.36 20.80
N LEU J 110 -9.74 -20.49 20.00
CA LEU J 110 -9.13 -20.12 18.72
C LEU J 110 -7.99 -19.14 18.95
N THR J 111 -8.13 -18.27 19.95
CA THR J 111 -7.04 -17.35 20.31
C THR J 111 -5.84 -18.05 20.94
N ASP J 112 -6.14 -19.03 21.80
CA ASP J 112 -5.13 -19.90 22.36
C ASP J 112 -4.40 -20.61 21.23
N SER J 113 -5.17 -21.11 20.27
CA SER J 113 -4.60 -21.76 19.11
C SER J 113 -3.66 -20.85 18.30
N GLU J 114 -4.07 -19.62 18.00
CA GLU J 114 -3.22 -18.72 17.21
C GLU J 114 -1.91 -18.42 17.90
N MET J 115 -1.96 -18.25 19.22
CA MET J 115 -0.73 -18.07 19.98
C MET J 115 0.16 -19.30 19.75
N ASN J 116 -0.43 -20.48 19.87
CA ASN J 116 0.33 -21.72 19.72
C ASN J 116 0.89 -21.90 18.31
N LYS J 117 0.15 -21.48 17.29
CA LYS J 117 0.59 -21.65 15.91
C LYS J 117 1.77 -20.75 15.62
N LEU J 118 1.73 -19.55 16.16
CA LEU J 118 2.83 -18.60 16.00
C LEU J 118 4.09 -19.15 16.66
N PHE J 119 3.94 -19.69 17.87
CA PHE J 119 5.05 -20.29 18.58
C PHE J 119 5.69 -21.44 17.77
N GLU J 120 4.85 -22.32 17.23
CA GLU J 120 5.33 -23.47 16.47
C GLU J 120 6.02 -23.02 15.18
N LYS J 121 5.49 -21.98 14.54
CA LYS J 121 6.05 -21.52 13.27
C LYS J 121 7.45 -20.96 13.50
N THR J 122 7.59 -20.21 14.60
CA THR J 122 8.87 -19.61 14.96
C THR J 122 9.91 -20.70 15.24
N GLY J 123 9.50 -21.68 16.02
CA GLY J 123 10.33 -22.84 16.30
C GLY J 123 10.81 -23.48 15.02
N ARG J 124 9.89 -23.64 14.06
CA ARG J 124 10.22 -24.28 12.79
C ARG J 124 11.21 -23.48 11.96
N GLN J 125 11.13 -22.14 11.98
CA GLN J 125 12.14 -21.36 11.27
C GLN J 125 13.50 -21.59 11.89
N LEU J 126 13.53 -21.62 13.21
CA LEU J 126 14.82 -21.69 13.89
C LEU J 126 15.54 -23.03 13.74
N ARG J 127 14.81 -24.09 13.39
CA ARG J 127 15.41 -25.40 13.15
C ARG J 127 16.29 -25.79 14.35
N GLU J 128 17.58 -26.08 14.12
CA GLU J 128 18.47 -26.53 15.17
C GLU J 128 19.26 -25.37 15.80
N ASN J 129 18.88 -24.13 15.52
CA ASN J 129 19.67 -23.00 15.96
C ASN J 129 19.19 -22.41 17.28
N ALA J 130 18.12 -22.96 17.83
CA ALA J 130 17.53 -22.44 19.05
C ALA J 130 16.95 -23.62 19.82
N GLU J 131 16.67 -23.43 21.11
CA GLU J 131 15.93 -24.41 21.89
C GLU J 131 14.79 -23.74 22.63
N ASP J 132 13.67 -24.45 22.71
CA ASP J 132 12.49 -24.04 23.45
C ASP J 132 12.77 -24.09 24.96
N MET J 133 12.69 -22.94 25.64
CA MET J 133 12.97 -22.90 27.08
C MET J 133 11.77 -23.33 27.93
N GLY J 134 10.63 -23.54 27.29
CA GLY J 134 9.45 -24.10 27.92
C GLY J 134 8.44 -23.08 28.47
N ASN J 135 8.75 -21.80 28.33
CA ASN J 135 7.91 -20.71 28.84
C ASN J 135 7.49 -19.83 27.67
N GLY J 136 7.56 -20.37 26.47
CA GLY J 136 7.23 -19.62 25.27
C GLY J 136 8.39 -18.79 24.73
N CYS J 137 9.60 -19.02 25.27
CA CYS J 137 10.81 -18.31 24.83
C CYS J 137 11.78 -19.27 24.15
N PHE J 138 12.47 -18.79 23.13
CA PHE J 138 13.57 -19.53 22.53
C PHE J 138 14.94 -18.94 22.91
N LYS J 139 15.85 -19.82 23.35
CA LYS J 139 17.26 -19.48 23.46
C LYS J 139 17.91 -19.71 22.10
N ILE J 140 18.42 -18.64 21.51
CA ILE J 140 19.06 -18.68 20.19
C ILE J 140 20.57 -18.73 20.42
N TYR J 141 21.21 -19.75 19.85
CA TYR J 141 22.59 -20.11 20.17
C TYR J 141 23.62 -19.51 19.23
N HIS J 142 23.35 -18.32 18.72
CA HIS J 142 24.32 -17.62 17.88
C HIS J 142 24.07 -16.13 17.99
N LYS J 143 25.09 -15.34 17.65
CA LYS J 143 24.91 -13.90 17.63
C LYS J 143 23.80 -13.53 16.66
N CYS J 144 22.84 -12.74 17.14
CA CYS J 144 21.66 -12.43 16.35
C CYS J 144 21.27 -10.98 16.57
N ASP J 145 21.77 -10.11 15.71
CA ASP J 145 21.55 -8.67 15.87
C ASP J 145 20.12 -8.29 15.45
N ASN J 146 19.80 -6.99 15.46
CA ASN J 146 18.43 -6.54 15.25
C ASN J 146 17.86 -6.99 13.90
N ALA J 147 18.70 -6.98 12.87
CA ALA J 147 18.29 -7.40 11.55
C ALA J 147 18.02 -8.90 11.50
N CYS J 148 18.80 -9.67 12.25
CA CYS J 148 18.59 -11.10 12.37
C CYS J 148 17.26 -11.41 13.05
N ILE J 149 17.01 -10.71 14.15
CA ILE J 149 15.74 -10.83 14.85
C ILE J 149 14.61 -10.49 13.90
N GLU J 150 14.78 -9.43 13.11
CA GLU J 150 13.73 -9.02 12.18
C GLU J 150 13.53 -10.05 11.07
N SER J 151 14.61 -10.71 10.66
CA SER J 151 14.52 -11.76 9.66
C SER J 151 13.67 -12.92 10.19
N ILE J 152 13.80 -13.21 11.48
CA ILE J 152 12.93 -14.21 12.09
C ILE J 152 11.48 -13.72 12.11
N ARG J 153 11.28 -12.49 12.55
CA ARG J 153 9.94 -11.95 12.69
C ARG J 153 9.21 -11.85 11.33
N ASN J 154 9.93 -11.60 10.24
CA ASN J 154 9.29 -11.44 8.93
C ASN J 154 9.33 -12.71 8.07
N GLY J 155 9.89 -13.79 8.63
CA GLY J 155 9.77 -15.11 8.05
C GLY J 155 10.79 -15.43 6.98
N THR J 156 11.90 -14.69 6.97
CA THR J 156 12.96 -14.87 5.97
C THR J 156 14.26 -15.36 6.57
N TYR J 157 14.24 -15.70 7.86
CA TYR J 157 15.42 -16.20 8.54
C TYR J 157 16.00 -17.40 7.82
N ASP J 158 17.31 -17.37 7.60
CA ASP J 158 18.00 -18.46 6.91
C ASP J 158 18.83 -19.25 7.91
N HIS J 159 18.30 -20.38 8.35
CA HIS J 159 18.91 -21.13 9.44
C HIS J 159 20.32 -21.61 9.07
N ASP J 160 20.55 -21.88 7.80
CA ASP J 160 21.81 -22.43 7.34
C ASP J 160 22.98 -21.46 7.56
N VAL J 161 22.70 -20.16 7.51
CA VAL J 161 23.75 -19.18 7.69
C VAL J 161 24.38 -19.31 9.06
N TYR J 162 23.56 -19.67 10.05
CA TYR J 162 23.98 -19.64 11.44
C TYR J 162 24.22 -21.02 12.02
N ARG J 163 23.96 -22.06 11.25
CA ARG J 163 23.90 -23.41 11.79
C ARG J 163 25.21 -23.86 12.42
N ASP J 164 26.36 -23.59 11.79
CA ASP J 164 27.63 -24.01 12.36
C ASP J 164 27.87 -23.36 13.73
N GLU J 165 27.67 -22.04 13.77
CA GLU J 165 27.84 -21.27 15.00
C GLU J 165 26.91 -21.80 16.11
N ALA J 166 25.66 -22.06 15.77
CA ALA J 166 24.66 -22.45 16.76
C ALA J 166 24.94 -23.83 17.34
N LEU J 167 25.23 -24.79 16.48
CA LEU J 167 25.51 -26.16 16.92
C LEU J 167 26.76 -26.21 17.77
N ASN J 168 27.80 -25.45 17.40
CA ASN J 168 29.02 -25.39 18.21
C ASN J 168 28.64 -24.90 19.61
N ASN J 169 27.82 -23.85 19.68
CA ASN J 169 27.37 -23.35 20.99
C ASN J 169 26.44 -24.29 21.74
N ARG J 170 25.60 -25.06 21.04
CA ARG J 170 24.63 -25.90 21.73
C ARG J 170 25.31 -27.15 22.31
N PHE J 171 26.19 -27.75 21.50
CA PHE J 171 26.63 -29.12 21.72
C PHE J 171 28.10 -29.28 22.11
N GLN J 172 28.88 -28.21 22.08
CA GLN J 172 30.31 -28.30 22.38
C GLN J 172 30.73 -27.12 23.24
N PRO K 3 23.96 -36.74 1.02
CA PRO K 3 23.21 -37.94 0.62
C PRO K 3 22.05 -38.23 1.58
N GLY K 4 20.83 -37.97 1.12
CA GLY K 4 19.64 -38.22 1.92
C GLY K 4 18.37 -38.26 1.10
N ALA K 5 17.25 -37.90 1.74
CA ALA K 5 15.94 -37.94 1.09
C ALA K 5 15.04 -36.88 1.73
N THR K 6 13.89 -36.64 1.11
CA THR K 6 12.88 -35.72 1.64
C THR K 6 11.54 -36.42 1.65
N LEU K 7 10.77 -36.23 2.71
CA LEU K 7 9.46 -36.85 2.82
C LEU K 7 8.45 -35.77 3.23
N CYS K 8 7.52 -35.47 2.33
CA CYS K 8 6.55 -34.42 2.54
C CYS K 8 5.20 -35.00 2.84
N LEU K 9 4.53 -34.41 3.82
CA LEU K 9 3.17 -34.75 4.16
C LEU K 9 2.28 -33.73 3.51
N GLY K 10 1.11 -34.16 3.06
CA GLY K 10 0.15 -33.28 2.42
C GLY K 10 -1.26 -33.84 2.43
N HIS K 11 -2.16 -33.11 1.79
CA HIS K 11 -3.55 -33.53 1.73
C HIS K 11 -4.07 -33.19 0.36
N HIS K 12 -5.18 -33.80 -0.04
CA HIS K 12 -5.70 -33.56 -1.39
C HIS K 12 -6.44 -32.21 -1.55
N ALA K 13 -6.76 -31.89 -2.80
CA ALA K 13 -7.58 -30.74 -3.16
C ALA K 13 -8.20 -31.02 -4.52
N VAL K 14 -9.19 -30.23 -4.92
CA VAL K 14 -9.81 -30.36 -6.23
C VAL K 14 -9.86 -28.98 -6.90
N PRO K 15 -9.98 -28.92 -8.23
CA PRO K 15 -9.92 -27.62 -8.93
C PRO K 15 -10.96 -26.61 -8.47
N ASN K 16 -12.18 -27.08 -8.22
CA ASN K 16 -13.16 -26.25 -7.55
C ASN K 16 -14.03 -27.10 -6.64
N GLY K 17 -14.19 -26.64 -5.41
CA GLY K 17 -14.95 -27.37 -4.41
C GLY K 17 -16.31 -26.73 -4.28
N THR K 18 -16.82 -26.67 -3.05
N THR K 18 -16.79 -26.60 -3.05
CA THR K 18 -18.15 -26.15 -2.74
CA THR K 18 -18.11 -26.04 -2.81
C THR K 18 -18.06 -25.14 -1.60
C THR K 18 -18.13 -25.19 -1.56
N LEU K 19 -18.89 -24.11 -1.62
CA LEU K 19 -18.90 -23.13 -0.53
C LEU K 19 -19.91 -23.54 0.54
N VAL K 20 -19.46 -23.46 1.79
CA VAL K 20 -20.31 -23.72 2.95
C VAL K 20 -20.16 -22.60 3.97
N LYS K 21 -21.03 -22.61 4.96
CA LYS K 21 -21.02 -21.61 6.02
C LYS K 21 -20.44 -22.24 7.27
N THR K 22 -19.72 -21.45 8.07
CA THR K 22 -19.20 -21.93 9.34
C THR K 22 -19.56 -20.92 10.42
N ILE K 23 -19.03 -21.07 11.63
CA ILE K 23 -19.25 -20.09 12.68
C ILE K 23 -18.60 -18.77 12.32
N THR K 24 -17.38 -18.82 11.80
N THR K 24 -17.44 -18.84 11.69
CA THR K 24 -16.61 -17.61 11.49
CA THR K 24 -16.63 -17.68 11.42
C THR K 24 -16.68 -17.14 10.03
C THR K 24 -16.90 -17.08 10.06
N ASP K 25 -17.19 -17.95 9.10
CA ASP K 25 -17.21 -17.57 7.69
C ASP K 25 -18.57 -17.77 7.08
N ASP K 26 -19.05 -16.77 6.36
N ASP K 26 -19.05 -16.75 6.37
CA ASP K 26 -20.30 -16.93 5.64
CA ASP K 26 -20.29 -16.84 5.61
C ASP K 26 -20.06 -17.88 4.48
C ASP K 26 -20.08 -17.80 4.44
N GLN K 27 -18.87 -17.82 3.89
CA GLN K 27 -18.55 -18.67 2.74
C GLN K 27 -17.09 -19.10 2.80
N ILE K 28 -16.86 -20.41 2.87
CA ILE K 28 -15.52 -20.96 2.85
C ILE K 28 -15.54 -22.26 2.06
N GLU K 29 -14.48 -22.53 1.29
CA GLU K 29 -14.47 -23.64 0.34
C GLU K 29 -13.99 -24.96 0.94
N VAL K 30 -14.79 -26.01 0.81
CA VAL K 30 -14.37 -27.35 1.20
C VAL K 30 -14.36 -28.25 -0.04
N THR K 31 -13.82 -29.47 0.07
CA THR K 31 -13.69 -30.35 -1.11
C THR K 31 -15.03 -30.96 -1.56
N ASN K 32 -15.98 -31.07 -0.65
CA ASN K 32 -17.24 -31.73 -0.93
C ASN K 32 -18.22 -31.31 0.16
N ALA K 33 -19.51 -31.33 -0.17
CA ALA K 33 -20.57 -31.08 0.79
C ALA K 33 -21.85 -31.74 0.29
N THR K 34 -22.86 -31.79 1.15
CA THR K 34 -24.15 -32.39 0.78
C THR K 34 -25.31 -31.51 1.22
N GLU K 35 -26.40 -31.53 0.45
CA GLU K 35 -27.50 -30.61 0.67
C GLU K 35 -28.40 -31.15 1.78
N LEU K 36 -28.76 -30.31 2.75
CA LEU K 36 -29.63 -30.73 3.85
C LEU K 36 -31.07 -30.24 3.72
N VAL K 37 -31.33 -29.41 2.70
CA VAL K 37 -32.68 -28.90 2.47
C VAL K 37 -33.27 -29.50 1.21
N GLN K 38 -34.36 -30.24 1.34
CA GLN K 38 -35.08 -30.71 0.18
C GLN K 38 -35.87 -29.54 -0.40
N SER K 39 -35.54 -29.15 -1.63
CA SER K 39 -36.15 -27.98 -2.25
C SER K 39 -36.96 -28.33 -3.49
N SER K 40 -37.01 -29.61 -3.87
CA SER K 40 -37.78 -30.00 -5.06
C SER K 40 -38.78 -31.12 -4.80
N SER K 41 -39.80 -31.15 -5.66
CA SER K 41 -40.78 -32.22 -5.71
C SER K 41 -41.05 -32.60 -7.18
N THR K 42 -41.43 -33.86 -7.39
CA THR K 42 -41.91 -34.30 -8.71
C THR K 42 -43.20 -33.59 -9.13
N GLY K 43 -43.98 -33.11 -8.16
CA GLY K 43 -45.25 -32.46 -8.44
C GLY K 43 -46.43 -33.42 -8.35
N LYS K 44 -46.16 -34.66 -7.93
CA LYS K 44 -47.19 -35.67 -7.81
C LYS K 44 -47.25 -36.33 -6.43
N ILE K 45 -48.46 -36.58 -5.94
CA ILE K 45 -48.66 -37.32 -4.70
C ILE K 45 -48.62 -38.82 -4.97
N CYS K 46 -47.69 -39.49 -4.29
CA CYS K 46 -47.55 -40.94 -4.39
C CYS K 46 -48.63 -41.68 -3.61
N ASN K 47 -49.21 -42.69 -4.25
CA ASN K 47 -50.31 -43.45 -3.64
C ASN K 47 -49.93 -44.55 -2.66
N ASN K 48 -48.63 -44.74 -2.43
CA ASN K 48 -48.12 -45.63 -1.41
C ASN K 48 -46.99 -44.93 -0.64
N PRO K 49 -46.78 -45.30 0.64
CA PRO K 49 -47.46 -46.37 1.38
C PRO K 49 -48.79 -45.95 2.00
N HIS K 50 -49.11 -44.66 1.97
CA HIS K 50 -50.32 -44.17 2.63
C HIS K 50 -51.53 -44.38 1.72
N ARG K 51 -52.67 -44.67 2.35
CA ARG K 51 -53.91 -44.81 1.59
C ARG K 51 -54.47 -43.43 1.28
N ILE K 52 -54.47 -43.09 0.00
CA ILE K 52 -54.90 -41.80 -0.45
C ILE K 52 -56.32 -41.92 -0.97
N LEU K 53 -57.20 -41.02 -0.55
CA LEU K 53 -58.54 -40.96 -1.11
C LEU K 53 -58.70 -39.60 -1.76
N ASP K 54 -58.83 -39.59 -3.07
CA ASP K 54 -59.00 -38.36 -3.83
C ASP K 54 -60.44 -37.91 -3.78
N GLY K 55 -60.69 -36.71 -3.25
CA GLY K 55 -62.05 -36.24 -3.09
C GLY K 55 -62.69 -35.85 -4.40
N ILE K 56 -61.90 -35.62 -5.45
CA ILE K 56 -62.41 -35.20 -6.76
C ILE K 56 -63.36 -33.99 -6.63
N ASP K 57 -64.65 -34.14 -6.95
CA ASP K 57 -65.60 -33.04 -6.91
C ASP K 57 -66.18 -32.78 -5.52
N CYS K 58 -65.72 -33.50 -4.50
CA CYS K 58 -66.34 -33.43 -3.19
C CYS K 58 -65.37 -32.99 -2.11
N THR K 59 -65.88 -32.14 -1.21
CA THR K 59 -65.25 -31.86 0.06
C THR K 59 -65.56 -33.02 0.98
N LEU K 60 -64.79 -33.16 2.05
CA LEU K 60 -65.02 -34.21 3.02
C LEU K 60 -66.38 -34.06 3.68
N ILE K 61 -66.79 -32.82 3.95
CA ILE K 61 -68.10 -32.60 4.56
C ILE K 61 -69.24 -32.99 3.64
N ASP K 62 -69.16 -32.70 2.34
CA ASP K 62 -70.21 -33.14 1.41
C ASP K 62 -70.29 -34.66 1.31
N ALA K 63 -69.16 -35.35 1.40
CA ALA K 63 -69.17 -36.80 1.40
C ALA K 63 -69.84 -37.31 2.67
N LEU K 64 -69.54 -36.68 3.81
CA LEU K 64 -70.11 -37.04 5.10
C LEU K 64 -71.64 -36.96 5.07
N LEU K 65 -72.15 -35.80 4.66
CA LEU K 65 -73.58 -35.54 4.69
C LEU K 65 -74.31 -36.40 3.67
N GLY K 66 -73.65 -36.71 2.56
CA GLY K 66 -74.27 -37.55 1.55
C GLY K 66 -74.95 -36.80 0.41
N ASP K 67 -74.36 -35.67 0.01
CA ASP K 67 -74.67 -35.02 -1.27
C ASP K 67 -74.65 -36.09 -2.35
N PRO K 68 -75.73 -36.19 -3.16
CA PRO K 68 -75.81 -37.32 -4.09
C PRO K 68 -74.58 -37.56 -4.96
N HIS K 69 -73.98 -36.51 -5.51
CA HIS K 69 -72.84 -36.73 -6.38
C HIS K 69 -71.58 -37.13 -5.61
N CYS K 70 -71.65 -37.08 -4.28
CA CYS K 70 -70.58 -37.54 -3.38
C CYS K 70 -70.88 -38.90 -2.75
N ASP K 71 -72.01 -39.52 -3.06
CA ASP K 71 -72.37 -40.77 -2.40
C ASP K 71 -71.47 -41.94 -2.81
N VAL K 72 -70.66 -41.74 -3.84
N VAL K 72 -70.69 -41.74 -3.87
CA VAL K 72 -69.65 -42.73 -4.20
CA VAL K 72 -69.63 -42.69 -4.22
C VAL K 72 -68.60 -42.89 -3.08
C VAL K 72 -68.71 -42.94 -3.01
N PHE K 73 -68.58 -41.94 -2.15
CA PHE K 73 -67.69 -41.98 -0.98
C PHE K 73 -68.28 -42.63 0.28
N GLN K 74 -69.50 -43.15 0.22
CA GLN K 74 -70.10 -43.81 1.39
C GLN K 74 -69.24 -44.91 1.98
N ASN K 75 -69.05 -44.85 3.30
CA ASN K 75 -68.31 -45.87 4.04
C ASN K 75 -66.82 -45.95 3.66
N GLU K 76 -66.29 -44.91 3.02
CA GLU K 76 -64.91 -44.91 2.56
C GLU K 76 -63.96 -44.66 3.73
N THR K 77 -62.69 -45.01 3.55
CA THR K 77 -61.66 -44.75 4.55
C THR K 77 -60.45 -44.16 3.87
N TRP K 78 -59.58 -43.54 4.66
CA TRP K 78 -58.40 -42.92 4.10
C TRP K 78 -57.38 -42.75 5.22
N ASP K 79 -56.11 -42.72 4.87
CA ASP K 79 -55.09 -42.14 5.73
C ASP K 79 -55.02 -40.64 5.44
N LEU K 80 -55.03 -40.27 4.16
CA LEU K 80 -55.07 -38.87 3.75
C LEU K 80 -56.18 -38.61 2.74
N PHE K 81 -57.11 -37.75 3.12
CA PHE K 81 -58.16 -37.31 2.22
C PHE K 81 -57.64 -36.08 1.50
N VAL K 82 -57.74 -36.05 0.18
CA VAL K 82 -57.25 -34.93 -0.62
C VAL K 82 -58.43 -34.15 -1.20
N GLU K 83 -58.61 -32.92 -0.72
CA GLU K 83 -59.67 -32.05 -1.23
C GLU K 83 -59.15 -31.22 -2.40
N ARG K 84 -59.94 -31.20 -3.46
CA ARG K 84 -59.59 -30.49 -4.68
C ARG K 84 -60.25 -29.15 -4.73
N SER K 85 -59.56 -28.19 -5.34
CA SER K 85 -60.10 -26.85 -5.47
C SER K 85 -61.36 -26.84 -6.36
N LYS K 86 -61.52 -27.87 -7.19
CA LYS K 86 -62.69 -27.94 -8.07
C LYS K 86 -63.95 -28.50 -7.41
N ALA K 87 -63.87 -28.87 -6.13
CA ALA K 87 -65.02 -29.45 -5.45
C ALA K 87 -66.21 -28.46 -5.39
N PHE K 88 -67.43 -29.00 -5.41
CA PHE K 88 -68.63 -28.18 -5.32
C PHE K 88 -69.76 -28.87 -4.56
N SER K 89 -70.67 -28.09 -3.93
CA SER K 89 -71.86 -28.69 -3.34
C SER K 89 -72.98 -28.63 -4.37
N ASN K 90 -73.83 -29.66 -4.37
CA ASN K 90 -74.97 -29.72 -5.28
C ASN K 90 -76.24 -30.21 -4.59
N CYS K 91 -76.44 -29.85 -3.33
CA CYS K 91 -77.59 -30.34 -2.58
C CYS K 91 -78.19 -29.17 -1.84
N TYR K 92 -78.93 -29.42 -0.76
CA TYR K 92 -79.62 -28.32 -0.12
C TYR K 92 -78.53 -27.39 0.43
N PRO K 93 -78.71 -26.07 0.26
CA PRO K 93 -77.69 -25.15 0.74
C PRO K 93 -77.61 -25.12 2.26
N TYR K 94 -76.39 -25.16 2.78
CA TYR K 94 -76.18 -25.40 4.20
C TYR K 94 -74.98 -24.64 4.72
N ASP K 95 -74.93 -24.47 6.04
CA ASP K 95 -73.69 -24.07 6.69
C ASP K 95 -73.47 -24.95 7.91
N VAL K 96 -72.24 -24.96 8.39
CA VAL K 96 -71.88 -25.73 9.57
C VAL K 96 -71.23 -24.76 10.55
N PRO K 97 -71.95 -24.39 11.62
CA PRO K 97 -71.22 -23.65 12.65
C PRO K 97 -70.03 -24.49 13.09
N ASP K 98 -68.85 -23.86 13.19
CA ASP K 98 -67.63 -24.58 13.48
C ASP K 98 -67.34 -25.68 12.43
N TYR K 99 -67.56 -25.35 11.16
CA TYR K 99 -67.20 -26.20 10.03
C TYR K 99 -65.80 -26.77 10.16
N ALA K 100 -64.85 -25.93 10.54
CA ALA K 100 -63.46 -26.35 10.56
C ALA K 100 -63.25 -27.51 11.51
N SER K 101 -63.95 -27.49 12.63
CA SER K 101 -63.81 -28.55 13.63
C SER K 101 -64.43 -29.87 13.22
N LEU K 102 -65.61 -29.82 12.59
CA LEU K 102 -66.25 -31.05 12.13
C LEU K 102 -65.38 -31.71 11.06
N ARG K 103 -64.90 -30.90 10.13
CA ARG K 103 -64.01 -31.37 9.07
C ARG K 103 -62.78 -32.01 9.68
N SER K 104 -62.22 -31.34 10.68
CA SER K 104 -61.03 -31.85 11.33
C SER K 104 -61.22 -33.19 12.02
N LEU K 105 -62.29 -33.31 12.80
CA LEU K 105 -62.48 -34.49 13.64
C LEU K 105 -62.86 -35.71 12.81
N VAL K 106 -63.61 -35.48 11.74
CA VAL K 106 -63.92 -36.55 10.79
C VAL K 106 -62.67 -36.96 10.03
N ALA K 107 -61.88 -35.98 9.63
CA ALA K 107 -60.67 -36.23 8.86
C ALA K 107 -59.73 -37.07 9.71
N SER K 108 -59.68 -36.75 11.00
CA SER K 108 -58.81 -37.41 11.95
C SER K 108 -59.35 -38.80 12.25
N SER K 109 -60.68 -38.91 12.29
CA SER K 109 -61.32 -40.20 12.49
C SER K 109 -60.99 -41.13 11.33
N GLY K 110 -60.97 -40.59 10.13
CA GLY K 110 -60.43 -41.32 9.00
C GLY K 110 -61.37 -42.30 8.35
N THR K 111 -62.65 -42.20 8.65
CA THR K 111 -63.62 -43.09 8.04
C THR K 111 -64.98 -42.41 7.97
N LEU K 112 -65.75 -42.79 6.96
CA LEU K 112 -67.16 -42.43 6.82
C LEU K 112 -68.09 -43.61 7.09
N GLU K 113 -67.59 -44.66 7.74
CA GLU K 113 -68.44 -45.80 8.05
C GLU K 113 -69.68 -45.37 8.76
N PHE K 114 -70.82 -45.75 8.22
CA PHE K 114 -72.09 -45.29 8.73
C PHE K 114 -72.95 -46.51 8.99
N ILE K 115 -73.67 -46.49 10.10
CA ILE K 115 -74.52 -47.59 10.53
C ILE K 115 -75.87 -46.95 10.72
N THR K 116 -76.83 -47.39 9.93
CA THR K 116 -78.20 -46.90 10.00
C THR K 116 -78.82 -47.44 11.27
N GLU K 117 -79.60 -46.60 11.95
CA GLU K 117 -80.39 -47.03 13.11
C GLU K 117 -81.86 -46.84 12.83
N GLY K 118 -82.63 -47.65 13.53
CA GLY K 118 -84.06 -47.75 13.37
C GLY K 118 -84.78 -46.72 14.21
N PHE K 119 -84.47 -45.46 13.98
CA PHE K 119 -85.21 -44.39 14.64
C PHE K 119 -86.68 -44.51 14.26
N THR K 120 -87.55 -44.24 15.21
CA THR K 120 -88.98 -44.17 14.98
C THR K 120 -89.45 -42.74 15.10
N TRP K 121 -90.10 -42.23 14.08
CA TRP K 121 -90.54 -40.84 14.08
C TRP K 121 -92.05 -40.87 13.98
N THR K 122 -92.69 -40.88 15.15
CA THR K 122 -94.12 -41.10 15.20
C THR K 122 -94.83 -39.81 14.85
N GLY K 123 -95.73 -39.87 13.87
CA GLY K 123 -96.62 -38.76 13.60
C GLY K 123 -96.03 -37.69 12.69
N VAL K 124 -94.93 -38.02 12.00
CA VAL K 124 -94.38 -37.11 11.00
C VAL K 124 -94.14 -37.83 9.68
N THR K 125 -94.03 -37.06 8.60
CA THR K 125 -93.66 -37.59 7.28
C THR K 125 -92.14 -37.60 7.15
N GLN K 126 -91.57 -38.71 6.69
CA GLN K 126 -90.11 -38.81 6.55
C GLN K 126 -89.63 -38.61 5.12
N ASN K 127 -88.30 -38.52 4.97
CA ASN K 127 -87.63 -38.60 3.67
C ASN K 127 -87.97 -37.42 2.77
N GLY K 128 -88.10 -36.23 3.34
CA GLY K 128 -88.39 -35.05 2.55
C GLY K 128 -87.24 -34.85 1.58
N GLY K 129 -87.53 -34.25 0.43
CA GLY K 129 -86.51 -34.01 -0.58
C GLY K 129 -86.71 -32.71 -1.34
N SER K 130 -85.78 -32.43 -2.24
CA SER K 130 -85.72 -31.13 -2.91
C SER K 130 -85.12 -31.21 -4.31
N ASN K 131 -85.61 -30.37 -5.22
CA ASN K 131 -85.00 -30.26 -6.55
C ASN K 131 -83.69 -29.49 -6.54
N ALA K 132 -83.30 -28.96 -5.38
CA ALA K 132 -81.98 -28.39 -5.21
C ALA K 132 -80.99 -29.52 -5.04
N CYS K 133 -81.48 -30.72 -4.72
CA CYS K 133 -80.61 -31.85 -4.48
C CYS K 133 -81.14 -33.07 -5.20
N LYS K 134 -80.99 -33.07 -6.52
CA LYS K 134 -81.50 -34.18 -7.31
C LYS K 134 -80.68 -35.45 -7.08
N ARG K 135 -81.39 -36.58 -7.04
CA ARG K 135 -80.75 -37.88 -6.90
C ARG K 135 -81.30 -38.68 -8.05
N GLY K 136 -80.47 -38.92 -9.07
CA GLY K 136 -80.99 -39.45 -10.31
C GLY K 136 -81.90 -38.37 -10.88
N PRO K 137 -83.00 -38.78 -11.53
CA PRO K 137 -83.83 -37.76 -12.21
C PRO K 137 -84.70 -36.90 -11.27
N GLY K 138 -85.06 -37.44 -10.10
CA GLY K 138 -85.97 -36.77 -9.18
C GLY K 138 -85.36 -35.95 -8.07
N SER K 139 -86.23 -35.24 -7.36
CA SER K 139 -85.85 -34.52 -6.14
C SER K 139 -85.26 -35.53 -5.15
N GLY K 140 -84.35 -35.07 -4.31
CA GLY K 140 -83.71 -35.94 -3.34
C GLY K 140 -83.12 -35.15 -2.20
N PHE K 141 -82.24 -35.78 -1.44
CA PHE K 141 -81.68 -35.16 -0.25
C PHE K 141 -80.40 -35.87 0.13
N PHE K 142 -79.69 -35.29 1.09
CA PHE K 142 -78.52 -35.93 1.65
C PHE K 142 -78.90 -37.34 2.07
N SER K 143 -78.03 -38.29 1.79
CA SER K 143 -78.33 -39.68 2.05
C SER K 143 -78.35 -40.01 3.54
N ARG K 144 -77.61 -39.24 4.33
CA ARG K 144 -77.44 -39.56 5.75
C ARG K 144 -78.40 -38.79 6.64
N LEU K 145 -79.23 -37.95 6.05
CA LEU K 145 -80.15 -37.12 6.81
C LEU K 145 -81.56 -37.41 6.35
N ASN K 146 -82.51 -37.10 7.23
CA ASN K 146 -83.91 -37.48 7.04
C ASN K 146 -84.74 -36.26 7.33
N TRP K 147 -85.25 -35.65 6.28
CA TRP K 147 -85.97 -34.41 6.44
C TRP K 147 -87.40 -34.73 6.86
N LEU K 148 -87.73 -34.43 8.11
CA LEU K 148 -89.06 -34.73 8.65
C LEU K 148 -89.99 -33.53 8.46
N THR K 149 -91.23 -33.79 8.03
CA THR K 149 -92.26 -32.75 7.94
C THR K 149 -93.58 -33.22 8.55
N LYS K 150 -94.60 -32.36 8.55
CA LYS K 150 -95.88 -32.70 9.17
C LYS K 150 -96.53 -33.91 8.50
N SER K 151 -97.39 -34.59 9.26
CA SER K 151 -98.25 -35.63 8.70
C SER K 151 -99.69 -35.22 8.95
N GLY K 152 -100.47 -35.17 7.87
CA GLY K 152 -101.77 -34.58 7.93
C GLY K 152 -101.63 -33.11 8.29
N SER K 153 -102.26 -32.71 9.39
CA SER K 153 -102.27 -31.31 9.84
C SER K 153 -101.49 -31.01 11.13
N THR K 154 -100.65 -31.95 11.58
CA THR K 154 -99.94 -31.76 12.85
C THR K 154 -98.49 -32.24 12.74
N TYR K 155 -97.65 -31.69 13.62
CA TYR K 155 -96.28 -32.11 13.79
C TYR K 155 -96.13 -32.23 15.31
N PRO K 156 -96.13 -33.47 15.85
CA PRO K 156 -96.12 -33.62 17.30
C PRO K 156 -94.76 -33.34 17.91
N VAL K 157 -94.68 -33.35 19.24
CA VAL K 157 -93.37 -33.24 19.85
C VAL K 157 -92.71 -34.59 19.67
N LEU K 158 -91.66 -34.63 18.87
CA LEU K 158 -90.84 -35.80 18.75
C LEU K 158 -89.95 -35.94 19.98
N ASN K 159 -89.83 -37.16 20.49
CA ASN K 159 -89.05 -37.45 21.68
C ASN K 159 -88.56 -38.87 21.53
N VAL K 160 -87.33 -39.06 21.05
CA VAL K 160 -86.82 -40.39 20.75
C VAL K 160 -85.45 -40.58 21.36
N THR K 161 -85.10 -41.83 21.66
CA THR K 161 -83.81 -42.10 22.26
C THR K 161 -83.11 -43.23 21.53
N MET K 162 -81.79 -43.20 21.58
CA MET K 162 -80.97 -44.20 20.94
C MET K 162 -79.76 -44.46 21.83
N PRO K 163 -79.76 -45.57 22.58
CA PRO K 163 -78.62 -45.81 23.48
C PRO K 163 -77.38 -46.28 22.75
N ASN K 164 -76.21 -45.92 23.28
CA ASN K 164 -74.98 -46.51 22.79
C ASN K 164 -74.57 -47.66 23.69
N ASN K 165 -74.85 -48.86 23.21
CA ASN K 165 -74.51 -50.09 23.90
C ASN K 165 -73.30 -50.75 23.23
N ASP K 166 -72.59 -50.01 22.37
CA ASP K 166 -71.38 -50.49 21.74
C ASP K 166 -70.21 -50.03 22.58
N ASN K 167 -69.00 -50.46 22.22
CA ASN K 167 -67.78 -50.09 22.94
C ASN K 167 -66.93 -49.09 22.17
N PHE K 168 -67.55 -48.39 21.22
CA PHE K 168 -66.92 -47.27 20.54
C PHE K 168 -67.81 -46.04 20.58
N ASP K 169 -67.21 -44.88 20.29
CA ASP K 169 -67.95 -43.63 20.21
C ASP K 169 -68.75 -43.51 18.91
N LYS K 170 -69.96 -42.98 19.02
CA LYS K 170 -70.83 -42.74 17.87
C LYS K 170 -70.87 -41.26 17.55
N LEU K 171 -70.72 -40.92 16.28
CA LEU K 171 -70.91 -39.54 15.82
C LEU K 171 -72.26 -39.41 15.09
N TYR K 172 -73.16 -38.60 15.62
CA TYR K 172 -74.43 -38.26 14.98
C TYR K 172 -74.35 -36.90 14.33
N ILE K 173 -74.70 -36.85 13.04
CA ILE K 173 -74.81 -35.59 12.31
C ILE K 173 -76.28 -35.31 12.08
N TRP K 174 -76.71 -34.11 12.42
CA TRP K 174 -78.11 -33.71 12.33
C TRP K 174 -78.15 -32.25 11.93
N GLY K 175 -79.34 -31.72 11.75
CA GLY K 175 -79.47 -30.37 11.25
C GLY K 175 -80.75 -29.70 11.70
N VAL K 176 -80.85 -28.42 11.37
CA VAL K 176 -82.01 -27.61 11.70
C VAL K 176 -82.32 -26.81 10.45
N HIS K 177 -83.56 -26.85 10.03
CA HIS K 177 -83.97 -26.13 8.85
C HIS K 177 -84.36 -24.71 9.21
N HIS K 178 -83.83 -23.75 8.44
CA HIS K 178 -84.26 -22.37 8.55
C HIS K 178 -85.06 -21.99 7.33
N PRO K 179 -86.39 -21.94 7.47
CA PRO K 179 -87.25 -21.54 6.36
C PRO K 179 -87.10 -20.07 6.01
N SER K 180 -87.38 -19.72 4.76
CA SER K 180 -87.28 -18.35 4.32
C SER K 180 -88.54 -17.54 4.68
N THR K 181 -89.66 -18.21 4.88
CA THR K 181 -90.91 -17.53 5.21
C THR K 181 -91.72 -18.24 6.29
N ASN K 182 -92.63 -17.49 6.91
CA ASN K 182 -93.57 -18.04 7.89
C ASN K 182 -94.46 -19.04 7.18
N GLN K 183 -94.75 -18.78 5.92
CA GLN K 183 -95.54 -19.70 5.13
C GLN K 183 -94.96 -21.07 5.03
N GLU K 184 -93.68 -21.06 4.78
CA GLU K 184 -92.90 -22.25 4.72
C GLU K 184 -92.87 -22.99 6.03
N GLN K 185 -92.60 -22.22 7.07
CA GLN K 185 -92.48 -22.73 8.42
C GLN K 185 -93.72 -23.52 8.83
N THR K 186 -94.88 -22.91 8.58
CA THR K 186 -96.16 -23.48 9.04
C THR K 186 -96.62 -24.58 8.10
N SER K 187 -96.27 -24.42 6.83
CA SER K 187 -96.64 -25.39 5.83
C SER K 187 -95.98 -26.71 6.13
N LEU K 188 -94.72 -26.65 6.53
CA LEU K 188 -93.94 -27.84 6.81
C LEU K 188 -94.16 -28.41 8.20
N TYR K 189 -94.18 -27.52 9.19
CA TYR K 189 -93.99 -27.93 10.58
C TYR K 189 -95.17 -27.60 11.52
N VAL K 190 -96.17 -26.90 10.99
CA VAL K 190 -97.39 -26.48 11.67
C VAL K 190 -97.10 -25.42 12.77
N GLN K 191 -96.15 -25.69 13.67
CA GLN K 191 -95.72 -24.72 14.67
C GLN K 191 -95.15 -23.47 14.01
N ALA K 192 -95.40 -22.31 14.61
CA ALA K 192 -94.94 -21.04 14.05
C ALA K 192 -93.43 -20.85 14.25
N SER K 193 -92.87 -21.51 15.26
CA SER K 193 -91.43 -21.49 15.52
C SER K 193 -91.03 -22.87 16.02
N GLY K 194 -89.97 -23.46 15.45
CA GLY K 194 -89.59 -24.79 15.87
C GLY K 194 -88.50 -24.78 16.91
N ARG K 195 -88.01 -25.96 17.24
CA ARG K 195 -86.93 -26.10 18.20
C ARG K 195 -86.35 -27.49 18.03
N VAL K 196 -85.04 -27.62 18.13
CA VAL K 196 -84.39 -28.92 18.15
C VAL K 196 -83.47 -29.03 19.35
N THR K 197 -83.64 -30.06 20.17
CA THR K 197 -82.76 -30.23 21.31
C THR K 197 -82.19 -31.62 21.23
N VAL K 198 -80.87 -31.71 21.17
CA VAL K 198 -80.22 -33.01 21.13
C VAL K 198 -79.23 -33.02 22.26
N SER K 199 -79.26 -34.09 23.03
CA SER K 199 -78.47 -34.18 24.23
C SER K 199 -77.98 -35.58 24.55
N THR K 200 -76.96 -35.63 25.39
CA THR K 200 -76.49 -36.86 26.02
C THR K 200 -76.64 -36.65 27.53
N ARG K 201 -76.17 -37.60 28.33
N ARG K 201 -76.07 -37.56 28.34
CA ARG K 201 -76.26 -37.45 29.77
CA ARG K 201 -76.26 -37.49 29.80
C ARG K 201 -75.70 -36.08 30.18
C ARG K 201 -75.46 -36.34 30.44
N ARG K 202 -74.47 -35.81 29.73
CA ARG K 202 -73.69 -34.67 30.20
C ARG K 202 -73.55 -33.49 29.20
N SER K 203 -74.28 -33.51 28.09
CA SER K 203 -74.22 -32.40 27.13
C SER K 203 -75.58 -32.12 26.55
N GLN K 204 -75.76 -30.90 26.06
CA GLN K 204 -76.99 -30.54 25.38
C GLN K 204 -76.75 -29.40 24.40
N GLN K 205 -77.48 -29.42 23.29
CA GLN K 205 -77.42 -28.36 22.31
C GLN K 205 -78.84 -28.09 21.94
N THR K 206 -79.31 -26.86 22.10
CA THR K 206 -80.65 -26.56 21.58
C THR K 206 -80.51 -25.44 20.57
N ILE K 207 -81.13 -25.64 19.41
CA ILE K 207 -81.09 -24.69 18.33
C ILE K 207 -82.51 -24.26 18.01
N ILE K 208 -82.70 -22.94 17.92
CA ILE K 208 -84.00 -22.40 17.54
C ILE K 208 -83.84 -21.99 16.08
N PRO K 209 -84.70 -22.55 15.20
CA PRO K 209 -84.54 -22.13 13.81
C PRO K 209 -84.88 -20.67 13.71
N ASN K 210 -84.31 -20.02 12.74
CA ASN K 210 -84.57 -18.63 12.54
C ASN K 210 -85.09 -18.32 11.12
N ILE K 211 -86.32 -17.83 11.01
CA ILE K 211 -86.92 -17.62 9.71
C ILE K 211 -86.46 -16.34 9.02
N GLY K 212 -86.21 -16.44 7.71
CA GLY K 212 -85.88 -15.30 6.87
C GLY K 212 -85.08 -15.70 5.64
N SER K 213 -84.94 -14.81 4.66
CA SER K 213 -84.21 -15.12 3.45
C SER K 213 -82.71 -15.03 3.58
N ARG K 214 -82.05 -16.00 2.95
CA ARG K 214 -80.64 -15.93 2.68
C ARG K 214 -80.49 -15.84 1.16
N PRO K 215 -79.26 -15.66 0.63
CA PRO K 215 -79.14 -15.59 -0.83
C PRO K 215 -79.63 -16.82 -1.56
N TRP K 216 -80.31 -16.58 -2.66
CA TRP K 216 -80.81 -17.62 -3.53
C TRP K 216 -79.64 -18.52 -3.95
N VAL K 217 -79.75 -19.82 -3.63
CA VAL K 217 -78.77 -20.81 -4.06
C VAL K 217 -79.50 -22.03 -4.59
N ARG K 218 -79.23 -22.41 -5.84
CA ARG K 218 -79.95 -23.53 -6.45
C ARG K 218 -81.45 -23.42 -6.14
N GLY K 219 -82.01 -22.25 -6.38
CA GLY K 219 -83.44 -22.03 -6.23
C GLY K 219 -83.88 -21.68 -4.82
N LEU K 220 -82.96 -21.65 -3.84
CA LEU K 220 -83.41 -21.55 -2.46
C LEU K 220 -82.88 -20.45 -1.59
N SER K 221 -83.79 -19.80 -0.90
N SER K 221 -83.77 -19.82 -0.84
CA SER K 221 -83.44 -18.77 0.07
CA SER K 221 -83.38 -18.82 0.13
C SER K 221 -83.44 -19.29 1.51
C SER K 221 -83.30 -19.36 1.55
N SER K 222 -83.82 -20.54 1.72
N SER K 222 -83.88 -20.53 1.79
CA SER K 222 -83.77 -21.12 3.06
CA SER K 222 -83.81 -21.19 3.08
C SER K 222 -82.43 -21.85 3.22
C SER K 222 -82.45 -21.86 3.23
N ARG K 223 -82.17 -22.35 4.43
CA ARG K 223 -80.90 -22.99 4.74
C ARG K 223 -81.09 -24.10 5.73
N ILE K 224 -80.12 -25.01 5.77
CA ILE K 224 -80.03 -25.98 6.84
C ILE K 224 -78.70 -25.70 7.58
N SER K 225 -78.74 -25.69 8.92
CA SER K 225 -77.52 -25.63 9.72
C SER K 225 -77.22 -26.99 10.31
N ILE K 226 -75.96 -27.41 10.22
CA ILE K 226 -75.56 -28.75 10.63
C ILE K 226 -74.84 -28.73 11.97
N TYR K 227 -75.23 -29.65 12.84
CA TYR K 227 -74.65 -29.81 14.15
C TYR K 227 -74.24 -31.26 14.32
N TRP K 228 -73.46 -31.55 15.35
N TRP K 228 -73.43 -31.52 15.33
CA TRP K 228 -73.04 -32.91 15.61
CA TRP K 228 -72.98 -32.88 15.63
C TRP K 228 -72.95 -33.20 17.10
C TRP K 228 -73.02 -33.18 17.12
N THR K 229 -73.10 -34.46 17.45
CA THR K 229 -73.09 -34.90 18.84
C THR K 229 -72.38 -36.23 18.93
N ILE K 230 -71.45 -36.34 19.85
CA ILE K 230 -70.78 -37.60 20.09
C ILE K 230 -71.37 -38.28 21.34
N VAL K 231 -71.62 -39.58 21.24
CA VAL K 231 -72.23 -40.34 22.31
C VAL K 231 -71.26 -41.45 22.66
N LYS K 232 -70.81 -41.50 23.91
CA LYS K 232 -69.85 -42.50 24.33
C LYS K 232 -70.53 -43.80 24.75
N PRO K 233 -69.77 -44.91 24.81
CA PRO K 233 -70.34 -46.17 25.28
C PRO K 233 -71.01 -46.02 26.63
N GLY K 234 -72.20 -46.58 26.77
CA GLY K 234 -72.94 -46.48 28.01
C GLY K 234 -73.72 -45.19 28.14
N ASP K 235 -73.49 -44.22 27.24
CA ASP K 235 -74.26 -43.00 27.22
C ASP K 235 -75.42 -43.20 26.25
N VAL K 236 -76.22 -42.15 26.01
CA VAL K 236 -77.43 -42.28 25.23
C VAL K 236 -77.74 -40.96 24.56
N LEU K 237 -78.36 -41.03 23.39
CA LEU K 237 -78.78 -39.85 22.64
C LEU K 237 -80.27 -39.64 22.84
N VAL K 238 -80.68 -38.40 23.09
CA VAL K 238 -82.09 -38.03 23.06
C VAL K 238 -82.29 -36.86 22.10
N ILE K 239 -83.29 -36.98 21.23
CA ILE K 239 -83.64 -35.92 20.28
C ILE K 239 -85.08 -35.55 20.59
N ASN K 240 -85.30 -34.26 20.83
CA ASN K 240 -86.60 -33.78 21.21
C ASN K 240 -86.87 -32.54 20.36
N SER K 241 -87.91 -32.57 19.55
CA SER K 241 -88.19 -31.45 18.67
C SER K 241 -89.68 -31.27 18.39
N ASN K 242 -90.13 -30.03 18.27
CA ASN K 242 -91.50 -29.73 17.81
C ASN K 242 -91.49 -29.03 16.44
N GLY K 243 -90.44 -29.25 15.65
CA GLY K 243 -90.39 -28.78 14.27
C GLY K 243 -88.97 -28.47 13.82
N ASN K 244 -88.72 -28.50 12.50
CA ASN K 244 -87.47 -28.04 11.88
C ASN K 244 -86.30 -29.00 12.03
N LEU K 245 -86.52 -30.17 12.62
CA LEU K 245 -85.46 -31.16 12.77
C LEU K 245 -85.12 -31.84 11.44
N ILE K 246 -83.83 -31.80 11.09
CA ILE K 246 -83.32 -32.64 10.02
C ILE K 246 -82.63 -33.77 10.74
N ALA K 247 -83.28 -34.93 10.74
CA ALA K 247 -82.91 -36.03 11.61
C ALA K 247 -81.74 -36.87 11.09
N PRO K 248 -80.97 -37.46 12.01
CA PRO K 248 -79.98 -38.46 11.61
C PRO K 248 -80.68 -39.75 11.23
N ARG K 249 -80.02 -40.54 10.39
CA ARG K 249 -80.50 -41.86 10.02
C ARG K 249 -79.74 -42.93 10.79
N GLY K 250 -78.75 -42.51 11.58
CA GLY K 250 -77.83 -43.42 12.21
C GLY K 250 -76.61 -42.63 12.64
N TYR K 251 -75.48 -43.32 12.82
CA TYR K 251 -74.27 -42.70 13.35
C TYR K 251 -73.05 -43.11 12.55
N PHE K 252 -72.00 -42.30 12.62
CA PHE K 252 -70.71 -42.65 12.05
C PHE K 252 -69.82 -43.27 13.13
N LYS K 253 -69.14 -44.37 12.80
CA LYS K 253 -68.25 -44.98 13.76
C LYS K 253 -66.97 -44.16 13.85
N MET K 254 -66.62 -43.75 15.06
N MET K 254 -66.58 -43.79 15.06
CA MET K 254 -65.40 -42.99 15.30
CA MET K 254 -65.39 -42.97 15.27
C MET K 254 -64.21 -43.92 15.46
C MET K 254 -64.16 -43.79 15.61
N ARG K 255 -63.07 -43.49 14.91
CA ARG K 255 -61.82 -44.18 15.08
C ARG K 255 -60.79 -43.15 15.52
N THR K 256 -59.69 -43.63 16.08
CA THR K 256 -58.53 -42.79 16.34
C THR K 256 -57.38 -43.37 15.53
N GLY K 257 -56.43 -42.53 15.15
CA GLY K 257 -55.33 -43.01 14.35
C GLY K 257 -54.59 -41.90 13.62
N LYS K 258 -53.97 -42.26 12.51
CA LYS K 258 -53.03 -41.39 11.84
C LYS K 258 -53.70 -40.62 10.69
N SER K 259 -55.03 -40.68 10.58
CA SER K 259 -55.68 -40.09 9.43
C SER K 259 -55.72 -38.56 9.45
N SER K 260 -55.72 -37.95 8.28
CA SER K 260 -55.83 -36.50 8.12
C SER K 260 -56.42 -36.12 6.77
N ILE K 261 -56.35 -34.83 6.45
CA ILE K 261 -56.93 -34.26 5.24
C ILE K 261 -55.96 -33.20 4.74
N MET K 262 -55.89 -32.96 3.44
CA MET K 262 -54.98 -31.97 2.86
C MET K 262 -55.66 -31.35 1.66
N ARG K 263 -55.45 -30.06 1.44
CA ARG K 263 -55.95 -29.42 0.23
C ARG K 263 -54.82 -29.41 -0.80
N SER K 264 -55.09 -29.96 -1.96
CA SER K 264 -54.08 -30.03 -3.01
C SER K 264 -54.75 -30.21 -4.35
N ASP K 265 -54.17 -29.64 -5.39
CA ASP K 265 -54.56 -29.95 -6.77
C ASP K 265 -53.56 -30.85 -7.47
N ALA K 266 -52.60 -31.40 -6.73
CA ALA K 266 -51.59 -32.27 -7.33
C ALA K 266 -52.18 -33.60 -7.79
N PRO K 267 -51.77 -34.06 -8.99
CA PRO K 267 -52.27 -35.38 -9.39
C PRO K 267 -51.70 -36.45 -8.47
N ILE K 268 -52.36 -37.61 -8.43
N ILE K 268 -52.47 -37.51 -8.28
CA ILE K 268 -51.90 -38.74 -7.62
CA ILE K 268 -51.98 -38.68 -7.56
C ILE K 268 -51.27 -39.84 -8.47
C ILE K 268 -51.21 -39.47 -8.59
N ASP K 269 -49.98 -40.09 -8.31
N ASP K 269 -50.32 -40.34 -8.15
CA ASP K 269 -49.25 -41.06 -9.14
CA ASP K 269 -49.62 -41.25 -9.07
C ASP K 269 -49.12 -42.44 -8.45
C ASP K 269 -49.12 -42.49 -8.39
N THR K 270 -48.60 -43.42 -9.19
CA THR K 270 -48.24 -44.72 -8.65
C THR K 270 -46.72 -44.73 -8.44
N CYS K 271 -46.37 -44.66 -7.15
CA CYS K 271 -45.00 -44.51 -6.71
C CYS K 271 -45.05 -44.59 -5.20
N ILE K 272 -43.89 -44.57 -4.56
CA ILE K 272 -43.85 -44.77 -3.12
C ILE K 272 -43.14 -43.59 -2.46
N SER K 273 -43.78 -42.93 -1.51
CA SER K 273 -43.09 -41.91 -0.72
C SER K 273 -43.77 -41.73 0.64
N GLU K 274 -42.97 -41.69 1.69
CA GLU K 274 -43.50 -41.49 3.03
C GLU K 274 -44.02 -40.08 3.30
N CYS K 275 -43.45 -39.08 2.63
CA CYS K 275 -43.77 -37.69 2.92
C CYS K 275 -44.58 -37.04 1.79
N ILE K 276 -45.72 -36.46 2.15
CA ILE K 276 -46.64 -35.83 1.20
C ILE K 276 -46.81 -34.35 1.55
N THR K 277 -46.71 -33.49 0.54
CA THR K 277 -47.01 -32.07 0.70
C THR K 277 -48.06 -31.74 -0.34
N PRO K 278 -48.71 -30.57 -0.23
CA PRO K 278 -49.69 -30.18 -1.25
C PRO K 278 -49.06 -30.03 -2.64
N ASN K 279 -47.75 -29.79 -2.69
CA ASN K 279 -47.02 -29.69 -3.95
C ASN K 279 -46.77 -31.03 -4.59
N GLY K 280 -47.02 -32.12 -3.86
CA GLY K 280 -46.59 -33.44 -4.26
C GLY K 280 -45.74 -34.07 -3.18
N SER K 281 -45.45 -35.35 -3.35
CA SER K 281 -44.57 -36.05 -2.43
C SER K 281 -43.15 -35.52 -2.54
N ILE K 282 -42.40 -35.65 -1.45
CA ILE K 282 -40.98 -35.32 -1.48
C ILE K 282 -40.15 -36.42 -0.80
N PRO K 283 -38.91 -36.61 -1.25
CA PRO K 283 -37.99 -37.51 -0.54
C PRO K 283 -37.81 -37.07 0.91
N ASN K 284 -37.59 -38.00 1.83
CA ASN K 284 -37.36 -37.69 3.24
C ASN K 284 -35.97 -38.07 3.71
N ASP K 285 -35.02 -38.19 2.80
CA ASP K 285 -33.65 -38.45 3.19
C ASP K 285 -32.98 -37.24 3.86
N LYS K 286 -33.40 -36.03 3.52
CA LYS K 286 -32.82 -34.86 4.16
C LYS K 286 -33.62 -34.47 5.41
N PRO K 287 -32.95 -33.85 6.40
CA PRO K 287 -33.59 -33.49 7.68
C PRO K 287 -34.52 -32.28 7.58
N PHE K 288 -34.32 -31.44 6.57
CA PHE K 288 -35.11 -30.23 6.37
C PHE K 288 -35.66 -30.14 4.96
N GLN K 289 -36.66 -29.29 4.79
CA GLN K 289 -37.25 -29.03 3.49
C GLN K 289 -37.80 -27.62 3.40
N ASN K 290 -37.84 -27.06 2.19
CA ASN K 290 -38.39 -25.72 1.95
C ASN K 290 -39.55 -25.79 0.96
N VAL K 291 -40.16 -26.96 0.81
CA VAL K 291 -41.22 -27.12 -0.18
C VAL K 291 -42.56 -26.56 0.32
N ASN K 292 -43.01 -26.98 1.50
CA ASN K 292 -44.28 -26.50 2.04
C ASN K 292 -44.31 -26.73 3.53
N LYS K 293 -44.83 -25.75 4.27
CA LYS K 293 -45.03 -25.94 5.71
C LYS K 293 -46.11 -26.97 6.04
N ILE K 294 -47.01 -27.22 5.08
CA ILE K 294 -48.02 -28.26 5.22
C ILE K 294 -47.44 -29.61 4.78
N THR K 295 -47.42 -30.58 5.69
CA THR K 295 -46.94 -31.91 5.37
C THR K 295 -47.72 -33.01 6.08
N TYR K 296 -47.57 -34.23 5.57
CA TYR K 296 -48.20 -35.40 6.16
C TYR K 296 -47.23 -36.58 6.04
N GLY K 297 -46.96 -37.29 7.14
CA GLY K 297 -46.13 -38.49 7.12
C GLY K 297 -44.75 -38.29 7.70
N ALA K 298 -43.80 -39.16 7.34
CA ALA K 298 -42.44 -39.00 7.86
C ALA K 298 -41.67 -38.02 6.99
N CYS K 299 -41.59 -36.78 7.47
CA CYS K 299 -41.21 -35.65 6.64
C CYS K 299 -40.05 -34.87 7.23
N PRO K 300 -39.18 -34.31 6.37
CA PRO K 300 -38.21 -33.35 6.87
C PRO K 300 -38.91 -32.16 7.51
N LYS K 301 -38.22 -31.45 8.38
CA LYS K 301 -38.78 -30.29 9.03
C LYS K 301 -38.73 -29.09 8.10
N TYR K 302 -39.80 -28.31 8.08
CA TYR K 302 -39.84 -27.16 7.19
C TYR K 302 -38.96 -26.05 7.73
N VAL K 303 -38.10 -25.50 6.87
CA VAL K 303 -37.29 -24.35 7.23
C VAL K 303 -37.36 -23.29 6.14
N LYS K 304 -36.92 -22.08 6.46
CA LYS K 304 -37.01 -20.96 5.52
C LYS K 304 -35.91 -20.98 4.47
N GLN K 305 -34.77 -21.55 4.80
CA GLN K 305 -33.61 -21.52 3.90
C GLN K 305 -33.94 -22.41 2.71
N ASN K 306 -33.50 -22.03 1.52
CA ASN K 306 -33.73 -22.89 0.35
C ASN K 306 -32.54 -23.81 0.10
N THR K 307 -31.44 -23.55 0.81
CA THR K 307 -30.27 -24.41 0.77
C THR K 307 -29.45 -24.31 2.05
N LEU K 308 -28.95 -25.44 2.51
CA LEU K 308 -27.97 -25.48 3.60
C LEU K 308 -26.98 -26.61 3.35
N LYS K 309 -25.70 -26.28 3.21
CA LYS K 309 -24.70 -27.27 2.84
C LYS K 309 -23.91 -27.75 4.06
N LEU K 310 -23.89 -29.08 4.25
CA LEU K 310 -23.07 -29.74 5.25
C LEU K 310 -21.75 -30.19 4.65
N ALA K 311 -20.63 -29.64 5.11
CA ALA K 311 -19.35 -30.07 4.61
C ALA K 311 -19.15 -31.56 4.81
N THR K 312 -18.64 -32.22 3.78
CA THR K 312 -18.27 -33.64 3.82
C THR K 312 -16.82 -33.84 3.42
N GLY K 313 -16.00 -32.80 3.53
CA GLY K 313 -14.60 -32.89 3.16
C GLY K 313 -13.81 -31.76 3.80
N MET K 314 -12.48 -31.82 3.67
CA MET K 314 -11.64 -30.78 4.28
C MET K 314 -11.65 -29.49 3.49
N ARG K 315 -10.99 -28.47 4.05
N ARG K 315 -11.01 -28.45 4.06
CA ARG K 315 -10.78 -27.21 3.36
CA ARG K 315 -10.78 -27.22 3.32
C ARG K 315 -10.10 -27.49 2.02
C ARG K 315 -10.12 -27.53 2.00
N ASN K 316 -10.61 -26.89 0.94
CA ASN K 316 -10.04 -27.06 -0.37
C ASN K 316 -9.04 -25.95 -0.62
N VAL K 317 -7.76 -26.30 -0.67
CA VAL K 317 -6.70 -25.31 -0.76
C VAL K 317 -5.80 -25.64 -1.94
N PRO K 318 -6.32 -25.48 -3.17
CA PRO K 318 -5.43 -25.88 -4.27
C PRO K 318 -4.24 -24.93 -4.46
N GLU K 319 -4.40 -23.66 -4.11
CA GLU K 319 -3.33 -22.66 -4.26
C GLU K 319 -3.02 -22.03 -2.91
N LYS K 320 -1.79 -21.52 -2.79
CA LYS K 320 -1.28 -20.88 -1.56
C LYS K 320 -2.37 -20.13 -0.77
N GLY L 1 -7.62 -23.30 10.21
CA GLY L 1 -8.18 -24.25 11.21
C GLY L 1 -7.40 -24.13 12.50
N LEU L 2 -7.88 -24.79 13.55
CA LEU L 2 -7.26 -24.61 14.85
C LEU L 2 -5.84 -25.14 14.94
N PHE L 3 -5.53 -26.12 14.12
CA PHE L 3 -4.26 -26.84 14.23
C PHE L 3 -3.16 -26.30 13.33
N GLY L 4 -3.52 -25.49 12.34
CA GLY L 4 -2.52 -24.79 11.57
C GLY L 4 -1.79 -25.65 10.57
N ALA L 5 -2.36 -26.80 10.21
CA ALA L 5 -1.73 -27.66 9.21
C ALA L 5 -2.27 -27.36 7.82
N ILE L 6 -3.54 -27.67 7.59
CA ILE L 6 -4.17 -27.41 6.30
C ILE L 6 -4.37 -25.91 6.18
N ALA L 7 -3.97 -25.34 5.04
CA ALA L 7 -3.98 -23.89 4.86
C ALA L 7 -3.13 -23.25 5.95
N GLY L 8 -2.09 -23.98 6.36
CA GLY L 8 -1.19 -23.57 7.42
C GLY L 8 0.24 -23.85 7.01
N PHE L 9 0.95 -24.61 7.85
CA PHE L 9 2.33 -24.98 7.56
C PHE L 9 2.41 -25.88 6.32
N ILE L 10 1.32 -26.57 6.00
N ILE L 10 1.32 -26.60 6.04
CA ILE L 10 1.23 -27.20 4.69
CA ILE L 10 1.13 -27.21 4.73
C ILE L 10 0.55 -26.18 3.80
C ILE L 10 0.57 -26.08 3.88
N GLU L 11 1.35 -25.62 2.89
CA GLU L 11 0.98 -24.41 2.17
C GLU L 11 -0.24 -24.60 1.29
N ASN L 12 -0.38 -25.80 0.71
CA ASN L 12 -1.56 -26.09 -0.09
C ASN L 12 -1.77 -27.59 -0.21
N GLY L 13 -2.96 -27.95 -0.70
CA GLY L 13 -3.29 -29.32 -0.97
C GLY L 13 -2.74 -29.77 -2.31
N TRP L 14 -2.84 -31.07 -2.56
CA TRP L 14 -2.32 -31.67 -3.76
C TRP L 14 -3.49 -32.14 -4.63
N GLU L 15 -3.75 -31.42 -5.72
CA GLU L 15 -4.77 -31.85 -6.67
C GLU L 15 -4.43 -33.19 -7.29
N GLY L 16 -3.13 -33.52 -7.29
CA GLY L 16 -2.65 -34.74 -7.89
C GLY L 16 -2.78 -35.94 -6.96
N MET L 17 -3.18 -35.73 -5.72
N MET L 17 -3.24 -35.72 -5.74
CA MET L 17 -3.43 -36.87 -4.86
CA MET L 17 -3.46 -36.79 -4.80
C MET L 17 -4.87 -37.22 -5.08
C MET L 17 -4.89 -37.29 -4.99
N ILE L 18 -5.06 -38.24 -5.91
CA ILE L 18 -6.39 -38.66 -6.34
C ILE L 18 -6.86 -40.00 -5.78
N ASP L 19 -6.04 -40.63 -4.93
CA ASP L 19 -6.38 -41.91 -4.31
C ASP L 19 -6.46 -41.87 -2.78
N GLY L 20 -6.56 -40.68 -2.19
CA GLY L 20 -6.64 -40.54 -0.75
C GLY L 20 -6.84 -39.09 -0.35
N TRP L 21 -7.12 -38.86 0.94
CA TRP L 21 -7.31 -37.49 1.43
C TRP L 21 -5.98 -36.95 1.97
N TYR L 22 -5.16 -37.82 2.53
CA TYR L 22 -3.88 -37.44 3.13
C TYR L 22 -2.81 -38.40 2.60
N GLY L 23 -1.57 -37.97 2.55
CA GLY L 23 -0.52 -38.85 2.09
C GLY L 23 0.89 -38.27 2.11
N PHE L 24 1.77 -38.92 1.36
CA PHE L 24 3.19 -38.68 1.42
C PHE L 24 3.69 -38.45 0.00
N ARG L 25 4.63 -37.52 -0.16
CA ARG L 25 5.42 -37.44 -1.38
C ARG L 25 6.87 -37.52 -0.96
N HIS L 26 7.70 -38.17 -1.76
CA HIS L 26 9.09 -38.35 -1.40
C HIS L 26 9.99 -38.11 -2.59
N GLN L 27 11.25 -37.79 -2.27
CA GLN L 27 12.35 -37.82 -3.22
C GLN L 27 13.51 -38.54 -2.56
N ASN L 28 14.06 -39.51 -3.26
CA ASN L 28 15.23 -40.23 -2.78
C ASN L 28 16.14 -40.62 -3.93
N SER L 29 17.11 -41.51 -3.70
CA SER L 29 18.06 -41.86 -4.74
C SER L 29 17.43 -42.64 -5.91
N GLU L 30 16.24 -43.20 -5.72
CA GLU L 30 15.61 -43.98 -6.78
C GLU L 30 14.54 -43.19 -7.53
N GLY L 31 14.35 -41.91 -7.16
CA GLY L 31 13.43 -41.04 -7.87
C GLY L 31 12.49 -40.39 -6.88
N THR L 32 11.26 -40.17 -7.32
CA THR L 32 10.25 -39.53 -6.51
C THR L 32 8.97 -40.34 -6.58
N GLY L 33 8.08 -40.08 -5.63
CA GLY L 33 6.80 -40.77 -5.65
C GLY L 33 5.76 -40.19 -4.71
N GLN L 34 4.56 -40.78 -4.75
CA GLN L 34 3.46 -40.35 -3.91
C GLN L 34 2.65 -41.57 -3.48
N ALA L 35 2.14 -41.53 -2.26
CA ALA L 35 1.26 -42.59 -1.78
C ALA L 35 0.23 -42.04 -0.80
N ALA L 36 -1.03 -42.45 -0.96
CA ALA L 36 -2.04 -42.12 0.02
C ALA L 36 -1.73 -42.82 1.34
N ASP L 37 -2.03 -42.16 2.44
CA ASP L 37 -2.04 -42.78 3.75
C ASP L 37 -3.46 -43.23 4.06
N LEU L 38 -3.65 -44.55 4.16
N LEU L 38 -3.64 -44.54 4.18
CA LEU L 38 -5.00 -45.11 4.28
CA LEU L 38 -4.97 -45.11 4.27
C LEU L 38 -5.64 -44.87 5.63
C LEU L 38 -5.64 -44.87 5.63
N LYS L 39 -4.86 -44.98 6.71
CA LYS L 39 -5.39 -44.85 8.07
C LYS L 39 -5.94 -43.46 8.42
N SER L 40 -5.17 -42.42 8.10
N SER L 40 -5.19 -42.42 8.07
CA SER L 40 -5.59 -41.04 8.33
CA SER L 40 -5.62 -41.05 8.32
C SER L 40 -6.78 -40.65 7.43
C SER L 40 -6.80 -40.67 7.44
N THR L 41 -6.74 -41.10 6.17
CA THR L 41 -7.80 -40.86 5.22
C THR L 41 -9.09 -41.44 5.75
N GLN L 42 -9.00 -42.68 6.25
CA GLN L 42 -10.15 -43.42 6.71
C GLN L 42 -10.67 -42.87 8.05
N ALA L 43 -9.77 -42.34 8.88
CA ALA L 43 -10.19 -41.76 10.16
C ALA L 43 -11.05 -40.53 9.92
N ALA L 44 -10.62 -39.70 8.98
CA ALA L 44 -11.39 -38.52 8.64
C ALA L 44 -12.71 -38.90 7.99
N ILE L 45 -12.67 -39.84 7.05
CA ILE L 45 -13.86 -40.27 6.34
C ILE L 45 -14.86 -40.87 7.33
N ASP L 46 -14.40 -41.63 8.32
CA ASP L 46 -15.31 -42.30 9.25
C ASP L 46 -15.96 -41.28 10.15
N GLN L 47 -15.21 -40.28 10.57
CA GLN L 47 -15.80 -39.25 11.40
C GLN L 47 -16.86 -38.45 10.65
N ILE L 48 -16.58 -38.10 9.39
N ILE L 48 -16.61 -38.14 9.38
CA ILE L 48 -17.52 -37.33 8.59
CA ILE L 48 -17.52 -37.35 8.56
C ILE L 48 -18.78 -38.11 8.26
C ILE L 48 -18.78 -38.12 8.22
N ASN L 49 -18.63 -39.41 8.01
CA ASN L 49 -19.77 -40.26 7.73
C ASN L 49 -20.59 -40.43 9.01
N GLY L 50 -19.90 -40.45 10.15
CA GLY L 50 -20.55 -40.53 11.44
C GLY L 50 -21.46 -39.34 11.69
N LYS L 51 -20.93 -38.13 11.50
N LYS L 51 -20.91 -38.15 11.43
CA LYS L 51 -21.75 -36.94 11.76
CA LYS L 51 -21.62 -36.89 11.65
C LYS L 51 -22.85 -36.79 10.71
C LYS L 51 -22.83 -36.88 10.74
N LEU L 52 -22.58 -37.22 9.48
CA LEU L 52 -23.58 -37.16 8.44
C LEU L 52 -24.75 -38.06 8.80
N ASN L 53 -24.45 -39.27 9.27
CA ASN L 53 -25.50 -40.25 9.60
C ASN L 53 -26.29 -39.83 10.83
N ARG L 54 -25.65 -39.14 11.77
CA ARG L 54 -26.39 -38.59 12.90
C ARG L 54 -27.33 -37.50 12.43
N VAL L 55 -26.89 -36.68 11.48
CA VAL L 55 -27.70 -35.56 10.98
C VAL L 55 -28.88 -35.97 10.10
N ILE L 56 -28.71 -37.00 9.29
CA ILE L 56 -29.74 -37.35 8.31
C ILE L 56 -30.63 -38.49 8.84
N GLU L 57 -30.38 -38.90 10.10
CA GLU L 57 -31.17 -39.88 10.81
C GLU L 57 -32.58 -39.42 11.14
N LYS L 58 -33.55 -40.34 11.04
CA LYS L 58 -34.84 -40.20 11.70
C LYS L 58 -35.56 -38.88 11.45
N THR L 59 -36.17 -38.68 10.30
CA THR L 59 -37.16 -37.62 10.28
C THR L 59 -38.27 -38.02 11.24
N ASN L 60 -38.91 -37.02 11.84
CA ASN L 60 -40.14 -37.17 12.62
C ASN L 60 -41.33 -37.55 11.74
N GLU L 61 -42.26 -38.34 12.28
CA GLU L 61 -43.50 -38.65 11.58
C GLU L 61 -44.66 -37.93 12.26
N LYS L 62 -45.36 -37.09 11.50
CA LYS L 62 -46.53 -36.36 12.00
C LYS L 62 -47.72 -36.60 11.09
N PHE L 63 -48.92 -36.60 11.65
CA PHE L 63 -50.13 -36.93 10.89
C PHE L 63 -51.16 -35.78 10.89
N HIS L 64 -52.22 -35.87 11.68
CA HIS L 64 -53.18 -34.78 11.72
C HIS L 64 -52.54 -33.65 12.54
N GLN L 65 -52.52 -32.45 11.98
CA GLN L 65 -51.86 -31.31 12.61
C GLN L 65 -52.87 -30.17 12.63
N ILE L 66 -52.43 -28.93 12.48
CA ILE L 66 -53.33 -27.79 12.41
C ILE L 66 -53.29 -27.27 11.01
N GLU L 67 -54.33 -26.53 10.63
CA GLU L 67 -54.31 -25.87 9.34
C GLU L 67 -53.29 -24.74 9.32
N LYS L 68 -52.69 -24.54 8.16
CA LYS L 68 -51.64 -23.55 8.00
C LYS L 68 -51.91 -22.54 6.89
N GLU L 69 -52.97 -22.76 6.12
CA GLU L 69 -53.46 -21.78 5.18
C GLU L 69 -54.96 -21.57 5.37
N PHE L 70 -55.44 -20.37 5.09
CA PHE L 70 -56.82 -20.01 5.40
C PHE L 70 -57.47 -19.19 4.30
N SER L 71 -58.73 -19.50 4.02
CA SER L 71 -59.44 -18.84 2.93
C SER L 71 -60.35 -17.70 3.42
N GLU L 72 -60.51 -17.56 4.74
CA GLU L 72 -61.33 -16.48 5.29
C GLU L 72 -60.58 -15.82 6.43
N VAL L 73 -60.77 -14.51 6.58
CA VAL L 73 -60.29 -13.83 7.79
C VAL L 73 -61.14 -14.30 8.96
N GLU L 74 -60.48 -14.67 10.04
CA GLU L 74 -61.19 -15.12 11.24
C GLU L 74 -60.81 -14.42 12.53
N GLY L 75 -59.69 -13.71 12.56
CA GLY L 75 -59.31 -13.03 13.78
C GLY L 75 -58.54 -13.95 14.68
N ARG L 76 -58.95 -13.91 15.95
CA ARG L 76 -58.15 -14.37 17.10
C ARG L 76 -57.62 -15.79 17.00
N ILE L 77 -58.48 -16.74 16.67
N ILE L 77 -58.48 -16.73 16.65
CA ILE L 77 -58.05 -18.12 16.62
CA ILE L 77 -58.05 -18.11 16.63
C ILE L 77 -57.11 -18.36 15.45
C ILE L 77 -57.10 -18.34 15.45
N GLN L 78 -57.39 -17.75 14.31
CA GLN L 78 -56.47 -17.83 13.17
C GLN L 78 -55.15 -17.14 13.47
N ASP L 79 -55.19 -15.99 14.15
CA ASP L 79 -53.96 -15.30 14.53
C ASP L 79 -53.07 -16.24 15.30
N LEU L 80 -53.67 -16.90 16.28
CA LEU L 80 -52.90 -17.82 17.10
C LEU L 80 -52.37 -19.02 16.30
N GLU L 81 -53.16 -19.62 15.44
CA GLU L 81 -52.66 -20.73 14.60
C GLU L 81 -51.45 -20.33 13.74
N LYS L 82 -51.52 -19.13 13.16
CA LYS L 82 -50.47 -18.66 12.26
C LYS L 82 -49.22 -18.31 13.07
N TYR L 83 -49.40 -17.78 14.27
CA TYR L 83 -48.30 -17.41 15.13
C TYR L 83 -47.57 -18.64 15.63
N VAL L 84 -48.33 -19.68 15.95
CA VAL L 84 -47.76 -20.93 16.41
C VAL L 84 -46.91 -21.51 15.29
N GLU L 85 -47.44 -21.52 14.08
CA GLU L 85 -46.65 -22.08 12.98
C GLU L 85 -45.41 -21.27 12.60
N ASP L 86 -45.54 -19.95 12.55
CA ASP L 86 -44.45 -19.06 12.20
C ASP L 86 -43.32 -19.17 13.22
N THR L 87 -43.71 -19.28 14.49
CA THR L 87 -42.78 -19.38 15.60
C THR L 87 -42.01 -20.68 15.47
N LYS L 88 -42.73 -21.77 15.20
CA LYS L 88 -42.11 -23.08 15.02
C LYS L 88 -41.11 -23.07 13.88
N ILE L 89 -41.48 -22.48 12.76
CA ILE L 89 -40.64 -22.49 11.57
C ILE L 89 -39.38 -21.70 11.85
N ASP L 90 -39.52 -20.58 12.57
CA ASP L 90 -38.38 -19.74 12.88
C ASP L 90 -37.40 -20.42 13.82
N LEU L 91 -37.91 -21.15 14.80
CA LEU L 91 -37.04 -21.94 15.68
C LEU L 91 -36.30 -23.05 14.96
N TRP L 92 -36.99 -23.79 14.10
CA TRP L 92 -36.35 -24.84 13.31
C TRP L 92 -35.36 -24.31 12.31
N SER L 93 -35.68 -23.15 11.75
CA SER L 93 -34.82 -22.53 10.77
C SER L 93 -33.52 -22.12 11.45
N TYR L 94 -33.64 -21.61 12.68
CA TYR L 94 -32.48 -21.27 13.48
C TYR L 94 -31.67 -22.51 13.81
N ASN L 95 -32.33 -23.59 14.21
CA ASN L 95 -31.65 -24.84 14.54
C ASN L 95 -30.89 -25.32 13.32
N ALA L 96 -31.47 -25.18 12.14
CA ALA L 96 -30.83 -25.69 10.94
C ALA L 96 -29.56 -24.87 10.63
N GLU L 97 -29.67 -23.55 10.72
CA GLU L 97 -28.53 -22.66 10.45
C GLU L 97 -27.35 -22.92 11.40
N LEU L 98 -27.67 -23.01 12.69
CA LEU L 98 -26.67 -23.19 13.73
C LEU L 98 -26.05 -24.56 13.61
N LEU L 99 -26.89 -25.55 13.27
CA LEU L 99 -26.43 -26.93 13.17
C LEU L 99 -25.38 -27.03 12.09
N VAL L 100 -25.65 -26.49 10.91
CA VAL L 100 -24.66 -26.61 9.85
C VAL L 100 -23.42 -25.79 10.12
N ALA L 101 -23.56 -24.63 10.75
CA ALA L 101 -22.39 -23.84 11.13
C ALA L 101 -21.44 -24.57 12.08
N LEU L 102 -21.99 -25.21 13.11
CA LEU L 102 -21.20 -25.90 14.13
C LEU L 102 -20.56 -27.13 13.54
N GLU L 103 -21.33 -27.88 12.76
CA GLU L 103 -20.84 -29.10 12.15
C GLU L 103 -19.68 -28.77 11.22
N ASN L 104 -19.84 -27.72 10.42
CA ASN L 104 -18.84 -27.40 9.40
C ASN L 104 -17.56 -26.87 10.02
N GLN L 105 -17.67 -26.04 11.05
CA GLN L 105 -16.51 -25.54 11.77
C GLN L 105 -15.74 -26.74 12.32
N HIS L 106 -16.48 -27.68 12.89
CA HIS L 106 -15.90 -28.86 13.51
C HIS L 106 -15.29 -29.79 12.44
N THR L 107 -15.90 -29.85 11.25
CA THR L 107 -15.38 -30.67 10.15
C THR L 107 -14.05 -30.17 9.62
N ILE L 108 -13.95 -28.86 9.49
CA ILE L 108 -12.75 -28.20 9.06
C ILE L 108 -11.66 -28.44 10.08
N ASP L 109 -12.04 -28.29 11.35
CA ASP L 109 -11.12 -28.50 12.43
C ASP L 109 -10.67 -29.95 12.59
N LEU L 110 -11.54 -30.92 12.30
CA LEU L 110 -11.16 -32.32 12.49
C LEU L 110 -10.25 -32.82 11.36
N THR L 111 -10.49 -32.34 10.15
CA THR L 111 -9.62 -32.70 9.03
C THR L 111 -8.24 -32.06 9.19
N ASP L 112 -8.25 -30.82 9.66
CA ASP L 112 -7.02 -30.13 10.03
C ASP L 112 -6.28 -30.93 11.08
N SER L 113 -7.02 -31.39 12.08
CA SER L 113 -6.46 -32.21 13.14
C SER L 113 -5.80 -33.49 12.62
N GLU L 114 -6.47 -34.22 11.73
CA GLU L 114 -5.92 -35.47 11.21
C GLU L 114 -4.64 -35.25 10.43
N MET L 115 -4.60 -34.16 9.67
CA MET L 115 -3.39 -33.79 8.95
C MET L 115 -2.26 -33.60 9.95
N ASN L 116 -2.55 -32.85 11.01
CA ASN L 116 -1.54 -32.54 11.99
C ASN L 116 -1.08 -33.81 12.72
N LYS L 117 -2.00 -34.75 12.98
CA LYS L 117 -1.65 -35.98 13.70
C LYS L 117 -0.72 -36.86 12.88
N LEU L 118 -0.98 -36.95 11.58
CA LEU L 118 -0.12 -37.73 10.69
C LEU L 118 1.28 -37.15 10.65
N PHE L 119 1.36 -35.83 10.53
CA PHE L 119 2.65 -35.16 10.54
C PHE L 119 3.43 -35.47 11.83
N GLU L 120 2.75 -35.37 12.97
CA GLU L 120 3.38 -35.60 14.27
C GLU L 120 3.83 -37.05 14.44
N LYS L 121 3.04 -38.00 13.92
CA LYS L 121 3.35 -39.41 14.06
C LYS L 121 4.60 -39.75 13.27
N THR L 122 4.68 -39.17 12.08
CA THR L 122 5.81 -39.38 11.20
C THR L 122 7.11 -38.85 11.81
N GLY L 123 7.03 -37.62 12.33
CA GLY L 123 8.14 -37.01 13.03
C GLY L 123 8.63 -37.91 14.13
N ARG L 124 7.68 -38.46 14.88
CA ARG L 124 8.02 -39.33 16.00
C ARG L 124 8.70 -40.62 15.55
N GLN L 125 8.31 -41.17 14.40
CA GLN L 125 9.00 -42.34 13.89
C GLN L 125 10.44 -42.00 13.57
N LEU L 126 10.64 -40.84 12.96
CA LEU L 126 11.98 -40.48 12.49
C LEU L 126 12.99 -40.16 13.61
N ARG L 127 12.51 -39.82 14.80
CA ARG L 127 13.40 -39.56 15.94
C ARG L 127 14.46 -38.53 15.55
N GLU L 128 15.76 -38.85 15.70
CA GLU L 128 16.82 -37.91 15.43
C GLU L 128 17.33 -38.04 14.00
N ASN L 129 16.62 -38.77 13.15
CA ASN L 129 17.14 -39.06 11.82
C ASN L 129 16.66 -38.09 10.77
N ALA L 130 15.82 -37.15 11.16
CA ALA L 130 15.26 -36.20 10.22
C ALA L 130 15.05 -34.88 10.94
N GLU L 131 14.86 -33.81 10.18
CA GLU L 131 14.46 -32.53 10.76
C GLU L 131 13.26 -32.00 10.01
N ASP L 132 12.36 -31.37 10.75
CA ASP L 132 11.18 -30.70 10.21
C ASP L 132 11.61 -29.44 9.46
N MET L 133 11.31 -29.39 8.17
CA MET L 133 11.70 -28.24 7.35
C MET L 133 10.74 -27.06 7.48
N GLY L 134 9.62 -27.28 8.17
CA GLY L 134 8.68 -26.24 8.54
C GLY L 134 7.53 -26.02 7.56
N ASN L 135 7.53 -26.79 6.48
CA ASN L 135 6.52 -26.70 5.42
C ASN L 135 5.80 -28.03 5.25
N GLY L 136 5.85 -28.86 6.29
CA GLY L 136 5.25 -30.18 6.27
C GLY L 136 6.12 -31.26 5.68
N CYS L 137 7.39 -30.94 5.42
CA CYS L 137 8.35 -31.89 4.87
C CYS L 137 9.45 -32.19 5.89
N PHE L 138 9.92 -33.43 5.89
CA PHE L 138 11.09 -33.82 6.67
C PHE L 138 12.31 -34.02 5.77
N LYS L 139 13.42 -33.41 6.16
CA LYS L 139 14.72 -33.75 5.58
C LYS L 139 15.27 -34.95 6.34
N ILE L 140 15.45 -36.05 5.61
CA ILE L 140 15.94 -37.30 6.18
C ILE L 140 17.43 -37.36 5.87
N TYR L 141 18.23 -37.50 6.91
CA TYR L 141 19.68 -37.30 6.85
C TYR L 141 20.43 -38.59 6.60
N HIS L 142 19.82 -39.52 5.86
CA HIS L 142 20.49 -40.76 5.49
C HIS L 142 19.90 -41.25 4.19
N LYS L 143 20.66 -42.10 3.51
CA LYS L 143 20.17 -42.74 2.32
C LYS L 143 18.92 -43.54 2.66
N CYS L 144 17.85 -43.31 1.92
CA CYS L 144 16.58 -43.92 2.26
C CYS L 144 15.92 -44.29 0.95
N ASP L 145 16.15 -45.52 0.53
CA ASP L 145 15.64 -46.00 -0.74
C ASP L 145 14.14 -46.29 -0.64
N ASN L 146 13.53 -46.81 -1.69
CA ASN L 146 12.08 -46.95 -1.75
C ASN L 146 11.50 -47.81 -0.62
N ALA L 147 12.21 -48.87 -0.25
CA ALA L 147 11.76 -49.75 0.83
C ALA L 147 11.81 -49.05 2.20
N CYS L 148 12.81 -48.19 2.39
CA CYS L 148 12.91 -47.40 3.61
C CYS L 148 11.76 -46.41 3.74
N ILE L 149 11.49 -45.71 2.64
CA ILE L 149 10.35 -44.81 2.58
C ILE L 149 9.07 -45.55 2.89
N GLU L 150 8.92 -46.74 2.33
CA GLU L 150 7.72 -47.52 2.57
C GLU L 150 7.64 -47.97 4.03
N SER L 151 8.79 -48.24 4.64
CA SER L 151 8.83 -48.61 6.05
C SER L 151 8.33 -47.45 6.91
N ILE L 152 8.63 -46.22 6.51
CA ILE L 152 8.08 -45.07 7.20
C ILE L 152 6.57 -45.02 7.00
N ARG L 153 6.13 -45.18 5.75
CA ARG L 153 4.71 -45.10 5.44
C ARG L 153 3.87 -46.17 6.14
N ASN L 154 4.43 -47.36 6.34
CA ASN L 154 3.68 -48.47 6.96
C ASN L 154 3.99 -48.64 8.45
N GLY L 155 4.83 -47.76 9.00
CA GLY L 155 5.00 -47.63 10.44
C GLY L 155 5.98 -48.59 11.08
N THR L 156 6.89 -49.15 10.29
CA THR L 156 7.85 -50.11 10.83
C THR L 156 9.29 -49.59 10.75
N TYR L 157 9.45 -48.33 10.35
CA TYR L 157 10.78 -47.71 10.27
C TYR L 157 11.49 -47.76 11.62
N ASP L 158 12.73 -48.21 11.64
CA ASP L 158 13.49 -48.29 12.88
C ASP L 158 14.61 -47.29 12.92
N HIS L 159 14.43 -46.23 13.67
CA HIS L 159 15.34 -45.13 13.64
C HIS L 159 16.77 -45.61 14.03
N ASP L 160 16.89 -46.64 14.87
CA ASP L 160 18.22 -47.06 15.32
C ASP L 160 19.09 -47.56 14.17
N VAL L 161 18.52 -48.17 13.14
CA VAL L 161 19.32 -48.68 12.02
C VAL L 161 20.05 -47.54 11.35
N TYR L 162 19.41 -46.38 11.31
CA TYR L 162 19.91 -45.27 10.52
C TYR L 162 20.51 -44.19 11.39
N ARG L 163 20.45 -44.35 12.71
CA ARG L 163 20.78 -43.26 13.61
C ARG L 163 22.22 -42.76 13.50
N ASP L 164 23.19 -43.66 13.40
CA ASP L 164 24.59 -43.25 13.30
C ASP L 164 24.86 -42.42 12.05
N GLU L 165 24.38 -42.93 10.92
CA GLU L 165 24.53 -42.25 9.64
C GLU L 165 23.89 -40.87 9.68
N ALA L 166 22.70 -40.80 10.24
CA ALA L 166 21.92 -39.57 10.24
C ALA L 166 22.56 -38.50 11.11
N LEU L 167 23.00 -38.89 12.29
CA LEU L 167 23.63 -37.97 13.22
C LEU L 167 24.94 -37.44 12.65
N ASN L 168 25.72 -38.30 11.99
CA ASN L 168 26.96 -37.85 11.34
C ASN L 168 26.65 -36.77 10.31
N ASN L 169 25.62 -37.02 9.50
CA ASN L 169 25.19 -36.03 8.51
C ASN L 169 24.57 -34.76 9.10
N ARG L 170 23.86 -34.86 10.22
CA ARG L 170 23.17 -33.69 10.76
C ARG L 170 24.15 -32.74 11.44
N PHE L 171 25.06 -33.33 12.22
CA PHE L 171 25.84 -32.58 13.20
C PHE L 171 27.33 -32.44 12.93
N GLN L 172 27.82 -33.13 11.89
CA GLN L 172 29.23 -33.12 11.58
C GLN L 172 29.45 -32.99 10.07
N PRO M 3 -83.50 63.36 67.90
CA PRO M 3 -83.02 62.79 69.16
C PRO M 3 -82.09 61.61 68.92
N GLY M 4 -80.79 61.81 69.14
CA GLY M 4 -79.82 60.76 68.95
C GLY M 4 -78.50 61.07 69.62
N ALA M 5 -77.42 60.51 69.08
CA ALA M 5 -76.10 60.69 69.66
C ALA M 5 -75.08 60.61 68.54
N THR M 6 -73.85 60.96 68.87
CA THR M 6 -72.74 60.86 67.94
C THR M 6 -71.61 60.14 68.63
N LEU M 7 -70.93 59.26 67.89
CA LEU M 7 -69.80 58.52 68.45
C LEU M 7 -68.64 58.64 67.47
N CYS M 8 -67.59 59.30 67.90
CA CYS M 8 -66.44 59.57 67.07
C CYS M 8 -65.28 58.70 67.48
N LEU M 9 -64.60 58.16 66.48
CA LEU M 9 -63.37 57.41 66.70
C LEU M 9 -62.20 58.32 66.44
N GLY M 10 -61.14 58.13 67.20
CA GLY M 10 -59.95 58.95 67.00
C GLY M 10 -58.72 58.30 67.58
N HIS M 11 -57.62 59.03 67.51
CA HIS M 11 -56.36 58.55 67.99
C HIS M 11 -55.66 59.71 68.65
N HIS M 12 -54.67 59.38 69.47
CA HIS M 12 -53.98 60.41 70.19
C HIS M 12 -53.03 61.09 69.24
N ALA M 13 -52.47 62.14 69.78
CA ALA M 13 -51.45 62.92 69.17
C ALA M 13 -50.78 63.47 70.36
N VAL M 14 -49.63 64.07 70.11
CA VAL M 14 -48.98 64.71 71.19
C VAL M 14 -48.94 65.93 70.37
N PRO M 15 -48.85 67.04 71.04
CA PRO M 15 -48.93 68.27 70.30
C PRO M 15 -47.78 68.36 69.20
N ASN M 16 -46.55 67.86 69.38
CA ASN M 16 -45.45 67.69 68.39
C ASN M 16 -44.60 66.43 68.75
N GLY M 17 -44.25 65.56 67.77
CA GLY M 17 -43.51 64.28 67.88
C GLY M 17 -41.97 64.29 67.53
N THR M 18 -41.49 63.22 66.88
N THR M 18 -41.50 63.28 66.80
CA THR M 18 -40.07 63.06 66.49
CA THR M 18 -40.08 63.22 66.46
C THR M 18 -40.00 62.77 65.00
C THR M 18 -39.95 62.70 65.02
N LEU M 19 -38.97 63.25 64.32
CA LEU M 19 -38.83 62.99 62.90
C LEU M 19 -38.04 61.70 62.66
N VAL M 20 -38.60 60.89 61.77
CA VAL M 20 -37.99 59.64 61.31
C VAL M 20 -38.01 59.54 59.79
N LYS M 21 -37.29 58.56 59.26
CA LYS M 21 -37.21 58.32 57.83
C LYS M 21 -38.05 57.10 57.47
N THR M 22 -38.63 57.12 56.28
CA THR M 22 -39.40 55.97 55.81
C THR M 22 -38.93 55.64 54.40
N ILE M 23 -39.63 54.73 53.72
CA ILE M 23 -39.31 54.44 52.33
C ILE M 23 -39.61 55.64 51.45
N THR M 24 -40.75 56.29 51.70
N THR M 24 -40.68 56.35 51.78
CA THR M 24 -41.18 57.41 50.86
CA THR M 24 -41.18 57.42 50.95
C THR M 24 -40.86 58.82 51.39
C THR M 24 -40.64 58.79 51.35
N ASP M 25 -40.44 58.97 52.65
CA ASP M 25 -40.19 60.30 53.21
C ASP M 25 -38.85 60.38 53.89
N ASP M 26 -38.09 61.41 53.59
N ASP M 26 -38.09 61.43 53.58
CA ASP M 26 -36.82 61.60 54.29
CA ASP M 26 -36.82 61.69 54.24
C ASP M 26 -37.11 62.00 55.73
C ASP M 26 -37.07 62.06 55.69
N GLN M 27 -38.19 62.75 55.95
CA GLN M 27 -38.54 63.20 57.29
C GLN M 27 -40.06 63.21 57.44
N ILE M 28 -40.57 62.44 58.39
CA ILE M 28 -42.00 62.42 58.68
C ILE M 28 -42.18 62.26 60.19
N GLU M 29 -43.17 62.96 60.74
CA GLU M 29 -43.32 63.06 62.19
C GLU M 29 -44.17 61.92 62.77
N VAL M 30 -43.63 61.20 63.75
CA VAL M 30 -44.38 60.21 64.50
C VAL M 30 -44.45 60.64 65.97
N THR M 31 -45.24 59.99 66.82
CA THR M 31 -45.40 60.44 68.20
C THR M 31 -44.18 60.17 69.08
N ASN M 32 -43.40 59.17 68.71
CA ASN M 32 -42.27 58.70 69.52
C ASN M 32 -41.35 57.89 68.64
N ALA M 33 -40.08 57.84 69.02
CA ALA M 33 -39.11 57.00 68.33
C ALA M 33 -37.99 56.68 69.32
N THR M 34 -37.11 55.75 68.96
CA THR M 34 -36.00 55.38 69.81
C THR M 34 -34.71 55.29 69.01
N GLU M 35 -33.58 55.62 69.63
CA GLU M 35 -32.32 55.74 68.89
C GLU M 35 -31.68 54.37 68.71
N LEU M 36 -31.24 54.04 67.48
CA LEU M 36 -30.58 52.75 67.23
C LEU M 36 -29.07 52.83 67.08
N VAL M 37 -28.51 54.04 67.08
CA VAL M 37 -27.07 54.23 66.95
C VAL M 37 -26.48 54.72 68.27
N GLN M 38 -25.61 53.94 68.89
CA GLN M 38 -24.90 54.43 70.06
C GLN M 38 -23.80 55.39 69.61
N SER M 39 -23.90 56.65 70.02
CA SER M 39 -22.98 57.69 69.55
C SER M 39 -22.11 58.29 70.65
N SER M 40 -22.28 57.84 71.90
CA SER M 40 -21.47 58.37 72.99
C SER M 40 -20.77 57.30 73.83
N SER M 41 -19.69 57.72 74.49
CA SER M 41 -18.99 56.90 75.45
C SER M 41 -18.68 57.78 76.67
N THR M 42 -18.57 57.15 77.83
CA THR M 42 -18.08 57.82 79.04
C THR M 42 -16.63 58.28 78.88
N GLY M 43 -15.89 57.62 78.00
CA GLY M 43 -14.49 57.93 77.80
C GLY M 43 -13.60 57.02 78.64
N LYS M 44 -14.19 56.02 79.30
CA LYS M 44 -13.43 55.10 80.14
C LYS M 44 -13.66 53.62 79.81
N ILE M 45 -12.58 52.84 79.85
CA ILE M 45 -12.67 51.39 79.70
C ILE M 45 -13.01 50.74 81.02
N CYS M 46 -14.13 50.02 81.03
CA CYS M 46 -14.57 49.29 82.21
C CYS M 46 -13.77 48.00 82.41
N ASN M 47 -13.34 47.75 83.63
CA ASN M 47 -12.50 46.58 83.94
C ASN M 47 -13.21 45.24 84.18
N ASN M 48 -14.54 45.24 84.04
CA ASN M 48 -15.33 44.01 84.06
C ASN M 48 -16.33 44.04 82.93
N PRO M 49 -16.73 42.87 82.40
CA PRO M 49 -16.40 41.52 82.83
C PRO M 49 -15.09 41.01 82.25
N HIS M 50 -14.51 41.74 81.30
CA HIS M 50 -13.33 41.27 80.62
C HIS M 50 -12.09 41.56 81.45
N ARG M 51 -11.11 40.66 81.39
CA ARG M 51 -9.85 40.88 82.08
C ARG M 51 -8.99 41.83 81.27
N ILE M 52 -8.77 43.02 81.80
CA ILE M 52 -8.01 44.05 81.11
C ILE M 52 -6.59 44.06 81.69
N LEU M 53 -5.59 44.08 80.83
CA LEU M 53 -4.21 44.24 81.28
C LEU M 53 -3.69 45.51 80.69
N ASP M 54 -3.44 46.50 81.54
CA ASP M 54 -2.94 47.76 81.07
C ASP M 54 -1.43 47.66 80.89
N GLY M 55 -0.97 47.87 79.66
CA GLY M 55 0.44 47.74 79.33
C GLY M 55 1.30 48.85 79.88
N ILE M 56 0.68 49.98 80.23
CA ILE M 56 1.40 51.14 80.73
C ILE M 56 2.57 51.57 79.81
N ASP M 57 3.82 51.48 80.27
CA ASP M 57 4.97 51.92 79.49
C ASP M 57 5.49 50.88 78.49
N CYS M 58 4.81 49.75 78.36
CA CYS M 58 5.31 48.62 77.59
C CYS M 58 4.39 48.22 76.44
N THR M 59 4.99 47.89 75.30
CA THR M 59 4.29 47.18 74.24
C THR M 59 4.22 45.72 74.62
N LEU M 60 3.31 44.98 73.97
CA LEU M 60 3.17 43.55 74.21
C LEU M 60 4.43 42.81 73.80
N ILE M 61 5.05 43.25 72.71
CA ILE M 61 6.29 42.62 72.27
C ILE M 61 7.40 42.86 73.28
N ASP M 62 7.50 44.05 73.86
CA ASP M 62 8.51 44.28 74.90
C ASP M 62 8.30 43.43 76.15
N ALA M 63 7.05 43.19 76.50
CA ALA M 63 6.74 42.31 77.63
C ALA M 63 7.12 40.87 77.30
N LEU M 64 6.84 40.45 76.07
CA LEU M 64 7.15 39.10 75.63
C LEU M 64 8.64 38.84 75.74
N LEU M 65 9.43 39.73 75.14
CA LEU M 65 10.87 39.55 75.09
C LEU M 65 11.47 39.69 76.48
N GLY M 66 10.87 40.52 77.33
CA GLY M 66 11.40 40.69 78.67
C GLY M 66 12.35 41.85 78.85
N ASP M 67 12.07 42.94 78.14
CA ASP M 67 12.66 44.25 78.45
C ASP M 67 12.55 44.47 79.96
N PRO M 68 13.66 44.80 80.63
CA PRO M 68 13.60 44.84 82.10
C PRO M 68 12.46 45.66 82.70
N HIS M 69 12.17 46.85 82.19
CA HIS M 69 11.10 47.66 82.81
C HIS M 69 9.71 47.10 82.51
N CYS M 70 9.63 46.09 81.64
CA CYS M 70 8.39 45.39 81.34
C CYS M 70 8.28 44.01 82.01
N ASP M 71 9.28 43.61 82.79
CA ASP M 71 9.25 42.26 83.38
C ASP M 71 8.19 42.09 84.45
N VAL M 72 7.58 43.19 84.88
N VAL M 72 7.62 43.20 84.89
CA VAL M 72 6.43 43.14 85.78
CA VAL M 72 6.44 43.17 85.76
C VAL M 72 5.24 42.42 85.14
C VAL M 72 5.32 42.31 85.14
N PHE M 73 5.29 42.25 83.81
CA PHE M 73 4.26 41.52 83.08
C PHE M 73 4.55 40.02 82.88
N GLN M 74 5.63 39.51 83.48
CA GLN M 74 5.95 38.09 83.36
C GLN M 74 4.80 37.18 83.80
N ASN M 75 4.48 36.21 82.96
CA ASN M 75 3.44 35.21 83.22
C ASN M 75 2.02 35.79 83.31
N GLU M 76 1.84 37.01 82.80
CA GLU M 76 0.54 37.68 82.90
C GLU M 76 -0.44 37.12 81.86
N THR M 77 -1.73 37.34 82.09
CA THR M 77 -2.77 36.93 81.14
C THR M 77 -3.74 38.08 80.94
N TRP M 78 -4.54 38.01 79.88
CA TRP M 78 -5.50 39.07 79.60
C TRP M 78 -6.56 38.52 78.68
N ASP M 79 -7.74 39.11 78.74
CA ASP M 79 -8.72 39.02 77.68
C ASP M 79 -8.42 40.13 76.68
N LEU M 80 -8.17 41.33 77.20
CA LEU M 80 -7.77 42.45 76.36
C LEU M 80 -6.53 43.14 76.90
N PHE M 81 -5.47 43.13 76.10
CA PHE M 81 -4.25 43.86 76.41
C PHE M 81 -4.38 45.26 75.82
N VAL M 82 -4.11 46.28 76.63
CA VAL M 82 -4.23 47.68 76.20
C VAL M 82 -2.86 48.35 76.06
N GLU M 83 -2.46 48.68 74.83
CA GLU M 83 -1.20 49.37 74.59
C GLU M 83 -1.38 50.89 74.61
N ARG M 84 -0.50 51.56 75.35
CA ARG M 84 -0.56 53.00 75.52
C ARG M 84 0.40 53.68 74.58
N SER M 85 0.05 54.87 74.12
CA SER M 85 0.90 55.62 73.21
C SER M 85 2.23 56.01 73.86
N LYS M 86 2.26 56.05 75.20
CA LYS M 86 3.47 56.42 75.92
C LYS M 86 4.49 55.28 76.11
N ALA M 87 4.19 54.09 75.62
CA ALA M 87 5.08 52.95 75.79
C ALA M 87 6.43 53.24 75.13
N PHE M 88 7.50 52.67 75.67
CA PHE M 88 8.83 52.83 75.09
C PHE M 88 9.70 51.59 75.27
N SER M 89 10.66 51.37 74.36
CA SER M 89 11.61 50.29 74.57
C SER M 89 12.82 50.90 75.27
N ASN M 90 13.42 50.12 76.15
CA ASN M 90 14.61 50.51 76.87
C ASN M 90 15.64 49.40 76.92
N CYS M 91 15.77 48.62 75.87
CA CYS M 91 16.67 47.48 75.90
C CYS M 91 17.47 47.42 74.61
N TYR M 92 17.99 46.25 74.26
CA TYR M 92 18.85 46.21 73.09
C TYR M 92 17.99 46.55 71.89
N PRO M 93 18.52 47.38 70.98
CA PRO M 93 17.67 47.74 69.85
C PRO M 93 17.44 46.58 68.89
N TYR M 94 16.18 46.42 68.50
CA TYR M 94 15.77 45.22 67.79
C TYR M 94 14.71 45.58 66.76
N ASP M 95 14.52 44.69 65.81
CA ASP M 95 13.33 44.73 64.97
C ASP M 95 12.76 43.33 64.86
N VAL M 96 11.50 43.25 64.46
CA VAL M 96 10.86 41.96 64.30
C VAL M 96 10.30 41.92 62.88
N PRO M 97 10.95 41.14 61.98
CA PRO M 97 10.28 40.94 60.69
C PRO M 97 8.89 40.39 60.92
N ASP M 98 7.90 40.96 60.24
CA ASP M 98 6.50 40.60 60.48
C ASP M 98 6.10 40.84 61.93
N TYR M 99 6.53 41.98 62.46
CA TYR M 99 6.14 42.47 63.80
C TYR M 99 4.64 42.32 64.02
N ALA M 100 3.84 42.71 63.03
CA ALA M 100 2.39 42.72 63.21
C ALA M 100 1.86 41.32 63.49
N SER M 101 2.45 40.32 62.85
CA SER M 101 2.00 38.93 63.02
C SER M 101 2.35 38.34 64.37
N LEU M 102 3.56 38.59 64.88
CA LEU M 102 3.94 38.06 66.18
C LEU M 102 3.07 38.71 67.25
N ARG M 103 2.89 40.02 67.15
CA ARG M 103 2.03 40.76 68.07
C ARG M 103 0.63 40.20 68.05
N SER M 104 0.12 39.91 66.86
CA SER M 104 -1.22 39.39 66.72
C SER M 104 -1.40 38.02 67.36
N LEU M 105 -0.46 37.11 67.11
CA LEU M 105 -0.62 35.72 67.53
C LEU M 105 -0.44 35.59 69.03
N VAL M 106 0.44 36.41 69.61
CA VAL M 106 0.61 36.48 71.05
C VAL M 106 -0.61 37.13 71.72
N ALA M 107 -1.13 38.19 71.10
CA ALA M 107 -2.27 38.91 71.65
C ALA M 107 -3.43 37.95 71.72
N SER M 108 -3.52 37.13 70.68
CA SER M 108 -4.58 36.15 70.52
C SER M 108 -4.42 34.98 71.49
N SER M 109 -3.18 34.58 71.74
CA SER M 109 -2.90 33.54 72.73
C SER M 109 -3.34 33.96 74.11
N GLY M 110 -3.12 35.23 74.43
CA GLY M 110 -3.69 35.80 75.63
C GLY M 110 -2.89 35.52 76.88
N THR M 111 -1.65 35.07 76.71
CA THR M 111 -0.81 34.79 77.85
C THR M 111 0.65 34.96 77.51
N LEU M 112 1.42 35.35 78.52
CA LEU M 112 2.87 35.36 78.46
C LEU M 112 3.48 34.25 79.30
N GLU M 113 2.70 33.24 79.68
CA GLU M 113 3.25 32.14 80.46
C GLU M 113 4.44 31.55 79.76
N PHE M 114 5.55 31.49 80.48
CA PHE M 114 6.82 31.08 79.93
C PHE M 114 7.38 29.97 80.81
N ILE M 115 7.97 28.96 80.17
CA ILE M 115 8.49 27.80 80.86
C ILE M 115 9.94 27.72 80.41
N THR M 116 10.86 27.88 81.38
CA THR M 116 12.27 27.80 81.08
C THR M 116 12.58 26.35 80.81
N GLU M 117 13.43 26.11 79.82
CA GLU M 117 13.95 24.79 79.54
C GLU M 117 15.47 24.78 79.69
N GLY M 118 15.98 23.58 79.99
CA GLY M 118 17.38 23.34 80.29
C GLY M 118 18.22 23.10 79.06
N PHE M 119 18.23 24.07 78.15
CA PHE M 119 19.11 24.01 76.99
C PHE M 119 20.55 23.93 77.49
N THR M 120 21.35 23.16 76.78
CA THR M 120 22.78 23.08 77.04
C THR M 120 23.55 23.73 75.91
N TRP M 121 24.40 24.68 76.26
CA TRP M 121 25.13 25.41 75.24
C TRP M 121 26.60 25.14 75.49
N THR M 122 27.12 24.09 74.85
CA THR M 122 28.46 23.63 75.16
C THR M 122 29.47 24.49 74.42
N GLY M 123 30.43 25.05 75.15
CA GLY M 123 31.58 25.72 74.55
C GLY M 123 31.36 27.17 74.20
N VAL M 124 30.29 27.77 74.74
CA VAL M 124 30.06 29.21 74.57
C VAL M 124 29.79 29.87 75.93
N THR M 125 29.98 31.19 75.99
CA THR M 125 29.62 31.95 77.18
C THR M 125 28.15 32.39 77.10
N GLN M 126 27.41 32.21 78.19
CA GLN M 126 25.98 32.56 78.22
C GLN M 126 25.73 33.90 78.95
N ASN M 127 24.48 34.37 78.87
CA ASN M 127 23.98 35.48 79.70
C ASN M 127 24.63 36.82 79.42
N GLY M 128 24.92 37.09 78.15
CA GLY M 128 25.49 38.35 77.76
C GLY M 128 24.53 39.48 78.10
N GLY M 129 25.05 40.67 78.37
CA GLY M 129 24.21 41.80 78.71
C GLY M 129 24.79 43.08 78.15
N SER M 130 24.08 44.19 78.35
CA SER M 130 24.42 45.45 77.69
C SER M 130 23.99 46.68 78.50
N ASN M 131 24.76 47.77 78.43
CA ASN M 131 24.34 49.02 79.07
C ASN M 131 23.24 49.72 78.30
N ALA M 132 22.86 49.19 77.14
CA ALA M 132 21.68 49.67 76.45
C ALA M 132 20.45 49.07 77.12
N CYS M 133 20.66 48.01 77.91
CA CYS M 133 19.53 47.33 78.54
C CYS M 133 19.85 47.04 80.00
N LYS M 134 19.84 48.08 80.82
CA LYS M 134 20.15 47.93 82.24
C LYS M 134 19.06 47.20 83.01
N ARG M 135 19.47 46.35 83.94
CA ARG M 135 18.52 45.65 84.80
C ARG M 135 19.01 45.98 86.20
N GLY M 136 18.28 46.85 86.90
CA GLY M 136 18.82 47.42 88.12
C GLY M 136 20.02 48.29 87.75
N PRO M 137 21.06 48.31 88.60
CA PRO M 137 22.17 49.24 88.33
C PRO M 137 23.11 48.81 87.20
N GLY M 138 23.21 47.50 86.95
CA GLY M 138 24.14 46.95 85.98
C GLY M 138 23.58 46.68 84.61
N SER M 139 24.48 46.34 83.69
CA SER M 139 24.12 45.87 82.36
C SER M 139 23.21 44.66 82.48
N GLY M 140 22.33 44.47 81.50
CA GLY M 140 21.41 43.35 81.52
C GLY M 140 20.88 43.07 80.13
N PHE M 141 19.81 42.29 80.03
CA PHE M 141 19.30 41.87 78.73
C PHE M 141 17.87 41.43 78.88
N PHE M 142 17.22 41.17 77.75
CA PHE M 142 15.88 40.62 77.76
C PHE M 142 15.89 39.38 78.63
N SER M 143 14.86 39.24 79.45
CA SER M 143 14.80 38.17 80.41
C SER M 143 14.59 36.82 79.74
N ARG M 144 13.97 36.80 78.56
CA ARG M 144 13.58 35.55 77.93
C ARG M 144 14.59 35.09 76.89
N LEU M 145 15.65 35.86 76.70
CA LEU M 145 16.65 35.55 75.69
C LEU M 145 18.01 35.43 76.35
N ASN M 146 18.92 34.73 75.68
CA ASN M 146 20.20 34.35 76.24
C ASN M 146 21.23 34.66 75.19
N TRP M 147 21.98 35.73 75.40
CA TRP M 147 22.92 36.17 74.41
C TRP M 147 24.22 35.37 74.54
N LEU M 148 24.47 34.49 73.56
CA LEU M 148 25.64 33.63 73.59
C LEU M 148 26.82 34.26 72.85
N THR M 149 28.01 34.17 73.45
CA THR M 149 29.26 34.62 72.82
C THR M 149 30.34 33.54 72.95
N LYS M 150 31.53 33.81 72.40
CA LYS M 150 32.62 32.84 72.42
C LYS M 150 33.02 32.49 73.84
N SER M 151 33.61 31.32 74.01
CA SER M 151 34.24 30.95 75.27
C SER M 151 35.70 30.71 74.91
N GLY M 152 36.58 31.42 75.60
CA GLY M 152 37.98 31.47 75.20
C GLY M 152 38.16 32.10 73.83
N SER M 153 38.76 31.34 72.92
CA SER M 153 39.08 31.81 71.55
C SER M 153 38.26 31.12 70.45
N THR M 154 37.19 30.41 70.80
CA THR M 154 36.42 29.66 69.81
C THR M 154 34.92 29.79 70.06
N TYR M 155 34.15 29.58 68.99
CA TYR M 155 32.70 29.50 69.09
C TYR M 155 32.34 28.27 68.26
N PRO M 156 32.04 27.14 68.92
CA PRO M 156 31.79 25.93 68.13
C PRO M 156 30.44 25.95 67.42
N VAL M 157 30.19 24.94 66.59
CA VAL M 157 28.87 24.83 66.00
C VAL M 157 27.94 24.31 67.08
N LEU M 158 27.00 25.16 67.50
CA LEU M 158 25.95 24.73 68.40
C LEU M 158 24.91 23.90 67.66
N ASN M 159 24.47 22.81 68.29
CA ASN M 159 23.50 21.91 67.68
C ASN M 159 22.74 21.28 68.83
N VAL M 160 21.56 21.81 69.14
CA VAL M 160 20.81 21.37 70.30
C VAL M 160 19.38 21.09 69.92
N THR M 161 18.74 20.20 70.66
CA THR M 161 17.37 19.85 70.38
C THR M 161 16.55 19.89 71.64
N MET M 162 15.26 20.18 71.46
CA MET M 162 14.33 20.27 72.57
C MET M 162 13.01 19.69 72.06
N PRO M 163 12.68 18.45 72.46
CA PRO M 163 11.45 17.85 71.95
C PRO M 163 10.22 18.41 72.63
N ASN M 164 9.10 18.46 71.91
CA ASN M 164 7.83 18.78 72.54
C ASN M 164 7.09 17.50 72.85
N ASN M 165 7.15 17.13 74.12
CA ASN M 165 6.47 15.95 74.63
C ASN M 165 5.23 16.34 75.42
N ASP M 166 4.79 17.58 75.27
CA ASP M 166 3.57 18.05 75.91
C ASP M 166 2.40 17.93 74.93
N ASN M 167 1.18 18.23 75.39
CA ASN M 167 -0.01 18.13 74.54
C ASN M 167 -0.53 19.52 74.14
N PHE M 168 0.34 20.53 74.24
CA PHE M 168 0.05 21.86 73.73
C PHE M 168 1.20 22.35 72.85
N ASP M 169 0.94 23.39 72.06
CA ASP M 169 1.95 24.03 71.22
C ASP M 169 2.90 24.94 72.02
N LYS M 170 4.17 24.90 71.65
CA LYS M 170 5.19 25.75 72.27
C LYS M 170 5.58 26.86 71.30
N LEU M 171 5.65 28.10 71.79
CA LEU M 171 6.19 29.21 71.02
C LEU M 171 7.59 29.54 71.52
N TYR M 172 8.58 29.41 70.65
CA TYR M 172 9.96 29.81 70.92
C TYR M 172 10.27 31.14 70.26
N ILE M 173 10.76 32.10 71.06
CA ILE M 173 11.22 33.38 70.53
C ILE M 173 12.74 33.40 70.59
N TRP M 174 13.38 33.75 69.47
CA TRP M 174 14.84 33.76 69.37
C TRP M 174 15.26 34.90 68.48
N GLY M 175 16.55 35.08 68.30
CA GLY M 175 17.03 36.22 67.55
C GLY M 175 18.37 36.01 66.89
N VAL M 176 18.78 37.00 66.10
CA VAL M 176 20.06 36.97 65.41
C VAL M 176 20.66 38.34 65.59
N HIS M 177 21.91 38.37 66.03
CA HIS M 177 22.59 39.62 66.26
C HIS M 177 23.27 40.07 64.98
N HIS M 178 23.06 41.34 64.65
CA HIS M 178 23.76 41.98 63.55
C HIS M 178 24.77 42.99 64.08
N PRO M 179 26.05 42.61 64.06
CA PRO M 179 27.07 43.56 64.52
C PRO M 179 27.24 44.73 63.59
N SER M 180 27.70 45.84 64.13
CA SER M 180 27.90 47.03 63.33
C SER M 180 29.24 46.96 62.60
N THR M 181 30.17 46.17 63.12
CA THR M 181 31.50 46.02 62.54
C THR M 181 32.02 44.58 62.51
N ASN M 182 33.01 44.34 61.65
CA ASN M 182 33.69 43.06 61.57
C ASN M 182 34.43 42.80 62.88
N GLN M 183 34.91 43.87 63.49
CA GLN M 183 35.56 43.79 64.77
C GLN M 183 34.73 43.18 65.85
N GLU M 184 33.51 43.65 65.88
CA GLU M 184 32.52 43.16 66.78
C GLU M 184 32.19 41.72 66.52
N GLN M 185 31.99 41.43 65.24
CA GLN M 185 31.62 40.11 64.79
C GLN M 185 32.61 39.06 65.29
N THR M 186 33.88 39.35 65.12
CA THR M 186 34.93 38.38 65.44
C THR M 186 35.21 38.35 66.94
N SER M 187 35.07 39.51 67.58
CA SER M 187 35.31 39.60 69.01
C SER M 187 34.32 38.73 69.76
N LEU M 188 33.07 38.76 69.30
CA LEU M 188 32.02 38.03 69.96
C LEU M 188 31.97 36.55 69.54
N TYR M 189 32.09 36.31 68.24
CA TYR M 189 31.69 35.01 67.67
C TYR M 189 32.80 34.22 66.95
N VAL M 190 33.97 34.83 66.83
CA VAL M 190 35.18 34.27 66.21
C VAL M 190 35.01 34.09 64.69
N GLN M 191 33.95 33.43 64.25
CA GLN M 191 33.66 33.33 62.81
C GLN M 191 33.44 34.70 62.19
N ALA M 192 33.91 34.86 60.96
CA ALA M 192 33.78 36.14 60.27
C ALA M 192 32.34 36.39 59.82
N SER M 193 31.58 35.32 59.62
CA SER M 193 30.17 35.43 59.27
C SER M 193 29.43 34.30 59.97
N GLY M 194 28.33 34.63 60.64
CA GLY M 194 27.57 33.63 61.37
C GLY M 194 26.39 33.08 60.61
N ARG M 195 25.60 32.25 61.29
CA ARG M 195 24.39 31.68 60.73
C ARG M 195 23.54 31.13 61.85
N VAL M 196 22.22 31.29 61.76
CA VAL M 196 21.30 30.66 62.71
C VAL M 196 20.23 29.90 61.93
N THR M 197 20.06 28.62 62.21
CA THR M 197 19.03 27.82 61.56
C THR M 197 18.20 27.20 62.65
N VAL M 198 16.91 27.50 62.64
CA VAL M 198 16.01 26.92 63.62
C VAL M 198 14.91 26.26 62.81
N SER M 199 14.64 25.01 63.17
CA SER M 199 13.72 24.19 62.41
C SER M 199 12.89 23.22 63.24
N THR M 200 11.80 22.75 62.64
CA THR M 200 11.01 21.63 63.17
C THR M 200 11.03 20.53 62.10
N ARG M 201 10.28 19.46 62.31
N ARG M 201 10.20 19.49 62.25
CA ARG M 201 10.26 18.38 61.32
CA ARG M 201 10.25 18.35 61.32
C ARG M 201 9.96 18.98 59.95
C ARG M 201 9.66 18.68 59.95
N ARG M 202 8.87 19.75 59.88
CA ARG M 202 8.30 20.22 58.63
C ARG M 202 8.52 21.71 58.36
N SER M 203 9.36 22.38 59.16
CA SER M 203 9.63 23.80 58.90
C SER M 203 11.09 24.14 59.17
N GLN M 204 11.55 25.21 58.54
CA GLN M 204 12.90 25.72 58.76
C GLN M 204 13.02 27.19 58.43
N GLN M 205 13.86 27.90 59.19
CA GLN M 205 14.16 29.31 58.94
C GLN M 205 15.65 29.46 59.09
N THR M 206 16.37 29.96 58.08
CA THR M 206 17.78 30.24 58.32
C THR M 206 18.03 31.73 58.06
N ILE M 207 18.71 32.37 59.00
CA ILE M 207 19.02 33.78 58.94
C ILE M 207 20.54 33.97 58.97
N ILE M 208 21.04 34.76 58.02
CA ILE M 208 22.46 35.11 57.98
C ILE M 208 22.56 36.52 58.52
N PRO M 209 23.38 36.70 59.58
CA PRO M 209 23.49 38.07 60.10
C PRO M 209 24.11 38.94 59.05
N ASN M 210 23.81 40.21 59.12
CA ASN M 210 24.36 41.14 58.19
C ASN M 210 25.12 42.30 58.88
N ILE M 211 26.43 42.39 58.67
CA ILE M 211 27.24 43.39 59.36
C ILE M 211 27.15 44.77 58.69
N GLY M 212 27.06 45.82 59.51
CA GLY M 212 27.09 47.21 59.04
C GLY M 212 26.40 48.10 60.05
N SER M 213 26.55 49.41 59.93
CA SER M 213 25.93 50.33 60.87
C SER M 213 24.45 50.61 60.65
N ARG M 214 23.70 50.67 61.75
CA ARG M 214 22.36 51.24 61.73
C ARG M 214 22.41 52.51 62.60
N PRO M 215 21.30 53.28 62.65
CA PRO M 215 21.35 54.47 63.50
C PRO M 215 21.61 54.17 64.97
N TRP M 216 22.45 55.01 65.55
CA TRP M 216 22.80 54.94 66.95
C TRP M 216 21.50 54.97 67.80
N VAL M 217 21.26 53.93 68.61
CA VAL M 217 20.14 53.87 69.56
C VAL M 217 20.63 53.38 70.92
N ARG M 218 20.42 54.15 71.98
CA ARG M 218 20.95 53.78 73.31
C ARG M 218 22.39 53.29 73.20
N GLY M 219 23.22 54.08 72.52
CA GLY M 219 24.63 53.79 72.44
C GLY M 219 24.99 52.83 71.32
N LEU M 220 24.00 52.32 70.59
CA LEU M 220 24.27 51.22 69.66
C LEU M 220 23.90 51.34 68.23
N SER M 221 24.86 50.98 67.38
N SER M 221 24.82 50.92 67.37
CA SER M 221 24.65 50.92 65.96
CA SER M 221 24.55 50.86 65.95
C SER M 221 24.37 49.49 65.47
C SER M 221 24.20 49.44 65.50
N SER M 222 24.42 48.50 66.36
N SER M 222 24.48 48.44 66.33
CA SER M 222 24.08 47.13 65.98
CA SER M 222 24.11 47.07 66.04
C SER M 222 22.61 46.85 66.31
C SER M 222 22.63 46.84 66.33
N ARG M 223 22.13 45.67 65.92
CA ARG M 223 20.72 45.32 66.10
C ARG M 223 20.53 43.84 66.35
N ILE M 224 19.40 43.47 66.95
CA ILE M 224 18.97 42.08 67.01
C ILE M 224 17.67 41.97 66.21
N SER M 225 17.55 40.93 65.39
CA SER M 225 16.31 40.62 64.71
C SER M 225 15.62 39.43 65.38
N ILE M 226 14.32 39.56 65.64
CA ILE M 226 13.58 38.55 66.38
C ILE M 226 12.75 37.69 65.45
N TYR M 227 12.82 36.39 65.66
CA TYR M 227 12.06 35.41 64.90
C TYR M 227 11.34 34.51 65.88
N TRP M 228 10.40 33.72 65.39
N TRP M 228 10.38 33.75 65.38
CA TRP M 228 9.67 32.80 66.25
CA TRP M 228 9.62 32.83 66.20
C TRP M 228 9.34 31.50 65.53
C TRP M 228 9.43 31.48 65.52
N THR M 229 9.19 30.43 66.32
CA THR M 229 8.94 29.10 65.78
C THR M 229 7.95 28.40 66.69
N ILE M 230 6.91 27.83 66.11
CA ILE M 230 5.97 27.05 66.90
C ILE M 230 6.25 25.56 66.71
N VAL M 231 6.22 24.81 67.81
CA VAL M 231 6.52 23.38 67.79
C VAL M 231 5.30 22.67 68.35
N LYS M 232 4.70 21.79 67.55
CA LYS M 232 3.52 21.05 67.96
C LYS M 232 3.87 19.81 68.75
N PRO M 233 2.89 19.25 69.49
CA PRO M 233 3.11 18.01 70.23
C PRO M 233 3.66 16.92 69.33
N GLY M 234 4.67 16.20 69.82
CA GLY M 234 5.28 15.14 69.05
C GLY M 234 6.31 15.64 68.06
N ASP M 235 6.39 16.96 67.85
CA ASP M 235 7.41 17.53 67.00
C ASP M 235 8.58 17.90 67.90
N VAL M 236 9.60 18.54 67.33
CA VAL M 236 10.84 18.79 68.04
C VAL M 236 11.47 20.06 67.46
N LEU M 237 12.18 20.80 68.31
CA LEU M 237 12.89 22.00 67.88
C LEU M 237 14.36 21.64 67.74
N VAL M 238 14.99 22.09 66.66
CA VAL M 238 16.44 22.04 66.52
C VAL M 238 16.99 23.41 66.23
N ILE M 239 18.05 23.78 66.95
CA ILE M 239 18.73 25.05 66.77
C ILE M 239 20.16 24.71 66.42
N ASN M 240 20.62 25.25 65.29
CA ASN M 240 21.96 24.95 64.80
C ASN M 240 22.59 26.29 64.39
N SER M 241 23.68 26.67 65.04
CA SER M 241 24.32 27.95 64.76
C SER M 241 25.84 27.93 64.97
N ASN M 242 26.59 28.65 64.13
CA ASN M 242 28.04 28.86 64.37
C ASN M 242 28.40 30.32 64.69
N GLY M 243 27.44 31.07 65.24
CA GLY M 243 27.66 32.43 65.73
C GLY M 243 26.39 33.27 65.60
N ASN M 244 26.28 34.33 66.40
CA ASN M 244 25.23 35.34 66.27
C ASN M 244 23.83 34.93 66.77
N LEU M 245 23.72 33.74 67.35
CA LEU M 245 22.45 33.30 67.92
C LEU M 245 22.10 34.03 69.21
N ILE M 246 20.91 34.60 69.25
CA ILE M 246 20.33 35.09 70.51
C ILE M 246 19.33 34.00 70.88
N ALA M 247 19.71 33.20 71.87
CA ALA M 247 19.00 31.95 72.15
C ALA M 247 17.74 32.14 72.98
N PRO M 248 16.75 31.26 72.80
CA PRO M 248 15.61 31.20 73.72
C PRO M 248 16.02 30.59 75.06
N ARG M 249 15.29 30.92 76.12
CA ARG M 249 15.51 30.32 77.43
C ARG M 249 14.45 29.25 77.71
N GLY M 250 13.48 29.10 76.82
CA GLY M 250 12.32 28.27 77.06
C GLY M 250 11.25 28.66 76.07
N TYR M 251 10.01 28.37 76.39
CA TYR M 251 8.91 28.60 75.45
C TYR M 251 7.70 29.25 76.10
N PHE M 252 6.88 29.91 75.30
CA PHE M 252 5.62 30.41 75.76
C PHE M 252 4.56 29.37 75.47
N LYS M 253 3.70 29.12 76.46
CA LYS M 253 2.63 28.18 76.26
C LYS M 253 1.56 28.88 75.43
N MET M 254 1.19 28.25 74.33
N MET M 254 1.13 28.23 74.36
CA MET M 254 0.14 28.79 73.47
CA MET M 254 0.15 28.83 73.47
C MET M 254 -1.23 28.39 73.98
C MET M 254 -1.27 28.36 73.78
N ARG M 255 -2.17 29.33 73.90
CA ARG M 255 -3.56 29.05 74.20
C ARG M 255 -4.38 29.56 73.05
N THR M 256 -5.61 29.08 72.99
CA THR M 256 -6.61 29.61 72.11
C THR M 256 -7.75 30.15 72.95
N GLY M 257 -8.45 31.14 72.42
CA GLY M 257 -9.55 31.73 73.16
C GLY M 257 -9.92 33.09 72.62
N LYS M 258 -10.49 33.90 73.51
CA LYS M 258 -11.13 35.14 73.11
C LYS M 258 -10.19 36.33 73.29
N SER M 259 -8.92 36.10 73.57
CA SER M 259 -8.04 37.19 73.89
C SER M 259 -7.67 38.05 72.66
N SER M 260 -7.41 39.34 72.90
CA SER M 260 -6.97 40.26 71.86
C SER M 260 -6.15 41.43 72.44
N ILE M 261 -5.87 42.45 71.63
CA ILE M 261 -5.07 43.61 72.00
C ILE M 261 -5.70 44.84 71.37
N MET M 262 -5.57 46.01 71.98
CA MET M 262 -6.16 47.24 71.45
C MET M 262 -5.25 48.39 71.81
N ARG M 263 -5.12 49.36 70.91
CA ARG M 263 -4.37 50.58 71.24
C ARG M 263 -5.34 51.64 71.72
N SER M 264 -5.09 52.16 72.92
CA SER M 264 -5.96 53.16 73.48
C SER M 264 -5.23 53.95 74.54
N ASP M 265 -5.57 55.23 74.67
CA ASP M 265 -5.13 56.03 75.81
C ASP M 265 -6.24 56.30 76.84
N ALA M 266 -7.38 55.62 76.70
CA ALA M 266 -8.50 55.81 77.62
C ALA M 266 -8.17 55.25 79.01
N PRO M 267 -8.53 55.99 80.08
CA PRO M 267 -8.30 55.38 81.40
C PRO M 267 -9.17 54.17 81.66
N ILE M 268 -8.76 53.31 82.58
N ILE M 268 -8.66 53.22 82.43
CA ILE M 268 -9.51 52.11 82.96
CA ILE M 268 -9.44 52.10 82.88
C ILE M 268 -10.24 52.31 84.29
C ILE M 268 -10.19 52.63 84.08
N ASP M 269 -11.57 52.25 84.27
N ASP M 269 -11.31 52.00 84.43
CA ASP M 269 -12.38 52.49 85.46
CA ASP M 269 -12.05 52.32 85.64
C ASP M 269 -12.88 51.19 86.09
C ASP M 269 -12.89 51.15 86.10
N THR M 270 -13.50 51.30 87.26
CA THR M 270 -14.21 50.19 87.88
C THR M 270 -15.70 50.35 87.60
N CYS M 271 -16.19 49.51 86.69
CA CYS M 271 -17.53 49.58 86.15
C CYS M 271 -17.68 48.35 85.26
N ILE M 272 -18.88 48.12 84.72
CA ILE M 272 -19.12 46.90 83.95
C ILE M 272 -19.63 47.21 82.55
N SER M 273 -18.95 46.70 81.52
CA SER M 273 -19.46 46.80 80.15
C SER M 273 -18.91 45.71 79.24
N GLU M 274 -19.79 45.08 78.47
CA GLU M 274 -19.39 44.03 77.55
C GLU M 274 -18.63 44.55 76.34
N CYS M 275 -18.92 45.80 75.93
CA CYS M 275 -18.35 46.34 74.69
C CYS M 275 -17.29 47.40 74.99
N ILE M 276 -16.10 47.22 74.41
CA ILE M 276 -14.96 48.11 74.62
C ILE M 276 -14.50 48.69 73.29
N THR M 277 -14.30 50.00 73.24
CA THR M 277 -13.70 50.65 72.07
C THR M 277 -12.49 51.43 72.57
N PRO M 278 -11.61 51.88 71.67
CA PRO M 278 -10.46 52.68 72.10
C PRO M 278 -10.85 54.00 72.77
N ASN M 279 -12.05 54.48 72.48
CA ASN M 279 -12.57 55.70 73.10
C ASN M 279 -13.02 55.45 74.53
N GLY M 280 -13.13 54.19 74.93
CA GLY M 280 -13.78 53.83 76.17
C GLY M 280 -14.87 52.82 75.91
N SER M 281 -15.42 52.27 76.99
CA SER M 281 -16.55 51.37 76.87
C SER M 281 -17.81 52.07 76.39
N ILE M 282 -18.68 51.29 75.74
CA ILE M 282 -19.99 51.77 75.36
C ILE M 282 -21.07 50.74 75.70
N PRO M 283 -22.30 51.20 75.99
CA PRO M 283 -23.46 50.31 76.15
C PRO M 283 -23.69 49.48 74.88
N ASN M 284 -24.21 48.27 75.02
CA ASN M 284 -24.51 47.41 73.86
C ASN M 284 -26.01 47.12 73.71
N ASP M 285 -26.85 48.00 74.25
CA ASP M 285 -28.29 47.87 74.06
C ASP M 285 -28.78 48.22 72.65
N LYS M 286 -28.09 49.11 71.95
CA LYS M 286 -28.48 49.42 70.57
C LYS M 286 -27.78 48.51 69.57
N PRO M 287 -28.42 48.28 68.41
CA PRO M 287 -27.87 47.35 67.43
C PRO M 287 -26.67 47.91 66.67
N PHE M 288 -26.56 49.24 66.63
CA PHE M 288 -25.49 49.91 65.91
C PHE M 288 -24.75 50.95 66.75
N GLN M 289 -23.57 51.34 66.30
CA GLN M 289 -22.79 52.37 66.97
C GLN M 289 -21.93 53.14 65.96
N ASN M 290 -21.66 54.41 66.28
CA ASN M 290 -20.83 55.26 65.43
C ASN M 290 -19.60 55.75 66.21
N VAL M 291 -19.24 55.06 67.29
CA VAL M 291 -18.13 55.52 68.13
C VAL M 291 -16.76 55.17 67.55
N ASN M 292 -16.54 53.91 67.21
CA ASN M 292 -15.26 53.47 66.66
C ASN M 292 -15.45 52.16 65.92
N LYS M 293 -14.83 52.03 64.75
CA LYS M 293 -14.85 50.75 64.03
C LYS M 293 -14.07 49.66 64.75
N ILE M 294 -13.14 50.06 65.61
CA ILE M 294 -12.40 49.11 66.43
C ILE M 294 -13.21 48.81 67.69
N THR M 295 -13.56 47.55 67.87
CA THR M 295 -14.29 47.13 69.07
C THR M 295 -13.88 45.75 69.55
N TYR M 296 -14.22 45.46 70.79
CA TYR M 296 -13.95 44.16 71.41
C TYR M 296 -15.13 43.77 72.30
N GLY M 297 -15.65 42.56 72.13
CA GLY M 297 -16.71 42.06 72.99
C GLY M 297 -18.05 42.06 72.28
N ALA M 298 -19.13 42.03 73.05
CA ALA M 298 -20.47 42.08 72.46
C ALA M 298 -20.90 43.50 72.19
N CYS M 299 -20.75 43.90 70.92
CA CYS M 299 -20.78 45.30 70.53
C CYS M 299 -21.79 45.55 69.44
N PRO M 300 -22.43 46.73 69.47
CA PRO M 300 -23.21 47.10 68.29
C PRO M 300 -22.32 47.14 67.05
N LYS M 301 -22.92 47.00 65.88
CA LYS M 301 -22.18 47.04 64.62
C LYS M 301 -21.86 48.48 64.25
N TYR M 302 -20.65 48.73 63.77
CA TYR M 302 -20.26 50.08 63.42
C TYR M 302 -20.93 50.52 62.12
N VAL M 303 -21.53 51.70 62.14
CA VAL M 303 -22.11 52.29 60.94
C VAL M 303 -21.66 53.72 60.83
N LYS M 304 -21.85 54.29 59.66
CA LYS M 304 -21.39 55.64 59.37
C LYS M 304 -22.33 56.69 59.94
N GLN M 305 -23.61 56.36 60.04
CA GLN M 305 -24.63 57.31 60.46
C GLN M 305 -24.41 57.60 61.94
N ASN M 306 -24.65 58.84 62.36
CA ASN M 306 -24.53 59.19 63.77
C ASN M 306 -25.88 59.09 64.49
N THR M 307 -26.96 58.94 63.71
CA THR M 307 -28.29 58.73 64.27
C THR M 307 -29.19 57.96 63.30
N LEU M 308 -29.99 57.05 63.84
CA LEU M 308 -31.04 56.39 63.08
C LEU M 308 -32.22 56.17 64.01
N LYS M 309 -33.36 56.77 63.71
CA LYS M 309 -34.51 56.70 64.62
C LYS M 309 -35.53 55.65 64.16
N LEU M 310 -35.86 54.74 65.07
CA LEU M 310 -36.93 53.77 64.86
C LEU M 310 -38.24 54.29 65.44
N ALA M 311 -39.25 54.54 64.60
CA ALA M 311 -40.54 54.99 65.10
C ALA M 311 -41.07 53.96 66.09
N THR M 312 -41.60 54.45 67.20
CA THR M 312 -42.26 53.62 68.21
C THR M 312 -43.68 54.09 68.47
N GLY M 313 -44.25 54.82 67.51
CA GLY M 313 -45.60 55.34 67.65
C GLY M 313 -46.16 55.69 66.29
N MET M 314 -47.44 56.06 66.25
CA MET M 314 -48.08 56.38 64.99
C MET M 314 -47.68 57.76 64.51
N ARG M 315 -48.13 58.11 63.30
N ARG M 315 -48.10 58.11 63.29
CA ARG M 315 -47.96 59.45 62.76
CA ARG M 315 -47.97 59.47 62.77
C ARG M 315 -48.54 60.48 63.72
C ARG M 315 -48.53 60.47 63.77
N ASN M 316 -47.79 61.56 63.97
CA ASN M 316 -48.26 62.61 64.87
C ASN M 316 -48.95 63.69 64.05
N VAL M 317 -50.26 63.78 64.22
CA VAL M 317 -51.10 64.65 63.41
C VAL M 317 -51.92 65.56 64.30
N PRO M 318 -51.28 66.51 64.99
CA PRO M 318 -52.11 67.32 65.89
C PRO M 318 -53.05 68.25 65.12
N GLU M 319 -52.67 68.66 63.90
CA GLU M 319 -53.49 69.57 63.09
C GLU M 319 -53.83 68.94 61.73
N LYS M 320 -54.91 69.39 61.09
CA LYS M 320 -55.38 68.84 59.79
C LYS M 320 -54.21 68.39 58.91
N GLY N 1 -50.85 57.11 55.22
CA GLY N 1 -50.65 55.64 55.36
C GLY N 1 -51.56 54.91 54.41
N LEU N 2 -51.38 53.60 54.29
CA LEU N 2 -52.13 52.83 53.30
C LEU N 2 -53.64 52.77 53.52
N PHE N 3 -54.07 52.89 54.76
CA PHE N 3 -55.48 52.67 55.06
C PHE N 3 -56.30 53.95 55.06
N GLY N 4 -55.64 55.10 55.12
CA GLY N 4 -56.35 56.35 54.91
C GLY N 4 -57.18 56.78 56.11
N ALA N 5 -56.89 56.24 57.28
CA ALA N 5 -57.60 56.64 58.49
C ALA N 5 -56.83 57.76 59.17
N ILE N 6 -55.64 57.45 59.68
CA ILE N 6 -54.81 58.45 60.34
C ILE N 6 -54.29 59.39 59.26
N ALA N 7 -54.42 60.69 59.49
CA ALA N 7 -54.09 61.72 58.50
C ALA N 7 -54.91 61.48 57.24
N GLY N 8 -56.12 60.96 57.43
CA GLY N 8 -57.03 60.60 56.37
C GLY N 8 -58.43 61.05 56.69
N PHE N 9 -59.38 60.10 56.67
CA PHE N 9 -60.76 60.41 57.01
C PHE N 9 -60.90 60.83 58.47
N ILE N 10 -59.94 60.43 59.31
N ILE N 10 -59.95 60.39 59.31
CA ILE N 10 -59.84 61.05 60.63
CA ILE N 10 -59.75 61.01 60.62
C ILE N 10 -58.86 62.21 60.46
C ILE N 10 -58.87 62.22 60.33
N GLU N 11 -59.40 63.42 60.51
CA GLU N 11 -58.70 64.62 60.06
C GLU N 11 -57.44 64.93 60.88
N ASN N 12 -57.51 64.64 62.17
CA ASN N 12 -56.35 64.83 63.04
C ASN N 12 -56.47 63.99 64.31
N GLY N 13 -55.37 63.89 65.04
CA GLY N 13 -55.34 63.21 66.33
C GLY N 13 -55.81 64.13 67.45
N TRP N 14 -56.00 63.54 68.63
CA TRP N 14 -56.50 64.24 69.79
C TRP N 14 -55.37 64.36 70.78
N GLU N 15 -54.88 65.58 70.92
CA GLU N 15 -53.87 65.90 71.91
C GLU N 15 -54.40 65.67 73.31
N GLY N 16 -55.73 65.71 73.43
CA GLY N 16 -56.42 65.55 74.68
C GLY N 16 -56.66 64.11 75.07
N MET N 17 -56.34 63.15 74.18
N MET N 17 -56.27 63.17 74.19
CA MET N 17 -56.44 61.76 74.56
CA MET N 17 -56.38 61.75 74.47
C MET N 17 -55.09 61.40 75.13
C MET N 17 -55.10 61.28 75.14
N ILE N 18 -55.04 61.40 76.47
CA ILE N 18 -53.79 61.17 77.20
C ILE N 18 -53.66 59.83 77.95
N ASP N 19 -54.68 58.97 77.88
CA ASP N 19 -54.63 57.66 78.55
C ASP N 19 -54.74 56.46 77.59
N GLY N 20 -54.49 56.68 76.31
CA GLY N 20 -54.56 55.61 75.33
C GLY N 20 -54.13 56.10 73.97
N TRP N 21 -53.95 55.18 73.02
CA TRP N 21 -53.55 55.55 71.67
C TRP N 21 -54.76 55.76 70.75
N TYR N 22 -55.82 54.99 70.97
CA TYR N 22 -57.03 55.05 70.15
C TYR N 22 -58.22 55.12 71.09
N GLY N 23 -59.32 55.70 70.63
CA GLY N 23 -60.50 55.78 71.48
C GLY N 23 -61.71 56.43 70.86
N PHE N 24 -62.63 56.83 71.74
CA PHE N 24 -63.96 57.25 71.37
C PHE N 24 -64.23 58.60 72.02
N ARG N 25 -64.91 59.48 71.30
CA ARG N 25 -65.51 60.65 71.92
C ARG N 25 -66.97 60.62 71.56
N HIS N 26 -67.82 61.03 72.48
CA HIS N 26 -69.26 60.95 72.24
C HIS N 26 -69.96 62.20 72.73
N GLN N 27 -71.14 62.42 72.16
CA GLN N 27 -72.12 63.38 72.64
C GLN N 27 -73.47 62.66 72.65
N ASN N 28 -74.16 62.74 73.78
CA ASN N 28 -75.50 62.18 73.90
C ASN N 28 -76.35 63.06 74.81
N SER N 29 -77.50 62.56 75.26
CA SER N 29 -78.40 63.38 76.06
C SER N 29 -77.83 63.70 77.44
N GLU N 30 -76.78 62.99 77.87
CA GLU N 30 -76.19 63.21 79.18
C GLU N 30 -74.91 64.06 79.16
N GLY N 31 -74.48 64.52 77.98
CA GLY N 31 -73.34 65.39 77.90
C GLY N 31 -72.39 64.81 76.87
N THR N 32 -71.09 64.99 77.11
CA THR N 32 -70.06 64.51 76.21
C THR N 32 -69.02 63.78 77.03
N GLY N 33 -68.19 62.99 76.36
CA GLY N 33 -67.13 62.30 77.06
C GLY N 33 -66.10 61.69 76.14
N GLN N 34 -65.07 61.11 76.74
CA GLN N 34 -64.00 60.47 76.00
C GLN N 34 -63.55 59.23 76.74
N ALA N 35 -63.18 58.19 76.02
CA ALA N 35 -62.62 56.99 76.63
C ALA N 35 -61.62 56.33 75.70
N ALA N 36 -60.45 55.94 76.24
CA ALA N 36 -59.50 55.14 75.47
C ALA N 36 -60.08 53.77 75.18
N ASP N 37 -59.76 53.23 74.00
CA ASP N 37 -60.01 51.82 73.69
C ASP N 37 -58.74 51.03 74.01
N LEU N 38 -58.84 50.14 75.00
N LEU N 38 -58.85 50.13 74.98
CA LEU N 38 -57.67 49.43 75.49
CA LEU N 38 -57.70 49.43 75.51
C LEU N 38 -57.14 48.36 74.54
C LEU N 38 -57.15 48.36 74.56
N LYS N 39 -58.04 47.64 73.88
CA LYS N 39 -57.63 46.52 73.00
C LYS N 39 -56.82 46.94 71.76
N SER N 40 -57.29 47.96 71.07
N SER N 40 -57.29 47.98 71.08
CA SER N 40 -56.60 48.49 69.89
CA SER N 40 -56.59 48.48 69.89
C SER N 40 -55.28 49.14 70.29
C SER N 40 -55.27 49.14 70.30
N THR N 41 -55.32 49.89 71.38
CA THR N 41 -54.13 50.54 71.94
C THR N 41 -53.08 49.50 72.24
N GLN N 42 -53.49 48.40 72.87
CA GLN N 42 -52.57 47.37 73.31
C GLN N 42 -52.08 46.55 72.11
N ALA N 43 -52.91 46.41 71.08
CA ALA N 43 -52.50 45.67 69.89
C ALA N 43 -51.37 46.39 69.17
N ALA N 44 -51.51 47.71 69.05
CA ALA N 44 -50.48 48.52 68.42
C ALA N 44 -49.23 48.52 69.26
N ILE N 45 -49.38 48.72 70.57
CA ILE N 45 -48.24 48.76 71.47
C ILE N 45 -47.51 47.43 71.43
N ASP N 46 -48.25 46.34 71.34
CA ASP N 46 -47.65 45.01 71.39
C ASP N 46 -46.88 44.73 70.12
N GLN N 47 -47.41 45.17 68.98
CA GLN N 47 -46.69 44.99 67.73
C GLN N 47 -45.41 45.80 67.70
N ILE N 48 -45.47 47.03 68.19
N ILE N 48 -45.46 47.02 68.23
CA ILE N 48 -44.32 47.91 68.19
CA ILE N 48 -44.30 47.91 68.21
C ILE N 48 -43.24 47.39 69.14
C ILE N 48 -43.23 47.40 69.16
N ASN N 49 -43.65 46.82 70.28
CA ASN N 49 -42.69 46.24 71.22
C ASN N 49 -42.10 44.97 70.62
N GLY N 50 -42.91 44.25 69.83
CA GLY N 50 -42.43 43.06 69.17
C GLY N 50 -41.31 43.38 68.19
N LYS N 51 -41.52 44.37 67.32
N LYS N 51 -41.54 44.41 67.37
CA LYS N 51 -40.49 44.71 66.33
CA LYS N 51 -40.59 44.84 66.34
C LYS N 51 -39.27 45.37 66.97
C LYS N 51 -39.31 45.30 67.02
N LEU N 52 -39.50 46.14 68.04
CA LEU N 52 -38.41 46.77 68.74
C LEU N 52 -37.51 45.69 69.34
N ASN N 53 -38.12 44.67 69.95
CA ASN N 53 -37.36 43.62 70.59
C ASN N 53 -36.64 42.74 69.58
N ARG N 54 -37.22 42.57 68.41
CA ARG N 54 -36.49 41.84 67.36
C ARG N 54 -35.28 42.64 66.90
N VAL N 55 -35.41 43.96 66.80
CA VAL N 55 -34.31 44.81 66.34
C VAL N 55 -33.17 44.97 67.34
N ILE N 56 -33.48 45.03 68.63
CA ILE N 56 -32.45 45.34 69.63
C ILE N 56 -31.91 44.05 70.30
N GLU N 57 -32.37 42.90 69.81
CA GLU N 57 -31.90 41.58 70.22
C GLU N 57 -30.46 41.30 69.80
N LYS N 58 -29.71 40.63 70.68
CA LYS N 58 -28.48 39.93 70.26
C LYS N 58 -27.48 40.75 69.45
N THR N 59 -26.72 41.64 70.08
CA THR N 59 -25.53 42.08 69.38
C THR N 59 -24.61 40.86 69.23
N ASN N 60 -23.83 40.86 68.15
CA ASN N 60 -22.74 39.90 67.95
C ASN N 60 -21.58 40.11 68.91
N GLU N 61 -20.92 39.03 69.29
CA GLU N 61 -19.69 39.14 70.10
C GLU N 61 -18.49 38.79 69.24
N LYS N 62 -17.55 39.72 69.11
CA LYS N 62 -16.33 39.47 68.34
C LYS N 62 -15.13 39.78 69.22
N PHE N 63 -14.04 39.05 69.01
CA PHE N 63 -12.86 39.19 69.85
C PHE N 63 -11.62 39.61 69.05
N HIS N 64 -10.70 38.68 68.74
CA HIS N 64 -9.55 39.06 67.92
C HIS N 64 -10.01 39.20 66.47
N GLN N 65 -9.69 40.34 65.88
CA GLN N 65 -10.12 40.71 64.54
C GLN N 65 -8.86 41.12 63.76
N ILE N 66 -9.00 42.09 62.84
CA ILE N 66 -7.86 42.62 62.10
C ILE N 66 -7.61 44.04 62.56
N GLU N 67 -6.41 44.53 62.33
CA GLU N 67 -6.15 45.94 62.61
C GLU N 67 -6.86 46.84 61.63
N LYS N 68 -7.29 48.00 62.12
CA LYS N 68 -8.07 48.94 61.33
C LYS N 68 -7.48 50.36 61.23
N GLU N 69 -6.43 50.62 62.01
CA GLU N 69 -5.63 51.83 61.90
C GLU N 69 -4.17 51.44 61.79
N PHE N 70 -3.38 52.25 61.09
CA PHE N 70 -2.00 51.89 60.78
C PHE N 70 -1.08 53.10 60.91
N SER N 71 0.11 52.90 61.46
CA SER N 71 1.01 54.02 61.69
C SER N 71 2.09 54.14 60.60
N GLU N 72 2.19 53.16 59.69
CA GLU N 72 3.16 53.21 58.58
C GLU N 72 2.49 52.84 57.26
N VAL N 73 2.95 53.44 56.17
CA VAL N 73 2.55 52.97 54.85
C VAL N 73 3.17 51.60 54.57
N GLU N 74 2.36 50.65 54.12
CA GLU N 74 2.83 49.30 53.79
C GLU N 74 2.48 48.77 52.41
N GLY N 75 1.53 49.39 51.72
CA GLY N 75 1.15 48.93 50.40
C GLY N 75 0.08 47.84 50.46
N ARG N 76 0.29 46.79 49.69
CA ARG N 76 -0.74 45.84 49.28
C ARG N 76 -1.59 45.20 50.38
N ILE N 77 -0.96 44.68 51.42
N ILE N 77 -0.96 44.70 51.43
CA ILE N 77 -1.70 44.01 52.49
CA ILE N 77 -1.70 44.02 52.48
C ILE N 77 -2.53 44.99 53.31
C ILE N 77 -2.53 45.00 53.31
N GLN N 78 -1.98 46.17 53.61
CA GLN N 78 -2.74 47.20 54.29
C GLN N 78 -3.89 47.70 53.43
N ASP N 79 -3.65 47.87 52.12
CA ASP N 79 -4.71 48.27 51.21
C ASP N 79 -5.88 47.33 51.33
N LEU N 80 -5.58 46.04 51.31
CA LEU N 80 -6.61 45.03 51.40
C LEU N 80 -7.35 45.04 52.74
N GLU N 81 -6.62 45.16 53.86
CA GLU N 81 -7.25 45.26 55.18
C GLU N 81 -8.22 46.43 55.26
N LYS N 82 -7.82 47.58 54.71
CA LYS N 82 -8.63 48.78 54.81
C LYS N 82 -9.85 48.67 53.91
N TYR N 83 -9.69 48.03 52.76
CA TYR N 83 -10.79 47.86 51.81
C TYR N 83 -11.83 46.89 52.37
N VAL N 84 -11.37 45.85 53.03
CA VAL N 84 -12.25 44.86 53.64
C VAL N 84 -13.06 45.56 54.69
N GLU N 85 -12.40 46.38 55.50
CA GLU N 85 -13.12 47.08 56.55
C GLU N 85 -14.11 48.13 56.01
N ASP N 86 -13.71 48.89 55.00
CA ASP N 86 -14.57 49.92 54.42
C ASP N 86 -15.80 49.31 53.78
N THR N 87 -15.59 48.17 53.13
CA THR N 87 -16.62 47.42 52.43
C THR N 87 -17.63 46.91 53.44
N LYS N 88 -17.10 46.36 54.53
CA LYS N 88 -17.93 45.85 55.61
C LYS N 88 -18.79 46.98 56.18
N ILE N 89 -18.18 48.13 56.43
CA ILE N 89 -18.89 49.24 57.07
C ILE N 89 -19.99 49.78 56.17
N ASP N 90 -19.71 49.84 54.88
CA ASP N 90 -20.68 50.36 53.93
C ASP N 90 -21.87 49.45 53.79
N LEU N 91 -21.62 48.15 53.80
CA LEU N 91 -22.71 47.18 53.78
C LEU N 91 -23.58 47.25 55.02
N TRP N 92 -22.97 47.36 56.19
CA TRP N 92 -23.73 47.50 57.42
C TRP N 92 -24.48 48.82 57.52
N SER N 93 -23.90 49.88 56.99
CA SER N 93 -24.53 51.19 57.03
C SER N 93 -25.78 51.15 56.15
N TYR N 94 -25.67 50.47 55.01
CA TYR N 94 -26.82 50.27 54.13
C TYR N 94 -27.90 49.44 54.82
N ASN N 95 -27.51 48.36 55.50
CA ASN N 95 -28.49 47.52 56.18
C ASN N 95 -29.23 48.35 57.23
N ALA N 96 -28.51 49.23 57.93
CA ALA N 96 -29.13 50.01 58.99
C ALA N 96 -30.14 51.01 58.43
N GLU N 97 -29.75 51.73 57.37
CA GLU N 97 -30.63 52.72 56.74
C GLU N 97 -31.90 52.06 56.22
N LEU N 98 -31.74 50.94 55.53
CA LEU N 98 -32.86 50.24 54.92
C LEU N 98 -33.75 49.66 56.02
N LEU N 99 -33.14 49.16 57.08
CA LEU N 99 -33.89 48.55 58.16
C LEU N 99 -34.82 49.56 58.78
N VAL N 100 -34.32 50.73 59.11
CA VAL N 100 -35.19 51.73 59.75
C VAL N 100 -36.23 52.27 58.79
N ALA N 101 -35.88 52.43 57.52
CA ALA N 101 -36.86 52.85 56.53
C ALA N 101 -38.05 51.89 56.40
N LEU N 102 -37.77 50.58 56.33
CA LEU N 102 -38.80 49.56 56.16
C LEU N 102 -39.65 49.43 57.41
N GLU N 103 -38.98 49.41 58.56
CA GLU N 103 -39.67 49.27 59.82
C GLU N 103 -40.60 50.44 60.01
N ASN N 104 -40.13 51.65 59.70
CA ASN N 104 -40.91 52.85 59.96
C ASN N 104 -42.11 52.97 59.03
N GLN N 105 -41.93 52.63 57.76
CA GLN N 105 -43.05 52.61 56.80
C GLN N 105 -44.10 51.65 57.34
N HIS N 106 -43.65 50.48 57.82
CA HIS N 106 -44.56 49.45 58.32
C HIS N 106 -45.24 49.86 59.64
N THR N 107 -44.53 50.61 60.50
CA THR N 107 -45.11 51.08 61.76
C THR N 107 -46.22 52.09 61.54
N ILE N 108 -46.00 52.98 60.58
CA ILE N 108 -47.02 53.96 60.23
C ILE N 108 -48.24 53.26 59.65
N ASP N 109 -48.00 52.30 58.77
CA ASP N 109 -49.10 51.55 58.17
C ASP N 109 -49.84 50.64 59.16
N LEU N 110 -49.16 50.07 60.15
CA LEU N 110 -49.84 49.16 61.07
C LEU N 110 -50.68 49.95 62.08
N THR N 111 -50.21 51.12 62.47
CA THR N 111 -51.01 51.97 63.36
C THR N 111 -52.24 52.57 62.67
N ASP N 112 -52.05 52.98 61.42
CA ASP N 112 -53.15 53.41 60.56
C ASP N 112 -54.16 52.28 60.45
N SER N 113 -53.65 51.06 60.24
CA SER N 113 -54.50 49.87 60.15
C SER N 113 -55.32 49.65 61.43
N GLU N 114 -54.70 49.75 62.60
CA GLU N 114 -55.43 49.53 63.85
C GLU N 114 -56.56 50.54 64.03
N MET N 115 -56.28 51.77 63.65
CA MET N 115 -57.30 52.80 63.68
C MET N 115 -58.46 52.39 62.79
N ASN N 116 -58.14 51.95 61.58
CA ASN N 116 -59.15 51.57 60.61
C ASN N 116 -59.95 50.36 61.09
N LYS N 117 -59.29 49.42 61.77
CA LYS N 117 -59.97 48.21 62.24
C LYS N 117 -60.97 48.55 63.33
N LEU N 118 -60.59 49.46 64.22
CA LEU N 118 -61.51 49.89 65.27
C LEU N 118 -62.73 50.57 64.68
N PHE N 119 -62.51 51.45 63.72
CA PHE N 119 -63.63 52.11 63.05
C PHE N 119 -64.58 51.11 62.39
N GLU N 120 -64.04 50.14 61.67
CA GLU N 120 -64.85 49.15 60.97
C GLU N 120 -65.62 48.28 61.98
N LYS N 121 -64.99 47.94 63.11
CA LYS N 121 -65.61 47.07 64.10
C LYS N 121 -66.81 47.77 64.75
N THR N 122 -66.64 49.05 65.05
CA THR N 122 -67.70 49.85 65.66
C THR N 122 -68.88 49.95 64.70
N GLY N 123 -68.57 50.26 63.44
CA GLY N 123 -69.57 50.30 62.39
C GLY N 123 -70.36 49.01 62.32
N ARG N 124 -69.66 47.89 62.40
CA ARG N 124 -70.32 46.59 62.32
C ARG N 124 -71.23 46.35 63.52
N GLN N 125 -70.84 46.82 64.70
CA GLN N 125 -71.73 46.70 65.86
C GLN N 125 -73.01 47.49 65.63
N LEU N 126 -72.88 48.69 65.08
CA LEU N 126 -74.04 49.56 64.95
C LEU N 126 -75.07 49.10 63.93
N ARG N 127 -74.67 48.25 62.98
CA ARG N 127 -75.60 47.69 61.98
C ARG N 127 -76.39 48.83 61.31
N GLU N 128 -77.72 48.81 61.35
CA GLU N 128 -78.54 49.80 60.67
C GLU N 128 -78.93 50.96 61.59
N ASN N 129 -78.32 51.06 62.77
CA ASN N 129 -78.74 52.05 63.74
C ASN N 129 -77.93 53.33 63.68
N ALA N 130 -76.94 53.37 62.81
CA ALA N 130 -76.07 54.52 62.73
C ALA N 130 -75.63 54.69 61.28
N GLU N 131 -75.10 55.87 60.95
CA GLU N 131 -74.47 56.07 59.66
C GLU N 131 -73.09 56.70 59.82
N ASP N 132 -72.17 56.26 58.96
CA ASP N 132 -70.82 56.81 58.90
C ASP N 132 -70.90 58.21 58.31
N MET N 133 -70.48 59.21 59.09
CA MET N 133 -70.53 60.60 58.66
C MET N 133 -69.35 61.02 57.76
N GLY N 134 -68.37 60.13 57.61
CA GLY N 134 -67.26 60.27 56.69
C GLY N 134 -66.00 60.91 57.27
N ASN N 135 -66.07 61.29 58.54
CA ASN N 135 -64.96 61.93 59.22
C ASN N 135 -64.55 61.08 60.43
N GLY N 136 -64.92 59.80 60.41
CA GLY N 136 -64.64 58.88 61.50
C GLY N 136 -65.65 58.90 62.64
N CYS N 137 -66.77 59.57 62.43
CA CYS N 137 -67.85 59.66 63.43
C CYS N 137 -69.09 58.95 62.91
N PHE N 138 -69.83 58.32 63.82
CA PHE N 138 -71.13 57.74 63.52
C PHE N 138 -72.24 58.60 64.10
N LYS N 139 -73.23 58.92 63.27
CA LYS N 139 -74.49 59.46 63.75
C LYS N 139 -75.37 58.29 64.15
N ILE N 140 -75.71 58.23 65.44
CA ILE N 140 -76.52 57.16 66.00
C ILE N 140 -77.94 57.69 66.10
N TYR N 141 -78.87 56.97 65.47
CA TYR N 141 -80.22 57.47 65.21
C TYR N 141 -81.22 57.05 66.29
N HIS N 142 -80.78 56.94 67.53
CA HIS N 142 -81.68 56.63 68.64
C HIS N 142 -81.07 57.20 69.90
N LYS N 143 -81.90 57.39 70.92
CA LYS N 143 -81.41 57.81 72.21
C LYS N 143 -80.42 56.79 72.73
N CYS N 144 -79.24 57.26 73.12
CA CYS N 144 -78.15 56.36 73.51
C CYS N 144 -77.45 57.00 74.70
N ASP N 145 -77.89 56.63 75.89
CA ASP N 145 -77.35 57.22 77.12
C ASP N 145 -75.96 56.67 77.44
N ASN N 146 -75.41 57.08 78.58
CA ASN N 146 -74.03 56.76 78.92
C ASN N 146 -73.81 55.25 78.97
N ALA N 147 -74.79 54.52 79.47
CA ALA N 147 -74.67 53.07 79.54
C ALA N 147 -74.70 52.46 78.15
N CYS N 148 -75.47 53.04 77.23
CA CYS N 148 -75.51 52.59 75.84
C CYS N 148 -74.17 52.81 75.13
N ILE N 149 -73.62 54.01 75.29
CA ILE N 149 -72.31 54.33 74.76
C ILE N 149 -71.30 53.33 75.30
N GLU N 150 -71.36 53.03 76.58
CA GLU N 150 -70.41 52.10 77.15
C GLU N 150 -70.61 50.70 76.58
N SER N 151 -71.86 50.33 76.28
CA SER N 151 -72.12 49.04 75.66
C SER N 151 -71.47 48.93 74.27
N ILE N 152 -71.46 50.03 73.52
CA ILE N 152 -70.73 50.03 72.24
C ILE N 152 -69.22 49.89 72.49
N ARG N 153 -68.69 50.67 73.41
CA ARG N 153 -67.27 50.68 73.69
C ARG N 153 -66.76 49.32 74.19
N ASN N 154 -67.58 48.58 74.95
CA ASN N 154 -67.15 47.29 75.50
C ASN N 154 -67.62 46.07 74.68
N GLY N 155 -68.31 46.34 73.57
CA GLY N 155 -68.60 45.33 72.55
C GLY N 155 -69.83 44.47 72.82
N THR N 156 -70.72 44.96 73.66
CA THR N 156 -71.93 44.22 74.04
C THR N 156 -73.23 44.88 73.56
N TYR N 157 -73.11 45.94 72.77
CA TYR N 157 -74.26 46.66 72.25
C TYR N 157 -75.21 45.72 71.49
N ASP N 158 -76.50 45.82 71.79
CA ASP N 158 -77.50 44.96 71.16
C ASP N 158 -78.32 45.77 70.18
N HIS N 159 -77.98 45.66 68.90
CA HIS N 159 -78.57 46.51 67.87
C HIS N 159 -80.08 46.30 67.78
N ASP N 160 -80.53 45.07 68.06
CA ASP N 160 -81.95 44.74 67.91
C ASP N 160 -82.80 45.55 68.87
N VAL N 161 -82.26 45.89 70.04
CA VAL N 161 -83.02 46.64 71.02
C VAL N 161 -83.44 47.99 70.47
N TYR N 162 -82.58 48.59 69.64
CA TYR N 162 -82.77 49.97 69.20
C TYR N 162 -83.21 50.08 67.74
N ARG N 163 -83.30 48.96 67.03
CA ARG N 163 -83.46 48.98 65.58
C ARG N 163 -84.72 49.68 65.09
N ASP N 164 -85.86 49.43 65.73
CA ASP N 164 -87.10 50.05 65.31
C ASP N 164 -87.03 51.58 65.39
N GLU N 165 -86.56 52.07 66.54
CA GLU N 165 -86.41 53.49 66.79
C GLU N 165 -85.47 54.12 65.76
N ALA N 166 -84.34 53.46 65.51
CA ALA N 166 -83.31 54.01 64.65
C ALA N 166 -83.76 54.11 63.19
N LEU N 167 -84.37 53.05 62.68
CA LEU N 167 -84.85 53.01 61.31
C LEU N 167 -85.93 54.05 61.12
N ASN N 168 -86.79 54.21 62.12
CA ASN N 168 -87.82 55.25 62.06
C ASN N 168 -87.18 56.62 61.89
N ASN N 169 -86.13 56.88 62.68
CA ASN N 169 -85.41 58.15 62.57
C ASN N 169 -84.60 58.31 61.29
N ARG N 170 -84.06 57.23 60.75
CA ARG N 170 -83.19 57.34 59.58
C ARG N 170 -84.01 57.57 58.33
N PHE N 171 -85.10 56.82 58.21
CA PHE N 171 -85.79 56.64 56.94
C PHE N 171 -87.18 57.26 56.83
N GLN N 172 -87.71 57.77 57.94
CA GLN N 172 -89.06 58.34 57.95
C GLN N 172 -89.10 59.63 58.74
N PRO O 3 -88.15 34.58 57.34
CA PRO O 3 -87.74 33.68 56.26
C PRO O 3 -86.56 34.21 55.46
N GLY O 4 -85.37 33.63 55.66
CA GLY O 4 -84.18 34.04 54.95
C GLY O 4 -83.08 33.01 55.00
N ALA O 5 -81.83 33.46 54.90
CA ALA O 5 -80.69 32.56 54.88
C ALA O 5 -79.50 33.29 55.47
N THR O 6 -78.43 32.54 55.74
CA THR O 6 -77.18 33.10 56.24
C THR O 6 -76.02 32.58 55.40
N LEU O 7 -75.07 33.46 55.09
CA LEU O 7 -73.91 33.07 54.29
C LEU O 7 -72.64 33.57 54.98
N CYS O 8 -71.81 32.64 55.45
CA CYS O 8 -70.62 32.97 56.20
C CYS O 8 -69.40 32.75 55.35
N LEU O 9 -68.46 33.69 55.44
CA LEU O 9 -67.17 33.58 54.79
C LEU O 9 -66.18 33.12 55.83
N GLY O 10 -65.23 32.29 55.41
CA GLY O 10 -64.22 31.80 56.31
C GLY O 10 -62.99 31.29 55.58
N HIS O 11 -62.06 30.75 56.34
CA HIS O 11 -60.82 30.24 55.78
C HIS O 11 -60.46 28.99 56.53
N HIS O 12 -59.57 28.17 55.96
CA HIS O 12 -59.22 26.91 56.59
C HIS O 12 -58.24 27.07 57.77
N ALA O 13 -58.04 25.97 58.47
CA ALA O 13 -57.06 25.85 59.54
C ALA O 13 -56.70 24.38 59.67
N VAL O 14 -55.63 24.08 60.41
CA VAL O 14 -55.25 22.70 60.67
C VAL O 14 -55.03 22.57 62.18
N PRO O 15 -55.10 21.33 62.71
CA PRO O 15 -54.99 21.15 64.17
C PRO O 15 -53.70 21.68 64.76
N ASN O 16 -52.60 21.48 64.04
CA ASN O 16 -51.35 22.14 64.36
C ASN O 16 -50.57 22.48 63.12
N GLY O 17 -50.12 23.73 63.05
CA GLY O 17 -49.41 24.24 61.91
C GLY O 17 -47.95 24.24 62.26
N THR O 18 -47.24 25.26 61.80
N THR O 18 -47.26 25.29 61.87
CA THR O 18 -45.80 25.42 61.97
CA THR O 18 -45.83 25.40 62.11
C THR O 18 -45.50 26.82 62.51
C THR O 18 -45.44 26.83 62.44
N LEU O 19 -44.48 26.97 63.35
CA LEU O 19 -44.10 28.28 63.86
C LEU O 19 -43.06 28.92 62.94
N VAL O 20 -43.29 30.20 62.63
CA VAL O 20 -42.36 31.02 61.87
C VAL O 20 -42.10 32.36 62.53
N LYS O 21 -41.10 33.09 62.02
CA LYS O 21 -40.75 34.38 62.55
C LYS O 21 -41.23 35.46 61.61
N THR O 22 -41.62 36.59 62.16
CA THR O 22 -42.03 37.72 61.36
C THR O 22 -41.29 38.94 61.86
N ILE O 23 -41.66 40.11 61.39
CA ILE O 23 -41.10 41.35 61.89
C ILE O 23 -41.50 41.59 63.33
N THR O 24 -42.77 41.34 63.66
N THR O 24 -42.73 41.23 63.67
CA THR O 24 -43.28 41.61 65.00
CA THR O 24 -43.29 41.55 64.97
C THR O 24 -43.33 40.42 65.98
C THR O 24 -43.12 40.42 65.97
N ASP O 25 -43.18 39.19 65.49
CA ASP O 25 -43.29 38.01 66.37
C ASP O 25 -42.13 37.07 66.18
N ASP O 26 -41.54 36.64 67.28
N ASP O 26 -41.54 36.65 67.31
CA ASP O 26 -40.48 35.66 67.21
CA ASP O 26 -40.48 35.66 67.30
C ASP O 26 -41.07 34.32 66.79
C ASP O 26 -41.04 34.30 66.87
N GLN O 27 -42.30 34.05 67.23
CA GLN O 27 -42.95 32.78 66.91
C GLN O 27 -44.43 33.01 66.70
N ILE O 28 -44.92 32.71 65.51
CA ILE O 28 -46.35 32.82 65.22
C ILE O 28 -46.71 31.67 64.30
N GLU O 29 -47.89 31.09 64.51
CA GLU O 29 -48.26 29.85 63.83
C GLU O 29 -48.96 30.09 62.49
N VAL O 30 -48.44 29.49 61.42
CA VAL O 30 -49.08 29.49 60.10
C VAL O 30 -49.44 28.06 59.69
N THR O 31 -50.21 27.88 58.61
CA THR O 31 -50.67 26.54 58.24
C THR O 31 -49.56 25.67 57.65
N ASN O 32 -48.55 26.30 57.07
CA ASN O 32 -47.52 25.56 56.37
C ASN O 32 -46.32 26.47 56.20
N ALA O 33 -45.14 25.87 56.08
CA ALA O 33 -43.91 26.59 55.79
C ALA O 33 -42.92 25.64 55.14
N THR O 34 -41.83 26.18 54.61
CA THR O 34 -40.79 25.37 54.00
C THR O 34 -39.41 25.81 54.47
N GLU O 35 -38.49 24.85 54.57
CA GLU O 35 -37.19 25.12 55.17
C GLU O 35 -36.28 25.77 54.13
N LEU O 36 -35.61 26.85 54.51
CA LEU O 36 -34.70 27.54 53.58
C LEU O 36 -33.23 27.26 53.88
N VAL O 37 -32.94 26.56 54.97
CA VAL O 37 -31.58 26.21 55.33
C VAL O 37 -31.31 24.73 55.15
N GLN O 38 -30.38 24.40 54.25
CA GLN O 38 -29.95 23.04 54.13
C GLN O 38 -29.02 22.81 55.31
N SER O 39 -29.40 21.89 56.19
CA SER O 39 -28.66 21.67 57.41
C SER O 39 -28.08 20.27 57.36
N SER O 40 -28.34 19.57 56.26
CA SER O 40 -27.86 18.23 56.14
C SER O 40 -27.06 17.82 54.86
N SER O 41 -26.22 16.79 55.00
CA SER O 41 -25.50 16.16 53.86
C SER O 41 -25.52 14.65 53.97
N THR O 42 -25.47 13.94 52.84
CA THR O 42 -25.31 12.48 52.89
C THR O 42 -24.01 11.97 53.51
N GLY O 43 -22.98 12.78 53.49
CA GLY O 43 -21.71 12.37 54.02
C GLY O 43 -20.86 11.78 52.91
N LYS O 44 -21.35 11.85 51.67
CA LYS O 44 -20.60 11.34 50.55
C LYS O 44 -20.50 12.42 49.49
N ILE O 45 -19.32 12.52 48.89
CA ILE O 45 -19.11 13.41 47.76
C ILE O 45 -19.55 12.69 46.49
N CYS O 46 -20.50 13.30 45.80
CA CYS O 46 -20.98 12.76 44.53
C CYS O 46 -19.98 13.02 43.41
N ASN O 47 -19.71 12.00 42.61
CA ASN O 47 -18.71 12.05 41.54
C ASN O 47 -19.15 12.66 40.21
N ASN O 48 -20.40 13.13 40.16
CA ASN O 48 -20.91 13.87 39.02
C ASN O 48 -21.68 15.09 39.54
N PRO O 49 -21.74 16.17 38.76
CA PRO O 49 -21.22 16.35 37.40
C PRO O 49 -19.75 16.76 37.35
N HIS O 50 -19.17 17.09 38.51
CA HIS O 50 -17.81 17.62 38.55
C HIS O 50 -16.82 16.47 38.50
N ARG O 51 -15.69 16.70 37.85
CA ARG O 51 -14.64 15.70 37.82
C ARG O 51 -13.87 15.75 39.12
N ILE O 52 -13.99 14.68 39.90
CA ILE O 52 -13.37 14.59 41.20
C ILE O 52 -12.10 13.75 41.06
N LEU O 53 -10.99 14.23 41.61
CA LEU O 53 -9.77 13.45 41.65
C LEU O 53 -9.44 13.25 43.11
N ASP O 54 -9.53 12.02 43.56
CA ASP O 54 -9.25 11.68 44.94
C ASP O 54 -7.75 11.52 45.10
N GLY O 55 -7.15 12.34 45.96
CA GLY O 55 -5.71 12.32 46.14
C GLY O 55 -5.20 11.10 46.88
N ILE O 56 -6.08 10.40 47.60
CA ILE O 56 -5.71 9.24 48.38
C ILE O 56 -4.50 9.52 49.32
N ASP O 57 -3.34 8.88 49.10
CA ASP O 57 -2.20 9.05 49.95
C ASP O 57 -1.33 10.27 49.62
N CYS O 58 -1.77 11.09 48.65
CA CYS O 58 -0.95 12.18 48.13
C CYS O 58 -1.60 13.54 48.29
N THR O 59 -0.79 14.53 48.66
CA THR O 59 -1.15 15.94 48.55
C THR O 59 -0.97 16.36 47.10
N LEU O 60 -1.58 17.48 46.73
CA LEU O 60 -1.46 18.00 45.37
C LEU O 60 -0.02 18.37 45.07
N ILE O 61 0.68 18.94 46.05
CA ILE O 61 2.08 19.30 45.84
C ILE O 61 2.97 18.09 45.65
N ASP O 62 2.76 17.03 46.41
CA ASP O 62 3.53 15.81 46.22
C ASP O 62 3.28 15.15 44.85
N ALA O 63 2.04 15.23 44.36
CA ALA O 63 1.72 14.74 43.03
C ALA O 63 2.40 15.60 41.97
N LEU O 64 2.40 16.90 42.19
CA LEU O 64 3.03 17.86 41.29
C LEU O 64 4.51 17.55 41.14
N LEU O 65 5.22 17.42 42.26
CA LEU O 65 6.66 17.22 42.25
C LEU O 65 7.00 15.84 41.71
N GLY O 66 6.13 14.86 41.92
CA GLY O 66 6.38 13.54 41.42
C GLY O 66 7.05 12.62 42.43
N ASP O 67 6.67 12.78 43.69
CA ASP O 67 6.94 11.79 44.71
C ASP O 67 6.53 10.44 44.11
N PRO O 68 7.42 9.43 44.14
CA PRO O 68 7.10 8.19 43.42
C PRO O 68 5.75 7.57 43.72
N HIS O 69 5.33 7.52 44.98
CA HIS O 69 4.06 6.88 45.28
C HIS O 69 2.87 7.74 44.82
N CYS O 70 3.15 8.97 44.39
CA CYS O 70 2.15 9.87 43.82
C CYS O 70 2.23 9.97 42.30
N ASP O 71 3.14 9.24 41.67
CA ASP O 71 3.33 9.37 40.23
C ASP O 71 2.15 8.80 39.42
N VAL O 72 1.27 8.07 40.08
N VAL O 72 1.29 8.04 40.08
CA VAL O 72 0.04 7.61 39.45
CA VAL O 72 0.01 7.61 39.50
C VAL O 72 -0.87 8.79 39.07
C VAL O 72 -0.79 8.81 38.98
N PHE O 73 -0.58 9.97 39.61
CA PHE O 73 -1.29 11.20 39.29
C PHE O 73 -0.67 12.00 38.13
N GLN O 74 0.37 11.48 37.50
CA GLN O 74 0.98 12.18 36.38
C GLN O 74 -0.01 12.55 35.28
N ASN O 75 0.02 13.82 34.86
CA ASN O 75 -0.81 14.33 33.78
C ASN O 75 -2.31 14.30 34.11
N GLU O 76 -2.67 14.18 35.38
CA GLU O 76 -4.08 14.07 35.74
C GLU O 76 -4.74 15.43 35.67
N THR O 77 -6.06 15.44 35.58
CA THR O 77 -6.83 16.68 35.58
C THR O 77 -8.01 16.53 36.54
N TRP O 78 -8.59 17.66 36.93
CA TRP O 78 -9.70 17.62 37.88
C TRP O 78 -10.50 18.92 37.83
N ASP O 79 -11.78 18.83 38.20
CA ASP O 79 -12.51 20.02 38.63
C ASP O 79 -12.26 20.25 40.12
N LEU O 80 -12.32 19.18 40.92
CA LEU O 80 -12.01 19.28 42.34
C LEU O 80 -11.02 18.20 42.80
N PHE O 81 -9.87 18.63 43.30
CA PHE O 81 -8.90 17.71 43.88
C PHE O 81 -9.25 17.57 45.37
N VAL O 82 -9.35 16.34 45.86
CA VAL O 82 -9.71 16.07 47.25
C VAL O 82 -8.49 15.55 48.02
N GLU O 83 -7.98 16.34 48.95
CA GLU O 83 -6.86 15.91 49.78
C GLU O 83 -7.33 15.22 51.05
N ARG O 84 -6.71 14.08 51.33
CA ARG O 84 -7.07 13.26 52.48
C ARG O 84 -6.10 13.50 53.61
N SER O 85 -6.58 13.42 54.84
CA SER O 85 -5.76 13.64 56.02
C SER O 85 -4.66 12.58 56.17
N LYS O 86 -4.84 11.43 55.54
CA LYS O 86 -3.86 10.35 55.63
C LYS O 86 -2.70 10.53 54.63
N ALA O 87 -2.71 11.60 53.84
CA ALA O 87 -1.66 11.78 52.85
C ALA O 87 -0.31 11.85 53.55
N PHE O 88 0.74 11.39 52.88
CA PHE O 88 2.08 11.47 53.45
C PHE O 88 3.11 11.69 52.37
N SER O 89 4.25 12.29 52.72
CA SER O 89 5.35 12.39 51.77
C SER O 89 6.27 11.22 52.02
N ASN O 90 6.86 10.69 50.95
CA ASN O 90 7.81 9.58 51.05
C ASN O 90 9.02 9.82 50.17
N CYS O 91 9.46 11.05 50.04
CA CYS O 91 10.57 11.37 49.12
C CYS O 91 11.51 12.32 49.83
N TYR O 92 12.31 13.07 49.07
CA TYR O 92 13.31 13.89 49.73
C TYR O 92 12.59 14.95 50.56
N PRO O 93 13.08 15.18 51.80
CA PRO O 93 12.39 16.16 52.63
C PRO O 93 12.56 17.57 52.10
N TYR O 94 11.45 18.29 52.07
CA TYR O 94 11.41 19.55 51.35
C TYR O 94 10.50 20.52 52.07
N ASP O 95 10.66 21.80 51.78
CA ASP O 95 9.64 22.77 52.14
C ASP O 95 9.41 23.63 50.93
N VAL O 96 8.29 24.33 50.93
CA VAL O 96 7.99 25.21 49.84
C VAL O 96 7.71 26.56 50.48
N PRO O 97 8.65 27.51 50.35
CA PRO O 97 8.26 28.85 50.77
C PRO O 97 6.99 29.24 50.03
N ASP O 98 6.01 29.78 50.75
CA ASP O 98 4.69 30.06 50.17
C ASP O 98 4.03 28.81 49.56
N TYR O 99 4.12 27.70 50.29
CA TYR O 99 3.43 26.45 49.95
C TYR O 99 1.98 26.73 49.59
N ALA O 100 1.30 27.57 50.35
CA ALA O 100 -0.13 27.81 50.17
C ALA O 100 -0.43 28.39 48.78
N SER O 101 0.46 29.26 48.31
CA SER O 101 0.25 29.89 47.01
C SER O 101 0.45 28.94 45.83
N LEU O 102 1.48 28.10 45.90
CA LEU O 102 1.74 27.13 44.84
C LEU O 102 0.59 26.12 44.76
N ARG O 103 0.17 25.62 45.92
CA ARG O 103 -0.95 24.70 46.02
C ARG O 103 -2.18 25.30 45.40
N SER O 104 -2.42 26.57 45.73
CA SER O 104 -3.59 27.25 45.20
C SER O 104 -3.58 27.39 43.69
N LEU O 105 -2.46 27.82 43.14
CA LEU O 105 -2.39 28.15 41.72
C LEU O 105 -2.42 26.91 40.85
N VAL O 106 -1.83 25.83 41.33
CA VAL O 106 -1.90 24.55 40.64
C VAL O 106 -3.33 24.01 40.72
N ALA O 107 -3.92 24.15 41.91
CA ALA O 107 -5.27 23.66 42.14
C ALA O 107 -6.23 24.37 41.20
N SER O 108 -5.99 25.66 41.03
CA SER O 108 -6.84 26.51 40.20
C SER O 108 -6.62 26.18 38.74
N SER O 109 -5.38 25.87 38.38
CA SER O 109 -5.05 25.47 37.03
C SER O 109 -5.74 24.18 36.63
N GLY O 110 -5.82 23.25 37.57
CA GLY O 110 -6.65 22.08 37.38
C GLY O 110 -6.04 20.96 36.58
N THR O 111 -4.73 20.99 36.38
CA THR O 111 -4.06 19.93 35.64
C THR O 111 -2.61 19.77 36.08
N LEU O 112 -2.11 18.55 35.99
CA LEU O 112 -0.69 18.26 36.16
C LEU O 112 0.00 17.93 34.84
N GLU O 113 -0.62 18.27 33.71
CA GLU O 113 0.00 18.01 32.41
C GLU O 113 1.40 18.57 32.36
N PHE O 114 2.35 17.72 32.02
CA PHE O 114 3.76 18.07 32.06
C PHE O 114 4.38 17.74 30.71
N ILE O 115 5.26 18.63 30.25
CA ILE O 115 5.91 18.49 28.96
C ILE O 115 7.38 18.58 29.24
N THR O 116 8.08 17.50 28.95
CA THR O 116 9.53 17.43 29.15
C THR O 116 10.17 18.28 28.07
N GLU O 117 11.21 19.00 28.48
CA GLU O 117 12.05 19.75 27.55
C GLU O 117 13.49 19.25 27.61
N GLY O 118 14.17 19.47 26.50
CA GLY O 118 15.51 19.00 26.26
C GLY O 118 16.55 19.96 26.81
N PHE O 119 16.47 20.23 28.11
CA PHE O 119 17.51 21.03 28.74
C PHE O 119 18.82 20.30 28.56
N THR O 120 19.88 21.07 28.35
CA THR O 120 21.23 20.54 28.29
C THR O 120 22.03 20.99 29.51
N TRP O 121 22.61 20.03 30.22
CA TRP O 121 23.35 20.37 31.43
C TRP O 121 24.79 19.94 31.23
N THR O 122 25.60 20.85 30.70
CA THR O 122 26.94 20.50 30.28
C THR O 122 27.85 20.48 31.51
N GLY O 123 28.55 19.37 31.71
CA GLY O 123 29.60 19.29 32.71
C GLY O 123 29.11 18.96 34.10
N VAL O 124 27.89 18.47 34.22
CA VAL O 124 27.37 17.98 35.50
C VAL O 124 26.79 16.59 35.32
N THR O 125 26.67 15.87 36.43
CA THR O 125 25.99 14.59 36.45
C THR O 125 24.50 14.82 36.72
N GLN O 126 23.64 14.16 35.95
CA GLN O 126 22.20 14.33 36.11
C GLN O 126 21.55 13.19 36.88
N ASN O 127 20.27 13.39 37.19
CA ASN O 127 19.39 12.35 37.70
C ASN O 127 19.75 11.85 39.08
N GLY O 128 20.19 12.72 39.98
CA GLY O 128 20.52 12.27 41.31
C GLY O 128 19.30 11.68 42.00
N GLY O 129 19.54 10.73 42.90
CA GLY O 129 18.48 10.07 43.62
C GLY O 129 18.89 9.76 45.04
N SER O 130 17.96 9.19 45.81
CA SER O 130 18.16 9.03 47.23
C SER O 130 17.41 7.84 47.82
N ASN O 131 17.99 7.20 48.84
CA ASN O 131 17.27 6.14 49.55
C ASN O 131 16.19 6.71 50.46
N ALA O 132 16.10 8.04 50.55
CA ALA O 132 14.98 8.66 51.22
C ALA O 132 13.76 8.66 50.28
N CYS O 133 14.01 8.44 48.99
CA CYS O 133 12.95 8.48 48.00
C CYS O 133 13.05 7.30 47.04
N LYS O 134 12.71 6.11 47.51
CA LYS O 134 12.81 4.92 46.69
C LYS O 134 11.79 4.88 45.57
N ARG O 135 12.22 4.40 44.41
CA ARG O 135 11.35 4.22 43.26
C ARG O 135 11.53 2.78 42.86
N GLY O 136 10.52 1.95 43.15
CA GLY O 136 10.70 0.52 43.04
C GLY O 136 11.74 0.15 44.09
N PRO O 137 12.60 -0.83 43.80
CA PRO O 137 13.52 -1.28 44.85
C PRO O 137 14.68 -0.33 45.13
N GLY O 138 15.06 0.48 44.12
CA GLY O 138 16.23 1.33 44.25
C GLY O 138 16.00 2.78 44.66
N SER O 139 17.12 3.46 44.92
CA SER O 139 17.13 4.89 45.16
C SER O 139 16.51 5.62 43.98
N GLY O 140 15.89 6.77 44.27
CA GLY O 140 15.25 7.55 43.24
C GLY O 140 15.04 8.98 43.67
N PHE O 141 14.18 9.68 42.95
CA PHE O 141 13.97 11.10 43.19
C PHE O 141 12.62 11.50 42.61
N PHE O 142 12.20 12.73 42.89
CA PHE O 142 11.00 13.28 42.28
C PHE O 142 11.11 13.12 40.78
N SER O 143 10.02 12.71 40.16
CA SER O 143 10.02 12.42 38.72
C SER O 143 10.16 13.67 37.88
N ARG O 144 9.74 14.81 38.41
CA ARG O 144 9.69 16.05 37.64
C ARG O 144 10.90 16.92 37.88
N LEU O 145 11.82 16.44 38.73
CA LEU O 145 12.99 17.22 39.07
C LEU O 145 14.22 16.40 38.72
N ASN O 146 15.33 17.10 38.54
CA ASN O 146 16.54 16.49 38.02
C ASN O 146 17.65 16.98 38.93
N TRP O 147 18.13 16.10 39.79
CA TRP O 147 19.11 16.52 40.76
C TRP O 147 20.52 16.51 40.15
N LEU O 148 21.09 17.70 39.92
CA LEU O 148 22.42 17.82 39.29
C LEU O 148 23.55 17.90 40.30
N THR O 149 24.63 17.17 40.04
CA THR O 149 25.86 17.21 40.82
C THR O 149 27.11 17.33 39.95
N LYS O 150 28.29 17.38 40.57
CA LYS O 150 29.55 17.54 39.86
C LYS O 150 29.78 16.38 38.88
N SER O 151 30.59 16.64 37.86
CA SER O 151 31.08 15.60 36.97
C SER O 151 32.60 15.62 37.06
N GLY O 152 33.17 14.47 37.38
CA GLY O 152 34.58 14.41 37.72
C GLY O 152 34.83 15.21 38.99
N SER O 153 35.70 16.20 38.89
CA SER O 153 36.09 17.03 40.04
C SER O 153 35.59 18.47 39.94
N THR O 154 34.64 18.74 39.04
CA THR O 154 34.19 20.11 38.85
C THR O 154 32.67 20.19 38.67
N TYR O 155 32.14 21.36 38.98
CA TYR O 155 30.75 21.70 38.74
C TYR O 155 30.81 23.10 38.11
N PRO O 156 30.64 23.19 36.77
CA PRO O 156 30.81 24.49 36.10
C PRO O 156 29.65 25.44 36.34
N VAL O 157 29.77 26.67 35.86
CA VAL O 157 28.63 27.56 35.93
C VAL O 157 27.67 27.10 34.83
N LEU O 158 26.52 26.58 35.26
CA LEU O 158 25.44 26.26 34.34
C LEU O 158 24.74 27.53 33.91
N ASN O 159 24.43 27.61 32.62
CA ASN O 159 23.78 28.76 32.04
C ASN O 159 22.97 28.25 30.86
N VAL O 160 21.68 28.03 31.06
CA VAL O 160 20.85 27.42 30.03
C VAL O 160 19.59 28.23 29.83
N THR O 161 19.04 28.18 28.62
CA THR O 161 17.84 28.93 28.36
C THR O 161 16.81 28.07 27.66
N MET O 162 15.55 28.40 27.90
CA MET O 162 14.43 27.68 27.31
C MET O 162 13.33 28.70 26.97
N PRO O 163 13.17 29.05 25.69
CA PRO O 163 12.17 30.04 25.31
C PRO O 163 10.75 29.49 25.31
N ASN O 164 9.76 30.33 25.60
CA ASN O 164 8.37 29.95 25.41
C ASN O 164 7.85 30.46 24.08
N ASN O 165 7.79 29.55 23.11
CA ASN O 165 7.28 29.88 21.77
C ASN O 165 5.89 29.33 21.56
N ASP O 166 5.24 28.90 22.63
CA ASP O 166 3.87 28.43 22.57
C ASP O 166 3.00 29.61 22.93
N ASN O 167 1.69 29.40 22.85
CA ASN O 167 0.73 30.46 23.13
C ASN O 167 0.01 30.28 24.47
N PHE O 168 0.61 29.51 25.37
CA PHE O 168 0.13 29.43 26.74
C PHE O 168 1.28 29.66 27.73
N ASP O 169 0.92 29.93 28.98
CA ASP O 169 1.90 30.10 30.06
C ASP O 169 2.45 28.75 30.52
N LYS O 170 3.75 28.73 30.81
CA LYS O 170 4.45 27.54 31.30
C LYS O 170 4.75 27.72 32.78
N LEU O 171 4.48 26.68 33.59
CA LEU O 171 4.89 26.68 34.98
C LEU O 171 6.09 25.76 35.16
N TYR O 172 7.21 26.35 35.59
CA TYR O 172 8.41 25.62 35.95
C TYR O 172 8.55 25.46 37.43
N ILE O 173 8.73 24.22 37.87
CA ILE O 173 9.02 23.94 39.27
C ILE O 173 10.49 23.51 39.36
N TRP O 174 11.23 24.12 40.29
CA TRP O 174 12.66 23.88 40.45
C TRP O 174 12.96 23.99 41.94
N GLY O 175 14.20 23.75 42.33
CA GLY O 175 14.54 23.72 43.73
C GLY O 175 15.98 24.07 44.05
N VAL O 176 16.27 24.15 45.33
CA VAL O 176 17.59 24.46 45.81
C VAL O 176 17.87 23.49 46.93
N HIS O 177 19.01 22.84 46.86
CA HIS O 177 19.39 21.88 47.87
C HIS O 177 20.14 22.58 49.01
N HIS O 178 19.75 22.28 50.24
CA HIS O 178 20.49 22.70 51.43
C HIS O 178 21.20 21.56 52.13
N PRO O 179 22.53 21.45 51.94
CA PRO O 179 23.26 20.39 52.63
C PRO O 179 23.39 20.56 54.15
N SER O 180 23.53 19.46 54.90
CA SER O 180 23.67 19.53 56.35
C SER O 180 25.10 19.83 56.81
N THR O 181 26.08 19.53 55.96
CA THR O 181 27.48 19.76 56.29
C THR O 181 28.22 20.33 55.10
N ASN O 182 29.36 20.95 55.38
CA ASN O 182 30.27 21.48 54.37
C ASN O 182 30.88 20.35 53.52
N GLN O 183 31.10 19.20 54.16
CA GLN O 183 31.63 18.00 53.51
C GLN O 183 30.73 17.60 52.36
N GLU O 184 29.46 17.66 52.66
CA GLU O 184 28.41 17.40 51.72
C GLU O 184 28.32 18.36 50.53
N GLN O 185 28.37 19.64 50.87
CA GLN O 185 28.28 20.72 49.89
C GLN O 185 29.31 20.59 48.81
N THR O 186 30.53 20.35 49.27
CA THR O 186 31.69 20.33 48.39
C THR O 186 31.78 18.99 47.66
N SER O 187 31.31 17.94 48.34
CA SER O 187 31.33 16.61 47.76
C SER O 187 30.45 16.60 46.53
N LEU O 188 29.29 17.25 46.64
CA LEU O 188 28.33 17.27 45.55
C LEU O 188 28.65 18.32 44.51
N TYR O 189 29.03 19.51 44.98
CA TYR O 189 28.98 20.69 44.12
C TYR O 189 30.33 21.39 43.92
N VAL O 190 31.36 20.91 44.60
CA VAL O 190 32.73 21.41 44.55
C VAL O 190 32.85 22.82 45.17
N GLN O 191 32.01 23.76 44.71
CA GLN O 191 31.96 25.09 45.30
C GLN O 191 31.58 25.01 46.78
N ALA O 192 32.18 25.87 47.59
CA ALA O 192 31.93 25.89 49.02
C ALA O 192 30.56 26.47 49.36
N SER O 193 30.05 27.32 48.48
CA SER O 193 28.72 27.89 48.64
C SER O 193 28.10 27.99 47.26
N GLY O 194 26.87 27.51 47.11
CA GLY O 194 26.23 27.53 45.80
C GLY O 194 25.33 28.73 45.58
N ARG O 195 24.65 28.71 44.43
CA ARG O 195 23.70 29.75 44.10
C ARG O 195 22.80 29.27 42.97
N VAL O 196 21.52 29.61 43.02
CA VAL O 196 20.61 29.36 41.91
C VAL O 196 19.90 30.63 41.56
N THR O 197 19.95 31.03 40.31
CA THR O 197 19.23 32.22 39.87
C THR O 197 18.39 31.81 38.69
N VAL O 198 17.08 31.99 38.83
CA VAL O 198 16.16 31.67 37.75
C VAL O 198 15.38 32.91 37.46
N SER O 199 15.30 33.27 36.19
CA SER O 199 14.69 34.52 35.78
C SER O 199 13.98 34.47 34.43
N THR O 200 13.09 35.44 34.24
CA THR O 200 12.48 35.73 32.93
C THR O 200 12.86 37.16 32.57
N ARG O 201 12.31 37.69 31.49
N ARG O 201 12.23 37.74 31.54
CA ARG O 201 12.62 39.07 31.11
CA ARG O 201 12.61 39.07 31.05
C ARG O 201 12.40 40.00 32.30
C ARG O 201 12.16 40.20 32.01
N ARG O 202 11.21 39.91 32.90
CA ARG O 202 10.76 40.89 33.90
C ARG O 202 10.73 40.38 35.36
N SER O 203 11.29 39.20 35.64
CA SER O 203 11.34 38.69 37.03
C SER O 203 12.64 37.94 37.32
N GLN O 204 13.02 37.86 38.59
CA GLN O 204 14.18 37.07 38.99
C GLN O 204 14.06 36.61 40.43
N GLN O 205 14.61 35.43 40.69
CA GLN O 205 14.65 34.88 42.03
C GLN O 205 16.02 34.32 42.20
N THR O 206 16.77 34.77 43.20
CA THR O 206 18.05 34.12 43.47
C THR O 206 18.01 33.57 44.87
N ILE O 207 18.40 32.32 45.00
CA ILE O 207 18.42 31.62 46.27
C ILE O 207 19.83 31.16 46.56
N ILE O 208 20.29 31.46 47.78
CA ILE O 208 21.58 30.99 48.22
C ILE O 208 21.27 29.83 49.17
N PRO O 209 21.81 28.64 48.88
CA PRO O 209 21.52 27.53 49.78
C PRO O 209 22.13 27.85 51.10
N ASN O 210 21.57 27.26 52.14
CA ASN O 210 22.07 27.49 53.45
C ASN O 210 22.46 26.17 54.15
N ILE O 211 23.74 25.98 54.46
CA ILE O 211 24.22 24.72 55.02
C ILE O 211 23.96 24.60 56.54
N GLY O 212 23.53 23.42 56.97
CA GLY O 212 23.37 23.10 58.39
C GLY O 212 22.35 21.99 58.61
N SER O 213 22.28 21.43 59.82
CA SER O 213 21.32 20.36 60.09
C SER O 213 19.90 20.83 60.36
N ARG O 214 18.94 20.08 59.81
CA ARG O 214 17.55 20.18 60.22
C ARG O 214 17.21 18.84 60.86
N PRO O 215 15.99 18.68 61.41
CA PRO O 215 15.68 17.37 61.99
C PRO O 215 15.74 16.23 60.98
N TRP O 216 16.30 15.13 61.43
CA TRP O 216 16.41 13.90 60.66
C TRP O 216 15.02 13.46 60.14
N VAL O 217 14.88 13.35 58.81
CA VAL O 217 13.66 12.83 58.18
C VAL O 217 14.04 11.82 57.11
N ARG O 218 13.52 10.59 57.21
CA ARG O 218 13.90 9.51 56.30
C ARG O 218 15.41 9.47 56.06
N GLY O 219 16.17 9.48 57.15
CA GLY O 219 17.61 9.33 57.10
C GLY O 219 18.37 10.61 56.84
N LEU O 220 17.67 11.73 56.64
CA LEU O 220 18.33 12.93 56.15
C LEU O 220 18.14 14.19 56.98
N SER O 221 19.24 14.89 57.23
N SER O 221 19.22 14.94 57.17
CA SER O 221 19.21 16.17 57.92
CA SER O 221 19.14 16.22 57.85
C SER O 221 19.29 17.36 56.94
C SER O 221 19.13 17.38 56.84
N SER O 222 19.38 17.08 55.65
N SER O 222 19.48 17.10 55.59
CA SER O 222 19.40 18.13 54.62
CA SER O 222 19.44 18.12 54.54
C SER O 222 17.98 18.38 54.12
C SER O 222 18.00 18.34 54.07
N ARG O 223 17.82 19.36 53.24
CA ARG O 223 16.50 19.73 52.71
C ARG O 223 16.59 20.26 51.30
N ILE O 224 15.46 20.21 50.60
CA ILE O 224 15.31 20.91 49.34
C ILE O 224 14.21 21.95 49.53
N SER O 225 14.44 23.18 49.05
CA SER O 225 13.41 24.21 49.01
C SER O 225 12.89 24.36 47.58
N ILE O 226 11.58 24.40 47.43
CA ILE O 226 10.95 24.42 46.11
C ILE O 226 10.48 25.82 45.74
N TYR O 227 10.80 26.23 44.52
CA TYR O 227 10.40 27.53 43.99
C TYR O 227 9.72 27.29 42.66
N TRP O 228 9.04 28.32 42.14
N TRP O 228 9.03 28.32 42.17
CA TRP O 228 8.40 28.20 40.84
CA TRP O 228 8.34 28.25 40.88
C TRP O 228 8.44 29.52 40.06
C TRP O 228 8.53 29.52 40.06
N THR O 229 8.40 29.40 38.75
CA THR O 229 8.50 30.55 37.85
C THR O 229 7.55 30.33 36.71
N ILE O 230 6.75 31.35 36.41
CA ILE O 230 5.88 31.30 35.26
C ILE O 230 6.49 32.09 34.11
N VAL O 231 6.44 31.51 32.92
CA VAL O 231 7.03 32.13 31.74
C VAL O 231 5.92 32.28 30.73
N LYS O 232 5.67 33.52 30.31
CA LYS O 232 4.60 33.80 29.37
C LYS O 232 5.06 33.62 27.93
N PRO O 233 4.10 33.50 26.99
CA PRO O 233 4.43 33.40 25.57
C PRO O 233 5.33 34.54 25.13
N GLY O 234 6.37 34.22 24.37
CA GLY O 234 7.29 35.24 23.90
C GLY O 234 8.34 35.59 24.93
N ASP O 235 8.18 35.11 26.17
CA ASP O 235 9.18 35.31 27.20
C ASP O 235 10.12 34.12 27.18
N VAL O 236 11.07 34.07 28.11
CA VAL O 236 12.10 33.06 28.09
C VAL O 236 12.58 32.79 29.50
N LEU O 237 12.99 31.56 29.76
CA LEU O 237 13.53 31.18 31.05
C LEU O 237 15.05 31.11 30.93
N VAL O 238 15.77 31.65 31.91
CA VAL O 238 17.21 31.44 32.05
C VAL O 238 17.48 30.91 33.44
N ILE O 239 18.28 29.86 33.49
CA ILE O 239 18.70 29.23 34.74
C ILE O 239 20.21 29.32 34.77
N ASN O 240 20.73 29.89 35.84
CA ASN O 240 22.16 30.10 35.98
C ASN O 240 22.54 29.65 37.37
N SER O 241 23.42 28.66 37.48
CA SER O 241 23.79 28.14 38.79
C SER O 241 25.23 27.63 38.83
N ASN O 242 25.90 27.85 39.96
CA ASN O 242 27.21 27.26 40.23
C ASN O 242 27.20 26.24 41.37
N GLY O 243 26.05 25.62 41.62
CA GLY O 243 25.92 24.52 42.57
C GLY O 243 24.54 24.52 43.21
N ASN O 244 24.10 23.36 43.69
CA ASN O 244 22.88 23.20 44.51
C ASN O 244 21.56 23.28 43.75
N LEU O 245 21.61 23.39 42.42
CA LEU O 245 20.40 23.42 41.63
C LEU O 245 19.72 22.06 41.51
N ILE O 246 18.42 22.05 41.86
CA ILE O 246 17.55 20.92 41.55
C ILE O 246 16.76 21.40 40.34
N ALA O 247 17.12 20.87 39.18
CA ALA O 247 16.67 21.41 37.90
C ALA O 247 15.29 20.94 37.50
N PRO O 248 14.55 21.76 36.74
CA PRO O 248 13.31 21.28 36.13
C PRO O 248 13.61 20.33 34.97
N ARG O 249 12.68 19.44 34.68
CA ARG O 249 12.78 18.56 33.53
C ARG O 249 11.91 19.08 32.39
N GLY O 250 11.17 20.15 32.64
CA GLY O 250 10.16 20.62 31.72
C GLY O 250 9.20 21.52 32.48
N TYR O 251 8.00 21.68 31.94
CA TYR O 251 7.03 22.62 32.50
C TYR O 251 5.64 22.02 32.59
N PHE O 252 4.83 22.57 33.48
CA PHE O 252 3.42 22.22 33.55
C PHE O 252 2.65 23.22 32.72
N LYS O 253 1.71 22.73 31.92
CA LYS O 253 0.89 23.63 31.12
C LYS O 253 -0.15 24.26 32.04
N MET O 254 -0.21 25.60 32.03
N MET O 254 -0.25 25.59 31.99
CA MET O 254 -1.18 26.33 32.83
CA MET O 254 -1.19 26.30 32.86
C MET O 254 -2.52 26.44 32.10
C MET O 254 -2.51 26.64 32.18
N ARG O 255 -3.60 26.31 32.87
CA ARG O 255 -4.94 26.53 32.37
C ARG O 255 -5.68 27.47 33.29
N THR O 256 -6.76 28.06 32.80
CA THR O 256 -7.70 28.78 33.62
C THR O 256 -9.03 28.08 33.51
N GLY O 257 -9.85 28.18 34.56
CA GLY O 257 -11.13 27.52 34.58
C GLY O 257 -11.67 27.39 36.00
N LYS O 258 -12.49 26.37 36.19
CA LYS O 258 -13.27 26.25 37.41
C LYS O 258 -12.65 25.33 38.45
N SER O 259 -11.40 24.90 38.26
CA SER O 259 -10.84 23.91 39.14
C SER O 259 -10.46 24.47 40.52
N SER O 260 -10.51 23.62 41.54
CA SER O 260 -10.12 23.97 42.90
C SER O 260 -9.66 22.72 43.67
N ILE O 261 -9.47 22.86 44.98
CA ILE O 261 -8.98 21.78 45.83
C ILE O 261 -9.77 21.90 47.12
N MET O 262 -9.97 20.79 47.82
CA MET O 262 -10.72 20.79 49.07
C MET O 262 -10.14 19.74 49.98
N ARG O 263 -10.10 20.02 51.28
CA ARG O 263 -9.68 19.00 52.22
C ARG O 263 -10.91 18.31 52.78
N SER O 264 -10.96 17.00 52.65
CA SER O 264 -12.09 16.22 53.11
C SER O 264 -11.69 14.77 53.30
N ASP O 265 -12.30 14.10 54.28
CA ASP O 265 -12.20 12.65 54.39
C ASP O 265 -13.51 11.97 53.92
N ALA O 266 -14.43 12.72 53.31
CA ALA O 266 -15.69 12.17 52.84
C ALA O 266 -15.47 11.26 51.64
N PRO O 267 -16.16 10.09 51.62
CA PRO O 267 -16.07 9.22 50.46
C PRO O 267 -16.62 9.75 49.23
N ILE O 268 -16.20 9.16 48.13
N ILE O 268 -16.03 9.32 48.13
CA ILE O 268 -16.74 9.54 46.85
CA ILE O 268 -16.62 9.64 46.88
C ILE O 268 -17.71 8.46 46.34
C ILE O 268 -17.67 8.53 46.75
N ASP O 269 -18.98 8.81 46.25
N ASP O 269 -18.70 8.78 45.95
CA ASP O 269 -20.02 7.87 45.84
CA ASP O 269 -19.70 7.75 45.61
C ASP O 269 -20.37 8.10 44.37
C ASP O 269 -20.36 8.12 44.31
N THR O 270 -21.21 7.22 43.81
CA THR O 270 -21.77 7.41 42.48
C THR O 270 -23.19 7.96 42.61
N CYS O 271 -23.31 9.24 42.29
CA CYS O 271 -24.54 9.99 42.47
C CYS O 271 -24.26 11.36 41.86
N ILE O 272 -25.26 12.22 41.80
CA ILE O 272 -25.12 13.50 41.12
C ILE O 272 -25.45 14.65 42.05
N SER O 273 -24.53 15.58 42.20
CA SER O 273 -24.83 16.81 42.94
C SER O 273 -23.91 17.95 42.53
N GLU O 274 -24.48 19.12 42.31
CA GLU O 274 -23.69 20.29 41.93
C GLU O 274 -22.87 20.85 43.09
N CYS O 275 -23.34 20.68 44.33
CA CYS O 275 -22.71 21.33 45.47
C CYS O 275 -21.97 20.31 46.34
N ILE O 276 -20.70 20.59 46.61
CA ILE O 276 -19.81 19.74 47.38
C ILE O 276 -19.29 20.51 48.60
N THR O 277 -19.36 19.89 49.77
CA THR O 277 -18.77 20.45 50.99
C THR O 277 -17.83 19.39 51.53
N PRO O 278 -16.95 19.75 52.48
CA PRO O 278 -16.08 18.72 53.06
C PRO O 278 -16.85 17.61 53.78
N ASN O 279 -18.08 17.92 54.21
CA ASN O 279 -18.94 16.94 54.86
C ASN O 279 -19.54 15.97 53.86
N GLY O 280 -19.42 16.24 52.57
CA GLY O 280 -20.16 15.53 51.55
C GLY O 280 -20.95 16.50 50.71
N SER O 281 -21.52 16.00 49.62
CA SER O 281 -22.39 16.81 48.79
C SER O 281 -23.67 17.20 49.51
N ILE O 282 -24.25 18.33 49.11
CA ILE O 282 -25.57 18.73 49.61
C ILE O 282 -26.50 19.19 48.49
N PRO O 283 -27.83 18.98 48.66
CA PRO O 283 -28.79 19.56 47.73
C PRO O 283 -28.68 21.07 47.65
N ASN O 284 -28.98 21.64 46.49
CA ASN O 284 -28.94 23.09 46.30
C ASN O 284 -30.30 23.70 46.00
N ASP O 285 -31.38 23.01 46.38
CA ASP O 285 -32.72 23.58 46.20
C ASP O 285 -33.02 24.71 47.17
N LYS O 286 -32.42 24.70 48.36
CA LYS O 286 -32.63 25.80 49.29
C LYS O 286 -31.57 26.91 49.07
N PRO O 287 -31.91 28.16 49.38
CA PRO O 287 -31.03 29.31 49.15
C PRO O 287 -29.87 29.41 50.14
N PHE O 288 -30.02 28.79 51.31
CA PHE O 288 -29.00 28.84 52.36
C PHE O 288 -28.64 27.45 52.88
N GLN O 289 -27.50 27.36 53.57
CA GLN O 289 -27.08 26.11 54.19
C GLN O 289 -26.23 26.37 55.43
N ASN O 290 -26.28 25.43 56.37
CA ASN O 290 -25.51 25.51 57.61
C ASN O 290 -24.55 24.32 57.74
N VAL O 291 -24.23 23.66 56.63
CA VAL O 291 -23.38 22.47 56.70
C VAL O 291 -21.89 22.82 56.82
N ASN O 292 -21.38 23.65 55.92
CA ASN O 292 -19.97 24.04 55.97
C ASN O 292 -19.78 25.33 55.20
N LYS O 293 -18.97 26.23 55.74
CA LYS O 293 -18.62 27.45 55.03
C LYS O 293 -17.74 27.16 53.80
N ILE O 294 -17.09 26.00 53.79
CA ILE O 294 -16.33 25.55 52.63
C ILE O 294 -17.26 24.85 51.66
N THR O 295 -17.36 25.37 50.44
CA THR O 295 -18.18 24.73 49.41
C THR O 295 -17.56 24.86 48.02
N TYR O 296 -18.01 24.03 47.09
CA TYR O 296 -17.56 24.06 45.71
C TYR O 296 -18.76 23.78 44.80
N GLY O 297 -18.98 24.61 43.80
CA GLY O 297 -20.04 24.37 42.83
C GLY O 297 -21.24 25.28 43.04
N ALA O 298 -22.41 24.90 42.53
CA ALA O 298 -23.60 25.72 42.72
C ALA O 298 -24.25 25.42 44.05
N CYS O 299 -23.98 26.29 45.02
CA CYS O 299 -24.23 25.98 46.42
C CYS O 299 -25.08 27.05 47.10
N PRO O 300 -25.94 26.62 48.03
CA PRO O 300 -26.58 27.63 48.88
C PRO O 300 -25.52 28.42 49.64
N LYS O 301 -25.88 29.61 50.07
CA LYS O 301 -24.97 30.46 50.83
C LYS O 301 -24.92 30.01 52.29
N TYR O 302 -23.73 30.00 52.87
CA TYR O 302 -23.58 29.55 54.24
C TYR O 302 -24.14 30.59 55.21
N VAL O 303 -24.97 30.15 56.16
CA VAL O 303 -25.45 31.02 57.22
C VAL O 303 -25.32 30.33 58.58
N LYS O 304 -25.44 31.12 59.64
CA LYS O 304 -25.24 30.61 60.99
C LYS O 304 -26.45 29.87 61.52
N GLN O 305 -27.63 30.25 61.04
CA GLN O 305 -28.86 29.69 61.54
C GLN O 305 -28.94 28.25 61.07
N ASN O 306 -29.47 27.36 61.89
CA ASN O 306 -29.62 25.97 61.48
C ASN O 306 -31.01 25.71 60.89
N THR O 307 -31.92 26.68 61.04
CA THR O 307 -33.24 26.61 60.44
C THR O 307 -33.80 28.00 60.19
N LEU O 308 -34.47 28.16 59.05
CA LEU O 308 -35.25 29.36 58.78
C LEU O 308 -36.50 28.97 57.99
N LYS O 309 -37.67 29.22 58.55
CA LYS O 309 -38.90 28.79 57.94
C LYS O 309 -39.59 29.91 57.18
N LEU O 310 -39.88 29.66 55.91
CA LEU O 310 -40.68 30.55 55.07
C LEU O 310 -42.15 30.13 55.08
N ALA O 311 -43.02 30.99 55.61
CA ALA O 311 -44.44 30.68 55.60
C ALA O 311 -44.91 30.44 54.17
N THR O 312 -45.70 29.39 53.99
CA THR O 312 -46.33 29.08 52.71
C THR O 312 -47.86 28.98 52.86
N GLY O 313 -48.40 29.59 53.92
CA GLY O 313 -49.83 29.55 54.18
C GLY O 313 -50.24 30.67 55.12
N MET O 314 -51.55 30.82 55.34
CA MET O 314 -52.05 31.89 56.20
C MET O 314 -51.85 31.56 57.68
N ARG O 315 -52.19 32.52 58.54
N ARG O 315 -52.15 32.53 58.55
CA ARG O 315 -52.21 32.30 59.98
CA ARG O 315 -52.22 32.27 59.99
C ARG O 315 -53.14 31.14 60.32
C ARG O 315 -53.12 31.10 60.28
N ASN O 316 -52.67 30.23 61.18
CA ASN O 316 -53.47 29.08 61.59
C ASN O 316 -54.21 29.42 62.86
N VAL O 317 -55.53 29.54 62.73
CA VAL O 317 -56.38 30.01 63.81
C VAL O 317 -57.51 29.01 64.05
N PRO O 318 -57.18 27.81 64.57
CA PRO O 318 -58.28 26.84 64.73
C PRO O 318 -59.26 27.23 65.83
N GLU O 319 -58.77 27.97 66.83
CA GLU O 319 -59.59 28.38 67.96
C GLU O 319 -59.58 29.91 68.04
N LYS O 320 -60.64 30.44 68.66
CA LYS O 320 -60.83 31.89 68.82
C LYS O 320 -59.53 32.67 68.98
N GLY P 1 -53.34 40.47 61.53
CA GLY P 1 -52.86 40.99 60.21
C GLY P 1 -53.41 42.38 59.99
N LEU P 2 -52.93 43.05 58.95
CA LEU P 2 -53.30 44.45 58.73
C LEU P 2 -54.78 44.68 58.44
N PHE P 3 -55.44 43.67 57.87
CA PHE P 3 -56.80 43.84 57.40
C PHE P 3 -57.86 43.44 58.41
N GLY P 4 -57.47 42.68 59.44
CA GLY P 4 -58.38 42.43 60.54
C GLY P 4 -59.44 41.40 60.23
N ALA P 5 -59.23 40.59 59.20
CA ALA P 5 -60.20 39.54 58.88
C ALA P 5 -59.80 38.24 59.56
N ILE P 6 -58.68 37.66 59.14
CA ILE P 6 -58.18 36.43 59.74
C ILE P 6 -57.68 36.79 61.13
N ALA P 7 -58.12 36.02 62.12
CA ALA P 7 -57.84 36.31 63.54
C ALA P 7 -58.39 37.69 63.87
N GLY P 8 -59.48 38.04 63.21
CA GLY P 8 -60.13 39.32 63.34
C GLY P 8 -61.63 39.14 63.42
N PHE P 9 -62.35 39.83 62.53
CA PHE P 9 -63.80 39.70 62.49
C PHE P 9 -64.25 38.28 62.12
N ILE P 10 -63.38 37.53 61.44
N ILE P 10 -63.37 37.56 61.40
CA ILE P 10 -63.60 36.10 61.31
CA ILE P 10 -63.51 36.11 61.29
C ILE P 10 -62.88 35.46 62.48
C ILE P 10 -62.87 35.56 62.56
N GLU P 11 -63.66 34.96 63.42
CA GLU P 11 -63.16 34.59 64.75
C GLU P 11 -62.15 33.45 64.70
N ASN P 12 -62.35 32.52 63.79
CA ASN P 12 -61.41 31.44 63.61
C ASN P 12 -61.55 30.80 62.23
N GLY P 13 -60.57 29.99 61.88
CA GLY P 13 -60.59 29.22 60.66
C GLY P 13 -61.38 27.95 60.83
N TRP P 14 -61.61 27.28 59.72
CA TRP P 14 -62.40 26.08 59.68
C TRP P 14 -61.48 24.91 59.39
N GLU P 15 -61.22 24.08 60.40
CA GLU P 15 -60.46 22.86 60.19
C GLU P 15 -61.20 21.94 59.24
N GLY P 16 -62.52 22.13 59.15
CA GLY P 16 -63.37 21.30 58.31
C GLY P 16 -63.39 21.73 56.87
N MET P 17 -62.76 22.86 56.53
N MET P 17 -62.71 22.83 56.54
CA MET P 17 -62.65 23.21 55.12
CA MET P 17 -62.59 23.29 55.17
C MET P 17 -61.37 22.59 54.66
C MET P 17 -61.35 22.64 54.57
N ILE P 18 -61.51 21.45 54.00
CA ILE P 18 -60.36 20.65 53.57
C ILE P 18 -60.12 20.64 52.05
N ASP P 19 -60.95 21.37 51.30
CA ASP P 19 -60.80 21.45 49.84
C ASP P 19 -60.54 22.85 49.29
N GLY P 20 -60.10 23.77 50.14
CA GLY P 20 -59.80 25.12 49.70
C GLY P 20 -59.24 25.94 50.84
N TRP P 21 -58.74 27.13 50.54
CA TRP P 21 -58.19 28.00 51.58
C TRP P 21 -59.25 28.95 52.10
N TYR P 22 -60.18 29.36 51.22
CA TYR P 22 -61.24 30.30 51.55
C TYR P 22 -62.53 29.73 51.02
N GLY P 23 -63.65 30.08 51.63
CA GLY P 23 -64.93 29.59 51.16
C GLY P 23 -66.13 30.10 51.91
N PHE P 24 -67.23 29.37 51.74
CA PHE P 24 -68.54 29.81 52.16
C PHE P 24 -69.17 28.70 52.98
N ARG P 25 -69.89 29.06 54.03
CA ARG P 25 -70.81 28.13 54.66
C ARG P 25 -72.15 28.81 54.67
N HIS P 26 -73.21 28.06 54.47
CA HIS P 26 -74.54 28.65 54.39
C HIS P 26 -75.54 27.82 55.16
N GLN P 27 -76.63 28.49 55.54
CA GLN P 27 -77.85 27.87 56.00
C GLN P 27 -79.02 28.51 55.28
N ASN P 28 -79.88 27.68 54.72
CA ASN P 28 -81.07 28.13 54.05
C ASN P 28 -82.19 27.13 54.26
N SER P 29 -83.27 27.26 53.48
CA SER P 29 -84.42 26.39 53.67
C SER P 29 -84.14 24.94 53.29
N GLU P 30 -83.06 24.68 52.54
CA GLU P 30 -82.75 23.32 52.13
C GLU P 30 -81.67 22.66 52.97
N GLY P 31 -81.18 23.35 54.00
CA GLY P 31 -80.22 22.76 54.92
C GLY P 31 -79.03 23.68 55.05
N THR P 32 -77.86 23.07 55.23
CA THR P 32 -76.63 23.84 55.39
C THR P 32 -75.60 23.22 54.46
N GLY P 33 -74.55 23.96 54.18
CA GLY P 33 -73.50 23.42 53.35
C GLY P 33 -72.25 24.27 53.37
N GLN P 34 -71.22 23.78 52.66
CA GLN P 34 -69.95 24.49 52.58
C GLN P 34 -69.38 24.32 51.18
N ALA P 35 -68.72 25.34 50.68
CA ALA P 35 -68.04 25.25 49.40
C ALA P 35 -66.80 26.13 49.39
N ALA P 36 -65.70 25.59 48.91
CA ALA P 36 -64.50 26.36 48.70
C ALA P 36 -64.71 27.41 47.61
N ASP P 37 -64.08 28.57 47.78
CA ASP P 37 -63.96 29.56 46.73
C ASP P 37 -62.64 29.34 46.01
N LEU P 38 -62.72 28.96 44.74
N LEU P 38 -62.73 28.98 44.74
CA LEU P 38 -61.53 28.57 43.99
CA LEU P 38 -61.55 28.56 43.98
C LEU P 38 -60.65 29.76 43.62
C LEU P 38 -60.65 29.75 43.61
N LYS P 39 -61.27 30.87 43.26
CA LYS P 39 -60.53 32.05 42.80
C LYS P 39 -59.65 32.70 43.88
N SER P 40 -60.22 32.92 45.07
N SER P 40 -60.20 32.89 45.08
CA SER P 40 -59.48 33.49 46.19
CA SER P 40 -59.43 33.48 46.17
C SER P 40 -58.38 32.54 46.68
C SER P 40 -58.34 32.53 46.65
N THR P 41 -58.69 31.25 46.73
CA THR P 41 -57.76 30.21 47.13
C THR P 41 -56.56 30.22 46.18
N GLN P 42 -56.86 30.30 44.88
CA GLN P 42 -55.82 30.21 43.86
C GLN P 42 -55.00 31.50 43.80
N ALA P 43 -55.62 32.64 44.14
CA ALA P 43 -54.89 33.89 44.15
C ALA P 43 -53.83 33.87 45.25
N ALA P 44 -54.21 33.37 46.43
CA ALA P 44 -53.24 33.27 47.52
C ALA P 44 -52.15 32.27 47.19
N ILE P 45 -52.53 31.10 46.69
CA ILE P 45 -51.58 30.03 46.36
C ILE P 45 -50.62 30.54 45.29
N ASP P 46 -51.12 31.30 44.33
CA ASP P 46 -50.29 31.75 43.22
C ASP P 46 -49.28 32.77 43.71
N GLN P 47 -49.71 33.64 44.62
CA GLN P 47 -48.77 34.61 45.16
C GLN P 47 -47.67 33.95 46.02
N ILE P 48 -48.06 32.99 46.84
N ILE P 48 -48.05 32.95 46.80
CA ILE P 48 -47.11 32.31 47.71
CA ILE P 48 -47.12 32.27 47.70
C ILE P 48 -46.13 31.49 46.87
C ILE P 48 -46.13 31.46 46.89
N ASN P 49 -46.61 30.90 45.78
CA ASN P 49 -45.75 30.15 44.88
C ASN P 49 -44.82 31.11 44.16
N GLY P 50 -45.33 32.30 43.88
CA GLY P 50 -44.52 33.32 43.25
C GLY P 50 -43.33 33.73 44.11
N LYS P 51 -43.58 34.05 45.37
N LYS P 51 -43.62 33.98 45.38
CA LYS P 51 -42.50 34.49 46.25
CA LYS P 51 -42.61 34.43 46.36
C LYS P 51 -41.55 33.34 46.59
C LYS P 51 -41.58 33.34 46.51
N LEU P 52 -42.09 32.12 46.69
CA LEU P 52 -41.24 30.97 46.97
C LEU P 52 -40.27 30.75 45.83
N ASN P 53 -40.76 30.85 44.59
CA ASN P 53 -39.90 30.62 43.44
C ASN P 53 -38.90 31.74 43.28
N ARG P 54 -39.25 32.96 43.68
CA ARG P 54 -38.25 34.02 43.66
C ARG P 54 -37.14 33.76 44.68
N VAL P 55 -37.51 33.25 45.85
CA VAL P 55 -36.52 32.99 46.91
C VAL P 55 -35.62 31.79 46.63
N ILE P 56 -36.15 30.74 46.02
CA ILE P 56 -35.38 29.49 45.85
C ILE P 56 -34.74 29.44 44.45
N GLU P 57 -34.89 30.50 43.67
CA GLU P 57 -34.26 30.64 42.37
C GLU P 57 -32.76 30.76 42.50
N LYS P 58 -32.01 30.15 41.57
CA LYS P 58 -30.62 30.54 41.34
C LYS P 58 -29.70 30.61 42.55
N THR P 59 -29.24 29.47 43.07
CA THR P 59 -28.07 29.56 43.93
C THR P 59 -26.91 30.08 43.07
N ASN P 60 -25.99 30.79 43.72
CA ASN P 60 -24.72 31.18 43.13
C ASN P 60 -23.81 30.00 42.87
N GLU P 61 -23.02 30.08 41.81
CA GLU P 61 -22.01 29.06 41.54
C GLU P 61 -20.63 29.65 41.80
N LYS P 62 -19.89 29.05 42.73
CA LYS P 62 -18.53 29.48 43.05
C LYS P 62 -17.55 28.33 42.96
N PHE P 63 -16.31 28.59 42.57
CA PHE P 63 -15.34 27.52 42.37
C PHE P 63 -14.11 27.70 43.27
N HIS P 64 -12.97 28.16 42.73
CA HIS P 64 -11.81 28.40 43.57
C HIS P 64 -12.03 29.68 44.37
N GLN P 65 -11.87 29.57 45.68
CA GLN P 65 -12.15 30.64 46.63
C GLN P 65 -10.90 30.83 47.51
N ILE P 66 -11.09 31.18 48.78
CA ILE P 66 -9.97 31.29 49.70
C ILE P 66 -10.10 30.17 50.68
N GLU P 67 -8.98 29.82 51.32
CA GLU P 67 -9.05 28.84 52.38
C GLU P 67 -9.73 29.40 53.62
N LYS P 68 -10.44 28.51 54.32
CA LYS P 68 -11.24 28.90 55.47
C LYS P 68 -10.92 28.15 56.77
N GLU P 69 -10.08 27.14 56.69
CA GLU P 69 -9.53 26.47 57.87
C GLU P 69 -8.00 26.39 57.78
N PHE P 70 -7.33 26.41 58.92
CA PHE P 70 -5.86 26.51 58.94
C PHE P 70 -5.27 25.62 60.01
N SER P 71 -4.17 24.95 59.68
CA SER P 71 -3.58 24.01 60.62
C SER P 71 -2.39 24.60 61.40
N GLU P 72 -1.95 25.81 61.03
CA GLU P 72 -0.84 26.50 61.72
C GLU P 72 -1.22 27.97 61.98
N VAL P 73 -0.74 28.52 63.10
CA VAL P 73 -0.83 29.96 63.33
C VAL P 73 0.09 30.70 62.37
N GLU P 74 -0.44 31.75 61.72
CA GLU P 74 0.35 32.56 60.78
C GLU P 74 0.37 34.07 60.98
N GLY P 75 -0.54 34.60 61.79
CA GLY P 75 -0.57 36.03 62.02
C GLY P 75 -1.40 36.75 60.97
N ARG P 76 -0.84 37.84 60.45
CA ARG P 76 -1.59 38.88 59.74
C ARG P 76 -2.48 38.47 58.55
N ILE P 77 -1.93 37.67 57.64
N ILE P 77 -1.94 37.66 57.65
CA ILE P 77 -2.69 37.26 56.45
CA ILE P 77 -2.69 37.27 56.47
C ILE P 77 -3.83 36.32 56.81
C ILE P 77 -3.84 36.33 56.82
N GLN P 78 -3.60 35.38 57.72
CA GLN P 78 -4.68 34.52 58.19
C GLN P 78 -5.77 35.27 58.94
N ASP P 79 -5.39 36.22 59.78
CA ASP P 79 -6.36 37.05 60.47
C ASP P 79 -7.27 37.67 59.44
N LEU P 80 -6.67 38.22 58.40
CA LEU P 80 -7.48 38.86 57.38
C LEU P 80 -8.40 37.87 56.62
N GLU P 81 -7.91 36.70 56.22
CA GLU P 81 -8.77 35.70 55.56
C GLU P 81 -9.98 35.28 56.42
N LYS P 82 -9.73 35.09 57.71
CA LYS P 82 -10.75 34.62 58.64
C LYS P 82 -11.73 35.75 58.89
N TYR P 83 -11.22 36.98 58.91
CA TYR P 83 -12.05 38.14 59.14
C TYR P 83 -12.97 38.37 57.96
N VAL P 84 -12.43 38.15 56.76
CA VAL P 84 -13.18 38.30 55.52
C VAL P 84 -14.33 37.30 55.50
N GLU P 85 -14.03 36.06 55.85
CA GLU P 85 -15.07 35.04 55.85
C GLU P 85 -16.14 35.27 56.91
N ASP P 86 -15.73 35.63 58.12
CA ASP P 86 -16.66 35.86 59.22
C ASP P 86 -17.59 37.02 58.90
N THR P 87 -17.03 38.05 58.27
CA THR P 87 -17.78 39.23 57.91
C THR P 87 -18.84 38.84 56.88
N LYS P 88 -18.42 38.07 55.87
CA LYS P 88 -19.33 37.61 54.84
C LYS P 88 -20.47 36.80 55.44
N ILE P 89 -20.15 35.86 56.34
CA ILE P 89 -21.14 34.94 56.88
C ILE P 89 -22.16 35.70 57.73
N ASP P 90 -21.70 36.67 58.51
CA ASP P 90 -22.61 37.43 59.36
C ASP P 90 -23.55 38.28 58.54
N LEU P 91 -23.04 38.86 57.45
CA LEU P 91 -23.89 39.61 56.52
C LEU P 91 -24.94 38.74 55.85
N TRP P 92 -24.57 37.56 55.37
CA TRP P 92 -25.53 36.65 54.77
C TRP P 92 -26.54 36.14 55.79
N SER P 93 -26.08 35.94 57.02
CA SER P 93 -26.95 35.45 58.08
C SER P 93 -28.00 36.51 58.38
N TYR P 94 -27.57 37.77 58.37
CA TYR P 94 -28.47 38.89 58.54
C TYR P 94 -29.49 38.99 57.41
N ASN P 95 -29.03 38.84 56.17
CA ASN P 95 -29.93 38.91 55.02
C ASN P 95 -30.98 37.82 55.12
N ALA P 96 -30.58 36.63 55.57
CA ALA P 96 -31.50 35.51 55.65
C ALA P 96 -32.57 35.76 56.71
N GLU P 97 -32.16 36.23 57.88
CA GLU P 97 -33.09 36.52 58.98
C GLU P 97 -34.11 37.56 58.55
N LEU P 98 -33.62 38.62 57.94
CA LEU P 98 -34.45 39.73 57.53
C LEU P 98 -35.38 39.28 56.41
N LEU P 99 -34.86 38.47 55.49
CA LEU P 99 -35.64 38.04 54.35
C LEU P 99 -36.84 37.26 54.83
N VAL P 100 -36.66 36.28 55.71
CA VAL P 100 -37.81 35.49 56.16
C VAL P 100 -38.77 36.28 57.03
N ALA P 101 -38.24 37.18 57.85
CA ALA P 101 -39.10 38.06 58.65
C ALA P 101 -40.05 38.91 57.79
N LEU P 102 -39.49 39.52 56.74
CA LEU P 102 -40.24 40.41 55.85
C LEU P 102 -41.24 39.62 55.02
N GLU P 103 -40.79 38.50 54.48
CA GLU P 103 -41.62 37.64 53.65
C GLU P 103 -42.81 37.12 54.42
N ASN P 104 -42.56 36.69 55.65
CA ASN P 104 -43.59 36.06 56.46
C ASN P 104 -44.61 37.09 56.90
N GLN P 105 -44.15 38.28 57.27
CA GLN P 105 -45.06 39.37 57.61
C GLN P 105 -45.97 39.64 56.42
N HIS P 106 -45.36 39.68 55.25
CA HIS P 106 -46.07 39.98 54.01
C HIS P 106 -47.02 38.83 53.63
N THR P 107 -46.64 37.58 53.91
CA THR P 107 -47.50 36.42 53.62
C THR P 107 -48.76 36.38 54.48
N ILE P 108 -48.60 36.71 55.75
CA ILE P 108 -49.71 36.78 56.68
C ILE P 108 -50.66 37.88 56.27
N ASP P 109 -50.08 39.02 55.90
CA ASP P 109 -50.87 40.16 55.48
C ASP P 109 -51.57 39.92 54.14
N LEU P 110 -50.96 39.18 53.21
CA LEU P 110 -51.59 38.99 51.90
C LEU P 110 -52.73 37.97 51.99
N THR P 111 -52.59 36.96 52.85
CA THR P 111 -53.68 36.00 53.06
C THR P 111 -54.87 36.63 53.81
N ASP P 112 -54.54 37.46 54.79
CA ASP P 112 -55.52 38.27 55.49
C ASP P 112 -56.27 39.14 54.50
N SER P 113 -55.52 39.77 53.60
CA SER P 113 -56.11 40.59 52.57
C SER P 113 -57.08 39.84 51.64
N GLU P 114 -56.68 38.65 51.16
CA GLU P 114 -57.54 37.87 50.25
C GLU P 114 -58.85 37.49 50.93
N MET P 115 -58.77 37.13 52.21
CA MET P 115 -60.00 36.86 52.96
C MET P 115 -60.89 38.09 52.96
N ASN P 116 -60.30 39.24 53.24
CA ASN P 116 -61.07 40.48 53.31
C ASN P 116 -61.67 40.84 51.94
N LYS P 117 -60.94 40.58 50.86
CA LYS P 117 -61.40 40.93 49.52
C LYS P 117 -62.60 40.08 49.13
N LEU P 118 -62.55 38.80 49.48
CA LEU P 118 -63.67 37.91 49.21
C LEU P 118 -64.91 38.38 49.97
N PHE P 119 -64.72 38.72 51.24
CA PHE P 119 -65.82 39.24 52.05
C PHE P 119 -66.46 40.49 51.44
N GLU P 120 -65.64 41.45 51.01
CA GLU P 120 -66.13 42.71 50.44
C GLU P 120 -66.84 42.46 49.12
N LYS P 121 -66.34 41.53 48.33
CA LYS P 121 -66.92 41.25 47.02
C LYS P 121 -68.31 40.66 47.21
N THR P 122 -68.43 39.78 48.20
CA THR P 122 -69.70 39.14 48.50
C THR P 122 -70.74 40.17 48.95
N GLY P 123 -70.32 41.03 49.86
CA GLY P 123 -71.15 42.13 50.32
C GLY P 123 -71.65 42.95 49.14
N ARG P 124 -70.75 43.25 48.22
CA ARG P 124 -71.08 44.07 47.07
C ARG P 124 -72.09 43.39 46.15
N GLN P 125 -72.00 42.07 45.99
CA GLN P 125 -73.01 41.37 45.19
C GLN P 125 -74.36 41.51 45.87
N LEU P 126 -74.39 41.37 47.18
CA LEU P 126 -75.67 41.34 47.88
C LEU P 126 -76.41 42.68 47.94
N ARG P 127 -75.71 43.79 47.74
CA ARG P 127 -76.34 45.13 47.70
C ARG P 127 -77.21 45.33 48.96
N GLU P 128 -78.49 45.64 48.80
CA GLU P 128 -79.38 45.93 49.92
C GLU P 128 -80.14 44.68 50.37
N ASN P 129 -79.74 43.50 49.91
CA ASN P 129 -80.51 42.31 50.20
C ASN P 129 -79.99 41.55 51.41
N ALA P 130 -78.90 42.04 51.99
CA ALA P 130 -78.28 41.37 53.12
C ALA P 130 -77.67 42.42 54.03
N GLU P 131 -77.37 42.03 55.27
CA GLU P 131 -76.61 42.87 56.17
C GLU P 131 -75.45 42.08 56.76
N ASP P 132 -74.33 42.77 56.93
CA ASP P 132 -73.14 42.22 57.57
C ASP P 132 -73.38 42.06 59.08
N MET P 133 -73.31 40.83 59.59
CA MET P 133 -73.56 40.57 61.01
C MET P 133 -72.32 40.85 61.87
N GLY P 134 -71.20 41.14 61.23
CA GLY P 134 -69.99 41.59 61.91
C GLY P 134 -68.98 40.50 62.29
N ASN P 135 -69.33 39.26 61.98
CA ASN P 135 -68.50 38.09 62.30
C ASN P 135 -68.11 37.37 61.01
N GLY P 136 -68.17 38.08 59.88
CA GLY P 136 -67.86 37.53 58.59
C GLY P 136 -69.03 36.82 57.94
N CYS P 137 -70.22 36.95 58.52
CA CYS P 137 -71.43 36.33 58.00
C CYS P 137 -72.40 37.40 57.53
N PHE P 138 -73.14 37.10 56.46
CA PHE P 138 -74.23 37.93 56.00
C PHE P 138 -75.60 37.32 56.33
N LYS P 139 -76.48 38.11 56.92
CA LYS P 139 -77.89 37.75 57.01
C LYS P 139 -78.58 38.18 55.72
N ILE P 140 -79.10 37.19 54.98
CA ILE P 140 -79.77 37.41 53.71
C ILE P 140 -81.27 37.44 53.96
N TYR P 141 -81.91 38.53 53.55
CA TYR P 141 -83.27 38.85 53.95
C TYR P 141 -84.31 38.39 52.94
N HIS P 142 -84.04 37.28 52.26
CA HIS P 142 -85.02 36.71 51.35
C HIS P 142 -84.77 35.22 51.26
N LYS P 143 -85.78 34.47 50.83
CA LYS P 143 -85.60 33.06 50.58
C LYS P 143 -84.53 32.84 49.54
N CYS P 144 -83.57 32.00 49.87
CA CYS P 144 -82.40 31.80 49.02
C CYS P 144 -82.06 30.33 49.02
N ASP P 145 -82.62 29.61 48.05
CA ASP P 145 -82.44 28.17 47.97
C ASP P 145 -81.04 27.85 47.47
N ASN P 146 -80.77 26.56 47.27
CA ASN P 146 -79.43 26.10 46.95
C ASN P 146 -78.92 26.73 45.66
N ALA P 147 -79.81 26.90 44.68
CA ALA P 147 -79.42 27.52 43.42
C ALA P 147 -79.09 29.00 43.61
N CYS P 148 -79.82 29.66 44.51
CA CYS P 148 -79.54 31.06 44.84
C CYS P 148 -78.18 31.24 45.52
N ILE P 149 -77.91 30.40 46.51
CA ILE P 149 -76.61 30.39 47.17
C ILE P 149 -75.53 30.19 46.13
N GLU P 150 -75.73 29.25 45.21
CA GLU P 150 -74.70 28.98 44.21
C GLU P 150 -74.53 30.18 43.27
N SER P 151 -75.62 30.91 42.99
CA SER P 151 -75.51 32.10 42.17
C SER P 151 -74.65 33.15 42.87
N ILE P 152 -74.73 33.24 44.20
CA ILE P 152 -73.82 34.14 44.91
C ILE P 152 -72.37 33.65 44.81
N ARG P 153 -72.15 32.36 45.07
CA ARG P 153 -70.80 31.80 45.06
C ARG P 153 -70.11 31.89 43.69
N ASN P 154 -70.86 31.80 42.60
CA ASN P 154 -70.24 31.84 41.25
C ASN P 154 -70.32 33.22 40.59
N GLY P 155 -70.86 34.19 41.32
CA GLY P 155 -70.77 35.60 40.96
C GLY P 155 -71.81 36.09 39.98
N THR P 156 -72.92 35.38 39.87
CA THR P 156 -74.00 35.73 38.94
C THR P 156 -75.31 36.12 39.64
N TYR P 157 -75.28 36.23 40.97
CA TYR P 157 -76.46 36.62 41.74
C TYR P 157 -77.01 37.94 41.22
N ASP P 158 -78.32 37.99 41.00
CA ASP P 158 -78.99 39.17 40.49
C ASP P 158 -79.80 39.81 41.60
N HIS P 159 -79.26 40.86 42.22
CA HIS P 159 -79.85 41.43 43.42
C HIS P 159 -81.27 41.96 43.15
N ASP P 160 -81.55 42.42 41.93
CA ASP P 160 -82.85 43.01 41.63
C ASP P 160 -83.99 42.02 41.74
N VAL P 161 -83.72 40.75 41.46
CA VAL P 161 -84.77 39.75 41.51
C VAL P 161 -85.33 39.68 42.91
N TYR P 162 -84.46 39.89 43.90
CA TYR P 162 -84.82 39.65 45.29
C TYR P 162 -85.03 40.94 46.08
N ARG P 163 -84.80 42.09 45.47
CA ARG P 163 -84.72 43.34 46.20
C ARG P 163 -86.00 43.71 46.94
N ASP P 164 -87.16 43.56 46.30
CA ASP P 164 -88.42 43.91 46.94
C ASP P 164 -88.65 43.08 48.20
N GLU P 165 -88.46 41.77 48.07
CA GLU P 165 -88.62 40.84 49.16
C GLU P 165 -87.69 41.19 50.32
N ALA P 166 -86.44 41.47 50.00
CA ALA P 166 -85.44 41.70 51.02
C ALA P 166 -85.70 42.99 51.80
N LEU P 167 -86.03 44.06 51.09
CA LEU P 167 -86.30 45.34 51.71
C LEU P 167 -87.52 45.25 52.60
N ASN P 168 -88.55 44.52 52.16
CA ASN P 168 -89.74 44.32 53.00
C ASN P 168 -89.31 43.66 54.30
N ASN P 169 -88.47 42.63 54.21
CA ASN P 169 -87.98 41.96 55.41
C ASN P 169 -87.02 42.79 56.28
N ARG P 170 -86.21 43.65 55.68
CA ARG P 170 -85.21 44.38 56.46
C ARG P 170 -85.87 45.53 57.21
N PHE P 171 -86.75 46.25 56.52
CA PHE P 171 -87.20 47.56 56.97
C PHE P 171 -88.66 47.68 57.40
N GLN P 172 -89.44 46.62 57.23
CA GLN P 172 -90.86 46.66 57.57
C GLN P 172 -91.27 45.37 58.27
N PRO Q 3 -84.98 58.09 37.50
CA PRO Q 3 -84.23 59.33 37.29
C PRO Q 3 -83.06 59.47 38.27
N GLY Q 4 -81.84 59.29 37.78
CA GLY Q 4 -80.66 59.41 38.61
C GLY Q 4 -79.39 59.58 37.78
N ALA Q 5 -78.27 59.15 38.35
CA ALA Q 5 -76.98 59.29 37.69
C ALA Q 5 -76.07 58.16 38.13
N THR Q 6 -74.95 58.02 37.45
CA THR Q 6 -73.94 57.04 37.82
C THR Q 6 -72.59 57.73 37.90
N LEU Q 7 -71.79 57.38 38.90
CA LEU Q 7 -70.47 57.98 39.06
C LEU Q 7 -69.45 56.86 39.28
N CYS Q 8 -68.53 56.70 38.33
CA CYS Q 8 -67.55 55.62 38.36
C CYS Q 8 -66.19 56.15 38.72
N LEU Q 9 -65.49 55.42 39.58
CA LEU Q 9 -64.12 55.72 39.93
C LEU Q 9 -63.21 54.82 39.12
N GLY Q 10 -62.06 55.34 38.71
CA GLY Q 10 -61.12 54.54 37.95
C GLY Q 10 -59.72 55.10 37.99
N HIS Q 11 -58.82 54.46 37.23
CA HIS Q 11 -57.42 54.87 37.18
C HIS Q 11 -56.94 54.70 35.75
N HIS Q 12 -55.83 55.34 35.40
CA HIS Q 12 -55.34 55.26 34.02
C HIS Q 12 -54.63 53.94 33.67
N ALA Q 13 -54.33 53.80 32.39
CA ALA Q 13 -53.54 52.69 31.85
C ALA Q 13 -52.91 53.17 30.53
N VAL Q 14 -51.94 52.44 30.00
CA VAL Q 14 -51.31 52.78 28.71
C VAL Q 14 -51.27 51.53 27.81
N PRO Q 15 -51.15 51.72 26.47
CA PRO Q 15 -51.21 50.54 25.60
C PRO Q 15 -50.18 49.46 25.86
N ASN Q 16 -48.96 49.87 26.15
CA ASN Q 16 -47.99 48.93 26.67
C ASN Q 16 -47.08 49.65 27.64
N GLY Q 17 -46.93 49.02 28.80
CA GLY Q 17 -46.15 49.58 29.88
C GLY Q 17 -44.79 48.93 29.91
N THR Q 18 -44.30 48.70 31.13
N THR Q 18 -44.33 48.63 31.11
CA THR Q 18 -42.98 48.14 31.37
CA THR Q 18 -43.02 48.02 31.28
C THR Q 18 -43.09 46.96 32.35
C THR Q 18 -43.01 47.01 32.40
N LEU Q 19 -42.26 45.94 32.19
CA LEU Q 19 -42.25 44.80 33.12
C LEU Q 19 -41.25 45.07 34.22
N VAL Q 20 -41.69 44.82 35.45
CA VAL Q 20 -40.83 44.91 36.63
C VAL Q 20 -40.96 43.65 37.49
N LYS Q 21 -40.06 43.52 38.46
CA LYS Q 21 -40.05 42.38 39.36
C LYS Q 21 -40.60 42.83 40.70
N THR Q 22 -41.29 41.92 41.39
CA THR Q 22 -41.78 42.22 42.73
C THR Q 22 -41.37 41.06 43.63
N ILE Q 23 -41.88 41.02 44.86
CA ILE Q 23 -41.62 39.89 45.74
C ILE Q 23 -42.26 38.64 45.19
N THR Q 24 -43.49 38.77 44.69
N THR Q 24 -43.43 38.80 44.59
CA THR Q 24 -44.25 37.61 44.20
CA THR Q 24 -44.24 37.68 44.15
C THR Q 24 -44.22 37.34 42.68
C THR Q 24 -44.02 37.30 42.70
N ASP Q 25 -43.74 38.30 41.87
CA ASP Q 25 -43.77 38.11 40.41
C ASP Q 25 -42.42 38.39 39.77
N ASP Q 26 -41.97 37.50 38.92
N ASP Q 26 -42.00 37.46 38.91
CA ASP Q 26 -40.74 37.76 38.21
CA ASP Q 26 -40.78 37.64 38.13
C ASP Q 26 -41.00 38.85 37.19
C ASP Q 26 -40.98 38.76 37.12
N GLN Q 27 -42.20 38.89 36.62
CA GLN Q 27 -42.54 39.90 35.61
C GLN Q 27 -43.99 40.34 35.79
N ILE Q 28 -44.20 41.63 36.05
CA ILE Q 28 -45.55 42.17 36.15
C ILE Q 28 -45.54 43.58 35.56
N GLU Q 29 -46.62 43.93 34.86
CA GLU Q 29 -46.63 45.16 34.07
C GLU Q 29 -47.13 46.37 34.89
N VAL Q 30 -46.33 47.43 34.92
CA VAL Q 30 -46.72 48.71 35.52
C VAL Q 30 -46.72 49.77 34.42
N THR Q 31 -47.23 50.97 34.71
CA THR Q 31 -47.37 52.02 33.69
C THR Q 31 -46.05 52.66 33.28
N ASN Q 32 -45.07 52.62 34.18
CA ASN Q 32 -43.83 53.30 33.96
C ASN Q 32 -42.81 52.73 34.94
N ALA Q 33 -41.54 52.82 34.59
CA ALA Q 33 -40.47 52.42 35.50
C ALA Q 33 -39.22 53.18 35.10
N THR Q 34 -38.20 53.12 35.94
CA THR Q 34 -36.94 53.78 35.67
C THR Q 34 -35.79 52.84 35.96
N GLU Q 35 -34.72 52.98 35.20
CA GLU Q 35 -33.62 52.03 35.25
C GLU Q 35 -32.67 52.37 36.41
N LEU Q 36 -32.28 51.38 37.23
CA LEU Q 36 -31.37 51.64 38.34
C LEU Q 36 -29.92 51.16 38.10
N VAL Q 37 -29.68 50.49 36.98
CA VAL Q 37 -28.34 50.01 36.62
C VAL Q 37 -27.77 50.78 35.45
N GLN Q 38 -26.68 51.50 35.65
CA GLN Q 38 -25.99 52.13 34.55
C GLN Q 38 -25.22 51.06 33.79
N SER Q 39 -25.56 50.85 32.52
CA SER Q 39 -24.98 49.77 31.74
C SER Q 39 -24.16 50.26 30.55
N SER Q 40 -24.08 51.58 30.37
CA SER Q 40 -23.32 52.14 29.26
C SER Q 40 -22.30 53.19 29.68
N SER Q 41 -21.29 53.36 28.84
CA SER Q 41 -20.30 54.41 28.97
C SER Q 41 -20.09 55.04 27.60
N THR Q 42 -19.69 56.29 27.60
CA THR Q 42 -19.27 56.95 26.38
C THR Q 42 -18.02 56.33 25.75
N GLY Q 43 -17.21 55.69 26.57
CA GLY Q 43 -15.96 55.08 26.15
C GLY Q 43 -14.76 56.02 26.32
N LYS Q 44 -15.00 57.19 26.92
CA LYS Q 44 -13.96 58.18 27.17
C LYS Q 44 -13.87 58.62 28.63
N ILE Q 45 -12.65 58.80 29.14
CA ILE Q 45 -12.43 59.36 30.47
C ILE Q 45 -12.46 60.88 30.47
N CYS Q 46 -13.35 61.43 31.28
CA CYS Q 46 -13.46 62.87 31.43
C CYS Q 46 -12.34 63.46 32.27
N ASN Q 47 -11.79 64.55 31.76
CA ASN Q 47 -10.65 65.22 32.37
C ASN Q 47 -10.98 66.20 33.50
N ASN Q 48 -12.27 66.33 33.83
CA ASN Q 48 -12.75 67.08 34.98
C ASN Q 48 -13.83 66.26 35.68
N PRO Q 49 -14.02 66.45 37.00
CA PRO Q 49 -13.36 67.41 37.90
C PRO Q 49 -12.04 66.89 38.46
N HIS Q 50 -11.74 65.61 38.22
CA HIS Q 50 -10.55 65.00 38.80
C HIS Q 50 -9.36 65.33 37.92
N ARG Q 51 -8.20 65.52 38.53
CA ARG Q 51 -6.99 65.77 37.75
C ARG Q 51 -6.47 64.44 37.21
N ILE Q 52 -6.52 64.29 35.89
CA ILE Q 52 -6.11 63.07 35.22
C ILE Q 52 -4.71 63.28 34.67
N LEU Q 53 -3.82 62.33 34.90
CA LEU Q 53 -2.50 62.38 34.30
C LEU Q 53 -2.37 61.14 33.43
N ASP Q 54 -2.28 61.36 32.12
CA ASP Q 54 -2.16 60.26 31.17
C ASP Q 54 -0.69 59.82 31.11
N GLY Q 55 -0.44 58.55 31.46
CA GLY Q 55 0.91 58.04 31.50
C GLY Q 55 1.53 57.82 30.13
N ILE Q 56 0.71 57.77 29.09
CA ILE Q 56 1.20 57.54 27.73
C ILE Q 56 2.13 56.31 27.64
N ASP Q 57 3.40 56.49 27.32
CA ASP Q 57 4.32 55.40 27.17
C ASP Q 57 4.95 54.92 28.47
N CYS Q 58 4.54 55.49 29.60
CA CYS Q 58 5.20 55.24 30.89
C CYS Q 58 4.24 54.66 31.94
N THR Q 59 4.77 53.69 32.69
CA THR Q 59 4.16 53.23 33.93
C THR Q 59 4.49 54.24 35.02
N LEU Q 60 3.75 54.20 36.12
CA LEU Q 60 4.01 55.11 37.24
C LEU Q 60 5.39 54.84 37.83
N ILE Q 61 5.81 53.58 37.90
CA ILE Q 61 7.14 53.28 38.43
C ILE Q 61 8.26 53.79 37.55
N ASP Q 62 8.13 53.70 36.23
CA ASP Q 62 9.15 54.25 35.37
C ASP Q 62 9.30 55.77 35.46
N ALA Q 63 8.19 56.48 35.67
CA ALA Q 63 8.25 57.92 35.87
C ALA Q 63 8.94 58.23 37.20
N LEU Q 64 8.62 57.44 38.23
CA LEU Q 64 9.20 57.62 39.55
C LEU Q 64 10.71 57.51 39.49
N LEU Q 65 11.21 56.42 38.91
CA LEU Q 65 12.65 56.17 38.91
C LEU Q 65 13.35 57.18 38.01
N GLY Q 66 12.67 57.65 36.97
CA GLY Q 66 13.25 58.63 36.07
C GLY Q 66 13.92 58.04 34.84
N ASP Q 67 13.34 56.96 34.32
CA ASP Q 67 13.64 56.48 32.97
C ASP Q 67 13.56 57.70 32.06
N PRO Q 68 14.61 57.95 31.23
CA PRO Q 68 14.62 59.22 30.49
C PRO Q 68 13.36 59.58 29.70
N HIS Q 69 12.74 58.64 29.00
CA HIS Q 69 11.56 59.01 28.21
C HIS Q 69 10.33 59.27 29.09
N CYS Q 70 10.43 58.99 30.38
CA CYS Q 70 9.38 59.31 31.35
C CYS Q 70 9.70 60.55 32.19
N ASP Q 71 10.83 61.20 31.95
CA ASP Q 71 11.20 62.34 32.79
C ASP Q 71 10.33 63.57 32.58
N VAL Q 72 9.51 63.54 31.53
N VAL Q 72 9.54 63.55 31.50
CA VAL Q 72 8.52 64.59 31.32
CA VAL Q 72 8.49 64.54 31.28
C VAL Q 72 7.46 64.58 32.44
C VAL Q 72 7.56 64.63 32.51
N PHE Q 73 7.42 63.51 33.23
CA PHE Q 73 6.54 63.41 34.40
C PHE Q 73 7.14 63.88 35.72
N GLN Q 74 8.36 64.42 35.70
CA GLN Q 74 8.98 64.91 36.93
C GLN Q 74 8.13 65.93 37.69
N ASN Q 75 7.99 65.67 38.99
CA ASN Q 75 7.28 66.56 39.90
C ASN Q 75 5.79 66.68 39.59
N GLU Q 76 5.24 65.74 38.82
CA GLU Q 76 3.84 65.81 38.43
C GLU Q 76 2.94 65.38 39.58
N THR Q 77 1.67 65.76 39.50
CA THR Q 77 0.68 65.35 40.48
C THR Q 77 -0.56 64.89 39.73
N TRP Q 78 -1.41 64.15 40.43
CA TRP Q 78 -2.62 63.61 39.82
C TRP Q 78 -3.60 63.25 40.92
N ASP Q 79 -4.88 63.25 40.59
CA ASP Q 79 -5.87 62.53 41.37
C ASP Q 79 -5.92 61.11 40.86
N LEU Q 80 -5.91 60.95 39.54
CA LEU Q 80 -5.86 59.64 38.91
C LEU Q 80 -4.78 59.53 37.85
N PHE Q 81 -3.86 58.61 38.07
CA PHE Q 81 -2.84 58.29 37.10
C PHE Q 81 -3.40 57.19 36.20
N VAL Q 82 -3.32 57.38 34.88
CA VAL Q 82 -3.85 56.40 33.93
C VAL Q 82 -2.71 55.70 33.21
N GLU Q 83 -2.53 54.41 33.49
CA GLU Q 83 -1.52 53.61 32.82
C GLU Q 83 -2.03 52.95 31.55
N ARG Q 84 -1.26 53.07 30.48
CA ARG Q 84 -1.62 52.54 29.16
C ARG Q 84 -0.96 51.22 28.87
N SER Q 85 -1.64 50.35 28.13
CA SER Q 85 -1.09 49.04 27.78
C SER Q 85 0.16 49.17 26.89
N LYS Q 86 0.31 50.31 26.21
CA LYS Q 86 1.47 50.52 25.33
C LYS Q 86 2.73 50.99 26.05
N ALA Q 87 2.68 51.17 27.36
CA ALA Q 87 3.84 51.65 28.09
C ALA Q 87 5.00 50.67 27.94
N PHE Q 88 6.23 51.19 27.96
CA PHE Q 88 7.43 50.36 27.89
C PHE Q 88 8.57 50.92 28.71
N SER Q 89 9.48 50.07 29.18
CA SER Q 89 10.68 50.57 29.84
C SER Q 89 11.77 50.67 28.78
N ASN Q 90 12.62 51.68 28.91
CA ASN Q 90 13.74 51.88 28.01
C ASN Q 90 15.01 52.23 28.77
N CYS Q 91 15.23 51.65 29.93
CA CYS Q 91 16.40 52.00 30.75
C CYS Q 91 17.02 50.75 31.29
N TYR Q 92 17.76 50.87 32.38
CA TYR Q 92 18.48 49.72 32.88
C TYR Q 92 17.41 48.71 33.33
N PRO Q 93 17.62 47.44 33.00
CA PRO Q 93 16.63 46.44 33.36
C PRO Q 93 16.57 46.23 34.87
N TYR Q 94 15.37 46.18 35.41
CA TYR Q 94 15.19 46.24 36.86
C TYR Q 94 14.02 45.37 37.26
N ASP Q 95 13.98 45.03 38.54
CA ASP Q 95 12.77 44.50 39.13
C ASP Q 95 12.55 45.21 40.45
N VAL Q 96 11.33 45.16 40.96
CA VAL Q 96 11.01 45.77 42.25
C VAL Q 96 10.37 44.68 43.09
N PRO Q 97 11.11 44.15 44.07
CA PRO Q 97 10.40 43.26 45.02
C PRO Q 97 9.21 44.02 45.60
N ASP Q 98 8.05 43.40 45.64
CA ASP Q 98 6.85 44.11 46.06
C ASP Q 98 6.54 45.34 45.20
N TYR Q 99 6.72 45.19 43.88
CA TYR Q 99 6.33 46.21 42.90
C TYR Q 99 4.94 46.78 43.14
N ALA Q 100 3.99 45.91 43.42
CA ALA Q 100 2.60 46.33 43.54
C ALA Q 100 2.42 47.32 44.69
N SER Q 101 3.15 47.10 45.78
CA SER Q 101 3.05 47.96 46.94
C SER Q 101 3.65 49.34 46.71
N LEU Q 102 4.79 49.38 46.04
CA LEU Q 102 5.42 50.67 45.75
C LEU Q 102 4.53 51.48 44.82
N ARG Q 103 4.02 50.81 43.79
CA ARG Q 103 3.11 51.42 42.84
C ARG Q 103 1.88 51.97 43.55
N SER Q 104 1.33 51.19 44.47
CA SER Q 104 0.14 51.60 45.19
C SER Q 104 0.38 52.84 46.04
N LEU Q 105 1.48 52.83 46.80
CA LEU Q 105 1.71 53.89 47.78
C LEU Q 105 2.11 55.19 47.12
N VAL Q 106 2.83 55.11 46.00
CA VAL Q 106 3.13 56.32 45.22
C VAL Q 106 1.86 56.83 44.58
N ALA Q 107 1.06 55.91 44.06
CA ALA Q 107 -0.18 56.25 43.38
C ALA Q 107 -1.09 56.96 44.38
N SER Q 108 -1.08 56.47 45.61
CA SER Q 108 -1.92 56.99 46.68
C SER Q 108 -1.41 58.35 47.13
N SER Q 109 -0.10 58.50 47.15
CA SER Q 109 0.51 59.77 47.49
C SER Q 109 0.13 60.84 46.48
N GLY Q 110 0.10 60.44 45.22
CA GLY Q 110 -0.47 61.28 44.18
C GLY Q 110 0.47 62.35 43.64
N THR Q 111 1.75 62.21 43.93
CA THR Q 111 2.73 63.16 43.43
C THR Q 111 4.10 62.52 43.29
N LEU Q 112 4.85 63.02 42.33
CA LEU Q 112 6.27 62.70 42.16
C LEU Q 112 7.19 63.84 42.57
N GLU Q 113 6.69 64.81 43.34
CA GLU Q 113 7.55 65.91 43.77
C GLU Q 113 8.78 65.35 44.43
N PHE Q 114 9.93 65.78 43.92
CA PHE Q 114 11.20 65.24 44.33
C PHE Q 114 12.11 66.38 44.74
N ILE Q 115 12.85 66.16 45.83
CA ILE Q 115 13.73 67.15 46.40
C ILE Q 115 15.09 66.50 46.48
N THR Q 116 16.04 67.06 45.73
CA THR Q 116 17.41 66.56 45.72
C THR Q 116 18.06 66.92 47.03
N GLU Q 117 18.84 66.00 47.56
CA GLU Q 117 19.65 66.27 48.73
C GLU Q 117 21.12 66.10 48.38
N GLY Q 118 21.93 66.81 49.15
CA GLY Q 118 23.35 66.93 48.95
C GLY Q 118 24.08 65.80 49.64
N PHE Q 119 23.76 64.56 49.27
CA PHE Q 119 24.52 63.44 49.78
C PHE Q 119 25.96 63.61 49.36
N THR Q 120 26.84 63.20 50.28
CA THR Q 120 28.26 63.17 50.03
C THR Q 120 28.71 61.72 49.94
N TRP Q 121 29.35 61.38 48.83
CA TRP Q 121 29.78 60.01 48.60
C TRP Q 121 31.28 60.02 48.48
N THR Q 122 31.97 59.85 49.61
CA THR Q 122 33.41 60.04 49.65
C THR Q 122 34.07 58.78 49.10
N GLY Q 123 34.94 58.96 48.11
CA GLY Q 123 35.80 57.88 47.63
C GLY Q 123 35.19 56.97 46.58
N VAL Q 124 34.10 57.40 45.95
CA VAL Q 124 33.52 56.68 44.82
C VAL Q 124 33.27 57.61 43.64
N THR Q 125 33.14 57.04 42.45
CA THR Q 125 32.76 57.78 41.25
C THR Q 125 31.26 57.84 41.18
N GLN Q 126 30.70 59.01 40.90
CA GLN Q 126 29.25 59.13 40.85
C GLN Q 126 28.72 59.15 39.41
N ASN Q 127 27.39 59.08 39.29
CA ASN Q 127 26.66 59.33 38.04
C ASN Q 127 26.94 58.29 36.95
N GLY Q 128 27.10 57.03 37.32
CA GLY Q 128 27.32 55.97 36.35
C GLY Q 128 26.15 55.87 35.39
N GLY Q 129 26.41 55.44 34.17
CA GLY Q 129 25.37 55.30 33.16
C GLY Q 129 25.55 54.12 32.22
N SER Q 130 24.60 53.95 31.31
CA SER Q 130 24.53 52.77 30.46
C SER Q 130 23.88 53.09 29.11
N ASN Q 131 24.33 52.42 28.05
CA ASN Q 131 23.71 52.54 26.73
C ASN Q 131 22.39 51.80 26.63
N ALA Q 132 22.02 51.09 27.70
CA ALA Q 132 20.71 50.51 27.82
C ALA Q 132 19.73 51.60 28.21
N CYS Q 133 20.25 52.74 28.67
CA CYS Q 133 19.42 53.82 29.13
C CYS Q 133 19.94 55.15 28.57
N LYS Q 134 19.73 55.36 27.28
CA LYS Q 134 20.22 56.57 26.66
C LYS Q 134 19.45 57.81 27.08
N ARG Q 135 20.17 58.90 27.27
CA ARG Q 135 19.57 60.19 27.61
C ARG Q 135 20.13 61.15 26.56
N GLY Q 136 19.28 61.54 25.61
CA GLY Q 136 19.76 62.23 24.43
C GLY Q 136 20.63 61.26 23.67
N PRO Q 137 21.71 61.74 23.02
CA PRO Q 137 22.50 60.84 22.17
C PRO Q 137 23.39 59.87 22.95
N GLY Q 138 23.78 60.24 24.18
CA GLY Q 138 24.71 59.47 24.97
C GLY Q 138 24.11 58.49 25.97
N SER Q 139 24.98 57.69 26.55
CA SER Q 139 24.65 56.80 27.66
C SER Q 139 24.06 57.59 28.82
N GLY Q 140 23.19 56.97 29.60
CA GLY Q 140 22.55 57.64 30.73
C GLY Q 140 21.99 56.69 31.77
N PHE Q 141 21.14 57.21 32.65
CA PHE Q 141 20.59 56.44 33.75
C PHE Q 141 19.32 57.09 34.28
N PHE Q 142 18.63 56.39 35.18
CA PHE Q 142 17.48 56.95 35.85
C PHE Q 142 17.88 58.28 36.46
N SER Q 143 17.03 59.28 36.33
CA SER Q 143 17.35 60.63 36.78
C SER Q 143 17.39 60.74 38.29
N ARG Q 144 16.64 59.86 38.97
CA ARG Q 144 16.48 59.96 40.41
C ARG Q 144 17.44 59.05 41.14
N LEU Q 145 18.26 58.32 40.40
CA LEU Q 145 19.17 57.39 41.00
C LEU Q 145 20.59 57.76 40.56
N ASN Q 146 21.56 57.34 41.36
CA ASN Q 146 22.93 57.78 41.19
C ASN Q 146 23.76 56.51 41.27
N TRP Q 147 24.25 56.06 40.13
CA TRP Q 147 24.95 54.80 40.09
C TRP Q 147 26.42 55.03 40.52
N LEU Q 148 26.80 54.54 41.72
CA LEU Q 148 28.15 54.76 42.26
C LEU Q 148 29.08 53.60 41.89
N THR Q 149 30.32 53.93 41.49
CA THR Q 149 31.36 52.92 41.22
C THR Q 149 32.69 53.28 41.89
N LYS Q 150 33.71 52.42 41.74
CA LYS Q 150 35.00 52.67 42.37
C LYS Q 150 35.58 53.97 41.86
N SER Q 151 36.45 54.57 42.65
CA SER Q 151 37.26 55.70 42.20
C SER Q 151 38.71 55.26 42.39
N GLY Q 152 39.48 55.32 41.30
CA GLY Q 152 40.79 54.70 41.26
C GLY Q 152 40.71 53.20 41.41
N SER Q 153 41.39 52.67 42.43
CA SER Q 153 41.44 51.22 42.65
C SER Q 153 40.69 50.76 43.90
N THR Q 154 39.86 51.62 44.48
CA THR Q 154 39.18 51.26 45.73
C THR Q 154 37.72 51.72 45.77
N TYR Q 155 36.92 51.03 46.59
CA TYR Q 155 35.54 51.42 46.88
C TYR Q 155 35.42 51.30 48.41
N PRO Q 156 35.45 52.45 49.13
CA PRO Q 156 35.44 52.40 50.60
C PRO Q 156 34.09 52.03 51.18
N VAL Q 157 34.03 51.85 52.49
CA VAL Q 157 32.73 51.66 53.12
C VAL Q 157 32.07 53.02 53.15
N LEU Q 158 30.99 53.17 52.38
CA LEU Q 158 30.17 54.35 52.47
C LEU Q 158 29.32 54.31 53.73
N ASN Q 159 29.22 55.44 54.41
CA ASN Q 159 28.47 55.54 55.64
C ASN Q 159 27.98 56.97 55.73
N VAL Q 160 26.73 57.21 55.31
CA VAL Q 160 26.23 58.57 55.23
C VAL Q 160 24.88 58.65 55.91
N THR Q 161 24.55 59.83 56.40
CA THR Q 161 23.27 60.01 57.06
C THR Q 161 22.58 61.25 56.51
N MET Q 162 21.26 61.23 56.57
CA MET Q 162 20.45 62.33 56.09
C MET Q 162 19.26 62.47 57.03
N PRO Q 163 19.29 63.47 57.93
CA PRO Q 163 18.18 63.59 58.86
C PRO Q 163 16.93 64.18 58.23
N ASN Q 164 15.77 63.77 58.72
CA ASN Q 164 14.53 64.41 58.34
C ASN Q 164 14.13 65.43 59.40
N ASN Q 165 14.40 66.70 59.10
CA ASN Q 165 14.07 67.81 59.99
C ASN Q 165 12.85 68.55 59.48
N ASP Q 166 12.13 67.94 58.53
CA ASP Q 166 10.92 68.52 58.02
C ASP Q 166 9.76 67.93 58.80
N ASN Q 167 8.54 68.39 58.54
CA ASN Q 167 7.36 67.89 59.25
C ASN Q 167 6.50 67.01 58.37
N PHE Q 168 7.10 66.45 57.33
CA PHE Q 168 6.44 65.44 56.51
C PHE Q 168 7.33 64.21 56.32
N ASP Q 169 6.72 63.11 55.90
CA ASP Q 169 7.46 61.88 55.60
C ASP Q 169 8.19 61.97 54.26
N LYS Q 170 9.39 61.43 54.23
CA LYS Q 170 10.22 61.36 53.02
C LYS Q 170 10.25 59.94 52.50
N LEU Q 171 10.07 59.78 51.19
CA LEU Q 171 10.24 58.49 50.53
C LEU Q 171 11.57 58.46 49.79
N TYR Q 172 12.45 57.56 50.20
CA TYR Q 172 13.71 57.31 49.51
C TYR Q 172 13.59 56.07 48.66
N ILE Q 173 13.91 56.21 47.38
CA ILE Q 173 13.98 55.07 46.47
C ILE Q 173 15.46 54.85 46.17
N TRP Q 174 15.91 53.60 46.30
CA TRP Q 174 17.31 53.24 46.10
C TRP Q 174 17.34 51.87 45.49
N GLY Q 175 18.52 51.36 45.18
CA GLY Q 175 18.62 50.11 44.47
C GLY Q 175 19.89 49.35 44.74
N VAL Q 176 19.96 48.15 44.20
CA VAL Q 176 21.13 47.31 44.36
C VAL Q 176 21.42 46.72 42.99
N HIS Q 177 22.65 46.84 42.54
CA HIS Q 177 23.04 46.32 41.25
C HIS Q 177 23.46 44.86 41.44
N HIS Q 178 22.94 43.99 40.59
CA HIS Q 178 23.34 42.60 40.49
C HIS Q 178 24.12 42.35 39.21
N PRO Q 179 25.45 42.22 39.35
CA PRO Q 179 26.24 41.95 38.15
C PRO Q 179 26.03 40.56 37.55
N SER Q 180 26.26 40.45 36.25
CA SER Q 180 26.09 39.17 35.58
C SER Q 180 27.35 38.30 35.76
N THR Q 181 28.50 38.94 36.02
CA THR Q 181 29.77 38.22 36.19
C THR Q 181 30.58 38.77 37.36
N ASN Q 182 31.52 37.95 37.83
CA ASN Q 182 32.46 38.33 38.87
C ASN Q 182 33.39 39.45 38.37
N GLN Q 183 33.69 39.41 37.08
CA GLN Q 183 34.50 40.43 36.45
C GLN Q 183 33.87 41.79 36.60
N GLU Q 184 32.58 41.82 36.39
CA GLU Q 184 31.82 43.03 36.56
C GLU Q 184 31.82 43.59 37.96
N GLN Q 185 31.56 42.68 38.87
CA GLN Q 185 31.48 42.97 40.27
C GLN Q 185 32.72 43.65 40.79
N THR Q 186 33.86 43.06 40.45
CA THR Q 186 35.14 43.52 40.99
C THR Q 186 35.59 44.75 40.22
N SER Q 187 35.22 44.80 38.94
CA SER Q 187 35.58 45.93 38.11
C SER Q 187 34.95 47.22 38.58
N LEU Q 188 33.69 47.11 38.98
CA LEU Q 188 32.92 48.26 39.41
C LEU Q 188 33.18 48.61 40.86
N TYR Q 189 33.22 47.57 41.70
CA TYR Q 189 33.08 47.76 43.14
C TYR Q 189 34.28 47.28 43.96
N VAL Q 190 35.26 46.67 43.28
CA VAL Q 190 36.50 46.16 43.84
C VAL Q 190 36.24 44.95 44.76
N GLN Q 191 35.31 45.09 45.70
CA GLN Q 191 34.91 44.00 46.56
C GLN Q 191 34.32 42.85 45.75
N ALA Q 192 34.58 41.62 46.19
CA ALA Q 192 34.09 40.44 45.47
C ALA Q 192 32.59 40.24 45.67
N SER Q 193 32.07 40.75 46.78
CA SER Q 193 30.64 40.70 47.07
C SER Q 193 30.27 42.01 47.77
N GLY Q 194 29.21 42.67 47.33
CA GLY Q 194 28.84 43.93 47.95
C GLY Q 194 27.78 43.76 49.00
N ARG Q 195 27.31 44.88 49.52
CA ARG Q 195 26.24 44.88 50.51
C ARG Q 195 25.68 46.29 50.58
N VAL Q 196 24.36 46.40 50.73
CA VAL Q 196 23.71 47.67 50.96
C VAL Q 196 22.80 47.60 52.18
N THR Q 197 22.97 48.49 53.14
CA THR Q 197 22.10 48.52 54.30
C THR Q 197 21.55 49.91 54.44
N VAL Q 198 20.22 50.00 54.41
CA VAL Q 198 19.57 51.28 54.57
C VAL Q 198 18.60 51.12 55.72
N SER Q 199 18.65 52.07 56.63
CA SER Q 199 17.89 51.99 57.86
C SER Q 199 17.39 53.32 58.40
N THR Q 200 16.39 53.23 59.26
CA THR Q 200 15.95 54.36 60.07
C THR Q 200 16.11 53.95 61.53
N ARG Q 201 15.66 54.77 62.46
N ARG Q 201 15.56 54.73 62.47
CA ARG Q 201 15.78 54.42 63.87
CA ARG Q 201 15.77 54.45 63.89
C ARG Q 201 15.20 53.02 64.07
C ARG Q 201 14.99 53.23 64.36
N ARG Q 202 13.98 52.82 63.59
CA ARG Q 202 13.20 51.63 63.90
C ARG Q 202 13.03 50.62 62.74
N SER Q 203 13.75 50.80 61.63
CA SER Q 203 13.65 49.85 60.53
C SER Q 203 14.99 49.64 59.88
N GLN Q 204 15.15 48.51 59.22
CA GLN Q 204 16.36 48.24 58.47
C GLN Q 204 16.09 47.24 57.36
N GLN Q 205 16.81 47.43 56.25
CA GLN Q 205 16.74 46.52 55.12
C GLN Q 205 18.16 46.30 54.69
N THR Q 206 18.64 45.06 54.63
CA THR Q 206 19.96 44.85 54.06
C THR Q 206 19.84 43.89 52.87
N ILE Q 207 20.42 44.25 51.75
CA ILE Q 207 20.39 43.47 50.53
C ILE Q 207 21.81 43.11 50.11
N ILE Q 208 22.02 41.83 49.82
CA ILE Q 208 23.30 41.34 49.33
C ILE Q 208 23.13 41.12 47.83
N PRO Q 209 23.99 41.77 47.02
CA PRO Q 209 23.82 41.54 45.59
C PRO Q 209 24.10 40.11 45.28
N ASN Q 210 23.49 39.64 44.22
CA ASN Q 210 23.69 38.29 43.82
C ASN Q 210 24.18 38.21 42.36
N ILE Q 211 25.39 37.72 42.15
CA ILE Q 211 25.99 37.70 40.82
C ILE Q 211 25.51 36.52 39.96
N GLY Q 212 25.24 36.80 38.68
CA GLY Q 212 24.90 35.77 37.71
C GLY Q 212 24.11 36.34 36.56
N SER Q 213 23.95 35.59 35.47
CA SER Q 213 23.22 36.07 34.31
C SER Q 213 21.70 35.98 34.45
N ARG Q 214 21.04 37.02 33.98
CA ARG Q 214 19.62 37.00 33.72
C ARG Q 214 19.42 37.13 32.19
N PRO Q 215 18.16 37.04 31.69
CA PRO Q 215 18.00 37.18 30.24
C PRO Q 215 18.48 38.51 29.70
N TRP Q 216 19.13 38.45 28.55
CA TRP Q 216 19.60 39.64 27.87
C TRP Q 216 18.44 40.61 27.64
N VAL Q 217 18.55 41.83 28.17
CA VAL Q 217 17.58 42.90 27.92
C VAL Q 217 18.30 44.19 27.58
N ARG Q 218 18.00 44.77 26.42
CA ARG Q 218 18.69 45.98 25.97
C ARG Q 218 20.20 45.83 26.19
N GLY Q 219 20.73 44.70 25.74
CA GLY Q 219 22.16 44.45 25.79
C GLY Q 219 22.63 43.88 27.11
N LEU Q 220 21.75 43.68 28.10
CA LEU Q 220 22.24 43.39 29.45
C LEU Q 220 21.75 42.16 30.15
N SER Q 221 22.69 41.41 30.74
N SER Q 221 22.68 41.43 30.78
CA SER Q 221 22.34 40.27 31.56
CA SER Q 221 22.28 40.29 31.60
C SER Q 221 22.38 40.56 33.07
C SER Q 221 22.22 40.63 33.09
N SER Q 222 22.76 41.78 33.46
N SER Q 222 22.83 41.76 33.50
CA SER Q 222 22.72 42.16 34.87
CA SER Q 222 22.75 42.20 34.90
C SER Q 222 21.39 42.86 35.19
C SER Q 222 21.40 42.87 35.19
N ARG Q 223 21.16 43.17 36.47
CA ARG Q 223 19.88 43.77 36.90
C ARG Q 223 20.06 44.72 38.06
N ILE Q 224 19.09 45.63 38.24
CA ILE Q 224 19.02 46.41 39.47
C ILE Q 224 17.71 46.04 40.19
N SER Q 225 17.76 45.83 41.50
CA SER Q 225 16.55 45.65 42.31
C SER Q 225 16.28 46.92 43.10
N ILE Q 226 15.04 47.36 43.08
CA ILE Q 226 14.65 48.62 43.70
C ILE Q 226 13.96 48.39 45.03
N TYR Q 227 14.37 49.18 46.02
CA TYR Q 227 13.80 49.14 47.35
C TYR Q 227 13.42 50.54 47.75
N TRP Q 228 12.66 50.66 48.83
N TRP Q 228 12.63 50.64 48.81
CA TRP Q 228 12.26 51.97 49.32
CA TRP Q 228 12.19 51.93 49.32
C TRP Q 228 12.19 52.00 50.83
C TRP Q 228 12.27 51.98 50.85
N THR Q 229 12.37 53.19 51.38
CA THR Q 229 12.40 53.40 52.82
C THR Q 229 11.72 54.71 53.12
N ILE Q 230 10.79 54.69 54.07
CA ILE Q 230 10.16 55.92 54.50
C ILE Q 230 10.78 56.40 55.82
N VAL Q 231 11.05 57.70 55.89
CA VAL Q 231 11.70 58.30 57.04
C VAL Q 231 10.76 59.36 57.58
N LYS Q 232 10.34 59.21 58.84
CA LYS Q 232 9.42 60.17 59.44
C LYS Q 232 10.13 61.37 60.04
N PRO Q 233 9.37 62.47 60.28
CA PRO Q 233 9.95 63.65 60.94
C PRO Q 233 10.62 63.27 62.25
N GLY Q 234 11.81 63.82 62.47
CA GLY Q 234 12.57 63.53 63.67
C GLY Q 234 13.38 62.25 63.58
N ASP Q 235 13.13 61.42 62.55
CA ASP Q 235 13.92 60.22 62.32
C ASP Q 235 15.06 60.56 61.36
N VAL Q 236 15.84 59.56 60.94
CA VAL Q 236 17.03 59.80 60.16
C VAL Q 236 17.30 58.59 59.27
N LEU Q 237 17.89 58.84 58.11
CA LEU Q 237 18.26 57.78 57.19
C LEU Q 237 19.75 57.54 57.32
N VAL Q 238 20.15 56.27 57.37
CA VAL Q 238 21.55 55.90 57.25
C VAL Q 238 21.72 54.88 56.14
N ILE Q 239 22.72 55.12 55.29
CA ILE Q 239 23.06 54.25 54.18
C ILE Q 239 24.48 53.80 54.41
N ASN Q 240 24.69 52.49 54.43
CA ASN Q 240 26.00 51.95 54.71
C ASN Q 240 26.25 50.85 53.67
N SER Q 241 27.28 51.02 52.84
CA SER Q 241 27.55 50.04 51.79
C SER Q 241 29.03 49.91 51.44
N ASN Q 242 29.48 48.71 51.13
CA ASN Q 242 30.83 48.50 50.58
C ASN Q 242 30.78 48.00 49.12
N GLY Q 243 29.71 48.33 48.40
CA GLY Q 243 29.60 48.06 46.96
C GLY Q 243 28.15 47.82 46.52
N ASN Q 244 27.89 48.04 45.23
CA ASN Q 244 26.60 47.69 44.58
C ASN Q 244 25.43 48.62 44.90
N LEU Q 245 25.66 49.68 45.65
CA LEU Q 245 24.61 50.64 45.94
C LEU Q 245 24.24 51.50 44.74
N ILE Q 246 22.95 51.52 44.42
CA ILE Q 246 22.40 52.50 43.49
C ILE Q 246 21.72 53.52 44.39
N ALA Q 247 22.38 54.67 44.53
CA ALA Q 247 22.02 55.62 45.57
C ALA Q 247 20.84 56.50 45.20
N PRO Q 248 20.09 56.95 46.21
CA PRO Q 248 19.09 57.99 46.00
C PRO Q 248 19.76 59.35 45.78
N ARG Q 249 19.09 60.26 45.08
CA ARG Q 249 19.59 61.62 44.91
C ARG Q 249 18.85 62.56 45.84
N GLY Q 250 17.86 62.04 46.57
CA GLY Q 250 16.96 62.86 47.34
C GLY Q 250 15.73 62.02 47.65
N TYR Q 251 14.62 62.68 47.94
CA TYR Q 251 13.41 61.98 48.38
C TYR Q 251 12.16 62.50 47.68
N PHE Q 252 11.12 61.68 47.66
CA PHE Q 252 9.81 62.09 47.18
C PHE Q 252 8.99 62.56 48.38
N LYS Q 253 8.30 63.68 48.25
CA LYS Q 253 7.46 64.18 49.33
C LYS Q 253 6.19 63.35 49.36
N MET Q 254 5.88 62.78 50.53
N MET Q 254 5.85 62.82 50.53
CA MET Q 254 4.67 62.00 50.70
CA MET Q 254 4.66 61.98 50.66
C MET Q 254 3.49 62.90 51.03
C MET Q 254 3.45 62.75 51.15
N ARG Q 255 2.34 62.58 50.44
CA ARG Q 255 1.09 63.25 50.75
C ARG Q 255 0.05 62.20 51.05
N THR Q 256 -1.02 62.60 51.70
CA THR Q 256 -2.20 61.76 51.84
C THR Q 256 -3.34 62.49 51.15
N GLY Q 257 -4.31 61.73 50.66
CA GLY Q 257 -5.43 62.34 49.95
C GLY Q 257 -6.17 61.33 49.09
N LYS Q 258 -6.80 61.82 48.03
CA LYS Q 258 -7.74 61.02 47.27
C LYS Q 258 -7.10 60.40 46.02
N SER Q 259 -5.78 60.47 45.88
CA SER Q 259 -5.17 60.02 44.65
C SER Q 259 -5.17 58.50 44.49
N SER Q 260 -5.21 58.04 43.24
CA SER Q 260 -5.12 56.62 42.90
C SER Q 260 -4.55 56.43 41.48
N ILE Q 261 -4.62 55.21 40.95
CA ILE Q 261 -4.07 54.86 39.64
C ILE Q 261 -5.05 53.86 39.00
N MET Q 262 -5.14 53.82 37.67
CA MET Q 262 -6.05 52.92 36.99
C MET Q 262 -5.44 52.48 35.68
N ARG Q 263 -5.65 51.23 35.28
CA ARG Q 263 -5.22 50.78 33.97
C ARG Q 263 -6.38 50.90 32.99
N SER Q 264 -6.17 51.63 31.89
CA SER Q 264 -7.21 51.83 30.88
C SER Q 264 -6.56 52.23 29.57
N ASP Q 265 -7.16 51.83 28.45
CA ASP Q 265 -6.80 52.35 27.13
C ASP Q 265 -7.82 53.35 26.59
N ALA Q 266 -8.78 53.77 27.43
CA ALA Q 266 -9.79 54.71 26.99
C ALA Q 266 -9.18 56.09 26.73
N PRO Q 267 -9.57 56.75 25.63
CA PRO Q 267 -9.06 58.11 25.44
C PRO Q 267 -9.59 59.07 26.48
N ILE Q 268 -8.90 60.18 26.68
N ILE Q 268 -8.79 60.07 26.81
CA ILE Q 268 -9.33 61.20 27.64
CA ILE Q 268 -9.23 61.15 27.67
C ILE Q 268 -9.97 62.41 26.94
C ILE Q 268 -9.99 62.08 26.74
N ASP Q 269 -11.25 62.67 27.22
N ASP Q 269 -10.88 62.90 27.31
CA ASP Q 269 -11.97 63.75 26.54
CA ASP Q 269 -11.56 63.95 26.56
C ASP Q 269 -12.08 65.00 27.43
C ASP Q 269 -12.05 65.04 27.46
N THR Q 270 -12.58 66.09 26.83
CA THR Q 270 -12.94 67.29 27.56
C THR Q 270 -14.45 67.23 27.81
N CYS Q 271 -14.76 66.97 29.07
CA CYS Q 271 -16.11 66.72 29.54
C CYS Q 271 -15.97 66.60 31.05
N ILE Q 272 -17.09 66.47 31.75
CA ILE Q 272 -17.08 66.48 33.21
C ILE Q 272 -17.75 65.20 33.69
N SER Q 273 -17.08 64.43 34.52
CA SER Q 273 -17.74 63.31 35.17
C SER Q 273 -17.04 62.94 36.47
N GLU Q 274 -17.83 62.74 37.51
CA GLU Q 274 -17.32 62.38 38.82
C GLU Q 274 -16.80 60.95 38.87
N CYS Q 275 -17.38 60.07 38.07
CA CYS Q 275 -17.08 58.65 38.13
C CYS Q 275 -16.30 58.17 36.91
N ILE Q 276 -15.18 57.50 37.17
CA ILE Q 276 -14.28 57.00 36.14
C ILE Q 276 -14.15 55.48 36.24
N THR Q 277 -14.29 54.78 35.11
CA THR Q 277 -14.03 53.35 35.03
C THR Q 277 -12.99 53.13 33.93
N PRO Q 278 -12.38 51.94 33.85
CA PRO Q 278 -11.42 51.72 32.77
C PRO Q 278 -12.05 51.81 31.39
N ASN Q 279 -13.36 51.61 31.30
CA ASN Q 279 -14.09 51.74 30.05
C ASN Q 279 -14.32 53.18 29.63
N GLY Q 280 -14.08 54.14 30.53
CA GLY Q 280 -14.51 55.50 30.30
C GLY Q 280 -15.35 55.95 31.48
N SER Q 281 -15.66 57.24 31.48
CA SER Q 281 -16.55 57.81 32.48
C SER Q 281 -17.98 57.29 32.33
N ILE Q 282 -18.71 57.26 33.44
CA ILE Q 282 -20.13 56.95 33.41
C ILE Q 282 -20.95 57.93 34.28
N PRO Q 283 -22.23 58.18 33.90
CA PRO Q 283 -23.10 58.94 34.81
C PRO Q 283 -23.25 58.26 36.17
N ASN Q 284 -23.44 59.04 37.23
CA ASN Q 284 -23.63 58.53 38.59
C ASN Q 284 -25.01 58.86 39.15
N ASP Q 285 -25.98 59.12 38.28
CA ASP Q 285 -27.35 59.35 38.73
C ASP Q 285 -28.05 58.10 39.23
N LYS Q 286 -27.67 56.93 38.70
CA LYS Q 286 -28.24 55.67 39.17
C LYS Q 286 -27.43 55.08 40.32
N PRO Q 287 -28.10 54.32 41.20
CA PRO Q 287 -27.43 53.77 42.39
C PRO Q 287 -26.50 52.60 42.08
N PHE Q 288 -26.72 51.94 40.94
CA PHE Q 288 -25.92 50.78 40.57
C PHE Q 288 -25.39 50.89 39.15
N GLN Q 289 -24.37 50.09 38.84
CA GLN Q 289 -23.80 50.04 37.49
C GLN Q 289 -23.22 48.66 37.20
N ASN Q 290 -23.20 48.29 35.92
CA ASN Q 290 -22.67 47.01 35.49
C ASN Q 290 -21.51 47.22 34.51
N VAL Q 291 -20.90 48.39 34.52
CA VAL Q 291 -19.84 48.67 33.55
C VAL Q 291 -18.50 48.04 33.94
N ASN Q 292 -18.03 48.31 35.16
CA ASN Q 292 -16.75 47.75 35.61
C ASN Q 292 -16.70 47.79 37.12
N LYS Q 293 -16.19 46.72 37.71
CA LYS Q 293 -15.96 46.67 39.16
C LYS Q 293 -14.86 47.63 39.61
N ILE Q 294 -14.00 48.02 38.66
CA ILE Q 294 -12.98 49.03 38.92
C ILE Q 294 -13.58 50.40 38.69
N THR Q 295 -13.58 51.22 39.74
CA THR Q 295 -14.07 52.58 39.63
C THR Q 295 -13.26 53.53 40.49
N TYR Q 296 -13.39 54.81 40.19
CA TYR Q 296 -12.74 55.87 40.93
C TYR Q 296 -13.69 57.05 41.02
N GLY Q 297 -13.91 57.59 42.22
CA GLY Q 297 -14.72 58.80 42.36
C GLY Q 297 -16.09 58.48 42.93
N ALA Q 298 -17.05 59.39 42.71
CA ALA Q 298 -18.40 59.16 43.20
C ALA Q 298 -19.18 58.31 42.21
N CYS Q 299 -19.26 57.02 42.51
CA CYS Q 299 -19.66 56.03 41.52
C CYS Q 299 -20.81 55.18 42.00
N PRO Q 300 -21.70 54.78 41.08
CA PRO Q 300 -22.66 53.75 41.48
C PRO Q 300 -21.93 52.50 41.88
N LYS Q 301 -22.61 51.68 42.67
CA LYS Q 301 -22.06 50.43 43.13
C LYS Q 301 -22.15 49.37 42.04
N TYR Q 302 -21.10 48.58 41.88
CA TYR Q 302 -21.10 47.56 40.84
C TYR Q 302 -21.98 46.39 41.20
N VAL Q 303 -22.85 45.97 40.28
CA VAL Q 303 -23.66 44.77 40.49
C VAL Q 303 -23.58 43.90 39.24
N LYS Q 304 -24.02 42.65 39.39
CA LYS Q 304 -23.94 41.68 38.31
C LYS Q 304 -25.07 41.88 37.30
N GLN Q 305 -26.21 42.40 37.77
CA GLN Q 305 -27.37 42.51 36.91
C GLN Q 305 -27.07 43.60 35.89
N ASN Q 306 -27.54 43.43 34.65
CA ASN Q 306 -27.33 44.46 33.65
C ASN Q 306 -28.53 45.41 33.58
N THR Q 307 -29.62 45.05 34.25
CA THR Q 307 -30.78 45.91 34.35
C THR Q 307 -31.57 45.61 35.61
N LEU Q 308 -32.06 46.67 36.24
CA LEU Q 308 -33.01 46.55 37.34
C LEU Q 308 -33.99 47.71 37.26
N LYS Q 309 -35.28 47.40 37.09
CA LYS Q 309 -36.28 48.43 36.89
C LYS Q 309 -37.04 48.73 38.19
N LEU Q 310 -37.06 50.00 38.56
CA LEU Q 310 -37.86 50.50 39.66
C LEU Q 310 -39.19 51.02 39.15
N ALA Q 311 -40.29 50.37 39.53
CA ALA Q 311 -41.60 50.85 39.11
C ALA Q 311 -41.79 52.28 39.59
N THR Q 312 -42.33 53.13 38.71
CA THR Q 312 -42.69 54.51 39.04
C THR Q 312 -44.16 54.77 38.73
N GLY Q 313 -44.96 53.71 38.68
CA GLY Q 313 -46.36 53.85 38.37
C GLY Q 313 -47.13 52.63 38.83
N MET Q 314 -48.45 52.70 38.74
CA MET Q 314 -49.28 51.60 39.18
C MET Q 314 -49.28 50.45 38.18
N ARG Q 315 -49.92 49.35 38.56
N ARG Q 315 -49.91 49.34 38.57
CA ARG Q 315 -50.17 48.22 37.67
CA ARG Q 315 -50.17 48.23 37.65
C ARG Q 315 -50.88 48.68 36.39
C ARG Q 315 -50.85 48.72 36.39
N ASN Q 316 -50.40 48.23 35.23
CA ASN Q 316 -51.02 48.61 33.97
C ASN Q 316 -52.02 47.53 33.59
N VAL Q 317 -53.29 47.91 33.66
CA VAL Q 317 -54.39 47.00 33.47
C VAL Q 317 -55.25 47.61 32.40
N PRO Q 318 -54.76 47.63 31.15
CA PRO Q 318 -55.62 48.30 30.19
C PRO Q 318 -56.88 47.51 29.95
N GLU Q 319 -56.77 46.19 30.13
CA GLU Q 319 -57.88 45.30 29.89
C GLU Q 319 -58.22 44.46 31.14
N LYS Q 320 -59.45 43.96 31.19
CA LYS Q 320 -59.96 43.18 32.34
C LYS Q 320 -58.89 42.35 33.04
N GLY R 1 -53.35 43.42 43.93
CA GLY R 1 -52.73 44.19 45.04
C GLY R 1 -53.48 43.90 46.32
N LEU R 2 -52.96 44.38 47.45
CA LEU R 2 -53.55 44.00 48.72
C LEU R 2 -54.97 44.51 48.91
N PHE R 3 -55.28 45.62 48.25
CA PHE R 3 -56.54 46.29 48.49
C PHE R 3 -57.65 45.87 47.55
N GLY R 4 -57.30 45.24 46.44
CA GLY R 4 -58.32 44.63 45.61
C GLY R 4 -59.07 45.62 44.75
N ALA R 5 -58.52 46.82 44.57
CA ALA R 5 -59.18 47.81 43.73
C ALA R 5 -58.65 47.74 42.30
N ILE R 6 -57.38 48.08 42.11
CA ILE R 6 -56.76 48.01 40.80
C ILE R 6 -56.58 46.55 40.43
N ALA R 7 -57.00 46.19 39.22
CA ALA R 7 -57.02 44.79 38.79
C ALA R 7 -57.87 43.98 39.77
N GLY R 8 -58.89 44.65 40.31
CA GLY R 8 -59.80 44.09 41.31
C GLY R 8 -61.23 44.44 41.00
N PHE R 9 -61.91 45.06 41.97
CA PHE R 9 -63.31 45.48 41.77
C PHE R 9 -63.41 46.55 40.68
N ILE R 10 -62.32 47.27 40.44
N ILE R 10 -62.31 47.30 40.50
CA ILE R 10 -62.23 48.09 39.25
CA ILE R 10 -62.13 48.09 39.29
C ILE R 10 -61.58 47.20 38.20
C ILE R 10 -61.60 47.09 38.26
N GLU R 11 -62.38 46.79 37.23
CA GLU R 11 -62.04 45.70 36.33
C GLU R 11 -60.81 45.97 35.46
N ASN R 12 -60.66 47.22 35.05
CA ASN R 12 -59.50 47.63 34.27
C ASN R 12 -59.32 49.13 34.36
N GLY R 13 -58.16 49.60 33.92
CA GLY R 13 -57.85 51.00 33.83
C GLY R 13 -58.40 51.65 32.56
N TRP R 14 -58.31 52.97 32.51
CA TRP R 14 -58.83 53.76 31.41
C TRP R 14 -57.65 54.35 30.64
N GLU R 15 -57.40 53.82 29.44
CA GLU R 15 -56.38 54.41 28.55
C GLU R 15 -56.75 55.82 28.16
N GLY R 16 -58.05 56.14 28.25
CA GLY R 16 -58.54 57.44 27.87
C GLY R 16 -58.40 58.47 28.97
N MET R 17 -57.96 58.07 30.17
N MET R 17 -57.90 58.05 30.14
CA MET R 17 -57.69 59.05 31.19
CA MET R 17 -57.66 58.98 31.23
C MET R 17 -56.25 59.43 30.98
C MET R 17 -56.23 59.49 31.09
N ILE R 18 -56.08 60.57 30.32
CA ILE R 18 -54.75 61.04 29.93
C ILE R 18 -54.26 62.28 30.69
N ASP R 19 -55.07 62.80 31.62
CA ASP R 19 -54.66 63.98 32.41
C ASP R 19 -54.58 63.72 33.92
N GLY R 20 -54.50 62.46 34.34
CA GLY R 20 -54.41 62.14 35.75
C GLY R 20 -54.25 60.64 35.96
N TRP R 21 -53.96 60.23 37.19
CA TRP R 21 -53.80 58.81 37.48
C TRP R 21 -55.10 58.17 37.97
N TYR R 22 -55.91 58.95 38.69
CA TYR R 22 -57.18 58.48 39.24
C TYR R 22 -58.23 59.51 38.89
N GLY R 23 -59.47 59.09 38.79
CA GLY R 23 -60.53 60.03 38.49
C GLY R 23 -61.91 59.44 38.44
N PHE R 24 -62.80 60.20 37.79
CA PHE R 24 -64.22 59.96 37.83
C PHE R 24 -64.72 59.95 36.40
N ARG R 25 -65.68 59.06 36.10
CA ARG R 25 -66.48 59.18 34.89
C ARG R 25 -67.90 59.19 35.35
N HIS R 26 -68.74 59.97 34.69
CA HIS R 26 -70.11 60.09 35.12
C HIS R 26 -71.05 60.05 33.94
N GLN R 27 -72.29 59.69 34.24
CA GLN R 27 -73.43 59.86 33.35
C GLN R 27 -74.57 60.47 34.14
N ASN R 28 -75.15 61.52 33.61
CA ASN R 28 -76.30 62.16 34.24
C ASN R 28 -77.25 62.70 33.16
N SER R 29 -78.20 63.54 33.56
CA SER R 29 -79.18 64.05 32.61
C SER R 29 -78.58 64.96 31.56
N GLU R 30 -77.37 65.47 31.79
CA GLU R 30 -76.74 66.38 30.83
C GLU R 30 -75.71 65.68 29.95
N GLY R 31 -75.53 64.37 30.10
CA GLY R 31 -74.64 63.61 29.24
C GLY R 31 -73.68 62.80 30.08
N THR R 32 -72.46 62.64 29.58
CA THR R 32 -71.43 61.87 30.27
C THR R 32 -70.16 62.71 30.28
N GLY R 33 -69.22 62.35 31.15
CA GLY R 33 -67.96 63.06 31.19
C GLY R 33 -66.92 62.36 31.99
N GLN R 34 -65.71 62.94 32.01
CA GLN R 34 -64.60 62.38 32.76
C GLN R 34 -63.80 63.54 33.34
N ALA R 35 -63.26 63.34 34.54
CA ALA R 35 -62.38 64.33 35.16
C ALA R 35 -61.34 63.64 36.04
N ALA R 36 -60.08 64.04 35.93
CA ALA R 36 -59.05 63.57 36.84
C ALA R 36 -59.31 64.03 38.27
N ASP R 37 -58.97 63.20 39.24
CA ASP R 37 -58.92 63.61 40.64
C ASP R 37 -57.47 64.00 40.94
N LEU R 38 -57.24 65.28 41.22
N LEU R 38 -57.25 65.28 41.24
CA LEU R 38 -55.88 65.81 41.38
CA LEU R 38 -55.90 65.82 41.38
C LEU R 38 -55.21 65.39 42.68
C LEU R 38 -55.21 65.39 42.68
N LYS R 39 -55.97 65.35 43.77
CA LYS R 39 -55.41 65.04 45.09
C LYS R 39 -54.88 63.62 45.23
N SER R 40 -55.66 62.65 44.79
N SER R 40 -55.64 62.64 44.77
CA SER R 40 -55.25 61.25 44.82
CA SER R 40 -55.20 61.26 44.82
C SER R 40 -54.08 60.98 43.86
C SER R 40 -54.04 61.01 43.87
N THR R 41 -54.14 61.61 42.69
CA THR R 41 -53.08 61.51 41.68
C THR R 41 -51.77 62.02 42.27
N GLN R 42 -51.83 63.17 42.94
CA GLN R 42 -50.65 63.83 43.47
C GLN R 42 -50.13 63.09 44.69
N ALA R 43 -51.03 62.44 45.44
CA ALA R 43 -50.58 61.68 46.60
C ALA R 43 -49.75 60.50 46.15
N ALA R 44 -50.19 59.81 45.10
CA ALA R 44 -49.43 58.70 44.56
C ALA R 44 -48.11 59.17 43.96
N ILE R 45 -48.17 60.23 43.16
CA ILE R 45 -46.98 60.76 42.50
C ILE R 45 -45.96 61.20 43.55
N ASP R 46 -46.43 61.80 44.64
CA ASP R 46 -45.52 62.33 45.65
C ASP R 46 -44.84 61.19 46.39
N GLN R 47 -45.59 60.13 46.67
CA GLN R 47 -44.97 59.00 47.33
C GLN R 47 -43.92 58.31 46.45
N ILE R 48 -44.23 58.16 45.17
N ILE R 48 -44.21 58.20 45.15
CA ILE R 48 -43.32 57.51 44.23
CA ILE R 48 -43.31 57.54 44.21
C ILE R 48 -42.06 58.35 44.02
C ILE R 48 -42.06 58.36 43.98
N ASN R 49 -42.21 59.67 43.98
CA ASN R 49 -41.07 60.57 43.83
C ASN R 49 -40.24 60.54 45.10
N GLY R 50 -40.90 60.38 46.23
CA GLY R 50 -40.22 60.27 47.50
C GLY R 50 -39.31 59.06 47.55
N LYS R 51 -39.84 57.90 47.18
N LYS R 51 -39.86 57.92 47.12
CA LYS R 51 -39.04 56.68 47.23
CA LYS R 51 -39.15 56.64 47.12
C LYS R 51 -37.94 56.68 46.14
C LYS R 51 -37.96 56.76 46.19
N LEU R 52 -38.24 57.28 45.00
CA LEU R 52 -37.26 57.37 43.93
C LEU R 52 -36.08 58.21 44.40
N ASN R 53 -36.38 59.33 45.04
CA ASN R 53 -35.33 60.25 45.50
C ASN R 53 -34.53 59.64 46.63
N ARG R 54 -35.17 58.80 47.45
CA ARG R 54 -34.42 58.09 48.47
C ARG R 54 -33.44 57.08 47.85
N VAL R 55 -33.88 56.40 46.80
CA VAL R 55 -33.04 55.38 46.15
C VAL R 55 -31.89 55.95 45.33
N ILE R 56 -32.08 57.08 44.66
CA ILE R 56 -31.06 57.59 43.74
C ILE R 56 -30.17 58.66 44.41
N GLU R 57 -30.42 58.90 45.70
CA GLU R 57 -29.63 59.78 46.54
C GLU R 57 -28.23 59.24 46.77
N LYS R 58 -27.24 60.14 46.78
CA LYS R 58 -25.95 59.85 47.39
C LYS R 58 -25.27 58.57 46.93
N THR R 59 -24.69 58.56 45.73
CA THR R 59 -23.72 57.50 45.51
C THR R 59 -22.57 57.74 46.50
N ASN R 60 -21.94 56.65 46.91
CA ASN R 60 -20.69 56.68 47.67
C ASN R 60 -19.51 57.20 46.86
N GLU R 61 -18.57 57.87 47.53
CA GLU R 61 -17.33 58.30 46.88
C GLU R 61 -16.19 57.46 47.40
N LYS R 62 -15.50 56.76 46.49
CA LYS R 62 -14.34 55.95 46.85
C LYS R 62 -13.17 56.34 45.98
N PHE R 63 -11.97 56.26 46.53
CA PHE R 63 -10.78 56.70 45.80
C PHE R 63 -9.77 55.57 45.62
N HIS R 64 -8.68 55.53 46.39
CA HIS R 64 -7.75 54.42 46.26
C HIS R 64 -8.37 53.19 46.95
N GLN R 65 -8.42 52.10 46.20
CA GLN R 65 -9.04 50.86 46.65
C GLN R 65 -8.00 49.76 46.42
N ILE R 66 -8.43 48.55 46.07
CA ILE R 66 -7.52 47.45 45.77
C ILE R 66 -7.56 47.10 44.30
N GLU R 67 -6.51 46.43 43.81
CA GLU R 67 -6.57 45.95 42.44
C GLU R 67 -7.58 44.83 42.29
N LYS R 68 -8.22 44.80 41.13
CA LYS R 68 -9.29 43.82 40.86
C LYS R 68 -9.03 42.98 39.60
N GLU R 69 -8.00 43.31 38.83
CA GLU R 69 -7.54 42.46 37.73
C GLU R 69 -6.04 42.25 37.86
N PHE R 70 -5.57 41.10 37.40
CA PHE R 70 -4.19 40.71 37.61
C PHE R 70 -3.59 40.05 36.38
N SER R 71 -2.33 40.38 36.08
CA SER R 71 -1.69 39.86 34.88
C SER R 71 -0.77 38.65 35.14
N GLU R 72 -0.52 38.31 36.41
CA GLU R 72 0.31 37.15 36.76
C GLU R 72 -0.39 36.36 37.83
N VAL R 73 -0.23 35.05 37.80
CA VAL R 73 -0.65 34.22 38.93
C VAL R 73 0.24 34.47 40.14
N GLU R 74 -0.37 34.68 41.31
CA GLU R 74 0.38 34.91 42.55
C GLU R 74 0.03 34.04 43.75
N GLY R 75 -1.11 33.36 43.72
CA GLY R 75 -1.47 32.52 44.85
C GLY R 75 -2.21 33.31 45.91
N ARG R 76 -1.80 33.10 47.17
CA ARG R 76 -2.61 33.43 48.35
C ARG R 76 -3.18 34.85 48.47
N ILE R 77 -2.34 35.86 48.28
N ILE R 77 -2.34 35.85 48.25
CA ILE R 77 -2.80 37.24 48.43
CA ILE R 77 -2.78 37.22 48.43
C ILE R 77 -3.75 37.63 47.32
C ILE R 77 -3.75 37.62 47.32
N GLN R 78 -3.48 37.21 46.09
CA GLN R 78 -4.40 37.45 44.99
C GLN R 78 -5.72 36.75 45.17
N ASP R 79 -5.69 35.50 45.66
CA ASP R 79 -6.91 34.78 45.94
C ASP R 79 -7.77 35.59 46.88
N LEU R 80 -7.14 36.10 47.94
CA LEU R 80 -7.89 36.87 48.92
C LEU R 80 -8.45 38.17 48.34
N GLU R 81 -7.68 38.92 47.55
CA GLU R 81 -8.20 40.13 46.90
C GLU R 81 -9.42 39.84 46.01
N LYS R 82 -9.36 38.75 45.26
CA LYS R 82 -10.42 38.41 44.31
C LYS R 82 -11.65 37.94 45.06
N TYR R 83 -11.44 37.22 46.16
CA TYR R 83 -12.54 36.73 46.96
C TYR R 83 -13.26 37.86 47.66
N VAL R 84 -12.48 38.83 48.13
CA VAL R 84 -13.03 40.00 48.80
C VAL R 84 -13.91 40.76 47.81
N GLU R 85 -13.41 40.98 46.60
CA GLU R 85 -14.20 41.72 45.61
C GLU R 85 -15.44 40.96 45.16
N ASP R 86 -15.33 39.66 44.92
CA ASP R 86 -16.46 38.86 44.47
C ASP R 86 -17.54 38.83 45.54
N THR R 87 -17.11 38.74 46.78
CA THR R 87 -18.00 38.68 47.93
C THR R 87 -18.76 39.99 48.01
N LYS R 88 -18.05 41.10 47.87
CA LYS R 88 -18.65 42.42 47.90
C LYS R 88 -19.69 42.56 46.80
N ILE R 89 -19.34 42.12 45.59
CA ILE R 89 -20.20 42.30 44.44
C ILE R 89 -21.49 41.50 44.62
N ASP R 90 -21.38 40.29 45.15
CA ASP R 90 -22.54 39.44 45.35
C ASP R 90 -23.46 40.02 46.41
N LEU R 91 -22.90 40.58 47.46
CA LEU R 91 -23.72 41.24 48.46
C LEU R 91 -24.46 42.44 47.91
N TRP R 92 -23.80 43.27 47.14
CA TRP R 92 -24.47 44.42 46.54
C TRP R 92 -25.53 44.02 45.50
N SER R 93 -25.27 42.96 44.75
CA SER R 93 -26.21 42.50 43.72
C SER R 93 -27.47 41.98 44.41
N TYR R 94 -27.30 41.28 45.52
CA TYR R 94 -28.42 40.81 46.32
C TYR R 94 -29.20 41.98 46.88
N ASN R 95 -28.51 42.99 47.41
CA ASN R 95 -29.19 44.15 47.98
C ASN R 95 -30.03 44.82 46.90
N ALA R 96 -29.50 44.89 45.69
CA ALA R 96 -30.16 45.57 44.58
C ALA R 96 -31.43 44.82 44.16
N GLU R 97 -31.31 43.50 44.04
CA GLU R 97 -32.42 42.64 43.65
C GLU R 97 -33.55 42.78 44.65
N LEU R 98 -33.18 42.71 45.92
CA LEU R 98 -34.12 42.76 47.01
C LEU R 98 -34.74 44.14 47.10
N LEU R 99 -33.93 45.17 46.89
CA LEU R 99 -34.39 46.53 47.02
C LEU R 99 -35.50 46.79 46.01
N VAL R 100 -35.27 46.42 44.75
CA VAL R 100 -36.29 46.66 43.73
C VAL R 100 -37.52 45.78 43.89
N ALA R 101 -37.34 44.53 44.32
CA ALA R 101 -38.49 43.68 44.59
C ALA R 101 -39.43 44.26 45.65
N LEU R 102 -38.86 44.73 46.75
CA LEU R 102 -39.62 45.29 47.87
C LEU R 102 -40.28 46.60 47.49
N GLU R 103 -39.52 47.46 46.84
CA GLU R 103 -40.02 48.76 46.43
C GLU R 103 -41.18 48.59 45.47
N ASN R 104 -41.05 47.68 44.53
CA ASN R 104 -42.06 47.51 43.49
C ASN R 104 -43.34 46.91 44.08
N GLN R 105 -43.18 45.95 44.99
CA GLN R 105 -44.33 45.38 45.67
C GLN R 105 -45.08 46.48 46.42
N HIS R 106 -44.33 47.34 47.10
CA HIS R 106 -44.92 48.43 47.87
C HIS R 106 -45.55 49.51 46.98
N THR R 107 -44.97 49.75 45.81
CA THR R 107 -45.51 50.72 44.86
C THR R 107 -46.83 50.30 44.25
N ILE R 108 -46.93 49.02 43.93
CA ILE R 108 -48.16 48.46 43.40
C ILE R 108 -49.24 48.53 44.48
N ASP R 109 -48.85 48.17 45.69
CA ASP R 109 -49.78 48.19 46.81
C ASP R 109 -50.20 49.61 47.21
N LEU R 110 -49.31 50.58 47.09
CA LEU R 110 -49.65 51.94 47.52
C LEU R 110 -50.57 52.60 46.48
N THR R 111 -50.38 52.29 45.20
CA THR R 111 -51.28 52.81 44.16
C THR R 111 -52.67 52.17 44.21
N ASP R 112 -52.70 50.87 44.47
CA ASP R 112 -53.93 50.14 44.73
C ASP R 112 -54.64 50.80 45.90
N SER R 113 -53.86 51.10 46.93
CA SER R 113 -54.37 51.78 48.12
C SER R 113 -54.99 53.16 47.81
N GLU R 114 -54.32 54.01 47.04
CA GLU R 114 -54.86 55.33 46.73
C GLU R 114 -56.18 55.23 45.97
N MET R 115 -56.26 54.26 45.06
CA MET R 115 -57.52 54.01 44.35
C MET R 115 -58.62 53.68 45.36
N ASN R 116 -58.31 52.79 46.30
CA ASN R 116 -59.30 52.37 47.28
C ASN R 116 -59.72 53.53 48.20
N LYS R 117 -58.79 54.40 48.56
CA LYS R 117 -59.10 55.51 49.46
C LYS R 117 -60.03 56.50 48.81
N LEU R 118 -59.79 56.77 47.52
CA LEU R 118 -60.65 57.67 46.78
C LEU R 118 -62.07 57.09 46.68
N PHE R 119 -62.16 55.79 46.36
CA PHE R 119 -63.48 55.15 46.30
C PHE R 119 -64.24 55.26 47.62
N GLU R 120 -63.57 54.97 48.74
CA GLU R 120 -64.24 55.01 50.06
C GLU R 120 -64.64 56.44 50.41
N LYS R 121 -63.81 57.42 50.05
CA LYS R 121 -64.10 58.81 50.39
C LYS R 121 -65.37 59.27 49.65
N THR R 122 -65.47 58.89 48.38
CA THR R 122 -66.64 59.25 47.57
C THR R 122 -67.90 58.64 48.15
N GLY R 123 -67.83 57.35 48.46
CA GLY R 123 -68.93 56.65 49.10
C GLY R 123 -69.38 57.36 50.36
N ARG R 124 -68.42 57.79 51.17
CA ARG R 124 -68.72 58.46 52.43
C ARG R 124 -69.41 59.81 52.22
N GLN R 125 -69.02 60.53 51.18
CA GLN R 125 -69.71 61.77 50.86
C GLN R 125 -71.16 61.48 50.52
N LEU R 126 -71.38 60.43 49.74
CA LEU R 126 -72.72 60.14 49.25
C LEU R 126 -73.71 59.65 50.31
N ARG R 127 -73.22 59.14 51.43
CA ARG R 127 -74.09 58.71 52.54
C ARG R 127 -75.19 57.73 52.03
N GLU R 128 -76.47 58.03 52.26
CA GLU R 128 -77.55 57.14 51.89
C GLU R 128 -78.12 57.48 50.51
N ASN R 129 -77.43 58.32 49.75
CA ASN R 129 -77.96 58.81 48.49
C ASN R 129 -77.51 58.00 47.29
N ALA R 130 -76.67 56.99 47.53
CA ALA R 130 -76.12 56.21 46.44
C ALA R 130 -75.92 54.78 46.93
N GLU R 131 -75.73 53.86 46.00
CA GLU R 131 -75.32 52.51 46.34
C GLU R 131 -74.13 52.11 45.49
N ASP R 132 -73.22 51.36 46.11
CA ASP R 132 -72.03 50.81 45.45
C ASP R 132 -72.46 49.68 44.51
N MET R 133 -72.18 49.83 43.21
CA MET R 133 -72.59 48.81 42.24
C MET R 133 -71.64 47.61 42.18
N GLY R 134 -70.51 47.71 42.87
CA GLY R 134 -69.58 46.61 43.05
C GLY R 134 -68.46 46.53 42.03
N ASN R 135 -68.47 47.44 41.06
CA ASN R 135 -67.48 47.50 39.99
C ASN R 135 -66.76 48.84 40.04
N GLY R 136 -66.81 49.51 41.19
CA GLY R 136 -66.21 50.81 41.37
C GLY R 136 -67.11 51.97 40.94
N CYS R 137 -68.39 51.69 40.66
CA CYS R 137 -69.34 52.72 40.27
C CYS R 137 -70.42 52.87 41.33
N PHE R 138 -70.88 54.11 41.54
CA PHE R 138 -72.03 54.38 42.40
C PHE R 138 -73.26 54.74 41.57
N LYS R 139 -74.38 54.08 41.88
CA LYS R 139 -75.68 54.50 41.40
C LYS R 139 -76.22 55.57 42.36
N ILE R 140 -76.42 56.77 41.83
CA ILE R 140 -76.91 57.92 42.58
C ILE R 140 -78.41 58.04 42.33
N TYR R 141 -79.17 58.04 43.42
CA TYR R 141 -80.62 57.85 43.38
C TYR R 141 -81.37 59.18 43.37
N HIS R 142 -80.76 60.20 42.76
CA HIS R 142 -81.42 61.49 42.61
C HIS R 142 -80.86 62.18 41.37
N LYS R 143 -81.61 63.14 40.85
CA LYS R 143 -81.13 63.96 39.75
C LYS R 143 -79.85 64.66 40.17
N CYS R 144 -78.80 64.52 39.36
CA CYS R 144 -77.49 65.04 39.72
C CYS R 144 -76.84 65.62 38.48
N ASP R 145 -77.04 66.91 38.28
CA ASP R 145 -76.56 67.61 37.10
C ASP R 145 -75.04 67.86 37.17
N ASN R 146 -74.49 68.57 36.18
CA ASN R 146 -73.04 68.72 36.07
C ASN R 146 -72.45 69.39 37.31
N ALA R 147 -73.18 70.36 37.86
CA ALA R 147 -72.74 71.06 39.05
C ALA R 147 -72.76 70.14 40.27
N CYS R 148 -73.73 69.23 40.34
CA CYS R 148 -73.80 68.24 41.40
C CYS R 148 -72.64 67.23 41.38
N ILE R 149 -72.40 66.71 40.20
CA ILE R 149 -71.26 65.82 39.99
C ILE R 149 -69.99 66.52 40.41
N GLU R 150 -69.83 67.78 40.01
CA GLU R 150 -68.63 68.52 40.34
C GLU R 150 -68.55 68.75 41.85
N SER R 151 -69.70 68.93 42.50
CA SER R 151 -69.71 69.07 43.95
C SER R 151 -69.20 67.81 44.64
N ILE R 152 -69.51 66.64 44.07
CA ILE R 152 -68.95 65.40 44.58
C ILE R 152 -67.44 65.38 44.35
N ARG R 153 -67.02 65.72 43.13
CA ARG R 153 -65.61 65.66 42.76
C ARG R 153 -64.73 66.63 43.57
N ASN R 154 -65.28 67.79 43.97
CA ASN R 154 -64.49 68.78 44.71
C ASN R 154 -64.72 68.73 46.23
N GLY R 155 -65.54 67.78 46.67
CA GLY R 155 -65.66 67.43 48.08
C GLY R 155 -66.62 68.30 48.89
N THR R 156 -67.55 68.96 48.22
CA THR R 156 -68.53 69.87 48.85
C THR R 156 -69.97 69.36 48.73
N TYR R 157 -70.15 68.15 48.21
CA TYR R 157 -71.48 67.58 48.05
C TYR R 157 -72.23 67.58 49.38
N ASP R 158 -73.47 68.05 49.33
CA ASP R 158 -74.32 68.14 50.52
C ASP R 158 -75.42 67.09 50.45
N HIS R 159 -75.21 65.98 51.17
CA HIS R 159 -76.10 64.83 51.04
C HIS R 159 -77.54 65.14 51.50
N ASP R 160 -77.67 66.04 52.47
CA ASP R 160 -78.99 66.34 53.03
C ASP R 160 -79.91 66.98 52.01
N VAL R 161 -79.33 67.73 51.07
CA VAL R 161 -80.15 68.40 50.07
C VAL R 161 -80.93 67.38 49.25
N TYR R 162 -80.31 66.22 49.02
CA TYR R 162 -80.85 65.24 48.11
C TYR R 162 -81.43 64.03 48.81
N ARG R 163 -81.32 63.98 50.14
CA ARG R 163 -81.62 62.76 50.88
C ARG R 163 -83.07 62.28 50.73
N ASP R 164 -84.04 63.17 50.80
CA ASP R 164 -85.45 62.76 50.67
C ASP R 164 -85.70 62.12 49.32
N GLU R 165 -85.23 62.79 48.27
CA GLU R 165 -85.35 62.31 46.91
C GLU R 165 -84.71 60.94 46.73
N ALA R 166 -83.51 60.79 47.27
CA ALA R 166 -82.73 59.58 47.09
C ALA R 166 -83.36 58.38 47.77
N LEU R 167 -83.77 58.57 49.01
CA LEU R 167 -84.40 57.52 49.80
C LEU R 167 -85.70 57.09 49.17
N ASN R 168 -86.49 58.04 48.67
CA ASN R 168 -87.73 57.70 47.98
C ASN R 168 -87.45 56.80 46.80
N ASN R 169 -86.43 57.13 46.01
CA ASN R 169 -86.05 56.30 44.87
C ASN R 169 -85.44 54.95 45.26
N ARG R 170 -84.71 54.88 46.37
CA ARG R 170 -84.02 53.65 46.72
C ARG R 170 -84.99 52.62 47.28
N PHE R 171 -85.88 53.09 48.17
CA PHE R 171 -86.62 52.21 49.05
C PHE R 171 -88.12 52.12 48.81
N GLN R 172 -88.66 52.94 47.91
CA GLN R 172 -90.11 52.96 47.66
C GLN R 172 -90.40 53.05 46.17
N PRO S 3 142.99 20.54 -16.87
CA PRO S 3 142.66 21.97 -16.86
C PRO S 3 141.58 22.32 -17.87
N GLY S 4 140.36 22.60 -17.39
CA GLY S 4 139.25 22.96 -18.25
C GLY S 4 138.11 23.61 -17.50
N ALA S 5 136.89 23.48 -18.01
CA ALA S 5 135.73 24.10 -17.39
C ALA S 5 134.50 23.26 -17.68
N THR S 6 133.41 23.58 -16.99
CA THR S 6 132.13 22.91 -17.22
C THR S 6 131.05 23.97 -17.39
N LEU S 7 130.13 23.73 -18.33
CA LEU S 7 129.03 24.66 -18.60
C LEU S 7 127.73 23.88 -18.64
N CYS S 8 126.84 24.15 -17.67
CA CYS S 8 125.58 23.41 -17.54
C CYS S 8 124.44 24.28 -18.00
N LEU S 9 123.54 23.67 -18.76
CA LEU S 9 122.31 24.32 -19.17
C LEU S 9 121.22 23.86 -18.23
N GLY S 10 120.28 24.74 -17.92
CA GLY S 10 119.19 24.40 -17.03
C GLY S 10 118.02 25.34 -17.18
N HIS S 11 117.02 25.14 -16.34
CA HIS S 11 115.81 25.95 -16.38
C HIS S 11 115.36 26.19 -14.96
N HIS S 12 114.50 27.20 -14.76
CA HIS S 12 114.08 27.50 -13.41
C HIS S 12 113.01 26.55 -12.87
N ALA S 13 112.73 26.70 -11.58
CA ALA S 13 111.65 26.00 -10.89
C ALA S 13 111.26 26.83 -9.67
N VAL S 14 110.13 26.53 -9.06
CA VAL S 14 109.71 27.20 -7.84
C VAL S 14 109.34 26.15 -6.80
N PRO S 15 109.32 26.52 -5.51
CA PRO S 15 109.07 25.53 -4.45
C PRO S 15 107.73 24.81 -4.58
N ASN S 16 106.69 25.55 -4.95
CA ASN S 16 105.42 24.96 -5.36
C ASN S 16 104.76 25.77 -6.46
N GLY S 17 104.36 25.06 -7.50
CA GLY S 17 103.76 25.66 -8.67
C GLY S 17 102.26 25.48 -8.56
N THR S 18 101.63 25.23 -9.70
N THR S 18 101.64 25.15 -9.68
CA THR S 18 100.18 25.08 -9.82
CA THR S 18 100.20 24.99 -9.73
C THR S 18 99.88 23.79 -10.59
C THR S 18 99.83 23.85 -10.65
N LEU S 19 98.80 23.11 -10.26
CA LEU S 19 98.40 21.90 -11.00
C LEU S 19 97.46 22.26 -12.15
N VAL S 20 97.75 21.69 -13.32
CA VAL S 20 96.90 21.84 -14.50
C VAL S 20 96.64 20.48 -15.15
N LYS S 21 95.72 20.48 -16.10
CA LYS S 21 95.34 19.26 -16.81
C LYS S 21 95.95 19.30 -18.20
N THR S 22 96.32 18.12 -18.72
CA THR S 22 96.84 18.03 -20.08
C THR S 22 96.07 16.91 -20.80
N ILE S 23 96.52 16.53 -21.99
CA ILE S 23 95.91 15.40 -22.69
C ILE S 23 96.18 14.10 -21.95
N THR S 24 97.40 13.92 -21.46
N THR S 24 97.35 13.99 -21.36
CA THR S 24 97.79 12.67 -20.78
CA THR S 24 97.81 12.76 -20.75
C THR S 24 97.73 12.69 -19.25
C THR S 24 97.51 12.71 -19.27
N ASP S 25 97.56 13.86 -18.62
CA ASP S 25 97.57 13.94 -17.15
C ASP S 25 96.39 14.71 -16.61
N ASP S 26 95.72 14.13 -15.63
N ASP S 26 95.71 14.12 -15.62
CA ASP S 26 94.64 14.86 -14.99
CA ASP S 26 94.63 14.81 -14.93
C ASP S 26 95.26 15.99 -14.17
C ASP S 26 95.23 15.95 -14.11
N GLN S 27 96.45 15.74 -13.60
CA GLN S 27 97.12 16.73 -12.78
C GLN S 27 98.64 16.65 -12.96
N ILE S 28 99.24 17.75 -13.43
CA ILE S 28 100.69 17.81 -13.56
C ILE S 28 101.10 19.23 -13.20
N GLU S 29 102.23 19.36 -12.51
CA GLU S 29 102.61 20.64 -11.94
C GLU S 29 103.43 21.51 -12.90
N VAL S 30 102.98 22.74 -13.12
CA VAL S 30 103.74 23.74 -13.89
C VAL S 30 104.11 24.93 -13.00
N THR S 31 104.95 25.85 -13.49
CA THR S 31 105.42 26.95 -12.65
C THR S 31 104.35 28.02 -12.39
N ASN S 32 103.38 28.14 -13.29
CA ASN S 32 102.39 29.19 -13.22
C ASN S 32 101.21 28.81 -14.11
N ALA S 33 100.03 29.34 -13.80
CA ALA S 33 98.87 29.15 -14.65
C ALA S 33 97.93 30.31 -14.38
N THR S 34 96.91 30.44 -15.22
CA THR S 34 95.92 31.50 -15.06
C THR S 34 94.52 30.95 -15.21
N GLU S 35 93.58 31.53 -14.49
CA GLU S 35 92.23 30.99 -14.43
C GLU S 35 91.44 31.44 -15.66
N LEU S 36 90.76 30.52 -16.33
CA LEU S 36 89.96 30.87 -17.51
C LEU S 36 88.45 30.89 -17.24
N VAL S 37 88.06 30.51 -16.03
CA VAL S 37 86.64 30.51 -15.65
C VAL S 37 86.36 31.60 -14.63
N GLN S 38 85.52 32.57 -14.97
CA GLN S 38 85.08 33.54 -13.99
C GLN S 38 84.06 32.90 -13.08
N SER S 39 84.39 32.79 -11.80
CA SER S 39 83.53 32.09 -10.85
C SER S 39 82.95 32.98 -9.74
N SER S 40 83.30 34.27 -9.73
CA SER S 40 82.78 35.18 -8.71
C SER S 40 82.14 36.42 -9.28
N SER S 41 81.24 37.02 -8.48
CA SER S 41 80.66 38.30 -8.78
C SER S 41 80.66 39.14 -7.52
N THR S 42 80.72 40.45 -7.67
CA THR S 42 80.53 41.38 -6.56
C THR S 42 79.14 41.29 -5.95
N GLY S 43 78.16 40.84 -6.72
CA GLY S 43 76.78 40.76 -6.26
C GLY S 43 75.97 41.98 -6.63
N LYS S 44 76.56 42.88 -7.42
CA LYS S 44 75.87 44.10 -7.85
C LYS S 44 75.87 44.29 -9.35
N ILE S 45 74.73 44.75 -9.89
CA ILE S 45 74.62 45.11 -11.29
C ILE S 45 75.12 46.53 -11.50
N CYS S 46 76.13 46.65 -12.36
CA CYS S 46 76.67 47.95 -12.71
C CYS S 46 75.75 48.69 -13.67
N ASN S 47 75.51 49.96 -13.37
CA ASN S 47 74.60 50.79 -14.16
C ASN S 47 75.20 51.40 -15.44
N ASN S 48 76.48 51.10 -15.71
CA ASN S 48 77.13 51.48 -16.95
C ASN S 48 77.90 50.29 -17.51
N PRO S 49 78.07 50.21 -18.85
CA PRO S 49 77.68 51.18 -19.88
C PRO S 49 76.23 51.00 -20.33
N HIS S 50 75.57 49.92 -19.90
CA HIS S 50 74.23 49.64 -20.38
C HIS S 50 73.24 50.46 -19.60
N ARG S 51 72.18 50.88 -20.28
CA ARG S 51 71.12 51.61 -19.61
C ARG S 51 70.23 50.62 -18.89
N ILE S 52 70.26 50.69 -17.56
CA ILE S 52 69.51 49.78 -16.72
C ILE S 52 68.25 50.49 -16.24
N LEU S 53 67.10 49.83 -16.34
CA LEU S 53 65.87 50.37 -15.77
C LEU S 53 65.38 49.41 -14.72
N ASP S 54 65.41 49.84 -13.47
CA ASP S 54 64.96 49.00 -12.38
C ASP S 54 63.44 49.07 -12.27
N GLY S 55 62.79 47.92 -12.42
CA GLY S 55 61.35 47.87 -12.41
C GLY S 55 60.78 48.06 -11.01
N ILE S 56 61.60 47.90 -9.97
CA ILE S 56 61.14 48.04 -8.60
C ILE S 56 59.90 47.17 -8.33
N ASP S 57 58.75 47.79 -8.05
CA ASP S 57 57.55 47.06 -7.72
C ASP S 57 56.77 46.59 -8.96
N CYS S 58 57.30 46.82 -10.16
CA CYS S 58 56.57 46.57 -11.40
C CYS S 58 57.25 45.57 -12.33
N THR S 59 56.44 44.70 -12.93
CA THR S 59 56.83 43.89 -14.08
C THR S 59 56.77 44.78 -15.32
N LEU S 60 57.42 44.34 -16.38
CA LEU S 60 57.40 45.10 -17.63
C LEU S 60 55.99 45.18 -18.20
N ILE S 61 55.22 44.11 -18.08
CA ILE S 61 53.85 44.12 -18.57
C ILE S 61 52.95 45.07 -17.80
N ASP S 62 53.12 45.14 -16.49
CA ASP S 62 52.35 46.09 -15.71
C ASP S 62 52.68 47.53 -16.06
N ALA S 63 53.94 47.80 -16.39
CA ALA S 63 54.33 49.13 -16.85
C ALA S 63 53.71 49.44 -18.21
N LEU S 64 53.70 48.44 -19.09
CA LEU S 64 53.15 48.57 -20.43
C LEU S 64 51.66 48.95 -20.37
N LEU S 65 50.88 48.19 -19.61
CA LEU S 65 49.44 48.39 -19.54
C LEU S 65 49.09 49.69 -18.86
N GLY S 66 49.92 50.10 -17.91
CA GLY S 66 49.69 51.34 -17.19
C GLY S 66 48.93 51.19 -15.89
N ASP S 67 49.18 50.09 -15.19
CA ASP S 67 48.81 49.95 -13.78
C ASP S 67 49.28 51.22 -13.08
N PRO S 68 48.39 51.90 -12.34
CA PRO S 68 48.77 53.22 -11.79
C PRO S 68 50.10 53.30 -11.03
N HIS S 69 50.43 52.33 -10.16
CA HIS S 69 51.68 52.47 -9.41
C HIS S 69 52.92 52.23 -10.29
N CYS S 70 52.70 51.81 -11.54
CA CYS S 70 53.75 51.64 -12.53
C CYS S 70 53.81 52.77 -13.55
N ASP S 71 52.93 53.78 -13.45
CA ASP S 71 52.90 54.82 -14.48
C ASP S 71 54.12 55.74 -14.47
N VAL S 72 54.94 55.63 -13.42
N VAL S 72 54.91 55.64 -13.40
CA VAL S 72 56.22 56.32 -13.38
CA VAL S 72 56.23 56.28 -13.36
C VAL S 72 57.15 55.79 -14.48
C VAL S 72 57.07 55.85 -14.57
N PHE S 73 56.80 54.65 -15.08
CA PHE S 73 57.52 54.07 -16.19
C PHE S 73 57.02 54.47 -17.58
N GLN S 74 56.04 55.37 -17.66
CA GLN S 74 55.54 55.83 -18.96
C GLN S 74 56.64 56.38 -19.86
N ASN S 75 56.66 55.90 -21.10
CA ASN S 75 57.60 56.38 -22.11
C ASN S 75 59.08 56.07 -21.79
N GLU S 76 59.32 55.13 -20.87
CA GLU S 76 60.70 54.82 -20.46
C GLU S 76 61.41 53.97 -21.50
N THR S 77 62.74 53.96 -21.45
CA THR S 77 63.56 53.14 -22.33
C THR S 77 64.63 52.43 -21.52
N TRP S 78 65.21 51.37 -22.09
CA TRP S 78 66.24 50.61 -21.40
C TRP S 78 67.06 49.82 -22.41
N ASP S 79 68.29 49.52 -22.05
CA ASP S 79 69.04 48.44 -22.67
C ASP S 79 68.67 47.16 -21.94
N LEU S 80 68.63 47.21 -20.61
CA LEU S 80 68.20 46.07 -19.82
C LEU S 80 67.15 46.44 -18.78
N PHE S 81 65.98 45.84 -18.88
CA PHE S 81 64.94 46.01 -17.87
C PHE S 81 65.14 44.94 -16.81
N VAL S 82 65.16 45.34 -15.54
CA VAL S 82 65.37 44.41 -14.43
C VAL S 82 64.09 44.23 -13.63
N GLU S 83 63.51 43.03 -13.69
CA GLU S 83 62.32 42.70 -12.91
C GLU S 83 62.65 42.13 -11.54
N ARG S 84 62.00 42.67 -10.52
CA ARG S 84 62.23 42.27 -9.13
C ARG S 84 61.18 41.28 -8.64
N SER S 85 61.58 40.37 -7.76
CA SER S 85 60.66 39.36 -7.22
C SER S 85 59.54 39.99 -6.38
N LYS S 86 59.76 41.21 -5.89
CA LYS S 86 58.76 41.89 -5.06
C LYS S 86 57.68 42.60 -5.87
N ALA S 87 57.76 42.54 -7.19
CA ALA S 87 56.79 43.22 -8.03
C ALA S 87 55.39 42.67 -7.75
N PHE S 88 54.38 43.53 -7.90
CA PHE S 88 52.99 43.14 -7.71
C PHE S 88 52.04 43.90 -8.64
N SER S 89 50.89 43.31 -8.98
CA SER S 89 49.87 44.05 -9.72
C SER S 89 48.91 44.65 -8.71
N ASN S 90 48.41 45.84 -9.01
CA ASN S 90 47.45 46.52 -8.16
C ASN S 90 46.30 47.12 -8.95
N CYS S 91 45.86 46.46 -10.02
CA CYS S 91 44.83 47.00 -10.89
C CYS S 91 43.84 45.91 -11.24
N TYR S 92 43.11 46.07 -12.34
CA TYR S 92 42.08 45.11 -12.64
C TYR S 92 42.76 43.78 -12.91
N PRO S 93 42.20 42.68 -12.38
CA PRO S 93 42.87 41.39 -12.59
C PRO S 93 42.80 40.91 -14.03
N TYR S 94 43.92 40.44 -14.55
CA TYR S 94 44.05 40.18 -15.97
C TYR S 94 44.96 38.97 -16.21
N ASP S 95 44.86 38.37 -17.39
CA ASP S 95 45.88 37.44 -17.86
C ASP S 95 46.19 37.81 -19.30
N VAL S 96 47.32 37.32 -19.77
CA VAL S 96 47.73 37.57 -21.14
C VAL S 96 47.98 36.21 -21.77
N PRO S 97 47.07 35.76 -22.66
CA PRO S 97 47.46 34.56 -23.40
C PRO S 97 48.79 34.80 -24.09
N ASP S 98 49.70 33.84 -23.99
CA ASP S 98 51.05 34.04 -24.50
C ASP S 98 51.74 35.26 -23.85
N TYR S 99 51.56 35.40 -22.53
CA TYR S 99 52.27 36.41 -21.73
C TYR S 99 53.75 36.46 -22.05
N ALA S 100 54.38 35.31 -22.17
CA ALA S 100 55.83 35.26 -22.34
C ALA S 100 56.25 35.95 -23.64
N SER S 101 55.43 35.81 -24.68
CA SER S 101 55.77 36.42 -25.96
C SER S 101 55.61 37.93 -25.96
N LEU S 102 54.56 38.46 -25.34
CA LEU S 102 54.38 39.90 -25.28
C LEU S 102 55.51 40.54 -24.48
N ARG S 103 55.83 39.93 -23.34
CA ARG S 103 56.92 40.37 -22.49
C ARG S 103 58.22 40.38 -23.26
N SER S 104 58.46 39.33 -24.02
CA SER S 104 59.68 39.23 -24.78
C SER S 104 59.80 40.33 -25.84
N LEU S 105 58.74 40.55 -26.60
CA LEU S 105 58.80 41.46 -27.75
C LEU S 105 58.88 42.91 -27.31
N VAL S 106 58.23 43.25 -26.20
CA VAL S 106 58.35 44.60 -25.62
C VAL S 106 59.75 44.78 -25.05
N ALA S 107 60.26 43.75 -24.38
CA ALA S 107 61.57 43.81 -23.76
C ALA S 107 62.62 44.04 -24.84
N SER S 108 62.42 43.37 -25.97
CA SER S 108 63.35 43.44 -27.09
C SER S 108 63.24 44.78 -27.79
N SER S 109 62.01 45.31 -27.86
CA SER S 109 61.78 46.63 -28.44
C SER S 109 62.48 47.70 -27.62
N GLY S 110 62.45 47.53 -26.30
CA GLY S 110 63.28 48.35 -25.44
C GLY S 110 62.73 49.71 -25.10
N THR S 111 61.44 49.94 -25.35
CA THR S 111 60.83 51.21 -25.03
C THR S 111 59.34 51.05 -24.75
N LEU S 112 58.83 51.93 -23.89
CA LEU S 112 57.40 52.07 -23.67
C LEU S 112 56.84 53.36 -24.29
N GLU S 113 57.57 53.98 -25.23
CA GLU S 113 57.07 55.19 -25.87
C GLU S 113 55.70 54.95 -26.44
N PHE S 114 54.75 55.79 -26.04
CA PHE S 114 53.36 55.61 -26.41
C PHE S 114 52.85 56.90 -27.04
N ILE S 115 52.06 56.76 -28.09
CA ILE S 115 51.52 57.89 -28.84
C ILE S 115 50.02 57.69 -28.84
N THR S 116 49.32 58.64 -28.21
CA THR S 116 47.87 58.61 -28.14
C THR S 116 47.31 58.92 -29.51
N GLU S 117 46.25 58.22 -29.88
CA GLU S 117 45.50 58.50 -31.09
C GLU S 117 44.06 58.86 -30.78
N GLY S 118 43.48 59.63 -31.70
CA GLY S 118 42.16 60.19 -31.58
C GLY S 118 41.11 59.21 -32.08
N PHE S 119 41.08 58.03 -31.48
CA PHE S 119 40.02 57.09 -31.80
C PHE S 119 38.71 57.76 -31.45
N THR S 120 37.70 57.48 -32.27
CA THR S 120 36.35 57.93 -32.01
C THR S 120 35.46 56.75 -31.67
N TRP S 121 34.79 56.80 -30.53
CA TRP S 121 33.96 55.68 -30.09
C TRP S 121 32.54 56.21 -29.99
N THR S 122 31.80 56.09 -31.10
CA THR S 122 30.51 56.73 -31.19
C THR S 122 29.50 55.85 -30.46
N GLY S 123 28.76 56.43 -29.52
CA GLY S 123 27.63 55.76 -28.90
C GLY S 123 27.93 54.87 -27.71
N VAL S 124 29.12 55.01 -27.13
CA VAL S 124 29.47 54.31 -25.89
C VAL S 124 30.03 55.28 -24.85
N THR S 125 30.00 54.88 -23.59
CA THR S 125 30.64 55.66 -22.52
C THR S 125 32.10 55.25 -22.43
N GLN S 126 33.01 56.22 -22.34
CA GLN S 126 34.43 55.91 -22.28
C GLN S 126 34.96 56.02 -20.85
N ASN S 127 36.21 55.60 -20.67
CA ASN S 127 37.00 55.85 -19.47
C ASN S 127 36.45 55.14 -18.23
N GLY S 128 35.94 53.93 -18.40
CA GLY S 128 35.43 53.17 -17.28
C GLY S 128 36.56 52.91 -16.30
N GLY S 129 36.22 52.81 -15.02
CA GLY S 129 37.21 52.56 -13.98
C GLY S 129 36.72 51.66 -12.87
N SER S 130 37.60 51.37 -11.92
CA SER S 130 37.33 50.38 -10.89
C SER S 130 38.07 50.67 -9.58
N ASN S 131 37.46 50.32 -8.45
CA ASN S 131 38.16 50.42 -7.16
C ASN S 131 39.17 49.30 -6.98
N ALA S 132 39.24 48.38 -7.93
CA ALA S 132 40.30 47.41 -7.92
C ALA S 132 41.57 48.06 -8.46
N CYS S 133 41.42 49.21 -9.12
CA CYS S 133 42.56 49.88 -9.70
C CYS S 133 42.47 51.37 -9.38
N LYS S 134 42.75 51.73 -8.14
CA LYS S 134 42.67 53.12 -7.72
C LYS S 134 43.77 53.97 -8.32
N ARG S 135 43.44 55.19 -8.71
CA ARG S 135 44.42 56.13 -9.22
C ARG S 135 44.25 57.37 -8.37
N GLY S 136 45.21 57.61 -7.48
CA GLY S 136 45.01 58.60 -6.44
C GLY S 136 43.89 58.06 -5.56
N PRO S 137 43.04 58.95 -5.02
CA PRO S 137 42.04 58.46 -4.06
C PRO S 137 40.87 57.70 -4.69
N GLY S 138 40.56 57.97 -5.95
CA GLY S 138 39.40 57.39 -6.62
C GLY S 138 39.62 56.15 -7.44
N SER S 139 38.52 55.57 -7.90
CA SER S 139 38.54 54.46 -8.85
C SER S 139 39.29 54.88 -10.11
N GLY S 140 39.91 53.92 -10.77
CA GLY S 140 40.68 54.18 -11.98
C GLY S 140 40.91 52.95 -12.83
N PHE S 141 41.86 53.04 -13.76
CA PHE S 141 42.10 51.96 -14.71
C PHE S 141 43.48 52.09 -15.29
N PHE S 142 43.89 51.08 -16.04
CA PHE S 142 45.14 51.12 -16.78
C PHE S 142 45.16 52.39 -17.61
N SER S 143 46.30 53.07 -17.63
CA SER S 143 46.39 54.35 -18.31
C SER S 143 46.35 54.23 -19.82
N ARG S 144 46.76 53.08 -20.35
CA ARG S 144 46.89 52.91 -21.78
C ARG S 144 45.68 52.24 -22.40
N LEU S 145 44.70 51.92 -21.56
CA LEU S 145 43.52 51.22 -22.01
C LEU S 145 42.30 52.06 -21.66
N ASN S 146 41.21 51.83 -22.37
CA ASN S 146 40.03 52.67 -22.29
C ASN S 146 38.84 51.75 -22.16
N TRP S 147 38.28 51.66 -20.97
CA TRP S 147 37.20 50.73 -20.74
C TRP S 147 35.88 51.34 -21.23
N LEU S 148 35.34 50.82 -22.33
CA LEU S 148 34.11 51.34 -22.93
C LEU S 148 32.89 50.58 -22.41
N THR S 149 31.82 51.31 -22.08
CA THR S 149 30.53 50.73 -21.67
C THR S 149 29.35 51.38 -22.42
N LYS S 150 28.13 50.93 -22.15
CA LYS S 150 26.95 51.46 -22.85
C LYS S 150 26.78 52.94 -22.58
N SER S 151 26.10 53.62 -23.50
CA SER S 151 25.66 54.99 -23.29
C SER S 151 24.15 54.95 -23.40
N GLY S 152 23.49 55.43 -22.35
CA GLY S 152 22.07 55.25 -22.19
C GLY S 152 21.72 53.78 -22.05
N SER S 153 20.87 53.27 -22.94
CA SER S 153 20.40 51.88 -22.91
C SER S 153 20.92 51.01 -24.06
N THR S 154 21.93 51.47 -24.79
CA THR S 154 22.43 50.73 -25.96
C THR S 154 23.94 50.74 -26.03
N TYR S 155 24.49 49.74 -26.71
CA TYR S 155 25.90 49.65 -27.02
C TYR S 155 25.93 49.27 -28.50
N PRO S 156 26.23 50.24 -29.40
CA PRO S 156 26.15 49.96 -30.84
C PRO S 156 27.32 49.12 -31.34
N VAL S 157 27.27 48.74 -32.62
CA VAL S 157 28.43 48.06 -33.19
C VAL S 157 29.48 49.14 -33.43
N LEU S 158 30.57 49.08 -32.68
CA LEU S 158 31.71 49.93 -32.94
C LEU S 158 32.46 49.41 -34.16
N ASN S 159 32.90 50.31 -35.03
CA ASN S 159 33.60 49.94 -36.24
C ASN S 159 34.51 51.13 -36.53
N VAL S 160 35.78 51.05 -36.13
CA VAL S 160 36.69 52.19 -36.26
C VAL S 160 37.98 51.75 -36.90
N THR S 161 38.64 52.69 -37.57
CA THR S 161 39.89 52.36 -38.23
C THR S 161 40.95 53.39 -37.90
N MET S 162 42.20 52.94 -37.93
CA MET S 162 43.36 53.77 -37.63
C MET S 162 44.50 53.37 -38.56
N PRO S 163 44.76 54.16 -39.61
CA PRO S 163 45.83 53.78 -40.54
C PRO S 163 47.22 54.04 -39.99
N ASN S 164 48.18 53.22 -40.41
CA ASN S 164 49.58 53.51 -40.13
C ASN S 164 50.20 54.18 -41.32
N ASN S 165 50.34 55.50 -41.23
CA ASN S 165 50.95 56.30 -42.27
C ASN S 165 52.37 56.73 -41.89
N ASP S 166 52.93 56.12 -40.84
CA ASP S 166 54.30 56.36 -40.42
C ASP S 166 55.18 55.29 -41.06
N ASN S 167 56.48 55.40 -40.86
CA ASN S 167 57.45 54.45 -41.43
C ASN S 167 58.05 53.49 -40.40
N PHE S 168 57.38 53.32 -39.26
CA PHE S 168 57.74 52.31 -38.27
C PHE S 168 56.50 51.48 -37.90
N ASP S 169 56.72 50.31 -37.28
CA ASP S 169 55.63 49.47 -36.81
C ASP S 169 54.99 50.01 -35.53
N LYS S 170 53.66 49.88 -35.46
CA LYS S 170 52.89 50.30 -34.28
C LYS S 170 52.45 49.05 -33.53
N LEU S 171 52.62 49.06 -32.22
CA LEU S 171 52.10 48.02 -31.36
C LEU S 171 50.86 48.51 -30.61
N TYR S 172 49.74 47.86 -30.89
CA TYR S 172 48.49 48.09 -30.18
C TYR S 172 48.22 47.04 -29.13
N ILE S 173 47.98 47.47 -27.90
CA ILE S 173 47.56 46.58 -26.82
C ILE S 173 46.09 46.87 -26.53
N TRP S 174 45.28 45.81 -26.48
CA TRP S 174 43.85 45.92 -26.27
C TRP S 174 43.41 44.73 -25.46
N GLY S 175 42.13 44.67 -25.12
CA GLY S 175 41.65 43.64 -24.24
C GLY S 175 40.18 43.30 -24.43
N VAL S 176 39.75 42.28 -23.72
CA VAL S 176 38.38 41.80 -23.76
C VAL S 176 38.00 41.55 -22.32
N HIS S 177 36.88 42.10 -21.91
CA HIS S 177 36.41 41.94 -20.55
C HIS S 177 35.57 40.67 -20.43
N HIS S 178 35.88 39.86 -19.42
CA HIS S 178 35.05 38.72 -19.05
C HIS S 178 34.30 38.95 -17.75
N PRO S 179 32.99 39.25 -17.84
CA PRO S 179 32.16 39.45 -16.66
C PRO S 179 31.92 38.17 -15.87
N SER S 180 31.66 38.30 -14.57
CA SER S 180 31.42 37.13 -13.73
C SER S 180 29.98 36.62 -13.82
N THR S 181 29.07 37.51 -14.21
CA THR S 181 27.64 37.18 -14.31
C THR S 181 26.97 37.77 -15.57
N ASN S 182 25.82 37.21 -15.91
CA ASN S 182 25.00 37.71 -17.02
C ASN S 182 24.53 39.13 -16.67
N GLN S 183 24.30 39.39 -15.39
CA GLN S 183 23.94 40.74 -14.96
C GLN S 183 24.88 41.81 -15.32
N GLU S 184 26.13 41.50 -15.10
CA GLU S 184 27.20 42.37 -15.43
C GLU S 184 27.29 42.63 -16.91
N GLN S 185 27.23 41.54 -17.66
CA GLN S 185 27.33 41.59 -19.09
C GLN S 185 26.33 42.54 -19.71
N THR S 186 25.08 42.41 -19.26
CA THR S 186 23.99 43.18 -19.87
C THR S 186 24.00 44.59 -19.32
N SER S 187 24.44 44.71 -18.06
CA SER S 187 24.50 45.99 -17.41
C SER S 187 25.48 46.93 -18.10
N LEU S 188 26.63 46.37 -18.48
CA LEU S 188 27.70 47.14 -19.10
C LEU S 188 27.48 47.31 -20.59
N TYR S 189 27.08 46.22 -21.25
CA TYR S 189 27.22 46.12 -22.71
C TYR S 189 25.91 45.91 -23.48
N VAL S 190 24.81 45.74 -22.74
CA VAL S 190 23.46 45.54 -23.24
C VAL S 190 23.32 44.18 -23.94
N GLN S 191 24.21 43.87 -24.89
CA GLN S 191 24.24 42.56 -25.52
C GLN S 191 24.49 41.44 -24.52
N ALA S 192 23.84 40.30 -24.73
CA ALA S 192 23.98 39.17 -23.83
C ALA S 192 25.32 38.50 -24.01
N SER S 193 25.90 38.63 -25.21
CA SER S 193 27.23 38.11 -25.49
C SER S 193 27.93 39.09 -26.41
N GLY S 194 29.18 39.45 -26.08
CA GLY S 194 29.91 40.41 -26.88
C GLY S 194 30.84 39.74 -27.86
N ARG S 195 31.63 40.55 -28.53
CA ARG S 195 32.61 40.06 -29.47
C ARG S 195 33.60 41.19 -29.73
N VAL S 196 34.87 40.85 -29.86
CA VAL S 196 35.88 41.81 -30.26
C VAL S 196 36.65 41.26 -31.43
N THR S 197 36.72 42.01 -32.53
CA THR S 197 37.49 41.58 -33.70
C THR S 197 38.44 42.70 -34.04
N VAL S 198 39.74 42.39 -34.01
CA VAL S 198 40.74 43.37 -34.36
C VAL S 198 41.58 42.76 -35.46
N SER S 199 41.80 43.54 -36.51
CA SER S 199 42.47 43.03 -37.70
C SER S 199 43.35 44.04 -38.43
N THR S 200 44.27 43.51 -39.25
CA THR S 200 45.01 44.30 -40.23
C THR S 200 44.69 43.71 -41.61
N ARG S 201 45.35 44.17 -42.66
N ARG S 201 45.42 44.11 -42.66
CA ARG S 201 45.09 43.65 -43.99
CA ARG S 201 45.08 43.65 -44.03
C ARG S 201 45.18 42.12 -43.96
C ARG S 201 45.44 42.19 -44.29
N ARG S 202 46.30 41.62 -43.45
CA ARG S 202 46.66 40.19 -43.56
C ARG S 202 46.55 39.38 -42.26
N SER S 203 45.97 39.93 -41.20
CA SER S 203 45.81 39.20 -39.95
C SER S 203 44.49 39.52 -39.26
N GLN S 204 44.03 38.61 -38.41
CA GLN S 204 42.83 38.86 -37.63
C GLN S 204 42.78 38.03 -36.35
N GLN S 205 42.20 38.62 -35.31
CA GLN S 205 41.99 37.96 -34.04
C GLN S 205 40.59 38.27 -33.61
N THR S 206 39.76 37.26 -33.37
CA THR S 206 38.45 37.55 -32.80
C THR S 206 38.34 36.80 -31.49
N ILE S 207 37.93 37.50 -30.44
CA ILE S 207 37.77 36.94 -29.12
C ILE S 207 36.33 37.09 -28.68
N ILE S 208 35.77 36.00 -28.20
CA ILE S 208 34.42 36.00 -27.65
C ILE S 208 34.61 35.98 -26.14
N PRO S 209 34.07 36.99 -25.44
CA PRO S 209 34.24 36.96 -23.99
C PRO S 209 33.52 35.76 -23.45
N ASN S 210 33.98 35.29 -22.32
CA ASN S 210 33.38 34.17 -21.69
C ASN S 210 32.92 34.48 -20.24
N ILE S 211 31.62 34.45 -19.99
CA ILE S 211 31.07 34.83 -18.68
C ILE S 211 31.17 33.72 -17.62
N GLY S 212 31.53 34.11 -16.39
CA GLY S 212 31.54 33.21 -15.24
C GLY S 212 32.52 33.70 -14.19
N SER S 213 32.46 33.12 -12.98
CA SER S 213 33.36 33.56 -11.91
C SER S 213 34.76 32.97 -12.02
N ARG S 214 35.75 33.82 -11.73
CA ARG S 214 37.10 33.38 -11.47
C ARG S 214 37.38 33.72 -10.00
N PRO S 215 38.55 33.32 -9.45
CA PRO S 215 38.79 33.67 -8.05
C PRO S 215 38.78 35.17 -7.77
N TRP S 216 38.16 35.49 -6.64
CA TRP S 216 38.10 36.84 -6.14
C TRP S 216 39.52 37.42 -6.03
N VAL S 217 39.79 38.52 -6.73
CA VAL S 217 41.07 39.24 -6.63
C VAL S 217 40.81 40.73 -6.50
N ARG S 218 41.31 41.37 -5.44
CA ARG S 218 41.01 42.80 -5.24
C ARG S 218 39.53 43.07 -5.49
N GLY S 219 38.68 42.27 -4.85
CA GLY S 219 37.25 42.50 -4.92
C GLY S 219 36.60 41.83 -6.13
N LEU S 220 37.39 41.19 -7.00
CA LEU S 220 36.84 40.74 -8.29
C LEU S 220 36.91 39.33 -8.78
N SER S 221 35.76 38.87 -9.25
N SER S 221 35.78 38.88 -9.31
CA SER S 221 35.67 37.58 -9.89
CA SER S 221 35.73 37.58 -9.95
C SER S 221 35.65 37.65 -11.42
C SER S 221 35.81 37.67 -11.48
N SER S 222 35.66 38.85 -12.00
N SER S 222 35.58 38.85 -12.05
CA SER S 222 35.74 38.98 -13.45
CA SER S 222 35.72 39.06 -13.49
C SER S 222 37.19 39.19 -13.85
C SER S 222 37.19 39.20 -13.86
N ARG S 223 37.46 39.21 -15.16
CA ARG S 223 38.82 39.31 -15.67
C ARG S 223 38.88 40.09 -16.98
N ILE S 224 40.06 40.60 -17.30
CA ILE S 224 40.32 41.13 -18.63
C ILE S 224 41.40 40.25 -19.24
N SER S 225 41.23 39.86 -20.49
CA SER S 225 42.28 39.18 -21.23
C SER S 225 42.92 40.17 -22.21
N ILE S 226 44.25 40.20 -22.25
CA ILE S 226 45.00 41.16 -23.04
C ILE S 226 45.54 40.54 -24.31
N TYR S 227 45.37 41.24 -25.43
CA TYR S 227 45.86 40.82 -26.73
C TYR S 227 46.66 41.95 -27.35
N TRP S 228 47.39 41.66 -28.42
N TRP S 228 47.42 41.64 -28.41
CA TRP S 228 48.15 42.70 -29.11
CA TRP S 228 48.22 42.64 -29.11
C TRP S 228 48.19 42.47 -30.62
C TRP S 228 48.12 42.48 -30.62
N THR S 229 48.38 43.57 -31.35
CA THR S 229 48.37 43.53 -32.81
C THR S 229 49.42 44.50 -33.31
N ILE S 230 50.25 44.02 -34.24
CA ILE S 230 51.22 44.90 -34.87
C ILE S 230 50.74 45.31 -36.25
N VAL S 231 50.89 46.60 -36.54
CA VAL S 231 50.43 47.17 -37.80
C VAL S 231 51.64 47.80 -38.47
N LYS S 232 51.95 47.34 -39.68
CA LYS S 232 53.10 47.84 -40.41
C LYS S 232 52.78 49.10 -41.20
N PRO S 233 53.82 49.84 -41.61
CA PRO S 233 53.60 51.02 -42.44
C PRO S 233 52.77 50.67 -43.67
N GLY S 234 51.79 51.51 -43.97
CA GLY S 234 50.93 51.27 -45.12
C GLY S 234 49.82 50.29 -44.83
N ASP S 235 49.85 49.62 -43.68
CA ASP S 235 48.77 48.75 -43.28
C ASP S 235 47.83 49.58 -42.41
N VAL S 236 46.79 48.97 -41.85
CA VAL S 236 45.76 49.71 -41.16
C VAL S 236 45.14 48.81 -40.10
N LEU S 237 44.69 49.41 -39.00
CA LEU S 237 44.02 48.68 -37.94
C LEU S 237 42.51 48.91 -38.08
N VAL S 238 41.71 47.84 -37.94
CA VAL S 238 40.26 47.97 -37.79
C VAL S 238 39.83 47.23 -36.53
N ILE S 239 38.98 47.89 -35.73
CA ILE S 239 38.44 47.33 -34.50
C ILE S 239 36.96 47.32 -34.68
N ASN S 240 36.34 46.15 -34.51
CA ASN S 240 34.92 45.99 -34.71
C ASN S 240 34.38 45.21 -33.52
N SER S 241 33.48 45.80 -32.75
CA SER S 241 32.96 45.14 -31.55
C SER S 241 31.53 45.53 -31.21
N ASN S 242 30.74 44.59 -30.70
CA ASN S 242 29.41 44.87 -30.16
C ASN S 242 29.31 44.65 -28.63
N GLY S 243 30.42 44.76 -27.92
CA GLY S 243 30.45 44.72 -26.46
C GLY S 243 31.76 44.13 -25.98
N ASN S 244 32.15 44.46 -24.74
CA ASN S 244 33.29 43.83 -24.03
C ASN S 244 34.68 44.29 -24.47
N LEU S 245 34.77 45.25 -25.38
CA LEU S 245 36.06 45.77 -25.82
C LEU S 245 36.71 46.67 -24.77
N ILE S 246 37.97 46.35 -24.42
CA ILE S 246 38.81 47.26 -23.65
C ILE S 246 39.72 47.87 -24.71
N ALA S 247 39.44 49.12 -25.06
CA ALA S 247 40.03 49.72 -26.25
C ALA S 247 41.44 50.24 -25.99
N PRO S 248 42.28 50.25 -27.03
CA PRO S 248 43.56 50.93 -26.96
C PRO S 248 43.37 52.44 -26.99
N ARG S 249 44.32 53.18 -26.44
CA ARG S 249 44.30 54.64 -26.50
C ARG S 249 45.27 55.14 -27.56
N GLY S 250 46.02 54.23 -28.18
CA GLY S 250 47.10 54.61 -29.06
C GLY S 250 47.99 53.41 -29.23
N TYR S 251 49.24 53.66 -29.60
CA TYR S 251 50.16 52.58 -29.93
C TYR S 251 51.53 52.82 -29.30
N PHE S 252 52.27 51.72 -29.12
CA PHE S 252 53.65 51.80 -28.69
C PHE S 252 54.53 51.78 -29.93
N LYS S 253 55.53 52.66 -29.97
CA LYS S 253 56.43 52.68 -31.10
C LYS S 253 57.38 51.50 -30.95
N MET S 254 57.47 50.67 -31.99
N MET S 254 57.51 50.68 -32.00
CA MET S 254 58.37 49.54 -32.01
CA MET S 254 58.39 49.52 -31.95
C MET S 254 59.76 49.95 -32.47
C MET S 254 59.75 49.78 -32.56
N ARG S 255 60.79 49.41 -31.81
CA ARG S 255 62.17 49.59 -32.21
C ARG S 255 62.83 48.23 -32.29
N THR S 256 63.96 48.17 -32.97
CA THR S 256 64.83 46.99 -32.96
C THR S 256 66.16 47.43 -32.36
N GLY S 257 66.85 46.49 -31.73
CA GLY S 257 68.11 46.80 -31.10
C GLY S 257 68.54 45.77 -30.07
N LYS S 258 69.34 46.24 -29.12
CA LYS S 258 70.04 45.35 -28.20
C LYS S 258 69.29 45.18 -26.88
N SER S 259 68.06 45.66 -26.79
CA SER S 259 67.39 45.66 -25.50
C SER S 259 66.93 44.25 -25.08
N SER S 260 66.87 44.03 -23.77
CA SER S 260 66.38 42.77 -23.20
C SER S 260 65.82 43.01 -21.80
N ILE S 261 65.53 41.92 -21.09
CA ILE S 261 64.93 41.95 -19.76
C ILE S 261 65.58 40.84 -18.95
N MET S 262 65.69 40.97 -17.63
CA MET S 262 66.33 39.95 -16.82
C MET S 262 65.63 39.94 -15.47
N ARG S 263 65.46 38.76 -14.88
CA ARG S 263 64.93 38.70 -13.53
C ARG S 263 66.07 38.63 -12.54
N SER S 264 66.10 39.57 -11.60
CA SER S 264 67.17 39.61 -10.61
C SER S 264 66.75 40.42 -9.38
N ASP S 265 67.24 40.03 -8.20
CA ASP S 265 67.13 40.85 -6.99
C ASP S 265 68.45 41.55 -6.56
N ALA S 266 69.46 41.51 -7.44
CA ALA S 266 70.77 42.11 -7.14
C ALA S 266 70.65 43.64 -7.12
N PRO S 267 71.28 44.29 -6.14
CA PRO S 267 71.23 45.76 -6.20
C PRO S 267 71.95 46.36 -7.39
N ILE S 268 71.61 47.58 -7.76
N ILE S 268 71.47 47.50 -7.88
CA ILE S 268 72.28 48.27 -8.87
CA ILE S 268 72.18 48.21 -8.90
C ILE S 268 73.25 49.33 -8.34
C ILE S 268 73.22 49.00 -8.13
N ASP S 269 74.54 49.14 -8.63
N ASP S 269 74.29 49.40 -8.79
CA ASP S 269 75.59 50.02 -8.12
CA ASP S 269 75.29 50.30 -8.21
C ASP S 269 76.05 51.00 -9.22
C ASP S 269 76.06 51.04 -9.28
N THR S 270 76.89 51.96 -8.83
CA THR S 270 77.57 52.85 -9.76
C THR S 270 79.00 52.33 -9.99
N CYS S 271 79.20 51.77 -11.17
CA CYS S 271 80.42 51.07 -11.54
C CYS S 271 80.26 50.71 -13.00
N ILE S 272 81.29 50.14 -13.61
CA ILE S 272 81.24 49.88 -15.05
C ILE S 272 81.50 48.41 -15.33
N SER S 273 80.56 47.76 -16.03
CA SER S 273 80.79 46.41 -16.52
C SER S 273 79.95 46.06 -17.73
N GLU S 274 80.60 45.46 -18.72
CA GLU S 274 79.95 45.06 -19.94
C GLU S 274 79.02 43.86 -19.76
N CYS S 275 79.35 42.98 -18.81
CA CYS S 275 78.63 41.72 -18.65
C CYS S 275 77.77 41.72 -17.39
N ILE S 276 76.48 41.41 -17.56
CA ILE S 276 75.50 41.40 -16.46
C ILE S 276 74.87 40.02 -16.34
N THR S 277 74.83 39.50 -15.10
CA THR S 277 74.12 38.26 -14.81
C THR S 277 73.10 38.55 -13.71
N PRO S 278 72.15 37.63 -13.46
CA PRO S 278 71.20 37.88 -12.38
C PRO S 278 71.88 37.97 -11.00
N ASN S 279 73.06 37.38 -10.86
CA ASN S 279 73.83 37.45 -9.62
C ASN S 279 74.51 38.79 -9.44
N GLY S 280 74.54 39.62 -10.47
CA GLY S 280 75.37 40.81 -10.49
C GLY S 280 76.26 40.80 -11.70
N SER S 281 76.94 41.90 -11.93
CA SER S 281 77.90 41.99 -13.00
C SER S 281 79.10 41.10 -12.77
N ILE S 282 79.75 40.67 -13.86
CA ILE S 282 81.01 39.95 -13.75
C ILE S 282 82.04 40.50 -14.75
N PRO S 283 83.34 40.43 -14.38
CA PRO S 283 84.39 40.75 -15.35
C PRO S 283 84.30 39.85 -16.58
N ASN S 284 84.71 40.37 -17.73
CA ASN S 284 84.69 39.61 -18.99
C ASN S 284 86.10 39.39 -19.54
N ASP S 285 87.12 39.47 -18.69
CA ASP S 285 88.48 39.18 -19.12
C ASP S 285 88.74 37.69 -19.39
N LYS S 286 88.03 36.79 -18.70
CA LYS S 286 88.20 35.37 -18.96
C LYS S 286 87.22 34.89 -20.03
N PRO S 287 87.59 33.83 -20.77
CA PRO S 287 86.76 33.34 -21.88
C PRO S 287 85.52 32.59 -21.43
N PHE S 288 85.54 32.06 -20.20
CA PHE S 288 84.44 31.28 -19.66
C PHE S 288 84.01 31.77 -18.30
N GLN S 289 82.80 31.37 -17.89
CA GLN S 289 82.30 31.71 -16.58
C GLN S 289 81.33 30.63 -16.05
N ASN S 290 81.27 30.50 -14.73
CA ASN S 290 80.39 29.54 -14.07
C ASN S 290 79.41 30.25 -13.14
N VAL S 291 79.18 31.54 -13.34
CA VAL S 291 78.31 32.28 -12.43
C VAL S 291 76.83 32.03 -12.72
N ASN S 292 76.42 32.23 -13.97
CA ASN S 292 75.03 32.02 -14.35
C ASN S 292 74.92 31.81 -15.85
N LYS S 293 74.09 30.87 -16.26
CA LYS S 293 73.81 30.69 -17.69
C LYS S 293 73.04 31.86 -18.30
N ILE S 294 72.36 32.64 -17.47
CA ILE S 294 71.69 33.85 -17.93
C ILE S 294 72.67 35.02 -17.94
N THR S 295 72.88 35.61 -19.11
CA THR S 295 73.74 36.78 -19.22
C THR S 295 73.26 37.78 -20.26
N TYR S 296 73.78 38.99 -20.16
CA TYR S 296 73.48 40.08 -21.08
C TYR S 296 74.75 40.89 -21.32
N GLY S 297 75.09 41.13 -22.58
CA GLY S 297 76.23 41.97 -22.92
C GLY S 297 77.41 41.15 -23.40
N ALA S 298 78.62 41.72 -23.34
CA ALA S 298 79.82 40.99 -23.75
C ALA S 298 80.35 40.12 -22.64
N CYS S 299 80.03 38.83 -22.72
CA CYS S 299 80.17 37.93 -21.58
C CYS S 299 80.98 36.69 -21.92
N PRO S 300 81.74 36.19 -20.93
CA PRO S 300 82.34 34.87 -21.13
C PRO S 300 81.21 33.86 -21.35
N LYS S 301 81.56 32.75 -21.97
CA LYS S 301 80.60 31.69 -22.23
C LYS S 301 80.38 30.86 -20.97
N TYR S 302 79.14 30.50 -20.70
CA TYR S 302 78.84 29.74 -19.49
C TYR S 302 79.31 28.29 -19.64
N VAL S 303 80.04 27.80 -18.65
CA VAL S 303 80.45 26.40 -18.61
C VAL S 303 80.17 25.79 -17.24
N LYS S 304 80.23 24.46 -17.18
CA LYS S 304 79.91 23.72 -15.97
C LYS S 304 81.06 23.71 -14.98
N GLN S 305 82.28 23.80 -15.50
CA GLN S 305 83.45 23.69 -14.64
C GLN S 305 83.53 24.95 -13.80
N ASN S 306 83.97 24.83 -12.55
CA ASN S 306 84.12 26.01 -11.71
C ASN S 306 85.54 26.55 -11.79
N THR S 307 86.45 25.77 -12.40
CA THR S 307 87.82 26.22 -12.64
C THR S 307 88.43 25.51 -13.84
N LEU S 308 89.22 26.24 -14.63
CA LEU S 308 90.04 25.63 -15.68
C LEU S 308 91.35 26.42 -15.77
N LYS S 309 92.48 25.75 -15.53
CA LYS S 309 93.76 26.45 -15.48
C LYS S 309 94.54 26.30 -16.78
N LEU S 310 94.95 27.43 -17.35
CA LEU S 310 95.84 27.48 -18.49
C LEU S 310 97.30 27.66 -18.06
N ALA S 311 98.15 26.67 -18.33
CA ALA S 311 99.55 26.79 -17.99
C ALA S 311 100.13 28.03 -18.67
N THR S 312 100.92 28.79 -17.92
CA THR S 312 101.66 29.94 -18.45
C THR S 312 103.15 29.81 -18.16
N GLY S 313 103.60 28.57 -17.93
CA GLY S 313 104.99 28.30 -17.63
C GLY S 313 105.32 26.85 -17.88
N MET S 314 106.58 26.51 -17.76
CA MET S 314 107.02 25.14 -18.01
C MET S 314 106.68 24.22 -16.84
N ARG S 315 106.93 22.93 -17.03
N ARG S 315 106.89 22.92 -17.03
CA ARG S 315 106.82 21.94 -15.96
CA ARG S 315 106.83 21.95 -15.94
C ARG S 315 107.69 22.35 -14.77
C ARG S 315 107.68 22.39 -14.77
N ASN S 316 107.14 22.27 -13.57
CA ASN S 316 107.89 22.63 -12.37
C ASN S 316 108.55 21.37 -11.79
N VAL S 317 109.87 21.32 -11.88
CA VAL S 317 110.64 20.13 -11.51
C VAL S 317 111.72 20.52 -10.51
N PRO S 318 111.31 20.88 -9.27
CA PRO S 318 112.38 21.31 -8.35
C PRO S 318 113.28 20.16 -7.90
N GLU S 319 112.74 18.95 -7.87
CA GLU S 319 113.48 17.78 -7.42
C GLU S 319 113.50 16.72 -8.54
N LYS S 320 114.51 15.86 -8.49
CA LYS S 320 114.73 14.79 -9.49
C LYS S 320 113.43 14.22 -10.07
N GLY T 1 108.09 15.43 -21.30
CA GLY T 1 107.73 16.15 -22.55
C GLY T 1 108.32 15.43 -23.74
N LEU T 2 107.95 15.84 -24.94
CA LEU T 2 108.37 15.12 -26.14
C LEU T 2 109.86 15.14 -26.38
N PHE T 3 110.53 16.18 -25.90
CA PHE T 3 111.93 16.38 -26.22
C PHE T 3 112.90 15.80 -25.20
N GLY T 4 112.40 15.50 -24.00
CA GLY T 4 113.22 14.76 -23.05
C GLY T 4 114.27 15.61 -22.38
N ALA T 5 114.11 16.93 -22.42
CA ALA T 5 115.07 17.80 -21.76
C ALA T 5 114.60 18.13 -20.35
N ILE T 6 113.50 18.87 -20.23
CA ILE T 6 112.95 19.21 -18.93
C ILE T 6 112.35 17.94 -18.34
N ALA T 7 112.71 17.66 -17.08
CA ALA T 7 112.34 16.41 -16.40
C ALA T 7 112.89 15.23 -17.20
N GLY T 8 114.04 15.46 -17.84
CA GLY T 8 114.69 14.49 -18.71
C GLY T 8 116.18 14.46 -18.45
N PHE T 9 116.97 14.67 -19.50
CA PHE T 9 118.42 14.68 -19.36
C PHE T 9 118.84 15.84 -18.48
N ILE T 10 118.01 16.88 -18.38
N ILE T 10 118.01 16.89 -18.44
CA ILE T 10 118.19 17.86 -17.33
CA ILE T 10 118.10 17.89 -17.37
C ILE T 10 117.34 17.41 -16.16
C ILE T 10 117.33 17.28 -16.20
N GLU T 11 118.02 16.94 -15.11
CA GLU T 11 117.40 16.17 -14.02
C GLU T 11 116.34 16.92 -13.21
N ASN T 12 116.57 18.22 -13.02
CA ASN T 12 115.62 19.08 -12.33
C ASN T 12 115.88 20.53 -12.69
N GLY T 13 114.92 21.39 -12.33
CA GLY T 13 115.06 22.82 -12.50
C GLY T 13 115.85 23.46 -11.38
N TRP T 14 116.18 24.72 -11.55
CA TRP T 14 116.98 25.47 -10.60
C TRP T 14 116.12 26.50 -9.92
N GLU T 15 115.80 26.25 -8.65
CA GLU T 15 115.07 27.24 -7.86
C GLU T 15 115.89 28.51 -7.71
N GLY T 16 117.20 28.39 -7.87
CA GLY T 16 118.09 29.52 -7.71
C GLY T 16 118.20 30.37 -8.95
N MET T 17 117.60 29.95 -10.07
N MET T 17 117.55 29.96 -10.05
CA MET T 17 117.59 30.82 -11.24
CA MET T 17 117.53 30.74 -11.26
C MET T 17 116.32 31.63 -11.11
C MET T 17 116.32 31.68 -11.21
N ILE T 18 116.51 32.85 -10.63
CA ILE T 18 115.38 33.76 -10.33
C ILE T 18 115.28 34.96 -11.28
N ASP T 19 116.18 35.05 -12.26
CA ASP T 19 116.18 36.13 -13.24
C ASP T 19 115.98 35.69 -14.70
N GLY T 20 115.47 34.49 -14.90
CA GLY T 20 115.22 33.98 -16.24
C GLY T 20 114.57 32.61 -16.21
N TRP T 21 114.12 32.13 -17.36
CA TRP T 21 113.49 30.81 -17.43
C TRP T 21 114.52 29.73 -17.77
N TYR T 22 115.52 30.10 -18.56
CA TYR T 22 116.56 29.20 -19.02
C TYR T 22 117.89 29.88 -18.81
N GLY T 23 118.95 29.10 -18.63
CA GLY T 23 120.27 29.71 -18.45
C GLY T 23 121.40 28.73 -18.29
N PHE T 24 122.50 29.26 -17.78
CA PHE T 24 123.78 28.59 -17.75
C PHE T 24 124.31 28.63 -16.34
N ARG T 25 124.96 27.56 -15.91
CA ARG T 25 125.80 27.60 -14.74
C ARG T 25 127.13 27.10 -15.18
N HIS T 26 128.19 27.69 -14.64
CA HIS T 26 129.52 27.33 -15.05
C HIS T 26 130.43 27.20 -13.86
N GLN T 27 131.51 26.44 -14.07
CA GLN T 27 132.66 26.42 -13.19
C GLN T 27 133.91 26.51 -14.04
N ASN T 28 134.80 27.43 -13.68
CA ASN T 28 136.07 27.56 -14.37
C ASN T 28 137.14 27.96 -13.38
N SER T 29 138.30 28.40 -13.85
CA SER T 29 139.41 28.72 -12.96
C SER T 29 139.18 29.95 -12.09
N GLU T 30 138.19 30.78 -12.43
CA GLU T 30 137.93 31.98 -11.66
C GLU T 30 136.75 31.81 -10.70
N GLY T 31 136.16 30.62 -10.65
CA GLY T 31 135.09 30.32 -9.71
C GLY T 31 133.92 29.73 -10.44
N THR T 32 132.72 30.02 -9.95
CA THR T 32 131.48 29.51 -10.52
C THR T 32 130.53 30.66 -10.70
N GLY T 33 129.50 30.45 -11.52
CA GLY T 33 128.51 31.49 -11.70
C GLY T 33 127.28 31.01 -12.41
N GLN T 34 126.31 31.91 -12.55
CA GLN T 34 125.05 31.61 -13.21
C GLN T 34 124.61 32.83 -14.01
N ALA T 35 123.99 32.59 -15.16
CA ALA T 35 123.42 33.67 -15.96
C ALA T 35 122.19 33.19 -16.72
N ALA T 36 121.12 33.97 -16.69
CA ALA T 36 119.95 33.71 -17.51
C ALA T 36 120.29 33.88 -19.00
N ASP T 37 119.67 33.05 -19.84
CA ASP T 37 119.70 33.26 -21.29
C ASP T 37 118.44 34.02 -21.68
N LEU T 38 118.63 35.24 -22.16
N LEU T 38 118.64 35.23 -22.19
CA LEU T 38 117.51 36.14 -22.43
CA LEU T 38 117.53 36.15 -22.42
C LEU T 38 116.69 35.73 -23.65
C LEU T 38 116.70 35.74 -23.65
N LYS T 39 117.36 35.28 -24.70
CA LYS T 39 116.69 34.94 -25.97
C LYS T 39 115.73 33.74 -25.87
N SER T 40 116.20 32.66 -25.26
N SER T 40 116.18 32.67 -25.22
CA SER T 40 115.38 31.47 -25.04
CA SER T 40 115.34 31.49 -25.06
C SER T 40 114.22 31.72 -24.07
C SER T 40 114.20 31.76 -24.09
N THR T 41 114.51 32.47 -23.01
CA THR T 41 113.50 32.85 -22.03
C THR T 41 112.41 33.64 -22.71
N GLN T 42 112.82 34.59 -23.55
CA GLN T 42 111.88 35.49 -24.22
C GLN T 42 111.11 34.76 -25.31
N ALA T 43 111.73 33.75 -25.93
CA ALA T 43 111.05 32.98 -26.96
C ALA T 43 109.90 32.21 -26.34
N ALA T 44 110.15 31.60 -25.18
CA ALA T 44 109.10 30.88 -24.50
C ALA T 44 108.02 31.84 -24.01
N ILE T 45 108.41 32.94 -23.41
CA ILE T 45 107.46 33.93 -22.88
C ILE T 45 106.61 34.49 -24.00
N ASP T 46 107.20 34.71 -25.17
CA ASP T 46 106.49 35.33 -26.28
C ASP T 46 105.48 34.34 -26.82
N GLN T 47 105.85 33.07 -26.89
CA GLN T 47 104.91 32.07 -27.35
C GLN T 47 103.72 31.89 -26.39
N ILE T 48 104.00 31.87 -25.10
N ILE T 48 104.00 31.92 -25.09
CA ILE T 48 102.95 31.69 -24.09
CA ILE T 48 102.96 31.73 -24.07
C ILE T 48 102.04 32.93 -24.04
C ILE T 48 102.04 32.93 -24.00
N ASN T 49 102.61 34.12 -24.23
CA ASN T 49 101.82 35.33 -24.24
C ASN T 49 100.97 35.34 -25.51
N GLY T 50 101.51 34.78 -26.58
CA GLY T 50 100.78 34.67 -27.82
C GLY T 50 99.53 33.81 -27.69
N LYS T 51 99.68 32.61 -27.14
N LYS T 51 99.72 32.64 -27.07
CA LYS T 51 98.53 31.72 -27.02
CA LYS T 51 98.64 31.66 -26.89
C LYS T 51 97.54 32.23 -25.96
C LYS T 51 97.58 32.29 -26.01
N LEU T 52 98.04 32.88 -24.92
CA LEU T 52 97.17 33.44 -23.90
C LEU T 52 96.28 34.51 -24.50
N ASN T 53 96.89 35.38 -25.31
CA ASN T 53 96.14 36.47 -25.90
C ASN T 53 95.16 35.94 -26.92
N ARG T 54 95.49 34.84 -27.60
CA ARG T 54 94.50 34.24 -28.50
C ARG T 54 93.31 33.67 -27.73
N VAL T 55 93.55 33.06 -26.58
CA VAL T 55 92.45 32.46 -25.80
C VAL T 55 91.55 33.49 -25.11
N ILE T 56 92.10 34.60 -24.61
CA ILE T 56 91.30 35.53 -23.81
C ILE T 56 90.77 36.71 -24.64
N GLU T 57 91.04 36.67 -25.94
CA GLU T 57 90.53 37.63 -26.90
C GLU T 57 89.02 37.52 -27.08
N LYS T 58 88.36 38.66 -27.24
CA LYS T 58 87.01 38.68 -27.82
C LYS T 58 85.99 37.72 -27.20
N THR T 59 85.47 38.04 -26.03
CA THR T 59 84.24 37.36 -25.65
C THR T 59 83.17 37.77 -26.68
N ASN T 60 82.21 36.88 -26.92
CA ASN T 60 81.01 37.20 -27.71
C ASN T 60 80.08 38.19 -27.00
N GLU T 61 79.40 39.03 -27.77
CA GLU T 61 78.39 39.94 -27.22
C GLU T 61 77.01 39.43 -27.65
N LYS T 62 76.17 39.12 -26.66
CA LYS T 62 74.79 38.69 -26.93
C LYS T 62 73.80 39.53 -26.16
N PHE T 63 72.61 39.75 -26.73
CA PHE T 63 71.63 40.62 -26.10
C PHE T 63 70.33 39.91 -25.77
N HIS T 64 69.26 40.08 -26.56
CA HIS T 64 68.04 39.35 -26.28
C HIS T 64 68.23 37.90 -26.72
N GLN T 65 67.95 36.99 -25.80
CA GLN T 65 68.16 35.56 -25.98
C GLN T 65 66.84 34.84 -25.65
N ILE T 66 66.92 33.64 -25.08
CA ILE T 66 65.74 32.91 -24.64
C ILE T 66 65.73 32.86 -23.12
N GLU T 67 64.56 32.63 -22.54
CA GLU T 67 64.50 32.42 -21.09
C GLU T 67 65.10 31.09 -20.71
N LYS T 68 65.73 31.07 -19.53
CA LYS T 68 66.44 29.90 -19.06
C LYS T 68 65.99 29.38 -17.68
N GLU T 69 65.12 30.13 -17.00
CA GLU T 69 64.48 29.63 -15.78
C GLU T 69 62.97 29.82 -15.88
N PHE T 70 62.21 28.94 -15.25
CA PHE T 70 60.76 28.94 -15.42
C PHE T 70 60.04 28.68 -14.10
N SER T 71 58.95 29.41 -13.88
CA SER T 71 58.22 29.31 -12.63
C SER T 71 56.97 28.42 -12.68
N GLU T 72 56.58 27.97 -13.88
CA GLU T 72 55.42 27.08 -14.06
C GLU T 72 55.80 25.94 -14.99
N VAL T 73 55.25 24.76 -14.76
CA VAL T 73 55.36 23.68 -15.73
C VAL T 73 54.56 24.02 -16.99
N GLU T 74 55.18 23.85 -18.15
CA GLU T 74 54.52 24.13 -19.44
C GLU T 74 54.54 23.01 -20.49
N GLY T 75 55.40 22.02 -20.34
CA GLY T 75 55.45 20.93 -21.31
C GLY T 75 56.38 21.24 -22.48
N ARG T 76 55.88 20.96 -23.69
CA ARG T 76 56.70 20.81 -24.89
C ARG T 76 57.67 21.95 -25.22
N ILE T 77 57.16 23.18 -25.22
N ILE T 77 57.17 23.18 -25.20
CA ILE T 77 57.98 24.33 -25.58
CA ILE T 77 58.00 24.32 -25.59
C ILE T 77 59.07 24.60 -24.55
C ILE T 77 59.08 24.58 -24.54
N GLN T 78 58.74 24.49 -23.27
CA GLN T 78 59.74 24.62 -22.22
C GLN T 78 60.77 23.50 -22.27
N ASP T 79 60.33 22.27 -22.53
CA ASP T 79 61.26 21.16 -22.67
C ASP T 79 62.30 21.50 -23.72
N LEU T 80 61.82 22.00 -24.85
CA LEU T 80 62.71 22.34 -25.93
C LEU T 80 63.67 23.49 -25.56
N GLU T 81 63.18 24.55 -24.92
CA GLU T 81 64.07 25.63 -24.47
C GLU T 81 65.17 25.14 -23.53
N LYS T 82 64.82 24.25 -22.61
CA LYS T 82 65.75 23.78 -21.61
C LYS T 82 66.75 22.83 -22.25
N TYR T 83 66.30 22.05 -23.22
CA TYR T 83 67.16 21.09 -23.91
C TYR T 83 68.17 21.84 -24.77
N VAL T 84 67.71 22.92 -25.39
CA VAL T 84 68.55 23.77 -26.23
C VAL T 84 69.64 24.37 -25.37
N GLU T 85 69.28 24.91 -24.21
CA GLU T 85 70.30 25.51 -23.36
C GLU T 85 71.29 24.49 -22.78
N ASP T 86 70.79 23.34 -22.34
CA ASP T 86 71.65 22.31 -21.76
C ASP T 86 72.63 21.77 -22.81
N THR T 87 72.15 21.64 -24.04
CA THR T 87 72.97 21.13 -25.14
C THR T 87 74.08 22.15 -25.38
N LYS T 88 73.73 23.42 -25.43
CA LYS T 88 74.72 24.47 -25.63
C LYS T 88 75.78 24.45 -24.54
N ILE T 89 75.35 24.33 -23.28
CA ILE T 89 76.28 24.42 -22.17
C ILE T 89 77.24 23.23 -22.20
N ASP T 90 76.74 22.04 -22.52
CA ASP T 90 77.59 20.86 -22.56
C ASP T 90 78.62 20.93 -23.67
N LEU T 91 78.22 21.43 -24.84
CA LEU T 91 79.19 21.62 -25.92
C LEU T 91 80.27 22.64 -25.57
N TRP T 92 79.91 23.79 -25.00
CA TRP T 92 80.91 24.76 -24.60
C TRP T 92 81.81 24.25 -23.48
N SER T 93 81.24 23.46 -22.59
CA SER T 93 82.00 22.91 -21.47
C SER T 93 83.04 21.95 -22.04
N TYR T 94 82.63 21.19 -23.05
CA TYR T 94 83.54 20.29 -23.74
C TYR T 94 84.65 21.06 -24.44
N ASN T 95 84.32 22.13 -25.14
CA ASN T 95 85.33 22.92 -25.83
C ASN T 95 86.33 23.47 -24.84
N ALA T 96 85.86 23.90 -23.67
CA ALA T 96 86.73 24.51 -22.69
C ALA T 96 87.71 23.47 -22.15
N GLU T 97 87.19 22.29 -21.81
CA GLU T 97 88.02 21.21 -21.28
C GLU T 97 89.10 20.81 -22.28
N LEU T 98 88.69 20.64 -23.53
CA LEU T 98 89.57 20.20 -24.58
C LEU T 98 90.58 21.30 -24.87
N LEU T 99 90.13 22.55 -24.82
CA LEU T 99 90.99 23.67 -25.13
C LEU T 99 92.15 23.70 -24.14
N VAL T 100 91.87 23.62 -22.84
CA VAL T 100 92.96 23.69 -21.88
C VAL T 100 93.84 22.44 -21.89
N ALA T 101 93.27 21.27 -22.13
CA ALA T 101 94.08 20.06 -22.26
C ALA T 101 95.12 20.17 -23.39
N LEU T 102 94.67 20.64 -24.55
CA LEU T 102 95.53 20.75 -25.73
C LEU T 102 96.57 21.85 -25.56
N GLU T 103 96.13 22.99 -25.03
CA GLU T 103 97.03 24.13 -24.83
C GLU T 103 98.13 23.76 -23.86
N ASN T 104 97.77 23.09 -22.77
CA ASN T 104 98.73 22.78 -21.73
C ASN T 104 99.73 21.73 -22.17
N GLN T 105 99.26 20.72 -22.90
CA GLN T 105 100.17 19.73 -23.46
C GLN T 105 101.20 20.41 -24.35
N HIS T 106 100.71 21.32 -25.19
CA HIS T 106 101.53 22.04 -26.14
C HIS T 106 102.47 23.04 -25.42
N THR T 107 102.03 23.63 -24.31
CA THR T 107 102.87 24.56 -23.55
C THR T 107 104.05 23.87 -22.89
N ILE T 108 103.78 22.68 -22.37
CA ILE T 108 104.80 21.84 -21.76
C ILE T 108 105.82 21.40 -22.82
N ASP T 109 105.30 20.99 -23.97
CA ASP T 109 106.17 20.56 -25.06
C ASP T 109 106.98 21.69 -25.67
N LEU T 110 106.45 22.91 -25.73
CA LEU T 110 107.18 24.00 -26.35
C LEU T 110 108.29 24.52 -25.42
N THR T 111 108.04 24.53 -24.11
CA THR T 111 109.08 24.93 -23.15
C THR T 111 110.21 23.90 -23.09
N ASP T 112 109.81 22.63 -23.15
CA ASP T 112 110.74 21.52 -23.28
C ASP T 112 111.60 21.71 -24.53
N SER T 113 110.92 22.05 -25.63
CA SER T 113 111.59 22.32 -26.89
C SER T 113 112.63 23.44 -26.77
N GLU T 114 112.26 24.56 -26.14
CA GLU T 114 113.19 25.69 -26.02
C GLU T 114 114.43 25.33 -25.22
N MET T 115 114.26 24.54 -24.17
CA MET T 115 115.40 24.05 -23.41
C MET T 115 116.31 23.25 -24.33
N ASN T 116 115.72 22.35 -25.10
CA ASN T 116 116.51 21.49 -25.97
C ASN T 116 117.22 22.29 -27.06
N LYS T 117 116.59 23.34 -27.58
CA LYS T 117 117.19 24.12 -28.65
C LYS T 117 118.40 24.88 -28.13
N LEU T 118 118.30 25.41 -26.91
CA LEU T 118 119.42 26.11 -26.29
C LEU T 118 120.60 25.16 -26.07
N PHE T 119 120.30 23.98 -25.56
CA PHE T 119 121.33 22.96 -25.36
C PHE T 119 122.05 22.62 -26.67
N GLU T 120 121.28 22.40 -27.73
CA GLU T 120 121.82 22.02 -29.04
C GLU T 120 122.67 23.14 -29.63
N LYS T 121 122.24 24.39 -29.44
CA LYS T 121 122.94 25.55 -30.00
C LYS T 121 124.29 25.70 -29.33
N THR T 122 124.30 25.50 -28.03
CA THR T 122 125.52 25.61 -27.23
C THR T 122 126.51 24.56 -27.69
N GLY T 123 126.01 23.33 -27.83
CA GLY T 123 126.81 22.23 -28.35
C GLY T 123 127.43 22.57 -29.69
N ARG T 124 126.64 23.16 -30.58
CA ARG T 124 127.12 23.50 -31.92
C ARG T 124 128.20 24.58 -31.89
N GLN T 125 128.09 25.54 -30.97
CA GLN T 125 129.14 26.53 -30.85
C GLN T 125 130.43 25.85 -30.42
N LEU T 126 130.32 24.92 -29.47
CA LEU T 126 131.51 24.31 -28.91
C LEU T 126 132.25 23.37 -29.86
N ARG T 127 131.57 22.87 -30.90
CA ARG T 127 132.22 22.02 -31.90
C ARG T 127 132.98 20.86 -31.22
N GLU T 128 134.28 20.71 -31.49
CA GLU T 128 135.07 19.62 -30.96
C GLU T 128 135.77 20.01 -29.66
N ASN T 129 135.39 21.13 -29.06
CA ASN T 129 136.11 21.63 -27.91
C ASN T 129 135.49 21.19 -26.60
N ALA T 130 134.37 20.47 -26.68
CA ALA T 130 133.66 20.06 -25.50
C ALA T 130 132.99 18.72 -25.78
N GLU T 131 132.57 18.06 -24.71
CA GLU T 131 131.75 16.87 -24.84
C GLU T 131 130.53 16.99 -23.95
N ASP T 132 129.42 16.45 -24.46
CA ASP T 132 128.16 16.38 -23.76
C ASP T 132 128.24 15.32 -22.64
N MET T 133 128.07 15.75 -21.39
CA MET T 133 128.16 14.83 -20.26
C MET T 133 126.88 14.02 -20.01
N GLY T 134 125.83 14.36 -20.74
CA GLY T 134 124.58 13.60 -20.75
C GLY T 134 123.53 14.05 -19.74
N ASN T 135 123.86 15.05 -18.94
CA ASN T 135 122.98 15.58 -17.90
C ASN T 135 122.70 17.06 -18.16
N GLY T 136 122.89 17.48 -19.41
CA GLY T 136 122.71 18.85 -19.82
C GLY T 136 123.91 19.75 -19.59
N CYS T 137 125.06 19.17 -19.23
CA CYS T 137 126.30 19.90 -19.00
C CYS T 137 127.35 19.53 -20.05
N PHE T 138 128.17 20.50 -20.43
CA PHE T 138 129.33 20.24 -21.28
C PHE T 138 130.65 20.31 -20.51
N LYS T 139 131.50 19.31 -20.68
CA LYS T 139 132.89 19.39 -20.26
C LYS T 139 133.70 20.08 -21.35
N ILE T 140 134.25 21.23 -21.00
CA ILE T 140 135.04 22.04 -21.91
C ILE T 140 136.50 21.75 -21.65
N TYR T 141 137.20 21.34 -22.71
CA TYR T 141 138.53 20.74 -22.59
C TYR T 141 139.64 21.75 -22.77
N HIS T 142 139.40 23.00 -22.36
CA HIS T 142 140.45 24.01 -22.42
C HIS T 142 140.15 25.04 -21.35
N LYS T 143 141.17 25.78 -20.97
CA LYS T 143 140.98 26.88 -20.04
C LYS T 143 140.00 27.87 -20.59
N CYS T 144 138.98 28.19 -19.79
CA CYS T 144 137.90 29.04 -20.27
C CYS T 144 137.53 29.98 -19.14
N ASP T 145 138.16 31.14 -19.15
CA ASP T 145 137.97 32.11 -18.10
C ASP T 145 136.62 32.82 -18.25
N ASN T 146 136.34 33.81 -17.41
CA ASN T 146 135.02 34.42 -17.37
C ASN T 146 134.64 35.03 -18.71
N ALA T 147 135.60 35.64 -19.38
CA ALA T 147 135.33 36.24 -20.68
C ALA T 147 135.03 35.18 -21.74
N CYS T 148 135.69 34.03 -21.63
CA CYS T 148 135.42 32.91 -22.54
C CYS T 148 134.01 32.34 -22.36
N ILE T 149 133.64 32.13 -21.10
CA ILE T 149 132.30 31.69 -20.77
C ILE T 149 131.29 32.69 -21.33
N GLU T 150 131.55 33.98 -21.16
CA GLU T 150 130.64 35.00 -21.65
C GLU T 150 130.56 34.98 -23.18
N SER T 151 131.68 34.66 -23.84
CA SER T 151 131.67 34.55 -25.30
C SER T 151 130.77 33.40 -25.75
N ILE T 152 130.73 32.29 -24.99
CA ILE T 152 129.78 31.23 -25.32
C ILE T 152 128.34 31.71 -25.10
N ARG T 153 128.08 32.33 -23.96
CA ARG T 153 126.73 32.77 -23.61
C ARG T 153 126.16 33.81 -24.59
N ASN T 154 127.00 34.68 -25.14
CA ASN T 154 126.50 35.72 -26.05
C ASN T 154 126.66 35.35 -27.54
N GLY T 155 127.16 34.15 -27.81
CA GLY T 155 127.13 33.55 -29.13
C GLY T 155 128.26 33.92 -30.08
N THR T 156 129.37 34.40 -29.53
CA THR T 156 130.52 34.84 -30.32
C THR T 156 131.77 33.98 -30.10
N TYR T 157 131.65 32.88 -29.35
CA TYR T 157 132.76 31.99 -29.06
C TYR T 157 133.42 31.50 -30.36
N ASP T 158 134.75 31.57 -30.39
CA ASP T 158 135.51 31.17 -31.58
C ASP T 158 136.22 29.86 -31.29
N HIS T 159 135.63 28.76 -31.78
CA HIS T 159 136.11 27.44 -31.42
C HIS T 159 137.54 27.21 -31.89
N ASP T 160 137.89 27.84 -33.00
CA ASP T 160 139.20 27.63 -33.60
C ASP T 160 140.33 28.11 -32.69
N VAL T 161 140.07 29.14 -31.89
CA VAL T 161 141.10 29.68 -31.00
C VAL T 161 141.57 28.61 -30.02
N TYR T 162 140.64 27.76 -29.59
CA TYR T 162 140.89 26.83 -28.50
C TYR T 162 141.05 25.40 -28.99
N ARG T 163 140.87 25.16 -30.29
CA ARG T 163 140.75 23.81 -30.81
C ARG T 163 141.96 22.93 -30.56
N ASP T 164 143.16 23.46 -30.77
CA ASP T 164 144.37 22.68 -30.58
C ASP T 164 144.50 22.22 -29.12
N GLU T 165 144.31 23.16 -28.20
CA GLU T 165 144.38 22.89 -26.77
C GLU T 165 143.36 21.82 -26.38
N ALA T 166 142.15 21.96 -26.90
CA ALA T 166 141.05 21.09 -26.52
C ALA T 166 141.24 19.66 -27.01
N LEU T 167 141.65 19.52 -28.26
CA LEU T 167 141.87 18.22 -28.86
C LEU T 167 143.00 17.51 -28.14
N ASN T 168 144.04 18.25 -27.78
CA ASN T 168 145.15 17.67 -27.02
C ASN T 168 144.62 17.10 -25.72
N ASN T 169 143.76 17.87 -25.04
CA ASN T 169 143.16 17.39 -23.80
C ASN T 169 142.16 16.23 -23.97
N ARG T 170 141.41 16.21 -25.07
CA ARG T 170 140.38 15.19 -25.22
C ARG T 170 140.97 13.84 -25.61
N PHE T 171 141.92 13.87 -26.53
CA PHE T 171 142.33 12.66 -27.26
C PHE T 171 143.74 12.16 -26.97
N GLN T 172 144.51 12.92 -26.20
CA GLN T 172 145.89 12.55 -25.91
C GLN T 172 146.21 12.81 -24.45
N PRO U 3 142.12 21.00 -47.81
CA PRO U 3 141.41 20.38 -48.94
C PRO U 3 140.20 19.59 -48.48
N GLY U 4 139.01 20.13 -48.73
CA GLY U 4 137.77 19.48 -48.36
C GLY U 4 136.60 20.06 -49.11
N ALA U 5 135.42 19.99 -48.51
CA ALA U 5 134.20 20.47 -49.15
C ALA U 5 133.22 20.94 -48.08
N THR U 6 132.15 21.60 -48.51
CA THR U 6 131.10 22.03 -47.61
C THR U 6 129.77 21.60 -48.21
N LEU U 7 128.87 21.12 -47.36
CA LEU U 7 127.55 20.68 -47.81
C LEU U 7 126.50 21.30 -46.89
N CYS U 8 125.67 22.17 -47.45
CA CYS U 8 124.67 22.90 -46.68
C CYS U 8 123.30 22.34 -46.95
N LEU U 9 122.52 22.19 -45.88
CA LEU U 9 121.13 21.81 -45.98
C LEU U 9 120.27 23.04 -45.91
N GLY U 10 119.18 23.04 -46.64
CA GLY U 10 118.29 24.19 -46.60
C GLY U 10 116.91 23.86 -47.09
N HIS U 11 116.08 24.89 -47.15
CA HIS U 11 114.70 24.75 -47.59
C HIS U 11 114.38 25.98 -48.40
N HIS U 12 113.31 25.90 -49.20
CA HIS U 12 112.95 27.01 -50.07
C HIS U 12 112.23 28.18 -49.38
N ALA U 13 112.05 29.26 -50.14
CA ALA U 13 111.28 30.42 -49.71
C ALA U 13 110.77 31.14 -50.97
N VAL U 14 109.83 32.06 -50.80
CA VAL U 14 109.34 32.87 -51.92
C VAL U 14 109.36 34.35 -51.51
N PRO U 15 109.37 35.29 -52.49
CA PRO U 15 109.51 36.70 -52.11
C PRO U 15 108.43 37.21 -51.17
N ASN U 16 107.19 36.79 -51.40
CA ASN U 16 106.13 36.98 -50.42
C ASN U 16 105.15 35.84 -50.44
N GLY U 17 104.86 35.35 -49.25
CA GLY U 17 103.99 34.22 -49.05
C GLY U 17 102.62 34.73 -48.63
N THR U 18 101.99 33.98 -47.71
N THR U 18 102.04 34.04 -47.66
CA THR U 18 100.65 34.27 -47.22
CA THR U 18 100.71 34.39 -47.18
C THR U 18 100.66 34.24 -45.68
C THR U 18 100.62 34.19 -45.68
N LEU U 19 99.88 35.09 -45.04
CA LEU U 19 99.80 35.10 -43.57
C LEU U 19 98.70 34.14 -43.11
N VAL U 20 99.03 33.34 -42.10
CA VAL U 20 98.06 32.45 -41.48
C VAL U 20 98.07 32.61 -39.96
N LYS U 21 97.08 32.01 -39.30
CA LYS U 21 96.96 32.08 -37.84
C LYS U 21 97.39 30.76 -37.26
N THR U 22 97.99 30.79 -36.08
CA THR U 22 98.37 29.57 -35.40
C THR U 22 97.85 29.66 -33.96
N ILE U 23 98.25 28.72 -33.11
CA ILE U 23 97.90 28.79 -31.70
C ILE U 23 98.57 29.98 -31.03
N THR U 24 99.84 30.20 -31.38
N THR U 24 99.79 30.26 -31.46
CA THR U 24 100.63 31.25 -30.76
CA THR U 24 100.63 31.26 -30.82
C THR U 24 100.70 32.59 -31.53
C THR U 24 100.49 32.63 -31.48
N ASP U 25 100.29 32.62 -32.80
CA ASP U 25 100.40 33.85 -33.60
C ASP U 25 99.11 34.20 -34.31
N ASP U 26 98.71 35.46 -34.20
N ASP U 26 98.72 35.47 -34.18
CA ASP U 26 97.55 35.91 -34.93
CA ASP U 26 97.58 35.99 -34.90
C ASP U 26 97.93 35.93 -36.40
C ASP U 26 97.92 36.02 -36.38
N GLN U 27 99.18 36.26 -36.70
CA GLN U 27 99.64 36.34 -38.07
C GLN U 27 101.08 35.86 -38.25
N ILE U 28 101.28 34.82 -39.07
CA ILE U 28 102.64 34.35 -39.35
C ILE U 28 102.71 33.92 -40.83
N GLU U 29 103.83 34.19 -41.49
CA GLU U 29 103.93 34.00 -42.94
C GLU U 29 104.40 32.58 -43.29
N VAL U 30 103.63 31.89 -44.14
CA VAL U 30 103.99 30.59 -44.70
C VAL U 30 104.09 30.71 -46.21
N THR U 31 104.63 29.70 -46.89
CA THR U 31 104.87 29.79 -48.34
C THR U 31 103.60 29.72 -49.16
N ASN U 32 102.56 29.09 -48.60
CA ASN U 32 101.35 28.84 -49.35
C ASN U 32 100.25 28.52 -48.36
N ALA U 33 99.02 28.79 -48.75
CA ALA U 33 97.86 28.43 -47.97
C ALA U 33 96.67 28.30 -48.91
N THR U 34 95.58 27.76 -48.40
CA THR U 34 94.36 27.61 -49.18
C THR U 34 93.16 28.06 -48.35
N GLU U 35 92.17 28.60 -49.02
CA GLU U 35 91.06 29.23 -48.36
C GLU U 35 90.04 28.17 -47.93
N LEU U 36 89.58 28.23 -46.67
CA LEU U 36 88.58 27.26 -46.19
C LEU U 36 87.15 27.83 -46.08
N VAL U 37 86.98 29.13 -46.32
CA VAL U 37 85.67 29.78 -46.26
C VAL U 37 85.20 30.20 -47.65
N GLN U 38 84.09 29.64 -48.11
CA GLN U 38 83.48 30.10 -49.35
C GLN U 38 82.75 31.41 -49.09
N SER U 39 83.20 32.49 -49.72
CA SER U 39 82.63 33.82 -49.46
C SER U 39 81.93 34.46 -50.65
N SER U 40 81.92 33.77 -51.79
CA SER U 40 81.29 34.31 -52.99
C SER U 40 80.29 33.37 -53.64
N SER U 41 79.38 33.98 -54.39
CA SER U 41 78.44 33.26 -55.21
C SER U 41 78.38 33.96 -56.56
N THR U 42 78.06 33.20 -57.59
CA THR U 42 77.76 33.72 -58.92
C THR U 42 76.51 34.62 -58.92
N GLY U 43 75.61 34.40 -57.96
CA GLY U 43 74.37 35.14 -57.88
C GLY U 43 73.20 34.44 -58.57
N LYS U 44 73.43 33.21 -59.03
CA LYS U 44 72.41 32.43 -59.70
C LYS U 44 72.19 31.04 -59.09
N ILE U 45 70.92 30.62 -59.02
CA ILE U 45 70.59 29.27 -58.59
C ILE U 45 70.69 28.29 -59.75
N CYS U 46 71.53 27.29 -59.59
CA CYS U 46 71.69 26.24 -60.61
C CYS U 46 70.54 25.25 -60.61
N ASN U 47 70.04 24.95 -61.80
CA ASN U 47 68.89 24.06 -61.96
C ASN U 47 69.16 22.55 -61.95
N ASN U 48 70.41 22.16 -61.78
CA ASN U 48 70.78 20.76 -61.60
C ASN U 48 71.79 20.68 -60.48
N PRO U 49 71.86 19.55 -59.75
CA PRO U 49 71.11 18.31 -59.95
C PRO U 49 69.72 18.33 -59.29
N HIS U 50 69.42 19.35 -58.49
CA HIS U 50 68.16 19.39 -57.74
C HIS U 50 67.03 19.90 -58.62
N ARG U 51 65.83 19.37 -58.44
CA ARG U 51 64.68 19.87 -59.17
C ARG U 51 64.16 21.16 -58.56
N ILE U 52 64.31 22.24 -59.30
CA ILE U 52 63.93 23.56 -58.83
C ILE U 52 62.58 23.89 -59.43
N LEU U 53 61.65 24.35 -58.61
CA LEU U 53 60.37 24.84 -59.10
C LEU U 53 60.28 26.30 -58.73
N ASP U 54 60.30 27.16 -59.74
CA ASP U 54 60.22 28.60 -59.50
C ASP U 54 58.76 28.98 -59.29
N GLY U 55 58.45 29.53 -58.13
CA GLY U 55 57.08 29.88 -57.77
C GLY U 55 56.58 31.10 -58.52
N ILE U 56 57.48 31.90 -59.08
CA ILE U 56 57.10 33.11 -59.79
C ILE U 56 56.16 34.02 -59.00
N ASP U 57 54.93 34.21 -59.46
CA ASP U 57 53.98 35.09 -58.81
C ASP U 57 53.25 34.43 -57.64
N CYS U 58 53.63 33.19 -57.31
CA CYS U 58 52.91 32.40 -56.33
C CYS U 58 53.76 31.96 -55.14
N THR U 59 53.14 32.04 -53.97
CA THR U 59 53.64 31.36 -52.77
C THR U 59 53.22 29.91 -52.88
N LEU U 60 53.85 29.05 -52.10
CA LEU U 60 53.51 27.64 -52.10
C LEU U 60 52.07 27.42 -51.62
N ILE U 61 51.61 28.21 -50.65
CA ILE U 61 50.24 28.08 -50.16
C ILE U 61 49.19 28.47 -51.20
N ASP U 62 49.40 29.52 -51.99
CA ASP U 62 48.43 29.83 -53.06
C ASP U 62 48.36 28.74 -54.11
N ALA U 63 49.48 28.11 -54.40
CA ALA U 63 49.50 26.99 -55.33
C ALA U 63 48.74 25.82 -54.75
N LEU U 64 48.93 25.56 -53.46
CA LEU U 64 48.25 24.47 -52.79
C LEU U 64 46.74 24.66 -52.88
N LEU U 65 46.27 25.83 -52.48
CA LEU U 65 44.84 26.10 -52.42
C LEU U 65 44.26 26.17 -53.81
N GLY U 66 45.04 26.62 -54.79
CA GLY U 66 44.54 26.70 -56.15
C GLY U 66 44.00 28.06 -56.51
N ASP U 67 44.63 29.11 -55.99
CA ASP U 67 44.45 30.47 -56.49
C ASP U 67 44.57 30.40 -58.01
N PRO U 68 43.58 30.94 -58.76
CA PRO U 68 43.61 30.70 -60.21
C PRO U 68 44.92 31.01 -60.92
N HIS U 69 45.57 32.13 -60.61
CA HIS U 69 46.79 32.45 -61.33
C HIS U 69 47.98 31.55 -60.91
N CYS U 70 47.79 30.72 -59.88
CA CYS U 70 48.77 29.73 -59.46
C CYS U 70 48.43 28.30 -59.90
N ASP U 71 47.32 28.09 -60.60
CA ASP U 71 46.89 26.72 -60.94
C ASP U 71 47.80 26.03 -61.96
N VAL U 72 48.69 26.80 -62.57
N VAL U 72 48.66 26.82 -62.60
CA VAL U 72 49.71 26.24 -63.46
CA VAL U 72 49.74 26.29 -63.43
C VAL U 72 50.67 25.33 -62.69
C VAL U 72 50.58 25.25 -62.68
N PHE U 73 50.66 25.42 -61.36
CA PHE U 73 51.46 24.56 -60.51
C PHE U 73 50.72 23.29 -60.11
N GLN U 74 49.52 23.05 -60.62
CA GLN U 74 48.79 21.85 -60.29
C GLN U 74 49.58 20.56 -60.55
N ASN U 75 49.58 19.71 -59.53
CA ASN U 75 50.23 18.40 -59.58
C ASN U 75 51.76 18.49 -59.72
N GLU U 76 52.33 19.65 -59.43
CA GLU U 76 53.77 19.84 -59.60
C GLU U 76 54.55 19.19 -58.48
N THR U 77 55.83 18.96 -58.71
CA THR U 77 56.72 18.41 -57.69
C THR U 77 58.01 19.22 -57.70
N TRP U 78 58.79 19.12 -56.62
CA TRP U 78 60.01 19.87 -56.52
C TRP U 78 60.90 19.21 -55.47
N ASP U 79 62.20 19.39 -55.60
CA ASP U 79 63.11 19.22 -54.49
C ASP U 79 63.19 20.53 -53.71
N LEU U 80 63.32 21.64 -54.44
CA LEU U 80 63.31 22.97 -53.81
C LEU U 80 62.32 23.90 -54.50
N PHE U 81 61.33 24.36 -53.73
CA PHE U 81 60.38 25.35 -54.19
C PHE U 81 60.96 26.73 -53.87
N VAL U 82 60.99 27.63 -54.84
CA VAL U 82 61.56 28.97 -54.66
C VAL U 82 60.48 30.04 -54.64
N GLU U 83 60.28 30.66 -53.50
CA GLU U 83 59.32 31.75 -53.38
C GLU U 83 59.94 33.11 -53.67
N ARG U 84 59.26 33.88 -54.51
CA ARG U 84 59.72 35.20 -54.93
C ARG U 84 59.02 36.28 -54.13
N SER U 85 59.72 37.38 -53.87
CA SER U 85 59.14 38.48 -53.12
C SER U 85 57.97 39.13 -53.86
N LYS U 86 57.93 38.95 -55.17
CA LYS U 86 56.87 39.54 -55.97
C LYS U 86 55.59 38.72 -55.97
N ALA U 87 55.57 37.58 -55.26
CA ALA U 87 54.38 36.75 -55.25
C ALA U 87 53.22 37.58 -54.68
N PHE U 88 52.01 37.30 -55.14
CA PHE U 88 50.81 37.98 -54.66
C PHE U 88 49.60 37.06 -54.65
N SER U 89 48.64 37.33 -53.76
CA SER U 89 47.39 36.57 -53.83
C SER U 89 46.39 37.34 -54.66
N ASN U 90 45.57 36.62 -55.39
CA ASN U 90 44.52 37.21 -56.21
C ASN U 90 43.22 36.43 -56.06
N CYS U 91 42.91 35.92 -54.88
CA CYS U 91 41.73 35.09 -54.71
C CYS U 91 41.02 35.50 -53.44
N TYR U 92 40.18 34.64 -52.85
CA TYR U 92 39.43 35.08 -51.69
C TYR U 92 40.43 35.36 -50.58
N PRO U 93 40.25 36.47 -49.87
CA PRO U 93 41.21 36.78 -48.81
C PRO U 93 41.09 35.80 -47.66
N TYR U 94 42.25 35.33 -47.20
CA TYR U 94 42.28 34.21 -46.29
C TYR U 94 43.40 34.38 -45.29
N ASP U 95 43.31 33.64 -44.19
CA ASP U 95 44.45 33.45 -43.32
C ASP U 95 44.54 31.98 -42.98
N VAL U 96 45.72 31.57 -42.54
CA VAL U 96 45.93 30.20 -42.13
C VAL U 96 46.47 30.23 -40.71
N PRO U 97 45.65 29.86 -39.72
CA PRO U 97 46.28 29.69 -38.41
C PRO U 97 47.43 28.70 -38.54
N ASP U 98 48.57 29.04 -37.96
CA ASP U 98 49.78 28.24 -38.14
C ASP U 98 50.18 28.07 -39.62
N TYR U 99 50.10 29.18 -40.37
CA TYR U 99 50.59 29.27 -41.76
C TYR U 99 51.95 28.65 -41.90
N ALA U 100 52.84 28.95 -40.97
CA ALA U 100 54.22 28.50 -41.09
C ALA U 100 54.29 26.98 -41.11
N SER U 101 53.44 26.32 -40.32
CA SER U 101 53.45 24.88 -40.24
C SER U 101 52.91 24.18 -41.49
N LEU U 102 51.83 24.70 -42.05
CA LEU U 102 51.25 24.14 -43.26
C LEU U 102 52.24 24.29 -44.43
N ARG U 103 52.82 25.48 -44.54
CA ARG U 103 53.82 25.77 -45.57
C ARG U 103 54.99 24.82 -45.45
N SER U 104 55.45 24.60 -44.23
CA SER U 104 56.58 23.72 -44.00
C SER U 104 56.31 22.29 -44.41
N LEU U 105 55.16 21.78 -43.99
CA LEU U 105 54.86 20.37 -44.17
C LEU U 105 54.55 20.03 -45.62
N VAL U 106 53.95 20.97 -46.34
CA VAL U 106 53.74 20.82 -47.78
C VAL U 106 55.06 20.91 -48.53
N ALA U 107 55.89 21.85 -48.12
CA ALA U 107 57.18 22.08 -48.75
C ALA U 107 58.03 20.81 -48.61
N SER U 108 57.92 20.21 -47.43
CA SER U 108 58.67 19.02 -47.05
C SER U 108 58.13 17.80 -47.78
N SER U 109 56.81 17.77 -47.96
CA SER U 109 56.18 16.70 -48.71
C SER U 109 56.65 16.72 -50.15
N GLY U 110 56.81 17.91 -50.69
CA GLY U 110 57.47 18.06 -51.96
C GLY U 110 56.59 17.83 -53.18
N THR U 111 55.28 17.82 -52.98
CA THR U 111 54.36 17.63 -54.08
C THR U 111 53.01 18.27 -53.82
N LEU U 112 52.36 18.71 -54.89
CA LEU U 112 50.97 19.15 -54.83
C LEU U 112 50.04 18.14 -55.50
N GLU U 113 50.50 16.90 -55.72
CA GLU U 113 49.61 15.91 -56.34
C GLU U 113 48.32 15.82 -55.56
N PHE U 114 47.23 16.00 -56.31
CA PHE U 114 45.91 16.08 -55.73
C PHE U 114 45.01 15.08 -56.43
N ILE U 115 44.18 14.42 -55.64
CA ILE U 115 43.29 13.38 -56.11
C ILE U 115 41.91 13.81 -55.67
N THR U 116 41.05 14.05 -56.65
CA THR U 116 39.68 14.44 -56.39
C THR U 116 38.93 13.24 -55.84
N GLU U 117 38.09 13.49 -54.85
CA GLU U 117 37.19 12.49 -54.32
C GLU U 117 35.73 12.89 -54.47
N GLY U 118 34.90 11.87 -54.52
CA GLY U 118 33.49 11.99 -54.77
C GLY U 118 32.69 12.25 -53.52
N PHE U 119 33.01 13.34 -52.82
CA PHE U 119 32.18 13.74 -51.70
C PHE U 119 30.78 14.00 -52.18
N THR U 120 29.82 13.64 -51.33
CA THR U 120 28.42 13.93 -51.59
C THR U 120 27.95 14.99 -50.61
N TRP U 121 27.41 16.08 -51.15
CA TRP U 121 26.97 17.18 -50.32
C TRP U 121 25.48 17.35 -50.55
N THR U 122 24.69 16.66 -49.73
CA THR U 122 23.26 16.57 -49.97
C THR U 122 22.55 17.83 -49.46
N GLY U 123 21.78 18.48 -50.32
CA GLY U 123 20.91 19.55 -49.87
C GLY U 123 21.59 20.90 -49.77
N VAL U 124 22.76 21.04 -50.39
CA VAL U 124 23.42 22.34 -50.46
C VAL U 124 23.82 22.63 -51.90
N THR U 125 24.04 23.92 -52.18
CA THR U 125 24.57 24.34 -53.46
C THR U 125 26.09 24.31 -53.46
N GLN U 126 26.67 23.75 -54.52
CA GLN U 126 28.13 23.64 -54.61
C GLN U 126 28.77 24.69 -55.53
N ASN U 127 30.11 24.71 -55.51
CA ASN U 127 30.95 25.44 -56.47
C ASN U 127 30.85 26.95 -56.45
N GLY U 128 30.71 27.54 -55.27
CA GLY U 128 30.64 28.98 -55.15
C GLY U 128 31.90 29.65 -55.66
N GLY U 129 31.75 30.86 -56.15
CA GLY U 129 32.86 31.63 -56.67
C GLY U 129 32.68 33.09 -56.34
N SER U 130 33.66 33.90 -56.73
CA SER U 130 33.70 35.29 -56.29
C SER U 130 34.39 36.18 -57.29
N ASN U 131 33.95 37.43 -57.40
CA ASN U 131 34.65 38.38 -58.24
C ASN U 131 35.95 38.86 -57.59
N ALA U 132 36.22 38.43 -56.36
CA ALA U 132 37.52 38.64 -55.74
C ALA U 132 38.51 37.60 -56.27
N CYS U 133 38.01 36.52 -56.87
CA CYS U 133 38.87 35.47 -57.35
C CYS U 133 38.43 35.03 -58.74
N LYS U 134 38.71 35.87 -59.74
CA LYS U 134 38.30 35.57 -61.11
C LYS U 134 39.10 34.43 -61.73
N ARG U 135 38.41 33.59 -62.50
CA ARG U 135 39.05 32.51 -63.23
C ARG U 135 38.61 32.75 -64.66
N GLY U 136 39.51 33.24 -65.50
CA GLY U 136 39.08 33.73 -66.80
C GLY U 136 38.19 34.95 -66.63
N PRO U 137 37.17 35.11 -67.49
CA PRO U 137 36.37 36.33 -67.43
C PRO U 137 35.39 36.38 -66.26
N GLY U 138 34.96 35.21 -65.80
CA GLY U 138 33.95 35.12 -64.76
C GLY U 138 34.49 34.95 -63.36
N SER U 139 33.58 35.07 -62.41
CA SER U 139 33.83 34.75 -61.02
C SER U 139 34.33 33.33 -60.86
N GLY U 140 35.14 33.09 -59.83
CA GLY U 140 35.65 31.76 -59.58
C GLY U 140 36.09 31.62 -58.15
N PHE U 141 36.86 30.58 -57.88
CA PHE U 141 37.28 30.26 -56.51
C PHE U 141 38.50 29.39 -56.59
N PHE U 142 39.10 29.14 -55.44
CA PHE U 142 40.21 28.20 -55.35
C PHE U 142 39.76 26.90 -55.97
N SER U 143 40.64 26.30 -56.76
CA SER U 143 40.32 25.10 -57.52
C SER U 143 40.16 23.88 -56.63
N ARG U 144 40.82 23.88 -55.47
CA ARG U 144 40.85 22.70 -54.61
C ARG U 144 39.82 22.75 -53.52
N LEU U 145 39.04 23.82 -53.50
CA LEU U 145 38.06 24.03 -52.46
C LEU U 145 36.69 24.19 -53.11
N ASN U 146 35.66 23.93 -52.33
CA ASN U 146 34.30 23.84 -52.83
C ASN U 146 33.49 24.66 -51.87
N TRP U 147 33.10 25.85 -52.30
CA TRP U 147 32.42 26.74 -51.39
C TRP U 147 30.94 26.35 -51.35
N LEU U 148 30.48 25.78 -50.22
CA LEU U 148 29.10 25.32 -50.12
C LEU U 148 28.15 26.38 -49.54
N THR U 149 26.97 26.52 -50.14
CA THR U 149 25.92 27.40 -49.61
C THR U 149 24.55 26.72 -49.58
N LYS U 150 23.52 27.43 -49.10
CA LYS U 150 22.17 26.86 -48.98
C LYS U 150 21.62 26.44 -50.33
N SER U 151 20.69 25.50 -50.32
CA SER U 151 19.90 25.14 -51.51
C SER U 151 18.44 25.37 -51.16
N GLY U 152 17.76 26.18 -51.98
CA GLY U 152 16.44 26.67 -51.65
C GLY U 152 16.51 27.56 -50.42
N SER U 153 15.76 27.19 -49.37
CA SER U 153 15.69 27.99 -48.15
C SER U 153 16.36 27.30 -46.95
N THR U 154 17.16 26.25 -47.18
CA THR U 154 17.77 25.50 -46.07
C THR U 154 19.22 25.13 -46.33
N TYR U 155 19.93 24.91 -45.24
CA TYR U 155 21.29 24.40 -45.26
C TYR U 155 21.28 23.28 -44.19
N PRO U 156 21.23 22.01 -44.62
CA PRO U 156 21.10 20.93 -43.63
C PRO U 156 22.37 20.64 -42.87
N VAL U 157 22.28 19.74 -41.88
CA VAL U 157 23.50 19.31 -41.22
C VAL U 157 24.17 18.36 -42.20
N LEU U 158 25.32 18.80 -42.72
CA LEU U 158 26.17 17.95 -43.53
C LEU U 158 26.92 16.99 -42.63
N ASN U 159 27.00 15.72 -43.06
CA ASN U 159 27.67 14.69 -42.26
C ASN U 159 28.16 13.69 -43.28
N VAL U 160 29.43 13.79 -43.66
CA VAL U 160 29.96 12.96 -44.72
C VAL U 160 31.24 12.33 -44.28
N THR U 161 31.54 11.16 -44.84
CA THR U 161 32.75 10.48 -44.48
C THR U 161 33.51 10.04 -45.70
N MET U 162 34.83 9.93 -45.55
CA MET U 162 35.71 9.52 -46.61
C MET U 162 36.82 8.66 -46.03
N PRO U 163 36.73 7.34 -46.24
CA PRO U 163 37.76 6.49 -45.64
C PRO U 163 39.08 6.54 -46.40
N ASN U 164 40.17 6.36 -45.67
CA ASN U 164 41.46 6.17 -46.27
C ASN U 164 41.78 4.69 -46.34
N ASN U 165 41.61 4.13 -47.53
CA ASN U 165 41.90 2.72 -47.77
C ASN U 165 43.22 2.56 -48.55
N ASP U 166 43.97 3.66 -48.64
CA ASP U 166 45.27 3.66 -49.28
C ASP U 166 46.36 3.48 -48.22
N ASN U 167 47.62 3.38 -48.64
CA ASN U 167 48.78 3.20 -47.73
C ASN U 167 49.62 4.44 -47.60
N PHE U 168 49.05 5.58 -47.92
CA PHE U 168 49.74 6.79 -47.66
C PHE U 168 48.84 7.70 -46.90
N ASP U 169 49.47 8.69 -46.32
CA ASP U 169 48.76 9.71 -45.60
C ASP U 169 48.14 10.65 -46.61
N LYS U 170 46.91 11.06 -46.31
CA LYS U 170 46.17 12.01 -47.13
C LYS U 170 46.16 13.34 -46.41
N LEU U 171 46.42 14.41 -47.15
CA LEU U 171 46.27 15.75 -46.61
C LEU U 171 45.01 16.39 -47.16
N TYR U 172 44.09 16.70 -46.27
CA TYR U 172 42.89 17.46 -46.61
C TYR U 172 43.04 18.90 -46.21
N ILE U 173 42.81 19.79 -47.15
CA ILE U 173 42.77 21.21 -46.88
C ILE U 173 41.33 21.65 -46.97
N TRP U 174 40.87 22.37 -45.95
CA TRP U 174 39.47 22.81 -45.86
C TRP U 174 39.44 24.17 -45.20
N GLY U 175 38.26 24.75 -45.07
CA GLY U 175 38.16 26.11 -44.55
C GLY U 175 36.86 26.46 -43.88
N VAL U 176 36.82 27.65 -43.30
CA VAL U 176 35.63 28.16 -42.63
C VAL U 176 35.47 29.59 -43.07
N HIS U 177 34.26 29.92 -43.52
CA HIS U 177 33.98 31.27 -43.97
C HIS U 177 33.54 32.11 -42.80
N HIS U 178 34.13 33.30 -42.69
CA HIS U 178 33.69 34.31 -41.74
C HIS U 178 33.03 35.45 -42.48
N PRO U 179 31.69 35.48 -42.45
CA PRO U 179 30.98 36.58 -43.10
C PRO U 179 31.19 37.90 -42.38
N SER U 180 31.07 39.01 -43.10
CA SER U 180 31.27 40.31 -42.49
C SER U 180 30.00 40.78 -41.75
N THR U 181 28.85 40.24 -42.14
CA THR U 181 27.56 40.61 -41.53
C THR U 181 26.66 39.42 -41.28
N ASN U 182 25.71 39.64 -40.39
CA ASN U 182 24.68 38.66 -40.11
C ASN U 182 23.79 38.42 -41.33
N GLN U 183 23.59 39.47 -42.12
CA GLN U 183 22.81 39.39 -43.36
C GLN U 183 23.41 38.37 -44.32
N GLU U 184 24.71 38.46 -44.41
CA GLU U 184 25.51 37.56 -45.20
C GLU U 184 25.46 36.12 -44.70
N GLN U 185 25.63 36.00 -43.39
CA GLN U 185 25.64 34.71 -42.73
C GLN U 185 24.39 33.92 -43.05
N THR U 186 23.26 34.60 -42.92
CA THR U 186 21.95 33.95 -43.06
C THR U 186 21.60 33.77 -44.53
N SER U 187 22.05 34.70 -45.36
CA SER U 187 21.77 34.62 -46.79
C SER U 187 22.41 33.37 -47.36
N LEU U 188 23.62 33.10 -46.91
CA LEU U 188 24.38 31.97 -47.43
C LEU U 188 23.98 30.67 -46.75
N TYR U 189 23.85 30.69 -45.42
CA TYR U 189 23.85 29.46 -44.63
C TYR U 189 22.59 29.20 -43.82
N VAL U 190 21.67 30.15 -43.83
CA VAL U 190 20.38 30.10 -43.14
C VAL U 190 20.53 30.15 -41.62
N GLN U 191 21.37 29.29 -41.04
CA GLN U 191 21.67 29.33 -39.61
C GLN U 191 22.27 30.67 -39.22
N ALA U 192 21.93 31.15 -38.03
CA ALA U 192 22.44 32.44 -37.57
C ALA U 192 23.91 32.32 -37.18
N SER U 193 24.34 31.11 -36.81
CA SER U 193 25.75 30.83 -36.49
C SER U 193 26.09 29.45 -37.02
N GLY U 194 27.21 29.32 -37.73
CA GLY U 194 27.58 28.04 -38.29
C GLY U 194 28.57 27.27 -37.42
N ARG U 195 29.02 26.15 -37.94
CA ARG U 195 30.01 25.34 -37.26
C ARG U 195 30.63 24.35 -38.24
N VAL U 196 31.93 24.11 -38.12
CA VAL U 196 32.60 23.07 -38.89
C VAL U 196 33.38 22.17 -37.97
N THR U 197 33.14 20.85 -38.04
CA THR U 197 33.89 19.93 -37.22
C THR U 197 34.47 18.90 -38.13
N VAL U 198 35.81 18.79 -38.15
CA VAL U 198 36.44 17.80 -38.98
C VAL U 198 37.32 17.00 -38.05
N SER U 199 37.19 15.69 -38.16
CA SER U 199 37.87 14.79 -37.25
C SER U 199 38.30 13.49 -37.90
N THR U 200 39.24 12.82 -37.25
CA THR U 200 39.62 11.45 -37.55
C THR U 200 39.34 10.61 -36.31
N ARG U 201 39.72 9.34 -36.32
N ARG U 201 39.82 9.37 -36.28
CA ARG U 201 39.49 8.50 -35.15
CA ARG U 201 39.50 8.47 -35.16
C ARG U 201 40.04 9.23 -33.92
C ARG U 201 40.24 8.85 -33.87
N ARG U 202 41.30 9.64 -34.00
CA ARG U 202 42.05 10.13 -32.85
C ARG U 202 42.30 11.65 -32.82
N SER U 203 41.67 12.41 -33.72
CA SER U 203 41.83 13.87 -33.71
C SER U 203 40.54 14.58 -34.06
N GLN U 204 40.41 15.83 -33.63
CA GLN U 204 39.26 16.64 -33.99
C GLN U 204 39.60 18.12 -33.91
N GLN U 205 38.99 18.88 -34.81
CA GLN U 205 39.14 20.32 -34.83
C GLN U 205 37.75 20.88 -35.06
N THR U 206 37.25 21.73 -34.17
CA THR U 206 35.98 22.40 -34.46
C THR U 206 36.19 23.90 -34.46
N ILE U 207 35.70 24.54 -35.50
CA ILE U 207 35.82 25.97 -35.70
C ILE U 207 34.44 26.60 -35.79
N ILE U 208 34.25 27.66 -35.01
CA ILE U 208 33.02 28.43 -35.03
C ILE U 208 33.30 29.69 -35.82
N PRO U 209 32.52 29.94 -36.89
CA PRO U 209 32.81 31.17 -37.63
C PRO U 209 32.53 32.34 -36.75
N ASN U 210 33.21 33.43 -37.04
CA ASN U 210 33.01 34.62 -36.27
C ASN U 210 32.63 35.79 -37.20
N ILE U 211 31.42 36.31 -37.03
CA ILE U 211 30.91 37.36 -37.92
C ILE U 211 31.46 38.74 -37.53
N GLY U 212 31.84 39.54 -38.54
CA GLY U 212 32.24 40.93 -38.32
C GLY U 212 33.14 41.40 -39.44
N SER U 213 33.41 42.71 -39.52
CA SER U 213 34.24 43.22 -40.60
C SER U 213 35.74 43.05 -40.39
N ARG U 214 36.42 42.68 -41.48
CA ARG U 214 37.86 42.80 -41.53
C ARG U 214 38.17 43.85 -42.59
N PRO U 215 39.45 44.23 -42.77
CA PRO U 215 39.71 45.21 -43.81
C PRO U 215 39.33 44.74 -45.19
N TRP U 216 38.75 45.67 -45.93
CA TRP U 216 38.36 45.47 -47.31
C TRP U 216 39.59 44.95 -48.12
N VAL U 217 39.46 43.77 -48.72
CA VAL U 217 40.49 43.22 -49.62
C VAL U 217 39.81 42.69 -50.87
N ARG U 218 40.21 43.19 -52.04
CA ARG U 218 39.55 42.82 -53.30
C ARG U 218 38.04 42.83 -53.15
N GLY U 219 37.53 43.93 -52.61
CA GLY U 219 36.09 44.12 -52.51
C GLY U 219 35.44 43.50 -51.29
N LEU U 220 36.22 42.79 -50.46
CA LEU U 220 35.61 41.97 -49.42
C LEU U 220 36.10 42.24 -48.02
N SER U 221 35.15 42.36 -47.10
N SER U 221 35.16 42.30 -47.08
CA SER U 221 35.47 42.51 -45.68
CA SER U 221 35.50 42.43 -45.67
C SER U 221 35.33 41.18 -44.93
C SER U 221 35.45 41.08 -44.97
N SER U 222 34.93 40.12 -45.63
N SER U 222 34.82 40.09 -45.59
CA SER U 222 34.82 38.80 -45.02
CA SER U 222 34.78 38.74 -45.05
C SER U 222 36.14 38.06 -45.24
C SER U 222 36.11 38.03 -45.28
N ARG U 223 36.26 36.86 -44.67
CA ARG U 223 37.50 36.08 -44.76
C ARG U 223 37.23 34.59 -44.74
N ILE U 224 38.18 33.82 -45.25
CA ILE U 224 38.17 32.37 -45.05
C ILE U 224 39.40 32.03 -44.20
N SER U 225 39.21 31.18 -43.20
CA SER U 225 40.33 30.62 -42.44
C SER U 225 40.56 29.19 -42.88
N ILE U 226 41.81 28.85 -43.13
CA ILE U 226 42.18 27.55 -43.67
C ILE U 226 42.73 26.63 -42.59
N TYR U 227 42.25 25.39 -42.60
CA TYR U 227 42.70 24.38 -41.66
C TYR U 227 43.09 23.14 -42.44
N TRP U 228 43.77 22.21 -41.78
N TRP U 228 43.80 22.24 -41.78
CA TRP U 228 44.15 20.98 -42.46
CA TRP U 228 44.23 20.99 -42.41
C TRP U 228 44.11 19.78 -41.51
C TRP U 228 44.02 19.78 -41.50
N THR U 229 43.91 18.61 -42.11
CA THR U 229 43.77 17.37 -41.35
C THR U 229 44.47 16.28 -42.13
N ILE U 230 45.31 15.52 -41.45
CA ILE U 230 45.96 14.37 -42.06
C ILE U 230 45.27 13.08 -41.65
N VAL U 231 45.06 12.20 -42.63
CA VAL U 231 44.35 10.96 -42.38
C VAL U 231 45.26 9.82 -42.77
N LYS U 232 45.57 8.95 -41.82
CA LYS U 232 46.45 7.82 -42.05
C LYS U 232 45.69 6.62 -42.60
N PRO U 233 46.42 5.66 -43.20
CA PRO U 233 45.80 4.42 -43.69
C PRO U 233 44.99 3.73 -42.60
N GLY U 234 43.81 3.27 -42.96
CA GLY U 234 42.93 2.61 -42.02
C GLY U 234 42.09 3.55 -41.17
N ASP U 235 42.41 4.85 -41.20
CA ASP U 235 41.60 5.86 -40.50
C ASP U 235 40.57 6.39 -41.48
N VAL U 236 39.82 7.39 -41.05
CA VAL U 236 38.69 7.89 -41.82
C VAL U 236 38.47 9.36 -41.49
N LEU U 237 37.99 10.11 -42.48
CA LEU U 237 37.68 11.52 -42.28
C LEU U 237 36.17 11.66 -42.10
N VAL U 238 35.77 12.45 -41.13
CA VAL U 238 34.37 12.88 -41.01
C VAL U 238 34.30 14.39 -40.94
N ILE U 239 33.39 14.93 -41.73
CA ILE U 239 33.13 16.36 -41.79
C ILE U 239 31.67 16.55 -41.42
N ASN U 240 31.45 17.39 -40.42
CA ASN U 240 30.11 17.62 -39.93
C ASN U 240 29.92 19.12 -39.79
N SER U 241 28.97 19.69 -40.53
CA SER U 241 28.75 21.13 -40.49
C SER U 241 27.31 21.53 -40.73
N ASN U 242 26.84 22.56 -40.06
CA ASN U 242 25.53 23.18 -40.34
C ASN U 242 25.68 24.60 -40.90
N GLY U 243 26.81 24.89 -41.55
CA GLY U 243 27.01 26.16 -42.25
C GLY U 243 28.46 26.58 -42.25
N ASN U 244 28.86 27.40 -43.23
CA ASN U 244 30.16 28.08 -43.29
C ASN U 244 31.35 27.19 -43.70
N LEU U 245 31.09 25.94 -44.05
CA LEU U 245 32.15 25.04 -44.49
C LEU U 245 32.64 25.38 -45.89
N ILE U 246 33.95 25.54 -46.02
CA ILE U 246 34.58 25.59 -47.33
C ILE U 246 35.17 24.21 -47.47
N ALA U 247 34.51 23.40 -48.29
CA ALA U 247 34.76 21.97 -48.30
C ALA U 247 35.98 21.61 -49.14
N PRO U 248 36.66 20.51 -48.77
CA PRO U 248 37.69 19.94 -49.64
C PRO U 248 37.09 19.24 -50.86
N ARG U 249 37.86 19.16 -51.94
CA ARG U 249 37.45 18.42 -53.12
C ARG U 249 38.11 17.06 -53.21
N GLY U 250 39.02 16.78 -52.28
CA GLY U 250 39.88 15.62 -52.37
C GLY U 250 41.06 15.84 -51.47
N TYR U 251 42.15 15.14 -51.72
CA TYR U 251 43.32 15.20 -50.83
C TYR U 251 44.61 15.34 -51.61
N PHE U 252 45.64 15.85 -50.94
CA PHE U 252 46.99 15.87 -51.50
C PHE U 252 47.73 14.64 -51.02
N LYS U 253 48.43 13.96 -51.91
CA LYS U 253 49.19 12.78 -51.49
C LYS U 253 50.45 13.25 -50.77
N MET U 254 50.65 12.76 -49.55
N MET U 254 50.69 12.71 -49.59
CA MET U 254 51.83 13.09 -48.76
CA MET U 254 51.84 13.13 -48.78
C MET U 254 53.01 12.21 -49.15
C MET U 254 53.03 12.20 -48.94
N ARG U 255 54.19 12.81 -49.19
CA ARG U 255 55.42 12.07 -49.39
C ARG U 255 56.40 12.49 -48.32
N THR U 256 57.43 11.67 -48.13
CA THR U 256 58.58 12.05 -47.32
C THR U 256 59.77 12.02 -48.25
N GLY U 257 60.77 12.83 -47.95
CA GLY U 257 61.94 12.90 -48.80
C GLY U 257 62.70 14.17 -48.54
N LYS U 258 63.43 14.63 -49.53
CA LYS U 258 64.41 15.69 -49.35
C LYS U 258 63.87 17.06 -49.72
N SER U 259 62.57 17.19 -49.97
CA SER U 259 62.08 18.46 -50.47
C SER U 259 62.04 19.56 -49.39
N SER U 260 62.19 20.81 -49.83
CA SER U 260 62.10 21.98 -48.95
C SER U 260 61.68 23.21 -49.74
N ILE U 261 61.76 24.39 -49.12
CA ILE U 261 61.32 25.65 -49.73
C ILE U 261 62.32 26.72 -49.32
N MET U 262 62.50 27.73 -50.16
CA MET U 262 63.44 28.80 -49.87
C MET U 262 62.91 30.09 -50.43
N ARG U 263 63.14 31.20 -49.72
CA ARG U 263 62.78 32.50 -50.25
C ARG U 263 64.02 33.10 -50.90
N SER U 264 63.89 33.45 -52.17
CA SER U 264 65.01 34.02 -52.90
C SER U 264 64.51 34.80 -54.10
N ASP U 265 65.21 35.87 -54.46
CA ASP U 265 64.99 36.54 -55.74
C ASP U 265 66.11 36.22 -56.73
N ALA U 266 66.98 35.26 -56.40
CA ALA U 266 68.07 34.95 -57.31
C ALA U 266 67.52 34.29 -58.58
N PRO U 267 68.02 34.70 -59.75
CA PRO U 267 67.56 34.01 -60.96
C PRO U 267 68.01 32.56 -60.99
N ILE U 268 67.32 31.74 -61.78
N ILE U 268 67.21 31.71 -61.62
CA ILE U 268 67.68 30.32 -61.94
CA ILE U 268 67.60 30.35 -61.87
C ILE U 268 68.37 30.07 -63.28
C ILE U 268 68.44 30.42 -63.13
N ASP U 269 69.63 29.62 -63.24
N ASP U 269 69.29 29.44 -63.35
CA ASP U 269 70.43 29.41 -64.45
CA ASP U 269 70.06 29.30 -64.59
C ASP U 269 70.48 27.92 -64.82
C ASP U 269 70.49 27.87 -64.82
N THR U 270 71.08 27.63 -65.98
CA THR U 270 71.39 26.26 -66.38
C THR U 270 72.87 25.99 -66.10
N CYS U 271 73.08 25.19 -65.05
CA CYS U 271 74.40 24.90 -64.51
C CYS U 271 74.17 23.86 -63.41
N ILE U 272 75.26 23.37 -62.82
CA ILE U 272 75.15 22.29 -61.86
C ILE U 272 75.81 22.71 -60.55
N SER U 273 75.08 22.63 -59.45
CA SER U 273 75.66 22.85 -58.13
C SER U 273 74.84 22.14 -57.05
N GLU U 274 75.53 21.43 -56.17
CA GLU U 274 74.87 20.72 -55.09
C GLU U 274 74.31 21.64 -54.01
N CYS U 275 74.95 22.80 -53.82
CA CYS U 275 74.59 23.69 -52.71
C CYS U 275 73.88 24.97 -53.17
N ILE U 276 72.72 25.25 -52.58
CA ILE U 276 71.91 26.40 -52.94
C ILE U 276 71.70 27.29 -51.72
N THR U 277 71.91 28.60 -51.89
CA THR U 277 71.62 29.59 -50.86
C THR U 277 70.67 30.61 -51.48
N PRO U 278 70.04 31.47 -50.66
CA PRO U 278 69.17 32.49 -51.26
C PRO U 278 69.93 33.46 -52.16
N ASN U 279 71.24 33.57 -51.97
CA ASN U 279 72.11 34.42 -52.81
C ASN U 279 72.40 33.79 -54.17
N GLY U 280 72.09 32.52 -54.34
CA GLY U 280 72.55 31.77 -55.50
C GLY U 280 73.29 30.54 -55.04
N SER U 281 73.60 29.66 -55.99
CA SER U 281 74.41 28.49 -55.70
C SER U 281 75.86 28.85 -55.34
N ILE U 282 76.50 27.99 -54.54
CA ILE U 282 77.92 28.13 -54.24
C ILE U 282 78.67 26.80 -54.37
N PRO U 283 79.97 26.85 -54.72
CA PRO U 283 80.81 25.65 -54.68
C PRO U 283 80.84 25.01 -53.29
N ASN U 284 80.99 23.70 -53.23
CA ASN U 284 81.06 22.97 -51.96
C ASN U 284 82.39 22.28 -51.72
N ASP U 285 83.45 22.75 -52.38
CA ASP U 285 84.79 22.22 -52.13
C ASP U 285 85.41 22.62 -50.79
N LYS U 286 85.03 23.78 -50.25
CA LYS U 286 85.53 24.21 -48.94
C LYS U 286 84.60 23.74 -47.81
N PRO U 287 85.17 23.54 -46.60
CA PRO U 287 84.39 23.02 -45.47
C PRO U 287 83.44 24.04 -44.85
N PHE U 288 83.72 25.33 -45.05
CA PHE U 288 82.92 26.40 -44.47
C PHE U 288 82.48 27.44 -45.50
N GLN U 289 81.46 28.23 -45.16
CA GLN U 289 81.02 29.31 -46.05
C GLN U 289 80.45 30.46 -45.21
N ASN U 290 80.55 31.67 -45.75
CA ASN U 290 80.03 32.86 -45.08
C ASN U 290 78.98 33.55 -45.95
N VAL U 291 78.40 32.85 -46.91
CA VAL U 291 77.46 33.47 -47.83
C VAL U 291 76.07 33.64 -47.20
N ASN U 292 75.50 32.57 -46.65
CA ASN U 292 74.17 32.66 -46.03
C ASN U 292 73.96 31.50 -45.08
N LYS U 293 73.36 31.79 -43.92
CA LYS U 293 73.00 30.72 -42.98
C LYS U 293 71.88 29.82 -43.49
N ILE U 294 71.11 30.31 -44.44
CA ILE U 294 70.10 29.50 -45.10
C ILE U 294 70.74 28.72 -46.23
N THR U 295 70.68 27.40 -46.17
CA THR U 295 71.21 26.58 -47.26
C THR U 295 70.38 25.33 -47.50
N TYR U 296 70.58 24.76 -48.69
CA TYR U 296 69.91 23.52 -49.07
C TYR U 296 70.88 22.66 -49.88
N GLY U 297 71.00 21.39 -49.51
CA GLY U 297 71.83 20.45 -50.26
C GLY U 297 73.15 20.16 -49.57
N ALA U 298 74.14 19.69 -50.32
CA ALA U 298 75.44 19.39 -49.72
C ALA U 298 76.30 20.65 -49.66
N CYS U 299 76.32 21.25 -48.48
CA CYS U 299 76.80 22.62 -48.31
C CYS U 299 77.88 22.74 -47.24
N PRO U 300 78.83 23.64 -47.44
CA PRO U 300 79.73 23.96 -46.33
C PRO U 300 78.93 24.50 -45.15
N LYS U 301 79.51 24.40 -43.97
CA LYS U 301 78.87 24.88 -42.75
C LYS U 301 79.02 26.39 -42.63
N TYR U 302 77.97 27.07 -42.21
CA TYR U 302 78.01 28.52 -42.09
C TYR U 302 78.84 28.94 -40.89
N VAL U 303 79.78 29.87 -41.11
CA VAL U 303 80.56 30.46 -40.02
C VAL U 303 80.59 31.96 -40.17
N LYS U 304 81.00 32.66 -39.12
CA LYS U 304 80.99 34.12 -39.12
C LYS U 304 82.20 34.71 -39.85
N GLN U 305 83.32 33.99 -39.84
CA GLN U 305 84.59 34.48 -40.42
C GLN U 305 84.44 34.50 -41.93
N ASN U 306 85.01 35.47 -42.64
CA ASN U 306 84.90 35.43 -44.11
C ASN U 306 86.11 34.73 -44.78
N THR U 307 87.17 34.46 -44.02
CA THR U 307 88.32 33.71 -44.51
C THR U 307 88.96 33.04 -43.34
N LEU U 308 89.39 31.83 -43.63
CA LEU U 308 90.22 31.09 -42.73
C LEU U 308 91.19 30.35 -43.60
N LYS U 309 92.47 30.65 -43.41
CA LYS U 309 93.50 30.10 -44.26
C LYS U 309 94.17 28.93 -43.59
N LEU U 310 94.18 27.82 -44.33
CA LEU U 310 94.92 26.64 -43.94
C LEU U 310 96.30 26.65 -44.60
N ALA U 311 97.36 26.72 -43.79
CA ALA U 311 98.70 26.67 -44.35
C ALA U 311 98.89 25.38 -45.14
N THR U 312 99.51 25.49 -46.31
CA THR U 312 99.86 24.34 -47.14
C THR U 312 101.34 24.31 -47.44
N GLY U 313 102.12 24.98 -46.60
CA GLY U 313 103.55 25.05 -46.79
C GLY U 313 104.25 25.45 -45.50
N MET U 314 105.57 25.43 -45.53
CA MET U 314 106.35 25.76 -44.34
C MET U 314 106.38 27.27 -44.12
N ARG U 315 106.97 27.67 -43.00
N ARG U 315 106.94 27.68 -42.98
CA ARG U 315 107.25 29.07 -42.70
CA ARG U 315 107.25 29.08 -42.71
C ARG U 315 108.06 29.71 -43.82
C ARG U 315 108.04 29.70 -43.85
N ASN U 316 107.68 30.92 -44.25
CA ASN U 316 108.40 31.61 -45.30
C ASN U 316 109.42 32.52 -44.66
N VAL U 317 110.66 32.13 -44.83
CA VAL U 317 111.81 32.73 -44.21
C VAL U 317 112.75 33.03 -45.37
N PRO U 318 112.40 34.00 -46.21
CA PRO U 318 113.31 34.18 -47.34
C PRO U 318 114.65 34.69 -46.82
N GLU U 319 114.53 35.36 -45.69
CA GLU U 319 115.58 36.01 -44.97
C GLU U 319 115.95 35.70 -43.52
N LYS U 320 117.20 36.05 -43.12
CA LYS U 320 117.69 35.80 -41.76
C LYS U 320 116.50 35.95 -40.85
N GLY V 1 109.80 27.23 -34.86
CA GLY V 1 109.14 25.91 -34.75
C GLY V 1 109.76 25.11 -33.62
N LEU V 2 109.16 23.98 -33.28
CA LEU V 2 109.63 23.21 -32.13
C LEU V 2 111.02 22.66 -32.27
N PHE V 3 111.43 22.43 -33.52
CA PHE V 3 112.69 21.75 -33.78
C PHE V 3 113.87 22.68 -33.97
N GLY V 4 113.60 23.96 -34.22
CA GLY V 4 114.67 24.93 -34.23
C GLY V 4 115.51 24.88 -35.47
N ALA V 5 115.01 24.27 -36.54
CA ALA V 5 115.75 24.22 -37.79
C ALA V 5 115.34 25.38 -38.69
N ILE V 6 114.10 25.36 -39.15
CA ILE V 6 113.58 26.43 -39.99
C ILE V 6 113.39 27.66 -39.11
N ALA V 7 113.91 28.80 -39.58
CA ALA V 7 113.92 30.02 -38.78
C ALA V 7 114.69 29.76 -37.49
N GLY V 8 115.68 28.88 -37.59
CA GLY V 8 116.49 28.45 -36.47
C GLY V 8 117.95 28.41 -36.86
N PHE V 9 118.57 27.24 -36.66
CA PHE V 9 119.97 27.04 -37.03
C PHE V 9 120.16 27.15 -38.53
N ILE V 10 119.09 26.92 -39.30
N ILE V 10 119.08 26.87 -39.29
CA ILE V 10 119.12 27.30 -40.70
CA ILE V 10 119.02 27.27 -40.69
C ILE V 10 118.55 28.70 -40.74
C ILE V 10 118.57 28.73 -40.62
N GLU V 11 119.44 29.65 -41.00
CA GLU V 11 119.20 31.07 -40.79
C GLU V 11 118.07 31.60 -41.65
N ASN V 12 117.98 31.07 -42.86
CA ASN V 12 116.92 31.45 -43.77
C ASN V 12 116.70 30.41 -44.87
N GLY V 13 115.59 30.54 -45.57
CA GLY V 13 115.27 29.73 -46.73
C GLY V 13 115.93 30.23 -47.99
N TRP V 14 115.87 29.43 -49.05
CA TRP V 14 116.50 29.75 -50.32
C TRP V 14 115.45 30.05 -51.38
N GLU V 15 115.29 31.31 -51.76
CA GLU V 15 114.38 31.64 -52.87
C GLU V 15 114.84 31.01 -54.18
N GLY V 16 116.12 30.67 -54.26
CA GLY V 16 116.68 30.10 -55.47
C GLY V 16 116.46 28.60 -55.57
N MET V 17 115.92 27.98 -54.52
N MET V 17 115.87 28.01 -54.53
CA MET V 17 115.58 26.58 -54.63
CA MET V 17 115.53 26.59 -54.54
C MET V 17 114.16 26.57 -55.14
C MET V 17 114.13 26.46 -55.12
N ILE V 18 114.07 26.34 -56.44
CA ILE V 18 112.78 26.41 -57.14
C ILE V 18 112.24 25.05 -57.63
N ASP V 19 112.95 23.97 -57.37
CA ASP V 19 112.50 22.63 -57.77
C ASP V 19 112.28 21.64 -56.62
N GLY V 20 112.13 22.14 -55.40
CA GLY V 20 111.91 21.30 -54.25
C GLY V 20 111.70 22.11 -52.99
N TRP V 21 111.29 21.47 -51.90
CA TRP V 21 111.06 22.18 -50.64
C TRP V 21 112.32 22.18 -49.77
N TYR V 22 113.10 21.10 -49.84
CA TYR V 22 114.31 20.92 -49.03
C TYR V 22 115.41 20.47 -49.95
N GLY V 23 116.65 20.76 -49.60
CA GLY V 23 117.75 20.32 -50.45
C GLY V 23 119.14 20.66 -49.96
N PHE V 24 120.08 20.61 -50.89
CA PHE V 24 121.48 20.65 -50.60
C PHE V 24 122.13 21.72 -51.46
N ARG V 25 123.09 22.44 -50.89
CA ARG V 25 124.01 23.24 -51.69
C ARG V 25 125.41 22.80 -51.31
N HIS V 26 126.32 22.76 -52.27
CA HIS V 26 127.65 22.27 -51.98
C HIS V 26 128.65 23.17 -52.66
N GLN V 27 129.87 23.12 -52.11
CA GLN V 27 131.06 23.66 -52.76
C GLN V 27 132.15 22.60 -52.65
N ASN V 28 132.80 22.29 -53.78
CA ASN V 28 133.90 21.35 -53.77
C ASN V 28 134.95 21.74 -54.81
N SER V 29 135.88 20.86 -55.13
CA SER V 29 136.95 21.19 -56.05
C SER V 29 136.46 21.44 -57.48
N GLU V 30 135.24 20.99 -57.80
CA GLU V 30 134.71 21.16 -59.15
C GLU V 30 133.73 22.34 -59.26
N GLY V 31 133.52 23.08 -58.18
CA GLY V 31 132.68 24.26 -58.23
C GLY V 31 131.65 24.17 -57.12
N THR V 32 130.46 24.71 -57.40
CA THR V 32 129.37 24.72 -56.44
C THR V 32 128.12 24.23 -57.16
N GLY V 33 127.12 23.86 -56.38
CA GLY V 33 125.87 23.42 -56.98
C GLY V 33 124.75 23.30 -55.98
N GLN V 34 123.57 22.97 -56.49
CA GLN V 34 122.38 22.83 -55.66
C GLN V 34 121.54 21.68 -56.19
N ALA V 35 120.90 20.94 -55.29
CA ALA V 35 119.99 19.89 -55.69
C ALA V 35 118.86 19.73 -54.67
N ALA V 36 117.62 19.62 -55.14
CA ALA V 36 116.50 19.31 -54.26
C ALA V 36 116.63 17.89 -53.71
N ASP V 37 116.18 17.70 -52.46
CA ASP V 37 116.00 16.37 -51.90
C ASP V 37 114.56 15.95 -52.10
N LEU V 38 114.35 14.91 -52.91
N LEU V 38 114.36 14.90 -52.90
CA LEU V 38 113.01 14.51 -53.31
CA LEU V 38 113.02 14.51 -53.33
C LEU V 38 112.21 13.83 -52.20
C LEU V 38 112.22 13.83 -52.21
N LYS V 39 112.88 12.99 -51.42
CA LYS V 39 112.19 12.22 -50.36
C LYS V 39 111.60 13.07 -49.23
N SER V 40 112.40 14.00 -48.71
N SER V 40 112.37 14.03 -48.73
CA SER V 40 111.94 14.92 -47.66
CA SER V 40 111.89 14.91 -47.66
C SER V 40 110.86 15.88 -48.17
C SER V 40 110.82 15.85 -48.18
N THR V 41 111.04 16.37 -49.39
CA THR V 41 110.09 17.25 -50.05
C THR V 41 108.77 16.52 -50.18
N GLN V 42 108.83 15.26 -50.60
CA GLN V 42 107.62 14.48 -50.85
C GLN V 42 106.96 14.07 -49.55
N ALA V 43 107.75 13.88 -48.48
CA ALA V 43 107.16 13.52 -47.20
C ALA V 43 106.32 14.66 -46.65
N ALA V 44 106.85 15.88 -46.75
CA ALA V 44 106.11 17.06 -46.29
C ALA V 44 104.89 17.29 -47.17
N ILE V 45 105.05 17.21 -48.48
CA ILE V 45 103.95 17.44 -49.41
C ILE V 45 102.85 16.40 -49.15
N ASP V 46 103.23 15.16 -48.86
CA ASP V 46 102.26 14.09 -48.69
C ASP V 46 101.48 14.30 -47.41
N GLN V 47 102.16 14.74 -46.35
CA GLN V 47 101.47 15.02 -45.10
C GLN V 47 100.49 16.19 -45.21
N ILE V 48 100.92 17.26 -45.90
N ILE V 48 100.91 17.23 -45.94
CA ILE V 48 100.08 18.44 -46.06
CA ILE V 48 100.08 18.43 -46.10
C ILE V 48 98.87 18.13 -46.95
C ILE V 48 98.88 18.15 -46.97
N ASN V 49 99.07 17.29 -47.96
CA ASN V 49 97.98 16.90 -48.83
C ASN V 49 97.03 15.99 -48.06
N GLY V 50 97.59 15.19 -47.16
CA GLY V 50 96.81 14.32 -46.31
C GLY V 50 95.87 15.11 -45.41
N LYS V 51 96.38 16.10 -44.71
N LYS V 51 96.42 16.13 -44.76
CA LYS V 51 95.55 16.88 -43.79
CA LYS V 51 95.67 16.98 -43.82
C LYS V 51 94.57 17.76 -44.56
C LYS V 51 94.58 17.67 -44.60
N LEU V 52 94.98 18.23 -45.75
CA LEU V 52 94.11 19.03 -46.57
C LEU V 52 92.91 18.18 -47.00
N ASN V 53 93.17 16.95 -47.41
CA ASN V 53 92.11 16.07 -47.89
C ASN V 53 91.20 15.65 -46.73
N ARG V 54 91.74 15.53 -45.53
CA ARG V 54 90.89 15.25 -44.39
C ARG V 54 89.96 16.44 -44.09
N VAL V 55 90.47 17.66 -44.23
CA VAL V 55 89.67 18.85 -43.94
C VAL V 55 88.60 19.16 -44.96
N ILE V 56 88.87 18.93 -46.25
CA ILE V 56 87.95 19.36 -47.29
C ILE V 56 87.02 18.22 -47.76
N GLU V 57 87.15 17.06 -47.11
CA GLU V 57 86.31 15.89 -47.34
C GLU V 57 84.88 16.14 -46.87
N LYS V 58 83.91 15.61 -47.61
CA LYS V 58 82.55 15.41 -47.09
C LYS V 58 81.90 16.61 -46.43
N THR V 59 81.41 17.57 -47.20
CA THR V 59 80.45 18.46 -46.56
C THR V 59 79.23 17.62 -46.18
N ASN V 60 78.57 18.04 -45.11
CA ASN V 60 77.27 17.49 -44.74
C ASN V 60 76.18 17.89 -45.75
N GLU V 61 75.20 17.01 -45.95
CA GLU V 61 74.04 17.32 -46.79
C GLU V 61 72.81 17.51 -45.92
N LYS V 62 72.20 18.70 -46.01
CA LYS V 62 70.98 18.97 -45.24
C LYS V 62 69.88 19.46 -46.16
N PHE V 63 68.63 19.14 -45.83
CA PHE V 63 67.51 19.49 -46.71
C PHE V 63 66.50 20.40 -46.01
N HIS V 64 65.36 19.87 -45.57
CA HIS V 64 64.40 20.71 -44.85
C HIS V 64 64.94 20.92 -43.44
N GLN V 65 65.01 22.19 -43.06
CA GLN V 65 65.58 22.63 -41.79
C GLN V 65 64.54 23.56 -41.14
N ILE V 66 64.98 24.58 -40.42
CA ILE V 66 64.06 25.55 -39.82
C ILE V 66 64.22 26.88 -40.53
N GLU V 67 63.22 27.73 -40.41
CA GLU V 67 63.34 29.07 -40.95
C GLU V 67 64.34 29.88 -40.12
N LYS V 68 65.07 30.76 -40.80
CA LYS V 68 66.11 31.54 -40.15
C LYS V 68 65.96 33.07 -40.31
N GLU V 69 65.01 33.50 -41.15
CA GLU V 69 64.62 34.90 -41.23
C GLU V 69 63.11 34.99 -41.10
N PHE V 70 62.64 36.10 -40.55
CA PHE V 70 61.23 36.25 -40.20
C PHE V 70 60.71 37.63 -40.54
N SER V 71 59.50 37.71 -41.06
CA SER V 71 58.97 38.98 -41.49
C SER V 71 58.02 39.61 -40.45
N GLU V 72 57.68 38.86 -39.39
CA GLU V 72 56.81 39.39 -38.33
C GLU V 72 57.42 39.08 -36.97
N VAL V 73 57.26 39.98 -36.00
CA VAL V 73 57.58 39.67 -34.61
C VAL V 73 56.60 38.62 -34.09
N GLU V 74 57.12 37.58 -33.45
CA GLU V 74 56.27 36.52 -32.90
C GLU V 74 56.47 36.16 -31.43
N GLY V 75 57.58 36.58 -30.83
CA GLY V 75 57.80 36.27 -29.43
C GLY V 75 58.48 34.92 -29.30
N ARG V 76 57.96 34.11 -28.39
CA ARG V 76 58.66 32.96 -27.83
C ARG V 76 59.24 31.92 -28.78
N ILE V 77 58.44 31.45 -29.74
N ILE V 77 58.45 31.48 -29.74
CA ILE V 77 58.91 30.42 -30.65
CA ILE V 77 58.91 30.43 -30.65
C ILE V 77 59.97 30.95 -31.61
C ILE V 77 59.97 30.95 -31.60
N GLN V 78 59.78 32.16 -32.11
CA GLN V 78 60.81 32.78 -32.94
C GLN V 78 62.08 33.03 -32.17
N ASP V 79 61.97 33.47 -30.93
CA ASP V 79 63.13 33.66 -30.07
C ASP V 79 63.92 32.37 -30.00
N LEU V 80 63.22 31.28 -29.78
CA LEU V 80 63.88 29.99 -29.67
C LEU V 80 64.55 29.58 -30.98
N GLU V 81 63.88 29.74 -32.11
CA GLU V 81 64.48 29.43 -33.42
C GLU V 81 65.76 30.23 -33.71
N LYS V 82 65.75 31.51 -33.37
CA LYS V 82 66.87 32.39 -33.65
C LYS V 82 68.01 32.05 -32.71
N TYR V 83 67.66 31.69 -31.48
CA TYR V 83 68.65 31.33 -30.49
C TYR V 83 69.32 30.02 -30.87
N VAL V 84 68.54 29.08 -31.40
CA VAL V 84 69.07 27.79 -31.82
C VAL V 84 70.07 28.00 -32.96
N GLU V 85 69.70 28.81 -33.95
CA GLU V 85 70.61 29.05 -35.08
C GLU V 85 71.88 29.82 -34.67
N ASP V 86 71.76 30.84 -33.84
CA ASP V 86 72.92 31.62 -33.41
C ASP V 86 73.86 30.76 -32.62
N THR V 87 73.28 29.88 -31.82
CA THR V 87 74.05 28.99 -30.99
C THR V 87 74.85 28.06 -31.90
N LYS V 88 74.18 27.51 -32.91
CA LYS V 88 74.86 26.63 -33.86
C LYS V 88 76.01 27.33 -34.59
N ILE V 89 75.78 28.54 -35.07
CA ILE V 89 76.77 29.24 -35.89
C ILE V 89 77.99 29.59 -35.04
N ASP V 90 77.79 30.01 -33.80
CA ASP V 90 78.93 30.35 -32.95
C ASP V 90 79.73 29.11 -32.64
N LEU V 91 79.06 27.99 -32.43
CA LEU V 91 79.80 26.76 -32.23
C LEU V 91 80.62 26.32 -33.44
N TRP V 92 80.07 26.38 -34.63
CA TRP V 92 80.83 26.03 -35.83
C TRP V 92 81.97 27.01 -36.11
N SER V 93 81.73 28.29 -35.82
CA SER V 93 82.71 29.33 -36.03
C SER V 93 83.90 29.10 -35.08
N TYR V 94 83.60 28.69 -33.86
CA TYR V 94 84.65 28.33 -32.91
C TYR V 94 85.40 27.14 -33.45
N ASN V 95 84.69 26.14 -33.96
CA ASN V 95 85.37 24.97 -34.50
C ASN V 95 86.28 25.33 -35.66
N ALA V 96 85.85 26.25 -36.53
CA ALA V 96 86.64 26.60 -37.71
C ALA V 96 87.92 27.32 -37.30
N GLU V 97 87.80 28.28 -36.38
CA GLU V 97 88.93 29.05 -35.89
C GLU V 97 89.94 28.13 -35.24
N LEU V 98 89.44 27.24 -34.39
CA LEU V 98 90.28 26.35 -33.64
C LEU V 98 90.91 25.35 -34.58
N LEU V 99 90.15 24.89 -35.57
CA LEU V 99 90.64 23.89 -36.49
C LEU V 99 91.84 24.43 -37.24
N VAL V 100 91.74 25.63 -37.80
CA VAL V 100 92.87 26.17 -38.56
C VAL V 100 94.06 26.55 -37.69
N ALA V 101 93.80 27.06 -36.47
CA ALA V 101 94.91 27.34 -35.56
C ALA V 101 95.73 26.10 -35.26
N LEU V 102 95.07 24.99 -34.97
CA LEU V 102 95.74 23.76 -34.60
C LEU V 102 96.46 23.15 -35.78
N GLU V 103 95.79 23.15 -36.92
CA GLU V 103 96.33 22.57 -38.13
C GLU V 103 97.60 23.35 -38.52
N ASN V 104 97.55 24.68 -38.44
CA ASN V 104 98.65 25.51 -38.89
C ASN V 104 99.86 25.40 -37.97
N GLN V 105 99.62 25.35 -36.65
CA GLN V 105 100.70 25.14 -35.71
C GLN V 105 101.37 23.81 -36.06
N HIS V 106 100.57 22.79 -36.33
CA HIS V 106 101.11 21.47 -36.63
C HIS V 106 101.84 21.44 -37.99
N THR V 107 101.38 22.19 -38.98
CA THR V 107 102.04 22.24 -40.30
C THR V 107 103.41 22.88 -40.25
N ILE V 108 103.50 23.96 -39.48
CA ILE V 108 104.76 24.66 -39.29
C ILE V 108 105.73 23.74 -38.57
N ASP V 109 105.23 23.05 -37.55
CA ASP V 109 106.06 22.14 -36.78
C ASP V 109 106.48 20.90 -37.59
N LEU V 110 105.64 20.39 -38.49
CA LEU V 110 106.00 19.18 -39.23
C LEU V 110 107.01 19.50 -40.33
N THR V 111 106.90 20.68 -40.93
CA THR V 111 107.88 21.09 -41.94
C THR V 111 109.24 21.39 -41.33
N ASP V 112 109.20 22.02 -40.16
CA ASP V 112 110.38 22.25 -39.35
C ASP V 112 111.01 20.89 -39.05
N SER V 113 110.17 19.93 -38.66
CA SER V 113 110.63 18.57 -38.39
C SER V 113 111.32 17.91 -39.58
N GLU V 114 110.74 17.97 -40.78
CA GLU V 114 111.36 17.32 -41.94
C GLU V 114 112.73 17.92 -42.25
N MET V 115 112.85 19.23 -42.11
CA MET V 115 114.14 19.87 -42.29
C MET V 115 115.14 19.28 -41.29
N ASN V 116 114.73 19.17 -40.04
CA ASN V 116 115.63 18.66 -39.02
C ASN V 116 116.01 17.19 -39.27
N LYS V 117 115.08 16.39 -39.78
CA LYS V 117 115.34 14.98 -40.02
C LYS V 117 116.33 14.77 -41.14
N LEU V 118 116.21 15.59 -42.19
CA LEU V 118 117.15 15.52 -43.29
C LEU V 118 118.55 15.89 -42.82
N PHE V 119 118.65 16.96 -42.03
CA PHE V 119 119.94 17.35 -41.49
C PHE V 119 120.57 16.22 -40.64
N GLU V 120 119.81 15.60 -39.76
CA GLU V 120 120.34 14.53 -38.89
C GLU V 120 120.75 13.31 -39.75
N LYS V 121 119.99 13.00 -40.79
CA LYS V 121 120.29 11.83 -41.62
C LYS V 121 121.62 12.02 -42.35
N THR V 122 121.83 13.23 -42.87
CA THR V 122 123.06 13.57 -43.58
C THR V 122 124.27 13.47 -42.65
N GLY V 123 124.11 14.06 -41.47
CA GLY V 123 125.12 13.98 -40.43
C GLY V 123 125.48 12.54 -40.14
N ARG V 124 124.46 11.68 -40.05
CA ARG V 124 124.66 10.28 -39.73
C ARG V 124 125.41 9.55 -40.84
N GLN V 125 125.16 9.93 -42.09
CA GLN V 125 125.93 9.33 -43.20
C GLN V 125 127.39 9.70 -43.08
N LEU V 126 127.65 10.96 -42.76
CA LEU V 126 129.03 11.45 -42.76
C LEU V 126 129.91 10.90 -41.63
N ARG V 127 129.30 10.39 -40.57
CA ARG V 127 130.04 9.78 -39.46
C ARG V 127 131.15 10.74 -38.97
N GLU V 128 132.41 10.30 -38.95
CA GLU V 128 133.51 11.10 -38.44
C GLU V 128 134.21 11.89 -39.54
N ASN V 129 133.62 11.96 -40.73
CA ASN V 129 134.27 12.56 -41.87
C ASN V 129 133.89 14.02 -42.06
N ALA V 130 132.99 14.53 -41.21
CA ALA V 130 132.51 15.89 -41.34
C ALA V 130 132.22 16.44 -39.95
N GLU V 131 132.10 17.76 -39.85
CA GLU V 131 131.65 18.40 -38.61
C GLU V 131 130.53 19.37 -38.89
N ASP V 132 129.58 19.42 -37.96
CA ASP V 132 128.47 20.36 -38.00
C ASP V 132 128.96 21.78 -37.71
N MET V 133 128.80 22.69 -38.67
CA MET V 133 129.28 24.07 -38.50
C MET V 133 128.29 24.94 -37.71
N GLY V 134 127.11 24.37 -37.43
CA GLY V 134 126.12 24.97 -36.56
C GLY V 134 125.08 25.85 -37.27
N ASN V 135 125.22 25.97 -38.59
CA ASN V 135 124.32 26.79 -39.40
C ASN V 135 123.62 25.93 -40.47
N GLY V 136 123.59 24.63 -40.23
CA GLY V 136 122.99 23.67 -41.15
C GLY V 136 123.93 23.20 -42.24
N CYS V 137 125.21 23.52 -42.15
CA CYS V 137 126.23 23.12 -43.12
C CYS V 137 127.22 22.17 -42.46
N PHE V 138 127.70 21.20 -43.24
CA PHE V 138 128.79 20.33 -42.82
C PHE V 138 130.09 20.69 -43.50
N LYS V 139 131.16 20.82 -42.71
CA LYS V 139 132.51 20.85 -43.26
C LYS V 139 132.97 19.42 -43.43
N ILE V 140 133.23 19.05 -44.69
CA ILE V 140 133.67 17.72 -45.05
C ILE V 140 135.17 17.77 -45.20
N TYR V 141 135.86 16.93 -44.44
CA TYR V 141 137.30 17.01 -44.23
C TYR V 141 138.09 16.13 -45.20
N HIS V 142 137.59 15.95 -46.42
CA HIS V 142 138.31 15.18 -47.43
C HIS V 142 137.88 15.68 -48.79
N LYS V 143 138.71 15.42 -49.81
CA LYS V 143 138.34 15.74 -51.16
C LYS V 143 137.05 15.03 -51.52
N CYS V 144 136.08 15.78 -52.02
CA CYS V 144 134.75 15.22 -52.26
C CYS V 144 134.21 15.80 -53.56
N ASP V 145 134.45 15.10 -54.65
CA ASP V 145 134.06 15.57 -55.97
C ASP V 145 132.56 15.42 -56.22
N ASN V 146 132.11 15.74 -57.43
CA ASN V 146 130.68 15.79 -57.74
C ASN V 146 130.03 14.43 -57.52
N ALA V 147 130.75 13.36 -57.86
CA ALA V 147 130.22 12.03 -57.68
C ALA V 147 130.11 11.70 -56.18
N CYS V 148 131.05 12.20 -55.38
CA CYS V 148 130.99 12.04 -53.93
C CYS V 148 129.80 12.77 -53.28
N ILE V 149 129.62 14.03 -53.68
CA ILE V 149 128.48 14.81 -53.22
C ILE V 149 127.20 14.09 -53.58
N GLU V 150 127.11 13.57 -54.80
CA GLU V 150 125.89 12.88 -55.21
C GLU V 150 125.70 11.59 -54.40
N SER V 151 126.80 10.94 -54.03
CA SER V 151 126.69 9.76 -53.19
C SER V 151 126.09 10.10 -51.83
N ILE V 152 126.43 11.28 -51.31
CA ILE V 152 125.77 11.73 -50.07
C ILE V 152 124.27 12.01 -50.31
N ARG V 153 123.95 12.75 -51.36
CA ARG V 153 122.55 13.12 -51.63
C ARG V 153 121.63 11.92 -51.88
N ASN V 154 122.16 10.86 -52.49
CA ASN V 154 121.33 9.68 -52.82
C ASN V 154 121.46 8.54 -51.80
N GLY V 155 122.24 8.77 -50.74
CA GLY V 155 122.25 7.91 -49.57
C GLY V 155 123.16 6.70 -49.65
N THR V 156 124.14 6.75 -50.54
CA THR V 156 125.06 5.63 -50.75
C THR V 156 126.50 5.96 -50.35
N TYR V 157 126.72 7.12 -49.76
CA TYR V 157 128.06 7.51 -49.33
C TYR V 157 128.68 6.48 -48.41
N ASP V 158 129.94 6.11 -48.70
CA ASP V 158 130.65 5.11 -47.90
C ASP V 158 131.74 5.79 -47.09
N HIS V 159 131.46 6.03 -45.81
CA HIS V 159 132.34 6.83 -44.98
C HIS V 159 133.73 6.19 -44.82
N ASP V 160 133.81 4.87 -44.85
CA ASP V 160 135.08 4.18 -44.63
C ASP V 160 136.10 4.50 -45.71
N VAL V 161 135.64 4.76 -46.94
CA VAL V 161 136.55 5.05 -48.03
C VAL V 161 137.39 6.29 -47.71
N TYR V 162 136.77 7.25 -47.02
CA TYR V 162 137.37 8.56 -46.82
C TYR V 162 137.87 8.78 -45.39
N ARG V 163 137.63 7.81 -44.51
CA ARG V 163 137.82 8.01 -43.08
C ARG V 163 139.26 8.35 -42.71
N ASP V 164 140.23 7.66 -43.30
CA ASP V 164 141.64 7.92 -42.99
C ASP V 164 142.02 9.36 -43.32
N GLU V 165 141.65 9.78 -44.53
CA GLU V 165 141.91 11.12 -45.02
C GLU V 165 141.27 12.17 -44.12
N ALA V 166 140.01 11.93 -43.75
CA ALA V 166 139.24 12.91 -43.00
C ALA V 166 139.77 13.11 -41.59
N LEU V 167 140.07 12.01 -40.92
CA LEU V 167 140.58 12.04 -39.56
C LEU V 167 141.93 12.73 -39.55
N ASN V 168 142.75 12.46 -40.56
CA ASN V 168 144.04 13.14 -40.66
C ASN V 168 143.83 14.64 -40.74
N ASN V 169 142.89 15.08 -41.56
CA ASN V 169 142.57 16.51 -41.68
C ASN V 169 141.91 17.13 -40.45
N ARG V 170 141.07 16.37 -39.75
CA ARG V 170 140.32 16.95 -38.64
C ARG V 170 141.21 17.12 -37.41
N PHE V 171 142.02 16.10 -37.16
CA PHE V 171 142.68 15.92 -35.86
C PHE V 171 144.19 16.09 -35.84
N GLN V 172 144.84 16.22 -37.00
CA GLN V 172 146.29 16.32 -37.08
C GLN V 172 146.74 17.38 -38.06
N PRO W 3 138.07 -5.53 -32.54
CA PRO W 3 137.45 -6.10 -31.35
C PRO W 3 136.52 -5.10 -30.66
N GLY W 4 135.22 -5.33 -30.80
CA GLY W 4 134.24 -4.46 -30.19
C GLY W 4 132.88 -5.12 -30.11
N ALA W 5 131.84 -4.30 -30.12
CA ALA W 5 130.47 -4.79 -30.00
C ALA W 5 129.53 -3.83 -30.73
N THR W 6 128.28 -4.26 -30.90
CA THR W 6 127.25 -3.42 -31.51
C THR W 6 126.03 -3.44 -30.60
N LEU W 7 125.40 -2.28 -30.44
CA LEU W 7 124.21 -2.18 -29.61
C LEU W 7 123.13 -1.42 -30.39
N CYS W 8 122.04 -2.10 -30.72
CA CYS W 8 120.97 -1.53 -31.52
C CYS W 8 119.76 -1.23 -30.67
N LEU W 9 119.17 -0.06 -30.92
CA LEU W 9 117.93 0.32 -30.28
C LEU W 9 116.79 0.02 -31.24
N GLY W 10 115.66 -0.40 -30.70
CA GLY W 10 114.52 -0.69 -31.53
C GLY W 10 113.23 -0.67 -30.73
N HIS W 11 112.15 -1.02 -31.41
CA HIS W 11 110.84 -1.04 -30.82
C HIS W 11 110.10 -2.24 -31.38
N HIS W 12 109.03 -2.66 -30.72
CA HIS W 12 108.29 -3.83 -31.16
C HIS W 12 107.38 -3.59 -32.36
N ALA W 13 106.84 -4.69 -32.88
CA ALA W 13 105.84 -4.67 -33.94
C ALA W 13 105.03 -5.97 -33.86
N VAL W 14 103.90 -6.03 -34.55
CA VAL W 14 103.09 -7.25 -34.61
C VAL W 14 102.77 -7.54 -36.08
N PRO W 15 102.43 -8.81 -36.41
CA PRO W 15 102.23 -9.17 -37.83
C PRO W 15 101.16 -8.37 -38.54
N ASN W 16 100.05 -8.11 -37.85
CA ASN W 16 99.07 -7.13 -38.34
C ASN W 16 98.44 -6.40 -37.17
N GLY W 17 98.40 -5.08 -37.27
CA GLY W 17 97.90 -4.22 -36.23
C GLY W 17 96.49 -3.81 -36.58
N THR W 18 96.15 -2.57 -36.25
N THR W 18 96.18 -2.55 -36.34
CA THR W 18 94.82 -1.99 -36.46
CA THR W 18 94.85 -2.04 -36.60
C THR W 18 94.97 -0.65 -37.19
C THR W 18 94.92 -0.62 -37.14
N LEU W 19 94.02 -0.32 -38.07
CA LEU W 19 94.04 0.95 -38.78
C LEU W 19 93.28 2.00 -37.97
N VAL W 20 93.89 3.18 -37.85
CA VAL W 20 93.28 4.34 -37.21
C VAL W 20 93.42 5.58 -38.09
N LYS W 21 92.71 6.63 -37.72
CA LYS W 21 92.75 7.88 -38.46
C LYS W 21 93.58 8.90 -37.70
N THR W 22 94.28 9.76 -38.42
CA THR W 22 95.06 10.83 -37.79
C THR W 22 94.71 12.14 -38.46
N ILE W 23 95.44 13.20 -38.16
CA ILE W 23 95.24 14.47 -38.84
C ILE W 23 95.64 14.36 -40.30
N THR W 24 96.76 13.71 -40.58
N THR W 24 96.68 13.60 -40.57
CA THR W 24 97.28 13.61 -41.94
CA THR W 24 97.27 13.53 -41.89
C THR W 24 96.95 12.33 -42.73
C THR W 24 96.73 12.40 -42.74
N ASP W 25 96.45 11.27 -42.08
CA ASP W 25 96.19 10.02 -42.79
C ASP W 25 94.81 9.51 -42.46
N ASP W 26 94.07 9.13 -43.49
N ASP W 26 94.08 9.13 -43.51
CA ASP W 26 92.76 8.55 -43.26
CA ASP W 26 92.76 8.51 -43.37
C ASP W 26 92.94 7.16 -42.65
C ASP W 26 92.90 7.14 -42.72
N GLN W 27 94.00 6.45 -43.04
CA GLN W 27 94.25 5.12 -42.51
C GLN W 27 95.75 4.90 -42.32
N ILE W 28 96.15 4.64 -41.08
CA ILE W 28 97.54 4.34 -40.78
C ILE W 28 97.58 3.26 -39.69
N GLU W 29 98.53 2.34 -39.78
CA GLU W 29 98.52 1.16 -38.93
C GLU W 29 99.30 1.40 -37.62
N VAL W 30 98.64 1.13 -36.49
CA VAL W 30 99.27 1.15 -35.17
C VAL W 30 99.17 -0.25 -34.55
N THR W 31 99.89 -0.51 -33.46
CA THR W 31 99.93 -1.86 -32.89
C THR W 31 98.65 -2.28 -32.17
N ASN W 32 97.88 -1.31 -31.70
CA ASN W 32 96.68 -1.59 -30.90
C ASN W 32 95.83 -0.34 -30.92
N ALA W 33 94.53 -0.54 -30.73
CA ALA W 33 93.60 0.57 -30.60
C ALA W 33 92.39 0.09 -29.83
N THR W 34 91.54 1.02 -29.43
CA THR W 34 90.32 0.69 -28.70
C THR W 34 89.14 1.46 -29.27
N GLU W 35 87.97 0.84 -29.23
CA GLU W 35 86.80 1.39 -29.88
C GLU W 35 86.14 2.44 -28.98
N LEU W 36 85.81 3.61 -29.53
CA LEU W 36 85.17 4.66 -28.73
C LEU W 36 83.67 4.81 -29.00
N VAL W 37 83.14 4.06 -29.96
CA VAL W 37 81.72 4.11 -30.29
C VAL W 37 81.03 2.81 -29.87
N GLN W 38 80.07 2.89 -28.94
CA GLN W 38 79.27 1.72 -28.61
C GLN W 38 78.26 1.53 -29.73
N SER W 39 78.35 0.40 -30.43
CA SER W 39 77.49 0.19 -31.60
C SER W 39 76.52 -0.99 -31.43
N SER W 40 76.56 -1.68 -30.28
CA SER W 40 75.67 -2.81 -30.04
C SER W 40 74.89 -2.73 -28.74
N SER W 41 73.76 -3.44 -28.74
CA SER W 41 72.95 -3.63 -27.55
C SER W 41 72.54 -5.09 -27.49
N THR W 42 72.32 -5.59 -26.28
CA THR W 42 71.73 -6.91 -26.07
C THR W 42 70.32 -6.99 -26.62
N GLY W 43 69.65 -5.84 -26.71
CA GLY W 43 68.28 -5.80 -27.17
C GLY W 43 67.32 -5.83 -25.99
N LYS W 44 67.86 -5.76 -24.76
CA LYS W 44 67.03 -5.78 -23.56
C LYS W 44 67.26 -4.60 -22.63
N ILE W 45 66.17 -4.07 -22.06
CA ILE W 45 66.26 -3.02 -21.05
C ILE W 45 66.46 -3.61 -19.66
N CYS W 46 67.54 -3.21 -19.01
CA CYS W 46 67.82 -3.65 -17.65
C CYS W 46 66.96 -2.93 -16.61
N ASN W 47 66.42 -3.72 -15.69
CA ASN W 47 65.51 -3.21 -14.65
C ASN W 47 66.20 -2.59 -13.43
N ASN W 48 67.53 -2.55 -13.45
CA ASN W 48 68.31 -1.85 -12.44
C ASN W 48 69.41 -1.05 -13.12
N PRO W 49 69.85 0.06 -12.51
CA PRO W 49 69.44 0.55 -11.19
C PRO W 49 68.17 1.38 -11.24
N HIS W 50 67.68 1.69 -12.43
CA HIS W 50 66.54 2.57 -12.59
C HIS W 50 65.25 1.84 -12.40
N ARG W 51 64.28 2.52 -11.82
CA ARG W 51 62.96 1.95 -11.67
C ARG W 51 62.20 2.07 -12.98
N ILE W 52 61.93 0.93 -13.59
CA ILE W 52 61.27 0.86 -14.87
C ILE W 52 59.81 0.51 -14.62
N LEU W 53 58.88 1.23 -15.24
CA LEU W 53 57.48 0.84 -15.15
C LEU W 53 57.08 0.55 -16.57
N ASP W 54 56.81 -0.72 -16.82
CA ASP W 54 56.42 -1.18 -18.14
C ASP W 54 54.93 -0.91 -18.31
N GLY W 55 54.57 -0.10 -19.30
CA GLY W 55 53.18 0.28 -19.51
C GLY W 55 52.28 -0.81 -20.07
N ILE W 56 52.85 -1.85 -20.65
CA ILE W 56 52.09 -2.94 -21.25
C ILE W 56 51.02 -2.43 -22.23
N ASP W 57 49.72 -2.63 -21.94
CA ASP W 57 48.65 -2.21 -22.85
C ASP W 57 48.24 -0.75 -22.69
N CYS W 58 48.95 0.01 -21.86
CA CYS W 58 48.51 1.36 -21.52
C CYS W 58 49.55 2.41 -21.89
N THR W 59 49.04 3.52 -22.42
CA THR W 59 49.81 4.74 -22.54
C THR W 59 49.82 5.39 -21.18
N LEU W 60 50.76 6.31 -20.98
CA LEU W 60 50.85 7.03 -19.72
C LEU W 60 49.60 7.86 -19.50
N ILE W 61 49.06 8.46 -20.56
CA ILE W 61 47.86 9.25 -20.41
C ILE W 61 46.63 8.42 -20.03
N ASP W 62 46.47 7.25 -20.60
CA ASP W 62 45.37 6.38 -20.21
C ASP W 62 45.51 5.92 -18.76
N ALA W 63 46.72 5.71 -18.28
CA ALA W 63 46.92 5.36 -16.87
C ALA W 63 46.56 6.55 -15.99
N LEU W 64 46.94 7.74 -16.40
CA LEU W 64 46.64 8.96 -15.65
C LEU W 64 45.14 9.14 -15.47
N LEU W 65 44.40 9.09 -16.57
CA LEU W 65 42.96 9.35 -16.57
C LEU W 65 42.19 8.24 -15.85
N GLY W 66 42.71 7.01 -15.91
CA GLY W 66 42.07 5.89 -15.24
C GLY W 66 41.13 5.05 -16.09
N ASP W 67 41.49 4.89 -17.36
CA ASP W 67 40.92 3.86 -18.22
C ASP W 67 40.94 2.54 -17.44
N PRO W 68 39.80 1.82 -17.35
CA PRO W 68 39.77 0.65 -16.45
C PRO W 68 40.88 -0.38 -16.62
N HIS W 69 41.25 -0.73 -17.84
CA HIS W 69 42.28 -1.74 -18.03
C HIS W 69 43.68 -1.22 -17.68
N CYS W 70 43.79 0.08 -17.43
CA CYS W 70 45.02 0.71 -16.97
C CYS W 70 45.02 1.03 -15.47
N ASP W 71 43.95 0.70 -14.76
CA ASP W 71 43.87 1.10 -13.34
C ASP W 71 44.82 0.35 -12.42
N VAL W 72 45.44 -0.70 -12.93
N VAL W 72 45.41 -0.72 -12.93
CA VAL W 72 46.50 -1.41 -12.22
CA VAL W 72 46.52 -1.41 -12.27
C VAL W 72 47.72 -0.50 -12.01
C VAL W 72 47.64 -0.42 -11.93
N PHE W 73 47.77 0.63 -12.74
CA PHE W 73 48.81 1.63 -12.60
C PHE W 73 48.51 2.76 -11.61
N GLN W 74 47.37 2.69 -10.91
CA GLN W 74 47.06 3.72 -9.93
C GLN W 74 48.16 3.93 -8.90
N ASN W 75 48.53 5.19 -8.71
CA ASN W 75 49.52 5.58 -7.71
C ASN W 75 50.94 5.02 -7.96
N GLU W 76 51.21 4.57 -9.18
CA GLU W 76 52.52 3.98 -9.49
C GLU W 76 53.54 5.08 -9.63
N THR W 77 54.81 4.69 -9.53
CA THR W 77 55.91 5.61 -9.71
C THR W 77 56.95 4.96 -10.63
N TRP W 78 57.86 5.77 -11.19
CA TRP W 78 58.86 5.24 -12.11
C TRP W 78 60.01 6.22 -12.21
N ASP W 79 61.19 5.72 -12.55
CA ASP W 79 62.24 6.57 -13.11
C ASP W 79 62.02 6.65 -14.62
N LEU W 80 61.76 5.50 -15.25
CA LEU W 80 61.44 5.48 -16.67
C LEU W 80 60.17 4.69 -16.97
N PHE W 81 59.16 5.35 -17.55
CA PHE W 81 57.94 4.70 -18.00
C PHE W 81 58.19 4.26 -19.45
N VAL W 82 57.88 3.00 -19.76
CA VAL W 82 58.10 2.43 -21.09
C VAL W 82 56.75 2.21 -21.80
N GLU W 83 56.49 2.98 -22.86
CA GLU W 83 55.28 2.80 -23.63
C GLU W 83 55.47 1.82 -24.77
N ARG W 84 54.52 0.90 -24.89
CA ARG W 84 54.56 -0.16 -25.87
C ARG W 84 53.67 0.19 -27.07
N SER W 85 54.07 -0.24 -28.25
CA SER W 85 53.28 0.03 -29.46
C SER W 85 51.92 -0.66 -29.42
N LYS W 86 51.78 -1.70 -28.59
CA LYS W 86 50.50 -2.43 -28.51
C LYS W 86 49.47 -1.79 -27.60
N ALA W 87 49.79 -0.67 -26.97
CA ALA W 87 48.87 -0.03 -26.06
C ALA W 87 47.60 0.35 -26.81
N PHE W 88 46.47 0.35 -26.10
CA PHE W 88 45.20 0.75 -26.70
C PHE W 88 44.32 1.46 -25.68
N SER W 89 43.44 2.33 -26.17
CA SER W 89 42.46 2.92 -25.27
C SER W 89 41.24 2.06 -25.38
N ASN W 90 40.55 1.90 -24.27
CA ASN W 90 39.31 1.13 -24.22
C ASN W 90 38.27 1.84 -23.39
N CYS W 91 38.22 3.16 -23.44
CA CYS W 91 37.30 3.92 -22.59
C CYS W 91 36.64 4.99 -23.41
N TYR W 92 36.13 6.03 -22.79
CA TYR W 92 35.39 6.99 -23.58
C TYR W 92 36.38 7.63 -24.54
N PRO W 93 35.96 7.79 -25.80
CA PRO W 93 36.90 8.36 -26.77
C PRO W 93 37.18 9.82 -26.47
N TYR W 94 38.45 10.18 -26.52
CA TYR W 94 38.89 11.46 -26.02
C TYR W 94 40.03 12.00 -26.85
N ASP W 95 40.24 13.30 -26.71
CA ASP W 95 41.47 13.90 -27.16
C ASP W 95 41.99 14.81 -26.09
N VAL W 96 43.28 15.14 -26.17
CA VAL W 96 43.91 16.03 -25.22
C VAL W 96 44.56 17.14 -26.02
N PRO W 97 43.97 18.35 -26.01
CA PRO W 97 44.74 19.45 -26.61
C PRO W 97 46.11 19.52 -25.95
N ASP W 98 47.17 19.64 -26.75
CA ASP W 98 48.51 19.58 -26.19
C ASP W 98 48.77 18.26 -25.43
N TYR W 99 48.32 17.16 -26.01
CA TYR W 99 48.62 15.82 -25.51
C TYR W 99 50.10 15.67 -25.16
N ALA W 100 50.99 16.14 -26.03
CA ALA W 100 52.41 15.95 -25.85
C ALA W 100 52.96 16.59 -24.57
N SER W 101 52.43 17.76 -24.22
CA SER W 101 52.88 18.49 -23.04
C SER W 101 52.45 17.83 -21.74
N LEU W 102 51.20 17.36 -21.71
CA LEU W 102 50.67 16.69 -20.54
C LEU W 102 51.45 15.41 -20.29
N ARG W 103 51.66 14.66 -21.37
CA ARG W 103 52.42 13.44 -21.33
C ARG W 103 53.81 13.74 -20.79
N SER W 104 54.40 14.81 -21.28
CA SER W 104 55.73 15.18 -20.83
C SER W 104 55.82 15.54 -19.35
N LEU W 105 54.89 16.36 -18.87
CA LEU W 105 54.98 16.89 -17.52
C LEU W 105 54.66 15.84 -16.47
N VAL W 106 53.75 14.94 -16.81
CA VAL W 106 53.44 13.81 -15.96
C VAL W 106 54.61 12.83 -15.95
N ALA W 107 55.20 12.61 -17.13
CA ALA W 107 56.31 11.68 -17.27
C ALA W 107 57.45 12.19 -16.41
N SER W 108 57.62 13.51 -16.42
CA SER W 108 58.67 14.18 -15.70
C SER W 108 58.40 14.17 -14.20
N SER W 109 57.13 14.32 -13.82
CA SER W 109 56.73 14.25 -12.42
C SER W 109 57.02 12.88 -11.86
N GLY W 110 56.78 11.86 -12.67
CA GLY W 110 57.23 10.54 -12.33
C GLY W 110 56.34 9.79 -11.38
N THR W 111 55.12 10.25 -11.18
CA THR W 111 54.20 9.57 -10.29
C THR W 111 52.77 9.83 -10.71
N LEU W 112 51.91 8.86 -10.45
CA LEU W 112 50.46 9.01 -10.58
C LEU W 112 49.78 9.09 -9.21
N GLU W 113 50.53 9.37 -8.14
CA GLU W 113 49.92 9.48 -6.83
C GLU W 113 48.80 10.46 -6.92
N PHE W 114 47.63 10.00 -6.49
CA PHE W 114 46.40 10.73 -6.62
C PHE W 114 45.73 10.80 -5.24
N ILE W 115 45.16 11.97 -4.93
CA ILE W 115 44.55 12.24 -3.66
C ILE W 115 43.14 12.72 -3.98
N THR W 116 42.15 11.94 -3.56
CA THR W 116 40.75 12.28 -3.76
C THR W 116 40.40 13.44 -2.85
N GLU W 117 39.61 14.37 -3.36
CA GLU W 117 39.07 15.45 -2.56
C GLU W 117 37.56 15.42 -2.56
N GLY W 118 37.02 15.98 -1.48
CA GLY W 118 35.59 15.98 -1.18
C GLY W 118 34.88 17.15 -1.84
N PHE W 119 34.97 17.21 -3.16
CA PHE W 119 34.21 18.19 -3.92
C PHE W 119 32.75 17.96 -3.63
N THR W 120 32.01 19.07 -3.57
CA THR W 120 30.57 19.01 -3.45
C THR W 120 29.90 19.47 -4.72
N TRP W 121 29.04 18.64 -5.28
CA TRP W 121 28.41 18.99 -6.54
C TRP W 121 26.91 19.04 -6.31
N THR W 122 26.42 20.22 -5.96
CA THR W 122 25.02 20.34 -5.54
C THR W 122 24.12 20.39 -6.77
N GLY W 123 23.12 19.52 -6.82
CA GLY W 123 22.08 19.61 -7.81
C GLY W 123 22.39 18.94 -9.14
N VAL W 124 23.42 18.10 -9.19
CA VAL W 124 23.69 17.30 -10.38
C VAL W 124 23.83 15.86 -9.97
N THR W 125 23.67 14.95 -10.93
CA THR W 125 23.93 13.54 -10.72
C THR W 125 25.39 13.24 -11.00
N GLN W 126 26.03 12.48 -10.11
CA GLN W 126 27.44 12.17 -10.27
C GLN W 126 27.70 10.77 -10.86
N ASN W 127 28.97 10.52 -11.17
CA ASN W 127 29.50 9.21 -11.52
C ASN W 127 28.97 8.63 -12.83
N GLY W 128 28.76 9.46 -13.84
CA GLY W 128 28.28 8.96 -15.11
C GLY W 128 29.26 7.97 -15.72
N GLY W 129 28.72 7.03 -16.49
CA GLY W 129 29.50 5.99 -17.13
C GLY W 129 28.98 5.63 -18.50
N SER W 130 29.67 4.70 -19.15
CA SER W 130 29.41 4.39 -20.54
C SER W 130 29.73 2.95 -20.88
N ASN W 131 28.97 2.35 -21.81
CA ASN W 131 29.30 1.02 -22.30
C ASN W 131 30.48 1.06 -23.26
N ALA W 132 30.97 2.26 -23.57
CA ALA W 132 32.21 2.39 -24.30
C ALA W 132 33.38 2.17 -23.34
N CYS W 133 33.12 2.24 -22.03
CA CYS W 133 34.17 2.11 -21.05
C CYS W 133 33.71 1.20 -19.92
N LYS W 134 33.65 -0.10 -20.20
CA LYS W 134 33.19 -1.06 -19.20
C LYS W 134 34.18 -1.23 -18.06
N ARG W 135 33.66 -1.36 -16.84
CA ARG W 135 34.48 -1.61 -15.67
C ARG W 135 33.89 -2.86 -15.04
N GLY W 136 34.57 -3.99 -15.19
CA GLY W 136 33.98 -5.26 -14.84
C GLY W 136 32.83 -5.47 -15.81
N PRO W 137 31.73 -6.10 -15.36
CA PRO W 137 30.69 -6.41 -16.35
C PRO W 137 29.86 -5.20 -16.79
N GLY W 138 29.75 -4.18 -15.95
CA GLY W 138 28.89 -3.05 -16.24
C GLY W 138 29.53 -1.84 -16.89
N SER W 139 28.69 -0.90 -17.28
CA SER W 139 29.11 0.40 -17.77
C SER W 139 29.97 1.10 -16.72
N GLY W 140 30.90 1.93 -17.18
CA GLY W 140 31.79 2.63 -16.27
C GLY W 140 32.45 3.85 -16.90
N PHE W 141 33.50 4.34 -16.26
CA PHE W 141 34.16 5.55 -16.70
C PHE W 141 35.56 5.62 -16.15
N PHE W 142 36.33 6.61 -16.61
CA PHE W 142 37.66 6.87 -16.05
C PHE W 142 37.54 7.00 -14.54
N SER W 143 38.48 6.39 -13.84
CA SER W 143 38.45 6.34 -12.39
C SER W 143 38.73 7.68 -11.76
N ARG W 144 39.45 8.55 -12.46
CA ARG W 144 39.89 9.80 -11.89
C ARG W 144 38.96 10.94 -12.26
N LEU W 145 37.92 10.63 -13.03
CA LEU W 145 36.99 11.63 -13.50
C LEU W 145 35.58 11.28 -13.05
N ASN W 146 34.75 12.32 -13.00
CA ASN W 146 33.42 12.22 -12.43
C ASN W 146 32.52 12.89 -13.45
N TRP W 147 31.77 12.08 -14.18
CA TRP W 147 30.97 12.62 -15.26
C TRP W 147 29.67 13.15 -14.68
N LEU W 148 29.51 14.49 -14.66
CA LEU W 148 28.31 15.09 -14.08
C LEU W 148 27.23 15.34 -15.12
N THR W 149 25.98 15.03 -14.77
CA THR W 149 24.80 15.32 -15.59
C THR W 149 23.68 15.94 -14.76
N LYS W 150 22.56 16.24 -15.41
CA LYS W 150 21.44 16.89 -14.74
C LYS W 150 20.92 16.03 -13.60
N SER W 151 20.28 16.69 -12.63
CA SER W 151 19.54 15.98 -11.60
C SER W 151 18.11 16.46 -11.72
N GLY W 152 17.21 15.49 -11.89
CA GLY W 152 15.84 15.79 -12.26
C GLY W 152 15.79 16.44 -13.63
N SER W 153 15.22 17.65 -13.66
CA SER W 153 15.03 18.40 -14.90
C SER W 153 15.92 19.65 -14.99
N THR W 154 16.94 19.76 -14.13
CA THR W 154 17.77 20.95 -14.13
C THR W 154 19.23 20.58 -13.93
N TYR W 155 20.12 21.46 -14.39
CA TYR W 155 21.56 21.36 -14.18
C TYR W 155 21.98 22.77 -13.74
N PRO W 156 22.24 22.98 -12.44
CA PRO W 156 22.54 24.35 -11.99
C PRO W 156 23.91 24.83 -12.37
N VAL W 157 24.19 26.09 -12.08
CA VAL W 157 25.54 26.60 -12.26
C VAL W 157 26.32 26.01 -11.12
N LEU W 158 27.23 25.11 -11.43
CA LEU W 158 28.16 24.62 -10.45
C LEU W 158 29.20 25.68 -10.18
N ASN W 159 29.54 25.86 -8.91
CA ASN W 159 30.50 26.88 -8.51
C ASN W 159 31.15 26.36 -7.24
N VAL W 160 32.32 25.74 -7.39
CA VAL W 160 32.98 25.08 -6.26
C VAL W 160 34.43 25.50 -6.20
N THR W 161 35.00 25.48 -5.00
CA THR W 161 36.39 25.87 -4.84
C THR W 161 37.14 24.83 -4.01
N MET W 162 38.44 24.74 -4.26
CA MET W 162 39.31 23.81 -3.56
C MET W 162 40.65 24.49 -3.35
N PRO W 163 40.91 24.96 -2.12
CA PRO W 163 42.17 25.67 -1.89
C PRO W 163 43.35 24.71 -1.80
N ASN W 164 44.52 25.15 -2.22
CA ASN W 164 45.73 24.38 -1.98
C ASN W 164 46.42 24.90 -0.74
N ASN W 165 46.24 24.16 0.36
CA ASN W 165 46.86 24.50 1.63
C ASN W 165 48.04 23.60 1.96
N ASP W 166 48.51 22.85 0.97
CA ASP W 166 49.69 22.01 1.12
C ASP W 166 50.91 22.78 0.63
N ASN W 167 52.09 22.19 0.77
CA ASN W 167 53.33 22.84 0.36
C ASN W 167 53.92 22.21 -0.90
N PHE W 168 53.07 21.51 -1.67
CA PHE W 168 53.43 21.04 -2.99
C PHE W 168 52.37 21.44 -4.02
N ASP W 169 52.73 21.37 -5.30
CA ASP W 169 51.79 21.65 -6.39
C ASP W 169 50.82 20.51 -6.66
N LYS W 170 49.57 20.86 -6.95
CA LYS W 170 48.53 19.89 -7.28
C LYS W 170 48.26 19.95 -8.78
N LEU W 171 48.18 18.79 -9.42
CA LEU W 171 47.75 18.71 -10.80
C LEU W 171 46.31 18.19 -10.88
N TYR W 172 45.42 19.02 -11.40
CA TYR W 172 44.04 18.64 -11.68
C TYR W 172 43.84 18.34 -13.15
N ILE W 173 43.30 17.15 -13.42
CA ILE W 173 42.92 16.77 -14.76
C ILE W 173 41.38 16.79 -14.78
N TRP W 174 40.80 17.46 -15.78
CA TRP W 174 39.36 17.61 -15.90
C TRP W 174 39.05 17.59 -17.38
N GLY W 175 37.79 17.68 -17.74
CA GLY W 175 37.42 17.54 -19.14
C GLY W 175 36.15 18.23 -19.53
N VAL W 176 35.87 18.20 -20.84
CA VAL W 176 34.68 18.83 -21.38
C VAL W 176 34.07 17.86 -22.35
N HIS W 177 32.79 17.61 -22.20
CA HIS W 177 32.09 16.70 -23.08
C HIS W 177 31.56 17.42 -24.31
N HIS W 178 31.82 16.83 -25.47
CA HIS W 178 31.22 17.28 -26.73
C HIS W 178 30.19 16.30 -27.24
N PRO W 179 28.90 16.64 -27.05
CA PRO W 179 27.86 15.74 -27.57
C PRO W 179 27.78 15.71 -29.09
N SER W 180 27.29 14.60 -29.64
CA SER W 180 27.16 14.47 -31.08
C SER W 180 25.85 15.13 -31.58
N THR W 181 24.86 15.28 -30.72
CA THR W 181 23.59 15.88 -31.10
C THR W 181 23.05 16.86 -30.05
N ASN W 182 22.14 17.73 -30.48
CA ASN W 182 21.44 18.65 -29.57
C ASN W 182 20.55 17.90 -28.57
N GLN W 183 19.99 16.79 -29.03
CA GLN W 183 19.15 15.92 -28.20
C GLN W 183 19.89 15.44 -27.00
N GLU W 184 21.10 15.07 -27.31
CA GLU W 184 22.06 14.63 -26.38
C GLU W 184 22.48 15.69 -25.35
N GLN W 185 22.77 16.86 -25.89
CA GLN W 185 23.21 18.00 -25.11
C GLN W 185 22.22 18.33 -24.02
N THR W 186 20.96 18.39 -24.42
CA THR W 186 19.89 18.82 -23.53
C THR W 186 19.46 17.71 -22.60
N SER W 187 19.55 16.47 -23.09
CA SER W 187 19.17 15.33 -22.30
C SER W 187 20.09 15.24 -21.09
N LEU W 188 21.37 15.49 -21.32
CA LEU W 188 22.35 15.37 -20.25
C LEU W 188 22.41 16.62 -19.38
N TYR W 189 22.40 17.78 -20.03
CA TYR W 189 22.83 19.02 -19.38
C TYR W 189 21.76 20.11 -19.31
N VAL W 190 20.62 19.86 -19.92
CA VAL W 190 19.44 20.75 -19.97
C VAL W 190 19.73 22.01 -20.79
N GLN W 191 20.82 22.70 -20.47
CA GLN W 191 21.26 23.85 -21.24
C GLN W 191 21.56 23.43 -22.68
N ALA W 192 21.21 24.29 -23.62
CA ALA W 192 21.41 24.01 -25.04
C ALA W 192 22.88 24.11 -25.42
N SER W 193 23.64 24.90 -24.65
CA SER W 193 25.07 25.02 -24.85
C SER W 193 25.71 25.14 -23.47
N GLY W 194 26.75 24.35 -23.21
CA GLY W 194 27.39 24.38 -21.91
C GLY W 194 28.61 25.27 -21.87
N ARG W 195 29.31 25.23 -20.73
CA ARG W 195 30.54 25.98 -20.57
C ARG W 195 31.27 25.43 -19.36
N VAL W 196 32.60 25.33 -19.44
CA VAL W 196 33.42 24.97 -18.30
C VAL W 196 34.54 25.99 -18.12
N THR W 197 34.67 26.57 -16.94
CA THR W 197 35.74 27.52 -16.66
C THR W 197 36.46 27.05 -15.42
N VAL W 198 37.76 26.80 -15.56
CA VAL W 198 38.55 26.38 -14.43
C VAL W 198 39.69 27.37 -14.33
N SER W 199 39.91 27.86 -13.12
CA SER W 199 40.85 28.92 -12.89
C SER W 199 41.59 28.84 -11.55
N THR W 200 42.71 29.54 -11.50
CA THR W 200 43.43 29.82 -10.27
C THR W 200 43.49 31.33 -10.13
N ARG W 201 44.22 31.82 -9.14
N ARG W 201 44.30 31.84 -9.19
CA ARG W 201 44.34 33.27 -8.96
CA ARG W 201 44.34 33.28 -8.93
C ARG W 201 44.75 33.91 -10.28
C ARG W 201 45.06 34.07 -10.02
N ARG W 202 45.84 33.38 -10.85
CA ARG W 202 46.51 34.02 -11.98
C ARG W 202 46.32 33.31 -13.33
N SER W 203 45.42 32.33 -13.40
CA SER W 203 45.16 31.65 -14.67
C SER W 203 43.70 31.30 -14.85
N GLN W 204 43.30 31.15 -16.11
CA GLN W 204 41.96 30.72 -16.42
C GLN W 204 41.90 30.04 -17.79
N GLN W 205 41.02 29.05 -17.89
CA GLN W 205 40.77 28.35 -19.15
C GLN W 205 39.29 28.21 -19.25
N THR W 206 38.69 28.71 -20.33
CA THR W 206 37.28 28.43 -20.51
C THR W 206 37.09 27.69 -21.82
N ILE W 207 36.36 26.60 -21.76
CA ILE W 207 36.08 25.76 -22.91
C ILE W 207 34.58 25.70 -23.15
N ILE W 208 34.18 25.93 -24.41
CA ILE W 208 32.80 25.81 -24.79
C ILE W 208 32.69 24.50 -25.54
N PRO W 209 31.81 23.60 -25.05
CA PRO W 209 31.71 22.35 -25.79
C PRO W 209 31.16 22.65 -27.15
N ASN W 210 31.49 21.79 -28.08
CA ASN W 210 31.04 21.96 -29.42
C ASN W 210 30.26 20.71 -29.92
N ILE W 211 28.98 20.87 -30.22
CA ILE W 211 28.15 19.72 -30.60
C ILE W 211 28.31 19.29 -32.07
N GLY W 212 28.38 17.97 -32.29
CA GLY W 212 28.40 17.38 -33.62
C GLY W 212 29.05 16.01 -33.66
N SER W 213 28.89 15.29 -34.77
CA SER W 213 29.47 13.95 -34.87
C SER W 213 30.94 13.93 -35.19
N ARG W 214 31.63 13.03 -34.52
CA ARG W 214 32.97 12.63 -34.90
C ARG W 214 32.87 11.17 -35.35
N PRO W 215 33.98 10.57 -35.85
CA PRO W 215 33.87 9.17 -36.27
C PRO W 215 33.47 8.26 -35.13
N TRP W 216 32.59 7.32 -35.46
CA TRP W 216 32.12 6.31 -34.53
C TRP W 216 33.32 5.56 -33.91
N VAL W 217 33.44 5.61 -32.57
CA VAL W 217 34.45 4.86 -31.82
C VAL W 217 33.83 4.16 -30.62
N ARG W 218 33.96 2.84 -30.54
CA ARG W 218 33.33 2.07 -29.46
C ARG W 218 31.90 2.53 -29.22
N GLY W 219 31.12 2.63 -30.29
CA GLY W 219 29.71 2.94 -30.19
C GLY W 219 29.38 4.43 -30.13
N LEU W 220 30.39 5.30 -30.09
CA LEU W 220 30.15 6.71 -29.79
C LEU W 220 30.69 7.67 -30.82
N SER W 221 29.86 8.62 -31.22
N SER W 221 29.89 8.67 -31.17
CA SER W 221 30.25 9.71 -32.10
CA SER W 221 30.34 9.73 -32.06
C SER W 221 30.57 11.00 -31.32
C SER W 221 30.75 10.97 -31.27
N SER W 222 30.43 10.97 -29.99
N SER W 222 30.36 11.02 -30.00
CA SER W 222 30.75 12.12 -29.17
CA SER W 222 30.75 12.12 -29.11
C SER W 222 32.20 12.00 -28.69
C SER W 222 32.18 11.98 -28.65
N ARG W 223 32.68 13.01 -27.99
CA ARG W 223 34.06 13.04 -27.50
C ARG W 223 34.17 13.79 -26.19
N ILE W 224 35.23 13.51 -25.44
CA ILE W 224 35.63 14.31 -24.29
C ILE W 224 36.99 14.91 -24.60
N SER W 225 37.18 16.21 -24.31
CA SER W 225 38.48 16.84 -24.39
C SER W 225 39.05 17.04 -22.99
N ILE W 226 40.32 16.69 -22.82
CA ILE W 226 40.98 16.71 -21.52
C ILE W 226 41.87 17.93 -21.37
N TYR W 227 41.74 18.60 -20.23
CA TYR W 227 42.52 19.77 -19.89
C TYR W 227 43.14 19.54 -18.53
N TRP W 228 44.10 20.38 -18.17
N TRP W 228 44.12 20.37 -18.20
CA TRP W 228 44.73 20.29 -16.87
CA TRP W 228 44.79 20.30 -16.91
C TRP W 228 45.07 21.65 -16.31
C TRP W 228 45.00 21.68 -16.31
N THR W 229 45.14 21.74 -14.99
CA THR W 229 45.40 22.99 -14.28
C THR W 229 46.29 22.67 -13.11
N ILE W 230 47.37 23.42 -12.96
CA ILE W 230 48.24 23.28 -11.80
C ILE W 230 47.96 24.37 -10.78
N VAL W 231 47.88 24.00 -9.51
CA VAL W 231 47.57 24.94 -8.44
C VAL W 231 48.70 24.92 -7.43
N LYS W 232 49.33 26.07 -7.23
CA LYS W 232 50.45 26.17 -6.30
C LYS W 232 49.97 26.39 -4.87
N PRO W 233 50.84 26.13 -3.87
CA PRO W 233 50.53 26.38 -2.45
C PRO W 233 50.06 27.79 -2.21
N GLY W 234 49.00 27.93 -1.41
CA GLY W 234 48.43 29.23 -1.11
C GLY W 234 47.49 29.73 -2.19
N ASP W 235 47.46 29.05 -3.34
CA ASP W 235 46.53 29.37 -4.39
C ASP W 235 45.29 28.52 -4.21
N VAL W 236 44.35 28.61 -5.14
CA VAL W 236 43.06 27.96 -4.99
C VAL W 236 42.53 27.65 -6.38
N LEU W 237 41.77 26.57 -6.49
CA LEU W 237 41.14 26.17 -7.73
C LEU W 237 39.67 26.59 -7.65
N VAL W 238 39.14 27.16 -8.73
CA VAL W 238 37.70 27.37 -8.87
C VAL W 238 37.21 26.73 -10.15
N ILE W 239 36.12 26.00 -10.03
CA ILE W 239 35.49 25.35 -11.16
C ILE W 239 34.09 25.91 -11.24
N ASN W 240 33.74 26.44 -12.40
CA ASN W 240 32.47 27.08 -12.62
C ASN W 240 31.92 26.56 -13.94
N SER W 241 30.77 25.89 -13.90
CA SER W 241 30.21 25.32 -15.13
C SER W 241 28.68 25.27 -15.11
N ASN W 242 28.04 25.49 -16.25
CA ASN W 242 26.59 25.27 -16.38
C ASN W 242 26.23 24.10 -17.31
N GLY W 243 27.13 23.14 -17.48
CA GLY W 243 26.86 21.92 -18.22
C GLY W 243 28.14 21.41 -18.86
N ASN W 244 28.21 20.12 -19.15
CA ASN W 244 29.30 19.53 -19.95
C ASN W 244 30.65 19.33 -19.24
N LEU W 245 30.71 19.62 -17.95
CA LEU W 245 31.93 19.42 -17.16
C LEU W 245 32.19 17.95 -16.85
N ILE W 246 33.40 17.49 -17.16
CA ILE W 246 33.89 16.20 -16.69
C ILE W 246 34.81 16.57 -15.54
N ALA W 247 34.32 16.35 -14.32
CA ALA W 247 34.95 16.92 -13.14
C ALA W 247 36.13 16.11 -12.66
N PRO W 248 37.10 16.79 -12.00
CA PRO W 248 38.16 16.07 -11.30
C PRO W 248 37.60 15.43 -10.04
N ARG W 249 38.23 14.36 -9.56
CA ARG W 249 37.86 13.75 -8.28
C ARG W 249 38.86 14.14 -7.20
N GLY W 250 39.91 14.87 -7.59
CA GLY W 250 41.02 15.14 -6.71
C GLY W 250 42.19 15.57 -7.57
N TYR W 251 43.40 15.43 -7.04
CA TYR W 251 44.58 15.93 -7.73
C TYR W 251 45.73 14.92 -7.70
N PHE W 252 46.64 15.05 -8.65
CA PHE W 252 47.87 14.28 -8.65
C PHE W 252 48.93 15.10 -7.96
N LYS W 253 49.69 14.47 -7.08
CA LYS W 253 50.76 15.17 -6.41
C LYS W 253 51.93 15.32 -7.39
N MET W 254 52.38 16.56 -7.58
N MET W 254 52.42 16.54 -7.54
CA MET W 254 53.51 16.83 -8.46
CA MET W 254 53.51 16.80 -8.48
C MET W 254 54.83 16.62 -7.74
C MET W 254 54.88 16.82 -7.84
N ARG W 255 55.80 16.07 -8.46
CA ARG W 255 57.16 15.95 -7.97
C ARG W 255 58.09 16.47 -9.05
N THR W 256 59.32 16.78 -8.65
CA THR W 256 60.40 17.06 -9.59
C THR W 256 61.48 16.02 -9.39
N GLY W 257 62.22 15.74 -10.44
CA GLY W 257 63.24 14.72 -10.35
C GLY W 257 63.66 14.22 -11.71
N LYS W 258 64.15 12.98 -11.72
CA LYS W 258 64.83 12.43 -12.88
C LYS W 258 63.91 11.58 -13.75
N SER W 259 62.59 11.61 -13.51
CA SER W 259 61.71 10.70 -14.22
C SER W 259 61.49 11.12 -15.69
N SER W 260 61.24 10.13 -16.54
CA SER W 260 60.93 10.35 -17.95
C SER W 260 60.11 9.22 -18.53
N ILE W 261 59.95 9.22 -19.85
CA ILE W 261 59.14 8.23 -20.56
C ILE W 261 59.89 7.92 -21.85
N MET W 262 59.75 6.70 -22.39
CA MET W 262 60.45 6.32 -23.62
C MET W 262 59.54 5.37 -24.35
N ARG W 263 59.54 5.43 -25.68
CA ARG W 263 58.79 4.46 -26.44
C ARG W 263 59.71 3.33 -26.85
N SER W 264 59.35 2.10 -26.48
CA SER W 264 60.17 0.96 -26.82
C SER W 264 59.36 -0.31 -26.77
N ASP W 265 59.68 -1.24 -27.64
CA ASP W 265 59.19 -2.60 -27.55
C ASP W 265 60.27 -3.56 -27.05
N ALA W 266 61.41 -3.04 -26.60
CA ALA W 266 62.47 -3.90 -26.14
C ALA W 266 62.00 -4.53 -24.84
N PRO W 267 62.23 -5.84 -24.69
CA PRO W 267 61.86 -6.48 -23.42
C PRO W 267 62.67 -6.01 -22.23
N ILE W 268 62.14 -6.22 -21.02
N ILE W 268 62.04 -6.03 -21.06
CA ILE W 268 62.82 -5.83 -19.79
CA ILE W 268 62.76 -5.76 -19.83
C ILE W 268 63.43 -7.04 -19.05
C ILE W 268 63.43 -7.08 -19.46
N ASP W 269 64.76 -7.06 -18.93
N ASP W 269 64.49 -7.01 -18.65
CA ASP W 269 65.48 -8.18 -18.32
CA ASP W 269 65.14 -8.18 -18.09
C ASP W 269 65.89 -7.85 -16.87
C ASP W 269 65.89 -7.83 -16.83
N THR W 270 66.42 -8.86 -16.17
CA THR W 270 67.03 -8.66 -14.85
C THR W 270 68.54 -8.59 -15.02
N CYS W 271 69.05 -7.37 -14.87
CA CYS W 271 70.43 -7.05 -15.14
C CYS W 271 70.63 -5.59 -14.75
N ILE W 272 71.87 -5.11 -14.81
CA ILE W 272 72.17 -3.77 -14.34
C ILE W 272 72.83 -2.96 -15.45
N SER W 273 72.26 -1.80 -15.77
CA SER W 273 72.91 -0.86 -16.69
C SER W 273 72.42 0.58 -16.49
N GLU W 274 73.36 1.52 -16.47
CA GLU W 274 73.01 2.93 -16.31
C GLU W 274 72.35 3.53 -17.54
N CYS W 275 72.68 3.01 -18.72
CA CYS W 275 72.21 3.63 -19.96
C CYS W 275 71.15 2.77 -20.66
N ILE W 276 70.01 3.40 -20.95
CA ILE W 276 68.87 2.75 -21.57
C ILE W 276 68.55 3.45 -22.89
N THR W 277 68.37 2.68 -23.95
CA THR W 277 67.90 3.21 -25.23
C THR W 277 66.67 2.42 -25.60
N PRO W 278 65.90 2.88 -26.59
CA PRO W 278 64.73 2.09 -26.99
C PRO W 278 65.12 0.71 -27.55
N ASN W 279 66.35 0.56 -28.03
CA ASN W 279 66.81 -0.74 -28.52
C ASN W 279 67.12 -1.69 -27.38
N GLY W 280 67.17 -1.20 -26.14
CA GLY W 280 67.69 -1.96 -25.03
C GLY W 280 68.78 -1.16 -24.37
N SER W 281 69.24 -1.63 -23.22
CA SER W 281 70.36 -1.00 -22.54
C SER W 281 71.67 -1.15 -23.32
N ILE W 282 72.59 -0.20 -23.09
CA ILE W 282 73.93 -0.29 -23.64
C ILE W 282 75.01 0.05 -22.60
N PRO W 283 76.21 -0.55 -22.73
CA PRO W 283 77.34 -0.14 -21.89
C PRO W 283 77.68 1.35 -22.04
N ASN W 284 78.16 1.96 -20.96
CA ASN W 284 78.56 3.36 -20.96
C ASN W 284 80.07 3.52 -20.69
N ASP W 285 80.85 2.48 -20.95
CA ASP W 285 82.31 2.61 -20.82
C ASP W 285 82.92 3.45 -21.93
N LYS W 286 82.30 3.47 -23.10
CA LYS W 286 82.79 4.30 -24.19
C LYS W 286 82.16 5.69 -24.18
N PRO W 287 82.89 6.70 -24.71
CA PRO W 287 82.40 8.08 -24.68
C PRO W 287 81.29 8.38 -25.70
N PHE W 288 81.18 7.57 -26.75
CA PHE W 288 80.19 7.77 -27.81
C PHE W 288 79.39 6.52 -28.13
N GLN W 289 78.26 6.70 -28.79
CA GLN W 289 77.44 5.56 -29.22
C GLN W 289 76.67 5.87 -30.50
N ASN W 290 76.40 4.83 -31.28
CA ASN W 290 75.64 4.95 -32.52
C ASN W 290 74.38 4.10 -32.45
N VAL W 291 73.93 3.72 -31.25
CA VAL W 291 72.77 2.83 -31.15
C VAL W 291 71.46 3.60 -31.34
N ASN W 292 71.26 4.67 -30.59
CA ASN W 292 70.02 5.44 -30.73
C ASN W 292 70.23 6.83 -30.16
N LYS W 293 69.72 7.85 -30.85
CA LYS W 293 69.77 9.22 -30.33
C LYS W 293 68.88 9.40 -29.10
N ILE W 294 67.91 8.51 -28.92
CA ILE W 294 67.07 8.52 -27.73
C ILE W 294 67.77 7.72 -26.63
N THR W 295 68.08 8.36 -25.51
CA THR W 295 68.69 7.67 -24.39
C THR W 295 68.19 8.20 -23.06
N TYR W 296 68.42 7.41 -22.02
CA TYR W 296 68.07 7.79 -20.67
C TYR W 296 69.15 7.29 -19.74
N GLY W 297 69.66 8.16 -18.87
CA GLY W 297 70.63 7.77 -17.87
C GLY W 297 72.03 8.20 -18.20
N ALA W 298 73.03 7.56 -17.61
CA ALA W 298 74.41 7.91 -17.90
C ALA W 298 74.91 7.19 -19.15
N CYS W 299 74.89 7.92 -20.25
CA CYS W 299 75.00 7.34 -21.58
C CYS W 299 76.11 7.99 -22.39
N PRO W 300 76.78 7.20 -23.26
CA PRO W 300 77.66 7.84 -24.22
C PRO W 300 76.86 8.81 -25.10
N LYS W 301 77.55 9.78 -25.70
CA LYS W 301 76.90 10.75 -26.58
C LYS W 301 76.66 10.14 -27.95
N TYR W 302 75.49 10.41 -28.54
CA TYR W 302 75.18 9.84 -29.84
C TYR W 302 75.96 10.52 -30.94
N VAL W 303 76.59 9.71 -31.80
CA VAL W 303 77.27 10.22 -32.98
C VAL W 303 76.88 9.40 -34.20
N LYS W 304 77.19 9.93 -35.37
CA LYS W 304 76.81 9.31 -36.63
C LYS W 304 77.73 8.17 -37.04
N GLN W 305 78.99 8.24 -36.62
CA GLN W 305 79.98 7.27 -37.04
C GLN W 305 79.62 5.98 -36.34
N ASN W 306 79.84 4.86 -37.02
CA ASN W 306 79.57 3.58 -36.41
C ASN W 306 80.83 3.00 -35.77
N THR W 307 81.98 3.63 -36.03
CA THR W 307 83.24 3.25 -35.40
C THR W 307 84.23 4.42 -35.35
N LEU W 308 84.94 4.54 -34.23
CA LEU W 308 86.07 5.45 -34.13
C LEU W 308 87.14 4.83 -33.26
N LYS W 309 88.32 4.61 -33.83
CA LYS W 309 89.38 3.91 -33.12
C LYS W 309 90.39 4.89 -32.54
N LEU W 310 90.62 4.76 -31.24
CA LEU W 310 91.66 5.50 -30.52
C LEU W 310 92.93 4.64 -30.42
N ALA W 311 94.02 5.07 -31.06
CA ALA W 311 95.27 4.33 -30.97
C ALA W 311 95.71 4.17 -29.51
N THR W 312 96.16 2.96 -29.17
CA THR W 312 96.73 2.67 -27.86
C THR W 312 98.14 2.09 -27.99
N GLY W 313 98.79 2.36 -29.11
CA GLY W 313 100.13 1.86 -29.37
C GLY W 313 100.83 2.65 -30.45
N MET W 314 102.11 2.35 -30.67
CA MET W 314 102.88 3.08 -31.66
C MET W 314 102.55 2.59 -33.07
N ARG W 315 103.13 3.26 -34.06
N ARG W 315 103.09 3.28 -34.07
CA ARG W 315 103.05 2.83 -35.46
CA ARG W 315 103.04 2.81 -35.46
C ARG W 315 103.55 1.39 -35.59
C ARG W 315 103.54 1.38 -35.56
N ASN W 316 102.81 0.56 -36.31
CA ASN W 316 103.22 -0.81 -36.53
C ASN W 316 103.99 -0.91 -37.84
N VAL W 317 105.30 -1.17 -37.72
CA VAL W 317 106.20 -1.14 -38.85
C VAL W 317 106.98 -2.45 -38.92
N PRO W 318 106.30 -3.56 -39.26
CA PRO W 318 107.07 -4.81 -39.22
C PRO W 318 108.11 -4.91 -40.35
N GLU W 319 107.86 -4.24 -41.47
CA GLU W 319 108.76 -4.27 -42.62
C GLU W 319 109.20 -2.84 -42.94
N LYS W 320 110.36 -2.75 -43.60
CA LYS W 320 110.98 -1.47 -43.98
C LYS W 320 109.96 -0.38 -44.32
N GLY X 1 106.62 9.99 -38.31
CA GLY X 1 106.37 10.83 -37.11
C GLY X 1 107.34 11.99 -37.06
N LEU X 2 107.13 12.92 -36.15
CA LEU X 2 107.93 14.13 -36.11
C LEU X 2 109.41 13.93 -35.80
N PHE X 3 109.73 12.88 -35.07
CA PHE X 3 111.09 12.69 -34.59
C PHE X 3 111.97 11.84 -35.48
N GLY X 4 111.35 11.09 -36.39
CA GLY X 4 112.11 10.40 -37.41
C GLY X 4 112.81 9.15 -36.94
N ALA X 5 112.40 8.60 -35.80
CA ALA X 5 113.00 7.37 -35.32
C ALA X 5 112.19 6.17 -35.80
N ILE X 6 110.96 6.05 -35.30
CA ILE X 6 110.09 4.95 -35.72
C ILE X 6 109.66 5.23 -37.16
N ALA X 7 109.79 4.22 -38.01
CA ALA X 7 109.55 4.34 -39.44
C ALA X 7 110.49 5.42 -39.99
N GLY X 8 111.66 5.52 -39.38
CA GLY X 8 112.67 6.52 -39.72
C GLY X 8 114.03 5.88 -39.75
N PHE X 9 114.96 6.45 -38.97
CA PHE X 9 116.33 5.91 -38.90
C PHE X 9 116.34 4.51 -38.28
N ILE X 10 115.31 4.17 -37.52
N ILE X 10 115.32 4.21 -37.47
CA ILE X 10 115.09 2.78 -37.16
CA ILE X 10 115.00 2.82 -37.14
C ILE X 10 114.15 2.24 -38.22
C ILE X 10 114.17 2.33 -38.31
N GLU X 11 114.70 1.39 -39.09
CA GLU X 11 114.07 1.00 -40.35
C GLU X 11 112.74 0.26 -40.21
N ASN X 12 112.64 -0.56 -39.17
CA ASN X 12 111.40 -1.27 -38.88
C ASN X 12 111.40 -1.73 -37.42
N GLY X 13 110.23 -2.15 -36.96
CA GLY X 13 110.07 -2.71 -35.62
C GLY X 13 110.46 -4.17 -35.55
N TRP X 14 110.51 -4.69 -34.33
CA TRP X 14 110.92 -6.06 -34.10
C TRP X 14 109.72 -6.86 -33.62
N GLU X 15 109.21 -7.72 -34.50
CA GLU X 15 108.14 -8.63 -34.10
C GLU X 15 108.60 -9.58 -33.00
N GLY X 16 109.91 -9.78 -32.90
CA GLY X 16 110.46 -10.69 -31.94
C GLY X 16 110.64 -10.06 -30.57
N MET X 17 110.41 -8.76 -30.43
N MET X 17 110.34 -8.77 -30.44
CA MET X 17 110.45 -8.17 -29.11
CA MET X 17 110.42 -8.08 -29.15
C MET X 17 109.05 -8.29 -28.57
C MET X 17 109.06 -8.21 -28.48
N ILE X 18 108.88 -9.29 -27.73
CA ILE X 18 107.55 -9.64 -27.20
C ILE X 18 107.33 -9.34 -25.70
N ASP X 19 108.35 -8.79 -25.03
CA ASP X 19 108.25 -8.43 -23.60
C ASP X 19 108.42 -6.94 -23.27
N GLY X 20 108.28 -6.07 -24.26
CA GLY X 20 108.41 -4.65 -24.04
C GLY X 20 108.13 -3.90 -25.33
N TRP X 21 108.02 -2.58 -25.24
CA TRP X 21 107.76 -1.76 -26.43
C TRP X 21 109.04 -1.27 -27.06
N TYR X 22 110.06 -1.03 -26.24
CA TYR X 22 111.35 -0.51 -26.68
C TYR X 22 112.43 -1.36 -26.05
N GLY X 23 113.59 -1.46 -26.68
CA GLY X 23 114.69 -2.23 -26.12
C GLY X 23 115.96 -2.23 -26.94
N PHE X 24 116.80 -3.21 -26.64
CA PHE X 24 118.16 -3.26 -27.11
C PHE X 24 118.40 -4.63 -27.72
N ARG X 25 119.16 -4.69 -28.81
CA ARG X 25 119.73 -5.95 -29.27
C ARG X 25 121.21 -5.71 -29.36
N HIS X 26 122.01 -6.72 -29.03
CA HIS X 26 123.45 -6.53 -29.02
C HIS X 26 124.12 -7.73 -29.64
N GLN X 27 125.35 -7.50 -30.10
CA GLN X 27 126.28 -8.56 -30.46
C GLN X 27 127.62 -8.21 -29.82
N ASN X 28 128.22 -9.16 -29.11
CA ASN X 28 129.53 -8.97 -28.50
C ASN X 28 130.31 -10.28 -28.51
N SER X 29 131.40 -10.36 -27.75
CA SER X 29 132.24 -11.55 -27.78
C SER X 29 131.54 -12.76 -27.17
N GLU X 30 130.44 -12.56 -26.44
CA GLU X 30 129.73 -13.68 -25.83
C GLU X 30 128.50 -14.13 -26.59
N GLY X 31 128.20 -13.52 -27.74
CA GLY X 31 127.10 -13.97 -28.55
C GLY X 31 126.24 -12.76 -28.85
N THR X 32 124.95 -12.99 -28.95
CA THR X 32 123.99 -11.93 -29.25
C THR X 32 122.87 -12.04 -28.24
N GLY X 33 122.08 -10.98 -28.13
CA GLY X 33 120.94 -11.01 -27.24
C GLY X 33 119.99 -9.86 -27.42
N GLN X 34 118.90 -9.89 -26.66
CA GLN X 34 117.88 -8.85 -26.71
C GLN X 34 117.34 -8.61 -25.32
N ALA X 35 116.99 -7.37 -24.99
CA ALA X 35 116.35 -7.06 -23.73
C ALA X 35 115.41 -5.87 -23.86
N ALA X 36 114.21 -5.98 -23.31
CA ALA X 36 113.32 -4.83 -23.25
C ALA X 36 113.91 -3.77 -22.32
N ASP X 37 113.70 -2.50 -22.67
CA ASP X 37 113.96 -1.39 -21.76
C ASP X 37 112.65 -1.05 -21.06
N LEU X 38 112.62 -1.23 -19.74
N LEU X 38 112.63 -1.22 -19.75
CA LEU X 38 111.38 -1.10 -18.98
CA LEU X 38 111.39 -1.11 -18.97
C LEU X 38 110.90 0.34 -18.81
C LEU X 38 110.90 0.34 -18.80
N LYS X 39 111.83 1.27 -18.59
CA LYS X 39 111.47 2.66 -18.32
C LYS X 39 110.79 3.39 -19.48
N SER X 40 111.34 3.26 -20.69
N SER X 40 111.34 3.24 -20.69
CA SER X 40 110.76 3.86 -21.88
CA SER X 40 110.75 3.87 -21.87
C SER X 40 109.42 3.24 -22.24
C SER X 40 109.42 3.24 -22.24
N THR X 41 109.36 1.91 -22.13
CA THR X 41 108.14 1.16 -22.39
C THR X 41 107.05 1.66 -21.48
N GLN X 42 107.38 1.82 -20.20
CA GLN X 42 106.42 2.22 -19.18
C GLN X 42 106.05 3.69 -19.32
N ALA X 43 106.98 4.51 -19.81
CA ALA X 43 106.68 5.92 -20.00
C ALA X 43 105.61 6.07 -21.08
N ALA X 44 105.77 5.30 -22.15
CA ALA X 44 104.79 5.33 -23.23
C ALA X 44 103.46 4.76 -22.78
N ILE X 45 103.48 3.62 -22.10
CA ILE X 45 102.25 2.96 -21.64
C ILE X 45 101.53 3.90 -20.68
N ASP X 46 102.28 4.62 -19.85
CA ASP X 46 101.67 5.48 -18.83
C ASP X 46 101.01 6.67 -19.50
N GLN X 47 101.66 7.21 -20.53
CA GLN X 47 101.06 8.32 -21.25
C GLN X 47 99.79 7.92 -22.02
N ILE X 48 99.81 6.77 -22.66
N ILE X 48 99.80 6.74 -22.61
CA ILE X 48 98.66 6.30 -23.42
CA ILE X 48 98.66 6.25 -23.40
C ILE X 48 97.49 5.94 -22.51
C ILE X 48 97.48 5.90 -22.51
N ASN X 49 97.79 5.38 -21.33
CA ASN X 49 96.76 5.05 -20.35
C ASN X 49 96.20 6.34 -19.78
N GLY X 50 97.06 7.35 -19.66
CA GLY X 50 96.62 8.65 -19.18
C GLY X 50 95.60 9.28 -20.11
N LYS X 51 95.90 9.32 -21.40
N LYS X 51 95.92 9.25 -21.40
CA LYS X 51 94.98 9.94 -22.35
CA LYS X 51 95.07 9.83 -22.45
C LYS X 51 93.72 9.11 -22.54
C LYS X 51 93.74 9.10 -22.47
N LEU X 52 93.85 7.78 -22.47
CA LEU X 52 92.72 6.90 -22.60
C LEU X 52 91.76 7.16 -21.45
N ASN X 53 92.31 7.29 -20.25
CA ASN X 53 91.50 7.49 -19.06
C ASN X 53 90.86 8.86 -19.07
N ARG X 54 91.53 9.85 -19.65
CA ARG X 54 90.89 11.15 -19.81
C ARG X 54 89.72 11.09 -20.79
N VAL X 55 89.87 10.32 -21.87
CA VAL X 55 88.84 10.21 -22.90
C VAL X 55 87.61 9.40 -22.46
N ILE X 56 87.80 8.34 -21.69
CA ILE X 56 86.69 7.44 -21.36
C ILE X 56 86.07 7.78 -20.00
N GLU X 57 86.56 8.86 -19.37
CA GLU X 57 86.02 9.40 -18.13
C GLU X 57 84.63 9.99 -18.28
N LYS X 58 83.79 9.79 -17.27
CA LYS X 58 82.60 10.63 -17.09
C LYS X 58 81.70 10.78 -18.30
N THR X 59 80.91 9.78 -18.65
CA THR X 59 79.79 10.09 -19.53
C THR X 59 78.87 11.06 -18.80
N ASN X 60 78.19 11.90 -19.56
CA ASN X 60 77.11 12.72 -19.05
C ASN X 60 75.88 11.91 -18.65
N GLU X 61 75.17 12.35 -17.62
CA GLU X 61 73.91 11.72 -17.24
C GLU X 61 72.77 12.67 -17.59
N LYS X 62 71.85 12.22 -18.44
CA LYS X 62 70.68 13.01 -18.80
C LYS X 62 69.42 12.22 -18.57
N PHE X 63 68.34 12.90 -18.23
CA PHE X 63 67.10 12.23 -17.88
C PHE X 63 65.97 12.65 -18.83
N HIS X 64 65.06 13.54 -18.41
CA HIS X 64 64.02 13.99 -19.31
C HIS X 64 64.60 14.98 -20.32
N GLN X 65 64.35 14.71 -21.59
CA GLN X 65 64.89 15.47 -22.70
C GLN X 65 63.70 15.86 -23.57
N ILE X 66 63.88 15.95 -24.89
CA ILE X 66 62.79 16.24 -25.82
C ILE X 66 62.52 15.00 -26.66
N GLU X 67 61.35 14.91 -27.26
CA GLU X 67 61.12 13.80 -28.17
C GLU X 67 61.93 13.97 -29.45
N LYS X 68 62.35 12.82 -29.99
CA LYS X 68 63.22 12.79 -31.16
C LYS X 68 62.68 11.99 -32.34
N GLU X 69 61.56 11.30 -32.15
CA GLU X 69 60.80 10.66 -33.23
C GLU X 69 59.35 11.08 -33.14
N PHE X 70 58.67 11.14 -34.27
CA PHE X 70 57.31 11.69 -34.31
C PHE X 70 56.41 10.88 -35.24
N SER X 71 55.18 10.64 -34.82
CA SER X 71 54.28 9.81 -35.60
C SER X 71 53.29 10.61 -36.46
N GLU X 72 53.25 11.93 -36.29
CA GLU X 72 52.35 12.78 -37.09
C GLU X 72 53.16 13.97 -37.57
N VAL X 73 52.85 14.45 -38.77
CA VAL X 73 53.38 15.72 -39.21
C VAL X 73 52.76 16.85 -38.39
N GLU X 74 53.59 17.76 -37.88
CA GLU X 74 53.10 18.88 -37.09
C GLU X 74 53.57 20.27 -37.54
N GLY X 75 54.60 20.35 -38.38
CA GLY X 75 55.09 21.64 -38.84
C GLY X 75 56.11 22.25 -37.89
N ARG X 76 55.93 23.53 -37.60
CA ARG X 76 56.97 24.41 -37.05
C ARG X 76 57.69 23.93 -35.79
N ILE X 77 56.95 23.52 -34.78
N ILE X 77 56.94 23.49 -34.79
CA ILE X 77 57.57 23.09 -33.52
CA ILE X 77 57.57 23.10 -33.54
C ILE X 77 58.33 21.80 -33.70
C ILE X 77 58.34 21.81 -33.71
N GLN X 78 57.78 20.86 -34.46
CA GLN X 78 58.50 19.64 -34.77
C GLN X 78 59.74 19.90 -35.61
N ASP X 79 59.65 20.80 -36.57
CA ASP X 79 60.80 21.17 -37.37
C ASP X 79 61.92 21.59 -36.47
N LEU X 80 61.58 22.45 -35.51
CA LEU X 80 62.56 22.97 -34.59
C LEU X 80 63.16 21.88 -33.68
N GLU X 81 62.34 20.99 -33.13
CA GLU X 81 62.86 19.89 -32.32
C GLU X 81 63.86 19.01 -33.09
N LYS X 82 63.53 18.74 -34.35
CA LYS X 82 64.36 17.86 -35.17
C LYS X 82 65.64 18.57 -35.55
N TYR X 83 65.58 19.87 -35.79
CA TYR X 83 66.77 20.65 -36.17
C TYR X 83 67.73 20.76 -34.98
N VAL X 84 67.16 20.94 -33.79
CA VAL X 84 67.95 21.06 -32.58
C VAL X 84 68.70 19.75 -32.37
N GLU X 85 68.01 18.63 -32.52
CA GLU X 85 68.68 17.34 -32.33
C GLU X 85 69.72 17.02 -33.40
N ASP X 86 69.40 17.30 -34.66
CA ASP X 86 70.31 17.02 -35.77
C ASP X 86 71.57 17.86 -35.64
N THR X 87 71.39 19.11 -35.21
CA THR X 87 72.47 20.07 -35.03
C THR X 87 73.39 19.55 -33.94
N LYS X 88 72.78 19.12 -32.84
CA LYS X 88 73.53 18.57 -31.71
C LYS X 88 74.34 17.38 -32.17
N ILE X 89 73.73 16.48 -32.93
CA ILE X 89 74.37 15.24 -33.32
C ILE X 89 75.57 15.53 -34.22
N ASP X 90 75.40 16.49 -35.12
CA ASP X 90 76.47 16.83 -36.04
C ASP X 90 77.65 17.45 -35.32
N LEU X 91 77.39 18.28 -34.33
CA LEU X 91 78.45 18.85 -33.51
C LEU X 91 79.21 17.81 -32.69
N TRP X 92 78.50 16.90 -32.06
CA TRP X 92 79.16 15.85 -31.30
C TRP X 92 79.92 14.90 -32.20
N SER X 93 79.38 14.67 -33.39
CA SER X 93 80.00 13.78 -34.35
C SER X 93 81.33 14.40 -34.83
N TYR X 94 81.32 15.71 -35.02
CA TYR X 94 82.54 16.44 -35.37
C TYR X 94 83.57 16.39 -34.26
N ASN X 95 83.11 16.58 -33.04
CA ASN X 95 84.02 16.55 -31.90
C ASN X 95 84.66 15.17 -31.83
N ALA X 96 83.90 14.11 -32.11
CA ALA X 96 84.43 12.76 -32.00
C ALA X 96 85.50 12.51 -33.08
N GLU X 97 85.22 12.92 -34.31
CA GLU X 97 86.16 12.74 -35.42
C GLU X 97 87.48 13.47 -35.14
N LEU X 98 87.37 14.71 -34.69
CA LEU X 98 88.52 15.55 -34.44
C LEU X 98 89.30 15.03 -33.25
N LEU X 99 88.59 14.56 -32.24
CA LEU X 99 89.22 14.09 -31.02
C LEU X 99 90.12 12.91 -31.34
N VAL X 100 89.61 11.92 -32.07
CA VAL X 100 90.46 10.76 -32.36
C VAL X 100 91.59 11.12 -33.32
N ALA X 101 91.33 12.02 -34.26
CA ALA X 101 92.40 12.47 -35.14
C ALA X 101 93.59 13.12 -34.39
N LEU X 102 93.29 14.00 -33.46
CA LEU X 102 94.31 14.73 -32.70
C LEU X 102 95.05 13.80 -31.75
N GLU X 103 94.30 12.96 -31.07
CA GLU X 103 94.86 12.04 -30.11
C GLU X 103 95.79 11.07 -30.83
N ASN X 104 95.36 10.57 -31.98
CA ASN X 104 96.13 9.56 -32.69
C ASN X 104 97.42 10.12 -33.28
N GLN X 105 97.35 11.34 -33.82
CA GLN X 105 98.57 12.00 -34.32
C GLN X 105 99.55 12.14 -33.15
N HIS X 106 99.03 12.55 -32.00
CA HIS X 106 99.87 12.77 -30.83
C HIS X 106 100.41 11.45 -30.25
N THR X 107 99.64 10.35 -30.35
CA THR X 107 100.12 9.05 -29.88
C THR X 107 101.27 8.52 -30.70
N ILE X 108 101.16 8.70 -32.00
CA ILE X 108 102.22 8.30 -32.92
C ILE X 108 103.46 9.13 -32.66
N ASP X 109 103.28 10.43 -32.47
CA ASP X 109 104.40 11.33 -32.19
C ASP X 109 105.04 11.12 -30.83
N LEU X 110 104.28 10.75 -29.81
CA LEU X 110 104.85 10.60 -28.47
C LEU X 110 105.61 9.28 -28.37
N THR X 111 105.12 8.25 -29.06
CA THR X 111 105.85 6.96 -29.09
C THR X 111 107.14 7.05 -29.90
N ASP X 112 107.07 7.76 -31.01
CA ASP X 112 108.23 8.09 -31.83
C ASP X 112 109.22 8.84 -30.93
N SER X 113 108.70 9.79 -30.17
CA SER X 113 109.52 10.56 -29.24
C SER X 113 110.23 9.67 -28.20
N GLU X 114 109.53 8.74 -27.58
CA GLU X 114 110.15 7.88 -26.55
C GLU X 114 111.27 7.04 -27.14
N MET X 115 111.06 6.55 -28.36
CA MET X 115 112.11 5.81 -29.06
C MET X 115 113.32 6.72 -29.22
N ASN X 116 113.08 7.95 -29.65
CA ASN X 116 114.16 8.89 -29.89
C ASN X 116 114.90 9.26 -28.60
N LYS X 117 114.17 9.38 -27.49
CA LYS X 117 114.78 9.76 -26.21
C LYS X 117 115.70 8.66 -25.71
N LEU X 118 115.26 7.41 -25.87
CA LEU X 118 116.08 6.26 -25.48
C LEU X 118 117.37 6.20 -26.28
N PHE X 119 117.25 6.39 -27.58
CA PHE X 119 118.41 6.41 -28.45
C PHE X 119 119.41 7.48 -28.02
N GLU X 120 118.92 8.69 -27.75
CA GLU X 120 119.78 9.80 -27.36
C GLU X 120 120.44 9.56 -26.00
N LYS X 121 119.73 8.95 -25.06
CA LYS X 121 120.26 8.72 -23.73
C LYS X 121 121.41 7.73 -23.80
N THR X 122 121.22 6.70 -24.61
CA THR X 122 122.23 5.66 -24.79
C THR X 122 123.51 6.27 -25.40
N GLY X 123 123.31 7.07 -26.46
CA GLY X 123 124.41 7.77 -27.08
C GLY X 123 125.20 8.60 -26.07
N ARG X 124 124.47 9.30 -25.20
CA ARG X 124 125.10 10.16 -24.21
C ARG X 124 125.90 9.38 -23.18
N GLN X 125 125.42 8.20 -22.80
CA GLN X 125 126.16 7.34 -21.88
C GLN X 125 127.48 6.94 -22.52
N LEU X 126 127.43 6.59 -23.80
CA LEU X 126 128.60 6.05 -24.47
C LEU X 126 129.71 7.08 -24.72
N ARG X 127 129.39 8.36 -24.70
CA ARG X 127 130.40 9.42 -24.86
C ARG X 127 131.24 9.17 -26.12
N GLU X 128 132.57 9.10 -25.98
CA GLU X 128 133.45 8.94 -27.13
C GLU X 128 133.77 7.47 -27.39
N ASN X 129 133.07 6.54 -26.76
CA ASN X 129 133.43 5.14 -26.86
C ASN X 129 132.65 4.40 -27.92
N ALA X 130 131.73 5.09 -28.60
CA ALA X 130 130.90 4.45 -29.59
C ALA X 130 130.60 5.48 -30.65
N GLU X 131 130.14 5.02 -31.81
CA GLU X 131 129.64 5.91 -32.84
C GLU X 131 128.27 5.46 -33.32
N ASP X 132 127.43 6.44 -33.63
CA ASP X 132 126.12 6.22 -34.19
C ASP X 132 126.27 5.76 -35.64
N MET X 133 125.80 4.55 -35.96
CA MET X 133 125.92 4.00 -37.30
C MET X 133 124.84 4.48 -38.28
N GLY X 134 123.86 5.22 -37.75
CA GLY X 134 122.84 5.89 -38.55
C GLY X 134 121.56 5.11 -38.79
N ASN X 135 121.50 3.89 -38.27
CA ASN X 135 120.34 3.02 -38.43
C ASN X 135 119.78 2.67 -37.05
N GLY X 136 120.11 3.48 -36.05
CA GLY X 136 119.69 3.25 -34.68
C GLY X 136 120.59 2.30 -33.92
N CYS X 137 121.74 1.96 -34.50
CA CYS X 137 122.70 1.07 -33.86
C CYS X 137 123.97 1.84 -33.52
N PHE X 138 124.60 1.50 -32.39
CA PHE X 138 125.91 2.02 -32.04
C PHE X 138 127.01 0.98 -32.24
N LYS X 139 128.07 1.38 -32.93
CA LYS X 139 129.30 0.61 -32.92
C LYS X 139 130.11 0.99 -31.70
N ILE X 140 130.34 0.02 -30.81
CA ILE X 140 131.08 0.23 -29.57
C ILE X 140 132.51 -0.25 -29.82
N TYR X 141 133.47 0.65 -29.59
CA TYR X 141 134.84 0.46 -30.05
C TYR X 141 135.73 -0.16 -28.97
N HIS X 142 135.16 -1.02 -28.13
CA HIS X 142 135.95 -1.72 -27.13
C HIS X 142 135.25 -3.02 -26.82
N LYS X 143 135.99 -3.98 -26.26
CA LYS X 143 135.39 -5.22 -25.80
C LYS X 143 134.33 -4.94 -24.77
N CYS X 144 133.14 -5.49 -24.98
CA CYS X 144 132.01 -5.17 -24.12
C CYS X 144 131.23 -6.45 -23.89
N ASP X 145 131.55 -7.13 -22.81
CA ASP X 145 130.95 -8.41 -22.49
C ASP X 145 129.52 -8.24 -21.97
N ASN X 146 128.89 -9.32 -21.56
CA ASN X 146 127.47 -9.31 -21.21
C ASN X 146 127.19 -8.34 -20.06
N ALA X 147 128.10 -8.28 -19.10
CA ALA X 147 127.96 -7.38 -17.96
C ALA X 147 128.11 -5.93 -18.37
N CYS X 148 128.98 -5.68 -19.34
CA CYS X 148 129.17 -4.34 -19.89
C CYS X 148 127.92 -3.83 -20.62
N ILE X 149 127.38 -4.70 -21.47
CA ILE X 149 126.13 -4.40 -22.15
C ILE X 149 125.05 -4.10 -21.13
N GLU X 150 124.97 -4.90 -20.08
CA GLU X 150 123.96 -4.71 -19.05
C GLU X 150 124.18 -3.40 -18.29
N SER X 151 125.44 -3.02 -18.13
CA SER X 151 125.76 -1.75 -17.49
C SER X 151 125.24 -0.59 -18.33
N ILE X 152 125.30 -0.73 -19.65
CA ILE X 152 124.69 0.27 -20.52
C ILE X 152 123.16 0.27 -20.36
N ARG X 153 122.54 -0.91 -20.40
CA ARG X 153 121.07 -1.02 -20.33
C ARG X 153 120.49 -0.49 -19.00
N ASN X 154 121.22 -0.63 -17.89
CA ASN X 154 120.70 -0.19 -16.58
C ASN X 154 121.20 1.19 -16.13
N GLY X 155 121.98 1.86 -16.99
CA GLY X 155 122.31 3.26 -16.83
C GLY X 155 123.49 3.56 -15.92
N THR X 156 124.34 2.55 -15.72
CA THR X 156 125.50 2.66 -14.83
C THR X 156 126.82 2.53 -15.58
N TYR X 157 126.77 2.48 -16.92
CA TYR X 157 127.98 2.36 -17.72
C TYR X 157 128.98 3.48 -17.39
N ASP X 158 130.23 3.10 -17.19
CA ASP X 158 131.28 4.05 -16.85
C ASP X 158 132.22 4.23 -18.04
N HIS X 159 132.01 5.30 -18.79
CA HIS X 159 132.72 5.50 -20.04
C HIS X 159 134.23 5.63 -19.83
N ASP X 160 134.64 6.16 -18.68
CA ASP X 160 136.06 6.40 -18.43
C ASP X 160 136.87 5.12 -18.38
N VAL X 161 136.27 4.02 -17.93
CA VAL X 161 136.96 2.75 -17.82
C VAL X 161 137.46 2.30 -19.20
N TYR X 162 136.67 2.59 -20.24
CA TYR X 162 136.90 2.04 -21.56
C TYR X 162 137.47 3.08 -22.53
N ARG X 163 137.59 4.32 -22.09
CA ARG X 163 137.88 5.41 -23.00
C ARG X 163 139.19 5.27 -23.76
N ASP X 164 140.25 4.86 -23.08
CA ASP X 164 141.55 4.71 -23.75
C ASP X 164 141.48 3.65 -24.86
N GLU X 165 140.90 2.50 -24.54
CA GLU X 165 140.75 1.41 -25.49
C GLU X 165 139.93 1.85 -26.71
N ALA X 166 138.82 2.55 -26.45
CA ALA X 166 137.89 2.93 -27.50
C ALA X 166 138.49 3.94 -28.45
N LEU X 167 139.13 4.97 -27.91
CA LEU X 167 139.75 6.01 -28.70
C LEU X 167 140.87 5.41 -29.55
N ASN X 168 141.63 4.48 -28.98
CA ASN X 168 142.68 3.82 -29.75
C ASN X 168 142.10 3.10 -30.96
N ASN X 169 141.00 2.39 -30.75
CA ASN X 169 140.33 1.71 -31.87
C ASN X 169 139.66 2.66 -32.88
N ARG X 170 139.14 3.79 -32.42
CA ARG X 170 138.40 4.67 -33.32
C ARG X 170 139.33 5.47 -34.22
N PHE X 171 140.40 6.00 -33.62
CA PHE X 171 141.18 7.06 -34.25
C PHE X 171 142.59 6.67 -34.67
N GLN X 172 143.02 5.46 -34.32
CA GLN X 172 144.38 5.01 -34.63
C GLN X 172 144.37 3.57 -35.12
N VAL Y 2 49.69 -56.35 -20.46
CA VAL Y 2 49.59 -55.91 -19.08
C VAL Y 2 50.85 -56.40 -18.36
N GLN Y 3 51.34 -55.61 -17.41
CA GLN Y 3 52.49 -55.97 -16.59
C GLN Y 3 52.13 -55.91 -15.12
N LEU Y 4 52.73 -56.78 -14.32
CA LEU Y 4 52.41 -56.87 -12.90
C LEU Y 4 53.65 -56.67 -12.04
N GLN Y 5 53.48 -56.07 -10.86
CA GLN Y 5 54.60 -55.95 -9.92
C GLN Y 5 54.15 -56.10 -8.47
N GLU Y 6 54.61 -57.16 -7.80
CA GLU Y 6 54.24 -57.38 -6.40
C GLU Y 6 55.15 -56.59 -5.48
N SER Y 7 54.63 -56.33 -4.28
CA SER Y 7 55.38 -55.73 -3.20
C SER Y 7 54.71 -56.11 -1.89
N GLY Y 8 55.38 -55.83 -0.77
CA GLY Y 8 54.81 -56.00 0.56
C GLY Y 8 55.39 -57.16 1.34
N GLY Y 9 56.21 -57.97 0.68
CA GLY Y 9 56.83 -59.12 1.28
C GLY Y 9 57.82 -58.64 2.31
N GLY Y 10 58.16 -59.51 3.25
CA GLY Y 10 59.16 -59.17 4.24
C GLY Y 10 59.23 -60.26 5.28
N LEU Y 11 59.97 -60.00 6.36
CA LEU Y 11 60.07 -60.96 7.44
C LEU Y 11 59.03 -60.64 8.51
N VAL Y 12 58.31 -61.67 8.94
CA VAL Y 12 57.32 -61.51 9.99
C VAL Y 12 57.30 -62.68 10.97
N GLN Y 13 56.85 -62.42 12.20
CA GLN Y 13 56.76 -63.46 13.21
C GLN Y 13 55.60 -64.39 12.91
N PRO Y 14 55.70 -65.66 13.34
CA PRO Y 14 54.53 -66.52 13.21
C PRO Y 14 53.40 -65.88 14.02
N GLY Y 15 52.17 -65.90 13.50
CA GLY Y 15 51.03 -65.31 14.19
C GLY Y 15 50.70 -63.90 13.74
N GLU Y 16 51.68 -63.19 13.16
CA GLU Y 16 51.46 -61.81 12.71
C GLU Y 16 50.68 -61.78 11.38
N SER Y 17 50.37 -60.58 10.91
CA SER Y 17 49.63 -60.40 9.67
C SER Y 17 50.53 -59.64 8.67
N LEU Y 18 50.16 -59.65 7.39
CA LEU Y 18 50.95 -58.98 6.36
C LEU Y 18 50.10 -58.82 5.11
N ARG Y 19 50.23 -57.68 4.44
N ARG Y 19 50.20 -57.67 4.45
CA ARG Y 19 49.41 -57.36 3.28
CA ARG Y 19 49.40 -57.37 3.28
C ARG Y 19 50.29 -57.19 2.03
C ARG Y 19 50.29 -57.20 2.04
N LEU Y 20 50.07 -58.05 1.04
CA LEU Y 20 50.78 -57.96 -0.22
C LEU Y 20 49.96 -57.15 -1.18
N SER Y 21 50.61 -56.40 -2.06
N SER Y 21 50.64 -56.44 -2.08
CA SER Y 21 49.89 -55.71 -3.13
CA SER Y 21 49.99 -55.66 -3.11
C SER Y 21 50.58 -55.98 -4.45
C SER Y 21 50.55 -56.10 -4.46
N CYS Y 22 49.84 -55.80 -5.53
CA CYS Y 22 50.35 -56.08 -6.86
C CYS Y 22 49.80 -55.01 -7.78
N VAL Y 23 50.66 -54.27 -8.48
CA VAL Y 23 50.18 -53.19 -9.32
C VAL Y 23 50.30 -53.53 -10.78
N GLY Y 24 49.18 -53.31 -11.49
CA GLY Y 24 49.14 -53.51 -12.92
C GLY Y 24 49.50 -52.22 -13.64
N SER Y 25 50.21 -52.37 -14.74
CA SER Y 25 50.53 -51.27 -15.64
C SER Y 25 50.44 -51.82 -17.06
N GLY Y 26 50.82 -51.00 -18.04
CA GLY Y 26 50.72 -51.41 -19.43
C GLY Y 26 49.30 -51.69 -19.86
N SER Y 27 49.15 -52.40 -20.98
CA SER Y 27 47.84 -52.72 -21.49
C SER Y 27 47.93 -53.81 -22.58
N SER Y 28 46.81 -54.50 -22.78
CA SER Y 28 46.64 -55.59 -23.75
C SER Y 28 45.66 -55.15 -24.84
N PHE Y 29 44.93 -56.10 -25.43
CA PHE Y 29 44.04 -55.77 -26.55
C PHE Y 29 43.05 -54.74 -26.15
N GLY Y 30 42.80 -53.87 -27.13
CA GLY Y 30 41.91 -52.78 -26.92
C GLY Y 30 42.42 -51.90 -25.79
N GLU Y 31 43.72 -51.81 -25.57
CA GLU Y 31 44.20 -50.98 -24.47
C GLU Y 31 43.61 -51.43 -23.11
N SER Y 32 43.30 -52.72 -22.97
CA SER Y 32 42.77 -53.30 -21.72
C SER Y 32 43.80 -53.30 -20.63
N THR Y 33 43.33 -53.11 -19.40
CA THR Y 33 44.20 -53.10 -18.25
C THR Y 33 43.84 -54.25 -17.31
N LEU Y 34 44.57 -54.34 -16.20
CA LEU Y 34 44.40 -55.43 -15.27
C LEU Y 34 42.97 -55.60 -14.77
N SER Y 35 42.25 -54.49 -14.65
CA SER Y 35 40.91 -54.51 -14.10
C SER Y 35 39.90 -55.14 -15.06
N TYR Y 36 40.34 -55.51 -16.26
CA TYR Y 36 39.49 -56.23 -17.19
C TYR Y 36 39.62 -57.74 -16.97
N TYR Y 37 40.56 -58.18 -16.13
CA TYR Y 37 40.88 -59.61 -16.04
C TYR Y 37 40.74 -60.15 -14.63
N ALA Y 38 40.45 -61.43 -14.55
CA ALA Y 38 40.55 -62.17 -13.30
C ALA Y 38 42.03 -62.38 -12.98
N VAL Y 39 42.34 -62.49 -11.70
CA VAL Y 39 43.72 -62.56 -11.25
C VAL Y 39 43.81 -63.52 -10.07
N SER Y 40 44.93 -64.23 -9.95
CA SER Y 40 45.17 -65.14 -8.84
C SER Y 40 46.44 -64.79 -8.09
N TRP Y 41 46.54 -65.27 -6.85
CA TRP Y 41 47.81 -65.28 -6.14
C TRP Y 41 48.27 -66.73 -6.16
N VAL Y 42 49.57 -66.93 -6.40
CA VAL Y 42 50.18 -68.24 -6.53
C VAL Y 42 51.48 -68.10 -5.80
N ARG Y 43 51.92 -69.09 -5.05
CA ARG Y 43 53.18 -68.95 -4.32
C ARG Y 43 54.09 -70.13 -4.59
N GLN Y 44 55.36 -69.96 -4.21
CA GLN Y 44 56.37 -70.96 -4.46
C GLN Y 44 57.30 -71.01 -3.27
N ALA Y 45 57.23 -72.11 -2.52
CA ALA Y 45 58.09 -72.24 -1.34
C ALA Y 45 59.52 -72.46 -1.80
N PRO Y 46 60.48 -72.20 -0.92
CA PRO Y 46 61.89 -72.30 -1.35
C PRO Y 46 62.22 -73.67 -1.91
N GLY Y 47 62.73 -73.71 -3.13
CA GLY Y 47 63.12 -74.96 -3.77
C GLY Y 47 61.98 -75.84 -4.22
N LYS Y 48 60.73 -75.38 -4.11
CA LYS Y 48 59.56 -76.21 -4.42
C LYS Y 48 58.84 -75.72 -5.67
N GLY Y 49 57.71 -76.35 -5.99
CA GLY Y 49 56.91 -75.95 -7.14
C GLY Y 49 55.91 -74.87 -6.85
N LEU Y 50 54.89 -74.77 -7.71
CA LEU Y 50 53.91 -73.70 -7.63
C LEU Y 50 52.60 -74.16 -7.00
N GLU Y 51 52.05 -73.28 -6.17
CA GLU Y 51 50.81 -73.53 -5.46
C GLU Y 51 49.81 -72.40 -5.62
N TRP Y 52 48.67 -72.70 -6.24
CA TRP Y 52 47.61 -71.72 -6.39
C TRP Y 52 46.96 -71.45 -5.03
N LEU Y 53 46.70 -70.19 -4.73
CA LEU Y 53 46.12 -69.78 -3.43
C LEU Y 53 44.71 -69.25 -3.54
N SER Y 54 44.48 -68.36 -4.48
CA SER Y 54 43.24 -67.62 -4.51
C SER Y 54 43.05 -66.95 -5.84
N ILE Y 55 41.78 -66.76 -6.19
CA ILE Y 55 41.40 -66.10 -7.43
C ILE Y 55 40.34 -65.06 -7.17
N ILE Y 56 40.32 -64.02 -8.00
CA ILE Y 56 39.28 -63.02 -7.91
C ILE Y 56 38.96 -62.52 -9.32
N ASN Y 57 37.67 -62.41 -9.61
CA ASN Y 57 37.23 -62.01 -10.94
C ASN Y 57 37.39 -60.51 -11.09
N ALA Y 58 37.32 -60.02 -12.32
CA ALA Y 58 37.54 -58.63 -12.64
C ALA Y 58 36.71 -57.68 -11.76
N GLY Y 59 35.43 -58.02 -11.56
CA GLY Y 59 34.55 -57.13 -10.82
C GLY Y 59 34.58 -57.35 -9.32
N GLY Y 60 35.44 -58.24 -8.85
CA GLY Y 60 35.63 -58.45 -7.42
C GLY Y 60 34.96 -59.70 -6.87
N GLY Y 61 34.20 -60.40 -7.70
CA GLY Y 61 33.46 -61.56 -7.26
C GLY Y 61 34.08 -62.91 -7.60
N ASP Y 62 33.29 -63.95 -7.35
CA ASP Y 62 33.60 -65.32 -7.67
C ASP Y 62 34.92 -65.71 -7.02
N ILE Y 63 35.12 -65.21 -5.80
CA ILE Y 63 36.34 -65.45 -5.04
C ILE Y 63 36.35 -66.91 -4.56
N ASP Y 64 37.57 -67.46 -4.58
CA ASP Y 64 37.91 -68.77 -4.04
C ASP Y 64 39.26 -68.91 -3.39
N TYR Y 65 39.39 -69.90 -2.50
CA TYR Y 65 40.65 -70.11 -1.80
C TYR Y 65 41.02 -71.57 -1.81
N ALA Y 66 42.33 -71.81 -1.85
CA ALA Y 66 42.95 -73.10 -1.61
C ALA Y 66 42.76 -73.40 -0.14
N ASP Y 67 42.66 -74.68 0.20
CA ASP Y 67 42.45 -75.06 1.59
C ASP Y 67 43.48 -74.53 2.57
N SER Y 68 44.72 -74.38 2.10
CA SER Y 68 45.79 -74.02 3.01
C SER Y 68 45.74 -72.64 3.62
N VAL Y 69 45.01 -71.76 2.96
CA VAL Y 69 44.87 -70.40 3.44
C VAL Y 69 43.44 -69.95 3.65
N GLU Y 70 42.48 -70.82 3.37
CA GLU Y 70 41.08 -70.46 3.54
C GLU Y 70 40.87 -70.12 5.01
N GLY Y 71 40.27 -68.97 5.27
CA GLY Y 71 39.94 -68.56 6.63
C GLY Y 71 41.01 -67.69 7.26
N ARG Y 72 42.15 -67.55 6.59
CA ARG Y 72 43.27 -66.72 7.04
C ARG Y 72 43.59 -65.62 6.04
N PHE Y 73 43.56 -65.92 4.75
CA PHE Y 73 43.95 -64.95 3.73
C PHE Y 73 42.67 -64.41 3.08
N THR Y 74 42.72 -63.15 2.65
CA THR Y 74 41.61 -62.50 1.98
C THR Y 74 42.11 -61.77 0.75
N ILE Y 75 41.55 -62.12 -0.40
CA ILE Y 75 41.92 -61.47 -1.65
C ILE Y 75 40.95 -60.36 -1.97
N SER Y 76 41.48 -59.26 -2.50
CA SER Y 76 40.62 -58.16 -2.90
C SER Y 76 41.31 -57.33 -3.97
N ARG Y 77 40.60 -56.35 -4.53
CA ARG Y 77 41.21 -55.50 -5.54
C ARG Y 77 40.56 -54.12 -5.57
N ASP Y 78 41.34 -53.11 -5.92
CA ASP Y 78 40.84 -51.77 -6.13
C ASP Y 78 41.12 -51.44 -7.58
N ASN Y 79 40.09 -51.53 -8.41
CA ASN Y 79 40.25 -51.37 -9.84
C ASN Y 79 40.57 -49.93 -10.20
N SER Y 80 40.21 -48.97 -9.34
CA SER Y 80 40.56 -47.58 -9.58
C SER Y 80 42.08 -47.36 -9.52
N LYS Y 81 42.80 -48.21 -8.80
CA LYS Y 81 44.26 -48.15 -8.73
C LYS Y 81 44.92 -49.27 -9.55
N GLU Y 82 44.11 -50.07 -10.25
CA GLU Y 82 44.60 -51.24 -10.95
C GLU Y 82 45.49 -52.08 -10.05
N THR Y 83 45.04 -52.25 -8.81
CA THR Y 83 45.82 -52.94 -7.79
C THR Y 83 45.10 -54.12 -7.16
N LEU Y 84 45.84 -55.21 -6.93
CA LEU Y 84 45.35 -56.38 -6.23
C LEU Y 84 46.00 -56.49 -4.87
N TYR Y 85 45.29 -57.09 -3.92
CA TYR Y 85 45.76 -57.24 -2.56
C TYR Y 85 45.58 -58.66 -2.10
N LEU Y 86 46.50 -59.11 -1.25
CA LEU Y 86 46.32 -60.35 -0.50
C LEU Y 86 46.60 -60.03 0.97
N GLN Y 87 45.56 -60.03 1.78
CA GLN Y 87 45.66 -59.82 3.21
C GLN Y 87 45.83 -61.17 3.90
N MET Y 88 47.00 -61.37 4.46
CA MET Y 88 47.34 -62.60 5.16
C MET Y 88 47.24 -62.37 6.66
N THR Y 89 46.63 -63.29 7.39
CA THR Y 89 46.62 -63.22 8.85
C THR Y 89 47.04 -64.57 9.41
N ASN Y 90 47.38 -64.59 10.70
N ASN Y 90 47.36 -64.59 10.70
CA ASN Y 90 47.80 -65.82 11.40
CA ASN Y 90 47.76 -65.81 11.40
C ASN Y 90 48.82 -66.62 10.61
C ASN Y 90 48.80 -66.61 10.60
N LEU Y 91 49.84 -65.92 10.12
CA LEU Y 91 50.86 -66.55 9.30
C LEU Y 91 51.60 -67.65 10.06
N ARG Y 92 52.04 -68.67 9.34
CA ARG Y 92 52.84 -69.76 9.90
C ARG Y 92 54.13 -69.91 9.12
N VAL Y 93 55.06 -70.68 9.67
CA VAL Y 93 56.37 -70.89 9.06
C VAL Y 93 56.25 -71.40 7.62
N GLU Y 94 55.26 -72.24 7.36
CA GLU Y 94 55.12 -72.86 6.03
C GLU Y 94 54.46 -71.95 5.00
N ASP Y 95 54.10 -70.72 5.40
CA ASP Y 95 53.62 -69.73 4.44
C ASP Y 95 54.82 -69.04 3.79
N THR Y 96 56.03 -69.37 4.23
CA THR Y 96 57.23 -68.80 3.66
C THR Y 96 57.34 -69.15 2.19
N GLY Y 97 57.70 -68.16 1.38
CA GLY Y 97 57.93 -68.38 -0.03
C GLY Y 97 57.79 -67.12 -0.84
N VAL Y 98 57.93 -67.25 -2.16
CA VAL Y 98 57.73 -66.15 -3.08
C VAL Y 98 56.27 -66.13 -3.50
N TYR Y 99 55.63 -64.96 -3.40
CA TYR Y 99 54.23 -64.80 -3.79
C TYR Y 99 54.17 -64.00 -5.08
N TYR Y 100 53.50 -64.59 -6.06
CA TYR Y 100 53.29 -64.00 -7.36
C TYR Y 100 51.82 -63.69 -7.52
N CYS Y 101 51.51 -62.56 -8.14
CA CYS Y 101 50.18 -62.37 -8.70
C CYS Y 101 50.24 -62.67 -10.21
N ALA Y 102 49.17 -63.29 -10.72
CA ALA Y 102 49.18 -63.85 -12.07
C ALA Y 102 47.83 -63.64 -12.75
N LYS Y 103 47.83 -62.98 -13.90
CA LYS Y 103 46.61 -62.66 -14.62
C LYS Y 103 46.10 -63.82 -15.50
N HIS Y 104 44.78 -64.08 -15.44
CA HIS Y 104 44.16 -65.09 -16.31
C HIS Y 104 43.90 -64.42 -17.66
N MET Y 105 44.01 -65.16 -18.76
CA MET Y 105 43.98 -64.48 -20.07
C MET Y 105 42.62 -64.00 -20.58
N SER Y 106 41.52 -64.70 -20.28
CA SER Y 106 40.26 -64.31 -20.90
C SER Y 106 39.78 -63.03 -20.26
N MET Y 107 39.40 -62.07 -21.10
CA MET Y 107 38.83 -60.83 -20.62
C MET Y 107 37.50 -61.11 -19.93
N GLN Y 108 37.35 -60.55 -18.73
CA GLN Y 108 36.20 -60.82 -17.88
C GLN Y 108 35.19 -59.69 -17.76
N GLN Y 109 35.61 -58.45 -18.00
CA GLN Y 109 34.67 -57.34 -18.01
C GLN Y 109 35.16 -56.18 -18.84
N VAL Y 110 34.22 -55.41 -19.40
CA VAL Y 110 34.58 -54.18 -20.06
C VAL Y 110 33.65 -53.11 -19.49
N VAL Y 111 34.16 -52.32 -18.56
CA VAL Y 111 33.33 -51.34 -17.86
C VAL Y 111 32.76 -50.31 -18.81
N SER Y 112 33.52 -49.87 -19.81
CA SER Y 112 32.97 -48.84 -20.65
C SER Y 112 31.78 -49.40 -21.42
N ALA Y 113 31.68 -50.73 -21.49
CA ALA Y 113 30.56 -51.38 -22.12
C ALA Y 113 29.62 -52.16 -21.24
N GLY Y 114 29.84 -52.12 -19.94
CA GLY Y 114 29.02 -52.95 -19.08
C GLY Y 114 28.96 -54.39 -19.36
N TRP Y 115 30.02 -54.91 -19.95
CA TRP Y 115 29.99 -56.31 -20.23
C TRP Y 115 30.76 -56.97 -19.16
N GLU Y 116 30.21 -58.09 -18.73
CA GLU Y 116 30.86 -58.94 -17.79
C GLU Y 116 30.60 -60.32 -18.27
N ARG Y 117 31.66 -61.05 -18.49
CA ARG Y 117 31.52 -62.42 -18.89
C ARG Y 117 30.67 -63.12 -17.84
N ALA Y 118 29.75 -63.95 -18.28
CA ALA Y 118 28.84 -64.64 -17.38
C ALA Y 118 29.59 -65.56 -16.42
N ASP Y 119 30.69 -66.14 -16.90
CA ASP Y 119 31.40 -67.14 -16.12
C ASP Y 119 32.85 -66.72 -15.93
N LEU Y 120 33.43 -67.18 -14.82
CA LEU Y 120 34.84 -66.98 -14.56
C LEU Y 120 35.63 -68.11 -15.22
N VAL Y 121 36.36 -67.77 -16.28
CA VAL Y 121 37.07 -68.77 -17.05
C VAL Y 121 38.24 -69.40 -16.30
N GLY Y 122 39.11 -68.57 -15.74
CA GLY Y 122 40.27 -69.05 -15.00
C GLY Y 122 41.28 -69.84 -15.83
N ASP Y 123 41.46 -69.42 -17.09
CA ASP Y 123 42.43 -70.06 -18.00
C ASP Y 123 43.87 -69.59 -17.69
N ALA Y 124 44.78 -69.76 -18.64
CA ALA Y 124 46.22 -69.73 -18.40
C ALA Y 124 46.71 -68.41 -17.85
N PHE Y 125 47.77 -68.48 -17.04
CA PHE Y 125 48.38 -67.29 -16.47
C PHE Y 125 49.32 -66.71 -17.50
N ASP Y 126 48.84 -65.74 -18.27
CA ASP Y 126 49.63 -65.20 -19.38
C ASP Y 126 50.62 -64.11 -18.98
N VAL Y 127 50.40 -63.53 -17.80
CA VAL Y 127 51.35 -62.56 -17.23
C VAL Y 127 51.55 -62.81 -15.75
N TRP Y 128 52.82 -62.88 -15.35
CA TRP Y 128 53.19 -63.02 -13.94
C TRP Y 128 54.02 -61.83 -13.56
N GLY Y 129 53.93 -61.47 -12.29
CA GLY Y 129 54.85 -60.51 -11.73
C GLY Y 129 56.17 -61.17 -11.47
N GLN Y 130 57.10 -60.42 -10.90
CA GLN Y 130 58.44 -60.91 -10.59
C GLN Y 130 58.46 -61.63 -9.23
N GLY Y 131 57.38 -61.48 -8.48
CA GLY Y 131 57.21 -62.15 -7.20
C GLY Y 131 57.70 -61.28 -6.06
N THR Y 132 57.18 -61.52 -4.85
CA THR Y 132 57.61 -60.83 -3.64
C THR Y 132 57.86 -61.83 -2.52
N MET Y 133 58.99 -61.71 -1.81
CA MET Y 133 59.38 -62.73 -0.85
C MET Y 133 58.76 -62.52 0.53
N VAL Y 134 58.12 -63.58 1.04
CA VAL Y 134 57.58 -63.58 2.40
C VAL Y 134 58.30 -64.65 3.20
N THR Y 135 58.90 -64.25 4.31
CA THR Y 135 59.52 -65.17 5.25
C THR Y 135 58.85 -65.10 6.62
N VAL Y 136 58.38 -66.23 7.13
CA VAL Y 136 57.75 -66.23 8.45
C VAL Y 136 58.70 -66.98 9.42
N SER Y 137 59.32 -66.21 10.32
CA SER Y 137 60.34 -66.70 11.25
C SER Y 137 60.41 -65.83 12.51
N SER Y 138 60.83 -66.41 13.64
CA SER Y 138 60.99 -65.62 14.87
C SER Y 138 62.18 -64.65 14.86
N ALA Y 139 63.21 -64.93 14.06
CA ALA Y 139 64.42 -64.14 14.11
C ALA Y 139 64.14 -62.79 13.47
N SER Y 140 64.83 -61.75 13.94
CA SER Y 140 64.65 -60.41 13.40
C SER Y 140 65.54 -60.21 12.18
N THR Y 141 65.13 -59.30 11.31
CA THR Y 141 65.90 -58.99 10.12
C THR Y 141 67.25 -58.39 10.48
N LYS Y 142 68.24 -58.75 9.69
CA LYS Y 142 69.55 -58.12 9.74
C LYS Y 142 70.05 -57.76 8.36
N GLY Y 143 70.51 -56.53 8.20
CA GLY Y 143 71.00 -56.10 6.91
C GLY Y 143 72.42 -56.54 6.66
N PRO Y 144 72.79 -56.68 5.37
CA PRO Y 144 74.08 -57.22 4.95
C PRO Y 144 75.25 -56.26 5.11
N SER Y 145 76.42 -56.83 5.38
CA SER Y 145 77.68 -56.13 5.21
C SER Y 145 78.16 -56.42 3.80
N VAL Y 146 78.68 -55.40 3.12
CA VAL Y 146 79.15 -55.56 1.74
C VAL Y 146 80.64 -55.29 1.73
N PHE Y 147 81.40 -56.30 1.31
CA PHE Y 147 82.84 -56.21 1.25
C PHE Y 147 83.34 -56.41 -0.18
N PRO Y 148 84.38 -55.68 -0.60
CA PRO Y 148 84.85 -55.90 -1.97
C PRO Y 148 85.63 -57.19 -2.13
N LEU Y 149 85.48 -57.86 -3.27
CA LEU Y 149 86.34 -58.96 -3.67
C LEU Y 149 87.26 -58.38 -4.74
N ALA Y 150 88.50 -58.13 -4.34
CA ALA Y 150 89.39 -57.27 -5.12
C ALA Y 150 90.27 -58.06 -6.09
N PRO Y 151 90.31 -57.65 -7.37
CA PRO Y 151 91.22 -58.27 -8.34
C PRO Y 151 92.64 -57.90 -7.96
N SER Y 152 93.55 -58.83 -8.19
CA SER Y 152 94.95 -58.66 -7.81
C SER Y 152 95.84 -59.02 -8.99
N SER Y 153 97.08 -58.55 -8.96
CA SER Y 153 98.03 -58.92 -10.00
C SER Y 153 98.23 -60.43 -9.89
N LYS Y 154 98.32 -61.11 -11.03
CA LYS Y 154 98.48 -62.58 -11.13
C LYS Y 154 97.11 -63.30 -11.04
N SER Y 155 96.03 -62.55 -10.87
CA SER Y 155 94.70 -63.16 -10.81
C SER Y 155 94.16 -63.53 -12.19
N THR Y 156 94.84 -63.07 -13.26
CA THR Y 156 94.40 -63.37 -14.61
C THR Y 156 94.33 -64.88 -14.84
N SER Y 157 93.20 -65.32 -15.38
CA SER Y 157 93.00 -66.72 -15.72
C SER Y 157 92.10 -66.73 -16.94
N GLY Y 158 92.46 -67.53 -17.93
CA GLY Y 158 91.98 -67.29 -19.27
C GLY Y 158 92.67 -66.01 -19.69
N GLY Y 159 91.96 -65.14 -20.42
CA GLY Y 159 92.46 -63.81 -20.73
C GLY Y 159 91.74 -62.73 -19.93
N THR Y 160 91.07 -63.13 -18.86
CA THR Y 160 90.15 -62.26 -18.14
C THR Y 160 90.55 -62.08 -16.67
N ALA Y 161 90.00 -61.03 -16.05
CA ALA Y 161 90.13 -60.78 -14.61
C ALA Y 161 88.77 -60.92 -13.94
N ALA Y 162 88.75 -61.21 -12.64
CA ALA Y 162 87.51 -61.31 -11.90
C ALA Y 162 87.50 -60.38 -10.69
N LEU Y 163 86.35 -59.79 -10.41
CA LEU Y 163 86.14 -58.98 -9.19
C LEU Y 163 84.71 -59.17 -8.71
N GLY Y 164 84.38 -58.74 -7.50
CA GLY Y 164 83.05 -59.03 -6.98
C GLY Y 164 82.67 -58.34 -5.69
N CYS Y 165 81.53 -58.71 -5.11
CA CYS Y 165 81.10 -58.21 -3.82
C CYS Y 165 80.67 -59.39 -2.99
N LEU Y 166 81.10 -59.41 -1.74
CA LEU Y 166 80.65 -60.40 -0.79
C LEU Y 166 79.56 -59.77 0.07
N VAL Y 167 78.35 -60.28 -0.07
CA VAL Y 167 77.20 -59.78 0.68
C VAL Y 167 76.94 -60.78 1.82
N LYS Y 168 77.33 -60.39 3.03
CA LYS Y 168 77.47 -61.30 4.14
C LYS Y 168 76.54 -60.95 5.30
N ASP Y 169 76.04 -61.99 5.96
CA ASP Y 169 75.35 -61.87 7.25
C ASP Y 169 74.05 -61.08 7.18
N TYR Y 170 73.08 -61.56 6.40
CA TYR Y 170 71.80 -60.89 6.34
C TYR Y 170 70.65 -61.86 6.53
N PHE Y 171 69.49 -61.32 6.88
CA PHE Y 171 68.28 -62.10 7.02
C PHE Y 171 67.08 -61.18 6.89
N PRO Y 172 66.02 -61.63 6.19
CA PRO Y 172 65.88 -62.88 5.47
C PRO Y 172 66.29 -62.67 4.02
N GLU Y 173 66.01 -63.65 3.19
CA GLU Y 173 66.13 -63.49 1.74
C GLU Y 173 65.04 -62.53 1.27
N PRO Y 174 65.26 -61.84 0.14
CA PRO Y 174 66.42 -61.92 -0.74
C PRO Y 174 67.17 -60.61 -0.80
N VAL Y 175 68.34 -60.61 -1.42
CA VAL Y 175 69.06 -59.39 -1.77
C VAL Y 175 69.15 -59.37 -3.28
N THR Y 176 69.04 -58.19 -3.88
CA THR Y 176 69.28 -58.04 -5.30
C THR Y 176 70.63 -57.35 -5.47
N VAL Y 177 71.39 -57.74 -6.49
CA VAL Y 177 72.68 -57.10 -6.77
C VAL Y 177 72.70 -56.71 -8.24
N SER Y 178 73.11 -55.48 -8.49
CA SER Y 178 73.37 -54.98 -9.84
C SER Y 178 74.77 -54.39 -9.90
N TRP Y 179 75.25 -54.08 -11.11
CA TRP Y 179 76.60 -53.54 -11.25
C TRP Y 179 76.56 -52.26 -12.07
N ASN Y 180 77.24 -51.23 -11.55
CA ASN Y 180 77.25 -49.90 -12.16
C ASN Y 180 75.82 -49.48 -12.46
N SER Y 181 74.95 -49.70 -11.48
CA SER Y 181 73.56 -49.25 -11.57
C SER Y 181 72.85 -49.96 -12.71
N GLY Y 182 73.39 -51.10 -13.16
CA GLY Y 182 72.81 -51.88 -14.22
C GLY Y 182 73.43 -51.62 -15.59
N ALA Y 183 74.41 -50.73 -15.67
CA ALA Y 183 75.12 -50.43 -16.91
C ALA Y 183 76.05 -51.58 -17.29
N LEU Y 184 76.45 -52.36 -16.29
CA LEU Y 184 77.33 -53.50 -16.48
C LEU Y 184 76.54 -54.76 -16.19
N THR Y 185 76.36 -55.55 -17.25
CA THR Y 185 75.58 -56.78 -17.19
C THR Y 185 76.29 -58.03 -17.71
N SER Y 186 76.94 -57.94 -18.87
N SER Y 186 77.12 -57.88 -18.74
CA SER Y 186 77.73 -59.05 -19.41
CA SER Y 186 77.85 -59.00 -19.32
C SER Y 186 78.73 -59.63 -18.40
C SER Y 186 78.80 -59.64 -18.35
N GLY Y 187 78.70 -60.95 -18.25
CA GLY Y 187 79.63 -61.71 -17.44
C GLY Y 187 79.37 -61.64 -15.96
N VAL Y 188 78.15 -61.27 -15.56
CA VAL Y 188 77.80 -61.20 -14.15
C VAL Y 188 77.18 -62.51 -13.69
N HIS Y 189 77.67 -63.00 -12.55
CA HIS Y 189 77.08 -64.12 -11.86
C HIS Y 189 76.80 -63.71 -10.43
N THR Y 190 75.55 -63.81 -10.00
CA THR Y 190 75.21 -63.60 -8.60
C THR Y 190 74.82 -64.96 -8.05
N PHE Y 191 75.61 -65.46 -7.11
CA PHE Y 191 75.40 -66.81 -6.60
C PHE Y 191 74.18 -66.93 -5.70
N PRO Y 192 73.56 -68.11 -5.68
CA PRO Y 192 72.52 -68.36 -4.68
C PRO Y 192 73.06 -68.17 -3.27
N ALA Y 193 72.26 -67.61 -2.39
CA ALA Y 193 72.66 -67.42 -1.01
C ALA Y 193 72.84 -68.77 -0.32
N VAL Y 194 73.77 -68.83 0.62
CA VAL Y 194 73.97 -70.01 1.44
C VAL Y 194 73.64 -69.64 2.88
N LEU Y 195 72.91 -70.50 3.56
CA LEU Y 195 72.62 -70.31 4.97
C LEU Y 195 73.81 -70.73 5.80
N GLN Y 196 74.30 -69.83 6.63
CA GLN Y 196 75.44 -70.13 7.49
C GLN Y 196 74.96 -70.71 8.80
N SER Y 197 75.91 -71.22 9.56
CA SER Y 197 75.63 -71.81 10.87
C SER Y 197 75.05 -70.75 11.81
N SER Y 198 75.48 -69.50 11.61
CA SER Y 198 74.97 -68.36 12.38
C SER Y 198 73.48 -68.11 12.21
N GLY Y 199 72.86 -68.72 11.20
CA GLY Y 199 71.47 -68.48 10.89
C GLY Y 199 71.26 -67.32 9.93
N LEU Y 200 72.35 -66.74 9.45
CA LEU Y 200 72.29 -65.65 8.49
C LEU Y 200 72.72 -66.13 7.11
N TYR Y 201 72.22 -65.47 6.09
CA TYR Y 201 72.54 -65.80 4.72
C TYR Y 201 73.79 -65.06 4.29
N SER Y 202 74.48 -65.63 3.30
CA SER Y 202 75.66 -65.05 2.69
C SER Y 202 75.62 -65.38 1.21
N LEU Y 203 76.11 -64.46 0.39
CA LEU Y 203 76.03 -64.58 -1.05
C LEU Y 203 77.21 -63.83 -1.65
N SER Y 204 77.67 -64.25 -2.82
CA SER Y 204 78.71 -63.53 -3.54
C SER Y 204 78.22 -63.18 -4.94
N SER Y 205 78.64 -62.02 -5.45
CA SER Y 205 78.44 -61.65 -6.83
C SER Y 205 79.79 -61.36 -7.47
N VAL Y 206 80.05 -61.89 -8.66
CA VAL Y 206 81.31 -61.67 -9.35
C VAL Y 206 81.04 -61.28 -10.79
N VAL Y 207 82.02 -60.65 -11.41
CA VAL Y 207 81.94 -60.29 -12.81
C VAL Y 207 83.32 -60.47 -13.42
N THR Y 208 83.39 -60.96 -14.66
CA THR Y 208 84.69 -61.09 -15.29
C THR Y 208 84.73 -59.99 -16.32
N VAL Y 209 85.79 -59.24 -16.20
CA VAL Y 209 86.08 -58.10 -17.03
C VAL Y 209 87.48 -58.12 -17.66
N PRO Y 210 87.61 -57.72 -18.95
CA PRO Y 210 88.92 -57.66 -19.63
C PRO Y 210 89.92 -56.98 -18.74
N SER Y 211 91.20 -57.33 -18.68
CA SER Y 211 92.04 -56.61 -17.75
C SER Y 211 92.16 -55.12 -18.13
N SER Y 212 92.15 -54.91 -19.45
CA SER Y 212 92.33 -53.61 -20.02
C SER Y 212 91.30 -52.59 -19.54
N SER Y 213 90.07 -52.97 -19.78
CA SER Y 213 88.94 -52.13 -19.41
C SER Y 213 88.95 -51.86 -17.89
N LEU Y 214 89.65 -52.69 -17.11
CA LEU Y 214 89.65 -52.54 -15.64
C LEU Y 214 90.53 -51.44 -15.20
N GLY Y 215 91.72 -51.45 -15.79
CA GLY Y 215 92.56 -50.31 -15.48
C GLY Y 215 91.75 -49.07 -15.83
N THR Y 216 91.11 -49.07 -17.00
CA THR Y 216 90.34 -47.86 -17.39
C THR Y 216 89.00 -47.53 -16.72
N GLN Y 217 88.31 -48.51 -16.14
CA GLN Y 217 86.96 -48.25 -15.62
C GLN Y 217 86.61 -48.63 -14.17
N THR Y 218 85.54 -47.96 -13.77
CA THR Y 218 84.94 -47.91 -12.43
C THR Y 218 83.85 -48.96 -12.19
N TYR Y 219 84.09 -49.93 -11.30
CA TYR Y 219 83.10 -50.98 -11.09
C TYR Y 219 82.62 -50.92 -9.64
N ILE Y 220 81.31 -50.77 -9.55
CA ILE Y 220 80.54 -50.61 -8.32
C ILE Y 220 79.39 -51.59 -8.25
N CYS Y 221 79.22 -52.28 -7.12
CA CYS Y 221 78.04 -53.15 -6.98
C CYS Y 221 77.00 -52.53 -6.05
N ASN Y 222 75.75 -52.57 -6.48
CA ASN Y 222 74.63 -52.00 -5.74
C ASN Y 222 73.83 -53.14 -5.15
N VAL Y 223 73.84 -53.20 -3.83
CA VAL Y 223 73.21 -54.25 -3.08
C VAL Y 223 71.96 -53.67 -2.44
N ASN Y 224 70.85 -54.36 -2.62
CA ASN Y 224 69.57 -53.96 -2.07
C ASN Y 224 69.00 -55.09 -1.26
N HIS Y 225 68.64 -54.78 -0.02
CA HIS Y 225 67.97 -55.74 0.82
C HIS Y 225 66.77 -55.01 1.40
N LYS Y 226 65.61 -55.21 0.75
CA LYS Y 226 64.40 -54.47 1.11
C LYS Y 226 63.90 -54.67 2.52
N PRO Y 227 63.96 -55.92 3.03
CA PRO Y 227 63.44 -56.11 4.39
C PRO Y 227 64.17 -55.28 5.42
N SER Y 228 65.41 -54.88 5.14
CA SER Y 228 66.18 -54.07 6.07
C SER Y 228 66.38 -52.62 5.63
N ASN Y 229 65.69 -52.22 4.57
CA ASN Y 229 65.80 -50.88 4.01
C ASN Y 229 67.26 -50.56 3.65
N THR Y 230 68.03 -51.59 3.32
CA THR Y 230 69.42 -51.41 2.95
C THR Y 230 69.58 -51.10 1.47
N LYS Y 231 70.30 -50.01 1.17
CA LYS Y 231 70.69 -49.71 -0.21
C LYS Y 231 72.14 -49.24 -0.13
N VAL Y 232 73.05 -50.10 -0.55
CA VAL Y 232 74.48 -49.86 -0.44
C VAL Y 232 75.08 -49.83 -1.83
N ASP Y 233 76.00 -48.90 -2.06
CA ASP Y 233 76.80 -48.90 -3.28
C ASP Y 233 78.25 -49.07 -2.82
N LYS Y 234 78.89 -50.17 -3.22
CA LYS Y 234 80.26 -50.42 -2.82
C LYS Y 234 81.18 -50.46 -4.03
N ARG Y 235 82.15 -49.56 -4.01
CA ARG Y 235 83.17 -49.46 -5.04
C ARG Y 235 84.18 -50.58 -4.86
N VAL Y 236 84.58 -51.21 -5.96
CA VAL Y 236 85.52 -52.33 -5.93
C VAL Y 236 86.78 -51.97 -6.74
N GLU Y 237 87.92 -51.95 -6.06
CA GLU Y 237 89.17 -51.52 -6.66
C GLU Y 237 90.29 -52.51 -6.34
N PRO Y 238 91.33 -52.58 -7.19
CA PRO Y 238 92.47 -53.48 -6.95
C PRO Y 238 93.20 -53.18 -5.65
N LYS Y 239 93.72 -54.22 -5.02
CA LYS Y 239 94.48 -54.09 -3.78
C LYS Y 239 95.81 -53.40 -4.04
N ASP Z 1 41.37 -82.74 -5.22
CA ASP Z 1 42.41 -81.93 -5.94
C ASP Z 1 42.99 -82.80 -7.04
N ILE Z 2 43.11 -82.26 -8.25
CA ILE Z 2 43.70 -83.01 -9.34
C ILE Z 2 45.22 -82.94 -9.25
N GLN Z 3 45.86 -84.12 -9.30
CA GLN Z 3 47.32 -84.22 -9.24
C GLN Z 3 47.87 -84.34 -10.65
N LEU Z 4 48.87 -83.53 -10.95
CA LEU Z 4 49.61 -83.61 -12.21
C LEU Z 4 51.00 -84.16 -11.90
N THR Z 5 51.38 -85.24 -12.60
CA THR Z 5 52.66 -85.88 -12.40
C THR Z 5 53.48 -85.66 -13.65
N GLN Z 6 54.64 -85.04 -13.50
CA GLN Z 6 55.49 -84.75 -14.64
C GLN Z 6 56.67 -85.68 -14.69
N SER Z 7 56.95 -86.16 -15.90
CA SER Z 7 58.16 -86.97 -16.08
C SER Z 7 58.92 -86.59 -17.36
N PRO Z 8 60.24 -86.79 -17.36
CA PRO Z 8 60.95 -87.23 -16.14
C PRO Z 8 61.16 -86.05 -15.19
N SER Z 9 61.69 -86.30 -14.00
CA SER Z 9 61.90 -85.22 -13.04
C SER Z 9 62.94 -84.26 -13.58
N SER Z 10 63.91 -84.82 -14.28
CA SER Z 10 65.01 -84.06 -14.83
C SER Z 10 65.34 -84.74 -16.16
N LEU Z 11 65.62 -83.94 -17.18
CA LEU Z 11 65.96 -84.47 -18.48
C LEU Z 11 67.15 -83.73 -19.07
N SER Z 12 68.12 -84.51 -19.54
CA SER Z 12 69.34 -83.99 -20.13
C SER Z 12 69.30 -84.20 -21.65
N ALA Z 13 69.65 -83.17 -22.43
CA ALA Z 13 69.68 -83.32 -23.89
C ALA Z 13 70.67 -82.35 -24.55
N SER Z 14 71.09 -82.68 -25.77
CA SER Z 14 72.06 -81.88 -26.49
C SER Z 14 71.36 -80.82 -27.30
N VAL Z 15 72.03 -79.69 -27.51
CA VAL Z 15 71.48 -78.64 -28.37
C VAL Z 15 71.13 -79.21 -29.73
N GLY Z 16 69.89 -78.96 -30.17
CA GLY Z 16 69.39 -79.43 -31.44
C GLY Z 16 68.52 -80.66 -31.33
N ASP Z 17 68.57 -81.34 -30.17
CA ASP Z 17 67.80 -82.55 -29.95
C ASP Z 17 66.32 -82.19 -29.84
N ARG Z 18 65.47 -83.10 -30.31
N ARG Z 18 65.47 -83.10 -30.30
CA ARG Z 18 64.03 -83.01 -30.10
CA ARG Z 18 64.02 -83.00 -30.11
C ARG Z 18 63.69 -83.56 -28.72
C ARG Z 18 63.61 -83.59 -28.76
N VAL Z 19 63.00 -82.75 -27.91
CA VAL Z 19 62.74 -83.08 -26.52
C VAL Z 19 61.24 -83.15 -26.22
N THR Z 20 60.85 -84.18 -25.49
CA THR Z 20 59.44 -84.40 -25.12
C THR Z 20 59.29 -84.46 -23.60
N LEU Z 21 58.45 -83.58 -23.07
CA LEU Z 21 58.14 -83.54 -21.66
C LEU Z 21 56.73 -84.04 -21.54
N THR Z 22 56.45 -84.83 -20.52
CA THR Z 22 55.11 -85.40 -20.41
C THR Z 22 54.46 -84.96 -19.11
N CYS Z 23 53.13 -84.83 -19.18
CA CYS Z 23 52.28 -84.46 -18.06
C CYS Z 23 51.08 -85.33 -18.00
N GLN Z 24 50.87 -85.86 -16.82
CA GLN Z 24 49.73 -86.66 -16.57
C GLN Z 24 48.77 -86.20 -15.51
N ALA Z 25 47.50 -86.10 -15.85
CA ALA Z 25 46.53 -85.72 -14.88
C ALA Z 25 45.93 -86.95 -14.28
N SER Z 26 45.60 -86.84 -13.01
CA SER Z 26 45.10 -87.96 -12.26
C SER Z 26 43.63 -88.19 -12.66
N GLN Z 27 43.05 -87.24 -13.41
CA GLN Z 27 41.69 -87.41 -13.92
C GLN Z 27 41.49 -86.67 -15.24
N ASP Z 28 40.44 -87.02 -15.98
CA ASP Z 28 40.23 -86.40 -17.29
C ASP Z 28 39.95 -84.91 -17.11
N ILE Z 29 40.87 -84.12 -17.65
CA ILE Z 29 40.81 -82.66 -17.63
C ILE Z 29 40.57 -82.12 -19.04
N ARG Z 30 40.16 -83.00 -19.94
CA ARG Z 30 39.90 -82.62 -21.32
C ARG Z 30 41.16 -81.92 -21.86
N LYS Z 31 41.04 -80.68 -22.35
CA LYS Z 31 42.18 -79.94 -22.86
C LYS Z 31 42.49 -78.73 -21.98
N PHE Z 32 41.97 -78.69 -20.76
CA PHE Z 32 42.20 -77.52 -19.94
C PHE Z 32 43.55 -77.63 -19.24
N LEU Z 33 44.63 -77.51 -20.02
CA LEU Z 33 45.98 -77.71 -19.51
C LEU Z 33 46.95 -76.68 -20.09
N ASN Z 34 47.78 -76.04 -19.27
CA ASN Z 34 48.70 -75.03 -19.74
C ASN Z 34 50.13 -75.42 -19.35
N TRP Z 35 51.13 -74.96 -20.11
CA TRP Z 35 52.54 -75.22 -19.86
C TRP Z 35 53.23 -73.88 -19.67
N TYR Z 36 54.10 -73.82 -18.65
CA TYR Z 36 54.89 -72.65 -18.31
C TYR Z 36 56.36 -73.01 -18.27
N GLN Z 37 57.21 -72.01 -18.49
CA GLN Z 37 58.64 -72.12 -18.28
C GLN Z 37 59.02 -71.14 -17.18
N GLN Z 38 59.85 -71.59 -16.26
CA GLN Z 38 60.38 -70.73 -15.21
C GLN Z 38 61.87 -70.88 -15.17
N LYS Z 39 62.55 -69.77 -15.36
CA LYS Z 39 63.97 -69.73 -15.21
C LYS Z 39 64.27 -69.35 -13.79
N PRO Z 40 65.37 -69.85 -13.24
CA PRO Z 40 65.66 -69.66 -11.81
C PRO Z 40 65.64 -68.21 -11.36
N GLY Z 41 64.93 -67.94 -10.26
CA GLY Z 41 64.85 -66.61 -9.70
C GLY Z 41 63.96 -65.66 -10.49
N LYS Z 42 63.24 -66.18 -11.48
CA LYS Z 42 62.35 -65.38 -12.32
C LYS Z 42 60.92 -65.90 -12.20
N GLY Z 43 59.95 -65.07 -12.57
CA GLY Z 43 58.56 -65.52 -12.58
C GLY Z 43 58.33 -66.42 -13.78
N PRO Z 44 57.33 -67.31 -13.70
CA PRO Z 44 57.00 -68.20 -14.83
C PRO Z 44 56.58 -67.44 -16.07
N LYS Z 45 56.70 -68.07 -17.23
CA LYS Z 45 56.16 -67.52 -18.48
C LYS Z 45 55.34 -68.57 -19.22
N LEU Z 46 54.17 -68.17 -19.70
CA LEU Z 46 53.26 -69.06 -20.42
C LEU Z 46 53.84 -69.45 -21.77
N LEU Z 47 53.79 -70.74 -22.05
CA LEU Z 47 54.20 -71.30 -23.34
C LEU Z 47 53.01 -71.78 -24.15
N ILE Z 48 52.21 -72.64 -23.54
CA ILE Z 48 51.13 -73.30 -24.26
C ILE Z 48 49.84 -73.21 -23.45
N TYR Z 49 48.75 -72.77 -24.08
CA TYR Z 49 47.45 -72.79 -23.40
C TYR Z 49 46.46 -73.73 -24.10
N ASP Z 50 45.58 -74.31 -23.28
CA ASP Z 50 44.57 -75.28 -23.70
C ASP Z 50 45.19 -76.40 -24.55
N ALA Z 51 46.28 -76.93 -24.03
CA ALA Z 51 46.98 -78.13 -24.48
C ALA Z 51 47.83 -77.99 -25.75
N SER Z 52 47.33 -77.28 -26.76
CA SER Z 52 48.00 -77.24 -28.06
C SER Z 52 48.27 -75.86 -28.66
N ASN Z 53 47.87 -74.79 -27.99
CA ASN Z 53 48.04 -73.44 -28.55
C ASN Z 53 49.31 -72.72 -28.15
N LEU Z 54 50.09 -72.31 -29.15
CA LEU Z 54 51.30 -71.56 -28.88
C LEU Z 54 50.96 -70.12 -28.54
N GLN Z 55 51.38 -69.68 -27.35
CA GLN Z 55 51.15 -68.30 -26.96
C GLN Z 55 51.90 -67.33 -27.86
N ARG Z 56 51.24 -66.22 -28.17
CA ARG Z 56 51.85 -65.15 -28.94
C ARG Z 56 53.23 -64.81 -28.39
N GLY Z 57 54.24 -64.78 -29.26
CA GLY Z 57 55.57 -64.35 -28.88
C GLY Z 57 56.49 -65.46 -28.41
N VAL Z 58 55.92 -66.63 -28.09
CA VAL Z 58 56.71 -67.77 -27.68
C VAL Z 58 57.31 -68.42 -28.92
N PRO Z 59 58.60 -68.81 -28.87
CA PRO Z 59 59.21 -69.40 -30.08
C PRO Z 59 58.46 -70.61 -30.61
N SER Z 60 58.38 -70.73 -31.93
CA SER Z 60 57.59 -71.79 -32.58
C SER Z 60 58.14 -73.20 -32.42
N ARG Z 61 59.38 -73.33 -31.93
CA ARG Z 61 59.91 -74.67 -31.68
C ARG Z 61 59.14 -75.35 -30.56
N PHE Z 62 58.36 -74.59 -29.78
CA PHE Z 62 57.49 -75.14 -28.76
C PHE Z 62 56.11 -75.48 -29.38
N SER Z 63 55.60 -76.67 -29.04
CA SER Z 63 54.25 -77.10 -29.42
C SER Z 63 53.69 -77.96 -28.30
N GLY Z 64 52.36 -78.08 -28.19
CA GLY Z 64 51.78 -78.89 -27.14
C GLY Z 64 50.75 -79.81 -27.75
N GLY Z 65 50.52 -80.95 -27.09
CA GLY Z 65 49.58 -81.96 -27.55
C GLY Z 65 48.93 -82.75 -26.44
N GLY Z 66 47.92 -83.54 -26.80
CA GLY Z 66 47.29 -84.45 -25.85
C GLY Z 66 45.94 -83.96 -25.38
N SER Z 67 45.28 -84.81 -24.60
CA SER Z 67 43.96 -84.52 -24.05
C SER Z 67 43.61 -85.62 -23.04
N GLY Z 68 42.58 -85.38 -22.24
CA GLY Z 68 42.19 -86.30 -21.20
C GLY Z 68 43.16 -86.27 -20.04
N THR Z 69 43.94 -87.34 -19.90
CA THR Z 69 44.91 -87.47 -18.83
C THR Z 69 46.35 -87.38 -19.33
N ASP Z 70 46.57 -87.45 -20.64
CA ASP Z 70 47.93 -87.52 -21.20
C ASP Z 70 48.29 -86.34 -22.09
N PHE Z 71 49.36 -85.62 -21.73
CA PHE Z 71 49.78 -84.43 -22.45
C PHE Z 71 51.27 -84.40 -22.71
N THR Z 72 51.68 -83.69 -23.77
CA THR Z 72 53.10 -83.54 -24.07
C THR Z 72 53.43 -82.09 -24.43
N LEU Z 73 54.61 -81.62 -24.02
CA LEU Z 73 55.18 -80.38 -24.51
C LEU Z 73 56.40 -80.78 -25.31
N ILE Z 74 56.48 -80.34 -26.57
CA ILE Z 74 57.59 -80.71 -27.43
C ILE Z 74 58.39 -79.47 -27.79
N ILE Z 75 59.70 -79.58 -27.63
CA ILE Z 75 60.63 -78.59 -28.08
C ILE Z 75 61.33 -79.20 -29.27
N SER Z 76 61.04 -78.70 -30.47
CA SER Z 76 61.46 -79.39 -31.67
C SER Z 76 62.98 -79.36 -31.85
N SER Z 77 63.63 -78.31 -31.35
CA SER Z 77 65.09 -78.22 -31.42
C SER Z 77 65.60 -77.49 -30.20
N LEU Z 78 66.15 -78.24 -29.24
CA LEU Z 78 66.52 -77.64 -27.97
C LEU Z 78 67.60 -76.59 -28.17
N GLN Z 79 67.39 -75.43 -27.57
CA GLN Z 79 68.35 -74.34 -27.61
C GLN Z 79 68.86 -74.18 -26.21
N PRO Z 80 70.06 -73.61 -26.07
CA PRO Z 80 70.63 -73.46 -24.73
C PRO Z 80 69.77 -72.60 -23.80
N GLU Z 81 69.07 -71.61 -24.35
CA GLU Z 81 68.19 -70.73 -23.52
C GLU Z 81 66.95 -71.45 -22.97
N ASP Z 82 66.72 -72.70 -23.41
CA ASP Z 82 65.62 -73.47 -22.87
C ASP Z 82 65.85 -74.14 -21.48
N VAL Z 83 67.05 -74.07 -20.92
CA VAL Z 83 67.30 -74.64 -19.59
C VAL Z 83 66.37 -73.97 -18.60
N GLY Z 84 65.83 -74.76 -17.70
CA GLY Z 84 64.96 -74.23 -16.67
C GLY Z 84 63.99 -75.31 -16.30
N THR Z 85 62.90 -74.92 -15.66
CA THR Z 85 61.92 -75.87 -15.18
C THR Z 85 60.60 -75.62 -15.89
N TYR Z 86 59.92 -76.69 -16.27
CA TYR Z 86 58.66 -76.58 -16.98
C TYR Z 86 57.56 -77.17 -16.15
N TYR Z 87 56.46 -76.44 -16.02
CA TYR Z 87 55.35 -76.88 -15.21
C TYR Z 87 54.12 -76.97 -16.11
N CYS Z 88 53.33 -78.01 -15.90
CA CYS Z 88 52.01 -78.07 -16.48
C CYS Z 88 51.03 -77.66 -15.41
N GLN Z 89 49.84 -77.24 -15.82
CA GLN Z 89 48.88 -76.71 -14.88
C GLN Z 89 47.45 -76.87 -15.36
N GLN Z 90 46.54 -77.20 -14.45
CA GLN Z 90 45.26 -77.70 -14.83
C GLN Z 90 44.22 -76.73 -14.28
N TYR Z 91 43.22 -76.40 -15.10
CA TYR Z 91 42.07 -75.61 -14.65
C TYR Z 91 40.69 -76.19 -14.98
N ASP Z 92 40.60 -77.51 -15.18
CA ASP Z 92 39.31 -78.18 -15.27
C ASP Z 92 38.47 -77.87 -14.04
N GLY Z 93 39.10 -77.87 -12.87
CA GLY Z 93 38.40 -77.59 -11.64
C GLY Z 93 39.31 -77.01 -10.57
N LEU Z 94 38.73 -76.20 -9.70
CA LEU Z 94 39.41 -75.71 -8.52
C LEU Z 94 39.63 -76.84 -7.53
N PRO Z 95 40.73 -76.80 -6.75
CA PRO Z 95 41.77 -75.77 -6.85
C PRO Z 95 42.64 -76.01 -8.07
N PHE Z 96 43.11 -74.94 -8.71
CA PHE Z 96 44.05 -75.06 -9.81
C PHE Z 96 45.31 -75.69 -9.27
N THR Z 97 45.90 -76.59 -10.05
CA THR Z 97 47.11 -77.28 -9.62
C THR Z 97 48.18 -77.35 -10.69
N PHE Z 98 49.43 -77.49 -10.24
CA PHE Z 98 50.60 -77.54 -11.11
C PHE Z 98 51.29 -78.88 -10.96
N GLY Z 99 51.95 -79.33 -12.02
CA GLY Z 99 52.84 -80.47 -11.91
C GLY Z 99 54.04 -80.12 -11.05
N GLY Z 100 54.78 -81.15 -10.63
CA GLY Z 100 55.96 -80.96 -9.78
C GLY Z 100 57.18 -80.45 -10.54
N GLY Z 101 57.06 -80.32 -11.85
CA GLY Z 101 58.09 -79.72 -12.69
C GLY Z 101 59.07 -80.70 -13.30
N THR Z 102 59.53 -80.38 -14.50
CA THR Z 102 60.61 -81.12 -15.14
C THR Z 102 61.73 -80.13 -15.43
N LYS Z 103 62.92 -80.41 -14.92
CA LYS Z 103 64.06 -79.53 -15.13
C LYS Z 103 64.78 -79.94 -16.42
N VAL Z 104 65.02 -79.00 -17.33
CA VAL Z 104 65.76 -79.31 -18.56
C VAL Z 104 67.21 -78.86 -18.41
N VAL Z 105 68.11 -79.75 -18.78
CA VAL Z 105 69.54 -79.58 -18.60
C VAL Z 105 70.24 -79.84 -19.93
N ILE Z 106 71.13 -78.95 -20.33
CA ILE Z 106 71.87 -79.14 -21.58
C ILE Z 106 73.13 -80.02 -21.37
N LYS Z 107 73.36 -80.97 -22.28
CA LYS Z 107 74.62 -81.72 -22.35
C LYS Z 107 75.51 -81.01 -23.36
N ARG Z 108 76.76 -80.76 -22.99
CA ARG Z 108 77.68 -80.08 -23.91
C ARG Z 108 79.07 -80.73 -23.80
N THR Z 109 80.10 -80.31 -24.56
CA THR Z 109 81.47 -80.89 -24.40
C THR Z 109 82.05 -80.35 -23.08
N VAL Z 110 82.96 -81.06 -22.44
CA VAL Z 110 83.61 -80.56 -21.21
C VAL Z 110 84.31 -79.22 -21.49
N ALA Z 111 84.27 -78.34 -20.49
CA ALA Z 111 84.90 -77.02 -20.51
C ALA Z 111 85.45 -76.68 -19.14
N ALA Z 112 86.75 -76.42 -19.08
CA ALA Z 112 87.47 -76.23 -17.83
C ALA Z 112 87.18 -74.88 -17.18
N PRO Z 113 87.12 -74.85 -15.85
CA PRO Z 113 86.86 -73.58 -15.15
C PRO Z 113 88.05 -72.67 -15.17
N SER Z 114 87.79 -71.37 -15.18
CA SER Z 114 88.86 -70.42 -14.86
C SER Z 114 88.75 -70.13 -13.37
N VAL Z 115 89.88 -70.17 -12.68
CA VAL Z 115 89.90 -70.07 -11.22
C VAL Z 115 90.51 -68.76 -10.74
N PHE Z 116 89.84 -68.14 -9.76
CA PHE Z 116 90.31 -66.92 -9.13
C PHE Z 116 90.19 -67.04 -7.61
N ILE Z 117 91.15 -66.46 -6.90
CA ILE Z 117 91.10 -66.42 -5.43
C ILE Z 117 91.11 -64.97 -4.95
N PHE Z 118 90.38 -64.69 -3.88
CA PHE Z 118 90.32 -63.36 -3.30
C PHE Z 118 90.62 -63.41 -1.81
N PRO Z 119 91.54 -62.57 -1.32
CA PRO Z 119 91.73 -62.44 0.13
C PRO Z 119 90.59 -61.66 0.78
N PRO Z 120 90.47 -61.73 2.11
CA PRO Z 120 89.49 -60.89 2.80
C PRO Z 120 89.86 -59.42 2.66
N SER Z 121 88.86 -58.57 2.58
CA SER Z 121 89.07 -57.13 2.47
C SER Z 121 89.48 -56.55 3.80
N ASP Z 122 89.96 -55.31 3.78
CA ASP Z 122 90.42 -54.64 4.99
C ASP Z 122 89.24 -54.25 5.88
N GLU Z 123 88.14 -53.85 5.25
CA GLU Z 123 86.94 -53.46 6.00
C GLU Z 123 86.46 -54.64 6.86
N GLN Z 124 86.59 -55.86 6.35
CA GLN Z 124 86.07 -57.03 7.04
C GLN Z 124 86.94 -57.48 8.22
N LEU Z 125 88.26 -57.49 8.01
CA LEU Z 125 89.23 -57.80 9.07
C LEU Z 125 89.13 -56.81 10.22
N LYS Z 126 88.95 -55.53 9.89
CA LYS Z 126 88.73 -54.49 10.89
C LYS Z 126 87.65 -54.91 11.91
N SER Z 127 86.80 -55.87 11.53
CA SER Z 127 85.66 -56.31 12.31
C SER Z 127 85.74 -57.76 12.86
N GLY Z 128 86.92 -58.37 12.83
CA GLY Z 128 87.16 -59.63 13.51
C GLY Z 128 86.83 -60.94 12.79
N THR Z 129 86.39 -60.87 11.53
CA THR Z 129 86.11 -62.09 10.76
C THR Z 129 86.83 -62.03 9.42
N ALA Z 130 87.28 -63.19 8.94
CA ALA Z 130 87.95 -63.28 7.65
C ALA Z 130 87.28 -64.29 6.70
N SER Z 131 86.84 -63.79 5.55
CA SER Z 131 86.25 -64.62 4.49
C SER Z 131 87.20 -64.61 3.29
N VAL Z 132 87.65 -65.80 2.89
CA VAL Z 132 88.50 -66.00 1.73
C VAL Z 132 87.69 -66.68 0.64
N VAL Z 133 87.68 -66.13 -0.58
CA VAL Z 133 86.79 -66.62 -1.64
C VAL Z 133 87.50 -67.21 -2.84
N CYS Z 134 86.97 -68.32 -3.35
CA CYS Z 134 87.47 -68.98 -4.54
C CYS Z 134 86.33 -69.03 -5.53
N LEU Z 135 86.58 -68.63 -6.77
CA LEU Z 135 85.58 -68.61 -7.82
C LEU Z 135 86.01 -69.54 -8.94
N LEU Z 136 85.10 -70.44 -9.33
CA LEU Z 136 85.28 -71.25 -10.51
C LEU Z 136 84.26 -70.76 -11.53
N ASN Z 137 84.76 -70.23 -12.64
CA ASN Z 137 83.91 -69.59 -13.62
C ASN Z 137 83.69 -70.40 -14.89
N ASN Z 138 82.42 -70.48 -15.30
CA ASN Z 138 82.02 -71.01 -16.60
C ASN Z 138 82.66 -72.32 -17.02
N PHE Z 139 82.20 -73.39 -16.39
CA PHE Z 139 82.73 -74.71 -16.63
C PHE Z 139 81.62 -75.73 -16.78
N TYR Z 140 82.00 -76.90 -17.28
CA TYR Z 140 81.09 -78.02 -17.40
C TYR Z 140 81.94 -79.27 -17.42
N PRO Z 141 81.52 -80.36 -16.77
CA PRO Z 141 80.25 -80.57 -16.05
C PRO Z 141 80.29 -79.94 -14.66
N ARG Z 142 79.16 -80.03 -13.96
CA ARG Z 142 79.00 -79.35 -12.70
C ARG Z 142 79.94 -79.87 -11.63
N GLU Z 143 80.24 -81.17 -11.67
CA GLU Z 143 81.05 -81.76 -10.61
C GLU Z 143 82.44 -81.18 -10.61
N ALA Z 144 82.79 -80.61 -9.46
CA ALA Z 144 84.11 -80.09 -9.20
C ALA Z 144 84.44 -80.30 -7.73
N LYS Z 145 85.73 -80.40 -7.43
CA LYS Z 145 86.23 -80.51 -6.08
C LYS Z 145 87.02 -79.25 -5.79
N VAL Z 146 86.68 -78.56 -4.70
CA VAL Z 146 87.42 -77.39 -4.30
C VAL Z 146 87.96 -77.69 -2.90
N GLN Z 147 89.28 -77.64 -2.78
CA GLN Z 147 89.97 -77.99 -1.54
C GLN Z 147 90.73 -76.77 -1.05
N TRP Z 148 90.55 -76.41 0.21
CA TRP Z 148 91.31 -75.31 0.79
C TRP Z 148 92.58 -75.78 1.50
N LYS Z 149 93.65 -75.00 1.35
CA LYS Z 149 94.89 -75.27 2.07
C LYS Z 149 95.41 -73.97 2.67
N VAL Z 150 95.70 -74.00 3.97
CA VAL Z 150 96.28 -72.88 4.69
C VAL Z 150 97.67 -73.28 5.17
N ASP Z 151 98.70 -72.57 4.70
CA ASP Z 151 100.09 -72.95 4.90
C ASP Z 151 100.27 -74.43 4.56
N ASN Z 152 99.59 -74.88 3.50
CA ASN Z 152 99.76 -76.23 2.99
C ASN Z 152 99.03 -77.28 3.85
N ALA Z 153 98.23 -76.82 4.81
CA ALA Z 153 97.44 -77.71 5.66
C ALA Z 153 96.02 -77.81 5.10
N LEU Z 154 95.58 -79.03 4.84
CA LEU Z 154 94.30 -79.29 4.18
C LEU Z 154 93.15 -78.90 5.10
N GLN Z 155 92.35 -77.94 4.65
CA GLN Z 155 91.27 -77.41 5.47
C GLN Z 155 90.01 -78.25 5.30
N SER Z 156 89.18 -78.29 6.35
CA SER Z 156 87.87 -78.90 6.23
C SER Z 156 86.85 -78.46 7.29
N GLY Z 157 85.59 -78.40 6.90
CA GLY Z 157 84.49 -78.06 7.80
C GLY Z 157 84.20 -76.58 7.98
N ASN Z 158 85.10 -75.74 7.49
CA ASN Z 158 84.97 -74.29 7.58
C ASN Z 158 84.79 -73.61 6.24
N SER Z 159 84.23 -74.32 5.27
CA SER Z 159 83.94 -73.72 3.98
C SER Z 159 82.57 -74.12 3.45
N GLN Z 160 82.03 -73.26 2.59
CA GLN Z 160 80.74 -73.53 1.95
C GLN Z 160 80.76 -73.24 0.47
N GLU Z 161 80.11 -74.10 -0.32
CA GLU Z 161 80.06 -73.88 -1.76
C GLU Z 161 78.67 -73.43 -2.17
N SER Z 162 78.61 -72.64 -3.24
CA SER Z 162 77.37 -72.29 -3.90
C SER Z 162 77.56 -72.40 -5.40
N VAL Z 163 76.55 -72.88 -6.11
CA VAL Z 163 76.67 -73.08 -7.54
C VAL Z 163 75.52 -72.39 -8.26
N THR Z 164 75.84 -71.70 -9.34
CA THR Z 164 74.80 -71.05 -10.14
C THR Z 164 74.00 -72.11 -10.87
N GLU Z 165 72.82 -71.71 -11.27
CA GLU Z 165 72.00 -72.52 -12.14
C GLU Z 165 72.70 -72.61 -13.49
N GLN Z 166 72.45 -73.70 -14.23
CA GLN Z 166 73.06 -73.88 -15.54
C GLN Z 166 72.74 -72.70 -16.44
N ASP Z 167 73.78 -72.12 -17.05
CA ASP Z 167 73.65 -70.94 -17.88
C ASP Z 167 72.79 -71.19 -19.10
N SER Z 168 71.92 -70.23 -19.36
CA SER Z 168 70.94 -70.34 -20.42
C SER Z 168 71.54 -70.19 -21.81
N LYS Z 169 72.72 -69.62 -21.93
CA LYS Z 169 73.28 -69.42 -23.26
C LYS Z 169 74.30 -70.51 -23.62
N ASP Z 170 75.26 -70.74 -22.75
CA ASP Z 170 76.32 -71.73 -23.00
C ASP Z 170 76.31 -73.00 -22.12
N SER Z 171 75.30 -73.15 -21.27
CA SER Z 171 75.08 -74.40 -20.54
C SER Z 171 76.20 -74.76 -19.55
N THR Z 172 76.95 -73.75 -19.13
CA THR Z 172 78.01 -73.94 -18.13
C THR Z 172 77.53 -73.56 -16.72
N TYR Z 173 78.36 -73.87 -15.74
CA TYR Z 173 78.10 -73.54 -14.35
C TYR Z 173 79.19 -72.63 -13.84
N SER Z 174 78.91 -71.93 -12.74
CA SER Z 174 79.95 -71.27 -11.98
C SER Z 174 79.77 -71.66 -10.52
N LEU Z 175 80.85 -71.61 -9.73
CA LEU Z 175 80.84 -72.08 -8.35
C LEU Z 175 81.72 -71.16 -7.53
N SER Z 176 81.33 -70.91 -6.28
CA SER Z 176 82.17 -70.18 -5.33
C SER Z 176 82.35 -71.05 -4.09
N SER Z 177 83.55 -71.08 -3.53
CA SER Z 177 83.80 -71.75 -2.26
C SER Z 177 84.31 -70.67 -1.31
N THR Z 178 83.70 -70.55 -0.14
CA THR Z 178 84.08 -69.54 0.82
C THR Z 178 84.63 -70.18 2.08
N LEU Z 179 85.90 -69.91 2.38
CA LEU Z 179 86.55 -70.38 3.58
C LEU Z 179 86.46 -69.30 4.64
N THR Z 180 85.80 -69.61 5.75
CA THR Z 180 85.59 -68.63 6.81
C THR Z 180 86.34 -69.00 8.07
N LEU Z 181 87.15 -68.08 8.57
CA LEU Z 181 87.83 -68.26 9.83
C LEU Z 181 87.98 -66.91 10.56
N SER Z 182 88.19 -66.97 11.87
CA SER Z 182 88.27 -65.76 12.68
C SER Z 182 89.53 -64.98 12.31
N LYS Z 183 89.53 -63.68 12.61
CA LYS Z 183 90.68 -62.84 12.30
C LYS Z 183 91.96 -63.38 12.92
N ALA Z 184 91.86 -63.89 14.14
CA ALA Z 184 93.00 -64.45 14.85
C ALA Z 184 93.67 -65.54 14.01
N ASP Z 185 92.88 -66.50 13.57
CA ASP Z 185 93.41 -67.60 12.79
C ASP Z 185 93.94 -67.09 11.46
N TYR Z 186 93.20 -66.21 10.80
CA TYR Z 186 93.67 -65.70 9.52
C TYR Z 186 95.06 -65.06 9.67
N GLU Z 187 95.31 -64.43 10.81
CA GLU Z 187 96.57 -63.74 11.05
C GLU Z 187 97.68 -64.71 11.48
N LYS Z 188 97.29 -65.84 12.05
CA LYS Z 188 98.25 -66.92 12.33
C LYS Z 188 99.05 -67.29 11.08
N HIS Z 189 98.37 -67.61 9.98
CA HIS Z 189 99.04 -68.22 8.82
C HIS Z 189 99.31 -67.23 7.68
N LYS Z 190 100.08 -67.68 6.69
CA LYS Z 190 100.57 -66.81 5.60
C LYS Z 190 100.03 -67.18 4.22
N VAL Z 191 100.11 -68.46 3.84
CA VAL Z 191 99.76 -68.88 2.49
C VAL Z 191 98.35 -69.47 2.40
N TYR Z 192 97.51 -68.86 1.57
CA TYR Z 192 96.14 -69.32 1.36
C TYR Z 192 95.94 -69.78 -0.05
N ALA Z 193 95.46 -71.02 -0.19
CA ALA Z 193 95.43 -71.68 -1.49
C ALA Z 193 94.13 -72.42 -1.74
N CYS Z 194 93.61 -72.26 -2.95
CA CYS Z 194 92.44 -72.94 -3.46
C CYS Z 194 92.92 -73.91 -4.54
N GLU Z 195 92.70 -75.20 -4.31
CA GLU Z 195 93.05 -76.25 -5.26
C GLU Z 195 91.80 -76.86 -5.90
N VAL Z 196 91.70 -76.72 -7.21
CA VAL Z 196 90.52 -77.15 -7.94
C VAL Z 196 90.81 -78.40 -8.74
N THR Z 197 89.97 -79.42 -8.60
CA THR Z 197 90.07 -80.64 -9.40
C THR Z 197 88.81 -80.73 -10.26
N HIS Z 198 88.99 -80.97 -11.54
CA HIS Z 198 87.86 -80.96 -12.45
C HIS Z 198 88.21 -81.71 -13.72
N GLN Z 199 87.19 -82.33 -14.32
CA GLN Z 199 87.37 -83.22 -15.48
C GLN Z 199 88.02 -82.53 -16.69
N GLY Z 200 87.88 -81.22 -16.79
CA GLY Z 200 88.41 -80.45 -17.90
C GLY Z 200 89.85 -80.00 -17.67
N LEU Z 201 90.41 -80.32 -16.51
CA LEU Z 201 91.79 -80.00 -16.17
C LEU Z 201 92.64 -81.25 -16.12
N SER Z 202 93.79 -81.22 -16.78
CA SER Z 202 94.63 -82.39 -16.82
C SER Z 202 95.23 -82.75 -15.48
N SER Z 203 95.36 -81.74 -14.62
CA SER Z 203 95.78 -81.96 -13.26
C SER Z 203 95.30 -80.78 -12.41
N PRO Z 204 95.17 -80.97 -11.09
CA PRO Z 204 94.60 -79.94 -10.23
C PRO Z 204 95.28 -78.57 -10.40
N VAL Z 205 94.49 -77.50 -10.44
CA VAL Z 205 95.01 -76.15 -10.53
C VAL Z 205 94.97 -75.49 -9.17
N THR Z 206 96.05 -74.82 -8.78
CA THR Z 206 96.09 -74.10 -7.51
C THR Z 206 96.26 -72.60 -7.74
N LYS Z 207 95.41 -71.80 -7.09
CA LYS Z 207 95.57 -70.37 -7.01
C LYS Z 207 95.81 -70.04 -5.55
N SER Z 208 96.78 -69.18 -5.26
CA SER Z 208 97.03 -68.83 -3.86
C SER Z 208 97.48 -67.39 -3.73
N PHE Z 209 97.63 -66.95 -2.49
CA PHE Z 209 98.23 -65.65 -2.23
C PHE Z 209 98.95 -65.68 -0.88
N ASN Z 210 99.85 -64.72 -0.67
CA ASN Z 210 100.52 -64.57 0.61
C ASN Z 210 99.85 -63.42 1.37
N ARG Z 211 99.48 -63.67 2.62
CA ARG Z 211 98.77 -62.67 3.42
C ARG Z 211 99.52 -61.34 3.51
N GLY Z 212 98.82 -60.27 3.19
CA GLY Z 212 99.40 -58.93 3.22
C GLY Z 212 100.37 -58.64 2.10
N GLU Z 213 100.06 -59.14 0.90
CA GLU Z 213 100.90 -58.90 -0.27
C GLU Z 213 100.04 -58.50 -1.46
N VAL AA 2 47.13 -69.51 -60.83
CA VAL AA 2 46.71 -70.86 -61.15
C VAL AA 2 47.93 -71.56 -61.77
N GLN AA 3 48.07 -72.86 -61.50
CA GLN AA 3 49.13 -73.68 -62.06
C GLN AA 3 48.54 -74.87 -62.79
N LEU AA 4 49.18 -75.31 -63.86
CA LEU AA 4 48.65 -76.40 -64.66
C LEU AA 4 49.60 -77.56 -64.77
N GLN AA 5 49.07 -78.77 -64.84
CA GLN AA 5 49.93 -79.92 -65.06
C GLN AA 5 49.23 -80.98 -65.92
N GLU AA 6 49.77 -81.20 -67.12
CA GLU AA 6 49.19 -82.18 -68.05
C GLU AA 6 49.73 -83.56 -67.73
N SER AA 7 48.98 -84.58 -68.15
CA SER AA 7 49.42 -85.96 -68.04
C SER AA 7 48.69 -86.86 -69.06
N GLY AA 8 49.17 -88.10 -69.21
CA GLY AA 8 48.48 -89.08 -70.03
C GLY AA 8 49.20 -89.39 -71.33
N GLY AA 9 50.25 -88.63 -71.63
CA GLY AA 9 51.00 -88.79 -72.85
C GLY AA 9 51.72 -90.11 -72.87
N GLY AA 10 52.05 -90.57 -74.07
CA GLY AA 10 52.79 -91.79 -74.23
C GLY AA 10 52.86 -92.14 -75.71
N LEU AA 11 53.33 -93.36 -75.97
CA LEU AA 11 53.44 -93.89 -77.31
C LEU AA 11 52.18 -94.69 -77.69
N VAL AA 12 51.62 -94.42 -78.86
CA VAL AA 12 50.45 -95.15 -79.33
C VAL AA 12 50.52 -95.45 -80.81
N GLN AA 13 49.84 -96.52 -81.24
CA GLN AA 13 49.80 -96.89 -82.64
C GLN AA 13 48.93 -95.92 -83.41
N PRO AA 14 49.23 -95.71 -84.70
CA PRO AA 14 48.30 -94.90 -85.51
C PRO AA 14 46.93 -95.57 -85.52
N GLY AA 15 45.87 -94.77 -85.41
CA GLY AA 15 44.51 -95.28 -85.40
C GLY AA 15 43.94 -95.43 -83.99
N GLU AA 16 44.81 -95.56 -82.98
CA GLU AA 16 44.36 -95.73 -81.60
C GLU AA 16 43.87 -94.43 -80.98
N SER AA 17 43.38 -94.54 -79.74
CA SER AA 17 42.86 -93.40 -79.02
C SER AA 17 43.71 -93.18 -77.78
N LEU AA 18 43.56 -92.01 -77.18
CA LEU AA 18 44.32 -91.61 -76.01
C LEU AA 18 43.68 -90.43 -75.32
N ARG AA 19 43.66 -90.42 -74.00
N ARG AA 19 43.64 -90.43 -74.01
CA ARG AA 19 42.99 -89.36 -73.24
CA ARG AA 19 42.98 -89.37 -73.27
C ARG AA 19 44.00 -88.61 -72.40
C ARG AA 19 44.00 -88.62 -72.41
N LEU AA 20 44.16 -87.33 -72.68
CA LEU AA 20 45.03 -86.47 -71.92
C LEU AA 20 44.19 -85.78 -70.86
N SER AA 21 44.79 -85.50 -69.71
N SER AA 21 44.82 -85.48 -69.72
CA SER AA 21 44.10 -84.72 -68.68
CA SER AA 21 44.17 -84.78 -68.62
C SER AA 21 45.01 -83.61 -68.19
C SER AA 21 45.02 -83.55 -68.29
N CYS AA 22 44.44 -82.58 -67.58
CA CYS AA 22 45.21 -81.43 -67.13
C CYS AA 22 44.62 -80.97 -65.81
N VAL AA 23 45.44 -80.91 -64.78
CA VAL AA 23 44.91 -80.55 -63.46
C VAL AA 23 45.37 -79.16 -63.09
N GLY AA 24 44.41 -78.35 -62.67
CA GLY AA 24 44.66 -77.01 -62.20
C GLY AA 24 44.88 -77.06 -60.71
N SER AA 25 45.80 -76.23 -60.21
CA SER AA 25 46.01 -76.05 -58.79
C SER AA 25 46.30 -74.58 -58.55
N GLY AA 26 46.66 -74.22 -57.32
CA GLY AA 26 46.89 -72.83 -56.99
C GLY AA 26 45.64 -72.01 -57.15
N SER AA 27 45.81 -70.70 -57.21
CA SER AA 27 44.69 -69.80 -57.34
C SER AA 27 45.18 -68.41 -57.74
N SER AA 28 44.27 -67.65 -58.34
CA SER AA 28 44.53 -66.30 -58.80
C SER AA 28 43.69 -65.31 -57.98
N PHE AA 29 43.35 -64.17 -58.58
CA PHE AA 29 42.63 -63.11 -57.90
C PHE AA 29 41.31 -63.58 -57.35
N GLY AA 30 40.97 -63.08 -56.17
CA GLY AA 30 39.74 -63.51 -55.57
C GLY AA 30 39.75 -65.01 -55.35
N GLU AA 31 40.92 -65.59 -55.13
CA GLU AA 31 41.02 -67.03 -54.91
C GLU AA 31 40.41 -67.85 -56.04
N SER AA 32 40.40 -67.32 -57.25
CA SER AA 32 39.86 -68.03 -58.38
C SER AA 32 40.71 -69.22 -58.73
N THR AA 33 40.07 -70.28 -59.19
CA THR AA 33 40.78 -71.47 -59.61
C THR AA 33 40.50 -71.66 -61.09
N LEU AA 34 41.04 -72.74 -61.65
CA LEU AA 34 40.95 -73.00 -63.08
C LEU AA 34 39.51 -72.98 -63.59
N SER AA 35 38.57 -73.42 -62.74
CA SER AA 35 37.18 -73.54 -63.18
C SER AA 35 36.54 -72.16 -63.37
N TYR AA 36 37.27 -71.09 -63.07
CA TYR AA 36 36.79 -69.74 -63.36
C TYR AA 36 37.20 -69.28 -64.78
N TYR AA 37 38.06 -70.04 -65.46
CA TYR AA 37 38.67 -69.57 -66.71
C TYR AA 37 38.42 -70.49 -67.89
N ALA AA 38 38.41 -69.89 -69.08
CA ALA AA 38 38.46 -70.63 -70.32
C ALA AA 38 39.88 -71.18 -70.49
N VAL AA 39 39.98 -72.30 -71.20
CA VAL AA 39 41.22 -73.04 -71.35
C VAL AA 39 41.32 -73.60 -72.76
N SER AA 40 42.52 -73.68 -73.31
CA SER AA 40 42.74 -74.25 -74.61
C SER AA 40 43.71 -75.40 -74.54
N TRP AA 41 43.70 -76.26 -75.55
CA TRP AA 41 44.77 -77.20 -75.77
C TRP AA 41 45.54 -76.66 -76.97
N VAL AA 42 46.85 -76.71 -76.90
CA VAL AA 42 47.73 -76.18 -77.92
C VAL AA 42 48.82 -77.24 -78.03
N ARG AA 43 49.33 -77.57 -79.21
CA ARG AA 43 50.36 -78.60 -79.29
C ARG AA 43 51.56 -78.11 -80.07
N GLN AA 44 52.66 -78.84 -79.95
CA GLN AA 44 53.90 -78.45 -80.57
C GLN AA 44 54.62 -79.69 -81.09
N ALA AA 45 54.67 -79.85 -82.42
CA ALA AA 45 55.33 -81.00 -83.01
C ALA AA 45 56.84 -80.84 -82.85
N PRO AA 46 57.59 -81.95 -82.95
CA PRO AA 46 59.03 -81.88 -82.68
C PRO AA 46 59.75 -80.86 -83.57
N GLY AA 47 60.46 -79.93 -82.94
CA GLY AA 47 61.21 -78.93 -83.66
C GLY AA 47 60.38 -77.84 -84.32
N LYS AA 48 59.07 -77.84 -84.08
CA LYS AA 48 58.17 -76.90 -84.75
C LYS AA 48 57.62 -75.87 -83.78
N GLY AA 49 56.71 -75.02 -84.27
CA GLY AA 49 56.09 -74.00 -83.45
C GLY AA 49 54.84 -74.49 -82.73
N LEU AA 50 53.99 -73.54 -82.33
CA LEU AA 50 52.82 -73.85 -81.52
C LEU AA 50 51.56 -73.88 -82.37
N GLU AA 51 50.69 -74.86 -82.08
CA GLU AA 51 49.44 -75.04 -82.82
C GLU AA 51 48.26 -75.16 -81.88
N TRP AA 52 47.35 -74.21 -81.98
CA TRP AA 52 46.13 -74.24 -81.20
C TRP AA 52 45.21 -75.35 -81.71
N LEU AA 53 44.62 -76.10 -80.80
CA LEU AA 53 43.75 -77.22 -81.14
C LEU AA 53 42.29 -76.97 -80.80
N SER AA 54 42.02 -76.49 -79.60
CA SER AA 54 40.66 -76.45 -79.10
C SER AA 54 40.53 -75.57 -77.89
N ILE AA 55 39.35 -75.03 -77.68
CA ILE AA 55 39.06 -74.16 -76.55
C ILE AA 55 37.77 -74.58 -75.89
N ILE AA 56 37.67 -74.37 -74.59
CA ILE AA 56 36.44 -74.63 -73.86
C ILE AA 56 36.30 -73.57 -72.79
N ASN AA 57 35.09 -73.03 -72.65
CA ASN AA 57 34.83 -71.95 -71.71
C ASN AA 57 34.68 -72.53 -70.31
N ALA AA 58 34.72 -71.66 -69.31
CA ALA AA 58 34.68 -72.07 -67.91
C ALA AA 58 33.53 -73.02 -67.60
N GLY AA 59 32.34 -72.72 -68.13
CA GLY AA 59 31.17 -73.52 -67.83
C GLY AA 59 30.96 -74.73 -68.73
N GLY AA 60 31.90 -74.97 -69.65
CA GLY AA 60 31.87 -76.16 -70.49
C GLY AA 60 31.41 -75.91 -71.93
N GLY AA 61 30.99 -74.68 -72.23
CA GLY AA 61 30.47 -74.34 -73.54
C GLY AA 61 31.45 -73.64 -74.45
N ASP AA 62 30.91 -73.14 -75.56
CA ASP AA 62 31.65 -72.35 -76.54
C ASP AA 62 32.87 -73.11 -77.05
N ILE AA 63 32.69 -74.42 -77.22
CA ILE AA 63 33.77 -75.27 -77.68
C ILE AA 63 34.00 -74.96 -79.13
N ASP AA 64 35.28 -74.96 -79.52
CA ASP AA 64 35.66 -74.84 -80.91
C ASP AA 64 36.90 -75.70 -81.21
N TYR AA 65 37.13 -76.11 -82.46
CA TYR AA 65 38.29 -76.93 -82.80
C TYR AA 65 39.00 -76.39 -84.02
N ALA AA 66 40.32 -76.56 -84.04
CA ALA AA 66 41.12 -76.34 -85.23
C ALA AA 66 40.78 -77.43 -86.21
N ASP AA 67 40.85 -77.11 -87.49
CA ASP AA 67 40.53 -78.06 -88.53
C ASP AA 67 41.31 -79.36 -88.52
N SER AA 68 42.56 -79.29 -88.10
CA SER AA 68 43.39 -80.47 -88.20
C SER AA 68 42.94 -81.58 -87.25
N VAL AA 69 42.16 -81.24 -86.22
CA VAL AA 69 41.67 -82.25 -85.28
C VAL AA 69 40.14 -82.30 -85.12
N GLU AA 70 39.41 -81.44 -85.84
CA GLU AA 70 37.96 -81.45 -85.77
C GLU AA 70 37.45 -82.82 -86.22
N GLY AA 71 36.57 -83.43 -85.43
CA GLY AA 71 35.97 -84.71 -85.78
C GLY AA 71 36.70 -85.93 -85.20
N ARG AA 72 37.87 -85.71 -84.60
CA ARG AA 72 38.67 -86.75 -83.97
C ARG AA 72 38.90 -86.49 -82.48
N PHE AA 73 39.12 -85.24 -82.10
CA PHE AA 73 39.41 -84.89 -80.71
C PHE AA 73 38.17 -84.26 -80.06
N THR AA 74 38.01 -84.47 -78.75
CA THR AA 74 36.90 -83.92 -77.99
C THR AA 74 37.42 -83.29 -76.70
N ILE AA 75 37.13 -82.02 -76.49
CA ILE AA 75 37.55 -81.34 -75.27
C ILE AA 75 36.43 -81.32 -74.23
N SER AA 76 36.79 -81.49 -72.98
CA SER AA 76 35.78 -81.43 -71.92
C SER AA 76 36.43 -81.06 -70.60
N ARG AA 77 35.64 -80.84 -69.56
CA ARG AA 77 36.21 -80.53 -68.24
C ARG AA 77 35.30 -80.95 -67.09
N ASP AA 78 35.92 -81.29 -65.96
CA ASP AA 78 35.21 -81.58 -64.73
C ASP AA 78 35.65 -80.55 -63.69
N ASN AA 79 34.82 -79.54 -63.50
CA ASN AA 79 35.18 -78.43 -62.63
C ASN AA 79 35.18 -78.84 -61.17
N SER AA 80 34.46 -79.90 -60.83
CA SER AA 80 34.50 -80.39 -59.46
C SER AA 80 35.89 -80.92 -59.10
N LYS AA 81 36.65 -81.35 -60.12
CA LYS AA 81 38.02 -81.82 -59.95
C LYS AA 81 39.05 -80.79 -60.48
N GLU AA 82 38.59 -79.63 -60.95
CA GLU AA 82 39.44 -78.62 -61.59
C GLU AA 82 40.31 -79.26 -62.66
N THR AA 83 39.70 -80.13 -63.47
CA THR AA 83 40.42 -80.90 -64.47
C THR AA 83 39.87 -80.71 -65.89
N LEU AA 84 40.77 -80.60 -66.87
CA LEU AA 84 40.43 -80.56 -68.28
C LEU AA 84 40.89 -81.85 -68.93
N TYR AA 85 40.18 -82.22 -69.99
CA TYR AA 85 40.47 -83.45 -70.70
C TYR AA 85 40.53 -83.19 -72.19
N LEU AA 86 41.38 -83.93 -72.89
CA LEU AA 86 41.36 -83.99 -74.34
C LEU AA 86 41.34 -85.45 -74.79
N GLN AA 87 40.21 -85.88 -75.32
CA GLN AA 87 40.06 -87.23 -75.84
C GLN AA 87 40.39 -87.25 -77.33
N MET AA 88 41.47 -87.92 -77.67
CA MET AA 88 41.91 -88.03 -79.04
C MET AA 88 41.53 -89.41 -79.58
N THR AA 89 40.99 -89.47 -80.79
CA THR AA 89 40.72 -90.75 -81.45
C THR AA 89 41.29 -90.72 -82.86
N ASN AA 90 41.40 -91.91 -83.45
N ASN AA 90 41.39 -91.90 -83.48
CA ASN AA 90 41.91 -92.07 -84.81
CA ASN AA 90 41.91 -92.03 -84.84
C ASN AA 90 43.22 -91.29 -85.03
C ASN AA 90 43.20 -91.24 -85.02
N LEU AA 91 44.13 -91.42 -84.08
CA LEU AA 91 45.39 -90.67 -84.09
C LEU AA 91 46.21 -91.01 -85.33
N ARG AA 92 46.97 -90.03 -85.81
CA ARG AA 92 47.88 -90.23 -86.94
C ARG AA 92 49.28 -89.82 -86.55
N VAL AA 93 50.25 -90.19 -87.38
CA VAL AA 93 51.66 -89.89 -87.12
C VAL AA 93 51.91 -88.40 -86.89
N GLU AA 94 51.17 -87.55 -87.59
CA GLU AA 94 51.42 -86.11 -87.50
C GLU AA 94 50.79 -85.45 -86.29
N ASP AA 95 50.10 -86.22 -85.47
CA ASP AA 95 49.60 -85.74 -84.20
C ASP AA 95 50.70 -85.80 -83.13
N THR AA 96 51.86 -86.35 -83.49
CA THR AA 96 52.99 -86.45 -82.58
C THR AA 96 53.46 -85.07 -82.12
N GLY AA 97 53.70 -84.94 -80.82
CA GLY AA 97 54.23 -83.71 -80.26
C GLY AA 97 53.93 -83.57 -78.79
N VAL AA 98 54.34 -82.43 -78.22
CA VAL AA 98 54.04 -82.07 -76.83
C VAL AA 98 52.73 -81.31 -76.77
N TYR AA 99 51.84 -81.74 -75.87
CA TYR AA 99 50.54 -81.13 -75.68
C TYR AA 99 50.49 -80.30 -74.41
N TYR AA 100 50.10 -79.05 -74.55
CA TYR AA 100 49.98 -78.14 -73.43
C TYR AA 100 48.51 -77.83 -73.26
N CYS AA 101 48.02 -77.73 -72.04
CA CYS AA 101 46.78 -77.05 -71.76
C CYS AA 101 47.18 -75.66 -71.27
N ALA AA 102 46.41 -74.62 -71.65
CA ALA AA 102 46.83 -73.24 -71.45
C ALA AA 102 45.62 -72.40 -71.08
N LYS AA 103 45.69 -71.73 -69.93
CA LYS AA 103 44.58 -70.93 -69.43
C LYS AA 103 44.51 -69.53 -70.05
N HIS AA 104 43.31 -69.11 -70.44
CA HIS AA 104 43.09 -67.76 -70.94
C HIS AA 104 42.93 -66.87 -69.71
N MET AA 105 43.40 -65.63 -69.80
CA MET AA 105 43.50 -64.79 -68.61
C MET AA 105 42.18 -64.19 -68.06
N SER AA 106 41.22 -63.88 -68.93
CA SER AA 106 40.00 -63.20 -68.49
C SER AA 106 39.08 -64.12 -67.70
N MET AA 107 38.58 -63.66 -66.55
CA MET AA 107 37.62 -64.44 -65.80
C MET AA 107 36.31 -64.65 -66.56
N GLN AA 108 35.86 -65.89 -66.64
CA GLN AA 108 34.67 -66.20 -67.45
C GLN AA 108 33.45 -66.56 -66.62
N GLN AA 109 33.65 -67.04 -65.39
CA GLN AA 109 32.54 -67.31 -64.48
C GLN AA 109 32.91 -67.26 -63.00
N VAL AA 110 31.95 -66.91 -62.16
CA VAL AA 110 32.10 -67.00 -60.71
C VAL AA 110 30.88 -67.74 -60.18
N VAL AA 111 31.02 -69.02 -59.86
CA VAL AA 111 29.87 -69.84 -59.46
C VAL AA 111 29.21 -69.35 -58.18
N SER AA 112 29.98 -68.91 -57.19
CA SER AA 112 29.41 -68.48 -55.92
C SER AA 112 28.55 -67.23 -56.14
N ALA AA 113 28.73 -66.54 -57.28
CA ALA AA 113 27.96 -65.35 -57.61
C ALA AA 113 26.96 -65.57 -58.71
N GLY AA 114 26.82 -66.80 -59.21
CA GLY AA 114 25.98 -67.00 -60.35
C GLY AA 114 26.38 -66.10 -61.50
N TRP AA 115 27.64 -65.68 -61.61
CA TRP AA 115 28.02 -64.81 -62.72
C TRP AA 115 28.73 -65.57 -63.84
N GLU AA 116 28.38 -65.22 -65.07
CA GLU AA 116 29.05 -65.75 -66.26
C GLU AA 116 29.19 -64.65 -67.28
N ARG AA 117 30.42 -64.44 -67.73
CA ARG AA 117 30.70 -63.47 -68.76
C ARG AA 117 29.84 -63.82 -69.98
N ALA AA 118 29.28 -62.80 -70.62
CA ALA AA 118 28.40 -63.01 -71.78
C ALA AA 118 29.13 -63.66 -72.96
N ASP AA 119 30.39 -63.31 -73.11
CA ASP AA 119 31.18 -63.73 -74.25
C ASP AA 119 32.46 -64.47 -73.84
N LEU AA 120 32.92 -65.36 -74.72
CA LEU AA 120 34.21 -66.02 -74.52
C LEU AA 120 35.33 -65.19 -75.07
N VAL AA 121 36.13 -64.63 -74.17
CA VAL AA 121 37.19 -63.73 -74.58
C VAL AA 121 38.32 -64.43 -75.32
N GLY AA 122 38.86 -65.49 -74.73
CA GLY AA 122 39.94 -66.22 -75.38
C GLY AA 122 41.20 -65.39 -75.55
N ASP AA 123 41.48 -64.50 -74.59
CA ASP AA 123 42.68 -63.65 -74.62
C ASP AA 123 43.92 -64.44 -74.18
N ALA AA 124 44.99 -63.77 -73.79
CA ALA AA 124 46.33 -64.36 -73.72
C ALA AA 124 46.42 -65.55 -72.78
N PHE AA 125 47.29 -66.50 -73.12
CA PHE AA 125 47.52 -67.67 -72.29
C PHE AA 125 48.50 -67.30 -71.19
N ASP AA 126 47.96 -66.96 -70.04
CA ASP AA 126 48.78 -66.46 -68.93
C ASP AA 126 49.39 -67.57 -68.11
N VAL AA 127 48.85 -68.78 -68.24
CA VAL AA 127 49.44 -69.94 -67.59
C VAL AA 127 49.48 -71.15 -68.51
N TRP AA 128 50.66 -71.76 -68.62
CA TRP AA 128 50.83 -72.98 -69.40
C TRP AA 128 51.34 -74.06 -68.46
N GLY AA 129 50.97 -75.29 -68.77
CA GLY AA 129 51.55 -76.44 -68.10
C GLY AA 129 52.93 -76.70 -68.66
N GLN AA 130 53.54 -77.77 -68.17
CA GLN AA 130 54.87 -78.15 -68.62
C GLN AA 130 54.78 -79.01 -69.90
N GLY AA 131 53.57 -79.44 -70.24
CA GLY AA 131 53.35 -80.19 -71.47
C GLY AA 131 53.45 -81.69 -71.28
N THR AA 132 52.80 -82.45 -72.15
CA THR AA 132 52.88 -83.91 -72.11
C THR AA 132 53.17 -84.49 -73.50
N MET AA 133 54.10 -85.42 -73.60
CA MET AA 133 54.53 -85.87 -74.92
C MET AA 133 53.65 -87.00 -75.46
N VAL AA 134 53.18 -86.83 -76.68
CA VAL AA 134 52.42 -87.85 -77.39
C VAL AA 134 53.18 -88.26 -78.63
N THR AA 135 53.46 -89.56 -78.74
CA THR AA 135 54.08 -90.12 -79.93
C THR AA 135 53.19 -91.13 -80.62
N VAL AA 136 52.91 -90.93 -81.90
CA VAL AA 136 52.08 -91.88 -82.62
C VAL AA 136 53.03 -92.59 -83.59
N SER AA 137 53.31 -93.86 -83.28
CA SER AA 137 54.28 -94.67 -83.99
C SER AA 137 53.99 -96.17 -83.91
N SER AA 138 54.43 -96.93 -84.92
CA SER AA 138 54.28 -98.39 -84.90
C SER AA 138 55.26 -99.07 -83.94
N ALA AA 139 56.39 -98.45 -83.64
CA ALA AA 139 57.43 -99.12 -82.85
C ALA AA 139 56.95 -99.18 -81.41
N SER AA 140 57.36 -100.23 -80.70
CA SER AA 140 57.00 -100.46 -79.30
C SER AA 140 57.96 -99.70 -78.39
N THR AA 141 57.50 -99.36 -77.18
CA THR AA 141 58.35 -98.65 -76.22
C THR AA 141 59.54 -99.49 -75.82
N LYS AA 142 60.68 -98.82 -75.66
CA LYS AA 142 61.85 -99.43 -75.04
C LYS AA 142 62.45 -98.52 -74.01
N GLY AA 143 62.70 -99.05 -72.82
CA GLY AA 143 63.27 -98.26 -71.75
C GLY AA 143 64.77 -98.11 -71.83
N PRO AA 144 65.28 -97.02 -71.23
CA PRO AA 144 66.71 -96.71 -71.36
C PRO AA 144 67.59 -97.59 -70.48
N SER AA 145 68.79 -97.86 -70.96
CA SER AA 145 69.86 -98.35 -70.12
C SER AA 145 70.59 -97.12 -69.62
N VAL AA 146 70.95 -97.11 -68.35
CA VAL AA 146 71.64 -95.96 -67.76
C VAL AA 146 73.03 -96.42 -67.31
N PHE AA 147 74.05 -95.77 -67.88
CA PHE AA 147 75.44 -96.07 -67.61
C PHE AA 147 76.17 -94.87 -67.00
N PRO AA 148 77.09 -95.11 -66.06
CA PRO AA 148 77.80 -93.94 -65.51
C PRO AA 148 78.87 -93.41 -66.47
N LEU AA 149 79.05 -92.09 -66.49
CA LEU AA 149 80.18 -91.44 -67.14
C LEU AA 149 81.09 -91.03 -66.00
N ALA AA 150 82.16 -91.79 -65.82
CA ALA AA 150 82.92 -91.74 -64.59
C ALA AA 150 84.09 -90.75 -64.62
N PRO AA 151 84.19 -89.88 -63.60
CA PRO AA 151 85.35 -88.98 -63.52
C PRO AA 151 86.59 -89.81 -63.23
N SER AA 152 87.70 -89.39 -63.79
CA SER AA 152 88.97 -90.12 -63.65
C SER AA 152 90.11 -89.17 -63.28
N SER AA 153 91.19 -89.71 -62.75
CA SER AA 153 92.36 -88.88 -62.45
C SER AA 153 92.88 -88.34 -63.78
N LYS AA 154 93.30 -87.07 -63.78
CA LYS AA 154 93.82 -86.34 -64.96
C LYS AA 154 92.65 -85.76 -65.79
N SER AA 155 91.40 -85.99 -65.36
CA SER AA 155 90.25 -85.46 -66.07
C SER AA 155 90.00 -83.98 -65.78
N THR AA 156 90.70 -83.41 -64.78
CA THR AA 156 90.52 -82.02 -64.43
C THR AA 156 90.83 -81.08 -65.60
N SER AA 157 89.91 -80.15 -65.85
CA SER AA 157 90.05 -79.14 -66.89
C SER AA 157 89.35 -77.88 -66.40
N GLY AA 158 90.00 -76.72 -66.56
CA GLY AA 158 89.65 -75.58 -65.73
C GLY AA 158 90.12 -75.95 -64.33
N GLY AA 159 89.33 -75.58 -63.32
CA GLY AA 159 89.59 -76.02 -61.96
C GLY AA 159 88.58 -77.08 -61.52
N THR AA 160 87.92 -77.70 -62.51
CA THR AA 160 86.77 -78.56 -62.25
C THR AA 160 86.92 -79.99 -62.75
N ALA AA 161 86.07 -80.88 -62.23
CA ALA AA 161 85.93 -82.26 -62.68
C ALA AA 161 84.55 -82.42 -63.29
N ALA AA 162 84.37 -83.39 -64.18
CA ALA AA 162 83.06 -83.66 -64.78
C ALA AA 162 82.63 -85.11 -64.59
N LEU AA 163 81.33 -85.34 -64.37
CA LEU AA 163 80.76 -86.69 -64.32
C LEU AA 163 79.35 -86.68 -64.89
N GLY AA 164 78.77 -87.84 -65.19
CA GLY AA 164 77.49 -87.85 -65.87
C GLY AA 164 76.80 -89.18 -66.01
N CYS AA 165 75.71 -89.22 -66.78
CA CYS AA 165 75.00 -90.44 -67.08
C CYS AA 165 74.74 -90.52 -68.58
N LEU AA 166 74.98 -91.68 -69.16
CA LEU AA 166 74.63 -91.94 -70.53
C LEU AA 166 73.33 -92.71 -70.53
N VAL AA 167 72.29 -92.07 -71.03
CA VAL AA 167 70.96 -92.68 -71.10
C VAL AA 167 70.75 -93.13 -72.54
N LYS AA 168 70.87 -94.43 -72.77
CA LYS AA 168 71.03 -94.98 -74.10
C LYS AA 168 69.90 -95.93 -74.47
N ASP AA 169 69.54 -95.90 -75.76
CA ASP AA 169 68.65 -96.89 -76.37
C ASP AA 169 67.24 -96.91 -75.82
N TYR AA 170 66.52 -95.79 -75.95
CA TYR AA 170 65.13 -95.74 -75.50
C TYR AA 170 64.22 -95.18 -76.58
N PHE AA 171 62.94 -95.46 -76.43
CA PHE AA 171 61.93 -94.92 -77.32
C PHE AA 171 60.59 -94.95 -76.61
N PRO AA 172 59.78 -93.90 -76.77
CA PRO AA 172 60.02 -92.67 -77.51
C PRO AA 172 60.58 -91.61 -76.57
N GLU AA 173 60.63 -90.37 -77.05
CA GLU AA 173 60.92 -89.23 -76.20
C GLU AA 173 59.71 -89.03 -75.28
N PRO AA 174 59.92 -88.45 -74.08
CA PRO AA 174 61.18 -87.90 -73.57
C PRO AA 174 61.60 -88.65 -72.32
N VAL AA 175 62.82 -88.39 -71.87
CA VAL AA 175 63.28 -88.83 -70.56
C VAL AA 175 63.58 -87.58 -69.76
N THR AA 176 63.30 -87.60 -68.46
CA THR AA 176 63.71 -86.52 -67.58
C THR AA 176 64.88 -87.02 -66.74
N VAL AA 177 65.84 -86.14 -66.46
CA VAL AA 177 66.98 -86.48 -65.61
C VAL AA 177 67.17 -85.44 -64.52
N SER AA 178 67.34 -85.88 -63.27
CA SER AA 178 67.71 -85.02 -62.16
C SER AA 178 68.95 -85.57 -61.47
N TRP AA 179 69.54 -84.80 -60.56
CA TRP AA 179 70.75 -85.24 -59.86
C TRP AA 179 70.53 -85.12 -58.37
N ASN AA 180 70.86 -86.17 -57.63
CA ASN AA 180 70.63 -86.26 -56.20
C ASN AA 180 69.20 -85.84 -55.88
N SER AA 181 68.26 -86.37 -56.66
CA SER AA 181 66.84 -86.17 -56.41
C SER AA 181 66.45 -84.69 -56.53
N GLY AA 182 67.26 -83.91 -57.23
CA GLY AA 182 67.00 -82.50 -57.44
C GLY AA 182 67.73 -81.60 -56.46
N ALA AA 183 68.50 -82.19 -55.55
CA ALA AA 183 69.29 -81.42 -54.60
C ALA AA 183 70.49 -80.77 -55.30
N LEU AA 184 70.90 -81.37 -56.43
CA LEU AA 184 72.03 -80.87 -57.20
C LEU AA 184 71.52 -80.36 -58.54
N THR AA 185 71.66 -79.05 -58.73
CA THR AA 185 71.19 -78.35 -59.94
C THR AA 185 72.25 -77.50 -60.62
N SER AA 186 73.00 -76.71 -59.86
N SER AA 186 73.14 -76.89 -59.84
CA SER AA 186 74.11 -75.95 -60.41
CA SER AA 186 74.20 -76.07 -60.41
C SER AA 186 75.09 -76.81 -61.26
C SER AA 186 75.13 -76.86 -61.28
N GLY AA 187 75.35 -76.35 -62.48
CA GLY AA 187 76.31 -76.93 -63.39
C GLY AA 187 75.85 -78.19 -64.10
N VAL AA 188 74.54 -78.43 -64.14
CA VAL AA 188 73.98 -79.58 -64.83
C VAL AA 188 73.59 -79.20 -66.27
N HIS AA 189 73.99 -80.03 -67.22
CA HIS AA 189 73.54 -79.92 -68.59
C HIS AA 189 72.97 -81.26 -69.00
N THR AA 190 71.71 -81.29 -69.43
CA THR AA 190 71.16 -82.50 -70.01
C THR AA 190 70.98 -82.23 -71.47
N PHE AA 191 71.73 -82.98 -72.27
CA PHE AA 191 71.78 -82.76 -73.70
C PHE AA 191 70.51 -83.21 -74.40
N PRO AA 192 70.16 -82.54 -75.50
CA PRO AA 192 69.09 -83.03 -76.37
C PRO AA 192 69.38 -84.44 -76.84
N ALA AA 193 68.33 -85.25 -76.93
CA ALA AA 193 68.46 -86.61 -77.40
C ALA AA 193 68.88 -86.64 -78.87
N VAL AA 194 69.64 -87.66 -79.26
CA VAL AA 194 69.99 -87.87 -80.66
C VAL AA 194 69.37 -89.17 -81.11
N LEU AA 195 68.78 -89.16 -82.30
CA LEU AA 195 68.25 -90.39 -82.86
C LEU AA 195 69.38 -91.19 -83.48
N GLN AA 196 69.53 -92.44 -83.07
CA GLN AA 196 70.58 -93.29 -83.61
C GLN AA 196 70.05 -94.06 -84.81
N SER AA 197 70.95 -94.71 -85.54
CA SER AA 197 70.57 -95.50 -86.71
C SER AA 197 69.64 -96.64 -86.35
N SER AA 198 69.80 -97.16 -85.12
CA SER AA 198 68.93 -98.21 -84.61
C SER AA 198 67.46 -97.79 -84.49
N GLY AA 199 67.19 -96.49 -84.57
CA GLY AA 199 65.84 -95.99 -84.37
C GLY AA 199 65.53 -95.66 -82.93
N LEU AA 200 66.51 -95.81 -82.04
CA LEU AA 200 66.35 -95.49 -80.64
C LEU AA 200 67.08 -94.20 -80.29
N TYR AA 201 66.60 -93.51 -79.26
CA TYR AA 201 67.22 -92.27 -78.82
C TYR AA 201 68.34 -92.51 -77.81
N SER AA 202 69.28 -91.56 -77.74
CA SER AA 202 70.38 -91.60 -76.78
C SER AA 202 70.66 -90.16 -76.32
N LEU AA 203 71.05 -90.01 -75.06
CA LEU AA 203 71.25 -88.70 -74.45
C LEU AA 203 72.28 -88.84 -73.35
N SER AA 204 73.02 -87.78 -73.07
CA SER AA 204 73.94 -87.77 -71.93
C SER AA 204 73.55 -86.59 -71.03
N SER AA 205 73.72 -86.74 -69.72
CA SER AA 205 73.59 -85.64 -68.78
C SER AA 205 74.89 -85.54 -68.02
N VAL AA 206 75.41 -84.33 -67.87
CA VAL AA 206 76.67 -84.13 -67.18
C VAL AA 206 76.57 -83.03 -66.16
N VAL AA 207 77.48 -83.05 -65.20
CA VAL AA 207 77.54 -82.01 -64.21
C VAL AA 207 79.00 -81.74 -63.90
N THR AA 208 79.38 -80.48 -63.69
CA THR AA 208 80.76 -80.19 -63.33
C THR AA 208 80.75 -79.80 -61.88
N VAL AA 209 81.60 -80.51 -61.18
CA VAL AA 209 81.79 -80.37 -59.77
C VAL AA 209 83.25 -80.21 -59.29
N PRO AA 210 83.52 -79.29 -58.32
CA PRO AA 210 84.90 -79.12 -57.78
C PRO AA 210 85.50 -80.48 -57.45
N SER AA 211 86.80 -80.74 -57.60
CA SER AA 211 87.35 -82.06 -57.31
C SER AA 211 87.20 -82.53 -55.84
N SER AA 212 87.43 -81.57 -54.96
CA SER AA 212 87.34 -81.81 -53.54
C SER AA 212 85.96 -82.28 -53.07
N SER AA 213 84.97 -81.48 -53.44
CA SER AA 213 83.59 -81.80 -53.09
C SER AA 213 83.22 -83.21 -53.59
N LEU AA 214 83.96 -83.70 -54.59
CA LEU AA 214 83.67 -85.01 -55.18
C LEU AA 214 84.11 -86.11 -54.32
N GLY AA 215 85.34 -85.96 -53.85
CA GLY AA 215 85.79 -86.97 -52.90
C GLY AA 215 84.82 -87.04 -51.75
N THR AA 216 84.43 -85.88 -51.25
CA THR AA 216 83.58 -85.86 -50.06
C THR AA 216 82.10 -86.17 -50.30
N GLN AA 217 81.61 -86.05 -51.54
CA GLN AA 217 80.18 -86.25 -51.80
C GLN AA 217 79.75 -87.25 -52.89
N THR AA 218 78.50 -87.66 -52.69
CA THR AA 218 77.74 -88.69 -53.39
C THR AA 218 76.87 -88.21 -54.57
N TYR AA 219 77.18 -88.59 -55.82
CA TYR AA 219 76.39 -88.07 -56.95
C TYR AA 219 75.73 -89.25 -57.66
N ILE AA 220 74.41 -89.12 -57.73
CA ILE AA 220 73.47 -90.09 -58.27
C ILE AA 220 72.53 -89.44 -59.27
N CYS AA 221 72.34 -90.03 -60.45
CA CYS AA 221 71.35 -89.47 -61.38
C CYS AA 221 70.04 -90.26 -61.48
N ASN AA 222 68.91 -89.56 -61.42
CA ASN AA 222 67.58 -90.18 -61.48
C ASN AA 222 66.97 -89.93 -62.84
N VAL AA 223 66.78 -91.02 -63.57
CA VAL AA 223 66.28 -91.02 -64.93
C VAL AA 223 64.85 -91.55 -64.92
N ASN AA 224 63.96 -90.82 -65.56
CA ASN AA 224 62.57 -91.21 -65.67
C ASN AA 224 62.15 -91.25 -67.12
N HIS AA 225 61.59 -92.37 -67.53
CA HIS AA 225 61.01 -92.51 -68.85
C HIS AA 225 59.63 -93.09 -68.64
N LYS AA 226 58.65 -92.20 -68.62
CA LYS AA 226 57.28 -92.58 -68.30
C LYS AA 226 56.62 -93.61 -69.21
N PRO AA 227 56.83 -93.51 -70.54
CA PRO AA 227 56.17 -94.46 -71.45
C PRO AA 227 56.53 -95.93 -71.20
N SER AA 228 57.70 -96.17 -70.62
CA SER AA 228 58.15 -97.52 -70.28
C SER AA 228 58.13 -97.78 -68.78
N ASN AA 229 57.54 -96.85 -68.02
CA ASN AA 229 57.46 -96.95 -66.59
C ASN AA 229 58.85 -97.08 -65.94
N THR AA 230 59.87 -96.53 -66.58
CA THR AA 230 61.22 -96.60 -66.05
C THR AA 230 61.51 -95.49 -65.04
N LYS AA 231 61.99 -95.90 -63.88
CA LYS AA 231 62.49 -94.97 -62.90
C LYS AA 231 63.77 -95.61 -62.35
N VAL AA 232 64.92 -95.08 -62.76
CA VAL AA 232 66.23 -95.64 -62.42
C VAL AA 232 66.98 -94.62 -61.62
N ASP AA 233 67.68 -95.08 -60.59
CA ASP AA 233 68.61 -94.24 -59.88
C ASP AA 233 69.99 -94.88 -60.06
N LYS AA 234 70.92 -94.19 -60.70
CA LYS AA 234 72.25 -94.76 -60.91
C LYS AA 234 73.32 -93.94 -60.22
N ARG AA 235 74.05 -94.61 -59.34
CA ARG AA 235 75.15 -94.01 -58.61
C ARG AA 235 76.36 -93.90 -59.52
N VAL AA 236 77.04 -92.75 -59.45
CA VAL AA 236 78.19 -92.48 -60.30
C VAL AA 236 79.45 -92.25 -59.45
N GLU AA 237 80.46 -93.10 -59.64
CA GLU AA 237 81.66 -93.06 -58.81
C GLU AA 237 82.90 -93.13 -59.70
N PRO AA 238 84.03 -92.59 -59.24
CA PRO AA 238 85.29 -92.63 -60.00
C PRO AA 238 85.78 -94.04 -60.29
N LYS AA 239 86.42 -94.20 -61.45
CA LYS AA 239 86.98 -95.48 -61.86
C LYS AA 239 88.18 -95.84 -60.99
N ASP BA 1 42.40 -68.66 -92.13
CA ASP BA 1 43.38 -68.65 -91.00
C ASP BA 1 44.27 -67.43 -91.11
N ILE BA 2 44.47 -66.70 -90.02
CA ILE BA 2 45.37 -65.55 -90.04
C ILE BA 2 46.80 -66.05 -89.90
N GLN BA 3 47.67 -65.62 -90.81
CA GLN BA 3 49.06 -66.02 -90.77
C GLN BA 3 49.87 -64.92 -90.11
N LEU BA 4 50.70 -65.31 -89.16
CA LEU BA 4 51.63 -64.39 -88.52
C LEU BA 4 53.04 -64.74 -88.98
N THR BA 5 53.75 -63.75 -89.50
CA THR BA 5 55.09 -63.91 -90.02
C THR BA 5 56.04 -63.14 -89.12
N GLN BA 6 56.98 -63.86 -88.53
CA GLN BA 6 57.93 -63.24 -87.62
C GLN BA 6 59.27 -63.08 -88.29
N SER BA 7 59.88 -61.91 -88.10
CA SER BA 7 61.25 -61.76 -88.61
C SER BA 7 62.12 -61.03 -87.57
N PRO BA 8 63.45 -61.31 -87.59
CA PRO BA 8 64.04 -62.35 -88.46
C PRO BA 8 63.83 -63.76 -87.89
N SER BA 9 64.24 -64.79 -88.64
CA SER BA 9 64.07 -66.15 -88.16
C SER BA 9 64.91 -66.39 -86.93
N SER BA 10 66.08 -65.75 -86.93
CA SER BA 10 67.06 -65.87 -85.88
C SER BA 10 67.71 -64.51 -85.75
N LEU BA 11 67.98 -64.08 -84.53
CA LEU BA 11 68.62 -62.80 -84.30
C LEU BA 11 69.70 -62.97 -83.25
N SER BA 12 70.89 -62.47 -83.57
CA SER BA 12 72.04 -62.54 -82.69
C SER BA 12 72.30 -61.13 -82.13
N ALA BA 13 72.53 -60.99 -80.82
CA ALA BA 13 72.81 -59.68 -80.24
C ALA BA 13 73.63 -59.80 -78.97
N SER BA 14 74.32 -58.72 -78.61
CA SER BA 14 75.18 -58.73 -77.43
C SER BA 14 74.41 -58.34 -76.18
N VAL BA 15 74.85 -58.85 -75.04
CA VAL BA 15 74.26 -58.47 -73.76
C VAL BA 15 74.30 -56.95 -73.64
N GLY BA 16 73.15 -56.36 -73.33
CA GLY BA 16 73.02 -54.92 -73.18
C GLY BA 16 72.43 -54.26 -74.40
N ASP BA 17 72.39 -54.97 -75.53
CA ASP BA 17 71.84 -54.42 -76.76
C ASP BA 17 70.33 -54.24 -76.69
N ARG BA 18 69.85 -53.19 -77.35
N ARG BA 18 69.83 -53.20 -77.37
CA ARG BA 18 68.41 -53.01 -77.55
CA ARG BA 18 68.41 -53.00 -77.54
C ARG BA 18 68.01 -53.86 -78.74
C ARG BA 18 67.95 -53.81 -78.75
N VAL BA 19 67.03 -54.74 -78.52
CA VAL BA 19 66.64 -55.74 -79.50
C VAL BA 19 65.16 -55.57 -79.91
N THR BA 20 64.88 -55.66 -81.21
CA THR BA 20 63.52 -55.50 -81.73
C THR BA 20 63.10 -56.73 -82.53
N LEU BA 21 61.99 -57.36 -82.14
CA LEU BA 21 61.43 -58.52 -82.83
C LEU BA 21 60.14 -58.09 -83.51
N THR BA 22 59.89 -58.57 -84.73
CA THR BA 22 58.70 -58.10 -85.45
C THR BA 22 57.72 -59.21 -85.82
N CYS BA 23 56.43 -58.85 -85.88
CA CYS BA 23 55.35 -59.76 -86.26
C CYS BA 23 54.43 -59.04 -87.23
N GLN BA 24 54.16 -59.68 -88.36
CA GLN BA 24 53.24 -59.16 -89.36
C GLN BA 24 52.05 -60.09 -89.55
N ALA BA 25 50.85 -59.55 -89.43
CA ALA BA 25 49.64 -60.35 -89.62
C ALA BA 25 49.13 -60.21 -91.04
N SER BA 26 48.54 -61.28 -91.57
CA SER BA 26 48.08 -61.28 -92.95
C SER BA 26 46.82 -60.45 -93.04
N GLN BA 27 46.25 -60.09 -91.89
CA GLN BA 27 45.10 -59.22 -91.86
C GLN BA 27 45.03 -58.40 -90.59
N ASP BA 28 44.22 -57.34 -90.61
CA ASP BA 28 44.12 -56.44 -89.48
C ASP BA 28 43.51 -57.18 -88.29
N ILE BA 29 44.33 -57.32 -87.24
CA ILE BA 29 43.93 -57.95 -85.98
C ILE BA 29 43.85 -56.94 -84.84
N ARG BA 30 43.80 -55.65 -85.18
CA ARG BA 30 43.72 -54.58 -84.20
C ARG BA 30 44.87 -54.75 -83.18
N LYS BA 31 44.55 -54.87 -81.89
CA LYS BA 31 45.55 -55.06 -80.85
C LYS BA 31 45.43 -56.43 -80.20
N PHE BA 32 44.71 -57.37 -80.83
CA PHE BA 32 44.53 -58.65 -80.18
C PHE BA 32 45.73 -59.54 -80.47
N LEU BA 33 46.86 -59.19 -79.85
CA LEU BA 33 48.12 -59.87 -80.11
C LEU BA 33 48.91 -60.08 -78.83
N ASN BA 34 49.41 -61.28 -78.60
CA ASN BA 34 50.14 -61.58 -77.39
C ASN BA 34 51.52 -62.10 -77.79
N TRP BA 35 52.49 -61.89 -76.91
CA TRP BA 35 53.86 -62.34 -77.11
C TRP BA 35 54.19 -63.29 -75.96
N TYR BA 36 54.84 -64.40 -76.31
CA TYR BA 36 55.30 -65.42 -75.38
C TYR BA 36 56.79 -65.64 -75.55
N GLN BA 37 57.42 -66.12 -74.50
CA GLN BA 37 58.81 -66.60 -74.52
C GLN BA 37 58.75 -68.07 -74.24
N GLN BA 38 59.52 -68.85 -74.97
CA GLN BA 38 59.62 -70.26 -74.70
C GLN BA 38 61.06 -70.62 -74.63
N LYS BA 39 61.45 -71.13 -73.46
CA LYS BA 39 62.77 -71.64 -73.31
C LYS BA 39 62.75 -73.13 -73.65
N PRO BA 40 63.85 -73.64 -74.20
CA PRO BA 40 63.89 -75.01 -74.70
C PRO BA 40 63.46 -76.05 -73.67
N GLY BA 41 62.56 -76.94 -74.07
CA GLY BA 41 62.09 -78.00 -73.21
C GLY BA 41 61.13 -77.52 -72.12
N LYS BA 42 60.74 -76.26 -72.18
CA LYS BA 42 59.83 -75.65 -71.21
C LYS BA 42 58.61 -75.14 -71.94
N GLY BA 43 57.55 -74.93 -71.19
CA GLY BA 43 56.35 -74.36 -71.76
C GLY BA 43 56.53 -72.87 -72.00
N PRO BA 44 55.77 -72.29 -72.93
CA PRO BA 44 55.83 -70.86 -73.19
C PRO BA 44 55.46 -70.05 -71.95
N LYS BA 45 55.88 -68.80 -71.87
CA LYS BA 45 55.41 -67.90 -70.82
C LYS BA 45 54.99 -66.58 -71.41
N LEU BA 46 53.85 -66.08 -70.94
CA LEU BA 46 53.32 -64.83 -71.45
C LEU BA 46 54.20 -63.68 -71.01
N LEU BA 47 54.53 -62.83 -71.98
CA LEU BA 47 55.27 -61.60 -71.77
C LEU BA 47 54.36 -60.39 -71.93
N ILE BA 48 53.67 -60.33 -73.06
CA ILE BA 48 52.90 -59.14 -73.40
C ILE BA 48 51.51 -59.59 -73.84
N TYR BA 49 50.47 -58.97 -73.28
CA TYR BA 49 49.12 -59.24 -73.77
C TYR BA 49 48.50 -57.97 -74.37
N ASP BA 50 47.65 -58.18 -75.37
CA ASP BA 50 46.96 -57.13 -76.12
C ASP BA 50 47.93 -56.05 -76.63
N ALA BA 51 49.01 -56.53 -77.23
CA ALA BA 51 50.01 -55.79 -77.98
C ALA BA 51 51.00 -54.98 -77.14
N SER BA 52 50.53 -54.31 -76.08
CA SER BA 52 51.39 -53.39 -75.32
C SER BA 52 51.41 -53.55 -73.79
N ASN BA 53 50.65 -54.49 -73.24
CA ASN BA 53 50.59 -54.64 -71.78
C ASN BA 53 51.57 -55.63 -71.21
N LEU BA 54 52.40 -55.15 -70.30
CA LEU BA 54 53.35 -56.01 -69.64
C LEU BA 54 52.64 -56.86 -68.61
N GLN BA 55 52.74 -58.18 -68.77
CA GLN BA 55 52.15 -59.08 -67.80
C GLN BA 55 52.86 -58.94 -66.46
N ARG BA 56 52.07 -58.96 -65.40
CA ARG BA 56 52.57 -58.94 -64.05
C ARG BA 56 53.71 -59.93 -63.86
N GLY BA 57 54.83 -59.48 -63.30
CA GLY BA 57 55.93 -60.36 -62.97
C GLY BA 57 56.98 -60.49 -64.05
N VAL BA 58 56.66 -60.06 -65.28
CA VAL BA 58 57.60 -60.09 -66.39
C VAL BA 58 58.55 -58.92 -66.23
N PRO BA 59 59.86 -59.12 -66.46
CA PRO BA 59 60.79 -58.00 -66.27
C PRO BA 59 60.40 -56.80 -67.13
N SER BA 60 60.56 -55.59 -66.59
CA SER BA 60 60.11 -54.38 -67.28
C SER BA 60 60.88 -54.01 -68.55
N ARG BA 61 62.01 -54.67 -68.79
CA ARG BA 61 62.78 -54.43 -70.02
C ARG BA 61 62.01 -54.91 -71.27
N PHE BA 62 60.96 -55.71 -71.07
CA PHE BA 62 60.11 -56.14 -72.17
C PHE BA 62 59.02 -55.10 -72.34
N SER BA 63 58.77 -54.74 -73.59
CA SER BA 63 57.69 -53.86 -73.97
C SER BA 63 57.15 -54.29 -75.31
N GLY BA 64 55.90 -53.96 -75.61
CA GLY BA 64 55.30 -54.34 -76.86
C GLY BA 64 54.64 -53.14 -77.47
N GLY BA 65 54.55 -53.14 -78.80
CA GLY BA 65 53.93 -52.05 -79.52
C GLY BA 65 53.28 -52.50 -80.81
N GLY BA 66 52.53 -51.60 -81.42
CA GLY BA 66 51.94 -51.83 -82.73
C GLY BA 66 50.46 -52.12 -82.68
N SER BA 67 49.87 -52.20 -83.87
CA SER BA 67 48.45 -52.51 -84.03
C SER BA 67 48.18 -52.73 -85.51
N GLY BA 68 47.00 -53.27 -85.80
CA GLY BA 68 46.65 -53.59 -87.17
C GLY BA 68 47.43 -54.80 -87.62
N THR BA 69 48.38 -54.60 -88.52
CA THR BA 69 49.18 -55.71 -89.03
C THR BA 69 50.65 -55.74 -88.58
N ASP BA 70 51.17 -54.66 -88.00
CA ASP BA 70 52.60 -54.57 -87.67
C ASP BA 70 52.80 -54.44 -86.17
N PHE BA 71 53.57 -55.37 -85.58
CA PHE BA 71 53.78 -55.39 -84.14
C PHE BA 71 55.25 -55.59 -83.83
N THR BA 72 55.67 -55.11 -82.66
CA THR BA 72 57.05 -55.29 -82.21
C THR BA 72 57.11 -55.70 -80.75
N LEU BA 73 58.07 -56.56 -80.42
CA LEU BA 73 58.44 -56.81 -79.03
C LEU BA 73 59.85 -56.26 -78.86
N ILE BA 74 60.06 -55.39 -77.89
CA ILE BA 74 61.34 -54.76 -77.66
C ILE BA 74 61.87 -55.18 -76.29
N ILE BA 75 63.14 -55.59 -76.31
CA ILE BA 75 63.89 -55.89 -75.10
C ILE BA 75 64.91 -54.76 -74.96
N SER BA 76 64.72 -53.89 -73.97
CA SER BA 76 65.47 -52.64 -73.93
C SER BA 76 66.95 -52.88 -73.64
N SER BA 77 67.25 -53.96 -72.92
CA SER BA 77 68.63 -54.30 -72.64
C SER BA 77 68.72 -55.81 -72.55
N LEU BA 78 69.28 -56.44 -73.58
CA LEU BA 78 69.25 -57.89 -73.66
C LEU BA 78 70.02 -58.47 -72.51
N GLN BA 79 69.42 -59.46 -71.86
CA GLN BA 79 70.09 -60.14 -70.78
C GLN BA 79 70.33 -61.54 -71.29
N PRO BA 80 71.34 -62.20 -70.75
CA PRO BA 80 71.65 -63.55 -71.22
C PRO BA 80 70.46 -64.50 -71.04
N GLU BA 81 69.68 -64.31 -69.98
CA GLU BA 81 68.48 -65.14 -69.70
C GLU BA 81 67.37 -64.98 -70.69
N ASP BA 82 67.51 -64.02 -71.58
CA ASP BA 82 66.57 -63.82 -72.65
C ASP BA 82 66.69 -64.78 -73.86
N VAL BA 83 67.75 -65.59 -73.92
CA VAL BA 83 67.89 -66.55 -75.03
C VAL BA 83 66.70 -67.48 -75.08
N GLY BA 84 66.22 -67.75 -76.27
CA GLY BA 84 65.11 -68.67 -76.45
C GLY BA 84 64.35 -68.26 -77.69
N THR BA 85 63.12 -68.74 -77.79
CA THR BA 85 62.29 -68.47 -78.97
C THR BA 85 61.09 -67.66 -78.53
N TYR BA 86 60.72 -66.69 -79.33
CA TYR BA 86 59.63 -65.80 -79.02
C TYR BA 86 58.54 -65.95 -80.07
N TYR BA 87 57.31 -66.08 -79.61
CA TYR BA 87 56.17 -66.27 -80.51
C TYR BA 87 55.20 -65.15 -80.31
N CYS BA 88 54.65 -64.69 -81.42
CA CYS BA 88 53.51 -63.82 -81.37
C CYS BA 88 52.30 -64.70 -81.61
N GLN BA 89 51.14 -64.22 -81.18
CA GLN BA 89 49.92 -64.98 -81.25
C GLN BA 89 48.69 -64.12 -81.33
N GLN BA 90 47.72 -64.54 -82.13
CA GLN BA 90 46.66 -63.64 -82.53
C GLN BA 90 45.35 -64.25 -82.06
N TYR BA 91 44.46 -63.42 -81.50
CA TYR BA 91 43.11 -63.88 -81.17
C TYR BA 91 41.95 -62.99 -81.67
N ASP BA 92 42.15 -62.21 -82.74
CA ASP BA 92 41.04 -61.53 -83.41
C ASP BA 92 39.95 -62.50 -83.86
N GLY BA 93 40.36 -63.65 -84.37
CA GLY BA 93 39.41 -64.65 -84.82
C GLY BA 93 39.99 -66.05 -84.75
N LEU BA 94 39.11 -67.02 -84.53
CA LEU BA 94 39.45 -68.43 -84.60
C LEU BA 94 39.75 -68.89 -86.03
N PRO BA 95 40.66 -69.87 -86.20
CA PRO BA 95 41.45 -70.48 -85.13
C PRO BA 95 42.56 -69.56 -84.66
N PHE BA 96 42.88 -69.61 -83.37
CA PHE BA 96 44.00 -68.87 -82.84
C PHE BA 96 45.24 -69.37 -83.53
N THR BA 97 46.15 -68.46 -83.87
CA THR BA 97 47.37 -68.85 -84.55
C THR BA 97 48.57 -68.16 -83.94
N PHE BA 98 49.74 -68.79 -84.13
CA PHE BA 98 51.00 -68.31 -83.59
C PHE BA 98 51.95 -68.01 -84.75
N GLY BA 99 52.87 -67.07 -84.56
CA GLY BA 99 53.95 -66.86 -85.49
C GLY BA 99 54.89 -68.05 -85.50
N GLY BA 100 55.75 -68.12 -86.50
CA GLY BA 100 56.71 -69.21 -86.63
C GLY BA 100 57.90 -69.14 -85.69
N GLY BA 101 57.99 -68.05 -84.93
CA GLY BA 101 58.99 -67.89 -83.89
C GLY BA 101 60.25 -67.17 -84.33
N THR BA 102 60.84 -66.42 -83.40
CA THR BA 102 62.15 -65.81 -83.61
C THR BA 102 63.08 -66.31 -82.52
N LYS BA 103 64.21 -66.90 -82.90
CA LYS BA 103 65.15 -67.41 -81.91
C LYS BA 103 66.12 -66.30 -81.56
N VAL BA 104 66.32 -66.00 -80.28
CA VAL BA 104 67.30 -65.00 -79.87
C VAL BA 104 68.55 -65.69 -79.39
N VAL BA 105 69.67 -65.19 -79.91
CA VAL BA 105 70.96 -65.78 -79.68
C VAL BA 105 71.89 -64.70 -79.21
N ILE BA 106 72.61 -64.97 -78.14
CA ILE BA 106 73.58 -64.04 -77.64
C ILE BA 106 74.93 -64.15 -78.35
N LYS BA 107 75.49 -62.99 -78.66
CA LYS BA 107 76.87 -62.85 -79.09
C LYS BA 107 77.58 -62.51 -77.81
N ARG BA 108 78.70 -63.21 -77.54
CA ARG BA 108 79.42 -62.93 -76.31
C ARG BA 108 80.91 -62.93 -76.62
N THR BA 109 81.73 -62.76 -75.59
CA THR BA 109 83.18 -62.79 -75.78
C THR BA 109 83.58 -64.27 -76.04
N VAL BA 110 84.67 -64.56 -76.75
CA VAL BA 110 85.07 -65.99 -76.89
C VAL BA 110 85.29 -66.57 -75.53
N ALA BA 111 84.93 -67.83 -75.41
CA ALA BA 111 85.16 -68.55 -74.19
C ALA BA 111 85.52 -69.96 -74.62
N ALA BA 112 86.72 -70.38 -74.23
CA ALA BA 112 87.28 -71.64 -74.68
C ALA BA 112 86.62 -72.78 -73.93
N PRO BA 113 86.39 -73.92 -74.60
CA PRO BA 113 85.78 -75.04 -73.90
C PRO BA 113 86.71 -75.73 -72.94
N SER BA 114 86.16 -76.26 -71.84
CA SER BA 114 86.93 -77.23 -71.06
C SER BA 114 86.52 -78.61 -71.55
N VAL BA 115 87.51 -79.47 -71.82
CA VAL BA 115 87.24 -80.76 -72.44
C VAL BA 115 87.49 -81.94 -71.49
N PHE BA 116 86.56 -82.88 -71.50
CA PHE BA 116 86.66 -84.10 -70.71
C PHE BA 116 86.34 -85.29 -71.58
N ILE BA 117 87.02 -86.40 -71.31
CA ILE BA 117 86.75 -87.65 -72.00
C ILE BA 117 86.36 -88.72 -70.99
N PHE BA 118 85.42 -89.58 -71.38
CA PHE BA 118 84.98 -90.67 -70.53
C PHE BA 118 85.06 -91.99 -71.29
N PRO BA 119 85.69 -92.99 -70.68
CA PRO BA 119 85.64 -94.32 -71.28
C PRO BA 119 84.25 -94.92 -71.07
N PRO BA 120 83.93 -96.00 -71.79
CA PRO BA 120 82.69 -96.74 -71.58
C PRO BA 120 82.72 -97.43 -70.21
N SER BA 121 81.57 -97.54 -69.57
CA SER BA 121 81.49 -98.18 -68.28
C SER BA 121 81.61 -99.69 -68.41
N ASP BA 122 81.83 -100.35 -67.27
CA ASP BA 122 81.97 -101.80 -67.27
C ASP BA 122 80.61 -102.44 -67.51
N GLU BA 123 79.55 -101.82 -66.96
CA GLU BA 123 78.18 -102.36 -67.16
C GLU BA 123 77.87 -102.40 -68.66
N GLN BA 124 78.34 -101.41 -69.40
CA GLN BA 124 78.00 -101.30 -70.81
C GLN BA 124 78.76 -102.28 -71.73
N LEU BA 125 80.07 -102.42 -71.51
CA LEU BA 125 80.92 -103.38 -72.22
C LEU BA 125 80.48 -104.78 -72.06
N LYS BA 126 80.11 -105.01 -70.82
CA LYS BA 126 79.55 -106.24 -70.36
C LYS BA 126 78.41 -106.60 -71.42
N SER BA 127 77.89 -105.64 -72.23
CA SER BA 127 76.77 -105.85 -73.18
C SER BA 127 77.13 -105.79 -74.67
N GLY BA 128 78.40 -105.85 -75.02
CA GLY BA 128 78.80 -106.01 -76.41
C GLY BA 128 78.88 -104.69 -77.17
N THR BA 129 78.61 -103.58 -76.49
CA THR BA 129 78.69 -102.26 -77.10
C THR BA 129 79.55 -101.33 -76.26
N ALA BA 130 80.30 -100.45 -76.92
CA ALA BA 130 81.15 -99.47 -76.24
C ALA BA 130 80.85 -98.03 -76.68
N SER BA 131 80.46 -97.19 -75.72
CA SER BA 131 80.21 -95.78 -75.97
C SER BA 131 81.30 -94.99 -75.26
N VAL BA 132 82.03 -94.21 -76.03
CA VAL BA 132 83.08 -93.35 -75.53
C VAL BA 132 82.57 -91.92 -75.67
N VAL BA 133 82.63 -91.14 -74.61
CA VAL BA 133 82.00 -89.81 -74.59
C VAL BA 133 82.98 -88.67 -74.45
N CYS BA 134 82.72 -87.62 -75.23
CA CYS BA 134 83.50 -86.41 -75.17
C CYS BA 134 82.59 -85.25 -74.84
N LEU BA 135 82.99 -84.45 -73.86
CA LEU BA 135 82.22 -83.32 -73.39
C LEU BA 135 83.02 -82.04 -73.61
N LEU BA 136 82.40 -81.05 -74.27
CA LEU BA 136 82.96 -79.72 -74.36
C LEU BA 136 82.06 -78.83 -73.53
N ASN BA 137 82.60 -78.25 -72.47
CA ASN BA 137 81.78 -77.51 -71.53
C ASN BA 137 81.96 -76.02 -71.62
N ASN BA 138 80.82 -75.33 -71.67
CA ASN BA 138 80.72 -73.88 -71.52
C ASN BA 138 81.70 -73.06 -72.34
N PHE BA 139 81.43 -73.00 -73.64
CA PHE BA 139 82.27 -72.30 -74.58
C PHE BA 139 81.45 -71.46 -75.54
N TYR BA 140 82.13 -70.57 -76.25
CA TYR BA 140 81.47 -69.79 -77.27
C TYR BA 140 82.58 -69.38 -78.21
N PRO BA 141 82.32 -69.37 -79.52
CA PRO BA 141 81.06 -69.65 -80.23
C PRO BA 141 80.73 -71.12 -80.38
N ARG BA 142 79.56 -71.38 -80.95
CA ARG BA 142 79.03 -72.73 -81.04
C ARG BA 142 79.86 -73.63 -81.93
N GLU BA 143 80.43 -73.05 -82.99
CA GLU BA 143 81.16 -73.86 -83.96
C GLU BA 143 82.36 -74.47 -83.30
N ALA BA 144 82.40 -75.80 -83.35
CA ALA BA 144 83.52 -76.56 -82.87
C ALA BA 144 83.65 -77.80 -83.75
N LYS BA 145 84.89 -78.29 -83.83
CA LYS BA 145 85.21 -79.51 -84.51
C LYS BA 145 85.67 -80.52 -83.50
N VAL BA 146 85.07 -81.70 -83.48
CA VAL BA 146 85.48 -82.75 -82.58
C VAL BA 146 85.88 -83.93 -83.44
N GLN BA 147 87.13 -84.36 -83.28
CA GLN BA 147 87.70 -85.41 -84.09
C GLN BA 147 88.07 -86.55 -83.18
N TRP BA 148 87.62 -87.74 -83.53
CA TRP BA 148 87.99 -88.92 -82.78
C TRP BA 148 89.23 -89.59 -83.37
N LYS BA 149 90.09 -90.08 -82.49
CA LYS BA 149 91.26 -90.84 -82.91
C LYS BA 149 91.38 -92.09 -82.01
N VAL BA 150 91.49 -93.25 -82.65
CA VAL BA 150 91.69 -94.52 -81.95
C VAL BA 150 93.07 -95.06 -82.35
N ASP BA 151 93.98 -95.20 -81.38
CA ASP BA 151 95.38 -95.52 -81.66
C ASP BA 151 95.89 -94.59 -82.75
N ASN BA 152 95.47 -93.32 -82.71
CA ASN BA 152 95.97 -92.32 -83.64
C ASN BA 152 95.37 -92.40 -85.04
N ALA BA 153 94.36 -93.26 -85.22
CA ALA BA 153 93.68 -93.37 -86.51
C ALA BA 153 92.42 -92.52 -86.51
N LEU BA 154 92.33 -91.62 -87.49
CA LEU BA 154 91.24 -90.67 -87.54
C LEU BA 154 89.92 -91.35 -87.87
N GLN BA 155 89.00 -91.26 -86.93
CA GLN BA 155 87.71 -91.94 -87.02
C GLN BA 155 86.70 -91.09 -87.79
N SER BA 156 85.74 -91.72 -88.46
CA SER BA 156 84.63 -90.97 -89.05
C SER BA 156 83.39 -91.82 -89.33
N GLY BA 157 82.23 -91.18 -89.18
CA GLY BA 157 80.96 -91.84 -89.48
C GLY BA 157 80.37 -92.65 -88.32
N ASN BA 158 81.14 -92.84 -87.26
CA ASN BA 158 80.68 -93.60 -86.09
C ASN BA 158 80.56 -92.74 -84.84
N SER BA 159 80.31 -91.45 -85.02
CA SER BA 159 80.09 -90.58 -83.88
C SER BA 159 78.93 -89.64 -84.13
N GLN BA 160 78.31 -89.19 -83.04
CA GLN BA 160 77.21 -88.23 -83.11
C GLN BA 160 77.36 -87.10 -82.11
N GLU BA 161 77.02 -85.89 -82.54
CA GLU BA 161 77.11 -84.73 -81.67
C GLU BA 161 75.72 -84.31 -81.22
N SER BA 162 75.66 -83.74 -80.02
CA SER BA 162 74.49 -83.07 -79.52
C SER BA 162 74.94 -81.78 -78.88
N VAL BA 163 74.17 -80.72 -79.02
CA VAL BA 163 74.57 -79.43 -78.48
C VAL BA 163 73.46 -78.86 -77.62
N THR BA 164 73.81 -78.33 -76.45
CA THR BA 164 72.79 -77.73 -75.61
C THR BA 164 72.35 -76.43 -76.26
N GLU BA 165 71.18 -75.98 -75.84
CA GLU BA 165 70.68 -74.69 -76.20
C GLU BA 165 71.57 -73.65 -75.53
N GLN BA 166 71.66 -72.48 -76.14
CA GLN BA 166 72.45 -71.40 -75.58
C GLN BA 166 71.95 -71.14 -74.15
N ASP BA 167 72.89 -71.10 -73.21
CA ASP BA 167 72.60 -70.93 -71.79
C ASP BA 167 71.98 -69.59 -71.43
N SER BA 168 70.97 -69.64 -70.57
CA SER BA 168 70.23 -68.44 -70.23
C SER BA 168 71.03 -67.51 -69.33
N LYS BA 169 72.05 -67.97 -68.64
CA LYS BA 169 72.74 -67.04 -67.77
C LYS BA 169 74.01 -66.47 -68.43
N ASP BA 170 74.89 -67.32 -68.94
CA ASP BA 170 76.15 -66.84 -69.54
C ASP BA 170 76.24 -67.02 -71.06
N SER BA 171 75.16 -67.49 -71.70
CA SER BA 171 75.09 -67.49 -73.16
C SER BA 171 76.10 -68.37 -73.87
N THR BA 172 76.60 -69.37 -73.14
CA THR BA 172 77.51 -70.33 -73.71
C THR BA 172 76.78 -71.60 -74.16
N TYR BA 173 77.52 -72.47 -74.84
CA TYR BA 173 76.99 -73.74 -75.30
C TYR BA 173 77.82 -74.82 -74.64
N SER BA 174 77.27 -76.03 -74.61
CA SER BA 174 78.03 -77.21 -74.29
C SER BA 174 77.74 -78.25 -75.35
N LEU BA 175 78.67 -79.20 -75.55
CA LEU BA 175 78.55 -80.17 -76.63
C LEU BA 175 79.04 -81.53 -76.18
N SER BA 176 78.39 -82.58 -76.65
CA SER BA 176 78.88 -83.93 -76.44
C SER BA 176 79.03 -84.62 -77.79
N SER BA 177 80.09 -85.38 -77.95
CA SER BA 177 80.30 -86.22 -79.12
C SER BA 177 80.41 -87.64 -78.59
N THR BA 178 79.64 -88.56 -79.14
CA THR BA 178 79.65 -89.94 -78.67
C THR BA 178 80.16 -90.85 -79.78
N LEU BA 179 81.28 -91.52 -79.52
CA LEU BA 179 81.87 -92.48 -80.44
C LEU BA 179 81.41 -93.88 -80.05
N THR BA 180 80.71 -94.51 -80.97
CA THR BA 180 80.16 -95.82 -80.71
C THR BA 180 80.81 -96.88 -81.57
N LEU BA 181 81.32 -97.92 -80.92
CA LEU BA 181 81.87 -99.06 -81.63
C LEU BA 181 81.61 -100.34 -80.82
N SER BA 182 81.66 -101.49 -81.49
CA SER BA 182 81.35 -102.76 -80.85
C SER BA 182 82.40 -103.12 -79.80
N LYS BA 183 82.04 -103.97 -78.85
CA LYS BA 183 82.98 -104.40 -77.80
C LYS BA 183 84.24 -104.98 -78.42
N ALA BA 184 84.06 -105.76 -79.49
CA ALA BA 184 85.17 -106.37 -80.21
C ALA BA 184 86.18 -105.30 -80.63
N ASP BA 185 85.67 -104.29 -81.32
CA ASP BA 185 86.51 -103.23 -81.85
C ASP BA 185 87.13 -102.42 -80.72
N TYR BA 186 86.31 -102.10 -79.71
CA TYR BA 186 86.82 -101.32 -78.59
C TYR BA 186 88.03 -102.05 -77.96
N GLU BA 187 87.98 -103.39 -77.93
CA GLU BA 187 89.05 -104.19 -77.32
C GLU BA 187 90.27 -104.37 -78.23
N LYS BA 188 90.06 -104.27 -79.53
CA LYS BA 188 91.20 -104.25 -80.47
C LYS BA 188 92.24 -103.19 -80.07
N HIS BA 189 91.81 -101.95 -79.91
CA HIS BA 189 92.73 -100.82 -79.76
C HIS BA 189 92.91 -100.39 -78.30
N LYS BA 190 93.88 -99.50 -78.07
CA LYS BA 190 94.29 -99.09 -76.73
C LYS BA 190 94.04 -97.61 -76.39
N VAL BA 191 94.43 -96.71 -77.28
CA VAL BA 191 94.38 -95.27 -77.02
C VAL BA 191 93.17 -94.60 -77.63
N TYR BA 192 92.34 -93.99 -76.79
CA TYR BA 192 91.13 -93.29 -77.23
C TYR BA 192 91.26 -91.82 -76.95
N ALA BA 193 91.09 -91.03 -78.01
CA ALA BA 193 91.40 -89.61 -77.96
C ALA BA 193 90.35 -88.73 -78.63
N CYS BA 194 90.02 -87.65 -77.95
CA CYS BA 194 89.14 -86.62 -78.44
C CYS BA 194 89.98 -85.37 -78.69
N GLU BA 195 90.06 -84.93 -79.94
CA GLU BA 195 90.80 -83.72 -80.30
C GLU BA 195 89.80 -82.63 -80.69
N VAL BA 196 89.81 -81.53 -79.93
CA VAL BA 196 88.86 -80.44 -80.11
C VAL BA 196 89.54 -79.24 -80.72
N THR BA 197 88.93 -78.70 -81.78
CA THR BA 197 89.40 -77.49 -82.40
C THR BA 197 88.30 -76.47 -82.19
N HIS BA 198 88.68 -75.30 -81.72
CA HIS BA 198 87.70 -74.28 -81.36
C HIS BA 198 88.42 -72.97 -81.35
N GLN BA 199 87.67 -71.94 -81.70
CA GLN BA 199 88.20 -70.61 -81.89
C GLN BA 199 88.87 -70.10 -80.59
N GLY BA 200 88.48 -70.59 -79.42
CA GLY BA 200 89.06 -70.12 -78.17
C GLY BA 200 90.33 -70.88 -77.76
N LEU BA 201 90.75 -71.90 -78.54
CA LEU BA 201 91.98 -72.66 -78.29
C LEU BA 201 93.01 -72.36 -79.37
N SER BA 202 94.26 -72.05 -79.02
CA SER BA 202 95.26 -71.68 -80.02
C SER BA 202 95.72 -72.78 -80.91
N SER BA 203 95.59 -73.97 -80.39
CA SER BA 203 95.87 -75.12 -81.15
C SER BA 203 95.06 -76.22 -80.54
N PRO BA 204 94.81 -77.26 -81.32
CA PRO BA 204 93.91 -78.32 -80.89
C PRO BA 204 94.28 -78.91 -79.52
N VAL BA 205 93.26 -79.13 -78.69
CA VAL BA 205 93.43 -79.75 -77.39
C VAL BA 205 93.04 -81.20 -77.51
N THR BA 206 93.86 -82.09 -76.96
CA THR BA 206 93.54 -83.51 -76.96
C THR BA 206 93.38 -84.03 -75.53
N LYS BA 207 92.29 -84.75 -75.29
CA LYS BA 207 92.12 -85.50 -74.07
C LYS BA 207 92.06 -86.95 -74.46
N SER BA 208 92.76 -87.81 -73.74
CA SER BA 208 92.71 -89.22 -74.08
C SER BA 208 92.80 -90.12 -72.86
N PHE BA 209 92.66 -91.41 -73.10
CA PHE BA 209 92.89 -92.41 -72.07
C PHE BA 209 93.39 -93.71 -72.68
N ASN BA 210 93.99 -94.55 -71.86
CA ASN BA 210 94.41 -95.88 -72.29
C ASN BA 210 93.41 -96.89 -71.77
N ARG BA 211 92.92 -97.76 -72.65
CA ARG BA 211 91.90 -98.73 -72.29
C ARG BA 211 92.32 -99.60 -71.10
N GLY BA 212 91.44 -99.67 -70.10
CA GLY BA 212 91.69 -100.45 -68.89
C GLY BA 212 92.71 -99.86 -67.93
N GLU BA 213 92.70 -98.54 -67.78
CA GLU BA 213 93.61 -97.85 -66.87
C GLU BA 213 92.85 -96.82 -66.04
N VAL CA 2 54.37 -30.70 -50.98
CA VAL CA 2 54.34 -29.67 -52.00
C VAL CA 2 55.75 -29.09 -52.10
N GLN CA 3 56.15 -28.71 -53.31
CA GLN CA 3 57.44 -28.09 -53.56
C GLN CA 3 57.20 -26.77 -54.25
N LEU CA 4 58.07 -25.79 -54.00
CA LEU CA 4 57.88 -24.46 -54.57
C LEU CA 4 59.11 -24.07 -55.36
N GLN CA 5 58.91 -23.32 -56.44
CA GLN CA 5 60.05 -22.79 -57.19
C GLN CA 5 59.81 -21.40 -57.74
N GLU CA 6 60.57 -20.44 -57.25
CA GLU CA 6 60.43 -19.07 -57.70
C GLU CA 6 61.24 -18.85 -58.97
N SER CA 7 60.83 -17.85 -59.73
CA SER CA 7 61.56 -17.39 -60.91
C SER CA 7 61.15 -15.95 -61.20
N GLY CA 8 61.87 -15.28 -62.11
CA GLY CA 8 61.49 -13.95 -62.57
C GLY CA 8 62.40 -12.85 -62.07
N GLY CA 9 63.30 -13.19 -61.17
CA GLY CA 9 64.23 -12.25 -60.58
C GLY CA 9 65.19 -11.76 -61.61
N GLY CA 10 65.78 -10.60 -61.35
CA GLY CA 10 66.79 -10.06 -62.24
C GLY CA 10 67.15 -8.68 -61.78
N LEU CA 11 67.90 -8.00 -62.62
CA LEU CA 11 68.32 -6.64 -62.37
C LEU CA 11 67.34 -5.65 -63.02
N VAL CA 12 66.89 -4.65 -62.27
CA VAL CA 12 66.00 -3.64 -62.84
C VAL CA 12 66.34 -2.25 -62.32
N GLN CA 13 66.02 -1.22 -63.10
CA GLN CA 13 66.28 0.16 -62.71
C GLN CA 13 65.30 0.57 -61.60
N PRO CA 14 65.71 1.49 -60.71
CA PRO CA 14 64.72 2.00 -59.76
C PRO CA 14 63.58 2.65 -60.53
N GLY CA 15 62.35 2.43 -60.08
CA GLY CA 15 61.17 2.97 -60.75
C GLY CA 15 60.52 1.97 -61.68
N GLU CA 16 61.26 0.98 -62.15
CA GLU CA 16 60.70 0.00 -63.08
C GLU CA 16 59.83 -1.02 -62.35
N SER CA 17 59.22 -1.92 -63.12
CA SER CA 17 58.34 -2.95 -62.59
C SER CA 17 58.93 -4.31 -62.91
N LEU CA 18 58.43 -5.34 -62.22
CA LEU CA 18 58.93 -6.70 -62.39
C LEU CA 18 57.93 -7.67 -61.80
N ARG CA 19 57.73 -8.81 -62.46
N ARG CA 19 57.70 -8.79 -62.46
CA ARG CA 19 56.74 -9.80 -62.03
CA ARG CA 19 56.71 -9.77 -62.01
C ARG CA 19 57.42 -11.10 -61.67
C ARG CA 19 57.42 -11.09 -61.67
N LEU CA 20 57.31 -11.49 -60.41
CA LEU CA 20 57.87 -12.75 -59.93
C LEU CA 20 56.78 -13.81 -60.00
N SER CA 21 57.17 -15.05 -60.26
N SER CA 21 57.20 -15.05 -60.22
CA SER CA 21 56.22 -16.16 -60.20
CA SER CA 21 56.29 -16.20 -60.25
C SER CA 21 56.79 -17.32 -59.40
C SER CA 21 56.78 -17.26 -59.28
N CYS CA 22 55.90 -18.17 -58.89
CA CYS CA 22 56.30 -19.30 -58.05
C CYS CA 22 55.43 -20.48 -58.43
N VAL CA 23 56.03 -21.60 -58.81
CA VAL CA 23 55.25 -22.74 -59.27
C VAL CA 23 55.28 -23.85 -58.23
N GLY CA 24 54.10 -24.35 -57.89
CA GLY CA 24 53.97 -25.46 -56.98
C GLY CA 24 53.98 -26.77 -57.74
N SER CA 25 54.60 -27.80 -57.17
CA SER CA 25 54.57 -29.15 -57.70
C SER CA 25 54.48 -30.14 -56.54
N GLY CA 26 54.59 -31.43 -56.81
CA GLY CA 26 54.43 -32.42 -55.77
C GLY CA 26 53.06 -32.38 -55.15
N SER CA 27 52.91 -32.96 -53.97
CA SER CA 27 51.62 -32.97 -53.29
C SER CA 27 51.79 -33.39 -51.83
N SER CA 28 50.80 -32.99 -51.02
CA SER CA 28 50.76 -33.27 -49.58
C SER CA 28 49.59 -34.21 -49.24
N PHE CA 29 49.07 -34.12 -48.01
CA PHE CA 29 48.02 -35.02 -47.56
C PHE CA 29 46.82 -34.94 -48.45
N GLY CA 30 46.23 -36.12 -48.65
CA GLY CA 30 45.10 -36.29 -49.52
C GLY CA 30 45.45 -35.85 -50.93
N GLU CA 31 46.69 -35.96 -51.35
CA GLU CA 31 47.05 -35.51 -52.69
C GLU CA 31 46.72 -34.03 -52.93
N SER CA 32 46.74 -33.22 -51.87
CA SER CA 32 46.50 -31.78 -51.93
C SER CA 32 47.65 -31.08 -52.65
N THR CA 33 47.34 -30.02 -53.40
CA THR CA 33 48.37 -29.26 -54.08
C THR CA 33 48.39 -27.84 -53.53
N LEU CA 34 49.25 -27.00 -54.07
CA LEU CA 34 49.45 -25.64 -53.57
C LEU CA 34 48.14 -24.86 -53.50
N SER CA 35 47.22 -25.15 -54.42
CA SER CA 35 45.98 -24.39 -54.50
C SER CA 35 45.03 -24.68 -53.34
N TYR CA 36 45.40 -25.61 -52.46
CA TYR CA 36 44.64 -25.86 -51.24
C TYR CA 36 45.11 -24.99 -50.09
N TYR CA 37 46.22 -24.27 -50.24
CA TYR CA 37 46.85 -23.58 -49.12
C TYR CA 37 47.00 -22.09 -49.35
N ALA CA 38 47.01 -21.34 -48.25
CA ALA CA 38 47.42 -19.95 -48.27
C ALA CA 38 48.94 -19.88 -48.42
N VAL CA 39 49.42 -18.79 -49.02
CA VAL CA 39 50.81 -18.65 -49.36
C VAL CA 39 51.23 -17.20 -49.13
N SER CA 40 52.47 -16.99 -48.70
CA SER CA 40 53.00 -15.66 -48.51
C SER CA 40 54.26 -15.47 -49.34
N TRP CA 41 54.62 -14.21 -49.59
CA TRP CA 41 55.93 -13.86 -50.09
C TRP CA 41 56.72 -13.25 -48.94
N VAL CA 42 57.99 -13.62 -48.83
CA VAL CA 42 58.86 -13.18 -47.75
C VAL CA 42 60.19 -12.88 -48.41
N ARG CA 43 60.90 -11.83 -48.01
CA ARG CA 43 62.18 -11.53 -48.65
C ARG CA 43 63.30 -11.36 -47.66
N GLN CA 44 64.52 -11.37 -48.18
CA GLN CA 44 65.71 -11.29 -47.35
C GLN CA 44 66.76 -10.45 -48.05
N ALA CA 45 67.02 -9.27 -47.51
CA ALA CA 45 68.00 -8.37 -48.09
C ALA CA 45 69.40 -8.93 -47.85
N PRO CA 46 70.39 -8.49 -48.64
CA PRO CA 46 71.72 -9.08 -48.53
C PRO CA 46 72.27 -8.97 -47.10
N GLY CA 47 72.67 -10.10 -46.53
CA GLY CA 47 73.22 -10.12 -45.20
C GLY CA 47 72.24 -9.87 -44.06
N LYS CA 48 70.94 -9.78 -44.37
CA LYS CA 48 69.93 -9.44 -43.36
C LYS CA 48 69.01 -10.62 -43.05
N GLY CA 49 68.01 -10.39 -42.20
CA GLY CA 49 67.04 -11.40 -41.85
C GLY CA 49 65.86 -11.47 -42.80
N LEU CA 50 64.77 -12.04 -42.31
CA LEU CA 50 63.59 -12.29 -43.13
C LEU CA 50 62.49 -11.25 -42.88
N GLU CA 51 61.84 -10.81 -43.95
CA GLU CA 51 60.77 -9.83 -43.88
C GLU CA 51 59.54 -10.31 -44.64
N TRP CA 52 58.43 -10.49 -43.93
CA TRP CA 52 57.18 -10.88 -44.57
C TRP CA 52 56.64 -9.72 -45.38
N LEU CA 53 56.17 -10.03 -46.59
CA LEU CA 53 55.66 -9.02 -47.52
C LEU CA 53 54.17 -9.09 -47.71
N SER CA 54 53.63 -10.29 -47.95
CA SER CA 54 52.26 -10.40 -48.38
C SER CA 54 51.74 -11.81 -48.25
N ILE CA 55 50.44 -11.93 -48.07
CA ILE CA 55 49.78 -13.22 -47.95
C ILE CA 55 48.54 -13.25 -48.82
N ILE CA 56 48.20 -14.43 -49.32
CA ILE CA 56 46.98 -14.63 -50.09
C ILE CA 56 46.42 -16.01 -49.75
N ASN CA 57 45.11 -16.09 -49.55
CA ASN CA 57 44.47 -17.33 -49.15
C ASN CA 57 44.33 -18.25 -50.35
N ALA CA 58 44.05 -19.53 -50.10
CA ALA CA 58 43.97 -20.53 -51.15
C ALA CA 58 43.06 -20.10 -52.30
N GLY CA 59 41.90 -19.52 -51.97
CA GLY CA 59 40.93 -19.15 -52.99
C GLY CA 59 41.14 -17.77 -53.58
N GLY CA 60 42.21 -17.09 -53.18
CA GLY CA 60 42.57 -15.81 -53.76
C GLY CA 60 42.25 -14.59 -52.90
N GLY CA 61 41.57 -14.81 -51.78
CA GLY CA 61 41.12 -13.73 -50.91
C GLY CA 61 41.97 -13.51 -49.68
N ASP CA 62 41.47 -12.66 -48.79
CA ASP CA 62 42.10 -12.38 -47.50
C ASP CA 62 43.52 -11.90 -47.67
N ILE CA 63 43.75 -11.11 -48.71
CA ILE CA 63 45.07 -10.59 -49.01
C ILE CA 63 45.45 -9.50 -48.01
N ASP CA 64 46.71 -9.49 -47.59
CA ASP CA 64 47.24 -8.37 -46.81
C ASP CA 64 48.71 -8.15 -47.17
N TYR CA 65 49.22 -6.95 -46.89
CA TYR CA 65 50.59 -6.56 -47.24
C TYR CA 65 51.31 -5.91 -46.05
N ALA CA 66 52.63 -6.08 -45.97
CA ALA CA 66 53.46 -5.31 -45.05
C ALA CA 66 53.46 -3.87 -45.50
N ASP CA 67 53.56 -2.94 -44.56
CA ASP CA 67 53.53 -1.52 -44.88
C ASP CA 67 54.61 -1.15 -45.90
N SER CA 68 55.75 -1.84 -45.87
CA SER CA 68 56.84 -1.43 -46.73
C SER CA 68 56.59 -1.61 -48.23
N VAL CA 69 55.65 -2.47 -48.61
CA VAL CA 69 55.31 -2.70 -50.02
C VAL CA 69 53.84 -2.54 -50.43
N GLU CA 70 52.96 -2.19 -49.49
CA GLU CA 70 51.54 -2.03 -49.79
C GLU CA 70 51.39 -0.93 -50.83
N GLY CA 71 50.63 -1.13 -51.91
CA GLY CA 71 50.39 -0.05 -52.87
C GLY CA 71 51.32 0.00 -54.06
N ARG CA 72 52.35 -0.81 -53.98
CA ARG CA 72 53.34 -0.96 -55.02
C ARG CA 72 53.30 -2.43 -55.45
N PHE CA 73 53.14 -3.36 -54.50
CA PHE CA 73 53.14 -4.77 -54.82
C PHE CA 73 51.71 -5.29 -54.79
N THR CA 74 51.46 -6.28 -55.64
CA THR CA 74 50.17 -6.94 -55.74
C THR CA 74 50.38 -8.44 -55.77
N ILE CA 75 49.76 -9.15 -54.84
CA ILE CA 75 49.85 -10.61 -54.81
C ILE CA 75 48.64 -11.23 -55.49
N SER CA 76 48.87 -12.31 -56.23
CA SER CA 76 47.78 -13.02 -56.88
C SER CA 76 48.16 -14.48 -57.12
N ARG CA 77 47.22 -15.28 -57.59
CA ARG CA 77 47.52 -16.67 -57.91
C ARG CA 77 46.61 -17.23 -59.00
N ASP CA 78 47.14 -18.17 -59.78
CA ASP CA 78 46.36 -18.91 -60.75
C ASP CA 78 46.41 -20.38 -60.37
N ASN CA 79 45.36 -20.85 -59.73
CA ASN CA 79 45.34 -22.20 -59.19
C ASN CA 79 45.27 -23.26 -60.30
N SER CA 80 44.77 -22.89 -61.47
CA SER CA 80 44.75 -23.83 -62.59
C SER CA 80 46.18 -24.19 -63.04
N LYS CA 81 47.13 -23.29 -62.79
CA LYS CA 81 48.54 -23.53 -63.11
C LYS CA 81 49.35 -23.81 -61.83
N GLU CA 82 48.68 -23.85 -60.69
CA GLU CA 82 49.33 -23.97 -59.39
C GLU CA 82 50.48 -22.97 -59.24
N THR CA 83 50.23 -21.72 -59.65
CA THR CA 83 51.25 -20.67 -59.67
C THR CA 83 50.83 -19.44 -58.86
N LEU CA 84 51.78 -18.86 -58.13
CA LEU CA 84 51.59 -17.61 -57.42
C LEU CA 84 52.40 -16.53 -58.10
N TYR CA 85 51.94 -15.29 -58.00
CA TYR CA 85 52.58 -14.16 -58.62
C TYR CA 85 52.73 -13.02 -57.62
N LEU CA 86 53.82 -12.26 -57.76
CA LEU CA 86 53.98 -11.00 -57.07
C LEU CA 86 54.36 -9.94 -58.10
N GLN CA 87 53.45 -9.03 -58.37
CA GLN CA 87 53.68 -7.93 -59.28
C GLN CA 87 54.22 -6.76 -58.49
N MET CA 88 55.47 -6.40 -58.74
CA MET CA 88 56.12 -5.29 -58.07
C MET CA 88 56.15 -4.10 -59.01
N THR CA 89 55.81 -2.92 -58.50
CA THR CA 89 55.94 -1.69 -59.28
C THR CA 89 56.68 -0.65 -58.47
N ASN CA 90 57.14 0.40 -59.15
N ASN CA 90 57.12 0.42 -59.15
CA ASN CA 90 57.85 1.51 -58.51
CA ASN CA 90 57.83 1.53 -58.50
C ASN CA 90 58.92 1.01 -57.55
C ASN CA 90 58.91 1.00 -57.54
N LEU CA 91 59.73 0.07 -58.04
CA LEU CA 91 60.77 -0.55 -57.23
C LEU CA 91 61.80 0.47 -56.76
N ARG CA 92 62.36 0.23 -55.58
CA ARG CA 92 63.44 1.08 -55.06
C ARG CA 92 64.65 0.24 -54.69
N VAL CA 93 65.77 0.91 -54.45
CA VAL CA 93 67.04 0.25 -54.13
C VAL CA 93 66.90 -0.70 -52.93
N GLU CA 94 66.07 -0.33 -51.96
CA GLU CA 94 65.96 -1.14 -50.74
C GLU CA 94 65.03 -2.34 -50.92
N ASP CA 95 64.46 -2.52 -52.13
CA ASP CA 95 63.71 -3.72 -52.45
C ASP CA 95 64.66 -4.83 -52.89
N THR CA 96 65.95 -4.52 -52.98
CA THR CA 96 66.94 -5.50 -53.36
C THR CA 96 66.97 -6.65 -52.36
N GLY CA 97 67.01 -7.88 -52.87
CA GLY CA 97 67.12 -9.06 -52.02
C GLY CA 97 66.63 -10.33 -52.66
N VAL CA 98 66.66 -11.42 -51.89
CA VAL CA 98 66.14 -12.71 -52.34
C VAL CA 98 64.66 -12.81 -51.96
N TYR CA 99 63.82 -13.18 -52.93
CA TYR CA 99 62.40 -13.33 -52.73
C TYR CA 99 61.99 -14.80 -52.71
N TYR CA 100 61.33 -15.20 -51.63
CA TYR CA 100 60.83 -16.55 -51.43
C TYR CA 100 59.30 -16.54 -51.45
N CYS CA 101 58.67 -17.54 -52.05
CA CYS CA 101 57.26 -17.81 -51.76
C CYS CA 101 57.21 -18.97 -50.76
N ALA CA 102 56.28 -18.93 -49.82
CA ALA CA 102 56.29 -19.82 -48.66
C ALA CA 102 54.87 -20.24 -48.31
N LYS CA 103 54.63 -21.54 -48.29
CA LYS CA 103 53.30 -22.08 -48.02
C LYS CA 103 53.01 -22.18 -46.53
N HIS CA 104 51.80 -21.75 -46.13
CA HIS CA 104 51.35 -21.88 -44.76
C HIS CA 104 50.82 -23.30 -44.60
N MET CA 105 50.98 -23.91 -43.42
CA MET CA 105 50.68 -25.35 -43.33
C MET CA 105 49.19 -25.75 -43.28
N SER CA 106 48.31 -24.92 -42.72
CA SER CA 106 46.92 -25.36 -42.56
C SER CA 106 46.21 -25.36 -43.91
N MET CA 107 45.51 -26.45 -44.19
CA MET CA 107 44.71 -26.54 -45.40
C MET CA 107 43.57 -25.52 -45.36
N GLN CA 108 43.43 -24.75 -46.44
CA GLN CA 108 42.45 -23.66 -46.45
C GLN CA 108 41.24 -23.90 -47.33
N GLN CA 109 41.37 -24.75 -48.35
CA GLN CA 109 40.22 -25.11 -49.16
C GLN CA 109 40.35 -26.45 -49.85
N VAL CA 110 39.21 -27.09 -50.10
CA VAL CA 110 39.16 -28.30 -50.91
C VAL CA 110 38.07 -28.11 -51.97
N VAL CA 111 38.49 -27.81 -53.20
CA VAL CA 111 37.55 -27.49 -54.30
C VAL CA 111 36.63 -28.63 -54.62
N SER CA 112 37.16 -29.84 -54.59
CA SER CA 112 36.38 -31.00 -54.95
C SER CA 112 35.28 -31.10 -53.88
N ALA CA 113 35.47 -30.40 -52.75
CA ALA CA 113 34.52 -30.35 -51.67
C ALA CA 113 33.70 -29.11 -51.37
N GLY CA 114 33.87 -28.10 -52.18
CA GLY CA 114 33.23 -26.87 -51.85
C GLY CA 114 33.56 -26.47 -50.45
N TRP CA 115 34.69 -26.92 -49.91
CA TRP CA 115 35.02 -26.53 -48.56
C TRP CA 115 36.04 -25.45 -48.59
N GLU CA 116 35.81 -24.52 -47.70
CA GLU CA 116 36.74 -23.45 -47.49
C GLU CA 116 36.82 -23.17 -46.01
N ARG CA 117 38.03 -23.22 -45.46
CA ARG CA 117 38.20 -22.88 -44.08
C ARG CA 117 37.66 -21.48 -43.88
N ALA CA 118 36.97 -21.29 -42.77
CA ALA CA 118 36.34 -20.01 -42.46
C ALA CA 118 37.32 -18.87 -42.28
N ASP CA 119 38.47 -19.22 -41.72
CA ASP CA 119 39.47 -18.24 -41.36
C ASP CA 119 40.79 -18.55 -42.04
N LEU CA 120 41.56 -17.50 -42.28
CA LEU CA 120 42.92 -17.66 -42.77
C LEU CA 120 43.84 -17.86 -41.58
N VAL CA 121 44.36 -19.07 -41.44
CA VAL CA 121 45.19 -19.40 -40.28
C VAL CA 121 46.53 -18.69 -40.34
N GLY CA 122 47.22 -18.81 -41.47
CA GLY CA 122 48.52 -18.14 -41.61
C GLY CA 122 49.56 -18.71 -40.64
N ASP CA 123 49.49 -20.01 -40.39
CA ASP CA 123 50.45 -20.70 -39.51
C ASP CA 123 51.78 -20.94 -40.21
N ALA CA 124 52.59 -21.86 -39.69
CA ALA CA 124 54.00 -21.94 -40.01
C ALA CA 124 54.27 -22.18 -41.48
N PHE CA 125 55.38 -21.63 -41.96
CA PHE CA 125 55.78 -21.82 -43.34
C PHE CA 125 56.48 -23.16 -43.48
N ASP CA 126 55.73 -24.18 -43.86
CA ASP CA 126 56.28 -25.53 -43.88
C ASP CA 126 57.07 -25.87 -45.15
N VAL CA 127 56.85 -25.08 -46.21
CA VAL CA 127 57.62 -25.23 -47.44
C VAL CA 127 58.04 -23.88 -48.02
N TRP CA 128 59.33 -23.76 -48.33
CA TRP CA 128 59.85 -22.57 -48.97
C TRP CA 128 60.45 -22.98 -50.30
N GLY CA 129 60.42 -22.05 -51.25
CA GLY CA 129 61.14 -22.23 -52.49
C GLY CA 129 62.61 -21.95 -52.23
N GLN CA 130 63.42 -22.01 -53.30
CA GLN CA 130 64.86 -21.76 -53.19
C GLN CA 130 65.19 -20.27 -53.26
N GLY CA 131 64.21 -19.46 -53.63
CA GLY CA 131 64.34 -18.03 -53.67
C GLY CA 131 64.76 -17.57 -55.05
N THR CA 132 64.42 -16.32 -55.39
CA THR CA 132 64.83 -15.71 -56.63
C THR CA 132 65.41 -14.32 -56.38
N MET CA 133 66.53 -14.00 -57.00
CA MET CA 133 67.22 -12.75 -56.67
C MET CA 133 66.71 -11.55 -57.45
N VAL CA 134 66.38 -10.48 -56.73
CA VAL CA 134 66.00 -9.21 -57.32
C VAL CA 134 67.04 -8.18 -56.92
N THR CA 135 67.65 -7.53 -57.91
CA THR CA 135 68.57 -6.42 -57.67
C THR CA 135 68.04 -5.16 -58.29
N VAL CA 136 67.88 -4.10 -57.50
CA VAL CA 136 67.40 -2.87 -58.11
C VAL CA 136 68.57 -1.87 -58.07
N SER CA 137 69.15 -1.62 -59.24
CA SER CA 137 70.33 -0.76 -59.39
C SER CA 137 70.37 -0.20 -60.79
N SER CA 138 70.91 1.00 -61.03
CA SER CA 138 71.00 1.37 -62.43
C SER CA 138 72.19 0.68 -63.07
N ALA CA 139 71.98 -0.43 -63.79
CA ALA CA 139 73.11 -1.17 -64.32
C ALA CA 139 72.70 -2.14 -65.43
N SER CA 140 73.55 -2.37 -66.42
CA SER CA 140 73.22 -3.33 -67.49
C SER CA 140 73.70 -4.75 -67.13
N THR CA 141 73.03 -5.80 -67.60
CA THR CA 141 73.48 -7.18 -67.36
C THR CA 141 74.80 -7.45 -68.09
N LYS CA 142 75.73 -8.19 -67.50
CA LYS CA 142 76.88 -8.70 -68.25
C LYS CA 142 77.09 -10.18 -67.92
N GLY CA 143 77.23 -11.00 -68.95
CA GLY CA 143 77.41 -12.42 -68.72
C GLY CA 143 78.85 -12.77 -68.40
N PRO CA 144 79.06 -13.88 -67.69
CA PRO CA 144 80.39 -14.26 -67.21
C PRO CA 144 81.29 -14.87 -68.29
N SER CA 145 82.59 -14.63 -68.15
CA SER CA 145 83.59 -15.42 -68.86
C SER CA 145 83.98 -16.60 -67.96
N VAL CA 146 84.12 -17.78 -68.53
CA VAL CA 146 84.47 -18.96 -67.75
C VAL CA 146 85.82 -19.46 -68.21
N PHE CA 147 86.77 -19.50 -67.29
CA PHE CA 147 88.13 -19.94 -67.59
C PHE CA 147 88.48 -21.16 -66.75
N PRO CA 148 89.23 -22.12 -67.32
CA PRO CA 148 89.55 -23.28 -66.48
C PRO CA 148 90.65 -22.98 -65.45
N LEU CA 149 90.53 -23.58 -64.27
CA LEU CA 149 91.60 -23.60 -63.28
C LEU CA 149 92.13 -25.01 -63.37
N ALA CA 150 93.29 -25.13 -64.02
CA ALA CA 150 93.79 -26.40 -64.50
C ALA CA 150 94.72 -27.06 -63.48
N PRO CA 151 94.47 -28.34 -63.16
CA PRO CA 151 95.39 -29.05 -62.28
C PRO CA 151 96.72 -29.25 -62.99
N SER CA 152 97.83 -29.22 -62.24
CA SER CA 152 99.16 -29.34 -62.82
C SER CA 152 99.97 -30.36 -62.05
N SER CA 153 101.03 -30.88 -62.66
CA SER CA 153 101.92 -31.80 -61.98
C SER CA 153 102.55 -31.03 -60.81
N LYS CA 154 102.69 -31.69 -59.66
CA LYS CA 154 103.24 -31.11 -58.42
C LYS CA 154 102.12 -30.38 -57.65
N SER CA 155 100.89 -30.35 -58.18
CA SER CA 155 99.79 -29.69 -57.49
C SER CA 155 99.21 -30.56 -56.37
N THR CA 156 99.61 -31.83 -56.29
CA THR CA 156 99.10 -32.71 -55.27
C THR CA 156 99.42 -32.17 -53.87
N SER CA 157 98.39 -32.12 -53.02
CA SER CA 157 98.54 -31.66 -51.64
C SER CA 157 97.53 -32.45 -50.82
N GLY CA 158 97.95 -32.98 -49.68
CA GLY CA 158 97.24 -34.08 -49.08
C GLY CA 158 97.47 -35.22 -50.05
N GLY CA 159 96.47 -36.06 -50.27
CA GLY CA 159 96.56 -37.07 -51.32
C GLY CA 159 95.68 -36.74 -52.52
N THR CA 160 95.27 -35.47 -52.65
CA THR CA 160 94.24 -35.08 -53.62
C THR CA 160 94.78 -34.01 -54.58
N ALA CA 161 94.09 -33.87 -55.70
CA ALA CA 161 94.33 -32.82 -56.68
C ALA CA 161 93.13 -31.89 -56.71
N ALA CA 162 93.33 -30.65 -57.13
CA ALA CA 162 92.24 -29.69 -57.25
C ALA CA 162 92.14 -29.09 -58.66
N LEU CA 163 90.90 -28.88 -59.11
CA LEU CA 163 90.65 -28.19 -60.39
C LEU CA 163 89.39 -27.36 -60.25
N GLY CA 164 89.12 -26.46 -61.19
CA GLY CA 164 87.99 -25.57 -61.00
C GLY CA 164 87.64 -24.71 -62.20
N CYS CA 165 86.71 -23.77 -62.00
CA CYS CA 165 86.34 -22.82 -63.02
C CYS CA 165 86.34 -21.44 -62.39
N LEU CA 166 86.91 -20.47 -63.08
CA LEU CA 166 86.86 -19.08 -62.68
C LEU CA 166 85.76 -18.40 -63.49
N VAL CA 167 84.71 -17.99 -62.79
CA VAL CA 167 83.58 -17.31 -63.40
C VAL CA 167 83.72 -15.83 -63.11
N LYS CA 168 84.14 -15.07 -64.12
CA LYS CA 168 84.65 -13.73 -63.93
C LYS CA 168 83.82 -12.68 -64.67
N ASP CA 169 83.68 -11.51 -64.04
CA ASP CA 169 83.14 -10.32 -64.69
C ASP CA 169 81.70 -10.43 -65.15
N TYR CA 170 80.80 -10.66 -64.21
CA TYR CA 170 79.38 -10.74 -64.53
C TYR CA 170 78.57 -9.84 -63.62
N PHE CA 171 77.36 -9.51 -64.03
CA PHE CA 171 76.47 -8.72 -63.20
C PHE CA 171 75.07 -8.98 -63.73
N PRO CA 172 74.07 -9.10 -62.84
CA PRO CA 172 74.16 -9.07 -61.39
C PRO CA 172 74.33 -10.47 -60.87
N GLU CA 173 74.21 -10.61 -59.55
CA GLU CA 173 74.12 -11.92 -58.95
C GLU CA 173 72.75 -12.51 -59.31
N PRO CA 174 72.64 -13.85 -59.34
CA PRO CA 174 73.66 -14.84 -59.03
C PRO CA 174 74.03 -15.71 -60.21
N VAL CA 175 75.07 -16.51 -60.08
CA VAL CA 175 75.39 -17.56 -61.05
C VAL CA 175 75.30 -18.88 -60.30
N THR CA 176 74.81 -19.92 -60.95
CA THR CA 176 74.83 -21.27 -60.38
C THR CA 176 75.92 -22.07 -61.10
N VAL CA 177 76.62 -22.92 -60.35
CA VAL CA 177 77.64 -23.80 -60.95
C VAL CA 177 77.39 -25.23 -60.52
N SER CA 178 77.41 -26.14 -61.49
CA SER CA 178 77.39 -27.58 -61.23
C SER CA 178 78.56 -28.23 -61.96
N TRP CA 179 78.81 -29.52 -61.70
CA TRP CA 179 79.94 -30.21 -62.34
C TRP CA 179 79.45 -31.49 -62.99
N ASN CA 180 79.84 -31.70 -64.25
CA ASN CA 180 79.39 -32.83 -65.04
C ASN CA 180 77.89 -32.97 -64.98
N SER CA 181 77.19 -31.85 -65.14
CA SER CA 181 75.72 -31.84 -65.23
C SER CA 181 75.07 -32.34 -63.94
N GLY CA 182 75.81 -32.29 -62.83
CA GLY CA 182 75.32 -32.71 -61.53
C GLY CA 182 75.70 -34.12 -61.11
N ALA CA 183 76.43 -34.85 -61.95
CA ALA CA 183 76.88 -36.19 -61.60
C ALA CA 183 78.02 -36.16 -60.57
N LEU CA 184 78.74 -35.04 -60.51
CA LEU CA 184 79.86 -34.86 -59.58
C LEU CA 184 79.49 -33.79 -58.57
N THR CA 185 79.38 -34.21 -57.32
CA THR CA 185 78.98 -33.34 -56.21
C THR CA 185 79.95 -33.38 -55.01
N SER CA 186 80.38 -34.56 -54.60
N SER CA 186 80.55 -34.54 -54.76
CA SER CA 186 81.37 -34.70 -53.54
CA SER CA 186 81.48 -34.68 -53.65
C SER CA 186 82.64 -33.85 -53.77
C SER CA 186 82.72 -33.83 -53.80
N GLY CA 187 83.01 -33.08 -52.74
CA GLY CA 187 84.23 -32.30 -52.70
C GLY CA 187 84.20 -31.01 -53.50
N VAL CA 188 83.01 -30.53 -53.82
CA VAL CA 188 82.82 -29.29 -54.55
C VAL CA 188 82.64 -28.10 -53.61
N HIS CA 189 83.35 -27.01 -53.89
CA HIS CA 189 83.16 -25.74 -53.20
C HIS CA 189 82.92 -24.64 -54.20
N THR CA 190 81.79 -23.96 -54.10
CA THR CA 190 81.56 -22.78 -54.93
C THR CA 190 81.60 -21.60 -53.99
N PHE CA 191 82.61 -20.76 -54.20
CA PHE CA 191 82.87 -19.65 -53.30
C PHE CA 191 81.84 -18.53 -53.48
N PRO CA 192 81.55 -17.79 -52.39
CA PRO CA 192 80.74 -16.58 -52.52
C PRO CA 192 81.38 -15.61 -53.51
N ALA CA 193 80.56 -14.93 -54.30
CA ALA CA 193 81.06 -13.96 -55.25
C ALA CA 193 81.69 -12.77 -54.52
N VAL CA 194 82.70 -12.18 -55.15
CA VAL CA 194 83.32 -10.96 -54.64
C VAL CA 194 83.08 -9.86 -55.66
N LEU CA 195 82.70 -8.68 -55.17
CA LEU CA 195 82.55 -7.52 -56.03
C LEU CA 195 83.92 -6.91 -56.32
N GLN CA 196 84.25 -6.76 -57.60
CA GLN CA 196 85.53 -6.17 -57.99
C GLN CA 196 85.40 -4.66 -58.13
N SER CA 197 86.54 -3.99 -58.27
CA SER CA 197 86.55 -2.54 -58.41
C SER CA 197 85.80 -2.08 -59.67
N SER CA 198 85.84 -2.91 -60.71
CA SER CA 198 85.11 -2.65 -61.95
C SER CA 198 83.59 -2.58 -61.74
N GLY CA 199 83.11 -3.05 -60.60
CA GLY CA 199 81.68 -3.12 -60.35
C GLY CA 199 81.09 -4.46 -60.79
N LEU CA 200 81.93 -5.37 -61.28
CA LEU CA 200 81.48 -6.70 -61.70
C LEU CA 200 81.88 -7.75 -60.68
N TYR CA 201 81.10 -8.82 -60.61
CA TYR CA 201 81.37 -9.92 -59.70
C TYR CA 201 82.31 -10.96 -60.30
N SER CA 202 83.00 -11.67 -59.42
CA SER CA 202 83.88 -12.76 -59.80
C SER CA 202 83.73 -13.83 -58.73
N LEU CA 203 83.83 -15.08 -59.14
CA LEU CA 203 83.61 -16.22 -58.24
C LEU CA 203 84.43 -17.38 -58.77
N SER CA 204 84.83 -18.27 -57.86
CA SER CA 204 85.52 -19.49 -58.25
C SER CA 204 84.76 -20.70 -57.74
N SER CA 205 84.80 -21.78 -58.51
CA SER CA 205 84.31 -23.07 -58.08
C SER CA 205 85.47 -24.05 -58.21
N VAL CA 206 85.71 -24.87 -57.19
CA VAL CA 206 86.79 -25.83 -57.22
C VAL CA 206 86.27 -27.19 -56.76
N VAL CA 207 86.96 -28.27 -57.12
CA VAL CA 207 86.59 -29.59 -56.68
C VAL CA 207 87.87 -30.38 -56.40
N THR CA 208 87.90 -31.21 -55.36
CA THR CA 208 89.09 -32.01 -55.14
C THR CA 208 88.72 -33.42 -55.53
N VAL CA 209 89.58 -33.90 -56.41
CA VAL CA 209 89.50 -35.20 -57.01
C VAL CA 209 90.82 -36.03 -56.95
N PRO CA 210 90.75 -37.36 -56.68
CA PRO CA 210 91.95 -38.21 -56.64
C PRO CA 210 92.82 -37.92 -57.87
N SER CA 211 94.15 -37.93 -57.90
CA SER CA 211 94.85 -37.60 -59.16
C SER CA 211 94.63 -38.61 -60.33
N SER CA 212 94.70 -39.88 -59.96
CA SER CA 212 94.60 -40.98 -60.92
C SER CA 212 93.23 -40.97 -61.61
N SER CA 213 92.16 -40.92 -60.82
CA SER CA 213 90.81 -40.86 -61.38
C SER CA 213 90.65 -39.65 -62.32
N LEU CA 214 91.51 -38.64 -62.17
CA LEU CA 214 91.40 -37.44 -63.00
C LEU CA 214 91.89 -37.67 -64.36
N GLY CA 215 93.04 -38.33 -64.39
CA GLY CA 215 93.52 -38.74 -65.68
C GLY CA 215 92.47 -39.51 -66.42
N THR CA 216 91.86 -40.43 -65.70
CA THR CA 216 90.87 -41.32 -66.31
C THR CA 216 89.53 -40.70 -66.60
N GLN CA 217 89.21 -39.59 -65.95
CA GLN CA 217 87.89 -38.98 -66.13
C GLN CA 217 87.87 -37.52 -66.53
N THR CA 218 86.70 -37.24 -67.08
CA THR CA 218 86.28 -36.00 -67.72
C THR CA 218 85.57 -34.98 -66.83
N TYR CA 219 86.18 -33.83 -66.55
CA TYR CA 219 85.53 -32.87 -65.64
C TYR CA 219 85.25 -31.57 -66.37
N ILE CA 220 83.95 -31.25 -66.33
CA ILE CA 220 83.33 -30.10 -66.98
C ILE CA 220 82.49 -29.36 -65.97
N CYS CA 221 82.62 -28.04 -65.94
CA CYS CA 221 81.78 -27.22 -65.08
C CYS CA 221 80.70 -26.48 -65.89
N ASN CA 222 79.46 -26.52 -65.38
CA ASN CA 222 78.32 -25.92 -66.05
C ASN CA 222 77.95 -24.63 -65.34
N VAL CA 223 78.12 -23.49 -66.02
CA VAL CA 223 77.86 -22.18 -65.43
C VAL CA 223 76.58 -21.61 -66.02
N ASN CA 224 75.69 -21.16 -65.14
CA ASN CA 224 74.44 -20.55 -65.57
C ASN CA 224 74.26 -19.19 -64.94
N HIS CA 225 74.00 -18.19 -65.79
CA HIS CA 225 73.69 -16.85 -65.33
C HIS CA 225 72.42 -16.41 -66.05
N LYS CA 226 71.28 -16.58 -65.38
CA LYS CA 226 69.97 -16.33 -65.97
C LYS CA 226 69.73 -14.90 -66.48
N PRO CA 227 70.19 -13.89 -65.72
CA PRO CA 227 69.90 -12.52 -66.18
C PRO CA 227 70.45 -12.20 -67.56
N SER CA 228 71.51 -12.90 -67.96
CA SER CA 228 72.12 -12.74 -69.27
C SER CA 228 71.88 -13.91 -70.23
N ASN CA 229 71.01 -14.84 -69.86
CA ASN CA 229 70.72 -16.02 -70.67
C ASN CA 229 71.99 -16.84 -70.99
N THR CA 230 72.98 -16.81 -70.11
CA THR CA 230 74.22 -17.56 -70.30
C THR CA 230 74.12 -19.00 -69.81
N LYS CA 231 74.48 -19.95 -70.66
CA LYS CA 231 74.61 -21.34 -70.26
C LYS CA 231 75.87 -21.85 -70.94
N VAL CA 232 76.92 -22.02 -70.15
CA VAL CA 232 78.23 -22.39 -70.66
C VAL CA 232 78.63 -23.72 -70.05
N ASP CA 233 79.21 -24.59 -70.85
CA ASP CA 233 79.83 -25.79 -70.34
C ASP CA 233 81.30 -25.70 -70.70
N LYS CA 234 82.17 -25.66 -69.71
CA LYS CA 234 83.61 -25.53 -69.94
C LYS CA 234 84.34 -26.76 -69.42
N ARG CA 235 85.03 -27.41 -70.34
CA ARG CA 235 85.84 -28.56 -70.04
C ARG CA 235 87.14 -28.13 -69.37
N VAL CA 236 87.52 -28.86 -68.34
CA VAL CA 236 88.71 -28.54 -67.56
C VAL CA 236 89.71 -29.69 -67.65
N GLU CA 237 90.88 -29.41 -68.21
CA GLU CA 237 91.90 -30.43 -68.46
C GLU CA 237 93.27 -29.93 -67.97
N PRO CA 238 94.17 -30.87 -67.64
CA PRO CA 238 95.52 -30.52 -67.20
C PRO CA 238 96.32 -29.74 -68.24
N LYS CA 239 97.18 -28.83 -67.76
CA LYS CA 239 98.05 -28.04 -68.63
C LYS CA 239 99.12 -28.90 -69.27
N ASP DA 1 53.53 -3.38 -34.88
CA ASP DA 1 54.32 -4.57 -35.27
C ASP DA 1 54.95 -5.22 -34.04
N ILE DA 2 54.82 -6.54 -33.93
CA ILE DA 2 55.43 -7.26 -32.83
C ILE DA 2 56.92 -7.50 -33.12
N GLN DA 3 57.79 -7.13 -32.18
CA GLN DA 3 59.22 -7.32 -32.31
C GLN DA 3 59.63 -8.57 -31.56
N LEU DA 4 60.41 -9.41 -32.23
CA LEU DA 4 61.01 -10.58 -31.63
C LEU DA 4 62.50 -10.33 -31.50
N THR DA 5 63.02 -10.51 -30.29
CA THR DA 5 64.43 -10.28 -29.99
C THR DA 5 65.04 -11.63 -29.68
N GLN DA 6 66.03 -12.03 -30.46
CA GLN DA 6 66.66 -13.32 -30.28
C GLN DA 6 68.02 -13.15 -29.61
N SER DA 7 68.32 -14.00 -28.64
CA SER DA 7 69.68 -13.95 -28.07
C SER DA 7 70.23 -15.36 -27.84
N PRO DA 8 71.58 -15.49 -27.89
CA PRO DA 8 72.48 -14.40 -28.30
C PRO DA 8 72.52 -14.24 -29.83
N SER DA 9 73.20 -13.22 -30.33
CA SER DA 9 73.29 -13.00 -31.78
C SER DA 9 74.05 -14.14 -32.45
N SER DA 10 75.05 -14.65 -31.73
CA SER DA 10 75.92 -15.70 -32.22
C SER DA 10 76.25 -16.54 -31.01
N LEU DA 11 76.28 -17.87 -31.18
CA LEU DA 11 76.60 -18.78 -30.11
C LEU DA 11 77.56 -19.86 -30.58
N SER DA 12 78.62 -20.07 -29.80
CA SER DA 12 79.62 -21.07 -30.12
C SER DA 12 79.46 -22.26 -29.18
N ALA DA 13 79.49 -23.46 -29.73
CA ALA DA 13 79.38 -24.67 -28.92
C ALA DA 13 80.05 -25.86 -29.58
N SER DA 14 80.36 -26.86 -28.77
CA SER DA 14 81.04 -28.07 -29.22
C SER DA 14 80.02 -29.11 -29.66
N VAL DA 15 80.41 -29.95 -30.62
CA VAL DA 15 79.56 -31.06 -31.04
C VAL DA 15 79.18 -31.87 -29.81
N GLY DA 16 77.89 -32.12 -29.64
CA GLY DA 16 77.38 -32.87 -28.52
C GLY DA 16 76.80 -31.98 -27.43
N ASP DA 17 77.07 -30.68 -27.48
CA ASP DA 17 76.55 -29.78 -26.46
C ASP DA 17 75.06 -29.60 -26.56
N ARG DA 18 74.44 -29.45 -25.39
N ARG DA 18 74.44 -29.41 -25.40
CA ARG DA 18 73.04 -29.05 -25.33
CA ARG DA 18 73.03 -29.05 -25.32
C ARG DA 18 73.01 -27.55 -25.48
C ARG DA 18 72.95 -27.54 -25.45
N VAL DA 19 72.26 -27.09 -26.47
CA VAL DA 19 72.24 -25.69 -26.86
C VAL DA 19 70.86 -25.07 -26.72
N THR DA 20 70.79 -23.87 -26.15
CA THR DA 20 69.52 -23.19 -25.95
C THR DA 20 69.56 -21.83 -26.63
N LEU DA 21 68.61 -21.62 -27.53
CA LEU DA 21 68.43 -20.36 -28.25
C LEU DA 21 67.17 -19.73 -27.69
N THR DA 22 67.16 -18.41 -27.50
CA THR DA 22 66.00 -17.75 -26.88
C THR DA 22 65.36 -16.71 -27.82
N CYS DA 23 64.06 -16.54 -27.66
CA CYS DA 23 63.27 -15.56 -28.42
C CYS DA 23 62.40 -14.88 -27.41
N GLN DA 24 62.41 -13.55 -27.40
CA GLN DA 24 61.54 -12.82 -26.52
C GLN DA 24 60.62 -11.94 -27.38
N ALA DA 25 59.32 -12.03 -27.18
CA ALA DA 25 58.38 -11.21 -27.95
C ALA DA 25 58.03 -9.95 -27.18
N SER DA 26 57.80 -8.87 -27.91
CA SER DA 26 57.55 -7.59 -27.28
C SER DA 26 56.15 -7.60 -26.72
N GLN DA 27 55.37 -8.62 -27.08
CA GLN DA 27 54.06 -8.76 -26.50
C GLN DA 27 53.62 -10.19 -26.44
N ASP DA 28 52.61 -10.45 -25.61
CA ASP DA 28 52.16 -11.81 -25.43
C ASP DA 28 51.57 -12.32 -26.74
N ILE DA 29 52.22 -13.33 -27.30
CA ILE DA 29 51.79 -13.98 -28.54
C ILE DA 29 51.28 -15.41 -28.28
N ARG DA 30 50.97 -15.72 -27.02
CA ARG DA 30 50.49 -17.04 -26.62
C ARG DA 30 51.48 -18.08 -27.15
N LYS DA 31 51.04 -19.04 -27.97
CA LYS DA 31 51.93 -20.05 -28.53
C LYS DA 31 52.05 -19.89 -30.04
N PHE DA 32 51.68 -18.74 -30.59
CA PHE DA 32 51.74 -18.62 -32.03
C PHE DA 32 53.16 -18.23 -32.45
N LEU DA 33 54.08 -19.18 -32.30
CA LEU DA 33 55.51 -18.92 -32.56
C LEU DA 33 56.14 -20.12 -33.29
N ASN DA 34 56.89 -19.88 -34.36
CA ASN DA 34 57.51 -20.94 -35.13
C ASN DA 34 59.02 -20.72 -35.18
N TRP DA 35 59.79 -21.79 -35.34
CA TRP DA 35 61.24 -21.72 -35.45
C TRP DA 35 61.67 -22.33 -36.78
N TYR DA 36 62.61 -21.66 -37.46
CA TYR DA 36 63.19 -22.08 -38.72
C TYR DA 36 64.70 -22.18 -38.66
N GLN DA 37 65.27 -23.01 -39.53
CA GLN DA 37 66.72 -23.07 -39.75
C GLN DA 37 66.98 -22.65 -41.19
N GLN DA 38 68.00 -21.82 -41.38
CA GLN DA 38 68.42 -21.41 -42.69
C GLN DA 38 69.91 -21.60 -42.82
N LYS DA 39 70.29 -22.43 -43.79
CA LYS DA 39 71.68 -22.59 -44.10
C LYS DA 39 72.06 -21.59 -45.19
N PRO DA 40 73.30 -21.12 -45.17
CA PRO DA 40 73.72 -20.05 -46.08
C PRO DA 40 73.43 -20.33 -47.55
N GLY DA 41 72.82 -19.37 -48.22
CA GLY DA 41 72.52 -19.50 -49.63
C GLY DA 41 71.36 -20.44 -49.91
N LYS DA 42 70.68 -20.89 -48.85
CA LYS DA 42 69.54 -21.79 -48.96
C LYS DA 42 68.30 -21.15 -48.36
N GLY DA 43 67.13 -21.66 -48.75
CA GLY DA 43 65.89 -21.20 -48.19
C GLY DA 43 65.69 -21.74 -46.78
N PRO DA 44 64.88 -21.06 -45.96
CA PRO DA 44 64.60 -21.56 -44.62
C PRO DA 44 63.90 -22.92 -44.63
N LYS DA 45 64.01 -23.66 -43.54
CA LYS DA 45 63.24 -24.89 -43.32
C LYS DA 45 62.61 -24.86 -41.93
N LEU DA 46 61.34 -25.25 -41.87
CA LEU DA 46 60.60 -25.27 -40.61
C LEU DA 46 61.11 -26.36 -39.66
N LEU DA 47 61.33 -25.99 -38.41
CA LEU DA 47 61.74 -26.92 -37.35
C LEU DA 47 60.61 -27.16 -36.36
N ILE DA 48 60.07 -26.07 -35.82
CA ILE DA 48 59.10 -26.17 -34.74
C ILE DA 48 57.91 -25.28 -35.07
N TYR DA 49 56.70 -25.80 -34.98
CA TYR DA 49 55.52 -24.95 -35.14
C TYR DA 49 54.70 -24.90 -33.86
N ASP DA 50 54.06 -23.75 -33.66
CA ASP DA 50 53.24 -23.44 -32.49
C ASP DA 50 54.00 -23.75 -31.19
N ALA DA 51 55.24 -23.26 -31.16
CA ALA DA 51 56.13 -23.22 -30.00
C ALA DA 51 56.78 -24.55 -29.59
N SER DA 52 56.01 -25.64 -29.63
CA SER DA 52 56.53 -26.92 -29.11
C SER DA 52 56.40 -28.13 -30.03
N ASN DA 53 55.82 -27.96 -31.22
CA ASN DA 53 55.63 -29.11 -32.12
C ASN DA 53 56.74 -29.30 -33.11
N LEU DA 54 57.32 -30.48 -33.07
CA LEU DA 54 58.37 -30.85 -33.99
C LEU DA 54 57.75 -31.16 -35.35
N GLN DA 55 58.16 -30.44 -36.37
CA GLN DA 55 57.65 -30.72 -37.71
C GLN DA 55 58.11 -32.09 -38.15
N ARG DA 56 57.20 -32.80 -38.83
CA ARG DA 56 57.50 -34.09 -39.41
C ARG DA 56 58.81 -34.08 -40.19
N GLY DA 57 59.68 -35.03 -39.89
CA GLY DA 57 60.92 -35.19 -40.64
C GLY DA 57 62.10 -34.46 -40.04
N VAL DA 58 61.85 -33.53 -39.12
CA VAL DA 58 62.92 -32.80 -38.46
C VAL DA 58 63.51 -33.69 -37.38
N PRO DA 59 64.85 -33.73 -37.26
CA PRO DA 59 65.45 -34.62 -36.26
C PRO DA 59 64.90 -34.34 -34.85
N SER DA 60 64.71 -35.40 -34.08
CA SER DA 60 64.08 -35.28 -32.75
C SER DA 60 64.94 -34.55 -31.71
N ARG DA 61 66.22 -34.31 -32.01
CA ARG DA 61 67.07 -33.56 -31.10
C ARG DA 61 66.61 -32.10 -30.97
N PHE DA 62 65.77 -31.65 -31.90
CA PHE DA 62 65.18 -30.32 -31.82
C PHE DA 62 63.89 -30.41 -31.00
N SER DA 63 63.73 -29.45 -30.09
CA SER DA 63 62.50 -29.31 -29.32
C SER DA 63 62.25 -27.85 -29.05
N GLY DA 64 61.00 -27.47 -28.81
CA GLY DA 64 60.68 -26.07 -28.56
C GLY DA 64 59.83 -25.98 -27.34
N GLY DA 65 59.93 -24.84 -26.66
CA GLY DA 65 59.17 -24.58 -25.46
C GLY DA 65 58.84 -23.13 -25.25
N GLY DA 66 57.98 -22.86 -24.27
CA GLY DA 66 57.65 -21.51 -23.88
C GLY DA 66 56.28 -21.07 -24.34
N SER DA 67 55.91 -19.88 -23.88
CA SER DA 67 54.64 -19.28 -24.22
C SER DA 67 54.64 -17.85 -23.70
N GLY DA 68 53.67 -17.07 -24.16
CA GLY DA 68 53.59 -15.66 -23.80
C GLY DA 68 54.65 -14.86 -24.52
N THR DA 69 55.65 -14.40 -23.79
CA THR DA 69 56.72 -13.61 -24.41
C THR DA 69 58.05 -14.35 -24.47
N ASP DA 70 58.18 -15.47 -23.76
CA ASP DA 70 59.48 -16.16 -23.66
C ASP DA 70 59.46 -17.56 -24.27
N PHE DA 71 60.34 -17.79 -25.23
CA PHE DA 71 60.40 -19.04 -25.96
C PHE DA 71 61.83 -19.54 -26.07
N THR DA 72 61.99 -20.85 -26.20
CA THR DA 72 63.29 -21.45 -26.38
C THR DA 72 63.28 -22.52 -27.47
N LEU DA 73 64.37 -22.61 -28.22
CA LEU DA 73 64.61 -23.74 -29.09
C LEU DA 73 65.80 -24.47 -28.51
N ILE DA 74 65.66 -25.76 -28.23
CA ILE DA 74 66.71 -26.54 -27.62
C ILE DA 74 67.15 -27.62 -28.60
N ILE DA 75 68.46 -27.71 -28.77
CA ILE DA 75 69.07 -28.78 -29.53
C ILE DA 75 69.77 -29.67 -28.51
N SER DA 76 69.27 -30.88 -28.29
CA SER DA 76 69.71 -31.69 -27.15
C SER DA 76 71.16 -32.13 -27.32
N SER DA 77 71.59 -32.30 -28.57
CA SER DA 77 72.97 -32.68 -28.85
C SER DA 77 73.41 -32.05 -30.17
N LEU DA 78 74.21 -30.99 -30.09
CA LEU DA 78 74.56 -30.22 -31.27
C LEU DA 78 75.32 -31.09 -32.26
N GLN DA 79 74.92 -31.06 -33.52
CA GLN DA 79 75.62 -31.79 -34.57
C GLN DA 79 76.27 -30.79 -35.51
N PRO DA 80 77.33 -31.23 -36.21
CA PRO DA 80 78.03 -30.31 -37.11
C PRO DA 80 77.11 -29.74 -38.21
N GLU DA 81 76.16 -30.54 -38.67
CA GLU DA 81 75.19 -30.11 -39.70
C GLU DA 81 74.22 -29.07 -39.19
N ASP DA 82 74.24 -28.81 -37.88
CA ASP DA 82 73.41 -27.77 -37.30
C ASP DA 82 73.92 -26.33 -37.49
N VAL DA 83 75.13 -26.15 -38.03
CA VAL DA 83 75.65 -24.80 -38.25
C VAL DA 83 74.71 -24.04 -39.18
N GLY DA 84 74.47 -22.78 -38.85
CA GLY DA 84 73.64 -21.94 -39.68
C GLY DA 84 72.97 -20.92 -38.78
N THR DA 85 71.89 -20.31 -39.29
CA THR DA 85 71.18 -19.27 -38.56
C THR DA 85 69.75 -19.74 -38.26
N TYR DA 86 69.25 -19.44 -37.07
CA TYR DA 86 67.93 -19.87 -36.63
C TYR DA 86 67.04 -18.66 -36.38
N TYR DA 87 65.82 -18.68 -36.91
CA TYR DA 87 64.91 -17.54 -36.77
C TYR DA 87 63.63 -17.98 -36.05
N CYS DA 88 63.12 -17.14 -35.17
CA CYS DA 88 61.76 -17.34 -34.65
C CYS DA 88 60.82 -16.42 -35.41
N GLN DA 89 59.53 -16.75 -35.39
CA GLN DA 89 58.55 -16.01 -36.18
C GLN DA 89 57.15 -16.08 -35.59
N GLN DA 90 56.44 -14.97 -35.66
CA GLN DA 90 55.24 -14.82 -34.85
C GLN DA 90 54.10 -14.62 -35.82
N TYR DA 91 52.98 -15.28 -35.55
CA TYR DA 91 51.74 -15.06 -36.30
C TYR DA 91 50.50 -14.80 -35.43
N ASP DA 92 50.70 -14.32 -34.20
CA ASP DA 92 49.58 -13.83 -33.40
C ASP DA 92 48.81 -12.76 -34.14
N GLY DA 93 49.53 -11.87 -34.81
CA GLY DA 93 48.92 -10.80 -35.57
C GLY DA 93 49.78 -10.34 -36.72
N LEU DA 94 49.11 -9.87 -37.76
CA LEU DA 94 49.78 -9.22 -38.87
C LEU DA 94 50.34 -7.86 -38.44
N PRO DA 95 51.47 -7.45 -39.03
CA PRO DA 95 52.23 -8.23 -39.99
C PRO DA 95 53.01 -9.33 -39.30
N PHE DA 96 53.17 -10.46 -39.96
CA PHE DA 96 54.00 -11.54 -39.45
C PHE DA 96 55.41 -10.98 -39.37
N THR DA 97 56.14 -11.31 -38.31
CA THR DA 97 57.50 -10.82 -38.13
C THR DA 97 58.45 -11.92 -37.68
N PHE DA 98 59.74 -11.72 -37.96
CA PHE DA 98 60.76 -12.70 -37.62
C PHE DA 98 61.74 -12.05 -36.64
N GLY DA 99 62.35 -12.88 -35.80
CA GLY DA 99 63.47 -12.45 -34.98
C GLY DA 99 64.66 -12.16 -35.85
N GLY DA 100 65.67 -11.47 -35.31
CA GLY DA 100 66.84 -11.12 -36.09
C GLY DA 100 67.79 -12.27 -36.33
N GLY DA 101 67.52 -13.43 -35.75
CA GLY DA 101 68.30 -14.62 -36.03
C GLY DA 101 69.42 -14.85 -35.03
N THR DA 102 69.72 -16.11 -34.76
CA THR DA 102 70.89 -16.50 -33.96
C THR DA 102 71.76 -17.41 -34.80
N LYS DA 103 73.03 -17.03 -34.96
CA LYS DA 103 73.95 -17.84 -35.76
C LYS DA 103 74.61 -18.86 -34.84
N VAL DA 104 74.57 -20.13 -35.23
CA VAL DA 104 75.22 -21.20 -34.47
C VAL DA 104 76.55 -21.58 -35.11
N VAL DA 105 77.58 -21.66 -34.28
CA VAL DA 105 78.94 -21.89 -34.73
C VAL DA 105 79.57 -23.05 -33.98
N ILE DA 106 80.18 -23.97 -34.71
CA ILE DA 106 80.85 -25.09 -34.08
C ILE DA 106 82.27 -24.66 -33.68
N LYS DA 107 82.70 -25.02 -32.47
CA LYS DA 107 84.10 -24.90 -32.09
C LYS DA 107 84.65 -26.29 -32.39
N ARG DA 108 85.78 -26.42 -33.11
CA ARG DA 108 86.24 -27.79 -33.38
C ARG DA 108 87.73 -27.82 -33.19
N THR DA 109 88.37 -28.97 -33.43
CA THR DA 109 89.83 -29.07 -33.34
C THR DA 109 90.45 -28.36 -34.56
N VAL DA 110 91.67 -27.84 -34.43
CA VAL DA 110 92.39 -27.24 -35.57
C VAL DA 110 92.57 -28.27 -36.71
N ALA DA 111 92.51 -27.81 -37.96
CA ALA DA 111 92.73 -28.64 -39.15
C ALA DA 111 93.46 -27.81 -40.23
N ALA DA 112 94.62 -28.28 -40.66
CA ALA DA 112 95.48 -27.51 -41.56
C ALA DA 112 94.94 -27.52 -42.99
N PRO DA 113 95.07 -26.41 -43.72
CA PRO DA 113 94.59 -26.34 -45.11
C PRO DA 113 95.45 -27.10 -46.08
N SER DA 114 94.85 -27.64 -47.14
CA SER DA 114 95.64 -28.09 -48.28
C SER DA 114 95.67 -26.94 -49.29
N VAL DA 115 96.86 -26.63 -49.80
CA VAL DA 115 97.04 -25.45 -50.66
C VAL DA 115 97.34 -25.84 -52.10
N PHE DA 116 96.67 -25.16 -53.02
CA PHE DA 116 96.87 -25.35 -54.45
C PHE DA 116 97.00 -24.01 -55.12
N ILE DA 117 97.83 -23.93 -56.15
CA ILE DA 117 97.96 -22.71 -56.94
C ILE DA 117 97.60 -23.01 -58.39
N PHE DA 118 96.95 -22.05 -59.05
CA PHE DA 118 96.58 -22.17 -60.44
C PHE DA 118 97.07 -20.95 -61.21
N PRO DA 119 97.76 -21.17 -62.34
CA PRO DA 119 98.09 -20.05 -63.22
C PRO DA 119 96.85 -19.59 -63.98
N PRO DA 120 96.91 -18.40 -64.61
CA PRO DA 120 95.84 -17.96 -65.49
C PRO DA 120 95.79 -18.85 -66.74
N SER DA 121 94.60 -19.10 -67.27
CA SER DA 121 94.46 -19.92 -68.47
C SER DA 121 94.87 -19.17 -69.72
N ASP DA 122 95.04 -19.90 -70.82
CA ASP DA 122 95.46 -19.31 -72.09
C ASP DA 122 94.33 -18.48 -72.71
N GLU DA 123 93.10 -18.96 -72.54
CA GLU DA 123 91.94 -18.24 -73.07
C GLU DA 123 91.88 -16.83 -72.47
N GLN DA 124 92.26 -16.70 -71.20
CA GLN DA 124 92.15 -15.44 -70.48
C GLN DA 124 93.25 -14.44 -70.86
N LEU DA 125 94.48 -14.94 -70.97
CA LEU DA 125 95.61 -14.14 -71.43
C LEU DA 125 95.34 -13.58 -72.82
N LYS DA 126 94.77 -14.42 -73.68
CA LYS DA 126 94.35 -14.01 -75.02
C LYS DA 126 93.53 -12.70 -74.99
N SER DA 127 92.97 -12.33 -73.84
CA SER DA 127 92.09 -11.17 -73.71
C SER DA 127 92.67 -10.04 -72.84
N GLY DA 128 93.97 -10.10 -72.53
CA GLY DA 128 94.64 -8.98 -71.89
C GLY DA 128 94.61 -8.89 -70.37
N THR DA 129 93.99 -9.88 -69.69
CA THR DA 129 93.95 -9.89 -68.22
C THR DA 129 94.46 -11.22 -67.65
N ALA DA 130 95.14 -11.17 -66.51
CA ALA DA 130 95.63 -12.39 -65.85
C ALA DA 130 95.16 -12.58 -64.39
N SER DA 131 94.46 -13.69 -64.14
CA SER DA 131 94.00 -14.05 -62.80
C SER DA 131 94.78 -15.30 -62.35
N VAL DA 132 95.47 -15.18 -61.23
CA VAL DA 132 96.21 -16.28 -60.62
C VAL DA 132 95.46 -16.64 -59.34
N VAL DA 133 95.15 -17.93 -59.15
CA VAL DA 133 94.29 -18.34 -58.04
C VAL DA 133 95.01 -19.24 -57.04
N CYS DA 134 94.77 -19.01 -55.75
CA CYS DA 134 95.32 -19.85 -54.69
C CYS DA 134 94.13 -20.37 -53.91
N LEU DA 135 94.07 -21.67 -53.66
CA LEU DA 135 92.98 -22.29 -52.95
C LEU DA 135 93.48 -22.90 -51.65
N LEU DA 136 92.82 -22.57 -50.55
CA LEU DA 136 93.04 -23.23 -49.28
C LEU DA 136 91.79 -24.06 -49.02
N ASN DA 137 91.96 -25.38 -48.96
CA ASN DA 137 90.86 -26.31 -48.87
C ASN DA 137 90.71 -26.93 -47.49
N ASN DA 138 89.47 -26.94 -47.00
CA ASN DA 138 89.05 -27.67 -45.80
C ASN DA 138 89.94 -27.52 -44.57
N PHE DA 139 89.85 -26.36 -43.94
CA PHE DA 139 90.67 -26.06 -42.77
C PHE DA 139 89.88 -25.40 -41.64
N TYR DA 140 90.49 -25.35 -40.46
CA TYR DA 140 89.92 -24.67 -39.31
C TYR DA 140 91.09 -24.31 -38.39
N PRO DA 141 91.06 -23.13 -37.75
CA PRO DA 141 90.03 -22.10 -37.74
C PRO DA 141 90.05 -21.23 -38.98
N ARG DA 142 89.11 -20.32 -39.06
CA ARG DA 142 88.92 -19.53 -40.26
C ARG DA 142 90.08 -18.60 -40.55
N GLU DA 143 90.70 -18.08 -39.50
CA GLU DA 143 91.76 -17.09 -39.68
C GLU DA 143 92.94 -17.72 -40.39
N ALA DA 144 93.30 -17.13 -41.52
CA ALA DA 144 94.46 -17.53 -42.29
C ALA DA 144 95.04 -16.29 -42.96
N LYS DA 145 96.34 -16.33 -43.22
CA LYS DA 145 97.02 -15.26 -43.96
C LYS DA 145 97.50 -15.84 -45.29
N VAL DA 146 97.13 -15.17 -46.38
CA VAL DA 146 97.55 -15.58 -47.72
C VAL DA 146 98.33 -14.40 -48.30
N GLN DA 147 99.60 -14.65 -48.65
CA GLN DA 147 100.49 -13.61 -49.13
C GLN DA 147 100.95 -13.93 -50.53
N TRP DA 148 100.83 -12.97 -51.45
CA TRP DA 148 101.33 -13.19 -52.82
C TRP DA 148 102.75 -12.67 -52.97
N LYS DA 149 103.55 -13.41 -53.72
CA LYS DA 149 104.89 -13.01 -54.07
C LYS DA 149 105.11 -13.25 -55.55
N VAL DA 150 105.56 -12.23 -56.25
CA VAL DA 150 105.89 -12.34 -57.66
C VAL DA 150 107.39 -12.12 -57.81
N ASP DA 151 108.10 -13.14 -58.30
CA ASP DA 151 109.55 -13.15 -58.30
C ASP DA 151 110.06 -12.75 -56.93
N ASN DA 152 109.36 -13.22 -55.89
CA ASN DA 152 109.78 -13.01 -54.51
C ASN DA 152 109.48 -11.62 -53.96
N ALA DA 153 108.75 -10.80 -54.73
CA ALA DA 153 108.36 -9.47 -54.28
C ALA DA 153 106.97 -9.52 -53.69
N LEU DA 154 106.86 -9.05 -52.45
CA LEU DA 154 105.62 -9.16 -51.69
C LEU DA 154 104.54 -8.25 -52.28
N GLN DA 155 103.46 -8.89 -52.73
CA GLN DA 155 102.38 -8.19 -53.40
C GLN DA 155 101.38 -7.65 -52.39
N SER DA 156 100.70 -6.56 -52.74
CA SER DA 156 99.59 -6.07 -51.92
C SER DA 156 98.65 -5.15 -52.70
N GLY DA 157 97.37 -5.22 -52.35
CA GLY DA 157 96.35 -4.37 -52.93
C GLY DA 157 95.72 -4.88 -54.22
N ASN DA 158 96.31 -5.92 -54.81
CA ASN DA 158 95.81 -6.51 -56.04
C ASN DA 158 95.29 -7.92 -55.87
N SER DA 159 94.82 -8.26 -54.67
CA SER DA 159 94.23 -9.57 -54.48
C SER DA 159 92.97 -9.48 -53.63
N GLN DA 160 92.08 -10.46 -53.83
CA GLN DA 160 90.85 -10.57 -53.06
C GLN DA 160 90.61 -11.98 -52.56
N GLU DA 161 90.13 -12.10 -51.33
CA GLU DA 161 89.85 -13.39 -50.75
C GLU DA 161 88.34 -13.64 -50.70
N SER DA 162 87.95 -14.90 -50.79
CA SER DA 162 86.58 -15.31 -50.54
C SER DA 162 86.62 -16.56 -49.69
N VAL DA 163 85.67 -16.68 -48.75
CA VAL DA 163 85.67 -17.81 -47.85
C VAL DA 163 84.29 -18.47 -47.87
N THR DA 164 84.29 -19.79 -47.93
CA THR DA 164 83.05 -20.55 -47.89
C THR DA 164 82.47 -20.46 -46.49
N GLU DA 165 81.19 -20.74 -46.42
CA GLU DA 165 80.49 -20.88 -45.16
C GLU DA 165 81.00 -22.11 -44.43
N GLN DA 166 80.90 -22.09 -43.10
CA GLN DA 166 81.35 -23.23 -42.33
C GLN DA 166 80.59 -24.44 -42.86
N ASP DA 167 81.33 -25.49 -43.19
CA ASP DA 167 80.78 -26.69 -43.78
C ASP DA 167 79.83 -27.40 -42.82
N SER DA 168 78.72 -27.86 -43.36
CA SER DA 168 77.68 -28.45 -42.54
C SER DA 168 78.07 -29.82 -42.01
N LYS DA 169 79.02 -30.48 -42.62
CA LYS DA 169 79.35 -31.81 -42.17
C LYS DA 169 80.57 -31.80 -41.25
N ASP DA 170 81.66 -31.20 -41.67
CA ASP DA 170 82.88 -31.17 -40.86
C ASP DA 170 83.29 -29.81 -40.27
N SER DA 171 82.48 -28.77 -40.48
CA SER DA 171 82.68 -27.49 -39.80
C SER DA 171 83.98 -26.79 -40.17
N THR DA 172 84.54 -27.13 -41.34
CA THR DA 172 85.74 -26.47 -41.84
C THR DA 172 85.35 -25.38 -42.81
N TYR DA 173 86.35 -24.61 -43.21
CA TYR DA 173 86.19 -23.53 -44.17
C TYR DA 173 87.05 -23.81 -45.37
N SER DA 174 86.73 -23.15 -46.48
CA SER DA 174 87.64 -23.10 -47.59
C SER DA 174 87.80 -21.65 -48.03
N LEU DA 175 88.93 -21.34 -48.66
CA LEU DA 175 89.25 -19.97 -49.02
C LEU DA 175 89.96 -19.92 -50.37
N SER DA 176 89.68 -18.90 -51.16
CA SER DA 176 90.41 -18.64 -52.39
C SER DA 176 90.96 -17.22 -52.35
N SER DA 177 92.19 -17.01 -52.81
CA SER DA 177 92.75 -15.67 -52.97
C SER DA 177 93.07 -15.52 -54.45
N THR DA 178 92.60 -14.43 -55.06
CA THR DA 178 92.81 -14.20 -56.48
C THR DA 178 93.66 -12.98 -56.66
N LEU DA 179 94.83 -13.17 -57.26
CA LEU DA 179 95.73 -12.08 -57.58
C LEU DA 179 95.49 -11.68 -59.03
N THR DA 180 95.07 -10.44 -59.26
CA THR DA 180 94.75 -9.99 -60.61
C THR DA 180 95.74 -8.92 -61.07
N LEU DA 181 96.34 -9.14 -62.23
CA LEU DA 181 97.23 -8.14 -62.84
C LEU DA 181 97.13 -8.19 -64.37
N SER DA 182 97.54 -7.13 -65.03
CA SER DA 182 97.42 -7.03 -66.48
C SER DA 182 98.33 -8.05 -67.16
N LYS DA 183 98.00 -8.41 -68.41
CA LYS DA 183 98.81 -9.35 -69.18
C LYS DA 183 100.24 -8.87 -69.26
N ALA DA 184 100.40 -7.56 -69.43
CA ALA DA 184 101.71 -6.93 -69.52
C ALA DA 184 102.52 -7.31 -68.29
N ASP DA 185 101.95 -7.07 -67.12
CA ASP DA 185 102.64 -7.33 -65.87
C ASP DA 185 102.88 -8.82 -65.70
N TYR DA 186 101.87 -9.64 -65.99
CA TYR DA 186 102.04 -11.07 -65.84
C TYR DA 186 103.25 -11.56 -66.66
N GLU DA 187 103.45 -10.95 -67.83
CA GLU DA 187 104.53 -11.37 -68.71
C GLU DA 187 105.87 -10.80 -68.28
N LYS DA 188 105.83 -9.68 -67.56
CA LYS DA 188 107.05 -9.16 -66.95
C LYS DA 188 107.76 -10.23 -66.11
N HIS DA 189 107.05 -10.84 -65.16
CA HIS DA 189 107.69 -11.70 -64.16
C HIS DA 189 107.56 -13.19 -64.46
N LYS DA 190 108.28 -14.02 -63.70
CA LYS DA 190 108.40 -15.47 -63.94
C LYS DA 190 107.84 -16.35 -62.82
N VAL DA 191 108.22 -16.06 -61.58
CA VAL DA 191 107.87 -16.91 -60.45
C VAL DA 191 106.68 -16.37 -59.67
N TYR DA 192 105.62 -17.17 -59.59
CA TYR DA 192 104.40 -16.81 -58.87
C TYR DA 192 104.20 -17.72 -57.70
N ALA DA 193 104.06 -17.12 -56.51
CA ALA DA 193 104.06 -17.88 -55.28
C ALA DA 193 102.98 -17.41 -54.31
N CYS DA 194 102.30 -18.40 -53.72
CA CYS DA 194 101.31 -18.22 -52.69
C CYS DA 194 101.90 -18.76 -51.40
N GLU DA 195 102.07 -17.90 -50.40
CA GLU DA 195 102.58 -18.29 -49.10
C GLU DA 195 101.46 -18.23 -48.07
N VAL DA 196 101.12 -19.37 -47.49
CA VAL DA 196 100.01 -19.49 -46.56
C VAL DA 196 100.50 -19.69 -45.13
N THR DA 197 100.01 -18.89 -44.18
CA THR DA 197 100.30 -19.05 -42.77
C THR DA 197 99.03 -19.39 -42.03
N HIS DA 198 99.08 -20.41 -41.18
CA HIS DA 198 97.89 -20.92 -40.52
C HIS DA 198 98.26 -21.73 -39.29
N GLN DA 199 97.38 -21.70 -38.28
CA GLN DA 199 97.65 -22.30 -36.98
C GLN DA 199 97.93 -23.80 -36.99
N GLY DA 200 97.43 -24.50 -37.99
CA GLY DA 200 97.60 -25.92 -38.12
C GLY DA 200 98.87 -26.25 -38.89
N LEU DA 201 99.55 -25.20 -39.37
CA LEU DA 201 100.81 -25.36 -40.08
C LEU DA 201 101.91 -24.84 -39.21
N SER DA 202 102.95 -25.63 -39.06
CA SER DA 202 104.05 -25.21 -38.22
C SER DA 202 104.87 -24.07 -38.72
N SER DA 203 104.87 -23.91 -40.04
CA SER DA 203 105.50 -22.77 -40.64
C SER DA 203 104.84 -22.54 -41.98
N PRO DA 204 104.95 -21.32 -42.50
CA PRO DA 204 104.25 -20.99 -43.75
C PRO DA 204 104.55 -22.00 -44.87
N VAL DA 205 103.51 -22.36 -45.61
CA VAL DA 205 103.61 -23.27 -46.76
C VAL DA 205 103.58 -22.46 -48.04
N THR DA 206 104.46 -22.76 -48.98
CA THR DA 206 104.46 -22.08 -50.25
C THR DA 206 104.16 -23.02 -51.42
N LYS DA 207 103.23 -22.62 -52.26
CA LYS DA 207 102.99 -23.28 -53.55
C LYS DA 207 103.29 -22.28 -54.64
N SER DA 208 104.02 -22.68 -55.66
CA SER DA 208 104.33 -21.77 -56.75
C SER DA 208 104.40 -22.41 -58.13
N PHE DA 209 104.59 -21.57 -59.15
CA PHE DA 209 104.88 -22.04 -60.50
C PHE DA 209 105.73 -21.04 -61.28
N ASN DA 210 106.36 -21.52 -62.35
CA ASN DA 210 107.11 -20.66 -63.25
C ASN DA 210 106.26 -20.44 -64.49
N ARG DA 211 106.11 -19.17 -64.88
CA ARG DA 211 105.26 -18.83 -66.01
C ARG DA 211 105.65 -19.58 -67.27
N GLY DA 212 104.67 -20.22 -67.90
CA GLY DA 212 104.90 -20.98 -69.11
C GLY DA 212 105.60 -22.32 -68.93
N GLU DA 213 105.27 -23.03 -67.85
CA GLU DA 213 105.86 -24.34 -67.60
C GLU DA 213 104.78 -25.35 -67.22
N VAL EA 2 -108.03 -26.50 41.14
CA VAL EA 2 -108.05 -27.82 41.72
C VAL EA 2 -109.39 -27.97 42.44
N GLN EA 3 -109.95 -29.18 42.42
CA GLN EA 3 -111.20 -29.49 43.12
C GLN EA 3 -110.96 -30.65 44.06
N LEU EA 4 -111.66 -30.65 45.20
CA LEU EA 4 -111.47 -31.68 46.20
C LEU EA 4 -112.75 -32.41 46.49
N GLN EA 5 -112.66 -33.71 46.79
CA GLN EA 5 -113.85 -34.45 47.20
C GLN EA 5 -113.54 -35.50 48.26
N GLU EA 6 -114.10 -35.31 49.45
CA GLU EA 6 -113.87 -36.25 50.55
C GLU EA 6 -114.81 -37.44 50.50
N SER EA 7 -114.37 -38.53 51.12
CA SER EA 7 -115.21 -39.71 51.31
C SER EA 7 -114.70 -40.50 52.51
N GLY EA 8 -115.49 -41.48 52.95
CA GLY EA 8 -115.08 -42.42 53.98
C GLY EA 8 -115.75 -42.21 55.32
N GLY EA 9 -116.50 -41.12 55.45
CA GLY EA 9 -117.18 -40.78 56.67
C GLY EA 9 -118.27 -41.81 56.90
N GLY EA 10 -118.70 -41.94 58.14
CA GLY EA 10 -119.78 -42.82 58.47
C GLY EA 10 -119.93 -42.90 59.97
N LEU EA 11 -120.76 -43.84 60.40
CA LEU EA 11 -120.98 -44.06 61.81
C LEU EA 11 -120.04 -45.14 62.32
N VAL EA 12 -119.37 -44.86 63.44
CA VAL EA 12 -118.48 -45.83 64.07
C VAL EA 12 -118.60 -45.79 65.59
N GLN EA 13 -118.30 -46.91 66.24
CA GLN EA 13 -118.37 -46.99 67.69
C GLN EA 13 -117.21 -46.21 68.29
N PRO EA 14 -117.40 -45.67 69.51
CA PRO EA 14 -116.25 -45.06 70.19
C PRO EA 14 -115.15 -46.11 70.37
N GLY EA 15 -113.90 -45.72 70.15
CA GLY EA 15 -112.78 -46.64 70.29
C GLY EA 15 -112.34 -47.22 68.96
N GLU EA 16 -113.24 -47.23 67.96
CA GLU EA 16 -112.93 -47.79 66.65
C GLU EA 16 -112.09 -46.84 65.80
N SER EA 17 -111.72 -47.31 64.61
CA SER EA 17 -110.88 -46.55 63.70
C SER EA 17 -111.67 -46.28 62.41
N LEU EA 18 -111.17 -45.34 61.61
CA LEU EA 18 -111.82 -44.95 60.38
C LEU EA 18 -110.85 -44.17 59.53
N ARG EA 19 -110.88 -44.41 58.22
N ARG EA 19 -110.84 -44.43 58.23
CA ARG EA 19 -109.92 -43.80 57.30
CA ARG EA 19 -109.90 -43.79 57.32
C ARG EA 19 -110.64 -42.93 56.29
C ARG EA 19 -110.64 -42.93 56.31
N LEU EA 20 -110.35 -41.63 56.32
CA LEU EA 20 -110.91 -40.69 55.38
C LEU EA 20 -109.97 -40.55 54.22
N SER EA 21 -110.52 -40.31 53.04
N SER EA 21 -110.54 -40.27 53.06
CA SER EA 21 -109.69 -40.00 51.89
CA SER EA 21 -109.79 -40.03 51.83
C SER EA 21 -110.23 -38.77 51.17
C SER EA 21 -110.20 -38.70 51.26
N CYS EA 22 -109.37 -38.14 50.38
CA CYS EA 22 -109.72 -36.92 49.69
C CYS EA 22 -109.10 -36.96 48.31
N VAL EA 23 -109.91 -36.83 47.26
CA VAL EA 23 -109.35 -36.94 45.92
C VAL EA 23 -109.34 -35.58 45.26
N GLY EA 24 -108.17 -35.23 44.72
CA GLY EA 24 -108.00 -34.01 43.98
C GLY EA 24 -108.25 -34.28 42.52
N SER EA 25 -108.86 -33.30 41.85
CA SER EA 25 -109.06 -33.34 40.42
C SER EA 25 -108.87 -31.91 39.91
N GLY EA 26 -109.12 -31.70 38.63
CA GLY EA 26 -108.91 -30.38 38.04
C GLY EA 26 -107.48 -29.93 38.09
N SER EA 27 -107.29 -28.62 37.90
CA SER EA 27 -105.95 -28.05 37.91
C SER EA 27 -105.99 -26.53 38.01
N SER EA 28 -104.87 -25.99 38.49
CA SER EA 28 -104.65 -24.56 38.68
C SER EA 28 -103.55 -24.09 37.74
N PHE EA 29 -102.84 -23.03 38.13
CA PHE EA 29 -101.80 -22.42 37.28
C PHE EA 29 -100.71 -23.39 36.90
N GLY EA 30 -100.25 -23.25 35.66
CA GLY EA 30 -99.24 -24.15 35.15
C GLY EA 30 -99.67 -25.60 35.17
N GLU EA 31 -100.97 -25.85 35.03
CA GLU EA 31 -101.54 -27.19 35.03
C GLU EA 31 -101.20 -27.96 36.30
N SER EA 32 -100.99 -27.24 37.39
CA SER EA 32 -100.68 -27.84 38.67
C SER EA 32 -101.86 -28.64 39.23
N THR EA 33 -101.56 -29.73 39.91
CA THR EA 33 -102.58 -30.55 40.54
C THR EA 33 -102.34 -30.54 42.04
N LEU EA 34 -103.15 -31.26 42.78
CA LEU EA 34 -103.10 -31.25 44.23
C LEU EA 34 -101.72 -31.56 44.80
N SER EA 35 -100.96 -32.40 44.10
CA SER EA 35 -99.68 -32.84 44.60
C SER EA 35 -98.62 -31.73 44.56
N TYR EA 36 -98.98 -30.56 44.04
CA TYR EA 36 -98.09 -29.42 44.10
C TYR EA 36 -98.29 -28.60 45.38
N TYR EA 37 -99.33 -28.91 46.16
CA TYR EA 37 -99.73 -28.06 47.29
C TYR EA 37 -99.75 -28.76 48.63
N ALA EA 38 -99.54 -27.98 49.68
CA ALA EA 38 -99.80 -28.43 51.03
C ALA EA 38 -101.31 -28.46 51.24
N VAL EA 39 -101.76 -29.33 52.12
CA VAL EA 39 -103.18 -29.59 52.34
C VAL EA 39 -103.41 -29.82 53.82
N SER EA 40 -104.56 -29.40 54.35
CA SER EA 40 -104.90 -29.62 55.74
C SER EA 40 -106.21 -30.38 55.86
N TRP EA 41 -106.42 -31.00 57.01
CA TRP EA 41 -107.73 -31.48 57.37
C TRP EA 41 -108.24 -30.52 58.44
N VAL EA 42 -109.52 -30.16 58.33
CA VAL EA 42 -110.17 -29.20 59.21
C VAL EA 42 -111.52 -29.81 59.48
N ARG EA 43 -112.07 -29.72 60.68
CA ARG EA 43 -113.37 -30.32 60.93
C ARG EA 43 -114.30 -29.31 61.57
N GLN EA 44 -115.58 -29.65 61.57
CA GLN EA 44 -116.61 -28.77 62.07
C GLN EA 44 -117.65 -29.61 62.81
N ALA EA 45 -117.69 -29.49 64.13
CA ALA EA 45 -118.63 -30.25 64.92
C ALA EA 45 -120.02 -29.69 64.67
N PRO EA 46 -121.07 -30.48 64.97
CA PRO EA 46 -122.42 -30.00 64.63
C PRO EA 46 -122.74 -28.65 65.25
N GLY EA 47 -123.14 -27.69 64.43
CA GLY EA 47 -123.50 -26.38 64.92
C GLY EA 47 -122.35 -25.51 65.41
N LYS EA 48 -121.12 -25.97 65.25
CA LYS EA 48 -119.97 -25.24 65.79
C LYS EA 48 -119.14 -24.65 64.65
N GLY EA 49 -118.01 -24.06 65.01
CA GLY EA 49 -117.12 -23.48 64.03
C GLY EA 49 -116.11 -24.47 63.49
N LEU EA 50 -115.02 -23.92 62.96
CA LEU EA 50 -114.01 -24.72 62.28
C LEU EA 50 -112.81 -24.96 63.18
N GLU EA 51 -112.29 -26.18 63.13
CA GLU EA 51 -111.14 -26.58 63.93
C GLU EA 51 -110.06 -27.23 63.06
N TRP EA 52 -108.89 -26.61 63.00
CA TRP EA 52 -107.79 -27.20 62.25
C TRP EA 52 -107.26 -28.44 62.96
N LEU EA 53 -106.99 -29.48 62.20
CA LEU EA 53 -106.52 -30.75 62.76
C LEU EA 53 -105.08 -31.05 62.38
N SER EA 54 -104.73 -30.92 61.11
CA SER EA 54 -103.45 -31.41 60.64
C SER EA 54 -103.10 -30.86 59.27
N ILE EA 55 -101.82 -30.77 58.99
CA ILE EA 55 -101.32 -30.28 57.71
C ILE EA 55 -100.26 -31.20 57.17
N ILE EA 56 -100.15 -31.28 55.85
CA ILE EA 56 -99.09 -32.06 55.23
C ILE EA 56 -98.63 -31.33 53.96
N ASN EA 57 -97.32 -31.28 53.77
CA ASN EA 57 -96.72 -30.56 52.65
C ASN EA 57 -96.84 -31.39 51.37
N ALA EA 58 -96.60 -30.75 50.22
CA ALA EA 58 -96.76 -31.41 48.93
C ALA EA 58 -96.01 -32.74 48.84
N GLY EA 59 -94.78 -32.76 49.33
CA GLY EA 59 -93.94 -33.94 49.23
C GLY EA 59 -94.06 -34.95 50.37
N GLY EA 60 -94.97 -34.72 51.30
CA GLY EA 60 -95.25 -35.67 52.37
C GLY EA 60 -94.64 -35.27 53.70
N GLY EA 61 -93.88 -34.18 53.73
CA GLY EA 61 -93.21 -33.75 54.94
C GLY EA 61 -93.91 -32.62 55.68
N ASP EA 62 -93.21 -32.10 56.68
CA ASP EA 62 -93.65 -30.93 57.47
C ASP EA 62 -95.02 -31.20 58.09
N ILE EA 63 -95.25 -32.45 58.50
CA ILE EA 63 -96.53 -32.80 59.09
C ILE EA 63 -96.63 -32.21 60.47
N ASP EA 64 -97.82 -31.70 60.84
CA ASP EA 64 -98.02 -31.33 62.23
C ASP EA 64 -99.48 -31.57 62.64
N TYR EA 65 -99.75 -31.69 63.94
CA TYR EA 65 -101.12 -31.97 64.41
C TYR EA 65 -101.53 -31.04 65.54
N ALA EA 66 -102.83 -30.75 65.59
CA ALA EA 66 -103.48 -30.10 66.71
C ALA EA 66 -103.51 -31.04 67.89
N ASP EA 67 -103.45 -30.47 69.08
CA ASP EA 67 -103.42 -31.28 70.30
C ASP EA 67 -104.59 -32.23 70.45
N SER EA 68 -105.76 -31.84 69.94
CA SER EA 68 -106.93 -32.66 70.18
C SER EA 68 -106.92 -34.03 69.51
N VAL EA 69 -106.10 -34.18 68.46
CA VAL EA 69 -105.99 -35.46 67.75
C VAL EA 69 -104.57 -36.01 67.65
N GLU EA 70 -103.59 -35.28 68.20
CA GLU EA 70 -102.21 -35.74 68.14
C GLU EA 70 -102.10 -37.09 68.84
N GLY EA 71 -101.48 -38.06 68.18
CA GLY EA 71 -101.25 -39.36 68.76
C GLY EA 71 -102.33 -40.37 68.41
N ARG EA 72 -103.40 -39.89 67.77
CA ARG EA 72 -104.52 -40.72 67.34
C ARG EA 72 -104.71 -40.66 65.82
N PHE EA 73 -104.55 -39.48 65.23
CA PHE EA 73 -104.79 -39.32 63.79
C PHE EA 73 -103.44 -39.24 63.09
N THR EA 74 -103.43 -39.74 61.86
CA THR EA 74 -102.23 -39.72 61.05
C THR EA 74 -102.55 -39.21 59.66
N ILE EA 75 -101.89 -38.16 59.23
CA ILE EA 75 -102.09 -37.63 57.89
C ILE EA 75 -101.05 -38.16 56.92
N SER EA 76 -101.49 -38.46 55.70
CA SER EA 76 -100.56 -38.91 54.67
C SER EA 76 -101.14 -38.61 53.32
N ARG EA 77 -100.37 -38.86 52.26
CA ARG EA 77 -100.87 -38.62 50.92
C ARG EA 77 -100.20 -39.54 49.91
N ASP EA 78 -100.92 -39.90 48.85
CA ASP EA 78 -100.35 -40.65 47.75
C ASP EA 78 -100.49 -39.77 46.51
N ASN EA 79 -99.39 -39.13 46.14
CA ASN EA 79 -99.41 -38.15 45.06
C ASN EA 79 -99.61 -38.81 43.71
N SER EA 80 -99.29 -40.09 43.58
CA SER EA 80 -99.54 -40.80 42.33
C SER EA 80 -101.04 -40.90 42.04
N LYS EA 81 -101.88 -40.85 43.07
CA LYS EA 81 -103.34 -40.87 42.94
C LYS EA 81 -103.96 -39.49 43.20
N GLU EA 82 -103.15 -38.47 43.42
CA GLU EA 82 -103.65 -37.16 43.81
C GLU EA 82 -104.63 -37.29 44.97
N THR EA 83 -104.28 -38.12 45.95
CA THR EA 83 -105.18 -38.42 47.08
C THR EA 83 -104.56 -38.14 48.45
N LEU EA 84 -105.35 -37.58 49.37
CA LEU EA 84 -104.95 -37.38 50.75
C LEU EA 84 -105.72 -38.31 51.65
N TYR EA 85 -105.10 -38.67 52.77
CA TYR EA 85 -105.71 -39.59 53.71
C TYR EA 85 -105.59 -39.03 55.12
N LEU EA 86 -106.61 -39.31 55.93
CA LEU EA 86 -106.52 -39.10 57.37
C LEU EA 86 -106.93 -40.39 58.07
N GLN EA 87 -105.98 -41.07 58.69
CA GLN EA 87 -106.26 -42.27 59.44
C GLN EA 87 -106.55 -41.91 60.89
N MET EA 88 -107.79 -42.12 61.31
CA MET EA 88 -108.22 -41.82 62.66
C MET EA 88 -108.30 -43.11 63.47
N THR EA 89 -107.78 -43.09 64.70
CA THR EA 89 -107.91 -44.24 65.60
C THR EA 89 -108.43 -43.79 66.97
N ASN EA 90 -108.88 -44.76 67.77
N ASN EA 90 -108.86 -44.76 67.78
CA ASN EA 90 -109.38 -44.52 69.13
CA ASN EA 90 -109.35 -44.50 69.14
C ASN EA 90 -110.34 -43.34 69.16
C ASN EA 90 -110.33 -43.32 69.15
N LEU EA 91 -111.28 -43.34 68.23
CA LEU EA 91 -112.25 -42.26 68.09
C LEU EA 91 -113.10 -42.09 69.35
N ARG EA 92 -113.49 -40.85 69.62
CA ARG EA 92 -114.38 -40.56 70.75
C ARG EA 92 -115.59 -39.79 70.23
N VAL EA 93 -116.60 -39.67 71.08
CA VAL EA 93 -117.86 -39.01 70.73
C VAL EA 93 -117.67 -37.58 70.19
N GLU EA 94 -116.68 -36.87 70.76
CA GLU EA 94 -116.46 -35.47 70.40
C GLU EA 94 -115.66 -35.30 69.11
N ASP EA 95 -115.29 -36.41 68.47
CA ASP EA 95 -114.69 -36.35 67.14
C ASP EA 95 -115.78 -36.25 66.09
N THR EA 96 -117.05 -36.32 66.52
CA THR EA 96 -118.17 -36.22 65.63
C THR EA 96 -118.19 -34.87 64.92
N GLY EA 97 -118.43 -34.90 63.61
CA GLY EA 97 -118.56 -33.68 62.84
C GLY EA 97 -118.29 -33.91 61.37
N VAL EA 98 -118.33 -32.81 60.60
CA VAL EA 98 -117.99 -32.84 59.19
C VAL EA 98 -116.50 -32.58 59.01
N TYR EA 99 -115.84 -33.45 58.25
CA TYR EA 99 -114.41 -33.32 57.98
C TYR EA 99 -114.17 -32.86 56.55
N TYR EA 100 -113.42 -31.78 56.44
CA TYR EA 100 -113.04 -31.16 55.18
C TYR EA 100 -111.57 -31.35 54.96
N CYS EA 101 -111.18 -31.61 53.72
CA CYS EA 101 -109.80 -31.40 53.31
C CYS EA 101 -109.74 -30.06 52.57
N ALA EA 102 -108.65 -29.32 52.78
CA ALA EA 102 -108.57 -27.94 52.32
C ALA EA 102 -107.16 -27.63 51.83
N LYS EA 103 -107.02 -27.20 50.59
CA LYS EA 103 -105.73 -26.93 49.99
C LYS EA 103 -105.20 -25.55 50.35
N HIS EA 104 -103.92 -25.48 50.71
CA HIS EA 104 -103.26 -24.20 50.98
C HIS EA 104 -102.88 -23.63 49.62
N MET EA 105 -102.92 -22.31 49.47
CA MET EA 105 -102.77 -21.75 48.13
C MET EA 105 -101.36 -21.72 47.56
N SER EA 106 -100.33 -21.58 48.39
CA SER EA 106 -98.99 -21.41 47.82
C SER EA 106 -98.47 -22.73 47.28
N MET EA 107 -97.94 -22.71 46.06
CA MET EA 107 -97.31 -23.88 45.48
C MET EA 107 -96.07 -24.32 46.25
N GLN EA 108 -96.01 -25.61 46.59
CA GLN EA 108 -94.93 -26.11 47.43
C GLN EA 108 -93.93 -26.98 46.71
N GLN EA 109 -94.34 -27.58 45.59
CA GLN EA 109 -93.39 -28.34 44.80
C GLN EA 109 -93.78 -28.46 43.34
N VAL EA 110 -92.76 -28.59 42.48
CA VAL EA 110 -92.98 -28.89 41.08
C VAL EA 110 -92.05 -30.05 40.77
N VAL EA 111 -92.62 -31.24 40.71
CA VAL EA 111 -91.83 -32.46 40.53
C VAL EA 111 -91.08 -32.47 39.21
N SER EA 112 -91.71 -31.99 38.15
CA SER EA 112 -91.09 -32.02 36.84
C SER EA 112 -89.84 -31.14 36.80
N ALA EA 113 -89.70 -30.22 37.77
CA ALA EA 113 -88.53 -29.36 37.85
C ALA EA 113 -87.63 -29.72 38.99
N GLY EA 114 -87.95 -30.77 39.72
CA GLY EA 114 -87.20 -31.04 40.92
C GLY EA 114 -87.20 -29.85 41.88
N TRP EA 115 -88.22 -29.00 41.85
CA TRP EA 115 -88.25 -27.84 42.75
C TRP EA 115 -89.15 -28.10 43.95
N GLU EA 116 -88.68 -27.66 45.11
CA GLU EA 116 -89.44 -27.70 46.37
C GLU EA 116 -89.22 -26.44 47.16
N ARG EA 117 -90.30 -25.77 47.52
CA ARG EA 117 -90.21 -24.58 48.37
C ARG EA 117 -89.48 -24.93 49.64
N ALA EA 118 -88.60 -24.03 50.08
CA ALA EA 118 -87.80 -24.27 51.27
C ALA EA 118 -88.63 -24.40 52.52
N ASP EA 119 -89.72 -23.65 52.56
CA ASP EA 119 -90.55 -23.56 53.74
C ASP EA 119 -92.00 -23.91 53.44
N LEU EA 120 -92.69 -24.42 54.45
CA LEU EA 120 -94.11 -24.67 54.35
C LEU EA 120 -94.86 -23.39 54.72
N VAL EA 121 -95.48 -22.76 53.72
CA VAL EA 121 -96.14 -21.49 53.93
C VAL EA 121 -97.40 -21.62 54.78
N GLY EA 122 -98.28 -22.55 54.41
CA GLY EA 122 -99.51 -22.79 55.16
C GLY EA 122 -100.47 -21.60 55.14
N ASP EA 123 -100.51 -20.91 54.00
CA ASP EA 123 -101.40 -19.75 53.80
C ASP EA 123 -102.85 -20.19 53.50
N ALA EA 124 -103.67 -19.30 52.94
CA ALA EA 124 -105.12 -19.43 52.95
C ALA EA 124 -105.63 -20.70 52.27
N PHE EA 125 -106.74 -21.22 52.77
CA PHE EA 125 -107.35 -22.40 52.18
C PHE EA 125 -108.21 -21.99 50.98
N ASP EA 126 -107.66 -22.05 49.78
CA ASP EA 126 -108.37 -21.54 48.61
C ASP EA 126 -109.36 -22.55 48.01
N VAL EA 127 -109.20 -23.83 48.36
CA VAL EA 127 -110.15 -24.84 47.92
C VAL EA 127 -110.51 -25.80 49.04
N TRP EA 128 -111.81 -25.98 49.27
CA TRP EA 128 -112.29 -26.93 50.24
C TRP EA 128 -113.13 -27.96 49.52
N GLY EA 129 -113.15 -29.18 50.04
CA GLY EA 129 -114.09 -30.16 49.56
C GLY EA 129 -115.46 -29.84 50.14
N GLN EA 130 -116.42 -30.71 49.85
CA GLN EA 130 -117.80 -30.55 50.32
C GLN EA 130 -117.97 -31.12 51.73
N GLY EA 131 -116.95 -31.85 52.19
CA GLY EA 131 -116.93 -32.40 53.52
C GLY EA 131 -117.49 -33.80 53.54
N THR EA 132 -117.08 -34.60 54.52
CA THR EA 132 -117.61 -35.94 54.69
C THR EA 132 -118.00 -36.13 56.16
N MET EA 133 -119.18 -36.67 56.42
CA MET EA 133 -119.66 -36.70 57.80
C MET EA 133 -119.17 -37.91 58.59
N VAL EA 134 -118.62 -37.65 59.77
CA VAL EA 134 -118.21 -38.69 60.70
C VAL EA 134 -119.03 -38.58 61.96
N THR EA 135 -119.72 -39.65 62.32
CA THR EA 135 -120.44 -39.72 63.58
C THR EA 135 -119.91 -40.80 64.49
N VAL EA 136 -119.52 -40.44 65.71
CA VAL EA 136 -119.02 -41.45 66.65
C VAL EA 136 -120.03 -41.62 67.80
N SER EA 137 -120.73 -42.75 67.83
CA SER EA 137 -121.78 -43.00 68.81
C SER EA 137 -121.93 -44.49 69.00
N SER EA 138 -122.32 -44.99 70.17
CA SER EA 138 -122.53 -46.41 70.19
C SER EA 138 -123.86 -46.59 69.52
N ALA EA 139 -123.87 -46.89 68.23
CA ALA EA 139 -125.14 -46.92 67.55
C ALA EA 139 -125.08 -47.64 66.26
N SER EA 140 -126.18 -48.31 65.91
CA SER EA 140 -126.23 -48.99 64.65
C SER EA 140 -126.82 -47.93 63.66
N THR EA 141 -126.21 -47.73 62.50
CA THR EA 141 -126.75 -46.82 61.47
C THR EA 141 -128.07 -47.43 60.94
N LYS EA 142 -129.04 -46.59 60.61
CA LYS EA 142 -130.28 -47.00 59.92
C LYS EA 142 -130.65 -46.15 58.70
N GLY EA 143 -130.98 -46.80 57.58
CA GLY EA 143 -131.32 -46.08 56.37
C GLY EA 143 -132.76 -45.59 56.40
N PRO EA 144 -133.04 -44.51 55.63
CA PRO EA 144 -134.34 -43.82 55.67
C PRO EA 144 -135.48 -44.52 54.94
N SER EA 145 -136.70 -44.35 55.45
CA SER EA 145 -137.91 -44.63 54.71
C SER EA 145 -138.31 -43.36 53.99
N VAL EA 146 -138.75 -43.48 52.74
CA VAL EA 146 -139.12 -42.31 51.94
C VAL EA 146 -140.61 -42.40 51.59
N PHE EA 147 -141.35 -41.39 52.02
CA PHE EA 147 -142.78 -41.32 51.79
C PHE EA 147 -143.14 -40.09 50.98
N PRO EA 148 -144.12 -40.20 50.07
CA PRO EA 148 -144.45 -38.99 49.32
C PRO EA 148 -145.29 -38.01 50.16
N LEU EA 149 -145.06 -36.72 49.95
CA LEU EA 149 -145.93 -35.67 50.48
C LEU EA 149 -146.72 -35.19 49.28
N ALA EA 150 -147.98 -35.61 49.23
CA ALA EA 150 -148.76 -35.52 48.01
C ALA EA 150 -149.59 -34.23 47.92
N PRO EA 151 -149.50 -33.52 46.78
CA PRO EA 151 -150.34 -32.34 46.59
C PRO EA 151 -151.77 -32.80 46.45
N SER EA 152 -152.70 -32.00 46.93
CA SER EA 152 -154.11 -32.34 46.94
C SER EA 152 -154.92 -31.18 46.40
N SER EA 153 -156.14 -31.46 45.96
CA SER EA 153 -157.03 -30.40 45.52
C SER EA 153 -157.30 -29.50 46.73
N LYS EA 154 -157.31 -28.19 46.50
CA LYS EA 154 -157.54 -27.16 47.55
C LYS EA 154 -156.22 -26.81 48.27
N SER EA 155 -155.13 -27.46 47.90
CA SER EA 155 -153.84 -27.17 48.52
C SER EA 155 -153.21 -25.90 47.95
N THR EA 156 -153.79 -25.35 46.88
CA THR EA 156 -153.24 -24.15 46.28
C THR EA 156 -153.20 -22.99 47.28
N SER EA 157 -152.04 -22.35 47.35
CA SER EA 157 -151.84 -21.19 48.21
C SER EA 157 -150.84 -20.29 47.52
N GLY EA 158 -151.12 -19.00 47.50
CA GLY EA 158 -150.51 -18.13 46.51
C GLY EA 158 -151.09 -18.57 45.18
N GLY EA 159 -150.28 -18.59 44.14
CA GLY EA 159 -150.69 -19.16 42.86
C GLY EA 159 -150.02 -20.51 42.59
N THR EA 160 -149.49 -21.13 43.64
CA THR EA 160 -148.61 -22.30 43.49
C THR EA 160 -149.15 -23.52 44.24
N ALA EA 161 -148.65 -24.71 43.88
CA ALA EA 161 -148.92 -25.96 44.58
C ALA EA 161 -147.63 -26.47 45.21
N ALA EA 162 -147.72 -27.28 46.27
CA ALA EA 162 -146.53 -27.85 46.91
C ALA EA 162 -146.57 -29.37 46.99
N LEU EA 163 -145.41 -30.00 46.80
CA LEU EA 163 -145.27 -31.46 46.99
C LEU EA 163 -143.88 -31.76 47.55
N GLY EA 164 -143.64 -32.98 48.03
CA GLY EA 164 -142.37 -33.25 48.69
C GLY EA 164 -142.10 -34.70 49.04
N CYS EA 165 -141.02 -34.96 49.79
CA CYS EA 165 -140.71 -36.29 50.27
C CYS EA 165 -140.39 -36.19 51.76
N LEU EA 166 -140.94 -37.12 52.54
CA LEU EA 166 -140.60 -37.23 53.95
C LEU EA 166 -139.58 -38.34 54.09
N VAL EA 167 -138.37 -37.95 54.48
CA VAL EA 167 -137.28 -38.89 54.67
C VAL EA 167 -137.13 -39.13 56.17
N LYS EA 168 -137.60 -40.28 56.62
CA LYS EA 168 -137.86 -40.53 58.03
C LYS EA 168 -137.02 -41.67 58.58
N ASP EA 169 -136.59 -41.52 59.84
CA ASP EA 169 -136.00 -42.61 60.62
C ASP EA 169 -134.69 -43.14 60.06
N TYR EA 170 -133.68 -42.28 59.98
CA TYR EA 170 -132.37 -42.72 59.52
C TYR EA 170 -131.29 -42.28 60.49
N PHE EA 171 -130.15 -42.93 60.42
CA PHE EA 171 -129.01 -42.56 61.22
C PHE EA 171 -127.78 -43.14 60.54
N PRO EA 172 -126.66 -42.37 60.49
CA PRO EA 172 -126.48 -41.01 60.98
C PRO EA 172 -126.77 -40.02 59.87
N GLU EA 173 -126.43 -38.77 60.12
CA GLU EA 173 -126.43 -37.77 59.08
C GLU EA 173 -125.28 -38.06 58.11
N PRO EA 174 -125.40 -37.63 56.84
CA PRO EA 174 -126.48 -36.84 56.26
C PRO EA 174 -127.17 -37.62 55.16
N VAL EA 175 -128.29 -37.08 54.67
CA VAL EA 175 -128.92 -37.59 53.47
C VAL EA 175 -128.90 -36.44 52.46
N THR EA 176 -128.69 -36.75 51.18
CA THR EA 176 -128.82 -35.76 50.12
C THR EA 176 -130.12 -36.02 49.36
N VAL EA 177 -130.79 -34.96 48.94
CA VAL EA 177 -132.01 -35.10 48.14
C VAL EA 177 -131.92 -34.24 46.90
N SER EA 178 -132.26 -34.83 45.76
CA SER EA 178 -132.40 -34.10 44.50
C SER EA 178 -133.77 -34.38 43.91
N TRP EA 179 -134.17 -33.66 42.87
CA TRP EA 179 -135.48 -33.86 42.28
C TRP EA 179 -135.32 -34.07 40.77
N ASN EA 180 -135.96 -35.10 40.23
CA ASN EA 180 -135.83 -35.48 38.82
C ASN EA 180 -134.37 -35.53 38.41
N SER EA 181 -133.56 -36.18 39.25
CA SER EA 181 -132.17 -36.43 38.95
C SER EA 181 -131.39 -35.12 38.81
N GLY EA 182 -131.91 -34.05 39.38
CA GLY EA 182 -131.26 -32.75 39.34
C GLY EA 182 -131.78 -31.85 38.22
N ALA EA 183 -132.73 -32.34 37.44
CA ALA EA 183 -133.34 -31.54 36.38
C ALA EA 183 -134.26 -30.47 36.98
N LEU EA 184 -134.75 -30.73 38.19
CA LEU EA 184 -135.64 -29.81 38.89
C LEU EA 184 -134.93 -29.24 40.12
N THR EA 185 -134.68 -27.94 40.09
CA THR EA 185 -133.97 -27.22 41.15
C THR EA 185 -134.70 -25.98 41.68
N SER EA 186 -135.24 -25.15 40.80
N SER EA 186 -135.42 -25.28 40.81
CA SER EA 186 -136.04 -24.00 41.21
CA SER EA 186 -136.14 -24.08 41.22
C SER EA 186 -137.16 -24.35 42.22
C SER EA 186 -137.21 -24.38 42.24
N GLY EA 187 -137.19 -23.62 43.33
CA GLY EA 187 -138.23 -23.71 44.34
C GLY EA 187 -138.10 -24.90 45.27
N VAL EA 188 -136.90 -25.49 45.35
CA VAL EA 188 -136.65 -26.62 46.25
C VAL EA 188 -136.12 -26.16 47.60
N HIS EA 189 -136.71 -26.70 48.66
CA HIS EA 189 -136.22 -26.53 50.02
C HIS EA 189 -136.04 -27.89 50.63
N THR EA 190 -134.84 -28.20 51.09
CA THR EA 190 -134.61 -29.42 51.85
C THR EA 190 -134.32 -28.97 53.28
N PHE EA 191 -135.20 -29.33 54.20
CA PHE EA 191 -135.11 -28.86 55.57
C PHE EA 191 -133.99 -29.52 56.35
N PRO EA 192 -133.42 -28.80 57.32
CA PRO EA 192 -132.48 -29.44 58.24
C PRO EA 192 -133.14 -30.63 58.94
N ALA EA 193 -132.37 -31.69 59.13
CA ALA EA 193 -132.87 -32.86 59.83
C ALA EA 193 -133.16 -32.51 61.28
N VAL EA 194 -134.17 -33.16 61.85
CA VAL EA 194 -134.47 -33.01 63.27
C VAL EA 194 -134.27 -34.37 63.93
N LEU EA 195 -133.62 -34.36 65.10
CA LEU EA 195 -133.45 -35.57 65.87
C LEU EA 195 -134.74 -35.86 66.63
N GLN EA 196 -135.29 -37.04 66.43
CA GLN EA 196 -136.51 -37.46 67.10
C GLN EA 196 -136.18 -38.12 68.43
N SER EA 197 -137.19 -38.35 69.26
CA SER EA 197 -136.99 -38.99 70.55
C SER EA 197 -136.41 -40.40 70.39
N SER EA 198 -136.76 -41.06 69.28
CA SER EA 198 -136.24 -42.39 68.96
C SER EA 198 -134.73 -42.44 68.77
N GLY EA 199 -134.07 -41.30 68.61
CA GLY EA 199 -132.65 -41.25 68.32
C GLY EA 199 -132.36 -41.28 66.83
N LEU EA 200 -133.40 -41.28 66.00
CA LEU EA 200 -133.25 -41.25 64.55
C LEU EA 200 -133.60 -39.87 64.02
N TYR EA 201 -133.00 -39.53 62.88
CA TYR EA 201 -133.23 -38.26 62.22
C TYR EA 201 -134.42 -38.33 61.29
N SER EA 202 -135.04 -37.18 61.04
CA SER EA 202 -136.15 -37.06 60.10
C SER EA 202 -135.98 -35.72 59.41
N LEU EA 203 -136.36 -35.67 58.13
CA LEU EA 203 -136.17 -34.48 57.32
C LEU EA 203 -137.24 -34.49 56.25
N SER EA 204 -137.61 -33.31 55.78
CA SER EA 204 -138.55 -33.19 54.68
C SER EA 204 -137.92 -32.38 53.55
N SER EA 205 -138.26 -32.71 52.31
CA SER EA 205 -137.91 -31.90 51.16
C SER EA 205 -139.19 -31.54 50.43
N VAL EA 206 -139.36 -30.27 50.06
CA VAL EA 206 -140.54 -29.82 49.37
C VAL EA 206 -140.17 -28.97 48.17
N VAL EA 207 -141.07 -28.84 47.21
CA VAL EA 207 -140.85 -27.98 46.07
C VAL EA 207 -142.17 -27.31 45.69
N THR EA 208 -142.15 -26.02 45.30
CA THR EA 208 -143.41 -25.40 44.88
C THR EA 208 -143.28 -25.24 43.39
N VAL EA 209 -144.30 -25.79 42.77
CA VAL EA 209 -144.51 -25.87 41.37
C VAL EA 209 -145.91 -25.44 40.88
N PRO EA 210 -146.01 -24.72 39.72
CA PRO EA 210 -147.32 -24.29 39.19
C PRO EA 210 -148.29 -25.47 39.21
N SER EA 211 -149.60 -25.36 39.46
CA SER EA 211 -150.42 -26.57 39.50
C SER EA 211 -150.57 -27.28 38.14
N SER EA 212 -150.78 -26.46 37.11
CA SER EA 212 -151.04 -26.98 35.79
C SER EA 212 -149.88 -27.81 35.33
N SER EA 213 -148.71 -27.22 35.44
CA SER EA 213 -147.48 -27.89 35.06
C SER EA 213 -147.37 -29.22 35.83
N LEU EA 214 -147.99 -29.29 37.01
CA LEU EA 214 -147.94 -30.55 37.78
C LEU EA 214 -148.73 -31.69 37.33
N GLY EA 215 -149.96 -31.43 36.99
CA GLY EA 215 -150.71 -32.56 36.49
C GLY EA 215 -149.97 -33.16 35.30
N THR EA 216 -149.45 -32.31 34.44
CA THR EA 216 -148.80 -32.73 33.20
C THR EA 216 -147.40 -33.31 33.30
N GLN EA 217 -146.73 -33.12 34.44
CA GLN EA 217 -145.33 -33.48 34.56
C GLN EA 217 -145.04 -34.45 35.71
N THR EA 218 -143.90 -35.11 35.55
CA THR EA 218 -143.43 -36.18 36.42
C THR EA 218 -142.41 -35.78 37.48
N TYR EA 219 -142.77 -35.85 38.77
CA TYR EA 219 -141.84 -35.41 39.81
C TYR EA 219 -141.49 -36.57 40.73
N ILE EA 220 -140.17 -36.77 40.79
CA ILE EA 220 -139.48 -37.84 41.51
C ILE EA 220 -138.36 -37.28 42.37
N CYS EA 221 -138.30 -37.67 43.63
CA CYS EA 221 -137.18 -37.28 44.50
C CYS EA 221 -136.18 -38.41 44.73
N ASN EA 222 -134.89 -38.10 44.60
CA ASN EA 222 -133.81 -39.07 44.75
C ASN EA 222 -133.12 -38.83 46.08
N VAL EA 223 -133.23 -39.82 46.97
CA VAL EA 223 -132.71 -39.76 48.32
C VAL EA 223 -131.50 -40.66 48.38
N ASN EA 224 -130.41 -40.12 48.89
CA ASN EA 224 -129.17 -40.85 49.04
C ASN EA 224 -128.71 -40.78 50.48
N HIS EA 225 -128.46 -41.94 51.06
CA HIS EA 225 -127.89 -41.99 52.39
C HIS EA 225 -126.72 -42.96 52.28
N LYS EA 226 -125.53 -42.37 52.10
CA LYS EA 226 -124.32 -43.15 51.85
C LYS EA 226 -123.96 -44.11 52.95
N PRO EA 227 -124.13 -43.67 54.20
CA PRO EA 227 -123.73 -44.64 55.22
C PRO EA 227 -124.54 -45.93 55.08
N SER EA 228 -125.75 -45.88 54.49
CA SER EA 228 -126.58 -47.09 54.31
C SER EA 228 -126.71 -47.62 52.93
N ASN EA 229 -125.91 -47.09 52.02
CA ASN EA 229 -125.95 -47.53 50.66
C ASN EA 229 -127.36 -47.40 50.12
N THR EA 230 -128.11 -46.46 50.67
CA THR EA 230 -129.47 -46.26 50.24
C THR EA 230 -129.45 -45.34 49.06
N LYS EA 231 -130.10 -45.77 47.99
CA LYS EA 231 -130.35 -44.92 46.85
C LYS EA 231 -131.78 -45.23 46.45
N VAL EA 232 -132.68 -44.31 46.76
CA VAL EA 232 -134.10 -44.53 46.56
C VAL EA 232 -134.58 -43.47 45.58
N ASP EA 233 -135.43 -43.87 44.64
CA ASP EA 233 -136.13 -42.91 43.80
C ASP EA 233 -137.61 -43.08 44.08
N LYS EA 234 -138.25 -42.04 44.61
CA LYS EA 234 -139.66 -42.13 44.93
C LYS EA 234 -140.48 -41.14 44.12
N ARG EA 235 -141.44 -41.68 43.37
CA ARG EA 235 -142.35 -40.90 42.56
C ARG EA 235 -143.42 -40.27 43.43
N VAL EA 236 -143.74 -39.00 43.18
CA VAL EA 236 -144.71 -38.27 43.99
C VAL EA 236 -145.87 -37.83 43.11
N GLU EA 237 -147.07 -38.32 43.42
CA GLU EA 237 -148.25 -38.07 42.59
C GLU EA 237 -149.41 -37.64 43.51
N PRO EA 238 -150.37 -36.89 42.96
CA PRO EA 238 -151.55 -36.45 43.73
C PRO EA 238 -152.38 -37.60 44.28
N LYS EA 239 -152.96 -37.38 45.44
CA LYS EA 239 -153.82 -38.39 46.08
C LYS EA 239 -155.12 -38.59 45.30
N ASP FA 1 -102.13 -21.26 71.85
CA ASP FA 1 -103.08 -21.16 70.69
C ASP FA 1 -103.54 -19.72 70.59
N ILE FA 2 -103.53 -19.17 69.39
CA ILE FA 2 -104.03 -17.82 69.18
C ILE FA 2 -105.56 -17.84 69.09
N GLN FA 3 -106.21 -16.98 69.87
CA GLN FA 3 -107.66 -16.87 69.88
C GLN FA 3 -108.11 -15.70 69.01
N LEU FA 4 -109.08 -15.96 68.14
CA LEU FA 4 -109.70 -14.93 67.33
C LEU FA 4 -111.14 -14.72 67.84
N THR FA 5 -111.49 -13.47 68.13
CA THR FA 5 -112.80 -13.14 68.65
C THR FA 5 -113.51 -12.31 67.60
N GLN FA 6 -114.66 -12.79 67.13
CA GLN FA 6 -115.40 -12.09 66.10
C GLN FA 6 -116.59 -11.39 66.67
N SER FA 7 -116.81 -10.15 66.24
CA SER FA 7 -118.04 -9.46 66.64
C SER FA 7 -118.67 -8.70 65.46
N PRO FA 8 -120.02 -8.53 65.50
CA PRO FA 8 -120.81 -9.18 66.55
C PRO FA 8 -121.01 -10.64 66.20
N SER FA 9 -121.62 -11.41 67.10
CA SER FA 9 -121.86 -12.83 66.84
C SER FA 9 -122.84 -12.93 65.68
N SER FA 10 -123.78 -11.98 65.63
CA SER FA 10 -124.82 -11.97 64.62
C SER FA 10 -125.06 -10.51 64.29
N LEU FA 11 -125.26 -10.24 63.00
CA LEU FA 11 -125.51 -8.90 62.52
C LEU FA 11 -126.62 -8.88 61.49
N SER FA 12 -127.57 -7.97 61.70
CA SER FA 12 -128.71 -7.81 60.80
C SER FA 12 -128.50 -6.54 59.99
N ALA FA 13 -128.70 -6.60 58.68
CA ALA FA 13 -128.57 -5.42 57.84
C ALA FA 13 -129.41 -5.55 56.59
N SER FA 14 -129.73 -4.42 55.97
CA SER FA 14 -130.57 -4.39 54.80
C SER FA 14 -129.72 -4.53 53.54
N VAL FA 15 -130.31 -5.10 52.50
CA VAL FA 15 -129.65 -5.18 51.21
C VAL FA 15 -129.18 -3.80 50.78
N GLY FA 16 -127.91 -3.68 50.43
CA GLY FA 16 -127.34 -2.42 50.00
C GLY FA 16 -126.56 -1.73 51.10
N ASP FA 17 -126.74 -2.19 52.34
CA ASP FA 17 -126.04 -1.58 53.47
C ASP FA 17 -124.57 -1.91 53.40
N ARG FA 18 -123.76 -0.97 53.86
N ARG FA 18 -123.76 -0.97 53.88
CA ARG FA 18 -122.35 -1.21 54.04
CA ARG FA 18 -122.33 -1.21 54.03
C ARG FA 18 -122.17 -1.91 55.38
C ARG FA 18 -122.10 -1.88 55.39
N VAL FA 19 -121.54 -3.07 55.34
CA VAL FA 19 -121.44 -3.94 56.51
C VAL FA 19 -119.97 -4.19 56.91
N THR FA 20 -119.67 -4.09 58.21
CA THR FA 20 -118.30 -4.30 58.72
C THR FA 20 -118.29 -5.41 59.75
N LEU FA 21 -117.48 -6.43 59.52
CA LEU FA 21 -117.31 -7.54 60.44
C LEU FA 21 -115.93 -7.41 61.05
N THR FA 22 -115.80 -7.67 62.35
CA THR FA 22 -114.49 -7.46 62.99
C THR FA 22 -113.95 -8.75 63.60
N CYS FA 23 -112.62 -8.84 63.63
CA CYS FA 23 -111.89 -9.96 64.20
C CYS FA 23 -110.77 -9.39 65.04
N GLN FA 24 -110.67 -9.86 66.28
CA GLN FA 24 -109.60 -9.46 67.16
C GLN FA 24 -108.76 -10.65 67.57
N ALA FA 25 -107.45 -10.55 67.37
CA ALA FA 25 -106.55 -11.62 67.74
C ALA FA 25 -105.95 -11.38 69.11
N SER FA 26 -105.69 -12.47 69.82
CA SER FA 26 -105.20 -12.36 71.18
C SER FA 26 -103.73 -11.97 71.18
N GLN FA 27 -103.07 -12.02 70.02
CA GLN FA 27 -101.68 -11.58 69.88
C GLN FA 27 -101.37 -11.08 68.46
N ASP FA 28 -100.25 -10.37 68.29
CA ASP FA 28 -99.90 -9.79 66.99
C ASP FA 28 -99.63 -10.89 65.96
N ILE FA 29 -100.49 -10.92 64.95
CA ILE FA 29 -100.38 -11.87 63.85
C ILE FA 29 -100.00 -11.16 62.54
N ARG FA 30 -99.53 -9.92 62.64
CA ARG FA 30 -99.13 -9.14 61.47
C ARG FA 30 -100.30 -9.15 60.48
N LYS FA 31 -100.09 -9.62 59.24
CA LYS FA 31 -101.13 -9.69 58.24
C LYS FA 31 -101.48 -11.14 57.88
N PHE FA 32 -101.09 -12.11 58.70
CA PHE FA 32 -101.35 -13.49 58.33
C PHE FA 32 -102.77 -13.87 58.75
N LEU FA 33 -103.76 -13.31 58.06
CA LEU FA 33 -105.17 -13.49 58.42
C LEU FA 33 -106.05 -13.68 57.19
N ASN FA 34 -106.93 -14.69 57.19
CA ASN FA 34 -107.79 -14.95 56.05
C ASN FA 34 -109.24 -14.91 56.49
N TRP FA 35 -110.13 -14.59 55.55
CA TRP FA 35 -111.57 -14.54 55.76
C TRP FA 35 -112.23 -15.52 54.81
N TYR FA 36 -113.18 -16.29 55.33
CA TYR FA 36 -113.97 -17.27 54.59
C TYR FA 36 -115.45 -17.00 54.74
N GLN FA 37 -116.22 -17.44 53.75
CA GLN FA 37 -117.67 -17.48 53.82
C GLN FA 37 -118.11 -18.93 53.77
N GLN FA 38 -119.05 -19.27 54.63
CA GLN FA 38 -119.63 -20.59 54.64
C GLN FA 38 -121.11 -20.50 54.61
N LYS FA 39 -121.69 -21.07 53.57
CA LYS FA 39 -123.11 -21.15 53.50
C LYS FA 39 -123.54 -22.46 54.11
N PRO FA 40 -124.72 -22.45 54.73
CA PRO FA 40 -125.18 -23.63 55.47
C PRO FA 40 -125.15 -24.91 54.65
N GLY FA 41 -124.57 -25.96 55.21
CA GLY FA 41 -124.52 -27.25 54.55
C GLY FA 41 -123.52 -27.29 53.40
N LYS FA 42 -122.73 -26.23 53.24
CA LYS FA 42 -121.72 -26.13 52.20
C LYS FA 42 -120.35 -25.93 52.82
N GLY FA 43 -119.30 -26.22 52.05
CA GLY FA 43 -117.95 -25.99 52.51
C GLY FA 43 -117.60 -24.51 52.50
N PRO FA 44 -116.63 -24.09 53.33
CA PRO FA 44 -116.22 -22.68 53.29
C PRO FA 44 -115.66 -22.28 51.94
N LYS FA 45 -115.69 -20.98 51.65
CA LYS FA 45 -115.03 -20.44 50.47
C LYS FA 45 -114.20 -19.22 50.88
N LEU FA 46 -112.98 -19.17 50.36
CA LEU FA 46 -112.06 -18.08 50.65
C LEU FA 46 -112.51 -16.76 50.04
N LEU FA 47 -112.50 -15.71 50.84
CA LEU FA 47 -112.81 -14.35 50.39
C LEU FA 47 -111.58 -13.46 50.35
N ILE FA 48 -110.86 -13.39 51.46
CA ILE FA 48 -109.76 -12.44 51.57
C ILE FA 48 -108.55 -13.18 52.11
N TYR FA 49 -107.40 -13.04 51.46
CA TYR FA 49 -106.17 -13.61 52.02
C TYR FA 49 -105.14 -12.54 52.37
N ASP FA 50 -104.39 -12.86 53.42
CA ASP FA 50 -103.36 -11.99 53.98
C ASP FA 50 -103.93 -10.60 54.24
N ALA FA 51 -105.10 -10.61 54.87
CA ALA FA 51 -105.83 -9.48 55.45
C ALA FA 51 -106.56 -8.60 54.43
N SER FA 52 -105.94 -8.31 53.29
CA SER FA 52 -106.51 -7.35 52.35
C SER FA 52 -106.61 -7.79 50.88
N ASN FA 53 -106.17 -9.00 50.55
CA ASN FA 53 -106.22 -9.41 49.15
C ASN FA 53 -107.47 -10.16 48.79
N LEU FA 54 -108.18 -9.62 47.79
CA LEU FA 54 -109.39 -10.24 47.30
C LEU FA 54 -109.05 -11.43 46.44
N GLN FA 55 -109.55 -12.60 46.81
CA GLN FA 55 -109.33 -13.79 46.02
C GLN FA 55 -109.99 -13.69 44.65
N ARG FA 56 -109.28 -14.18 43.65
CA ARG FA 56 -109.78 -14.27 42.28
C ARG FA 56 -111.19 -14.87 42.25
N GLY FA 57 -112.11 -14.18 41.59
CA GLY FA 57 -113.45 -14.71 41.39
C GLY FA 57 -114.44 -14.29 42.46
N VAL FA 58 -113.94 -13.79 43.60
CA VAL FA 58 -114.81 -13.32 44.66
C VAL FA 58 -115.31 -11.92 44.30
N PRO FA 59 -116.60 -11.64 44.53
CA PRO FA 59 -117.10 -10.32 44.13
C PRO FA 59 -116.30 -9.18 44.75
N SER FA 60 -116.09 -8.12 44.00
CA SER FA 60 -115.25 -7.01 44.45
C SER FA 60 -115.84 -6.20 45.60
N ARG FA 61 -117.12 -6.41 45.92
CA ARG FA 61 -117.71 -5.72 47.06
C ARG FA 61 -117.07 -6.16 48.37
N PHE FA 62 -116.33 -7.28 48.36
CA PHE FA 62 -115.60 -7.71 49.55
C PHE FA 62 -114.23 -7.07 49.54
N SER FA 63 -113.83 -6.56 50.70
CA SER FA 63 -112.50 -6.03 50.90
C SER FA 63 -112.12 -6.34 52.34
N GLY FA 64 -110.83 -6.40 52.63
CA GLY FA 64 -110.36 -6.71 53.98
C GLY FA 64 -109.32 -5.70 54.38
N GLY FA 65 -109.19 -5.45 55.68
CA GLY FA 65 -108.22 -4.50 56.19
C GLY FA 65 -107.72 -4.84 57.58
N GLY FA 66 -106.68 -4.12 58.01
CA GLY FA 66 -106.17 -4.26 59.37
C GLY FA 66 -104.86 -5.02 59.42
N SER FA 67 -104.28 -5.07 60.62
CA SER FA 67 -103.03 -5.77 60.86
C SER FA 67 -102.77 -5.81 62.36
N GLY FA 68 -101.82 -6.63 62.79
CA GLY FA 68 -101.55 -6.79 64.20
C GLY FA 68 -102.65 -7.59 64.86
N THR FA 69 -103.47 -6.94 65.67
CA THR FA 69 -104.55 -7.62 66.37
C THR FA 69 -105.97 -7.28 65.87
N ASP FA 70 -106.14 -6.23 65.06
CA ASP FA 70 -107.48 -5.76 64.64
C ASP FA 70 -107.71 -5.85 63.13
N PHE FA 71 -108.76 -6.58 62.73
CA PHE FA 71 -109.04 -6.79 61.31
C PHE FA 71 -110.51 -6.56 61.00
N THR FA 72 -110.80 -6.19 59.76
CA THR FA 72 -112.17 -6.01 59.32
C THR FA 72 -112.41 -6.64 57.95
N LEU FA 73 -113.59 -7.20 57.75
CA LEU FA 73 -114.06 -7.59 56.43
C LEU FA 73 -115.22 -6.67 56.11
N ILE FA 74 -115.17 -5.97 54.98
CA ILE FA 74 -116.21 -5.04 54.60
C ILE FA 74 -116.89 -5.51 53.33
N ILE FA 75 -118.22 -5.50 53.40
CA ILE FA 75 -119.07 -5.75 52.25
C ILE FA 75 -119.69 -4.42 51.89
N SER FA 76 -119.27 -3.84 50.77
CA SER FA 76 -119.60 -2.46 50.47
C SER FA 76 -121.08 -2.28 50.17
N SER FA 77 -121.72 -3.32 49.65
CA SER FA 77 -123.14 -3.28 49.37
C SER FA 77 -123.70 -4.67 49.58
N LEU FA 78 -124.39 -4.87 50.71
CA LEU FA 78 -124.82 -6.19 51.09
C LEU FA 78 -125.78 -6.70 50.04
N GLN FA 79 -125.58 -7.93 49.61
CA GLN FA 79 -126.47 -8.55 48.65
C GLN FA 79 -127.15 -9.67 49.41
N PRO FA 80 -128.35 -10.06 48.97
CA PRO FA 80 -129.07 -11.12 49.68
C PRO FA 80 -128.29 -12.44 49.72
N GLU FA 81 -127.54 -12.74 48.67
CA GLU FA 81 -126.73 -13.97 48.60
C GLU FA 81 -125.58 -13.97 49.60
N ASP FA 82 -125.35 -12.86 50.27
CA ASP FA 82 -124.34 -12.76 51.29
C ASP FA 82 -124.71 -13.40 52.64
N VAL FA 83 -125.97 -13.82 52.82
CA VAL FA 83 -126.36 -14.47 54.08
C VAL FA 83 -125.49 -15.70 54.30
N GLY FA 84 -125.07 -15.89 55.55
CA GLY FA 84 -124.29 -17.05 55.91
C GLY FA 84 -123.39 -16.66 57.06
N THR FA 85 -122.35 -17.47 57.29
CA THR FA 85 -121.44 -17.25 58.41
C THR FA 85 -120.05 -16.94 57.87
N TYR FA 86 -119.36 -16.01 58.50
CA TYR FA 86 -118.04 -15.58 58.06
C TYR FA 86 -117.02 -15.88 59.16
N TYR FA 87 -115.90 -16.48 58.77
CA TYR FA 87 -114.86 -16.85 59.74
C TYR FA 87 -113.56 -16.17 59.38
N CYS FA 88 -112.85 -15.71 60.40
CA CYS FA 88 -111.49 -15.29 60.22
C CYS FA 88 -110.61 -16.43 60.66
N GLN FA 89 -109.38 -16.43 60.18
CA GLN FA 89 -108.47 -17.51 60.44
C GLN FA 89 -107.02 -17.08 60.38
N GLN FA 90 -106.22 -17.61 61.28
CA GLN FA 90 -104.92 -17.03 61.53
C GLN FA 90 -103.90 -18.12 61.21
N TYR FA 91 -102.83 -17.74 60.52
CA TYR FA 91 -101.71 -18.65 60.29
C TYR FA 91 -100.34 -18.05 60.64
N ASP FA 92 -100.31 -17.06 61.53
CA ASP FA 92 -99.05 -16.58 62.11
C ASP FA 92 -98.28 -17.72 62.75
N GLY FA 93 -98.99 -18.60 63.44
CA GLY FA 93 -98.37 -19.74 64.09
C GLY FA 93 -99.35 -20.90 64.24
N LEU FA 94 -98.81 -22.11 64.24
CA LEU FA 94 -99.58 -23.30 64.55
C LEU FA 94 -99.95 -23.31 66.04
N PRO FA 95 -101.11 -23.89 66.38
CA PRO FA 95 -102.08 -24.46 65.45
C PRO FA 95 -102.86 -23.36 64.76
N PHE FA 96 -103.22 -23.58 63.49
CA PHE FA 96 -104.07 -22.64 62.78
C PHE FA 96 -105.39 -22.61 63.53
N THR FA 97 -105.96 -21.43 63.68
CA THR FA 97 -107.23 -21.27 64.39
C THR FA 97 -108.19 -20.37 63.66
N PHE FA 98 -109.48 -20.56 63.95
CA PHE FA 98 -110.53 -19.79 63.31
C PHE FA 98 -111.27 -19.00 64.38
N GLY FA 99 -111.82 -17.86 63.99
CA GLY FA 99 -112.76 -17.13 64.82
C GLY FA 99 -114.01 -17.95 64.97
N GLY FA 100 -114.85 -17.57 65.94
CA GLY FA 100 -116.08 -18.29 66.18
C GLY FA 100 -117.18 -18.01 65.17
N GLY FA 101 -116.93 -17.10 64.24
CA GLY FA 101 -117.84 -16.84 63.14
C GLY FA 101 -118.80 -15.71 63.44
N THR FA 102 -119.18 -14.98 62.41
CA THR FA 102 -120.23 -13.97 62.50
C THR FA 102 -121.32 -14.32 61.50
N LYS FA 103 -122.56 -14.46 61.97
CA LYS FA 103 -123.67 -14.79 61.10
C LYS FA 103 -124.27 -13.50 60.55
N VAL FA 104 -124.40 -13.42 59.23
CA VAL FA 104 -125.04 -12.26 58.60
C VAL FA 104 -126.47 -12.58 58.22
N VAL FA 105 -127.36 -11.66 58.59
CA VAL FA 105 -128.79 -11.82 58.45
C VAL FA 105 -129.35 -10.62 57.73
N ILE FA 106 -130.19 -10.85 56.73
CA ILE FA 106 -130.84 -9.77 55.99
C ILE FA 106 -132.11 -9.29 56.70
N LYS FA 107 -132.31 -7.97 56.72
CA LYS FA 107 -133.55 -7.33 57.16
C LYS FA 107 -134.37 -7.14 55.91
N ARG FA 108 -135.64 -7.52 55.91
CA ARG FA 108 -136.37 -7.30 54.67
C ARG FA 108 -137.74 -6.81 55.08
N THR FA 109 -138.59 -6.58 54.09
CA THR FA 109 -139.98 -6.18 54.32
C THR FA 109 -140.72 -7.47 54.80
N VAL FA 110 -141.79 -7.39 55.58
CA VAL FA 110 -142.56 -8.61 55.93
C VAL FA 110 -143.06 -9.31 54.69
N ALA FA 111 -143.08 -10.64 54.75
CA ALA FA 111 -143.61 -11.44 53.67
C ALA FA 111 -144.32 -12.63 54.30
N ALA FA 112 -145.60 -12.75 53.99
CA ALA FA 112 -146.46 -13.73 54.62
C ALA FA 112 -146.19 -15.12 54.06
N PRO FA 113 -146.29 -16.15 54.91
CA PRO FA 113 -146.05 -17.51 54.41
C PRO FA 113 -147.20 -18.01 53.58
N SER FA 114 -146.89 -18.86 52.60
CA SER FA 114 -147.95 -19.65 51.98
C SER FA 114 -147.99 -20.98 52.72
N VAL FA 115 -149.18 -21.43 53.09
CA VAL FA 115 -149.33 -22.61 53.92
C VAL FA 115 -149.92 -23.80 53.17
N PHE FA 116 -149.31 -24.96 53.37
CA PHE FA 116 -149.79 -26.22 52.77
C PHE FA 116 -149.82 -27.29 53.84
N ILE FA 117 -150.80 -28.18 53.77
CA ILE FA 117 -150.86 -29.33 54.69
C ILE FA 117 -150.85 -30.62 53.88
N PHE FA 118 -150.19 -31.64 54.42
CA PHE FA 118 -150.12 -32.94 53.76
C PHE FA 118 -150.55 -34.04 54.75
N PRO FA 119 -151.48 -34.92 54.34
CA PRO FA 119 -151.81 -36.11 55.15
C PRO FA 119 -150.71 -37.16 55.06
N PRO FA 120 -150.73 -38.14 55.97
CA PRO FA 120 -149.78 -39.25 55.84
C PRO FA 120 -150.07 -40.08 54.59
N SER FA 121 -149.02 -40.59 53.97
CA SER FA 121 -149.17 -41.42 52.77
C SER FA 121 -149.68 -42.80 53.16
N ASP FA 122 -150.13 -43.55 52.16
CA ASP FA 122 -150.66 -44.90 52.40
C ASP FA 122 -149.52 -45.86 52.76
N GLU FA 123 -148.37 -45.66 52.13
CA GLU FA 123 -147.21 -46.52 52.41
C GLU FA 123 -146.84 -46.43 53.90
N GLN FA 124 -146.96 -45.25 54.49
CA GLN FA 124 -146.52 -45.04 55.87
C GLN FA 124 -147.50 -45.63 56.89
N LEU FA 125 -148.79 -45.41 56.69
CA LEU FA 125 -149.84 -46.00 57.53
C LEU FA 125 -149.81 -47.50 57.50
N LYS FA 126 -149.61 -48.04 56.31
CA LYS FA 126 -149.44 -49.46 56.09
C LYS FA 126 -148.43 -50.04 57.11
N SER FA 127 -147.58 -49.18 57.68
CA SER FA 127 -146.51 -49.54 58.58
C SER FA 127 -146.71 -49.04 60.02
N GLY FA 128 -147.91 -48.60 60.40
CA GLY FA 128 -148.22 -48.35 61.80
C GLY FA 128 -147.87 -46.99 62.40
N THR FA 129 -147.34 -46.08 61.60
CA THR FA 129 -147.02 -44.73 62.08
C THR FA 129 -147.65 -43.70 61.15
N ALA FA 130 -148.12 -42.58 61.70
CA ALA FA 130 -148.69 -41.51 60.89
C ALA FA 130 -147.98 -40.16 61.09
N SER FA 131 -147.43 -39.62 60.00
CA SER FA 131 -146.78 -38.31 60.01
C SER FA 131 -147.62 -37.33 59.16
N VAL FA 132 -148.06 -36.25 59.80
CA VAL FA 132 -148.82 -35.18 59.15
C VAL FA 132 -147.92 -33.94 59.03
N VAL FA 133 -147.80 -33.36 57.85
CA VAL FA 133 -146.83 -32.26 57.62
C VAL FA 133 -147.48 -30.92 57.27
N CYS FA 134 -146.94 -29.86 57.84
CA CYS FA 134 -147.39 -28.51 57.55
C CYS FA 134 -146.17 -27.75 57.05
N LEU FA 135 -146.32 -27.07 55.93
CA LEU FA 135 -145.23 -26.33 55.32
C LEU FA 135 -145.60 -24.86 55.28
N LEU FA 136 -144.70 -24.02 55.78
CA LEU FA 136 -144.81 -22.58 55.62
C LEU FA 136 -143.70 -22.19 54.67
N ASN FA 137 -144.07 -21.66 53.50
CA ASN FA 137 -143.09 -21.40 52.46
C ASN FA 137 -142.80 -19.92 52.31
N ASN FA 138 -141.51 -19.62 52.24
CA ASN FA 138 -140.98 -18.30 51.88
C ASN FA 138 -141.62 -17.11 52.57
N PHE FA 139 -141.28 -16.94 53.85
CA PHE FA 139 -141.85 -15.87 54.66
C PHE FA 139 -140.79 -15.16 55.48
N TYR FA 140 -141.15 -14.01 56.02
CA TYR FA 140 -140.26 -13.28 56.90
C TYR FA 140 -141.18 -12.39 57.75
N PRO FA 141 -140.89 -12.22 59.05
CA PRO FA 141 -139.72 -12.71 59.77
C PRO FA 141 -139.81 -14.16 60.15
N ARG FA 142 -138.74 -14.65 60.74
CA ARG FA 142 -138.61 -16.06 61.03
C ARG FA 142 -139.64 -16.49 62.05
N GLU FA 143 -139.97 -15.59 62.97
CA GLU FA 143 -140.87 -15.95 64.06
C GLU FA 143 -142.23 -16.29 63.51
N ALA FA 144 -142.69 -17.50 63.78
CA ALA FA 144 -144.02 -17.96 63.41
C ALA FA 144 -144.51 -18.94 64.48
N LYS FA 145 -145.82 -19.03 64.63
CA LYS FA 145 -146.46 -19.98 65.52
C LYS FA 145 -147.24 -20.98 64.69
N VAL FA 146 -146.98 -22.26 64.88
CA VAL FA 146 -147.71 -23.31 64.17
C VAL FA 146 -148.37 -24.14 65.25
N GLN FA 147 -149.70 -24.22 65.18
CA GLN FA 147 -150.50 -24.90 66.18
C GLN FA 147 -151.25 -26.02 65.49
N TRP FA 148 -151.16 -27.24 66.02
CA TRP FA 148 -151.92 -28.36 65.49
C TRP FA 148 -153.26 -28.54 66.21
N LYS FA 149 -154.29 -28.89 65.45
CA LYS FA 149 -155.60 -29.22 66.00
C LYS FA 149 -156.11 -30.49 65.34
N VAL FA 150 -156.51 -31.45 66.17
CA VAL FA 150 -157.10 -32.70 65.72
C VAL FA 150 -158.53 -32.74 66.21
N ASP FA 151 -159.49 -32.80 65.27
CA ASP FA 151 -160.90 -32.63 65.58
C ASP FA 151 -161.08 -31.40 66.47
N ASN FA 152 -160.32 -30.34 66.19
CA ASN FA 152 -160.47 -29.07 66.90
C ASN FA 152 -159.85 -29.07 68.30
N ALA FA 153 -159.13 -30.13 68.65
CA ALA FA 153 -158.45 -30.22 69.94
C ALA FA 153 -156.99 -29.80 69.81
N LEU FA 154 -156.59 -28.83 70.63
CA LEU FA 154 -155.25 -28.26 70.53
C LEU FA 154 -154.18 -29.24 70.94
N GLN FA 155 -153.32 -29.56 69.98
CA GLN FA 155 -152.29 -30.56 70.15
C GLN FA 155 -151.03 -29.94 70.77
N SER FA 156 -150.26 -30.72 71.52
CA SER FA 156 -148.95 -30.25 71.97
C SER FA 156 -148.00 -31.39 72.38
N GLY FA 157 -146.72 -31.19 72.14
CA GLY FA 157 -145.69 -32.15 72.53
C GLY FA 157 -145.41 -33.26 71.55
N ASN FA 158 -146.26 -33.39 70.53
CA ASN FA 158 -146.11 -34.43 69.52
C ASN FA 158 -145.81 -33.81 68.17
N SER FA 159 -145.20 -32.65 68.16
CA SER FA 159 -144.79 -32.05 66.90
C SER FA 159 -143.41 -31.46 66.99
N GLN FA 160 -142.76 -31.39 65.84
CA GLN FA 160 -141.43 -30.79 65.71
C GLN FA 160 -141.30 -29.86 64.51
N GLU FA 161 -140.62 -28.74 64.71
CA GLU FA 161 -140.42 -27.79 63.62
C GLU FA 161 -138.97 -27.86 63.12
N SER FA 162 -138.78 -27.55 61.84
CA SER FA 162 -137.47 -27.35 61.27
C SER FA 162 -137.54 -26.10 60.42
N VAL FA 163 -136.48 -25.31 60.41
CA VAL FA 163 -136.50 -24.06 59.67
C VAL FA 163 -135.29 -24.01 58.76
N THR FA 164 -135.52 -23.59 57.51
CA THR FA 164 -134.43 -23.43 56.57
C THR FA 164 -133.59 -22.26 56.98
N GLU FA 165 -132.38 -22.26 56.47
CA GLU FA 165 -131.49 -21.13 56.59
C GLU FA 165 -132.06 -19.99 55.77
N GLN FA 166 -131.75 -18.76 56.16
CA GLN FA 166 -132.23 -17.59 55.43
C GLN FA 166 -131.76 -17.71 53.97
N ASP FA 167 -132.69 -17.56 53.05
CA ASP FA 167 -132.47 -17.70 51.62
C ASP FA 167 -131.51 -16.68 51.04
N SER FA 168 -130.60 -17.15 50.18
CA SER FA 168 -129.57 -16.30 49.62
C SER FA 168 -130.05 -15.31 48.61
N LYS FA 169 -131.20 -15.54 48.02
CA LYS FA 169 -131.63 -14.62 46.99
C LYS FA 169 -132.64 -13.62 47.57
N ASP FA 170 -133.69 -14.12 48.21
CA ASP FA 170 -134.74 -13.27 48.77
C ASP FA 170 -134.80 -13.19 50.31
N SER FA 171 -133.87 -13.84 51.01
CA SER FA 171 -133.77 -13.62 52.45
C SER FA 171 -134.95 -14.08 53.28
N THR FA 172 -135.72 -15.02 52.72
CA THR FA 172 -136.85 -15.60 53.44
C THR FA 172 -136.48 -16.89 54.11
N TYR FA 173 -137.42 -17.38 54.91
CA TYR FA 173 -137.27 -18.63 55.60
C TYR FA 173 -138.39 -19.50 55.11
N SER FA 174 -138.22 -20.80 55.30
CA SER FA 174 -139.31 -21.74 55.16
C SER FA 174 -139.29 -22.59 56.40
N LEU FA 175 -140.43 -23.15 56.76
CA LEU FA 175 -140.55 -23.89 58.01
C LEU FA 175 -141.45 -25.08 57.76
N SER FA 176 -141.15 -26.21 58.40
CA SER FA 176 -142.03 -27.36 58.39
C SER FA 176 -142.34 -27.76 59.82
N SER FA 177 -143.59 -28.13 60.10
CA SER FA 177 -143.99 -28.66 61.39
C SER FA 177 -144.55 -30.05 61.12
N THR FA 178 -144.05 -31.06 61.83
CA THR FA 178 -144.49 -32.43 61.63
C THR FA 178 -145.16 -32.93 62.90
N LEU FA 179 -146.45 -33.27 62.77
CA LEU FA 179 -147.22 -33.84 63.86
C LEU FA 179 -147.19 -35.35 63.72
N THR FA 180 -146.64 -36.04 64.73
CA THR FA 180 -146.49 -37.48 64.67
C THR FA 180 -147.37 -38.16 65.69
N LEU FA 181 -148.17 -39.10 65.23
CA LEU FA 181 -148.97 -39.91 66.13
C LEU FA 181 -149.13 -41.31 65.59
N SER FA 182 -149.46 -42.24 66.47
CA SER FA 182 -149.56 -43.63 66.08
C SER FA 182 -150.73 -43.75 65.15
N LYS FA 183 -150.70 -44.80 64.36
CA LYS FA 183 -151.78 -45.07 63.43
C LYS FA 183 -153.14 -45.16 64.11
N ALA FA 184 -153.17 -45.80 65.28
CA ALA FA 184 -154.38 -45.98 66.06
C ALA FA 184 -155.03 -44.63 66.29
N ASP FA 185 -154.23 -43.71 66.81
CA ASP FA 185 -154.71 -42.38 67.13
C ASP FA 185 -155.09 -41.65 65.86
N TYR FA 186 -154.27 -41.77 64.80
CA TYR FA 186 -154.62 -41.08 63.56
C TYR FA 186 -156.03 -41.48 63.10
N GLU FA 187 -156.36 -42.74 63.33
CA GLU FA 187 -157.65 -43.28 62.92
C GLU FA 187 -158.80 -42.95 63.82
N LYS FA 188 -158.47 -42.70 65.07
CA LYS FA 188 -159.48 -42.19 65.99
C LYS FA 188 -160.16 -40.97 65.38
N HIS FA 189 -159.38 -39.96 64.96
CA HIS FA 189 -159.98 -38.67 64.58
C HIS FA 189 -160.10 -38.45 63.07
N LYS FA 190 -160.81 -37.38 62.70
CA LYS FA 190 -161.16 -37.08 61.31
C LYS FA 190 -160.55 -35.81 60.74
N VAL FA 191 -160.66 -34.71 61.48
CA VAL FA 191 -160.23 -33.40 60.97
C VAL FA 191 -158.84 -33.02 61.48
N TYR FA 192 -157.91 -32.81 60.55
CA TYR FA 192 -156.54 -32.41 60.89
C TYR FA 192 -156.27 -31.03 60.35
N ALA FA 193 -155.83 -30.14 61.24
CA ALA FA 193 -155.74 -28.72 60.91
C ALA FA 193 -154.44 -28.11 61.43
N CYS FA 194 -153.80 -27.33 60.56
CA CYS FA 194 -152.61 -26.57 60.89
C CYS FA 194 -153.01 -25.09 60.89
N GLU FA 195 -152.88 -24.44 62.05
CA GLU FA 195 -153.17 -23.02 62.19
C GLU FA 195 -151.89 -22.22 62.37
N VAL FA 196 -151.63 -21.32 61.42
CA VAL FA 196 -150.40 -20.55 61.39
C VAL FA 196 -150.70 -19.12 61.79
N THR FA 197 -149.93 -18.59 62.74
CA THR FA 197 -150.02 -17.20 63.13
C THR FA 197 -148.68 -16.60 62.77
N HIS FA 198 -148.70 -15.48 62.10
CA HIS FA 198 -147.47 -14.88 61.60
C HIS FA 198 -147.78 -13.44 61.37
N GLN FA 199 -146.73 -12.65 61.55
CA GLN FA 199 -146.84 -11.23 61.52
C GLN FA 199 -147.40 -10.77 60.14
N GLY FA 200 -147.22 -11.54 59.08
CA GLY FA 200 -147.71 -11.16 57.77
C GLY FA 200 -149.17 -11.58 57.50
N LEU FA 201 -149.80 -12.28 58.46
CA LEU FA 201 -151.21 -12.69 58.32
C LEU FA 201 -152.01 -11.88 59.34
N SER FA 202 -153.10 -11.24 58.93
CA SER FA 202 -153.86 -10.39 59.86
C SER FA 202 -154.57 -11.18 60.89
N SER FA 203 -154.82 -12.42 60.54
CA SER FA 203 -155.38 -13.31 61.48
C SER FA 203 -154.95 -14.68 61.05
N PRO FA 204 -154.95 -15.62 61.99
CA PRO FA 204 -154.44 -16.96 61.74
C PRO FA 204 -155.06 -17.63 60.52
N VAL FA 205 -154.22 -18.30 59.75
CA VAL FA 205 -154.65 -19.04 58.57
C VAL FA 205 -154.71 -20.50 58.96
N THR FA 206 -155.80 -21.18 58.60
CA THR FA 206 -155.92 -22.61 58.87
C THR FA 206 -156.01 -23.37 57.55
N LYS FA 207 -155.20 -24.42 57.43
CA LYS FA 207 -155.33 -25.38 56.36
C LYS FA 207 -155.67 -26.70 57.01
N SER FA 208 -156.65 -27.43 56.47
CA SER FA 208 -156.98 -28.71 57.07
C SER FA 208 -157.39 -29.71 56.01
N PHE FA 209 -157.61 -30.94 56.46
CA PHE FA 209 -158.18 -31.96 55.59
C PHE FA 209 -158.97 -32.96 56.42
N ASN FA 210 -159.83 -33.72 55.75
CA ASN FA 210 -160.58 -34.79 56.40
C ASN FA 210 -159.92 -36.11 56.05
N ARG FA 211 -159.65 -36.94 57.05
CA ARG FA 211 -158.95 -38.20 56.85
C ARG FA 211 -159.62 -39.10 55.81
N GLY FA 212 -158.82 -39.52 54.84
CA GLY FA 212 -159.29 -40.39 53.78
C GLY FA 212 -160.16 -39.68 52.76
N GLU FA 213 -159.84 -38.44 52.42
CA GLU FA 213 -160.61 -37.69 51.43
C GLU FA 213 -159.65 -37.00 50.47
N VAL GA 2 -102.39 8.30 24.29
CA VAL GA 2 -102.02 9.40 25.18
C VAL GA 2 -103.20 10.37 25.20
N GLN GA 3 -103.42 10.99 26.35
CA GLN GA 3 -104.47 12.00 26.53
C GLN GA 3 -103.82 13.27 27.03
N LEU GA 4 -104.38 14.41 26.63
CA LEU GA 4 -103.81 15.70 27.00
C LEU GA 4 -104.80 16.57 27.72
N GLN GA 5 -104.31 17.39 28.65
CA GLN GA 5 -105.19 18.33 29.30
C GLN GA 5 -104.48 19.65 29.62
N GLU GA 6 -104.93 20.72 28.98
CA GLU GA 6 -104.31 22.04 29.18
C GLU GA 6 -104.93 22.72 30.40
N SER GA 7 -104.19 23.66 30.98
CA SER GA 7 -104.69 24.50 32.05
C SER GA 7 -103.91 25.81 32.16
N GLY GA 8 -104.42 26.75 32.96
CA GLY GA 8 -103.71 27.98 33.26
C GLY GA 8 -104.29 29.23 32.63
N GLY GA 9 -105.26 29.05 31.76
CA GLY GA 9 -105.89 30.16 31.06
C GLY GA 9 -106.68 31.03 32.01
N GLY GA 10 -106.92 32.26 31.60
CA GLY GA 10 -107.70 33.17 32.39
C GLY GA 10 -107.64 34.51 31.73
N LEU GA 11 -108.12 35.53 32.44
CA LEU GA 11 -108.10 36.89 31.96
C LEU GA 11 -106.85 37.60 32.44
N VAL GA 12 -106.16 38.29 31.53
CA VAL GA 12 -104.99 39.05 31.88
C VAL GA 12 -104.95 40.38 31.12
N GLN GA 13 -104.28 41.35 31.72
CA GLN GA 13 -104.14 42.66 31.13
C GLN GA 13 -103.16 42.56 29.96
N PRO GA 14 -103.34 43.43 28.95
CA PRO GA 14 -102.30 43.48 27.90
C PRO GA 14 -100.98 43.84 28.53
N GLY GA 15 -99.89 43.20 28.12
CA GLY GA 15 -98.57 43.47 28.66
C GLY GA 15 -98.13 42.49 29.74
N GLU GA 16 -99.09 41.82 30.39
CA GLU GA 16 -98.78 40.87 31.45
C GLU GA 16 -98.26 39.55 30.91
N SER GA 17 -97.89 38.64 31.81
CA SER GA 17 -97.38 37.34 31.43
C SER GA 17 -98.34 36.28 31.96
N LEU GA 18 -98.21 35.07 31.45
CA LEU GA 18 -99.09 33.97 31.84
C LEU GA 18 -98.46 32.67 31.40
N ARG GA 19 -98.59 31.64 32.23
N ARG GA 19 -98.55 31.65 32.24
CA ARG GA 19 -97.95 30.36 31.96
CA ARG GA 19 -97.93 30.37 31.95
C ARG GA 19 -98.98 29.26 31.82
C ARG GA 19 -98.99 29.27 31.82
N LEU GA 20 -99.06 28.67 30.63
CA LEU GA 20 -99.95 27.55 30.38
C LEU GA 20 -99.19 26.26 30.61
N SER GA 21 -99.90 25.24 31.07
N SER GA 21 -99.93 25.23 31.05
CA SER GA 21 -99.30 23.91 31.18
CA SER GA 21 -99.36 23.91 31.25
C SER GA 21 -100.23 22.88 30.56
C SER GA 21 -100.22 22.91 30.47
N CYS GA 22 -99.70 21.72 30.21
CA CYS GA 22 -100.49 20.69 29.57
C CYS GA 22 -99.99 19.37 30.12
N VAL GA 23 -100.86 18.55 30.70
CA VAL GA 23 -100.40 17.32 31.31
C VAL GA 23 -100.84 16.13 30.47
N GLY GA 24 -99.87 15.27 30.20
CA GLY GA 24 -100.13 14.05 29.46
C GLY GA 24 -100.45 12.93 30.42
N SER GA 25 -101.37 12.07 30.01
CA SER GA 25 -101.71 10.85 30.75
C SER GA 25 -101.97 9.74 29.75
N GLY GA 26 -102.41 8.59 30.23
CA GLY GA 26 -102.64 7.44 29.36
C GLY GA 26 -101.35 7.01 28.73
N SER GA 27 -101.47 6.23 27.67
CA SER GA 27 -100.31 5.73 26.97
C SER GA 27 -100.73 5.16 25.61
N SER GA 28 -99.77 5.10 24.70
CA SER GA 28 -99.95 4.62 23.33
C SER GA 28 -99.13 3.34 23.16
N PHE GA 29 -98.67 3.04 21.95
CA PHE GA 29 -97.97 1.78 21.68
C PHE GA 29 -96.78 1.57 22.53
N GLY GA 30 -96.62 0.31 22.91
CA GLY GA 30 -95.56 -0.05 23.80
C GLY GA 30 -95.72 0.72 25.07
N GLU GA 31 -96.91 1.07 25.51
CA GLU GA 31 -97.02 1.86 26.74
C GLU GA 31 -96.30 3.25 26.69
N SER GA 32 -96.16 3.86 25.51
CA SER GA 32 -95.54 5.21 25.36
C SER GA 32 -96.40 6.30 25.97
N THR GA 33 -95.72 7.29 26.53
CA THR GA 33 -96.35 8.44 27.12
C THR GA 33 -95.92 9.66 26.34
N LEU GA 34 -96.41 10.82 26.77
CA LEU GA 34 -96.17 12.05 26.06
C LEU GA 34 -94.69 12.35 25.81
N SER GA 35 -93.82 11.94 26.73
CA SER GA 35 -92.40 12.26 26.64
C SER GA 35 -91.67 11.51 25.53
N TYR GA 36 -92.36 10.62 24.83
CA TYR GA 36 -91.81 9.95 23.68
C TYR GA 36 -92.05 10.73 22.38
N TYR GA 37 -92.88 11.77 22.44
CA TYR GA 37 -93.37 12.44 21.26
C TYR GA 37 -93.06 13.94 21.22
N ALA GA 38 -92.95 14.45 20.00
CA ALA GA 38 -92.95 15.89 19.79
C ALA GA 38 -94.36 16.42 20.00
N VAL GA 39 -94.45 17.68 20.42
CA VAL GA 39 -95.71 18.30 20.78
C VAL GA 39 -95.67 19.74 20.32
N SER GA 40 -96.82 20.27 19.91
CA SER GA 40 -96.94 21.65 19.50
C SER GA 40 -97.97 22.37 20.33
N TRP GA 41 -97.90 23.70 20.37
CA TRP GA 41 -99.01 24.51 20.84
C TRP GA 41 -99.65 25.12 19.58
N VAL GA 42 -100.98 25.14 19.56
CA VAL GA 42 -101.76 25.61 18.44
C VAL GA 42 -102.90 26.39 19.07
N ARG GA 43 -103.32 27.52 18.50
CA ARG GA 43 -104.41 28.27 19.12
C ARG GA 43 -105.52 28.60 18.13
N GLN GA 44 -106.65 29.02 18.67
CA GLN GA 44 -107.83 29.31 17.87
C GLN GA 44 -108.54 30.52 18.43
N ALA GA 45 -108.48 31.62 17.69
CA ALA GA 45 -109.12 32.86 18.12
C ALA GA 45 -110.62 32.70 18.01
N PRO GA 46 -111.38 33.54 18.73
CA PRO GA 46 -112.83 33.36 18.75
C PRO GA 46 -113.44 33.40 17.35
N GLY GA 47 -114.18 32.35 16.99
CA GLY GA 47 -114.83 32.26 15.71
C GLY GA 47 -113.92 32.02 14.52
N LYS GA 48 -112.62 31.80 14.75
CA LYS GA 48 -111.64 31.64 13.68
C LYS GA 48 -111.13 30.20 13.60
N GLY GA 49 -110.16 29.99 12.71
CA GLY GA 49 -109.54 28.70 12.53
C GLY GA 49 -108.36 28.46 13.46
N LEU GA 50 -107.50 27.53 13.05
CA LEU GA 50 -106.38 27.08 13.87
C LEU GA 50 -105.06 27.70 13.43
N GLU GA 51 -104.25 28.09 14.40
CA GLU GA 51 -102.96 28.70 14.15
C GLU GA 51 -101.87 28.00 14.94
N TRP GA 52 -100.92 27.40 14.24
CA TRP GA 52 -99.80 26.76 14.89
C TRP GA 52 -98.88 27.82 15.49
N LEU GA 53 -98.42 27.57 16.71
CA LEU GA 53 -97.58 28.54 17.42
C LEU GA 53 -96.16 28.06 17.57
N SER GA 54 -95.96 26.82 18.01
CA SER GA 54 -94.64 26.39 18.41
C SER GA 54 -94.56 24.88 18.54
N ILE GA 55 -93.36 24.35 18.36
CA ILE GA 55 -93.13 22.92 18.47
C ILE GA 55 -91.90 22.63 19.32
N ILE GA 56 -91.93 21.49 20.01
CA ILE GA 56 -90.77 21.05 20.77
C ILE GA 56 -90.68 19.54 20.67
N ASN GA 57 -89.47 19.05 20.46
CA ASN GA 57 -89.23 17.63 20.26
C ASN GA 57 -89.24 16.90 21.61
N ALA GA 58 -89.33 15.57 21.55
CA ALA GA 58 -89.43 14.74 22.74
C ALA GA 58 -88.33 15.04 23.76
N GLY GA 59 -87.11 15.24 23.28
CA GLY GA 59 -85.98 15.46 24.16
C GLY GA 59 -85.73 16.91 24.57
N GLY GA 60 -86.61 17.82 24.16
CA GLY GA 60 -86.55 19.20 24.58
C GLY GA 60 -85.99 20.14 23.51
N GLY GA 61 -85.54 19.58 22.40
CA GLY GA 61 -84.91 20.33 21.33
C GLY GA 61 -85.77 20.63 20.12
N ASP GA 62 -85.10 21.14 19.10
CA ASP GA 62 -85.69 21.41 17.78
C ASP GA 62 -86.85 22.36 17.93
N ILE GA 63 -86.72 23.31 18.83
CA ILE GA 63 -87.78 24.25 19.07
C ILE GA 63 -87.93 25.24 17.94
N ASP GA 64 -89.20 25.54 17.67
CA ASP GA 64 -89.66 26.59 16.77
C ASP GA 64 -90.88 27.35 17.10
N TYR GA 65 -90.92 28.55 16.51
CA TYR GA 65 -92.03 29.44 16.76
C TYR GA 65 -92.55 30.01 15.45
N ALA GA 66 -93.86 30.24 15.41
CA ALA GA 66 -94.55 31.04 14.40
C ALA GA 66 -94.16 32.49 14.59
N ASP GA 67 -94.14 33.26 13.51
CA ASP GA 67 -93.74 34.67 13.61
C ASP GA 67 -94.58 35.48 14.57
N SER GA 68 -95.86 35.13 14.70
CA SER GA 68 -96.73 35.97 15.49
C SER GA 68 -96.41 35.95 16.99
N VAL GA 69 -95.69 34.93 17.45
CA VAL GA 69 -95.31 34.84 18.86
C VAL GA 69 -93.81 34.68 19.16
N GLU GA 70 -92.98 34.65 18.13
CA GLU GA 70 -91.53 34.52 18.31
C GLU GA 70 -90.96 35.68 19.13
N GLY GA 71 -90.20 35.35 20.17
CA GLY GA 71 -89.53 36.37 20.98
C GLY GA 71 -90.35 36.79 22.19
N ARG GA 72 -91.58 36.29 22.27
CA ARG GA 72 -92.51 36.57 23.38
C ARG GA 72 -92.91 35.29 24.12
N PHE GA 73 -93.13 34.19 23.39
CA PHE GA 73 -93.58 32.94 23.99
C PHE GA 73 -92.38 32.00 24.05
N THR GA 74 -92.35 31.13 25.06
CA THR GA 74 -91.30 30.15 25.24
C THR GA 74 -91.88 28.79 25.53
N ILE GA 75 -91.54 27.82 24.71
CA ILE GA 75 -92.02 26.47 24.91
C ILE GA 75 -90.99 25.65 25.66
N SER GA 76 -91.47 24.80 26.56
CA SER GA 76 -90.54 23.92 27.28
C SER GA 76 -91.29 22.71 27.77
N ARG GA 77 -90.59 21.74 28.33
CA ARG GA 77 -91.27 20.58 28.88
C ARG GA 77 -90.46 19.94 30.01
N ASP GA 78 -91.16 19.34 30.96
CA ASP GA 78 -90.55 18.57 32.04
C ASP GA 78 -91.07 17.16 31.89
N ASN GA 79 -90.24 16.30 31.32
CA ASN GA 79 -90.66 14.95 31.00
C ASN GA 79 -90.85 14.08 32.24
N SER GA 80 -90.20 14.43 33.34
CA SER GA 80 -90.40 13.69 34.59
C SER GA 80 -91.83 13.85 35.09
N LYS GA 81 -92.50 14.94 34.70
CA LYS GA 81 -93.89 15.19 35.06
C LYS GA 81 -94.82 14.96 33.86
N GLU GA 82 -94.29 14.53 32.72
CA GLU GA 82 -95.07 14.42 31.51
C GLU GA 82 -95.87 15.69 31.26
N THR GA 83 -95.21 16.85 31.44
CA THR GA 83 -95.87 18.14 31.35
C THR GA 83 -95.20 19.05 30.32
N LEU GA 84 -96.02 19.76 29.54
CA LEU GA 84 -95.56 20.76 28.60
C LEU GA 84 -95.96 22.13 29.11
N TYR GA 85 -95.17 23.13 28.76
CA TYR GA 85 -95.43 24.49 29.20
C TYR GA 85 -95.34 25.46 28.02
N LEU GA 86 -96.17 26.52 28.07
CA LEU GA 86 -96.01 27.64 27.18
C LEU GA 86 -96.00 28.92 28.04
N GLN GA 87 -94.84 29.56 28.15
CA GLN GA 87 -94.69 30.81 28.87
C GLN GA 87 -94.90 31.97 27.92
N MET GA 88 -95.97 32.71 28.12
CA MET GA 88 -96.31 33.84 27.29
C MET GA 88 -95.94 35.13 28.03
N THR GA 89 -95.30 36.06 27.33
CA THR GA 89 -95.02 37.38 27.90
C THR GA 89 -95.48 38.46 26.94
N ASN GA 90 -95.58 39.68 27.46
N ASN GA 90 -95.57 39.69 27.44
CA ASN GA 90 -96.00 40.84 26.68
CA ASN GA 90 -95.97 40.84 26.64
C ASN GA 90 -97.23 40.56 25.83
C ASN GA 90 -97.22 40.52 25.82
N LEU GA 91 -98.23 39.95 26.47
CA LEU GA 91 -99.46 39.53 25.81
C LEU GA 91 -100.19 40.74 25.21
N ARG GA 92 -100.88 40.51 24.09
CA ARG GA 92 -101.70 41.53 23.45
C ARG GA 92 -103.11 41.03 23.26
N VAL GA 93 -104.00 41.96 22.92
CA VAL GA 93 -105.41 41.65 22.74
C VAL GA 93 -105.64 40.52 21.75
N GLU GA 94 -104.82 40.47 20.69
CA GLU GA 94 -105.01 39.48 19.63
C GLU GA 94 -104.41 38.11 19.97
N ASP GA 95 -103.83 37.97 21.16
CA ASP GA 95 -103.40 36.66 21.64
C ASP GA 95 -104.57 35.92 22.27
N THR GA 96 -105.74 36.58 22.36
CA THR GA 96 -106.96 35.99 22.91
C THR GA 96 -107.38 34.78 22.09
N GLY GA 97 -107.77 33.71 22.76
CA GLY GA 97 -108.27 32.52 22.09
C GLY GA 97 -108.15 31.28 22.95
N VAL GA 98 -108.54 30.14 22.38
CA VAL GA 98 -108.38 28.85 23.03
C VAL GA 98 -107.02 28.26 22.67
N TYR GA 99 -106.26 27.83 23.67
CA TYR GA 99 -104.96 27.27 23.44
C TYR GA 99 -104.99 25.76 23.64
N TYR GA 100 -104.55 25.05 22.61
CA TYR GA 100 -104.50 23.60 22.62
C TYR GA 100 -103.03 23.18 22.60
N CYS GA 101 -102.66 22.16 23.34
CA CYS GA 101 -101.43 21.45 23.07
C CYS GA 101 -101.78 20.17 22.27
N ALA GA 102 -100.93 19.80 21.33
CA ALA GA 102 -101.26 18.76 20.35
C ALA GA 102 -100.03 17.91 20.04
N LYS GA 103 -100.16 16.61 20.25
CA LYS GA 103 -99.07 15.66 20.06
C LYS GA 103 -98.88 15.22 18.61
N HIS GA 104 -97.63 15.20 18.15
CA HIS GA 104 -97.33 14.71 16.80
C HIS GA 104 -97.24 13.18 16.90
N MET GA 105 -97.66 12.49 15.84
CA MET GA 105 -97.81 11.03 15.98
C MET GA 105 -96.52 10.24 15.97
N SER GA 106 -95.49 10.69 15.26
CA SER GA 106 -94.30 9.86 15.12
C SER GA 106 -93.54 9.89 16.42
N MET GA 107 -93.14 8.71 16.88
CA MET GA 107 -92.30 8.63 18.05
C MET GA 107 -90.94 9.23 17.86
N GLN GA 108 -90.54 10.08 18.80
CA GLN GA 108 -89.30 10.81 18.66
C GLN GA 108 -88.19 10.36 19.59
N GLN GA 109 -88.52 9.75 20.71
CA GLN GA 109 -87.48 9.21 21.57
C GLN GA 109 -87.93 8.10 22.45
N VAL GA 110 -87.02 7.20 22.78
CA VAL GA 110 -87.33 6.22 23.79
C VAL GA 110 -86.17 6.21 24.78
N VAL GA 111 -86.37 6.83 25.92
CA VAL GA 111 -85.31 6.98 26.90
C VAL GA 111 -84.76 5.68 27.43
N SER GA 112 -85.61 4.67 27.65
CA SER GA 112 -85.02 3.50 28.26
C SER GA 112 -83.97 2.84 27.36
N ALA GA 113 -83.98 3.08 26.04
CA ALA GA 113 -82.90 2.56 25.16
C ALA GA 113 -82.10 3.67 24.62
N GLY GA 114 -82.33 4.90 25.04
CA GLY GA 114 -81.62 5.94 24.34
C GLY GA 114 -81.71 6.20 22.88
N TRP GA 115 -82.87 5.91 22.34
CA TRP GA 115 -83.11 6.14 20.94
C TRP GA 115 -83.82 7.44 20.83
N GLU GA 116 -83.38 8.15 19.81
CA GLU GA 116 -83.96 9.39 19.44
C GLU GA 116 -84.02 9.46 17.95
N ARG GA 117 -85.21 9.69 17.43
CA ARG GA 117 -85.32 9.85 16.01
C ARG GA 117 -84.38 10.97 15.63
N ALA GA 118 -83.67 10.78 14.53
CA ALA GA 118 -82.69 11.76 14.06
C ALA GA 118 -83.30 13.09 13.68
N ASP GA 119 -84.52 13.03 13.16
CA ASP GA 119 -85.18 14.20 12.62
C ASP GA 119 -86.51 14.38 13.32
N LEU GA 120 -86.94 15.63 13.40
CA LEU GA 120 -88.25 15.94 13.93
C LEU GA 120 -89.26 15.84 12.81
N VAL GA 121 -90.10 14.81 12.87
CA VAL GA 121 -91.05 14.56 11.81
C VAL GA 121 -92.13 15.64 11.78
N GLY GA 122 -92.75 15.89 12.94
CA GLY GA 122 -93.79 16.91 13.01
C GLY GA 122 -95.00 16.56 12.17
N ASP GA 123 -95.35 15.27 12.11
CA ASP GA 123 -96.52 14.79 11.36
C ASP GA 123 -97.82 15.03 12.15
N ALA GA 124 -98.91 14.34 11.80
CA ALA GA 124 -100.26 14.72 12.19
C ALA GA 124 -100.51 14.79 13.69
N PHE GA 125 -101.40 15.70 14.09
CA PHE GA 125 -101.76 15.84 15.49
C PHE GA 125 -102.81 14.81 15.85
N ASP GA 126 -102.39 13.68 16.38
CA ASP GA 126 -103.33 12.59 16.63
C ASP GA 126 -104.05 12.75 17.96
N VAL GA 127 -103.49 13.58 18.85
CA VAL GA 127 -104.14 13.89 20.10
C VAL GA 127 -104.05 15.37 20.43
N TRP GA 128 -105.20 15.95 20.73
CA TRP GA 128 -105.32 17.33 21.15
C TRP GA 128 -105.91 17.32 22.54
N GLY GA 129 -105.58 18.32 23.34
CA GLY GA 129 -106.28 18.53 24.61
C GLY GA 129 -107.63 19.16 24.32
N GLN GA 130 -108.38 19.48 25.37
CA GLN GA 130 -109.71 20.08 25.23
C GLN GA 130 -109.58 21.60 25.08
N GLY GA 131 -108.39 22.12 25.34
CA GLY GA 131 -108.11 23.54 25.17
C GLY GA 131 -108.33 24.30 26.45
N THR GA 132 -107.64 25.44 26.57
CA THR GA 132 -107.78 26.35 27.70
C THR GA 132 -107.95 27.80 27.26
N MET GA 133 -108.90 28.53 27.85
CA MET GA 133 -109.22 29.86 27.34
C MET GA 133 -108.31 30.94 27.92
N VAL GA 134 -107.73 31.73 27.03
CA VAL GA 134 -106.95 32.89 27.39
C VAL GA 134 -107.66 34.11 26.86
N THR GA 135 -107.95 35.03 27.74
CA THR GA 135 -108.50 36.30 27.34
C THR GA 135 -107.53 37.40 27.74
N VAL GA 136 -107.11 38.20 26.78
CA VAL GA 136 -106.22 39.28 27.12
C VAL GA 136 -107.11 40.46 26.95
N SER GA 137 -107.49 41.01 28.09
CA SER GA 137 -108.41 42.11 28.16
C SER GA 137 -108.04 42.80 29.43
N SER GA 138 -108.30 44.08 29.39
CA SER GA 138 -108.11 44.97 30.49
C SER GA 138 -109.09 44.91 31.69
N ALA GA 139 -110.33 44.44 31.49
CA ALA GA 139 -111.39 44.48 32.50
C ALA GA 139 -111.09 43.46 33.61
N SER GA 140 -111.55 43.73 34.85
CA SER GA 140 -111.32 42.83 35.98
C SER GA 140 -112.41 41.74 36.00
N THR GA 141 -112.10 40.57 36.59
CA THR GA 141 -113.06 39.46 36.65
C THR GA 141 -114.31 39.75 37.46
N LYS GA 142 -115.43 39.25 36.97
CA LYS GA 142 -116.67 39.23 37.73
C LYS GA 142 -117.36 37.88 37.64
N GLY GA 143 -117.74 37.32 38.78
CA GLY GA 143 -118.40 36.02 38.79
C GLY GA 143 -119.89 36.08 38.51
N PRO GA 144 -120.46 34.97 38.01
CA PRO GA 144 -121.86 34.95 37.57
C PRO GA 144 -122.85 34.87 38.75
N SER GA 145 -124.02 35.46 38.56
CA SER GA 145 -125.18 35.17 39.39
C SER GA 145 -125.92 34.04 38.71
N VAL GA 146 -126.40 33.07 39.48
CA VAL GA 146 -127.11 31.92 38.92
C VAL GA 146 -128.54 31.97 39.44
N PHE GA 147 -129.47 32.05 38.49
CA PHE GA 147 -130.88 32.12 38.77
C PHE GA 147 -131.60 30.93 38.15
N PRO GA 148 -132.62 30.38 38.82
CA PRO GA 148 -133.34 29.25 38.22
C PRO GA 148 -134.30 29.69 37.10
N LEU GA 149 -134.42 28.85 36.06
CA LEU GA 149 -135.47 28.99 35.06
C LEU GA 149 -136.47 27.91 35.40
N ALA GA 150 -137.58 28.33 36.01
CA ALA GA 150 -138.47 27.39 36.69
C ALA GA 150 -139.60 26.86 35.82
N PRO GA 151 -139.78 25.52 35.79
CA PRO GA 151 -140.92 24.96 35.07
C PRO GA 151 -142.18 25.33 35.81
N SER GA 152 -143.25 25.54 35.04
CA SER GA 152 -144.52 25.99 35.58
C SER GA 152 -145.63 25.13 35.00
N SER GA 153 -146.78 25.12 35.66
CA SER GA 153 -147.92 24.41 35.12
C SER GA 153 -148.28 25.10 33.80
N LYS GA 154 -148.65 24.29 32.80
CA LYS GA 154 -149.01 24.75 31.44
C LYS GA 154 -147.74 24.93 30.59
N SER GA 155 -146.56 24.67 31.14
CA SER GA 155 -145.32 24.81 30.37
C SER GA 155 -145.07 23.63 29.43
N THR GA 156 -145.85 22.54 29.57
CA THR GA 156 -145.67 21.37 28.71
C THR GA 156 -145.84 21.73 27.24
N SER GA 157 -144.89 21.28 26.42
CA SER GA 157 -144.95 21.49 24.98
C SER GA 157 -144.29 20.27 24.38
N GLY GA 158 -144.91 19.70 23.35
CA GLY GA 158 -144.64 18.31 23.02
C GLY GA 158 -145.23 17.52 24.16
N GLY GA 159 -144.55 16.45 24.57
CA GLY GA 159 -144.93 15.74 25.78
C GLY GA 159 -143.94 16.02 26.91
N THR GA 160 -143.18 17.10 26.78
CA THR GA 160 -142.04 17.36 27.67
C THR GA 160 -142.17 18.69 28.41
N ALA GA 161 -141.41 18.81 29.48
CA ALA GA 161 -141.24 20.04 30.26
C ALA GA 161 -139.82 20.53 30.13
N ALA GA 162 -139.60 21.82 30.34
CA ALA GA 162 -138.25 22.41 30.29
C ALA GA 162 -137.92 23.17 31.57
N LEU GA 163 -136.66 23.07 31.99
CA LEU GA 163 -136.16 23.86 33.13
C LEU GA 163 -134.69 24.24 32.88
N GLY GA 164 -134.14 25.17 33.64
CA GLY GA 164 -132.80 25.63 33.32
C GLY GA 164 -132.15 26.55 34.34
N CYS GA 165 -131.00 27.12 33.99
CA CYS GA 165 -130.31 28.08 34.81
C CYS GA 165 -129.91 29.28 33.97
N LEU GA 166 -130.15 30.48 34.47
CA LEU GA 166 -129.65 31.66 33.83
C LEU GA 166 -128.38 32.09 34.56
N VAL GA 167 -127.27 32.01 33.85
CA VAL GA 167 -125.97 32.37 34.39
C VAL GA 167 -125.64 33.75 33.82
N LYS GA 168 -125.78 34.78 34.66
CA LYS GA 168 -125.85 36.15 34.21
C LYS GA 168 -124.72 36.98 34.79
N ASP GA 169 -124.22 37.92 33.98
CA ASP GA 169 -123.30 38.97 34.41
C ASP GA 169 -121.92 38.46 34.89
N TYR GA 170 -121.19 37.82 33.99
CA TYR GA 170 -119.85 37.35 34.33
C TYR GA 170 -118.83 37.77 33.30
N PHE GA 171 -117.56 37.76 33.71
CA PHE GA 171 -116.47 38.04 32.81
C PHE GA 171 -115.22 37.43 33.41
N PRO GA 172 -114.35 36.83 32.59
CA PRO GA 172 -114.45 36.62 31.14
C PRO GA 172 -115.08 35.27 30.86
N GLU GA 173 -115.03 34.87 29.60
CA GLU GA 173 -115.38 33.51 29.24
C GLU GA 173 -114.28 32.62 29.79
N PRO GA 174 -114.58 31.34 30.07
CA PRO GA 174 -115.86 30.69 29.87
C PRO GA 174 -116.42 30.23 31.20
N VAL GA 175 -117.67 29.78 31.20
CA VAL GA 175 -118.28 29.10 32.33
C VAL GA 175 -118.59 27.70 31.84
N THR GA 176 -118.44 26.70 32.71
CA THR GA 176 -118.88 25.36 32.39
C THR GA 176 -120.16 25.08 33.17
N VAL GA 177 -121.10 24.36 32.56
CA VAL GA 177 -122.32 23.98 33.25
C VAL GA 177 -122.56 22.49 33.08
N SER GA 178 -122.85 21.83 34.20
CA SER GA 178 -123.29 20.44 34.22
C SER GA 178 -124.59 20.34 35.01
N TRP GA 179 -125.23 19.18 34.97
CA TRP GA 179 -126.50 19.00 35.68
C TRP GA 179 -126.42 17.78 36.58
N ASN GA 180 -126.84 17.93 37.84
CA ASN GA 180 -126.75 16.85 38.84
C ASN GA 180 -125.36 16.23 38.87
N SER GA 181 -124.34 17.08 38.88
CA SER GA 181 -122.95 16.66 39.02
C SER GA 181 -122.53 15.79 37.83
N GLY GA 182 -123.25 15.91 36.71
CA GLY GA 182 -122.94 15.16 35.51
C GLY GA 182 -123.75 13.89 35.32
N ALA GA 183 -124.64 13.57 36.27
CA ALA GA 183 -125.50 12.40 36.15
C ALA GA 183 -126.61 12.61 35.11
N LEU GA 184 -126.95 13.87 34.85
CA LEU GA 184 -127.99 14.21 33.90
C LEU GA 184 -127.34 14.90 32.71
N THR GA 185 -127.41 14.23 31.57
CA THR GA 185 -126.81 14.68 30.32
C THR GA 185 -127.76 14.71 29.12
N SER GA 186 -128.57 13.67 28.94
N SER GA 186 -128.71 13.78 29.07
CA SER GA 186 -129.59 13.65 27.89
CA SER GA 186 -129.67 13.74 27.97
C SER GA 186 -130.49 14.91 27.89
C SER GA 186 -130.54 14.96 27.91
N GLY GA 187 -130.60 15.54 26.72
CA GLY GA 187 -131.50 16.65 26.48
C GLY GA 187 -131.00 17.97 27.04
N VAL GA 188 -129.70 18.07 27.32
CA VAL GA 188 -129.11 19.30 27.84
C VAL GA 188 -128.59 20.17 26.70
N HIS GA 189 -128.92 21.45 26.73
CA HIS GA 189 -128.34 22.43 25.83
C HIS GA 189 -127.79 23.56 26.66
N THR GA 190 -126.49 23.83 26.52
CA THR GA 190 -125.91 25.01 27.13
C THR GA 190 -125.57 25.94 26.01
N PHE GA 191 -126.24 27.08 26.00
CA PHE GA 191 -126.13 28.04 24.91
C PHE GA 191 -124.81 28.80 24.89
N PRO GA 192 -124.34 29.19 23.70
CA PRO GA 192 -123.20 30.10 23.62
C PRO GA 192 -123.52 31.39 24.38
N ALA GA 193 -122.53 31.92 25.06
CA ALA GA 193 -122.70 33.17 25.80
C ALA GA 193 -122.96 34.33 24.85
N VAL GA 194 -123.74 35.30 25.32
CA VAL GA 194 -123.96 36.52 24.58
C VAL GA 194 -123.34 37.63 25.40
N LEU GA 195 -122.63 38.50 24.71
CA LEU GA 195 -122.06 39.66 25.34
C LEU GA 195 -123.15 40.71 25.48
N GLN GA 196 -123.36 41.19 26.71
CA GLN GA 196 -124.37 42.20 26.96
C GLN GA 196 -123.79 43.60 26.82
N SER GA 197 -124.65 44.61 26.81
CA SER GA 197 -124.22 46.01 26.69
C SER GA 197 -123.33 46.42 27.87
N SER GA 198 -123.59 45.81 29.02
CA SER GA 198 -122.79 46.06 30.22
C SER GA 198 -121.33 45.66 30.08
N GLY GA 199 -121.01 44.87 29.04
CA GLY GA 199 -119.67 44.35 28.87
C GLY GA 199 -119.49 43.02 29.58
N LEU GA 200 -120.55 42.50 30.19
CA LEU GA 200 -120.50 41.22 30.85
C LEU GA 200 -121.25 40.18 30.03
N TYR GA 201 -120.84 38.92 30.18
CA TYR GA 201 -121.47 37.81 29.47
C TYR GA 201 -122.67 37.24 30.22
N SER GA 202 -123.56 36.63 29.45
CA SER GA 202 -124.74 35.96 29.96
C SER GA 202 -124.99 34.72 29.12
N LEU GA 203 -125.50 33.68 29.76
CA LEU GA 203 -125.68 32.40 29.10
C LEU GA 203 -126.84 31.73 29.79
N SER GA 204 -127.55 30.88 29.08
CA SER GA 204 -128.58 30.07 29.69
C SER GA 204 -128.31 28.59 29.44
N SER GA 205 -128.64 27.71 30.40
CA SER GA 205 -128.58 26.30 30.17
C SER GA 205 -129.96 25.70 30.42
N VAL GA 206 -130.44 24.83 29.54
CA VAL GA 206 -131.75 24.25 29.71
C VAL GA 206 -131.68 22.74 29.52
N VAL GA 207 -132.67 22.04 30.05
CA VAL GA 207 -132.79 20.62 29.89
C VAL GA 207 -134.25 20.25 29.75
N THR GA 208 -134.57 19.29 28.88
CA THR GA 208 -135.96 18.88 28.76
C THR GA 208 -136.07 17.52 29.41
N VAL GA 209 -137.02 17.50 30.32
CA VAL GA 209 -137.37 16.38 31.13
C VAL GA 209 -138.87 16.03 31.15
N PRO GA 210 -139.24 14.72 31.10
CA PRO GA 210 -140.64 14.27 31.16
C PRO GA 210 -141.36 15.00 32.30
N SER GA 211 -142.63 15.38 32.25
CA SER GA 211 -143.21 16.10 33.38
C SER GA 211 -143.29 15.24 34.68
N SER GA 212 -143.64 13.98 34.46
CA SER GA 212 -143.76 13.04 35.55
C SER GA 212 -142.45 12.85 36.31
N SER GA 213 -141.40 12.52 35.56
CA SER GA 213 -140.08 12.33 36.14
C SER GA 213 -139.61 13.59 36.91
N LEU GA 214 -140.23 14.75 36.64
CA LEU GA 214 -139.87 15.99 37.34
C LEU GA 214 -140.41 16.01 38.70
N GLY GA 215 -141.68 15.64 38.75
CA GLY GA 215 -142.27 15.51 40.07
C GLY GA 215 -141.41 14.55 40.88
N THR GA 216 -141.00 13.44 40.27
CA THR GA 216 -140.25 12.44 41.06
C THR GA 216 -138.77 12.78 41.39
N GLN GA 217 -138.08 13.58 40.56
CA GLN GA 217 -136.65 13.84 40.81
C GLN GA 217 -136.17 15.31 40.83
N THR GA 218 -135.01 15.41 41.48
CA THR GA 218 -134.27 16.61 41.89
C THR GA 218 -133.27 17.18 40.88
N TYR GA 219 -133.47 18.37 40.33
CA TYR GA 219 -132.56 18.87 39.30
C TYR GA 219 -131.87 20.15 39.77
N ILE GA 220 -130.53 20.04 39.74
CA ILE GA 220 -129.59 21.06 40.20
C ILE GA 220 -128.55 21.31 39.11
N CYS GA 221 -128.26 22.57 38.80
CA CYS GA 221 -127.19 22.85 37.83
C CYS GA 221 -125.93 23.39 38.52
N ASN GA 222 -124.78 22.83 38.12
CA ASN GA 222 -123.49 23.18 38.71
C ASN GA 222 -122.71 24.05 37.72
N VAL GA 223 -122.49 25.29 38.15
CA VAL GA 223 -121.83 26.31 37.34
C VAL GA 223 -120.44 26.58 37.87
N ASN GA 224 -119.46 26.56 36.97
CA ASN GA 224 -118.08 26.83 37.31
C ASN GA 224 -117.53 27.93 36.44
N HIS GA 225 -116.96 28.93 37.09
CA HIS GA 225 -116.29 30.02 36.39
C HIS GA 225 -114.95 30.15 37.08
N LYS GA 226 -113.94 29.51 36.48
CA LYS GA 226 -112.62 29.43 37.09
C LYS GA 226 -111.93 30.77 37.35
N PRO GA 227 -112.06 31.73 36.42
CA PRO GA 227 -111.37 33.02 36.63
C PRO GA 227 -111.76 33.78 37.90
N SER GA 228 -112.97 33.54 38.40
CA SER GA 228 -113.46 34.18 39.63
C SER GA 228 -113.54 33.19 40.80
N ASN GA 229 -112.99 31.99 40.62
CA ASN GA 229 -113.03 30.95 41.62
C ASN GA 229 -114.47 30.60 42.03
N THR GA 230 -115.41 30.77 41.11
CA THR GA 230 -116.81 30.47 41.38
C THR GA 230 -117.15 29.01 41.15
N LYS GA 231 -117.77 28.40 42.16
CA LYS GA 231 -118.34 27.07 42.03
C LYS GA 231 -119.68 27.14 42.76
N VAL GA 232 -120.77 27.19 41.99
CA VAL GA 232 -122.12 27.37 42.53
C VAL GA 232 -122.93 26.15 42.17
N ASP GA 233 -123.75 25.69 43.12
CA ASP GA 233 -124.74 24.68 42.84
C ASP GA 233 -126.10 25.28 43.09
N LYS GA 234 -126.93 25.36 42.05
CA LYS GA 234 -128.24 25.95 42.21
C LYS GA 234 -129.34 24.95 41.92
N ARG GA 235 -130.16 24.74 42.94
CA ARG GA 235 -131.30 23.85 42.86
C ARG GA 235 -132.41 24.55 42.09
N VAL GA 236 -133.05 23.81 41.20
CA VAL GA 236 -134.11 24.34 40.36
C VAL GA 236 -135.42 23.62 40.62
N GLU GA 237 -136.44 24.36 41.07
CA GLU GA 237 -137.72 23.77 41.47
C GLU GA 237 -138.87 24.57 40.86
N PRO GA 238 -140.03 23.92 40.68
CA PRO GA 238 -141.22 24.59 40.14
C PRO GA 238 -141.68 25.74 41.02
N LYS GA 239 -142.21 26.78 40.39
CA LYS GA 239 -142.72 27.94 41.10
C LYS GA 239 -143.95 27.59 41.91
N ASP HA 1 -94.81 31.31 4.06
CA ASP HA 1 -95.88 30.45 4.63
C ASP HA 1 -96.73 29.86 3.52
N ILE HA 2 -97.00 28.56 3.61
CA ILE HA 2 -97.85 27.86 2.65
C ILE HA 2 -99.31 28.11 2.99
N GLN HA 3 -100.08 28.55 1.99
CA GLN HA 3 -101.50 28.82 2.18
C GLN HA 3 -102.32 27.65 1.70
N LEU HA 4 -103.26 27.22 2.54
CA LEU HA 4 -104.23 26.21 2.19
C LEU HA 4 -105.57 26.89 2.07
N THR HA 5 -106.24 26.69 0.95
CA THR HA 5 -107.53 27.29 0.68
C THR HA 5 -108.49 26.15 0.68
N GLN HA 6 -109.46 26.18 1.58
CA GLN HA 6 -110.42 25.11 1.66
C GLN HA 6 -111.64 25.62 1.03
N SER HA 7 -112.21 24.76 0.22
CA SER HA 7 -113.45 25.09 -0.36
C SER HA 7 -114.45 23.88 -0.39
N PRO HA 8 -115.79 24.16 -0.34
CA PRO HA 8 -116.34 25.50 -0.10
C PRO HA 8 -116.28 25.87 1.37
N SER HA 9 -116.66 27.11 1.67
CA SER HA 9 -116.65 27.56 3.05
C SER HA 9 -117.69 26.77 3.83
N SER HA 10 -118.80 26.47 3.17
CA SER HA 10 -119.93 25.78 3.79
C SER HA 10 -120.54 24.86 2.74
N LEU HA 11 -120.91 23.66 3.15
CA LEU HA 11 -121.53 22.71 2.24
C LEU HA 11 -122.72 22.06 2.91
N SER HA 12 -123.84 22.03 2.20
CA SER HA 12 -125.07 21.44 2.70
C SER HA 12 -125.30 20.12 1.98
N ALA HA 13 -125.63 19.07 2.72
CA ALA HA 13 -125.90 17.78 2.09
C ALA HA 13 -126.82 16.93 2.93
N SER HA 14 -127.47 15.97 2.27
CA SER HA 14 -128.44 15.10 2.93
C SER HA 14 -127.77 13.87 3.52
N VAL HA 15 -128.35 13.34 4.59
CA VAL HA 15 -127.88 12.10 5.15
C VAL HA 15 -127.83 11.02 4.08
N GLY HA 16 -126.68 10.37 3.95
CA GLY HA 16 -126.51 9.33 2.96
C GLY HA 16 -125.78 9.81 1.73
N ASP HA 17 -125.69 11.13 1.56
CA ASP HA 17 -125.04 11.70 0.40
C ASP HA 17 -123.55 11.48 0.45
N ARG HA 18 -122.95 11.30 -0.72
N ARG HA 18 -122.94 11.31 -0.73
CA ARG HA 18 -121.50 11.29 -0.86
CA ARG HA 18 -121.49 11.27 -0.86
C ARG HA 18 -121.03 12.73 -0.95
C ARG HA 18 -120.97 12.70 -1.01
N VAL HA 19 -120.11 13.10 -0.07
CA VAL HA 19 -119.66 14.48 0.07
C VAL HA 19 -118.16 14.60 -0.19
N THR HA 20 -117.75 15.61 -0.97
CA THR HA 20 -116.34 15.81 -1.29
C THR HA 20 -115.93 17.22 -0.84
N LEU HA 21 -114.90 17.28 -0.01
CA LEU HA 21 -114.32 18.52 0.50
C LEU HA 21 -112.97 18.67 -0.16
N THR HA 22 -112.62 19.90 -0.54
CA THR HA 22 -111.38 20.12 -1.27
C THR HA 22 -110.41 21.07 -0.55
N CYS HA 23 -109.12 20.84 -0.77
CA CYS HA 23 -108.03 21.65 -0.22
C CYS HA 23 -107.01 21.94 -1.30
N GLN HA 24 -106.65 23.20 -1.44
CA GLN HA 24 -105.61 23.58 -2.38
C GLN HA 24 -104.44 24.20 -1.66
N ALA HA 25 -103.25 23.69 -1.90
CA ALA HA 25 -102.08 24.26 -1.29
C ALA HA 25 -101.48 25.24 -2.26
N SER HA 26 -100.90 26.30 -1.73
CA SER HA 26 -100.39 27.32 -2.62
C SER HA 26 -99.09 26.77 -3.21
N GLN HA 27 -98.55 25.66 -2.70
CA GLN HA 27 -97.36 25.09 -3.29
C GLN HA 27 -97.29 23.59 -3.14
N ASP HA 28 -96.43 22.95 -3.93
CA ASP HA 28 -96.36 21.51 -3.89
C ASP HA 28 -95.92 21.09 -2.50
N ILE HA 29 -96.82 20.41 -1.80
CA ILE HA 29 -96.57 19.86 -0.47
C ILE HA 29 -96.52 18.34 -0.50
N ARG HA 30 -96.39 17.78 -1.71
CA ARG HA 30 -96.35 16.34 -1.88
C ARG HA 30 -97.60 15.75 -1.19
N LYS HA 31 -97.41 14.83 -0.24
CA LYS HA 31 -98.51 14.24 0.51
C LYS HA 31 -98.50 14.61 1.98
N PHE HA 32 -97.77 15.66 2.38
CA PHE HA 32 -97.70 15.98 3.81
C PHE HA 32 -98.90 16.80 4.21
N LEU HA 33 -100.06 16.16 4.23
CA LEU HA 33 -101.31 16.86 4.49
C LEU HA 33 -102.24 16.04 5.38
N ASN HA 34 -102.82 16.64 6.41
CA ASN HA 34 -103.69 15.93 7.33
C ASN HA 34 -105.05 16.61 7.35
N TRP HA 35 -106.09 15.83 7.69
CA TRP HA 35 -107.45 16.32 7.78
C TRP HA 35 -107.96 16.08 9.20
N TYR HA 36 -108.62 17.09 9.77
CA TYR HA 36 -109.20 17.06 11.09
C TYR HA 36 -110.69 17.40 11.04
N GLN HA 37 -111.43 16.92 12.04
CA GLN HA 37 -112.82 17.33 12.28
C GLN HA 37 -112.82 18.03 13.63
N GLN HA 38 -113.51 19.15 13.72
CA GLN HA 38 -113.66 19.85 14.97
C GLN HA 38 -115.12 20.11 15.14
N LYS HA 39 -115.66 19.58 16.23
CA LYS HA 39 -117.03 19.88 16.56
C LYS HA 39 -117.02 21.08 17.46
N PRO HA 40 -118.07 21.92 17.37
CA PRO HA 40 -118.09 23.19 18.09
C PRO HA 40 -117.81 23.07 19.59
N GLY HA 41 -116.90 23.90 20.09
CA GLY HA 41 -116.55 23.91 21.49
C GLY HA 41 -115.69 22.73 21.93
N LYS HA 42 -115.22 21.93 20.96
CA LYS HA 42 -114.38 20.77 21.23
C LYS HA 42 -113.06 20.92 20.50
N GLY HA 43 -112.07 20.17 20.95
CA GLY HA 43 -110.79 20.17 20.27
C GLY HA 43 -110.87 19.37 18.98
N PRO HA 44 -109.99 19.65 18.01
CA PRO HA 44 -109.97 18.88 16.75
C PRO HA 44 -109.65 17.40 16.98
N LYS HA 45 -110.04 16.56 16.04
CA LYS HA 45 -109.65 15.16 16.03
C LYS HA 45 -109.12 14.76 14.66
N LEU HA 46 -108.02 14.02 14.65
CA LEU HA 46 -107.41 13.60 13.40
C LEU HA 46 -108.28 12.58 12.68
N LEU HA 47 -108.49 12.81 11.39
CA LEU HA 47 -109.22 11.90 10.51
C LEU HA 47 -108.27 11.22 9.54
N ILE HA 48 -107.48 12.01 8.81
CA ILE HA 48 -106.66 11.46 7.73
C ILE HA 48 -105.25 12.01 7.87
N TYR HA 49 -104.24 11.13 7.84
CA TYR HA 49 -102.86 11.60 7.82
C TYR HA 49 -102.12 11.21 6.54
N ASP HA 50 -101.19 12.07 6.15
CA ASP HA 50 -100.38 11.94 4.95
C ASP HA 50 -101.25 11.68 3.73
N ALA HA 51 -102.29 12.50 3.63
CA ALA HA 51 -103.18 12.62 2.48
C ALA HA 51 -104.18 11.47 2.33
N SER HA 52 -103.75 10.23 2.57
CA SER HA 52 -104.61 9.07 2.30
C SER HA 52 -104.78 8.04 3.40
N ASN HA 53 -104.14 8.20 4.55
CA ASN HA 53 -104.25 7.19 5.61
C ASN HA 53 -105.34 7.44 6.63
N LEU HA 54 -106.22 6.47 6.76
CA LEU HA 54 -107.28 6.58 7.74
C LEU HA 54 -106.71 6.31 9.12
N GLN HA 55 -106.84 7.28 10.01
CA GLN HA 55 -106.39 7.11 11.37
C GLN HA 55 -107.21 6.02 12.05
N ARG HA 56 -106.53 5.19 12.84
CA ARG HA 56 -107.17 4.16 13.63
C ARG HA 56 -108.38 4.70 14.40
N GLY HA 57 -109.51 4.01 14.28
CA GLY HA 57 -110.69 4.36 15.06
C GLY HA 57 -111.65 5.32 14.38
N VAL HA 58 -111.19 5.98 13.32
CA VAL HA 58 -112.03 6.89 12.57
C VAL HA 58 -112.94 6.07 11.66
N PRO HA 59 -114.24 6.44 11.56
CA PRO HA 59 -115.13 5.62 10.73
C PRO HA 59 -114.62 5.50 9.29
N SER HA 60 -114.80 4.32 8.69
CA SER HA 60 -114.24 4.05 7.36
C SER HA 60 -114.89 4.81 6.20
N ARG HA 61 -116.02 5.46 6.46
CA ARG HA 61 -116.66 6.28 5.44
C ARG HA 61 -115.80 7.50 5.07
N PHE HA 62 -114.81 7.81 5.92
CA PHE HA 62 -113.86 8.86 5.62
C PHE HA 62 -112.70 8.26 4.83
N SER HA 63 -112.31 8.98 3.78
CA SER HA 63 -111.14 8.63 2.97
C SER HA 63 -110.47 9.90 2.48
N GLY HA 64 -109.18 9.83 2.16
CA GLY HA 64 -108.49 11.03 1.69
C GLY HA 64 -107.72 10.66 0.44
N GLY HA 65 -107.53 11.65 -0.42
CA GLY HA 65 -106.80 11.46 -1.66
C GLY HA 65 -106.06 12.71 -2.11
N GLY HA 66 -105.22 12.55 -3.13
CA GLY HA 66 -104.55 13.68 -3.75
C GLY HA 66 -103.08 13.80 -3.41
N SER HA 67 -102.42 14.75 -4.06
CA SER HA 67 -101.01 15.03 -3.85
C SER HA 67 -100.62 16.30 -4.59
N GLY HA 68 -99.45 16.81 -4.26
CA GLY HA 68 -98.99 18.07 -4.84
C GLY HA 68 -99.77 19.21 -4.23
N THR HA 69 -100.64 19.83 -5.02
CA THR HA 69 -101.42 20.95 -4.53
C THR HA 69 -102.94 20.71 -4.33
N ASP HA 70 -103.50 19.61 -4.84
CA ASP HA 70 -104.96 19.37 -4.81
C ASP HA 70 -105.28 18.12 -3.99
N PHE HA 71 -106.10 18.28 -2.97
CA PHE HA 71 -106.44 17.20 -2.06
C PHE HA 71 -107.93 17.14 -1.83
N THR HA 72 -108.43 15.95 -1.50
CA THR HA 72 -109.84 15.80 -1.20
C THR HA 72 -110.03 14.94 0.05
N LEU HA 73 -111.04 15.29 0.84
CA LEU HA 73 -111.54 14.43 1.91
C LEU HA 73 -112.92 14.00 1.47
N ILE HA 74 -113.17 12.69 1.44
CA ILE HA 74 -114.44 12.17 0.99
C ILE HA 74 -115.15 11.45 2.13
N ILE HA 75 -116.41 11.80 2.30
CA ILE HA 75 -117.30 11.11 3.22
C ILE HA 75 -118.26 10.33 2.35
N SER HA 76 -118.13 9.01 2.35
CA SER HA 76 -118.83 8.21 1.35
C SER HA 76 -120.34 8.21 1.59
N SER HA 77 -120.73 8.34 2.84
CA SER HA 77 -122.15 8.42 3.19
C SER HA 77 -122.32 9.30 4.42
N LEU HA 78 -122.79 10.52 4.22
CA LEU HA 78 -122.84 11.51 5.28
C LEU HA 78 -123.75 11.05 6.40
N GLN HA 79 -123.28 11.17 7.64
CA GLN HA 79 -124.08 10.84 8.81
C GLN HA 79 -124.36 12.13 9.55
N PRO HA 80 -125.46 12.16 10.33
CA PRO HA 80 -125.79 13.39 11.05
C PRO HA 80 -124.68 13.84 12.00
N GLU HA 81 -123.97 12.87 12.56
CA GLU HA 81 -122.84 13.12 13.49
C GLU HA 81 -121.64 13.72 12.79
N ASP HA 82 -121.66 13.81 11.47
CA ASP HA 82 -120.60 14.47 10.73
C ASP HA 82 -120.64 16.01 10.71
N VAL HA 83 -121.73 16.61 11.22
CA VAL HA 83 -121.79 18.08 11.25
C VAL HA 83 -120.63 18.63 12.05
N GLY HA 84 -120.05 19.70 11.54
CA GLY HA 84 -118.96 20.36 12.21
C GLY HA 84 -118.10 21.01 11.14
N THR HA 85 -116.88 21.34 11.51
CA THR HA 85 -115.96 22.02 10.62
C THR HA 85 -114.76 21.12 10.34
N TYR HA 86 -114.27 21.10 9.10
CA TYR HA 86 -113.15 20.24 8.72
C TYR HA 86 -111.97 21.07 8.26
N TYR HA 87 -110.79 20.76 8.77
CA TYR HA 87 -109.60 21.52 8.41
C TYR HA 87 -108.57 20.61 7.77
N CYS HA 88 -107.90 21.10 6.74
CA CYS HA 88 -106.72 20.44 6.22
C CYS HA 88 -105.52 21.16 6.80
N GLN HA 89 -104.38 20.49 6.81
CA GLN HA 89 -103.18 21.02 7.45
C GLN HA 89 -101.91 20.47 6.83
N GLN HA 90 -100.90 21.33 6.70
CA GLN HA 90 -99.79 21.00 5.83
C GLN HA 90 -98.57 20.99 6.72
N TYR HA 91 -97.71 19.99 6.57
CA TYR HA 91 -96.42 19.98 7.26
C TYR HA 91 -95.20 19.70 6.36
N ASP HA 92 -95.30 19.99 5.06
CA ASP HA 92 -94.10 19.98 4.22
C ASP HA 92 -93.04 20.91 4.81
N GLY HA 93 -93.47 22.05 5.31
CA GLY HA 93 -92.55 23.02 5.90
C GLY HA 93 -93.17 23.90 6.95
N LEU HA 94 -92.33 24.32 7.89
CA LEU HA 94 -92.68 25.32 8.89
C LEU HA 94 -92.86 26.71 8.28
N PRO HA 95 -93.76 27.52 8.85
CA PRO HA 95 -94.65 27.15 9.95
C PRO HA 95 -95.78 26.25 9.47
N PHE HA 96 -96.22 25.32 10.31
CA PHE HA 96 -97.37 24.49 9.99
C PHE HA 96 -98.56 25.41 9.82
N THR HA 97 -99.39 25.12 8.83
CA THR HA 97 -100.56 25.93 8.57
C THR HA 97 -101.79 25.09 8.33
N PHE HA 98 -102.95 25.72 8.57
CA PHE HA 98 -104.23 25.06 8.42
C PHE HA 98 -105.03 25.79 7.35
N GLY HA 99 -105.90 25.07 6.67
CA GLY HA 99 -106.88 25.67 5.79
C GLY HA 99 -107.89 26.46 6.60
N GLY HA 100 -108.68 27.31 5.93
CA GLY HA 100 -109.66 28.12 6.63
C GLY HA 100 -110.89 27.36 7.06
N GLY HA 101 -110.99 26.08 6.69
CA GLY HA 101 -112.05 25.23 7.16
C GLY HA 101 -113.27 25.15 6.26
N THR HA 102 -113.93 23.99 6.24
CA THR HA 102 -115.21 23.82 5.56
C THR HA 102 -116.25 23.35 6.57
N LYS HA 103 -117.35 24.09 6.69
CA LYS HA 103 -118.39 23.71 7.63
C LYS HA 103 -119.37 22.79 6.91
N VAL HA 104 -119.66 21.63 7.50
CA VAL HA 104 -120.63 20.72 6.93
C VAL HA 104 -121.96 20.85 7.66
N VAL HA 105 -123.03 20.95 6.88
CA VAL HA 105 -124.36 21.21 7.37
C VAL HA 105 -125.28 20.16 6.79
N ILE HA 106 -126.10 19.57 7.64
CA ILE HA 106 -127.06 18.57 7.21
C ILE HA 106 -128.31 19.26 6.69
N LYS HA 107 -128.82 18.76 5.57
CA LYS HA 107 -130.12 19.16 5.08
C LYS HA 107 -130.99 18.10 5.67
N ARG HA 108 -132.06 18.54 6.31
CA ARG HA 108 -132.98 17.61 6.91
C ARG HA 108 -134.44 18.00 6.74
N THR HA 109 -135.36 17.23 7.28
CA THR HA 109 -136.79 17.57 7.17
C THR HA 109 -137.11 18.74 8.10
N VAL HA 110 -138.10 19.56 7.76
CA VAL HA 110 -138.50 20.64 8.67
C VAL HA 110 -138.98 20.02 10.00
N ALA HA 111 -138.70 20.69 11.12
CA ALA HA 111 -139.14 20.25 12.45
C ALA HA 111 -139.49 21.44 13.33
N ALA HA 112 -140.73 21.46 13.82
CA ALA HA 112 -141.23 22.61 14.53
C ALA HA 112 -140.63 22.65 15.94
N PRO HA 113 -140.35 23.86 16.45
CA PRO HA 113 -139.78 24.02 17.80
C PRO HA 113 -140.82 23.75 18.86
N SER HA 114 -140.40 23.24 20.01
CA SER HA 114 -141.29 23.30 21.16
C SER HA 114 -140.92 24.55 21.94
N VAL HA 115 -141.91 25.35 22.32
CA VAL HA 115 -141.66 26.64 22.95
C VAL HA 115 -142.07 26.64 24.41
N PHE HA 116 -141.18 27.20 25.23
CA PHE HA 116 -141.39 27.36 26.68
C PHE HA 116 -141.03 28.78 27.07
N ILE HA 117 -141.75 29.31 28.04
CA ILE HA 117 -141.45 30.64 28.57
C ILE HA 117 -141.16 30.52 30.07
N PHE HA 118 -140.21 31.32 30.57
CA PHE HA 118 -139.87 31.34 31.98
C PHE HA 118 -139.91 32.76 32.51
N PRO HA 119 -140.61 32.98 33.64
CA PRO HA 119 -140.55 34.27 34.31
C PRO HA 119 -139.21 34.46 35.03
N PRO HA 120 -138.90 35.70 35.43
CA PRO HA 120 -137.73 35.96 36.26
C PRO HA 120 -137.92 35.33 37.64
N SER HA 121 -136.85 34.84 38.23
CA SER HA 121 -136.90 34.24 39.56
C SER HA 121 -137.05 35.28 40.66
N ASP HA 122 -137.40 34.83 41.86
CA ASP HA 122 -137.58 35.76 42.97
C ASP HA 122 -136.25 36.31 43.43
N GLU HA 123 -135.21 35.47 43.40
CA GLU HA 123 -133.87 35.91 43.79
C GLU HA 123 -133.46 37.06 42.87
N GLN HA 124 -133.83 37.00 41.59
CA GLN HA 124 -133.39 37.99 40.62
C GLN HA 124 -134.15 39.31 40.79
N LEU HA 125 -135.47 39.25 40.98
CA LEU HA 125 -136.23 40.48 41.26
C LEU HA 125 -135.74 41.15 42.54
N LYS HA 126 -135.46 40.34 43.55
CA LYS HA 126 -134.85 40.81 44.81
C LYS HA 126 -133.64 41.69 44.46
N SER HA 127 -133.12 41.53 43.24
CA SER HA 127 -131.92 42.20 42.84
C SER HA 127 -132.07 43.29 41.74
N GLY HA 128 -133.30 43.73 41.44
CA GLY HA 128 -133.53 44.92 40.63
C GLY HA 128 -133.52 44.79 39.12
N THR HA 129 -133.32 43.58 38.65
CA THR HA 129 -133.32 43.29 37.23
C THR HA 129 -134.26 42.14 36.95
N ALA HA 130 -134.93 42.18 35.80
CA ALA HA 130 -135.82 41.10 35.41
C ALA HA 130 -135.42 40.53 34.05
N SER HA 131 -135.09 39.25 34.05
CA SER HA 131 -134.75 38.53 32.82
C SER HA 131 -135.88 37.54 32.59
N VAL HA 132 -136.51 37.67 31.44
CA VAL HA 132 -137.58 36.79 31.00
C VAL HA 132 -137.01 35.97 29.87
N VAL HA 133 -137.15 34.65 29.94
CA VAL HA 133 -136.49 33.77 28.97
C VAL HA 133 -137.46 32.99 28.11
N CYS HA 134 -137.15 32.89 26.83
CA CYS HA 134 -137.93 32.11 25.89
C CYS HA 134 -137.03 31.07 25.25
N LEU HA 135 -137.48 29.83 25.24
CA LEU HA 135 -136.73 28.71 24.69
C LEU HA 135 -137.45 28.08 23.51
N LEU HA 136 -136.75 27.93 22.39
CA LEU HA 136 -137.22 27.17 21.24
C LEU HA 136 -136.37 25.91 21.14
N ASN HA 137 -136.99 24.74 21.29
CA ASN HA 137 -136.23 23.50 21.36
C ASN HA 137 -136.30 22.64 20.12
N ASN HA 138 -135.13 22.18 19.69
CA ASN HA 138 -134.95 21.15 18.67
C ASN HA 138 -135.79 21.32 17.42
N PHE HA 139 -135.40 22.28 16.60
CA PHE HA 139 -136.14 22.60 15.41
C PHE HA 139 -135.23 22.79 14.21
N TYR HA 140 -135.83 22.80 13.03
CA TYR HA 140 -135.13 23.06 11.79
C TYR HA 140 -136.13 23.60 10.77
N PRO HA 141 -135.73 24.58 9.95
CA PRO HA 141 -134.42 25.20 9.82
C PRO HA 141 -134.12 26.23 10.90
N ARG HA 142 -132.91 26.77 10.84
CA ARG HA 142 -132.40 27.66 11.88
C ARG HA 142 -133.22 28.94 11.93
N GLU HA 143 -133.70 29.40 10.78
CA GLU HA 143 -134.38 30.67 10.74
C GLU HA 143 -135.66 30.58 11.57
N ALA HA 144 -135.75 31.45 12.57
CA ALA HA 144 -136.94 31.56 13.38
C ALA HA 144 -137.06 33.03 13.77
N LYS HA 145 -138.29 33.46 14.01
CA LYS HA 145 -138.58 34.80 14.50
C LYS HA 145 -139.16 34.69 15.89
N VAL HA 146 -138.58 35.42 16.84
CA VAL HA 146 -139.09 35.43 18.21
C VAL HA 146 -139.44 36.87 18.52
N GLN HA 147 -140.71 37.09 18.85
CA GLN HA 147 -141.23 38.42 19.09
C GLN HA 147 -141.74 38.51 20.50
N TRP HA 148 -141.29 39.53 21.21
CA TRP HA 148 -141.76 39.76 22.56
C TRP HA 148 -142.95 40.72 22.60
N LYS HA 149 -143.89 40.41 23.48
CA LYS HA 149 -145.01 41.28 23.74
C LYS HA 149 -145.23 41.39 25.25
N VAL HA 150 -145.30 42.62 25.74
CA VAL HA 150 -145.58 42.89 27.15
C VAL HA 150 -146.91 43.61 27.18
N ASP HA 151 -147.91 43.00 27.83
CA ASP HA 151 -149.29 43.47 27.77
C ASP HA 151 -149.68 43.74 26.32
N ASN HA 152 -149.21 42.89 25.41
CA ASN HA 152 -149.59 42.98 24.00
C ASN HA 152 -148.87 44.08 23.22
N ALA HA 153 -147.89 44.71 23.85
CA ALA HA 153 -147.11 45.75 23.18
C ALA HA 153 -145.83 45.13 22.65
N LEU HA 154 -145.63 45.31 21.34
CA LEU HA 154 -144.51 44.66 20.66
C LEU HA 154 -143.20 45.26 21.11
N GLN HA 155 -142.37 44.41 21.70
CA GLN HA 155 -141.11 44.84 22.27
C GLN HA 155 -140.03 44.86 21.21
N SER HA 156 -139.04 45.75 21.37
CA SER HA 156 -137.88 45.70 20.51
C SER HA 156 -136.67 46.41 21.13
N GLY HA 157 -135.49 45.87 20.83
CA GLY HA 157 -134.22 46.45 21.26
C GLY HA 157 -133.73 46.06 22.65
N ASN HA 158 -134.58 45.39 23.42
CA ASN HA 158 -134.25 44.93 24.77
C ASN HA 158 -134.21 43.41 24.91
N SER HA 159 -133.90 42.71 23.82
CA SER HA 159 -133.76 41.27 23.90
C SER HA 159 -132.57 40.79 23.11
N GLN HA 160 -132.04 39.63 23.52
CA GLN HA 160 -130.92 38.99 22.82
C GLN HA 160 -131.12 37.51 22.60
N GLU HA 161 -130.74 37.03 21.42
CA GLU HA 161 -130.86 35.62 21.11
C GLU HA 161 -129.50 34.94 21.14
N SER HA 162 -129.53 33.65 21.46
CA SER HA 162 -128.39 32.79 21.32
C SER HA 162 -128.86 31.50 20.69
N VAL HA 163 -128.05 30.92 19.82
CA VAL HA 163 -128.45 29.71 19.11
C VAL HA 163 -127.41 28.64 19.26
N THR HA 164 -127.85 27.41 19.53
CA THR HA 164 -126.92 26.31 19.62
C THR HA 164 -126.38 25.97 18.25
N GLU HA 165 -125.25 25.29 18.27
CA GLU HA 165 -124.67 24.70 17.08
C GLU HA 165 -125.59 23.58 16.59
N GLN HA 166 -125.55 23.31 15.30
CA GLN HA 166 -126.38 22.25 14.74
C GLN HA 166 -126.04 20.95 15.48
N ASP HA 167 -127.06 20.24 15.96
CA ASP HA 167 -126.90 19.03 16.76
C ASP HA 167 -126.24 17.93 15.98
N SER HA 168 -125.31 17.25 16.64
CA SER HA 168 -124.52 16.23 15.96
C SER HA 168 -125.31 14.97 15.68
N LYS HA 169 -126.40 14.74 16.39
CA LYS HA 169 -127.13 13.50 16.17
C LYS HA 169 -128.32 13.70 15.23
N ASP HA 170 -129.17 14.68 15.53
CA ASP HA 170 -130.38 14.93 14.72
C ASP HA 170 -130.38 16.24 13.91
N SER HA 171 -129.29 17.00 13.94
CA SER HA 171 -129.12 18.14 13.04
C SER HA 171 -130.12 19.29 13.26
N THR HA 172 -130.68 19.36 14.47
CA THR HA 172 -131.58 20.46 14.81
C THR HA 172 -130.84 21.56 15.56
N TYR HA 173 -131.53 22.66 15.76
CA TYR HA 173 -130.98 23.78 16.50
C TYR HA 173 -131.90 24.02 17.69
N SER HA 174 -131.40 24.73 18.69
CA SER HA 174 -132.23 25.28 19.75
C SER HA 174 -131.87 26.74 19.91
N LEU HA 175 -132.80 27.54 20.43
CA LEU HA 175 -132.59 28.98 20.51
C LEU HA 175 -133.19 29.52 21.80
N SER HA 176 -132.54 30.52 22.39
CA SER HA 176 -133.11 31.23 23.52
C SER HA 176 -133.13 32.72 23.18
N SER HA 177 -134.21 33.40 23.53
CA SER HA 177 -134.29 34.85 23.40
C SER HA 177 -134.54 35.35 24.82
N THR HA 178 -133.75 36.30 25.29
CA THR HA 178 -133.87 36.82 26.64
C THR HA 178 -134.27 38.28 26.62
N LEU HA 179 -135.42 38.58 27.20
CA LEU HA 179 -135.92 39.94 27.32
C LEU HA 179 -135.54 40.49 28.70
N THR HA 180 -134.74 41.54 28.69
CA THR HA 180 -134.25 42.12 29.93
C THR HA 180 -134.83 43.51 30.13
N LEU HA 181 -135.44 43.73 31.29
CA LEU HA 181 -135.94 45.04 31.66
C LEU HA 181 -135.82 45.23 33.17
N SER HA 182 -135.84 46.48 33.62
CA SER HA 182 -135.64 46.79 35.04
C SER HA 182 -136.81 46.27 35.87
N LYS HA 183 -136.58 46.06 37.16
CA LYS HA 183 -137.63 45.58 38.05
C LYS HA 183 -138.84 46.50 38.00
N ALA HA 184 -138.60 47.80 37.94
CA ALA HA 184 -139.66 48.81 37.87
C ALA HA 184 -140.58 48.50 36.71
N ASP HA 185 -139.98 48.36 35.53
CA ASP HA 185 -140.73 48.12 34.32
C ASP HA 185 -141.40 46.77 34.41
N TYR HA 186 -140.66 45.76 34.89
CA TYR HA 186 -141.24 44.44 34.98
C TYR HA 186 -142.53 44.46 35.83
N GLU HA 187 -142.55 45.30 36.87
CA GLU HA 187 -143.69 45.39 37.78
C GLU HA 187 -144.81 46.26 37.22
N LYS HA 188 -144.46 47.17 36.32
CA LYS HA 188 -145.49 47.93 35.58
C LYS HA 188 -146.53 47.00 34.95
N HIS HA 189 -146.08 46.04 34.14
CA HIS HA 189 -146.99 45.25 33.30
C HIS HA 189 -147.30 43.86 33.88
N LYS HA 190 -148.26 43.17 33.27
CA LYS HA 190 -148.80 41.90 33.76
C LYS HA 190 -148.55 40.70 32.85
N VAL HA 191 -148.84 40.84 31.56
CA VAL HA 191 -148.77 39.73 30.62
C VAL HA 191 -147.48 39.72 29.80
N TYR HA 192 -146.70 38.64 29.92
CA TYR HA 192 -145.45 38.49 29.17
C TYR HA 192 -145.59 37.34 28.21
N ALA HA 193 -145.33 37.63 26.95
CA ALA HA 193 -145.65 36.68 25.89
C ALA HA 193 -144.54 36.57 24.87
N CYS HA 194 -144.24 35.33 24.50
CA CYS HA 194 -143.29 35.01 23.47
C CYS HA 194 -144.06 34.44 22.28
N GLU HA 195 -144.01 35.12 21.14
CA GLU HA 195 -144.65 34.67 19.91
C GLU HA 195 -143.59 34.22 18.90
N VAL HA 196 -143.64 32.94 18.52
CA VAL HA 196 -142.65 32.33 17.66
C VAL HA 196 -143.23 32.07 16.27
N THR HA 197 -142.53 32.51 15.22
CA THR HA 197 -142.91 32.23 13.85
C THR HA 197 -141.83 31.36 13.20
N HIS HA 198 -142.23 30.28 12.55
CA HIS HA 198 -141.29 29.31 12.00
C HIS HA 198 -141.96 28.47 10.91
N GLN HA 199 -141.17 28.03 9.94
CA GLN HA 199 -141.66 27.33 8.75
C GLN HA 199 -142.43 26.04 9.05
N GLY HA 200 -142.13 25.42 10.18
CA GLY HA 200 -142.73 24.18 10.61
C GLY HA 200 -144.02 24.38 11.41
N LEU HA 201 -144.40 25.64 11.65
CA LEU HA 201 -145.63 25.96 12.36
C LEU HA 201 -146.58 26.58 11.34
N SER HA 202 -147.82 26.10 11.30
CA SER HA 202 -148.78 26.62 10.34
C SER HA 202 -149.16 28.06 10.63
N SER HA 203 -149.04 28.45 11.89
CA SER HA 203 -149.23 29.82 12.29
C SER HA 203 -148.47 30.06 13.59
N PRO HA 204 -148.14 31.33 13.90
CA PRO HA 204 -147.29 31.67 15.07
C PRO HA 204 -147.75 31.05 16.40
N VAL HA 205 -146.81 30.55 17.20
CA VAL HA 205 -147.10 29.99 18.52
C VAL HA 205 -146.79 30.98 19.62
N THR HA 206 -147.71 31.13 20.57
CA THR HA 206 -147.49 32.00 21.72
C THR HA 206 -147.49 31.24 23.05
N LYS HA 207 -146.46 31.49 23.87
CA LYS HA 207 -146.45 31.02 25.26
C LYS HA 207 -146.42 32.25 26.11
N SER HA 208 -147.23 32.29 27.16
CA SER HA 208 -147.21 33.46 28.01
C SER HA 208 -147.44 33.13 29.47
N PHE HA 209 -147.32 34.16 30.28
CA PHE HA 209 -147.69 34.06 31.68
C PHE HA 209 -148.15 35.42 32.22
N ASN HA 210 -148.85 35.38 33.35
CA ASN HA 210 -149.27 36.58 34.05
C ASN HA 210 -148.33 36.76 35.24
N ARG HA 211 -147.77 37.95 35.39
CA ARG HA 211 -146.79 38.21 36.45
C ARG HA 211 -147.32 37.85 37.84
N GLY HA 212 -146.54 37.05 38.57
CA GLY HA 212 -146.92 36.64 39.90
C GLY HA 212 -148.03 35.61 39.98
N GLU HA 213 -148.01 34.64 39.06
CA GLU HA 213 -149.02 33.58 39.06
C GLU HA 213 -148.39 32.21 38.88
N VAL IA 2 -108.09 -22.78 -1.24
CA VAL IA 2 -107.90 -22.69 -2.67
C VAL IA 2 -109.29 -22.91 -3.29
N GLN IA 3 -109.54 -22.22 -4.40
CA GLN IA 3 -110.78 -22.36 -5.16
C GLN IA 3 -110.43 -22.71 -6.59
N LEU IA 4 -111.29 -23.50 -7.23
CA LEU IA 4 -111.00 -23.95 -8.59
C LEU IA 4 -112.10 -23.53 -9.52
N GLN IA 5 -111.76 -23.24 -10.77
CA GLN IA 5 -112.79 -22.93 -11.75
C GLN IA 5 -112.43 -23.45 -13.13
N GLU IA 6 -113.21 -24.41 -13.63
CA GLU IA 6 -112.97 -25.01 -14.94
C GLU IA 6 -113.59 -24.17 -16.04
N SER IA 7 -113.06 -24.32 -17.24
CA SER IA 7 -113.62 -23.70 -18.44
C SER IA 7 -113.16 -24.48 -19.68
N GLY IA 8 -113.76 -24.20 -20.83
CA GLY IA 8 -113.30 -24.76 -22.10
C GLY IA 8 -114.22 -25.81 -22.69
N GLY IA 9 -115.22 -26.21 -21.91
CA GLY IA 9 -116.18 -27.21 -22.31
C GLY IA 9 -117.03 -26.72 -23.45
N GLY IA 10 -117.62 -27.64 -24.19
CA GLY IA 10 -118.51 -27.27 -25.27
C GLY IA 10 -118.93 -28.46 -26.07
N LEU IA 11 -119.57 -28.20 -27.20
CA LEU IA 11 -120.02 -29.26 -28.08
C LEU IA 11 -118.93 -29.49 -29.14
N VAL IA 12 -118.56 -30.74 -29.36
CA VAL IA 12 -117.58 -31.07 -30.37
C VAL IA 12 -117.95 -32.36 -31.11
N GLN IA 13 -117.50 -32.49 -32.34
CA GLN IA 13 -117.78 -33.68 -33.13
C GLN IA 13 -116.96 -34.84 -32.61
N PRO IA 14 -117.46 -36.08 -32.78
CA PRO IA 14 -116.60 -37.22 -32.43
C PRO IA 14 -115.34 -37.18 -33.29
N GLY IA 15 -114.18 -37.48 -32.69
CA GLY IA 15 -112.92 -37.46 -33.40
C GLY IA 15 -112.13 -36.17 -33.21
N GLU IA 16 -112.82 -35.08 -32.87
CA GLU IA 16 -112.16 -33.79 -32.69
C GLU IA 16 -111.41 -33.69 -31.36
N SER IA 17 -110.74 -32.57 -31.15
CA SER IA 17 -109.96 -32.34 -29.93
C SER IA 17 -110.55 -31.15 -29.18
N LEU IA 18 -110.17 -31.00 -27.92
CA LEU IA 18 -110.67 -29.93 -27.08
C LEU IA 18 -109.78 -29.78 -25.86
N ARG IA 19 -109.52 -28.54 -25.44
N ARG IA 19 -109.50 -28.55 -25.46
CA ARG IA 19 -108.61 -28.27 -24.32
CA ARG IA 19 -108.60 -28.30 -24.34
C ARG IA 19 -109.36 -27.60 -23.19
C ARG IA 19 -109.37 -27.62 -23.19
N LEU IA 20 -109.43 -28.29 -22.04
CA LEU IA 20 -110.06 -27.75 -20.86
C LEU IA 20 -108.99 -27.10 -20.01
N SER IA 21 -109.35 -26.04 -19.29
N SER IA 21 -109.39 -26.06 -19.27
CA SER IA 21 -108.42 -25.43 -18.35
CA SER IA 21 -108.50 -25.36 -18.35
C SER IA 21 -109.10 -25.22 -16.99
C SER IA 21 -109.12 -25.34 -16.97
N CYS IA 22 -108.29 -25.08 -15.95
CA CYS IA 22 -108.80 -24.92 -14.60
C CYS IA 22 -107.92 -23.91 -13.90
N VAL IA 23 -108.50 -22.84 -13.37
CA VAL IA 23 -107.69 -21.80 -12.74
C VAL IA 23 -107.90 -21.86 -11.24
N GLY IA 24 -106.79 -21.87 -10.50
CA GLY IA 24 -106.82 -21.86 -9.06
C GLY IA 24 -106.76 -20.42 -8.56
N SER IA 25 -107.48 -20.13 -7.48
CA SER IA 25 -107.41 -18.83 -6.81
C SER IA 25 -107.49 -19.03 -5.31
N GLY IA 26 -107.57 -17.94 -4.55
CA GLY IA 26 -107.59 -18.04 -3.10
C GLY IA 26 -106.32 -18.66 -2.58
N SER IA 27 -106.37 -19.13 -1.34
CA SER IA 27 -105.20 -19.73 -0.73
C SER IA 27 -105.61 -20.50 0.55
N SER IA 28 -104.75 -21.45 0.89
CA SER IA 28 -104.90 -22.32 2.05
C SER IA 28 -103.80 -22.03 3.08
N PHE IA 29 -103.41 -23.02 3.87
CA PHE IA 29 -102.44 -22.81 4.93
C PHE IA 29 -101.16 -22.26 4.38
N GLY IA 30 -100.58 -21.36 5.16
CA GLY IA 30 -99.38 -20.70 4.74
C GLY IA 30 -99.62 -19.95 3.44
N GLU IA 31 -100.80 -19.45 3.16
CA GLU IA 31 -100.95 -18.74 1.90
C GLU IA 31 -100.58 -19.63 0.70
N SER IA 32 -100.72 -20.94 0.83
CA SER IA 32 -100.41 -21.87 -0.26
C SER IA 32 -101.41 -21.70 -1.39
N THR IA 33 -100.95 -21.89 -2.62
CA THR IA 33 -101.82 -21.81 -3.76
C THR IA 33 -101.86 -23.16 -4.44
N LEU IA 34 -102.61 -23.27 -5.53
CA LEU IA 34 -102.81 -24.53 -6.21
C LEU IA 34 -101.52 -25.22 -6.60
N SER IA 35 -100.50 -24.43 -6.91
CA SER IA 35 -99.23 -24.98 -7.41
C SER IA 35 -98.43 -25.69 -6.32
N TYR IA 36 -98.92 -25.70 -5.08
CA TYR IA 36 -98.31 -26.46 -4.01
C TYR IA 36 -98.88 -27.88 -3.94
N TYR IA 37 -99.95 -28.15 -4.69
CA TYR IA 37 -100.71 -29.37 -4.54
C TYR IA 37 -100.80 -30.17 -5.83
N ALA IA 38 -100.95 -31.49 -5.67
CA ALA IA 38 -101.33 -32.36 -6.77
C ALA IA 38 -102.80 -32.16 -7.10
N VAL IA 39 -103.14 -32.40 -8.37
CA VAL IA 39 -104.49 -32.14 -8.86
C VAL IA 39 -104.87 -33.23 -9.86
N SER IA 40 -106.13 -33.61 -9.88
CA SER IA 40 -106.66 -34.60 -10.81
C SER IA 40 -107.79 -34.05 -11.64
N TRP IA 41 -108.07 -34.71 -12.77
CA TRP IA 41 -109.30 -34.49 -13.50
C TRP IA 41 -110.21 -35.69 -13.23
N VAL IA 42 -111.49 -35.44 -13.01
CA VAL IA 42 -112.49 -36.44 -12.67
C VAL IA 42 -113.72 -36.03 -13.47
N ARG IA 43 -114.47 -36.97 -14.04
CA ARG IA 43 -115.65 -36.59 -14.83
C ARG IA 43 -116.91 -37.34 -14.40
N GLN IA 44 -118.05 -36.85 -14.87
CA GLN IA 44 -119.32 -37.40 -14.49
C GLN IA 44 -120.25 -37.39 -15.69
N ALA IA 45 -120.54 -38.57 -16.24
CA ALA IA 45 -121.42 -38.66 -17.40
C ALA IA 45 -122.85 -38.35 -16.96
N PRO IA 46 -123.73 -38.00 -17.91
CA PRO IA 46 -125.08 -37.59 -17.53
C PRO IA 46 -125.82 -38.65 -16.72
N GLY IA 47 -126.30 -38.29 -15.54
CA GLY IA 47 -127.04 -39.21 -14.70
C GLY IA 47 -126.19 -40.28 -14.03
N LYS IA 48 -124.87 -40.22 -14.18
CA LYS IA 48 -123.98 -41.25 -13.67
C LYS IA 48 -123.14 -40.76 -12.50
N GLY IA 49 -122.24 -41.62 -12.01
CA GLY IA 49 -121.33 -41.28 -10.93
C GLY IA 49 -120.04 -40.62 -11.38
N LEU IA 50 -119.04 -40.70 -10.51
CA LEU IA 50 -117.77 -40.01 -10.73
C LEU IA 50 -116.69 -40.98 -11.21
N GLU IA 51 -115.91 -40.52 -12.19
CA GLU IA 51 -114.85 -41.32 -12.77
C GLU IA 51 -113.53 -40.55 -12.80
N TRP IA 52 -112.52 -41.06 -12.10
CA TRP IA 52 -111.20 -40.43 -12.12
C TRP IA 52 -110.55 -40.64 -13.48
N LEU IA 53 -109.93 -39.57 -13.98
CA LEU IA 53 -109.31 -39.57 -15.30
C LEU IA 53 -107.80 -39.49 -15.26
N SER IA 54 -107.26 -38.59 -14.47
CA SER IA 54 -105.84 -38.31 -14.55
C SER IA 54 -105.36 -37.52 -13.35
N ILE IA 55 -104.09 -37.69 -13.03
CA ILE IA 55 -103.49 -36.97 -11.91
C ILE IA 55 -102.16 -36.40 -12.35
N ILE IA 56 -101.79 -35.27 -11.75
CA ILE IA 56 -100.49 -34.66 -11.98
C ILE IA 56 -100.00 -34.05 -10.67
N ASN IA 57 -98.72 -34.25 -10.36
CA ASN IA 57 -98.15 -33.77 -9.12
C ASN IA 57 -97.87 -32.27 -9.23
N ALA IA 58 -97.64 -31.62 -8.09
CA ALA IA 58 -97.45 -30.18 -8.04
C ALA IA 58 -96.40 -29.68 -9.03
N GLY IA 59 -95.28 -30.41 -9.13
CA GLY IA 59 -94.20 -29.99 -9.99
C GLY IA 59 -94.30 -30.46 -11.43
N GLY IA 60 -95.39 -31.13 -11.77
CA GLY IA 60 -95.65 -31.54 -13.14
C GLY IA 60 -95.39 -33.00 -13.42
N GLY IA 61 -94.86 -33.73 -12.44
CA GLY IA 61 -94.49 -35.12 -12.62
C GLY IA 61 -95.47 -36.14 -12.07
N ASP IA 62 -95.03 -37.40 -12.06
CA ASP IA 62 -95.77 -38.52 -11.49
C ASP IA 62 -97.15 -38.61 -12.12
N ILE IA 63 -97.22 -38.33 -13.42
CA ILE IA 63 -98.50 -38.36 -14.11
C ILE IA 63 -98.97 -39.80 -14.33
N ASP IA 64 -100.27 -40.01 -14.18
CA ASP IA 64 -100.90 -41.28 -14.55
C ASP IA 64 -102.32 -41.04 -15.07
N TYR IA 65 -102.84 -41.99 -15.83
CA TYR IA 65 -104.15 -41.90 -16.48
C TYR IA 65 -105.00 -43.14 -16.27
N ALA IA 66 -106.32 -42.95 -16.23
CA ALA IA 66 -107.25 -44.07 -16.31
C ALA IA 66 -107.13 -44.67 -17.69
N ASP IA 67 -107.34 -45.98 -17.76
CA ASP IA 67 -107.23 -46.71 -19.01
C ASP IA 67 -108.18 -46.17 -20.08
N SER IA 68 -109.33 -45.64 -19.66
CA SER IA 68 -110.34 -45.21 -20.62
C SER IA 68 -109.96 -44.00 -21.47
N VAL IA 69 -108.99 -43.21 -21.02
CA VAL IA 69 -108.51 -42.04 -21.76
C VAL IA 69 -107.01 -42.02 -22.06
N GLU IA 70 -106.30 -43.06 -21.60
CA GLU IA 70 -104.86 -43.15 -21.82
C GLU IA 70 -104.55 -43.20 -23.31
N GLY IA 71 -103.62 -42.35 -23.75
CA GLY IA 71 -103.19 -42.33 -25.14
C GLY IA 71 -103.95 -41.31 -25.96
N ARG IA 72 -104.98 -40.72 -25.36
CA ARG IA 72 -105.80 -39.69 -26.00
C ARG IA 72 -105.73 -38.39 -25.22
N PHE IA 73 -105.74 -38.45 -23.89
CA PHE IA 73 -105.76 -37.24 -23.08
C PHE IA 73 -104.37 -37.01 -22.50
N THR IA 74 -104.04 -35.73 -22.31
CA THR IA 74 -102.76 -35.32 -21.74
C THR IA 74 -102.99 -34.26 -20.67
N ILE IA 75 -102.52 -34.53 -19.46
CA ILE IA 75 -102.65 -33.56 -18.36
C ILE IA 75 -101.37 -32.75 -18.22
N SER IA 76 -101.53 -31.47 -17.92
CA SER IA 76 -100.40 -30.59 -17.70
C SER IA 76 -100.78 -29.42 -16.83
N ARG IA 77 -99.81 -28.60 -16.45
CA ARG IA 77 -100.11 -27.43 -15.65
C ARG IA 77 -99.09 -26.32 -15.88
N ASP IA 78 -99.53 -25.07 -15.75
CA ASP IA 78 -98.62 -23.93 -15.79
C ASP IA 78 -98.76 -23.24 -14.45
N ASN IA 79 -97.80 -23.50 -13.57
CA ASN IA 79 -97.86 -23.01 -12.20
C ASN IA 79 -97.67 -21.51 -12.12
N SER IA 80 -97.02 -20.92 -13.12
CA SER IA 80 -96.87 -19.48 -13.15
C SER IA 80 -98.24 -18.79 -13.30
N LYS IA 81 -99.21 -19.49 -13.88
CA LYS IA 81 -100.58 -19.00 -14.03
C LYS IA 81 -101.54 -19.68 -13.05
N GLU IA 82 -101.02 -20.55 -12.18
CA GLU IA 82 -101.81 -21.37 -11.28
C GLU IA 82 -102.95 -22.08 -12.02
N THR IA 83 -102.64 -22.62 -13.20
CA THR IA 83 -103.62 -23.22 -14.09
C THR IA 83 -103.29 -24.67 -14.47
N LEU IA 84 -104.31 -25.53 -14.50
CA LEU IA 84 -104.18 -26.90 -14.98
C LEU IA 84 -104.90 -27.04 -16.31
N TYR IA 85 -104.43 -27.98 -17.13
CA TYR IA 85 -104.97 -28.21 -18.46
C TYR IA 85 -105.24 -29.70 -18.64
N LEU IA 86 -106.29 -30.00 -19.40
CA LEU IA 86 -106.51 -31.35 -19.89
C LEU IA 86 -106.74 -31.26 -21.40
N GLN IA 87 -105.77 -31.74 -22.16
CA GLN IA 87 -105.85 -31.79 -23.61
C GLN IA 87 -106.46 -33.12 -24.03
N MET IA 88 -107.66 -33.07 -24.60
CA MET IA 88 -108.36 -34.25 -25.05
C MET IA 88 -108.25 -34.35 -26.57
N THR IA 89 -107.96 -35.54 -27.08
CA THR IA 89 -107.97 -35.76 -28.53
C THR IA 89 -108.80 -36.99 -28.87
N ASN IA 90 -109.13 -37.14 -30.15
N ASN IA 90 -109.11 -37.15 -30.15
CA ASN IA 90 -109.89 -38.28 -30.64
CA ASN IA 90 -109.89 -38.31 -30.63
C ASN IA 90 -111.10 -38.58 -29.75
C ASN IA 90 -111.10 -38.58 -29.74
N LEU IA 91 -111.87 -37.54 -29.45
CA LEU IA 91 -113.02 -37.65 -28.57
C LEU IA 91 -114.09 -38.59 -29.13
N ARG IA 92 -114.80 -39.27 -28.23
CA ARG IA 92 -115.91 -40.14 -28.61
C ARG IA 92 -117.16 -39.75 -27.86
N VAL IA 93 -118.30 -40.30 -28.30
CA VAL IA 93 -119.61 -39.98 -27.72
C VAL IA 93 -119.65 -40.23 -26.21
N GLU IA 94 -118.96 -41.26 -25.76
CA GLU IA 94 -119.00 -41.65 -24.35
C GLU IA 94 -118.07 -40.78 -23.48
N ASP IA 95 -117.36 -39.82 -24.09
CA ASP IA 95 -116.59 -38.84 -23.33
C ASP IA 95 -117.49 -37.69 -22.85
N THR IA 96 -118.77 -37.71 -23.24
CA THR IA 96 -119.71 -36.70 -22.82
C THR IA 96 -119.89 -36.67 -21.31
N GLY IA 97 -119.89 -35.48 -20.73
CA GLY IA 97 -120.14 -35.31 -19.31
C GLY IA 97 -119.61 -34.02 -18.75
N VAL IA 98 -119.76 -33.85 -17.44
CA VAL IA 98 -119.19 -32.71 -16.73
C VAL IA 98 -117.79 -33.07 -16.26
N TYR IA 99 -116.83 -32.20 -16.55
CA TYR IA 99 -115.44 -32.39 -16.16
C TYR IA 99 -115.07 -31.47 -15.01
N TYR IA 100 -114.56 -32.06 -13.95
CA TYR IA 100 -114.11 -31.36 -12.76
C TYR IA 100 -112.61 -31.47 -12.62
N CYS IA 101 -111.94 -30.41 -12.21
CA CYS IA 101 -110.59 -30.53 -11.64
C CYS IA 101 -110.69 -30.52 -10.12
N ALA IA 102 -109.85 -31.31 -9.46
CA ALA IA 102 -110.02 -31.56 -8.03
C ALA IA 102 -108.65 -31.65 -7.37
N LYS IA 103 -108.43 -30.80 -6.37
CA LYS IA 103 -107.16 -30.72 -5.68
C LYS IA 103 -107.03 -31.77 -4.58
N HIS IA 104 -105.87 -32.44 -4.51
CA HIS IA 104 -105.60 -33.39 -3.45
C HIS IA 104 -105.13 -32.61 -2.23
N MET IA 105 -105.45 -33.06 -1.03
CA MET IA 105 -105.22 -32.21 0.15
C MET IA 105 -103.77 -32.11 0.63
N SER IA 106 -102.94 -33.14 0.44
CA SER IA 106 -101.59 -33.10 1.01
C SER IA 106 -100.72 -32.14 0.24
N MET IA 107 -100.00 -31.28 0.96
CA MET IA 107 -99.05 -30.39 0.33
C MET IA 107 -97.92 -31.16 -0.31
N GLN IA 108 -97.63 -30.87 -1.57
CA GLN IA 108 -96.65 -31.63 -2.32
C GLN IA 108 -95.34 -30.92 -2.59
N GLN IA 109 -95.36 -29.59 -2.61
CA GLN IA 109 -94.13 -28.83 -2.77
C GLN IA 109 -94.19 -27.43 -2.20
N VAL IA 110 -93.04 -26.92 -1.79
CA VAL IA 110 -92.92 -25.53 -1.39
C VAL IA 110 -91.71 -24.96 -2.14
N VAL IA 111 -91.97 -24.21 -3.21
CA VAL IA 111 -90.90 -23.71 -4.07
C VAL IA 111 -89.97 -22.77 -3.31
N SER IA 112 -90.54 -21.93 -2.45
CA SER IA 112 -89.74 -20.97 -1.72
C SER IA 112 -88.80 -21.72 -0.78
N ALA IA 113 -89.11 -22.98 -0.52
CA ALA IA 113 -88.31 -23.83 0.33
C ALA IA 113 -87.56 -24.97 -0.35
N GLY IA 114 -87.64 -25.03 -1.67
CA GLY IA 114 -87.05 -26.13 -2.38
C GLY IA 114 -87.54 -27.44 -1.83
N TRP IA 115 -88.72 -27.46 -1.25
CA TRP IA 115 -89.18 -28.72 -0.72
C TRP IA 115 -90.18 -29.33 -1.66
N GLU IA 116 -90.03 -30.64 -1.82
CA GLU IA 116 -90.95 -31.43 -2.58
C GLU IA 116 -91.13 -32.72 -1.83
N ARG IA 117 -92.38 -33.05 -1.53
CA ARG IA 117 -92.69 -34.30 -0.88
C ARG IA 117 -92.11 -35.41 -1.74
N ALA IA 118 -91.52 -36.40 -1.08
CA ALA IA 118 -90.87 -37.51 -1.78
C ALA IA 118 -91.86 -38.31 -2.61
N ASP IA 119 -93.09 -38.40 -2.12
CA ASP IA 119 -94.11 -39.24 -2.72
C ASP IA 119 -95.36 -38.45 -3.08
N LEU IA 120 -96.06 -38.92 -4.10
CA LEU IA 120 -97.36 -38.34 -4.46
C LEU IA 120 -98.43 -39.04 -3.62
N VAL IA 121 -99.01 -38.31 -2.67
CA VAL IA 121 -99.98 -38.89 -1.74
C VAL IA 121 -101.29 -39.24 -2.43
N GLY IA 122 -101.86 -38.27 -3.17
CA GLY IA 122 -103.11 -38.52 -3.87
C GLY IA 122 -104.28 -38.78 -2.92
N ASP IA 123 -104.27 -38.08 -1.79
CA ASP IA 123 -105.34 -38.19 -0.78
C ASP IA 123 -106.60 -37.40 -1.19
N ALA IA 124 -107.49 -37.11 -0.24
CA ALA IA 124 -108.85 -36.71 -0.52
C ALA IA 124 -108.93 -35.43 -1.35
N PHE IA 125 -109.97 -35.34 -2.18
CA PHE IA 125 -110.20 -34.16 -3.00
C PHE IA 125 -110.91 -33.11 -2.15
N ASP IA 126 -110.14 -32.21 -1.57
CA ASP IA 126 -110.73 -31.24 -0.62
C ASP IA 126 -111.34 -30.03 -1.31
N VAL IA 127 -110.97 -29.80 -2.56
CA VAL IA 127 -111.57 -28.74 -3.35
C VAL IA 127 -111.90 -29.18 -4.76
N TRP IA 128 -113.13 -28.93 -5.17
CA TRP IA 128 -113.57 -29.23 -6.52
C TRP IA 128 -114.00 -27.92 -7.15
N GLY IA 129 -113.86 -27.84 -8.46
CA GLY IA 129 -114.44 -26.75 -9.21
C GLY IA 129 -115.93 -27.01 -9.38
N GLN IA 130 -116.60 -26.12 -10.09
CA GLN IA 130 -118.03 -26.21 -10.34
C GLN IA 130 -118.32 -27.12 -11.54
N GLY IA 131 -117.27 -27.45 -12.29
CA GLY IA 131 -117.34 -28.36 -13.41
C GLY IA 131 -117.58 -27.64 -14.74
N THR IA 132 -117.16 -28.27 -15.84
CA THR IA 132 -117.39 -27.73 -17.17
C THR IA 132 -117.96 -28.81 -18.09
N MET IA 133 -119.01 -28.50 -18.85
CA MET IA 133 -119.69 -29.54 -19.61
C MET IA 133 -119.07 -29.78 -20.99
N VAL IA 134 -118.79 -31.05 -21.29
CA VAL IA 134 -118.32 -31.45 -22.61
C VAL IA 134 -119.35 -32.38 -23.23
N THR IA 135 -119.85 -32.01 -24.41
CA THR IA 135 -120.75 -32.87 -25.18
C THR IA 135 -120.13 -33.24 -26.52
N VAL IA 136 -120.04 -34.55 -26.79
CA VAL IA 136 -119.48 -35.02 -28.05
C VAL IA 136 -120.66 -35.60 -28.88
N SER IA 137 -121.03 -34.89 -29.95
CA SER IA 137 -122.19 -35.21 -30.78
C SER IA 137 -122.06 -34.71 -32.24
N SER IA 138 -122.71 -35.37 -33.19
CA SER IA 138 -122.66 -34.88 -34.57
C SER IA 138 -123.48 -33.62 -34.81
N ALA IA 139 -124.51 -33.39 -34.00
CA ALA IA 139 -125.42 -32.26 -34.26
C ALA IA 139 -124.69 -31.00 -33.86
N SER IA 140 -124.99 -29.91 -34.58
CA SER IA 140 -124.40 -28.62 -34.34
C SER IA 140 -125.20 -27.87 -33.23
N THR IA 141 -124.54 -26.94 -32.52
CA THR IA 141 -125.17 -26.14 -31.45
C THR IA 141 -126.30 -25.23 -31.91
N LYS IA 142 -127.31 -25.14 -31.05
CA LYS IA 142 -128.37 -24.15 -31.18
C LYS IA 142 -128.62 -23.45 -29.85
N GLY IA 143 -128.65 -22.13 -29.89
CA GLY IA 143 -128.87 -21.33 -28.69
C GLY IA 143 -130.35 -21.25 -28.37
N PRO IA 144 -130.68 -21.02 -27.09
CA PRO IA 144 -132.06 -21.04 -26.61
C PRO IA 144 -132.86 -19.80 -26.98
N SER IA 145 -134.16 -19.97 -27.19
CA SER IA 145 -135.09 -18.84 -27.18
C SER IA 145 -135.60 -18.69 -25.75
N VAL IA 146 -135.72 -17.47 -25.27
CA VAL IA 146 -136.17 -17.21 -23.90
C VAL IA 146 -137.48 -16.45 -23.96
N PHE IA 147 -138.51 -17.04 -23.38
CA PHE IA 147 -139.84 -16.47 -23.37
C PHE IA 147 -140.34 -16.21 -21.95
N PRO IA 148 -141.07 -15.10 -21.71
CA PRO IA 148 -141.53 -14.92 -20.33
C PRO IA 148 -142.71 -15.81 -19.96
N LEU IA 149 -142.71 -16.28 -18.71
CA LEU IA 149 -143.86 -16.93 -18.11
C LEU IA 149 -144.44 -15.87 -17.19
N ALA IA 150 -145.53 -15.27 -17.64
CA ALA IA 150 -146.01 -14.02 -17.05
C ALA IA 150 -147.05 -14.23 -15.95
N PRO IA 151 -146.85 -13.59 -14.77
CA PRO IA 151 -147.87 -13.67 -13.72
C PRO IA 151 -149.11 -12.93 -14.19
N SER IA 152 -150.27 -13.43 -13.78
CA SER IA 152 -151.55 -12.88 -14.20
C SER IA 152 -152.49 -12.70 -12.99
N SER IA 153 -153.50 -11.85 -13.14
CA SER IA 153 -154.49 -11.68 -12.08
C SER IA 153 -155.20 -13.02 -11.90
N LYS IA 154 -155.47 -13.40 -10.66
CA LYS IA 154 -156.12 -14.67 -10.29
C LYS IA 154 -155.10 -15.80 -10.21
N SER IA 155 -153.83 -15.50 -10.49
CA SER IA 155 -152.79 -16.51 -10.42
C SER IA 155 -152.35 -16.81 -8.97
N THR IA 156 -152.80 -15.99 -8.02
CA THR IA 156 -152.40 -16.20 -6.63
C THR IA 156 -152.83 -17.56 -6.12
N SER IA 157 -151.90 -18.26 -5.50
CA SER IA 157 -152.17 -19.57 -4.90
C SER IA 157 -151.25 -19.67 -3.69
N GLY IA 158 -151.80 -20.12 -2.57
CA GLY IA 158 -151.17 -19.84 -1.29
C GLY IA 158 -151.31 -18.35 -1.09
N GLY IA 159 -150.29 -17.71 -0.54
CA GLY IA 159 -150.26 -16.26 -0.48
C GLY IA 159 -149.25 -15.69 -1.47
N THR IA 160 -148.86 -16.49 -2.46
CA THR IA 160 -147.75 -16.14 -3.33
C THR IA 160 -148.14 -16.07 -4.80
N ALA IA 161 -147.31 -15.39 -5.59
CA ALA IA 161 -147.43 -15.36 -7.05
C ALA IA 161 -146.23 -16.05 -7.65
N ALA IA 162 -146.37 -16.55 -8.87
CA ALA IA 162 -145.25 -17.19 -9.57
C ALA IA 162 -144.98 -16.56 -10.93
N LEU IA 163 -143.70 -16.45 -11.28
CA LEU IA 163 -143.32 -16.00 -12.63
C LEU IA 163 -142.04 -16.73 -13.05
N GLY IA 164 -141.68 -16.66 -14.33
CA GLY IA 164 -140.56 -17.46 -14.78
C GLY IA 164 -140.08 -17.19 -16.20
N CYS IA 165 -139.17 -18.01 -16.68
CA CYS IA 165 -138.68 -17.95 -18.05
C CYS IA 165 -138.68 -19.34 -18.64
N LEU IA 166 -139.15 -19.47 -19.87
CA LEU IA 166 -139.08 -20.72 -20.61
C LEU IA 166 -137.89 -20.65 -21.56
N VAL IA 167 -136.91 -21.51 -21.30
CA VAL IA 167 -135.70 -21.60 -22.09
C VAL IA 167 -135.82 -22.80 -23.01
N LYS IA 168 -136.10 -22.53 -24.29
CA LYS IA 168 -136.58 -23.54 -25.21
C LYS IA 168 -135.67 -23.77 -26.42
N ASP IA 169 -135.58 -25.03 -26.85
CA ASP IA 169 -134.97 -25.39 -28.13
C ASP IA 169 -133.50 -25.05 -28.24
N TYR IA 170 -132.70 -25.66 -27.38
CA TYR IA 170 -131.26 -25.46 -27.41
C TYR IA 170 -130.51 -26.79 -27.39
N PHE IA 171 -129.25 -26.74 -27.82
CA PHE IA 171 -128.39 -27.91 -27.77
C PHE IA 171 -126.94 -27.44 -27.79
N PRO IA 172 -126.07 -28.09 -27.00
CA PRO IA 172 -126.33 -29.17 -26.05
C PRO IA 172 -126.58 -28.58 -24.67
N GLU IA 173 -126.60 -29.43 -23.65
CA GLU IA 173 -126.60 -28.98 -22.26
C GLU IA 173 -125.23 -28.37 -21.93
N PRO IA 174 -125.18 -27.46 -20.94
CA PRO IA 174 -126.27 -27.00 -20.09
C PRO IA 174 -126.52 -25.53 -20.28
N VAL IA 175 -127.61 -25.03 -19.70
CA VAL IA 175 -127.83 -23.59 -19.61
C VAL IA 175 -127.85 -23.25 -18.13
N THR IA 176 -127.30 -22.10 -17.75
CA THR IA 176 -127.42 -21.62 -16.37
C THR IA 176 -128.42 -20.47 -16.35
N VAL IA 177 -129.22 -20.39 -15.29
CA VAL IA 177 -130.18 -19.28 -15.13
C VAL IA 177 -130.02 -18.66 -13.74
N SER IA 178 -129.96 -17.34 -13.72
CA SER IA 178 -129.98 -16.57 -12.48
C SER IA 178 -131.08 -15.53 -12.60
N TRP IA 179 -131.42 -14.85 -11.51
CA TRP IA 179 -132.48 -13.85 -11.53
C TRP IA 179 -131.98 -12.53 -10.97
N ASN IA 180 -132.25 -11.44 -11.69
CA ASN IA 180 -131.76 -10.11 -11.35
C ASN IA 180 -130.27 -10.17 -11.08
N SER IA 181 -129.55 -10.85 -11.97
CA SER IA 181 -128.09 -10.90 -11.95
C SER IA 181 -127.57 -11.59 -10.67
N GLY IA 182 -128.44 -12.38 -10.03
CA GLY IA 182 -128.08 -13.09 -8.81
C GLY IA 182 -128.51 -12.43 -7.51
N ALA IA 183 -129.14 -11.26 -7.61
CA ALA IA 183 -129.64 -10.56 -6.43
C ALA IA 183 -130.88 -11.27 -5.86
N LEU IA 184 -131.58 -12.01 -6.73
CA LEU IA 184 -132.79 -12.73 -6.35
C LEU IA 184 -132.51 -14.23 -6.42
N THR IA 185 -132.55 -14.85 -5.25
CA THR IA 185 -132.27 -16.28 -5.10
C THR IA 185 -133.36 -17.07 -4.36
N SER IA 186 -133.85 -16.55 -3.23
N SER IA 186 -134.01 -16.44 -3.37
CA SER IA 186 -134.97 -17.18 -2.50
CA SER IA 186 -135.06 -17.11 -2.61
C SER IA 186 -136.18 -17.53 -3.38
C SER IA 186 -136.25 -17.52 -3.44
N GLY IA 187 -136.63 -18.79 -3.29
CA GLY IA 187 -137.83 -19.28 -3.94
C GLY IA 187 -137.68 -19.57 -5.41
N VAL IA 188 -136.44 -19.73 -5.87
CA VAL IA 188 -136.14 -20.05 -7.27
C VAL IA 188 -136.03 -21.56 -7.48
N HIS IA 189 -136.69 -22.05 -8.53
CA HIS IA 189 -136.55 -23.41 -8.99
C HIS IA 189 -136.18 -23.39 -10.46
N THR IA 190 -135.06 -24.01 -10.82
CA THR IA 190 -134.72 -24.18 -12.23
C THR IA 190 -134.85 -25.66 -12.50
N PHE IA 191 -135.82 -26.00 -13.35
CA PHE IA 191 -136.14 -27.38 -13.59
C PHE IA 191 -135.09 -28.07 -14.44
N PRO IA 192 -134.89 -29.38 -14.25
CA PRO IA 192 -134.06 -30.14 -15.17
C PRO IA 192 -134.56 -30.01 -16.60
N ALA IA 193 -133.63 -29.92 -17.54
CA ALA IA 193 -134.00 -29.84 -18.94
C ALA IA 193 -134.65 -31.15 -19.38
N VAL IA 194 -135.58 -31.04 -20.33
CA VAL IA 194 -136.20 -32.21 -20.94
C VAL IA 194 -135.85 -32.25 -22.41
N LEU IA 195 -135.49 -33.43 -22.90
CA LEU IA 195 -135.23 -33.62 -24.31
C LEU IA 195 -136.54 -33.75 -25.05
N GLN IA 196 -136.72 -32.90 -26.06
CA GLN IA 196 -137.94 -32.92 -26.86
C GLN IA 196 -137.77 -33.86 -28.05
N SER IA 197 -138.87 -34.13 -28.74
CA SER IA 197 -138.84 -35.00 -29.91
C SER IA 197 -137.96 -34.41 -31.02
N SER IA 198 -137.89 -33.08 -31.08
CA SER IA 198 -137.04 -32.38 -32.04
C SER IA 198 -135.55 -32.67 -31.85
N GLY IA 199 -135.17 -33.25 -30.71
CA GLY IA 199 -133.77 -33.46 -30.40
C GLY IA 199 -133.15 -32.29 -29.67
N LEU IA 200 -133.97 -31.28 -29.36
CA LEU IA 200 -133.51 -30.12 -28.61
C LEU IA 200 -134.03 -30.14 -27.19
N TYR IA 201 -133.27 -29.51 -26.30
CA TYR IA 201 -133.64 -29.43 -24.89
C TYR IA 201 -134.55 -28.26 -24.59
N SER IA 202 -135.32 -28.39 -23.52
CA SER IA 202 -136.19 -27.33 -23.05
C SER IA 202 -136.18 -27.36 -21.53
N LEU IA 203 -136.29 -26.19 -20.91
CA LEU IA 203 -136.18 -26.09 -19.48
C LEU IA 203 -136.99 -24.87 -19.07
N SER IA 204 -137.53 -24.88 -17.86
CA SER IA 204 -138.21 -23.72 -17.31
C SER IA 204 -137.57 -23.33 -15.98
N SER IA 205 -137.55 -22.02 -15.69
CA SER IA 205 -137.17 -21.51 -14.39
C SER IA 205 -138.31 -20.67 -13.83
N VAL IA 206 -138.66 -20.88 -12.57
CA VAL IA 206 -139.74 -20.14 -11.93
C VAL IA 206 -139.30 -19.60 -10.58
N VAL IA 207 -139.98 -18.59 -10.07
CA VAL IA 207 -139.68 -18.06 -8.76
C VAL IA 207 -140.99 -17.65 -8.09
N THR IA 208 -141.14 -17.88 -6.77
CA THR IA 208 -142.37 -17.43 -6.14
C THR IA 208 -141.94 -16.24 -5.33
N VAL IA 209 -142.65 -15.17 -5.60
CA VAL IA 209 -142.47 -13.88 -5.03
C VAL IA 209 -143.82 -13.32 -4.53
N PRO IA 210 -143.86 -12.64 -3.35
CA PRO IA 210 -145.14 -12.08 -2.86
C PRO IA 210 -145.82 -11.36 -4.03
N SER IA 211 -147.12 -11.31 -4.27
CA SER IA 211 -147.64 -10.59 -5.45
C SER IA 211 -147.35 -9.10 -5.41
N SER IA 212 -147.47 -8.61 -4.19
CA SER IA 212 -147.27 -7.25 -3.84
C SER IA 212 -145.95 -6.63 -4.22
N SER IA 213 -144.93 -7.19 -3.60
CA SER IA 213 -143.57 -6.78 -3.80
C SER IA 213 -143.22 -6.89 -5.28
N LEU IA 214 -144.01 -7.65 -6.05
CA LEU IA 214 -143.73 -7.78 -7.47
C LEU IA 214 -144.19 -6.59 -8.22
N GLY IA 215 -145.41 -6.18 -7.89
CA GLY IA 215 -145.89 -4.94 -8.46
C GLY IA 215 -144.83 -3.89 -8.19
N THR IA 216 -144.24 -3.93 -6.99
CA THR IA 216 -143.24 -2.89 -6.65
C THR IA 216 -141.89 -3.06 -7.35
N GLN IA 217 -141.51 -4.30 -7.68
CA GLN IA 217 -140.17 -4.58 -8.21
C GLN IA 217 -140.07 -5.38 -9.53
N THR IA 218 -138.88 -5.19 -10.08
CA THR IA 218 -138.39 -5.62 -11.41
C THR IA 218 -137.74 -7.00 -11.48
N TYR IA 219 -138.34 -7.96 -12.20
CA TYR IA 219 -137.76 -9.32 -12.23
C TYR IA 219 -137.38 -9.66 -13.65
N ILE IA 220 -136.09 -10.01 -13.75
CA ILE IA 220 -135.37 -10.32 -14.97
C ILE IA 220 -134.65 -11.65 -14.78
N CYS IA 221 -134.77 -12.54 -15.75
CA CYS IA 221 -134.00 -13.79 -15.70
C CYS IA 221 -132.84 -13.76 -16.71
N ASN IA 222 -131.66 -14.16 -16.25
CA ASN IA 222 -130.45 -14.13 -17.05
C ASN IA 222 -130.09 -15.55 -17.47
N VAL IA 223 -130.15 -15.82 -18.76
CA VAL IA 223 -129.91 -17.14 -19.32
C VAL IA 223 -128.56 -17.18 -20.04
N ASN IA 224 -127.75 -18.18 -19.72
CA ASN IA 224 -126.45 -18.37 -20.35
C ASN IA 224 -126.31 -19.75 -20.94
N HIS IA 225 -125.93 -19.80 -22.22
CA HIS IA 225 -125.63 -21.05 -22.89
C HIS IA 225 -124.29 -20.90 -23.57
N LYS IA 226 -123.24 -21.36 -22.89
CA LYS IA 226 -121.88 -21.16 -23.36
C LYS IA 226 -121.57 -21.76 -24.73
N PRO IA 227 -122.08 -22.98 -25.03
CA PRO IA 227 -121.76 -23.58 -26.32
C PRO IA 227 -122.20 -22.75 -27.53
N SER IA 228 -123.22 -21.93 -27.34
CA SER IA 228 -123.71 -21.05 -28.40
C SER IA 228 -123.39 -19.57 -28.17
N ASN IA 229 -122.55 -19.29 -27.16
CA ASN IA 229 -122.17 -17.92 -26.81
C ASN IA 229 -123.40 -17.05 -26.51
N THR IA 230 -124.48 -17.67 -26.01
CA THR IA 230 -125.71 -16.96 -25.68
C THR IA 230 -125.69 -16.35 -24.29
N LYS IA 231 -125.98 -15.05 -24.22
CA LYS IA 231 -126.18 -14.39 -22.94
C LYS IA 231 -127.38 -13.48 -23.12
N VAL IA 232 -128.52 -13.89 -22.56
CA VAL IA 232 -129.78 -13.18 -22.72
C VAL IA 232 -130.26 -12.70 -21.37
N ASP IA 233 -130.77 -11.49 -21.31
CA ASP IA 233 -131.47 -11.00 -20.13
C ASP IA 233 -132.88 -10.70 -20.57
N LYS IA 234 -133.85 -11.41 -20.00
CA LYS IA 234 -135.25 -11.22 -20.38
C LYS IA 234 -136.08 -10.72 -19.21
N ARG IA 235 -136.69 -9.55 -19.42
CA ARG IA 235 -137.55 -8.93 -18.44
C ARG IA 235 -138.89 -9.65 -18.43
N VAL IA 236 -139.41 -9.89 -17.23
CA VAL IA 236 -140.66 -10.61 -17.07
C VAL IA 236 -141.67 -9.71 -16.38
N GLU IA 237 -142.78 -9.41 -17.06
CA GLU IA 237 -143.77 -8.48 -16.57
C GLU IA 237 -145.15 -9.10 -16.71
N PRO IA 238 -146.12 -8.66 -15.88
CA PRO IA 238 -147.50 -9.16 -15.97
C PRO IA 238 -148.18 -8.87 -17.30
N LYS IA 239 -149.04 -9.79 -17.73
CA LYS IA 239 -149.81 -9.62 -18.97
C LYS IA 239 -150.84 -8.50 -18.85
N ASP JA 1 -108.60 -52.86 -10.95
CA ASP JA 1 -109.35 -51.69 -10.40
C ASP JA 1 -110.15 -52.12 -9.18
N ILE JA 2 -110.08 -51.33 -8.13
CA ILE JA 2 -110.84 -51.61 -6.92
C ILE JA 2 -112.28 -51.11 -7.10
N GLN JA 3 -113.24 -51.99 -6.84
CA GLN JA 3 -114.66 -51.66 -6.93
C GLN JA 3 -115.18 -51.32 -5.56
N LEU JA 4 -115.90 -50.22 -5.46
CA LEU JA 4 -116.58 -49.82 -4.24
C LEU JA 4 -118.08 -49.99 -4.46
N THR JA 5 -118.75 -50.72 -3.58
CA THR JA 5 -120.17 -50.99 -3.67
C THR JA 5 -120.87 -50.30 -2.52
N GLN JA 6 -121.79 -49.40 -2.85
CA GLN JA 6 -122.51 -48.64 -1.82
C GLN JA 6 -123.93 -49.14 -1.64
N SER JA 7 -124.35 -49.27 -0.38
CA SER JA 7 -125.76 -49.61 -0.15
C SER JA 7 -126.34 -48.78 1.01
N PRO JA 8 -127.66 -48.53 0.96
CA PRO JA 8 -128.48 -48.89 -0.21
C PRO JA 8 -128.30 -47.88 -1.34
N SER JA 9 -128.91 -48.14 -2.50
CA SER JA 9 -128.80 -47.25 -3.64
C SER JA 9 -129.47 -45.93 -3.31
N SER JA 10 -130.55 -46.03 -2.55
CA SER JA 10 -131.37 -44.90 -2.18
C SER JA 10 -131.83 -45.21 -0.77
N LEU JA 11 -131.84 -44.21 0.09
CA LEU JA 11 -132.29 -44.39 1.45
C LEU JA 11 -133.20 -43.24 1.81
N SER JA 12 -134.37 -43.57 2.35
CA SER JA 12 -135.33 -42.56 2.74
C SER JA 12 -135.37 -42.49 4.29
N ALA JA 13 -135.36 -41.28 4.88
CA ALA JA 13 -135.41 -41.14 6.34
C ALA JA 13 -136.01 -39.79 6.79
N SER JA 14 -136.50 -39.73 8.02
CA SER JA 14 -137.15 -38.52 8.55
C SER JA 14 -136.14 -37.58 9.18
N VAL JA 15 -136.42 -36.29 9.14
CA VAL JA 15 -135.58 -35.30 9.81
C VAL JA 15 -135.41 -35.68 11.28
N GLY JA 16 -134.15 -35.71 11.71
CA GLY JA 16 -133.78 -36.05 13.07
C GLY JA 16 -133.29 -37.49 13.20
N ASP JA 17 -133.55 -38.31 12.20
CA ASP JA 17 -133.14 -39.72 12.23
C ASP JA 17 -131.65 -39.90 12.12
N ARG JA 18 -131.15 -40.93 12.80
N ARG JA 18 -131.15 -40.93 12.79
CA ARG JA 18 -129.76 -41.35 12.64
CA ARG JA 18 -129.75 -41.35 12.64
C ARG JA 18 -129.68 -42.24 11.41
C ARG JA 18 -129.62 -42.28 11.44
N VAL JA 19 -128.80 -41.87 10.49
CA VAL JA 19 -128.71 -42.53 9.19
C VAL JA 19 -127.33 -43.13 8.95
N THR JA 20 -127.30 -44.37 8.44
CA THR JA 20 -126.02 -45.06 8.18
C THR JA 20 -125.93 -45.46 6.70
N LEU JA 21 -124.87 -45.01 6.05
CA LEU JA 21 -124.58 -45.33 4.66
C LEU JA 21 -123.38 -46.27 4.67
N THR JA 22 -123.39 -47.28 3.83
CA THR JA 22 -122.31 -48.28 3.85
C THR JA 22 -121.56 -48.34 2.52
N CYS JA 23 -120.28 -48.67 2.63
CA CYS JA 23 -119.38 -48.84 1.49
C CYS JA 23 -118.59 -50.12 1.71
N GLN JA 24 -118.57 -50.98 0.70
CA GLN JA 24 -117.80 -52.21 0.74
C GLN JA 24 -116.76 -52.20 -0.38
N ALA JA 25 -115.49 -52.41 -0.05
CA ALA JA 25 -114.46 -52.45 -1.09
C ALA JA 25 -114.18 -53.89 -1.49
N SER JA 26 -113.85 -54.09 -2.75
CA SER JA 26 -113.66 -55.43 -3.27
C SER JA 26 -112.32 -55.97 -2.78
N GLN JA 27 -111.49 -55.12 -2.19
CA GLN JA 27 -110.25 -55.56 -1.59
C GLN JA 27 -109.83 -54.67 -0.43
N ASP JA 28 -108.92 -55.16 0.42
CA ASP JA 28 -108.51 -54.40 1.60
C ASP JA 28 -107.78 -53.13 1.20
N ILE JA 29 -108.39 -52.00 1.55
CA ILE JA 29 -107.84 -50.66 1.29
C ILE JA 29 -107.42 -49.94 2.58
N ARG JA 30 -107.28 -50.69 3.68
CA ARG JA 30 -106.90 -50.15 4.97
C ARG JA 30 -107.84 -48.99 5.32
N LYS JA 31 -107.33 -47.79 5.56
CA LYS JA 31 -108.16 -46.64 5.86
C LYS JA 31 -108.08 -45.60 4.74
N PHE JA 32 -107.61 -45.98 3.56
CA PHE JA 32 -107.48 -45.00 2.51
C PHE JA 32 -108.82 -44.84 1.79
N LEU JA 33 -109.79 -44.22 2.48
CA LEU JA 33 -111.16 -44.10 1.96
C LEU JA 33 -111.72 -42.72 2.30
N ASN JA 34 -112.34 -42.02 1.34
CA ASN JA 34 -112.88 -40.70 1.58
C ASN JA 34 -114.36 -40.70 1.23
N TRP JA 35 -115.15 -39.80 1.86
CA TRP JA 35 -116.58 -39.65 1.61
C TRP JA 35 -116.86 -38.23 1.14
N TYR JA 36 -117.69 -38.10 0.11
CA TYR JA 36 -118.11 -36.83 -0.46
C TYR JA 36 -119.63 -36.71 -0.48
N GLN JA 37 -120.12 -35.47 -0.47
CA GLN JA 37 -121.53 -35.16 -0.72
C GLN JA 37 -121.60 -34.34 -2.00
N GLN JA 38 -122.56 -34.67 -2.86
CA GLN JA 38 -122.81 -33.94 -4.07
C GLN JA 38 -124.28 -33.61 -4.17
N LYS JA 39 -124.56 -32.32 -4.23
CA LYS JA 39 -125.91 -31.85 -4.47
C LYS JA 39 -126.14 -31.67 -5.95
N PRO JA 40 -127.38 -31.89 -6.40
CA PRO JA 40 -127.66 -31.88 -7.84
C PRO JA 40 -127.18 -30.62 -8.55
N GLY JA 41 -126.47 -30.81 -9.64
CA GLY JA 41 -125.98 -29.70 -10.43
C GLY JA 41 -124.82 -28.97 -9.77
N LYS JA 42 -124.30 -29.52 -8.67
CA LYS JA 42 -123.19 -28.92 -7.96
C LYS JA 42 -122.03 -29.90 -7.93
N GLY JA 43 -120.84 -29.38 -7.68
CA GLY JA 43 -119.67 -30.22 -7.53
C GLY JA 43 -119.66 -30.94 -6.20
N PRO JA 44 -118.96 -32.09 -6.12
CA PRO JA 44 -118.86 -32.78 -4.85
C PRO JA 44 -118.18 -31.93 -3.79
N LYS JA 45 -118.43 -32.24 -2.52
CA LYS JA 45 -117.71 -31.65 -1.39
C LYS JA 45 -117.25 -32.74 -0.43
N LEU JA 46 -116.00 -32.64 0.01
CA LEU JA 46 -115.42 -33.62 0.92
C LEU JA 46 -116.07 -33.53 2.31
N LEU JA 47 -116.43 -34.69 2.84
CA LEU JA 47 -116.96 -34.81 4.19
C LEU JA 47 -115.95 -35.48 5.11
N ILE JA 48 -115.45 -36.63 4.70
CA ILE JA 48 -114.59 -37.43 5.58
C ILE JA 48 -113.36 -37.88 4.82
N TYR JA 49 -112.16 -37.68 5.40
CA TYR JA 49 -110.95 -38.22 4.79
C TYR JA 49 -110.29 -39.27 5.69
N ASP JA 50 -109.67 -40.24 5.03
CA ASP JA 50 -109.00 -41.38 5.67
C ASP JA 50 -109.93 -42.06 6.68
N ALA JA 51 -111.15 -42.31 6.21
CA ALA JA 51 -112.20 -43.12 6.84
C ALA JA 51 -112.92 -42.49 8.03
N SER JA 52 -112.19 -41.80 8.92
CA SER JA 52 -112.78 -41.29 10.16
C SER JA 52 -112.55 -39.81 10.47
N ASN JA 53 -111.84 -39.09 9.61
CA ASN JA 53 -111.54 -37.69 9.91
C ASN JA 53 -112.54 -36.70 9.32
N LEU JA 54 -113.14 -35.90 10.19
CA LEU JA 54 -114.06 -34.88 9.75
C LEU JA 54 -113.28 -33.72 9.16
N GLN JA 55 -113.53 -33.41 7.90
CA GLN JA 55 -112.89 -32.28 7.27
C GLN JA 55 -113.31 -30.97 7.93
N ARG JA 56 -112.34 -30.06 8.08
CA ARG JA 56 -112.62 -28.72 8.60
C ARG JA 56 -113.83 -28.06 7.92
N GLY JA 57 -114.76 -27.56 8.74
CA GLY JA 57 -115.90 -26.82 8.24
C GLY JA 57 -117.13 -27.66 7.98
N VAL JA 58 -116.97 -28.98 7.92
CA VAL JA 58 -118.11 -29.88 7.74
C VAL JA 58 -118.85 -30.04 9.08
N PRO JA 59 -120.20 -30.00 9.06
CA PRO JA 59 -120.96 -30.11 10.33
C PRO JA 59 -120.62 -31.39 11.10
N SER JA 60 -120.58 -31.28 12.44
CA SER JA 60 -120.17 -32.40 13.29
C SER JA 60 -121.10 -33.61 13.36
N ARG JA 61 -122.32 -33.47 12.86
CA ARG JA 61 -123.25 -34.60 12.82
C ARG JA 61 -122.76 -35.70 11.86
N PHE JA 62 -121.81 -35.37 10.99
CA PHE JA 62 -121.19 -36.35 10.11
C PHE JA 62 -120.01 -36.98 10.85
N SER JA 63 -119.93 -38.30 10.76
CA SER JA 63 -118.82 -39.07 11.28
C SER JA 63 -118.56 -40.26 10.37
N GLY JA 64 -117.34 -40.80 10.37
CA GLY JA 64 -117.01 -41.92 9.50
C GLY JA 64 -116.32 -42.99 10.32
N GLY JA 65 -116.44 -44.24 9.87
CA GLY JA 65 -115.83 -45.36 10.55
C GLY JA 65 -115.44 -46.50 9.62
N GLY JA 66 -114.70 -47.46 10.16
CA GLY JA 66 -114.34 -48.66 9.42
C GLY JA 66 -112.91 -48.70 8.94
N SER JA 67 -112.54 -49.84 8.38
CA SER JA 67 -111.23 -50.07 7.83
C SER JA 67 -111.27 -51.39 7.08
N GLY JA 68 -110.24 -51.66 6.29
CA GLY JA 68 -110.19 -52.85 5.47
C GLY JA 68 -111.16 -52.75 4.30
N THR JA 69 -112.23 -53.54 4.32
CA THR JA 69 -113.21 -53.54 3.24
C THR JA 69 -114.56 -52.93 3.64
N ASP JA 70 -114.81 -52.72 4.94
CA ASP JA 70 -116.13 -52.29 5.39
C ASP JA 70 -116.08 -50.92 6.05
N PHE JA 71 -116.86 -49.98 5.51
CA PHE JA 71 -116.86 -48.59 5.97
C PHE JA 71 -118.26 -48.06 6.14
N THR JA 72 -118.42 -47.08 7.03
CA THR JA 72 -119.70 -46.43 7.23
C THR JA 72 -119.57 -44.91 7.30
N LEU JA 73 -120.56 -44.20 6.76
CA LEU JA 73 -120.71 -42.78 7.01
C LEU JA 73 -122.00 -42.63 7.81
N ILE JA 74 -121.93 -41.98 8.97
CA ILE JA 74 -123.09 -41.82 9.84
C ILE JA 74 -123.43 -40.35 9.95
N ILE JA 75 -124.70 -40.04 9.76
CA ILE JA 75 -125.24 -38.72 10.00
C ILE JA 75 -126.08 -38.85 11.27
N SER JA 76 -125.62 -38.25 12.36
CA SER JA 76 -126.20 -38.54 13.67
C SER JA 76 -127.64 -38.03 13.82
N SER JA 77 -127.98 -36.96 13.10
CA SER JA 77 -129.33 -36.43 13.12
C SER JA 77 -129.60 -35.83 11.75
N LEU JA 78 -130.39 -36.52 10.93
CA LEU JA 78 -130.54 -36.10 9.54
C LEU JA 78 -131.17 -34.73 9.47
N GLN JA 79 -130.60 -33.86 8.65
CA GLN JA 79 -131.17 -32.55 8.43
C GLN JA 79 -131.65 -32.51 7.03
N PRO JA 80 -132.63 -31.66 6.78
CA PRO JA 80 -133.16 -31.59 5.42
C PRO JA 80 -132.11 -31.22 4.37
N GLU JA 81 -131.15 -30.37 4.73
CA GLU JA 81 -130.08 -29.94 3.81
C GLU JA 81 -129.16 -31.06 3.41
N ASP JA 82 -129.30 -32.20 4.07
CA ASP JA 82 -128.53 -33.38 3.73
C ASP JA 82 -128.97 -34.19 2.47
N VAL JA 83 -130.14 -33.88 1.87
CA VAL JA 83 -130.56 -34.62 0.65
C VAL JA 83 -129.50 -34.47 -0.41
N GLY JA 84 -129.22 -35.54 -1.11
CA GLY JA 84 -128.27 -35.51 -2.20
C GLY JA 84 -127.66 -36.87 -2.32
N THR JA 85 -126.52 -36.95 -2.99
CA THR JA 85 -125.87 -38.23 -3.23
C THR JA 85 -124.53 -38.24 -2.52
N TYR JA 86 -124.19 -39.38 -1.92
CA TYR JA 86 -122.96 -39.53 -1.17
C TYR JA 86 -122.13 -40.58 -1.85
N TYR JA 87 -120.86 -40.26 -2.07
CA TYR JA 87 -119.95 -41.18 -2.75
C TYR JA 87 -118.80 -41.49 -1.83
N CYS JA 88 -118.38 -42.75 -1.82
CA CYS JA 88 -117.13 -43.12 -1.19
C CYS JA 88 -116.08 -43.24 -2.29
N GLN JA 89 -114.80 -43.14 -1.92
CA GLN JA 89 -113.73 -43.12 -2.89
C GLN JA 89 -112.41 -43.62 -2.34
N GLN JA 90 -111.67 -44.38 -3.13
CA GLN JA 90 -110.57 -45.16 -2.61
C GLN JA 90 -109.30 -44.67 -3.28
N TYR JA 91 -108.23 -44.51 -2.50
CA TYR JA 91 -106.90 -44.21 -3.04
C TYR JA 91 -105.77 -45.12 -2.54
N ASP JA 92 -106.11 -46.34 -2.11
CA ASP JA 92 -105.10 -47.36 -1.84
C ASP JA 92 -104.23 -47.58 -3.06
N GLY JA 93 -104.84 -47.60 -4.24
CA GLY JA 93 -104.09 -47.79 -5.47
C GLY JA 93 -104.78 -47.18 -6.66
N LEU JA 94 -103.98 -46.75 -7.63
CA LEU JA 94 -104.48 -46.30 -8.92
C LEU JA 94 -105.06 -47.47 -9.74
N PRO JA 95 -106.08 -47.19 -10.57
CA PRO JA 95 -106.76 -45.90 -10.70
C PRO JA 95 -107.67 -45.65 -9.50
N PHE JA 96 -107.79 -44.39 -9.10
CA PHE JA 96 -108.72 -44.01 -8.04
C PHE JA 96 -110.14 -44.31 -8.53
N THR JA 97 -110.98 -44.82 -7.63
CA THR JA 97 -112.35 -45.18 -7.96
C THR JA 97 -113.35 -44.70 -6.93
N PHE JA 98 -114.60 -44.52 -7.38
CA PHE JA 98 -115.68 -44.04 -6.53
C PHE JA 98 -116.76 -45.12 -6.45
N GLY JA 99 -117.50 -45.15 -5.35
CA GLY JA 99 -118.70 -45.95 -5.25
C GLY JA 99 -119.76 -45.41 -6.19
N GLY JA 100 -120.80 -46.20 -6.43
CA GLY JA 100 -121.87 -45.79 -7.33
C GLY JA 100 -122.84 -44.78 -6.72
N GLY JA 101 -122.66 -44.46 -5.45
CA GLY JA 101 -123.43 -43.42 -4.79
C GLY JA 101 -124.65 -43.92 -4.06
N THR JA 102 -124.99 -43.25 -2.96
CA THR JA 102 -126.23 -43.49 -2.25
C THR JA 102 -127.00 -42.19 -2.21
N LYS JA 103 -128.23 -42.21 -2.72
CA LYS JA 103 -129.06 -41.02 -2.73
C LYS JA 103 -129.83 -40.97 -1.42
N VAL JA 104 -129.76 -39.84 -0.72
CA VAL JA 104 -130.51 -39.66 0.51
C VAL JA 104 -131.76 -38.83 0.24
N VAL JA 105 -132.88 -39.32 0.76
CA VAL JA 105 -134.18 -38.75 0.49
C VAL JA 105 -134.87 -38.50 1.83
N ILE JA 106 -135.42 -37.32 2.03
CA ILE JA 106 -136.14 -37.03 3.27
C ILE JA 106 -137.59 -37.52 3.16
N LYS JA 107 -138.08 -38.18 4.21
CA LYS JA 107 -139.48 -38.48 4.34
C LYS JA 107 -140.01 -37.35 5.24
N ARG JA 108 -141.10 -36.68 4.84
CA ARG JA 108 -141.68 -35.60 5.68
C ARG JA 108 -143.19 -35.73 5.61
N THR JA 109 -144.00 -34.88 6.26
CA THR JA 109 -145.50 -34.95 6.17
C THR JA 109 -145.97 -34.41 4.78
N VAL JA 110 -147.13 -34.84 4.28
CA VAL JA 110 -147.68 -34.38 3.00
C VAL JA 110 -147.84 -32.88 3.03
N ALA JA 111 -147.61 -32.31 1.85
CA ALA JA 111 -147.75 -30.89 1.61
C ALA JA 111 -148.30 -30.71 0.22
N ALA JA 112 -149.44 -30.05 0.17
CA ALA JA 112 -150.21 -29.91 -1.06
C ALA JA 112 -149.52 -28.90 -1.94
N PRO JA 113 -149.54 -29.12 -3.26
CA PRO JA 113 -148.90 -28.18 -4.17
C PRO JA 113 -149.68 -26.89 -4.33
N SER JA 114 -148.96 -25.80 -4.58
CA SER JA 114 -149.63 -24.61 -5.08
C SER JA 114 -149.51 -24.65 -6.60
N VAL JA 115 -150.62 -24.41 -7.28
CA VAL JA 115 -150.67 -24.56 -8.74
C VAL JA 115 -150.81 -23.22 -9.46
N PHE JA 116 -150.02 -23.06 -10.51
CA PHE JA 116 -150.06 -21.88 -11.36
C PHE JA 116 -150.08 -22.31 -12.81
N ILE JA 117 -150.79 -21.57 -13.65
CA ILE JA 117 -150.79 -21.83 -15.09
C ILE JA 117 -150.29 -20.58 -15.82
N PHE JA 118 -149.54 -20.78 -16.90
CA PHE JA 118 -149.02 -19.69 -17.69
C PHE JA 118 -149.37 -19.90 -19.16
N PRO JA 119 -149.94 -18.87 -19.80
CA PRO JA 119 -150.14 -18.95 -21.24
C PRO JA 119 -148.82 -18.78 -22.00
N PRO JA 120 -148.80 -19.12 -23.29
CA PRO JA 120 -147.64 -18.83 -24.13
C PRO JA 120 -147.50 -17.32 -24.29
N SER JA 121 -146.27 -16.83 -24.37
CA SER JA 121 -146.03 -15.41 -24.54
C SER JA 121 -146.31 -14.96 -25.97
N ASP JA 122 -146.38 -13.66 -26.18
CA ASP JA 122 -146.66 -13.09 -27.49
C ASP JA 122 -145.46 -13.28 -28.41
N GLU JA 123 -144.26 -13.19 -27.84
CA GLU JA 123 -143.02 -13.36 -28.63
C GLU JA 123 -142.98 -14.74 -29.26
N GLN JA 124 -143.48 -15.75 -28.55
CA GLN JA 124 -143.40 -17.13 -28.98
C GLN JA 124 -144.42 -17.45 -30.08
N LEU JA 125 -145.65 -16.97 -29.89
CA LEU JA 125 -146.72 -17.10 -30.88
C LEU JA 125 -146.31 -16.45 -32.19
N LYS JA 126 -145.68 -15.28 -32.10
CA LYS JA 126 -145.13 -14.59 -33.27
C LYS JA 126 -144.29 -15.53 -34.15
N SER JA 127 -143.83 -16.66 -33.59
CA SER JA 127 -142.95 -17.60 -34.26
C SER JA 127 -143.57 -18.99 -34.54
N GLY JA 128 -144.88 -19.11 -34.42
CA GLY JA 128 -145.58 -20.30 -34.88
C GLY JA 128 -145.72 -21.47 -33.92
N THR JA 129 -145.22 -21.33 -32.68
CA THR JA 129 -145.34 -22.40 -31.69
C THR JA 129 -145.95 -21.87 -30.39
N ALA JA 130 -146.75 -22.69 -29.72
CA ALA JA 130 -147.36 -22.30 -28.43
C ALA JA 130 -147.05 -23.28 -27.28
N SER JA 131 -146.41 -22.76 -26.23
CA SER JA 131 -146.11 -23.53 -25.03
C SER JA 131 -146.95 -22.99 -23.86
N VAL JA 132 -147.75 -23.87 -23.27
CA VAL JA 132 -148.57 -23.56 -22.10
C VAL JA 132 -147.95 -24.30 -20.91
N VAL JA 133 -147.69 -23.60 -19.81
CA VAL JA 133 -146.97 -24.18 -18.68
C VAL JA 133 -147.79 -24.29 -17.40
N CYS JA 134 -147.66 -25.40 -16.69
CA CYS JA 134 -148.34 -25.58 -15.41
C CYS JA 134 -147.26 -25.87 -14.38
N LEU JA 135 -147.29 -25.17 -13.25
CA LEU JA 135 -146.30 -25.32 -12.20
C LEU JA 135 -146.96 -25.82 -10.94
N LEU JA 136 -146.41 -26.89 -10.37
CA LEU JA 136 -146.78 -27.36 -9.06
C LEU JA 136 -145.60 -27.06 -8.16
N ASN JA 137 -145.83 -26.20 -7.17
CA ASN JA 137 -144.77 -25.70 -6.33
C ASN JA 137 -144.80 -26.30 -4.93
N ASN JA 138 -143.61 -26.72 -4.49
CA ASN JA 138 -143.35 -27.12 -3.10
C ASN JA 138 -144.36 -28.07 -2.46
N PHE JA 139 -144.31 -29.32 -2.88
CA PHE JA 139 -145.23 -30.33 -2.42
C PHE JA 139 -144.52 -31.63 -2.07
N TYR JA 140 -145.23 -32.51 -1.38
CA TYR JA 140 -144.74 -33.84 -1.06
C TYR JA 140 -145.99 -34.70 -0.83
N PRO JA 141 -145.99 -35.96 -1.28
CA PRO JA 141 -144.92 -36.72 -1.94
C PRO JA 141 -144.80 -36.38 -3.40
N ARG JA 142 -143.81 -36.99 -4.05
CA ARG JA 142 -143.46 -36.65 -5.42
C ARG JA 142 -144.56 -37.01 -6.41
N GLU JA 143 -145.28 -38.09 -6.14
CA GLU JA 143 -146.27 -38.57 -7.10
C GLU JA 143 -147.38 -37.55 -7.25
N ALA JA 144 -147.59 -37.10 -8.48
CA ALA JA 144 -148.69 -36.20 -8.80
C ALA JA 144 -149.16 -36.51 -10.20
N LYS JA 145 -150.44 -36.22 -10.45
CA LYS JA 145 -151.02 -36.36 -11.78
C LYS JA 145 -151.37 -34.98 -12.30
N VAL JA 146 -150.89 -34.66 -13.48
CA VAL JA 146 -151.20 -33.38 -14.12
C VAL JA 146 -151.88 -33.70 -15.44
N GLN JA 147 -153.11 -33.21 -15.59
CA GLN JA 147 -153.91 -33.52 -16.75
C GLN JA 147 -154.24 -32.23 -17.49
N TRP JA 148 -153.99 -32.19 -18.78
CA TRP JA 148 -154.36 -31.03 -19.58
C TRP JA 148 -155.73 -31.19 -20.19
N LYS JA 149 -156.45 -30.09 -20.22
CA LYS JA 149 -157.73 -30.04 -20.89
C LYS JA 149 -157.79 -28.77 -21.71
N VAL JA 150 -158.13 -28.93 -22.98
CA VAL JA 150 -158.30 -27.80 -23.89
C VAL JA 150 -159.77 -27.77 -24.29
N ASP JA 151 -160.45 -26.68 -23.95
CA ASP JA 151 -161.89 -26.59 -24.08
C ASP JA 151 -162.55 -27.83 -23.49
N ASN JA 152 -162.01 -28.31 -22.37
CA ASN JA 152 -162.59 -29.42 -21.62
C ASN JA 152 -162.32 -30.79 -22.24
N ALA JA 153 -161.47 -30.84 -23.28
CA ALA JA 153 -161.09 -32.08 -23.92
C ALA JA 153 -159.78 -32.58 -23.36
N LEU JA 154 -159.77 -33.81 -22.87
CA LEU JA 154 -158.59 -34.37 -22.19
C LEU JA 154 -157.44 -34.59 -23.17
N GLN JA 155 -156.34 -33.90 -22.92
CA GLN JA 155 -155.18 -33.94 -23.81
C GLN JA 155 -154.26 -35.10 -23.46
N SER JA 156 -153.54 -35.62 -24.45
CA SER JA 156 -152.51 -36.61 -24.18
C SER JA 156 -151.46 -36.72 -25.29
N GLY JA 157 -150.23 -37.02 -24.90
CA GLY JA 157 -149.14 -37.23 -25.83
C GLY JA 157 -148.38 -35.98 -26.28
N ASN JA 158 -148.92 -34.81 -25.96
CA ASN JA 158 -148.31 -33.53 -26.33
C ASN JA 158 -147.85 -32.72 -25.11
N SER JA 159 -147.50 -33.40 -24.02
CA SER JA 159 -146.96 -32.70 -22.88
C SER JA 159 -145.79 -33.44 -22.25
N GLN JA 160 -144.92 -32.68 -21.58
CA GLN JA 160 -143.78 -33.26 -20.87
C GLN JA 160 -143.62 -32.68 -19.47
N GLU JA 161 -143.28 -33.55 -18.52
CA GLU JA 161 -143.09 -33.12 -17.14
C GLU JA 161 -141.60 -33.11 -16.80
N SER JA 162 -141.23 -32.21 -15.89
CA SER JA 162 -139.91 -32.20 -15.27
C SER JA 162 -140.07 -31.98 -13.78
N VAL JA 163 -139.24 -32.63 -12.99
CA VAL JA 163 -139.36 -32.54 -11.54
C VAL JA 163 -138.00 -32.16 -10.94
N THR JA 164 -138.02 -31.22 -10.00
CA THR JA 164 -136.81 -30.82 -9.31
C THR JA 164 -136.36 -31.94 -8.39
N GLU JA 165 -135.09 -31.89 -8.02
CA GLU JA 165 -134.55 -32.77 -7.00
C GLU JA 165 -135.18 -32.42 -5.66
N GLN JA 166 -135.25 -33.39 -4.77
CA GLN JA 166 -135.82 -33.13 -3.46
C GLN JA 166 -135.07 -31.98 -2.83
N ASP JA 167 -135.84 -31.01 -2.35
CA ASP JA 167 -135.30 -29.79 -1.78
C ASP JA 167 -134.50 -30.01 -0.52
N SER JA 168 -133.36 -29.33 -0.46
CA SER JA 168 -132.43 -29.49 0.64
C SER JA 168 -132.91 -28.85 1.92
N LYS JA 169 -133.83 -27.91 1.88
CA LYS JA 169 -134.19 -27.30 3.15
C LYS JA 169 -135.47 -27.95 3.69
N ASP JA 170 -136.51 -28.01 2.89
CA ASP JA 170 -137.80 -28.56 3.30
C ASP JA 170 -138.22 -29.90 2.68
N SER JA 171 -137.36 -30.50 1.86
CA SER JA 171 -137.62 -31.87 1.37
C SER JA 171 -138.83 -32.03 0.49
N THR JA 172 -139.26 -30.94 -0.12
CA THR JA 172 -140.37 -30.96 -1.05
C THR JA 172 -139.83 -31.03 -2.47
N TYR JA 173 -140.73 -31.22 -3.41
CA TYR JA 173 -140.42 -31.27 -4.82
C TYR JA 173 -141.17 -30.16 -5.49
N SER JA 174 -140.72 -29.81 -6.69
CA SER JA 174 -141.52 -28.97 -7.55
C SER JA 174 -141.58 -29.63 -8.92
N LEU JA 175 -142.63 -29.33 -9.68
CA LEU JA 175 -142.87 -29.99 -10.95
C LEU JA 175 -143.43 -28.99 -11.95
N SER JA 176 -143.03 -29.14 -13.22
CA SER JA 176 -143.61 -28.37 -14.30
C SER JA 176 -144.13 -29.32 -15.38
N SER JA 177 -145.29 -29.03 -15.95
CA SER JA 177 -145.84 -29.77 -17.09
C SER JA 177 -146.00 -28.79 -18.24
N THR JA 178 -145.46 -29.11 -19.41
CA THR JA 178 -145.52 -28.23 -20.57
C THR JA 178 -146.32 -28.86 -21.69
N LEU JA 179 -147.42 -28.20 -22.05
CA LEU JA 179 -148.27 -28.63 -23.15
C LEU JA 179 -147.85 -27.84 -24.39
N THR JA 180 -147.39 -28.55 -25.42
CA THR JA 180 -146.91 -27.90 -26.64
C THR JA 180 -147.82 -28.22 -27.82
N LEU JA 181 -148.30 -27.17 -28.50
CA LEU JA 181 -149.10 -27.33 -29.72
C LEU JA 181 -148.84 -26.19 -30.71
N SER JA 182 -149.17 -26.41 -31.99
CA SER JA 182 -148.90 -25.42 -33.02
C SER JA 182 -149.75 -24.18 -32.81
N LYS JA 183 -149.32 -23.04 -33.37
CA LYS JA 183 -150.07 -21.79 -33.25
C LYS JA 183 -151.47 -21.98 -33.78
N ALA JA 184 -151.57 -22.73 -34.88
CA ALA JA 184 -152.84 -23.02 -35.50
C ALA JA 184 -153.79 -23.62 -34.48
N ASP JA 185 -153.32 -24.67 -33.83
CA ASP JA 185 -154.14 -25.37 -32.86
C ASP JA 185 -154.45 -24.48 -31.66
N TYR JA 186 -153.45 -23.76 -31.15
CA TYR JA 186 -153.68 -22.90 -30.00
C TYR JA 186 -154.81 -21.88 -30.30
N GLU JA 187 -154.87 -21.43 -31.55
CA GLU JA 187 -155.84 -20.41 -31.95
C GLU JA 187 -157.22 -21.02 -32.20
N LYS JA 188 -157.24 -22.30 -32.53
CA LYS JA 188 -158.52 -23.01 -32.60
C LYS JA 188 -159.34 -22.84 -31.31
N HIS JA 189 -158.75 -23.17 -30.16
CA HIS JA 189 -159.51 -23.29 -28.90
C HIS JA 189 -159.39 -22.06 -27.98
N LYS JA 190 -160.21 -22.04 -26.92
CA LYS JA 190 -160.33 -20.88 -26.01
C LYS JA 190 -159.90 -21.14 -24.55
N VAL JA 191 -160.38 -22.22 -23.97
CA VAL JA 191 -160.16 -22.51 -22.54
C VAL JA 191 -159.04 -23.52 -22.32
N TYR JA 192 -158.00 -23.11 -21.60
CA TYR JA 192 -156.85 -23.96 -21.28
C TYR JA 192 -156.73 -24.23 -19.80
N ALA JA 193 -156.68 -25.51 -19.44
CA ALA JA 193 -156.78 -25.92 -18.05
C ALA JA 193 -155.79 -27.00 -17.63
N CYS JA 194 -155.18 -26.80 -16.47
CA CYS JA 194 -154.30 -27.75 -15.83
C CYS JA 194 -155.04 -28.26 -14.60
N GLU JA 195 -155.33 -29.55 -14.57
CA GLU JA 195 -155.99 -30.19 -13.45
C GLU JA 195 -155.01 -31.07 -12.69
N VAL JA 196 -154.79 -30.74 -11.43
CA VAL JA 196 -153.79 -31.42 -10.61
C VAL JA 196 -154.46 -32.32 -9.57
N THR JA 197 -154.04 -33.57 -9.51
CA THR JA 197 -154.51 -34.50 -8.48
C THR JA 197 -153.30 -34.87 -7.64
N HIS JA 198 -153.44 -34.79 -6.32
CA HIS JA 198 -152.32 -35.00 -5.43
C HIS JA 198 -152.82 -35.34 -4.04
N GLN JA 199 -152.07 -36.16 -3.33
CA GLN JA 199 -152.49 -36.68 -2.03
C GLN JA 199 -152.73 -35.54 -1.05
N GLY JA 200 -152.12 -34.38 -1.23
CA GLY JA 200 -152.31 -33.30 -0.29
C GLY JA 200 -153.55 -32.48 -0.61
N LEU JA 201 -154.24 -32.82 -1.70
CA LEU JA 201 -155.47 -32.15 -2.09
C LEU JA 201 -156.66 -33.06 -1.91
N SER JA 202 -157.70 -32.56 -1.27
CA SER JA 202 -158.88 -33.35 -1.03
C SER JA 202 -159.65 -33.72 -2.27
N SER JA 203 -159.51 -32.89 -3.30
CA SER JA 203 -160.07 -33.19 -4.60
C SER JA 203 -159.27 -32.40 -5.62
N PRO JA 204 -159.28 -32.84 -6.88
CA PRO JA 204 -158.44 -32.21 -7.92
C PRO JA 204 -158.61 -30.69 -8.00
N VAL JA 205 -157.48 -29.99 -8.16
CA VAL JA 205 -157.47 -28.54 -8.33
C VAL JA 205 -157.30 -28.19 -9.80
N THR JA 206 -158.10 -27.25 -10.28
CA THR JA 206 -157.98 -26.79 -11.66
C THR JA 206 -157.59 -25.31 -11.70
N LYS JA 207 -156.57 -25.00 -12.50
CA LYS JA 207 -156.22 -23.63 -12.83
C LYS JA 207 -156.41 -23.49 -14.32
N SER JA 208 -157.04 -22.42 -14.77
CA SER JA 208 -157.23 -22.24 -16.20
C SER JA 208 -157.18 -20.78 -16.65
N PHE JA 209 -157.25 -20.59 -17.98
CA PHE JA 209 -157.40 -19.26 -18.55
C PHE JA 209 -158.15 -19.28 -19.88
N ASN JA 210 -158.66 -18.12 -20.28
CA ASN JA 210 -159.30 -17.98 -21.58
C ASN JA 210 -158.30 -17.30 -22.49
N ARG JA 211 -158.07 -17.86 -23.66
CA ARG JA 211 -157.09 -17.34 -24.60
C ARG JA 211 -157.32 -15.87 -24.93
N GLY JA 212 -156.26 -15.08 -24.79
CA GLY JA 212 -156.33 -13.66 -25.07
C GLY JA 212 -157.07 -12.83 -24.04
N GLU JA 213 -156.89 -13.19 -22.77
CA GLU JA 213 -157.53 -12.46 -21.66
C GLU JA 213 -156.50 -12.20 -20.55
N VAL KA 2 47.72 43.86 73.17
CA VAL KA 2 47.79 45.10 73.95
C VAL KA 2 49.15 45.17 74.64
N GLN KA 3 49.68 46.39 74.77
CA GLN KA 3 50.94 46.61 75.47
C GLN KA 3 50.68 47.64 76.56
N LEU KA 4 51.38 47.50 77.68
CA LEU KA 4 51.18 48.38 78.82
C LEU KA 4 52.47 49.07 79.21
N GLN KA 5 52.36 50.31 79.71
CA GLN KA 5 53.55 50.99 80.20
C GLN KA 5 53.25 51.85 81.41
N GLU KA 6 53.82 51.49 82.56
CA GLU KA 6 53.58 52.25 83.78
C GLU KA 6 54.54 53.43 83.88
N SER KA 7 54.12 54.44 84.64
CA SER KA 7 54.95 55.60 84.98
C SER KA 7 54.45 56.26 86.26
N GLY KA 8 55.25 57.18 86.79
CA GLY KA 8 54.83 58.01 87.92
C GLY KA 8 55.53 57.65 89.22
N GLY KA 9 56.28 56.56 89.20
CA GLY KA 9 56.98 56.08 90.35
C GLY KA 9 58.07 57.07 90.70
N GLY KA 10 58.52 57.02 91.94
CA GLY KA 10 59.60 57.87 92.39
C GLY KA 10 59.78 57.72 93.88
N LEU KA 11 60.60 58.59 94.45
CA LEU KA 11 60.85 58.60 95.87
C LEU KA 11 59.90 59.57 96.56
N VAL KA 12 59.27 59.11 97.62
CA VAL KA 12 58.38 59.96 98.39
C VAL KA 12 58.52 59.71 99.88
N GLN KA 13 58.22 60.73 100.67
CA GLN KA 13 58.30 60.61 102.12
C GLN KA 13 57.14 59.77 102.62
N PRO KA 14 57.32 59.07 103.74
CA PRO KA 14 56.18 58.39 104.33
C PRO KA 14 55.10 59.42 104.66
N GLY KA 15 53.84 59.08 104.39
CA GLY KA 15 52.72 59.97 104.63
C GLY KA 15 52.26 60.73 103.39
N GLU KA 16 53.15 60.89 102.42
CA GLU KA 16 52.82 61.61 101.19
C GLU KA 16 51.98 60.78 100.23
N SER KA 17 51.57 61.39 99.12
CA SER KA 17 50.75 60.73 98.11
C SER KA 17 51.51 60.64 96.79
N LEU KA 18 51.01 59.80 95.89
CA LEU KA 18 51.65 59.59 94.60
C LEU KA 18 50.67 58.91 93.67
N ARG KA 19 50.68 59.33 92.40
N ARG KA 19 50.65 59.35 92.42
CA ARG KA 19 49.73 58.83 91.41
CA ARG KA 19 49.71 58.82 91.43
C ARG KA 19 50.48 58.12 90.29
C ARG KA 19 50.47 58.13 90.30
N LEU KA 20 50.20 56.83 90.14
CA LEU KA 20 50.78 56.05 89.08
C LEU KA 20 49.82 56.05 87.92
N SER KA 21 50.34 56.01 86.71
N SER KA 21 50.37 55.95 86.72
CA SER KA 21 49.50 55.86 85.54
CA SER KA 21 49.59 55.89 85.49
C SER KA 21 50.03 54.75 84.64
C SER KA 21 50.01 54.66 84.72
N CYS KA 22 49.17 54.22 83.79
CA CYS KA 22 49.52 53.11 82.93
C CYS KA 22 48.88 53.33 81.58
N VAL KA 23 49.66 53.35 80.51
CA VAL KA 23 49.08 53.63 79.21
C VAL KA 23 49.10 52.36 78.37
N GLY KA 24 47.93 52.06 77.79
CA GLY KA 24 47.79 50.93 76.89
C GLY KA 24 48.02 51.36 75.45
N SER KA 25 48.64 50.50 74.65
CA SER KA 25 48.80 50.73 73.21
C SER KA 25 48.61 49.40 72.48
N GLY KA 26 48.84 49.40 71.18
CA GLY KA 26 48.62 48.20 70.39
C GLY KA 26 47.15 47.79 70.41
N SER KA 27 46.90 46.53 70.04
CA SER KA 27 45.53 46.03 70.01
C SER KA 27 45.57 44.50 69.90
N SER KA 28 44.47 43.88 70.32
CA SER KA 28 44.30 42.43 70.33
C SER KA 28 43.20 42.03 69.34
N PHE KA 29 42.52 40.90 69.60
CA PHE KA 29 41.50 40.39 68.68
C PHE KA 29 40.45 41.42 68.46
N GLY KA 30 39.98 41.47 67.22
CA GLY KA 30 39.01 42.46 66.85
C GLY KA 30 39.57 43.84 67.09
N GLU KA 31 40.88 44.03 66.98
CA GLU KA 31 41.42 45.37 67.21
C GLU KA 31 41.05 45.94 68.58
N SER KA 32 40.85 45.08 69.57
CA SER KA 32 40.50 45.56 70.91
C SER KA 32 41.66 46.28 71.56
N THR KA 33 41.35 47.29 72.36
CA THR KA 33 42.37 48.03 73.08
C THR KA 33 42.09 47.82 74.55
N LEU KA 34 42.91 48.45 75.39
CA LEU KA 34 42.82 48.26 76.82
C LEU KA 34 41.44 48.49 77.40
N SER KA 35 40.67 49.41 76.82
CA SER KA 35 39.37 49.77 77.36
C SER KA 35 38.27 48.71 77.20
N TYR KA 36 38.59 47.60 76.52
CA TYR KA 36 37.68 46.46 76.43
C TYR KA 36 37.90 45.48 77.58
N TYR KA 37 38.95 45.67 78.38
CA TYR KA 37 39.37 44.67 79.37
C TYR KA 37 39.41 45.19 80.80
N ALA KA 38 39.21 44.28 81.76
CA ALA KA 38 39.50 44.57 83.15
C ALA KA 38 41.01 44.58 83.36
N VAL KA 39 41.46 45.34 84.35
CA VAL KA 39 42.89 45.55 84.59
C VAL KA 39 43.13 45.61 86.10
N SER KA 40 44.29 45.11 86.54
CA SER KA 40 44.67 45.17 87.95
C SER KA 40 45.99 45.87 88.17
N TRP KA 41 46.21 46.33 89.40
CA TRP KA 41 47.55 46.74 89.83
C TRP KA 41 48.05 45.62 90.76
N VAL KA 42 49.32 45.27 90.58
CA VAL KA 42 49.96 44.19 91.32
C VAL KA 42 51.34 44.75 91.64
N ARG KA 43 51.90 44.49 92.81
CA ARG KA 43 53.21 45.05 93.12
C ARG KA 43 54.18 43.98 93.61
N GLN KA 44 55.46 44.34 93.66
CA GLN KA 44 56.52 43.41 94.02
C GLN KA 44 57.53 44.15 94.86
N ALA KA 45 57.59 43.84 96.15
CA ALA KA 45 58.53 44.51 97.03
C ALA KA 45 59.92 43.98 96.67
N PRO KA 46 60.97 44.72 97.04
CA PRO KA 46 62.31 44.30 96.62
C PRO KA 46 62.65 42.87 97.07
N GLY KA 47 63.02 42.02 96.12
CA GLY KA 47 63.40 40.65 96.44
C GLY KA 47 62.27 39.71 96.84
N LYS KA 48 61.01 40.17 96.75
CA LYS KA 48 59.86 39.38 97.20
C LYS KA 48 59.02 38.95 96.01
N GLY KA 49 57.89 38.30 96.29
CA GLY KA 49 56.99 37.88 95.23
C GLY KA 49 55.98 38.91 94.82
N LEU KA 50 54.90 38.45 94.21
CA LEU KA 50 53.88 39.33 93.64
C LEU KA 50 52.66 39.44 94.55
N GLU KA 51 52.13 40.65 94.68
CA GLU KA 51 50.97 40.92 95.53
C GLU KA 51 49.90 41.69 94.78
N TRP KA 52 48.73 41.10 94.63
CA TRP KA 52 47.62 41.78 93.97
C TRP KA 52 47.11 42.91 94.85
N LEU KA 53 46.84 44.06 94.23
CA LEU KA 53 46.40 45.26 94.96
C LEU KA 53 44.95 45.63 94.66
N SER KA 54 44.59 45.65 93.39
CA SER KA 54 43.30 46.21 92.99
C SER KA 54 42.92 45.84 91.58
N ILE KA 55 41.62 45.80 91.34
CA ILE KA 55 41.08 45.49 90.02
C ILE KA 55 40.00 46.48 89.66
N ILE KA 56 39.85 46.75 88.36
CA ILE KA 56 38.77 47.60 87.86
C ILE KA 56 38.31 47.03 86.52
N ASN KA 57 37.00 46.98 86.33
CA ASN KA 57 36.41 46.39 85.14
C ASN KA 57 36.49 47.36 83.97
N ALA KA 58 36.27 46.87 82.76
CA ALA KA 58 36.40 47.66 81.54
C ALA KA 58 35.61 48.96 81.65
N GLY KA 59 34.40 48.89 82.18
CA GLY KA 59 33.54 50.07 82.26
C GLY KA 59 33.74 50.92 83.51
N GLY KA 60 34.70 50.54 84.35
CA GLY KA 60 35.07 51.34 85.51
C GLY KA 60 34.53 50.81 86.82
N GLY KA 61 33.72 49.76 86.77
CA GLY KA 61 33.07 49.22 87.94
C GLY KA 61 33.70 47.98 88.53
N ASP KA 62 32.97 47.39 89.49
CA ASP KA 62 33.35 46.13 90.11
C ASP KA 62 34.74 46.26 90.73
N ILE KA 63 35.02 47.43 91.29
CA ILE KA 63 36.32 47.69 91.89
C ILE KA 63 36.45 46.94 93.21
N ASP KA 64 37.65 46.42 93.45
CA ASP KA 64 38.00 45.83 94.74
C ASP KA 64 39.45 46.07 95.09
N TYR KA 65 39.78 45.98 96.38
CA TYR KA 65 41.12 46.25 96.87
C TYR KA 65 41.58 45.13 97.80
N ALA KA 66 42.88 44.85 97.80
CA ALA KA 66 43.48 44.02 98.83
C ALA KA 66 43.40 44.78 100.14
N ASP KA 67 43.27 44.08 101.25
CA ASP KA 67 43.17 44.73 102.57
C ASP KA 67 44.35 45.65 102.87
N SER KA 68 45.54 45.31 102.36
CA SER KA 68 46.74 46.07 102.73
C SER KA 68 46.75 47.52 102.23
N VAL KA 69 45.95 47.82 101.21
CA VAL KA 69 45.87 49.18 100.67
C VAL KA 69 44.47 49.76 100.67
N GLU KA 70 43.48 48.98 101.13
CA GLU KA 70 42.10 49.44 101.17
C GLU KA 70 42.02 50.67 102.06
N GLY KA 71 41.39 51.73 101.56
CA GLY KA 71 41.17 52.95 102.31
C GLY KA 71 42.27 53.97 102.09
N ARG KA 72 43.33 53.58 101.39
CA ARG KA 72 44.45 54.46 101.07
C ARG KA 72 44.62 54.60 99.55
N PHE KA 73 44.47 53.52 98.79
CA PHE KA 73 44.69 53.58 97.34
C PHE KA 73 43.32 53.59 96.64
N THR KA 74 43.25 54.26 95.49
CA THR KA 74 42.06 54.33 94.68
C THR KA 74 42.40 54.06 93.22
N ILE KA 75 41.75 53.07 92.64
CA ILE KA 75 41.96 52.74 91.24
C ILE KA 75 40.91 53.39 90.34
N SER KA 76 41.33 53.84 89.17
CA SER KA 76 40.41 54.43 88.20
C SER KA 76 40.99 54.31 86.80
N ARG KA 77 40.20 54.69 85.80
CA ARG KA 77 40.68 54.64 84.42
C ARG KA 77 40.01 55.68 83.52
N ASP KA 78 40.76 56.14 82.51
CA ASP KA 78 40.23 57.01 81.49
C ASP KA 78 40.35 56.30 80.15
N ASN KA 79 39.24 55.72 79.70
CA ASN KA 79 39.25 54.92 78.49
C ASN KA 79 39.43 55.75 77.25
N SER KA 80 39.08 57.03 77.33
CA SER KA 80 39.30 57.92 76.20
C SER KA 80 40.80 58.07 75.95
N LYS KA 81 41.62 57.90 76.99
CA LYS KA 81 43.07 57.96 76.87
C LYS KA 81 43.72 56.57 76.95
N GLU KA 82 42.91 55.52 77.07
CA GLU KA 82 43.38 54.16 77.29
C GLU KA 82 44.41 54.10 78.43
N THR KA 83 44.11 54.82 79.51
CA THR KA 83 45.03 54.96 80.63
C THR KA 83 44.40 54.52 81.95
N LEU KA 84 45.16 53.82 82.78
CA LEU KA 84 44.74 53.45 84.13
C LEU KA 84 45.53 54.25 85.15
N TYR KA 85 44.93 54.48 86.31
CA TYR KA 85 45.54 55.26 87.36
C TYR KA 85 45.41 54.50 88.67
N LEU KA 86 46.42 54.65 89.52
CA LEU KA 86 46.36 54.22 90.91
C LEU KA 86 46.79 55.40 91.76
N GLN KA 87 45.83 55.99 92.48
CA GLN KA 87 46.09 57.08 93.39
C GLN KA 87 46.39 56.52 94.77
N MET KA 88 47.64 56.68 95.22
CA MET KA 88 48.07 56.21 96.53
C MET KA 88 48.16 57.38 97.49
N THR KA 89 47.64 57.20 98.70
CA THR KA 89 47.78 58.21 99.75
C THR KA 89 48.29 57.55 101.01
N ASN KA 90 48.75 58.38 101.94
N ASN KA 90 48.72 58.38 101.95
CA ASN KA 90 49.24 57.93 103.23
CA ASN KA 90 49.23 57.91 103.25
C ASN KA 90 50.22 56.77 103.06
C ASN KA 90 50.20 56.75 103.05
N LEU KA 91 51.15 56.95 102.14
CA LEU KA 91 52.11 55.92 101.80
C LEU KA 91 52.97 55.57 103.01
N ARG KA 92 53.38 54.31 103.08
CA ARG KA 92 54.29 53.86 104.12
C ARG KA 92 55.51 53.19 103.53
N VAL KA 93 56.51 52.97 104.38
CA VAL KA 93 57.76 52.36 103.95
C VAL KA 93 57.54 51.00 103.27
N GLU KA 94 56.57 50.24 103.74
CA GLU KA 94 56.35 48.89 103.22
C GLU KA 94 55.55 48.88 101.93
N ASP KA 95 55.16 50.06 101.45
CA ASP KA 95 54.54 50.17 100.14
C ASP KA 95 55.64 50.22 99.07
N THR KA 96 56.91 50.24 99.48
CA THR KA 96 58.02 50.27 98.56
C THR KA 96 58.04 49.03 97.67
N GLY KA 97 58.25 49.26 96.37
CA GLY KA 97 58.38 48.17 95.43
C GLY KA 97 58.10 48.60 94.00
N VAL KA 98 58.15 47.64 93.08
CA VAL KA 98 57.79 47.86 91.68
C VAL KA 98 56.30 47.59 91.48
N TYR KA 99 55.60 48.55 90.85
CA TYR KA 99 54.18 48.44 90.59
C TYR KA 99 53.91 48.16 89.12
N TYR KA 100 53.18 47.10 88.85
CA TYR KA 100 52.79 46.68 87.51
C TYR KA 100 51.30 46.85 87.32
N CYS KA 101 50.89 47.30 86.14
CA CYS KA 101 49.51 47.11 85.74
C CYS KA 101 49.47 45.90 84.81
N ALA KA 102 48.40 45.11 84.94
CA ALA KA 102 48.34 43.80 84.31
C ALA KA 102 46.93 43.57 83.81
N LYS KA 103 46.78 43.31 82.52
CA LYS KA 103 45.49 43.13 81.89
C LYS KA 103 44.96 41.70 82.06
N HIS KA 104 43.68 41.57 82.40
CA HIS KA 104 43.03 40.26 82.49
C HIS KA 104 42.61 39.89 81.07
N MET KA 105 42.65 38.60 80.73
CA MET KA 105 42.48 38.23 79.32
C MET KA 105 41.05 38.30 78.76
N SER KA 106 40.02 38.08 79.58
CA SER KA 106 38.66 38.01 79.02
C SER KA 106 38.15 39.38 78.64
N MET KA 107 37.60 39.48 77.43
CA MET KA 107 36.96 40.71 76.97
C MET KA 107 35.75 41.03 77.84
N GLN KA 108 35.68 42.26 78.35
CA GLN KA 108 34.64 42.64 79.28
C GLN KA 108 33.57 43.58 78.74
N GLN KA 109 33.91 44.34 77.70
CA GLN KA 109 32.94 45.20 77.03
C GLN KA 109 33.28 45.51 75.59
N VAL KA 110 32.27 45.74 74.76
CA VAL KA 110 32.50 46.22 73.41
C VAL KA 110 31.58 47.43 73.25
N VAL KA 111 32.15 48.63 73.35
CA VAL KA 111 31.35 49.85 73.32
C VAL KA 111 30.63 50.03 72.00
N SER KA 112 31.28 49.70 70.89
CA SER KA 112 30.66 49.90 69.59
C SER KA 112 29.47 48.95 69.52
N ALA KA 113 29.44 47.93 70.38
CA ALA KA 113 28.35 46.98 70.44
C ALA KA 113 27.44 47.07 71.68
N GLY KA 114 27.69 48.03 72.56
CA GLY KA 114 26.94 48.11 73.80
C GLY KA 114 26.97 46.81 74.53
N TRP KA 115 27.99 46.01 74.35
CA TRP KA 115 28.00 44.75 75.05
C TRP KA 115 28.90 44.88 76.23
N GLU KA 116 28.44 44.30 77.31
CA GLU KA 116 29.20 44.23 78.52
C GLU KA 116 29.00 42.88 79.14
N ARG KA 117 30.09 42.19 79.39
CA ARG KA 117 30.02 40.92 80.06
C ARG KA 117 29.28 41.13 81.36
N ALA KA 118 28.40 40.20 81.68
CA ALA KA 118 27.58 40.28 82.88
C ALA KA 118 28.44 40.24 84.15
N ASP KA 119 29.55 39.49 84.08
CA ASP KA 119 30.40 39.26 85.24
C ASP KA 119 31.82 39.69 84.96
N LEU KA 120 32.53 40.07 86.01
CA LEU KA 120 33.96 40.37 85.93
C LEU KA 120 34.73 39.07 86.11
N VAL KA 121 35.36 38.60 85.05
CA VAL KA 121 36.05 37.31 85.09
C VAL KA 121 37.29 37.29 85.96
N GLY KA 122 38.19 38.24 85.74
CA GLY KA 122 39.41 38.33 86.51
C GLY KA 122 40.34 37.14 86.30
N ASP KA 123 40.35 36.61 85.08
CA ASP KA 123 41.21 35.47 84.69
C ASP KA 123 42.64 35.96 84.43
N ALA KA 124 43.46 35.18 83.73
CA ALA KA 124 44.91 35.34 83.73
C ALA KA 124 45.40 36.70 83.25
N PHE KA 125 46.53 37.14 83.83
CA PHE KA 125 47.15 38.40 83.43
C PHE KA 125 47.99 38.15 82.20
N ASP KA 126 47.41 38.40 81.03
CA ASP KA 126 48.06 38.07 79.76
C ASP KA 126 49.05 39.11 79.25
N VAL KA 127 48.95 40.34 79.76
CA VAL KA 127 49.90 41.39 79.45
C VAL KA 127 50.29 42.17 80.68
N TRP KA 128 51.58 42.32 80.92
CA TRP KA 128 52.07 43.12 82.02
C TRP KA 128 52.90 44.23 81.43
N GLY KA 129 52.92 45.36 82.13
CA GLY KA 129 53.84 46.43 81.82
C GLY KA 129 55.21 46.05 82.35
N GLN KA 130 56.16 46.95 82.18
CA GLN KA 130 57.54 46.74 82.64
C GLN KA 130 57.71 47.12 84.11
N GLY KA 131 56.71 47.77 84.68
CA GLY KA 131 56.69 48.14 86.07
C GLY KA 131 57.25 49.53 86.26
N THR KA 132 56.85 50.19 87.34
CA THR KA 132 57.38 51.50 87.70
C THR KA 132 57.77 51.45 89.17
N MET KA 133 58.95 51.96 89.51
CA MET KA 133 59.46 51.78 90.87
C MET KA 133 58.97 52.87 91.84
N VAL KA 134 58.44 52.44 92.98
CA VAL KA 134 58.04 53.33 94.07
C VAL KA 134 58.87 53.06 95.32
N THR KA 135 59.54 54.09 95.81
CA THR KA 135 60.28 54.03 97.06
C THR KA 135 59.75 54.98 98.13
N VAL KA 136 59.40 54.48 99.31
CA VAL KA 136 58.92 55.35 100.38
C VAL KA 136 60.03 55.34 101.46
N SER KA 137 60.75 56.46 101.54
CA SER KA 137 61.92 56.65 102.41
C SER KA 137 62.10 58.13 102.77
N SER KA 138 62.71 58.43 103.91
CA SER KA 138 62.98 59.81 104.27
C SER KA 138 64.06 60.53 103.44
N ALA KA 139 65.01 59.82 102.83
CA ALA KA 139 66.13 60.51 102.17
C ALA KA 139 65.61 61.17 100.89
N SER KA 140 66.22 62.29 100.51
CA SER KA 140 65.86 63.08 99.33
C SER KA 140 66.59 62.50 98.12
N THR KA 141 66.06 62.69 96.91
CA THR KA 141 66.71 62.16 95.71
C THR KA 141 68.07 62.77 95.46
N LYS KA 142 68.99 61.93 94.99
CA LYS KA 142 70.29 62.36 94.47
C LYS KA 142 70.61 61.66 93.16
N GLY KA 143 71.01 62.42 92.14
CA GLY KA 143 71.33 61.86 90.85
C GLY KA 143 72.74 61.28 90.78
N PRO KA 144 72.96 60.32 89.87
CA PRO KA 144 74.22 59.57 89.78
C PRO KA 144 75.34 60.38 89.13
N SER KA 145 76.57 60.14 89.55
CA SER KA 145 77.74 60.55 88.80
C SER KA 145 78.10 59.40 87.87
N VAL KA 146 78.45 59.71 86.63
CA VAL KA 146 78.79 58.67 85.67
C VAL KA 146 80.23 58.85 85.27
N PHE KA 147 81.01 57.80 85.53
CA PHE KA 147 82.43 57.77 85.24
C PHE KA 147 82.76 56.66 84.26
N PRO KA 148 83.70 56.89 83.33
CA PRO KA 148 84.02 55.80 82.40
C PRO KA 148 84.89 54.71 83.03
N LEU KA 149 84.66 53.45 82.63
CA LEU KA 149 85.55 52.34 82.94
C LEU KA 149 86.28 52.06 81.64
N ALA KA 150 87.53 52.48 81.59
CA ALA KA 150 88.24 52.60 80.32
C ALA KA 150 89.05 51.34 79.99
N PRO KA 151 88.89 50.82 78.75
CA PRO KA 151 89.72 49.69 78.32
C PRO KA 151 91.15 50.18 78.16
N SER KA 152 92.10 49.31 78.46
CA SER KA 152 93.52 49.68 78.45
C SER KA 152 94.31 48.62 77.70
N SER KA 153 95.51 48.98 77.25
CA SER KA 153 96.37 48.00 76.60
C SER KA 153 96.69 46.95 77.65
N LYS KA 154 96.70 45.68 77.25
CA LYS KA 154 96.97 44.51 78.12
C LYS KA 154 95.68 44.09 78.85
N SER KA 155 94.57 44.78 78.62
CA SER KA 155 93.31 44.42 79.25
C SER KA 155 92.66 43.22 78.55
N THR KA 156 93.19 42.83 77.39
CA THR KA 156 92.64 41.72 76.63
C THR KA 156 92.67 40.42 77.46
N SER KA 157 91.52 39.73 77.49
CA SER KA 157 91.42 38.45 78.19
C SER KA 157 90.40 37.63 77.40
N GLY KA 158 90.69 36.36 77.14
CA GLY KA 158 90.04 35.67 76.05
C GLY KA 158 90.54 36.34 74.78
N GLY KA 159 89.66 36.52 73.79
CA GLY KA 159 89.99 37.29 72.61
C GLY KA 159 89.30 38.66 72.59
N THR KA 160 88.82 39.10 73.75
CA THR KA 160 87.94 40.25 73.87
C THR KA 160 88.50 41.36 74.78
N ALA KA 161 87.95 42.56 74.62
CA ALA KA 161 88.22 43.70 75.50
C ALA KA 161 86.94 44.05 76.26
N ALA KA 162 87.04 44.68 77.41
CA ALA KA 162 85.88 45.11 78.19
C ALA KA 162 85.95 46.60 78.48
N LEU KA 163 84.79 47.25 78.44
CA LEU KA 163 84.69 48.67 78.83
C LEU KA 163 83.36 48.88 79.50
N GLY KA 164 83.15 50.00 80.17
CA GLY KA 164 81.92 50.16 80.93
C GLY KA 164 81.68 51.54 81.49
N CYS KA 165 80.65 51.69 82.32
CA CYS KA 165 80.36 52.92 82.99
C CYS KA 165 80.11 52.61 84.46
N LEU KA 166 80.68 53.41 85.34
CA LEU KA 166 80.39 53.33 86.75
C LEU KA 166 79.37 54.40 87.11
N VAL KA 167 78.19 53.96 87.52
CA VAL KA 167 77.10 54.85 87.89
C VAL KA 167 77.04 54.87 89.41
N LYS KA 168 77.52 55.95 90.01
CA LYS KA 168 77.84 55.99 91.42
C LYS KA 168 77.03 57.02 92.19
N ASP KA 169 76.67 56.68 93.43
CA ASP KA 169 76.11 57.63 94.40
C ASP KA 169 74.75 58.22 94.02
N TYR KA 170 73.74 57.38 93.87
CA TYR KA 170 72.39 57.86 93.57
C TYR KA 170 71.35 57.27 94.51
N PHE KA 171 70.19 57.92 94.58
CA PHE KA 171 69.08 57.42 95.38
C PHE KA 171 67.82 58.06 94.82
N PRO KA 172 66.72 57.29 94.73
CA PRO KA 172 66.55 55.88 95.04
C PRO KA 172 66.79 55.04 93.79
N GLU KA 173 66.45 53.76 93.87
CA GLU KA 173 66.41 52.91 92.70
C GLU KA 173 65.23 53.33 91.83
N PRO KA 174 65.29 53.09 90.51
CA PRO KA 174 66.35 52.41 89.76
C PRO KA 174 66.99 53.35 88.75
N VAL KA 175 68.08 52.93 88.12
CA VAL KA 175 68.64 53.64 86.97
C VAL KA 175 68.57 52.65 85.81
N THR KA 176 68.30 53.16 84.61
CA THR KA 176 68.39 52.31 83.42
C THR KA 176 69.65 52.69 82.65
N VAL KA 177 70.32 51.70 82.06
CA VAL KA 177 71.49 51.96 81.25
C VAL KA 177 71.35 51.26 79.91
N SER KA 178 71.61 52.01 78.85
CA SER KA 178 71.71 51.48 77.49
C SER KA 178 73.04 51.90 76.89
N TRP KA 179 73.38 51.34 75.74
CA TRP KA 179 74.65 51.65 75.09
C TRP KA 179 74.41 52.08 73.65
N ASN KA 180 75.02 53.20 73.26
CA ASN KA 180 74.83 53.78 71.94
C ASN KA 180 73.34 53.87 71.61
N SER KA 181 72.57 54.37 72.59
CA SER KA 181 71.15 54.64 72.42
C SER KA 181 70.35 53.36 72.13
N GLY KA 182 70.92 52.21 72.50
CA GLY KA 182 70.28 50.92 72.31
C GLY KA 182 70.71 50.18 71.06
N ALA KA 183 71.60 50.77 70.27
CA ALA KA 183 72.12 50.12 69.07
C ALA KA 183 73.09 49.01 69.45
N LEU KA 184 73.68 49.11 70.65
CA LEU KA 184 74.63 48.12 71.12
C LEU KA 184 74.00 47.39 72.29
N THR KA 185 73.76 46.11 72.05
CA THR KA 185 73.10 45.21 73.01
C THR KA 185 73.88 43.93 73.31
N SER KA 186 74.39 43.27 72.28
N SER KA 186 74.58 43.40 72.31
CA SER KA 186 75.25 42.10 72.47
CA SER KA 186 75.36 42.19 72.48
C SER KA 186 76.42 42.34 73.45
C SER KA 186 76.47 42.37 73.48
N GLY KA 187 76.54 41.44 74.43
CA GLY KA 187 77.63 41.42 75.39
C GLY KA 187 77.53 42.44 76.50
N VAL KA 188 76.33 42.98 76.74
CA VAL KA 188 76.10 43.96 77.80
C VAL KA 188 75.63 43.30 79.09
N HIS KA 189 76.23 43.69 80.21
CA HIS KA 189 75.80 43.32 81.54
C HIS KA 189 75.61 44.58 82.36
N THR KA 190 74.42 44.79 82.91
CA THR KA 190 74.23 45.88 83.85
C THR KA 190 74.00 45.23 85.20
N PHE KA 191 74.93 45.45 86.12
CA PHE KA 191 74.93 44.79 87.42
C PHE KA 191 73.83 45.33 88.34
N PRO KA 192 73.32 44.48 89.23
CA PRO KA 192 72.43 44.97 90.28
C PRO KA 192 73.09 46.06 91.11
N ALA KA 193 72.32 47.06 91.50
CA ALA KA 193 72.84 48.12 92.32
C ALA KA 193 73.21 47.57 93.70
N VAL KA 194 74.26 48.15 94.29
CA VAL KA 194 74.65 47.81 95.66
C VAL KA 194 74.47 49.05 96.51
N LEU KA 195 73.89 48.88 97.70
CA LEU KA 195 73.76 49.97 98.65
C LEU KA 195 75.08 50.18 99.39
N GLN KA 196 75.60 51.41 99.36
CA GLN KA 196 76.85 51.73 100.04
C GLN KA 196 76.60 52.18 101.48
N SER KA 197 77.66 52.29 102.26
CA SER KA 197 77.57 52.73 103.64
C SER KA 197 77.01 54.14 103.72
N SER KA 198 77.30 54.94 102.70
CA SER KA 198 76.79 56.29 102.59
C SER KA 198 75.26 56.35 102.52
N GLY KA 199 74.62 55.22 102.26
CA GLY KA 199 73.18 55.17 102.06
C GLY KA 199 72.78 55.40 100.62
N LEU KA 200 73.76 55.53 99.73
CA LEU KA 200 73.51 55.70 98.30
C LEU KA 200 73.84 54.44 97.53
N TYR KA 201 73.19 54.25 96.39
CA TYR KA 201 73.42 53.10 95.54
C TYR KA 201 74.57 53.32 94.55
N SER KA 202 75.17 52.22 94.11
CA SER KA 202 76.22 52.28 93.09
C SER KA 202 76.03 51.05 92.22
N LEU KA 203 76.32 51.20 90.93
CA LEU KA 203 76.09 50.16 89.95
C LEU KA 203 77.08 50.34 88.83
N SER KA 204 77.44 49.25 88.16
CA SER KA 204 78.28 49.30 86.98
C SER KA 204 77.60 48.63 85.79
N SER KA 205 77.86 49.13 84.58
CA SER KA 205 77.46 48.48 83.35
C SER KA 205 78.70 48.23 82.50
N VAL KA 206 78.87 47.03 81.97
CA VAL KA 206 80.03 46.70 81.16
C VAL KA 206 79.60 46.02 79.88
N VAL KA 207 80.46 46.05 78.89
CA VAL KA 207 80.21 45.37 77.64
C VAL KA 207 81.52 44.80 77.12
N THR KA 208 81.50 43.60 76.53
CA THR KA 208 82.76 43.08 75.98
C THR KA 208 82.60 43.20 74.48
N VAL KA 209 83.59 43.85 73.92
CA VAL KA 209 83.69 44.15 72.51
C VAL KA 209 85.04 43.73 71.89
N PRO KA 210 85.05 43.16 70.65
CA PRO KA 210 86.29 42.75 69.96
C PRO KA 210 87.33 43.89 70.05
N SER KA 211 88.64 43.72 70.16
CA SER KA 211 89.53 44.90 70.27
C SER KA 211 89.57 45.79 69.01
N SER KA 212 89.58 45.11 67.88
CA SER KA 212 89.60 45.75 66.59
C SER KA 212 88.47 46.69 66.37
N SER KA 213 87.28 46.12 66.50
CA SER KA 213 86.05 46.85 66.32
C SER KA 213 86.01 48.08 67.25
N LEU KA 214 86.82 48.07 68.31
CA LEU KA 214 86.84 49.18 69.26
C LEU KA 214 87.62 50.31 68.70
N GLY KA 215 88.76 49.95 68.13
CA GLY KA 215 89.50 50.96 67.42
C GLY KA 215 88.58 51.60 66.39
N THR KA 216 87.79 50.79 65.70
CA THR KA 216 86.94 51.32 64.61
C THR KA 216 85.67 52.08 65.06
N GLN KA 217 85.15 51.81 66.26
CA GLN KA 217 83.87 52.37 66.71
C GLN KA 217 83.81 53.09 68.08
N THR KA 218 82.78 53.91 68.16
CA THR KA 218 82.42 54.84 69.26
C THR KA 218 81.45 54.30 70.31
N TYR KA 219 81.85 54.13 71.57
CA TYR KA 219 80.95 53.54 72.56
C TYR KA 219 80.67 54.55 73.66
N ILE KA 220 79.37 54.80 73.81
CA ILE KA 220 78.79 55.77 74.74
C ILE KA 220 77.69 55.11 75.56
N CYS KA 221 77.69 55.29 76.88
CA CYS KA 221 76.60 54.76 77.68
C CYS KA 221 75.63 55.84 78.15
N ASN KA 222 74.34 55.56 78.00
CA ASN KA 222 73.28 56.48 78.35
C ASN KA 222 72.59 56.02 79.63
N VAL KA 223 72.74 56.84 80.66
CA VAL KA 223 72.23 56.58 82.00
C VAL KA 223 71.04 57.47 82.28
N ASN KA 224 69.97 56.85 82.75
CA ASN KA 224 68.75 57.56 83.09
C ASN KA 224 68.31 57.27 84.52
N HIS KA 225 68.08 58.33 85.30
CA HIS KA 225 67.55 58.20 86.65
C HIS KA 225 66.38 59.17 86.77
N LYS KA 226 65.17 58.64 86.58
CA LYS KA 226 63.97 59.47 86.53
C LYS KA 226 63.67 60.29 87.79
N PRO KA 227 63.88 59.71 89.00
CA PRO KA 227 63.56 60.47 90.21
C PRO KA 227 64.33 61.79 90.37
N SER KA 228 65.50 61.87 89.75
CA SER KA 228 66.32 63.09 89.80
C SER KA 228 66.34 63.82 88.45
N ASN KA 229 65.50 63.37 87.52
CA ASN KA 229 65.41 63.95 86.18
C ASN KA 229 66.77 63.91 85.44
N THR KA 230 67.60 62.91 85.77
CA THR KA 230 68.92 62.75 85.15
C THR KA 230 68.90 62.01 83.83
N LYS KA 231 69.48 62.61 82.80
CA LYS KA 231 69.72 61.93 81.52
C LYS KA 231 71.12 62.33 81.07
N VAL KA 232 72.05 61.40 81.21
CA VAL KA 232 73.46 61.63 80.92
C VAL KA 232 73.92 60.71 79.81
N ASP KA 233 74.72 61.25 78.89
CA ASP KA 233 75.40 60.40 77.91
C ASP KA 233 76.89 60.57 78.14
N LYS KA 234 77.57 59.47 78.49
CA LYS KA 234 78.99 59.51 78.76
C LYS KA 234 79.76 58.66 77.78
N ARG KA 235 80.66 59.31 77.05
CA ARG KA 235 81.53 58.67 76.10
C ARG KA 235 82.63 57.93 76.81
N VAL KA 236 82.91 56.72 76.35
CA VAL KA 236 83.92 55.88 76.96
C VAL KA 236 85.02 55.59 75.95
N GLU KA 237 86.23 56.03 76.26
CA GLU KA 237 87.37 55.94 75.36
C GLU KA 237 88.57 55.39 76.13
N PRO KA 238 89.53 54.77 75.43
CA PRO KA 238 90.75 54.23 76.05
C PRO KA 238 91.61 55.29 76.72
N LYS KA 239 92.27 54.90 77.82
CA LYS KA 239 93.16 55.80 78.54
C LYS KA 239 94.41 56.12 77.72
N ASP LA 1 41.89 34.52 102.79
CA ASP LA 1 42.83 34.56 101.62
C ASP LA 1 43.38 33.16 101.34
N ILE LA 2 43.36 32.78 100.07
CA ILE LA 2 43.90 31.49 99.65
C ILE LA 2 45.43 31.55 99.53
N GLN LA 3 46.11 30.59 100.17
CA GLN LA 3 47.56 30.51 100.13
C GLN LA 3 48.01 29.49 99.10
N LEU LA 4 48.96 29.89 98.27
CA LEU LA 4 49.60 28.99 97.32
C LEU LA 4 51.03 28.72 97.77
N THR LA 5 51.38 27.44 97.88
CA THR LA 5 52.70 27.03 98.34
C THR LA 5 53.40 26.38 97.17
N GLN LA 6 54.53 26.94 96.76
CA GLN LA 6 55.27 26.39 95.64
C GLN LA 6 56.49 25.65 96.12
N SER LA 7 56.71 24.48 95.52
CA SER LA 7 57.93 23.74 95.82
C SER LA 7 58.54 23.14 94.53
N PRO LA 8 59.87 22.96 94.54
CA PRO LA 8 60.70 23.43 95.66
C PRO LA 8 60.93 24.93 95.52
N SER LA 9 61.58 25.54 96.50
CA SER LA 9 61.83 26.98 96.46
C SER LA 9 62.77 27.28 95.30
N SER LA 10 63.69 26.36 95.07
CA SER LA 10 64.69 26.52 94.05
C SER LA 10 64.91 25.13 93.51
N LEU LA 11 65.05 25.03 92.19
CA LEU LA 11 65.29 23.76 91.55
C LEU LA 11 66.37 23.91 90.51
N SER LA 12 67.35 23.03 90.58
CA SER LA 12 68.46 23.04 89.67
C SER LA 12 68.33 21.87 88.70
N ALA LA 13 68.53 22.09 87.40
CA ALA LA 13 68.45 21.00 86.43
C ALA LA 13 69.31 21.30 85.20
N SER LA 14 69.67 20.25 84.47
CA SER LA 14 70.52 20.36 83.30
C SER LA 14 69.67 20.62 82.06
N VAL LA 15 70.27 21.31 81.10
CA VAL LA 15 69.62 21.54 79.82
C VAL LA 15 69.17 20.20 79.23
N GLY LA 16 67.90 20.14 78.84
CA GLY LA 16 67.31 18.94 78.27
C GLY LA 16 66.49 18.13 79.26
N ASP LA 17 66.63 18.41 80.55
CA ASP LA 17 65.90 17.67 81.57
C ASP LA 17 64.42 17.98 81.57
N ARG LA 18 63.62 16.97 81.90
N ARG LA 18 63.62 16.98 81.91
CA ARG LA 18 62.21 17.18 82.13
CA ARG LA 18 62.19 17.18 82.13
C ARG LA 18 62.05 17.69 83.55
C ARG LA 18 61.99 17.66 83.56
N VAL LA 19 61.40 18.84 83.69
CA VAL LA 19 61.32 19.53 84.97
C VAL LA 19 59.88 19.70 85.43
N THR LA 20 59.62 19.42 86.71
CA THR LA 20 58.26 19.54 87.25
C THR LA 20 58.25 20.51 88.44
N LEU LA 21 57.43 21.56 88.36
CA LEU LA 21 57.24 22.53 89.42
C LEU LA 21 55.86 22.33 90.00
N THR LA 22 55.71 22.42 91.32
CA THR LA 22 54.40 22.13 91.94
C THR LA 22 53.84 23.33 92.72
N CYS LA 23 52.51 23.38 92.77
CA CYS LA 23 51.76 24.41 93.49
C CYS LA 23 50.63 23.73 94.27
N GLN LA 24 50.54 24.04 95.56
CA GLN LA 24 49.47 23.53 96.41
C GLN LA 24 48.62 24.67 96.92
N ALA LA 25 47.31 24.60 96.72
CA ALA LA 25 46.40 25.62 97.20
C ALA LA 25 45.86 25.20 98.54
N SER LA 26 45.61 26.18 99.40
CA SER LA 26 45.16 25.89 100.77
C SER LA 26 43.69 25.49 100.74
N GLN LA 27 43.03 25.69 99.61
CA GLN LA 27 41.65 25.27 99.43
C GLN LA 27 41.35 24.94 97.98
N ASP LA 28 40.24 24.23 97.76
CA ASP LA 28 39.90 23.80 96.42
C ASP LA 28 39.59 25.03 95.54
N ILE LA 29 40.45 25.22 94.52
CA ILE LA 29 40.31 26.30 93.54
C ILE LA 29 39.93 25.80 92.14
N ARG LA 30 39.47 24.55 92.04
CA ARG LA 30 39.10 23.94 90.77
C ARG LA 30 40.26 24.08 89.79
N LYS LA 31 40.07 24.69 88.62
CA LYS LA 31 41.13 24.91 87.64
C LYS LA 31 41.43 26.39 87.48
N PHE LA 32 41.02 27.23 88.42
CA PHE LA 32 41.26 28.66 88.23
C PHE LA 32 42.68 29.00 88.69
N LEU LA 33 43.67 28.54 87.91
CA LEU LA 33 45.06 28.70 88.31
C LEU LA 33 45.94 29.06 87.10
N ASN LA 34 46.81 30.07 87.21
CA ASN LA 34 47.64 30.48 86.10
C ASN LA 34 49.10 30.41 86.53
N TRP LA 35 49.99 30.22 85.56
CA TRP LA 35 51.43 30.15 85.78
C TRP LA 35 52.11 31.25 84.98
N TYR LA 36 53.06 31.94 85.61
CA TYR LA 36 53.84 33.00 85.00
C TYR LA 36 55.33 32.71 85.12
N GLN LA 37 56.08 33.29 84.18
CA GLN LA 37 57.54 33.32 84.25
C GLN LA 37 57.93 34.78 84.37
N GLN LA 38 58.88 35.04 85.26
CA GLN LA 38 59.43 36.36 85.41
C GLN LA 38 60.91 36.26 85.37
N LYS LA 39 61.50 36.94 84.40
CA LYS LA 39 62.94 37.03 84.35
C LYS LA 39 63.39 38.23 85.12
N PRO LA 40 64.56 38.14 85.73
CA PRO LA 40 65.02 39.21 86.63
C PRO LA 40 65.01 40.59 86.00
N GLY LA 41 64.42 41.53 86.73
CA GLY LA 41 64.34 42.90 86.30
C GLY LA 41 63.31 43.09 85.21
N LYS LA 42 62.54 42.03 84.93
CA LYS LA 42 61.53 42.08 83.89
C LYS LA 42 60.19 41.78 84.52
N GLY LA 43 59.12 42.17 83.84
CA GLY LA 43 57.76 41.87 84.25
C GLY LA 43 57.38 40.43 83.99
N PRO LA 44 56.39 39.91 84.74
CA PRO LA 44 55.96 38.53 84.48
C PRO LA 44 55.42 38.34 83.07
N LYS LA 45 55.44 37.10 82.59
CA LYS LA 45 54.78 36.73 81.34
C LYS LA 45 53.94 35.49 81.56
N LEU LA 46 52.73 35.50 81.05
CA LEU LA 46 51.81 34.38 81.20
C LEU LA 46 52.29 33.18 80.40
N LEU LA 47 52.30 32.02 81.05
CA LEU LA 47 52.63 30.75 80.41
C LEU LA 47 51.40 29.89 80.25
N ILE LA 48 50.70 29.67 81.35
CA ILE LA 48 49.60 28.71 81.36
C ILE LA 48 48.38 29.37 82.00
N TYR LA 49 47.22 29.31 81.35
CA TYR LA 49 46.02 29.79 82.00
C TYR LA 49 45.02 28.66 82.22
N ASP LA 50 44.27 28.80 83.30
CA ASP LA 50 43.26 27.84 83.72
C ASP LA 50 43.80 26.40 83.79
N ALA LA 51 44.95 26.29 84.42
CA ALA LA 51 45.63 25.05 84.82
C ALA LA 51 46.32 24.30 83.68
N SER LA 52 45.69 24.20 82.50
CA SER LA 52 46.24 23.36 81.42
C SER LA 52 46.36 24.01 80.03
N ASN LA 53 45.96 25.26 79.86
CA ASN LA 53 46.01 25.88 78.53
C ASN LA 53 47.27 26.67 78.23
N LEU LA 54 47.95 26.29 77.16
CA LEU LA 54 49.15 26.99 76.73
C LEU LA 54 48.76 28.30 76.08
N GLN LA 55 49.27 29.40 76.64
CA GLN LA 55 49.02 30.70 76.07
C GLN LA 55 49.66 30.81 74.69
N ARG LA 56 48.94 31.43 73.77
CA ARG LA 56 49.45 31.71 72.43
C ARG LA 56 50.86 32.29 72.47
N GLY LA 57 51.77 31.71 71.69
CA GLY LA 57 53.10 32.24 71.56
C GLY LA 57 54.10 31.66 72.53
N VAL LA 58 53.62 30.99 73.59
CA VAL LA 58 54.51 30.37 74.54
C VAL LA 58 55.02 29.07 73.94
N PRO LA 59 56.32 28.78 74.07
CA PRO LA 59 56.90 27.56 73.47
C PRO LA 59 56.17 26.30 73.96
N SER LA 60 56.01 25.32 73.06
CA SER LA 60 55.23 24.12 73.37
C SER LA 60 55.82 23.16 74.41
N ARG LA 61 57.07 23.36 74.79
CA ARG LA 61 57.67 22.55 75.83
C ARG LA 61 57.03 22.79 77.21
N PHE LA 62 56.28 23.88 77.34
CA PHE LA 62 55.53 24.18 78.56
C PHE LA 62 54.15 23.54 78.50
N SER LA 63 53.76 22.91 79.60
CA SER LA 63 52.42 22.36 79.76
C SER LA 63 51.99 22.50 81.22
N GLY LA 64 50.69 22.51 81.48
CA GLY LA 64 50.21 22.67 82.84
C GLY LA 64 49.16 21.61 83.08
N GLY LA 65 49.02 21.21 84.34
CA GLY LA 65 48.05 20.21 84.72
C GLY LA 65 47.52 20.38 86.12
N GLY LA 66 46.48 19.62 86.45
CA GLY LA 66 45.94 19.59 87.80
C GLY LA 66 44.64 20.32 88.00
N SER LA 67 44.09 20.17 89.20
CA SER LA 67 42.86 20.80 89.60
C SER LA 67 42.68 20.59 91.09
N GLY LA 68 41.74 21.32 91.67
CA GLY LA 68 41.52 21.28 93.10
C GLY LA 68 42.61 21.98 93.88
N THR LA 69 43.44 21.23 94.58
CA THR LA 69 44.51 21.85 95.36
C THR LA 69 45.92 21.59 94.82
N ASP LA 70 46.09 20.64 93.90
CA ASP LA 70 47.43 20.22 93.43
C ASP LA 70 47.63 20.49 91.94
N PHE LA 71 48.67 21.26 91.60
CA PHE LA 71 48.93 21.66 90.22
C PHE LA 71 50.39 21.49 89.84
N THR LA 72 50.64 21.30 88.55
CA THR LA 72 52.01 21.18 88.05
C THR LA 72 52.25 21.99 86.79
N LEU LA 73 53.45 22.55 86.68
CA LEU LA 73 53.95 23.12 85.45
C LEU LA 73 55.10 22.25 85.02
N ILE LA 74 55.04 21.74 83.80
CA ILE LA 74 56.07 20.85 83.29
C ILE LA 74 56.76 21.52 82.12
N ILE LA 75 58.08 21.51 82.17
CA ILE LA 75 58.91 21.93 81.06
C ILE LA 75 59.52 20.66 80.50
N SER LA 76 59.10 20.25 79.32
CA SER LA 76 59.43 18.91 78.86
C SER LA 76 60.93 18.78 78.54
N SER LA 77 61.55 19.89 78.14
CA SER LA 77 62.98 19.90 77.86
C SER LA 77 63.54 21.26 78.22
N LEU LA 78 64.22 21.32 79.36
CA LEU LA 78 64.66 22.59 79.90
C LEU LA 78 65.64 23.24 78.93
N GLN LA 79 65.42 24.51 78.66
CA GLN LA 79 66.31 25.26 77.79
C GLN LA 79 66.99 26.29 78.68
N PRO LA 80 68.17 26.75 78.26
CA PRO LA 80 68.89 27.72 79.09
C PRO LA 80 68.09 29.01 79.33
N GLU LA 81 67.29 29.43 78.36
CA GLU LA 81 66.45 30.63 78.46
C GLU LA 81 65.31 30.49 79.47
N ASP LA 82 65.13 29.29 80.00
CA ASP LA 82 64.13 29.11 81.04
C ASP LA 82 64.54 29.54 82.46
N VAL LA 83 65.79 29.93 82.70
CA VAL LA 83 66.18 30.40 84.05
C VAL LA 83 65.33 31.60 84.45
N GLY LA 84 64.90 31.62 85.71
CA GLY LA 84 64.14 32.74 86.22
C GLY LA 84 63.24 32.20 87.32
N THR LA 85 62.20 32.95 87.66
CA THR LA 85 61.30 32.56 88.74
C THR LA 85 59.90 32.33 88.19
N TYR LA 86 59.24 31.30 88.68
CA TYR LA 86 57.92 30.92 88.21
C TYR LA 86 56.91 31.03 89.32
N TYR LA 87 55.77 31.68 89.02
CA TYR LA 87 54.74 31.89 90.02
C TYR LA 87 53.43 31.25 89.59
N CYS LA 88 52.72 30.64 90.53
CA CYS LA 88 51.35 30.24 90.30
C CYS LA 88 50.45 31.31 90.89
N GLN LA 89 49.22 31.36 90.41
CA GLN LA 89 48.29 32.40 90.81
C GLN LA 89 46.85 31.96 90.69
N GLN LA 90 46.05 32.37 91.66
CA GLN LA 90 44.76 31.78 91.86
C GLN LA 90 43.74 32.89 91.71
N TYR LA 91 42.65 32.61 91.00
CA TYR LA 91 41.52 33.53 90.92
C TYR LA 91 40.15 32.90 91.21
N ASP LA 92 40.13 31.80 91.97
CA ASP LA 92 38.88 31.25 92.51
C ASP LA 92 38.15 32.32 93.31
N GLY LA 93 38.89 33.10 94.09
CA GLY LA 93 38.29 34.15 94.88
C GLY LA 93 39.25 35.28 95.18
N LEU LA 94 38.71 36.48 95.33
CA LEU LA 94 39.48 37.64 95.79
C LEU LA 94 39.84 37.44 97.27
N PRO LA 95 40.99 37.97 97.70
CA PRO LA 95 41.97 38.63 96.83
C PRO LA 95 42.73 37.61 96.00
N PHE LA 96 43.07 37.99 94.78
CA PHE LA 96 43.91 37.15 93.94
C PHE LA 96 45.22 37.01 94.67
N THR LA 97 45.79 35.82 94.64
CA THR LA 97 47.06 35.57 95.32
C THR LA 97 48.02 34.78 94.46
N PHE LA 98 49.30 34.94 94.75
CA PHE LA 98 50.35 34.28 93.99
C PHE LA 98 51.12 33.37 94.93
N GLY LA 99 51.68 32.29 94.39
CA GLY LA 99 52.63 31.49 95.12
C GLY LA 99 53.90 32.27 95.36
N GLY LA 100 54.76 31.79 96.26
CA GLY LA 100 56.00 32.49 96.57
C GLY LA 100 57.09 32.32 95.52
N GLY LA 101 56.84 31.52 94.49
CA GLY LA 101 57.74 31.39 93.37
C GLY LA 101 58.73 30.23 93.49
N THR LA 102 59.09 29.63 92.36
CA THR LA 102 60.15 28.63 92.30
C THR LA 102 61.20 29.13 91.33
N LYS LA 103 62.44 29.21 91.79
CA LYS LA 103 63.55 29.69 90.97
C LYS LA 103 64.15 28.52 90.23
N VAL LA 104 64.29 28.63 88.92
CA VAL LA 104 64.94 27.58 88.12
C VAL LA 104 66.37 27.96 87.79
N VAL LA 105 67.28 27.01 88.01
CA VAL LA 105 68.71 27.21 87.89
C VAL LA 105 69.30 26.16 86.99
N ILE LA 106 70.11 26.54 86.01
CA ILE LA 106 70.74 25.54 85.17
C ILE LA 106 72.03 25.01 85.81
N LYS LA 107 72.22 23.69 85.78
CA LYS LA 107 73.50 23.07 86.13
C LYS LA 107 74.21 22.85 84.79
N ARG LA 108 75.47 23.28 84.69
CA ARG LA 108 76.25 23.11 83.43
C ARG LA 108 77.71 22.73 83.73
N THR LA 109 78.55 22.59 82.70
CA THR LA 109 80.00 22.34 82.88
C THR LA 109 80.65 23.70 83.35
N VAL LA 110 81.77 23.71 84.08
CA VAL LA 110 82.48 24.97 84.47
C VAL LA 110 82.93 25.76 83.27
N ALA LA 111 82.91 27.07 83.44
CA ALA LA 111 83.37 27.98 82.43
C ALA LA 111 84.05 29.08 83.21
N ALA LA 112 85.33 29.25 82.90
CA ALA LA 112 86.22 30.14 83.65
C ALA LA 112 85.96 31.60 83.32
N PRO LA 113 86.08 32.48 84.31
CA PRO LA 113 85.85 33.89 84.04
C PRO LA 113 86.98 34.51 83.28
N SER LA 114 86.64 35.50 82.45
CA SER LA 114 87.69 36.38 81.92
C SER LA 114 87.76 37.59 82.84
N VAL LA 115 88.96 37.98 83.23
CA VAL LA 115 89.13 39.02 84.22
C VAL LA 115 89.70 40.30 83.60
N PHE LA 116 89.10 41.43 83.99
CA PHE LA 116 89.53 42.76 83.57
C PHE LA 116 89.60 43.67 84.78
N ILE LA 117 90.56 44.59 84.79
CA ILE LA 117 90.67 45.58 85.87
C ILE LA 117 90.58 46.99 85.29
N PHE LA 118 89.94 47.91 86.00
CA PHE LA 118 89.82 49.28 85.57
C PHE LA 118 90.29 50.23 86.67
N PRO LA 119 91.18 51.18 86.34
CA PRO LA 119 91.54 52.25 87.28
C PRO LA 119 90.43 53.28 87.42
N PRO LA 120 90.51 54.14 88.45
CA PRO LA 120 89.57 55.25 88.58
C PRO LA 120 89.78 56.25 87.45
N SER LA 121 88.70 56.87 86.99
CA SER LA 121 88.77 57.87 85.94
C SER LA 121 89.32 59.19 86.46
N ASP LA 122 89.69 60.07 85.54
CA ASP LA 122 90.25 61.37 85.90
C ASP LA 122 89.15 62.27 86.47
N GLU LA 123 87.95 62.14 85.89
CA GLU LA 123 86.82 62.94 86.36
C GLU LA 123 86.55 62.62 87.84
N GLN LA 124 86.72 61.36 88.24
CA GLN LA 124 86.38 60.93 89.59
C GLN LA 124 87.41 61.37 90.64
N LEU LA 125 88.69 61.21 90.31
CA LEU LA 125 89.79 61.66 91.15
C LEU LA 125 89.71 63.16 91.38
N LYS LA 126 89.39 63.89 90.32
CA LYS LA 126 89.17 65.33 90.39
C LYS LA 126 88.23 65.72 91.55
N SER LA 127 87.44 64.76 92.04
CA SER LA 127 86.42 65.00 93.07
C SER LA 127 86.69 64.28 94.41
N GLY LA 128 87.91 63.78 94.61
CA GLY LA 128 88.32 63.29 95.92
C GLY LA 128 88.03 61.83 96.28
N THR LA 129 87.45 61.06 95.37
CA THR LA 129 87.17 59.64 95.63
C THR LA 129 87.76 58.78 94.51
N ALA LA 130 88.25 57.59 94.86
CA ALA LA 130 88.79 56.65 93.87
C ALA LA 130 88.10 55.28 93.90
N SER LA 131 87.49 54.92 92.78
CA SER LA 131 86.84 53.62 92.60
C SER LA 131 87.61 52.79 91.56
N VAL LA 132 88.07 51.62 91.99
CA VAL LA 132 88.78 50.67 91.17
C VAL LA 132 87.89 49.46 90.92
N VAL LA 133 87.70 49.05 89.67
CA VAL LA 133 86.72 48.00 89.34
C VAL LA 133 87.36 46.74 88.77
N CYS LA 134 86.87 45.60 89.22
CA CYS LA 134 87.32 44.30 88.70
C CYS LA 134 86.11 43.58 88.16
N LEU LA 135 86.22 43.07 86.94
CA LEU LA 135 85.12 42.38 86.28
C LEU LA 135 85.50 40.95 86.00
N LEU LA 136 84.64 40.03 86.42
CA LEU LA 136 84.73 38.63 86.05
C LEU LA 136 83.57 38.38 85.11
N ASN LA 137 83.88 38.04 83.86
CA ASN LA 137 82.86 37.93 82.85
C ASN LA 137 82.55 36.50 82.48
N ASN LA 138 81.25 36.21 82.43
CA ASN LA 138 80.73 34.97 81.88
C ASN LA 138 81.40 33.70 82.35
N PHE LA 139 81.09 33.33 83.59
CA PHE LA 139 81.69 32.17 84.21
C PHE LA 139 80.63 31.35 84.94
N TYR LA 140 80.99 30.13 85.30
CA TYR LA 140 80.12 29.28 86.09
C TYR LA 140 81.08 28.32 86.75
N PRO LA 141 80.87 27.94 88.02
CA PRO LA 141 79.76 28.29 88.89
C PRO LA 141 79.89 29.66 89.48
N ARG LA 142 78.88 30.04 90.23
CA ARG LA 142 78.80 31.39 90.74
C ARG LA 142 79.89 31.70 91.75
N GLU LA 143 80.27 30.69 92.53
CA GLU LA 143 81.23 30.92 93.60
C GLU LA 143 82.56 31.35 93.02
N ALA LA 144 83.03 32.52 93.45
CA ALA LA 144 84.32 33.03 93.08
C ALA LA 144 84.85 33.83 94.26
N LYS LA 145 86.17 33.91 94.37
CA LYS LA 145 86.84 34.70 95.38
C LYS LA 145 87.56 35.82 94.66
N VAL LA 146 87.29 37.05 95.07
CA VAL LA 146 87.98 38.21 94.50
C VAL LA 146 88.70 38.91 95.64
N GLN LA 147 90.02 39.03 95.48
CA GLN LA 147 90.88 39.58 96.51
C GLN LA 147 91.59 40.82 96.00
N TRP LA 148 91.52 41.92 96.73
CA TRP LA 148 92.26 43.11 96.34
C TRP LA 148 93.63 43.17 96.99
N LYS LA 149 94.62 43.63 96.24
CA LYS LA 149 95.96 43.87 96.76
C LYS LA 149 96.42 45.23 96.25
N VAL LA 150 96.87 46.07 97.19
CA VAL LA 150 97.43 47.37 96.88
C VAL LA 150 98.89 47.33 97.32
N ASP LA 151 99.80 47.52 96.36
CA ASP LA 151 101.23 47.31 96.57
C ASP LA 151 101.44 45.97 97.26
N ASN LA 152 100.65 44.96 96.87
CA ASN LA 152 100.82 43.61 97.37
C ASN LA 152 100.27 43.41 98.79
N ALA LA 153 99.56 44.41 99.31
CA ALA LA 153 98.95 44.32 100.63
C ALA LA 153 97.49 43.91 100.51
N LEU LA 154 97.13 42.83 101.21
CA LEU LA 154 95.79 42.25 101.08
C LEU LA 154 94.76 43.18 101.70
N GLN LA 155 93.84 43.64 100.87
CA GLN LA 155 92.84 44.61 101.27
C GLN LA 155 91.66 43.89 101.89
N SER LA 156 90.97 44.56 102.81
CA SER LA 156 89.72 44.00 103.30
C SER LA 156 88.80 45.06 103.92
N GLY LA 157 87.50 44.87 103.76
CA GLY LA 157 86.51 45.75 104.35
C GLY LA 157 86.14 46.98 103.52
N ASN LA 158 86.90 47.26 102.47
CA ASN LA 158 86.64 48.42 101.59
C ASN LA 158 86.25 48.03 100.17
N SER LA 159 85.62 46.87 99.99
CA SER LA 159 85.14 46.51 98.67
C SER LA 159 83.75 45.89 98.70
N GLN LA 160 83.06 46.01 97.56
CA GLN LA 160 81.73 45.43 97.40
C GLN LA 160 81.56 44.67 96.09
N GLU LA 161 80.90 43.53 96.17
CA GLU LA 161 80.66 42.71 94.99
C GLU LA 161 79.20 42.81 94.54
N SER LA 162 78.98 42.67 93.24
CA SER LA 162 77.63 42.51 92.70
C SER LA 162 77.67 41.39 91.65
N VAL LA 163 76.62 40.59 91.58
CA VAL LA 163 76.59 39.46 90.67
C VAL LA 163 75.33 39.52 89.83
N THR LA 164 75.48 39.29 88.52
CA THR LA 164 74.33 39.27 87.64
C THR LA 164 73.49 38.03 87.92
N GLU LA 165 72.25 38.08 87.49
CA GLU LA 165 71.36 36.95 87.50
C GLU LA 165 71.87 35.93 86.49
N GLN LA 166 71.58 34.65 86.71
CA GLN LA 166 72.03 33.61 85.77
C GLN LA 166 71.54 33.94 84.37
N ASP LA 167 72.48 33.91 83.42
CA ASP LA 167 72.18 34.28 82.03
C ASP LA 167 71.21 33.33 81.39
N SER LA 168 70.24 33.91 80.68
CA SER LA 168 69.18 33.12 80.08
C SER LA 168 69.66 32.32 78.89
N LYS LA 169 70.76 32.69 78.27
CA LYS LA 169 71.16 31.94 77.08
C LYS LA 169 72.20 30.87 77.42
N ASP LA 170 73.29 31.25 78.08
CA ASP LA 170 74.35 30.29 78.41
C ASP LA 170 74.49 29.96 79.91
N SER LA 171 73.60 30.50 80.76
CA SER LA 171 73.53 30.08 82.17
C SER LA 171 74.79 30.40 82.96
N THR LA 172 75.53 31.40 82.50
CA THR LA 172 76.71 31.87 83.21
C THR LA 172 76.37 33.10 84.05
N TYR LA 173 77.33 33.51 84.87
CA TYR LA 173 77.21 34.67 85.73
C TYR LA 173 78.29 35.66 85.34
N SER LA 174 78.09 36.91 85.75
CA SER LA 174 79.17 37.88 85.71
C SER LA 174 79.21 38.55 87.07
N LEU LA 175 80.37 39.07 87.44
CA LEU LA 175 80.57 39.64 88.79
C LEU LA 175 81.45 40.87 88.69
N SER LA 176 81.18 41.88 89.52
CA SER LA 176 82.04 43.03 89.65
C SER LA 176 82.43 43.20 91.12
N SER LA 177 83.68 43.55 91.37
CA SER LA 177 84.17 43.89 92.70
C SER LA 177 84.67 45.32 92.61
N THR LA 178 84.20 46.19 93.50
CA THR LA 178 84.59 47.58 93.49
C THR LA 178 85.35 47.90 94.76
N LEU LA 179 86.61 48.29 94.62
CA LEU LA 179 87.43 48.69 95.74
C LEU LA 179 87.39 50.21 95.83
N THR LA 180 86.88 50.73 96.94
CA THR LA 180 86.73 52.17 97.12
C THR LA 180 87.64 52.71 98.22
N LEU LA 181 88.43 53.72 97.87
CA LEU LA 181 89.27 54.40 98.84
C LEU LA 181 89.43 55.89 98.50
N SER LA 182 89.81 56.69 99.48
CA SER LA 182 89.90 58.13 99.30
C SER LA 182 91.04 58.45 98.33
N LYS LA 183 90.99 59.63 97.71
CA LYS LA 183 92.03 60.04 96.75
C LYS LA 183 93.41 60.01 97.38
N ALA LA 184 93.49 60.45 98.63
CA ALA LA 184 94.73 60.45 99.39
C ALA LA 184 95.36 59.06 99.38
N ASP LA 185 94.55 58.07 99.76
CA ASP LA 185 95.03 56.71 99.86
C ASP LA 185 95.40 56.19 98.48
N TYR LA 186 94.56 56.45 97.49
CA TYR LA 186 94.85 55.98 96.15
C TYR LA 186 96.21 56.51 95.66
N GLU LA 187 96.53 57.75 96.05
CA GLU LA 187 97.75 58.41 95.62
C GLU LA 187 98.96 57.92 96.41
N LYS LA 188 98.71 57.45 97.64
CA LYS LA 188 99.76 56.78 98.41
C LYS LA 188 100.44 55.65 97.62
N HIS LA 189 99.65 54.70 97.11
CA HIS LA 189 100.20 53.47 96.56
C HIS LA 189 100.28 53.45 95.02
N LYS LA 190 100.95 52.44 94.46
CA LYS LA 190 101.23 52.36 93.02
C LYS LA 190 100.59 51.17 92.30
N VAL LA 191 100.73 49.97 92.85
CA VAL LA 191 100.29 48.75 92.18
C VAL LA 191 98.95 48.28 92.69
N TYR LA 192 97.97 48.21 91.79
CA TYR LA 192 96.64 47.75 92.13
C TYR LA 192 96.33 46.46 91.40
N ALA LA 193 95.94 45.45 92.18
CA ALA LA 193 95.81 44.11 91.63
C ALA LA 193 94.55 43.42 92.14
N CYS LA 194 93.84 42.78 91.22
CA CYS LA 194 92.67 41.97 91.49
C CYS LA 194 93.07 40.52 91.25
N GLU LA 195 93.02 39.70 92.28
CA GLU LA 195 93.32 38.27 92.16
C GLU LA 195 92.05 37.44 92.30
N VAL LA 196 91.72 36.70 91.24
CA VAL LA 196 90.50 35.93 91.16
C VAL LA 196 90.81 34.46 91.31
N THR LA 197 90.10 33.79 92.21
CA THR LA 197 90.21 32.37 92.39
C THR LA 197 88.87 31.82 92.00
N HIS LA 198 88.88 30.79 91.17
CA HIS LA 198 87.64 30.27 90.65
C HIS LA 198 87.89 28.88 90.17
N GLN LA 199 86.84 28.08 90.29
CA GLN LA 199 86.89 26.67 90.04
C GLN LA 199 87.37 26.45 88.57
N GLY LA 200 87.19 27.39 87.69
CA GLY LA 200 87.59 27.26 86.30
C GLY LA 200 89.04 27.68 86.01
N LEU LA 201 89.76 28.18 87.02
CA LEU LA 201 91.17 28.57 86.87
C LEU LA 201 92.07 27.63 87.63
N SER LA 202 93.11 27.13 87.00
CA SER LA 202 93.97 26.15 87.65
C SER LA 202 94.73 26.75 88.80
N SER LA 203 94.91 28.05 88.73
CA SER LA 203 95.49 28.77 89.82
C SER LA 203 94.99 30.19 89.67
N PRO LA 204 95.02 30.95 90.78
CA PRO LA 204 94.46 32.30 90.80
C PRO LA 204 95.02 33.16 89.68
N VAL LA 205 94.16 33.95 89.05
CA VAL LA 205 94.54 34.88 87.98
C VAL LA 205 94.64 36.27 88.56
N THR LA 206 95.71 36.99 88.23
CA THR LA 206 95.88 38.35 88.69
C THR LA 206 95.87 39.32 87.51
N LYS LA 207 95.06 40.37 87.61
CA LYS LA 207 95.13 41.49 86.67
C LYS LA 207 95.53 42.71 87.47
N SER LA 208 96.48 43.50 86.96
CA SER LA 208 96.88 44.69 87.69
C SER LA 208 97.27 45.88 86.82
N PHE LA 209 97.53 47.01 87.47
CA PHE LA 209 98.08 48.17 86.79
C PHE LA 209 98.94 49.01 87.74
N ASN LA 210 99.78 49.86 87.16
CA ASN LA 210 100.57 50.82 87.95
C ASN LA 210 99.89 52.17 87.81
N ARG LA 211 99.64 52.83 88.93
CA ARG LA 211 98.92 54.11 88.93
C ARG LA 211 99.55 55.17 88.01
N GLY LA 212 98.73 55.77 87.15
CA GLY LA 212 99.21 56.78 86.21
C GLY LA 212 100.02 56.28 85.04
N GLU LA 213 99.61 55.14 84.48
CA GLU LA 213 100.27 54.54 83.33
C GLU LA 213 99.24 54.10 82.28
N VAL MA 2 41.82 9.77 49.63
CA VAL MA 2 41.49 8.53 50.34
C VAL MA 2 42.68 7.59 50.21
N GLN MA 3 42.91 6.80 51.26
CA GLN MA 3 43.95 5.79 51.28
C GLN MA 3 43.34 4.44 51.59
N LEU MA 4 43.90 3.38 51.02
CA LEU MA 4 43.36 2.04 51.21
C LEU MA 4 44.40 1.11 51.78
N GLN MA 5 43.99 0.15 52.59
CA GLN MA 5 44.93 -0.84 53.07
C GLN MA 5 44.28 -2.22 53.21
N GLU MA 6 44.74 -3.18 52.39
CA GLU MA 6 44.19 -4.53 52.42
C GLU MA 6 44.85 -5.36 53.51
N SER MA 7 44.14 -6.39 53.95
CA SER MA 7 44.66 -7.39 54.87
C SER MA 7 43.87 -8.68 54.73
N GLY MA 8 44.36 -9.76 55.35
CA GLY MA 8 43.62 -11.01 55.41
C GLY MA 8 44.22 -12.12 54.56
N GLY MA 9 45.22 -11.77 53.75
CA GLY MA 9 45.87 -12.71 52.86
C GLY MA 9 46.65 -13.72 53.68
N GLY MA 10 46.91 -14.86 53.08
CA GLY MA 10 47.70 -15.87 53.72
C GLY MA 10 47.68 -17.11 52.87
N LEU MA 11 48.19 -18.19 53.44
CA LEU MA 11 48.21 -19.49 52.79
C LEU MA 11 47.00 -20.30 53.20
N VAL MA 12 46.32 -20.89 52.22
CA VAL MA 12 45.17 -21.73 52.48
C VAL MA 12 45.13 -22.95 51.56
N GLN MA 13 44.47 -24.02 52.04
CA GLN MA 13 44.35 -25.25 51.26
C GLN MA 13 43.35 -25.02 50.13
N PRO MA 14 43.51 -25.75 49.01
CA PRO MA 14 42.47 -25.66 47.99
C PRO MA 14 41.14 -26.14 48.60
N GLY MA 15 40.05 -25.45 48.29
CA GLY MA 15 38.74 -25.81 48.82
C GLY MA 15 38.33 -25.01 50.03
N GLU MA 16 39.29 -24.42 50.75
CA GLU MA 16 39.01 -23.63 51.94
C GLU MA 16 38.47 -22.24 51.60
N SER MA 17 38.12 -21.47 52.64
CA SER MA 17 37.58 -20.13 52.47
C SER MA 17 38.54 -19.15 53.12
N LEU MA 18 38.38 -17.87 52.81
CA LEU MA 18 39.25 -16.83 53.33
C LEU MA 18 38.58 -15.49 53.12
N ARG MA 19 38.70 -14.59 54.11
N ARG MA 19 38.66 -14.61 54.11
CA ARG MA 19 38.04 -13.30 54.06
CA ARG MA 19 38.01 -13.31 54.04
C ARG MA 19 39.06 -12.18 54.05
C ARG MA 19 39.05 -12.18 54.05
N LEU MA 20 39.08 -11.41 52.98
CA LEU MA 20 39.96 -10.25 52.86
C LEU MA 20 39.19 -9.02 53.31
N SER MA 21 39.89 -8.06 53.90
N SER MA 21 39.92 -8.06 53.87
CA SER MA 21 39.28 -6.79 54.26
CA SER MA 21 39.35 -6.79 54.31
C SER MA 21 40.14 -5.63 53.78
C SER MA 21 40.13 -5.65 53.65
N CYS MA 22 39.54 -4.47 53.63
CA CYS MA 22 40.22 -3.29 53.13
C CYS MA 22 39.73 -2.08 53.90
N VAL MA 23 40.63 -1.35 54.53
CA VAL MA 23 40.21 -0.21 55.35
C VAL MA 23 40.57 1.08 54.67
N GLY MA 24 39.59 1.97 54.59
CA GLY MA 24 39.79 3.29 54.03
C GLY MA 24 40.16 4.24 55.14
N SER MA 25 41.06 5.17 54.84
CA SER MA 25 41.42 6.25 55.74
C SER MA 25 41.61 7.51 54.91
N GLY MA 26 42.07 8.60 55.53
CA GLY MA 26 42.23 9.85 54.84
C GLY MA 26 40.91 10.38 54.31
N SER MA 27 40.99 11.30 53.37
CA SER MA 27 39.80 11.90 52.80
C SER MA 27 40.16 12.66 51.52
N SER MA 28 39.16 12.84 50.68
CA SER MA 28 39.27 13.52 49.38
C SER MA 28 38.44 14.81 49.41
N PHE MA 29 37.95 15.26 48.24
CA PHE MA 29 37.23 16.52 48.18
C PHE MA 29 36.05 16.52 49.08
N GLY MA 30 35.86 17.67 49.68
CA GLY MA 30 34.80 17.82 50.61
C GLY MA 30 34.89 16.89 51.76
N GLU MA 31 36.09 16.50 52.16
CA GLU MA 31 36.28 15.58 53.28
C GLU MA 31 35.58 14.23 53.09
N SER MA 32 35.40 13.81 51.84
CA SER MA 32 34.77 12.53 51.51
C SER MA 32 35.64 11.37 51.95
N THR MA 33 35.02 10.29 52.38
CA THR MA 33 35.76 9.09 52.77
C THR MA 33 35.36 7.98 51.82
N LEU MA 34 35.92 6.80 52.04
CA LEU MA 34 35.71 5.67 51.14
C LEU MA 34 34.23 5.36 50.91
N SER MA 35 33.39 5.59 51.92
CA SER MA 35 31.98 5.23 51.84
C SER MA 35 31.19 6.11 50.88
N TYR MA 36 31.83 7.13 50.30
CA TYR MA 36 31.21 7.94 49.26
C TYR MA 36 31.44 7.34 47.87
N TYR MA 37 32.28 6.32 47.77
CA TYR MA 37 32.72 5.84 46.47
C TYR MA 37 32.42 4.36 46.26
N ALA MA 38 32.24 4.01 44.99
CA ALA MA 38 32.22 2.62 44.58
C ALA MA 38 33.65 2.08 44.62
N VAL MA 39 33.79 0.78 44.83
CA VAL MA 39 35.09 0.14 45.03
C VAL MA 39 35.08 -1.23 44.37
N SER MA 40 36.22 -1.65 43.83
CA SER MA 40 36.36 -2.96 43.23
C SER MA 40 37.47 -3.75 43.89
N TRP MA 41 37.43 -5.06 43.73
CA TRP MA 41 38.57 -5.90 44.02
C TRP MA 41 39.18 -6.32 42.68
N VAL MA 42 40.50 -6.31 42.59
CA VAL MA 42 41.26 -6.58 41.38
C VAL MA 42 42.42 -7.44 41.82
N ARG MA 43 42.82 -8.44 41.05
CA ARG MA 43 43.93 -9.27 41.48
C ARG MA 43 44.99 -9.41 40.42
N GLN MA 44 46.15 -9.90 40.85
CA GLN MA 44 47.30 -10.03 39.98
C GLN MA 44 48.01 -11.32 40.32
N ALA MA 45 47.92 -12.30 39.43
CA ALA MA 45 48.58 -13.56 39.67
C ALA MA 45 50.07 -13.34 39.52
N PRO MA 46 50.89 -14.25 40.08
CA PRO MA 46 52.34 -14.03 40.05
C PRO MA 46 52.88 -13.87 38.62
N GLY MA 47 53.57 -12.75 38.37
CA GLY MA 47 54.16 -12.49 37.06
C GLY MA 47 53.17 -12.13 35.96
N LYS MA 48 51.90 -11.96 36.30
CA LYS MA 48 50.86 -11.71 35.30
C LYS MA 48 50.30 -10.30 35.41
N GLY MA 49 49.28 -9.98 34.61
CA GLY MA 49 48.65 -8.68 34.65
C GLY MA 49 47.53 -8.58 35.67
N LEU MA 50 46.65 -7.61 35.47
CA LEU MA 50 45.59 -7.30 36.40
C LEU MA 50 44.26 -7.87 35.94
N GLU MA 51 43.49 -8.41 36.87
CA GLU MA 51 42.18 -9.02 36.56
C GLU MA 51 41.13 -8.45 37.49
N TRP MA 52 40.14 -7.77 36.91
CA TRP MA 52 39.05 -7.25 37.70
C TRP MA 52 38.19 -8.41 38.19
N LEU MA 53 37.79 -8.35 39.45
CA LEU MA 53 37.02 -9.42 40.09
C LEU MA 53 35.61 -9.00 40.41
N SER MA 54 35.44 -7.83 41.01
CA SER MA 54 34.16 -7.45 41.56
C SER MA 54 34.08 -5.98 41.89
N ILE MA 55 32.85 -5.46 41.85
CA ILE MA 55 32.57 -4.06 42.16
C ILE MA 55 31.38 -3.96 43.10
N ILE MA 56 31.37 -2.92 43.94
CA ILE MA 56 30.24 -2.65 44.82
C ILE MA 56 30.10 -1.14 44.91
N ASN MA 57 28.85 -0.66 44.83
CA ASN MA 57 28.59 0.77 44.84
C ASN MA 57 28.67 1.32 46.26
N ALA MA 58 28.75 2.63 46.40
CA ALA MA 58 28.92 3.27 47.71
C ALA MA 58 27.91 2.77 48.73
N GLY MA 59 26.65 2.63 48.31
CA GLY MA 59 25.60 2.22 49.24
C GLY MA 59 25.46 0.72 49.37
N GLY MA 60 26.32 -0.05 48.70
CA GLY MA 60 26.35 -1.48 48.84
C GLY MA 60 25.70 -2.26 47.71
N GLY MA 61 25.08 -1.57 46.76
CA GLY MA 61 24.35 -2.22 45.68
C GLY MA 61 25.08 -2.30 44.34
N ASP MA 62 24.34 -2.70 43.32
CA ASP MA 62 24.84 -2.75 41.94
C ASP MA 62 26.10 -3.61 41.86
N ILE MA 63 26.11 -4.70 42.63
CA ILE MA 63 27.24 -5.62 42.69
C ILE MA 63 27.34 -6.46 41.42
N ASP MA 64 28.55 -6.70 40.96
CA ASP MA 64 28.82 -7.65 39.88
C ASP MA 64 30.14 -8.38 40.06
N TYR MA 65 30.26 -9.53 39.39
CA TYR MA 65 31.45 -10.36 39.51
C TYR MA 65 31.94 -10.77 38.12
N ALA MA 66 33.25 -10.95 38.00
CA ALA MA 66 33.83 -11.58 36.82
C ALA MA 66 33.42 -13.04 36.85
N ASP MA 67 33.26 -13.65 35.68
CA ASP MA 67 32.84 -15.04 35.62
C ASP MA 67 33.78 -15.94 36.40
N SER MA 68 35.07 -15.58 36.47
CA SER MA 68 36.03 -16.46 37.09
C SER MA 68 35.83 -16.64 38.60
N VAL MA 69 35.12 -15.71 39.25
CA VAL MA 69 34.85 -15.83 40.68
C VAL MA 69 33.37 -15.77 41.05
N GLU MA 70 32.48 -15.63 40.06
CA GLU MA 70 31.04 -15.58 40.32
C GLU MA 70 30.56 -16.89 40.96
N GLY MA 71 29.82 -16.77 42.07
CA GLY MA 71 29.25 -17.94 42.73
C GLY MA 71 30.12 -18.48 43.83
N ARG MA 72 31.33 -17.95 43.96
CA ARG MA 72 32.28 -18.36 44.99
C ARG MA 72 32.65 -17.16 45.88
N PHE MA 73 32.83 -15.97 45.30
CA PHE MA 73 33.25 -14.82 46.06
C PHE MA 73 32.05 -13.90 46.28
N THR MA 74 32.04 -13.20 47.42
CA THR MA 74 30.99 -12.26 47.77
C THR MA 74 31.58 -10.96 48.25
N ILE MA 75 31.22 -9.87 47.60
CA ILE MA 75 31.70 -8.55 48.00
C ILE MA 75 30.68 -7.86 48.89
N SER MA 76 31.19 -7.15 49.89
CA SER MA 76 30.31 -6.40 50.78
C SER MA 76 31.08 -5.27 51.41
N ARG MA 77 30.40 -4.40 52.14
CA ARG MA 77 31.08 -3.31 52.82
C ARG MA 77 30.35 -2.88 54.08
N ASP MA 78 31.11 -2.39 55.05
CA ASP MA 78 30.58 -1.80 56.26
C ASP MA 78 31.04 -0.35 56.30
N ASN MA 79 30.13 0.55 55.92
CA ASN MA 79 30.47 1.96 55.81
C ASN MA 79 30.69 2.65 57.15
N SER MA 80 30.10 2.11 58.21
CA SER MA 80 30.32 2.66 59.54
C SER MA 80 31.78 2.48 59.96
N LYS MA 81 32.45 1.47 59.41
CA LYS MA 81 33.88 1.20 59.67
C LYS MA 81 34.77 1.59 58.50
N GLU MA 82 34.19 2.16 57.45
CA GLU MA 82 34.90 2.46 56.22
C GLU MA 82 35.72 1.26 55.74
N THR MA 83 35.12 0.06 55.78
CA THR MA 83 35.82 -1.17 55.44
C THR MA 83 35.11 -1.95 54.33
N LEU MA 84 35.87 -2.52 53.39
CA LEU MA 84 35.33 -3.39 52.36
C LEU MA 84 35.78 -4.82 52.61
N TYR MA 85 34.98 -5.78 52.17
CA TYR MA 85 35.26 -7.18 52.40
C TYR MA 85 35.11 -7.95 51.09
N LEU MA 86 35.93 -8.98 50.93
CA LEU MA 86 35.76 -9.98 49.88
C LEU MA 86 35.81 -11.35 50.55
N GLN MA 87 34.67 -12.02 50.60
CA GLN MA 87 34.58 -13.37 51.13
C GLN MA 87 34.79 -14.36 50.01
N MET MA 88 35.88 -15.09 50.04
CA MET MA 88 36.21 -16.07 49.04
C MET MA 88 35.90 -17.45 49.60
N THR MA 89 35.26 -18.30 48.80
CA THR MA 89 35.03 -19.68 49.20
C THR MA 89 35.48 -20.60 48.08
N ASN MA 90 35.63 -21.88 48.40
N ASN MA 90 35.61 -21.88 48.39
CA ASN MA 90 36.02 -22.90 47.43
CA ASN MA 90 36.01 -22.90 47.41
C ASN MA 90 37.20 -22.44 46.58
C ASN MA 90 37.20 -22.43 46.57
N LEU MA 91 38.22 -21.95 47.26
CA LEU MA 91 39.40 -21.40 46.61
C LEU MA 91 40.12 -22.49 45.81
N ARG MA 92 40.75 -22.09 44.72
CA ARG MA 92 41.55 -23.00 43.91
C ARG MA 92 42.95 -22.45 43.72
N VAL MA 93 43.85 -23.31 43.23
CA VAL MA 93 45.24 -22.95 43.03
C VAL MA 93 45.36 -21.70 42.16
N GLU MA 94 44.47 -21.54 41.20
CA GLU MA 94 44.57 -20.41 40.26
C GLU MA 94 44.02 -19.10 40.84
N ASP MA 95 43.52 -19.13 42.08
CA ASP MA 95 43.14 -17.92 42.78
C ASP MA 95 44.36 -17.27 43.44
N THR MA 96 45.52 -17.92 43.36
CA THR MA 96 46.74 -17.38 43.93
C THR MA 96 47.11 -16.06 43.31
N GLY MA 97 47.48 -15.09 44.14
CA GLY MA 97 47.94 -13.81 43.65
C GLY MA 97 47.80 -12.73 44.69
N VAL MA 98 48.16 -11.50 44.29
CA VAL MA 98 47.99 -10.32 45.12
C VAL MA 98 46.62 -9.71 44.86
N TYR MA 99 45.87 -9.45 45.93
CA TYR MA 99 44.55 -8.87 45.84
C TYR MA 99 44.60 -7.40 46.29
N TYR MA 100 44.12 -6.54 45.43
CA TYR MA 100 44.05 -5.11 45.66
C TYR MA 100 42.59 -4.73 45.77
N CYS MA 101 42.28 -3.82 46.67
CA CYS MA 101 41.02 -3.08 46.60
C CYS MA 101 41.32 -1.73 45.96
N ALA MA 102 40.41 -1.23 45.13
CA ALA MA 102 40.69 -0.09 44.28
C ALA MA 102 39.46 0.78 44.19
N LYS MA 103 39.60 2.04 44.57
CA LYS MA 103 38.49 2.97 44.58
C LYS MA 103 38.22 3.61 43.22
N HIS MA 104 36.96 3.67 42.81
CA HIS MA 104 36.57 4.35 41.56
C HIS MA 104 36.48 5.83 41.88
N MET MA 105 36.83 6.69 40.92
CA MET MA 105 36.97 8.12 41.26
C MET MA 105 35.66 8.91 41.42
N SER MA 106 34.61 8.55 40.69
CA SER MA 106 33.39 9.37 40.73
C SER MA 106 32.67 9.16 42.05
N MET MA 107 32.29 10.26 42.68
CA MET MA 107 31.49 10.18 43.89
C MET MA 107 30.13 9.56 43.66
N GLN MA 108 29.78 8.59 44.48
CA GLN MA 108 28.54 7.84 44.27
C GLN MA 108 27.45 8.15 45.29
N GLN MA 109 27.83 8.60 46.49
CA GLN MA 109 26.83 9.00 47.47
C GLN MA 109 27.33 10.00 48.48
N VAL MA 110 26.41 10.83 48.97
CA VAL MA 110 26.69 11.71 50.08
C VAL MA 110 25.55 11.51 51.08
N VAL MA 111 25.79 10.75 52.14
CA VAL MA 111 24.73 10.39 53.11
C VAL MA 111 24.15 11.60 53.81
N SER MA 112 25.02 12.53 54.15
CA SER MA 112 24.59 13.71 54.88
C SER MA 112 23.67 14.51 53.94
N ALA MA 113 23.70 14.23 52.61
CA ALA MA 113 22.80 14.91 51.66
C ALA MA 113 21.72 14.03 51.14
N GLY MA 114 21.63 12.81 51.62
CA GLY MA 114 20.69 11.92 51.01
C GLY MA 114 20.89 11.85 49.53
N TRP MA 115 22.10 12.09 49.06
CA TRP MA 115 22.30 12.03 47.64
C TRP MA 115 22.95 10.73 47.27
N GLU MA 116 22.46 10.17 46.18
CA GLU MA 116 23.03 8.97 45.62
C GLU MA 116 22.99 9.12 44.11
N ARG MA 117 24.14 8.98 43.46
CA ARG MA 117 24.19 9.02 42.01
C ARG MA 117 23.25 7.95 41.46
N ALA MA 118 22.51 8.28 40.40
CA ALA MA 118 21.55 7.33 39.83
C ALA MA 118 22.23 6.10 39.29
N ASP MA 119 23.43 6.30 38.78
CA ASP MA 119 24.14 5.25 38.10
C ASP MA 119 25.49 5.01 38.72
N LEU MA 120 25.95 3.76 38.60
CA LEU MA 120 27.29 3.39 38.99
C LEU MA 120 28.22 3.64 37.82
N VAL MA 121 29.08 4.65 37.98
CA VAL MA 121 29.98 5.04 36.90
C VAL MA 121 31.05 3.98 36.67
N GLY MA 122 31.73 3.56 37.73
CA GLY MA 122 32.76 2.55 37.60
C GLY MA 122 33.92 3.06 36.75
N ASP MA 123 34.21 4.34 36.90
CA ASP MA 123 35.31 5.01 36.19
C ASP MA 123 36.68 4.70 36.85
N ALA MA 124 37.72 5.50 36.56
CA ALA MA 124 39.10 5.10 36.81
C ALA MA 124 39.43 4.79 38.26
N PHE MA 125 40.35 3.85 38.48
CA PHE MA 125 40.79 3.48 39.82
C PHE MA 125 41.86 4.48 40.28
N ASP MA 126 41.47 5.53 41.01
CA ASP MA 126 42.42 6.59 41.38
C ASP MA 126 43.23 6.29 42.62
N VAL MA 127 42.76 5.34 43.42
CA VAL MA 127 43.51 4.90 44.59
C VAL MA 127 43.51 3.38 44.71
N TRP MA 128 44.70 2.84 44.87
CA TRP MA 128 44.88 1.41 45.08
C TRP MA 128 45.54 1.20 46.41
N GLY MA 129 45.25 0.07 47.05
CA GLY MA 129 46.00 -0.36 48.21
C GLY MA 129 47.34 -0.93 47.78
N GLN MA 130 48.09 -1.40 48.77
CA GLN MA 130 49.41 -1.99 48.52
C GLN MA 130 49.29 -3.48 48.16
N GLY MA 131 48.10 -4.04 48.35
CA GLY MA 131 47.81 -5.39 47.99
C GLY MA 131 48.06 -6.34 49.15
N THR MA 132 47.38 -7.49 49.14
CA THR MA 132 47.58 -8.53 50.13
C THR MA 132 47.73 -9.88 49.44
N MET MA 133 48.73 -10.67 49.84
CA MET MA 133 49.01 -11.89 49.10
C MET MA 133 48.18 -13.08 49.54
N VAL MA 134 47.57 -13.74 48.56
CA VAL MA 134 46.84 -14.97 48.79
C VAL MA 134 47.52 -16.09 48.02
N THR MA 135 47.94 -17.13 48.72
CA THR MA 135 48.49 -18.33 48.10
C THR MA 135 47.61 -19.54 48.41
N VAL MA 136 47.15 -20.25 47.38
CA VAL MA 136 46.34 -21.44 47.61
C VAL MA 136 47.18 -22.66 47.23
N SER MA 137 47.57 -23.39 48.27
CA SER MA 137 48.46 -24.55 48.19
C SER MA 137 48.15 -25.43 49.39
N SER MA 138 48.37 -26.74 49.29
CA SER MA 138 48.16 -27.62 50.42
C SER MA 138 49.19 -27.50 51.56
N ALA MA 139 50.39 -27.00 51.28
CA ALA MA 139 51.45 -27.00 52.28
C ALA MA 139 51.11 -25.94 53.33
N SER MA 140 51.56 -26.17 54.57
CA SER MA 140 51.36 -25.31 55.74
C SER MA 140 52.41 -24.21 55.82
N THR MA 141 52.08 -23.09 56.48
CA THR MA 141 53.00 -21.96 56.63
C THR MA 141 54.26 -22.31 57.41
N LYS MA 142 55.37 -21.73 56.97
CA LYS MA 142 56.63 -21.75 57.71
C LYS MA 142 57.28 -20.38 57.76
N GLY MA 143 57.66 -19.95 58.96
CA GLY MA 143 58.28 -18.66 59.18
C GLY MA 143 59.77 -18.62 58.87
N PRO MA 144 60.29 -17.42 58.55
CA PRO MA 144 61.69 -17.30 58.11
C PRO MA 144 62.69 -17.40 59.25
N SER MA 145 63.86 -17.94 58.94
CA SER MA 145 65.04 -17.79 59.78
C SER MA 145 65.75 -16.54 59.28
N VAL MA 146 66.24 -15.71 60.19
CA VAL MA 146 66.91 -14.48 59.81
C VAL MA 146 68.35 -14.54 60.28
N PHE MA 147 69.27 -14.44 59.32
CA PHE MA 147 70.69 -14.51 59.59
C PHE MA 147 71.40 -13.22 59.17
N PRO MA 148 72.39 -12.76 59.93
CA PRO MA 148 73.05 -11.53 59.49
C PRO MA 148 74.01 -11.78 58.32
N LEU MA 149 74.10 -10.83 57.41
CA LEU MA 149 75.13 -10.80 56.38
C LEU MA 149 76.09 -9.73 56.84
N ALA MA 150 77.22 -10.18 57.38
CA ALA MA 150 78.07 -9.32 58.17
C ALA MA 150 79.17 -8.65 57.33
N PRO MA 151 79.30 -7.32 57.47
CA PRO MA 151 80.40 -6.63 56.80
C PRO MA 151 81.70 -7.07 57.44
N SER MA 152 82.74 -7.15 56.63
CA SER MA 152 84.04 -7.63 57.08
C SER MA 152 85.13 -6.69 56.61
N SER MA 153 86.27 -6.76 57.26
CA SER MA 153 87.42 -5.97 56.83
C SER MA 153 87.79 -6.44 55.44
N LYS MA 154 88.13 -5.50 54.55
CA LYS MA 154 88.51 -5.76 53.16
C LYS MA 154 87.26 -5.85 52.28
N SER MA 155 86.06 -5.71 52.87
CA SER MA 155 84.83 -5.77 52.11
C SER MA 155 84.57 -4.46 51.38
N THR MA 156 85.34 -3.41 51.68
CA THR MA 156 85.15 -2.14 51.03
C THR MA 156 85.31 -2.28 49.53
N SER MA 157 84.34 -1.74 48.78
CA SER MA 157 84.40 -1.75 47.32
C SER MA 157 83.69 -0.48 46.92
N GLY MA 158 84.28 0.26 45.97
CA GLY MA 158 83.95 1.67 45.85
C GLY MA 158 84.52 2.31 47.10
N GLY MA 159 83.82 3.28 47.68
CA GLY MA 159 84.18 3.82 48.98
C GLY MA 159 83.24 3.38 50.09
N THR MA 160 82.47 2.31 49.85
CA THR MA 160 81.37 1.91 50.72
C THR MA 160 81.50 0.50 51.28
N ALA MA 161 80.75 0.22 52.34
CA ALA MA 161 80.62 -1.12 52.91
C ALA MA 161 79.19 -1.58 52.70
N ALA MA 162 78.97 -2.89 52.68
CA ALA MA 162 77.63 -3.47 52.53
C ALA MA 162 77.34 -4.42 53.68
N LEU MA 163 76.09 -4.42 54.13
CA LEU MA 163 75.64 -5.37 55.15
C LEU MA 163 74.20 -5.76 54.90
N GLY MA 164 73.70 -6.80 55.54
CA GLY MA 164 72.36 -7.27 55.20
C GLY MA 164 71.79 -8.32 56.11
N CYS MA 165 70.63 -8.86 55.72
CA CYS MA 165 69.98 -9.96 56.40
C CYS MA 165 69.57 -10.98 55.36
N LEU MA 166 69.81 -12.25 55.65
CA LEU MA 166 69.35 -13.35 54.82
C LEU MA 166 68.08 -13.89 55.45
N VAL MA 167 66.96 -13.74 54.75
CA VAL MA 167 65.67 -14.21 55.21
C VAL MA 167 65.37 -15.51 54.47
N LYS MA 168 65.53 -16.63 55.16
CA LYS MA 168 65.63 -17.93 54.55
C LYS MA 168 64.53 -18.88 54.98
N ASP MA 169 64.09 -19.71 54.03
CA ASP MA 169 63.23 -20.86 54.32
C ASP MA 169 61.86 -20.47 54.88
N TYR MA 170 61.07 -19.72 54.09
CA TYR MA 170 59.74 -19.36 54.53
C TYR MA 170 58.70 -19.66 53.46
N PHE MA 171 57.44 -19.76 53.88
CA PHE MA 171 56.35 -19.95 52.94
C PHE MA 171 55.07 -19.49 53.63
N PRO MA 172 54.17 -18.81 52.91
CA PRO MA 172 54.24 -18.37 51.51
C PRO MA 172 54.82 -16.97 51.42
N GLU MA 173 54.73 -16.38 50.24
CA GLU MA 173 55.05 -14.98 50.07
C GLU MA 173 53.97 -14.13 50.75
N PRO MA 174 54.29 -12.90 51.18
CA PRO MA 174 55.57 -12.21 51.07
C PRO MA 174 56.14 -11.92 52.45
N VAL MA 175 57.38 -11.46 52.49
CA VAL MA 175 57.97 -10.92 53.72
C VAL MA 175 58.28 -9.47 53.45
N THR MA 176 58.10 -8.61 54.45
CA THR MA 176 58.53 -7.23 54.34
C THR MA 176 59.78 -7.05 55.20
N VAL MA 177 60.72 -6.23 54.73
CA VAL MA 177 61.93 -5.95 55.48
C VAL MA 177 62.10 -4.43 55.55
N SER MA 178 62.37 -3.92 56.74
CA SER MA 178 62.74 -2.52 56.93
C SER MA 178 64.04 -2.49 57.72
N TRP MA 179 64.67 -1.32 57.84
CA TRP MA 179 65.94 -1.21 58.55
C TRP MA 179 65.85 -0.11 59.62
N ASN MA 180 66.28 -0.43 60.83
CA ASN MA 180 66.18 0.47 61.98
C ASN MA 180 64.79 1.05 62.10
N SER MA 181 63.79 0.18 61.98
CA SER MA 181 62.40 0.54 62.20
C SER MA 181 61.91 1.58 61.17
N GLY MA 182 62.60 1.67 60.04
CA GLY MA 182 62.25 2.57 58.97
C GLY MA 182 63.02 3.89 58.97
N ALA MA 183 63.90 4.09 59.94
CA ALA MA 183 64.72 5.29 60.00
C ALA MA 183 65.81 5.25 58.92
N LEU MA 184 66.17 4.05 58.47
CA LEU MA 184 67.20 3.86 57.46
C LEU MA 184 66.57 3.33 56.18
N THR MA 185 66.63 4.17 55.15
CA THR MA 185 66.04 3.89 53.84
C THR MA 185 66.99 4.04 52.65
N SER MA 186 67.77 5.10 52.62
N SER MA 186 67.93 4.98 52.74
CA SER MA 186 68.79 5.29 51.59
CA SER MA 186 68.88 5.21 51.67
C SER MA 186 69.72 4.07 51.44
C SER MA 186 69.78 4.01 51.45
N GLY MA 187 69.87 3.60 50.20
CA GLY MA 187 70.78 2.55 49.82
C GLY MA 187 70.32 1.15 50.17
N VAL MA 188 69.02 0.98 50.40
CA VAL MA 188 68.46 -0.34 50.71
C VAL MA 188 67.97 -1.04 49.45
N HIS MA 189 68.34 -2.31 49.29
CA HIS MA 189 67.80 -3.18 48.27
C HIS MA 189 67.27 -4.43 48.90
N THR MA 190 66.00 -4.71 48.71
CA THR MA 190 65.44 -5.98 49.14
C THR MA 190 65.14 -6.77 47.88
N PHE MA 191 65.85 -7.88 47.72
CA PHE MA 191 65.75 -8.67 46.51
C PHE MA 191 64.45 -9.46 46.41
N PRO MA 192 63.96 -9.69 45.18
CA PRO MA 192 62.83 -10.61 44.98
C PRO MA 192 63.11 -11.98 45.54
N ALA MA 193 62.11 -12.61 46.13
CA ALA MA 193 62.27 -13.95 46.66
C ALA MA 193 62.55 -14.92 45.52
N VAL MA 194 63.34 -15.95 45.83
CA VAL MA 194 63.60 -17.04 44.89
C VAL MA 194 63.02 -18.30 45.52
N LEU MA 195 62.34 -19.10 44.71
CA LEU MA 195 61.84 -20.37 45.21
C LEU MA 195 62.97 -21.39 45.20
N GLN MA 196 63.20 -22.00 46.37
CA GLN MA 196 64.24 -23.01 46.52
C GLN MA 196 63.69 -24.38 46.26
N SER MA 197 64.61 -25.33 46.19
CA SER MA 197 64.30 -26.71 45.94
C SER MA 197 63.41 -27.37 46.98
N SER MA 198 63.58 -26.92 48.21
CA SER MA 198 62.79 -27.35 49.33
C SER MA 198 61.32 -26.98 49.17
N GLY MA 199 61.02 -26.07 48.23
CA GLY MA 199 59.66 -25.56 48.09
C GLY MA 199 59.46 -24.33 48.96
N LEU MA 200 60.51 -23.86 49.63
CA LEU MA 200 60.46 -22.67 50.47
C LEU MA 200 61.16 -21.49 49.81
N TYR MA 201 60.74 -20.28 50.16
CA TYR MA 201 61.32 -19.06 49.62
C TYR MA 201 62.52 -18.60 50.42
N SER MA 202 63.38 -17.84 49.75
CA SER MA 202 64.55 -17.23 50.36
C SER MA 202 64.73 -15.88 49.69
N LEU MA 203 65.20 -14.92 50.47
CA LEU MA 203 65.34 -13.55 50.03
C LEU MA 203 66.46 -12.93 50.83
N SER MA 204 67.13 -11.94 50.26
CA SER MA 204 68.16 -11.18 50.94
C SER MA 204 67.79 -9.71 50.92
N SER MA 205 68.14 -8.99 51.99
CA SER MA 205 68.07 -7.55 52.03
C SER MA 205 69.45 -7.01 52.37
N VAL MA 206 69.92 -6.02 51.64
CA VAL MA 206 71.24 -5.43 51.86
C VAL MA 206 71.13 -3.91 51.88
N VAL MA 207 72.11 -3.24 52.48
CA VAL MA 207 72.16 -1.80 52.48
C VAL MA 207 73.62 -1.38 52.35
N THR MA 208 73.92 -0.32 51.60
CA THR MA 208 75.32 0.13 51.53
C THR MA 208 75.37 1.39 52.35
N VAL MA 209 76.29 1.32 53.28
CA VAL MA 209 76.56 2.36 54.23
C VAL MA 209 78.08 2.74 54.33
N PRO MA 210 78.44 4.05 54.45
CA PRO MA 210 79.85 4.49 54.58
C PRO MA 210 80.56 3.64 55.61
N SER MA 211 81.83 3.24 55.56
CA SER MA 211 82.34 2.39 56.65
C SER MA 211 82.40 3.04 58.06
N SER MA 212 82.92 4.26 58.11
CA SER MA 212 83.11 4.99 59.37
C SER MA 212 81.77 5.17 60.10
N SER MA 213 80.80 5.70 59.37
CA SER MA 213 79.47 5.91 59.92
C SER MA 213 78.85 4.61 60.46
N LEU MA 214 79.32 3.46 59.98
CA LEU MA 214 78.76 2.18 60.43
C LEU MA 214 79.28 1.86 61.76
N GLY MA 215 80.58 2.07 61.85
CA GLY MA 215 81.22 1.89 63.12
C GLY MA 215 80.50 2.69 64.18
N THR MA 216 80.18 3.93 63.86
CA THR MA 216 79.54 4.78 64.86
C THR MA 216 78.12 4.35 65.19
N GLN MA 217 77.42 3.73 64.23
CA GLN MA 217 76.01 3.39 64.43
C GLN MA 217 75.51 1.94 64.18
N THR MA 218 74.33 1.76 64.76
CA THR MA 218 73.58 0.51 64.94
C THR MA 218 72.61 0.09 63.83
N TYR MA 219 72.86 -1.02 63.14
CA TYR MA 219 71.97 -1.40 62.03
C TYR MA 219 71.34 -2.73 62.38
N ILE MA 220 70.01 -2.67 62.37
CA ILE MA 220 69.11 -3.76 62.72
C ILE MA 220 68.08 -3.91 61.61
N CYS MA 221 67.83 -5.12 61.12
CA CYS MA 221 66.76 -5.31 60.12
C CYS MA 221 65.51 -5.98 60.72
N ASN MA 222 64.34 -5.42 60.40
CA ASN MA 222 63.06 -5.88 60.91
C ASN MA 222 62.30 -6.64 59.84
N VAL MA 223 62.11 -7.93 60.09
CA VAL MA 223 61.47 -8.84 59.15
C VAL MA 223 60.08 -9.20 59.63
N ASN MA 224 59.10 -9.08 58.74
CA ASN MA 224 57.72 -9.40 59.04
C ASN MA 224 57.18 -10.41 58.04
N HIS MA 225 56.64 -11.51 58.54
CA HIS MA 225 55.99 -12.50 57.69
C HIS MA 225 54.64 -12.78 58.34
N LYS MA 226 53.61 -12.11 57.83
CA LYS MA 226 52.28 -12.17 58.43
C LYS MA 226 51.65 -13.56 58.47
N PRO MA 227 51.81 -14.36 57.41
CA PRO MA 227 51.15 -15.67 57.45
C PRO MA 227 51.58 -16.56 58.64
N SER MA 228 52.79 -16.34 59.14
CA SER MA 228 53.31 -17.09 60.28
C SER MA 228 53.40 -16.28 61.58
N ASN MA 229 52.84 -15.07 61.61
CA ASN MA 229 52.90 -14.21 62.78
C ASN MA 229 54.34 -13.90 63.22
N THR MA 230 55.27 -13.90 62.28
CA THR MA 230 56.67 -13.63 62.58
C THR MA 230 56.97 -12.14 62.59
N LYS MA 231 57.58 -11.66 63.67
CA LYS MA 231 58.10 -10.30 63.72
C LYS MA 231 59.46 -10.41 64.42
N VAL MA 232 60.54 -10.30 63.64
CA VAL MA 232 61.89 -10.49 64.14
C VAL MA 232 62.69 -9.21 63.96
N ASP MA 233 63.48 -8.84 64.96
CA ASP MA 233 64.45 -7.77 64.79
C ASP MA 233 65.82 -8.39 64.99
N LYS MA 234 66.65 -8.33 63.95
CA LYS MA 234 67.98 -8.92 64.02
C LYS MA 234 69.09 -7.88 63.86
N ARG MA 235 69.93 -7.79 64.87
CA ARG MA 235 71.07 -6.88 64.86
C ARG MA 235 72.19 -7.44 63.99
N VAL MA 236 72.79 -6.58 63.18
CA VAL MA 236 73.85 -6.98 62.26
C VAL MA 236 75.12 -6.23 62.62
N GLU MA 237 76.16 -6.98 62.99
CA GLU MA 237 77.40 -6.40 63.47
C GLU MA 237 78.57 -7.08 62.77
N PRO MA 238 79.72 -6.39 62.67
CA PRO MA 238 80.91 -6.97 62.02
C PRO MA 238 81.43 -8.25 62.69
N LYS MA 239 81.96 -9.14 61.87
CA LYS MA 239 82.52 -10.39 62.37
C LYS MA 239 83.79 -10.13 63.17
N ASP NA 1 33.62 -10.27 26.60
CA ASP NA 1 34.70 -9.49 27.28
C ASP NA 1 35.49 -8.71 26.25
N ILE NA 2 35.74 -7.43 26.53
CA ILE NA 2 36.53 -6.60 25.65
C ILE NA 2 38.00 -6.90 25.92
N GLN NA 3 38.74 -7.19 24.85
CA GLN NA 3 40.17 -7.48 24.92
C GLN NA 3 40.99 -6.25 24.58
N LEU NA 4 41.96 -5.93 25.42
CA LEU NA 4 42.90 -4.85 25.14
C LEU NA 4 44.28 -5.44 24.84
N THR NA 5 44.84 -5.06 23.69
CA THR NA 5 46.13 -5.55 23.23
C THR NA 5 47.07 -4.36 23.27
N GLN NA 6 48.14 -4.47 24.05
CA GLN NA 6 49.10 -3.39 24.19
C GLN NA 6 50.37 -3.67 23.42
N SER NA 7 50.91 -2.69 22.71
CA SER NA 7 52.20 -2.90 22.06
C SER NA 7 53.13 -1.69 22.21
N PRO NA 8 54.45 -1.94 22.22
CA PRO NA 8 54.99 -3.30 22.23
C PRO NA 8 54.95 -3.93 23.63
N SER NA 9 55.31 -5.21 23.76
CA SER NA 9 55.30 -5.88 25.05
C SER NA 9 56.35 -5.25 25.95
N SER NA 10 57.46 -4.84 25.33
CA SER NA 10 58.58 -4.28 26.05
C SER NA 10 59.15 -3.21 25.12
N LEU NA 11 59.53 -2.08 25.69
CA LEU NA 11 60.12 -0.99 24.91
C LEU NA 11 61.33 -0.40 25.62
N SER NA 12 62.43 -0.26 24.88
CA SER NA 12 63.66 0.30 25.41
C SER NA 12 63.88 1.71 24.86
N ALA NA 13 64.23 2.65 25.72
CA ALA NA 13 64.49 4.01 25.25
C ALA NA 13 65.44 4.73 26.20
N SER NA 14 66.10 5.77 25.69
CA SER NA 14 67.08 6.53 26.45
C SER NA 14 66.40 7.66 27.21
N VAL NA 15 66.98 8.04 28.34
CA VAL NA 15 66.50 9.18 29.11
C VAL NA 15 66.41 10.40 28.20
N GLY NA 16 65.25 11.06 28.20
CA GLY NA 16 65.01 12.23 27.39
C GLY NA 16 64.20 11.92 26.14
N ASP NA 17 64.09 10.64 25.79
CA ASP NA 17 63.36 10.24 24.60
C ASP NA 17 61.86 10.44 24.72
N ARG NA 18 61.23 10.78 23.60
N ARG NA 18 61.22 10.76 23.59
CA ARG NA 18 59.78 10.79 23.52
CA ARG NA 18 59.77 10.80 23.52
C ARG NA 18 59.32 9.37 23.25
C ARG NA 18 59.26 9.39 23.22
N VAL NA 19 58.45 8.85 24.12
CA VAL NA 19 58.05 7.46 24.07
C VAL NA 19 56.54 7.32 23.87
N THR NA 20 56.13 6.41 22.98
CA THR NA 20 54.71 6.21 22.69
C THR NA 20 54.36 4.74 22.93
N LEU NA 21 53.38 4.53 23.80
CA LEU NA 21 52.85 3.22 24.12
C LEU NA 21 51.45 3.16 23.49
N THR NA 22 51.09 2.01 22.92
CA THR NA 22 49.80 1.90 22.22
C THR NA 22 48.91 0.83 22.85
N CYS NA 23 47.59 1.05 22.74
CA CYS NA 23 46.57 0.12 23.23
C CYS NA 23 45.51 0.02 22.14
N GLN NA 24 45.16 -1.21 21.78
CA GLN NA 24 44.11 -1.47 20.80
C GLN NA 24 42.96 -2.26 21.45
N ALA NA 25 41.74 -1.76 21.33
CA ALA NA 25 40.57 -2.46 21.87
C ALA NA 25 39.90 -3.30 20.79
N SER NA 26 39.33 -4.43 21.19
CA SER NA 26 38.73 -5.36 20.24
C SER NA 26 37.37 -4.85 19.77
N GLN NA 27 36.84 -3.81 20.42
CA GLN NA 27 35.59 -3.20 20.01
C GLN NA 27 35.59 -1.72 20.40
N ASP NA 28 34.71 -0.93 19.79
CA ASP NA 28 34.70 0.50 20.06
C ASP NA 28 34.32 0.77 21.52
N ILE NA 29 35.26 1.35 22.26
CA ILE NA 29 35.06 1.72 23.67
C ILE NA 29 35.01 3.23 23.87
N ARG NA 30 34.82 4.00 22.80
CA ARG NA 30 34.76 5.45 22.86
C ARG NA 30 36.01 5.99 23.58
N LYS NA 31 35.85 6.75 24.66
CA LYS NA 31 36.98 7.27 25.43
C LYS NA 31 37.00 6.66 26.83
N PHE NA 32 36.29 5.56 27.05
CA PHE NA 32 36.26 5.00 28.40
C PHE NA 32 37.49 4.12 28.60
N LEU NA 33 38.65 4.77 28.69
CA LEU NA 33 39.95 4.08 28.78
C LEU NA 33 40.87 4.76 29.78
N ASN NA 34 41.51 4.02 30.68
CA ASN NA 34 42.38 4.60 31.68
C ASN NA 34 43.77 3.98 31.55
N TRP NA 35 44.80 4.72 31.96
CA TRP NA 35 46.18 4.25 31.92
C TRP NA 35 46.74 4.28 33.33
N TYR NA 36 47.45 3.22 33.70
CA TYR NA 36 48.11 3.06 34.98
C TYR NA 36 49.59 2.78 34.82
N GLN NA 37 50.36 3.13 35.85
CA GLN NA 37 51.75 2.74 35.99
C GLN NA 37 51.81 1.86 37.22
N GLN NA 38 52.55 0.76 37.12
CA GLN NA 38 52.79 -0.11 38.26
C GLN NA 38 54.26 -0.37 38.36
N LYS NA 39 54.84 0.00 39.50
CA LYS NA 39 56.22 -0.36 39.73
C LYS NA 39 56.25 -1.68 40.44
N PRO NA 40 57.28 -2.48 40.16
CA PRO NA 40 57.37 -3.84 40.70
C PRO NA 40 57.20 -3.90 42.21
N GLY NA 41 56.34 -4.79 42.67
CA GLY NA 41 56.10 -4.99 44.09
C GLY NA 41 55.26 -3.89 44.69
N LYS NA 42 54.75 -2.99 43.85
CA LYS NA 42 53.93 -1.88 44.29
C LYS NA 42 52.59 -1.97 43.60
N GLY NA 43 51.60 -1.29 44.18
CA GLY NA 43 50.28 -1.22 43.58
C GLY NA 43 50.27 -0.25 42.40
N PRO NA 44 49.33 -0.43 41.46
CA PRO NA 44 49.22 0.48 40.32
C PRO NA 44 48.91 1.92 40.77
N LYS NA 45 49.22 2.91 39.93
CA LYS NA 45 48.83 4.29 40.15
C LYS NA 45 48.22 4.88 38.89
N LEU NA 46 47.11 5.60 39.05
CA LEU NA 46 46.42 6.19 37.91
C LEU NA 46 47.25 7.32 37.29
N LEU NA 47 47.39 7.29 35.98
CA LEU NA 47 48.07 8.33 35.21
C LEU NA 47 47.06 9.14 34.40
N ILE NA 48 46.26 8.43 33.62
CA ILE NA 48 45.37 9.12 32.67
C ILE NA 48 43.97 8.52 32.81
N TYR NA 49 42.95 9.36 32.97
CA TYR NA 49 41.58 8.85 32.94
C TYR NA 49 40.76 9.41 31.77
N ASP NA 50 39.83 8.58 31.30
CA ASP NA 50 38.97 8.89 30.15
C ASP NA 50 39.77 9.37 28.93
N ALA NA 51 40.82 8.61 28.64
CA ALA NA 51 41.67 8.66 27.45
C ALA NA 51 42.68 9.82 27.39
N SER NA 52 42.29 11.02 27.79
CA SER NA 52 43.17 12.20 27.62
C SER NA 52 43.40 13.07 28.86
N ASN NA 53 42.77 12.73 29.99
CA ASN NA 53 42.90 13.57 31.19
C ASN NA 53 44.00 13.16 32.15
N LEU NA 54 44.90 14.09 32.42
CA LEU NA 54 45.98 13.86 33.35
C LEU NA 54 45.46 13.92 34.78
N GLN NA 55 45.63 12.83 35.53
CA GLN NA 55 45.22 12.81 36.93
C GLN NA 55 46.02 13.81 37.74
N ARG NA 56 45.34 14.50 38.66
CA ARG NA 56 45.99 15.42 39.58
C ARG NA 56 47.23 14.81 40.23
N GLY NA 57 48.34 15.53 40.19
CA GLY NA 57 49.55 15.11 40.86
C GLY NA 57 50.48 14.29 39.97
N VAL NA 58 49.97 13.80 38.83
CA VAL NA 58 50.80 13.04 37.91
C VAL NA 58 51.65 14.01 37.10
N PRO NA 59 52.93 13.69 36.90
CA PRO NA 59 53.79 14.64 36.15
C PRO NA 59 53.23 14.96 34.77
N SER NA 60 53.38 16.20 34.34
CA SER NA 60 52.80 16.67 33.08
C SER NA 60 53.42 16.10 31.81
N ARG NA 61 54.56 15.42 31.92
CA ARG NA 61 55.17 14.78 30.77
C ARG NA 61 54.33 13.62 30.22
N PHE NA 62 53.37 13.16 31.01
CA PHE NA 62 52.43 12.15 30.58
C PHE NA 62 51.22 12.82 29.92
N SER NA 63 50.80 12.26 28.79
CA SER NA 63 49.59 12.70 28.10
C SER NA 63 48.96 11.47 27.47
N GLY NA 64 47.67 11.49 27.21
CA GLY NA 64 47.00 10.35 26.62
C GLY NA 64 46.17 10.85 25.47
N GLY NA 65 45.94 9.98 24.49
CA GLY NA 65 45.16 10.31 23.31
C GLY NA 65 44.42 9.14 22.73
N GLY NA 66 43.54 9.42 21.79
CA GLY NA 66 42.85 8.39 21.05
C GLY NA 66 41.40 8.23 21.46
N SER NA 67 40.71 7.38 20.72
CA SER NA 67 39.31 7.09 20.98
C SER NA 67 38.90 5.93 20.09
N GLY NA 68 37.74 5.35 20.39
CA GLY NA 68 37.27 4.19 19.66
C GLY NA 68 38.06 2.95 20.03
N THR NA 69 38.89 2.47 19.10
CA THR NA 69 39.69 1.28 19.37
C THR NA 69 41.17 1.56 19.52
N ASP NA 70 41.62 2.76 19.18
CA ASP NA 70 43.06 3.07 19.16
C ASP NA 70 43.44 4.18 20.16
N PHE NA 71 44.35 3.85 21.07
CA PHE NA 71 44.76 4.78 22.13
C PHE NA 71 46.26 4.82 22.28
N THR NA 72 46.75 5.95 22.78
CA THR NA 72 48.16 6.12 23.04
C THR NA 72 48.44 6.76 24.39
N LEU NA 73 49.51 6.33 25.05
CA LEU NA 73 50.07 7.04 26.20
C LEU NA 73 51.41 7.56 25.75
N ILE NA 74 51.65 8.86 25.89
CA ILE NA 74 52.89 9.47 25.46
C ILE NA 74 53.61 10.03 26.67
N ILE NA 75 54.89 9.71 26.78
CA ILE NA 75 55.77 10.28 27.77
C ILE NA 75 56.71 11.21 27.00
N SER NA 76 56.56 12.52 27.17
CA SER NA 76 57.23 13.46 26.28
C SER NA 76 58.75 13.44 26.47
N SER NA 77 59.20 13.12 27.67
CA SER NA 77 60.63 13.03 27.95
C SER NA 77 60.88 11.97 29.01
N LEU NA 78 61.36 10.79 28.59
CA LEU NA 78 61.46 9.66 29.50
C LEU NA 78 62.42 9.96 30.63
N GLN NA 79 62.00 9.67 31.85
CA GLN NA 79 62.84 9.85 33.03
C GLN NA 79 63.16 8.47 33.60
N PRO NA 80 64.27 8.35 34.33
CA PRO NA 80 64.66 7.05 34.88
C PRO NA 80 63.57 6.45 35.80
N GLU NA 81 62.85 7.31 36.54
CA GLU NA 81 61.75 6.87 37.42
C GLU NA 81 60.54 6.34 36.69
N ASP NA 82 60.53 6.48 35.37
CA ASP NA 82 59.46 5.94 34.57
C ASP NA 82 59.52 4.43 34.33
N VAL NA 83 60.62 3.77 34.72
CA VAL NA 83 60.73 2.33 34.55
C VAL NA 83 59.60 1.64 35.29
N GLY NA 84 59.01 0.64 34.65
CA GLY NA 84 57.95 -0.14 35.26
C GLY NA 84 57.05 -0.65 34.16
N THR NA 85 55.85 -1.06 34.52
CA THR NA 85 54.89 -1.62 33.57
C THR NA 85 53.66 -0.72 33.48
N TYR NA 86 53.13 -0.53 32.27
CA TYR NA 86 51.99 0.35 32.07
C TYR NA 86 50.81 -0.44 31.54
N TYR NA 87 49.64 -0.25 32.14
CA TYR NA 87 48.45 -0.98 31.75
C TYR NA 87 47.37 -0.02 31.30
N CYS NA 88 46.66 -0.41 30.25
CA CYS NA 88 45.44 0.29 29.88
C CYS NA 88 44.26 -0.52 30.41
N GLN NA 89 43.11 0.15 30.56
CA GLN NA 89 41.95 -0.47 31.16
C GLN NA 89 40.64 0.14 30.70
N GLN NA 90 39.63 -0.69 30.48
CA GLN NA 90 38.48 -0.27 29.74
C GLN NA 90 37.30 -0.42 30.67
N TYR NA 91 36.41 0.58 30.68
CA TYR NA 91 35.15 0.46 31.42
C TYR NA 91 33.93 0.81 30.56
N ASP NA 92 34.06 0.67 29.24
CA ASP NA 92 32.90 0.73 28.36
C ASP NA 92 31.84 -0.29 28.80
N GLY NA 93 32.28 -1.48 29.18
CA GLY NA 93 31.38 -2.51 29.64
C GLY NA 93 32.02 -3.50 30.58
N LEU NA 94 31.21 -4.04 31.47
CA LEU NA 94 31.63 -5.14 32.33
C LEU NA 94 31.79 -6.41 31.49
N PRO NA 95 32.74 -7.28 31.87
CA PRO NA 95 33.67 -7.05 32.99
C PRO NA 95 34.74 -6.05 32.60
N PHE NA 96 35.18 -5.25 33.56
CA PHE NA 96 36.28 -4.34 33.32
C PHE NA 96 37.48 -5.20 32.98
N THR NA 97 38.27 -4.76 32.00
CA THR NA 97 39.44 -5.49 31.57
C THR NA 97 40.65 -4.60 31.40
N PHE NA 98 41.84 -5.20 31.50
CA PHE NA 98 43.09 -4.48 31.38
C PHE NA 98 43.89 -5.03 30.19
N GLY NA 99 44.71 -4.18 29.59
CA GLY NA 99 45.69 -4.65 28.62
C GLY NA 99 46.73 -5.49 29.31
N GLY NA 100 47.51 -6.25 28.54
CA GLY NA 100 48.53 -7.11 29.13
C GLY NA 100 49.78 -6.41 29.63
N GLY NA 101 49.86 -5.11 29.40
CA GLY NA 101 50.95 -4.30 29.94
C GLY NA 101 52.11 -4.13 28.97
N THR NA 102 52.76 -2.97 29.04
CA THR NA 102 54.01 -2.71 28.33
C THR NA 102 55.08 -2.34 29.34
N LYS NA 103 56.19 -3.07 29.33
CA LYS NA 103 57.27 -2.82 30.25
C LYS NA 103 58.21 -1.80 29.63
N VAL NA 104 58.52 -0.75 30.39
CA VAL NA 104 59.46 0.27 29.94
C VAL NA 104 60.83 0.04 30.55
N VAL NA 105 61.83 0.10 29.68
CA VAL NA 105 63.20 -0.23 30.04
C VAL NA 105 64.09 0.93 29.60
N ILE NA 106 64.94 1.38 30.51
CA ILE NA 106 65.88 2.45 30.19
C ILE NA 106 67.14 1.94 29.51
N LYS NA 107 67.57 2.63 28.45
CA LYS NA 107 68.88 2.38 27.89
C LYS NA 107 69.71 3.42 28.57
N ARG NA 108 70.81 2.97 29.13
CA ARG NA 108 71.71 3.86 29.80
C ARG NA 108 73.19 3.58 29.60
N THR NA 109 74.04 4.38 30.23
CA THR NA 109 75.48 4.18 30.12
C THR NA 109 75.95 2.97 30.92
N VAL NA 110 77.03 2.30 30.53
CA VAL NA 110 77.56 1.20 31.37
C VAL NA 110 78.03 1.68 32.76
N ALA NA 111 77.84 0.88 33.80
CA ALA NA 111 78.33 1.19 35.16
C ALA NA 111 78.73 -0.10 35.84
N ALA NA 112 79.98 -0.17 36.28
CA ALA NA 112 80.51 -1.41 36.80
C ALA NA 112 79.94 -1.65 38.20
N PRO NA 113 79.66 -2.92 38.55
CA PRO NA 113 79.12 -3.25 39.88
C PRO NA 113 80.17 -3.13 40.96
N SER NA 114 79.75 -2.79 42.16
CA SER NA 114 80.63 -2.98 43.30
C SER NA 114 80.31 -4.33 43.92
N VAL NA 115 81.34 -5.12 44.18
CA VAL NA 115 81.16 -6.49 44.63
C VAL NA 115 81.55 -6.71 46.08
N PHE NA 116 80.70 -7.43 46.79
CA PHE NA 116 80.90 -7.82 48.19
C PHE NA 116 80.59 -9.30 48.39
N ILE NA 117 81.33 -9.95 49.27
CA ILE NA 117 81.05 -11.34 49.62
C ILE NA 117 80.79 -11.43 51.13
N PHE NA 118 79.86 -12.31 51.52
CA PHE NA 118 79.53 -12.51 52.93
C PHE NA 118 79.63 -14.01 53.23
N PRO NA 119 80.37 -14.40 54.29
CA PRO NA 119 80.39 -15.79 54.78
C PRO NA 119 79.10 -16.15 55.50
N PRO NA 120 78.87 -17.46 55.73
CA PRO NA 120 77.72 -17.83 56.55
C PRO NA 120 77.90 -17.38 58.00
N SER NA 121 76.80 -17.01 58.62
CA SER NA 121 76.80 -16.57 60.01
C SER NA 121 76.97 -17.76 60.95
N ASP NA 122 77.28 -17.48 62.20
CA ASP NA 122 77.48 -18.54 63.18
C ASP NA 122 76.15 -19.19 63.57
N GLU NA 123 75.11 -18.38 63.63
CA GLU NA 123 73.77 -18.90 63.98
C GLU NA 123 73.33 -19.95 62.95
N GLN NA 124 73.66 -19.73 61.68
CA GLN NA 124 73.19 -20.60 60.62
C GLN NA 124 73.93 -21.93 60.56
N LEU NA 125 75.25 -21.88 60.70
CA LEU NA 125 76.08 -23.09 60.76
C LEU NA 125 75.62 -23.93 61.95
N LYS NA 126 75.33 -23.27 63.08
CA LYS NA 126 74.78 -23.95 64.26
C LYS NA 126 73.61 -24.89 63.93
N SER NA 127 72.95 -24.69 62.79
CA SER NA 127 71.76 -25.44 62.42
C SER NA 127 71.99 -26.32 61.18
N GLY NA 128 73.26 -26.53 60.80
CA GLY NA 128 73.59 -27.51 59.79
C GLY NA 128 73.56 -27.08 58.33
N THR NA 129 73.28 -25.81 58.03
CA THR NA 129 73.28 -25.35 56.64
C THR NA 129 74.17 -24.13 56.47
N ALA NA 130 74.85 -24.00 55.32
CA ALA NA 130 75.70 -22.84 55.04
C ALA NA 130 75.32 -22.11 53.76
N SER NA 131 74.97 -20.83 53.89
CA SER NA 131 74.65 -19.97 52.75
C SER NA 131 75.74 -18.89 52.63
N VAL NA 132 76.37 -18.85 51.46
CA VAL NA 132 77.40 -17.86 51.13
C VAL NA 132 76.82 -16.89 50.11
N VAL NA 133 76.92 -15.59 50.38
CA VAL NA 133 76.23 -14.60 49.54
C VAL NA 133 77.22 -13.68 48.82
N CYS NA 134 76.92 -13.39 47.56
CA CYS NA 134 77.70 -12.47 46.77
C CYS NA 134 76.74 -11.38 46.30
N LEU NA 135 77.12 -10.13 46.47
CA LEU NA 135 76.29 -8.99 46.11
C LEU NA 135 76.98 -8.17 45.03
N LEU NA 136 76.25 -7.90 43.94
CA LEU NA 136 76.69 -6.95 42.94
C LEU NA 136 75.76 -5.77 43.07
N ASN NA 137 76.30 -4.62 43.43
CA ASN NA 137 75.51 -3.45 43.73
C ASN NA 137 75.60 -2.42 42.61
N ASN NA 138 74.42 -1.92 42.25
CA ASN NA 138 74.26 -0.78 41.36
C ASN NA 138 75.09 -0.78 40.08
N PHE NA 139 74.68 -1.62 39.12
CA PHE NA 139 75.41 -1.76 37.87
C PHE NA 139 74.48 -1.78 36.65
N TYR NA 140 75.07 -1.61 35.47
CA TYR NA 140 74.33 -1.72 34.23
C TYR NA 140 75.34 -2.05 33.13
N PRO NA 141 74.98 -2.92 32.18
CA PRO NA 141 73.68 -3.56 32.00
C PRO NA 141 73.45 -4.73 32.93
N ARG NA 142 72.26 -5.26 32.81
CA ARG NA 142 71.78 -6.28 33.71
C ARG NA 142 72.59 -7.55 33.58
N GLU NA 143 73.03 -7.84 32.36
CA GLU NA 143 73.72 -9.08 32.12
C GLU NA 143 75.01 -9.08 32.92
N ALA NA 144 75.14 -10.09 33.79
CA ALA NA 144 76.37 -10.28 34.54
C ALA NA 144 76.55 -11.77 34.72
N LYS NA 145 77.80 -12.19 34.87
CA LYS NA 145 78.15 -13.57 35.14
C LYS NA 145 78.76 -13.66 36.52
N VAL NA 146 78.22 -14.52 37.35
CA VAL NA 146 78.73 -14.74 38.70
C VAL NA 146 79.13 -16.20 38.81
N GLN NA 147 80.39 -16.45 39.11
CA GLN NA 147 80.94 -17.80 39.16
C GLN NA 147 81.42 -18.06 40.56
N TRP NA 148 81.00 -19.17 41.16
CA TRP NA 148 81.50 -19.53 42.47
C TRP NA 148 82.69 -20.44 42.32
N LYS NA 149 83.68 -20.25 43.20
CA LYS NA 149 84.84 -21.11 43.28
C LYS NA 149 85.11 -21.42 44.74
N VAL NA 150 85.23 -22.70 45.04
CA VAL NA 150 85.56 -23.17 46.38
C VAL NA 150 86.92 -23.83 46.32
N ASP NA 151 87.90 -23.29 47.05
CA ASP NA 151 89.28 -23.70 46.93
C ASP NA 151 89.65 -23.74 45.45
N ASN NA 152 89.15 -22.77 44.68
CA ASN NA 152 89.53 -22.63 43.28
C ASN NA 152 88.82 -23.62 42.35
N ALA NA 153 87.86 -24.38 42.87
CA ALA NA 153 87.10 -25.32 42.07
C ALA NA 153 85.79 -24.70 41.62
N LEU NA 154 85.56 -24.71 40.31
CA LEU NA 154 84.41 -24.03 39.74
C LEU NA 154 83.12 -24.73 40.11
N GLN NA 155 82.28 -23.99 40.83
CA GLN NA 155 81.05 -24.54 41.36
C GLN NA 155 79.93 -24.43 40.33
N SER NA 156 78.97 -25.35 40.37
CA SER NA 156 77.77 -25.22 39.55
C SER NA 156 76.60 -26.04 40.08
N GLY NA 157 75.40 -25.52 39.88
CA GLY NA 157 74.18 -26.20 40.27
C GLY NA 157 73.74 -26.00 41.71
N ASN NA 158 74.60 -25.40 42.53
CA ASN NA 158 74.30 -25.13 43.93
C ASN NA 158 74.22 -23.64 44.26
N SER NA 159 73.87 -22.80 43.28
CA SER NA 159 73.68 -21.38 43.54
C SER NA 159 72.46 -20.82 42.83
N GLN NA 160 71.91 -19.74 43.37
CA GLN NA 160 70.77 -19.05 42.76
C GLN NA 160 70.92 -17.54 42.71
N GLU NA 161 70.50 -16.93 41.60
CA GLU NA 161 70.59 -15.47 41.47
C GLU NA 161 69.20 -14.87 41.61
N SER NA 162 69.17 -13.65 42.12
CA SER NA 162 67.99 -12.80 42.14
C SER NA 162 68.41 -11.41 41.72
N VAL NA 163 67.56 -10.72 40.96
CA VAL NA 163 67.92 -9.40 40.46
C VAL NA 163 66.87 -8.38 40.82
N THR NA 164 67.29 -7.21 41.29
CA THR NA 164 66.32 -6.16 41.59
C THR NA 164 65.77 -5.64 40.30
N GLU NA 165 64.63 -5.01 40.45
CA GLU NA 165 64.01 -4.29 39.39
C GLU NA 165 64.84 -3.07 39.02
N GLN NA 166 64.76 -2.62 37.78
CA GLN NA 166 65.50 -1.45 37.36
C GLN NA 166 65.11 -0.28 38.28
N ASP NA 167 66.12 0.38 38.84
CA ASP NA 167 65.97 1.48 39.80
C ASP NA 167 65.28 2.71 39.22
N SER NA 168 64.36 3.30 39.96
CA SER NA 168 63.58 4.43 39.46
C SER NA 168 64.38 5.71 39.35
N LYS NA 169 65.49 5.82 40.06
CA LYS NA 169 66.22 7.07 40.01
C LYS NA 169 67.38 7.02 39.03
N ASP NA 170 68.22 6.01 39.17
CA ASP NA 170 69.42 5.87 38.32
C ASP NA 170 69.43 4.70 37.32
N SER NA 171 68.32 3.94 37.24
CA SER NA 171 68.16 2.93 36.19
C SER NA 171 69.16 1.78 36.27
N THR NA 172 69.72 1.56 37.47
CA THR NA 172 70.62 0.44 37.66
C THR NA 172 69.93 -0.78 38.23
N TYR NA 173 70.67 -1.88 38.25
CA TYR NA 173 70.20 -3.12 38.83
C TYR NA 173 71.17 -3.47 39.95
N SER NA 174 70.73 -4.34 40.84
CA SER NA 174 71.61 -5.01 41.78
C SER NA 174 71.28 -6.49 41.71
N LEU NA 175 72.23 -7.34 42.08
CA LEU NA 175 72.06 -8.78 41.93
C LEU NA 175 72.67 -9.46 43.14
N SER NA 176 72.06 -10.55 43.59
CA SER NA 176 72.65 -11.38 44.63
C SER NA 176 72.72 -12.81 44.11
N SER NA 177 73.83 -13.48 44.41
CA SER NA 177 74.01 -14.89 44.11
C SER NA 177 74.24 -15.61 45.42
N THR NA 178 73.47 -16.66 45.68
CA THR NA 178 73.59 -17.40 46.92
C THR NA 178 74.04 -18.82 46.62
N LEU NA 179 75.21 -19.18 47.12
CA LEU NA 179 75.75 -20.51 46.98
C LEU NA 179 75.39 -21.28 48.25
N THR NA 180 74.65 -22.37 48.15
CA THR NA 180 74.24 -23.08 49.36
C THR NA 180 74.96 -24.43 49.37
N LEU NA 181 75.67 -24.66 50.46
CA LEU NA 181 76.35 -25.92 50.73
C LEU NA 181 76.41 -26.23 52.25
N SER NA 182 76.65 -27.50 52.59
CA SER NA 182 76.71 -27.90 54.02
C SER NA 182 77.75 -27.47 54.91
N LYS NA 183 77.32 -27.58 56.14
CA LYS NA 183 78.20 -27.33 57.15
C LYS NA 183 79.37 -28.35 56.93
N ALA NA 184 79.13 -29.63 56.57
CA ALA NA 184 80.30 -30.54 56.33
C ALA NA 184 81.28 -30.04 55.25
N ASP NA 185 80.94 -29.79 53.96
CA ASP NA 185 81.96 -29.23 53.01
C ASP NA 185 82.30 -27.86 53.36
N TYR NA 186 81.31 -27.08 53.77
CA TYR NA 186 81.67 -25.73 54.08
C TYR NA 186 82.86 -25.90 55.02
N GLU NA 187 82.84 -26.94 55.86
CA GLU NA 187 83.95 -27.15 56.78
C GLU NA 187 85.17 -27.86 56.10
N LYS NA 188 84.91 -28.68 55.05
CA LYS NA 188 85.95 -29.31 54.19
C LYS NA 188 86.90 -28.26 53.60
N HIS NA 189 86.34 -27.23 52.94
CA HIS NA 189 87.17 -26.32 52.14
C HIS NA 189 87.45 -25.03 52.90
N LYS NA 190 88.36 -24.24 52.35
CA LYS NA 190 88.87 -23.05 53.00
C LYS NA 190 88.57 -21.73 52.28
N VAL NA 191 88.85 -21.68 50.98
CA VAL NA 191 88.76 -20.45 50.21
C VAL NA 191 87.45 -20.36 49.43
N TYR NA 192 86.66 -19.32 49.70
CA TYR NA 192 85.40 -19.11 49.02
C TYR NA 192 85.49 -17.83 48.22
N ALA NA 193 85.21 -17.94 46.93
CA ALA NA 193 85.47 -16.84 46.02
C ALA NA 193 84.32 -16.66 45.04
N CYS NA 194 83.92 -15.41 44.85
CA CYS NA 194 82.93 -15.00 43.89
C CYS NA 194 83.67 -14.23 42.80
N GLU NA 195 83.64 -14.73 41.56
CA GLU NA 195 84.25 -14.07 40.42
C GLU NA 195 83.17 -13.48 39.50
N VAL NA 196 83.19 -12.16 39.34
CA VAL NA 196 82.18 -11.45 38.58
C VAL NA 196 82.74 -10.96 37.26
N THR NA 197 82.03 -11.25 36.17
CA THR NA 197 82.38 -10.75 34.84
C THR NA 197 81.23 -9.84 34.43
N HIS NA 198 81.57 -8.66 33.94
CA HIS NA 198 80.57 -7.66 33.63
C HIS NA 198 81.17 -6.66 32.68
N GLN NA 199 80.32 -6.12 31.83
CA GLN NA 199 80.74 -5.27 30.74
C GLN NA 199 81.51 -4.00 31.17
N GLY NA 200 81.29 -3.52 32.37
CA GLY NA 200 81.98 -2.33 32.86
C GLY NA 200 83.31 -2.67 33.54
N LEU NA 201 83.62 -3.98 33.64
CA LEU NA 201 84.87 -4.46 34.20
C LEU NA 201 85.70 -5.06 33.07
N SER NA 202 86.95 -4.68 32.97
CA SER NA 202 87.83 -5.18 31.90
C SER NA 202 88.18 -6.58 32.02
N SER NA 203 88.12 -7.02 33.26
CA SER NA 203 88.33 -8.36 33.53
C SER NA 203 87.61 -8.68 34.80
N PRO NA 204 87.32 -9.95 34.97
CA PRO NA 204 86.53 -10.42 36.09
C PRO NA 204 87.09 -9.93 37.43
N VAL NA 205 86.21 -9.51 38.34
CA VAL NA 205 86.60 -9.08 39.68
C VAL NA 205 86.33 -10.24 40.61
N THR NA 206 87.28 -10.54 41.48
CA THR NA 206 87.11 -11.61 42.45
C THR NA 206 87.12 -11.04 43.86
N LYS NA 207 86.12 -11.43 44.64
CA LYS NA 207 86.10 -11.17 46.08
C LYS NA 207 86.13 -12.51 46.78
N SER NA 208 86.94 -12.68 47.81
CA SER NA 208 86.95 -13.96 48.52
C SER NA 208 87.20 -13.82 50.02
N PHE NA 209 87.12 -14.95 50.70
CA PHE NA 209 87.49 -15.01 52.11
C PHE NA 209 87.99 -16.40 52.48
N ASN NA 210 88.70 -16.49 53.61
CA ASN NA 210 89.14 -17.78 54.14
C ASN NA 210 88.22 -18.14 55.31
N ARG NA 211 87.68 -19.36 55.29
CA ARG NA 211 86.74 -19.79 56.33
C ARG NA 211 87.29 -19.64 57.73
N GLY NA 212 86.53 -18.97 58.60
CA GLY NA 212 86.94 -18.76 59.98
C GLY NA 212 88.04 -17.73 60.18
N GLU NA 213 87.99 -16.65 59.41
CA GLU NA 213 88.97 -15.57 59.53
C GLU NA 213 88.26 -14.23 59.55
N VAL OA 2 47.04 43.77 30.94
CA VAL OA 2 46.90 43.85 29.49
C VAL OA 2 48.26 44.12 28.87
N GLN OA 3 48.47 43.56 27.68
CA GLN OA 3 49.70 43.78 26.91
C GLN OA 3 49.37 44.32 25.53
N LEU OA 4 50.22 45.17 24.99
CA LEU OA 4 49.96 45.77 23.69
C LEU OA 4 51.09 45.48 22.71
N GLN OA 5 50.76 45.35 21.43
CA GLN OA 5 51.80 45.20 20.41
C GLN OA 5 51.38 45.90 19.12
N GLU OA 6 52.12 46.95 18.74
CA GLU OA 6 51.82 47.72 17.54
C GLU OA 6 52.45 47.07 16.31
N SER OA 7 51.89 47.37 15.15
CA SER OA 7 52.45 46.97 13.86
C SER OA 7 51.97 47.91 12.76
N GLY OA 8 52.56 47.80 11.58
CA GLY OA 8 52.12 48.52 10.39
C GLY OA 8 53.04 49.65 9.95
N GLY OA 9 54.04 49.95 10.77
CA GLY OA 9 55.00 51.00 10.50
C GLY OA 9 55.86 50.60 9.30
N GLY OA 10 56.47 51.58 8.64
CA GLY OA 10 57.36 51.29 7.53
C GLY OA 10 57.80 52.57 6.82
N LEU OA 11 58.43 52.42 5.67
CA LEU OA 11 58.85 53.60 4.90
C LEU OA 11 57.75 53.93 3.90
N VAL OA 12 57.37 55.19 3.88
CA VAL OA 12 56.37 55.67 2.93
C VAL OA 12 56.74 57.04 2.39
N GLN OA 13 56.26 57.35 1.19
CA GLN OA 13 56.51 58.63 0.54
C GLN OA 13 55.71 59.74 1.23
N PRO OA 14 56.21 60.99 1.21
CA PRO OA 14 55.34 62.05 1.72
C PRO OA 14 54.06 62.10 0.88
N GLY OA 15 52.92 62.30 1.54
CA GLY OA 15 51.64 62.35 0.87
C GLY OA 15 50.86 61.04 0.90
N GLU OA 16 51.56 59.92 1.09
CA GLU OA 16 50.89 58.62 1.10
C GLU OA 16 50.17 58.36 2.42
N SER OA 17 49.49 57.21 2.48
CA SER OA 17 48.73 56.82 3.67
C SER OA 17 49.35 55.55 4.23
N LEU OA 18 48.98 55.23 5.47
CA LEU OA 18 49.51 54.06 6.15
C LEU OA 18 48.62 53.76 7.34
N ARG OA 19 48.38 52.48 7.61
N ARG OA 19 48.35 52.50 7.60
CA ARG OA 19 47.47 52.08 8.68
CA ARG OA 19 47.45 52.10 8.68
C ARG OA 19 48.21 51.29 9.75
C ARG OA 19 48.22 51.30 9.73
N LEU OA 20 48.26 51.83 10.95
CA LEU OA 20 48.88 51.15 12.08
C LEU OA 20 47.80 50.41 12.81
N SER OA 21 48.15 49.27 13.38
N SER OA 21 48.18 49.29 13.41
CA SER OA 21 47.22 48.53 14.23
CA SER OA 21 47.30 48.46 14.20
C SER OA 21 47.91 48.16 15.53
C SER OA 21 47.92 48.28 15.58
N CYS OA 22 47.12 47.87 16.55
CA CYS OA 22 47.63 47.57 17.88
C CYS OA 22 46.81 46.46 18.47
N VAL OA 23 47.46 45.37 18.88
CA VAL OA 23 46.70 44.24 19.39
C VAL OA 23 46.88 44.13 20.88
N GLY OA 24 45.73 44.02 21.57
CA GLY OA 24 45.71 43.82 23.00
C GLY OA 24 45.69 42.35 23.27
N SER OA 25 46.38 41.93 24.32
CA SER OA 25 46.33 40.55 24.79
C SER OA 25 46.35 40.58 26.31
N GLY OA 26 46.45 39.41 26.94
CA GLY OA 26 46.42 39.35 28.38
C GLY OA 26 45.13 39.86 28.96
N SER OA 27 45.19 40.18 30.24
CA SER OA 27 44.03 40.68 30.94
C SER OA 27 44.47 41.28 32.29
N SER OA 28 43.62 42.16 32.79
CA SER OA 28 43.82 42.86 34.05
C SER OA 28 42.74 42.40 35.02
N PHE OA 29 42.36 43.25 35.96
CA PHE OA 29 41.39 42.88 36.99
C PHE OA 29 40.07 42.43 36.41
N GLY OA 30 39.51 41.42 37.07
CA GLY OA 30 38.29 40.79 36.62
C GLY OA 30 38.49 40.22 35.24
N GLU OA 31 39.69 39.81 34.89
CA GLU OA 31 39.92 39.28 33.56
C GLU OA 31 39.55 40.29 32.44
N SER OA 32 39.66 41.59 32.74
CA SER OA 32 39.37 42.65 31.75
C SER OA 32 40.41 42.64 30.64
N THR OA 33 39.95 42.95 29.44
CA THR OA 33 40.82 43.04 28.28
C THR OA 33 40.83 44.46 27.75
N LEU OA 34 41.57 44.69 26.68
CA LEU OA 34 41.73 46.03 26.13
C LEU OA 34 40.42 46.75 25.85
N SER OA 35 39.41 45.99 25.46
CA SER OA 35 38.13 46.58 25.06
C SER OA 35 37.33 47.14 26.24
N TYR OA 36 37.84 46.99 27.46
CA TYR OA 36 37.24 47.61 28.63
C TYR OA 36 37.82 49.02 28.89
N TYR OA 37 38.87 49.41 28.16
CA TYR OA 37 39.63 50.62 28.48
C TYR OA 37 39.69 51.59 27.30
N ALA OA 38 39.81 52.88 27.62
CA ALA OA 38 40.16 53.88 26.64
C ALA OA 38 41.63 53.74 26.26
N VAL OA 39 41.96 54.14 25.03
CA VAL OA 39 43.31 53.95 24.50
C VAL OA 39 43.68 55.15 23.65
N SER OA 40 44.96 55.52 23.68
CA SER OA 40 45.49 56.62 22.88
C SER OA 40 46.63 56.19 21.98
N TRP OA 41 46.90 57.00 20.95
CA TRP OA 41 48.14 56.88 20.21
C TRP OA 41 49.04 58.06 20.61
N VAL OA 42 50.33 57.77 20.80
CA VAL OA 42 51.32 58.74 21.25
C VAL OA 42 52.54 58.46 20.42
N ARG OA 43 53.28 59.47 19.98
CA ARG OA 43 54.46 59.21 19.16
C ARG OA 43 55.68 59.92 19.70
N GLN OA 44 56.83 59.51 19.19
CA GLN OA 44 58.09 60.04 19.65
C GLN OA 44 58.99 60.17 18.43
N ALA OA 45 59.26 61.40 18.02
CA ALA OA 45 60.10 61.63 16.86
C ALA OA 45 61.51 61.27 17.26
N PRO OA 46 62.38 61.02 16.27
CA PRO OA 46 63.73 60.56 16.61
C PRO OA 46 64.47 61.55 17.53
N GLY OA 47 64.93 61.06 18.67
CA GLY OA 47 65.66 61.90 19.63
C GLY OA 47 64.85 62.91 20.42
N LYS OA 48 63.52 62.89 20.28
CA LYS OA 48 62.65 63.87 20.90
C LYS OA 48 61.80 63.23 22.00
N GLY OA 49 60.89 64.01 22.58
CA GLY OA 49 60.00 63.51 23.61
C GLY OA 49 58.72 62.89 23.09
N LEU OA 50 57.73 62.83 23.95
CA LEU OA 50 56.48 62.16 23.65
C LEU OA 50 55.39 63.16 23.28
N GLU OA 51 54.60 62.81 22.27
CA GLU OA 51 53.54 63.67 21.79
C GLU OA 51 52.25 62.89 21.70
N TRP OA 52 51.25 63.30 22.48
CA TRP OA 52 49.96 62.65 22.41
C TRP OA 52 49.29 63.01 21.09
N LEU OA 53 48.68 62.01 20.45
CA LEU OA 53 48.06 62.17 19.14
C LEU OA 53 46.54 62.07 19.17
N SER OA 54 46.01 61.05 19.85
CA SER OA 54 44.61 60.75 19.73
C SER OA 54 44.15 59.80 20.81
N ILE OA 55 42.88 59.89 21.17
CA ILE OA 55 42.27 59.03 22.19
C ILE OA 55 40.95 58.48 21.68
N ILE OA 56 40.58 57.29 22.13
CA ILE OA 56 39.29 56.71 21.81
C ILE OA 56 38.81 55.93 23.03
N ASN OA 57 37.54 56.07 23.37
CA ASN OA 57 36.98 55.44 24.55
C ASN OA 57 36.71 53.97 24.30
N ALA OA 58 36.49 53.19 25.35
CA ALA OA 58 36.32 51.75 25.23
C ALA OA 58 35.28 51.37 24.19
N GLY OA 59 34.15 52.07 24.17
CA GLY OA 59 33.07 51.75 23.25
C GLY OA 59 33.22 52.42 21.90
N GLY OA 60 34.30 53.14 21.68
CA GLY OA 60 34.59 53.73 20.39
C GLY OA 60 34.33 55.22 20.28
N GLY OA 61 33.78 55.84 21.32
CA GLY OA 61 33.41 57.24 21.28
C GLY OA 61 34.37 58.21 21.93
N ASP OA 62 33.94 59.46 22.06
CA ASP OA 62 34.70 60.48 22.75
C ASP OA 62 36.09 60.64 22.15
N ILE OA 63 36.17 60.52 20.83
CA ILE OA 63 37.43 60.63 20.10
C ILE OA 63 37.88 62.08 20.10
N ASP OA 64 39.19 62.28 20.24
CA ASP OA 64 39.81 63.59 20.07
C ASP OA 64 41.18 63.49 19.44
N TYR OA 65 41.64 64.58 18.85
CA TYR OA 65 42.91 64.59 18.16
C TYR OA 65 43.73 65.79 18.58
N ALA OA 66 45.04 65.63 18.59
CA ALA OA 66 45.95 66.74 18.72
C ALA OA 66 45.84 67.53 17.44
N ASP OA 67 46.03 68.84 17.53
CA ASP OA 67 45.91 69.69 16.36
C ASP OA 67 46.87 69.24 15.25
N SER OA 68 48.02 68.69 15.62
CA SER OA 68 49.02 68.36 14.61
C SER OA 68 48.60 67.26 13.63
N VAL OA 69 47.63 66.43 14.01
CA VAL OA 69 47.16 65.35 13.13
C VAL OA 69 45.66 65.37 12.84
N GLU OA 70 44.93 66.33 13.41
CA GLU OA 70 43.50 66.46 13.19
C GLU OA 70 43.19 66.68 11.71
N GLY OA 71 42.27 65.88 11.17
CA GLY OA 71 41.83 66.04 9.79
C GLY OA 71 42.59 65.15 8.83
N ARG OA 72 43.65 64.50 9.34
CA ARG OA 72 44.47 63.59 8.55
C ARG OA 72 44.44 62.17 9.12
N PHE OA 73 44.48 62.05 10.45
CA PHE OA 73 44.55 60.75 11.07
C PHE OA 73 43.16 60.42 11.62
N THR OA 74 42.81 59.13 11.64
CA THR OA 74 41.55 58.66 12.15
C THR OA 74 41.75 57.47 13.06
N ILE OA 75 41.29 57.59 14.29
CA ILE OA 75 41.40 56.50 15.25
C ILE OA 75 40.11 55.70 15.28
N SER OA 76 40.25 54.38 15.40
CA SER OA 76 39.09 53.50 15.52
C SER OA 76 39.50 52.23 16.23
N ARG OA 77 38.54 51.36 16.52
CA ARG OA 77 38.88 50.11 17.16
C ARG OA 77 37.88 49.01 16.82
N ASP OA 78 38.37 47.78 16.79
CA ASP OA 78 37.54 46.61 16.61
C ASP OA 78 37.68 45.77 17.87
N ASN OA 79 36.69 45.89 18.75
CA ASN OA 79 36.78 45.24 20.05
C ASN OA 79 36.62 43.73 19.97
N SER OA 80 35.97 43.23 18.91
CA SER OA 80 35.85 41.80 18.73
C SER OA 80 37.23 41.17 18.47
N LYS OA 81 38.17 41.96 17.96
CA LYS OA 81 39.54 41.52 17.74
C LYS OA 81 40.50 42.10 18.78
N GLU OA 82 39.97 42.85 19.76
CA GLU OA 82 40.77 43.57 20.74
C GLU OA 82 41.89 44.37 20.05
N THR OA 83 41.55 45.02 18.95
CA THR OA 83 42.53 45.72 18.11
C THR OA 83 42.18 47.19 17.95
N LEU OA 84 43.18 48.05 18.01
CA LEU OA 84 43.04 49.47 17.73
C LEU OA 84 43.71 49.81 16.44
N TYR OA 85 43.21 50.85 15.78
CA TYR OA 85 43.74 51.26 14.50
C TYR OA 85 43.98 52.76 14.52
N LEU OA 86 45.03 53.17 13.80
CA LEU OA 86 45.26 54.56 13.49
C LEU OA 86 45.48 54.65 11.98
N GLN OA 87 44.53 55.20 11.26
CA GLN OA 87 44.65 55.41 9.82
C GLN OA 87 45.23 56.79 9.57
N MET OA 88 46.43 56.81 9.02
CA MET OA 88 47.12 58.05 8.71
C MET OA 88 47.03 58.32 7.21
N THR OA 89 46.74 59.57 6.84
CA THR OA 89 46.75 59.98 5.44
C THR OA 89 47.57 61.24 5.28
N ASN OA 90 47.92 61.56 4.04
N ASN OA 90 47.91 61.58 4.03
CA ASN OA 90 48.66 62.77 3.70
CA ASN OA 90 48.65 62.79 3.72
C ASN OA 90 49.86 62.95 4.62
C ASN OA 90 49.86 62.96 4.64
N LEU OA 91 50.63 61.89 4.79
CA LEU OA 91 51.77 61.89 5.70
C LEU OA 91 52.83 62.91 5.27
N ARG OA 92 53.54 63.48 6.24
CA ARG OA 92 54.63 64.41 5.96
C ARG OA 92 55.92 63.95 6.64
N VAL OA 93 57.03 64.56 6.26
CA VAL OA 93 58.34 64.20 6.79
C VAL OA 93 58.35 64.27 8.33
N GLU OA 94 57.64 65.23 8.90
CA GLU OA 94 57.67 65.42 10.36
C GLU OA 94 56.76 64.46 11.13
N ASP OA 95 56.05 63.58 10.42
CA ASP OA 95 55.29 62.53 11.08
C ASP OA 95 56.20 61.35 11.42
N THR OA 96 57.46 61.43 11.01
CA THR OA 96 58.45 60.38 11.27
C THR OA 96 58.66 60.21 12.77
N GLY OA 97 58.70 58.96 13.22
CA GLY OA 97 58.98 58.65 14.61
C GLY OA 97 58.45 57.29 15.00
N VAL OA 98 58.60 56.93 16.27
CA VAL OA 98 58.05 55.70 16.81
C VAL OA 98 56.62 55.97 17.32
N TYR OA 99 55.67 55.14 16.91
CA TYR OA 99 54.28 55.26 17.31
C TYR OA 99 53.90 54.16 18.31
N TYR OA 100 53.37 54.60 19.45
CA TYR OA 100 52.92 53.73 20.53
C TYR OA 100 51.42 53.81 20.67
N CYS OA 101 50.76 52.70 20.94
CA CYS OA 101 49.43 52.75 21.50
C CYS OA 101 49.54 52.52 23.02
N ALA OA 102 48.73 53.22 23.79
CA ALA OA 102 48.89 53.30 25.24
C ALA OA 102 47.53 53.29 25.94
N LYS OA 103 47.33 52.34 26.83
CA LYS OA 103 46.04 52.18 27.51
C LYS OA 103 45.87 53.08 28.73
N HIS OA 104 44.70 53.72 28.87
CA HIS OA 104 44.40 54.52 30.06
C HIS OA 104 43.92 53.54 31.14
N MET OA 105 44.24 53.82 32.40
CA MET OA 105 44.00 52.83 33.45
C MET OA 105 42.56 52.65 33.91
N SER OA 106 41.73 53.71 33.89
CA SER OA 106 40.40 53.57 34.46
C SER OA 106 39.55 52.74 33.53
N MET OA 107 38.87 51.75 34.10
CA MET OA 107 37.94 50.95 33.34
C MET OA 107 36.77 51.79 32.85
N GLN OA 108 36.48 51.68 31.57
CA GLN OA 108 35.46 52.54 30.94
C GLN OA 108 34.16 51.83 30.57
N GLN OA 109 34.21 50.52 30.36
CA GLN OA 109 33.01 49.73 30.11
C GLN OA 109 33.14 48.27 30.47
N VAL OA 110 32.02 47.65 30.83
CA VAL OA 110 31.97 46.22 31.04
C VAL OA 110 30.77 45.75 30.21
N VAL OA 111 31.03 45.19 29.03
CA VAL OA 111 29.95 44.82 28.11
C VAL OA 111 29.05 43.78 28.71
N SER OA 112 29.63 42.82 29.43
CA SER OA 112 28.82 41.76 29.97
C SER OA 112 27.88 42.36 31.00
N ALA OA 113 28.20 43.57 31.45
CA ALA OA 113 27.37 44.29 32.36
C ALA OA 113 26.64 45.50 31.89
N GLY OA 114 26.76 45.80 30.62
CA GLY OA 114 26.17 47.04 30.16
C GLY OA 114 26.58 48.25 30.90
N TRP OA 115 27.75 48.23 31.52
CA TRP OA 115 28.13 49.40 32.24
C TRP OA 115 29.09 50.13 31.37
N GLU OA 116 28.90 51.44 31.39
CA GLU OA 116 29.79 52.33 30.71
C GLU OA 116 29.97 53.52 31.61
N ARG OA 117 31.22 53.81 31.94
CA ARG OA 117 31.51 54.97 32.74
C ARG OA 117 30.94 56.19 32.03
N ALA OA 118 30.34 57.08 32.81
CA ALA OA 118 29.70 58.28 32.29
C ALA OA 118 30.67 59.21 31.58
N ASP OA 119 31.91 59.26 32.08
CA ASP OA 119 32.90 60.20 31.56
C ASP OA 119 34.14 59.45 31.10
N LEU OA 120 34.84 60.04 30.14
CA LEU OA 120 36.12 59.52 29.69
C LEU OA 120 37.20 60.09 30.59
N VAL OA 121 37.79 59.24 31.42
CA VAL OA 121 38.77 59.69 32.40
C VAL OA 121 40.08 60.18 31.80
N GLY OA 122 40.69 59.36 30.94
CA GLY OA 122 41.94 59.71 30.28
C GLY OA 122 43.10 59.88 31.26
N ASP OA 123 43.11 59.05 32.30
CA ASP OA 123 44.17 59.05 33.32
C ASP OA 123 45.42 58.30 32.83
N ALA OA 124 46.31 57.89 33.74
CA ALA OA 124 47.68 57.52 33.40
C ALA OA 124 47.78 56.35 32.43
N PHE OA 125 48.82 56.37 31.60
CA PHE OA 125 49.06 55.30 30.63
C PHE OA 125 49.82 54.15 31.31
N ASP OA 126 49.09 53.15 31.79
CA ASP OA 126 49.69 52.07 32.57
C ASP OA 126 50.31 50.95 31.74
N VAL OA 127 49.94 50.86 30.47
CA VAL OA 127 50.54 49.91 29.55
C VAL OA 127 50.83 50.56 28.22
N TRP OA 128 52.06 50.39 27.77
CA TRP OA 128 52.50 50.87 26.47
C TRP OA 128 52.93 49.66 25.69
N GLY OA 129 52.78 49.73 24.36
CA GLY OA 129 53.37 48.75 23.49
C GLY OA 129 54.85 49.04 23.36
N GLN OA 130 55.52 48.25 22.52
CA GLN OA 130 56.95 48.43 22.30
C GLN OA 130 57.17 49.49 21.24
N GLY OA 131 56.11 49.88 20.54
CA GLY OA 131 56.16 50.94 19.54
C GLY OA 131 56.43 50.35 18.16
N THR OA 132 56.01 51.07 17.12
CA THR OA 132 56.27 50.69 15.75
C THR OA 132 56.81 51.88 14.95
N MET OA 133 57.88 51.70 14.17
CA MET OA 133 58.55 52.83 13.52
C MET OA 133 57.94 53.24 12.19
N VAL OA 134 57.66 54.54 12.05
CA VAL OA 134 57.19 55.12 10.80
C VAL OA 134 58.22 56.12 10.31
N THR OA 135 58.71 55.91 9.09
CA THR OA 135 59.61 56.85 8.42
C THR OA 135 58.97 57.40 7.15
N VAL OA 136 58.88 58.73 7.05
CA VAL OA 136 58.30 59.35 5.86
C VAL OA 136 59.47 60.03 5.11
N SER OA 137 59.85 59.45 3.97
CA SER OA 137 61.00 59.87 3.14
C SER OA 137 60.78 59.47 1.67
N SER OA 138 61.38 60.23 0.75
CA SER OA 138 61.31 59.93 -0.69
C SER OA 138 62.11 58.73 -1.22
N ALA OA 139 63.17 58.32 -0.53
CA ALA OA 139 64.06 57.27 -1.05
C ALA OA 139 63.32 55.93 -0.96
N SER OA 140 63.64 55.01 -1.87
CA SER OA 140 63.00 53.69 -1.91
C SER OA 140 63.75 52.81 -0.93
N THR OA 141 63.07 51.78 -0.42
CA THR OA 141 63.69 50.87 0.54
C THR OA 141 64.88 50.09 -0.02
N LYS OA 142 65.89 49.91 0.84
CA LYS OA 142 66.99 49.01 0.57
C LYS OA 142 67.29 48.15 1.79
N GLY OA 143 67.39 46.85 1.57
CA GLY OA 143 67.65 45.92 2.64
C GLY OA 143 69.12 45.81 3.00
N PRO OA 144 69.42 45.40 4.24
CA PRO OA 144 70.81 45.39 4.71
C PRO OA 144 71.61 44.21 4.15
N SER OA 145 72.91 44.43 3.95
CA SER OA 145 73.86 43.35 3.77
C SER OA 145 74.40 43.01 5.15
N VAL OA 146 74.55 41.73 5.45
CA VAL OA 146 75.02 41.30 6.77
C VAL OA 146 76.35 40.56 6.63
N PHE OA 147 77.38 41.10 7.28
CA PHE OA 147 78.72 40.53 7.25
C PHE OA 147 79.20 40.10 8.63
N PRO OA 148 79.93 38.98 8.72
CA PRO OA 148 80.38 38.63 10.07
C PRO OA 148 81.55 39.49 10.55
N LEU OA 149 81.57 39.80 11.83
CA LEU OA 149 82.71 40.39 12.50
C LEU OA 149 83.32 39.24 13.29
N ALA OA 150 84.42 38.71 12.77
CA ALA OA 150 84.93 37.41 13.19
C ALA OA 150 85.99 37.52 14.30
N PRO OA 151 85.83 36.74 15.39
CA PRO OA 151 86.86 36.71 16.43
C PRO OA 151 88.13 36.06 15.87
N SER OA 152 89.28 36.53 16.32
CA SER OA 152 90.58 36.05 15.82
C SER OA 152 91.50 35.74 16.99
N SER OA 153 92.54 34.94 16.74
CA SER OA 153 93.53 34.66 17.77
C SER OA 153 94.23 35.98 18.12
N LYS OA 154 94.49 36.18 19.42
CA LYS OA 154 95.12 37.40 19.97
C LYS OA 154 94.08 38.50 20.22
N SER OA 155 92.81 38.24 19.89
CA SER OA 155 91.76 39.22 20.09
C SER OA 155 91.31 39.28 21.56
N THR OA 156 91.77 38.34 22.37
CA THR OA 156 91.40 38.30 23.78
C THR OA 156 91.82 39.60 24.47
N SER OA 157 90.90 40.20 25.21
CA SER OA 157 91.18 41.41 25.96
C SER OA 157 90.31 41.37 27.22
N GLY OA 158 90.87 41.67 28.39
CA GLY OA 158 90.28 41.22 29.62
C GLY OA 158 90.45 39.71 29.61
N GLY OA 159 89.44 38.98 30.09
CA GLY OA 159 89.44 37.53 29.95
C GLY OA 159 88.44 37.06 28.89
N THR OA 160 88.03 37.96 28.01
CA THR OA 160 86.92 37.71 27.09
C THR OA 160 87.28 37.85 25.61
N ALA OA 161 86.44 37.27 24.73
CA ALA OA 161 86.54 37.44 23.28
C ALA OA 161 85.30 38.18 22.79
N ALA OA 162 85.39 38.84 21.64
CA ALA OA 162 84.25 39.55 21.03
C ALA OA 162 83.98 39.09 19.60
N LEU OA 163 82.69 39.02 19.24
CA LEU OA 163 82.27 38.72 17.86
C LEU OA 163 81.01 39.48 17.53
N GLY OA 164 80.63 39.55 16.26
CA GLY OA 164 79.51 40.39 15.88
C GLY OA 164 78.99 40.30 14.45
N CYS OA 165 78.08 41.19 14.10
CA CYS OA 165 77.55 41.30 12.75
C CYS OA 165 77.56 42.77 12.36
N LEU OA 166 78.03 43.06 11.14
CA LEU OA 166 77.95 44.39 10.59
C LEU OA 166 76.75 44.43 9.66
N VAL OA 167 75.77 45.22 10.05
CA VAL OA 167 74.54 45.37 9.27
C VAL OA 167 74.64 46.69 8.51
N LYS OA 168 74.92 46.59 7.21
CA LYS OA 168 75.37 47.73 6.41
C LYS OA 168 74.44 48.09 5.26
N ASP OA 169 74.32 49.39 5.00
CA ASP OA 169 73.68 49.92 3.78
C ASP OA 169 72.21 49.58 3.70
N TYR OA 170 71.42 50.03 4.65
CA TYR OA 170 69.99 49.78 4.60
C TYR OA 170 69.24 51.07 4.80
N PHE OA 171 67.97 51.07 4.39
CA PHE OA 171 67.10 52.21 4.60
C PHE OA 171 65.66 51.72 4.54
N PRO OA 172 64.78 52.24 5.41
CA PRO OA 172 65.01 53.20 6.49
C PRO OA 172 65.29 52.43 7.77
N GLU OA 173 65.29 53.17 8.86
CA GLU OA 173 65.30 52.56 10.17
C GLU OA 173 63.93 51.90 10.40
N PRO OA 174 63.85 50.85 11.24
CA PRO OA 174 64.94 50.29 12.02
C PRO OA 174 65.23 48.85 11.63
N VAL OA 175 66.33 48.30 12.13
CA VAL OA 175 66.61 46.87 12.02
C VAL OA 175 66.64 46.33 13.43
N THR OA 176 66.15 45.12 13.64
CA THR OA 176 66.31 44.46 14.94
C THR OA 176 67.36 43.37 14.79
N VAL OA 177 68.16 43.17 15.83
CA VAL OA 177 69.16 42.11 15.83
C VAL OA 177 69.00 41.30 17.11
N SER OA 178 68.97 39.98 16.94
CA SER OA 178 69.01 39.05 18.05
C SER OA 178 70.14 38.05 17.82
N TRP OA 179 70.45 37.25 18.82
CA TRP OA 179 71.54 36.28 18.70
C TRP OA 179 71.03 34.89 19.07
N ASN OA 180 71.34 33.92 18.21
CA ASN OA 180 70.87 32.55 18.37
C ASN OA 180 69.38 32.49 18.64
N SER OA 181 68.62 33.25 17.85
CA SER OA 181 67.16 33.22 17.90
C SER OA 181 66.64 33.69 19.26
N GLY OA 182 67.47 34.45 19.99
CA GLY OA 182 67.11 34.99 21.29
C GLY OA 182 67.61 34.15 22.45
N ALA OA 183 68.27 33.04 22.17
CA ALA OA 183 68.85 32.20 23.22
C ALA OA 183 70.08 32.86 23.85
N LEU OA 184 70.74 33.76 23.12
CA LEU OA 184 71.93 34.45 23.61
C LEU OA 184 71.63 35.93 23.78
N THR OA 185 71.67 36.37 25.04
CA THR OA 185 71.37 37.75 25.41
C THR OA 185 72.43 38.45 26.27
N SER OA 186 72.93 37.78 27.30
N SER OA 186 73.09 37.71 27.15
CA SER OA 186 74.02 38.34 28.11
CA SER OA 186 74.11 38.28 28.02
C SER OA 186 75.21 38.84 27.28
C SER OA 186 75.27 38.83 27.24
N GLY OA 187 75.62 40.08 27.53
CA GLY OA 187 76.78 40.70 26.95
C GLY OA 187 76.59 41.16 25.52
N VAL OA 188 75.34 41.33 25.09
CA VAL OA 188 75.04 41.80 23.74
C VAL OA 188 74.87 43.31 23.73
N HIS OA 189 75.51 43.97 22.76
CA HIS OA 189 75.30 45.38 22.48
C HIS OA 189 74.94 45.58 21.03
N THR OA 190 73.80 46.19 20.76
CA THR OA 190 73.47 46.57 19.39
C THR OA 190 73.54 48.09 19.33
N PHE OA 191 74.49 48.58 18.55
CA PHE OA 191 74.77 50.00 18.50
C PHE OA 191 73.70 50.79 17.74
N PRO OA 192 73.48 52.05 18.13
CA PRO OA 192 72.62 52.93 17.32
C PRO OA 192 73.14 53.03 15.89
N ALA OA 193 72.23 53.05 14.92
CA ALA OA 193 72.61 53.19 13.52
C ALA OA 193 73.25 54.55 13.28
N VAL OA 194 74.19 54.58 12.34
CA VAL OA 194 74.80 55.83 11.89
C VAL OA 194 74.44 56.02 10.44
N LEU OA 195 74.05 57.25 10.08
CA LEU OA 195 73.78 57.58 8.70
C LEU OA 195 75.09 57.84 7.96
N GLN OA 196 75.31 57.14 6.86
CA GLN OA 196 76.52 57.30 6.07
C GLN OA 196 76.34 58.36 4.99
N SER OA 197 77.43 58.76 4.36
CA SER OA 197 77.39 59.76 3.30
C SER OA 197 76.53 59.28 2.14
N SER OA 198 76.51 57.97 1.91
CA SER OA 198 75.68 57.37 0.87
C SER OA 198 74.18 57.60 1.09
N GLY OA 199 73.77 58.02 2.29
CA GLY OA 199 72.37 58.17 2.62
C GLY OA 199 71.75 56.91 3.20
N LEU OA 200 72.57 55.87 3.37
CA LEU OA 200 72.11 54.61 3.95
C LEU OA 200 72.62 54.45 5.37
N TYR OA 201 71.88 53.69 6.16
CA TYR OA 201 72.25 53.43 7.54
C TYR OA 201 73.17 52.24 7.67
N SER OA 202 73.93 52.25 8.74
CA SER OA 202 74.84 51.18 9.09
C SER OA 202 74.81 51.06 10.60
N LEU OA 203 74.95 49.83 11.07
CA LEU OA 203 74.85 49.51 12.48
C LEU OA 203 75.70 48.27 12.69
N SER OA 204 76.23 48.12 13.90
CA SER OA 204 76.96 46.92 14.29
C SER OA 204 76.30 46.34 15.54
N SER OA 205 76.31 45.01 15.64
CA SER OA 205 75.92 44.32 16.86
C SER OA 205 77.09 43.42 17.29
N VAL OA 206 77.45 43.46 18.57
CA VAL OA 206 78.55 42.66 19.08
C VAL OA 206 78.15 41.94 20.35
N VAL OA 207 78.85 40.87 20.70
CA VAL OA 207 78.61 40.15 21.93
C VAL OA 207 79.94 39.70 22.50
N THR OA 208 80.12 39.74 23.83
CA THR OA 208 81.37 39.26 24.39
C THR OA 208 81.01 37.95 25.03
N VAL OA 209 81.76 36.96 24.61
CA VAL OA 209 81.63 35.59 25.01
C VAL OA 209 82.97 34.95 25.47
N PRO OA 210 82.97 34.11 26.54
CA PRO OA 210 84.22 33.46 27.03
C PRO OA 210 84.94 32.89 25.83
N SER OA 211 86.26 32.85 25.69
CA SER OA 211 86.81 32.30 24.46
C SER OA 211 86.50 30.79 24.31
N SER OA 212 86.54 30.14 25.45
CA SER OA 212 86.30 28.70 25.51
C SER OA 212 84.92 28.24 25.04
N SER OA 213 83.88 28.81 25.63
CA SER OA 213 82.53 28.45 25.26
C SER OA 213 82.30 28.69 23.76
N LEU OA 214 83.15 29.52 23.13
CA LEU OA 214 82.99 29.85 21.70
C LEU OA 214 83.48 28.76 20.83
N GLY OA 215 84.66 28.29 21.19
CA GLY OA 215 85.13 27.12 20.46
C GLY OA 215 84.05 26.06 20.55
N THR OA 216 83.48 25.86 21.74
CA THR OA 216 82.45 24.81 21.89
C THR OA 216 81.09 25.15 21.29
N GLN OA 217 80.75 26.43 21.11
CA GLN OA 217 79.41 26.79 20.64
C GLN OA 217 79.28 27.72 19.41
N THR OA 218 78.07 27.58 18.87
CA THR OA 218 77.56 28.15 17.61
C THR OA 218 76.86 29.52 17.71
N TYR OA 219 77.43 30.59 17.15
CA TYR OA 219 76.80 31.90 17.28
C TYR OA 219 76.41 32.47 15.91
N ILE OA 220 75.12 32.79 15.84
CA ILE OA 220 74.38 33.28 14.67
C ILE OA 220 73.59 34.53 15.00
N CYS OA 221 73.68 35.56 14.16
CA CYS OA 221 72.85 36.76 14.37
C CYS OA 221 71.68 36.82 13.39
N ASN OA 222 70.50 37.12 13.94
CA ASN OA 222 69.27 37.19 13.17
C ASN OA 222 68.91 38.65 13.01
N VAL OA 223 68.97 39.11 11.77
CA VAL OA 223 68.74 40.49 11.41
C VAL OA 223 67.40 40.60 10.70
N ASN OA 224 66.58 41.53 11.15
CA ASN OA 224 65.29 41.78 10.55
C ASN OA 224 65.13 43.22 10.16
N HIS OA 225 64.76 43.45 8.90
CA HIS OA 225 64.46 44.79 8.42
C HIS OA 225 63.12 44.68 7.71
N LYS OA 226 62.06 45.02 8.44
CA LYS OA 226 60.69 44.85 7.95
C LYS OA 226 60.34 45.61 6.69
N PRO OA 227 60.82 46.85 6.56
CA PRO OA 227 60.45 47.62 5.37
C PRO OA 227 60.88 46.96 4.05
N SER OA 228 61.92 46.14 4.12
CA SER OA 228 62.41 45.41 2.94
C SER OA 228 62.12 43.92 3.00
N ASN OA 229 61.32 43.48 3.97
CA ASN OA 229 60.98 42.07 4.15
C ASN OA 229 62.24 41.23 4.31
N THR OA 230 63.30 41.82 4.87
CA THR OA 230 64.55 41.10 5.06
C THR OA 230 64.54 40.31 6.36
N LYS OA 231 64.85 39.03 6.26
CA LYS OA 231 65.08 38.20 7.44
C LYS OA 231 66.29 37.35 7.10
N VAL OA 232 67.43 37.69 7.69
CA VAL OA 232 68.70 37.04 7.39
C VAL OA 232 69.21 36.38 8.65
N ASP OA 233 69.75 35.18 8.51
CA ASP OA 233 70.47 34.54 9.60
C ASP OA 233 71.90 34.33 9.13
N LYS OA 234 72.84 34.96 9.82
CA LYS OA 234 74.25 34.87 9.45
C LYS OA 234 75.09 34.22 10.55
N ARG OA 235 75.74 33.12 10.19
CA ARG OA 235 76.62 32.40 11.10
C ARG OA 235 77.94 33.16 11.21
N VAL OA 236 78.45 33.26 12.43
CA VAL OA 236 79.69 34.00 12.69
C VAL OA 236 80.71 33.03 13.24
N GLU OA 237 81.81 32.87 12.51
CA GLU OA 237 82.83 31.89 12.85
C GLU OA 237 84.22 32.54 12.78
N PRO OA 238 85.19 31.98 13.54
CA PRO OA 238 86.57 32.50 13.50
C PRO OA 238 87.21 32.42 12.12
N LYS OA 239 88.06 33.40 11.83
CA LYS OA 239 88.78 33.44 10.56
C LYS OA 239 89.83 32.32 10.48
N ASP PA 1 47.12 74.80 25.07
CA ASP PA 1 47.91 73.61 25.52
C ASP PA 1 48.73 73.91 26.77
N ILE PA 2 48.66 72.98 27.73
CA ILE PA 2 49.44 73.10 28.96
C ILE PA 2 50.87 72.65 28.73
N GLN PA 3 51.82 73.49 29.13
CA GLN PA 3 53.24 73.20 28.99
C GLN PA 3 53.79 72.68 30.31
N LEU PA 4 54.51 71.56 30.27
CA LEU PA 4 55.22 71.03 31.43
C LEU PA 4 56.72 71.23 31.22
N THR PA 5 57.38 71.86 32.19
CA THR PA 5 58.80 72.14 32.11
C THR PA 5 59.49 71.31 33.17
N GLN PA 6 60.40 70.45 32.74
CA GLN PA 6 61.11 69.59 33.66
C GLN PA 6 62.50 70.08 33.87
N SER PA 7 62.95 70.08 35.12
CA SER PA 7 64.33 70.43 35.38
C SER PA 7 64.96 69.50 36.43
N PRO PA 8 66.29 69.31 36.33
CA PRO PA 8 67.12 69.81 35.23
C PRO PA 8 67.02 68.94 33.98
N SER PA 9 67.63 69.36 32.87
CA SER PA 9 67.58 68.58 31.63
C SER PA 9 68.30 67.25 31.78
N SER PA 10 69.38 67.27 32.55
CA SER PA 10 70.21 66.11 32.77
C SER PA 10 70.69 66.24 34.19
N LEU PA 11 70.70 65.12 34.91
CA LEU PA 11 71.15 65.12 36.29
C LEU PA 11 72.06 63.95 36.55
N SER PA 12 73.21 64.23 37.16
CA SER PA 12 74.18 63.21 37.47
C SER PA 12 74.15 62.96 38.98
N ALA PA 13 74.14 61.68 39.36
CA ALA PA 13 74.14 61.36 40.78
C ALA PA 13 74.75 59.98 40.99
N SER PA 14 75.23 59.75 42.21
CA SER PA 14 75.89 58.51 42.57
C SER PA 14 74.88 57.49 43.08
N VAL PA 15 75.18 56.21 42.87
CA VAL PA 15 74.37 55.13 43.41
C VAL PA 15 74.21 55.34 44.92
N GLY PA 16 72.96 55.30 45.37
CA GLY PA 16 72.61 55.49 46.76
C GLY PA 16 72.11 56.89 47.06
N ASP PA 17 72.32 57.84 46.14
CA ASP PA 17 71.88 59.20 46.35
C ASP PA 17 70.38 59.34 46.28
N ARG PA 18 69.85 60.25 47.10
N ARG PA 18 69.86 60.27 47.07
CA ARG PA 18 68.46 60.66 47.01
CA ARG PA 18 68.45 60.66 47.01
C ARG PA 18 68.36 61.69 45.89
C ARG PA 18 68.31 61.72 45.92
N VAL PA 19 67.50 61.43 44.92
CA VAL PA 19 67.41 62.24 43.71
C VAL PA 19 66.03 62.88 43.55
N THR PA 20 66.01 64.16 43.19
CA THR PA 20 64.75 64.88 43.02
C THR PA 20 64.66 65.49 41.61
N LEU PA 21 63.58 65.11 40.91
CA LEU PA 21 63.28 65.60 39.58
C LEU PA 21 62.07 66.50 39.73
N THR PA 22 62.05 67.61 39.03
CA THR PA 22 60.97 68.58 39.19
C THR PA 22 60.19 68.80 37.90
N CYS PA 23 58.90 69.10 38.04
CA CYS PA 23 58.01 69.37 36.93
C CYS PA 23 57.21 70.61 37.30
N GLN PA 24 57.19 71.59 36.39
CA GLN PA 24 56.42 72.81 36.55
C GLN PA 24 55.37 72.95 35.45
N ALA PA 25 54.10 73.13 35.80
CA ALA PA 25 53.06 73.30 34.80
C ALA PA 25 52.78 74.77 34.57
N SER PA 26 52.43 75.12 33.34
CA SER PA 26 52.22 76.52 33.00
C SER PA 26 50.88 76.99 33.57
N GLN PA 27 50.06 76.05 34.05
CA GLN PA 27 48.81 76.40 34.70
C GLN PA 27 48.44 75.32 35.72
N ASP PA 28 47.55 75.66 36.63
CA ASP PA 28 47.16 74.75 37.70
C ASP PA 28 46.45 73.52 37.15
N ILE PA 29 47.07 72.36 37.34
CA ILE PA 29 46.52 71.06 36.91
C ILE PA 29 46.08 70.19 38.09
N ARG PA 30 45.93 70.81 39.26
CA ARG PA 30 45.53 70.11 40.48
C ARG PA 30 46.48 68.94 40.67
N LYS PA 31 45.99 67.71 40.76
CA LYS PA 31 46.84 66.54 40.90
C LYS PA 31 46.79 65.65 39.67
N PHE PA 32 46.32 66.17 38.53
CA PHE PA 32 46.23 65.32 37.36
C PHE PA 32 47.59 65.25 36.67
N LEU PA 33 48.53 64.55 37.30
CA LEU PA 33 49.91 64.48 36.80
C LEU PA 33 50.49 63.08 36.95
N ASN PA 34 51.12 62.53 35.92
CA ASN PA 34 51.67 61.20 35.96
C ASN PA 34 53.16 61.25 35.62
N TRP PA 35 53.95 60.29 36.11
CA TRP PA 35 55.39 60.19 35.83
C TRP PA 35 55.66 58.85 35.16
N TYR PA 36 56.49 58.87 34.11
CA TYR PA 36 56.90 57.67 33.38
C TYR PA 36 58.41 57.58 33.34
N GLN PA 37 58.93 56.36 33.20
CA GLN PA 37 60.35 56.11 32.93
C GLN PA 37 60.44 55.45 31.56
N GLN PA 38 61.40 55.90 30.76
CA GLN PA 38 61.66 55.30 29.46
C GLN PA 38 63.14 55.02 29.34
N LYS PA 39 63.45 53.75 29.13
CA LYS PA 39 64.80 53.33 28.87
C LYS PA 39 65.02 53.33 27.37
N PRO PA 40 66.24 53.62 26.92
CA PRO PA 40 66.50 53.78 25.48
C PRO PA 40 66.05 52.61 24.63
N GLY PA 41 65.34 52.91 23.54
CA GLY PA 41 64.86 51.90 22.62
C GLY PA 41 63.68 51.09 23.15
N LYS PA 42 63.13 51.51 24.29
CA LYS PA 42 62.00 50.83 24.91
C LYS PA 42 60.81 51.76 25.05
N GLY PA 43 59.62 51.19 25.21
CA GLY PA 43 58.43 51.98 25.45
C GLY PA 43 58.43 52.49 26.89
N PRO PA 44 57.73 53.60 27.15
CA PRO PA 44 57.64 54.12 28.52
C PRO PA 44 56.97 53.15 29.50
N LYS PA 45 57.26 53.33 30.79
CA LYS PA 45 56.55 52.62 31.85
C LYS PA 45 56.10 53.58 32.94
N LEU PA 46 54.85 53.40 33.38
CA LEU PA 46 54.27 54.25 34.40
C LEU PA 46 54.91 54.02 35.77
N LEU PA 47 55.26 55.12 36.44
CA LEU PA 47 55.79 55.10 37.80
C LEU PA 47 54.79 55.65 38.80
N ILE PA 48 54.27 56.84 38.54
CA ILE PA 48 53.42 57.53 39.53
C ILE PA 48 52.17 58.04 38.86
N TYR PA 49 51.01 57.74 39.43
CA TYR PA 49 49.78 58.35 38.91
C TYR PA 49 49.11 59.27 39.93
N ASP PA 50 48.46 60.30 39.39
CA ASP PA 50 47.78 61.33 40.16
C ASP PA 50 48.68 61.91 41.25
N ALA PA 51 49.89 62.25 40.82
CA ALA PA 51 50.91 62.99 41.55
C ALA PA 51 51.66 62.20 42.64
N SER PA 52 50.95 61.38 43.41
CA SER PA 52 51.57 60.71 44.56
C SER PA 52 51.38 59.20 44.67
N ASN PA 53 50.66 58.58 43.75
CA ASN PA 53 50.41 57.14 43.86
C ASN PA 53 51.41 56.25 43.14
N LEU PA 54 52.04 55.36 43.89
CA LEU PA 54 52.98 54.42 43.31
C LEU PA 54 52.19 53.33 42.59
N GLN PA 55 52.44 53.18 41.29
CA GLN PA 55 51.80 52.14 40.51
C GLN PA 55 52.24 50.77 41.01
N ARG PA 56 51.29 49.83 41.06
CA ARG PA 56 51.59 48.44 41.42
C ARG PA 56 52.79 47.91 40.67
N GLY PA 57 53.73 47.33 41.42
CA GLY PA 57 54.87 46.68 40.84
C GLY PA 57 56.09 47.59 40.70
N VAL PA 58 55.90 48.90 40.81
CA VAL PA 58 57.01 49.82 40.72
C VAL PA 58 57.76 49.82 42.07
N PRO PA 59 59.11 49.80 42.06
CA PRO PA 59 59.88 49.76 43.31
C PRO PA 59 59.54 50.93 44.25
N SER PA 60 59.52 50.66 45.54
CA SER PA 60 59.11 51.65 46.54
C SER PA 60 60.03 52.85 46.76
N ARG PA 61 61.24 52.78 46.22
CA ARG PA 61 62.14 53.93 46.32
C ARG PA 61 61.62 55.11 45.52
N PHE PA 62 60.66 54.86 44.61
CA PHE PA 62 60.01 55.92 43.86
C PHE PA 62 58.83 56.43 44.67
N SER PA 63 58.72 57.76 44.73
CA SER PA 63 57.59 58.44 45.34
C SER PA 63 57.29 59.74 44.58
N GLY PA 64 56.07 60.25 44.65
CA GLY PA 64 55.73 61.46 43.94
C GLY PA 64 55.01 62.41 44.86
N GLY PA 65 55.14 63.71 44.57
CA GLY PA 65 54.49 64.73 45.37
C GLY PA 65 54.13 65.97 44.59
N GLY PA 66 53.35 66.83 45.24
CA GLY PA 66 52.98 68.12 44.68
C GLY PA 66 51.56 68.22 44.18
N SER PA 67 51.20 69.44 43.80
CA SER PA 67 49.88 69.72 43.28
C SER PA 67 49.92 71.15 42.75
N GLY PA 68 48.88 71.51 42.00
CA GLY PA 68 48.82 72.80 41.36
C GLY PA 68 49.78 72.86 40.19
N THR PA 69 50.86 73.63 40.33
CA THR PA 69 51.84 73.76 39.25
C THR PA 69 53.18 73.09 39.55
N ASP PA 70 53.43 72.69 40.80
CA ASP PA 70 54.75 72.19 41.19
C ASP PA 70 54.72 70.73 41.66
N PHE PA 71 55.50 69.88 41.00
CA PHE PA 71 55.52 68.45 41.29
C PHE PA 71 56.94 67.92 41.38
N THR PA 72 57.13 66.84 42.14
CA THR PA 72 58.44 66.19 42.25
C THR PA 72 58.33 64.67 42.15
N LEU PA 73 59.34 64.07 41.52
CA LEU PA 73 59.54 62.63 41.57
C LEU PA 73 60.81 62.43 42.37
N ILE PA 74 60.74 61.64 43.44
CA ILE PA 74 61.88 61.40 44.30
C ILE PA 74 62.23 59.93 44.19
N ILE PA 75 63.51 59.66 43.97
CA ILE PA 75 64.05 58.32 44.00
C ILE PA 75 64.87 58.30 45.27
N SER PA 76 64.41 57.57 46.27
CA SER PA 76 64.98 57.71 47.60
C SER PA 76 66.41 57.21 47.64
N SER PA 77 66.74 56.23 46.80
CA SER PA 77 68.10 55.73 46.73
C SER PA 77 68.39 55.30 45.31
N LEU PA 78 69.14 56.11 44.58
CA LEU PA 78 69.32 55.87 43.15
C LEU PA 78 70.01 54.54 42.92
N GLN PA 79 69.48 53.75 42.00
CA GLN PA 79 70.06 52.48 41.62
C GLN PA 79 70.56 52.54 40.21
N PRO PA 80 71.52 51.67 39.88
CA PRO PA 80 72.05 51.73 38.52
C PRO PA 80 70.99 51.48 37.44
N GLU PA 81 70.01 50.61 37.69
CA GLU PA 81 68.92 50.32 36.73
C GLU PA 81 67.99 51.51 36.53
N ASP PA 82 68.14 52.56 37.33
CA ASP PA 82 67.34 53.75 37.13
C ASP PA 82 67.75 54.71 35.99
N VAL PA 83 68.90 54.50 35.36
CA VAL PA 83 69.31 55.37 34.24
C VAL PA 83 68.27 55.34 33.15
N GLY PA 84 67.99 56.51 32.59
CA GLY PA 84 67.04 56.61 31.51
C GLY PA 84 66.45 58.00 31.57
N THR PA 85 65.31 58.19 30.93
CA THR PA 85 64.67 59.49 30.86
C THR PA 85 63.33 59.44 31.57
N TYR PA 86 63.00 60.48 32.31
CA TYR PA 86 61.76 60.52 33.07
C TYR PA 86 60.92 61.66 32.55
N TYR PA 87 59.64 61.36 32.29
CA TYR PA 87 58.73 62.33 31.73
C TYR PA 87 57.56 62.53 32.68
N CYS PA 88 57.12 63.77 32.85
CA CYS PA 88 55.85 64.04 33.51
C CYS PA 88 54.77 64.28 32.46
N GLN PA 89 53.51 64.10 32.85
CA GLN PA 89 52.39 64.20 31.91
C GLN PA 89 51.07 64.59 32.54
N GLN PA 90 50.32 65.42 31.84
CA GLN PA 90 49.22 66.13 32.45
C GLN PA 90 47.95 65.73 31.71
N TYR PA 91 46.87 65.46 32.46
CA TYR PA 91 45.55 65.23 31.87
C TYR PA 91 44.42 66.06 32.48
N ASP PA 92 44.72 67.21 33.07
CA ASP PA 92 43.67 68.16 33.45
C ASP PA 92 42.80 68.52 32.24
N GLY PA 93 43.43 68.72 31.09
CA GLY PA 93 42.69 69.05 29.89
C GLY PA 93 43.41 68.62 28.63
N LEU PA 94 42.64 68.32 27.60
CA LEU PA 94 43.16 68.05 26.27
C LEU PA 94 43.72 69.31 25.62
N PRO PA 95 44.75 69.17 24.78
CA PRO PA 95 45.44 67.90 24.51
C PRO PA 95 46.35 67.48 25.65
N PHE PA 96 46.44 66.18 25.87
CA PHE PA 96 47.37 65.64 26.86
C PHE PA 96 48.78 66.04 26.43
N THR PA 97 49.62 66.42 27.39
CA THR PA 97 50.99 66.83 27.09
C THR PA 97 52.00 66.23 28.05
N PHE PA 98 53.24 66.13 27.57
CA PHE PA 98 54.34 65.57 28.34
C PHE PA 98 55.41 66.61 28.57
N GLY PA 99 56.15 66.49 29.66
CA GLY PA 99 57.34 67.27 29.86
C GLY PA 99 58.39 66.84 28.85
N GLY PA 100 59.42 67.66 28.70
CA GLY PA 100 60.47 67.36 27.75
C GLY PA 100 61.45 66.29 28.24
N GLY PA 101 61.27 65.83 29.47
CA GLY PA 101 62.05 64.72 29.97
C GLY PA 101 63.28 65.19 30.74
N THR PA 102 63.66 64.42 31.75
CA THR PA 102 64.90 64.63 32.49
C THR PA 102 65.72 63.36 32.39
N LYS PA 103 66.96 63.46 31.89
CA LYS PA 103 67.81 62.30 31.76
C LYS PA 103 68.61 62.08 33.03
N VAL PA 104 68.57 60.87 33.58
CA VAL PA 104 69.35 60.53 34.76
C VAL PA 104 70.61 59.75 34.38
N VAL PA 105 71.73 60.18 34.95
CA VAL PA 105 73.05 59.68 34.61
C VAL PA 105 73.73 59.29 35.91
N ILE PA 106 74.30 58.09 35.92
CA ILE PA 106 75.03 57.60 37.09
C ILE PA 106 76.46 58.15 37.06
N LYS PA 107 76.93 58.57 38.22
CA LYS PA 107 78.33 58.91 38.39
C LYS PA 107 78.92 57.63 38.88
N ARG PA 108 80.02 57.19 38.27
CA ARG PA 108 80.61 55.96 38.74
C ARG PA 108 82.14 56.01 38.73
N THR PA 109 82.78 54.92 39.14
CA THR PA 109 84.24 54.86 39.15
C THR PA 109 84.75 54.74 37.71
N VAL PA 110 85.95 55.23 37.39
CA VAL PA 110 86.50 55.02 36.04
C VAL PA 110 86.66 53.52 35.74
N ALA PA 111 86.42 53.15 34.47
CA ALA PA 111 86.58 51.77 34.02
C ALA PA 111 87.11 51.73 32.61
N ALA PA 112 88.26 51.06 32.45
CA ALA PA 112 88.94 51.08 31.18
C ALA PA 112 88.22 50.16 30.20
N PRO PA 113 88.19 50.56 28.92
CA PRO PA 113 87.53 49.75 27.90
C PRO PA 113 88.35 48.54 27.56
N SER PA 114 87.69 47.44 27.19
CA SER PA 114 88.43 46.36 26.54
C SER PA 114 88.31 46.58 25.04
N VAL PA 115 89.43 46.48 24.34
CA VAL PA 115 89.48 46.81 22.92
C VAL PA 115 89.69 45.59 22.01
N PHE PA 116 88.90 45.54 20.94
CA PHE PA 116 88.98 44.49 19.92
C PHE PA 116 88.98 45.11 18.52
N ILE PA 117 89.70 44.51 17.59
CA ILE PA 117 89.68 44.96 16.19
C ILE PA 117 89.22 43.81 15.29
N PHE PA 118 88.45 44.14 14.25
CA PHE PA 118 87.98 43.15 13.30
C PHE PA 118 88.32 43.56 11.88
N PRO PA 119 88.94 42.66 11.10
CA PRO PA 119 89.14 42.92 9.67
C PRO PA 119 87.82 42.79 8.91
N PRO PA 120 87.78 43.28 7.66
CA PRO PA 120 86.60 43.06 6.81
C PRO PA 120 86.47 41.58 6.46
N SER PA 121 85.24 41.12 6.35
CA SER PA 121 84.97 39.74 6.00
C SER PA 121 85.24 39.51 4.52
N ASP PA 122 85.29 38.24 4.13
CA ASP PA 122 85.56 37.88 2.76
C ASP PA 122 84.36 38.19 1.87
N GLU PA 123 83.15 38.00 2.41
CA GLU PA 123 81.94 38.29 1.64
C GLU PA 123 81.89 39.74 1.20
N GLN PA 124 82.37 40.63 2.07
CA GLN PA 124 82.28 42.06 1.82
C GLN PA 124 83.30 42.54 0.79
N LEU PA 125 84.53 42.08 0.91
CA LEU PA 125 85.59 42.37 -0.07
C LEU PA 125 85.18 41.88 -1.45
N LYS PA 126 84.60 40.69 -1.50
CA LYS PA 126 84.08 40.14 -2.74
C LYS PA 126 83.23 41.15 -3.50
N SER PA 127 82.71 42.19 -2.82
CA SER PA 127 81.81 43.17 -3.40
C SER PA 127 82.39 44.60 -3.49
N GLY PA 128 83.72 44.72 -3.34
CA GLY PA 128 84.40 45.99 -3.62
C GLY PA 128 84.50 47.03 -2.52
N THR PA 129 84.02 46.71 -1.32
CA THR PA 129 84.12 47.64 -0.18
C THR PA 129 84.75 46.93 1.02
N ALA PA 130 85.55 47.66 1.80
CA ALA PA 130 86.17 47.13 3.01
C ALA PA 130 85.84 47.93 4.26
N SER PA 131 85.20 47.29 5.25
CA SER PA 131 84.86 47.90 6.52
C SER PA 131 85.70 47.24 7.64
N VAL PA 132 86.47 48.05 8.35
CA VAL PA 132 87.28 47.62 9.47
C VAL PA 132 86.65 48.16 10.76
N VAL PA 133 86.41 47.30 11.74
CA VAL PA 133 85.67 47.71 12.95
C VAL PA 133 86.51 47.64 14.21
N CYS PA 134 86.39 48.64 15.07
CA CYS PA 134 87.08 48.66 16.35
C CYS PA 134 86.00 48.79 17.43
N LEU PA 135 86.09 47.95 18.44
CA LEU PA 135 85.12 47.93 19.53
C LEU PA 135 85.77 48.27 20.85
N LEU PA 136 85.18 49.23 21.55
CA LEU PA 136 85.54 49.53 22.93
C LEU PA 136 84.37 49.10 23.79
N ASN PA 137 84.59 48.12 24.65
CA ASN PA 137 83.52 47.51 25.43
C ASN PA 137 83.53 47.92 26.90
N ASN PA 138 82.33 48.27 27.38
CA ASN PA 138 82.05 48.49 28.80
C ASN PA 138 83.03 49.36 29.57
N PHE PA 139 82.97 50.66 29.32
CA PHE PA 139 83.90 51.61 29.93
C PHE PA 139 83.22 52.87 30.45
N TYR PA 140 83.96 53.62 31.25
CA TYR PA 140 83.49 54.91 31.75
C TYR PA 140 84.73 55.73 32.11
N PRO PA 141 84.73 57.04 31.83
CA PRO PA 141 83.64 57.84 31.26
C PRO PA 141 83.51 57.67 29.76
N ARG PA 142 82.50 58.33 29.21
CA ARG PA 142 82.13 58.15 27.81
C ARG PA 142 83.21 58.65 26.87
N GLU PA 143 83.89 59.71 27.29
CA GLU PA 143 84.88 60.33 26.42
C GLU PA 143 86.00 59.37 26.15
N ALA PA 144 86.20 59.09 24.86
CA ALA PA 144 87.30 58.27 24.40
C ALA PA 144 87.75 58.81 23.05
N LYS PA 145 89.01 58.59 22.73
CA LYS PA 145 89.58 58.95 21.45
C LYS PA 145 89.95 57.67 20.72
N VAL PA 146 89.45 57.51 19.50
CA VAL PA 146 89.79 56.34 18.70
C VAL PA 146 90.46 56.84 17.44
N GLN PA 147 91.70 56.40 17.22
CA GLN PA 147 92.50 56.88 16.11
C GLN PA 147 92.84 55.70 15.22
N TRP PA 148 92.58 55.82 13.92
CA TRP PA 148 92.96 54.78 12.97
C TRP PA 148 94.32 55.02 12.35
N LYS PA 149 95.06 53.94 12.17
CA LYS PA 149 96.34 53.99 11.49
C LYS PA 149 96.43 52.86 10.47
N VAL PA 150 96.78 53.21 9.24
CA VAL PA 150 96.99 52.23 8.17
C VAL PA 150 98.46 52.26 7.77
N ASP PA 151 99.15 51.15 7.96
CA ASP PA 151 100.59 51.10 7.82
C ASP PA 151 101.21 52.25 8.59
N ASN PA 152 100.65 52.56 9.76
CA ASN PA 152 101.21 53.58 10.63
C ASN PA 152 100.91 55.02 10.18
N ALA PA 153 100.06 55.18 9.16
CA ALA PA 153 99.67 56.50 8.70
C ALA PA 153 98.34 56.89 9.34
N LEU PA 154 98.34 58.05 10.00
CA LEU PA 154 97.18 58.48 10.77
C LEU PA 154 96.03 58.84 9.83
N GLN PA 155 94.93 58.11 9.98
CA GLN PA 155 93.76 58.26 9.11
C GLN PA 155 92.82 59.34 9.64
N SER PA 156 92.09 59.99 8.74
CA SER PA 156 91.03 60.92 9.15
C SER PA 156 89.99 61.15 8.06
N GLY PA 157 88.75 61.35 8.47
CA GLY PA 157 87.65 61.65 7.55
C GLY PA 157 86.93 60.45 6.94
N ASN PA 158 87.48 59.25 7.11
CA ASN PA 158 86.88 58.02 6.58
C ASN PA 158 86.40 57.07 7.68
N SER PA 159 86.05 57.60 8.85
CA SER PA 159 85.50 56.75 9.91
C SER PA 159 84.32 57.37 10.63
N GLN PA 160 83.49 56.50 11.22
CA GLN PA 160 82.34 56.94 12.01
C GLN PA 160 82.20 56.19 13.32
N GLU PA 161 81.87 56.91 14.40
CA GLU PA 161 81.68 56.28 15.70
C GLU PA 161 80.20 56.20 16.05
N SER PA 162 79.85 55.18 16.83
CA SER PA 162 78.53 55.07 17.45
C SER PA 162 78.71 54.64 18.89
N VAL PA 163 77.89 55.16 19.79
CA VAL PA 163 78.01 54.86 21.21
C VAL PA 163 76.69 54.36 21.77
N THR PA 164 76.74 53.30 22.57
CA THR PA 164 75.52 52.81 23.20
C THR PA 164 75.07 53.78 24.26
N GLU PA 165 73.81 53.66 24.61
CA GLU PA 165 73.25 54.37 25.73
C GLU PA 165 73.88 53.85 27.00
N GLN PA 166 73.91 54.70 28.02
CA GLN PA 166 74.49 54.31 29.29
C GLN PA 166 73.80 53.06 29.78
N ASP PA 167 74.62 52.07 30.14
CA ASP PA 167 74.10 50.77 30.54
C ASP PA 167 73.30 50.90 31.79
N SER PA 168 72.15 50.26 31.78
CA SER PA 168 71.25 50.38 32.90
C SER PA 168 71.71 49.59 34.11
N LYS PA 169 72.59 48.64 33.97
CA LYS PA 169 72.97 47.87 35.15
C LYS PA 169 74.26 48.40 35.75
N ASP PA 170 75.31 48.54 34.95
CA ASP PA 170 76.60 49.03 35.47
C ASP PA 170 76.99 50.44 34.98
N SER PA 171 76.11 51.10 34.23
CA SER PA 171 76.31 52.53 33.88
C SER PA 171 77.53 52.84 33.01
N THR PA 172 77.97 51.82 32.28
CA THR PA 172 79.08 51.99 31.34
C THR PA 172 78.58 52.22 29.92
N TYR PA 173 79.51 52.53 29.04
CA TYR PA 173 79.23 52.75 27.63
C TYR PA 173 80.02 51.73 26.83
N SER PA 174 79.60 51.52 25.59
CA SER PA 174 80.41 50.84 24.60
C SER PA 174 80.42 51.69 23.34
N LEU PA 175 81.45 51.54 22.51
CA LEU PA 175 81.64 52.38 21.34
C LEU PA 175 82.18 51.54 20.20
N SER PA 176 81.77 51.84 18.98
CA SER PA 176 82.34 51.22 17.80
C SER PA 176 82.83 52.32 16.88
N SER PA 177 84.00 52.12 16.27
CA SER PA 177 84.51 53.01 15.25
C SER PA 177 84.70 52.19 14.00
N THR PA 178 84.12 52.64 12.89
CA THR PA 178 84.21 51.90 11.64
C THR PA 178 84.96 52.72 10.60
N LEU PA 179 86.08 52.17 10.15
CA LEU PA 179 86.91 52.76 9.11
C LEU PA 179 86.49 52.15 7.78
N THR PA 180 86.01 52.96 6.86
CA THR PA 180 85.53 52.46 5.57
C THR PA 180 86.44 52.97 4.46
N LEU PA 181 86.93 52.03 3.65
CA LEU PA 181 87.73 52.36 2.47
C LEU PA 181 87.47 51.34 1.36
N SER PA 182 87.79 51.72 0.12
CA SER PA 182 87.52 50.87 -1.03
C SER PA 182 88.38 49.62 -0.99
N LYS PA 183 87.95 48.57 -1.68
CA LYS PA 183 88.71 47.33 -1.72
C LYS PA 183 90.13 47.63 -2.21
N ALA PA 184 90.23 48.51 -3.19
CA ALA PA 184 91.51 48.91 -3.77
C ALA PA 184 92.45 49.42 -2.67
N ASP PA 185 91.95 50.38 -1.89
CA ASP PA 185 92.77 50.99 -0.86
C ASP PA 185 93.10 49.96 0.19
N TYR PA 186 92.11 49.15 0.58
CA TYR PA 186 92.36 48.13 1.58
C TYR PA 186 93.49 47.19 1.15
N GLU PA 187 93.57 46.89 -0.15
CA GLU PA 187 94.56 45.96 -0.67
C GLU PA 187 95.94 46.60 -0.83
N LYS PA 188 95.97 47.93 -1.00
CA LYS PA 188 97.24 48.67 -0.99
C LYS PA 188 98.06 48.36 0.28
N HIS PA 189 97.48 48.54 1.46
CA HIS PA 189 98.24 48.52 2.70
C HIS PA 189 98.13 47.18 3.45
N LYS PA 190 98.95 47.01 4.49
CA LYS PA 190 99.09 45.75 5.23
C LYS PA 190 98.65 45.81 6.70
N VAL PA 191 99.12 46.82 7.44
CA VAL PA 191 98.89 46.89 8.89
C VAL PA 191 97.75 47.83 9.24
N TYR PA 192 96.73 47.28 9.89
CA TYR PA 192 95.56 48.06 10.31
C TYR PA 192 95.50 48.10 11.82
N ALA PA 193 95.45 49.31 12.37
CA ALA PA 193 95.60 49.50 13.80
C ALA PA 193 94.61 50.50 14.37
N CYS PA 194 94.02 50.14 15.50
CA CYS PA 194 93.14 50.99 16.26
C CYS PA 194 93.88 51.37 17.54
N GLU PA 195 94.15 52.65 17.73
CA GLU PA 195 94.80 53.14 18.93
C GLU PA 195 93.78 53.91 19.77
N VAL PA 196 93.53 53.42 20.98
CA VAL PA 196 92.52 53.96 21.88
C VAL PA 196 93.14 54.72 23.04
N THR PA 197 92.68 55.94 23.27
CA THR PA 197 93.11 56.73 24.42
C THR PA 197 91.91 56.97 25.33
N HIS PA 198 92.09 56.74 26.63
CA HIS PA 198 90.98 56.81 27.58
C HIS PA 198 91.51 56.98 29.01
N GLN PA 199 90.74 57.67 29.86
CA GLN PA 199 91.17 58.05 31.21
C GLN PA 199 91.54 56.86 32.10
N GLY PA 200 90.97 55.71 31.82
CA GLY PA 200 91.20 54.50 32.59
C GLY PA 200 92.41 53.71 32.10
N LEU PA 201 93.04 54.19 31.04
CA LEU PA 201 94.25 53.56 30.50
C LEU PA 201 95.41 54.48 30.79
N SER PA 202 96.49 53.92 31.31
CA SER PA 202 97.64 54.73 31.65
C SER PA 202 98.34 55.28 30.42
N SER PA 203 98.17 54.58 29.31
CA SER PA 203 98.65 55.06 28.03
C SER PA 203 97.82 54.39 26.93
N PRO PA 204 97.80 54.99 25.74
CA PRO PA 204 96.95 54.50 24.66
C PRO PA 204 97.17 53.00 24.39
N VAL PA 205 96.09 52.27 24.15
CA VAL PA 205 96.16 50.85 23.81
C VAL PA 205 96.01 50.69 22.31
N THR PA 206 96.87 49.86 21.71
CA THR PA 206 96.77 49.59 20.29
C THR PA 206 96.44 48.11 20.04
N LYS PA 207 95.44 47.88 19.20
CA LYS PA 207 95.11 46.57 18.68
C LYS PA 207 95.29 46.62 17.18
N SER PA 208 95.93 45.63 16.57
CA SER PA 208 96.09 45.65 15.13
C SER PA 208 96.03 44.27 14.47
N PHE PA 209 96.07 44.25 13.13
CA PHE PA 209 96.20 43.00 12.40
C PHE PA 209 96.93 43.23 11.07
N ASN PA 210 97.44 42.16 10.49
CA ASN PA 210 98.06 42.19 9.17
C ASN PA 210 97.09 41.61 8.17
N ARG PA 211 96.88 42.34 7.07
CA ARG PA 211 95.92 41.91 6.07
C ARG PA 211 96.21 40.51 5.56
N GLY PA 212 95.17 39.67 5.61
CA GLY PA 212 95.24 38.29 5.18
C GLY PA 212 96.01 37.38 6.11
N GLU PA 213 95.89 37.59 7.41
CA GLU PA 213 96.58 36.75 8.38
C GLU PA 213 95.63 36.35 9.50
N VAL QA 2 13.53 48.78 -10.01
CA VAL QA 2 13.76 49.06 -8.60
C VAL QA 2 12.57 49.85 -8.09
N GLN QA 3 12.22 49.61 -6.83
CA GLN QA 3 11.13 50.31 -6.14
C GLN QA 3 11.68 50.94 -4.88
N LEU QA 4 11.12 52.09 -4.50
CA LEU QA 4 11.61 52.81 -3.34
C LEU QA 4 10.50 53.02 -2.34
N GLN QA 5 10.84 53.02 -1.05
CA GLN QA 5 9.84 53.33 -0.05
C GLN QA 5 10.45 54.11 1.11
N GLU QA 6 10.02 55.36 1.27
CA GLU QA 6 10.51 56.22 2.35
C GLU QA 6 9.75 55.98 3.64
N SER QA 7 10.38 56.31 4.75
CA SER QA 7 9.74 56.29 6.05
C SER QA 7 10.49 57.22 7.00
N GLY QA 8 9.90 57.50 8.17
CA GLY QA 8 10.58 58.26 9.20
C GLY QA 8 10.04 59.66 9.43
N GLY QA 9 9.13 60.09 8.55
CA GLY QA 9 8.55 61.41 8.62
C GLY QA 9 7.69 61.51 9.86
N GLY QA 10 7.44 62.72 10.33
CA GLY QA 10 6.58 62.91 11.47
C GLY QA 10 6.59 64.36 11.89
N LEU QA 11 6.01 64.64 13.05
CA LEU QA 11 5.98 65.98 13.59
C LEU QA 11 7.16 66.18 14.52
N VAL QA 12 7.88 67.27 14.33
CA VAL QA 12 9.00 67.58 15.21
C VAL QA 12 9.08 69.07 15.51
N GLN QA 13 9.65 69.40 16.67
CA GLN QA 13 9.80 70.78 17.08
C GLN QA 13 10.90 71.45 16.25
N PRO QA 14 10.80 72.77 16.03
CA PRO QA 14 11.92 73.44 15.39
C PRO QA 14 13.16 73.26 16.25
N GLY QA 15 14.31 72.99 15.62
CA GLY QA 15 15.55 72.79 16.34
C GLY QA 15 15.88 71.32 16.57
N GLU QA 16 14.86 70.45 16.54
CA GLU QA 16 15.08 69.02 16.77
C GLU QA 16 15.66 68.34 15.53
N SER QA 17 15.95 67.05 15.65
CA SER QA 17 16.54 66.27 14.57
C SER QA 17 15.57 65.16 14.19
N LEU QA 18 15.81 64.55 13.03
CA LEU QA 18 14.94 63.48 12.53
C LEU QA 18 15.67 62.74 11.42
N ARG QA 19 15.51 61.41 11.40
N ARG QA 19 15.54 61.42 11.41
CA ARG QA 19 16.23 60.57 10.44
CA ARG QA 19 16.26 60.59 10.43
C ARG QA 19 15.24 59.85 9.52
C ARG QA 19 15.25 59.88 9.53
N LEU QA 20 15.32 60.16 8.23
CA LEU QA 20 14.49 59.52 7.23
C LEU QA 20 15.27 58.35 6.67
N SER QA 21 14.56 57.30 6.28
N SER QA 21 14.54 57.32 6.26
CA SER QA 21 15.20 56.18 5.60
CA SER QA 21 15.11 56.14 5.65
C SER QA 21 14.42 55.80 4.36
C SER QA 21 14.45 55.90 4.30
N CYS QA 22 15.08 55.11 3.43
CA CYS QA 22 14.47 54.75 2.17
C CYS QA 22 14.94 53.35 1.80
N VAL QA 23 14.02 52.42 1.58
CA VAL QA 23 14.43 51.06 1.29
C VAL QA 23 14.15 50.75 -0.17
N GLY QA 24 15.18 50.22 -0.83
CA GLY QA 24 15.06 49.79 -2.21
C GLY QA 24 14.65 48.34 -2.23
N SER QA 25 13.81 47.96 -3.18
CA SER QA 25 13.44 46.58 -3.42
C SER QA 25 13.31 46.36 -4.92
N GLY QA 26 12.85 45.19 -5.33
CA GLY QA 26 12.76 44.87 -6.74
C GLY QA 26 14.11 44.87 -7.38
N SER QA 27 14.13 44.95 -8.71
CA SER QA 27 15.38 44.96 -9.45
C SER QA 27 15.12 45.41 -10.88
N SER QA 28 16.19 45.89 -11.50
CA SER QA 28 16.21 46.40 -12.87
C SER QA 28 17.07 45.48 -13.72
N PHE QA 29 17.68 46.01 -14.78
CA PHE QA 29 18.47 45.21 -15.71
C PHE QA 29 19.57 44.47 -15.01
N GLY QA 30 19.76 43.25 -15.48
CA GLY QA 30 20.73 42.36 -14.90
C GLY QA 30 20.37 42.13 -13.44
N GLU QA 31 19.11 42.16 -13.06
CA GLU QA 31 18.78 41.96 -11.65
C GLU QA 31 19.47 43.00 -10.71
N SER QA 32 19.74 44.20 -11.22
CA SER QA 32 20.37 45.26 -10.42
C SER QA 32 19.43 45.76 -9.34
N THR QA 33 20.01 46.13 -8.20
CA THR QA 33 19.23 46.67 -7.09
C THR QA 33 19.68 48.10 -6.83
N LEU QA 34 19.10 48.74 -5.83
CA LEU QA 34 19.37 50.15 -5.56
C LEU QA 34 20.85 50.50 -5.39
N SER QA 35 21.63 49.56 -4.85
CA SER QA 35 23.04 49.82 -4.53
C SER QA 35 23.95 49.91 -5.76
N TYR QA 36 23.40 49.69 -6.95
CA TYR QA 36 24.14 49.91 -8.19
C TYR QA 36 24.00 51.35 -8.66
N TYR QA 37 23.13 52.13 -8.03
CA TYR QA 37 22.77 53.45 -8.55
C TYR QA 37 23.04 54.58 -7.57
N ALA QA 38 23.30 55.76 -8.12
CA ALA QA 38 23.29 56.99 -7.34
C ALA QA 38 21.85 57.34 -7.01
N VAL QA 39 21.64 58.03 -5.89
CA VAL QA 39 20.31 58.33 -5.38
C VAL QA 39 20.33 59.74 -4.79
N SER QA 40 19.22 60.46 -4.91
CA SER QA 40 19.09 61.79 -4.34
C SER QA 40 17.91 61.86 -3.39
N TRP QA 41 17.91 62.86 -2.51
CA TRP QA 41 16.71 63.23 -1.77
C TRP QA 41 16.18 64.53 -2.37
N VAL QA 42 14.86 64.62 -2.52
CA VAL QA 42 14.18 65.75 -3.15
C VAL QA 42 12.96 66.01 -2.31
N ARG QA 43 12.59 67.27 -2.08
CA ARG QA 43 11.41 67.53 -1.25
C ARG QA 43 10.43 68.48 -1.92
N GLN QA 44 9.22 68.51 -1.36
CA GLN QA 44 8.17 69.31 -1.94
C GLN QA 44 7.36 69.91 -0.80
N ALA QA 45 7.47 71.21 -0.62
CA ALA QA 45 6.74 71.90 0.44
C ALA QA 45 5.27 71.92 0.05
N PRO QA 46 4.37 72.13 1.03
CA PRO QA 46 2.92 72.06 0.75
C PRO QA 46 2.49 73.04 -0.35
N GLY QA 47 1.85 72.50 -1.38
CA GLY QA 47 1.36 73.31 -2.49
C GLY QA 47 2.43 73.85 -3.43
N LYS QA 48 3.69 73.44 -3.23
CA LYS QA 48 4.81 73.95 -4.00
C LYS QA 48 5.41 72.90 -4.92
N GLY QA 49 6.50 73.25 -5.59
CA GLY QA 49 7.20 72.35 -6.48
C GLY QA 49 8.25 71.49 -5.83
N LEU QA 50 9.18 71.00 -6.65
CA LEU QA 50 10.19 70.06 -6.20
C LEU QA 50 11.51 70.76 -5.99
N GLU QA 51 12.20 70.39 -4.92
CA GLU QA 51 13.48 70.97 -4.56
C GLU QA 51 14.49 69.87 -4.32
N TRP QA 52 15.54 69.83 -5.14
CA TRP QA 52 16.60 68.86 -4.95
C TRP QA 52 17.38 69.23 -3.69
N LEU QA 53 17.69 68.23 -2.88
CA LEU QA 53 18.37 68.45 -1.61
C LEU QA 53 19.79 67.91 -1.60
N SER QA 54 19.98 66.68 -2.06
CA SER QA 54 21.25 66.01 -1.88
C SER QA 54 21.37 64.78 -2.76
N ILE QA 55 22.60 64.43 -3.10
CA ILE QA 55 22.90 63.27 -3.94
C ILE QA 55 24.03 62.45 -3.31
N ILE QA 56 24.00 61.14 -3.54
CA ILE QA 56 25.07 60.26 -3.09
C ILE QA 56 25.26 59.18 -4.15
N ASN QA 57 26.51 58.87 -4.48
CA ASN QA 57 26.80 57.91 -5.54
C ASN QA 57 26.63 56.48 -5.01
N ALA QA 58 26.55 55.50 -5.91
CA ALA QA 58 26.29 54.11 -5.54
C ALA QA 58 27.22 53.61 -4.44
N GLY QA 59 28.50 53.94 -4.53
CA GLY QA 59 29.47 53.46 -3.57
C GLY QA 59 29.59 54.34 -2.35
N GLY QA 60 28.77 55.40 -2.27
CA GLY QA 60 28.70 56.25 -1.09
C GLY QA 60 29.41 57.59 -1.20
N GLY QA 61 30.12 57.82 -2.29
CA GLY QA 61 30.90 59.05 -2.45
C GLY QA 61 30.25 60.12 -3.31
N ASP QA 62 31.03 61.13 -3.62
CA ASP QA 62 30.62 62.21 -4.51
C ASP QA 62 29.34 62.90 -4.03
N ILE QA 63 29.22 63.05 -2.70
CA ILE QA 63 28.08 63.66 -2.06
C ILE QA 63 28.04 65.19 -2.26
N ASP QA 64 26.84 65.73 -2.47
CA ASP QA 64 26.61 67.17 -2.49
C ASP QA 64 25.27 67.56 -1.90
N TYR QA 65 25.16 68.82 -1.49
CA TYR QA 65 23.94 69.33 -0.85
C TYR QA 65 23.52 70.63 -1.49
N ALA QA 66 22.21 70.88 -1.52
CA ALA QA 66 21.70 72.20 -1.86
C ALA QA 66 22.09 73.11 -0.72
N ASP QA 67 22.33 74.38 -1.04
CA ASP QA 67 22.74 75.34 -0.03
C ASP QA 67 21.73 75.40 1.10
N SER QA 68 20.45 75.17 0.79
CA SER QA 68 19.42 75.34 1.80
C SER QA 68 19.50 74.35 2.95
N VAL QA 69 20.18 73.22 2.73
CA VAL QA 69 20.35 72.21 3.78
C VAL QA 69 21.81 71.84 4.08
N GLU QA 70 22.76 72.47 3.38
CA GLU QA 70 24.16 72.19 3.60
C GLU QA 70 24.52 72.55 5.03
N GLY QA 71 25.17 71.61 5.73
CA GLY QA 71 25.63 71.85 7.09
C GLY QA 71 24.64 71.41 8.15
N ARG QA 72 23.43 71.02 7.74
CA ARG QA 72 22.40 70.55 8.64
C ARG QA 72 21.99 69.11 8.32
N PHE QA 73 21.88 68.77 7.03
CA PHE QA 73 21.43 67.44 6.63
C PHE QA 73 22.66 66.65 6.19
N THR QA 74 22.61 65.34 6.42
CA THR QA 74 23.67 64.43 6.04
C THR QA 74 23.09 63.21 5.34
N ILE QA 75 23.54 62.95 4.11
CA ILE QA 75 23.08 61.79 3.36
C ILE QA 75 24.04 60.62 3.50
N SER QA 76 23.49 59.41 3.60
CA SER QA 76 24.34 58.22 3.67
C SER QA 76 23.59 57.01 3.19
N ARG QA 77 24.27 55.88 3.08
CA ARG QA 77 23.59 54.66 2.66
C ARG QA 77 24.26 53.41 3.20
N ASP QA 78 23.45 52.38 3.44
CA ASP QA 78 23.94 51.06 3.81
C ASP QA 78 23.47 50.10 2.71
N ASN QA 79 24.38 49.77 1.81
CA ASN QA 79 24.04 48.96 0.66
C ASN QA 79 23.75 47.51 1.01
N SER QA 80 24.27 47.05 2.14
CA SER QA 80 23.98 45.70 2.61
C SER QA 80 22.48 45.56 2.95
N LYS QA 81 21.84 46.67 3.29
CA LYS QA 81 20.40 46.69 3.58
C LYS QA 81 19.59 47.33 2.44
N GLU QA 82 20.27 47.71 1.36
CA GLU QA 82 19.66 48.45 0.27
C GLU QA 82 18.85 49.64 0.79
N THR QA 83 19.43 50.36 1.76
CA THR QA 83 18.73 51.46 2.42
C THR QA 83 19.51 52.79 2.33
N LEU QA 84 18.80 53.89 2.08
CA LEU QA 84 19.36 55.23 2.09
C LEU QA 84 18.83 55.98 3.29
N TYR QA 85 19.61 56.93 3.79
CA TYR QA 85 19.25 57.70 4.95
C TYR QA 85 19.46 59.19 4.69
N LEU QA 86 18.59 60.01 5.29
CA LEU QA 86 18.83 61.44 5.35
C LEU QA 86 18.69 61.87 6.81
N GLN QA 87 19.81 62.23 7.43
CA GLN QA 87 19.82 62.72 8.81
C GLN QA 87 19.70 64.24 8.80
N MET QA 88 18.59 64.74 9.30
CA MET QA 88 18.33 66.16 9.37
C MET QA 88 18.54 66.62 10.80
N THR QA 89 19.22 67.76 10.96
CA THR QA 89 19.36 68.35 12.28
C THR QA 89 18.97 69.82 12.20
N ASN QA 90 18.74 70.42 13.36
N ASN QA 90 18.77 70.43 13.36
CA ASN QA 90 18.39 71.84 13.46
CA ASN QA 90 18.41 71.84 13.45
C ASN QA 90 17.29 72.23 12.48
C ASN QA 90 17.30 72.22 12.48
N LEU QA 91 16.22 71.42 12.47
CA LEU QA 91 15.11 71.61 11.55
C LEU QA 91 14.42 72.95 11.78
N ARG QA 92 13.89 73.54 10.71
CA ARG QA 92 13.12 74.77 10.80
C ARG QA 92 11.76 74.59 10.15
N VAL QA 93 10.88 75.55 10.39
CA VAL QA 93 9.51 75.51 9.89
C VAL QA 93 9.49 75.33 8.38
N GLU QA 94 10.46 75.92 7.68
CA GLU QA 94 10.46 75.86 6.22
C GLU QA 94 11.03 74.54 5.67
N ASP QA 95 11.43 73.62 6.56
CA ASP QA 95 11.80 72.27 6.14
C ASP QA 95 10.54 71.39 6.00
N THR QA 96 9.37 71.93 6.34
CA THR QA 96 8.13 71.18 6.23
C THR QA 96 7.86 70.79 4.78
N GLY QA 97 7.46 69.53 4.58
CA GLY QA 97 7.09 69.05 3.27
C GLY QA 97 7.18 67.55 3.13
N VAL QA 98 6.91 67.05 1.93
CA VAL QA 98 7.06 65.64 1.60
C VAL QA 98 8.46 65.39 1.10
N TYR QA 99 9.13 64.38 1.67
CA TYR QA 99 10.47 64.01 1.27
C TYR QA 99 10.45 62.71 0.48
N TYR QA 100 11.02 62.77 -0.71
CA TYR QA 100 11.15 61.65 -1.62
C TYR QA 100 12.61 61.28 -1.75
N CYS QA 101 12.89 59.98 -1.82
CA CYS QA 101 14.16 59.53 -2.36
C CYS QA 101 13.93 59.12 -3.81
N ALA QA 102 14.91 59.39 -4.68
CA ALA QA 102 14.71 59.27 -6.12
C ALA QA 102 15.99 58.74 -6.75
N LYS QA 103 15.88 57.62 -7.45
CA LYS QA 103 17.04 56.97 -8.06
C LYS QA 103 17.43 57.56 -9.42
N HIS QA 104 18.72 57.79 -9.63
CA HIS QA 104 19.21 58.27 -10.93
C HIS QA 104 19.34 57.05 -11.84
N MET QA 105 19.09 57.20 -13.13
CA MET QA 105 18.98 56.01 -13.99
C MET QA 105 20.30 55.31 -14.37
N SER QA 106 21.40 56.05 -14.49
CA SER QA 106 22.62 55.43 -15.00
C SER QA 106 23.26 54.52 -13.98
N MET QA 107 23.63 53.32 -14.40
CA MET QA 107 24.33 52.41 -13.50
C MET QA 107 25.69 52.96 -13.12
N GLN QA 108 25.96 52.97 -11.82
CA GLN QA 108 27.18 53.58 -11.31
C GLN QA 108 28.21 52.60 -10.78
N GLN QA 109 27.77 51.42 -10.37
CA GLN QA 109 28.71 50.38 -9.95
C GLN QA 109 28.19 48.97 -10.07
N VAL QA 110 29.10 48.03 -10.29
CA VAL QA 110 28.76 46.61 -10.25
C VAL QA 110 29.77 45.94 -9.33
N VAL QA 111 29.37 45.66 -8.08
CA VAL QA 111 30.29 45.10 -7.08
C VAL QA 111 30.81 43.75 -7.50
N SER QA 112 29.97 42.92 -8.09
CA SER QA 112 30.43 41.59 -8.45
C SER QA 112 31.50 41.73 -9.52
N ALA QA 113 31.55 42.89 -10.17
CA ALA QA 113 32.55 43.17 -11.17
C ALA QA 113 33.60 44.22 -10.81
N GLY QA 114 33.59 44.75 -9.60
CA GLY QA 114 34.49 45.83 -9.22
C GLY QA 114 34.44 46.98 -10.19
N TRP QA 115 33.32 47.18 -10.86
CA TRP QA 115 33.27 48.27 -11.78
C TRP QA 115 32.58 49.40 -11.11
N GLU QA 116 33.16 50.56 -11.34
CA GLU QA 116 32.58 51.78 -10.87
C GLU QA 116 32.75 52.79 -11.95
N ARG QA 117 31.65 53.38 -12.35
CA ARG QA 117 31.70 54.43 -13.34
C ARG QA 117 32.64 55.50 -12.83
N ALA QA 118 33.45 56.02 -13.73
CA ALA QA 118 34.45 57.03 -13.39
C ALA QA 118 33.76 58.28 -12.86
N ASP QA 119 32.57 58.57 -13.39
CA ASP QA 119 31.85 59.80 -13.07
C ASP QA 119 30.47 59.56 -12.50
N LEU QA 120 30.01 60.51 -11.69
CA LEU QA 120 28.65 60.50 -11.21
C LEU QA 120 27.79 61.20 -12.25
N VAL QA 121 26.96 60.44 -12.94
CA VAL QA 121 26.14 61.00 -14.02
C VAL QA 121 25.05 61.92 -13.52
N GLY QA 122 24.27 61.46 -12.56
CA GLY QA 122 23.19 62.27 -12.00
C GLY QA 122 22.11 62.59 -13.03
N ASP QA 123 21.84 61.62 -13.91
CA ASP QA 123 20.79 61.77 -14.93
C ASP QA 123 19.39 61.54 -14.33
N ALA QA 124 18.38 61.29 -15.17
CA ALA QA 124 16.98 61.42 -14.81
C ALA QA 124 16.54 60.53 -13.65
N PHE QA 125 15.57 61.02 -12.88
CA PHE QA 125 15.03 60.25 -11.76
C PHE QA 125 13.96 59.28 -12.27
N ASP QA 126 14.36 58.04 -12.56
CA ASP QA 126 13.43 57.07 -13.17
C ASP QA 126 12.53 56.35 -12.18
N VAL QA 127 12.91 56.37 -10.90
CA VAL QA 127 12.09 55.80 -9.85
C VAL QA 127 12.01 56.73 -8.64
N TRP QA 128 10.79 57.01 -8.20
CA TRP QA 128 10.56 57.80 -7.01
C TRP QA 128 9.79 56.94 -6.03
N GLY QA 129 10.01 57.20 -4.74
CA GLY QA 129 9.17 56.63 -3.71
C GLY QA 129 7.84 57.37 -3.65
N GLN QA 130 6.99 56.98 -2.69
CA GLN QA 130 5.68 57.62 -2.52
C GLN QA 130 5.80 58.86 -1.64
N GLY QA 131 6.95 59.05 -1.00
CA GLY QA 131 7.22 60.21 -0.19
C GLY QA 131 6.85 60.01 1.26
N THR QA 132 7.50 60.77 2.14
CA THR QA 132 7.19 60.75 3.57
C THR QA 132 7.03 62.16 4.13
N MET QA 133 5.99 62.39 4.92
CA MET QA 133 5.70 63.77 5.33
C MET QA 133 6.46 64.18 6.58
N VAL QA 134 7.13 65.32 6.49
CA VAL QA 134 7.80 65.93 7.63
C VAL QA 134 7.13 67.26 7.90
N THR QA 135 6.63 67.43 9.12
CA THR QA 135 6.08 68.72 9.55
C THR QA 135 6.89 69.27 10.72
N VAL QA 136 7.41 70.49 10.60
CA VAL QA 136 8.16 71.09 11.69
C VAL QA 136 7.37 72.26 12.30
N SER QA 137 6.87 72.03 13.53
CA SER QA 137 6.01 73.00 14.23
C SER QA 137 6.13 72.80 15.75
N SER QA 138 5.93 73.86 16.53
CA SER QA 138 5.92 73.80 18.00
C SER QA 138 4.70 73.13 18.67
N ALA QA 139 3.55 73.07 18.03
CA ALA QA 139 2.33 72.58 18.68
C ALA QA 139 2.50 71.08 18.84
N SER QA 140 1.88 70.50 19.87
CA SER QA 140 2.01 69.06 20.13
C SER QA 140 1.01 68.27 19.30
N THR QA 141 1.36 67.02 19.03
CA THR QA 141 0.50 66.15 18.24
C THR QA 141 -0.82 65.87 18.92
N LYS QA 142 -1.86 65.83 18.11
CA LYS QA 142 -3.16 65.35 18.53
C LYS QA 142 -3.71 64.39 17.49
N GLY QA 143 -4.16 63.23 17.94
CA GLY QA 143 -4.69 62.23 17.03
C GLY QA 143 -6.14 62.53 16.69
N PRO QA 144 -6.62 62.05 15.53
CA PRO QA 144 -7.95 62.37 15.03
C PRO QA 144 -9.06 61.61 15.77
N SER QA 145 -10.22 62.23 15.91
CA SER QA 145 -11.43 61.53 16.25
C SER QA 145 -12.09 61.09 14.95
N VAL QA 146 -12.61 59.88 14.90
CA VAL QA 146 -13.24 59.37 13.68
C VAL QA 146 -14.70 59.08 13.94
N PHE QA 147 -15.57 59.75 13.17
CA PHE QA 147 -17.01 59.63 13.29
C PHE QA 147 -17.63 59.11 12.00
N PRO QA 148 -18.66 58.26 12.11
CA PRO QA 148 -19.23 57.78 10.84
C PRO QA 148 -20.12 58.84 10.17
N LEU QA 149 -20.09 58.87 8.84
CA LEU QA 149 -21.02 59.62 8.03
C LEU QA 149 -21.96 58.58 7.47
N ALA QA 150 -23.15 58.53 8.06
CA ALA QA 150 -24.04 57.40 7.89
C ALA QA 150 -25.02 57.62 6.74
N PRO QA 151 -25.14 56.64 5.84
CA PRO QA 151 -26.13 56.73 4.77
C PRO QA 151 -27.51 56.62 5.40
N SER QA 152 -28.50 57.31 4.84
CA SER QA 152 -29.84 57.32 5.40
C SER QA 152 -30.85 57.05 4.32
N SER QA 153 -32.05 56.62 4.70
CA SER QA 153 -33.12 56.43 3.75
C SER QA 153 -33.42 57.79 3.15
N LYS QA 154 -33.66 57.82 1.84
CA LYS QA 154 -33.93 59.05 1.08
C LYS QA 154 -32.60 59.71 0.68
N SER QA 155 -31.47 59.11 1.06
CA SER QA 155 -30.17 59.65 0.70
C SER QA 155 -29.79 59.32 -0.73
N THR QA 156 -30.55 58.44 -1.40
CA THR QA 156 -30.25 58.07 -2.76
C THR QA 156 -30.26 59.29 -3.68
N SER QA 157 -29.20 59.43 -4.47
CA SER QA 157 -29.10 60.51 -5.44
C SER QA 157 -28.33 59.95 -6.62
N GLY QA 158 -28.80 60.21 -7.82
CA GLY QA 158 -28.43 59.37 -8.94
C GLY QA 158 -29.08 58.04 -8.64
N GLY QA 159 -28.40 56.94 -8.94
CA GLY QA 159 -28.87 55.63 -8.53
C GLY QA 159 -28.03 55.08 -7.39
N THR QA 160 -27.30 55.97 -6.71
CA THR QA 160 -26.27 55.57 -5.74
C THR QA 160 -26.51 56.11 -4.34
N ALA QA 161 -25.85 55.50 -3.37
CA ALA QA 161 -25.83 55.98 -1.98
C ALA QA 161 -24.40 56.41 -1.64
N ALA QA 162 -24.25 57.28 -0.67
CA ALA QA 162 -22.93 57.74 -0.22
C ALA QA 162 -22.78 57.51 1.28
N LEU QA 163 -21.58 57.13 1.70
CA LEU QA 163 -21.25 56.99 3.12
C LEU QA 163 -19.81 57.38 3.33
N GLY QA 164 -19.38 57.58 4.57
CA GLY QA 164 -18.04 58.09 4.78
C GLY QA 164 -17.58 58.11 6.21
N CYS QA 165 -16.41 58.71 6.46
CA CYS QA 165 -15.87 58.90 7.78
C CYS QA 165 -15.41 60.34 7.92
N LEU QA 166 -15.73 60.97 9.03
CA LEU QA 166 -15.24 62.29 9.34
C LEU QA 166 -14.05 62.16 10.28
N VAL QA 167 -12.88 62.54 9.79
CA VAL QA 167 -11.65 62.49 10.56
C VAL QA 167 -11.32 63.91 11.03
N LYS QA 168 -11.58 64.15 12.32
CA LYS QA 168 -11.67 65.47 12.88
C LYS QA 168 -10.64 65.75 13.97
N ASP QA 169 -10.14 66.98 14.01
CA ASP QA 169 -9.35 67.49 15.12
C ASP QA 169 -8.03 66.75 15.29
N TYR QA 170 -7.16 66.81 14.29
CA TYR QA 170 -5.85 66.19 14.40
C TYR QA 170 -4.75 67.16 14.00
N PHE QA 171 -3.54 66.86 14.42
CA PHE QA 171 -2.40 67.64 14.04
C PHE QA 171 -1.16 66.78 14.21
N PRO QA 172 -0.21 66.87 13.26
CA PRO QA 172 -0.20 67.64 12.02
C PRO QA 172 -0.73 66.76 10.92
N GLU QA 173 -0.55 67.24 9.69
CA GLU QA 173 -0.79 66.43 8.52
C GLU QA 173 0.32 65.36 8.46
N PRO QA 174 0.07 64.20 7.82
CA PRO QA 174 -1.15 63.85 7.11
C PRO QA 174 -1.83 62.66 7.77
N VAL QA 175 -3.05 62.35 7.35
CA VAL QA 175 -3.71 61.11 7.72
C VAL QA 175 -3.95 60.33 6.42
N THR QA 176 -3.82 59.01 6.47
CA THR QA 176 -4.19 58.18 5.33
C THR QA 176 -5.49 57.46 5.66
N VAL QA 177 -6.35 57.30 4.66
CA VAL QA 177 -7.61 56.56 4.84
C VAL QA 177 -7.74 55.52 3.74
N SER QA 178 -8.07 54.29 4.14
CA SER QA 178 -8.41 53.25 3.19
C SER QA 178 -9.77 52.68 3.57
N TRP QA 179 -10.36 51.84 2.73
CA TRP QA 179 -11.68 51.27 3.01
C TRP QA 179 -11.64 49.75 2.90
N ASN QA 180 -12.19 49.07 3.91
CA ASN QA 180 -12.14 47.61 3.99
C ASN QA 180 -10.73 47.11 3.77
N SER QA 181 -9.78 47.76 4.44
CA SER QA 181 -8.38 47.34 4.44
C SER QA 181 -7.76 47.42 3.04
N GLY QA 182 -8.38 48.22 2.17
CA GLY QA 182 -7.91 48.41 0.81
C GLY QA 182 -8.62 47.55 -0.21
N ALA QA 183 -9.58 46.73 0.24
CA ALA QA 183 -10.37 45.91 -0.65
C ALA QA 183 -11.38 46.75 -1.43
N LEU QA 184 -11.75 47.91 -0.87
CA LEU QA 184 -12.70 48.82 -1.49
C LEU QA 184 -11.97 50.08 -1.90
N THR QA 185 -11.91 50.28 -3.21
CA THR QA 185 -11.21 51.42 -3.83
C THR QA 185 -12.05 52.22 -4.82
N SER QA 186 -12.78 51.56 -5.71
N SER QA 186 -12.95 51.56 -5.55
CA SER QA 186 -13.70 52.24 -6.63
CA SER QA 186 -13.79 52.23 -6.52
C SER QA 186 -14.65 53.21 -5.91
C SER QA 186 -14.70 53.23 -5.87
N GLY QA 187 -14.69 54.45 -6.40
CA GLY QA 187 -15.61 55.47 -5.94
C GLY QA 187 -15.22 56.13 -4.63
N VAL QA 188 -13.96 56.03 -4.23
CA VAL QA 188 -13.49 56.65 -3.00
C VAL QA 188 -12.92 58.03 -3.30
N HIS QA 189 -13.33 59.01 -2.48
CA HIS QA 189 -12.77 60.34 -2.48
C HIS QA 189 -12.33 60.66 -1.07
N THR QA 190 -11.06 60.99 -0.89
CA THR QA 190 -10.60 61.48 0.40
C THR QA 190 -10.25 62.94 0.20
N PHE QA 191 -11.01 63.80 0.87
CA PHE QA 191 -10.87 65.22 0.67
C PHE QA 191 -9.59 65.77 1.30
N PRO QA 192 -9.02 66.83 0.70
CA PRO QA 192 -7.92 67.54 1.34
C PRO QA 192 -8.32 68.03 2.73
N ALA QA 193 -7.39 67.95 3.68
CA ALA QA 193 -7.66 68.45 5.02
C ALA QA 193 -7.87 69.96 4.99
N VAL QA 194 -8.71 70.45 5.88
CA VAL QA 194 -8.91 71.88 6.06
C VAL QA 194 -8.44 72.25 7.46
N LEU QA 195 -7.71 73.35 7.56
CA LEU QA 195 -7.30 73.85 8.86
C LEU QA 195 -8.45 74.61 9.50
N GLN QA 196 -8.83 74.21 10.71
CA GLN QA 196 -9.91 74.87 11.43
C GLN QA 196 -9.37 76.00 12.28
N SER QA 197 -10.26 76.82 12.81
CA SER QA 197 -9.88 77.94 13.65
C SER QA 197 -9.15 77.47 14.91
N SER QA 198 -9.52 76.27 15.38
CA SER QA 198 -8.87 75.65 16.53
C SER QA 198 -7.38 75.37 16.33
N GLY QA 199 -6.90 75.43 15.08
CA GLY QA 199 -5.53 75.09 14.76
C GLY QA 199 -5.35 73.62 14.44
N LEU QA 200 -6.45 72.87 14.42
CA LEU QA 200 -6.43 71.45 14.07
C LEU QA 200 -7.00 71.20 12.69
N TYR QA 201 -6.55 70.12 12.06
CA TYR QA 201 -7.02 69.74 10.74
C TYR QA 201 -8.27 68.88 10.83
N SER QA 202 -9.05 68.90 9.76
CA SER QA 202 -10.25 68.08 9.63
C SER QA 202 -10.36 67.65 8.18
N LEU QA 203 -10.85 66.44 7.96
CA LEU QA 203 -10.91 65.85 6.64
C LEU QA 203 -12.06 64.88 6.63
N SER QA 204 -12.67 64.67 5.47
CA SER QA 204 -13.71 63.66 5.30
C SER QA 204 -13.29 62.71 4.18
N SER QA 205 -13.68 61.44 4.32
CA SER QA 205 -13.56 60.46 3.25
C SER QA 205 -14.92 59.88 2.94
N VAL QA 206 -15.28 59.78 1.67
CA VAL QA 206 -16.58 59.26 1.27
C VAL QA 206 -16.42 58.23 0.18
N VAL QA 207 -17.42 57.38 0.03
CA VAL QA 207 -17.43 56.40 -1.03
C VAL QA 207 -18.87 56.26 -1.53
N THR QA 208 -19.06 56.11 -2.84
CA THR QA 208 -20.42 55.91 -3.33
C THR QA 208 -20.46 54.46 -3.71
N VAL QA 209 -21.47 53.84 -3.14
CA VAL QA 209 -21.75 52.43 -3.27
C VAL QA 209 -23.21 52.14 -3.66
N PRO QA 210 -23.45 51.14 -4.56
CA PRO QA 210 -24.84 50.81 -4.94
C PRO QA 210 -25.63 50.71 -3.66
N SER QA 211 -26.90 51.08 -3.54
CA SER QA 211 -27.56 50.97 -2.23
C SER QA 211 -27.72 49.52 -1.75
N SER QA 212 -28.03 48.68 -2.71
CA SER QA 212 -28.25 47.27 -2.49
C SER QA 212 -27.11 46.50 -1.86
N SER QA 213 -25.99 46.60 -2.55
CA SER QA 213 -24.77 45.97 -2.14
C SER QA 213 -24.45 46.44 -0.69
N LEU QA 214 -25.02 47.58 -0.28
CA LEU QA 214 -24.80 48.10 1.07
C LEU QA 214 -25.60 47.39 2.10
N GLY QA 215 -26.85 47.17 1.76
CA GLY QA 215 -27.65 46.36 2.67
C GLY QA 215 -26.88 45.08 2.93
N THR QA 216 -26.35 44.49 1.86
CA THR QA 216 -25.59 43.21 1.97
C THR QA 216 -24.17 43.26 2.50
N GLN QA 217 -23.50 44.40 2.40
CA GLN QA 217 -22.08 44.45 2.75
C GLN QA 217 -21.61 45.50 3.77
N THR QA 218 -20.46 45.11 4.30
CA THR QA 218 -19.73 45.69 5.42
C THR QA 218 -18.68 46.73 5.02
N TYR QA 219 -18.89 47.99 5.39
CA TYR QA 219 -17.96 49.04 5.00
C TYR QA 219 -17.37 49.65 6.26
N ILE QA 220 -16.03 49.59 6.26
CA ILE QA 220 -15.18 50.01 7.36
C ILE QA 220 -14.11 50.97 6.84
N CYS QA 221 -13.91 52.11 7.48
CA CYS QA 221 -12.80 52.98 7.06
C CYS QA 221 -11.64 52.89 8.06
N ASN QA 222 -10.43 52.72 7.52
CA ASN QA 222 -9.22 52.58 8.31
C ASN QA 222 -8.42 53.86 8.23
N VAL QA 223 -8.29 54.53 9.37
CA VAL QA 223 -7.62 55.81 9.48
C VAL QA 223 -6.27 55.65 10.19
N ASN QA 224 -5.23 56.20 9.59
CA ASN QA 224 -3.89 56.15 10.15
C ASN QA 224 -3.32 57.57 10.27
N HIS QA 225 -2.86 57.91 11.47
CA HIS QA 225 -2.18 59.17 11.69
C HIS QA 225 -0.90 58.84 12.44
N LYS QA 226 0.20 58.73 11.68
CA LYS QA 226 1.46 58.27 12.24
C LYS QA 226 2.04 59.14 13.37
N PRO QA 227 1.94 60.47 13.25
CA PRO QA 227 2.54 61.31 14.30
C PRO QA 227 2.00 61.07 15.72
N SER QA 228 0.77 60.59 15.82
CA SER QA 228 0.15 60.28 17.11
C SER QA 228 0.01 58.76 17.34
N ASN QA 229 0.62 57.95 16.47
CA ASN QA 229 0.53 56.50 16.58
C ASN QA 229 -0.92 55.99 16.54
N THR QA 230 -1.79 56.72 15.85
CA THR QA 230 -3.19 56.34 15.73
C THR QA 230 -3.45 55.35 14.62
N LYS QA 231 -4.12 54.26 14.94
CA LYS QA 231 -4.59 53.32 13.93
C LYS QA 231 -5.99 52.92 14.37
N VAL QA 232 -7.00 53.45 13.69
CA VAL QA 232 -8.42 53.25 14.05
C VAL QA 232 -9.14 52.55 12.91
N ASP QA 233 -10.00 51.60 13.24
CA ASP QA 233 -10.90 51.03 12.26
C ASP QA 233 -12.31 51.34 12.73
N LYS QA 234 -13.05 52.10 11.94
CA LYS QA 234 -14.42 52.48 12.31
C LYS QA 234 -15.44 51.93 11.33
N ARG QA 235 -16.37 51.14 11.87
CA ARG QA 235 -17.45 50.55 11.10
C ARG QA 235 -18.53 51.61 10.83
N VAL QA 236 -19.03 51.63 9.61
CA VAL QA 236 -20.03 52.61 9.20
C VAL QA 236 -21.30 51.91 8.78
N GLU QA 237 -22.39 52.21 9.50
CA GLU QA 237 -23.65 51.53 9.28
C GLU QA 237 -24.77 52.58 9.19
N PRO QA 238 -25.87 52.25 8.51
CA PRO QA 238 -27.03 53.16 8.38
C PRO QA 238 -27.66 53.50 9.72
N LYS QA 239 -28.18 54.73 9.83
CA LYS QA 239 -28.83 55.18 11.05
C LYS QA 239 -30.15 54.43 11.27
N ASP RA 1 22.73 78.99 -9.62
CA ASP RA 1 21.63 78.00 -9.83
C ASP RA 1 20.92 78.29 -11.14
N ILE RA 2 20.68 77.24 -11.91
CA ILE RA 2 19.95 77.36 -13.17
C ILE RA 2 18.47 77.40 -12.88
N GLN RA 3 17.81 78.41 -13.45
CA GLN RA 3 16.38 78.61 -13.31
C GLN RA 3 15.65 78.05 -14.51
N LEU RA 4 14.62 77.25 -14.26
CA LEU RA 4 13.75 76.75 -15.31
C LEU RA 4 12.40 77.44 -15.16
N THR RA 5 11.93 78.06 -16.24
CA THR RA 5 10.69 78.78 -16.26
C THR RA 5 9.75 77.99 -17.17
N GLN RA 6 8.63 77.54 -16.63
CA GLN RA 6 7.68 76.74 -17.41
C GLN RA 6 6.49 77.57 -17.78
N SER RA 7 6.03 77.45 -19.04
CA SER RA 7 4.79 78.12 -19.41
C SER RA 7 3.89 77.23 -20.29
N PRO RA 8 2.56 77.45 -20.21
CA PRO RA 8 1.97 78.38 -19.24
C PRO RA 8 1.89 77.76 -17.85
N SER RA 9 1.47 78.53 -16.84
CA SER RA 9 1.36 78.01 -15.48
C SER RA 9 0.28 76.95 -15.42
N SER RA 10 -0.79 77.16 -16.20
CA SER RA 10 -1.94 76.27 -16.21
C SER RA 10 -2.41 76.27 -17.66
N LEU RA 11 -2.80 75.11 -18.16
CA LEU RA 11 -3.28 74.99 -19.53
C LEU RA 11 -4.51 74.10 -19.58
N SER RA 12 -5.55 74.60 -20.24
CA SER RA 12 -6.80 73.86 -20.39
C SER RA 12 -6.92 73.35 -21.82
N ALA RA 13 -7.28 72.09 -22.00
CA ALA RA 13 -7.45 71.54 -23.34
C ALA RA 13 -8.44 70.38 -23.36
N SER RA 14 -9.01 70.10 -24.52
CA SER RA 14 -10.01 69.04 -24.68
C SER RA 14 -9.33 67.71 -25.00
N VAL RA 15 -9.96 66.62 -24.57
CA VAL RA 15 -9.49 65.28 -24.91
C VAL RA 15 -9.34 65.15 -26.42
N GLY RA 16 -8.16 64.69 -26.84
CA GLY RA 16 -7.84 64.52 -28.23
C GLY RA 16 -6.97 65.65 -28.76
N ASP RA 17 -6.90 66.76 -28.01
CA ASP RA 17 -6.11 67.90 -28.45
C ASP RA 17 -4.62 67.61 -28.40
N ARG RA 18 -3.89 68.20 -29.34
N ARG RA 18 -3.89 68.22 -29.33
CA ARG RA 18 -2.44 68.19 -29.30
CA ARG RA 18 -2.43 68.19 -29.31
C ARG RA 18 -2.01 69.33 -28.38
C ARG RA 18 -1.95 69.34 -28.42
N VAL RA 19 -1.22 69.00 -27.36
CA VAL RA 19 -0.85 69.94 -26.32
C VAL RA 19 0.65 70.17 -26.22
N THR RA 20 1.07 71.42 -26.10
CA THR RA 20 2.50 71.73 -26.02
C THR RA 20 2.80 72.51 -24.74
N LEU RA 21 3.70 71.96 -23.93
CA LEU RA 21 4.19 72.56 -22.70
C LEU RA 21 5.61 73.00 -22.97
N THR RA 22 5.99 74.16 -22.46
CA THR RA 22 7.31 74.73 -22.74
C THR RA 22 8.15 74.94 -21.47
N CYS RA 23 9.47 74.84 -21.63
CA CYS RA 23 10.44 75.06 -20.56
C CYS RA 23 11.56 75.92 -21.12
N GLN RA 24 11.89 77.00 -20.41
CA GLN RA 24 12.99 77.87 -20.78
C GLN RA 24 14.05 77.86 -19.68
N ALA RA 25 15.29 77.57 -20.02
CA ALA RA 25 16.37 77.57 -19.04
C ALA RA 25 17.10 78.91 -19.05
N SER RA 26 17.59 79.33 -17.88
CA SER RA 26 18.23 80.63 -17.77
C SER RA 26 19.62 80.56 -18.38
N GLN RA 27 20.09 79.36 -18.69
CA GLN RA 27 21.37 79.19 -19.37
C GLN RA 27 21.40 77.94 -20.22
N ASP RA 28 22.36 77.87 -21.15
CA ASP RA 28 22.43 76.74 -22.06
C ASP RA 28 22.74 75.48 -21.27
N ILE RA 29 21.78 74.54 -21.28
CA ILE RA 29 21.92 73.26 -20.60
C ILE RA 29 22.03 72.11 -21.62
N ARG RA 30 22.31 72.43 -22.88
CA ARG RA 30 22.43 71.46 -23.95
C ARG RA 30 21.16 70.59 -23.97
N LYS RA 31 21.27 69.28 -23.84
CA LYS RA 31 20.12 68.40 -23.82
C LYS RA 31 19.95 67.75 -22.45
N PHE RA 32 20.59 68.29 -21.41
CA PHE RA 32 20.49 67.64 -20.11
C PHE RA 32 19.21 68.11 -19.41
N LEU RA 33 18.06 67.65 -19.92
CA LEU RA 33 16.75 68.08 -19.43
C LEU RA 33 15.76 66.91 -19.35
N ASN RA 34 15.04 66.75 -18.26
CA ASN RA 34 14.11 65.65 -18.10
C ASN RA 34 12.71 66.21 -17.80
N TRP RA 35 11.66 65.44 -18.15
CA TRP RA 35 10.28 65.83 -17.91
C TRP RA 35 9.62 64.77 -17.05
N TYR RA 36 8.86 65.22 -16.04
CA TYR RA 36 8.12 64.38 -15.13
C TYR RA 36 6.65 64.76 -15.13
N GLN RA 37 5.81 63.79 -14.77
CA GLN RA 37 4.39 64.01 -14.49
C GLN RA 37 4.16 63.66 -13.02
N GLN RA 38 3.40 64.48 -12.31
CA GLN RA 38 3.03 64.21 -10.94
C GLN RA 38 1.54 64.39 -10.78
N LYS RA 39 0.87 63.32 -10.36
CA LYS RA 39 -0.54 63.38 -10.04
C LYS RA 39 -0.71 63.71 -8.57
N PRO RA 40 -1.77 64.43 -8.20
CA PRO RA 40 -1.92 64.90 -6.82
C PRO RA 40 -1.80 63.82 -5.76
N GLY RA 41 -0.98 64.09 -4.75
CA GLY RA 41 -0.79 63.16 -3.64
C GLY RA 41 0.06 61.96 -4.00
N LYS RA 42 0.65 61.98 -5.20
CA LYS RA 42 1.49 60.89 -5.68
C LYS RA 42 2.89 61.41 -5.99
N GLY RA 43 3.85 60.50 -6.04
CA GLY RA 43 5.21 60.85 -6.41
C GLY RA 43 5.32 61.11 -7.90
N PRO RA 44 6.32 61.89 -8.32
CA PRO RA 44 6.53 62.13 -9.74
C PRO RA 44 6.85 60.85 -10.51
N LYS RA 45 6.62 60.85 -11.82
CA LYS RA 45 7.05 59.76 -12.69
C LYS RA 45 7.77 60.32 -13.91
N LEU RA 46 8.88 59.70 -14.27
CA LEU RA 46 9.68 60.14 -15.42
C LEU RA 46 8.94 59.87 -16.72
N LEU RA 47 8.92 60.88 -17.58
CA LEU RA 47 8.34 60.78 -18.92
C LEU RA 47 9.42 60.80 -19.98
N ILE RA 48 10.27 61.81 -19.93
CA ILE RA 48 11.25 62.03 -20.99
C ILE RA 48 12.62 62.28 -20.36
N TYR RA 49 13.65 61.56 -20.84
CA TYR RA 49 15.01 61.86 -20.38
C TYR RA 49 15.90 62.35 -21.53
N ASP RA 50 16.85 63.21 -21.19
CA ASP RA 50 17.78 63.84 -22.13
C ASP RA 50 17.03 64.47 -23.32
N ALA RA 51 15.99 65.21 -22.97
CA ALA RA 51 15.19 66.11 -23.83
C ALA RA 51 14.19 65.42 -24.77
N SER RA 52 14.58 64.32 -25.41
CA SER RA 52 13.75 63.70 -26.45
C SER RA 52 13.49 62.19 -26.32
N ASN RA 53 14.04 61.54 -25.28
CA ASN RA 53 13.88 60.08 -25.15
C ASN RA 53 12.70 59.66 -24.30
N LEU RA 54 11.82 58.87 -24.89
CA LEU RA 54 10.67 58.35 -24.17
C LEU RA 54 11.09 57.22 -23.24
N GLN RA 55 10.82 57.40 -21.95
CA GLN RA 55 11.12 56.37 -20.98
C GLN RA 55 10.29 55.12 -21.23
N ARG RA 56 10.93 53.97 -21.08
CA ARG RA 56 10.25 52.68 -21.19
C ARG RA 56 8.94 52.63 -20.40
N GLY RA 57 7.87 52.21 -21.05
CA GLY RA 57 6.60 52.00 -20.39
C GLY RA 57 5.69 53.23 -20.44
N VAL RA 58 6.26 54.39 -20.77
CA VAL RA 58 5.48 55.61 -20.89
C VAL RA 58 4.74 55.60 -22.23
N PRO RA 59 3.45 56.00 -22.25
CA PRO RA 59 2.69 55.98 -23.50
C PRO RA 59 3.36 56.80 -24.60
N SER RA 60 3.29 56.32 -25.85
CA SER RA 60 3.98 56.96 -26.98
C SER RA 60 3.43 58.32 -27.40
N ARG RA 61 2.27 58.71 -26.90
CA ARG RA 61 1.73 60.03 -27.20
C ARG RA 61 2.59 61.15 -26.60
N PHE RA 62 3.47 60.79 -25.66
CA PHE RA 62 4.41 61.76 -25.11
C PHE RA 62 5.68 61.77 -25.97
N SER RA 63 6.14 62.98 -26.25
CA SER RA 63 7.40 63.20 -26.95
C SER RA 63 8.05 64.45 -26.40
N GLY RA 64 9.36 64.58 -26.52
CA GLY RA 64 10.06 65.74 -26.01
C GLY RA 64 10.98 66.27 -27.08
N GLY RA 65 11.25 67.58 -27.02
CA GLY RA 65 12.13 68.23 -27.98
C GLY RA 65 12.87 69.41 -27.40
N GLY RA 66 13.82 69.92 -28.17
CA GLY RA 66 14.55 71.12 -27.83
C GLY RA 66 15.95 70.87 -27.34
N SER RA 67 16.68 71.97 -27.15
CA SER RA 67 18.05 71.93 -26.66
C SER RA 67 18.49 73.35 -26.37
N GLY RA 68 19.60 73.49 -25.68
CA GLY RA 68 20.09 74.79 -25.29
C GLY RA 68 19.23 75.36 -24.18
N THR RA 69 18.44 76.38 -24.49
CA THR RA 69 17.60 77.00 -23.50
C THR RA 69 16.11 76.74 -23.70
N ASP RA 70 15.71 76.21 -24.86
CA ASP RA 70 14.29 76.05 -25.18
C ASP RA 70 13.86 74.59 -25.39
N PHE RA 71 12.88 74.13 -24.61
CA PHE RA 71 12.43 72.74 -24.64
C PHE RA 71 10.91 72.63 -24.68
N THR RA 72 10.42 71.53 -25.23
CA THR RA 72 8.99 71.26 -25.28
C THR RA 72 8.64 69.83 -24.90
N LEU RA 73 7.51 69.65 -24.21
CA LEU RA 73 6.91 68.34 -24.03
C LEU RA 73 5.61 68.38 -24.81
N ILE RA 74 5.41 67.44 -25.72
CA ILE RA 74 4.23 67.41 -26.56
C ILE RA 74 3.44 66.16 -26.23
N ILE RA 75 2.14 66.34 -26.01
CA ILE RA 75 1.20 65.25 -25.87
C ILE RA 75 0.34 65.25 -27.11
N SER RA 76 0.52 64.26 -27.98
CA SER RA 76 -0.06 64.34 -29.31
C SER RA 76 -1.57 64.25 -29.27
N SER RA 77 -2.10 63.54 -28.27
CA SER RA 77 -3.54 63.42 -28.10
C SER RA 77 -3.89 63.33 -26.62
N LEU RA 78 -4.39 64.43 -26.07
CA LEU RA 78 -4.61 64.53 -24.63
C LEU RA 78 -5.65 63.50 -24.20
N GLN RA 79 -5.34 62.78 -23.13
CA GLN RA 79 -6.28 61.82 -22.56
C GLN RA 79 -6.68 62.33 -21.21
N PRO RA 80 -7.86 61.90 -20.73
CA PRO RA 80 -8.32 62.39 -19.43
C PRO RA 80 -7.32 62.06 -18.31
N GLU RA 81 -6.65 60.91 -18.43
CA GLU RA 81 -5.64 60.47 -17.44
C GLU RA 81 -4.39 61.33 -17.44
N ASP RA 82 -4.26 62.25 -18.40
CA ASP RA 82 -3.15 63.17 -18.41
C ASP RA 82 -3.18 64.36 -17.43
N VAL RA 83 -4.32 64.60 -16.77
CA VAL RA 83 -4.40 65.70 -15.79
C VAL RA 83 -3.35 65.52 -14.69
N GLY RA 84 -2.73 66.63 -14.31
CA GLY RA 84 -1.75 66.62 -13.24
C GLY RA 84 -0.79 67.74 -13.53
N THR RA 85 0.39 67.70 -12.90
CA THR RA 85 1.37 68.74 -13.04
C THR RA 85 2.63 68.19 -13.68
N TYR RA 86 3.24 68.94 -14.60
CA TYR RA 86 4.42 68.48 -15.31
C TYR RA 86 5.59 69.37 -14.98
N TYR RA 87 6.72 68.76 -14.64
CA TYR RA 87 7.90 69.52 -14.25
C TYR RA 87 9.03 69.20 -15.19
N CYS RA 88 9.80 70.20 -15.56
CA CYS RA 88 11.07 69.96 -16.24
C CYS RA 88 12.18 70.05 -15.20
N GLN RA 89 13.32 69.45 -15.51
CA GLN RA 89 14.43 69.37 -14.55
C GLN RA 89 15.78 69.26 -15.21
N GLN RA 90 16.76 69.95 -14.63
CA GLN RA 90 17.99 70.19 -15.34
C GLN RA 90 19.10 69.55 -14.52
N TYR RA 91 20.01 68.87 -15.20
CA TYR RA 91 21.21 68.34 -14.55
C TYR RA 91 22.49 68.72 -15.30
N ASP RA 92 22.46 69.81 -16.06
CA ASP RA 92 23.69 70.38 -16.63
C ASP RA 92 24.68 70.67 -15.51
N GLY RA 93 24.21 71.18 -14.38
CA GLY RA 93 25.09 71.47 -13.26
C GLY RA 93 24.35 71.44 -11.94
N LEU RA 94 25.06 71.08 -10.88
CA LEU RA 94 24.53 71.18 -9.53
C LEU RA 94 24.40 72.65 -9.12
N PRO RA 95 23.39 72.97 -8.29
CA PRO RA 95 22.36 72.04 -7.81
C PRO RA 95 21.32 71.73 -8.88
N PHE RA 96 20.81 70.51 -8.88
CA PHE RA 96 19.73 70.14 -9.79
C PHE RA 96 18.53 71.01 -9.43
N THR RA 97 17.81 71.47 -10.44
CA THR RA 97 16.66 72.32 -10.24
C THR RA 97 15.48 71.89 -11.12
N PHE RA 98 14.28 72.24 -10.68
CA PHE RA 98 13.06 71.89 -11.39
C PHE RA 98 12.35 73.15 -11.81
N GLY RA 99 11.60 73.08 -12.90
CA GLY RA 99 10.69 74.14 -13.27
C GLY RA 99 9.58 74.20 -12.25
N GLY RA 100 8.81 75.29 -12.25
CA GLY RA 100 7.74 75.45 -11.29
C GLY RA 100 6.49 74.64 -11.61
N GLY RA 101 6.49 73.95 -12.75
CA GLY RA 101 5.41 73.05 -13.08
C GLY RA 101 4.36 73.72 -13.95
N THR RA 102 3.74 72.93 -14.83
CA THR RA 102 2.59 73.38 -15.61
C THR RA 102 1.45 72.41 -15.30
N LYS RA 103 0.33 72.96 -14.85
CA LYS RA 103 -0.82 72.14 -14.51
C LYS RA 103 -1.67 71.94 -15.75
N VAL RA 104 -1.99 70.69 -16.06
CA VAL RA 104 -2.87 70.39 -17.18
C VAL RA 104 -4.29 70.10 -16.71
N VAL RA 105 -5.25 70.73 -17.38
CA VAL RA 105 -6.65 70.70 -16.99
C VAL RA 105 -7.46 70.30 -18.21
N ILE RA 106 -8.36 69.34 -18.03
CA ILE RA 106 -9.23 68.89 -19.12
C ILE RA 106 -10.40 69.85 -19.18
N LYS RA 107 -10.77 70.23 -20.40
CA LYS RA 107 -12.00 70.96 -20.61
C LYS RA 107 -12.95 69.84 -20.94
N ARG RA 108 -14.09 69.79 -20.25
CA ARG RA 108 -15.07 68.74 -20.51
C ARG RA 108 -16.49 69.24 -20.46
N THR RA 109 -17.48 68.37 -20.67
CA THR RA 109 -18.91 68.76 -20.62
C THR RA 109 -19.43 69.03 -19.19
N VAL RA 110 -20.45 69.88 -19.03
CA VAL RA 110 -21.05 70.09 -17.71
C VAL RA 110 -21.61 68.76 -17.18
N ALA RA 111 -21.51 68.55 -15.88
CA ALA RA 111 -22.05 67.37 -15.21
C ALA RA 111 -22.57 67.74 -13.85
N ALA RA 112 -23.85 67.47 -13.60
CA ALA RA 112 -24.46 67.93 -12.38
C ALA RA 112 -24.00 67.05 -11.22
N PRO RA 113 -23.80 67.65 -10.05
CA PRO RA 113 -23.38 66.90 -8.87
C PRO RA 113 -24.53 66.08 -8.34
N SER RA 114 -24.22 64.94 -7.74
CA SER RA 114 -25.23 64.27 -6.92
C SER RA 114 -25.01 64.72 -5.47
N VAL RA 115 -26.08 65.08 -4.79
CA VAL RA 115 -25.97 65.68 -3.47
C VAL RA 115 -26.48 64.74 -2.37
N PHE RA 116 -25.69 64.67 -1.29
CA PHE RA 116 -26.00 63.89 -0.09
C PHE RA 116 -25.74 64.73 1.16
N ILE RA 117 -26.57 64.53 2.18
CA ILE RA 117 -26.37 65.20 3.47
C ILE RA 117 -26.23 64.15 4.57
N PHE RA 118 -25.38 64.41 5.57
CA PHE RA 118 -25.19 63.50 6.69
C PHE RA 118 -25.36 64.29 7.99
N PRO RA 119 -26.20 63.79 8.92
CA PRO RA 119 -26.30 64.37 10.27
C PRO RA 119 -25.07 64.05 11.12
N PRO RA 120 -24.89 64.75 12.25
CA PRO RA 120 -23.81 64.37 13.16
C PRO RA 120 -24.08 63.00 13.79
N SER RA 121 -23.03 62.23 14.02
CA SER RA 121 -23.17 60.92 14.63
C SER RA 121 -23.45 61.04 16.13
N ASP RA 122 -23.86 59.94 16.73
CA ASP RA 122 -24.18 59.93 18.16
C ASP RA 122 -22.89 60.01 18.98
N GLU RA 123 -21.84 59.37 18.48
CA GLU RA 123 -20.55 59.40 19.19
C GLU RA 123 -20.05 60.84 19.34
N GLN RA 124 -20.28 61.65 18.31
CA GLN RA 124 -19.76 63.02 18.29
C GLN RA 124 -20.56 63.97 19.18
N LEU RA 125 -21.89 63.87 19.13
CA LEU RA 125 -22.79 64.65 20.00
C LEU RA 125 -22.50 64.36 21.45
N LYS RA 126 -22.28 63.08 21.74
CA LYS RA 126 -21.89 62.63 23.07
C LYS RA 126 -20.74 63.47 23.69
N SER RA 127 -19.97 64.17 22.85
CA SER RA 127 -18.79 64.92 23.28
C SER RA 127 -18.94 66.45 23.10
N GLY RA 128 -20.15 66.93 22.88
CA GLY RA 128 -20.42 68.37 22.90
C GLY RA 128 -20.25 69.16 21.60
N THR RA 129 -19.90 68.51 20.49
CA THR RA 129 -19.77 69.20 19.19
C THR RA 129 -20.60 68.51 18.12
N ALA RA 130 -21.17 69.29 17.19
CA ALA RA 130 -21.96 68.72 16.08
C ALA RA 130 -21.44 69.16 14.69
N SER RA 131 -21.06 68.17 13.87
CA SER RA 131 -20.62 68.40 12.50
C SER RA 131 -21.65 67.81 11.53
N VAL RA 132 -22.20 68.65 10.67
CA VAL RA 132 -23.15 68.26 9.63
C VAL RA 132 -22.46 68.36 8.27
N VAL RA 133 -22.51 67.30 7.48
CA VAL RA 133 -21.73 67.25 6.23
C VAL RA 133 -22.61 67.20 4.98
N CYS RA 134 -22.23 67.94 3.94
CA CYS RA 134 -22.93 67.91 2.67
C CYS RA 134 -21.89 67.52 1.62
N LEU RA 135 -22.20 66.55 0.78
CA LEU RA 135 -21.32 66.04 -0.24
C LEU RA 135 -21.88 66.29 -1.63
N LEU RA 136 -21.07 66.88 -2.49
CA LEU RA 136 -21.39 67.01 -3.91
C LEU RA 136 -20.45 66.09 -4.66
N ASN RA 137 -20.99 65.09 -5.33
CA ASN RA 137 -20.19 64.06 -5.96
C ASN RA 137 -20.14 64.20 -7.47
N ASN RA 138 -18.91 64.08 -7.99
CA ASN RA 138 -18.63 63.98 -9.43
C ASN RA 138 -19.33 64.96 -10.35
N PHE RA 139 -18.86 66.20 -10.34
CA PHE RA 139 -19.49 67.25 -11.13
C PHE RA 139 -18.46 68.10 -11.85
N TYR RA 140 -18.94 68.88 -12.81
CA TYR RA 140 -18.11 69.84 -13.51
C TYR RA 140 -19.03 70.91 -14.06
N PRO RA 141 -18.60 72.18 -14.02
CA PRO RA 141 -17.31 72.71 -13.56
C PRO RA 141 -17.21 72.80 -12.05
N ARG RA 142 -16.05 73.23 -11.58
CA ARG RA 142 -15.72 73.23 -10.16
C ARG RA 142 -16.57 74.18 -9.33
N GLU RA 143 -16.93 75.31 -9.94
CA GLU RA 143 -17.63 76.35 -9.23
C GLU RA 143 -18.99 75.80 -8.81
N ALA RA 144 -19.25 75.85 -7.50
CA ALA RA 144 -20.55 75.46 -6.96
C ALA RA 144 -20.81 76.34 -5.76
N LYS RA 145 -22.09 76.56 -5.45
CA LYS RA 145 -22.49 77.31 -4.27
C LYS RA 145 -23.19 76.36 -3.34
N VAL RA 146 -22.72 76.30 -2.11
CA VAL RA 146 -23.32 75.46 -1.10
C VAL RA 146 -23.77 76.38 0.03
N GLN RA 147 -25.07 76.37 0.31
CA GLN RA 147 -25.66 77.26 1.29
C GLN RA 147 -26.31 76.43 2.40
N TRP RA 148 -25.99 76.71 3.65
CA TRP RA 148 -26.64 76.02 4.75
C TRP RA 148 -27.86 76.76 5.27
N LYS RA 149 -28.89 76.00 5.61
CA LYS RA 149 -30.09 76.53 6.22
C LYS RA 149 -30.49 75.65 7.42
N VAL RA 150 -30.70 76.30 8.57
CA VAL RA 150 -31.16 75.64 9.78
C VAL RA 150 -32.55 76.19 10.13
N ASP RA 151 -33.56 75.32 10.15
CA ASP RA 151 -34.95 75.76 10.26
C ASP RA 151 -35.22 76.88 9.27
N ASN RA 152 -34.63 76.77 8.08
CA ASN RA 152 -34.89 77.73 7.00
C ASN RA 152 -34.14 79.06 7.16
N ALA RA 153 -33.25 79.15 8.15
CA ALA RA 153 -32.45 80.36 8.38
C ALA RA 153 -31.09 80.22 7.72
N LEU RA 154 -30.75 81.18 6.87
CA LEU RA 154 -29.53 81.12 6.08
C LEU RA 154 -28.29 81.28 6.96
N GLN RA 155 -27.47 80.24 6.97
CA GLN RA 155 -26.29 80.20 7.83
C GLN RA 155 -25.09 80.87 7.17
N SER RA 156 -24.18 81.42 7.97
CA SER RA 156 -22.91 81.93 7.45
C SER RA 156 -21.83 82.04 8.51
N GLY RA 157 -20.58 81.81 8.09
CA GLY RA 157 -19.41 81.94 8.96
C GLY RA 157 -19.04 80.71 9.78
N ASN RA 158 -19.92 79.71 9.81
CA ASN RA 158 -19.69 78.47 10.55
C ASN RA 158 -19.55 77.22 9.67
N SER RA 159 -19.11 77.37 8.43
CA SER RA 159 -18.87 76.21 7.57
C SER RA 159 -17.58 76.31 6.75
N GLN RA 160 -17.05 75.16 6.36
CA GLN RA 160 -15.85 75.08 5.51
C GLN RA 160 -15.96 74.10 4.35
N GLU RA 161 -15.43 74.48 3.20
CA GLU RA 161 -15.46 73.61 2.02
C GLU RA 161 -14.07 73.02 1.77
N SER RA 162 -14.08 71.83 1.18
CA SER RA 162 -12.88 71.22 0.65
C SER RA 162 -13.21 70.63 -0.72
N VAL RA 163 -12.28 70.71 -1.67
CA VAL RA 163 -12.52 70.24 -3.02
C VAL RA 163 -11.42 69.28 -3.46
N THR RA 164 -11.81 68.17 -4.07
CA THR RA 164 -10.84 67.22 -4.57
C THR RA 164 -10.12 67.79 -5.77
N GLU RA 165 -8.97 67.21 -6.04
CA GLU RA 165 -8.24 67.49 -7.25
C GLU RA 165 -9.05 66.97 -8.41
N GLN RA 166 -8.89 67.57 -9.58
CA GLN RA 166 -9.62 67.13 -10.75
C GLN RA 166 -9.31 65.65 -10.96
N ASP RA 167 -10.35 64.84 -11.11
CA ASP RA 167 -10.21 63.39 -11.25
C ASP RA 167 -9.46 63.04 -12.52
N SER RA 168 -8.54 62.10 -12.39
CA SER RA 168 -7.70 61.76 -13.52
C SER RA 168 -8.41 60.97 -14.61
N LYS RA 169 -9.54 60.35 -14.30
CA LYS RA 169 -10.19 59.55 -15.32
C LYS RA 169 -11.30 60.32 -16.03
N ASP RA 170 -12.23 60.93 -15.29
CA ASP RA 170 -13.35 61.66 -15.91
C ASP RA 170 -13.27 63.18 -15.71
N SER RA 171 -12.19 63.66 -15.08
CA SER RA 171 -11.93 65.10 -15.01
C SER RA 171 -12.98 65.88 -14.21
N THR RA 172 -13.67 65.17 -13.32
CA THR RA 172 -14.63 65.82 -12.44
C THR RA 172 -14.04 66.15 -11.09
N TYR RA 173 -14.81 66.89 -10.31
CA TYR RA 173 -14.43 67.27 -8.96
C TYR RA 173 -15.48 66.71 -7.99
N SER RA 174 -15.11 66.63 -6.71
CA SER RA 174 -16.09 66.42 -5.65
C SER RA 174 -15.82 67.47 -4.59
N LEU RA 175 -16.83 67.79 -3.80
CA LEU RA 175 -16.73 68.88 -2.83
C LEU RA 175 -17.48 68.46 -1.57
N SER RA 176 -16.96 68.84 -0.42
CA SER RA 176 -17.66 68.67 0.84
C SER RA 176 -17.78 70.01 1.53
N SER RA 177 -18.93 70.27 2.15
CA SER RA 177 -19.14 71.45 2.96
C SER RA 177 -19.50 70.96 4.35
N THR RA 178 -18.80 71.45 5.37
CA THR RA 178 -19.05 71.02 6.74
C THR RA 178 -19.54 72.19 7.58
N LEU RA 179 -20.76 72.07 8.09
CA LEU RA 179 -21.36 73.07 8.98
C LEU RA 179 -21.13 72.63 10.43
N THR RA 180 -20.41 73.42 11.21
CA THR RA 180 -20.08 73.06 12.58
C THR RA 180 -20.76 73.98 13.59
N LEU RA 181 -21.48 73.39 14.54
CA LEU RA 181 -22.08 74.15 15.62
C LEU RA 181 -22.11 73.34 16.92
N SER RA 182 -22.25 74.03 18.06
CA SER RA 182 -22.19 73.37 19.37
C SER RA 182 -23.41 72.47 19.54
N LYS RA 183 -23.28 71.49 20.43
CA LYS RA 183 -24.38 70.57 20.69
C LYS RA 183 -25.62 71.35 21.10
N ALA RA 184 -25.42 72.41 21.90
CA ALA RA 184 -26.51 73.26 22.35
C ALA RA 184 -27.30 73.78 21.14
N ASP RA 185 -26.59 74.40 20.20
CA ASP RA 185 -27.24 74.98 19.03
C ASP RA 185 -27.88 73.92 18.17
N TYR RA 186 -27.16 72.81 17.93
CA TYR RA 186 -27.71 71.73 17.12
C TYR RA 186 -29.05 71.25 17.67
N GLU RA 187 -29.16 71.24 19.00
CA GLU RA 187 -30.34 70.75 19.68
C GLU RA 187 -31.47 71.78 19.70
N LYS RA 188 -31.08 73.06 19.61
CA LYS RA 188 -32.07 74.12 19.44
C LYS RA 188 -33.00 73.85 18.24
N HIS RA 189 -32.43 73.61 17.07
CA HIS RA 189 -33.22 73.56 15.83
C HIS RA 189 -33.54 72.13 15.36
N LYS RA 190 -34.41 72.03 14.35
CA LYS RA 190 -34.94 70.76 13.86
C LYS RA 190 -34.55 70.41 12.42
N VAL RA 191 -34.71 71.35 11.49
CA VAL RA 191 -34.50 71.08 10.07
C VAL RA 191 -33.13 71.56 9.59
N TYR RA 192 -32.32 70.62 9.08
CA TYR RA 192 -31.00 70.93 8.56
C TYR RA 192 -30.93 70.67 7.07
N ALA RA 193 -30.54 71.70 6.32
CA ALA RA 193 -30.64 71.67 4.88
C ALA RA 193 -29.41 72.21 4.15
N CYS RA 194 -28.99 71.50 3.11
CA CYS RA 194 -27.92 71.89 2.23
C CYS RA 194 -28.55 72.22 0.87
N GLU RA 195 -28.43 73.47 0.42
CA GLU RA 195 -28.94 73.90 -0.88
C GLU RA 195 -27.77 74.17 -1.84
N VAL RA 196 -27.73 73.40 -2.92
CA VAL RA 196 -26.64 73.44 -3.89
C VAL RA 196 -27.09 74.12 -5.18
N THR RA 197 -26.31 75.09 -5.66
CA THR RA 197 -26.56 75.75 -6.93
C THR RA 197 -25.38 75.43 -7.84
N HIS RA 198 -25.66 75.02 -9.07
CA HIS RA 198 -24.61 74.58 -9.98
C HIS RA 198 -25.10 74.64 -11.43
N GLN RA 199 -24.18 74.89 -12.34
CA GLN RA 199 -24.48 75.12 -13.75
C GLN RA 199 -25.22 73.94 -14.41
N GLY RA 200 -25.04 72.74 -13.90
CA GLY RA 200 -25.66 71.56 -14.45
C GLY RA 200 -27.05 71.30 -13.89
N LEU RA 201 -27.47 72.14 -12.94
CA LEU RA 201 -28.80 72.04 -12.34
C LEU RA 201 -29.62 73.22 -12.80
N SER RA 202 -30.83 72.95 -13.24
CA SER RA 202 -31.71 73.99 -13.74
C SER RA 202 -32.17 74.92 -12.64
N SER RA 203 -32.17 74.41 -11.42
CA SER RA 203 -32.46 75.19 -10.25
C SER RA 203 -31.81 74.50 -9.05
N PRO RA 204 -31.58 75.25 -7.96
CA PRO RA 204 -30.85 74.73 -6.80
C PRO RA 204 -31.45 73.42 -6.25
N VAL RA 205 -30.62 72.47 -5.88
CA VAL RA 205 -31.09 71.21 -5.29
C VAL RA 205 -30.92 71.28 -3.79
N THR RA 206 -31.94 70.86 -3.05
CA THR RA 206 -31.87 70.83 -1.60
C THR RA 206 -31.98 69.40 -1.07
N LYS RA 207 -31.05 69.06 -0.18
CA LYS RA 207 -31.13 67.82 0.59
C LYS RA 207 -31.24 68.21 2.05
N SER RA 208 -32.14 67.58 2.80
CA SER RA 208 -32.25 67.91 4.22
C SER RA 208 -32.60 66.72 5.09
N PHE RA 209 -32.63 66.95 6.39
CA PHE RA 209 -33.12 65.96 7.34
C PHE RA 209 -33.71 66.64 8.57
N ASN RA 210 -34.52 65.89 9.32
CA ASN RA 210 -35.07 66.36 10.58
C ASN RA 210 -34.26 65.72 11.72
N ARG RA 211 -33.79 66.53 12.67
CA ARG RA 211 -32.97 66.03 13.76
C ARG RA 211 -33.64 64.91 14.53
N GLY RA 212 -32.90 63.81 14.68
CA GLY RA 212 -33.40 62.64 15.38
C GLY RA 212 -34.45 61.83 14.63
N GLU RA 213 -34.27 61.70 13.32
CA GLU RA 213 -35.19 60.90 12.51
C GLU RA 213 -34.40 59.99 11.58
N VAL SA 2 10.85 40.24 -51.93
CA VAL SA 2 11.16 41.26 -52.91
C VAL SA 2 9.87 41.58 -53.67
N GLN SA 3 9.72 42.86 -54.05
CA GLN SA 3 8.57 43.31 -54.84
C GLN SA 3 9.05 43.99 -56.11
N LEU SA 4 8.29 43.86 -57.19
CA LEU SA 4 8.69 44.43 -58.47
C LEU SA 4 7.65 45.39 -59.01
N GLN SA 5 8.10 46.43 -59.70
CA GLN SA 5 7.15 47.33 -60.36
C GLN SA 5 7.69 47.84 -61.69
N GLU SA 6 7.03 47.47 -62.78
CA GLU SA 6 7.45 47.88 -64.12
C GLU SA 6 6.89 49.26 -64.46
N SER SA 7 7.56 49.92 -65.40
CA SER SA 7 7.06 51.18 -65.95
C SER SA 7 7.68 51.40 -67.32
N GLY SA 8 7.17 52.38 -68.06
CA GLY SA 8 7.77 52.79 -69.32
C GLY SA 8 6.94 52.40 -70.54
N GLY SA 9 5.90 51.60 -70.31
CA GLY SA 9 5.04 51.14 -71.38
C GLY SA 9 4.29 52.30 -71.95
N GLY SA 10 3.82 52.14 -73.17
CA GLY SA 10 3.02 53.17 -73.80
C GLY SA 10 2.76 52.80 -75.23
N LEU SA 11 2.21 53.76 -75.95
CA LEU SA 11 1.94 53.59 -77.36
C LEU SA 11 3.11 54.12 -78.17
N VAL SA 12 3.56 53.32 -79.13
CA VAL SA 12 4.64 53.72 -80.02
C VAL SA 12 4.37 53.24 -81.45
N GLN SA 13 4.94 53.93 -82.43
CA GLN SA 13 4.77 53.56 -83.82
C GLN SA 13 5.59 52.31 -84.12
N PRO SA 14 5.15 51.49 -85.10
CA PRO SA 14 6.03 50.39 -85.48
C PRO SA 14 7.36 50.96 -85.97
N GLY SA 15 8.47 50.34 -85.59
CA GLY SA 15 9.80 50.80 -85.98
C GLY SA 15 10.48 51.63 -84.91
N GLU SA 16 9.71 52.24 -84.01
CA GLU SA 16 10.28 53.08 -82.97
C GLU SA 16 10.90 52.26 -81.84
N SER SA 17 11.49 52.93 -80.87
CA SER SA 17 12.14 52.27 -79.73
C SER SA 17 11.42 52.67 -78.45
N LEU SA 18 11.68 51.92 -77.38
CA LEU SA 18 11.05 52.16 -76.09
C LEU SA 18 11.82 51.42 -75.02
N ARG SA 19 11.98 52.04 -73.85
N ARG SA 19 12.01 52.05 -73.87
CA ARG SA 19 12.77 51.47 -72.76
CA ARG SA 19 12.79 51.45 -72.78
C ARG SA 19 11.90 51.22 -71.55
C ARG SA 19 11.90 51.23 -71.56
N LEU SA 20 11.76 49.96 -71.17
CA LEU SA 20 11.01 49.58 -69.98
C LEU SA 20 11.99 49.49 -68.83
N SER SA 21 11.52 49.82 -67.63
N SER SA 21 11.49 49.78 -67.64
CA SER SA 21 12.32 49.63 -66.43
CA SER SA 21 12.26 49.70 -66.41
C SER SA 21 11.52 48.91 -65.37
C SER SA 21 11.52 48.81 -65.42
N CYS SA 22 12.22 48.32 -64.41
CA CYS SA 22 11.60 47.54 -63.35
C CYS SA 22 12.32 47.80 -62.05
N VAL SA 23 11.60 48.24 -61.02
CA VAL SA 23 12.26 48.58 -59.77
C VAL SA 23 11.94 47.54 -58.71
N GLY SA 24 13.00 47.06 -58.07
CA GLY SA 24 12.86 46.12 -56.98
C GLY SA 24 12.78 46.91 -55.68
N SER SA 25 11.97 46.42 -54.74
CA SER SA 25 11.89 46.99 -53.40
C SER SA 25 11.73 45.84 -52.42
N GLY SA 26 11.52 46.15 -51.14
CA GLY SA 26 11.36 45.12 -50.13
C GLY SA 26 12.63 44.28 -50.05
N SER SA 27 12.51 43.12 -49.42
CA SER SA 27 13.64 42.22 -49.25
C SER SA 27 13.16 40.80 -48.92
N SER SA 28 14.04 39.83 -49.11
CA SER SA 28 13.74 38.43 -48.87
C SER SA 28 14.73 37.90 -47.82
N PHE SA 29 15.05 36.60 -47.85
CA PHE SA 29 15.91 36.01 -46.84
C PHE SA 29 17.24 36.67 -46.75
N GLY SA 30 17.73 36.80 -45.53
CA GLY SA 30 18.97 37.47 -45.32
C GLY SA 30 18.93 38.90 -45.83
N GLU SA 31 17.77 39.53 -45.79
CA GLU SA 31 17.63 40.91 -46.26
C GLU SA 31 18.09 41.07 -47.69
N SER SA 32 17.98 40.01 -48.48
CA SER SA 32 18.39 40.08 -49.87
C SER SA 32 17.46 40.98 -50.67
N THR SA 33 18.02 41.67 -51.65
CA THR SA 33 17.24 42.53 -52.52
C THR SA 33 17.35 41.97 -53.93
N LEU SA 34 16.71 42.65 -54.87
CA LEU SA 34 16.64 42.18 -56.25
C LEU SA 34 18.02 41.89 -56.86
N SER SA 35 19.03 42.64 -56.45
CA SER SA 35 20.36 42.52 -57.04
C SER SA 35 21.06 41.23 -56.63
N TYR SA 36 20.45 40.42 -55.77
CA TYR SA 36 20.98 39.11 -55.43
C TYR SA 36 20.45 38.03 -56.38
N TYR SA 37 19.49 38.36 -57.24
CA TYR SA 37 18.77 37.37 -58.03
C TYR SA 37 18.83 37.60 -59.53
N ALA SA 38 18.73 36.51 -60.27
CA ALA SA 38 18.49 36.58 -61.70
C ALA SA 38 17.04 36.98 -61.96
N VAL SA 39 16.81 37.64 -63.10
CA VAL SA 39 15.52 38.21 -63.43
C VAL SA 39 15.27 38.03 -64.91
N SER SA 40 14.02 37.82 -65.30
CA SER SA 40 13.65 37.69 -66.69
C SER SA 40 12.59 38.71 -67.05
N TRP SA 41 12.46 39.00 -68.35
CA TRP SA 41 11.30 39.71 -68.85
C TRP SA 41 10.43 38.66 -69.55
N VAL SA 42 9.12 38.75 -69.34
CA VAL SA 42 8.15 37.81 -69.87
C VAL SA 42 7.00 38.68 -70.32
N ARG SA 43 6.35 38.37 -71.43
CA ARG SA 43 5.25 39.21 -71.90
C ARG SA 43 4.02 38.38 -72.20
N GLN SA 44 2.90 39.06 -72.34
CA GLN SA 44 1.62 38.41 -72.55
C GLN SA 44 0.82 39.25 -73.53
N ALA SA 45 0.64 38.73 -74.75
CA ALA SA 45 -0.11 39.45 -75.76
C ALA SA 45 -1.57 39.44 -75.39
N PRO SA 46 -2.37 40.38 -75.94
CA PRO SA 46 -3.75 40.49 -75.51
C PRO SA 46 -4.51 39.17 -75.69
N GLY SA 47 -5.11 38.65 -74.63
CA GLY SA 47 -5.86 37.43 -74.72
C GLY SA 47 -5.02 36.17 -74.90
N LYS SA 48 -3.70 36.29 -74.86
CA LYS SA 48 -2.81 35.15 -75.13
C LYS SA 48 -2.08 34.69 -73.88
N GLY SA 49 -1.19 33.72 -74.03
CA GLY SA 49 -0.42 33.24 -72.90
C GLY SA 49 0.86 33.99 -72.63
N LEU SA 50 1.76 33.34 -71.92
CA LEU SA 50 3.00 33.96 -71.47
C LEU SA 50 4.15 33.53 -72.35
N GLU SA 51 5.02 34.49 -72.67
CA GLU SA 51 6.17 34.26 -73.51
C GLU SA 51 7.44 34.79 -72.87
N TRP SA 52 8.38 33.91 -72.57
CA TRP SA 52 9.65 34.34 -72.02
C TRP SA 52 10.44 35.07 -73.10
N LEU SA 53 11.05 36.18 -72.72
CA LEU SA 53 11.79 37.03 -73.65
C LEU SA 53 13.29 37.00 -73.39
N SER SA 54 13.69 37.14 -72.14
CA SER SA 54 15.10 37.36 -71.82
C SER SA 54 15.38 37.17 -70.35
N ILE SA 55 16.62 36.78 -70.05
CA ILE SA 55 17.08 36.58 -68.68
C ILE SA 55 18.42 37.25 -68.45
N ILE SA 56 18.67 37.69 -67.22
CA ILE SA 56 19.95 38.26 -66.86
C ILE SA 56 20.24 37.84 -65.42
N ASN SA 57 21.48 37.42 -65.18
CA ASN SA 57 21.88 36.93 -63.87
C ASN SA 57 22.11 38.11 -62.92
N ALA SA 58 22.19 37.83 -61.62
CA ALA SA 58 22.31 38.88 -60.62
C ALA SA 58 23.43 39.87 -60.93
N GLY SA 59 24.58 39.36 -61.37
CA GLY SA 59 25.73 40.20 -61.62
C GLY SA 59 25.79 40.81 -63.02
N GLY SA 60 24.77 40.58 -63.83
CA GLY SA 60 24.65 41.19 -65.13
C GLY SA 60 25.01 40.30 -66.32
N GLY SA 61 25.48 39.09 -66.03
CA GLY SA 61 25.91 38.17 -67.08
C GLY SA 61 24.93 37.08 -67.47
N ASP SA 62 25.43 36.15 -68.27
CA ASP SA 62 24.68 34.97 -68.67
C ASP SA 62 23.36 35.34 -69.33
N ILE SA 63 23.39 36.42 -70.11
CA ILE SA 63 22.21 36.92 -70.80
C ILE SA 63 21.84 36.01 -71.97
N ASP SA 64 20.55 35.82 -72.17
CA ASP SA 64 20.02 35.14 -73.35
C ASP SA 64 18.69 35.73 -73.78
N TYR SA 65 18.33 35.51 -75.04
CA TYR SA 65 17.11 36.07 -75.61
C TYR SA 65 16.34 34.98 -76.34
N ALA SA 66 15.02 35.10 -76.34
CA ALA SA 66 14.14 34.31 -77.19
C ALA SA 66 14.37 34.75 -78.63
N ASP SA 67 14.21 33.82 -79.58
CA ASP SA 67 14.44 34.17 -80.98
C ASP SA 67 13.58 35.33 -81.46
N SER SA 68 12.39 35.47 -80.89
CA SER SA 68 11.46 36.48 -81.38
C SER SA 68 11.90 37.92 -81.14
N VAL SA 69 12.80 38.15 -80.18
CA VAL SA 69 13.30 39.48 -79.89
C VAL SA 69 14.82 39.60 -79.96
N GLU SA 70 15.51 38.49 -80.26
CA GLU SA 70 16.95 38.52 -80.35
C GLU SA 70 17.37 39.49 -81.45
N GLY SA 71 18.29 40.38 -81.13
CA GLY SA 71 18.82 41.32 -82.10
C GLY SA 71 18.07 42.63 -82.07
N ARG SA 72 16.97 42.68 -81.33
CA ARG SA 72 16.18 43.89 -81.19
C ARG SA 72 16.10 44.34 -79.73
N PHE SA 73 15.96 43.43 -78.79
CA PHE SA 73 15.81 43.81 -77.39
C PHE SA 73 17.13 43.55 -76.68
N THR SA 74 17.42 44.39 -75.69
CA THR SA 74 18.61 44.29 -74.88
C THR SA 74 18.24 44.41 -73.41
N ILE SA 75 18.60 43.39 -72.64
CA ILE SA 75 18.35 43.40 -71.21
C ILE SA 75 19.57 43.87 -70.44
N SER SA 76 19.35 44.64 -69.38
CA SER SA 76 20.44 45.11 -68.53
C SER SA 76 19.94 45.41 -67.15
N ARG SA 77 20.84 45.73 -66.23
CA ARG SA 77 20.45 46.08 -64.87
C ARG SA 77 21.43 47.02 -64.19
N ASP SA 78 20.90 47.86 -63.30
CA ASP SA 78 21.71 48.71 -62.45
C ASP SA 78 21.44 48.33 -61.01
N ASN SA 79 22.35 47.56 -60.44
CA ASN SA 79 22.13 47.03 -59.10
C ASN SA 79 22.24 48.09 -58.01
N SER SA 80 22.94 49.19 -58.30
CA SER SA 80 23.02 50.29 -57.34
C SER SA 80 21.64 50.94 -57.16
N LYS SA 81 20.78 50.82 -58.18
CA LYS SA 81 19.41 51.35 -58.13
C LYS SA 81 18.37 50.22 -57.98
N GLU SA 82 18.82 48.98 -57.85
CA GLU SA 82 17.94 47.81 -57.84
C GLU SA 82 16.92 47.88 -58.97
N THR SA 83 17.38 48.24 -60.17
CA THR SA 83 16.50 48.43 -61.32
C THR SA 83 16.93 47.57 -62.51
N LEU SA 84 15.96 46.98 -63.22
CA LEU SA 84 16.21 46.24 -64.43
C LEU SA 84 15.66 47.02 -65.61
N TYR SA 85 16.26 46.81 -66.78
CA TYR SA 85 15.87 47.51 -67.99
C TYR SA 85 15.70 46.54 -69.15
N LEU SA 86 14.76 46.85 -70.03
CA LEU SA 86 14.62 46.20 -71.32
C LEU SA 86 14.55 47.29 -72.39
N GLN SA 87 15.61 47.41 -73.18
CA GLN SA 87 15.66 48.35 -74.28
C GLN SA 87 15.15 47.63 -75.52
N MET SA 88 14.00 48.07 -76.01
CA MET SA 88 13.39 47.49 -77.20
C MET SA 88 13.64 48.43 -78.38
N THR SA 89 14.03 47.88 -79.52
CA THR SA 89 14.16 48.68 -80.73
C THR SA 89 13.44 47.98 -81.87
N ASN SA 90 13.22 48.72 -82.95
N ASN SA 90 13.23 48.72 -82.95
CA ASN SA 90 12.56 48.21 -84.15
CA ASN SA 90 12.59 48.20 -84.15
C ASN SA 90 11.31 47.43 -83.81
C ASN SA 90 11.32 47.43 -83.80
N LEU SA 91 10.47 48.02 -82.98
CA LEU SA 91 9.26 47.39 -82.51
C LEU SA 91 8.30 47.08 -83.67
N ARG SA 92 7.54 46.00 -83.54
CA ARG SA 92 6.52 45.64 -84.52
C ARG SA 92 5.18 45.47 -83.83
N VAL SA 93 4.12 45.40 -84.63
CA VAL SA 93 2.76 45.30 -84.11
C VAL SA 93 2.58 44.10 -83.17
N GLU SA 94 3.27 43.01 -83.46
CA GLU SA 94 3.13 41.77 -82.69
C GLU SA 94 3.94 41.77 -81.40
N ASP SA 95 4.67 42.86 -81.13
CA ASP SA 95 5.34 43.02 -79.86
C ASP SA 95 4.35 43.59 -78.83
N THR SA 96 3.13 43.89 -79.27
CA THR SA 96 2.10 44.42 -78.40
C THR SA 96 1.74 43.45 -77.29
N GLY SA 97 1.64 43.97 -76.08
CA GLY SA 97 1.22 43.18 -74.94
C GLY SA 97 1.67 43.77 -73.62
N VAL SA 98 1.36 43.07 -72.53
CA VAL SA 98 1.81 43.43 -71.19
C VAL SA 98 3.15 42.79 -70.89
N TYR SA 99 4.10 43.61 -70.44
CA TYR SA 99 5.44 43.16 -70.10
C TYR SA 99 5.63 43.12 -68.57
N TYR SA 100 6.04 41.96 -68.10
CA TYR SA 100 6.32 41.69 -66.70
C TYR SA 100 7.81 41.46 -66.54
N CYS SA 101 8.41 41.98 -65.48
CA CYS SA 101 9.70 41.47 -65.03
C CYS SA 101 9.42 40.48 -63.91
N ALA SA 102 10.20 39.41 -63.84
CA ALA SA 102 9.88 38.28 -62.97
C ALA SA 102 11.17 37.73 -62.40
N LYS SA 103 11.24 37.69 -61.07
CA LYS SA 103 12.43 37.24 -60.37
C LYS SA 103 12.50 35.73 -60.26
N HIS SA 104 13.67 35.16 -60.54
CA HIS SA 104 13.91 33.72 -60.38
C HIS SA 104 14.23 33.51 -58.89
N MET SA 105 13.84 32.39 -58.30
CA MET SA 105 13.95 32.27 -56.83
C MET SA 105 15.35 32.02 -56.24
N SER SA 106 16.24 31.32 -56.92
CA SER SA 106 17.51 30.95 -56.30
C SER SA 106 18.44 32.16 -56.20
N MET SA 107 19.02 32.34 -55.01
CA MET SA 107 20.00 33.39 -54.82
C MET SA 107 21.24 33.16 -55.68
N GLN SA 108 21.64 34.19 -56.42
CA GLN SA 108 22.73 34.07 -57.38
C GLN SA 108 24.02 34.77 -56.98
N GLN SA 109 23.92 35.79 -56.13
CA GLN SA 109 25.12 36.45 -55.61
C GLN SA 109 24.89 37.14 -54.27
N VAL SA 110 25.95 37.22 -53.47
CA VAL SA 110 25.94 37.99 -52.26
C VAL SA 110 27.18 38.88 -52.31
N VAL SA 111 26.99 40.15 -52.64
CA VAL SA 111 28.11 41.06 -52.84
C VAL SA 111 28.93 41.24 -51.59
N SER SA 112 28.26 41.31 -50.44
CA SER SA 112 28.97 41.55 -49.19
C SER SA 112 29.88 40.36 -48.85
N ALA SA 113 29.64 39.22 -49.49
CA ALA SA 113 30.44 38.01 -49.31
C ALA SA 113 31.29 37.69 -50.50
N GLY SA 114 31.25 38.54 -51.52
CA GLY SA 114 31.94 38.19 -52.74
C GLY SA 114 31.46 36.83 -53.22
N TRP SA 115 30.23 36.41 -52.94
CA TRP SA 115 29.80 35.11 -53.42
C TRP SA 115 28.94 35.25 -54.65
N GLU SA 116 29.17 34.35 -55.60
CA GLU SA 116 28.38 34.25 -56.81
C GLU SA 116 28.19 32.78 -57.16
N ARG SA 117 26.93 32.36 -57.30
CA ARG SA 117 26.61 31.01 -57.71
C ARG SA 117 27.30 30.71 -59.05
N ALA SA 118 27.84 29.51 -59.17
CA ALA SA 118 28.58 29.09 -60.36
C ALA SA 118 27.72 29.07 -61.62
N ASP SA 119 26.46 28.72 -61.43
CA ASP SA 119 25.55 28.52 -62.55
C ASP SA 119 24.34 29.42 -62.40
N LEU SA 120 23.76 29.79 -63.54
CA LEU SA 120 22.50 30.52 -63.55
C LEU SA 120 21.38 29.51 -63.50
N VAL SA 121 20.68 29.45 -62.37
CA VAL SA 121 19.64 28.45 -62.19
C VAL SA 121 18.40 28.68 -63.05
N GLY SA 122 17.85 29.89 -63.01
CA GLY SA 122 16.68 30.20 -63.82
C GLY SA 122 15.45 29.39 -63.43
N ASP SA 123 15.30 29.13 -62.14
CA ASP SA 123 14.15 28.38 -61.59
C ASP SA 123 12.91 29.29 -61.48
N ALA SA 124 11.92 28.91 -60.68
CA ALA SA 124 10.58 29.43 -60.75
C ALA SA 124 10.51 30.93 -60.52
N PHE SA 125 9.55 31.57 -61.17
CA PHE SA 125 9.34 33.00 -61.02
C PHE SA 125 8.50 33.24 -59.76
N ASP SA 126 9.17 33.51 -58.65
CA ASP SA 126 8.48 33.63 -57.37
C ASP SA 126 7.88 35.01 -57.10
N VAL SA 127 8.35 36.02 -57.84
CA VAL SA 127 7.77 37.35 -57.76
C VAL SA 127 7.62 37.95 -59.13
N TRP SA 128 6.42 38.45 -59.42
CA TRP SA 128 6.14 39.12 -60.67
C TRP SA 128 5.71 40.54 -60.34
N GLY SA 129 5.99 41.47 -61.24
CA GLY SA 129 5.43 42.79 -61.15
C GLY SA 129 3.97 42.79 -61.59
N GLN SA 130 3.36 43.96 -61.59
CA GLN SA 130 1.96 44.08 -62.01
C GLN SA 130 1.89 44.19 -63.53
N GLY SA 131 3.03 44.41 -64.18
CA GLY SA 131 3.12 44.47 -65.62
C GLY SA 131 2.98 45.89 -66.13
N THR SA 132 3.51 46.16 -67.31
CA THR SA 132 3.38 47.46 -67.95
C THR SA 132 2.94 47.25 -69.39
N MET SA 133 1.95 47.98 -69.87
CA MET SA 133 1.37 47.70 -71.18
C MET SA 133 2.13 48.41 -72.31
N VAL SA 134 2.51 47.65 -73.33
CA VAL SA 134 3.12 48.20 -74.53
C VAL SA 134 2.23 47.95 -75.73
N THR SA 135 1.87 49.03 -76.41
CA THR SA 135 1.12 48.95 -77.65
C THR SA 135 1.86 49.53 -78.84
N VAL SA 136 2.02 48.72 -79.90
CA VAL SA 136 2.69 49.19 -81.10
C VAL SA 136 1.61 49.30 -82.18
N SER SA 137 1.27 50.55 -82.54
CA SER SA 137 0.19 50.92 -83.46
C SER SA 137 0.45 52.27 -84.14
N SER SA 138 -0.11 52.49 -85.33
CA SER SA 138 0.05 53.79 -85.96
C SER SA 138 -0.77 54.85 -85.22
N ALA SA 139 -1.83 54.45 -84.51
CA ALA SA 139 -2.71 55.43 -83.89
C ALA SA 139 -1.99 56.02 -82.69
N SER SA 140 -2.31 57.28 -82.40
CA SER SA 140 -1.78 58.11 -81.31
C SER SA 140 -2.53 57.95 -79.97
N THR SA 141 -1.88 58.20 -78.83
CA THR SA 141 -2.56 58.08 -77.52
C THR SA 141 -3.69 59.07 -77.38
N LYS SA 142 -4.75 58.58 -76.73
CA LYS SA 142 -5.88 59.38 -76.25
C LYS SA 142 -6.28 59.10 -74.83
N GLY SA 143 -6.42 60.17 -74.04
CA GLY SA 143 -6.80 60.04 -72.65
C GLY SA 143 -8.30 59.91 -72.56
N PRO SA 144 -8.81 59.28 -71.49
CA PRO SA 144 -10.23 58.97 -71.31
C PRO SA 144 -11.05 60.20 -70.90
N SER SA 145 -12.32 60.24 -71.32
CA SER SA 145 -13.30 61.13 -70.70
C SER SA 145 -13.95 60.35 -69.58
N VAL SA 146 -14.17 60.99 -68.43
CA VAL SA 146 -14.77 60.30 -67.29
C VAL SA 146 -16.11 60.95 -66.96
N PHE SA 147 -17.17 60.14 -67.03
CA PHE SA 147 -18.53 60.60 -66.77
C PHE SA 147 -19.15 59.87 -65.59
N PRO SA 148 -19.93 60.56 -64.76
CA PRO SA 148 -20.53 59.80 -63.66
C PRO SA 148 -21.69 58.91 -64.11
N LEU SA 149 -21.81 57.74 -63.49
CA LEU SA 149 -22.99 56.90 -63.62
C LEU SA 149 -23.71 57.09 -62.30
N ALA SA 150 -24.77 57.88 -62.35
CA ALA SA 150 -25.37 58.43 -61.14
C ALA SA 150 -26.51 57.56 -60.61
N PRO SA 151 -26.47 57.24 -59.30
CA PRO SA 151 -27.60 56.51 -58.71
C PRO SA 151 -28.82 57.44 -58.67
N SER SA 152 -30.00 56.85 -58.85
CA SER SA 152 -31.26 57.61 -58.90
C SER SA 152 -32.31 56.98 -58.00
N SER SA 153 -33.34 57.74 -57.65
CA SER SA 153 -34.45 57.20 -56.87
C SER SA 153 -35.13 56.12 -57.72
N LYS SA 154 -35.51 55.01 -57.07
CA LYS SA 154 -36.16 53.84 -57.70
C LYS SA 154 -35.10 52.89 -58.29
N SER SA 155 -33.83 53.24 -58.17
CA SER SA 155 -32.76 52.39 -58.69
C SER SA 155 -32.45 51.23 -57.75
N THR SA 156 -33.00 51.24 -56.54
CA THR SA 156 -32.75 50.18 -55.58
C THR SA 156 -33.18 48.82 -56.14
N SER SA 157 -32.29 47.84 -56.05
CA SER SA 157 -32.57 46.47 -56.49
C SER SA 157 -31.79 45.54 -55.56
N GLY SA 158 -32.44 44.48 -55.10
CA GLY SA 158 -31.99 43.82 -53.89
C GLY SA 158 -32.26 44.84 -52.78
N GLY SA 159 -31.35 44.93 -51.81
CA GLY SA 159 -31.44 45.99 -50.81
C GLY SA 159 -30.39 47.07 -51.02
N THR SA 160 -29.81 47.13 -52.23
CA THR SA 160 -28.64 47.96 -52.51
C THR SA 160 -28.85 49.00 -53.61
N ALA SA 161 -27.97 50.01 -53.64
CA ALA SA 161 -27.92 51.01 -54.72
C ALA SA 161 -26.62 50.85 -55.49
N ALA SA 162 -26.59 51.29 -56.74
CA ALA SA 162 -25.38 51.21 -57.57
C ALA SA 162 -24.97 52.57 -58.14
N LEU SA 163 -23.64 52.79 -58.20
CA LEU SA 163 -23.09 53.99 -58.85
C LEU SA 163 -21.76 53.66 -59.51
N GLY SA 164 -21.26 54.54 -60.38
CA GLY SA 164 -20.07 54.19 -61.12
C GLY SA 164 -19.45 55.31 -61.94
N CYS SA 165 -18.45 54.98 -62.74
CA CYS SA 165 -17.82 55.91 -63.66
C CYS SA 165 -17.73 55.25 -65.02
N LEU SA 166 -18.07 56.00 -66.06
CA LEU SA 166 -17.90 55.57 -67.42
C LEU SA 166 -16.62 56.18 -67.97
N VAL SA 167 -15.65 55.34 -68.25
CA VAL SA 167 -14.36 55.77 -68.77
C VAL SA 167 -14.36 55.48 -70.26
N LYS SA 168 -14.51 56.53 -71.06
CA LYS SA 168 -14.87 56.40 -72.46
C LYS SA 168 -13.81 56.98 -73.38
N ASP SA 169 -13.61 56.33 -74.53
CA ASP SA 169 -12.83 56.88 -75.64
C ASP SA 169 -11.35 57.09 -75.31
N TYR SA 170 -10.63 56.03 -74.98
CA TYR SA 170 -9.21 56.17 -74.70
C TYR SA 170 -8.41 55.15 -75.48
N PHE SA 171 -7.13 55.42 -75.65
CA PHE SA 171 -6.24 54.49 -76.30
C PHE SA 171 -4.83 54.85 -75.85
N PRO SA 172 -4.00 53.84 -75.58
CA PRO SA 172 -4.29 52.40 -75.61
C PRO SA 172 -4.72 51.92 -74.23
N GLU SA 173 -4.79 50.60 -74.06
CA GLU SA 173 -4.97 50.01 -72.75
C GLU SA 173 -3.68 50.23 -71.97
N PRO SA 174 -3.75 50.25 -70.63
CA PRO SA 174 -4.93 50.05 -69.80
C PRO SA 174 -5.22 51.29 -69.00
N VAL SA 175 -6.37 51.31 -68.35
CA VAL SA 175 -6.67 52.33 -67.35
C VAL SA 175 -6.85 51.60 -66.04
N THR SA 176 -6.42 52.21 -64.94
CA THR SA 176 -6.69 51.68 -63.62
C THR SA 176 -7.76 52.54 -62.96
N VAL SA 177 -8.66 51.93 -62.20
CA VAL SA 177 -9.68 52.68 -61.47
C VAL SA 177 -9.68 52.25 -60.02
N SER SA 178 -9.70 53.24 -59.13
CA SER SA 178 -9.88 53.02 -57.71
C SER SA 178 -11.03 53.90 -57.23
N TRP SA 179 -11.48 53.68 -56.00
CA TRP SA 179 -12.59 54.46 -55.44
C TRP SA 179 -12.17 55.05 -54.11
N ASN SA 180 -12.41 56.35 -53.95
CA ASN SA 180 -12.00 57.09 -52.76
C ASN SA 180 -10.54 56.84 -52.43
N SER SA 181 -9.69 56.90 -53.45
CA SER SA 181 -8.25 56.80 -53.28
C SER SA 181 -7.85 55.44 -52.70
N GLY SA 182 -8.72 54.44 -52.86
CA GLY SA 182 -8.47 53.10 -52.38
C GLY SA 182 -9.10 52.78 -51.04
N ALA SA 183 -9.78 53.76 -50.45
CA ALA SA 183 -10.48 53.56 -49.18
C ALA SA 183 -11.75 52.71 -49.36
N LEU SA 184 -12.30 52.71 -50.58
CA LEU SA 184 -13.51 51.96 -50.89
C LEU SA 184 -13.16 50.84 -51.86
N THR SA 185 -13.31 49.61 -51.38
CA THR SA 185 -12.99 48.41 -52.14
C THR SA 185 -14.10 47.37 -52.22
N SER SA 186 -14.78 47.07 -51.11
N SER SA 186 -14.91 47.24 -51.16
CA SER SA 186 -15.93 46.17 -51.11
CA SER SA 186 -16.01 46.28 -51.14
C SER SA 186 -16.99 46.55 -52.16
C SER SA 186 -17.05 46.59 -52.19
N GLY SA 187 -17.38 45.56 -52.97
CA GLY SA 187 -18.45 45.66 -53.93
C GLY SA 187 -18.09 46.40 -55.20
N VAL SA 188 -16.80 46.54 -55.50
CA VAL SA 188 -16.36 47.21 -56.71
C VAL SA 188 -16.12 46.21 -57.85
N HIS SA 189 -16.65 46.54 -59.03
CA HIS SA 189 -16.36 45.82 -60.26
C HIS SA 189 -15.87 46.78 -61.34
N THR SA 190 -14.69 46.55 -61.89
CA THR SA 190 -14.23 47.32 -63.05
C THR SA 190 -14.23 46.36 -64.24
N PHE SA 191 -15.07 46.67 -65.20
CA PHE SA 191 -15.29 45.78 -66.33
C PHE SA 191 -14.10 45.79 -67.30
N PRO SA 192 -13.88 44.66 -67.98
CA PRO SA 192 -12.90 44.65 -69.08
C PRO SA 192 -13.27 45.68 -70.12
N ALA SA 193 -12.26 46.34 -70.68
CA ALA SA 193 -12.49 47.33 -71.72
C ALA SA 193 -13.05 46.66 -72.96
N VAL SA 194 -13.88 47.38 -73.69
CA VAL SA 194 -14.39 46.94 -74.97
C VAL SA 194 -13.87 47.88 -76.04
N LEU SA 195 -13.42 47.31 -77.16
CA LEU SA 195 -13.00 48.12 -78.29
C LEU SA 195 -14.21 48.58 -79.08
N GLN SA 196 -14.34 49.88 -79.27
CA GLN SA 196 -15.47 50.43 -80.01
C GLN SA 196 -15.12 50.49 -81.50
N SER SA 197 -16.14 50.77 -82.32
CA SER SA 197 -15.93 50.87 -83.76
C SER SA 197 -14.98 52.02 -84.08
N SER SA 198 -15.00 53.05 -83.24
CA SER SA 198 -14.10 54.19 -83.37
C SER SA 198 -12.62 53.86 -83.24
N GLY SA 199 -12.30 52.67 -82.74
CA GLY SA 199 -10.92 52.28 -82.49
C GLY SA 199 -10.43 52.66 -81.11
N LEU SA 200 -11.30 53.24 -80.28
CA LEU SA 200 -10.97 53.61 -78.92
C LEU SA 200 -11.64 52.66 -77.94
N TYR SA 201 -11.03 52.50 -76.77
CA TYR SA 201 -11.57 51.63 -75.73
C TYR SA 201 -12.55 52.36 -74.83
N SER SA 202 -13.43 51.57 -74.23
CA SER SA 202 -14.41 52.07 -73.27
C SER SA 202 -14.57 51.02 -72.19
N LEU SA 203 -14.81 51.50 -70.97
CA LEU SA 203 -14.86 50.65 -69.81
C LEU SA 203 -15.77 51.31 -68.80
N SER SA 204 -16.41 50.51 -67.95
CA SER SA 204 -17.20 51.04 -66.86
C SER SA 204 -16.69 50.46 -65.55
N SER SA 205 -16.75 51.26 -64.49
CA SER SA 205 -16.51 50.79 -63.14
C SER SA 205 -17.73 51.11 -62.31
N VAL SA 206 -18.20 50.14 -61.53
CA VAL SA 206 -19.38 50.32 -60.69
C VAL SA 206 -19.11 49.83 -59.29
N VAL SA 207 -19.89 50.28 -58.31
CA VAL SA 207 -19.76 49.81 -56.95
C VAL SA 207 -21.17 49.72 -56.36
N THR SA 208 -21.45 48.69 -55.54
CA THR SA 208 -22.76 48.63 -54.92
C THR SA 208 -22.52 48.99 -53.47
N VAL SA 209 -23.28 49.99 -53.06
CA VAL SA 209 -23.24 50.55 -51.74
C VAL SA 209 -24.65 50.69 -51.10
N PRO SA 210 -24.80 50.41 -49.77
CA PRO SA 210 -26.10 50.54 -49.07
C PRO SA 210 -26.73 51.88 -49.44
N SER SA 211 -28.03 52.09 -49.60
CA SER SA 211 -28.51 53.41 -50.01
C SER SA 211 -28.25 54.54 -48.96
N SER SA 212 -28.53 54.20 -47.71
CA SER SA 212 -28.41 55.13 -46.60
C SER SA 212 -26.98 55.58 -46.37
N SER SA 213 -26.08 54.61 -46.28
CA SER SA 213 -24.67 54.93 -46.11
C SER SA 213 -24.20 55.85 -47.26
N LEU SA 214 -24.90 55.84 -48.39
CA LEU SA 214 -24.46 56.67 -49.52
C LEU SA 214 -24.77 58.10 -49.34
N GLY SA 215 -26.00 58.34 -48.93
CA GLY SA 215 -26.27 59.74 -48.63
C GLY SA 215 -25.28 60.23 -47.60
N THR SA 216 -24.97 59.41 -46.61
CA THR SA 216 -24.08 59.93 -45.55
C THR SA 216 -22.66 60.17 -46.06
N GLN SA 217 -22.23 59.44 -47.10
CA GLN SA 217 -20.87 59.57 -47.62
C GLN SA 217 -20.64 59.83 -49.14
N THR SA 218 -19.43 60.30 -49.33
CA THR SA 218 -18.83 60.85 -50.55
C THR SA 218 -18.11 59.85 -51.47
N TYR SA 219 -18.60 59.60 -52.68
CA TYR SA 219 -17.93 58.60 -53.53
C TYR SA 219 -17.41 59.25 -54.80
N ILE SA 220 -16.10 59.05 -54.95
CA ILE SA 220 -15.25 59.59 -56.01
C ILE SA 220 -14.44 58.47 -56.64
N CYS SA 221 -14.42 58.41 -57.97
CA CYS SA 221 -13.57 57.43 -58.66
C CYS SA 221 -12.32 58.07 -59.28
N ASN SA 222 -11.19 57.43 -59.06
CA ASN SA 222 -9.90 57.91 -59.54
C ASN SA 222 -9.45 57.07 -60.72
N VAL SA 223 -9.37 57.70 -61.88
CA VAL SA 223 -9.03 57.06 -63.13
C VAL SA 223 -7.63 57.46 -63.52
N ASN SA 224 -6.80 56.48 -63.85
CA ASN SA 224 -5.44 56.72 -64.27
C ASN SA 224 -5.18 56.05 -65.61
N HIS SA 225 -4.68 56.82 -66.56
CA HIS SA 225 -4.27 56.30 -67.85
C HIS SA 225 -2.87 56.84 -68.14
N LYS SA 226 -1.87 56.02 -67.82
CA LYS SA 226 -0.46 56.46 -67.91
C LYS SA 226 0.03 56.92 -69.29
N PRO SA 227 -0.37 56.22 -70.37
CA PRO SA 227 0.13 56.62 -71.69
C PRO SA 227 -0.22 58.05 -72.09
N SER SA 228 -1.29 58.60 -71.53
CA SER SA 228 -1.71 59.97 -71.80
C SER SA 228 -1.47 60.90 -70.61
N ASN SA 229 -0.78 60.41 -69.58
CA ASN SA 229 -0.51 61.19 -68.38
C ASN SA 229 -1.80 61.67 -67.71
N THR SA 230 -2.88 60.92 -67.87
CA THR SA 230 -4.17 61.28 -67.28
C THR SA 230 -4.31 60.82 -65.83
N LYS SA 231 -4.67 61.75 -64.95
CA LYS SA 231 -5.03 61.43 -63.59
C LYS SA 231 -6.25 62.27 -63.25
N VAL SA 232 -7.42 61.63 -63.22
CA VAL SA 232 -8.69 62.30 -63.03
C VAL SA 232 -9.36 61.81 -61.76
N ASP SA 233 -9.95 62.71 -61.00
CA ASP SA 233 -10.81 62.33 -59.88
C ASP SA 233 -12.18 62.87 -60.17
N LYS SA 234 -13.18 61.99 -60.31
CA LYS SA 234 -14.53 62.42 -60.62
C LYS SA 234 -15.49 62.04 -59.50
N ARG SA 235 -16.13 63.07 -58.95
CA ARG SA 235 -17.11 62.89 -57.89
C ARG SA 235 -18.43 62.40 -58.48
N VAL SA 236 -19.05 61.44 -57.81
CA VAL SA 236 -20.28 60.84 -58.29
C VAL SA 236 -21.40 61.08 -57.29
N GLU SA 237 -22.44 61.79 -57.73
CA GLU SA 237 -23.54 62.20 -56.86
C GLU SA 237 -24.88 61.90 -57.52
N PRO SA 238 -25.95 61.73 -56.72
CA PRO SA 238 -27.28 61.47 -57.27
C PRO SA 238 -27.83 62.57 -58.17
N LYS SA 239 -28.58 62.17 -59.19
CA LYS SA 239 -29.19 63.13 -60.10
C LYS SA 239 -30.30 63.92 -59.39
N ASP TA 1 12.68 24.24 -79.11
CA ASP TA 1 11.82 24.77 -78.00
C ASP TA 1 10.91 23.66 -77.48
N ILE TA 2 10.84 23.55 -76.15
CA ILE TA 2 9.97 22.56 -75.53
C ILE TA 2 8.54 23.10 -75.48
N GLN TA 3 7.59 22.30 -75.97
CA GLN TA 3 6.18 22.68 -75.97
C GLN TA 3 5.49 22.03 -74.79
N LEU TA 4 4.73 22.84 -74.05
CA LEU TA 4 3.90 22.34 -72.97
C LEU TA 4 2.43 22.44 -73.41
N THR TA 5 1.72 21.32 -73.29
CA THR TA 5 0.33 21.22 -73.69
C THR TA 5 -0.50 21.01 -72.46
N GLN TA 6 -1.42 21.91 -72.20
CA GLN TA 6 -2.25 21.81 -71.02
C GLN TA 6 -3.63 21.34 -71.37
N SER TA 7 -4.17 20.41 -70.58
CA SER TA 7 -5.55 20.01 -70.79
C SER TA 7 -6.30 19.85 -69.45
N PRO TA 8 -7.62 20.07 -69.46
CA PRO TA 8 -8.32 20.61 -70.64
C PRO TA 8 -8.11 22.12 -70.76
N SER TA 9 -8.59 22.73 -71.85
CA SER TA 9 -8.43 24.17 -72.04
C SER TA 9 -9.20 24.97 -71.02
N SER TA 10 -10.36 24.44 -70.64
CA SER TA 10 -11.26 25.08 -69.72
C SER TA 10 -11.86 23.92 -68.93
N LEU TA 11 -12.02 24.10 -67.63
CA LEU TA 11 -12.59 23.07 -66.79
C LEU TA 11 -13.59 23.67 -65.85
N SER TA 12 -14.78 23.06 -65.81
CA SER TA 12 -15.83 23.56 -64.93
C SER TA 12 -15.96 22.60 -63.74
N ALA TA 13 -16.04 23.15 -62.53
CA ALA TA 13 -16.19 22.33 -61.33
C ALA TA 13 -16.87 23.10 -60.21
N SER TA 14 -17.45 22.37 -59.27
CA SER TA 14 -18.18 22.95 -58.15
C SER TA 14 -17.25 23.20 -56.97
N VAL TA 15 -17.57 24.22 -56.17
CA VAL TA 15 -16.84 24.50 -54.94
C VAL TA 15 -16.79 23.22 -54.11
N GLY TA 16 -15.59 22.84 -53.69
CA GLY TA 16 -15.41 21.64 -52.89
C GLY TA 16 -14.90 20.47 -53.71
N ASP TA 17 -14.99 20.57 -55.04
CA ASP TA 17 -14.55 19.49 -55.90
C ASP TA 17 -13.04 19.33 -55.88
N ARG TA 18 -12.60 18.09 -55.99
N ARG TA 18 -12.60 18.08 -56.02
CA ARG TA 18 -11.19 17.81 -56.21
CA ARG TA 18 -11.19 17.80 -56.20
C ARG TA 18 -10.94 17.98 -57.70
C ARG TA 18 -10.89 17.92 -57.70
N VAL TA 19 -9.97 18.84 -58.03
CA VAL TA 19 -9.73 19.23 -59.41
C VAL TA 19 -8.33 18.87 -59.86
N THR TA 20 -8.21 18.30 -61.07
CA THR TA 20 -6.91 17.90 -61.60
C THR TA 20 -6.66 18.58 -62.95
N LEU TA 21 -5.56 19.32 -63.03
CA LEU TA 21 -5.11 19.99 -64.26
C LEU TA 21 -3.89 19.25 -64.75
N THR TA 22 -3.76 19.07 -66.06
CA THR TA 22 -2.64 18.30 -66.58
C THR TA 22 -1.78 19.13 -67.54
N CYS TA 23 -0.49 18.79 -67.56
CA CYS TA 23 0.50 19.42 -68.42
C CYS TA 23 1.32 18.28 -69.01
N GLN TA 24 1.48 18.31 -70.34
CA GLN TA 24 2.29 17.36 -71.06
C GLN TA 24 3.44 18.05 -71.77
N ALA TA 25 4.68 17.61 -71.54
CA ALA TA 25 5.82 18.20 -72.21
C ALA TA 25 6.20 17.38 -73.43
N SER TA 26 6.69 18.06 -74.47
CA SER TA 26 7.01 17.37 -75.71
C SER TA 26 8.31 16.58 -75.59
N GLN TA 27 9.07 16.80 -74.51
CA GLN TA 27 10.29 16.04 -74.23
C GLN TA 27 10.56 15.95 -72.73
N ASP TA 28 11.41 15.02 -72.30
CA ASP TA 28 11.67 14.83 -70.87
C ASP TA 28 12.36 16.05 -70.23
N ILE TA 29 11.65 16.68 -69.30
CA ILE TA 29 12.16 17.82 -68.54
C ILE TA 29 12.40 17.50 -67.05
N ARG TA 30 12.45 16.21 -66.72
CA ARG TA 30 12.68 15.75 -65.35
C ARG TA 30 11.64 16.42 -64.43
N LYS TA 31 12.07 17.15 -63.40
CA LYS TA 31 11.15 17.84 -62.51
C LYS TA 31 11.29 19.36 -62.64
N PHE TA 32 11.90 19.84 -63.73
CA PHE TA 32 12.08 21.28 -63.83
C PHE TA 32 10.80 21.91 -64.37
N LEU TA 33 9.77 21.92 -63.53
CA LEU TA 33 8.45 22.39 -63.97
C LEU TA 33 7.76 23.22 -62.88
N ASN TA 34 7.20 24.39 -63.21
CA ASN TA 34 6.56 25.23 -62.23
C ASN TA 34 5.13 25.50 -62.64
N TRP TA 35 4.26 25.78 -61.67
CA TRP TA 35 2.85 26.09 -61.88
C TRP TA 35 2.59 27.47 -61.32
N TYR TA 36 1.85 28.28 -62.08
CA TYR TA 36 1.44 29.62 -61.73
C TYR TA 36 -0.06 29.77 -61.81
N GLN TA 37 -0.60 30.71 -61.05
CA GLN TA 37 -1.99 31.14 -61.16
C GLN TA 37 -1.97 32.58 -61.60
N GLN TA 38 -2.83 32.93 -62.54
CA GLN TA 38 -2.98 34.30 -62.97
C GLN TA 38 -4.43 34.64 -62.93
N LYS TA 39 -4.74 35.65 -62.13
CA LYS TA 39 -6.08 36.15 -62.14
C LYS TA 39 -6.13 37.27 -63.14
N PRO TA 40 -7.27 37.44 -63.79
CA PRO TA 40 -7.45 38.40 -64.89
C PRO TA 40 -7.03 39.83 -64.52
N GLY TA 41 -6.23 40.44 -65.38
CA GLY TA 41 -5.78 41.80 -65.16
C GLY TA 41 -4.72 41.87 -64.06
N LYS TA 42 -4.25 40.71 -63.58
CA LYS TA 42 -3.24 40.66 -62.53
C LYS TA 42 -2.02 39.89 -63.02
N GLY TA 43 -0.89 40.10 -62.36
CA GLY TA 43 0.32 39.35 -62.68
C GLY TA 43 0.23 37.92 -62.15
N PRO TA 44 0.97 36.98 -62.75
CA PRO TA 44 0.97 35.60 -62.24
C PRO TA 44 1.49 35.49 -60.81
N LYS TA 45 1.10 34.42 -60.13
CA LYS TA 45 1.66 34.09 -58.83
C LYS TA 45 2.07 32.63 -58.80
N LEU TA 46 3.26 32.38 -58.27
CA LEU TA 46 3.79 31.03 -58.20
C LEU TA 46 3.00 30.17 -57.19
N LEU TA 47 2.64 28.97 -57.64
CA LEU TA 47 1.98 27.98 -56.78
C LEU TA 47 2.90 26.84 -56.43
N ILE TA 48 3.49 26.22 -57.45
CA ILE TA 48 4.27 25.00 -57.23
C ILE TA 48 5.61 25.14 -57.96
N TYR TA 49 6.72 24.88 -57.28
CA TYR TA 49 8.00 24.85 -57.98
C TYR TA 49 8.64 23.47 -57.96
N ASP TA 50 9.38 23.18 -59.03
CA ASP TA 50 10.06 21.91 -59.25
C ASP TA 50 9.13 20.71 -59.06
N ALA TA 51 7.96 20.84 -59.70
CA ALA TA 51 6.93 19.81 -59.89
C ALA TA 51 6.09 19.52 -58.64
N SER TA 52 6.70 19.45 -57.46
CA SER TA 52 5.97 19.04 -56.26
C SER TA 52 6.09 19.93 -55.02
N ASN TA 53 6.83 21.02 -55.08
CA ASN TA 53 7.01 21.85 -53.88
C ASN TA 53 6.03 23.00 -53.77
N LEU TA 54 5.28 23.04 -52.67
CA LEU TA 54 4.34 24.12 -52.44
C LEU TA 54 5.12 25.35 -52.01
N GLN TA 55 4.99 26.43 -52.77
CA GLN TA 55 5.63 27.69 -52.43
C GLN TA 55 5.08 28.24 -51.13
N ARG TA 56 5.97 28.79 -50.30
CA ARG TA 56 5.59 29.44 -49.07
C ARG TA 56 4.44 30.42 -49.27
N GLY TA 57 3.42 30.29 -48.42
CA GLY TA 57 2.29 31.20 -48.42
C GLY TA 57 1.13 30.77 -49.29
N VAL TA 58 1.36 29.81 -50.18
CA VAL TA 58 0.30 29.30 -51.02
C VAL TA 58 -0.56 28.32 -50.22
N PRO TA 59 -1.89 28.40 -50.33
CA PRO TA 59 -2.77 27.51 -49.55
C PRO TA 59 -2.46 26.04 -49.77
N SER TA 60 -2.57 25.24 -48.72
CA SER TA 60 -2.19 23.82 -48.79
C SER TA 60 -3.08 22.93 -49.64
N ARG TA 61 -4.25 23.41 -50.05
CA ARG TA 61 -5.10 22.64 -50.94
C ARG TA 61 -4.45 22.45 -52.31
N PHE TA 62 -3.44 23.25 -52.62
CA PHE TA 62 -2.68 23.09 -53.85
C PHE TA 62 -1.54 22.11 -53.64
N SER TA 63 -1.39 21.21 -54.62
CA SER TA 63 -0.29 20.27 -54.66
C SER TA 63 0.12 20.01 -56.10
N GLY TA 64 1.35 19.59 -56.34
CA GLY TA 64 1.81 19.33 -57.69
C GLY TA 64 2.49 17.99 -57.74
N GLY TA 65 2.47 17.34 -58.89
CA GLY TA 65 3.09 16.05 -59.06
C GLY TA 65 3.59 15.79 -60.46
N GLY TA 66 4.34 14.70 -60.59
CA GLY TA 66 4.81 14.24 -61.89
C GLY TA 66 6.27 14.50 -62.16
N SER TA 67 6.73 13.96 -63.28
CA SER TA 67 8.10 14.11 -63.73
C SER TA 67 8.17 13.55 -65.14
N GLY TA 68 9.27 13.83 -65.82
CA GLY TA 68 9.44 13.42 -67.20
C GLY TA 68 8.58 14.28 -68.11
N THR TA 69 7.53 13.70 -68.68
CA THR TA 69 6.65 14.47 -69.58
C THR TA 69 5.25 14.75 -69.02
N ASP TA 70 4.86 14.09 -67.94
CA ASP TA 70 3.49 14.20 -67.42
C ASP TA 70 3.42 14.79 -66.01
N PHE TA 71 2.68 15.89 -65.87
CA PHE TA 71 2.58 16.60 -64.60
C PHE TA 71 1.14 16.94 -64.29
N THR TA 72 0.82 17.08 -63.00
CA THR TA 72 -0.52 17.46 -62.58
C THR TA 72 -0.47 18.54 -61.50
N LEU TA 73 -1.44 19.45 -61.54
CA LEU TA 73 -1.69 20.36 -60.45
C LEU TA 73 -3.04 19.96 -59.88
N ILE TA 74 -3.09 19.70 -58.58
CA ILE TA 74 -4.30 19.25 -57.93
C ILE TA 74 -4.72 20.30 -56.91
N ILE TA 75 -5.99 20.66 -56.98
CA ILE TA 75 -6.61 21.51 -55.99
C ILE TA 75 -7.54 20.60 -55.21
N SER TA 76 -7.19 20.32 -53.95
CA SER TA 76 -7.86 19.25 -53.23
C SER TA 76 -9.31 19.62 -52.94
N SER TA 77 -9.58 20.91 -52.80
CA SER TA 77 -10.94 21.37 -52.58
C SER TA 77 -11.10 22.72 -53.22
N LEU TA 78 -11.76 22.74 -54.37
CA LEU TA 78 -11.81 23.95 -55.15
C LEU TA 78 -12.53 25.01 -54.34
N GLN TA 79 -11.94 26.19 -54.29
CA GLN TA 79 -12.54 27.32 -53.61
C GLN TA 79 -12.90 28.29 -54.68
N PRO TA 80 -13.88 29.13 -54.38
CA PRO TA 80 -14.31 30.10 -55.39
C PRO TA 80 -13.16 31.00 -55.84
N GLU TA 81 -12.25 31.33 -54.92
CA GLU TA 81 -11.08 32.17 -55.25
C GLU TA 81 -10.05 31.53 -56.16
N ASP TA 82 -10.23 30.25 -56.44
CA ASP TA 82 -9.36 29.57 -57.35
C ASP TA 82 -9.64 29.84 -58.84
N VAL TA 83 -10.73 30.56 -59.15
CA VAL TA 83 -11.02 30.90 -60.55
C VAL TA 83 -9.88 31.71 -61.15
N GLY TA 84 -9.53 31.39 -62.39
CA GLY TA 84 -8.49 32.10 -63.10
C GLY TA 84 -7.87 31.12 -64.05
N THR TA 85 -6.68 31.44 -64.52
CA THR TA 85 -5.99 30.61 -65.50
C THR TA 85 -4.73 30.07 -64.85
N TYR TA 86 -4.39 28.81 -65.11
CA TYR TA 86 -3.22 28.17 -64.51
C TYR TA 86 -2.27 27.80 -65.61
N TYR TA 87 -0.98 28.15 -65.44
CA TYR TA 87 0.02 27.88 -66.46
C TYR TA 87 1.11 27.00 -65.89
N CYS TA 88 1.58 26.05 -66.69
CA CYS TA 88 2.78 25.33 -66.36
C CYS TA 88 3.95 25.94 -67.13
N GLN TA 89 5.16 25.70 -66.65
CA GLN TA 89 6.35 26.31 -67.23
C GLN TA 89 7.63 25.52 -67.00
N GLN TA 90 8.47 25.48 -68.01
CA GLN TA 90 9.55 24.51 -68.04
C GLN TA 90 10.86 25.29 -68.10
N TYR TA 91 11.84 24.86 -67.31
CA TYR TA 91 13.20 25.41 -67.38
C TYR TA 91 14.30 24.36 -67.51
N ASP TA 92 13.99 23.17 -68.02
CA ASP TA 92 15.03 22.21 -68.38
C ASP TA 92 16.04 22.82 -69.34
N GLY TA 93 15.55 23.59 -70.31
CA GLY TA 93 16.43 24.22 -71.27
C GLY TA 93 15.80 25.50 -71.82
N LEU TA 94 16.66 26.45 -72.18
CA LEU TA 94 16.22 27.64 -72.89
C LEU TA 94 15.78 27.31 -74.32
N PRO TA 95 14.81 28.06 -74.85
CA PRO TA 95 14.09 29.13 -74.15
C PRO TA 95 13.07 28.59 -73.16
N PHE TA 96 12.89 29.28 -72.04
CA PHE TA 96 11.86 28.92 -71.09
C PHE TA 96 10.54 29.05 -71.82
N THR TA 97 9.64 28.11 -71.58
CA THR TA 97 8.34 28.12 -72.22
C THR TA 97 7.21 27.83 -71.26
N PHE TA 98 6.02 28.29 -71.62
CA PHE TA 98 4.84 28.12 -70.79
C PHE TA 98 3.80 27.29 -71.55
N GLY TA 99 2.99 26.56 -70.81
CA GLY TA 99 1.82 25.92 -71.36
C GLY TA 99 0.84 26.98 -71.78
N GLY TA 100 -0.15 26.59 -72.57
CA GLY TA 100 -1.14 27.53 -73.06
C GLY TA 100 -2.18 27.93 -72.03
N GLY TA 101 -2.14 27.33 -70.84
CA GLY TA 101 -3.00 27.73 -69.76
C GLY TA 101 -4.25 26.90 -69.72
N THR TA 102 -4.78 26.67 -68.52
CA THR TA 102 -6.06 26.03 -68.32
C THR TA 102 -6.95 26.99 -67.53
N LYS TA 103 -8.12 27.33 -68.06
CA LYS TA 103 -9.02 28.23 -67.36
C LYS TA 103 -9.93 27.44 -66.44
N VAL TA 104 -10.00 27.83 -65.16
CA VAL TA 104 -10.90 27.18 -64.21
C VAL TA 104 -12.15 28.01 -64.00
N VAL TA 105 -13.29 27.33 -64.07
CA VAL TA 105 -14.60 27.97 -64.03
C VAL TA 105 -15.44 27.26 -62.97
N ILE TA 106 -16.06 28.03 -62.10
CA ILE TA 106 -16.93 27.49 -61.08
C ILE TA 106 -18.37 27.25 -61.59
N LYS TA 107 -18.93 26.10 -61.24
CA LYS TA 107 -20.34 25.81 -61.42
C LYS TA 107 -20.99 26.15 -60.07
N ARG TA 108 -22.08 26.93 -60.00
CA ARG TA 108 -22.67 27.18 -58.68
C ARG TA 108 -24.17 27.10 -58.91
N THR TA 109 -25.00 27.29 -57.88
CA THR TA 109 -26.48 27.31 -58.03
C THR TA 109 -26.85 28.68 -58.69
N VAL TA 110 -27.96 28.82 -59.41
CA VAL TA 110 -28.34 30.16 -59.96
C VAL TA 110 -28.52 31.20 -58.89
N ALA TA 111 -28.14 32.40 -59.27
CA ALA TA 111 -28.28 33.57 -58.45
C ALA TA 111 -28.63 34.64 -59.44
N ALA TA 112 -29.78 35.24 -59.22
CA ALA TA 112 -30.37 36.17 -60.16
C ALA TA 112 -29.64 37.50 -60.10
N PRO TA 113 -29.50 38.17 -61.26
CA PRO TA 113 -28.82 39.46 -61.24
C PRO TA 113 -29.67 40.53 -60.63
N SER TA 114 -29.02 41.49 -59.99
CA SER TA 114 -29.73 42.73 -59.65
C SER TA 114 -29.46 43.70 -60.77
N VAL TA 115 -30.50 44.35 -61.27
CA VAL TA 115 -30.40 45.20 -62.44
C VAL TA 115 -30.59 46.68 -62.08
N PHE TA 116 -29.71 47.50 -62.65
CA PHE TA 116 -29.74 48.95 -62.48
C PHE TA 116 -29.59 49.61 -63.85
N ILE TA 117 -30.24 50.73 -64.06
CA ILE TA 117 -30.08 51.48 -65.30
C ILE TA 117 -29.57 52.88 -64.98
N PHE TA 118 -28.71 53.41 -65.84
CA PHE TA 118 -28.17 54.75 -65.66
C PHE TA 118 -28.36 55.56 -66.93
N PRO TA 119 -28.91 56.78 -66.80
CA PRO TA 119 -28.96 57.71 -67.94
C PRO TA 119 -27.58 58.29 -68.23
N PRO TA 120 -27.41 58.93 -69.40
CA PRO TA 120 -26.16 59.64 -69.70
C PRO TA 120 -26.03 60.85 -68.80
N SER TA 121 -24.81 61.18 -68.42
CA SER TA 121 -24.57 62.34 -67.59
C SER TA 121 -24.73 63.62 -68.38
N ASP TA 122 -24.83 64.73 -67.66
CA ASP TA 122 -25.00 66.02 -68.28
C ASP TA 122 -23.69 66.43 -68.96
N GLU TA 123 -22.56 66.09 -68.33
CA GLU TA 123 -21.26 66.43 -68.92
C GLU TA 123 -21.17 65.77 -70.31
N GLN TA 124 -21.71 64.56 -70.45
CA GLN TA 124 -21.58 63.81 -71.68
C GLN TA 124 -22.50 64.30 -72.80
N LEU TA 125 -23.76 64.60 -72.47
CA LEU TA 125 -24.70 65.19 -73.46
C LEU TA 125 -24.12 66.49 -73.94
N LYS TA 126 -23.53 67.24 -73.01
CA LYS TA 126 -22.80 68.47 -73.33
C LYS TA 126 -21.87 68.10 -74.51
N SER TA 127 -21.57 66.83 -74.72
CA SER TA 127 -20.64 66.47 -75.74
C SER TA 127 -21.23 65.72 -76.95
N GLY TA 128 -22.55 65.71 -77.10
CA GLY TA 128 -23.09 65.27 -78.37
C GLY TA 128 -23.23 63.79 -78.52
N THR TA 129 -22.85 63.08 -77.47
CA THR TA 129 -22.97 61.65 -77.46
C THR TA 129 -23.72 61.29 -76.20
N ALA TA 130 -24.54 60.26 -76.30
CA ALA TA 130 -25.29 59.77 -75.17
C ALA TA 130 -25.02 58.29 -74.93
N SER TA 131 -24.50 57.96 -73.75
CA SER TA 131 -24.26 56.59 -73.35
C SER TA 131 -25.22 56.24 -72.23
N VAL TA 132 -26.02 55.21 -72.46
CA VAL TA 132 -26.96 54.68 -71.48
C VAL TA 132 -26.44 53.34 -71.01
N VAL TA 133 -26.35 53.15 -69.70
CA VAL TA 133 -25.70 51.95 -69.14
C VAL TA 133 -26.67 51.06 -68.38
N CYS TA 134 -26.53 49.77 -68.56
CA CYS TA 134 -27.31 48.78 -67.84
C CYS TA 134 -26.33 47.89 -67.13
N LEU TA 135 -26.56 47.66 -65.84
CA LEU TA 135 -25.69 46.85 -65.02
C LEU TA 135 -26.44 45.65 -64.50
N LEU TA 136 -25.87 44.47 -64.72
CA LEU TA 136 -26.33 43.24 -64.10
C LEU TA 136 -25.28 42.82 -63.08
N ASN TA 137 -25.65 42.81 -61.82
CA ASN TA 137 -24.71 42.56 -60.74
C ASN TA 137 -24.85 41.19 -60.13
N ASN TA 138 -23.69 40.55 -59.96
CA ASN TA 138 -23.56 39.33 -59.19
C ASN TA 138 -24.59 38.26 -59.46
N PHE TA 139 -24.44 37.61 -60.61
CA PHE TA 139 -25.38 36.58 -61.03
C PHE TA 139 -24.66 35.36 -61.60
N TYR TA 140 -25.40 34.28 -61.74
CA TYR TA 140 -24.89 33.06 -62.35
C TYR TA 140 -26.13 32.32 -62.86
N PRO TA 141 -26.06 31.68 -64.04
CA PRO TA 141 -24.90 31.52 -64.91
C PRO TA 141 -24.61 32.75 -65.72
N ARG TA 142 -23.52 32.67 -66.47
CA ARG TA 142 -23.02 33.80 -67.20
C ARG TA 142 -23.98 34.24 -68.28
N GLU TA 143 -24.67 33.25 -68.87
CA GLU TA 143 -25.54 33.53 -69.99
C GLU TA 143 -26.68 34.40 -69.54
N ALA TA 144 -26.78 35.56 -70.18
CA ALA TA 144 -27.86 36.49 -69.96
C ALA TA 144 -28.15 37.17 -71.28
N LYS TA 145 -29.40 37.60 -71.42
CA LYS TA 145 -29.83 38.37 -72.58
C LYS TA 145 -30.20 39.76 -72.11
N VAL TA 146 -29.61 40.79 -72.72
CA VAL TA 146 -29.93 42.17 -72.40
C VAL TA 146 -30.42 42.83 -73.66
N GLN TA 147 -31.66 43.33 -73.59
CA GLN TA 147 -32.33 43.91 -74.74
C GLN TA 147 -32.64 45.37 -74.46
N TRP TA 148 -32.27 46.25 -75.38
CA TRP TA 148 -32.61 47.66 -75.22
C TRP TA 148 -33.90 48.00 -75.91
N LYS TA 149 -34.67 48.87 -75.26
CA LYS TA 149 -35.89 49.38 -75.84
C LYS TA 149 -35.92 50.89 -75.63
N VAL TA 150 -36.12 51.61 -76.73
CA VAL TA 150 -36.26 53.06 -76.69
C VAL TA 150 -37.68 53.40 -77.14
N ASP TA 151 -38.43 54.02 -76.25
CA ASP TA 151 -39.86 54.21 -76.46
C ASP TA 151 -40.49 52.89 -76.91
N ASN TA 152 -40.04 51.78 -76.33
CA ASN TA 152 -40.64 50.48 -76.60
C ASN TA 152 -40.23 49.86 -77.93
N ALA TA 153 -39.28 50.48 -78.61
CA ALA TA 153 -38.78 49.96 -79.88
C ALA TA 153 -37.51 49.16 -79.64
N LEU TA 154 -37.52 47.91 -80.10
CA LEU TA 154 -36.42 47.00 -79.83
C LEU TA 154 -35.17 47.44 -80.55
N GLN TA 155 -34.14 47.75 -79.79
CA GLN TA 155 -32.91 48.27 -80.33
C GLN TA 155 -31.98 47.14 -80.75
N SER TA 156 -31.13 47.38 -81.74
CA SER TA 156 -30.09 46.42 -82.10
C SER TA 156 -28.94 47.04 -82.89
N GLY TA 157 -27.73 46.54 -82.68
CA GLY TA 157 -26.55 46.98 -83.40
C GLY TA 157 -25.81 48.18 -82.83
N ASN TA 158 -26.41 48.85 -81.84
CA ASN TA 158 -25.82 50.02 -81.20
C ASN TA 158 -25.46 49.80 -79.72
N SER TA 159 -25.19 48.56 -79.32
CA SER TA 159 -24.76 48.30 -77.95
C SER TA 159 -23.63 47.30 -77.85
N GLN TA 160 -22.87 47.40 -76.75
CA GLN TA 160 -21.78 46.46 -76.49
C GLN TA 160 -21.81 45.96 -75.05
N GLU TA 161 -21.54 44.68 -74.86
CA GLU TA 161 -21.53 44.10 -73.54
C GLU TA 161 -20.09 43.83 -73.11
N SER TA 162 -19.88 43.90 -71.80
CA SER TA 162 -18.65 43.46 -71.17
C SER TA 162 -18.99 42.66 -69.93
N VAL TA 163 -18.22 41.62 -69.66
CA VAL TA 163 -18.50 40.74 -68.54
C VAL TA 163 -17.26 40.60 -67.67
N THR TA 164 -17.46 40.69 -66.36
CA THR TA 164 -16.35 40.50 -65.45
C THR TA 164 -15.98 39.05 -65.48
N GLU TA 165 -14.76 38.81 -65.04
CA GLU TA 165 -14.28 37.48 -64.83
C GLU TA 165 -15.05 36.87 -63.69
N GLN TA 166 -15.17 35.54 -63.69
CA GLN TA 166 -15.89 34.88 -62.61
C GLN TA 166 -15.24 35.27 -61.29
N ASP TA 167 -16.08 35.70 -60.35
CA ASP TA 167 -15.63 36.19 -59.06
C ASP TA 167 -14.96 35.15 -58.19
N SER TA 168 -13.86 35.56 -57.59
CA SER TA 168 -13.03 34.69 -56.79
C SER TA 168 -13.64 34.33 -55.44
N LYS TA 169 -14.59 35.10 -54.94
CA LYS TA 169 -15.11 34.74 -53.62
C LYS TA 169 -16.43 33.96 -53.78
N ASP TA 170 -17.37 34.49 -54.53
CA ASP TA 170 -18.67 33.83 -54.70
C ASP TA 170 -18.92 33.27 -56.12
N SER TA 171 -17.94 33.36 -57.02
CA SER TA 171 -18.04 32.67 -58.33
C SER TA 171 -19.15 33.16 -59.24
N THR TA 172 -19.57 34.40 -59.02
CA THR TA 172 -20.57 35.05 -59.85
C THR TA 172 -19.94 35.92 -60.91
N TYR TA 173 -20.78 36.42 -61.81
CA TYR TA 173 -20.36 37.30 -62.86
C TYR TA 173 -21.10 38.60 -62.68
N SER TA 174 -20.58 39.66 -63.28
CA SER TA 174 -21.34 40.87 -63.45
C SER TA 174 -21.21 41.27 -64.91
N LEU TA 175 -22.18 42.02 -65.42
CA LEU TA 175 -22.23 42.35 -66.84
C LEU TA 175 -22.72 43.78 -66.99
N SER TA 176 -22.17 44.49 -67.98
CA SER TA 176 -22.67 45.81 -68.34
C SER TA 176 -23.01 45.81 -69.82
N SER TA 177 -24.12 46.45 -70.19
CA SER TA 177 -24.46 46.66 -71.58
C SER TA 177 -24.56 48.17 -71.79
N THR TA 178 -23.85 48.69 -72.79
CA THR TA 178 -23.84 50.12 -73.05
C THR TA 178 -24.46 50.40 -74.41
N LEU TA 179 -25.56 51.15 -74.39
CA LEU TA 179 -26.27 51.58 -75.57
C LEU TA 179 -25.78 52.96 -75.93
N THR TA 180 -25.20 53.11 -77.11
CA THR TA 180 -24.64 54.39 -77.53
C THR TA 180 -25.42 54.95 -78.71
N LEU TA 181 -25.88 56.19 -78.57
CA LEU TA 181 -26.54 56.89 -79.67
C LEU TA 181 -26.23 58.39 -79.61
N SER TA 182 -26.40 59.08 -80.74
CA SER TA 182 -26.06 60.50 -80.82
C SER TA 182 -26.99 61.32 -79.93
N LYS TA 183 -26.56 62.52 -79.54
CA LYS TA 183 -27.38 63.40 -78.70
C LYS TA 183 -28.72 63.65 -79.37
N ALA TA 184 -28.68 63.80 -80.69
CA ALA TA 184 -29.89 64.02 -81.48
C ALA TA 184 -30.87 62.89 -81.22
N ASP TA 185 -30.39 61.65 -81.36
CA ASP TA 185 -31.26 60.49 -81.19
C ASP TA 185 -31.73 60.40 -79.76
N TYR TA 186 -30.82 60.59 -78.81
CA TYR TA 186 -31.21 60.51 -77.41
C TYR TA 186 -32.35 61.50 -77.08
N GLU TA 187 -32.32 62.68 -77.72
CA GLU TA 187 -33.32 63.72 -77.45
C GLU TA 187 -34.64 63.49 -78.19
N LYS TA 188 -34.59 62.76 -79.30
CA LYS TA 188 -35.82 62.32 -79.98
C LYS TA 188 -36.78 61.60 -79.03
N HIS TA 189 -36.30 60.57 -78.33
CA HIS TA 189 -37.18 59.67 -77.57
C HIS TA 189 -37.21 59.98 -76.06
N LYS TA 190 -38.12 59.32 -75.34
CA LYS TA 190 -38.39 59.59 -73.92
C LYS TA 190 -38.09 58.44 -72.97
N VAL TA 191 -38.59 57.23 -73.29
CA VAL TA 191 -38.48 56.09 -72.38
C VAL TA 191 -37.34 55.18 -72.75
N TYR TA 192 -36.40 55.00 -71.83
CA TYR TA 192 -35.25 54.14 -72.04
C TYR TA 192 -35.29 52.98 -71.07
N ALA TA 193 -35.23 51.77 -71.63
CA ALA TA 193 -35.48 50.56 -70.87
C ALA TA 193 -34.51 49.43 -71.17
N CYS TA 194 -34.04 48.79 -70.12
CA CYS TA 194 -33.18 47.63 -70.19
C CYS TA 194 -34.02 46.44 -69.72
N GLU TA 195 -34.22 45.47 -70.61
CA GLU TA 195 -34.95 44.24 -70.29
C GLU TA 195 -34.00 43.07 -70.22
N VAL TA 196 -33.92 42.46 -69.03
CA VAL TA 196 -32.98 41.39 -68.78
C VAL TA 196 -33.70 40.07 -68.66
N THR TA 197 -33.23 39.08 -69.40
CA THR TA 197 -33.76 37.75 -69.31
C THR TA 197 -32.60 36.91 -68.80
N HIS TA 198 -32.84 36.10 -67.79
CA HIS TA 198 -31.78 35.34 -67.15
C HIS TA 198 -32.44 34.20 -66.46
N GLN TA 199 -31.72 33.10 -66.40
CA GLN TA 199 -32.24 31.86 -65.91
C GLN TA 199 -32.73 32.07 -64.46
N GLY TA 200 -32.20 33.03 -63.74
CA GLY TA 200 -32.60 33.27 -62.36
C GLY TA 200 -33.80 34.19 -62.15
N LEU TA 201 -34.37 34.74 -63.24
CA LEU TA 201 -35.55 35.60 -63.18
C LEU TA 201 -36.70 34.84 -63.79
N SER TA 202 -37.83 34.80 -63.12
CA SER TA 202 -38.97 34.03 -63.58
C SER TA 202 -39.58 34.59 -64.83
N SER TA 203 -39.37 35.87 -65.02
CA SER TA 203 -39.77 36.50 -66.25
C SER TA 203 -38.88 37.70 -66.38
N PRO TA 204 -38.72 38.18 -67.62
CA PRO TA 204 -37.79 39.27 -67.87
C PRO TA 204 -38.04 40.44 -66.93
N VAL TA 205 -36.96 41.03 -66.42
CA VAL TA 205 -37.02 42.20 -65.55
C VAL TA 205 -36.71 43.42 -66.38
N THR TA 206 -37.51 44.46 -66.19
CA THR TA 206 -37.30 45.72 -66.89
C THR TA 206 -36.98 46.84 -65.89
N LYS TA 207 -35.90 47.55 -66.16
CA LYS TA 207 -35.59 48.79 -65.46
C LYS TA 207 -35.64 49.90 -66.49
N SER TA 208 -36.27 51.03 -66.18
CA SER TA 208 -36.30 52.12 -67.15
C SER TA 208 -36.26 53.49 -66.52
N PHE TA 209 -36.18 54.51 -67.37
CA PHE TA 209 -36.31 55.89 -66.92
C PHE TA 209 -36.90 56.76 -68.02
N ASN TA 210 -37.41 57.92 -67.62
CA ASN TA 210 -37.90 58.91 -68.56
C ASN TA 210 -36.84 59.99 -68.67
N ARG TA 211 -36.48 60.33 -69.91
CA ARG TA 211 -35.44 61.30 -70.15
C ARG TA 211 -35.71 62.61 -69.44
N GLY TA 212 -34.73 63.06 -68.67
CA GLY TA 212 -34.86 64.31 -67.94
C GLY TA 212 -35.77 64.23 -66.72
N GLU TA 213 -35.75 63.11 -66.00
CA GLU TA 213 -36.57 62.97 -64.80
C GLU TA 213 -35.74 62.40 -63.65
N VAL UA 2 6.50 11.58 -23.26
CA VAL UA 2 6.43 10.19 -23.68
C VAL UA 2 5.02 9.69 -23.39
N GLN UA 3 4.52 8.81 -24.26
CA GLN UA 3 3.21 8.19 -24.07
C GLN UA 3 3.39 6.69 -24.09
N LEU UA 4 2.58 5.98 -23.32
CA LEU UA 4 2.73 4.53 -23.22
C LEU UA 4 1.43 3.85 -23.62
N GLN UA 5 1.54 2.68 -24.24
CA GLN UA 5 0.35 1.92 -24.54
C GLN UA 5 0.60 0.41 -24.41
N GLU UA 6 -0.07 -0.20 -23.46
CA GLU UA 6 0.08 -1.63 -23.22
C GLU UA 6 -0.84 -2.44 -24.13
N SER UA 7 -0.45 -3.69 -24.35
CA SER UA 7 -1.27 -4.65 -25.08
C SER UA 7 -0.88 -6.08 -24.70
N GLY UA 8 -1.68 -7.05 -25.12
CA GLY UA 8 -1.35 -8.47 -24.95
C GLY UA 8 -2.18 -9.21 -23.94
N GLY UA 9 -3.01 -8.47 -23.20
CA GLY UA 9 -3.85 -9.02 -22.16
C GLY UA 9 -4.92 -9.89 -22.78
N GLY UA 10 -5.47 -10.79 -21.97
CA GLY UA 10 -6.55 -11.63 -22.42
C GLY UA 10 -6.86 -12.65 -21.36
N LEU UA 11 -7.69 -13.62 -21.72
CA LEU UA 11 -8.05 -14.70 -20.82
C LEU UA 11 -7.12 -15.89 -21.03
N VAL UA 12 -6.59 -16.42 -19.94
CA VAL UA 12 -5.71 -17.58 -20.01
C VAL UA 12 -5.99 -18.54 -18.86
N GLN UA 13 -5.70 -19.82 -19.08
CA GLN UA 13 -5.90 -20.83 -18.06
C GLN UA 13 -4.84 -20.70 -16.96
N PRO UA 14 -5.20 -21.10 -15.74
CA PRO UA 14 -4.14 -21.13 -14.73
C PRO UA 14 -3.05 -22.08 -15.22
N GLY UA 15 -1.78 -21.70 -15.04
CA GLY UA 15 -0.66 -22.51 -15.45
C GLY UA 15 -0.10 -22.08 -16.81
N GLU UA 16 -0.90 -21.40 -17.63
CA GLU UA 16 -0.43 -20.98 -18.95
C GLU UA 16 0.47 -19.75 -18.86
N SER UA 17 0.98 -19.34 -20.02
CA SER UA 17 1.89 -18.21 -20.11
C SER UA 17 1.25 -17.12 -20.97
N LEU UA 18 1.82 -15.92 -20.89
CA LEU UA 18 1.31 -14.77 -21.61
C LEU UA 18 2.34 -13.66 -21.67
N ARG UA 19 2.44 -12.99 -22.80
N ARG UA 19 2.46 -13.01 -22.81
CA ARG UA 19 3.45 -11.94 -23.00
CA ARG UA 19 3.46 -11.96 -22.97
C ARG UA 19 2.77 -10.60 -23.23
C ARG UA 19 2.77 -10.62 -23.22
N LEU UA 20 2.99 -9.67 -22.32
CA LEU UA 20 2.47 -8.32 -22.45
C LEU UA 20 3.54 -7.48 -23.09
N SER UA 21 3.12 -6.49 -23.88
N SER UA 21 3.10 -6.47 -23.84
CA SER UA 21 4.06 -5.53 -24.44
CA SER UA 21 3.98 -5.52 -24.49
C SER UA 21 3.58 -4.12 -24.19
C SER UA 21 3.59 -4.11 -24.08
N CYS UA 22 4.50 -3.16 -24.27
CA CYS UA 22 4.17 -1.77 -24.00
C CYS UA 22 4.97 -0.92 -24.96
N VAL UA 23 4.31 -0.09 -25.75
CA VAL UA 23 5.03 0.69 -26.75
C VAL UA 23 5.06 2.14 -26.32
N GLY UA 24 6.26 2.71 -26.37
CA GLY UA 24 6.45 4.12 -26.08
C GLY UA 24 6.34 4.90 -27.37
N SER UA 25 5.76 6.09 -27.28
CA SER UA 25 5.69 7.03 -28.39
C SER UA 25 5.90 8.43 -27.84
N GLY UA 26 5.75 9.44 -28.69
CA GLY UA 26 5.99 10.81 -28.25
C GLY UA 26 7.44 11.00 -27.84
N SER UA 27 7.68 12.07 -27.09
CA SER UA 27 9.02 12.39 -26.62
C SER UA 27 8.93 13.46 -25.53
N SER UA 28 9.96 13.50 -24.70
CA SER UA 28 10.09 14.43 -23.58
C SER UA 28 11.26 15.39 -23.82
N PHE UA 29 11.88 15.89 -22.76
CA PHE UA 29 12.95 16.88 -22.90
C PHE UA 29 14.06 16.37 -23.75
N GLY UA 30 14.57 17.29 -24.55
CA GLY UA 30 15.61 16.98 -25.49
C GLY UA 30 15.13 15.92 -26.44
N GLU UA 31 13.84 15.85 -26.76
CA GLU UA 31 13.34 14.83 -27.68
C GLU UA 31 13.66 13.39 -27.23
N SER UA 32 13.79 13.21 -25.91
CA SER UA 32 14.07 11.89 -25.33
C SER UA 32 12.89 10.97 -25.53
N THR UA 33 13.17 9.68 -25.72
CA THR UA 33 12.12 8.69 -25.89
C THR UA 33 12.21 7.69 -24.76
N LEU UA 34 11.32 6.70 -24.78
CA LEU UA 34 11.21 5.73 -23.71
C LEU UA 34 12.54 5.05 -23.40
N SER UA 35 13.38 4.87 -24.42
CA SER UA 35 14.63 4.14 -24.26
C SER UA 35 15.67 4.91 -23.45
N TYR UA 36 15.37 6.16 -23.07
CA TYR UA 36 16.22 6.93 -22.17
C TYR UA 36 15.89 6.72 -20.70
N TYR UA 37 14.78 6.02 -20.39
CA TYR UA 37 14.26 5.95 -19.03
C TYR UA 37 14.11 4.53 -18.51
N ALA UA 38 14.21 4.40 -17.19
CA ALA UA 38 13.83 3.17 -16.51
C ALA UA 38 12.31 3.08 -16.49
N VAL UA 39 11.80 1.85 -16.46
CA VAL UA 39 10.37 1.61 -16.57
C VAL UA 39 10.01 0.45 -15.66
N SER UA 40 8.82 0.48 -15.07
CA SER UA 40 8.34 -0.61 -14.24
C SER UA 40 7.02 -1.16 -14.75
N TRP UA 41 6.68 -2.39 -14.36
CA TRP UA 41 5.33 -2.90 -14.50
C TRP UA 41 4.69 -2.89 -13.12
N VAL UA 42 3.43 -2.48 -13.08
CA VAL UA 42 2.67 -2.32 -11.86
C VAL UA 42 1.30 -2.86 -12.17
N ARG UA 43 0.64 -3.55 -11.26
CA ARG UA 43 -0.68 -4.09 -11.56
C ARG UA 43 -1.70 -3.72 -10.50
N GLN UA 44 -2.96 -3.92 -10.85
CA GLN UA 44 -4.07 -3.55 -9.98
C GLN UA 44 -5.13 -4.61 -10.10
N ALA UA 45 -5.31 -5.39 -9.05
CA ALA UA 45 -6.30 -6.45 -9.06
C ALA UA 45 -7.66 -5.77 -9.03
N PRO UA 46 -8.73 -6.49 -9.43
CA PRO UA 46 -10.02 -5.83 -9.52
C PRO UA 46 -10.45 -5.20 -8.19
N GLY UA 47 -10.75 -3.91 -8.20
CA GLY UA 47 -11.20 -3.23 -7.00
C GLY UA 47 -10.15 -2.98 -5.93
N LYS UA 48 -8.88 -3.27 -6.22
CA LYS UA 48 -7.80 -3.15 -5.24
C LYS UA 48 -6.88 -2.01 -5.62
N GLY UA 49 -5.80 -1.85 -4.85
CA GLY UA 49 -4.83 -0.82 -5.12
C GLY UA 49 -3.78 -1.26 -6.10
N LEU UA 50 -2.65 -0.55 -6.06
CA LEU UA 50 -1.57 -0.75 -7.00
C LEU UA 50 -0.45 -1.58 -6.39
N GLU UA 51 0.10 -2.48 -7.19
CA GLU UA 51 1.16 -3.36 -6.74
C GLU UA 51 2.33 -3.32 -7.73
N TRP UA 52 3.49 -2.87 -7.26
CA TRP UA 52 4.67 -2.85 -8.10
C TRP UA 52 5.16 -4.27 -8.36
N LEU UA 53 5.52 -4.55 -9.60
CA LEU UA 53 5.96 -5.89 -10.01
C LEU UA 53 7.43 -5.97 -10.36
N SER UA 54 7.92 -5.02 -11.16
CA SER UA 54 9.24 -5.15 -11.73
C SER UA 54 9.73 -3.85 -12.32
N ILE UA 55 11.05 -3.67 -12.34
CA ILE UA 55 11.69 -2.49 -12.89
C ILE UA 55 12.83 -2.90 -13.79
N ILE UA 56 13.11 -2.09 -14.81
CA ILE UA 56 14.25 -2.32 -15.68
C ILE UA 56 14.84 -0.97 -16.08
N ASN UA 57 16.17 -0.88 -16.08
CA ASN UA 57 16.85 0.37 -16.37
C ASN UA 57 16.85 0.61 -17.86
N ALA UA 58 17.16 1.85 -18.27
CA ALA UA 58 17.11 2.24 -19.67
C ALA UA 58 17.89 1.28 -20.55
N GLY UA 59 19.08 0.88 -20.09
CA GLY UA 59 19.94 0.02 -20.89
C GLY UA 59 19.67 -1.46 -20.73
N GLY UA 60 18.65 -1.81 -19.94
CA GLY UA 60 18.23 -3.18 -19.81
C GLY UA 60 18.65 -3.86 -18.52
N GLY UA 61 19.45 -3.18 -17.69
CA GLY UA 61 19.98 -3.78 -16.48
C GLY UA 61 19.26 -3.39 -15.20
N ASP UA 62 19.86 -3.77 -14.08
CA ASP UA 62 19.37 -3.40 -12.75
C ASP UA 62 17.92 -3.85 -12.54
N ILE UA 63 17.60 -5.02 -13.08
CA ILE UA 63 16.27 -5.59 -12.99
C ILE UA 63 16.01 -6.06 -11.58
N ASP UA 64 14.79 -5.85 -11.10
CA ASP UA 64 14.34 -6.43 -9.85
C ASP UA 64 12.87 -6.79 -9.95
N TYR UA 65 12.42 -7.71 -9.09
CA TYR UA 65 11.05 -8.18 -9.12
C TYR UA 65 10.47 -8.15 -7.71
N ALA UA 66 9.17 -7.92 -7.60
CA ALA UA 66 8.47 -8.14 -6.35
C ALA UA 66 8.45 -9.62 -6.10
N ASP UA 67 8.48 -10.01 -4.83
CA ASP UA 67 8.49 -11.42 -4.46
C ASP UA 67 7.29 -12.13 -5.06
N SER UA 68 6.16 -11.44 -5.24
CA SER UA 68 4.97 -12.13 -5.69
C SER UA 68 5.08 -12.70 -7.11
N VAL UA 69 5.99 -12.17 -7.91
CA VAL UA 69 6.18 -12.66 -9.28
C VAL UA 69 7.60 -13.11 -9.62
N GLU UA 70 8.53 -13.02 -8.67
CA GLU UA 70 9.91 -13.43 -8.91
C GLU UA 70 9.99 -14.91 -9.26
N GLY UA 71 10.70 -15.22 -10.34
CA GLY UA 71 10.91 -16.60 -10.75
C GLY UA 71 9.88 -17.08 -11.76
N ARG UA 72 8.85 -16.27 -11.98
CA ARG UA 72 7.79 -16.57 -12.95
C ARG UA 72 7.75 -15.51 -14.03
N PHE UA 73 7.92 -14.24 -13.66
CA PHE UA 73 7.82 -13.17 -14.65
C PHE UA 73 9.24 -12.71 -14.98
N THR UA 74 9.42 -12.28 -16.23
CA THR UA 74 10.68 -11.76 -16.73
C THR UA 74 10.42 -10.48 -17.49
N ILE UA 75 11.07 -9.41 -17.07
CA ILE UA 75 10.96 -8.12 -17.73
C ILE UA 75 12.10 -7.92 -18.71
N SER UA 76 11.79 -7.32 -19.86
CA SER UA 76 12.82 -7.02 -20.84
C SER UA 76 12.41 -5.86 -21.72
N ARG UA 77 13.31 -5.39 -22.58
CA ARG UA 77 12.95 -4.31 -23.48
C ARG UA 77 13.76 -4.37 -24.77
N ASP UA 78 13.16 -3.90 -25.85
CA ASP UA 78 13.83 -3.75 -27.13
C ASP UA 78 13.78 -2.26 -27.46
N ASN UA 79 14.89 -1.57 -27.22
CA ASN UA 79 14.92 -0.12 -27.37
C ASN UA 79 14.86 0.34 -28.82
N SER UA 80 15.24 -0.53 -29.76
CA SER UA 80 15.13 -0.19 -31.17
C SER UA 80 13.67 -0.03 -31.58
N LYS UA 81 12.76 -0.69 -30.84
CA LYS UA 81 11.32 -0.59 -31.07
C LYS UA 81 10.66 0.26 -30.00
N GLU UA 82 11.44 0.81 -29.08
CA GLU UA 82 10.93 1.54 -27.94
C GLU UA 82 9.82 0.75 -27.24
N THR UA 83 10.03 -0.54 -27.06
CA THR UA 83 9.01 -1.43 -26.52
C THR UA 83 9.49 -2.18 -25.26
N LEU UA 84 8.61 -2.30 -24.26
CA LEU UA 84 8.86 -3.08 -23.08
C LEU UA 84 7.99 -4.32 -23.09
N TYR UA 85 8.48 -5.37 -22.46
CA TYR UA 85 7.80 -6.65 -22.41
C TYR UA 85 7.77 -7.17 -20.97
N LEU UA 86 6.69 -7.89 -20.65
CA LEU UA 86 6.62 -8.67 -19.42
C LEU UA 86 6.19 -10.07 -19.81
N GLN UA 87 7.12 -11.02 -19.71
CA GLN UA 87 6.83 -12.39 -19.98
C GLN UA 87 6.40 -13.06 -18.69
N MET UA 88 5.13 -13.45 -18.63
CA MET UA 88 4.57 -14.10 -17.46
C MET UA 88 4.44 -15.60 -17.74
N THR UA 89 4.84 -16.43 -16.78
CA THR UA 89 4.64 -17.86 -16.90
C THR UA 89 3.99 -18.39 -15.62
N ASN UA 90 3.48 -19.62 -15.69
N ASN UA 90 3.49 -19.63 -15.69
CA ASN UA 90 2.85 -20.28 -14.55
CA ASN UA 90 2.86 -20.28 -14.55
C ASN UA 90 1.86 -19.35 -13.85
C ASN UA 90 1.87 -19.35 -13.85
N LEU UA 91 1.00 -18.72 -14.64
CA LEU UA 91 0.04 -17.76 -14.13
C LEU UA 91 -0.91 -18.42 -13.17
N ARG UA 92 -1.37 -17.65 -12.18
CA ARG UA 92 -2.36 -18.12 -11.22
C ARG UA 92 -3.55 -17.17 -11.19
N VAL UA 93 -4.62 -17.63 -10.55
CA VAL UA 93 -5.85 -16.85 -10.47
C VAL UA 93 -5.61 -15.46 -9.88
N GLU UA 94 -4.70 -15.36 -8.93
CA GLU UA 94 -4.46 -14.10 -8.24
C GLU UA 94 -3.55 -13.15 -9.02
N ASP UA 95 -3.10 -13.55 -10.21
CA ASP UA 95 -2.39 -12.67 -11.10
C ASP UA 95 -3.41 -11.84 -11.91
N THR UA 96 -4.70 -12.12 -11.72
CA THR UA 96 -5.74 -11.39 -12.42
C THR UA 96 -5.70 -9.91 -12.07
N GLY UA 97 -5.83 -9.07 -13.08
CA GLY UA 97 -5.90 -7.63 -12.88
C GLY UA 97 -5.50 -6.84 -14.10
N VAL UA 98 -5.49 -5.53 -13.95
CA VAL UA 98 -5.03 -4.62 -15.01
C VAL UA 98 -3.53 -4.37 -14.83
N TYR UA 99 -2.76 -4.54 -15.91
CA TYR UA 99 -1.33 -4.34 -15.88
C TYR UA 99 -0.96 -3.04 -16.61
N TYR UA 100 -0.24 -2.19 -15.91
CA TYR UA 100 0.24 -0.90 -16.43
C TYR UA 100 1.72 -0.96 -16.59
N CYS UA 101 2.25 -0.38 -17.65
CA CYS UA 101 3.65 -0.02 -17.68
C CYS UA 101 3.77 1.47 -17.34
N ALA UA 102 4.82 1.81 -16.59
CA ALA UA 102 4.91 3.13 -15.99
C ALA UA 102 6.37 3.59 -16.03
N LYS UA 103 6.62 4.73 -16.65
CA LYS UA 103 7.96 5.27 -16.80
C LYS UA 103 8.44 6.03 -15.57
N HIS UA 104 9.68 5.79 -15.15
CA HIS UA 104 10.28 6.55 -14.04
C HIS UA 104 10.80 7.86 -14.62
N MET UA 105 10.75 8.93 -13.84
CA MET UA 105 11.03 10.25 -14.42
C MET UA 105 12.49 10.60 -14.69
N SER UA 106 13.43 10.07 -13.89
CA SER UA 106 14.81 10.52 -14.06
C SER UA 106 15.39 9.92 -15.33
N MET UA 107 16.02 10.75 -16.15
CA MET UA 107 16.70 10.27 -17.33
C MET UA 107 17.86 9.36 -16.94
N GLN UA 108 17.93 8.18 -17.54
CA GLN UA 108 18.92 7.17 -17.16
C GLN UA 108 20.05 6.91 -18.14
N GLN UA 109 19.84 7.18 -19.42
CA GLN UA 109 20.90 7.05 -20.40
C GLN UA 109 20.68 7.92 -21.62
N VAL UA 110 21.77 8.33 -22.26
CA VAL UA 110 21.68 9.03 -23.54
C VAL UA 110 22.65 8.31 -24.48
N VAL UA 111 22.12 7.48 -25.37
CA VAL UA 111 22.96 6.65 -26.25
C VAL UA 111 23.85 7.44 -27.18
N SER UA 112 23.32 8.53 -27.71
CA SER UA 112 24.09 9.33 -28.66
C SER UA 112 25.29 9.93 -27.90
N ALA UA 113 25.25 9.95 -26.55
CA ALA UA 113 26.37 10.45 -25.76
C ALA UA 113 27.13 9.38 -25.03
N GLY UA 114 26.80 8.12 -25.23
CA GLY UA 114 27.45 7.13 -24.44
C GLY UA 114 27.29 7.42 -22.96
N TRP UA 115 26.23 8.11 -22.56
CA TRP UA 115 26.05 8.40 -21.14
C TRP UA 115 25.05 7.49 -20.52
N GLU UA 116 25.40 7.07 -19.31
CA GLU UA 116 24.52 6.29 -18.50
C GLU UA 116 24.60 6.72 -17.06
N ARG UA 117 23.46 7.04 -16.46
CA ARG UA 117 23.44 7.38 -15.06
C ARG UA 117 24.05 6.24 -14.27
N ALA UA 118 24.85 6.59 -13.28
CA ALA UA 118 25.55 5.61 -12.46
C ALA UA 118 24.59 4.72 -11.70
N ASP UA 119 23.47 5.32 -11.31
CA ASP UA 119 22.50 4.65 -10.46
C ASP UA 119 21.14 4.63 -11.09
N LEU UA 120 20.38 3.61 -10.73
CA LEU UA 120 18.98 3.53 -11.12
C LEU UA 120 18.17 4.29 -10.08
N VAL UA 121 17.62 5.44 -10.47
CA VAL UA 121 16.91 6.29 -9.50
C VAL UA 121 15.59 5.69 -9.02
N GLY UA 122 14.75 5.27 -9.95
CA GLY UA 122 13.46 4.70 -9.62
C GLY UA 122 12.51 5.66 -8.91
N ASP UA 123 12.58 6.94 -9.32
CA ASP UA 123 11.73 7.99 -8.78
C ASP UA 123 10.33 7.93 -9.42
N ALA UA 124 9.55 9.01 -9.36
CA ALA UA 124 8.12 8.96 -9.57
C ALA UA 124 7.72 8.47 -10.95
N PHE UA 125 6.56 7.79 -11.02
CA PHE UA 125 6.02 7.30 -12.27
C PHE UA 125 5.26 8.43 -12.94
N ASP UA 126 5.96 9.12 -13.83
CA ASP UA 126 5.39 10.32 -14.47
C ASP UA 126 4.51 10.04 -15.68
N VAL UA 127 4.63 8.85 -16.25
CA VAL UA 127 3.77 8.43 -17.34
C VAL UA 127 3.31 7.00 -17.16
N TRP UA 128 2.00 6.79 -17.27
CA TRP UA 128 1.45 5.46 -17.20
C TRP UA 128 0.72 5.21 -18.51
N GLY UA 129 0.67 3.94 -18.93
CA GLY UA 129 -0.19 3.57 -20.03
C GLY UA 129 -1.62 3.50 -19.51
N GLN UA 130 -2.54 3.12 -20.39
CA GLN UA 130 -3.96 3.00 -20.03
C GLN UA 130 -4.26 1.65 -19.38
N GLY UA 131 -3.30 0.73 -19.47
CA GLY UA 131 -3.41 -0.57 -18.85
C GLY UA 131 -3.99 -1.60 -19.80
N THR UA 132 -3.67 -2.85 -19.55
CA THR UA 132 -4.20 -3.97 -20.30
C THR UA 132 -4.70 -5.04 -19.36
N MET UA 133 -5.89 -5.57 -19.62
CA MET UA 133 -6.50 -6.49 -18.67
C MET UA 133 -6.06 -7.95 -18.83
N VAL UA 134 -5.63 -8.56 -17.72
CA VAL UA 134 -5.29 -9.97 -17.69
C VAL UA 134 -6.24 -10.69 -16.76
N THR UA 135 -6.92 -11.70 -17.28
CA THR UA 135 -7.78 -12.55 -16.48
C THR UA 135 -7.30 -14.00 -16.50
N VAL UA 136 -7.07 -14.57 -15.32
CA VAL UA 136 -6.62 -15.97 -15.23
C VAL UA 136 -7.83 -16.72 -14.64
N SER UA 137 -8.45 -17.52 -15.50
CA SER UA 137 -9.68 -18.26 -15.25
C SER UA 137 -9.71 -19.51 -16.12
N SER UA 138 -10.41 -20.54 -15.66
CA SER UA 138 -10.58 -21.76 -16.43
C SER UA 138 -11.51 -21.59 -17.63
N ALA UA 139 -12.40 -20.61 -17.61
CA ALA UA 139 -13.41 -20.48 -18.65
C ALA UA 139 -12.78 -19.97 -19.95
N SER UA 140 -13.37 -20.39 -21.08
CA SER UA 140 -12.92 -20.02 -22.44
C SER UA 140 -13.56 -18.69 -22.83
N THR UA 141 -12.93 -17.93 -23.74
CA THR UA 141 -13.48 -16.65 -24.18
C THR UA 141 -14.82 -16.80 -24.90
N LYS UA 142 -15.72 -15.85 -24.65
CA LYS UA 142 -16.96 -15.71 -25.42
C LYS UA 142 -17.19 -14.26 -25.81
N GLY UA 143 -17.47 -14.01 -27.09
CA GLY UA 143 -17.69 -12.66 -27.55
C GLY UA 143 -19.08 -12.14 -27.31
N PRO UA 144 -19.22 -10.81 -27.22
CA PRO UA 144 -20.50 -10.21 -26.85
C PRO UA 144 -21.52 -10.21 -27.97
N SER UA 145 -22.79 -10.33 -27.60
CA SER UA 145 -23.88 -9.98 -28.49
C SER UA 145 -24.21 -8.51 -28.24
N VAL UA 146 -24.45 -7.74 -29.29
CA VAL UA 146 -24.75 -6.32 -29.14
C VAL UA 146 -26.15 -6.05 -29.64
N PHE UA 147 -27.01 -5.53 -28.75
CA PHE UA 147 -28.39 -5.23 -29.07
C PHE UA 147 -28.69 -3.75 -28.90
N PRO UA 148 -29.52 -3.16 -29.76
CA PRO UA 148 -29.80 -1.73 -29.55
C PRO UA 148 -30.78 -1.49 -28.41
N LEU UA 149 -30.58 -0.40 -27.68
CA LEU UA 149 -31.54 0.12 -26.71
C LEU UA 149 -32.16 1.32 -27.38
N ALA UA 150 -33.39 1.13 -27.86
CA ALA UA 150 -33.98 2.05 -28.81
C ALA UA 150 -34.83 3.14 -28.15
N PRO UA 151 -34.59 4.42 -28.50
CA PRO UA 151 -35.43 5.52 -28.01
C PRO UA 151 -36.81 5.38 -28.63
N SER UA 152 -37.83 5.78 -27.87
CA SER UA 152 -39.23 5.63 -28.29
C SER UA 152 -39.97 6.93 -28.07
N SER UA 153 -41.09 7.09 -28.75
CA SER UA 153 -41.92 8.25 -28.51
C SER UA 153 -42.40 8.15 -27.06
N LYS UA 154 -42.43 9.28 -26.37
CA LYS UA 154 -42.84 9.39 -24.95
C LYS UA 154 -41.65 9.09 -24.03
N SER UA 155 -40.49 8.77 -24.60
CA SER UA 155 -39.31 8.48 -23.79
C SER UA 155 -38.66 9.77 -23.29
N THR UA 156 -39.10 10.92 -23.80
CA THR UA 156 -38.53 12.19 -23.38
C THR UA 156 -38.74 12.41 -21.88
N SER UA 157 -37.67 12.76 -21.18
CA SER UA 157 -37.73 13.05 -19.76
C SER UA 157 -36.66 14.13 -19.55
N GLY UA 158 -36.98 15.19 -18.81
CA GLY UA 158 -36.22 16.42 -18.94
C GLY UA 158 -36.50 16.99 -20.33
N GLY UA 159 -35.49 17.56 -20.97
CA GLY UA 159 -35.62 17.96 -22.37
C GLY UA 159 -34.88 17.06 -23.33
N THR UA 160 -34.52 15.86 -22.86
CA THR UA 160 -33.61 14.98 -23.57
C THR UA 160 -34.24 13.61 -23.87
N ALA UA 161 -33.64 12.89 -24.82
CA ALA UA 161 -33.97 11.51 -25.16
C ALA UA 161 -32.77 10.65 -24.80
N ALA UA 162 -33.00 9.36 -24.56
CA ALA UA 162 -31.89 8.43 -24.25
C ALA UA 162 -31.90 7.25 -25.22
N LEU UA 163 -30.70 6.81 -25.60
CA LEU UA 163 -30.53 5.59 -26.42
C LEU UA 163 -29.25 4.88 -26.00
N GLY UA 164 -29.05 3.64 -26.43
CA GLY UA 164 -27.89 2.91 -25.95
C GLY UA 164 -27.60 1.58 -26.62
N CYS UA 165 -26.65 0.83 -26.08
CA CYS UA 165 -26.31 -0.50 -26.56
C CYS UA 165 -26.24 -1.43 -25.37
N LEU UA 166 -26.84 -2.60 -25.47
CA LEU UA 166 -26.71 -3.62 -24.47
C LEU UA 166 -25.65 -4.60 -24.95
N VAL UA 167 -24.54 -4.65 -24.24
CA VAL UA 167 -23.45 -5.55 -24.58
C VAL UA 167 -23.51 -6.73 -23.63
N LYS UA 168 -24.00 -7.86 -24.12
CA LYS UA 168 -24.45 -8.95 -23.28
C LYS UA 168 -23.66 -10.24 -23.52
N ASP UA 169 -23.44 -10.97 -22.42
CA ASP UA 169 -22.94 -12.35 -22.45
C ASP UA 169 -21.53 -12.48 -23.01
N TYR UA 170 -20.55 -11.85 -22.36
CA TYR UA 170 -19.16 -11.98 -22.81
C TYR UA 170 -18.24 -12.36 -21.66
N PHE UA 171 -17.07 -12.88 -21.99
CA PHE UA 171 -16.07 -13.19 -20.99
C PHE UA 171 -14.73 -13.24 -21.73
N PRO UA 172 -13.66 -12.71 -21.10
CA PRO UA 172 -13.62 -12.04 -19.82
C PRO UA 172 -13.79 -10.54 -20.01
N GLU UA 173 -13.54 -9.80 -18.94
CA GLU UA 173 -13.44 -8.35 -19.03
C GLU UA 173 -12.16 -8.01 -19.78
N PRO UA 174 -12.12 -6.83 -20.44
CA PRO UA 174 -13.13 -5.80 -20.50
C PRO UA 174 -13.60 -5.63 -21.93
N VAL UA 175 -14.65 -4.85 -22.11
CA VAL UA 175 -15.07 -4.41 -23.44
C VAL UA 175 -14.95 -2.89 -23.46
N THR UA 176 -14.54 -2.32 -24.58
CA THR UA 176 -14.56 -0.88 -24.73
C THR UA 176 -15.72 -0.47 -25.62
N VAL UA 177 -16.36 0.65 -25.32
CA VAL UA 177 -17.44 1.15 -26.15
C VAL UA 177 -17.19 2.62 -26.46
N SER UA 178 -17.32 2.94 -27.74
CA SER UA 178 -17.30 4.33 -28.22
C SER UA 178 -18.56 4.56 -29.03
N TRP UA 179 -18.82 5.82 -29.40
CA TRP UA 179 -20.03 6.15 -30.16
C TRP UA 179 -19.63 6.95 -31.40
N ASN UA 180 -20.16 6.54 -32.55
CA ASN UA 180 -19.81 7.15 -33.84
C ASN UA 180 -18.30 7.25 -33.99
N SER UA 181 -17.61 6.17 -33.65
CA SER UA 181 -16.18 6.07 -33.85
C SER UA 181 -15.42 7.10 -33.02
N GLY UA 182 -16.06 7.60 -31.96
CA GLY UA 182 -15.47 8.58 -31.06
C GLY UA 182 -15.84 10.03 -31.35
N ALA UA 183 -16.64 10.27 -32.38
CA ALA UA 183 -17.09 11.62 -32.69
C ALA UA 183 -18.13 12.08 -31.67
N LEU UA 184 -18.81 11.13 -31.02
CA LEU UA 184 -19.83 11.42 -30.02
C LEU UA 184 -19.33 10.98 -28.66
N THR UA 185 -19.12 11.97 -27.81
CA THR UA 185 -18.61 11.78 -26.45
C THR UA 185 -19.45 12.42 -25.34
N SER UA 186 -19.90 13.66 -25.53
N SER UA 186 -20.07 13.57 -25.63
CA SER UA 186 -20.80 14.32 -24.59
CA SER UA 186 -20.91 14.26 -24.66
C SER UA 186 -22.06 13.49 -24.24
C SER UA 186 -22.12 13.45 -24.25
N GLY UA 187 -22.30 13.32 -22.94
CA GLY UA 187 -23.48 12.68 -22.40
C GLY UA 187 -23.46 11.17 -22.49
N VAL UA 188 -22.27 10.58 -22.66
CA VAL UA 188 -22.12 9.14 -22.73
C VAL UA 188 -21.80 8.55 -21.35
N HIS UA 189 -22.50 7.48 -20.98
CA HIS UA 189 -22.19 6.70 -19.79
C HIS UA 189 -22.02 5.24 -20.16
N THR UA 190 -20.87 4.67 -19.87
CA THR UA 190 -20.69 3.23 -20.04
C THR UA 190 -20.59 2.64 -18.64
N PHE UA 191 -21.59 1.83 -18.30
CA PHE UA 191 -21.73 1.28 -16.95
C PHE UA 191 -20.71 0.19 -16.66
N PRO UA 192 -20.32 0.05 -15.38
CA PRO UA 192 -19.51 -1.11 -15.00
C PRO UA 192 -20.21 -2.41 -15.35
N ALA UA 193 -19.45 -3.40 -15.80
CA ALA UA 193 -20.01 -4.70 -16.12
C ALA UA 193 -20.53 -5.37 -14.85
N VAL UA 194 -21.59 -6.16 -15.00
CA VAL UA 194 -22.11 -6.96 -13.89
C VAL UA 194 -21.95 -8.42 -14.28
N LEU UA 195 -21.48 -9.24 -13.34
CA LEU UA 195 -21.38 -10.68 -13.58
C LEU UA 195 -22.75 -11.32 -13.38
N GLN UA 196 -23.19 -12.05 -14.40
CA GLN UA 196 -24.49 -12.73 -14.36
C GLN UA 196 -24.36 -14.12 -13.78
N SER UA 197 -25.52 -14.74 -13.50
CA SER UA 197 -25.54 -16.09 -12.96
C SER UA 197 -24.90 -17.07 -13.95
N SER UA 198 -25.02 -16.76 -15.24
CA SER UA 198 -24.40 -17.58 -16.28
C SER UA 198 -22.88 -17.63 -16.19
N GLY UA 199 -22.26 -16.73 -15.41
CA GLY UA 199 -20.82 -16.65 -15.35
C GLY UA 199 -20.27 -15.71 -16.40
N LEU UA 200 -21.17 -15.08 -17.16
CA LEU UA 200 -20.81 -14.12 -18.20
C LEU UA 200 -21.10 -12.69 -17.77
N TYR UA 201 -20.36 -11.74 -18.33
CA TYR UA 201 -20.55 -10.33 -18.03
C TYR UA 201 -21.58 -9.69 -18.93
N SER UA 202 -22.17 -8.61 -18.43
CA SER UA 202 -23.14 -7.81 -19.17
C SER UA 202 -22.91 -6.37 -18.79
N LEU UA 203 -23.11 -5.47 -19.75
CA LEU UA 203 -22.81 -4.07 -19.56
C LEU UA 203 -23.75 -3.34 -20.49
N SER UA 204 -24.11 -2.10 -20.13
CA SER UA 204 -24.92 -1.22 -21.01
C SER UA 204 -24.13 0.08 -21.23
N SER UA 205 -24.28 0.67 -22.43
CA SER UA 205 -23.78 1.99 -22.68
C SER UA 205 -24.97 2.86 -23.15
N VAL UA 206 -25.11 4.06 -22.60
CA VAL UA 206 -26.20 4.94 -22.98
C VAL UA 206 -25.70 6.33 -23.26
N VAL UA 207 -26.47 7.10 -24.00
CA VAL UA 207 -26.13 8.48 -24.28
C VAL UA 207 -27.41 9.29 -24.29
N THR UA 208 -27.36 10.51 -23.77
CA THR UA 208 -28.56 11.34 -23.82
C THR UA 208 -28.26 12.37 -24.88
N VAL UA 209 -29.18 12.43 -25.80
CA VAL UA 209 -29.17 13.27 -26.97
C VAL UA 209 -30.47 14.08 -27.19
N PRO UA 210 -30.37 15.37 -27.59
CA PRO UA 210 -31.59 16.18 -27.84
C PRO UA 210 -32.57 15.37 -28.69
N SER UA 211 -33.89 15.43 -28.55
CA SER UA 211 -34.78 14.59 -29.38
C SER UA 211 -34.71 14.95 -30.89
N SER UA 212 -34.67 16.26 -31.13
CA SER UA 212 -34.60 16.82 -32.46
C SER UA 212 -33.36 16.34 -33.21
N SER UA 213 -32.22 16.59 -32.61
CA SER UA 213 -30.95 16.21 -33.22
C SER UA 213 -30.90 14.69 -33.53
N LEU UA 214 -31.77 13.90 -32.88
CA LEU UA 214 -31.77 12.46 -33.10
C LEU UA 214 -32.41 12.15 -34.39
N GLY UA 215 -33.54 12.79 -34.56
CA GLY UA 215 -34.16 12.64 -35.86
C GLY UA 215 -33.17 13.02 -36.94
N THR UA 216 -32.44 14.11 -36.72
CA THR UA 216 -31.54 14.59 -37.79
C THR UA 216 -30.26 13.75 -37.98
N GLN UA 217 -29.79 13.04 -36.95
CA GLN UA 217 -28.52 12.28 -37.02
C GLN UA 217 -28.49 10.80 -36.58
N THR UA 218 -27.40 10.18 -37.05
CA THR UA 218 -27.03 8.76 -36.99
C THR UA 218 -26.21 8.27 -35.79
N TYR UA 219 -26.76 7.42 -34.92
CA TYR UA 219 -25.98 7.01 -33.75
C TYR UA 219 -25.76 5.52 -33.80
N ILE UA 220 -24.47 5.18 -33.80
CA ILE UA 220 -23.94 3.83 -33.90
C ILE UA 220 -22.92 3.63 -32.78
N CYS UA 221 -22.98 2.52 -32.06
CA CYS UA 221 -21.98 2.22 -31.01
C CYS UA 221 -20.96 1.16 -31.46
N ASN UA 222 -19.68 1.44 -31.17
CA ASN UA 222 -18.58 0.58 -31.56
C ASN UA 222 -18.11 -0.19 -30.34
N VAL UA 223 -18.31 -1.50 -30.37
CA VAL UA 223 -17.99 -2.38 -29.26
C VAL UA 223 -16.76 -3.20 -29.63
N ASN UA 224 -15.78 -3.21 -28.74
CA ASN UA 224 -14.57 -3.98 -28.94
C ASN UA 224 -14.32 -4.91 -27.77
N HIS UA 225 -14.11 -6.19 -28.06
CA HIS UA 225 -13.75 -7.16 -27.04
C HIS UA 225 -12.55 -7.93 -27.57
N LYS UA 226 -11.35 -7.50 -27.16
CA LYS UA 226 -10.11 -8.04 -27.68
C LYS UA 226 -9.86 -9.54 -27.48
N PRO UA 227 -10.20 -10.09 -26.29
CA PRO UA 227 -9.93 -11.51 -26.06
C PRO UA 227 -10.62 -12.46 -27.05
N SER UA 228 -11.74 -12.01 -27.62
CA SER UA 228 -12.49 -12.78 -28.60
C SER UA 228 -12.37 -12.24 -30.02
N ASN UA 229 -11.47 -11.28 -30.22
CA ASN UA 229 -11.27 -10.64 -31.51
C ASN UA 229 -12.56 -10.02 -32.07
N THR UA 230 -13.46 -9.59 -31.18
CA THR UA 230 -14.73 -8.98 -31.61
C THR UA 230 -14.62 -7.48 -31.88
N LYS UA 231 -15.08 -7.07 -33.06
CA LYS UA 231 -15.21 -5.65 -33.38
C LYS UA 231 -16.55 -5.46 -34.10
N VAL UA 232 -17.52 -4.91 -33.39
CA VAL UA 232 -18.89 -4.77 -33.88
C VAL UA 232 -19.28 -3.30 -33.96
N ASP UA 233 -19.97 -2.92 -35.02
CA ASP UA 233 -20.59 -1.60 -35.09
C ASP UA 233 -22.09 -1.82 -35.20
N LYS UA 234 -22.85 -1.35 -34.22
CA LYS UA 234 -24.29 -1.54 -34.23
C LYS UA 234 -25.04 -0.23 -34.29
N ARG UA 235 -25.85 -0.10 -35.33
CA ARG UA 235 -26.67 1.06 -35.54
C ARG UA 235 -27.88 1.01 -34.63
N VAL UA 236 -28.19 2.16 -34.03
CA VAL UA 236 -29.29 2.27 -33.09
C VAL UA 236 -30.32 3.27 -33.62
N GLU UA 237 -31.53 2.79 -33.88
CA GLU UA 237 -32.58 3.61 -34.49
C GLU UA 237 -33.88 3.42 -33.71
N PRO UA 238 -34.78 4.42 -33.79
CA PRO UA 238 -36.08 4.34 -33.11
C PRO UA 238 -36.92 3.15 -33.58
N LYS UA 239 -37.68 2.59 -32.64
CA LYS UA 239 -38.58 1.48 -32.91
C LYS UA 239 -39.74 1.91 -33.80
N ASP VA 1 9.50 -5.07 3.52
CA ASP VA 1 8.63 -4.15 2.70
C ASP VA 1 8.05 -3.02 3.56
N ILE VA 2 8.14 -1.81 3.04
CA ILE VA 2 7.60 -0.63 3.69
C ILE VA 2 6.08 -0.52 3.45
N GLN VA 3 5.33 -0.37 4.54
CA GLN VA 3 3.87 -0.24 4.47
C GLN VA 3 3.50 1.24 4.54
N LEU VA 4 2.63 1.67 3.63
CA LEU VA 4 2.07 3.01 3.65
C LEU VA 4 0.61 2.90 4.05
N THR VA 5 0.23 3.66 5.06
CA THR VA 5 -1.12 3.63 5.58
C THR VA 5 -1.76 4.98 5.29
N GLN VA 6 -2.84 4.99 4.53
CA GLN VA 6 -3.51 6.23 4.18
C GLN VA 6 -4.76 6.42 4.98
N SER VA 7 -4.98 7.64 5.47
CA SER VA 7 -6.25 7.93 6.13
C SER VA 7 -6.79 9.32 5.72
N PRO VA 8 -8.13 9.47 5.76
CA PRO VA 8 -9.05 8.35 6.02
C PRO VA 8 -9.23 7.48 4.77
N SER VA 9 -9.95 6.38 4.88
CA SER VA 9 -10.17 5.50 3.74
C SER VA 9 -10.99 6.22 2.67
N SER VA 10 -11.93 7.04 3.13
CA SER VA 10 -12.85 7.75 2.27
C SER VA 10 -13.08 9.09 2.96
N LEU VA 11 -13.14 10.15 2.17
CA LEU VA 11 -13.36 11.48 2.70
C LEU VA 11 -14.38 12.24 1.88
N SER VA 12 -15.36 12.82 2.56
CA SER VA 12 -16.40 13.58 1.90
C SER VA 12 -16.16 15.06 2.16
N ALA VA 13 -16.25 15.87 1.12
CA ALA VA 13 -16.07 17.31 1.28
C ALA VA 13 -16.79 18.08 0.19
N SER VA 14 -17.07 19.35 0.48
CA SER VA 14 -17.80 20.21 -0.44
C SER VA 14 -16.86 20.89 -1.41
N VAL VA 15 -17.35 21.19 -2.61
CA VAL VA 15 -16.57 21.95 -3.58
C VAL VA 15 -16.11 23.25 -2.93
N GLY VA 16 -14.81 23.51 -3.00
CA GLY VA 16 -14.24 24.72 -2.42
C GLY VA 16 -13.57 24.46 -1.09
N ASP VA 17 -13.84 23.31 -0.47
CA ASP VA 17 -13.26 22.97 0.82
C ASP VA 17 -11.77 22.72 0.70
N ARG VA 18 -11.04 23.10 1.74
N ARG VA 18 -11.05 23.07 1.75
CA ARG VA 18 -9.64 22.73 1.85
CA ARG VA 18 -9.63 22.73 1.86
C ARG VA 18 -9.59 21.32 2.41
C ARG VA 18 -9.53 21.33 2.44
N VAL VA 19 -8.93 20.43 1.67
CA VAL VA 19 -8.92 19.01 1.98
C VAL VA 19 -7.51 18.47 2.26
N THR VA 20 -7.38 17.66 3.32
CA THR VA 20 -6.08 17.11 3.69
C THR VA 20 -6.14 15.58 3.72
N LEU VA 21 -5.28 14.95 2.94
CA LEU VA 21 -5.14 13.50 2.87
C LEU VA 21 -3.81 13.15 3.51
N THR VA 22 -3.77 12.06 4.29
CA THR VA 22 -2.54 11.72 5.02
C THR VA 22 -1.98 10.34 4.64
N CYS VA 23 -0.65 10.22 4.75
CA CYS VA 23 0.09 8.99 4.48
C CYS VA 23 1.09 8.80 5.60
N GLN VA 24 1.09 7.61 6.19
CA GLN VA 24 2.06 7.27 7.22
C GLN VA 24 2.92 6.09 6.78
N ALA VA 25 4.24 6.24 6.83
CA ALA VA 25 5.15 5.15 6.46
C ALA VA 25 5.57 4.40 7.72
N SER VA 26 5.77 3.10 7.57
CA SER VA 26 6.10 2.26 8.71
C SER VA 26 7.54 2.45 9.14
N GLN VA 27 8.32 3.14 8.30
CA GLN VA 27 9.69 3.48 8.63
C GLN VA 27 10.08 4.78 7.91
N ASP VA 28 11.16 5.42 8.35
CA ASP VA 28 11.57 6.70 7.77
C ASP VA 28 12.00 6.54 6.31
N ILE VA 29 11.25 7.18 5.42
CA ILE VA 29 11.53 7.18 3.98
C ILE VA 29 12.02 8.55 3.47
N ARG VA 30 12.43 9.41 4.39
CA ARG VA 30 12.91 10.74 4.07
C ARG VA 30 11.86 11.46 3.21
N LYS VA 31 12.20 11.91 2.01
CA LYS VA 31 11.25 12.57 1.14
C LYS VA 31 10.99 11.74 -0.11
N PHE VA 32 11.36 10.45 -0.10
CA PHE VA 32 11.17 9.68 -1.31
C PHE VA 32 9.73 9.17 -1.36
N LEU VA 33 8.82 10.11 -1.59
CA LEU VA 33 7.39 9.81 -1.57
C LEU VA 33 6.65 10.53 -2.69
N ASN VA 34 5.79 9.85 -3.44
CA ASN VA 34 5.07 10.45 -4.55
C ASN VA 34 3.57 10.27 -4.34
N TRP VA 35 2.75 11.18 -4.91
CA TRP VA 35 1.30 11.13 -4.82
C TRP VA 35 0.74 11.06 -6.23
N TYR VA 36 -0.24 10.17 -6.42
CA TYR VA 36 -0.94 9.99 -7.69
C TYR VA 36 -2.43 10.15 -7.54
N GLN VA 37 -3.09 10.51 -8.64
CA GLN VA 37 -4.54 10.48 -8.74
C GLN VA 37 -4.90 9.46 -9.79
N GLN VA 38 -5.90 8.64 -9.49
CA GLN VA 38 -6.42 7.68 -10.43
C GLN VA 38 -7.92 7.83 -10.48
N LYS VA 39 -8.42 8.13 -11.66
CA LYS VA 39 -9.84 8.17 -11.85
C LYS VA 39 -10.30 6.80 -12.30
N PRO VA 40 -11.52 6.43 -11.93
CA PRO VA 40 -11.99 5.06 -12.19
C PRO VA 40 -11.87 4.63 -13.66
N GLY VA 41 -11.30 3.45 -13.86
CA GLY VA 41 -11.14 2.89 -15.19
C GLY VA 41 -10.04 3.56 -15.98
N LYS VA 42 -9.27 4.43 -15.33
CA LYS VA 42 -8.18 5.15 -15.96
C LYS VA 42 -6.89 4.83 -15.25
N GLY VA 43 -5.77 5.07 -15.92
CA GLY VA 43 -4.48 4.89 -15.32
C GLY VA 43 -4.21 6.02 -14.37
N PRO VA 44 -3.33 5.79 -13.38
CA PRO VA 44 -2.95 6.84 -12.43
C PRO VA 44 -2.30 8.03 -13.12
N LYS VA 45 -2.31 9.20 -12.49
CA LYS VA 45 -1.56 10.35 -12.97
C LYS VA 45 -0.78 10.93 -11.82
N LEU VA 46 0.49 11.25 -12.08
CA LEU VA 46 1.37 11.81 -11.06
C LEU VA 46 0.93 13.23 -10.70
N LEU VA 47 0.85 13.48 -9.40
CA LEU VA 47 0.55 14.81 -8.87
C LEU VA 47 1.77 15.44 -8.22
N ILE VA 48 2.38 14.71 -7.30
CA ILE VA 48 3.46 15.27 -6.48
C ILE VA 48 4.63 14.31 -6.45
N TYR VA 49 5.85 14.79 -6.71
CA TYR VA 49 7.03 13.94 -6.54
C TYR VA 49 7.97 14.46 -5.45
N ASP VA 50 8.62 13.52 -4.78
CA ASP VA 50 9.55 13.77 -3.69
C ASP VA 50 8.96 14.69 -2.62
N ALA VA 51 7.74 14.34 -2.22
CA ALA VA 51 7.00 14.87 -1.08
C ALA VA 51 6.39 16.27 -1.29
N SER VA 52 7.11 17.19 -1.94
CA SER VA 52 6.64 18.57 -2.04
C SER VA 52 6.64 19.19 -3.44
N ASN VA 53 7.06 18.44 -4.47
CA ASN VA 53 7.12 19.01 -5.81
C ASN VA 53 5.89 18.77 -6.67
N LEU VA 54 5.30 19.87 -7.13
CA LEU VA 54 4.15 19.78 -8.02
C LEU VA 54 4.61 19.41 -9.41
N GLN VA 55 4.11 18.29 -9.95
CA GLN VA 55 4.48 17.91 -11.30
C GLN VA 55 3.96 18.92 -12.32
N ARG VA 56 4.79 19.20 -13.33
CA ARG VA 56 4.41 20.08 -14.44
C ARG VA 56 3.03 19.72 -14.99
N GLY VA 57 2.17 20.73 -15.11
CA GLY VA 57 0.86 20.58 -15.72
C GLY VA 57 -0.26 20.26 -14.75
N VAL VA 58 0.10 19.85 -13.53
CA VAL VA 58 -0.88 19.56 -12.49
C VAL VA 58 -1.37 20.88 -11.87
N PRO VA 59 -2.67 21.01 -11.63
CA PRO VA 59 -3.20 22.26 -11.08
C PRO VA 59 -2.54 22.67 -9.76
N SER VA 60 -2.32 23.97 -9.58
CA SER VA 60 -1.58 24.49 -8.43
C SER VA 60 -2.30 24.35 -7.08
N ARG VA 61 -3.58 24.01 -7.10
CA ARG VA 61 -4.32 23.78 -5.87
C ARG VA 61 -3.80 22.54 -5.13
N PHE VA 62 -3.04 21.71 -5.83
CA PHE VA 62 -2.39 20.57 -5.20
C PHE VA 62 -1.03 20.97 -4.66
N SER VA 63 -0.75 20.55 -3.44
CA SER VA 63 0.55 20.73 -2.81
C SER VA 63 0.84 19.53 -1.94
N GLY VA 64 2.11 19.26 -1.67
CA GLY VA 64 2.46 18.10 -0.86
C GLY VA 64 3.45 18.55 0.20
N GLY VA 65 3.45 17.85 1.33
CA GLY VA 65 4.34 18.17 2.43
C GLY VA 65 4.75 16.97 3.24
N GLY VA 66 5.71 17.18 4.13
CA GLY VA 66 6.12 16.17 5.08
C GLY VA 66 7.46 15.52 4.76
N SER VA 67 7.90 14.68 5.69
CA SER VA 67 9.14 13.96 5.56
C SER VA 67 9.19 12.93 6.68
N GLY VA 68 10.13 12.00 6.59
CA GLY VA 68 10.25 10.92 7.55
C GLY VA 68 9.15 9.90 7.39
N THR VA 69 8.22 9.84 8.34
CA THR VA 69 7.12 8.88 8.25
C THR VA 69 5.75 9.51 8.00
N ASP VA 70 5.64 10.83 8.12
CA ASP VA 70 4.34 11.51 8.03
C ASP VA 70 4.25 12.50 6.86
N PHE VA 71 3.25 12.31 5.99
CA PHE VA 71 3.09 13.10 4.78
C PHE VA 71 1.65 13.57 4.56
N THR VA 72 1.48 14.69 3.86
CA THR VA 72 0.13 15.18 3.54
C THR VA 72 0.05 15.61 2.06
N LEU VA 73 -1.10 15.37 1.45
CA LEU VA 73 -1.45 15.96 0.16
C LEU VA 73 -2.60 16.90 0.45
N ILE VA 74 -2.45 18.16 0.05
CA ILE VA 74 -3.46 19.18 0.31
C ILE VA 74 -4.03 19.66 -1.01
N ILE VA 75 -5.35 19.70 -1.06
CA ILE VA 75 -6.06 20.31 -2.17
C ILE VA 75 -6.65 21.58 -1.61
N SER VA 76 -6.12 22.73 -2.03
CA SER VA 76 -6.44 23.96 -1.34
C SER VA 76 -7.90 24.35 -1.57
N SER VA 77 -8.46 23.96 -2.71
CA SER VA 77 -9.86 24.23 -3.01
C SER VA 77 -10.43 23.11 -3.86
N LEU VA 78 -11.22 22.24 -3.25
CA LEU VA 78 -11.70 21.03 -3.91
C LEU VA 78 -12.57 21.36 -5.11
N GLN VA 79 -12.30 20.72 -6.24
CA GLN VA 79 -13.11 20.88 -7.44
C GLN VA 79 -13.81 19.56 -7.70
N PRO VA 80 -14.94 19.61 -8.42
CA PRO VA 80 -15.71 18.38 -8.69
C PRO VA 80 -14.87 17.35 -9.45
N GLU VA 81 -14.00 17.84 -10.32
CA GLU VA 81 -13.09 16.98 -11.12
C GLU VA 81 -12.05 16.30 -10.26
N ASP VA 82 -11.96 16.64 -8.98
CA ASP VA 82 -11.05 15.96 -8.07
C ASP VA 82 -11.50 14.58 -7.56
N VAL VA 83 -12.75 14.19 -7.82
CA VAL VA 83 -13.22 12.87 -7.39
C VAL VA 83 -12.36 11.77 -7.97
N GLY VA 84 -12.06 10.79 -7.15
CA GLY VA 84 -11.27 9.65 -7.58
C GLY VA 84 -10.54 9.14 -6.36
N THR VA 85 -9.49 8.36 -6.61
CA THR VA 85 -8.72 7.74 -5.54
C THR VA 85 -7.30 8.27 -5.59
N TYR VA 86 -6.72 8.55 -4.43
CA TYR VA 86 -5.38 9.11 -4.36
C TYR VA 86 -4.46 8.13 -3.64
N TYR VA 87 -3.30 7.88 -4.23
CA TYR VA 87 -2.36 6.92 -3.65
C TYR VA 87 -1.03 7.60 -3.36
N CYS VA 88 -0.42 7.28 -2.24
CA CYS VA 88 0.96 7.68 -2.05
C CYS VA 88 1.82 6.48 -2.41
N GLN VA 89 3.11 6.72 -2.62
CA GLN VA 89 4.02 5.67 -3.05
C GLN VA 89 5.47 5.93 -2.65
N GLN VA 90 6.19 4.88 -2.25
CA GLN VA 90 7.45 5.08 -1.56
C GLN VA 90 8.51 4.42 -2.40
N TYR VA 91 9.64 5.11 -2.57
CA TYR VA 91 10.81 4.52 -3.23
C TYR VA 91 12.13 4.67 -2.47
N ASP VA 92 12.08 4.83 -1.15
CA ASP VA 92 13.31 4.72 -0.33
C ASP VA 92 13.99 3.40 -0.59
N GLY VA 93 13.19 2.34 -0.70
CA GLY VA 93 13.72 1.02 -0.94
C GLY VA 93 12.73 0.11 -1.65
N LEU VA 94 13.29 -0.81 -2.43
CA LEU VA 94 12.51 -1.87 -3.04
C LEU VA 94 12.04 -2.84 -1.95
N PRO VA 95 10.86 -3.45 -2.15
CA PRO VA 95 9.99 -3.17 -3.29
C PRO VA 95 9.28 -1.84 -3.12
N PHE VA 96 9.07 -1.15 -4.24
CA PHE VA 96 8.31 0.08 -4.23
C PHE VA 96 6.94 -0.33 -3.76
N THR VA 97 6.33 0.49 -2.91
CA THR VA 97 5.01 0.19 -2.38
C THR VA 97 4.10 1.41 -2.41
N PHE VA 98 2.80 1.13 -2.43
CA PHE VA 98 1.80 2.16 -2.50
C PHE VA 98 0.93 2.08 -1.25
N GLY VA 99 0.37 3.22 -0.85
CA GLY VA 99 -0.65 3.26 0.17
C GLY VA 99 -1.91 2.61 -0.35
N GLY VA 100 -2.84 2.28 0.55
CA GLY VA 100 -4.08 1.63 0.15
C GLY VA 100 -5.08 2.55 -0.51
N GLY VA 101 -4.76 3.84 -0.60
CA GLY VA 101 -5.58 4.78 -1.33
C GLY VA 101 -6.59 5.49 -0.43
N THR VA 102 -6.90 6.75 -0.76
CA THR VA 102 -7.96 7.50 -0.11
C THR VA 102 -8.95 7.93 -1.19
N LYS VA 103 -10.22 7.56 -1.04
CA LYS VA 103 -11.23 7.93 -2.02
C LYS VA 103 -11.83 9.28 -1.67
N VAL VA 104 -11.85 10.21 -2.62
CA VAL VA 104 -12.46 11.51 -2.39
C VAL VA 104 -13.85 11.58 -3.03
N VAL VA 105 -14.81 12.06 -2.24
CA VAL VA 105 -16.21 12.08 -2.61
C VAL VA 105 -16.75 13.49 -2.41
N ILE VA 106 -17.46 13.99 -3.41
CA ILE VA 106 -18.05 15.32 -3.32
C ILE VA 106 -19.38 15.25 -2.60
N LYS VA 107 -19.59 16.21 -1.71
CA LYS VA 107 -20.89 16.43 -1.10
C LYS VA 107 -21.47 17.46 -2.02
N ARG VA 108 -22.69 17.20 -2.48
CA ARG VA 108 -23.34 18.12 -3.37
C ARG VA 108 -24.83 18.32 -3.13
N THR VA 109 -25.46 19.17 -3.94
CA THR VA 109 -26.89 19.38 -3.80
C THR VA 109 -27.67 18.16 -4.33
N VAL VA 110 -28.86 17.86 -3.79
CA VAL VA 110 -29.68 16.76 -4.36
C VAL VA 110 -30.10 17.05 -5.82
N ALA VA 111 -30.16 16.03 -6.68
CA ALA VA 111 -30.63 16.18 -8.08
C ALA VA 111 -31.40 14.94 -8.54
N ALA VA 112 -32.63 15.14 -8.99
CA ALA VA 112 -33.49 14.01 -9.29
C ALA VA 112 -33.07 13.38 -10.63
N PRO VA 113 -33.18 12.04 -10.72
CA PRO VA 113 -32.81 11.31 -11.95
C PRO VA 113 -33.83 11.51 -13.03
N SER VA 114 -33.39 11.48 -14.28
CA SER VA 114 -34.34 11.33 -15.39
C SER VA 114 -34.44 9.86 -15.72
N VAL VA 115 -35.67 9.38 -15.89
CA VAL VA 115 -35.90 7.94 -16.05
C VAL VA 115 -36.36 7.63 -17.47
N PHE VA 116 -35.75 6.59 -18.02
CA PHE VA 116 -36.05 6.06 -19.34
C PHE VA 116 -36.21 4.56 -19.26
N ILE VA 117 -37.10 4.00 -20.06
CA ILE VA 117 -37.25 2.55 -20.12
C ILE VA 117 -37.03 2.09 -21.57
N PHE VA 118 -36.40 0.93 -21.75
CA PHE VA 118 -36.17 0.38 -23.07
C PHE VA 118 -36.68 -1.06 -23.13
N PRO VA 119 -37.48 -1.38 -24.14
CA PRO VA 119 -37.88 -2.77 -24.38
C PRO VA 119 -36.74 -3.60 -24.96
N PRO VA 120 -36.87 -4.92 -24.94
CA PRO VA 120 -35.90 -5.78 -25.63
C PRO VA 120 -36.00 -5.57 -27.13
N SER VA 121 -34.88 -5.66 -27.81
CA SER VA 121 -34.84 -5.50 -29.25
C SER VA 121 -35.39 -6.75 -29.91
N ASP VA 122 -35.68 -6.65 -31.21
CA ASP VA 122 -36.22 -7.77 -31.96
C ASP VA 122 -35.14 -8.82 -32.17
N GLU VA 123 -33.91 -8.35 -32.36
CA GLU VA 123 -32.78 -9.27 -32.56
C GLU VA 123 -32.61 -10.20 -31.36
N GLN VA 124 -32.85 -9.67 -30.16
CA GLN VA 124 -32.59 -10.42 -28.94
C GLN VA 124 -33.68 -11.45 -28.70
N LEU VA 125 -34.92 -11.05 -28.92
CA LEU VA 125 -36.08 -11.94 -28.83
C LEU VA 125 -35.96 -13.09 -29.81
N LYS VA 126 -35.50 -12.79 -31.02
CA LYS VA 126 -35.23 -13.80 -32.05
C LYS VA 126 -34.37 -14.96 -31.50
N SER VA 127 -33.67 -14.74 -30.40
CA SER VA 127 -32.74 -15.71 -29.82
C SER VA 127 -33.18 -16.24 -28.44
N GLY VA 128 -34.44 -16.02 -28.07
CA GLY VA 128 -35.01 -16.66 -26.90
C GLY VA 128 -34.84 -16.02 -25.53
N THR VA 129 -34.21 -14.84 -25.46
CA THR VA 129 -34.04 -14.13 -24.19
C THR VA 129 -34.54 -12.70 -24.30
N ALA VA 130 -35.11 -12.18 -23.21
CA ALA VA 130 -35.59 -10.81 -23.17
C ALA VA 130 -34.98 -9.98 -22.04
N SER VA 131 -34.28 -8.90 -22.40
CA SER VA 131 -33.69 -7.96 -21.46
C SER VA 131 -34.42 -6.62 -21.57
N VAL VA 132 -34.98 -6.17 -20.46
CA VAL VA 132 -35.66 -4.89 -20.35
C VAL VA 132 -34.79 -3.96 -19.50
N VAL VA 133 -34.50 -2.75 -19.99
CA VAL VA 133 -33.54 -1.88 -19.30
C VAL VA 133 -34.20 -0.61 -18.77
N CYS VA 134 -33.84 -0.19 -17.56
CA CYS VA 134 -34.35 1.06 -17.00
C CYS VA 134 -33.12 1.89 -16.67
N LEU VA 135 -33.10 3.15 -17.09
CA LEU VA 135 -31.97 4.05 -16.87
C LEU VA 135 -32.38 5.23 -16.02
N LEU VA 136 -31.59 5.46 -14.98
CA LEU VA 136 -31.69 6.67 -14.17
C LEU VA 136 -30.46 7.51 -14.47
N ASN VA 137 -30.68 8.69 -15.03
CA ASN VA 137 -29.58 9.52 -15.50
C ASN VA 137 -29.32 10.71 -14.60
N ASN VA 138 -28.04 10.90 -14.30
CA ASN VA 138 -27.53 12.10 -13.64
C ASN VA 138 -28.28 12.58 -12.40
N PHE VA 139 -28.10 11.86 -11.30
CA PHE VA 139 -28.81 12.16 -10.06
C PHE VA 139 -27.89 12.11 -8.85
N TYR VA 140 -28.38 12.64 -7.74
CA TYR VA 140 -27.66 12.56 -6.47
C TYR VA 140 -28.71 12.73 -5.38
N PRO VA 141 -28.60 11.99 -4.27
CA PRO VA 141 -27.54 11.05 -3.91
C PRO VA 141 -27.66 9.72 -4.60
N ARG VA 142 -26.68 8.87 -4.33
CA ARG VA 142 -26.55 7.60 -5.03
C ARG VA 142 -27.70 6.66 -4.71
N GLU VA 143 -28.21 6.74 -3.48
CA GLU VA 143 -29.25 5.82 -3.05
C GLU VA 143 -30.51 6.05 -3.86
N ALA VA 144 -30.96 5.00 -4.52
CA ALA VA 144 -32.20 4.99 -5.25
C ALA VA 144 -32.80 3.60 -5.16
N LYS VA 145 -34.12 3.52 -5.26
CA LYS VA 145 -34.82 2.25 -5.29
C LYS VA 145 -35.44 2.09 -6.66
N VAL VA 146 -35.15 0.98 -7.32
CA VAL VA 146 -35.73 0.70 -8.63
C VAL VA 146 -36.52 -0.60 -8.50
N GLN VA 147 -37.81 -0.52 -8.81
CA GLN VA 147 -38.74 -1.63 -8.66
C GLN VA 147 -39.34 -2.00 -10.01
N TRP VA 148 -39.29 -3.28 -10.37
CA TRP VA 148 -39.94 -3.72 -11.59
C TRP VA 148 -41.35 -4.22 -11.35
N LYS VA 149 -42.23 -3.91 -12.28
CA LYS VA 149 -43.60 -4.41 -12.27
C LYS VA 149 -43.95 -4.90 -13.66
N VAL VA 150 -44.43 -6.13 -13.74
CA VAL VA 150 -44.90 -6.72 -14.98
C VAL VA 150 -46.39 -6.96 -14.82
N ASP VA 151 -47.20 -6.29 -15.65
CA ASP VA 151 -48.65 -6.26 -15.48
C ASP VA 151 -49.01 -5.94 -14.03
N ASN VA 152 -48.22 -5.04 -13.45
CA ASN VA 152 -48.48 -4.53 -12.10
C ASN VA 152 -48.08 -5.49 -10.98
N ALA VA 153 -47.41 -6.59 -11.34
CA ALA VA 153 -46.93 -7.55 -10.35
C ALA VA 153 -45.48 -7.25 -10.02
N LEU VA 154 -45.20 -7.07 -8.73
CA LEU VA 154 -43.88 -6.65 -8.27
C LEU VA 154 -42.85 -7.75 -8.47
N GLN VA 155 -41.84 -7.45 -9.28
CA GLN VA 155 -40.83 -8.42 -9.63
C GLN VA 155 -39.71 -8.45 -8.60
N SER VA 156 -39.06 -9.60 -8.46
CA SER VA 156 -37.86 -9.69 -7.63
C SER VA 156 -37.01 -10.92 -7.98
N GLY VA 157 -35.71 -10.75 -7.84
CA GLY VA 157 -34.74 -11.82 -8.08
C GLY VA 157 -34.28 -11.98 -9.52
N ASN VA 158 -34.94 -11.30 -10.46
CA ASN VA 158 -34.57 -11.36 -11.87
C ASN VA 158 -34.06 -10.03 -12.42
N SER VA 159 -33.49 -9.18 -11.58
CA SER VA 159 -32.91 -7.94 -12.09
C SER VA 159 -31.57 -7.64 -11.44
N GLN VA 160 -30.75 -6.88 -12.17
CA GLN VA 160 -29.44 -6.44 -11.69
C GLN VA 160 -29.16 -4.97 -11.95
N GLU VA 161 -28.57 -4.30 -10.97
CA GLU VA 161 -28.24 -2.89 -11.11
C GLU VA 161 -26.74 -2.68 -11.33
N SER VA 162 -26.39 -1.62 -12.05
CA SER VA 162 -25.01 -1.17 -12.13
C SER VA 162 -25.02 0.35 -11.98
N VAL VA 163 -24.02 0.90 -11.30
CA VAL VA 163 -23.98 2.34 -11.05
C VAL VA 163 -22.64 2.89 -11.50
N THR VA 164 -22.67 4.03 -12.18
CA THR VA 164 -21.45 4.67 -12.58
C THR VA 164 -20.74 5.24 -11.38
N GLU VA 165 -19.46 5.47 -11.56
CA GLU VA 165 -18.63 6.18 -10.62
C GLU VA 165 -19.10 7.62 -10.56
N GLN VA 166 -18.87 8.28 -9.42
CA GLN VA 166 -19.27 9.67 -9.26
C GLN VA 166 -18.65 10.51 -10.38
N ASP VA 167 -19.49 11.30 -11.04
CA ASP VA 167 -19.08 12.09 -12.19
C ASP VA 167 -18.05 13.12 -11.82
N SER VA 168 -17.03 13.23 -12.65
CA SER VA 168 -15.92 14.10 -12.35
C SER VA 168 -16.28 15.58 -12.53
N LYS VA 169 -17.32 15.87 -13.29
CA LYS VA 169 -17.63 17.28 -13.51
C LYS VA 169 -18.74 17.75 -12.57
N ASP VA 170 -19.85 17.05 -12.56
CA ASP VA 170 -21.00 17.42 -11.72
C ASP VA 170 -21.31 16.49 -10.53
N SER VA 171 -20.46 15.48 -10.31
CA SER VA 171 -20.56 14.67 -9.08
C SER VA 171 -21.88 13.89 -8.95
N THR VA 172 -22.52 13.63 -10.09
CA THR VA 172 -23.73 12.82 -10.11
C THR VA 172 -23.43 11.37 -10.43
N TYR VA 173 -24.46 10.55 -10.29
CA TYR VA 173 -24.38 9.15 -10.59
C TYR VA 173 -25.38 8.89 -11.70
N SER VA 174 -25.19 7.77 -12.38
CA SER VA 174 -26.22 7.24 -13.24
C SER VA 174 -26.33 5.75 -12.87
N LEU VA 175 -27.49 5.17 -13.14
CA LEU VA 175 -27.78 3.80 -12.72
C LEU VA 175 -28.59 3.11 -13.81
N SER VA 176 -28.33 1.82 -14.01
CA SER VA 176 -29.15 1.00 -14.90
C SER VA 176 -29.65 -0.22 -14.15
N SER VA 177 -30.90 -0.61 -14.37
CA SER VA 177 -31.45 -1.84 -13.82
C SER VA 177 -31.90 -2.68 -15.02
N THR VA 178 -31.46 -3.93 -15.08
CA THR VA 178 -31.81 -4.80 -16.19
C THR VA 178 -32.63 -5.95 -15.66
N LEU VA 179 -33.86 -6.05 -16.15
CA LEU VA 179 -34.76 -7.14 -15.81
C LEU VA 179 -34.65 -8.20 -16.91
N THR VA 180 -34.23 -9.40 -16.55
CA THR VA 180 -34.04 -10.47 -17.53
C THR VA 180 -35.04 -11.60 -17.31
N LEU VA 181 -35.76 -11.95 -18.37
CA LEU VA 181 -36.68 -13.09 -18.35
C LEU VA 181 -36.73 -13.77 -19.72
N SER VA 182 -37.18 -15.03 -19.74
CA SER VA 182 -37.20 -15.81 -20.98
C SER VA 182 -38.21 -15.22 -21.94
N LYS VA 183 -38.04 -15.51 -23.23
CA LYS VA 183 -38.94 -15.01 -24.27
C LYS VA 183 -40.37 -15.43 -23.96
N ALA VA 184 -40.52 -16.66 -23.48
CA ALA VA 184 -41.82 -17.21 -23.11
C ALA VA 184 -42.51 -16.27 -22.13
N ASP VA 185 -41.80 -15.94 -21.06
CA ASP VA 185 -42.35 -15.10 -20.01
C ASP VA 185 -42.61 -13.70 -20.52
N TYR VA 186 -41.66 -13.15 -21.27
CA TYR VA 186 -41.83 -11.80 -21.79
C TYR VA 186 -43.12 -11.72 -22.63
N GLU VA 187 -43.42 -12.82 -23.33
CA GLU VA 187 -44.58 -12.87 -24.20
C GLU VA 187 -45.86 -13.12 -23.43
N LYS VA 188 -45.73 -13.75 -22.27
CA LYS VA 188 -46.87 -13.89 -21.35
C LYS VA 188 -47.54 -12.54 -21.05
N HIS VA 189 -46.76 -11.55 -20.59
CA HIS VA 189 -47.32 -10.33 -20.05
C HIS VA 189 -47.28 -9.16 -21.03
N LYS VA 190 -47.95 -8.05 -20.69
CA LYS VA 190 -48.12 -6.89 -21.60
C LYS VA 190 -47.47 -5.59 -21.11
N VAL VA 191 -47.72 -5.23 -19.86
CA VAL VA 191 -47.27 -3.94 -19.33
C VAL VA 191 -46.00 -4.09 -18.51
N TYR VA 192 -44.94 -3.40 -18.92
CA TYR VA 192 -43.67 -3.41 -18.23
C TYR VA 192 -43.36 -2.04 -17.69
N ALA VA 193 -43.10 -1.97 -16.39
CA ALA VA 193 -43.00 -0.69 -15.71
C ALA VA 193 -41.82 -0.68 -14.75
N CYS VA 194 -41.05 0.41 -14.79
CA CYS VA 194 -39.96 0.67 -13.88
C CYS VA 194 -40.39 1.82 -12.98
N GLU VA 195 -40.48 1.58 -11.67
CA GLU VA 195 -40.85 2.59 -10.69
C GLU VA 195 -39.62 2.97 -9.84
N VAL VA 196 -39.24 4.24 -9.93
CA VAL VA 196 -38.04 4.77 -9.29
C VAL VA 196 -38.43 5.64 -8.10
N THR VA 197 -37.81 5.37 -6.97
CA THR VA 197 -37.99 6.17 -5.77
C THR VA 197 -36.67 6.82 -5.45
N HIS VA 198 -36.69 8.12 -5.18
CA HIS VA 198 -35.45 8.85 -4.98
C HIS VA 198 -35.74 10.14 -4.24
N GLN VA 199 -34.77 10.57 -3.45
CA GLN VA 199 -34.91 11.70 -2.55
C GLN VA 199 -35.27 13.04 -3.22
N GLY VA 200 -34.90 13.19 -4.49
CA GLY VA 200 -35.16 14.39 -5.25
C GLY VA 200 -36.53 14.33 -5.91
N LEU VA 201 -37.23 13.20 -5.75
CA LEU VA 201 -38.56 13.04 -6.30
C LEU VA 201 -39.54 13.01 -5.15
N SER VA 202 -40.58 13.80 -5.27
CA SER VA 202 -41.59 13.89 -4.24
C SER VA 202 -42.41 12.66 -4.07
N SER VA 203 -42.48 11.90 -5.15
CA SER VA 203 -43.12 10.62 -5.12
C SER VA 203 -42.55 9.81 -6.27
N PRO VA 204 -42.66 8.48 -6.17
CA PRO VA 204 -42.06 7.57 -7.15
C PRO VA 204 -42.45 7.91 -8.58
N VAL VA 205 -41.51 7.85 -9.51
CA VAL VA 205 -41.78 8.08 -10.92
C VAL VA 205 -41.86 6.75 -11.64
N THR VA 206 -42.87 6.58 -12.50
CA THR VA 206 -43.02 5.35 -13.28
C THR VA 206 -42.90 5.61 -14.77
N LYS VA 207 -42.06 4.81 -15.41
CA LYS VA 207 -41.99 4.76 -16.87
C LYS VA 207 -42.41 3.36 -17.29
N SER VA 208 -43.25 3.24 -18.29
CA SER VA 208 -43.64 1.91 -18.74
C SER VA 208 -43.87 1.81 -20.24
N PHE VA 209 -44.13 0.61 -20.73
CA PHE VA 209 -44.54 0.42 -22.11
C PHE VA 209 -45.44 -0.81 -22.24
N ASN VA 210 -46.18 -0.89 -23.36
CA ASN VA 210 -46.99 -2.06 -23.67
C ASN VA 210 -46.26 -2.85 -24.73
N ARG VA 211 -46.10 -4.15 -24.48
CA ARG VA 211 -45.35 -5.01 -25.37
C ARG VA 211 -45.85 -4.97 -26.81
N GLY VA 212 -44.93 -4.75 -27.73
CA GLY VA 212 -45.23 -4.67 -29.14
C GLY VA 212 -45.94 -3.40 -29.58
N GLU VA 213 -45.56 -2.28 -28.98
CA GLU VA 213 -46.13 -0.98 -29.33
C GLU VA 213 -45.02 0.05 -29.49
#